data_4V4L
#
_entry.id   4V4L
#
_cell.length_a   1.000
_cell.length_b   1.000
_cell.length_c   1.000
_cell.angle_alpha   90.00
_cell.angle_beta   90.00
_cell.angle_gamma   90.00
#
_symmetry.space_group_name_H-M   'P 1'
#
loop_
_entity.id
_entity.type
_entity.pdbx_description
1 polymer 'Apaf-1 related killer DARK'
2 non-polymer 'MAGNESIUM ION'
3 non-polymer "2'-DEOXYADENOSINE 5'-TRIPHOSPHATE"
#
_entity_poly.entity_id   1
_entity_poly.type   'polypeptide(L)'
_entity_poly.pdbx_seq_one_letter_code
;HHHHHHMDFETGEHQYQYKDILSVFEDAFVDNFDCKDVQDMPKSILSKEEIDHIIMSKDAVSGTLRLFWTLLSKQEEMVQ
KFVEEVLRINYKFLMSPIKTEQRQPSMMTRMYIEQRDRLYNDNQVFAKYNVSRLQPYLKLRQALLELRPAKNVLIDGVLG
SGKTWVALDVCLSYKVQCKMDFKIFWLNLKNCNSPETVLEMLQKLLYQIDPNWTSRSDHSSNIKLRIHSIQAELRRLLKS
KPYENCLLVLLNVQNAKAWNAFNLSCKILLTTRFKQVTDFLSAATTTHISLDHHSMTLTPDEVKSLLLKYLDCRPQDLPR
EVLTTNPRRLSIIAESIRDGLATWDNWKHVNCDKLTTIIESSLNVLEPAEYRKMFDRLSVFPPSAHIPTILLSLIWFDVI
KSDVMVVVNKLHKYSLVEKQPKESTISIPSIYLELKVKLENEYALHRSIVDHYNIPKTFDSDDLIPPYLDQYFYSHIGHH
LKNIEHPERMTLFRMVFLDFRFLEQKIRHDSTAWNASGSILNTLQQLKFYKPYICDNDPKYERLVNAILDFLPKIEENLI
CSKYTDLLRIALMAEDEAIFEEAHKQVQR(UNK)(UNK)(UNK)(UNK)(UNK)(UNK)(UNK)(UNK)(UNK)(UNK)
(UNK)(UNK)(UNK)(UNK)(UNK)(UNK)(UNK)(UNK)(UNK)(UNK)(UNK)(UNK)(UNK)(UNK)(UNK)(UNK)
(UNK)(UNK)(UNK)(UNK)(UNK)(UNK)(UNK)(UNK)(UNK)(UNK)(UNK)(UNK)(UNK)(UNK)(UNK)(UNK)
(UNK)(UNK)(UNK)(UNK)(UNK)(UNK)(UNK)(UNK)(UNK)(UNK)(UNK)(UNK)(UNK)(UNK)(UNK)(UNK)
(UNK)(UNK)(UNK)(UNK)(UNK)(UNK)(UNK)(UNK)(UNK)(UNK)(UNK)(UNK)(UNK)(UNK)(UNK)(UNK)
(UNK)(UNK)(UNK)(UNK)(UNK)(UNK)(UNK)(UNK)(UNK)(UNK)(UNK)(UNK)(UNK)(UNK)(UNK)(UNK)
(UNK)(UNK)(UNK)(UNK)(UNK)(UNK)(UNK)(UNK)(UNK)(UNK)(UNK)(UNK)(UNK)(UNK)(UNK)(UNK)
(UNK)(UNK)(UNK)(UNK)(UNK)(UNK)(UNK)(UNK)(UNK)(UNK)(UNK)(UNK)(UNK)(UNK)(UNK)(UNK)
(UNK)(UNK)(UNK)(UNK)(UNK)(UNK)(UNK)(UNK)(UNK)(UNK)(UNK)(UNK)(UNK)(UNK)(UNK)(UNK)
(UNK)(UNK)(UNK)(UNK)(UNK)(UNK)(UNK)(UNK)(UNK)(UNK)(UNK)(UNK)(UNK)(UNK)(UNK)(UNK)
(UNK)(UNK)(UNK)(UNK)(UNK)(UNK)(UNK)(UNK)(UNK)(UNK)(UNK)(UNK)(UNK)(UNK)(UNK)(UNK)
(UNK)(UNK)(UNK)(UNK)(UNK)(UNK)(UNK)(UNK)(UNK)(UNK)(UNK)(UNK)(UNK)(UNK)(UNK)(UNK)
(UNK)(UNK)(UNK)(UNK)(UNK)(UNK)(UNK)(UNK)(UNK)(UNK)(UNK)(UNK)(UNK)(UNK)(UNK)(UNK)
(UNK)(UNK)(UNK)(UNK)(UNK)(UNK)(UNK)(UNK)(UNK)(UNK)(UNK)(UNK)(UNK)(UNK)(UNK)(UNK)
(UNK)(UNK)(UNK)(UNK)(UNK)(UNK)(UNK)(UNK)(UNK)(UNK)(UNK)(UNK)(UNK)(UNK)(UNK)(UNK)
(UNK)(UNK)(UNK)(UNK)(UNK)(UNK)(UNK)(UNK)(UNK)(UNK)(UNK)(UNK)(UNK)(UNK)(UNK)(UNK)
(UNK)(UNK)(UNK)(UNK)(UNK)(UNK)(UNK)(UNK)(UNK)(UNK)(UNK)(UNK)(UNK)(UNK)(UNK)(UNK)
(UNK)(UNK)(UNK)(UNK)(UNK)(UNK)(UNK)(UNK)(UNK)(UNK)(UNK)(UNK)(UNK)(UNK)(UNK)(UNK)
(UNK)(UNK)(UNK)(UNK)(UNK)(UNK)(UNK)(UNK)(UNK)(UNK)(UNK)(UNK)(UNK)(UNK)(UNK)(UNK)
(UNK)(UNK)(UNK)(UNK)(UNK)(UNK)(UNK)(UNK)(UNK)(UNK)(UNK)(UNK)(UNK)(UNK)(UNK)(UNK)
(UNK)(UNK)(UNK)(UNK)(UNK)(UNK)(UNK)(UNK)(UNK)(UNK)(UNK)(UNK)(UNK)(UNK)(UNK)(UNK)
(UNK)(UNK)(UNK)(UNK)(UNK)(UNK)(UNK)(UNK)(UNK)(UNK)(UNK)(UNK)(UNK)(UNK)(UNK)(UNK)
(UNK)(UNK)(UNK)(UNK)(UNK)(UNK)(UNK)(UNK)(UNK)(UNK)(UNK)(UNK)(UNK)(UNK)(UNK)(UNK)
(UNK)(UNK)(UNK)(UNK)(UNK)(UNK)(UNK)(UNK)(UNK)(UNK)(UNK)(UNK)(UNK)(UNK)(UNK)(UNK)
(UNK)(UNK)(UNK)(UNK)(UNK)(UNK)(UNK)(UNK)(UNK)(UNK)(UNK)(UNK)(UNK)(UNK)(UNK)(UNK)
(UNK)(UNK)(UNK)(UNK)(UNK)(UNK)(UNK)(UNK)(UNK)(UNK)(UNK)(UNK)(UNK)(UNK)(UNK)(UNK)
(UNK)(UNK)(UNK)(UNK)(UNK)(UNK)(UNK)(UNK)(UNK)(UNK)(UNK)(UNK)(UNK)(UNK)(UNK)(UNK)
(UNK)(UNK)(UNK)(UNK)(UNK)(UNK)(UNK)(UNK)(UNK)(UNK)(UNK)(UNK)(UNK)(UNK)(UNK)(UNK)
(UNK)(UNK)(UNK)(UNK)(UNK)(UNK)(UNK)(UNK)(UNK)(UNK)(UNK)(UNK)(UNK)(UNK)(UNK)(UNK)
(UNK)(UNK)(UNK)(UNK)(UNK)(UNK)(UNK)(UNK)(UNK)(UNK)(UNK)(UNK)(UNK)(UNK)(UNK)(UNK)
(UNK)(UNK)(UNK)(UNK)(UNK)(UNK)(UNK)(UNK)(UNK)(UNK)(UNK)(UNK)(UNK)(UNK)(UNK)(UNK)
(UNK)(UNK)(UNK)(UNK)(UNK)(UNK)(UNK)(UNK)(UNK)(UNK)(UNK)(UNK)(UNK)(UNK)(UNK)(UNK)
(UNK)(UNK)(UNK)(UNK)(UNK)(UNK)(UNK)(UNK)(UNK)(UNK)(UNK)(UNK)(UNK)(UNK)(UNK)(UNK)
(UNK)(UNK)(UNK)(UNK)(UNK)(UNK)(UNK)(UNK)(UNK)(UNK)(UNK)(UNK)(UNK)(UNK)(UNK)(UNK)
(UNK)(UNK)(UNK)(UNK)(UNK)(UNK)(UNK)(UNK)(UNK)(UNK)(UNK)(UNK)(UNK)(UNK)(UNK)(UNK)
(UNK)(UNK)(UNK)(UNK)(UNK)(UNK)(UNK)(UNK)(UNK)(UNK)(UNK)(UNK)(UNK)(UNK)(UNK)(UNK)
(UNK)(UNK)(UNK)(UNK)(UNK)(UNK)(UNK)(UNK)(UNK)(UNK)(UNK)(UNK)(UNK)(UNK)(UNK)(UNK)
(UNK)(UNK)(UNK)(UNK)(UNK)(UNK)(UNK)(UNK)(UNK)(UNK)(UNK)(UNK)(UNK)(UNK)(UNK)(UNK)
(UNK)(UNK)(UNK)(UNK)(UNK)(UNK)(UNK)(UNK)(UNK)(UNK)(UNK)(UNK)(UNK)(UNK)(UNK)(UNK)
(UNK)(UNK)(UNK)(UNK)(UNK)(UNK)(UNK)(UNK)(UNK)(UNK)(UNK)(UNK)(UNK)(UNK)
;
_entity_poly.pdbx_strand_id   A,B,C,D,E,F,G,H,I,J,K,L,M,N,O,P
#
# COMPACT_ATOMS: atom_id res chain seq x y z
N MET A 7 19.22 -46.82 -31.30
CA MET A 7 18.40 -46.90 -30.07
C MET A 7 17.42 -45.77 -30.18
N ASP A 8 16.44 -45.74 -29.28
CA ASP A 8 15.50 -44.68 -29.31
C ASP A 8 16.29 -43.50 -28.87
N PHE A 9 15.73 -42.29 -29.01
CA PHE A 9 16.51 -41.16 -28.59
C PHE A 9 16.78 -41.34 -27.13
N GLU A 10 15.73 -41.66 -26.35
CA GLU A 10 15.92 -41.83 -24.94
C GLU A 10 16.83 -42.98 -24.69
N THR A 11 16.75 -44.04 -25.50
CA THR A 11 17.58 -45.17 -25.25
C THR A 11 19.01 -44.72 -25.35
N GLY A 12 19.34 -44.03 -26.46
CA GLY A 12 20.67 -43.57 -26.72
C GLY A 12 21.07 -42.55 -25.72
N GLU A 13 20.15 -41.63 -25.38
CA GLU A 13 20.49 -40.57 -24.48
C GLU A 13 20.90 -41.18 -23.18
N HIS A 14 20.10 -42.16 -22.72
CA HIS A 14 20.40 -42.80 -21.48
C HIS A 14 21.63 -43.64 -21.60
N GLN A 15 21.84 -44.35 -22.72
CA GLN A 15 23.01 -45.18 -22.83
C GLN A 15 24.19 -44.27 -22.79
N TYR A 16 24.06 -43.16 -23.51
CA TYR A 16 25.04 -42.15 -23.66
C TYR A 16 25.36 -41.59 -22.31
N GLN A 17 24.34 -41.37 -21.47
CA GLN A 17 24.54 -40.87 -20.14
C GLN A 17 25.13 -41.90 -19.23
N TYR A 18 24.57 -43.12 -19.34
CA TYR A 18 24.72 -44.30 -18.55
C TYR A 18 26.07 -44.89 -18.71
N LYS A 19 26.88 -44.38 -19.65
CA LYS A 19 28.16 -44.89 -20.05
C LYS A 19 29.14 -45.11 -18.93
N ASP A 20 29.49 -44.06 -18.15
CA ASP A 20 30.54 -44.16 -17.17
C ASP A 20 30.19 -45.25 -16.23
N ILE A 21 28.91 -45.32 -15.84
CA ILE A 21 28.51 -46.36 -14.96
C ILE A 21 28.74 -47.69 -15.62
N LEU A 22 28.40 -47.86 -16.92
CA LEU A 22 28.63 -49.17 -17.45
C LEU A 22 30.10 -49.50 -17.45
N SER A 23 30.93 -48.56 -17.94
CA SER A 23 32.32 -48.88 -18.10
C SER A 23 32.91 -49.27 -16.78
N VAL A 24 32.73 -48.41 -15.77
CA VAL A 24 33.29 -48.65 -14.48
C VAL A 24 32.67 -49.85 -13.85
N PHE A 25 31.35 -50.02 -14.00
CA PHE A 25 30.71 -51.04 -13.20
C PHE A 25 31.26 -52.38 -13.53
N GLU A 26 31.19 -52.77 -14.81
CA GLU A 26 31.67 -54.07 -15.17
C GLU A 26 33.13 -54.05 -15.05
N ASP A 27 33.82 -52.94 -15.34
CA ASP A 27 35.27 -52.79 -15.40
C ASP A 27 35.99 -53.87 -14.64
N ALA A 28 36.92 -54.56 -15.34
CA ALA A 28 37.69 -55.67 -14.85
C ALA A 28 36.84 -56.90 -14.91
N PHE A 29 35.52 -56.74 -14.71
CA PHE A 29 34.47 -57.66 -15.03
C PHE A 29 34.00 -57.48 -16.44
N VAL A 30 33.97 -56.22 -16.94
CA VAL A 30 33.47 -55.96 -18.28
C VAL A 30 34.36 -56.68 -19.24
N ASP A 31 35.68 -56.63 -18.97
CA ASP A 31 36.62 -57.24 -19.87
C ASP A 31 36.34 -58.70 -19.90
N ASN A 32 36.15 -59.30 -18.71
CA ASN A 32 35.96 -60.71 -18.63
C ASN A 32 34.69 -61.07 -19.33
N PHE A 33 33.62 -60.29 -19.12
CA PHE A 33 32.39 -60.71 -19.70
C PHE A 33 32.48 -60.64 -21.19
N ASP A 34 33.18 -59.64 -21.77
CA ASP A 34 33.29 -59.53 -23.20
C ASP A 34 33.93 -60.76 -23.75
N CYS A 35 35.00 -61.25 -23.12
CA CYS A 35 35.68 -62.38 -23.67
C CYS A 35 34.73 -63.52 -23.75
N LYS A 36 33.92 -63.71 -22.67
CA LYS A 36 32.95 -64.76 -22.61
C LYS A 36 31.95 -64.43 -23.67
N ASP A 37 31.79 -63.11 -23.87
CA ASP A 37 30.75 -62.42 -24.60
C ASP A 37 30.67 -62.73 -26.04
N VAL A 38 31.72 -63.28 -26.64
CA VAL A 38 31.78 -63.43 -28.06
C VAL A 38 30.58 -64.13 -28.59
N GLN A 39 29.88 -65.01 -27.88
CA GLN A 39 28.75 -65.42 -28.68
C GLN A 39 27.73 -64.32 -28.77
N ASP A 40 27.47 -63.67 -27.64
CA ASP A 40 26.51 -62.58 -27.59
C ASP A 40 26.77 -61.54 -28.67
N MET A 41 27.92 -60.87 -28.57
CA MET A 41 28.30 -59.85 -29.54
C MET A 41 28.13 -60.36 -30.97
N PRO A 42 28.19 -61.67 -31.14
CA PRO A 42 28.04 -62.29 -32.45
C PRO A 42 26.58 -62.44 -32.85
N LYS A 43 25.70 -61.71 -32.18
CA LYS A 43 24.27 -61.77 -32.46
C LYS A 43 23.67 -60.37 -32.56
N SER A 44 22.44 -60.30 -33.07
CA SER A 44 21.75 -59.01 -33.21
C SER A 44 22.29 -57.98 -32.23
N ILE A 45 23.58 -58.11 -31.89
CA ILE A 45 24.21 -57.19 -30.95
C ILE A 45 25.56 -56.72 -31.49
N LEU A 46 26.41 -57.66 -31.87
CA LEU A 46 27.74 -57.35 -32.39
C LEU A 46 28.30 -58.50 -33.20
N SER A 47 28.36 -58.34 -34.51
CA SER A 47 28.87 -59.36 -35.40
C SER A 47 30.05 -60.10 -34.77
N LYS A 48 30.35 -61.29 -35.28
CA LYS A 48 31.41 -62.07 -34.77
C LYS A 48 32.64 -61.23 -34.79
N GLU A 49 32.82 -60.49 -35.89
CA GLU A 49 33.99 -59.69 -36.04
C GLU A 49 33.96 -58.63 -35.00
N GLU A 50 32.77 -58.08 -34.72
CA GLU A 50 32.69 -56.98 -33.83
C GLU A 50 33.09 -57.36 -32.43
N ILE A 51 32.81 -58.59 -31.96
CA ILE A 51 33.22 -58.79 -30.59
C ILE A 51 34.70 -58.77 -30.54
N ASP A 52 35.34 -59.41 -31.53
CA ASP A 52 36.77 -59.44 -31.57
C ASP A 52 37.23 -58.03 -31.68
N HIS A 53 36.44 -57.20 -32.37
CA HIS A 53 36.82 -55.83 -32.55
C HIS A 53 36.94 -55.17 -31.20
N ILE A 54 35.92 -55.29 -30.34
CA ILE A 54 35.98 -54.62 -29.06
C ILE A 54 37.07 -55.21 -28.25
N ILE A 55 37.19 -56.54 -28.32
CA ILE A 55 38.11 -57.29 -27.52
C ILE A 55 39.50 -56.81 -27.80
N MET A 56 39.80 -56.54 -29.08
CA MET A 56 41.14 -56.17 -29.48
C MET A 56 41.58 -54.91 -28.81
N SER A 57 40.71 -53.87 -28.73
CA SER A 57 41.13 -52.65 -28.08
C SER A 57 41.50 -53.03 -26.67
N LYS A 58 42.81 -52.96 -26.41
CA LYS A 58 43.43 -53.44 -25.22
C LYS A 58 42.92 -52.70 -24.03
N ASP A 59 42.94 -51.38 -24.12
CA ASP A 59 42.72 -50.56 -22.97
C ASP A 59 41.34 -50.76 -22.52
N ALA A 60 41.15 -50.78 -21.18
CA ALA A 60 39.85 -51.04 -20.65
C ALA A 60 38.94 -49.97 -21.12
N VAL A 61 39.43 -48.72 -21.14
CA VAL A 61 38.63 -47.61 -21.55
C VAL A 61 38.26 -47.82 -22.99
N SER A 62 39.23 -48.22 -23.81
CA SER A 62 39.04 -48.42 -25.22
C SER A 62 38.06 -49.52 -25.44
N GLY A 63 38.18 -50.60 -24.64
CA GLY A 63 37.33 -51.73 -24.85
C GLY A 63 35.91 -51.33 -24.64
N THR A 64 35.66 -50.54 -23.58
CA THR A 64 34.30 -50.15 -23.31
C THR A 64 33.81 -49.25 -24.40
N LEU A 65 34.66 -48.32 -24.84
CA LEU A 65 34.26 -47.36 -25.84
C LEU A 65 33.99 -48.07 -27.12
N ARG A 66 34.82 -49.07 -27.46
CA ARG A 66 34.64 -49.74 -28.71
C ARG A 66 33.28 -50.39 -28.76
N LEU A 67 32.88 -51.10 -27.70
CA LEU A 67 31.62 -51.80 -27.73
C LEU A 67 30.50 -50.81 -27.81
N PHE A 68 30.60 -49.68 -27.08
CA PHE A 68 29.51 -48.74 -27.12
C PHE A 68 29.39 -48.21 -28.51
N TRP A 69 30.53 -48.02 -29.18
CA TRP A 69 30.54 -47.48 -30.51
C TRP A 69 29.76 -48.38 -31.42
N THR A 70 30.03 -49.70 -31.37
CA THR A 70 29.35 -50.60 -32.26
C THR A 70 27.88 -50.57 -31.97
N LEU A 71 27.53 -50.47 -30.68
CA LEU A 71 26.17 -50.49 -30.21
C LEU A 71 25.43 -49.33 -30.78
N LEU A 72 26.07 -48.15 -30.89
CA LEU A 72 25.38 -46.98 -31.34
C LEU A 72 24.87 -47.17 -32.74
N SER A 73 25.66 -47.84 -33.59
CA SER A 73 25.35 -48.00 -34.98
C SER A 73 24.10 -48.77 -35.13
N LYS A 74 23.64 -49.47 -34.09
CA LYS A 74 22.46 -50.22 -34.29
C LYS A 74 21.28 -49.44 -33.90
N GLN A 75 20.14 -50.13 -34.09
CA GLN A 75 18.85 -49.59 -33.90
C GLN A 75 18.45 -49.78 -32.49
N GLU A 76 17.21 -49.35 -32.20
CA GLU A 76 16.62 -49.50 -30.90
C GLU A 76 16.62 -50.95 -30.59
N GLU A 77 16.47 -51.79 -31.62
CA GLU A 77 16.37 -53.19 -31.38
C GLU A 77 17.60 -53.65 -30.67
N MET A 78 18.77 -53.11 -31.04
CA MET A 78 20.01 -53.54 -30.46
C MET A 78 20.01 -53.26 -28.99
N VAL A 79 19.50 -52.09 -28.55
CA VAL A 79 19.56 -51.83 -27.15
C VAL A 79 18.73 -52.85 -26.45
N GLN A 80 17.60 -53.24 -27.06
CA GLN A 80 16.72 -54.20 -26.46
C GLN A 80 17.41 -55.53 -26.39
N LYS A 81 18.16 -55.91 -27.44
CA LYS A 81 18.81 -57.19 -27.41
C LYS A 81 19.85 -57.17 -26.33
N PHE A 82 20.64 -56.08 -26.28
CA PHE A 82 21.70 -55.90 -25.33
C PHE A 82 21.11 -55.92 -23.96
N VAL A 83 19.97 -55.25 -23.76
CA VAL A 83 19.43 -55.24 -22.44
C VAL A 83 19.12 -56.65 -22.05
N GLU A 84 18.62 -57.44 -23.03
CA GLU A 84 18.25 -58.79 -22.73
C GLU A 84 19.45 -59.56 -22.31
N GLU A 85 20.60 -59.36 -22.99
CA GLU A 85 21.77 -60.11 -22.64
C GLU A 85 22.18 -59.77 -21.25
N VAL A 86 22.01 -58.49 -20.85
CA VAL A 86 22.43 -58.08 -19.54
C VAL A 86 21.62 -58.80 -18.51
N LEU A 87 20.30 -58.96 -18.75
CA LEU A 87 19.45 -59.62 -17.79
C LEU A 87 19.82 -61.07 -17.75
N ARG A 88 20.12 -61.68 -18.90
CA ARG A 88 20.48 -63.07 -18.93
C ARG A 88 21.73 -63.22 -18.12
N ILE A 89 22.64 -62.25 -18.27
CA ILE A 89 23.87 -62.19 -17.54
C ILE A 89 23.50 -62.03 -16.11
N ASN A 90 22.33 -61.40 -15.88
CA ASN A 90 21.85 -61.04 -14.58
C ASN A 90 22.93 -60.29 -13.96
N TYR A 91 23.29 -59.26 -14.73
CA TYR A 91 24.24 -58.32 -14.30
C TYR A 91 23.30 -57.41 -13.60
N LYS A 92 22.89 -57.86 -12.41
CA LYS A 92 21.72 -57.37 -11.76
C LYS A 92 21.71 -55.89 -11.55
N PHE A 93 22.73 -55.33 -10.92
CA PHE A 93 22.62 -53.93 -10.61
C PHE A 93 22.58 -53.18 -11.88
N LEU A 94 23.46 -53.48 -12.82
CA LEU A 94 23.53 -52.69 -14.01
C LEU A 94 22.28 -52.84 -14.78
N MET A 95 21.72 -54.07 -14.83
CA MET A 95 20.56 -54.22 -15.65
C MET A 95 19.43 -53.41 -15.08
N SER A 96 19.33 -53.29 -13.74
CA SER A 96 18.22 -52.55 -13.17
C SER A 96 18.26 -51.12 -13.66
N PRO A 97 19.33 -50.37 -13.50
CA PRO A 97 19.29 -49.08 -14.10
C PRO A 97 19.10 -49.02 -15.59
N ILE A 98 19.54 -50.03 -16.35
CA ILE A 98 19.30 -49.89 -17.75
C ILE A 98 17.81 -49.94 -17.99
N LYS A 99 17.07 -50.83 -17.30
CA LYS A 99 15.66 -50.90 -17.57
C LYS A 99 14.97 -49.64 -17.17
N THR A 100 15.42 -48.97 -16.10
CA THR A 100 14.75 -47.77 -15.72
C THR A 100 14.92 -46.78 -16.84
N GLU A 101 16.11 -46.81 -17.43
CA GLU A 101 16.55 -45.98 -18.51
C GLU A 101 15.60 -46.09 -19.66
N GLN A 102 15.20 -47.31 -20.05
CA GLN A 102 14.34 -47.37 -21.20
C GLN A 102 13.05 -46.65 -20.92
N ARG A 103 12.77 -45.65 -21.79
CA ARG A 103 11.64 -44.75 -21.78
C ARG A 103 11.49 -44.00 -20.49
N GLN A 104 12.50 -43.17 -20.11
CA GLN A 104 12.39 -42.37 -18.91
C GLN A 104 13.00 -41.02 -19.17
N PRO A 105 12.33 -39.96 -18.75
CA PRO A 105 12.90 -38.63 -18.88
C PRO A 105 13.73 -38.22 -17.69
N SER A 106 14.60 -37.18 -17.83
CA SER A 106 15.38 -36.67 -16.74
C SER A 106 16.01 -35.38 -17.20
N MET A 107 16.37 -34.50 -16.24
CA MET A 107 16.99 -33.26 -16.61
C MET A 107 18.32 -33.55 -17.24
N MET A 108 19.12 -34.43 -16.61
CA MET A 108 20.43 -34.76 -17.10
C MET A 108 20.34 -35.45 -18.42
N THR A 109 19.35 -36.34 -18.57
CA THR A 109 19.23 -37.08 -19.79
C THR A 109 18.93 -36.13 -20.90
N ARG A 110 18.01 -35.19 -20.63
CA ARG A 110 17.54 -34.27 -21.63
C ARG A 110 18.68 -33.41 -22.08
N MET A 111 19.54 -32.97 -21.15
CA MET A 111 20.60 -32.11 -21.58
C MET A 111 21.54 -32.86 -22.47
N TYR A 112 21.80 -34.14 -22.18
CA TYR A 112 22.74 -34.87 -22.97
C TYR A 112 22.23 -35.05 -24.37
N ILE A 113 20.94 -35.36 -24.52
CA ILE A 113 20.39 -35.58 -25.84
C ILE A 113 20.49 -34.32 -26.62
N GLU A 114 20.21 -33.18 -25.97
CA GLU A 114 20.23 -31.91 -26.62
C GLU A 114 21.60 -31.65 -27.17
N GLN A 115 22.64 -31.94 -26.37
CA GLN A 115 23.98 -31.65 -26.76
C GLN A 115 24.34 -32.47 -27.96
N ARG A 116 23.92 -33.74 -27.96
CA ARG A 116 24.21 -34.64 -29.04
C ARG A 116 23.62 -34.12 -30.32
N ASP A 117 22.36 -33.65 -30.27
CA ASP A 117 21.70 -33.21 -31.47
C ASP A 117 22.42 -32.00 -31.99
N ARG A 118 22.85 -31.11 -31.09
CA ARG A 118 23.49 -29.90 -31.54
C ARG A 118 24.73 -30.22 -32.28
N LEU A 119 25.53 -31.19 -31.79
CA LEU A 119 26.74 -31.45 -32.49
C LEU A 119 26.47 -32.03 -33.85
N TYR A 120 25.42 -32.85 -33.99
CA TYR A 120 25.13 -33.41 -35.28
C TYR A 120 24.86 -32.29 -36.23
N ASN A 121 24.05 -31.31 -35.80
CA ASN A 121 23.64 -30.21 -36.64
C ASN A 121 24.86 -29.45 -37.05
N ASP A 122 25.82 -29.33 -36.12
CA ASP A 122 27.02 -28.60 -36.35
C ASP A 122 27.78 -29.20 -37.48
N ASN A 123 27.82 -30.54 -37.60
CA ASN A 123 28.65 -30.96 -38.69
C ASN A 123 28.44 -32.37 -39.14
N GLN A 124 28.05 -33.29 -38.22
CA GLN A 124 28.05 -34.69 -38.55
C GLN A 124 26.97 -35.06 -39.53
N VAL A 125 27.21 -34.79 -40.83
CA VAL A 125 26.39 -35.25 -41.92
C VAL A 125 26.79 -36.64 -42.24
N PHE A 126 28.11 -36.76 -42.47
CA PHE A 126 28.78 -37.97 -42.69
C PHE A 126 30.09 -37.85 -42.29
N ALA A 127 30.48 -39.07 -42.46
CA ALA A 127 31.63 -39.60 -42.11
C ALA A 127 31.09 -40.93 -41.89
N LYS A 128 31.00 -41.69 -42.97
CA LYS A 128 30.35 -42.94 -42.84
C LYS A 128 31.17 -43.81 -41.96
N TYR A 129 32.48 -43.90 -42.20
CA TYR A 129 33.12 -44.81 -41.31
C TYR A 129 34.40 -44.27 -40.76
N ASN A 130 34.69 -44.67 -39.52
CA ASN A 130 35.70 -43.98 -38.79
C ASN A 130 36.54 -44.89 -37.96
N VAL A 131 37.79 -44.45 -37.79
CA VAL A 131 38.94 -45.02 -37.17
C VAL A 131 38.85 -44.48 -35.81
N SER A 132 39.08 -45.34 -34.82
CA SER A 132 38.87 -44.86 -33.51
C SER A 132 40.21 -44.61 -32.94
N ARG A 133 40.47 -43.33 -32.65
CA ARG A 133 41.72 -43.00 -32.08
C ARG A 133 41.36 -42.86 -30.70
N LEU A 134 41.44 -43.97 -30.01
CA LEU A 134 41.04 -43.78 -28.69
C LEU A 134 42.10 -42.95 -28.07
N GLN A 135 43.36 -43.15 -28.51
CA GLN A 135 44.41 -42.46 -27.84
C GLN A 135 44.25 -40.96 -27.92
N PRO A 136 44.06 -40.34 -29.05
CA PRO A 136 43.92 -38.90 -29.00
C PRO A 136 42.63 -38.44 -28.39
N TYR A 137 41.58 -39.27 -28.52
CA TYR A 137 40.27 -39.00 -28.02
C TYR A 137 40.29 -38.92 -26.53
N LEU A 138 40.91 -39.90 -25.87
CA LEU A 138 40.97 -39.92 -24.44
C LEU A 138 41.81 -38.77 -23.96
N LYS A 139 42.91 -38.47 -24.67
CA LYS A 139 43.78 -37.44 -24.19
C LYS A 139 43.06 -36.14 -24.11
N LEU A 140 42.28 -35.79 -25.15
CA LEU A 140 41.63 -34.51 -25.15
C LEU A 140 40.66 -34.45 -24.03
N ARG A 141 39.88 -35.53 -23.81
CA ARG A 141 38.83 -35.38 -22.83
C ARG A 141 39.44 -35.19 -21.48
N GLN A 142 40.52 -35.94 -21.20
CA GLN A 142 41.07 -35.94 -19.87
C GLN A 142 41.55 -34.57 -19.57
N ALA A 143 42.28 -33.95 -20.52
CA ALA A 143 42.83 -32.66 -20.29
C ALA A 143 41.72 -31.67 -20.12
N LEU A 144 40.70 -31.76 -20.99
CA LEU A 144 39.67 -30.76 -20.97
C LEU A 144 38.93 -30.85 -19.67
N LEU A 145 38.70 -32.08 -19.18
CA LEU A 145 37.99 -32.27 -17.96
C LEU A 145 38.80 -31.63 -16.87
N GLU A 146 40.11 -31.90 -16.87
CA GLU A 146 40.98 -31.47 -15.81
C GLU A 146 41.10 -29.98 -15.77
N LEU A 147 41.38 -29.32 -16.92
CA LEU A 147 41.58 -27.92 -16.72
C LEU A 147 40.33 -27.25 -17.13
N ARG A 148 39.43 -27.11 -16.16
CA ARG A 148 38.17 -26.46 -16.33
C ARG A 148 38.37 -24.98 -16.49
N PRO A 149 39.23 -24.36 -15.70
CA PRO A 149 39.38 -22.94 -15.79
C PRO A 149 39.91 -22.55 -17.13
N ALA A 150 39.85 -21.24 -17.45
CA ALA A 150 40.22 -20.78 -18.76
C ALA A 150 41.57 -21.32 -19.10
N LYS A 151 41.69 -21.85 -20.32
CA LYS A 151 42.94 -22.36 -20.80
C LYS A 151 42.82 -22.48 -22.26
N ASN A 152 43.88 -22.96 -22.94
CA ASN A 152 43.73 -23.14 -24.35
C ASN A 152 44.12 -24.54 -24.68
N VAL A 153 43.13 -25.34 -25.13
CA VAL A 153 43.43 -26.68 -25.54
C VAL A 153 43.59 -26.57 -27.00
N LEU A 154 44.80 -26.85 -27.51
CA LEU A 154 44.89 -26.80 -28.92
C LEU A 154 44.57 -28.16 -29.37
N ILE A 155 44.20 -28.17 -30.63
CA ILE A 155 44.08 -29.29 -31.45
C ILE A 155 44.60 -28.63 -32.66
N ASP A 156 45.60 -29.22 -33.30
CA ASP A 156 46.11 -28.55 -34.46
C ASP A 156 46.84 -29.40 -35.47
N GLY A 157 46.31 -29.68 -36.68
CA GLY A 157 46.98 -30.64 -37.54
C GLY A 157 46.84 -30.17 -38.96
N VAL A 158 47.18 -31.06 -39.92
CA VAL A 158 47.11 -30.77 -41.33
C VAL A 158 45.67 -30.53 -41.65
N LEU A 159 45.40 -29.75 -42.73
CA LEU A 159 44.02 -29.52 -43.05
C LEU A 159 43.38 -30.83 -43.33
N GLY A 160 42.22 -31.07 -42.68
CA GLY A 160 41.44 -32.26 -42.92
C GLY A 160 41.98 -33.41 -42.12
N SER A 161 42.83 -33.15 -41.10
CA SER A 161 43.38 -34.19 -40.28
C SER A 161 42.30 -34.78 -39.44
N GLY A 162 41.15 -34.09 -39.32
CA GLY A 162 40.10 -34.63 -38.51
C GLY A 162 40.07 -33.98 -37.15
N LYS A 163 40.58 -32.75 -37.14
CA LYS A 163 40.67 -31.98 -35.94
C LYS A 163 39.31 -31.76 -35.34
N THR A 164 38.39 -31.15 -36.14
CA THR A 164 37.04 -30.66 -35.86
C THR A 164 36.12 -31.77 -35.59
N TRP A 165 36.25 -32.85 -36.39
CA TRP A 165 35.42 -33.96 -36.17
C TRP A 165 35.73 -34.42 -34.75
N VAL A 166 37.05 -34.60 -34.36
CA VAL A 166 37.46 -35.10 -33.08
C VAL A 166 36.88 -34.26 -31.99
N ALA A 167 36.90 -32.93 -32.16
CA ALA A 167 36.41 -32.05 -31.13
C ALA A 167 34.97 -32.30 -30.89
N LEU A 168 34.18 -32.49 -31.96
CA LEU A 168 32.78 -32.67 -31.80
C LEU A 168 32.55 -33.90 -31.00
N ASP A 169 33.26 -34.99 -31.34
CA ASP A 169 33.08 -36.27 -30.72
C ASP A 169 33.37 -36.17 -29.25
N VAL A 170 34.41 -35.41 -28.89
CA VAL A 170 34.73 -35.33 -27.49
C VAL A 170 33.60 -34.70 -26.78
N CYS A 171 32.99 -33.66 -27.36
CA CYS A 171 31.90 -33.00 -26.72
C CYS A 171 30.71 -33.93 -26.64
N LEU A 172 30.44 -34.73 -27.72
CA LEU A 172 29.26 -35.55 -27.78
C LEU A 172 29.16 -36.73 -26.86
N SER A 173 30.21 -37.57 -26.69
CA SER A 173 30.03 -38.77 -25.89
C SER A 173 30.12 -38.47 -24.41
N TYR A 174 30.58 -37.25 -24.16
CA TYR A 174 30.99 -36.50 -23.00
C TYR A 174 30.00 -35.94 -22.05
N LYS A 175 28.86 -36.60 -21.79
CA LYS A 175 27.83 -36.05 -20.95
C LYS A 175 28.45 -35.44 -19.70
N VAL A 176 29.51 -36.05 -19.14
CA VAL A 176 30.12 -35.50 -17.95
C VAL A 176 30.68 -34.13 -18.24
N GLN A 177 31.40 -33.98 -19.38
CA GLN A 177 32.05 -32.75 -19.70
C GLN A 177 31.02 -31.69 -19.90
N CYS A 178 29.91 -32.05 -20.56
CA CYS A 178 28.88 -31.09 -20.86
C CYS A 178 28.28 -30.61 -19.57
N LYS A 179 28.12 -31.49 -18.58
CA LYS A 179 27.52 -31.06 -17.35
C LYS A 179 28.40 -30.07 -16.67
N MET A 180 29.71 -30.36 -16.59
CA MET A 180 30.57 -29.49 -15.85
C MET A 180 30.64 -28.16 -16.49
N ASP A 181 30.81 -28.11 -17.82
CA ASP A 181 30.84 -26.82 -18.43
C ASP A 181 29.42 -26.35 -18.40
N PHE A 182 29.17 -25.08 -18.03
CA PHE A 182 27.79 -24.72 -17.95
C PHE A 182 27.18 -24.79 -19.31
N LYS A 183 27.83 -24.14 -20.30
CA LYS A 183 27.28 -24.14 -21.62
C LYS A 183 28.43 -24.10 -22.56
N ILE A 184 28.22 -24.46 -23.84
CA ILE A 184 29.33 -24.41 -24.73
C ILE A 184 28.94 -23.67 -25.97
N PHE A 185 29.85 -22.84 -26.48
CA PHE A 185 29.60 -22.08 -27.67
C PHE A 185 30.61 -22.52 -28.69
N TRP A 186 30.13 -22.89 -29.90
CA TRP A 186 31.05 -23.34 -30.91
C TRP A 186 30.89 -22.44 -32.09
N LEU A 187 32.01 -21.86 -32.57
CA LEU A 187 31.94 -21.05 -33.75
C LEU A 187 33.13 -21.36 -34.59
N ASN A 188 32.95 -21.32 -35.93
CA ASN A 188 34.07 -21.56 -36.79
C ASN A 188 34.50 -20.21 -37.26
N LEU A 189 35.72 -19.81 -36.87
CA LEU A 189 36.17 -18.48 -37.18
C LEU A 189 36.43 -18.35 -38.64
N LYS A 190 35.95 -17.21 -39.17
CA LYS A 190 36.15 -16.75 -40.52
C LYS A 190 37.48 -16.04 -40.42
N ASN A 191 38.18 -15.87 -41.55
CA ASN A 191 39.51 -15.31 -41.59
C ASN A 191 39.54 -14.07 -40.74
N CYS A 192 40.26 -14.16 -39.60
CA CYS A 192 40.47 -13.13 -38.62
C CYS A 192 41.46 -12.13 -39.11
N ASN A 193 42.43 -12.58 -39.94
CA ASN A 193 43.42 -11.66 -40.38
C ASN A 193 42.79 -10.53 -41.12
N SER A 194 41.67 -10.77 -41.82
CA SER A 194 40.96 -9.66 -42.41
C SER A 194 40.31 -8.93 -41.26
N PRO A 195 40.49 -7.64 -41.23
CA PRO A 195 40.06 -6.75 -40.17
C PRO A 195 38.62 -6.70 -39.71
N GLU A 196 37.66 -6.39 -40.61
CA GLU A 196 36.29 -6.18 -40.22
C GLU A 196 35.82 -7.45 -39.62
N THR A 197 36.48 -8.55 -40.00
CA THR A 197 36.08 -9.87 -39.62
C THR A 197 35.97 -9.97 -38.13
N VAL A 198 36.92 -9.43 -37.36
CA VAL A 198 36.87 -9.64 -35.93
C VAL A 198 35.59 -9.08 -35.38
N LEU A 199 35.21 -7.85 -35.77
CA LEU A 199 34.00 -7.31 -35.22
C LEU A 199 32.84 -8.13 -35.64
N GLU A 200 32.86 -8.59 -36.90
CA GLU A 200 31.77 -9.34 -37.45
C GLU A 200 31.56 -10.55 -36.60
N MET A 201 32.66 -11.27 -36.27
CA MET A 201 32.54 -12.50 -35.56
C MET A 201 31.99 -12.24 -34.19
N LEU A 202 32.47 -11.17 -33.53
CA LEU A 202 32.10 -10.92 -32.18
C LEU A 202 30.66 -10.52 -32.13
N GLN A 203 30.17 -9.85 -33.19
CA GLN A 203 28.81 -9.40 -33.18
C GLN A 203 27.94 -10.60 -33.08
N LYS A 204 28.28 -11.68 -33.81
CA LYS A 204 27.49 -12.88 -33.80
C LYS A 204 27.51 -13.42 -32.41
N LEU A 205 28.67 -13.31 -31.73
CA LEU A 205 28.80 -13.82 -30.41
C LEU A 205 27.81 -13.10 -29.56
N LEU A 206 27.71 -11.79 -29.79
CA LEU A 206 26.89 -10.93 -29.00
C LEU A 206 25.48 -11.42 -29.20
N TYR A 207 25.13 -11.76 -30.46
CA TYR A 207 23.77 -12.14 -30.74
C TYR A 207 23.42 -13.39 -30.00
N GLN A 208 24.31 -14.40 -30.06
CA GLN A 208 24.03 -15.68 -29.46
C GLN A 208 23.97 -15.55 -27.98
N ILE A 209 24.83 -14.69 -27.39
CA ILE A 209 24.86 -14.59 -25.97
C ILE A 209 23.51 -14.15 -25.54
N ASP A 210 22.94 -13.15 -26.25
CA ASP A 210 21.60 -12.65 -26.06
C ASP A 210 21.36 -11.69 -27.18
N PRO A 211 20.17 -11.71 -27.69
CA PRO A 211 19.71 -10.74 -28.65
C PRO A 211 19.20 -9.56 -27.87
N ASN A 212 19.39 -9.59 -26.54
CA ASN A 212 18.79 -8.74 -25.54
C ASN A 212 18.78 -7.28 -25.84
N TRP A 213 19.33 -6.53 -24.86
CA TRP A 213 19.65 -5.14 -24.74
C TRP A 213 20.90 -4.97 -25.49
N THR A 214 21.43 -6.14 -25.80
CA THR A 214 22.62 -6.48 -26.45
C THR A 214 22.78 -5.45 -27.53
N SER A 215 21.76 -5.30 -28.37
CA SER A 215 21.75 -4.42 -29.51
C SER A 215 21.76 -2.94 -29.20
N ARG A 216 21.25 -2.49 -28.03
CA ARG A 216 21.01 -1.09 -27.77
C ARG A 216 22.22 -0.18 -27.78
N SER A 217 23.36 -0.59 -27.16
CA SER A 217 24.48 0.30 -26.94
C SER A 217 25.15 0.72 -28.21
N ASP A 218 25.87 1.86 -28.11
CA ASP A 218 26.46 2.55 -29.21
C ASP A 218 27.39 1.69 -29.99
N HIS A 219 27.06 1.53 -31.27
CA HIS A 219 27.94 0.84 -32.16
C HIS A 219 28.66 1.96 -32.82
N SER A 220 29.95 2.13 -32.47
CA SER A 220 30.70 3.24 -32.96
C SER A 220 30.92 3.12 -34.42
N SER A 221 30.79 4.27 -35.09
CA SER A 221 30.95 4.33 -36.50
C SER A 221 32.35 3.93 -36.79
N ASN A 222 33.31 4.44 -35.98
CA ASN A 222 34.66 4.05 -36.23
C ASN A 222 34.85 2.76 -35.51
N ILE A 223 35.74 1.92 -36.07
CA ILE A 223 36.03 0.64 -35.50
C ILE A 223 36.69 0.82 -34.18
N LYS A 224 37.49 1.90 -34.05
CA LYS A 224 38.35 2.10 -32.93
C LYS A 224 37.59 1.91 -31.65
N LEU A 225 36.37 2.48 -31.55
CA LEU A 225 35.54 2.32 -30.39
C LEU A 225 34.82 0.99 -30.29
N ARG A 226 34.21 0.52 -31.40
CA ARG A 226 33.30 -0.59 -31.40
C ARG A 226 33.93 -1.87 -30.92
N ILE A 227 35.16 -2.21 -31.39
CA ILE A 227 35.72 -3.48 -31.04
C ILE A 227 35.89 -3.51 -29.55
N HIS A 228 36.41 -2.39 -28.99
CA HIS A 228 36.67 -2.33 -27.59
C HIS A 228 35.38 -2.46 -26.87
N SER A 229 34.34 -1.77 -27.37
CA SER A 229 33.07 -1.76 -26.70
C SER A 229 32.52 -3.15 -26.70
N ILE A 230 32.70 -3.88 -27.82
CA ILE A 230 32.13 -5.20 -27.85
C ILE A 230 32.79 -6.06 -26.83
N GLN A 231 34.12 -5.97 -26.68
CA GLN A 231 34.76 -6.84 -25.75
C GLN A 231 34.19 -6.58 -24.40
N ALA A 232 33.92 -5.30 -24.08
CA ALA A 232 33.38 -4.98 -22.80
C ALA A 232 32.04 -5.63 -22.65
N GLU A 233 31.20 -5.56 -23.70
CA GLU A 233 29.87 -6.11 -23.59
C GLU A 233 29.96 -7.60 -23.46
N LEU A 234 30.89 -8.23 -24.19
CA LEU A 234 31.00 -9.66 -24.18
C LEU A 234 31.33 -10.07 -22.78
N ARG A 235 32.28 -9.36 -22.14
CA ARG A 235 32.68 -9.71 -20.81
C ARG A 235 31.51 -9.56 -19.90
N ARG A 236 30.75 -8.46 -20.07
CA ARG A 236 29.64 -8.16 -19.22
C ARG A 236 28.62 -9.25 -19.33
N LEU A 237 28.30 -9.68 -20.57
CA LEU A 237 27.29 -10.68 -20.70
C LEU A 237 27.75 -11.97 -20.10
N LEU A 238 29.04 -12.29 -20.19
CA LEU A 238 29.42 -13.55 -19.61
C LEU A 238 29.14 -13.55 -18.14
N LYS A 239 29.46 -12.45 -17.44
CA LYS A 239 29.25 -12.42 -16.03
C LYS A 239 27.77 -12.47 -15.76
N SER A 240 26.98 -11.78 -16.60
CA SER A 240 25.58 -11.59 -16.35
C SER A 240 24.87 -12.89 -16.19
N LYS A 241 25.19 -13.91 -17.00
CA LYS A 241 24.46 -15.13 -16.84
C LYS A 241 25.34 -16.18 -16.23
N PRO A 242 24.86 -17.40 -16.12
CA PRO A 242 25.60 -18.47 -15.51
C PRO A 242 26.78 -18.98 -16.28
N TYR A 243 27.24 -18.24 -17.30
CA TYR A 243 28.25 -18.57 -18.28
C TYR A 243 29.60 -18.89 -17.70
N GLU A 244 29.95 -18.48 -16.46
CA GLU A 244 31.30 -18.43 -15.94
C GLU A 244 32.20 -19.56 -16.36
N ASN A 245 31.94 -20.86 -16.20
CA ASN A 245 32.87 -21.78 -16.83
C ASN A 245 32.15 -22.23 -18.04
N CYS A 246 32.27 -21.45 -19.13
CA CYS A 246 31.57 -21.71 -20.36
C CYS A 246 32.61 -22.21 -21.31
N LEU A 247 32.29 -23.27 -22.08
CA LEU A 247 33.28 -23.80 -22.96
C LEU A 247 33.05 -23.21 -24.29
N LEU A 248 34.10 -22.57 -24.86
CA LEU A 248 33.91 -21.99 -26.15
C LEU A 248 34.86 -22.70 -27.04
N VAL A 249 34.41 -23.05 -28.25
CA VAL A 249 35.32 -23.73 -29.11
C VAL A 249 35.47 -22.88 -30.33
N LEU A 250 36.72 -22.49 -30.65
CA LEU A 250 36.86 -21.73 -31.85
C LEU A 250 37.39 -22.67 -32.86
N LEU A 251 36.60 -22.92 -33.91
CA LEU A 251 36.99 -23.83 -34.93
C LEU A 251 37.72 -23.10 -36.00
N ASN A 252 38.78 -23.74 -36.53
CA ASN A 252 39.57 -23.20 -37.60
C ASN A 252 39.96 -21.79 -37.33
N VAL A 253 40.77 -21.55 -36.27
CA VAL A 253 41.17 -20.20 -36.00
C VAL A 253 42.44 -19.92 -36.73
N GLN A 254 42.34 -19.03 -37.74
CA GLN A 254 43.43 -18.63 -38.58
C GLN A 254 44.35 -17.63 -37.91
N ASN A 255 43.78 -16.62 -37.21
CA ASN A 255 44.60 -15.52 -36.76
C ASN A 255 44.78 -15.55 -35.27
N ALA A 256 45.96 -15.08 -34.84
CA ALA A 256 46.41 -15.02 -33.47
C ALA A 256 45.53 -14.11 -32.68
N LYS A 257 45.03 -13.04 -33.31
CA LYS A 257 44.27 -12.05 -32.60
C LYS A 257 43.10 -12.71 -31.95
N ALA A 258 42.50 -13.72 -32.59
CA ALA A 258 41.37 -14.36 -31.98
C ALA A 258 41.83 -14.92 -30.68
N TRP A 259 43.05 -15.48 -30.69
CA TRP A 259 43.64 -16.11 -29.54
C TRP A 259 43.85 -15.06 -28.48
N ASN A 260 44.33 -13.87 -28.86
CA ASN A 260 44.53 -12.87 -27.86
C ASN A 260 43.22 -12.39 -27.32
N ALA A 261 42.18 -12.34 -28.17
CA ALA A 261 40.88 -11.90 -27.75
C ALA A 261 40.44 -12.86 -26.68
N PHE A 262 40.85 -14.13 -26.84
CA PHE A 262 40.56 -15.18 -25.92
C PHE A 262 41.06 -14.75 -24.59
N ASN A 263 42.27 -14.16 -24.56
CA ASN A 263 42.90 -13.81 -23.32
C ASN A 263 41.93 -12.95 -22.58
N LEU A 264 41.35 -11.96 -23.27
CA LEU A 264 40.32 -11.23 -22.59
C LEU A 264 39.06 -11.99 -22.93
N SER A 265 38.82 -13.10 -22.23
CA SER A 265 37.68 -13.92 -22.50
C SER A 265 37.69 -15.07 -21.54
N CYS A 266 37.21 -16.24 -22.00
CA CYS A 266 37.11 -17.39 -21.14
C CYS A 266 37.90 -18.53 -21.70
N LYS A 267 37.57 -19.77 -21.29
CA LYS A 267 38.24 -20.99 -21.65
C LYS A 267 37.87 -21.39 -23.05
N ILE A 268 38.83 -22.02 -23.76
CA ILE A 268 38.62 -22.37 -25.14
C ILE A 268 39.29 -23.66 -25.51
N LEU A 269 38.68 -24.37 -26.49
CA LEU A 269 39.27 -25.46 -27.20
C LEU A 269 39.47 -24.94 -28.58
N LEU A 270 40.69 -25.05 -29.14
CA LEU A 270 40.85 -24.46 -30.44
C LEU A 270 41.36 -25.50 -31.39
N THR A 271 40.91 -25.43 -32.66
CA THR A 271 41.41 -26.31 -33.69
C THR A 271 42.13 -25.42 -34.66
N THR A 272 43.40 -25.74 -34.99
CA THR A 272 44.10 -24.88 -35.89
C THR A 272 45.11 -25.65 -36.70
N ARG A 273 45.35 -25.21 -37.94
CA ARG A 273 46.25 -25.78 -38.92
C ARG A 273 47.68 -25.41 -38.71
N PHE A 274 47.98 -24.60 -37.70
CA PHE A 274 49.34 -24.27 -37.47
C PHE A 274 49.58 -24.92 -36.13
N LYS A 275 50.84 -25.12 -35.72
CA LYS A 275 51.21 -25.37 -34.34
C LYS A 275 51.65 -24.08 -33.72
N GLN A 276 52.37 -23.22 -34.49
CA GLN A 276 52.98 -22.11 -33.79
C GLN A 276 51.94 -21.13 -33.31
N VAL A 277 50.79 -21.03 -33.99
CA VAL A 277 49.74 -20.14 -33.54
C VAL A 277 49.41 -20.49 -32.12
N THR A 278 49.36 -21.81 -31.87
CA THR A 278 49.06 -22.42 -30.62
C THR A 278 50.07 -21.96 -29.62
N ASP A 279 51.34 -21.99 -30.06
CA ASP A 279 52.45 -21.70 -29.22
C ASP A 279 52.35 -20.27 -28.77
N PHE A 280 52.00 -19.36 -29.69
CA PHE A 280 51.94 -17.96 -29.36
C PHE A 280 50.89 -17.73 -28.32
N LEU A 281 49.73 -18.37 -28.49
CA LEU A 281 48.62 -18.21 -27.60
C LEU A 281 49.01 -18.65 -26.22
N SER A 282 49.75 -19.77 -26.12
CA SER A 282 50.18 -20.33 -24.87
C SER A 282 51.14 -19.39 -24.22
N ALA A 283 51.95 -18.70 -25.03
CA ALA A 283 52.88 -17.79 -24.44
C ALA A 283 52.14 -16.65 -23.81
N ALA A 284 51.14 -16.10 -24.54
CA ALA A 284 50.47 -14.92 -24.06
C ALA A 284 49.78 -15.25 -22.78
N THR A 285 49.03 -16.36 -22.78
CA THR A 285 48.37 -16.81 -21.59
C THR A 285 49.00 -18.10 -21.30
N THR A 286 49.52 -18.27 -20.08
CA THR A 286 50.17 -19.47 -19.71
C THR A 286 49.12 -20.55 -19.72
N THR A 287 49.43 -21.73 -19.17
CA THR A 287 48.49 -22.81 -19.21
C THR A 287 47.96 -23.09 -20.57
N HIS A 288 48.80 -23.70 -21.43
CA HIS A 288 48.35 -24.15 -22.71
C HIS A 288 48.43 -25.64 -22.69
N ILE A 289 47.54 -26.30 -23.45
CA ILE A 289 47.52 -27.74 -23.56
C ILE A 289 47.55 -28.02 -25.02
N SER A 290 48.34 -29.01 -25.47
CA SER A 290 48.35 -29.18 -26.89
C SER A 290 48.03 -30.61 -27.22
N LEU A 291 47.13 -30.79 -28.19
CA LEU A 291 46.82 -32.11 -28.66
C LEU A 291 47.08 -32.03 -30.13
N ASP A 292 48.05 -32.81 -30.61
CA ASP A 292 48.37 -32.76 -32.00
C ASP A 292 47.72 -33.96 -32.65
N HIS A 293 47.20 -33.86 -33.91
CA HIS A 293 47.21 -32.71 -34.76
C HIS A 293 48.68 -32.58 -35.20
N HIS A 294 49.41 -33.62 -34.85
CA HIS A 294 50.80 -33.75 -35.08
C HIS A 294 50.95 -34.86 -34.13
N SER A 295 52.18 -35.34 -33.91
CA SER A 295 52.48 -36.40 -32.99
C SER A 295 52.65 -37.67 -33.79
N MET A 296 52.37 -38.80 -33.12
CA MET A 296 52.46 -40.19 -33.49
C MET A 296 51.46 -40.61 -34.55
N THR A 297 50.27 -39.96 -34.58
CA THR A 297 49.15 -40.20 -35.47
C THR A 297 48.39 -41.50 -35.37
N LEU A 298 47.99 -41.94 -34.15
CA LEU A 298 47.03 -43.01 -34.09
C LEU A 298 47.63 -44.25 -34.67
N THR A 299 46.74 -45.08 -35.27
CA THR A 299 47.14 -46.28 -35.94
C THR A 299 46.51 -46.30 -37.29
N PRO A 300 47.31 -46.44 -38.31
CA PRO A 300 46.81 -46.46 -39.65
C PRO A 300 45.91 -47.62 -39.92
N ASP A 301 46.06 -48.73 -39.17
CA ASP A 301 45.22 -49.86 -39.39
C ASP A 301 43.82 -49.46 -39.05
N GLU A 302 43.64 -48.78 -37.91
CA GLU A 302 42.35 -48.40 -37.45
C GLU A 302 41.78 -47.39 -38.40
N VAL A 303 42.62 -46.45 -38.86
CA VAL A 303 42.14 -45.42 -39.71
C VAL A 303 41.68 -46.07 -40.96
N LYS A 304 42.48 -47.00 -41.50
CA LYS A 304 42.13 -47.58 -42.76
C LYS A 304 40.82 -48.28 -42.61
N SER A 305 40.60 -48.93 -41.44
CA SER A 305 39.38 -49.66 -41.26
C SER A 305 38.25 -48.69 -41.30
N LEU A 306 38.52 -47.43 -40.90
CA LEU A 306 37.52 -46.41 -40.87
C LEU A 306 37.01 -46.22 -42.23
N LEU A 307 37.94 -45.99 -43.14
CA LEU A 307 37.60 -45.64 -44.47
C LEU A 307 36.94 -46.84 -45.03
N LEU A 308 37.44 -48.00 -44.57
CA LEU A 308 37.04 -49.28 -45.07
C LEU A 308 35.59 -49.46 -44.80
N LYS A 309 35.06 -49.08 -43.63
CA LYS A 309 33.66 -49.33 -43.50
C LYS A 309 32.86 -48.37 -44.32
N TYR A 310 33.35 -47.12 -44.47
CA TYR A 310 32.63 -46.15 -45.25
C TYR A 310 32.40 -46.73 -46.60
N LEU A 311 33.54 -47.08 -47.20
CA LEU A 311 33.68 -47.55 -48.54
C LEU A 311 33.27 -49.00 -48.78
N ASP A 312 33.49 -49.89 -47.78
CA ASP A 312 33.37 -51.33 -47.83
C ASP A 312 34.18 -51.94 -48.98
N CYS A 313 35.53 -52.14 -48.77
CA CYS A 313 36.49 -52.59 -49.78
C CYS A 313 37.18 -53.91 -49.52
N ARG A 314 38.36 -54.12 -50.20
CA ARG A 314 39.16 -55.34 -50.16
C ARG A 314 40.57 -55.02 -49.74
N PRO A 315 41.14 -55.98 -49.02
CA PRO A 315 42.46 -55.94 -48.44
C PRO A 315 43.55 -55.74 -49.44
N GLN A 316 43.41 -56.31 -50.65
CA GLN A 316 44.41 -56.11 -51.65
C GLN A 316 44.39 -54.66 -51.96
N ASP A 317 43.18 -54.12 -51.92
CA ASP A 317 42.92 -52.75 -52.23
C ASP A 317 43.51 -51.85 -51.21
N LEU A 318 43.69 -52.37 -49.99
CA LEU A 318 44.04 -51.55 -48.88
C LEU A 318 45.25 -50.75 -49.08
N PRO A 319 46.31 -51.29 -49.58
CA PRO A 319 47.51 -50.51 -49.69
C PRO A 319 47.27 -49.33 -50.58
N ARG A 320 46.29 -49.39 -51.47
CA ARG A 320 46.09 -48.20 -52.24
C ARG A 320 45.64 -47.13 -51.29
N GLU A 321 44.76 -47.51 -50.36
CA GLU A 321 44.13 -46.64 -49.39
C GLU A 321 45.11 -46.14 -48.42
N VAL A 322 46.09 -47.01 -48.06
CA VAL A 322 47.02 -46.74 -47.00
C VAL A 322 47.61 -45.44 -47.38
N LEU A 323 47.84 -45.24 -48.70
CA LEU A 323 48.31 -43.96 -49.14
C LEU A 323 47.10 -43.13 -49.44
N THR A 324 47.12 -41.84 -49.04
CA THR A 324 48.24 -41.29 -48.33
C THR A 324 47.91 -41.24 -46.88
N THR A 325 48.89 -40.81 -46.06
CA THR A 325 48.75 -40.76 -44.63
C THR A 325 47.69 -39.78 -44.22
N ASN A 326 47.64 -38.59 -44.85
CA ASN A 326 46.75 -37.59 -44.30
C ASN A 326 45.31 -37.92 -44.41
N PRO A 327 44.68 -37.66 -43.30
CA PRO A 327 43.28 -37.88 -43.13
C PRO A 327 42.48 -36.98 -44.01
N ARG A 328 42.96 -35.75 -44.32
CA ARG A 328 42.10 -34.95 -45.14
C ARG A 328 42.05 -35.61 -46.47
N ARG A 329 43.23 -36.05 -46.95
CA ARG A 329 43.29 -36.64 -48.24
C ARG A 329 42.55 -37.93 -48.23
N LEU A 330 42.61 -38.64 -47.08
CA LEU A 330 41.95 -39.91 -47.04
C LEU A 330 40.50 -39.66 -47.26
N SER A 331 39.95 -38.64 -46.64
CA SER A 331 38.55 -38.55 -46.80
C SER A 331 38.18 -37.93 -48.12
N ILE A 332 39.03 -37.04 -48.71
CA ILE A 332 38.70 -36.57 -50.02
C ILE A 332 38.66 -37.74 -50.95
N ILE A 333 39.62 -38.66 -50.81
CA ILE A 333 39.70 -39.83 -51.63
C ILE A 333 38.48 -40.67 -51.34
N ALA A 334 38.12 -40.83 -50.06
CA ALA A 334 37.05 -41.71 -49.67
C ALA A 334 35.78 -41.26 -50.31
N GLU A 335 35.54 -39.95 -50.34
CA GLU A 335 34.36 -39.45 -50.94
C GLU A 335 34.36 -39.83 -52.39
N SER A 336 35.52 -39.67 -53.06
CA SER A 336 35.64 -39.93 -54.47
C SER A 336 35.39 -41.37 -54.73
N ILE A 337 35.92 -42.25 -53.86
CA ILE A 337 35.75 -43.65 -54.01
C ILE A 337 34.32 -44.03 -53.83
N ARG A 338 33.54 -43.35 -52.97
CA ARG A 338 32.17 -43.76 -52.90
C ARG A 338 31.61 -43.55 -54.27
N ASP A 339 32.00 -42.46 -54.93
CA ASP A 339 31.56 -42.32 -56.29
C ASP A 339 32.28 -43.23 -57.29
N GLY A 340 33.59 -43.58 -57.13
CA GLY A 340 34.38 -44.34 -58.10
C GLY A 340 35.41 -45.30 -57.41
N LEU A 341 36.73 -45.45 -57.86
CA LEU A 341 37.65 -46.59 -57.48
C LEU A 341 38.99 -46.42 -56.57
N ALA A 342 39.67 -47.50 -55.87
CA ALA A 342 41.07 -47.45 -55.47
C ALA A 342 41.59 -48.25 -56.61
N THR A 343 41.73 -47.59 -57.79
CA THR A 343 42.16 -48.33 -58.93
C THR A 343 42.81 -47.41 -59.90
N TRP A 344 42.82 -47.83 -61.18
CA TRP A 344 43.48 -47.07 -62.20
C TRP A 344 42.86 -45.71 -62.28
N ASP A 345 41.52 -45.63 -62.20
CA ASP A 345 40.88 -44.34 -62.30
C ASP A 345 41.28 -43.47 -61.14
N ASN A 346 41.28 -44.03 -59.92
CA ASN A 346 41.55 -43.32 -58.69
C ASN A 346 42.93 -42.76 -58.74
N TRP A 347 43.89 -43.62 -59.07
CA TRP A 347 45.25 -43.21 -59.11
C TRP A 347 45.37 -42.20 -60.19
N LYS A 348 44.57 -42.39 -61.26
CA LYS A 348 44.65 -41.53 -62.40
C LYS A 348 44.38 -40.11 -62.00
N HIS A 349 43.33 -39.89 -61.17
CA HIS A 349 42.97 -38.56 -60.79
C HIS A 349 44.06 -37.93 -59.96
N VAL A 350 44.54 -38.73 -58.97
CA VAL A 350 45.48 -38.46 -57.90
C VAL A 350 44.86 -37.66 -56.77
N ASN A 351 43.51 -37.59 -56.70
CA ASN A 351 42.76 -36.91 -55.67
C ASN A 351 43.21 -35.51 -55.45
N CYS A 352 43.30 -34.78 -56.57
CA CYS A 352 43.61 -33.39 -56.63
C CYS A 352 42.42 -32.46 -56.65
N ASP A 353 41.23 -32.96 -57.07
CA ASP A 353 40.16 -32.06 -57.39
C ASP A 353 39.84 -31.15 -56.24
N LYS A 354 39.58 -31.73 -55.05
CA LYS A 354 39.29 -30.92 -53.91
C LYS A 354 40.49 -30.17 -53.44
N LEU A 355 41.62 -30.88 -53.28
CA LEU A 355 42.80 -30.37 -52.66
C LEU A 355 43.42 -29.23 -53.42
N THR A 356 43.45 -29.30 -54.76
CA THR A 356 44.13 -28.28 -55.50
C THR A 356 43.48 -26.97 -55.18
N THR A 357 42.14 -26.92 -55.19
CA THR A 357 41.47 -25.70 -54.92
C THR A 357 41.76 -25.31 -53.50
N ILE A 358 41.79 -26.30 -52.60
CA ILE A 358 41.96 -26.06 -51.20
C ILE A 358 43.28 -25.41 -50.94
N ILE A 359 44.36 -25.94 -51.53
CA ILE A 359 45.70 -25.47 -51.35
C ILE A 359 45.82 -24.09 -51.90
N GLU A 360 45.13 -23.82 -53.03
CA GLU A 360 45.26 -22.56 -53.70
C GLU A 360 44.96 -21.45 -52.75
N SER A 361 43.91 -21.61 -51.94
CA SER A 361 43.55 -20.57 -51.02
C SER A 361 44.68 -20.41 -50.05
N SER A 362 45.37 -21.54 -49.74
CA SER A 362 46.43 -21.51 -48.79
C SER A 362 47.55 -20.65 -49.28
N LEU A 363 47.85 -20.70 -50.59
CA LEU A 363 48.95 -19.96 -51.13
C LEU A 363 48.68 -18.49 -50.98
N ASN A 364 47.41 -18.08 -51.19
CA ASN A 364 47.07 -16.69 -51.21
C ASN A 364 47.37 -16.07 -49.88
N VAL A 365 47.25 -16.85 -48.79
CA VAL A 365 47.41 -16.28 -47.48
C VAL A 365 48.79 -15.67 -47.30
N LEU A 366 49.86 -16.27 -47.88
CA LEU A 366 51.21 -15.76 -47.76
C LEU A 366 51.46 -14.71 -48.85
N GLU A 367 52.67 -14.05 -48.92
CA GLU A 367 52.93 -13.01 -49.89
C GLU A 367 53.69 -13.57 -51.07
N PRO A 368 53.03 -13.46 -52.19
CA PRO A 368 53.42 -14.05 -53.44
C PRO A 368 54.78 -13.70 -53.97
N ALA A 369 55.25 -12.45 -53.83
CA ALA A 369 56.47 -12.21 -54.53
C ALA A 369 57.58 -13.04 -53.99
N GLU A 370 57.91 -12.85 -52.69
CA GLU A 370 59.02 -13.60 -52.19
C GLU A 370 58.65 -15.01 -51.84
N TYR A 371 57.62 -15.15 -51.00
CA TYR A 371 57.25 -16.43 -50.46
C TYR A 371 56.66 -17.32 -51.50
N ARG A 372 55.73 -16.78 -52.32
CA ARG A 372 55.12 -17.63 -53.30
C ARG A 372 56.19 -18.11 -54.23
N LYS A 373 57.12 -17.21 -54.60
CA LYS A 373 58.18 -17.56 -55.49
C LYS A 373 59.12 -18.53 -54.84
N MET A 374 59.47 -18.26 -53.56
CA MET A 374 60.43 -19.08 -52.89
C MET A 374 59.94 -20.49 -52.75
N PHE A 375 58.65 -20.66 -52.43
CA PHE A 375 58.02 -21.94 -52.33
C PHE A 375 57.93 -22.58 -53.69
N ASP A 376 57.66 -21.76 -54.72
CA ASP A 376 57.39 -22.28 -56.03
C ASP A 376 58.56 -23.09 -56.49
N ARG A 377 59.77 -22.71 -56.06
CA ARG A 377 61.01 -23.32 -56.45
C ARG A 377 61.15 -24.74 -55.95
N LEU A 378 60.57 -25.06 -54.78
CA LEU A 378 60.81 -26.30 -54.06
C LEU A 378 60.47 -27.48 -54.93
N SER A 379 59.71 -27.25 -56.01
CA SER A 379 59.23 -28.31 -56.87
C SER A 379 60.33 -29.28 -57.35
N VAL A 380 61.45 -28.86 -58.04
CA VAL A 380 62.46 -29.79 -58.56
C VAL A 380 63.30 -30.26 -57.42
N PHE A 381 62.79 -31.30 -56.73
CA PHE A 381 63.43 -31.94 -55.62
C PHE A 381 62.78 -33.27 -55.48
N PRO A 382 63.50 -34.15 -54.88
CA PRO A 382 62.88 -35.41 -54.61
C PRO A 382 61.90 -35.33 -53.49
N PRO A 383 60.79 -35.99 -53.68
CA PRO A 383 59.75 -35.97 -52.70
C PRO A 383 60.02 -36.94 -51.60
N SER A 384 59.58 -36.61 -50.38
CA SER A 384 59.71 -37.48 -49.26
C SER A 384 61.12 -37.91 -49.14
N ALA A 385 62.05 -37.07 -49.64
CA ALA A 385 63.41 -37.47 -49.52
C ALA A 385 64.15 -36.36 -48.86
N HIS A 386 64.54 -36.58 -47.59
CA HIS A 386 65.24 -35.66 -46.75
C HIS A 386 66.30 -34.97 -47.56
N ILE A 387 66.10 -33.65 -47.79
CA ILE A 387 67.02 -32.90 -48.57
C ILE A 387 67.61 -31.86 -47.68
N PRO A 388 68.91 -31.80 -47.63
CA PRO A 388 69.57 -30.88 -46.76
C PRO A 388 69.36 -29.45 -47.15
N THR A 389 69.52 -28.54 -46.18
CA THR A 389 69.28 -27.13 -46.36
C THR A 389 70.21 -26.59 -47.38
N ILE A 390 71.48 -27.05 -47.37
CA ILE A 390 72.45 -26.53 -48.28
C ILE A 390 71.92 -26.73 -49.66
N LEU A 391 71.28 -27.89 -49.89
CA LEU A 391 70.68 -28.21 -51.15
C LEU A 391 69.54 -27.26 -51.38
N LEU A 392 68.80 -26.98 -50.30
CA LEU A 392 67.61 -26.19 -50.30
C LEU A 392 67.97 -24.80 -50.71
N SER A 393 69.13 -24.30 -50.25
CA SER A 393 69.53 -22.95 -50.51
C SER A 393 69.65 -22.74 -51.99
N LEU A 394 70.08 -23.76 -52.75
CA LEU A 394 70.27 -23.52 -54.15
C LEU A 394 68.96 -23.10 -54.74
N ILE A 395 67.92 -23.88 -54.48
CA ILE A 395 66.61 -23.61 -55.00
C ILE A 395 66.00 -22.42 -54.33
N TRP A 396 66.11 -22.32 -52.99
CA TRP A 396 65.41 -21.26 -52.35
C TRP A 396 65.99 -19.94 -52.74
N PHE A 397 67.33 -19.84 -52.90
CA PHE A 397 67.91 -18.54 -53.16
C PHE A 397 67.45 -17.94 -54.46
N ASP A 398 66.54 -16.96 -54.40
CA ASP A 398 66.28 -16.05 -55.49
C ASP A 398 67.15 -14.85 -55.25
N VAL A 399 67.37 -14.42 -53.87
CA VAL A 399 68.14 -13.37 -53.28
C VAL A 399 69.02 -14.13 -52.37
N ILE A 400 70.10 -13.56 -51.81
CA ILE A 400 70.88 -14.49 -51.07
C ILE A 400 71.25 -14.02 -49.71
N LYS A 401 71.22 -15.00 -48.78
CA LYS A 401 71.55 -14.92 -47.39
C LYS A 401 70.39 -15.41 -46.61
N SER A 402 70.37 -15.09 -45.30
CA SER A 402 69.40 -15.59 -44.38
C SER A 402 68.04 -15.17 -44.81
N ASP A 403 67.93 -14.28 -45.81
CA ASP A 403 66.67 -13.76 -46.26
C ASP A 403 65.86 -14.95 -46.63
N VAL A 404 66.52 -15.88 -47.34
CA VAL A 404 65.94 -17.09 -47.79
C VAL A 404 65.57 -17.91 -46.60
N MET A 405 66.40 -17.82 -45.55
CA MET A 405 66.20 -18.59 -44.35
C MET A 405 64.89 -18.15 -43.73
N VAL A 406 64.67 -16.83 -43.62
CA VAL A 406 63.48 -16.28 -43.01
C VAL A 406 62.28 -16.46 -43.88
N VAL A 407 62.42 -16.22 -45.20
CA VAL A 407 61.29 -16.23 -46.07
C VAL A 407 60.66 -17.59 -46.04
N VAL A 408 61.45 -18.67 -45.99
CA VAL A 408 60.86 -19.97 -45.88
C VAL A 408 60.17 -20.04 -44.56
N ASN A 409 60.75 -19.39 -43.53
CA ASN A 409 60.33 -19.51 -42.17
C ASN A 409 58.91 -19.09 -42.01
N LYS A 410 58.48 -18.00 -42.67
CA LYS A 410 57.17 -17.49 -42.48
C LYS A 410 56.16 -18.52 -42.88
N LEU A 411 56.50 -19.28 -43.94
CA LEU A 411 55.59 -20.31 -44.35
C LEU A 411 55.71 -21.57 -43.48
N HIS A 412 57.00 -21.95 -43.19
CA HIS A 412 57.75 -23.15 -42.89
C HIS A 412 57.20 -23.76 -41.67
N LYS A 413 56.71 -22.91 -40.78
CA LYS A 413 56.45 -23.32 -39.46
C LYS A 413 55.49 -24.47 -39.54
N TYR A 414 54.70 -24.50 -40.67
CA TYR A 414 53.24 -24.47 -40.70
C TYR A 414 52.91 -25.80 -40.21
N SER A 415 53.54 -26.68 -40.92
CA SER A 415 53.08 -27.93 -41.19
C SER A 415 53.78 -28.19 -42.44
N LEU A 416 52.99 -28.72 -43.37
CA LEU A 416 53.48 -29.58 -44.39
C LEU A 416 53.46 -28.79 -45.64
N VAL A 417 53.73 -27.48 -45.47
CA VAL A 417 54.17 -26.79 -46.62
C VAL A 417 55.55 -27.29 -46.90
N GLU A 418 56.50 -26.97 -46.00
CA GLU A 418 57.78 -27.61 -45.83
C GLU A 418 58.01 -27.93 -44.38
N LYS A 419 58.83 -28.96 -44.10
CA LYS A 419 59.08 -29.27 -42.72
C LYS A 419 60.56 -29.33 -42.51
N GLN A 420 61.04 -28.83 -41.36
CA GLN A 420 62.45 -28.90 -41.13
C GLN A 420 62.70 -29.60 -39.84
N PRO A 421 63.40 -30.70 -39.95
CA PRO A 421 63.78 -31.49 -38.81
C PRO A 421 64.83 -30.85 -37.94
N LYS A 422 65.66 -30.19 -38.62
CA LYS A 422 66.76 -29.62 -37.89
C LYS A 422 67.48 -28.73 -38.86
N GLU A 423 68.64 -28.19 -38.43
CA GLU A 423 69.41 -27.28 -39.23
C GLU A 423 69.83 -27.98 -40.48
N SER A 424 69.98 -29.32 -40.40
CA SER A 424 70.45 -30.14 -41.48
C SER A 424 69.59 -30.13 -42.71
N THR A 425 68.27 -30.48 -42.63
CA THR A 425 67.59 -30.57 -43.90
C THR A 425 66.15 -30.20 -43.79
N ILE A 426 65.53 -29.95 -44.96
CA ILE A 426 64.12 -29.72 -44.98
C ILE A 426 63.58 -30.66 -46.00
N SER A 427 62.38 -31.21 -45.78
CA SER A 427 61.88 -32.10 -46.78
C SER A 427 60.61 -31.50 -47.24
N ILE A 428 60.11 -31.91 -48.43
CA ILE A 428 58.83 -31.45 -48.86
C ILE A 428 57.84 -32.32 -48.16
N PRO A 429 56.91 -31.69 -47.52
CA PRO A 429 56.13 -32.40 -46.58
C PRO A 429 55.42 -33.60 -46.87
N SER A 430 54.71 -33.59 -47.97
CA SER A 430 54.02 -34.78 -48.23
C SER A 430 53.53 -34.57 -49.59
N ILE A 431 52.75 -35.55 -50.03
CA ILE A 431 52.16 -35.67 -51.32
C ILE A 431 51.27 -34.50 -51.56
N TYR A 432 50.58 -34.00 -50.52
CA TYR A 432 49.60 -32.98 -50.70
C TYR A 432 50.17 -31.74 -51.31
N LEU A 433 51.24 -31.18 -50.72
CA LEU A 433 51.74 -29.92 -51.20
C LEU A 433 52.26 -30.14 -52.59
N GLU A 434 53.07 -31.20 -52.75
CA GLU A 434 53.75 -31.47 -54.00
C GLU A 434 52.73 -31.72 -55.06
N LEU A 435 51.63 -32.40 -54.69
CA LEU A 435 50.66 -32.77 -55.66
C LEU A 435 50.16 -31.49 -56.25
N LYS A 436 49.99 -30.46 -55.42
CA LYS A 436 49.52 -29.21 -55.92
C LYS A 436 50.50 -28.67 -56.92
N VAL A 437 51.78 -28.64 -56.54
CA VAL A 437 52.78 -28.01 -57.36
C VAL A 437 52.96 -28.73 -58.65
N LYS A 438 52.96 -30.07 -58.62
CA LYS A 438 53.26 -30.78 -59.82
C LYS A 438 52.31 -30.44 -60.94
N LEU A 439 51.01 -30.31 -60.64
CA LEU A 439 50.10 -29.99 -61.71
C LEU A 439 50.44 -28.63 -62.27
N GLU A 440 50.69 -27.64 -61.40
CA GLU A 440 50.90 -26.31 -61.89
C GLU A 440 52.37 -26.01 -61.96
N ASN A 441 52.89 -25.82 -63.19
CA ASN A 441 54.28 -25.49 -63.30
C ASN A 441 54.42 -24.76 -64.61
N GLU A 442 55.55 -24.05 -64.82
CA GLU A 442 55.79 -23.28 -66.01
C GLU A 442 57.17 -23.65 -66.48
N TYR A 443 57.64 -23.17 -67.65
CA TYR A 443 58.90 -23.77 -67.95
C TYR A 443 59.98 -22.92 -67.39
N ALA A 444 59.98 -22.86 -66.05
CA ALA A 444 61.00 -22.43 -65.12
C ALA A 444 61.92 -23.59 -64.95
N LEU A 445 61.36 -24.80 -65.18
CA LEU A 445 62.02 -26.02 -64.88
C LEU A 445 63.36 -26.09 -65.51
N HIS A 446 63.53 -25.57 -66.74
CA HIS A 446 64.81 -25.71 -67.38
C HIS A 446 65.88 -25.10 -66.53
N ARG A 447 65.65 -23.88 -66.01
CA ARG A 447 66.66 -23.25 -65.24
C ARG A 447 66.92 -24.06 -64.00
N SER A 448 65.86 -24.59 -63.38
CA SER A 448 66.06 -25.31 -62.15
C SER A 448 66.88 -26.53 -62.40
N ILE A 449 66.58 -27.27 -63.48
CA ILE A 449 67.29 -28.48 -63.75
C ILE A 449 68.72 -28.13 -64.01
N VAL A 450 68.97 -27.02 -64.72
CA VAL A 450 70.30 -26.66 -65.04
C VAL A 450 71.05 -26.39 -63.77
N ASP A 451 70.36 -25.81 -62.77
CA ASP A 451 71.00 -25.47 -61.55
C ASP A 451 71.55 -26.72 -60.94
N HIS A 452 70.79 -27.82 -61.03
CA HIS A 452 71.23 -29.06 -60.43
C HIS A 452 72.49 -29.49 -61.09
N TYR A 453 72.62 -29.34 -62.42
CA TYR A 453 73.83 -29.77 -63.04
C TYR A 453 74.95 -28.97 -62.46
N ASN A 454 74.74 -27.66 -62.30
CA ASN A 454 75.77 -26.79 -61.83
C ASN A 454 76.19 -27.20 -60.47
N ILE A 455 75.24 -27.59 -59.59
CA ILE A 455 75.66 -27.89 -58.25
C ILE A 455 76.62 -29.05 -58.21
N PRO A 456 76.42 -30.21 -58.79
CA PRO A 456 77.53 -31.13 -58.74
C PRO A 456 78.73 -30.72 -59.52
N LYS A 457 78.57 -29.82 -60.51
CA LYS A 457 79.73 -29.39 -61.23
C LYS A 457 80.65 -28.72 -60.26
N THR A 458 80.08 -27.84 -59.42
CA THR A 458 80.88 -27.10 -58.48
C THR A 458 81.52 -28.06 -57.53
N PHE A 459 80.73 -29.03 -57.03
CA PHE A 459 81.30 -29.99 -56.12
C PHE A 459 82.30 -30.76 -56.89
N ASP A 460 83.57 -30.74 -56.44
CA ASP A 460 84.54 -31.50 -57.17
C ASP A 460 85.74 -31.71 -56.29
N SER A 461 86.23 -32.95 -56.23
CA SER A 461 87.43 -33.23 -55.51
C SER A 461 88.39 -33.70 -56.55
N ASP A 462 89.71 -33.71 -56.24
CA ASP A 462 90.66 -34.08 -57.25
C ASP A 462 90.34 -35.46 -57.70
N ASP A 463 90.19 -36.38 -56.74
CA ASP A 463 89.88 -37.71 -57.13
C ASP A 463 88.39 -37.91 -57.21
N LEU A 464 88.00 -39.17 -57.37
CA LEU A 464 86.70 -39.68 -57.63
C LEU A 464 85.73 -39.60 -56.51
N ILE A 465 86.12 -39.10 -55.31
CA ILE A 465 85.17 -39.13 -54.21
C ILE A 465 84.50 -37.80 -54.00
N PRO A 466 83.19 -37.87 -54.05
CA PRO A 466 82.32 -36.73 -53.87
C PRO A 466 82.14 -36.29 -52.45
N PRO A 467 81.88 -35.02 -52.30
CA PRO A 467 81.62 -34.38 -51.03
C PRO A 467 80.24 -34.63 -50.49
N TYR A 468 79.42 -35.46 -51.17
CA TYR A 468 78.03 -35.74 -50.87
C TYR A 468 77.69 -35.57 -49.42
N LEU A 469 76.51 -34.97 -49.21
CA LEU A 469 75.97 -34.59 -47.93
C LEU A 469 75.13 -35.70 -47.41
N ASP A 470 74.04 -35.40 -46.65
CA ASP A 470 73.37 -36.48 -45.97
C ASP A 470 72.93 -37.58 -46.89
N GLN A 471 71.67 -37.57 -47.37
CA GLN A 471 71.28 -38.58 -48.33
C GLN A 471 70.92 -38.04 -49.68
N TYR A 472 70.46 -36.78 -49.73
CA TYR A 472 69.79 -36.18 -50.86
C TYR A 472 70.57 -36.44 -52.07
N PHE A 473 71.85 -36.08 -52.03
CA PHE A 473 72.63 -36.16 -53.22
C PHE A 473 72.65 -37.56 -53.70
N TYR A 474 72.86 -38.53 -52.79
CA TYR A 474 73.01 -39.88 -53.23
C TYR A 474 71.77 -40.32 -53.96
N SER A 475 70.58 -40.09 -53.36
CA SER A 475 69.38 -40.53 -54.03
C SER A 475 69.10 -39.70 -55.25
N HIS A 476 69.01 -38.37 -55.05
CA HIS A 476 68.55 -37.35 -55.95
C HIS A 476 69.44 -37.10 -57.14
N ILE A 477 70.77 -37.19 -56.99
CA ILE A 477 71.66 -36.72 -58.02
C ILE A 477 71.40 -37.37 -59.34
N GLY A 478 71.25 -38.69 -59.38
CA GLY A 478 71.08 -39.37 -60.63
C GLY A 478 69.82 -38.90 -61.28
N HIS A 479 68.75 -38.71 -60.47
CA HIS A 479 67.46 -38.37 -61.03
C HIS A 479 67.56 -37.07 -61.74
N HIS A 480 68.18 -36.06 -61.12
CA HIS A 480 68.26 -34.76 -61.73
C HIS A 480 69.08 -34.89 -62.97
N LEU A 481 70.16 -35.69 -62.89
CA LEU A 481 71.06 -35.91 -63.99
C LEU A 481 70.36 -36.52 -65.14
N LYS A 482 69.48 -37.51 -64.88
CA LYS A 482 68.84 -38.16 -65.97
C LYS A 482 68.10 -37.14 -66.75
N ASN A 483 67.42 -36.24 -66.04
CA ASN A 483 66.69 -35.25 -66.74
C ASN A 483 67.65 -34.40 -67.50
N ILE A 484 68.79 -34.04 -66.86
CA ILE A 484 69.65 -33.10 -67.53
C ILE A 484 70.27 -33.66 -68.77
N GLU A 485 70.94 -34.84 -68.70
CA GLU A 485 71.60 -35.37 -69.85
C GLU A 485 72.32 -36.63 -69.50
N HIS A 486 72.79 -37.32 -70.56
CA HIS A 486 73.56 -38.52 -70.49
C HIS A 486 74.96 -38.33 -69.97
N PRO A 487 75.78 -37.41 -70.47
CA PRO A 487 77.17 -37.38 -70.12
C PRO A 487 77.48 -37.37 -68.66
N GLU A 488 76.79 -36.56 -67.85
CA GLU A 488 77.11 -36.51 -66.44
C GLU A 488 76.76 -37.82 -65.85
N ARG A 489 75.63 -38.38 -66.31
CA ARG A 489 75.11 -39.58 -65.75
C ARG A 489 76.16 -40.65 -65.84
N MET A 490 76.85 -40.72 -66.98
CA MET A 490 77.83 -41.75 -67.21
C MET A 490 78.88 -41.68 -66.15
N THR A 491 79.46 -40.50 -65.90
CA THR A 491 80.52 -40.42 -64.93
C THR A 491 80.00 -40.64 -63.55
N LEU A 492 78.88 -39.96 -63.21
CA LEU A 492 78.36 -40.00 -61.87
C LEU A 492 77.87 -41.36 -61.52
N PHE A 493 77.14 -42.03 -62.43
CA PHE A 493 76.59 -43.30 -62.11
C PHE A 493 77.72 -44.19 -61.79
N ARG A 494 78.89 -43.96 -62.39
CA ARG A 494 79.96 -44.73 -61.85
C ARG A 494 79.59 -46.15 -62.22
N MET A 495 78.97 -46.23 -63.39
CA MET A 495 78.89 -47.51 -64.00
C MET A 495 80.28 -47.56 -64.49
N VAL A 496 80.71 -46.36 -64.94
CA VAL A 496 82.05 -46.12 -65.34
C VAL A 496 82.96 -46.23 -64.16
N PHE A 497 82.49 -45.46 -63.13
CA PHE A 497 83.40 -45.35 -62.06
C PHE A 497 83.00 -46.16 -60.92
N LEU A 498 84.10 -46.72 -60.48
CA LEU A 498 84.11 -47.82 -59.62
C LEU A 498 84.05 -47.32 -58.20
N ASP A 499 84.42 -46.06 -58.05
CA ASP A 499 84.36 -45.46 -56.77
C ASP A 499 82.99 -45.42 -56.19
N PHE A 500 81.91 -45.20 -56.94
CA PHE A 500 80.63 -45.08 -56.29
C PHE A 500 80.09 -46.42 -56.07
N ARG A 501 80.71 -47.42 -56.72
CA ARG A 501 80.40 -48.72 -56.28
C ARG A 501 80.71 -48.68 -54.81
N PHE A 502 81.95 -48.32 -54.44
CA PHE A 502 82.39 -48.07 -53.09
C PHE A 502 81.44 -47.14 -52.38
N LEU A 503 81.37 -45.82 -52.76
CA LEU A 503 80.79 -44.91 -51.83
C LEU A 503 79.34 -45.06 -51.66
N GLU A 504 78.58 -45.21 -52.76
CA GLU A 504 77.16 -45.29 -52.59
C GLU A 504 76.87 -46.44 -51.70
N GLN A 505 77.51 -47.57 -51.99
CA GLN A 505 77.25 -48.79 -51.29
C GLN A 505 77.59 -48.66 -49.82
N LYS A 506 78.82 -48.21 -49.46
CA LYS A 506 79.06 -48.28 -48.05
C LYS A 506 78.26 -47.25 -47.32
N ILE A 507 78.08 -46.04 -47.88
CA ILE A 507 77.33 -45.08 -47.14
C ILE A 507 75.89 -45.44 -46.91
N ARG A 508 75.14 -45.98 -47.90
CA ARG A 508 73.77 -46.25 -47.53
C ARG A 508 73.68 -47.61 -46.91
N HIS A 509 74.53 -47.85 -45.89
CA HIS A 509 74.53 -48.98 -44.98
C HIS A 509 73.74 -48.63 -43.76
N ASP A 510 73.66 -47.32 -43.45
CA ASP A 510 73.09 -46.80 -42.23
C ASP A 510 71.61 -46.98 -42.17
N SER A 511 71.16 -47.38 -40.96
CA SER A 511 69.78 -47.56 -40.57
C SER A 511 69.88 -48.01 -39.14
N THR A 512 68.73 -48.11 -38.46
CA THR A 512 68.78 -48.62 -37.12
C THR A 512 67.85 -49.79 -37.07
N ALA A 513 68.40 -51.02 -37.03
CA ALA A 513 67.54 -52.15 -36.91
C ALA A 513 68.29 -53.20 -36.19
N TRP A 514 67.62 -53.88 -35.24
CA TRP A 514 68.31 -54.92 -34.56
C TRP A 514 68.57 -55.97 -35.55
N ASN A 515 67.51 -56.42 -36.27
CA ASN A 515 67.64 -57.52 -37.17
C ASN A 515 68.48 -57.14 -38.33
N ALA A 516 69.15 -58.16 -38.87
CA ALA A 516 70.09 -58.12 -39.92
C ALA A 516 69.57 -57.58 -41.24
N SER A 517 68.25 -57.69 -41.53
CA SER A 517 67.92 -56.95 -42.72
C SER A 517 66.50 -56.51 -42.59
N GLY A 518 65.81 -56.25 -43.72
CA GLY A 518 64.52 -55.70 -43.91
C GLY A 518 64.74 -54.93 -45.16
N SER A 519 63.81 -54.05 -45.57
CA SER A 519 64.07 -53.33 -46.78
C SER A 519 64.25 -51.89 -46.41
N ILE A 520 65.47 -51.35 -46.61
CA ILE A 520 65.75 -49.96 -46.36
C ILE A 520 66.64 -49.48 -47.45
N LEU A 521 66.77 -48.14 -47.60
CA LEU A 521 67.64 -47.60 -48.60
C LEU A 521 69.00 -48.19 -48.47
N ASN A 522 69.40 -48.90 -49.53
CA ASN A 522 70.68 -49.55 -49.61
C ASN A 522 70.91 -49.66 -51.07
N THR A 523 71.33 -50.87 -51.49
CA THR A 523 71.60 -51.16 -52.86
C THR A 523 70.34 -50.97 -53.62
N LEU A 524 69.19 -51.18 -52.96
CA LEU A 524 67.91 -51.16 -53.63
C LEU A 524 67.75 -49.88 -54.38
N GLN A 525 68.03 -48.72 -53.76
CA GLN A 525 67.86 -47.47 -54.44
C GLN A 525 68.87 -47.34 -55.54
N GLN A 526 70.11 -47.78 -55.29
CA GLN A 526 71.20 -47.63 -56.22
C GLN A 526 70.83 -48.31 -57.51
N LEU A 527 70.36 -49.56 -57.43
CA LEU A 527 69.99 -50.31 -58.60
C LEU A 527 68.88 -49.58 -59.27
N LYS A 528 68.01 -48.94 -58.48
CA LYS A 528 66.88 -48.24 -59.03
C LYS A 528 67.37 -47.14 -59.91
N PHE A 529 68.44 -46.43 -59.52
CA PHE A 529 68.87 -45.32 -60.32
C PHE A 529 69.32 -45.83 -61.64
N TYR A 530 70.10 -46.91 -61.64
CA TYR A 530 70.68 -47.34 -62.86
C TYR A 530 69.62 -47.65 -63.86
N LYS A 531 68.54 -48.36 -63.46
CA LYS A 531 67.60 -48.78 -64.45
C LYS A 531 66.88 -47.64 -65.12
N PRO A 532 66.21 -46.72 -64.47
CA PRO A 532 65.58 -45.69 -65.25
C PRO A 532 66.47 -44.65 -65.86
N TYR A 533 67.65 -44.39 -65.27
CA TYR A 533 68.51 -43.35 -65.73
C TYR A 533 69.19 -43.69 -67.04
N ILE A 534 69.37 -44.99 -67.37
CA ILE A 534 70.18 -45.42 -68.48
C ILE A 534 69.73 -44.82 -69.77
N CYS A 535 68.42 -44.53 -69.93
CA CYS A 535 67.89 -44.13 -71.19
C CYS A 535 68.63 -42.94 -71.70
N ASP A 536 69.14 -42.09 -70.79
CA ASP A 536 69.79 -40.89 -71.22
C ASP A 536 70.96 -41.27 -72.08
N ASN A 537 71.46 -42.52 -71.93
CA ASN A 537 72.60 -43.02 -72.67
C ASN A 537 72.18 -43.92 -73.81
N ASP A 538 73.19 -44.56 -74.46
CA ASP A 538 73.00 -45.47 -75.56
C ASP A 538 73.32 -46.89 -75.15
N PRO A 539 73.34 -47.80 -76.11
CA PRO A 539 73.66 -49.17 -75.82
C PRO A 539 75.06 -49.47 -75.36
N LYS A 540 76.09 -48.79 -75.91
CA LYS A 540 77.45 -49.13 -75.57
C LYS A 540 77.57 -48.99 -74.10
N TYR A 541 77.07 -47.87 -73.58
CA TYR A 541 77.08 -47.63 -72.17
C TYR A 541 76.16 -48.62 -71.53
N GLU A 542 75.06 -48.95 -72.24
CA GLU A 542 74.05 -49.81 -71.70
C GLU A 542 74.67 -51.13 -71.36
N ARG A 543 75.55 -51.65 -72.23
CA ARG A 543 76.14 -52.91 -71.89
C ARG A 543 77.00 -52.74 -70.67
N LEU A 544 77.75 -51.62 -70.59
CA LEU A 544 78.64 -51.41 -69.49
C LEU A 544 77.81 -51.39 -68.25
N VAL A 545 76.69 -50.65 -68.29
CA VAL A 545 75.92 -50.53 -67.09
C VAL A 545 75.46 -51.87 -66.65
N ASN A 546 75.12 -52.77 -67.60
CA ASN A 546 74.67 -54.05 -67.16
C ASN A 546 75.82 -54.78 -66.52
N ALA A 547 77.05 -54.57 -67.03
CA ALA A 547 78.19 -55.27 -66.50
C ALA A 547 78.29 -54.97 -65.04
N ILE A 548 78.16 -53.68 -64.69
CA ILE A 548 78.27 -53.28 -63.31
C ILE A 548 77.12 -53.86 -62.59
N LEU A 549 75.95 -53.85 -63.25
CA LEU A 549 74.73 -54.29 -62.64
C LEU A 549 74.83 -55.73 -62.29
N ASP A 550 75.34 -56.59 -63.19
CA ASP A 550 75.40 -57.98 -62.86
C ASP A 550 76.35 -58.17 -61.73
N PHE A 551 77.43 -57.37 -61.69
CA PHE A 551 78.42 -57.54 -60.67
C PHE A 551 77.81 -57.27 -59.33
N LEU A 552 76.92 -56.25 -59.24
CA LEU A 552 76.35 -55.88 -57.98
C LEU A 552 75.53 -56.99 -57.39
N PRO A 553 74.56 -57.59 -58.05
CA PRO A 553 73.95 -58.70 -57.39
C PRO A 553 74.86 -59.88 -57.26
N LYS A 554 75.94 -59.96 -58.06
CA LYS A 554 76.79 -61.09 -57.97
C LYS A 554 77.36 -61.13 -56.58
N ILE A 555 77.81 -59.96 -56.10
CA ILE A 555 78.46 -59.91 -54.83
C ILE A 555 77.46 -60.11 -53.75
N GLU A 556 77.77 -61.07 -52.86
CA GLU A 556 76.93 -61.51 -51.78
C GLU A 556 77.12 -60.66 -50.57
N GLU A 557 76.20 -60.85 -49.61
CA GLU A 557 76.16 -60.11 -48.40
C GLU A 557 77.47 -60.27 -47.70
N ASN A 558 78.12 -59.12 -47.49
CA ASN A 558 79.36 -58.98 -46.79
C ASN A 558 79.41 -57.54 -46.44
N LEU A 559 80.49 -57.13 -45.76
CA LEU A 559 80.73 -55.76 -45.46
C LEU A 559 81.60 -55.30 -46.59
N ILE A 560 81.17 -54.24 -47.35
CA ILE A 560 81.99 -53.73 -48.41
C ILE A 560 83.16 -53.11 -47.73
N CYS A 561 82.87 -52.31 -46.68
CA CYS A 561 83.88 -51.57 -46.01
C CYS A 561 84.92 -52.53 -45.54
N SER A 562 86.16 -52.26 -45.98
CA SER A 562 87.35 -53.04 -45.76
C SER A 562 88.40 -52.13 -46.29
N LYS A 563 89.59 -52.55 -46.69
CA LYS A 563 90.16 -51.47 -47.39
C LYS A 563 89.58 -51.40 -48.69
N TYR A 564 89.91 -50.27 -49.22
CA TYR A 564 89.39 -49.76 -50.42
C TYR A 564 89.84 -50.64 -51.55
N THR A 565 90.94 -51.35 -51.29
CA THR A 565 91.59 -52.27 -52.14
C THR A 565 90.61 -53.20 -52.72
N ASP A 566 89.71 -53.66 -51.85
CA ASP A 566 88.90 -54.76 -52.23
C ASP A 566 88.11 -54.43 -53.45
N LEU A 567 87.60 -53.22 -53.51
CA LEU A 567 86.78 -52.90 -54.61
C LEU A 567 87.62 -53.13 -55.82
N LEU A 568 88.88 -52.67 -55.82
CA LEU A 568 89.62 -52.75 -57.04
C LEU A 568 89.88 -54.19 -57.39
N ARG A 569 90.16 -55.13 -56.40
CA ARG A 569 90.37 -56.46 -56.84
C ARG A 569 89.11 -57.09 -57.35
N ILE A 570 87.94 -56.81 -56.75
CA ILE A 570 86.79 -57.46 -57.33
C ILE A 570 86.56 -56.95 -58.72
N ALA A 571 86.88 -55.68 -58.96
CA ALA A 571 86.67 -55.07 -60.25
C ALA A 571 87.40 -55.89 -61.27
N LEU A 572 88.54 -56.45 -60.85
CA LEU A 572 89.48 -57.15 -61.69
C LEU A 572 88.84 -58.34 -62.36
N MET A 573 87.78 -58.92 -61.79
CA MET A 573 87.26 -60.17 -62.31
C MET A 573 86.88 -60.16 -63.78
N ALA A 574 86.11 -59.18 -64.31
CA ALA A 574 85.77 -59.29 -65.70
C ALA A 574 86.53 -58.24 -66.48
N GLU A 575 87.32 -58.68 -67.48
CA GLU A 575 88.20 -57.83 -68.24
C GLU A 575 87.43 -56.84 -69.08
N ASP A 576 86.24 -57.21 -69.55
CA ASP A 576 85.45 -56.42 -70.45
C ASP A 576 84.94 -55.08 -69.90
N GLU A 577 85.01 -54.73 -68.57
CA GLU A 577 84.26 -53.56 -68.07
C GLU A 577 85.00 -52.30 -67.69
N ALA A 578 84.25 -51.17 -67.77
CA ALA A 578 84.64 -49.80 -67.48
C ALA A 578 84.92 -49.64 -66.03
N ILE A 579 84.19 -50.37 -65.19
CA ILE A 579 84.38 -50.34 -63.77
C ILE A 579 85.81 -50.68 -63.47
N PHE A 580 86.35 -51.71 -64.13
CA PHE A 580 87.69 -52.11 -63.87
C PHE A 580 88.64 -51.01 -64.22
N GLU A 581 88.41 -50.34 -65.37
CA GLU A 581 89.33 -49.32 -65.75
C GLU A 581 89.33 -48.28 -64.69
N GLU A 582 88.14 -47.96 -64.14
CA GLU A 582 88.03 -46.99 -63.09
C GLU A 582 88.71 -47.51 -61.87
N ALA A 583 88.56 -48.81 -61.59
CA ALA A 583 89.14 -49.40 -60.41
C ALA A 583 90.62 -49.20 -60.48
N HIS A 584 91.21 -49.40 -61.67
CA HIS A 584 92.63 -49.25 -61.82
C HIS A 584 93.00 -47.81 -61.62
N LYS A 585 92.19 -46.86 -62.11
CA LYS A 585 92.56 -45.48 -61.97
C LYS A 585 92.61 -45.12 -60.53
N GLN A 586 91.55 -45.50 -59.80
CA GLN A 586 91.43 -45.14 -58.43
C GLN A 586 92.54 -45.75 -57.62
N VAL A 587 92.95 -46.97 -57.98
CA VAL A 587 94.10 -47.51 -57.31
C VAL A 587 95.23 -46.56 -57.58
N GLN A 588 95.43 -46.14 -58.82
CA GLN A 588 96.57 -45.31 -59.12
C GLN A 588 96.54 -44.08 -58.26
N ARG A 589 95.40 -43.38 -58.15
CA ARG A 589 95.40 -42.24 -57.27
C ARG A 589 94.79 -42.72 -55.97
N UNK A 590 109.67 -36.06 -30.92
CA UNK A 590 110.26 -37.02 -31.87
C UNK A 590 109.22 -37.49 -32.83
N UNK A 591 109.33 -38.76 -33.27
CA UNK A 591 108.37 -39.29 -34.19
C UNK A 591 107.07 -39.40 -33.46
N UNK A 592 105.96 -39.19 -34.18
CA UNK A 592 104.65 -39.27 -33.60
C UNK A 592 104.23 -40.70 -33.61
N UNK A 593 103.09 -41.00 -32.96
CA UNK A 593 102.63 -42.35 -32.89
C UNK A 593 102.42 -42.82 -34.31
N UNK A 594 102.58 -44.13 -34.51
CA UNK A 594 102.48 -44.72 -35.81
C UNK A 594 101.10 -44.55 -36.38
N UNK A 595 100.04 -44.75 -35.54
CA UNK A 595 98.66 -44.57 -35.93
C UNK A 595 98.37 -45.09 -37.31
N UNK A 596 98.23 -46.43 -37.46
CA UNK A 596 97.97 -46.98 -38.78
C UNK A 596 96.50 -47.22 -38.91
N UNK A 597 95.94 -46.87 -40.09
CA UNK A 597 94.54 -47.05 -40.35
C UNK A 597 94.34 -48.48 -40.72
N UNK A 598 93.10 -48.98 -40.58
CA UNK A 598 92.85 -50.35 -40.92
C UNK A 598 92.90 -50.47 -42.41
N UNK A 599 93.37 -51.61 -42.91
CA UNK A 599 93.42 -51.74 -44.32
C UNK A 599 92.79 -53.07 -44.66
N UNK A 600 92.45 -53.25 -45.92
CA UNK A 600 91.74 -54.37 -46.40
C UNK A 600 92.74 -55.41 -46.20
N UNK A 601 92.34 -56.59 -45.81
CA UNK A 601 93.31 -57.60 -45.83
C UNK A 601 93.32 -58.12 -47.22
N UNK A 602 94.49 -58.66 -47.64
CA UNK A 602 94.53 -59.24 -48.95
C UNK A 602 93.46 -60.31 -48.90
N UNK A 603 92.49 -60.30 -49.83
CA UNK A 603 91.38 -61.19 -49.53
C UNK A 603 91.05 -62.33 -50.51
N UNK A 604 90.69 -63.60 -49.97
CA UNK A 604 90.10 -64.84 -50.59
C UNK A 604 89.45 -66.21 -49.55
N UNK A 605 88.01 -66.87 -49.11
CA UNK A 605 87.22 -68.07 -48.36
C UNK A 605 85.75 -67.88 -47.73
N UNK A 606 84.87 -66.92 -48.10
CA UNK A 606 83.62 -66.53 -47.42
C UNK A 606 82.48 -67.51 -47.28
N UNK A 607 82.20 -68.37 -48.27
CA UNK A 607 81.03 -69.20 -48.17
C UNK A 607 81.12 -70.08 -46.97
N UNK A 608 79.92 -70.54 -46.52
CA UNK A 608 79.70 -71.47 -45.44
C UNK A 608 79.20 -70.70 -44.27
N UNK A 609 78.37 -71.36 -43.45
CA UNK A 609 77.82 -70.75 -42.28
C UNK A 609 78.90 -70.71 -41.26
N UNK A 610 79.01 -69.59 -40.53
CA UNK A 610 79.98 -69.53 -39.48
C UNK A 610 79.56 -70.46 -38.40
N UNK A 611 78.25 -70.43 -38.09
CA UNK A 611 77.70 -71.21 -37.02
C UNK A 611 76.93 -72.36 -37.58
N UNK A 612 76.34 -73.17 -36.67
CA UNK A 612 75.58 -74.31 -37.05
C UNK A 612 74.38 -73.84 -37.80
N UNK A 613 73.78 -74.76 -38.58
CA UNK A 613 72.59 -74.41 -39.27
C UNK A 613 71.45 -75.06 -38.56
N UNK A 614 70.45 -74.25 -38.18
CA UNK A 614 69.28 -74.66 -37.46
C UNK A 614 68.37 -75.52 -38.28
N UNK A 615 68.09 -75.14 -39.54
CA UNK A 615 67.11 -75.91 -40.26
C UNK A 615 67.44 -75.95 -41.71
N UNK A 616 66.87 -76.96 -42.42
CA UNK A 616 67.06 -77.10 -43.84
C UNK A 616 65.69 -77.15 -44.44
N UNK A 617 65.53 -76.56 -45.65
CA UNK A 617 64.22 -76.56 -46.25
C UNK A 617 64.40 -76.70 -47.73
N UNK A 618 63.36 -77.22 -48.42
CA UNK A 618 63.44 -77.40 -49.84
C UNK A 618 62.48 -76.46 -50.49
N UNK A 619 62.89 -75.83 -51.62
CA UNK A 619 62.04 -74.93 -52.33
C UNK A 619 61.03 -75.76 -53.06
N UNK A 620 59.77 -75.31 -53.08
CA UNK A 620 58.81 -76.14 -53.74
C UNK A 620 59.05 -76.19 -55.22
N UNK A 621 59.05 -75.02 -55.89
CA UNK A 621 59.16 -75.01 -57.33
C UNK A 621 60.53 -75.32 -57.85
N UNK A 622 61.54 -74.56 -57.38
CA UNK A 622 62.84 -74.65 -57.98
C UNK A 622 63.67 -75.68 -57.30
N UNK A 623 64.72 -76.15 -58.00
CA UNK A 623 65.59 -77.05 -57.33
C UNK A 623 66.56 -76.18 -56.62
N UNK A 624 66.19 -75.79 -55.39
CA UNK A 624 67.02 -74.96 -54.59
C UNK A 624 66.65 -75.29 -53.19
N UNK A 625 67.59 -75.12 -52.26
CA UNK A 625 67.29 -75.43 -50.89
C UNK A 625 67.74 -74.26 -50.08
N UNK A 626 67.10 -74.05 -48.92
CA UNK A 626 67.46 -72.94 -48.10
C UNK A 626 67.98 -73.49 -46.81
N UNK A 627 68.91 -72.76 -46.18
CA UNK A 627 69.48 -73.20 -44.95
C UNK A 627 69.25 -72.14 -43.93
N UNK A 628 69.08 -72.55 -42.65
CA UNK A 628 68.88 -71.62 -41.58
C UNK A 628 70.08 -71.73 -40.71
N UNK A 629 70.53 -70.58 -40.18
CA UNK A 629 71.72 -70.54 -39.38
C UNK A 629 71.79 -69.14 -38.90
N UNK A 630 73.02 -68.63 -38.69
CA UNK A 630 73.16 -67.28 -38.25
C UNK A 630 72.48 -66.45 -39.28
N UNK A 631 72.68 -66.80 -40.57
CA UNK A 631 72.01 -66.10 -41.62
C UNK A 631 71.43 -67.15 -42.52
N UNK A 632 70.37 -66.81 -43.29
CA UNK A 632 69.84 -67.80 -44.18
C UNK A 632 70.69 -67.80 -45.40
N UNK A 633 70.84 -68.98 -46.02
CA UNK A 633 71.61 -69.09 -47.22
C UNK A 633 70.83 -69.93 -48.18
N UNK A 634 71.01 -69.69 -49.48
CA UNK A 634 70.30 -70.47 -50.45
C UNK A 634 71.32 -71.17 -51.27
N UNK A 635 71.05 -72.44 -51.60
CA UNK A 635 71.98 -73.20 -52.38
C UNK A 635 71.17 -74.11 -53.25
N UNK A 636 71.80 -74.65 -54.31
CA UNK A 636 71.08 -75.53 -55.17
C UNK A 636 71.48 -76.93 -54.81
N UNK A 637 70.47 -77.79 -54.64
CA UNK A 637 70.66 -79.19 -54.34
C UNK A 637 71.35 -79.76 -55.52
N UNK A 638 71.01 -79.21 -56.70
CA UNK A 638 71.54 -79.65 -57.96
C UNK A 638 73.01 -79.52 -57.93
N UNK A 639 73.64 -79.86 -59.08
CA UNK A 639 75.06 -79.93 -59.24
C UNK A 639 75.69 -78.62 -58.89
N UNK A 640 75.03 -77.49 -59.21
CA UNK A 640 75.69 -76.23 -58.99
C UNK A 640 76.06 -76.11 -57.54
N UNK A 641 75.10 -76.35 -56.62
CA UNK A 641 75.33 -76.33 -55.21
C UNK A 641 76.15 -75.13 -54.83
N UNK A 642 75.70 -73.93 -55.24
CA UNK A 642 76.48 -72.76 -54.92
C UNK A 642 75.65 -71.90 -54.03
N UNK A 643 76.32 -71.07 -53.19
CA UNK A 643 75.54 -70.23 -52.34
C UNK A 643 75.00 -69.17 -53.24
N UNK A 644 73.74 -69.34 -53.67
CA UNK A 644 73.13 -68.42 -54.57
C UNK A 644 73.00 -67.10 -53.91
N UNK A 645 72.51 -67.09 -52.66
CA UNK A 645 72.31 -65.80 -52.05
C UNK A 645 72.42 -65.90 -50.56
N UNK A 646 72.53 -64.73 -49.90
CA UNK A 646 72.64 -64.60 -48.48
C UNK A 646 71.40 -63.92 -47.98
N UNK A 647 70.89 -64.38 -46.82
CA UNK A 647 69.68 -63.95 -46.15
C UNK A 647 69.67 -62.54 -45.62
N UNK A 648 70.79 -62.08 -45.05
CA UNK A 648 71.01 -60.71 -44.64
C UNK A 648 70.42 -60.25 -43.36
N UNK A 649 69.18 -60.79 -43.14
CA UNK A 649 67.99 -60.48 -42.39
C UNK A 649 67.96 -60.47 -40.86
N UNK A 650 68.81 -61.19 -40.07
CA UNK A 650 68.45 -61.22 -38.68
C UNK A 650 69.51 -60.70 -37.75
N UNK A 651 69.01 -59.86 -36.82
CA UNK A 651 69.68 -59.11 -35.80
C UNK A 651 70.31 -60.05 -34.91
N UNK A 652 69.39 -60.86 -34.43
CA UNK A 652 69.62 -61.80 -33.40
C UNK A 652 70.20 -62.98 -34.05
N UNK A 653 70.24 -64.08 -33.28
CA UNK A 653 70.90 -65.24 -33.78
C UNK A 653 70.19 -66.45 -33.26
N UNK A 654 71.01 -67.43 -32.80
CA UNK A 654 70.55 -68.71 -32.36
C UNK A 654 70.17 -69.45 -33.59
N UNK A 655 70.61 -68.93 -34.75
CA UNK A 655 70.27 -69.46 -36.02
C UNK A 655 68.86 -69.04 -36.24
N UNK A 656 68.46 -68.79 -37.51
CA UNK A 656 67.06 -68.55 -37.65
C UNK A 656 66.53 -69.87 -37.25
N UNK A 657 65.69 -69.89 -36.20
CA UNK A 657 65.30 -71.15 -35.66
C UNK A 657 64.61 -71.94 -36.71
N UNK A 658 63.72 -71.29 -37.47
CA UNK A 658 63.02 -72.07 -38.44
C UNK A 658 62.80 -71.24 -39.66
N UNK A 659 62.45 -71.91 -40.76
CA UNK A 659 62.13 -71.23 -41.99
C UNK A 659 60.96 -71.97 -42.54
N UNK A 660 60.08 -71.24 -43.26
CA UNK A 660 58.96 -71.90 -43.86
C UNK A 660 58.71 -71.22 -45.16
N UNK A 661 58.26 -71.98 -46.16
CA UNK A 661 58.02 -71.39 -47.44
C UNK A 661 56.57 -71.52 -47.74
N UNK A 662 56.03 -70.53 -48.48
CA UNK A 662 54.66 -70.56 -48.89
C UNK A 662 54.57 -71.58 -49.97
N UNK A 663 53.34 -72.02 -50.30
CA UNK A 663 53.15 -73.00 -51.31
C UNK A 663 53.66 -72.44 -52.59
N UNK A 664 53.39 -71.14 -52.82
CA UNK A 664 53.80 -70.45 -54.01
C UNK A 664 55.30 -70.49 -54.05
N UNK A 665 55.94 -70.45 -52.86
CA UNK A 665 57.36 -70.39 -52.75
C UNK A 665 57.78 -69.02 -53.13
N UNK A 666 56.77 -68.11 -53.25
CA UNK A 666 57.04 -66.73 -53.50
C UNK A 666 57.67 -66.12 -52.29
N UNK A 667 57.16 -66.47 -51.08
CA UNK A 667 57.65 -65.83 -49.90
C UNK A 667 58.16 -66.84 -48.94
N UNK A 668 59.14 -66.43 -48.12
CA UNK A 668 59.69 -67.31 -47.12
C UNK A 668 59.57 -66.58 -45.82
N UNK A 669 59.36 -67.34 -44.72
CA UNK A 669 59.24 -66.72 -43.45
C UNK A 669 60.35 -67.27 -42.61
N UNK A 670 60.90 -66.44 -41.70
CA UNK A 670 61.99 -66.90 -40.89
C UNK A 670 61.72 -66.53 -39.47
N UNK A 671 62.37 -67.25 -38.52
CA UNK A 671 62.20 -66.97 -37.13
C UNK A 671 63.56 -66.79 -36.54
N UNK A 672 63.66 -66.08 -35.39
CA UNK A 672 64.98 -65.86 -34.88
C UNK A 672 64.89 -65.47 -33.43
N UNK A 673 66.09 -65.24 -32.85
CA UNK A 673 66.31 -64.83 -31.50
C UNK A 673 65.68 -63.49 -31.34
N UNK A 674 65.61 -62.74 -32.46
CA UNK A 674 65.12 -61.39 -32.49
C UNK A 674 63.74 -61.42 -31.92
N UNK A 675 63.04 -62.57 -32.07
CA UNK A 675 61.68 -62.67 -31.65
C UNK A 675 60.88 -61.89 -32.62
N UNK A 676 61.40 -61.77 -33.84
CA UNK A 676 60.70 -61.13 -34.90
C UNK A 676 60.57 -62.18 -35.97
N UNK A 677 59.50 -62.11 -36.76
CA UNK A 677 59.44 -63.06 -37.85
C UNK A 677 59.61 -62.25 -39.08
N UNK A 678 60.73 -62.45 -39.77
CA UNK A 678 60.87 -61.65 -40.93
C UNK A 678 60.07 -62.33 -41.98
N UNK A 679 59.37 -61.52 -42.81
CA UNK A 679 58.94 -62.17 -43.99
C UNK A 679 60.29 -62.27 -44.52
N UNK A 680 60.84 -63.50 -44.44
CA UNK A 680 62.21 -63.80 -44.65
C UNK A 680 62.44 -63.21 -45.95
N UNK A 681 61.44 -63.38 -46.82
CA UNK A 681 61.66 -62.64 -47.99
C UNK A 681 60.51 -62.72 -48.90
N UNK A 682 60.61 -61.82 -49.89
CA UNK A 682 59.66 -61.73 -50.95
C UNK A 682 59.82 -60.31 -51.47
N UNK A 683 66.46 -59.19 -52.54
CA UNK A 683 65.49 -59.86 -51.65
C UNK A 683 65.52 -59.23 -50.31
N UNK A 684 64.58 -58.31 -50.06
CA UNK A 684 64.57 -57.65 -48.79
C UNK A 684 63.36 -58.16 -48.07
N UNK A 685 63.40 -58.11 -46.73
CA UNK A 685 62.29 -58.62 -45.99
C UNK A 685 61.13 -57.74 -46.29
N UNK A 686 59.97 -58.36 -46.58
CA UNK A 686 58.79 -57.60 -46.88
C UNK A 686 58.40 -56.85 -45.67
N UNK A 687 58.41 -57.51 -44.50
CA UNK A 687 58.00 -56.83 -43.30
C UNK A 687 58.53 -57.58 -42.14
N UNK A 688 58.54 -56.93 -40.96
CA UNK A 688 59.00 -57.59 -39.78
C UNK A 688 57.82 -57.66 -38.86
N UNK A 689 57.63 -58.81 -38.19
CA UNK A 689 56.52 -58.92 -37.30
C UNK A 689 57.07 -59.10 -35.93
N UNK A 690 56.50 -58.35 -34.96
CA UNK A 690 56.98 -58.43 -33.62
C UNK A 690 55.81 -58.77 -32.76
N UNK A 691 56.08 -59.33 -31.58
CA UNK A 691 55.00 -59.76 -30.75
C UNK A 691 55.62 -60.49 -29.61
N UNK A 692 55.93 -61.77 -29.87
CA UNK A 692 56.45 -62.66 -28.87
C UNK A 692 57.56 -62.03 -28.12
N UNK A 693 57.51 -62.21 -26.79
CA UNK A 693 58.45 -61.72 -25.82
C UNK A 693 59.77 -62.41 -25.97
N UNK A 694 59.76 -63.71 -26.29
CA UNK A 694 60.99 -64.47 -26.27
C UNK A 694 61.31 -65.00 -27.62
N UNK A 695 62.39 -65.80 -27.69
CA UNK A 695 62.87 -66.34 -28.92
C UNK A 695 61.77 -67.13 -29.56
N UNK A 696 61.70 -67.07 -30.90
CA UNK A 696 60.67 -67.78 -31.60
C UNK A 696 61.27 -69.04 -32.12
N UNK A 697 60.78 -70.17 -31.60
CA UNK A 697 61.24 -71.49 -31.95
C UNK A 697 60.86 -71.87 -33.35
N UNK A 698 59.62 -71.59 -33.79
CA UNK A 698 59.28 -72.07 -35.10
C UNK A 698 58.25 -71.18 -35.73
N UNK A 699 58.21 -71.22 -37.08
CA UNK A 699 57.25 -70.44 -37.82
C UNK A 699 56.79 -71.27 -38.97
N UNK A 700 55.57 -71.00 -39.46
CA UNK A 700 55.12 -71.77 -40.60
C UNK A 700 54.12 -70.94 -41.33
N UNK A 701 54.02 -71.16 -42.65
CA UNK A 701 53.05 -70.45 -43.42
C UNK A 701 51.93 -71.40 -43.61
N UNK A 702 50.68 -70.91 -43.45
CA UNK A 702 49.54 -71.75 -43.61
C UNK A 702 49.41 -72.04 -45.07
N UNK A 703 48.78 -73.19 -45.40
CA UNK A 703 48.61 -73.55 -46.77
C UNK A 703 47.85 -72.43 -47.45
N UNK A 704 47.53 -66.45 -41.87
CA UNK A 704 48.72 -66.34 -42.74
C UNK A 704 49.85 -67.17 -42.20
N UNK A 705 50.36 -66.80 -41.02
CA UNK A 705 51.50 -67.52 -40.50
C UNK A 705 51.29 -67.78 -39.04
N UNK A 706 51.96 -68.83 -38.52
CA UNK A 706 51.85 -69.16 -37.14
C UNK A 706 53.25 -69.29 -36.60
N UNK A 707 53.43 -68.95 -35.31
CA UNK A 707 54.73 -69.05 -34.72
C UNK A 707 54.55 -69.54 -33.32
N UNK A 708 55.63 -70.08 -32.73
CA UNK A 708 55.59 -70.55 -31.37
C UNK A 708 56.78 -69.95 -30.70
N UNK A 709 56.70 -69.75 -29.36
CA UNK A 709 57.81 -69.10 -28.74
C UNK A 709 58.00 -69.59 -27.34
N UNK A 710 59.08 -69.10 -26.72
CA UNK A 710 59.48 -69.33 -25.36
C UNK A 710 58.38 -68.76 -24.54
N UNK A 711 57.68 -67.79 -25.16
CA UNK A 711 56.58 -67.09 -24.57
C UNK A 711 55.58 -68.13 -24.17
N UNK A 712 55.62 -69.30 -24.82
CA UNK A 712 54.68 -70.34 -24.53
C UNK A 712 53.37 -69.90 -25.06
N UNK A 713 53.44 -69.12 -26.15
CA UNK A 713 52.25 -68.67 -26.80
C UNK A 713 52.36 -69.05 -28.23
N UNK A 714 51.21 -69.20 -28.90
CA UNK A 714 51.18 -69.45 -30.30
C UNK A 714 50.50 -68.25 -30.87
N UNK A 715 51.04 -67.69 -31.97
CA UNK A 715 50.42 -66.51 -32.47
C UNK A 715 50.19 -66.67 -33.93
N UNK A 716 49.14 -66.02 -34.45
CA UNK A 716 48.85 -66.06 -35.84
C UNK A 716 49.08 -64.68 -36.35
N UNK A 717 49.71 -64.55 -37.53
CA UNK A 717 49.98 -63.23 -38.02
C UNK A 717 49.41 -63.12 -39.40
N UNK A 718 49.03 -61.89 -39.79
CA UNK A 718 48.50 -61.70 -41.10
C UNK A 718 49.68 -61.40 -41.97
N UNK A 719 46.26 -61.31 -35.07
CA UNK A 719 44.94 -61.86 -34.94
C UNK A 719 44.76 -62.84 -33.82
N UNK A 720 45.65 -63.84 -33.66
CA UNK A 720 45.29 -64.84 -32.70
C UNK A 720 46.41 -65.13 -31.77
N UNK A 721 46.04 -65.60 -30.57
CA UNK A 721 46.98 -66.04 -29.58
C UNK A 721 46.42 -67.30 -29.04
N UNK A 722 47.28 -68.30 -28.73
CA UNK A 722 46.72 -69.51 -28.22
C UNK A 722 47.26 -69.73 -26.86
N UNK A 723 46.35 -69.84 -25.87
CA UNK A 723 46.76 -70.14 -24.54
C UNK A 723 47.09 -71.58 -24.57
N UNK A 724 48.00 -72.05 -23.70
CA UNK A 724 48.36 -73.42 -23.84
C UNK A 724 49.19 -73.82 -22.67
N UNK A 725 50.08 -74.80 -22.91
CA UNK A 725 50.93 -75.36 -21.91
C UNK A 725 51.75 -74.30 -21.27
N UNK A 726 52.16 -74.57 -20.01
CA UNK A 726 52.94 -73.68 -19.22
C UNK A 726 54.30 -73.51 -19.83
N UNK A 727 54.88 -74.62 -20.33
CA UNK A 727 56.22 -74.61 -20.85
C UNK A 727 56.28 -73.93 -22.18
N UNK A 728 57.52 -73.65 -22.64
CA UNK A 728 57.75 -73.00 -23.90
C UNK A 728 57.33 -73.93 -24.99
N UNK A 729 56.98 -73.36 -26.16
CA UNK A 729 56.53 -74.20 -27.25
C UNK A 729 57.60 -74.28 -28.28
N UNK A 730 58.05 -75.53 -28.56
CA UNK A 730 59.09 -75.83 -29.50
C UNK A 730 58.68 -75.61 -30.93
N UNK A 731 57.48 -76.05 -31.35
CA UNK A 731 57.19 -75.92 -32.74
C UNK A 731 55.71 -75.92 -32.98
N UNK A 732 55.29 -75.42 -34.16
CA UNK A 732 53.90 -75.42 -34.51
C UNK A 732 53.82 -75.89 -35.92
N UNK A 733 52.80 -76.72 -36.22
CA UNK A 733 52.67 -77.19 -37.57
C UNK A 733 51.21 -77.15 -37.92
N UNK A 734 50.91 -76.74 -39.16
CA UNK A 734 49.56 -76.72 -39.61
C UNK A 734 49.22 -78.05 -40.18
N UNK A 735 47.91 -78.35 -40.25
CA UNK A 735 47.47 -79.58 -40.86
C UNK A 735 47.42 -79.31 -42.33
N UNK A 736 47.42 -80.38 -43.14
CA UNK A 736 47.36 -80.23 -44.56
C UNK A 736 46.08 -79.52 -44.85
N UNK A 737 45.02 -79.91 -44.13
CA UNK A 737 43.73 -79.31 -44.25
C UNK A 737 43.89 -77.89 -43.84
N UNK A 738 44.83 -77.66 -42.91
CA UNK A 738 45.06 -76.37 -42.33
C UNK A 738 43.94 -76.16 -41.38
N UNK A 739 43.16 -77.24 -41.16
CA UNK A 739 42.07 -77.23 -40.24
C UNK A 739 42.59 -77.09 -38.84
N UNK A 740 43.68 -77.81 -38.51
CA UNK A 740 44.12 -77.79 -37.13
C UNK A 740 45.60 -77.55 -37.06
N UNK A 741 46.08 -77.20 -35.85
CA UNK A 741 47.48 -76.95 -35.66
C UNK A 741 47.98 -77.83 -34.58
N UNK A 742 49.27 -78.24 -34.67
CA UNK A 742 49.85 -79.06 -33.66
C UNK A 742 50.97 -78.27 -33.06
N UNK A 743 51.09 -78.31 -31.72
CA UNK A 743 52.13 -77.58 -31.07
C UNK A 743 52.90 -78.55 -30.25
N UNK A 744 54.20 -78.26 -30.04
CA UNK A 744 55.01 -79.12 -29.24
C UNK A 744 55.61 -78.24 -28.19
N UNK A 745 55.78 -78.79 -26.98
CA UNK A 745 56.32 -77.99 -25.93
C UNK A 745 56.94 -78.94 -24.96
N UNK A 746 57.56 -78.38 -23.90
CA UNK A 746 58.16 -79.25 -22.94
C UNK A 746 57.07 -80.09 -22.35
N UNK A 747 55.91 -79.47 -22.03
CA UNK A 747 54.86 -80.16 -21.36
C UNK A 747 54.26 -81.25 -22.20
N UNK A 748 53.91 -80.97 -23.47
CA UNK A 748 53.27 -82.01 -24.22
C UNK A 748 53.04 -81.52 -25.62
N UNK A 749 52.41 -82.37 -26.46
CA UNK A 749 52.10 -81.96 -27.79
C UNK A 749 50.62 -81.79 -27.84
N UNK A 750 50.14 -80.65 -28.36
CA UNK A 750 48.73 -80.44 -28.36
C UNK A 750 48.29 -80.11 -29.75
N UNK A 751 47.05 -80.52 -30.09
CA UNK A 751 46.49 -80.21 -31.36
C UNK A 751 45.39 -79.24 -31.09
N UNK A 752 45.29 -78.18 -31.92
CA UNK A 752 44.27 -77.20 -31.66
C UNK A 752 43.54 -76.93 -32.93
N UNK A 753 42.25 -76.55 -32.80
CA UNK A 753 41.45 -76.22 -33.93
C UNK A 753 41.83 -74.84 -34.35
N UNK A 754 41.50 -74.48 -35.60
CA UNK A 754 41.85 -73.18 -36.11
C UNK A 754 41.14 -72.13 -35.25
N UNK A 755 41.00 -77.49 -28.03
CA UNK A 755 41.61 -78.61 -27.28
C UNK A 755 40.95 -79.91 -27.62
N UNK A 756 41.12 -80.36 -28.89
CA UNK A 756 40.52 -81.60 -29.30
C UNK A 756 41.11 -82.69 -28.49
N UNK A 757 42.45 -82.67 -28.33
CA UNK A 757 43.08 -83.70 -27.56
C UNK A 757 44.53 -83.34 -27.45
N UNK A 758 45.25 -84.03 -26.54
CA UNK A 758 46.65 -83.75 -26.39
C UNK A 758 47.33 -85.04 -26.04
N UNK A 759 48.63 -85.16 -26.36
CA UNK A 759 49.30 -86.39 -26.08
C UNK A 759 49.84 -86.36 -24.70
N UNK A 760 49.20 -87.15 -23.83
CA UNK A 760 49.52 -87.39 -22.46
C UNK A 760 50.78 -88.21 -22.39
N UNK A 761 50.99 -89.04 -23.43
CA UNK A 761 51.99 -90.06 -23.42
C UNK A 761 53.34 -89.51 -23.07
N UNK A 762 53.72 -88.32 -23.56
CA UNK A 762 55.03 -87.82 -23.20
C UNK A 762 55.04 -87.68 -21.71
N UNK A 763 53.96 -87.11 -21.17
CA UNK A 763 53.77 -87.00 -19.75
C UNK A 763 54.83 -86.15 -19.12
N UNK A 764 54.45 -85.55 -17.97
CA UNK A 764 55.31 -84.74 -17.15
C UNK A 764 56.36 -85.66 -16.62
N UNK A 765 55.97 -86.90 -16.30
CA UNK A 765 56.87 -87.87 -15.76
C UNK A 765 58.01 -88.00 -16.69
N UNK A 766 59.13 -88.58 -16.21
CA UNK A 766 60.34 -88.65 -16.97
C UNK A 766 60.03 -89.18 -18.33
N UNK A 767 60.04 -88.23 -19.27
CA UNK A 767 59.79 -88.36 -20.67
C UNK A 767 59.30 -87.00 -20.99
N UNK A 768 59.87 -86.34 -22.00
CA UNK A 768 59.42 -84.99 -22.17
C UNK A 768 60.28 -84.35 -23.21
N UNK A 769 60.27 -82.99 -23.20
CA UNK A 769 61.03 -82.22 -24.13
C UNK A 769 60.77 -82.72 -25.51
N UNK A 770 59.53 -82.52 -26.01
CA UNK A 770 59.24 -82.97 -27.34
C UNK A 770 59.68 -81.90 -28.29
N UNK A 771 60.77 -82.20 -29.02
CA UNK A 771 61.41 -81.36 -29.99
C UNK A 771 60.65 -81.19 -31.27
N UNK A 772 60.02 -82.26 -31.81
CA UNK A 772 59.50 -82.05 -33.13
C UNK A 772 58.17 -82.70 -33.31
N UNK A 773 57.46 -82.26 -34.36
CA UNK A 773 56.21 -82.83 -34.72
C UNK A 773 56.12 -82.76 -36.19
N UNK A 774 55.50 -83.80 -36.79
CA UNK A 774 55.33 -83.78 -38.21
C UNK A 774 53.97 -84.29 -38.42
N UNK A 775 53.33 -83.84 -39.50
CA UNK A 775 52.02 -84.28 -39.78
C UNK A 775 52.18 -85.31 -40.81
N UNK A 776 51.36 -86.35 -40.69
CA UNK A 776 51.43 -87.43 -41.62
C UNK A 776 50.82 -86.99 -42.91
N UNK A 777 51.08 -87.79 -43.95
CA UNK A 777 50.52 -87.72 -45.26
C UNK A 777 49.14 -88.21 -45.01
N UNK A 778 48.78 -89.49 -45.28
CA UNK A 778 47.51 -89.95 -44.72
C UNK A 778 47.72 -89.77 -43.15
N UNK A 779 46.62 -89.49 -42.19
CA UNK A 779 46.30 -88.92 -40.78
C UNK A 779 46.92 -89.42 -39.49
N UNK A 780 47.64 -88.47 -38.84
CA UNK A 780 48.32 -88.71 -37.60
C UNK A 780 49.37 -87.64 -37.48
N UNK A 781 50.10 -87.66 -36.36
CA UNK A 781 51.17 -86.72 -36.14
C UNK A 781 52.29 -87.52 -35.54
N UNK A 782 53.52 -87.03 -35.72
CA UNK A 782 54.63 -87.76 -35.15
C UNK A 782 55.44 -86.77 -34.39
N UNK A 783 56.00 -87.23 -33.25
CA UNK A 783 56.78 -86.34 -32.46
C UNK A 783 57.98 -87.09 -31.99
N UNK A 784 59.03 -86.35 -31.63
CA UNK A 784 60.23 -86.95 -31.10
C UNK A 784 60.68 -86.05 -29.99
N UNK A 785 61.34 -86.61 -28.95
CA UNK A 785 61.73 -85.77 -27.86
C UNK A 785 63.22 -85.83 -27.67
N UNK A 786 63.83 -84.67 -27.41
CA UNK A 786 65.23 -84.53 -27.13
C UNK A 786 65.51 -85.16 -25.80
N UNK A 787 64.53 -85.04 -24.89
CA UNK A 787 64.63 -85.43 -23.52
C UNK A 787 64.92 -86.88 -23.39
N UNK A 788 64.79 -87.37 -22.15
CA UNK A 788 65.18 -88.69 -21.78
C UNK A 788 64.48 -89.67 -22.66
N UNK A 789 63.21 -89.40 -23.03
CA UNK A 789 62.54 -90.37 -23.85
C UNK A 789 63.32 -90.53 -25.12
N UNK A 790 63.68 -89.41 -25.78
CA UNK A 790 64.47 -89.43 -26.98
C UNK A 790 63.91 -90.44 -27.91
N UNK A 791 62.59 -90.47 -28.11
CA UNK A 791 62.12 -91.49 -29.00
C UNK A 791 61.09 -90.89 -29.88
N UNK A 792 60.85 -91.53 -31.04
CA UNK A 792 59.82 -91.07 -31.90
C UNK A 792 58.56 -91.60 -31.33
N UNK A 793 57.46 -90.85 -31.50
CA UNK A 793 56.20 -91.31 -31.02
C UNK A 793 55.28 -91.20 -32.19
N UNK A 794 54.42 -92.21 -32.37
CA UNK A 794 53.51 -92.13 -33.47
C UNK A 794 52.15 -92.27 -32.89
N UNK A 795 51.19 -91.47 -33.40
CA UNK A 795 49.87 -91.57 -32.86
C UNK A 795 48.95 -90.90 -33.82
N UNK A 796 47.64 -91.21 -33.69
CA UNK A 796 46.65 -90.58 -34.50
C UNK A 796 45.96 -89.60 -33.62
N UNK A 797 45.70 -88.39 -34.13
CA UNK A 797 45.10 -87.38 -33.31
C UNK A 797 43.75 -87.81 -32.89
N UNK A 798 42.95 -88.36 -33.82
CA UNK A 798 41.61 -88.69 -33.45
C UNK A 798 41.64 -89.73 -32.38
N UNK A 799 42.44 -90.80 -32.58
CA UNK A 799 42.51 -91.87 -31.63
C UNK A 799 43.09 -91.38 -30.34
N UNK A 800 44.12 -90.51 -30.41
CA UNK A 800 44.78 -90.06 -29.22
C UNK A 800 45.49 -91.22 -28.59
N UNK A 801 45.83 -92.23 -29.41
CA UNK A 801 46.55 -93.37 -28.90
C UNK A 801 47.86 -93.41 -29.64
N UNK A 802 48.93 -93.90 -28.97
CA UNK A 802 50.20 -93.95 -29.62
C UNK A 802 50.31 -95.28 -30.28
N UNK A 803 50.51 -95.28 -31.60
CA UNK A 803 50.58 -96.52 -32.32
C UNK A 803 51.78 -97.29 -31.86
N UNK A 804 52.95 -96.63 -31.76
CA UNK A 804 54.12 -97.35 -31.34
C UNK A 804 55.22 -96.38 -31.09
N UNK A 805 56.26 -96.82 -30.37
CA UNK A 805 57.36 -95.96 -30.10
C UNK A 805 58.58 -96.58 -30.69
N UNK A 806 59.46 -95.77 -31.32
CA UNK A 806 60.64 -96.32 -31.92
C UNK A 806 61.83 -95.84 -31.12
N UNK A 807 62.79 -96.74 -30.82
CA UNK A 807 63.93 -96.37 -30.01
C UNK A 807 64.95 -95.54 -30.81
N UNK A 808 65.70 -94.57 -30.16
CA UNK A 808 66.68 -93.58 -30.71
C UNK A 808 67.90 -93.13 -29.69
N UNK A 809 68.71 -91.89 -29.84
CA UNK A 809 69.84 -91.01 -29.21
C UNK A 809 69.13 -89.80 -28.60
N UNK A 810 68.96 -88.64 -29.30
CA UNK A 810 68.03 -87.60 -28.93
C UNK A 810 67.55 -87.16 -30.29
N UNK A 811 66.21 -87.05 -30.51
CA UNK A 811 65.78 -86.81 -31.86
C UNK A 811 65.50 -85.35 -32.07
N UNK A 812 66.31 -84.78 -32.98
CA UNK A 812 66.21 -83.42 -33.42
C UNK A 812 65.03 -83.20 -34.32
N UNK A 813 64.79 -84.11 -35.29
CA UNK A 813 63.72 -83.83 -36.21
C UNK A 813 63.13 -85.10 -36.70
N UNK A 814 61.83 -85.06 -37.03
CA UNK A 814 61.16 -86.22 -37.52
C UNK A 814 60.50 -85.84 -38.80
N UNK A 815 60.44 -86.77 -39.75
CA UNK A 815 59.82 -86.48 -41.00
C UNK A 815 59.23 -87.73 -41.52
N UNK A 816 58.23 -87.61 -42.42
CA UNK A 816 57.65 -88.77 -42.99
C UNK A 816 58.00 -88.74 -44.43
N UNK A 817 58.25 -89.92 -45.04
CA UNK A 817 58.58 -89.88 -46.42
C UNK A 817 57.37 -89.36 -47.11
N UNK A 818 57.54 -88.28 -47.90
CA UNK A 818 56.44 -87.69 -48.59
C UNK A 818 55.94 -88.64 -49.61
N UNK A 819 56.88 -89.23 -50.35
CA UNK A 819 56.54 -90.06 -51.46
C UNK A 819 55.91 -89.17 -52.47
N UNK A 820 56.35 -89.31 -53.73
CA UNK A 820 55.81 -88.50 -54.79
C UNK A 820 54.52 -89.12 -55.20
N UNK A 821 53.75 -88.40 -56.03
CA UNK A 821 52.49 -88.87 -56.55
C UNK A 821 51.69 -89.48 -55.46
N UNK A 822 51.08 -88.60 -54.62
CA UNK A 822 50.32 -89.04 -53.49
C UNK A 822 51.35 -89.32 -52.48
N UNK A 823 50.96 -89.35 -51.19
CA UNK A 823 52.02 -89.56 -50.26
C UNK A 823 51.85 -90.92 -49.68
N UNK A 824 52.99 -91.57 -49.43
CA UNK A 824 52.98 -92.86 -48.82
C UNK A 824 54.16 -92.85 -47.91
N UNK A 825 54.01 -93.41 -46.70
CA UNK A 825 55.20 -93.43 -45.92
C UNK A 825 55.55 -94.85 -45.61
N UNK A 826 56.49 -95.41 -46.38
CA UNK A 826 56.97 -96.74 -46.12
C UNK A 826 57.75 -96.71 -44.86
N UNK A 827 58.59 -95.66 -44.71
CA UNK A 827 59.45 -95.55 -43.57
C UNK A 827 59.50 -94.10 -43.20
N UNK A 828 60.02 -93.81 -42.00
CA UNK A 828 60.10 -92.45 -41.55
C UNK A 828 61.54 -92.08 -41.50
N UNK A 829 61.83 -90.78 -41.74
CA UNK A 829 63.19 -90.33 -41.71
C UNK A 829 63.32 -89.47 -40.50
N UNK A 830 64.45 -89.62 -39.78
CA UNK A 830 64.63 -88.83 -38.62
C UNK A 830 66.09 -88.52 -38.52
N UNK A 831 66.39 -87.38 -37.87
CA UNK A 831 67.75 -86.98 -37.67
C UNK A 831 67.88 -86.85 -36.19
N UNK A 832 69.08 -87.09 -35.66
CA UNK A 832 69.22 -87.02 -34.24
C UNK A 832 70.41 -86.21 -33.88
N UNK A 833 70.38 -85.68 -32.66
CA UNK A 833 71.47 -84.91 -32.12
C UNK A 833 72.44 -85.88 -31.55
N UNK A 834 73.68 -85.41 -31.35
CA UNK A 834 74.67 -86.23 -30.75
C UNK A 834 75.31 -85.41 -29.70
N UNK A 835 75.58 -86.04 -28.54
CA UNK A 835 76.21 -85.47 -27.40
C UNK A 835 77.66 -85.71 -27.57
N UNK A 836 78.45 -85.50 -26.50
CA UNK A 836 79.87 -85.67 -26.62
C UNK A 836 80.12 -87.07 -27.11
N UNK A 837 79.50 -88.09 -26.49
CA UNK A 837 79.72 -89.38 -27.05
C UNK A 837 79.06 -89.31 -28.39
N UNK A 838 79.73 -89.82 -29.45
CA UNK A 838 79.06 -89.62 -30.70
C UNK A 838 78.41 -90.89 -31.13
N UNK A 839 77.35 -91.33 -30.42
CA UNK A 839 76.65 -92.47 -30.90
C UNK A 839 75.76 -92.10 -32.06
N UNK A 840 74.86 -91.10 -31.86
CA UNK A 840 73.93 -90.93 -32.93
C UNK A 840 74.01 -89.60 -33.57
N UNK A 841 74.93 -89.54 -34.55
CA UNK A 841 75.19 -88.54 -35.53
C UNK A 841 74.23 -88.69 -36.67
N UNK A 842 73.70 -89.90 -36.85
CA UNK A 842 73.03 -90.30 -38.05
C UNK A 842 71.64 -89.80 -38.27
N UNK A 843 71.24 -89.92 -39.55
CA UNK A 843 69.90 -89.71 -39.99
C UNK A 843 69.45 -91.10 -40.22
N UNK A 844 68.29 -91.49 -39.64
CA UNK A 844 67.93 -92.86 -39.81
C UNK A 844 66.59 -92.95 -40.39
N UNK A 845 66.39 -93.98 -41.22
CA UNK A 845 65.11 -94.21 -41.78
C UNK A 845 64.58 -95.39 -41.05
N UNK A 846 63.35 -95.30 -40.53
CA UNK A 846 62.87 -96.43 -39.81
C UNK A 846 61.77 -97.03 -40.60
N UNK A 847 61.85 -98.35 -40.84
CA UNK A 847 60.76 -98.96 -41.54
C UNK A 847 59.63 -98.88 -40.59
N UNK A 848 58.49 -98.37 -41.04
CA UNK A 848 57.38 -98.25 -40.16
C UNK A 848 56.81 -99.64 -39.96
N UNK A 849 62.67 -101.98 -36.48
CA UNK A 849 63.83 -101.18 -36.05
C UNK A 849 64.28 -100.31 -37.17
N UNK A 850 65.24 -99.41 -36.90
CA UNK A 850 65.67 -98.59 -37.99
C UNK A 850 66.26 -99.50 -39.01
N UNK A 851 65.85 -99.32 -40.28
CA UNK A 851 66.34 -100.16 -41.32
C UNK A 851 67.80 -99.93 -41.50
N UNK A 852 68.21 -98.64 -41.55
CA UNK A 852 69.60 -98.39 -41.76
C UNK A 852 69.92 -97.03 -41.24
N UNK A 853 71.20 -96.80 -40.94
CA UNK A 853 71.60 -95.51 -40.47
C UNK A 853 72.81 -95.12 -41.24
N UNK A 854 80.94 -85.51 -37.43
CA UNK A 854 80.82 -85.60 -36.02
C UNK A 854 80.16 -84.32 -35.60
N UNK A 855 78.97 -84.44 -34.98
CA UNK A 855 78.24 -83.28 -34.54
C UNK A 855 76.82 -83.70 -34.49
N UNK A 856 75.97 -82.80 -33.96
CA UNK A 856 74.58 -83.10 -33.97
C UNK A 856 74.06 -82.69 -35.30
N UNK A 857 73.03 -83.39 -35.79
CA UNK A 857 72.43 -82.96 -37.02
C UNK A 857 71.17 -82.28 -36.58
N UNK A 858 71.13 -80.94 -36.74
CA UNK A 858 70.02 -80.18 -36.25
C UNK A 858 68.76 -80.51 -36.97
N UNK A 859 68.80 -80.59 -38.32
CA UNK A 859 67.56 -80.77 -39.01
C UNK A 859 67.79 -81.59 -40.24
N UNK A 860 66.70 -81.93 -40.94
CA UNK A 860 66.78 -82.69 -42.15
C UNK A 860 65.61 -82.28 -42.99
N UNK A 861 65.66 -82.64 -44.29
CA UNK A 861 64.54 -82.33 -45.15
C UNK A 861 64.48 -83.39 -46.20
N UNK A 862 63.24 -83.77 -46.59
CA UNK A 862 63.06 -84.76 -47.61
C UNK A 862 62.24 -84.10 -48.67
N UNK A 863 62.41 -84.53 -49.94
CA UNK A 863 61.66 -83.90 -50.99
C UNK A 863 60.64 -84.86 -51.49
N UNK A 864 59.39 -84.38 -51.64
CA UNK A 864 58.35 -85.23 -52.14
C UNK A 864 58.62 -85.58 -53.57
N UNK A 865 58.93 -84.55 -54.37
CA UNK A 865 59.13 -84.72 -55.78
C UNK A 865 60.36 -85.53 -56.09
N UNK A 866 61.49 -85.20 -55.43
CA UNK A 866 62.71 -85.83 -55.80
C UNK A 866 63.25 -86.56 -54.63
N UNK A 867 64.07 -87.59 -54.90
CA UNK A 867 64.66 -88.30 -53.81
C UNK A 867 65.96 -87.63 -53.52
N UNK A 868 65.99 -86.90 -52.39
CA UNK A 868 67.18 -86.23 -51.95
C UNK A 868 66.88 -85.85 -50.56
N UNK A 869 67.93 -85.67 -49.73
CA UNK A 869 67.67 -85.28 -48.37
C UNK A 869 68.72 -84.30 -48.03
N UNK A 870 68.41 -83.34 -47.13
CA UNK A 870 69.40 -82.37 -46.75
C UNK A 870 69.59 -82.51 -45.28
N UNK A 871 70.83 -82.26 -44.81
CA UNK A 871 71.11 -82.37 -43.40
C UNK A 871 71.86 -81.14 -43.00
N UNK A 872 71.61 -80.69 -41.75
CA UNK A 872 72.28 -79.53 -41.23
C UNK A 872 72.86 -79.93 -39.92
N UNK A 873 73.97 -79.29 -39.49
CA UNK A 873 74.55 -79.70 -38.24
C UNK A 873 74.66 -78.53 -37.30
N UNK A 874 74.24 -78.80 -36.04
CA UNK A 874 74.17 -77.94 -34.88
C UNK A 874 75.51 -77.59 -34.29
N UNK A 875 76.49 -78.50 -34.31
CA UNK A 875 77.66 -78.10 -33.59
C UNK A 875 78.33 -76.96 -34.30
N UNK A 876 78.56 -75.85 -33.56
CA UNK A 876 79.29 -74.73 -34.06
C UNK A 876 80.72 -75.02 -33.76
N UNK A 877 81.65 -74.42 -34.52
CA UNK A 877 83.04 -74.73 -34.30
C UNK A 877 83.15 -76.20 -34.46
N UNK A 878 82.33 -76.72 -35.38
CA UNK A 878 82.22 -78.11 -35.68
C UNK A 878 81.73 -78.15 -37.07
N UNK A 879 81.02 -79.22 -37.46
CA UNK A 879 80.60 -79.20 -38.83
C UNK A 879 79.32 -78.46 -38.95
N UNK A 880 79.39 -77.26 -39.57
CA UNK A 880 78.19 -76.56 -39.90
C UNK A 880 78.15 -76.72 -41.38
N UNK A 881 77.35 -77.70 -41.85
CA UNK A 881 77.38 -77.93 -43.25
C UNK A 881 76.08 -78.51 -43.67
N UNK A 882 75.76 -78.35 -44.97
CA UNK A 882 74.56 -78.92 -45.46
C UNK A 882 74.95 -80.10 -46.28
N UNK A 883 74.34 -81.26 -46.00
CA UNK A 883 74.65 -82.43 -46.77
C UNK A 883 73.40 -82.82 -47.45
N UNK A 884 73.47 -83.10 -48.77
CA UNK A 884 72.27 -83.51 -49.44
C UNK A 884 72.56 -84.79 -50.13
N UNK A 885 71.89 -85.90 -49.76
CA UNK A 885 72.34 -87.09 -50.44
C UNK A 885 71.22 -88.03 -50.67
N UNK A 886 71.26 -88.78 -51.80
CA UNK A 886 70.23 -89.78 -51.84
C UNK A 886 70.55 -90.83 -50.81
N UNK A 887 71.49 -91.76 -51.11
CA UNK A 887 72.01 -92.67 -50.13
C UNK A 887 73.36 -92.32 -49.58
N UNK A 888 74.33 -92.34 -50.52
CA UNK A 888 75.74 -92.24 -50.24
C UNK A 888 76.02 -90.80 -50.06
N UNK A 889 77.23 -90.47 -49.57
CA UNK A 889 77.52 -89.08 -49.35
C UNK A 889 77.34 -88.39 -50.66
N UNK A 890 76.57 -87.29 -50.63
CA UNK A 890 76.31 -86.56 -51.83
C UNK A 890 76.06 -85.15 -51.42
N UNK A 891 76.12 -84.24 -52.39
CA UNK A 891 75.88 -82.84 -52.20
C UNK A 891 77.19 -82.18 -51.96
N UNK A 892 77.16 -80.85 -51.80
CA UNK A 892 78.39 -80.15 -51.67
C UNK A 892 78.54 -79.57 -50.30
N UNK A 893 79.80 -79.32 -49.91
CA UNK A 893 80.12 -78.73 -48.65
C UNK A 893 80.77 -77.41 -48.94
N UNK A 894 80.62 -76.43 -48.03
CA UNK A 894 81.19 -75.16 -48.33
C UNK A 894 82.46 -74.97 -47.57
N UNK A 895 83.50 -74.41 -48.23
CA UNK A 895 84.72 -74.21 -47.49
C UNK A 895 84.55 -72.97 -46.68
N UNK A 896 85.14 -72.74 -45.49
CA UNK A 896 84.88 -71.45 -44.83
C UNK A 896 86.03 -70.47 -44.92
N UNK A 897 86.10 -69.44 -44.05
CA UNK A 897 86.83 -68.18 -44.36
C UNK A 897 87.66 -67.36 -43.26
N UNK A 898 87.79 -65.84 -43.26
CA UNK A 898 88.39 -64.69 -42.45
C UNK A 898 89.75 -65.22 -42.18
N UNK A 899 90.58 -64.69 -41.27
CA UNK A 899 91.78 -65.48 -41.25
C UNK A 899 92.11 -65.97 -39.87
N UNK A 900 92.31 -67.30 -39.75
CA UNK A 900 92.77 -67.90 -38.53
C UNK A 900 94.20 -67.53 -38.31
N UNK A 901 95.04 -67.67 -39.38
CA UNK A 901 96.44 -67.40 -39.26
C UNK A 901 96.96 -67.15 -40.64
N UNK A 902 98.17 -66.55 -40.76
CA UNK A 902 98.65 -66.33 -42.09
C UNK A 902 100.14 -66.39 -42.07
N UNK A 903 100.73 -66.70 -43.24
CA UNK A 903 102.16 -66.72 -43.36
C UNK A 903 102.47 -66.14 -44.70
N UNK A 904 103.49 -65.27 -44.77
CA UNK A 904 103.84 -64.67 -46.03
C UNK A 904 104.79 -65.58 -46.72
N UNK A 905 104.88 -65.46 -48.06
CA UNK A 905 105.81 -66.27 -48.79
C UNK A 905 107.16 -65.73 -48.47
N UNK A 906 108.17 -66.61 -48.33
CA UNK A 906 109.45 -66.08 -47.99
C UNK A 906 109.93 -65.22 -49.12
N UNK A 907 109.90 -65.77 -50.35
CA UNK A 907 110.37 -65.07 -51.51
C UNK A 907 109.48 -63.93 -51.85
N UNK A 908 108.14 -64.15 -51.79
CA UNK A 908 107.27 -63.13 -52.29
C UNK A 908 106.43 -62.56 -51.19
N UNK A 909 105.95 -61.33 -51.44
CA UNK A 909 105.14 -60.54 -50.55
C UNK A 909 103.82 -61.23 -50.34
N UNK A 910 103.31 -61.92 -51.37
CA UNK A 910 102.01 -62.52 -51.38
C UNK A 910 101.77 -63.25 -50.10
N UNK A 911 100.49 -63.28 -49.66
CA UNK A 911 100.22 -63.86 -48.39
C UNK A 911 99.36 -65.07 -48.55
N UNK A 912 99.59 -66.03 -47.65
CA UNK A 912 98.79 -67.22 -47.61
C UNK A 912 98.14 -67.17 -46.27
N UNK A 913 96.84 -67.49 -46.22
CA UNK A 913 96.24 -67.44 -44.92
C UNK A 913 95.31 -68.59 -44.82
N UNK A 914 95.18 -69.14 -43.59
CA UNK A 914 94.27 -70.22 -43.34
C UNK A 914 92.97 -69.62 -42.96
N UNK A 915 91.88 -70.41 -43.07
CA UNK A 915 90.57 -69.91 -42.81
C UNK A 915 89.92 -70.83 -41.83
N UNK A 916 88.83 -70.35 -41.19
CA UNK A 916 88.04 -71.15 -40.29
C UNK A 916 87.62 -72.26 -41.16
N UNK A 917 87.24 -71.91 -42.38
CA UNK A 917 87.24 -72.76 -43.53
C UNK A 917 88.10 -73.89 -43.43
N UNK A 918 87.65 -74.86 -44.18
CA UNK A 918 88.51 -75.92 -44.53
C UNK A 918 89.56 -75.32 -45.43
N UNK A 919 89.17 -74.40 -46.30
CA UNK A 919 90.06 -73.79 -47.23
C UNK A 919 91.02 -72.82 -46.59
N UNK A 920 92.18 -72.67 -47.26
CA UNK A 920 93.22 -71.72 -46.98
C UNK A 920 93.41 -71.10 -48.31
N UNK A 921 93.95 -69.87 -48.39
CA UNK A 921 94.01 -69.36 -49.72
C UNK A 921 95.27 -68.59 -49.90
N UNK A 922 95.63 -68.43 -51.18
CA UNK A 922 96.77 -67.65 -51.52
C UNK A 922 96.21 -66.40 -52.05
N UNK A 923 96.79 -65.26 -51.64
CA UNK A 923 96.30 -64.04 -52.18
C UNK A 923 97.48 -63.21 -52.50
N UNK A 924 97.29 -62.32 -53.48
CA UNK A 924 98.37 -61.47 -53.85
C UNK A 924 97.90 -60.08 -53.60
N UNK A 925 98.83 -59.24 -53.11
CA UNK A 925 98.53 -57.87 -52.86
C UNK A 925 99.29 -57.10 -53.89
N UNK A 926 98.72 -55.99 -54.37
CA UNK A 926 99.37 -55.23 -55.39
C UNK A 926 100.68 -54.75 -54.87
N UNK A 927 101.68 -54.66 -55.76
CA UNK A 927 103.00 -54.24 -55.38
C UNK A 927 102.94 -52.85 -54.84
N UNK A 928 102.20 -51.95 -55.52
CA UNK A 928 102.15 -50.62 -55.03
C UNK A 928 101.08 -50.58 -53.99
N UNK A 929 101.51 -50.57 -52.72
CA UNK A 929 100.61 -50.53 -51.61
C UNK A 929 99.91 -49.20 -51.60
N UNK A 930 100.66 -48.13 -51.91
CA UNK A 930 100.15 -46.79 -51.82
C UNK A 930 98.99 -46.65 -52.73
N UNK A 931 99.12 -47.24 -53.92
CA UNK A 931 98.05 -47.16 -54.86
C UNK A 931 96.89 -47.83 -54.20
N UNK A 932 95.63 -47.53 -54.61
CA UNK A 932 94.52 -48.18 -54.03
C UNK A 932 94.78 -49.63 -54.23
N UNK A 933 94.72 -50.37 -53.12
CA UNK A 933 95.13 -51.73 -53.22
C UNK A 933 94.11 -52.51 -53.94
N UNK A 934 94.46 -53.74 -54.30
CA UNK A 934 93.47 -54.62 -54.81
C UNK A 934 93.91 -55.92 -54.25
N UNK A 935 92.99 -56.82 -53.85
CA UNK A 935 93.50 -58.03 -53.31
C UNK A 935 92.87 -59.16 -54.04
N UNK A 936 93.71 -60.03 -54.63
CA UNK A 936 93.13 -61.05 -55.44
C UNK A 936 93.47 -62.38 -54.86
N UNK A 937 92.51 -63.30 -55.00
CA UNK A 937 92.71 -64.62 -54.51
C UNK A 937 93.42 -65.37 -55.57
N UNK A 938 94.68 -65.77 -55.30
CA UNK A 938 95.38 -66.53 -56.29
C UNK A 938 94.69 -67.84 -56.41
N UNK A 939 94.39 -68.49 -55.27
CA UNK A 939 93.75 -69.76 -55.38
C UNK A 939 93.31 -70.15 -54.01
N UNK A 940 92.37 -71.10 -53.95
CA UNK A 940 91.92 -71.56 -52.68
C UNK A 940 92.35 -72.97 -52.55
N UNK A 941 92.91 -73.32 -51.37
CA UNK A 941 93.28 -74.66 -51.10
C UNK A 941 92.26 -75.13 -50.15
N UNK A 942 91.60 -76.25 -50.48
CA UNK A 942 90.55 -76.68 -49.61
C UNK A 942 90.89 -78.04 -49.15
N UNK A 943 90.43 -78.37 -47.94
CA UNK A 943 90.66 -79.65 -47.38
C UNK A 943 89.37 -80.06 -46.79
N UNK A 944 89.23 -81.35 -46.48
CA UNK A 944 88.02 -81.83 -45.89
C UNK A 944 87.88 -81.22 -44.53
N UNK A 945 88.98 -81.18 -43.75
CA UNK A 945 88.94 -80.75 -42.39
C UNK A 945 88.39 -79.37 -42.28
N UNK A 946 87.73 -79.11 -41.14
CA UNK A 946 87.03 -77.89 -40.92
C UNK A 946 87.92 -76.70 -40.91
N UNK A 947 89.04 -76.73 -40.16
CA UNK A 947 89.78 -75.50 -40.06
C UNK A 947 91.22 -75.76 -40.33
N UNK A 948 91.93 -74.70 -40.78
CA UNK A 948 93.32 -74.86 -41.05
C UNK A 948 94.08 -74.31 -39.88
N UNK A 949 94.71 -75.22 -39.12
CA UNK A 949 95.50 -74.86 -37.97
C UNK A 949 96.74 -74.13 -38.35
N UNK A 950 97.46 -74.62 -39.38
CA UNK A 950 98.71 -73.96 -39.66
C UNK A 950 99.09 -74.18 -41.08
N UNK A 951 99.97 -73.29 -41.58
CA UNK A 951 100.48 -73.41 -42.91
C UNK A 951 101.92 -73.08 -42.83
N UNK A 952 102.75 -73.78 -43.62
CA UNK A 952 104.14 -73.45 -43.62
C UNK A 952 104.61 -73.49 -45.02
N UNK A 953 105.31 -72.42 -45.45
CA UNK A 953 105.84 -72.38 -46.78
C UNK A 953 107.17 -73.04 -46.73
N UNK A 954 107.60 -73.58 -47.89
CA UNK A 954 108.90 -74.18 -47.95
C UNK A 954 109.87 -73.05 -48.07
N UNK A 955 111.16 -73.33 -47.85
CA UNK A 955 112.16 -72.30 -47.94
C UNK A 955 112.10 -71.77 -49.34
N UNK A 956 111.90 -72.69 -50.31
CA UNK A 956 111.84 -72.35 -51.69
C UNK A 956 110.68 -71.43 -51.90
N UNK A 957 109.60 -71.65 -51.11
CA UNK A 957 108.39 -70.90 -51.24
C UNK A 957 107.69 -71.39 -52.46
N UNK A 958 108.27 -72.43 -53.10
CA UNK A 958 107.66 -73.04 -54.24
C UNK A 958 106.41 -73.73 -53.77
N UNK A 959 106.48 -74.40 -52.62
CA UNK A 959 105.35 -75.15 -52.15
C UNK A 959 105.02 -74.73 -50.75
N UNK A 960 103.76 -74.97 -50.36
CA UNK A 960 103.31 -74.67 -49.03
C UNK A 960 102.58 -75.86 -48.54
N UNK A 961 102.56 -76.06 -47.21
CA UNK A 961 101.84 -77.20 -46.71
C UNK A 961 100.68 -76.68 -45.93
N UNK A 962 99.50 -77.29 -46.13
CA UNK A 962 98.34 -76.87 -45.42
C UNK A 962 98.07 -77.93 -44.41
N UNK A 963 97.73 -77.51 -43.18
CA UNK A 963 97.44 -78.49 -42.17
C UNK A 963 96.12 -78.10 -41.58
N UNK A 964 95.28 -79.08 -41.23
CA UNK A 964 94.03 -78.69 -40.68
C UNK A 964 94.00 -79.09 -39.25
N UNK A 965 93.76 -78.10 -38.36
CA UNK A 965 93.62 -78.43 -36.99
C UNK A 965 92.87 -77.32 -36.34
N UNK A 966 92.18 -77.65 -35.24
CA UNK A 966 91.32 -76.70 -34.62
C UNK A 966 90.57 -77.52 -33.64
N UNK A 967 89.25 -77.30 -33.56
CA UNK A 967 88.48 -78.09 -32.66
C UNK A 967 88.69 -79.51 -33.09
N UNK A 968 88.62 -79.78 -34.41
CA UNK A 968 88.93 -81.11 -34.83
C UNK A 968 89.85 -80.99 -35.98
N UNK A 969 91.07 -81.51 -35.83
CA UNK A 969 92.01 -81.43 -36.90
C UNK A 969 91.95 -82.74 -37.60
N UNK A 970 91.80 -82.70 -38.93
CA UNK A 970 91.92 -83.89 -39.72
C UNK A 970 93.38 -84.25 -39.68
N UNK A 971 94.21 -83.19 -39.71
CA UNK A 971 95.64 -83.23 -39.81
C UNK A 971 96.02 -83.68 -41.16
N UNK A 972 95.08 -83.68 -42.11
CA UNK A 972 95.53 -84.06 -43.41
C UNK A 972 96.46 -82.96 -43.81
N UNK A 973 97.61 -83.31 -44.40
CA UNK A 973 98.52 -82.29 -44.80
C UNK A 973 98.59 -82.38 -46.29
N UNK A 974 98.49 -81.22 -46.96
CA UNK A 974 98.57 -81.25 -48.39
C UNK A 974 99.66 -80.34 -48.79
N UNK A 975 100.41 -80.73 -49.83
CA UNK A 975 101.43 -79.86 -50.32
C UNK A 975 100.82 -79.24 -51.54
N UNK A 976 100.90 -77.91 -51.65
CA UNK A 976 100.29 -77.29 -52.77
C UNK A 976 101.32 -76.42 -53.42
N UNK A 977 101.23 -76.28 -54.75
CA UNK A 977 102.14 -75.41 -55.42
C UNK A 977 101.74 -74.03 -55.01
N UNK A 978 102.70 -73.10 -54.98
CA UNK A 978 102.36 -71.77 -54.58
C UNK A 978 101.36 -71.28 -55.56
N UNK A 979 101.58 -71.63 -56.84
CA UNK A 979 100.75 -71.17 -57.92
C UNK A 979 99.34 -71.66 -57.81
N UNK A 980 99.10 -72.94 -57.45
CA UNK A 980 97.73 -73.31 -57.58
C UNK A 980 97.32 -74.42 -56.64
N UNK A 981 96.02 -74.76 -56.79
CA UNK A 981 95.22 -75.71 -56.07
C UNK A 981 95.67 -77.13 -56.28
N UNK A 982 96.25 -77.46 -57.44
CA UNK A 982 96.47 -78.83 -57.83
C UNK A 982 97.19 -79.59 -56.76
N UNK A 983 98.26 -79.03 -56.17
CA UNK A 983 98.94 -79.70 -55.09
C UNK A 983 99.65 -80.92 -55.57
N UNK A 984 100.90 -81.08 -55.11
CA UNK A 984 101.74 -82.19 -55.46
C UNK A 984 101.21 -83.46 -54.87
N UNK A 985 100.85 -83.45 -53.58
CA UNK A 985 100.41 -84.69 -52.99
C UNK A 985 99.77 -84.41 -51.68
N UNK A 986 99.13 -85.44 -51.11
CA UNK A 986 98.52 -85.28 -49.81
C UNK A 986 99.04 -86.36 -48.94
N UNK A 987 99.43 -86.00 -47.69
CA UNK A 987 99.89 -87.00 -46.79
C UNK A 987 99.11 -86.84 -45.52
N UNK A 988 98.45 -87.92 -45.05
CA UNK A 988 97.77 -87.76 -43.80
C UNK A 988 98.27 -88.81 -42.87
N UNK A 989 99.41 -88.53 -42.20
CA UNK A 989 99.99 -89.41 -41.25
C UNK A 989 99.18 -89.47 -39.98
N UNK A 990 98.72 -88.31 -39.48
CA UNK A 990 98.19 -88.32 -38.14
C UNK A 990 96.92 -87.52 -38.02
N UNK A 991 96.38 -87.53 -36.79
CA UNK A 991 95.14 -86.92 -36.38
C UNK A 991 95.14 -85.42 -36.52
N UNK A 992 96.19 -84.70 -36.04
CA UNK A 992 96.14 -83.26 -36.12
C UNK A 992 97.55 -82.77 -36.27
N UNK A 993 97.76 -81.53 -36.77
CA UNK A 993 99.11 -81.07 -36.82
C UNK A 993 99.18 -79.62 -36.44
N UNK A 994 99.68 -79.34 -35.23
CA UNK A 994 99.82 -78.00 -34.73
C UNK A 994 100.92 -77.26 -35.45
N UNK A 995 102.09 -77.90 -35.61
CA UNK A 995 103.16 -77.15 -36.21
C UNK A 995 103.95 -78.03 -37.11
N UNK A 996 104.48 -77.43 -38.20
CA UNK A 996 105.31 -78.18 -39.09
C UNK A 996 106.46 -77.27 -39.43
N UNK A 997 107.68 -77.82 -39.44
CA UNK A 997 108.80 -77.00 -39.78
C UNK A 997 109.52 -77.71 -40.87
N UNK A 998 109.83 -76.97 -41.96
CA UNK A 998 110.55 -77.58 -43.03
C UNK A 998 112.00 -77.55 -42.70
N UNK A 999 112.72 -78.58 -43.17
CA UNK A 999 114.14 -78.66 -43.04
C UNK A 999 114.64 -77.89 -44.19
N UNK A 1000 115.95 -78.04 -44.53
CA UNK A 1000 116.45 -77.36 -45.68
C UNK A 1000 115.59 -77.85 -46.80
N UNK A 1001 115.29 -79.16 -46.79
CA UNK A 1001 114.36 -79.72 -47.73
C UNK A 1001 113.50 -80.65 -46.95
N UNK A 1002 112.19 -80.69 -47.25
CA UNK A 1002 111.28 -81.61 -46.59
C UNK A 1002 110.81 -81.01 -45.32
N UNK A 1003 109.98 -81.75 -44.56
CA UNK A 1003 109.50 -81.22 -43.32
C UNK A 1003 109.11 -82.35 -42.41
N UNK A 1004 108.92 -82.00 -41.11
CA UNK A 1004 108.47 -82.92 -40.11
C UNK A 1004 107.25 -82.30 -39.52
N UNK A 1005 106.27 -83.11 -39.10
CA UNK A 1005 105.06 -82.52 -38.60
C UNK A 1005 104.80 -82.97 -37.20
N UNK A 1006 104.14 -82.12 -36.40
CA UNK A 1006 103.82 -82.47 -35.05
C UNK A 1006 102.35 -82.27 -34.87
N UNK A 1007 101.70 -83.24 -34.20
CA UNK A 1007 100.29 -83.21 -33.91
C UNK A 1007 100.08 -82.56 -32.58
N UNK A 1008 98.82 -82.20 -32.29
CA UNK A 1008 98.44 -81.72 -30.99
C UNK A 1008 98.66 -82.90 -30.10
N UNK A 1009 98.40 -84.09 -30.68
CA UNK A 1009 98.53 -85.39 -30.09
C UNK A 1009 99.96 -85.55 -29.71
N UNK A 1010 100.85 -84.84 -30.45
CA UNK A 1010 102.27 -84.89 -30.28
C UNK A 1010 102.86 -86.07 -30.98
N UNK A 1011 102.10 -86.75 -31.85
CA UNK A 1011 102.79 -87.74 -32.61
C UNK A 1011 103.68 -86.94 -33.51
N UNK A 1012 104.96 -87.34 -33.64
CA UNK A 1012 105.82 -86.55 -34.47
C UNK A 1012 106.28 -87.43 -35.57
N UNK A 1013 106.35 -86.88 -36.80
CA UNK A 1013 106.77 -87.73 -37.86
C UNK A 1013 107.78 -87.01 -38.68
N UNK A 1014 108.79 -87.77 -39.14
CA UNK A 1014 109.76 -87.20 -40.03
C UNK A 1014 109.35 -87.74 -41.35
N UNK A 1015 109.15 -86.87 -42.35
CA UNK A 1015 108.71 -87.42 -43.59
C UNK A 1015 109.38 -86.71 -44.70
N UNK A 1016 109.51 -87.39 -45.85
CA UNK A 1016 110.05 -86.72 -46.98
C UNK A 1016 108.85 -86.28 -47.75
N UNK A 1017 108.59 -84.96 -47.79
CA UNK A 1017 107.45 -84.52 -48.51
C UNK A 1017 107.76 -84.71 -49.94
N UNK A 1018 106.82 -85.30 -50.70
CA UNK A 1018 107.08 -85.55 -52.08
C UNK A 1018 105.98 -86.43 -52.54
N UNK A 1019 106.11 -86.94 -53.78
CA UNK A 1019 105.11 -87.82 -54.29
C UNK A 1019 105.09 -89.01 -53.38
N UNK A 1020 106.27 -89.45 -52.93
CA UNK A 1020 106.33 -90.60 -52.07
C UNK A 1020 105.56 -90.30 -50.83
N UNK A 1021 105.78 -89.10 -50.25
CA UNK A 1021 105.10 -88.71 -49.04
C UNK A 1021 105.21 -89.82 -48.04
N UNK A 1022 106.45 -90.27 -47.75
CA UNK A 1022 106.62 -91.35 -46.83
C UNK A 1022 107.25 -90.80 -45.59
N UNK A 1023 107.01 -91.45 -44.43
CA UNK A 1023 107.57 -90.97 -43.21
C UNK A 1023 108.62 -91.93 -42.75
N UNK A 1024 109.82 -91.40 -42.43
CA UNK A 1024 110.91 -92.22 -41.98
C UNK A 1024 110.58 -92.81 -40.65
N UNK A 1025 110.06 -92.01 -39.71
CA UNK A 1025 109.80 -92.53 -38.40
C UNK A 1025 108.88 -91.59 -37.68
N UNK A 1026 108.31 -92.05 -36.55
CA UNK A 1026 107.43 -91.22 -35.78
C UNK A 1026 107.61 -91.59 -34.34
N UNK A 1027 107.28 -90.65 -33.42
CA UNK A 1027 107.41 -90.96 -32.02
C UNK A 1027 106.27 -90.33 -31.30
N UNK A 1028 105.82 -90.94 -30.19
CA UNK A 1028 104.78 -90.30 -29.44
C UNK A 1028 105.25 -90.15 -28.02
N UNK A 1029 105.80 -88.96 -27.69
CA UNK A 1029 106.24 -88.70 -26.34
C UNK A 1029 105.07 -88.57 -25.42
N UNK A 1030 104.08 -87.72 -25.83
CA UNK A 1030 102.85 -87.45 -25.11
C UNK A 1030 102.95 -86.14 -24.37
N UNK A 1031 101.85 -85.78 -23.69
CA UNK A 1031 101.65 -84.65 -22.82
C UNK A 1031 101.96 -83.27 -23.38
N UNK A 1032 101.32 -82.87 -24.51
CA UNK A 1032 101.35 -81.52 -25.01
C UNK A 1032 102.74 -80.91 -25.03
N UNK A 1033 103.68 -81.63 -25.66
CA UNK A 1033 105.07 -81.38 -25.94
C UNK A 1033 105.34 -80.39 -27.06
N UNK A 1034 104.30 -80.00 -27.83
CA UNK A 1034 104.21 -79.65 -29.24
C UNK A 1034 105.28 -78.87 -29.99
N UNK A 1035 105.93 -77.78 -29.52
CA UNK A 1035 106.83 -77.10 -30.46
C UNK A 1035 107.93 -78.02 -30.96
N UNK A 1036 108.38 -77.84 -32.24
CA UNK A 1036 109.40 -78.66 -32.84
C UNK A 1036 110.30 -77.81 -33.69
N UNK A 1037 111.54 -78.30 -33.99
CA UNK A 1037 112.46 -77.57 -34.81
C UNK A 1037 113.52 -78.49 -35.33
N UNK A 1038 114.24 -78.08 -36.38
CA UNK A 1038 115.28 -78.92 -36.93
C UNK A 1038 116.60 -78.27 -36.66
N UNK A 1039 117.50 -79.00 -35.99
CA UNK A 1039 118.82 -78.51 -35.69
C UNK A 1039 119.63 -78.40 -36.94
N UNK A 1040 119.59 -79.43 -37.81
CA UNK A 1040 120.44 -79.36 -38.97
C UNK A 1040 119.60 -79.49 -40.19
N UNK A 1041 119.92 -78.65 -41.21
CA UNK A 1041 119.22 -78.67 -42.46
C UNK A 1041 119.48 -79.97 -43.12
N UNK A 1042 120.75 -80.43 -43.12
CA UNK A 1042 121.05 -81.67 -43.76
C UNK A 1042 120.27 -82.70 -43.03
N UNK A 1043 119.99 -83.85 -43.68
CA UNK A 1043 119.27 -84.87 -43.00
C UNK A 1043 120.07 -85.16 -41.78
N UNK A 1044 119.44 -84.98 -40.60
CA UNK A 1044 120.21 -85.09 -39.41
C UNK A 1044 119.29 -84.86 -38.27
N UNK A 1045 119.86 -84.38 -37.16
CA UNK A 1045 119.14 -84.18 -35.95
C UNK A 1045 118.16 -83.06 -36.07
N UNK A 1046 117.06 -83.20 -35.32
CA UNK A 1046 116.01 -82.24 -35.19
C UNK A 1046 115.64 -82.33 -33.74
N UNK A 1047 114.98 -81.31 -33.19
CA UNK A 1047 114.68 -81.40 -31.79
C UNK A 1047 113.21 -81.60 -31.65
N UNK A 1048 112.82 -82.50 -30.71
CA UNK A 1048 111.43 -82.74 -30.45
C UNK A 1048 111.31 -82.71 -28.95
N UNK A 1049 110.14 -82.25 -28.44
CA UNK A 1049 109.98 -82.18 -27.03
C UNK A 1049 109.81 -83.55 -26.48
N UNK A 1050 110.55 -83.84 -25.39
CA UNK A 1050 110.48 -85.09 -24.70
C UNK A 1050 109.57 -84.90 -23.53
N UNK A 1051 109.28 -86.00 -22.80
CA UNK A 1051 108.46 -85.92 -21.64
C UNK A 1051 109.26 -85.23 -20.58
N UNK A 1052 108.59 -84.78 -19.51
CA UNK A 1052 109.25 -84.11 -18.44
C UNK A 1052 109.85 -82.85 -18.96
N UNK A 1053 109.27 -82.31 -20.04
CA UNK A 1053 109.73 -81.06 -20.56
C UNK A 1053 111.16 -81.18 -20.95
N UNK A 1054 111.60 -82.41 -21.25
CA UNK A 1054 112.96 -82.62 -21.67
C UNK A 1054 113.01 -82.35 -23.13
N UNK A 1055 114.24 -82.12 -23.66
CA UNK A 1055 114.38 -81.91 -25.06
C UNK A 1055 115.02 -83.14 -25.61
N UNK A 1056 114.50 -83.65 -26.73
CA UNK A 1056 115.09 -84.83 -27.28
C UNK A 1056 115.63 -84.44 -28.61
N UNK A 1057 116.83 -84.97 -28.92
CA UNK A 1057 117.37 -84.68 -30.22
C UNK A 1057 117.10 -85.91 -31.02
N UNK A 1058 116.64 -85.71 -32.27
CA UNK A 1058 116.18 -86.81 -33.06
C UNK A 1058 117.09 -87.06 -34.22
N UNK A 1059 116.79 -88.16 -34.93
CA UNK A 1059 117.53 -88.69 -36.04
C UNK A 1059 118.71 -89.41 -35.47
N UNK A 1060 118.98 -89.15 -34.18
CA UNK A 1060 119.99 -89.74 -33.36
C UNK A 1060 120.61 -88.60 -32.61
N UNK A 1061 120.86 -88.77 -31.30
CA UNK A 1061 121.46 -87.73 -30.49
C UNK A 1061 121.09 -87.96 -29.06
N UNK A 1062 121.43 -86.96 -28.24
CA UNK A 1062 121.16 -86.96 -26.82
C UNK A 1062 119.97 -86.10 -26.51
N UNK A 1063 119.58 -86.07 -25.23
CA UNK A 1063 118.45 -85.28 -24.79
C UNK A 1063 118.95 -84.26 -23.81
N UNK A 1064 118.23 -83.13 -23.71
CA UNK A 1064 118.64 -82.10 -22.80
C UNK A 1064 117.65 -82.07 -21.67
N UNK A 1065 118.18 -81.94 -20.43
CA UNK A 1065 117.32 -81.87 -19.27
C UNK A 1065 117.30 -80.43 -18.89
N UNK A 1066 116.13 -79.95 -18.43
CA UNK A 1066 116.06 -78.53 -18.18
C UNK A 1066 114.67 -78.20 -17.79
N UNK A 1067 113.95 -77.62 -18.77
CA UNK A 1067 112.65 -77.05 -18.60
C UNK A 1067 111.74 -77.93 -17.81
N UNK A 1068 111.05 -77.26 -16.87
CA UNK A 1068 110.05 -77.81 -15.99
C UNK A 1068 108.80 -78.14 -16.75
N UNK A 1069 108.44 -77.31 -17.75
CA UNK A 1069 107.16 -77.47 -18.38
C UNK A 1069 107.30 -77.67 -19.86
N UNK A 1070 106.14 -77.88 -20.52
CA UNK A 1070 106.06 -78.17 -21.93
C UNK A 1070 106.79 -77.11 -22.69
N UNK A 1071 107.31 -77.48 -23.87
CA UNK A 1071 108.09 -76.55 -24.63
C UNK A 1071 107.22 -75.81 -25.58
N UNK A 1072 107.09 -74.49 -25.34
CA UNK A 1072 106.32 -73.60 -26.16
C UNK A 1072 106.97 -73.40 -27.50
N UNK A 1073 108.31 -73.19 -27.52
CA UNK A 1073 108.89 -72.90 -28.80
C UNK A 1073 110.26 -73.45 -28.88
N UNK A 1074 110.69 -73.76 -30.13
CA UNK A 1074 112.03 -74.22 -30.37
C UNK A 1074 112.49 -73.49 -31.58
N UNK A 1075 113.65 -72.81 -31.48
CA UNK A 1075 114.15 -72.13 -32.63
C UNK A 1075 115.61 -72.40 -32.67
N UNK A 1076 116.15 -72.69 -33.86
CA UNK A 1076 117.55 -72.97 -33.93
C UNK A 1076 118.16 -71.89 -34.78
N UNK A 1077 119.36 -71.43 -34.40
CA UNK A 1077 119.99 -70.42 -35.20
C UNK A 1077 121.04 -71.12 -36.00
N UNK A 1078 121.01 -70.93 -37.33
CA UNK A 1078 122.00 -71.57 -38.14
C UNK A 1078 123.31 -71.03 -37.69
N UNK A 1079 123.38 -69.70 -37.51
CA UNK A 1079 124.59 -69.11 -37.04
C UNK A 1079 124.63 -69.34 -35.57
N UNK A 1080 125.86 -69.54 -35.03
CA UNK A 1080 126.09 -69.74 -33.64
C UNK A 1080 125.62 -71.10 -33.24
N UNK A 1081 124.83 -71.77 -34.11
CA UNK A 1081 124.37 -73.11 -33.90
C UNK A 1081 123.86 -73.27 -32.50
N UNK A 1082 122.97 -72.37 -32.05
CA UNK A 1082 122.46 -72.50 -30.72
C UNK A 1082 121.00 -72.70 -30.82
N UNK A 1083 120.42 -73.51 -29.90
CA UNK A 1083 119.01 -73.73 -29.97
C UNK A 1083 118.38 -72.92 -28.88
N UNK A 1084 117.26 -72.25 -29.20
CA UNK A 1084 116.60 -71.47 -28.20
C UNK A 1084 115.32 -72.16 -27.91
N UNK A 1085 114.97 -72.26 -26.63
CA UNK A 1085 113.75 -72.92 -26.28
C UNK A 1085 113.02 -72.08 -25.30
N UNK A 1086 111.69 -72.19 -25.29
CA UNK A 1086 110.87 -71.46 -24.37
C UNK A 1086 109.93 -72.46 -23.78
N UNK A 1087 109.42 -72.20 -22.56
CA UNK A 1087 108.57 -73.19 -21.97
C UNK A 1087 107.52 -72.54 -21.14
N UNK A 1088 106.56 -73.37 -20.69
CA UNK A 1088 105.45 -73.01 -19.85
C UNK A 1088 106.04 -72.51 -18.58
N UNK A 1089 107.24 -73.03 -18.25
CA UNK A 1089 107.96 -72.72 -17.06
C UNK A 1089 108.13 -71.24 -17.01
N UNK A 1090 108.09 -70.58 -18.19
CA UNK A 1090 108.29 -69.16 -18.29
C UNK A 1090 109.73 -68.84 -18.16
N UNK A 1091 110.59 -69.80 -18.57
CA UNK A 1091 112.00 -69.57 -18.61
C UNK A 1091 112.40 -69.87 -20.02
N UNK A 1092 113.50 -69.25 -20.49
CA UNK A 1092 113.99 -69.50 -21.82
C UNK A 1092 115.34 -70.10 -21.62
N UNK A 1093 115.79 -70.94 -22.57
CA UNK A 1093 117.10 -71.50 -22.39
C UNK A 1093 117.74 -71.67 -23.72
N UNK A 1094 119.08 -71.69 -23.74
CA UNK A 1094 119.80 -71.89 -24.97
C UNK A 1094 120.53 -73.18 -24.80
N UNK A 1095 120.56 -74.03 -25.85
CA UNK A 1095 121.24 -75.28 -25.67
C UNK A 1095 122.40 -75.37 -26.60
N UNK A 1096 123.62 -75.24 -26.03
CA UNK A 1096 124.86 -75.40 -26.75
C UNK A 1096 125.13 -76.84 -27.07
N UNK A 1097 124.87 -77.75 -26.11
CA UNK A 1097 125.30 -79.11 -26.26
C UNK A 1097 124.15 -80.03 -26.51
N UNK A 1098 124.48 -81.18 -27.14
CA UNK A 1098 123.51 -82.18 -27.47
C UNK A 1098 122.92 -82.72 -26.20
N UNK A 1099 123.78 -83.03 -25.20
CA UNK A 1099 123.24 -83.53 -23.96
C UNK A 1099 123.91 -82.80 -22.85
N UNK A 1100 123.12 -82.25 -21.92
CA UNK A 1100 123.61 -81.53 -20.79
C UNK A 1100 122.56 -80.56 -20.40
N UNK A 1101 122.86 -79.75 -19.36
CA UNK A 1101 121.96 -78.70 -18.98
C UNK A 1101 122.15 -77.62 -19.99
N UNK A 1102 121.19 -76.68 -20.07
CA UNK A 1102 121.30 -75.63 -21.05
C UNK A 1102 122.42 -74.74 -20.65
N UNK A 1103 123.10 -74.14 -21.66
CA UNK A 1103 124.20 -73.27 -21.39
C UNK A 1103 123.67 -72.10 -20.66
N UNK A 1104 122.53 -71.54 -21.11
CA UNK A 1104 122.06 -70.36 -20.44
C UNK A 1104 120.61 -70.50 -20.17
N UNK A 1105 120.17 -69.88 -19.06
CA UNK A 1105 118.78 -69.80 -18.74
C UNK A 1105 118.48 -68.34 -18.81
N UNK A 1106 117.39 -67.96 -19.50
CA UNK A 1106 117.12 -66.57 -19.61
C UNK A 1106 116.22 -66.22 -18.48
N UNK A 1107 116.72 -65.33 -17.60
CA UNK A 1107 115.95 -64.89 -16.48
C UNK A 1107 116.72 -63.78 -15.86
N UNK A 1108 116.03 -62.87 -15.17
CA UNK A 1108 116.72 -61.77 -14.57
C UNK A 1108 117.37 -62.27 -13.28
N UNK A 1109 105.64 -62.65 -14.85
CA UNK A 1109 104.31 -63.26 -15.12
C UNK A 1109 104.44 -64.74 -15.10
N UNK A 1110 103.51 -65.40 -14.38
CA UNK A 1110 103.52 -66.82 -14.22
C UNK A 1110 103.31 -67.46 -15.55
N UNK A 1111 102.48 -66.82 -16.40
CA UNK A 1111 102.11 -67.38 -17.67
C UNK A 1111 103.34 -67.74 -18.44
N UNK A 1112 103.19 -68.75 -19.34
CA UNK A 1112 104.24 -69.26 -20.15
C UNK A 1112 104.49 -68.31 -21.28
N UNK A 1113 105.70 -68.40 -21.88
CA UNK A 1113 106.04 -67.56 -22.99
C UNK A 1113 105.29 -68.03 -24.19
N UNK A 1114 104.56 -67.11 -24.85
CA UNK A 1114 103.81 -67.43 -26.03
C UNK A 1114 104.75 -67.74 -27.17
N UNK A 1115 105.78 -66.89 -27.38
CA UNK A 1115 106.65 -67.14 -28.48
C UNK A 1115 107.95 -66.46 -28.23
N UNK A 1116 109.04 -67.05 -28.76
CA UNK A 1116 110.35 -66.50 -28.62
C UNK A 1116 110.91 -66.44 -30.00
N UNK A 1117 111.87 -65.52 -30.25
CA UNK A 1117 112.38 -65.45 -31.59
C UNK A 1117 113.83 -65.10 -31.54
N UNK A 1118 114.52 -65.40 -32.66
CA UNK A 1118 115.92 -65.12 -32.78
C UNK A 1118 116.08 -63.64 -32.91
N UNK A 1119 117.18 -63.16 -32.30
CA UNK A 1119 117.60 -61.79 -32.19
C UNK A 1119 118.73 -62.00 -31.24
N UNK A 1120 119.02 -61.04 -30.34
CA UNK A 1120 119.94 -61.47 -29.33
C UNK A 1120 119.17 -62.58 -28.69
N UNK A 1121 117.90 -62.29 -28.39
CA UNK A 1121 116.93 -63.22 -27.89
C UNK A 1121 115.74 -62.39 -27.58
N UNK A 1122 114.54 -62.84 -27.97
CA UNK A 1122 113.39 -62.05 -27.66
C UNK A 1122 112.32 -62.98 -27.24
N UNK A 1123 111.55 -62.60 -26.21
CA UNK A 1123 110.52 -63.48 -25.78
C UNK A 1123 109.32 -62.67 -25.47
N UNK A 1124 108.13 -63.24 -25.73
CA UNK A 1124 106.90 -62.60 -25.43
C UNK A 1124 106.14 -63.56 -24.61
N UNK A 1125 105.34 -63.04 -23.67
CA UNK A 1125 104.56 -63.84 -22.77
C UNK A 1125 103.57 -62.86 -22.25
N UNK A 1126 103.05 -63.10 -21.04
CA UNK A 1126 102.17 -62.13 -20.48
C UNK A 1126 103.02 -60.89 -20.41
N UNK A 1127 104.30 -61.10 -20.04
CA UNK A 1127 105.29 -60.07 -19.98
C UNK A 1127 105.97 -60.01 -21.32
N UNK A 1128 106.97 -59.12 -21.46
CA UNK A 1128 107.76 -59.06 -22.66
C UNK A 1128 109.18 -58.84 -22.24
N UNK A 1129 110.14 -59.50 -22.91
CA UNK A 1129 111.51 -59.30 -22.51
C UNK A 1129 112.42 -59.47 -23.67
N UNK A 1130 113.59 -58.81 -23.60
CA UNK A 1130 114.60 -58.93 -24.61
C UNK A 1130 115.77 -59.49 -23.88
N UNK A 1131 116.56 -60.35 -24.55
CA UNK A 1131 117.63 -60.95 -23.83
C UNK A 1131 118.90 -60.75 -24.59
N UNK A 1132 120.01 -60.73 -23.83
CA UNK A 1132 121.33 -60.67 -24.36
C UNK A 1132 121.96 -61.88 -23.75
N UNK A 1133 123.02 -62.45 -24.35
CA UNK A 1133 123.56 -63.55 -23.59
C UNK A 1133 124.13 -62.89 -22.36
N UNK A 1134 123.45 -63.02 -21.17
CA UNK A 1134 123.76 -62.32 -19.93
C UNK A 1134 122.51 -62.08 -19.10
N UNK A 1135 122.01 -60.82 -19.10
CA UNK A 1135 120.89 -60.33 -18.34
C UNK A 1135 119.86 -59.78 -19.29
N UNK A 1136 118.69 -59.33 -18.77
CA UNK A 1136 117.64 -58.85 -19.64
C UNK A 1136 118.13 -57.65 -20.38
N UNK A 1137 118.04 -57.71 -21.72
CA UNK A 1137 118.46 -56.61 -22.55
C UNK A 1137 117.54 -55.46 -22.37
N UNK A 1138 116.22 -55.73 -22.39
CA UNK A 1138 115.25 -54.67 -22.27
C UNK A 1138 113.95 -55.29 -21.88
N UNK A 1139 112.98 -54.47 -21.43
CA UNK A 1139 111.72 -55.02 -21.02
C UNK A 1139 110.61 -54.18 -21.58
N UNK A 1140 109.41 -54.79 -21.73
CA UNK A 1140 108.26 -54.07 -22.21
C UNK A 1140 107.29 -54.01 -21.08
N UNK A 1141 106.62 -52.85 -20.94
CA UNK A 1141 105.78 -52.46 -19.85
C UNK A 1141 104.47 -53.18 -19.65
N UNK A 1142 103.67 -53.44 -20.72
CA UNK A 1142 102.26 -53.82 -20.69
C UNK A 1142 101.92 -54.56 -19.42
N UNK A 1143 101.40 -53.78 -18.45
CA UNK A 1143 101.23 -54.25 -17.10
C UNK A 1143 100.27 -55.39 -17.01
N UNK A 1144 99.04 -55.22 -17.50
CA UNK A 1144 98.21 -56.37 -17.37
C UNK A 1144 97.65 -56.62 -18.72
N UNK A 1145 98.53 -57.02 -19.65
CA UNK A 1145 98.00 -57.33 -20.93
C UNK A 1145 98.77 -58.51 -21.40
N UNK A 1146 98.11 -59.67 -21.51
CA UNK A 1146 98.81 -60.83 -21.96
C UNK A 1146 99.04 -60.62 -23.41
N UNK A 1147 100.17 -61.18 -23.94
CA UNK A 1147 100.41 -61.04 -25.34
C UNK A 1147 100.05 -62.35 -25.97
N UNK A 1148 99.16 -62.30 -26.98
CA UNK A 1148 98.72 -63.48 -27.66
C UNK A 1148 99.86 -64.08 -28.42
N UNK A 1149 100.61 -63.25 -29.16
CA UNK A 1149 101.69 -63.82 -29.93
C UNK A 1149 102.63 -62.72 -30.30
N UNK A 1150 103.88 -63.08 -30.63
CA UNK A 1150 104.81 -62.06 -31.04
C UNK A 1150 105.56 -62.60 -32.22
N UNK A 1151 105.81 -61.72 -33.21
CA UNK A 1151 106.53 -62.12 -34.37
C UNK A 1151 107.68 -61.19 -34.51
N UNK A 1152 108.77 -61.68 -35.13
CA UNK A 1152 109.92 -60.85 -35.32
C UNK A 1152 110.04 -60.62 -36.79
N UNK A 1153 110.50 -59.41 -37.18
CA UNK A 1153 110.62 -59.07 -38.57
C UNK A 1153 111.70 -59.90 -39.16
N UNK A 1154 111.73 -60.02 -40.49
CA UNK A 1154 112.73 -60.82 -41.13
C UNK A 1154 114.03 -60.24 -40.71
N UNK A 1155 114.14 -58.89 -40.78
CA UNK A 1155 115.28 -58.29 -40.19
C UNK A 1155 114.77 -58.04 -38.82
N UNK A 1156 115.47 -58.50 -37.77
CA UNK A 1156 114.81 -58.34 -36.51
C UNK A 1156 115.06 -56.97 -35.97
N UNK A 1157 114.66 -55.95 -36.74
CA UNK A 1157 114.67 -54.59 -36.30
C UNK A 1157 113.54 -54.42 -35.33
N UNK A 1158 112.38 -55.02 -35.67
CA UNK A 1158 111.22 -54.77 -34.86
C UNK A 1158 110.55 -56.06 -34.52
N UNK A 1159 109.87 -56.06 -33.36
CA UNK A 1159 109.11 -57.19 -32.94
C UNK A 1159 107.71 -56.70 -32.75
N UNK A 1160 106.72 -57.43 -33.30
CA UNK A 1160 105.38 -56.98 -33.15
C UNK A 1160 104.68 -58.01 -32.33
N UNK A 1161 103.81 -57.56 -31.42
CA UNK A 1161 103.09 -58.49 -30.60
C UNK A 1161 101.69 -58.01 -30.50
N UNK A 1162 100.75 -58.94 -30.27
CA UNK A 1162 99.38 -58.51 -30.16
C UNK A 1162 99.03 -58.57 -28.71
N UNK A 1163 98.60 -57.43 -28.14
CA UNK A 1163 98.17 -57.42 -26.77
C UNK A 1163 96.81 -58.05 -26.80
N UNK A 1164 96.49 -58.84 -25.77
CA UNK A 1164 95.26 -59.55 -25.80
C UNK A 1164 94.11 -58.66 -25.46
N UNK A 1165 92.97 -58.93 -26.15
CA UNK A 1165 91.70 -58.36 -25.88
C UNK A 1165 90.84 -59.57 -25.93
N UNK A 1166 90.03 -59.82 -24.90
CA UNK A 1166 89.35 -61.08 -24.90
C UNK A 1166 88.55 -61.16 -23.66
N UNK A 1167 88.64 -62.32 -22.98
CA UNK A 1167 87.88 -62.54 -21.78
C UNK A 1167 88.24 -61.43 -20.85
N UNK A 1168 89.54 -61.07 -20.77
CA UNK A 1168 89.85 -59.97 -19.92
C UNK A 1168 89.70 -58.75 -20.76
N UNK A 1169 88.74 -57.88 -20.40
CA UNK A 1169 88.52 -56.70 -21.18
C UNK A 1169 89.54 -55.69 -20.77
N UNK A 1170 90.01 -54.88 -21.73
CA UNK A 1170 90.94 -53.84 -21.41
C UNK A 1170 91.07 -53.00 -22.64
N UNK A 1171 91.49 -51.73 -22.48
CA UNK A 1171 91.71 -50.99 -23.68
C UNK A 1171 92.95 -51.59 -24.20
N UNK A 1172 92.82 -52.36 -25.29
CA UNK A 1172 93.93 -53.12 -25.76
C UNK A 1172 93.57 -53.63 -27.11
N UNK A 1173 94.03 -54.85 -27.41
CA UNK A 1173 93.80 -55.37 -28.72
C UNK A 1173 94.55 -54.48 -29.63
N UNK A 1174 95.70 -53.98 -29.13
CA UNK A 1174 96.50 -53.14 -29.96
C UNK A 1174 97.71 -53.93 -30.31
N UNK A 1175 98.14 -53.84 -31.57
CA UNK A 1175 99.35 -54.53 -31.93
C UNK A 1175 100.42 -53.52 -31.79
N UNK A 1176 101.44 -53.82 -30.98
CA UNK A 1176 102.45 -52.83 -30.79
C UNK A 1176 103.70 -53.35 -31.43
N UNK A 1177 104.35 -52.49 -32.24
CA UNK A 1177 105.59 -52.90 -32.82
C UNK A 1177 106.63 -52.19 -32.03
N UNK A 1178 107.65 -52.92 -31.59
CA UNK A 1178 108.65 -52.27 -30.80
C UNK A 1178 109.87 -52.16 -31.64
N UNK A 1179 110.53 -50.99 -31.59
CA UNK A 1179 111.74 -50.84 -32.35
C UNK A 1179 112.81 -51.47 -31.47
N UNK A 1180 115.11 -49.85 -21.87
CA UNK A 1180 114.03 -49.86 -20.87
C UNK A 1180 112.80 -50.49 -21.44
N UNK A 1181 111.70 -49.72 -21.43
CA UNK A 1181 110.37 -50.10 -21.82
C UNK A 1181 110.37 -50.52 -23.24
N UNK A 1182 111.37 -50.09 -24.04
CA UNK A 1182 111.33 -50.36 -25.44
C UNK A 1182 110.08 -49.77 -26.00
N UNK A 1183 110.23 -48.51 -26.49
CA UNK A 1183 109.16 -47.74 -27.03
C UNK A 1183 108.57 -48.46 -28.19
N UNK A 1184 107.26 -48.23 -28.41
CA UNK A 1184 106.61 -48.90 -29.49
C UNK A 1184 106.67 -47.98 -30.67
N UNK A 1185 107.28 -48.49 -31.77
CA UNK A 1185 107.39 -47.73 -32.97
C UNK A 1185 106.04 -47.51 -33.55
N UNK A 1186 105.20 -48.57 -33.58
CA UNK A 1186 103.92 -48.40 -34.21
C UNK A 1186 102.86 -49.01 -33.35
N UNK A 1187 101.62 -48.51 -33.51
CA UNK A 1187 100.53 -49.07 -32.77
C UNK A 1187 99.43 -49.37 -33.74
N UNK A 1188 98.73 -50.50 -33.53
CA UNK A 1188 97.64 -50.85 -34.39
C UNK A 1188 96.51 -51.24 -33.51
N UNK A 1189 95.27 -51.03 -33.97
CA UNK A 1189 94.18 -51.39 -33.12
C UNK A 1189 93.37 -52.44 -33.80
N UNK A 1190 93.14 -53.56 -33.09
CA UNK A 1190 92.31 -54.63 -33.54
C UNK A 1190 92.72 -55.83 -32.76
N UNK A 1191 91.76 -56.70 -32.41
CA UNK A 1191 92.14 -57.87 -31.68
C UNK A 1191 92.84 -58.75 -32.64
N UNK A 1192 93.88 -59.48 -32.19
CA UNK A 1192 94.54 -60.30 -33.16
C UNK A 1192 94.79 -61.65 -32.60
N UNK A 1193 94.32 -62.69 -33.32
CA UNK A 1193 94.61 -64.04 -32.95
C UNK A 1193 96.07 -64.24 -33.20
N UNK A 1194 96.56 -63.71 -34.34
CA UNK A 1194 97.94 -63.86 -34.68
C UNK A 1194 98.25 -62.86 -35.76
N UNK A 1195 99.56 -62.63 -36.00
CA UNK A 1195 99.97 -61.71 -37.01
C UNK A 1195 101.19 -62.30 -37.66
N UNK A 1196 101.49 -61.84 -38.90
CA UNK A 1196 102.64 -62.35 -39.60
C UNK A 1196 103.26 -61.21 -40.33
N UNK A 1197 104.57 -61.32 -40.62
CA UNK A 1197 105.24 -60.26 -41.31
C UNK A 1197 105.62 -60.76 -42.67
N UNK A 1198 105.58 -59.85 -43.65
CA UNK A 1198 105.97 -60.19 -44.99
C UNK A 1198 107.46 -60.20 -45.00
N UNK A 1199 108.07 -60.80 -46.03
CA UNK A 1199 109.50 -60.86 -46.12
C UNK A 1199 109.98 -59.44 -46.17
N UNK A 1200 109.25 -58.60 -46.91
CA UNK A 1200 109.58 -57.21 -47.06
C UNK A 1200 109.54 -56.57 -45.71
N UNK A 1201 108.60 -57.03 -44.86
CA UNK A 1201 108.40 -56.46 -43.55
C UNK A 1201 107.72 -55.15 -43.74
N UNK A 1202 107.30 -54.87 -44.98
CA UNK A 1202 106.55 -53.69 -45.29
C UNK A 1202 105.21 -53.79 -44.65
N UNK A 1203 104.56 -54.99 -44.72
CA UNK A 1203 103.23 -55.09 -44.21
C UNK A 1203 103.13 -56.25 -43.27
N UNK A 1204 102.09 -56.21 -42.41
CA UNK A 1204 101.87 -57.28 -41.49
C UNK A 1204 100.45 -57.73 -41.68
N UNK A 1205 100.21 -59.05 -41.51
CA UNK A 1205 98.87 -59.52 -41.65
C UNK A 1205 98.34 -59.66 -40.27
N UNK A 1206 97.10 -59.18 -40.04
CA UNK A 1206 96.53 -59.27 -38.73
C UNK A 1206 95.39 -60.24 -38.80
N UNK A 1207 95.30 -61.11 -37.79
CA UNK A 1207 94.22 -62.04 -37.76
C UNK A 1207 93.30 -61.58 -36.69
N UNK A 1208 91.98 -61.56 -36.97
CA UNK A 1208 91.04 -61.11 -35.99
C UNK A 1208 89.82 -61.96 -36.14
N UNK A 1209 88.90 -61.87 -35.16
CA UNK A 1209 87.70 -62.64 -35.26
C UNK A 1209 87.01 -62.14 -36.49
N UNK A 1210 87.03 -60.82 -36.69
CA UNK A 1210 86.42 -60.22 -37.84
C UNK A 1210 87.33 -60.48 -38.99
N UNK A 1211 87.02 -59.86 -40.14
CA UNK A 1211 87.85 -60.04 -41.29
C UNK A 1211 89.23 -59.65 -40.90
N UNK A 1212 90.24 -60.31 -41.49
CA UNK A 1212 91.60 -60.03 -41.15
C UNK A 1212 91.95 -58.73 -41.76
N UNK A 1213 92.98 -58.07 -41.22
CA UNK A 1213 93.38 -56.81 -41.75
C UNK A 1213 94.80 -56.92 -42.18
N UNK A 1214 95.15 -56.20 -43.26
CA UNK A 1214 96.52 -56.14 -43.69
C UNK A 1214 96.89 -54.71 -43.50
N UNK A 1215 97.98 -54.42 -42.77
CA UNK A 1215 98.33 -53.04 -42.56
C UNK A 1215 99.73 -52.87 -43.01
N UNK A 1216 100.08 -51.67 -43.52
CA UNK A 1216 101.42 -51.46 -43.98
C UNK A 1216 102.13 -50.62 -42.98
N UNK A 1217 103.39 -50.98 -42.69
CA UNK A 1217 104.20 -50.21 -41.78
C UNK A 1217 105.27 -49.60 -42.61
N UNK A 1218 105.63 -48.33 -42.32
CA UNK A 1218 106.65 -47.72 -43.12
C UNK A 1218 107.95 -47.91 -42.41
N UNK A 1219 108.93 -48.47 -43.13
CA UNK A 1219 110.22 -48.66 -42.53
C UNK A 1219 110.75 -47.31 -42.22
N UNK A 1220 110.57 -46.36 -43.16
CA UNK A 1220 111.03 -45.02 -42.97
C UNK A 1220 109.95 -44.12 -43.44
N UNK A 1221 109.96 -42.87 -42.98
CA UNK A 1221 108.96 -41.93 -43.40
C UNK A 1221 109.12 -41.80 -44.92
N MET B 7 51.76 -27.19 -11.09
CA MET B 7 50.81 -27.58 -10.04
C MET B 7 49.46 -27.40 -10.63
N ASP B 8 48.42 -27.87 -9.94
CA ASP B 8 47.11 -27.72 -10.44
C ASP B 8 46.85 -26.26 -10.33
N PHE B 9 45.77 -25.75 -10.93
CA PHE B 9 45.55 -24.33 -10.80
C PHE B 9 45.40 -24.04 -9.35
N GLU B 10 44.56 -24.84 -8.66
CA GLU B 10 44.35 -24.60 -7.26
C GLU B 10 45.63 -24.80 -6.52
N THR B 11 46.45 -25.78 -6.94
CA THR B 11 47.66 -26.02 -6.21
C THR B 11 48.49 -24.77 -6.27
N GLY B 12 48.68 -24.24 -7.49
CA GLY B 12 49.48 -23.07 -7.71
C GLY B 12 48.86 -21.89 -7.06
N GLU B 13 47.53 -21.76 -7.17
CA GLU B 13 46.87 -20.61 -6.64
C GLU B 13 47.11 -20.57 -5.18
N HIS B 14 46.96 -21.72 -4.51
CA HIS B 14 47.17 -21.80 -3.11
C HIS B 14 48.61 -21.63 -2.77
N GLN B 15 49.54 -22.20 -3.56
CA GLN B 15 50.93 -22.07 -3.23
C GLN B 15 51.27 -20.62 -3.33
N TYR B 16 50.75 -20.01 -4.40
CA TYR B 16 50.93 -18.65 -4.74
C TYR B 16 50.41 -17.79 -3.62
N GLN B 17 49.25 -18.16 -3.04
CA GLN B 17 48.68 -17.43 -1.94
C GLN B 17 49.44 -17.66 -0.68
N TYR B 18 49.78 -18.94 -0.45
CA TYR B 18 50.33 -19.58 0.70
C TYR B 18 51.74 -19.15 0.93
N LYS B 19 52.34 -18.41 -0.02
CA LYS B 19 53.72 -18.02 -0.04
C LYS B 19 54.22 -17.34 1.21
N ASP B 20 53.61 -16.21 1.63
CA ASP B 20 54.14 -15.43 2.72
C ASP B 20 54.23 -16.30 3.92
N ILE B 21 53.19 -17.12 4.12
CA ILE B 21 53.24 -18.00 5.25
C ILE B 21 54.40 -18.96 5.10
N LEU B 22 54.65 -19.51 3.90
CA LEU B 22 55.77 -20.41 3.87
C LEU B 22 57.05 -19.70 4.17
N SER B 23 57.28 -18.54 3.52
CA SER B 23 58.55 -17.91 3.66
C SER B 23 58.80 -17.57 5.09
N VAL B 24 57.84 -16.89 5.73
CA VAL B 24 58.00 -16.48 7.09
C VAL B 24 58.03 -17.66 8.00
N PHE B 25 57.20 -18.68 7.74
CA PHE B 25 57.07 -19.71 8.73
C PHE B 25 58.38 -20.39 8.95
N GLU B 26 58.96 -20.95 7.88
CA GLU B 26 60.19 -21.65 8.03
C GLU B 26 61.23 -20.67 8.33
N ASP B 27 61.18 -19.43 7.79
CA ASP B 27 62.19 -18.39 7.88
C ASP B 27 63.12 -18.58 9.03
N ALA B 28 64.44 -18.60 8.74
CA ALA B 28 65.51 -18.84 9.66
C ALA B 28 65.62 -20.31 9.90
N PHE B 29 64.49 -21.02 9.86
CA PHE B 29 64.34 -22.44 9.74
C PHE B 29 64.33 -22.85 8.29
N VAL B 30 63.73 -22.04 7.39
CA VAL B 30 63.64 -22.39 6.00
C VAL B 30 65.02 -22.49 5.46
N ASP B 31 65.88 -21.55 5.86
CA ASP B 31 67.22 -21.54 5.35
C ASP B 31 67.89 -22.81 5.78
N ASN B 32 67.72 -23.17 7.06
CA ASN B 32 68.39 -24.32 7.58
C ASN B 32 67.88 -25.53 6.88
N PHE B 33 66.55 -25.62 6.67
CA PHE B 33 66.07 -26.84 6.10
C PHE B 33 66.57 -26.98 4.71
N ASP B 34 66.68 -25.87 3.92
CA ASP B 34 67.16 -25.98 2.56
C ASP B 34 68.53 -26.56 2.55
N CYS B 35 69.41 -26.10 3.44
CA CYS B 35 70.75 -26.57 3.39
C CYS B 35 70.74 -28.06 3.58
N LYS B 36 69.92 -28.55 4.53
CA LYS B 36 69.79 -29.95 4.81
C LYS B 36 69.19 -30.54 3.58
N ASP B 37 68.35 -29.71 2.93
CA ASP B 37 67.42 -30.00 1.89
C ASP B 37 67.98 -30.53 0.63
N VAL B 38 69.29 -30.33 0.40
CA VAL B 38 69.86 -30.65 -0.88
C VAL B 38 69.55 -32.04 -1.30
N GLN B 39 69.32 -33.03 -0.44
CA GLN B 39 68.99 -34.21 -1.19
C GLN B 39 67.59 -34.08 -1.79
N ASP B 40 66.67 -33.57 -0.98
CA ASP B 40 65.29 -33.40 -1.43
C ASP B 40 65.22 -32.65 -2.74
N MET B 41 65.64 -31.38 -2.72
CA MET B 41 65.63 -30.55 -3.91
C MET B 41 66.25 -31.26 -5.10
N PRO B 42 67.12 -32.22 -4.81
CA PRO B 42 67.79 -33.00 -5.85
C PRO B 42 66.92 -34.14 -6.37
N LYS B 43 65.62 -34.06 -6.10
CA LYS B 43 64.69 -35.09 -6.54
C LYS B 43 63.44 -34.47 -7.17
N SER B 44 62.65 -35.30 -7.84
CA SER B 44 61.43 -34.83 -8.49
C SER B 44 60.91 -33.55 -7.84
N ILE B 45 61.83 -32.76 -7.32
CA ILE B 45 61.47 -31.50 -6.66
C ILE B 45 62.36 -30.36 -7.13
N LEU B 46 63.68 -30.57 -7.07
CA LEU B 46 64.63 -29.55 -7.48
C LEU B 46 65.99 -30.17 -7.78
N SER B 47 66.35 -30.23 -9.05
CA SER B 47 67.63 -30.80 -9.47
C SER B 47 68.73 -30.47 -8.47
N LYS B 48 69.82 -31.23 -8.52
CA LYS B 48 70.91 -31.02 -7.64
C LYS B 48 71.33 -29.60 -7.78
N GLU B 49 71.37 -29.13 -9.03
CA GLU B 49 71.82 -27.80 -9.28
C GLU B 49 70.85 -26.86 -8.66
N GLU B 50 69.55 -27.19 -8.74
CA GLU B 50 68.56 -26.28 -8.29
C GLU B 50 68.64 -26.07 -6.81
N ILE B 51 69.01 -27.07 -5.99
CA ILE B 51 68.99 -26.71 -4.59
C ILE B 51 70.07 -25.72 -4.35
N ASP B 52 71.23 -25.94 -4.98
CA ASP B 52 72.33 -25.03 -4.81
C ASP B 52 71.88 -23.72 -5.32
N HIS B 53 71.02 -23.74 -6.35
CA HIS B 53 70.55 -22.51 -6.93
C HIS B 53 69.84 -21.72 -5.87
N ILE B 54 68.87 -22.33 -5.16
CA ILE B 54 68.11 -21.58 -4.18
C ILE B 54 69.02 -21.16 -3.07
N ILE B 55 69.91 -22.08 -2.69
CA ILE B 55 70.79 -21.89 -1.57
C ILE B 55 71.62 -20.67 -1.81
N MET B 56 72.08 -20.49 -3.05
CA MET B 56 72.99 -19.42 -3.37
C MET B 56 72.37 -18.08 -3.10
N SER B 57 71.09 -17.87 -3.49
CA SER B 57 70.48 -16.60 -3.22
C SER B 57 70.53 -16.39 -1.75
N LYS B 58 71.39 -15.43 -1.35
CA LYS B 58 71.74 -15.18 0.01
C LYS B 58 70.56 -14.78 0.80
N ASP B 59 69.81 -13.79 0.28
CA ASP B 59 68.81 -13.14 1.06
C ASP B 59 67.77 -14.12 1.36
N ALA B 60 67.21 -14.04 2.59
CA ALA B 60 66.23 -14.98 3.00
C ALA B 60 65.07 -14.88 2.08
N VAL B 61 64.70 -13.63 1.71
CA VAL B 61 63.58 -13.42 0.85
C VAL B 61 63.88 -14.06 -0.47
N SER B 62 65.11 -13.86 -0.97
CA SER B 62 65.52 -14.37 -2.25
C SER B 62 65.52 -15.86 -2.22
N GLY B 63 65.98 -16.43 -1.10
CA GLY B 63 66.09 -17.87 -1.03
C GLY B 63 64.72 -18.45 -1.16
N THR B 64 63.74 -17.86 -0.47
CA THR B 64 62.42 -18.42 -0.52
C THR B 64 61.86 -18.26 -1.90
N LEU B 65 62.08 -17.09 -2.51
CA LEU B 65 61.54 -16.81 -3.82
C LEU B 65 62.17 -17.74 -4.81
N ARG B 66 63.48 -17.99 -4.68
CA ARG B 66 64.13 -18.81 -5.65
C ARG B 66 63.52 -20.18 -5.66
N LEU B 67 63.31 -20.79 -4.49
CA LEU B 67 62.79 -22.12 -4.46
C LEU B 67 61.40 -22.14 -5.01
N PHE B 68 60.57 -21.13 -4.69
CA PHE B 68 59.22 -21.15 -5.18
C PHE B 68 59.26 -21.09 -6.67
N TRP B 69 60.21 -20.30 -7.21
CA TRP B 69 60.31 -20.13 -8.63
C TRP B 69 60.55 -21.45 -9.29
N THR B 70 61.51 -22.24 -8.77
CA THR B 70 61.82 -23.50 -9.39
C THR B 70 60.62 -24.39 -9.32
N LEU B 71 59.90 -24.33 -8.19
CA LEU B 71 58.75 -25.15 -7.93
C LEU B 71 57.68 -24.88 -8.95
N LEU B 72 57.51 -23.62 -9.36
CA LEU B 72 56.44 -23.28 -10.26
C LEU B 72 56.63 -23.99 -11.57
N SER B 73 57.87 -24.11 -12.04
CA SER B 73 58.17 -24.66 -13.33
C SER B 73 57.74 -26.08 -13.38
N LYS B 74 57.49 -26.71 -12.23
CA LYS B 74 57.11 -28.07 -12.33
C LYS B 74 55.65 -28.22 -12.38
N GLN B 75 55.27 -29.49 -12.48
CA GLN B 75 53.94 -29.90 -12.65
C GLN B 75 53.30 -30.07 -11.32
N GLU B 76 52.03 -30.52 -11.37
CA GLU B 76 51.27 -30.81 -10.19
C GLU B 76 52.03 -31.81 -9.41
N GLU B 77 52.74 -32.71 -10.11
CA GLU B 77 53.42 -33.77 -9.44
C GLU B 77 54.37 -33.18 -8.45
N MET B 78 55.05 -32.08 -8.83
CA MET B 78 56.03 -31.48 -7.98
C MET B 78 55.41 -31.03 -6.69
N VAL B 79 54.20 -30.42 -6.74
CA VAL B 79 53.65 -29.95 -5.51
C VAL B 79 53.42 -31.14 -4.63
N GLN B 80 52.99 -32.26 -5.22
CA GLN B 80 52.72 -33.45 -4.46
C GLN B 80 53.99 -33.95 -3.86
N LYS B 81 55.11 -33.93 -4.62
CA LYS B 81 56.32 -34.44 -4.07
C LYS B 81 56.76 -33.56 -2.93
N PHE B 82 56.68 -32.23 -3.14
CA PHE B 82 57.07 -31.25 -2.18
C PHE B 82 56.21 -31.41 -0.97
N VAL B 83 54.89 -31.64 -1.16
CA VAL B 83 54.08 -31.75 0.01
C VAL B 83 54.54 -32.94 0.79
N GLU B 84 54.96 -34.00 0.08
CA GLU B 84 55.38 -35.20 0.75
C GLU B 84 56.60 -34.90 1.57
N GLU B 85 57.55 -34.12 1.01
CA GLU B 85 58.75 -33.85 1.75
C GLU B 85 58.40 -33.09 2.98
N VAL B 86 57.40 -32.19 2.91
CA VAL B 86 57.07 -31.40 4.06
C VAL B 86 56.57 -32.28 5.15
N LEU B 87 55.75 -33.30 4.80
CA LEU B 87 55.20 -34.19 5.80
C LEU B 87 56.32 -35.00 6.38
N ARG B 88 57.27 -35.45 5.54
CA ARG B 88 58.36 -36.24 6.02
C ARG B 88 59.12 -35.40 7.00
N ILE B 89 59.28 -34.12 6.65
CA ILE B 89 59.93 -33.14 7.48
C ILE B 89 59.10 -33.03 8.71
N ASN B 90 57.79 -33.28 8.57
CA ASN B 90 56.80 -33.12 9.59
C ASN B 90 56.98 -31.75 10.07
N TYR B 91 56.88 -30.89 9.05
CA TYR B 91 56.89 -29.50 9.26
C TYR B 91 55.43 -29.33 9.49
N LYS B 92 55.02 -29.72 10.70
CA LYS B 92 53.66 -30.02 10.99
C LYS B 92 52.72 -28.91 10.69
N PHE B 93 52.95 -27.71 11.23
CA PHE B 93 51.94 -26.72 11.04
C PHE B 93 51.86 -26.39 9.60
N LEU B 94 53.00 -26.19 8.94
CA LEU B 94 52.96 -25.77 7.57
C LEU B 94 52.37 -26.83 6.73
N MET B 95 52.68 -28.11 7.02
CA MET B 95 52.16 -29.11 6.16
C MET B 95 50.68 -29.17 6.27
N SER B 96 50.10 -28.92 7.47
CA SER B 96 48.66 -28.99 7.60
C SER B 96 48.00 -28.00 6.68
N PRO B 97 48.31 -26.73 6.72
CA PRO B 97 47.70 -25.90 5.72
C PRO B 97 48.01 -26.24 4.29
N ILE B 98 49.17 -26.81 3.97
CA ILE B 98 49.34 -27.11 2.58
C ILE B 98 48.34 -28.16 2.17
N LYS B 99 48.10 -29.19 3.03
CA LYS B 99 47.18 -30.20 2.60
C LYS B 99 45.79 -29.66 2.47
N THR B 100 45.39 -28.70 3.30
CA THR B 100 44.06 -28.19 3.17
C THR B 100 43.97 -27.53 1.82
N GLU B 101 45.06 -26.88 1.43
CA GLU B 101 45.23 -26.16 0.21
C GLU B 101 44.95 -27.05 -0.95
N GLN B 102 45.50 -28.29 -0.97
CA GLN B 102 45.26 -29.09 -2.13
C GLN B 102 43.79 -29.35 -2.28
N ARG B 103 43.27 -28.95 -3.47
CA ARG B 103 41.90 -29.02 -3.91
C ARG B 103 40.93 -28.35 -2.97
N GLN B 104 41.07 -27.02 -2.76
CA GLN B 104 40.14 -26.29 -1.92
C GLN B 104 39.88 -24.94 -2.53
N PRO B 105 38.63 -24.52 -2.57
CA PRO B 105 38.31 -23.19 -3.06
C PRO B 105 38.32 -22.14 -1.98
N SER B 106 38.39 -20.84 -2.34
CA SER B 106 38.34 -19.76 -1.38
C SER B 106 38.18 -18.49 -2.16
N MET B 107 37.62 -17.44 -1.51
CA MET B 107 37.47 -16.17 -2.19
C MET B 107 38.83 -15.62 -2.50
N MET B 108 39.75 -15.65 -1.51
CA MET B 108 41.06 -15.11 -1.69
C MET B 108 41.82 -15.90 -2.70
N THR B 109 41.67 -17.23 -2.67
CA THR B 109 42.39 -18.06 -3.59
C THR B 109 41.96 -17.75 -4.98
N ARG B 110 40.63 -17.62 -5.16
CA ARG B 110 40.07 -17.41 -6.46
C ARG B 110 40.55 -16.12 -7.02
N MET B 111 40.63 -15.07 -6.19
CA MET B 111 41.05 -13.81 -6.72
C MET B 111 42.47 -13.90 -7.18
N TYR B 112 43.34 -14.62 -6.45
CA TYR B 112 44.71 -14.67 -6.82
C TYR B 112 44.88 -15.37 -8.13
N ILE B 113 44.16 -16.48 -8.35
CA ILE B 113 44.28 -17.22 -9.58
C ILE B 113 43.87 -16.36 -10.72
N GLU B 114 42.78 -15.59 -10.52
CA GLU B 114 42.25 -14.75 -11.55
C GLU B 114 43.28 -13.76 -11.97
N GLN B 115 43.97 -13.15 -10.98
CA GLN B 115 44.93 -12.12 -11.27
C GLN B 115 46.05 -12.70 -12.07
N ARG B 116 46.50 -13.91 -11.70
CA ARG B 116 47.59 -14.56 -12.36
C ARG B 116 47.24 -14.79 -13.82
N ASP B 117 46.01 -15.26 -14.10
CA ASP B 117 45.64 -15.56 -15.45
C ASP B 117 45.63 -14.29 -16.24
N ARG B 118 45.14 -13.20 -15.65
CA ARG B 118 45.03 -11.97 -16.38
C ARG B 118 46.40 -11.52 -16.80
N LEU B 119 47.41 -11.62 -15.90
CA LEU B 119 48.68 -11.14 -16.32
C LEU B 119 49.24 -11.97 -17.43
N TYR B 120 48.99 -13.30 -17.43
CA TYR B 120 49.52 -14.10 -18.48
C TYR B 120 48.95 -13.62 -19.78
N ASN B 121 47.64 -13.35 -19.81
CA ASN B 121 46.95 -12.96 -21.02
C ASN B 121 47.54 -11.67 -21.48
N ASP B 122 47.90 -10.80 -20.54
CA ASP B 122 48.43 -9.50 -20.83
C ASP B 122 49.70 -9.65 -21.59
N ASN B 123 50.56 -10.63 -21.25
CA ASN B 123 51.77 -10.57 -22.01
C ASN B 123 52.58 -11.83 -21.99
N GLN B 124 52.54 -12.61 -20.88
CA GLN B 124 53.47 -13.70 -20.72
C GLN B 124 53.20 -14.85 -21.66
N VAL B 125 53.63 -14.70 -22.93
CA VAL B 125 53.63 -15.76 -23.90
C VAL B 125 54.85 -16.58 -23.69
N PHE B 126 55.96 -15.85 -23.69
CA PHE B 126 57.25 -16.33 -23.40
C PHE B 126 58.04 -15.32 -22.89
N ALA B 127 59.09 -15.98 -22.60
CA ALA B 127 60.16 -15.57 -21.94
C ALA B 127 60.47 -16.87 -21.36
N LYS B 128 61.19 -17.67 -22.13
CA LYS B 128 61.41 -18.99 -21.67
C LYS B 128 62.24 -18.94 -20.46
N TYR B 129 63.35 -18.19 -20.48
CA TYR B 129 64.08 -18.29 -19.25
C TYR B 129 64.53 -16.97 -18.76
N ASN B 130 64.59 -16.86 -17.43
CA ASN B 130 64.71 -15.57 -16.83
C ASN B 130 65.60 -15.55 -15.65
N VAL B 131 66.23 -14.37 -15.47
CA VAL B 131 67.22 -13.94 -14.55
C VAL B 131 66.41 -13.37 -13.47
N SER B 132 66.78 -13.69 -12.23
CA SER B 132 65.92 -13.25 -11.19
C SER B 132 66.59 -12.09 -10.57
N ARG B 133 65.94 -10.92 -10.68
CA ARG B 133 66.50 -9.76 -10.10
C ARG B 133 65.71 -9.67 -8.90
N LEU B 134 66.20 -10.33 -7.88
CA LEU B 134 65.38 -10.22 -6.77
C LEU B 134 65.49 -8.80 -6.31
N GLN B 135 66.68 -8.20 -6.49
CA GLN B 135 66.84 -6.89 -5.95
C GLN B 135 65.86 -5.91 -6.55
N PRO B 136 65.70 -5.77 -7.85
CA PRO B 136 64.74 -4.80 -8.29
C PRO B 136 63.33 -5.19 -8.04
N TYR B 137 63.07 -6.51 -8.03
CA TYR B 137 61.77 -7.09 -7.83
C TYR B 137 61.26 -6.76 -6.46
N LEU B 138 62.11 -6.98 -5.44
CA LEU B 138 61.71 -6.70 -4.09
C LEU B 138 61.50 -5.23 -3.91
N LYS B 139 62.36 -4.41 -4.53
CA LYS B 139 62.26 -2.99 -4.31
C LYS B 139 60.93 -2.49 -4.76
N LEU B 140 60.48 -2.93 -5.95
CA LEU B 140 59.25 -2.41 -6.46
C LEU B 140 58.12 -2.81 -5.57
N ARG B 141 58.10 -4.08 -5.10
CA ARG B 141 56.93 -4.49 -4.38
C ARG B 141 56.86 -3.72 -3.10
N GLN B 142 58.01 -3.52 -2.44
CA GLN B 142 57.99 -2.93 -1.13
C GLN B 142 57.45 -1.55 -1.24
N ALA B 143 57.93 -0.79 -2.24
CA ALA B 143 57.50 0.56 -2.38
C ALA B 143 56.04 0.60 -2.70
N LEU B 144 55.60 -0.29 -3.62
CA LEU B 144 54.25 -0.23 -4.06
C LEU B 144 53.34 -0.56 -2.92
N LEU B 145 53.74 -1.52 -2.09
CA LEU B 145 52.94 -1.92 -0.97
C LEU B 145 52.81 -0.74 -0.07
N GLU B 146 53.96 -0.09 0.20
CA GLU B 146 54.01 0.98 1.16
C GLU B 146 53.22 2.17 0.72
N LEU B 147 53.40 2.64 -0.54
CA LEU B 147 52.66 3.84 -0.79
C LEU B 147 51.46 3.44 -1.57
N ARG B 148 50.40 3.12 -0.82
CA ARG B 148 49.13 2.75 -1.36
C ARG B 148 48.47 3.95 -1.97
N PRO B 149 48.50 5.09 -1.33
CA PRO B 149 47.80 6.22 -1.87
C PRO B 149 48.39 6.64 -3.17
N ALA B 150 47.67 7.50 -3.92
CA ALA B 150 48.09 7.87 -5.25
C ALA B 150 49.51 8.29 -5.20
N LYS B 151 50.31 7.77 -6.15
CA LYS B 151 51.68 8.14 -6.26
C LYS B 151 52.13 7.71 -7.61
N ASN B 152 53.42 7.94 -7.94
CA ASN B 152 53.86 7.48 -9.21
C ASN B 152 55.07 6.65 -9.00
N VAL B 153 54.95 5.34 -9.29
CA VAL B 153 56.09 4.48 -9.18
C VAL B 153 56.60 4.41 -10.57
N LEU B 154 57.83 4.91 -10.79
CA LEU B 154 58.31 4.77 -12.11
C LEU B 154 59.02 3.49 -12.12
N ILE B 155 59.15 3.02 -13.34
CA ILE B 155 59.97 1.98 -13.75
C ILE B 155 60.35 2.60 -15.03
N ASP B 156 61.65 2.72 -15.30
CA ASP B 156 61.99 3.34 -16.54
C ASP B 156 63.36 3.03 -17.10
N GLY B 157 63.52 2.26 -18.21
CA GLY B 157 64.85 1.86 -18.60
C GLY B 157 64.92 1.86 -20.10
N VAL B 158 66.01 1.28 -20.66
CA VAL B 158 66.22 1.21 -22.08
C VAL B 158 65.11 0.39 -22.66
N LEU B 159 64.79 0.61 -23.96
CA LEU B 159 63.74 -0.18 -24.51
C LEU B 159 64.12 -1.62 -24.42
N GLY B 160 63.19 -2.45 -23.90
CA GLY B 160 63.39 -3.87 -23.82
C GLY B 160 64.21 -4.23 -22.62
N SER B 161 64.36 -3.31 -21.65
CA SER B 161 65.13 -3.57 -20.47
C SER B 161 64.41 -4.58 -19.63
N GLY B 162 63.10 -4.80 -19.89
CA GLY B 162 62.39 -5.75 -19.10
C GLY B 162 61.56 -5.06 -18.05
N LYS B 163 61.21 -3.82 -18.38
CA LYS B 163 60.44 -3.00 -17.51
C LYS B 163 59.11 -3.62 -17.20
N THR B 164 58.32 -3.90 -18.27
CA THR B 164 56.94 -4.38 -18.35
C THR B 164 56.82 -5.77 -17.85
N TRP B 165 57.80 -6.60 -18.22
CA TRP B 165 57.78 -7.94 -17.76
C TRP B 165 57.83 -7.83 -16.25
N VAL B 166 58.79 -7.03 -15.64
CA VAL B 166 58.99 -6.91 -14.23
C VAL B 166 57.72 -6.48 -13.56
N ALA B 167 57.00 -5.52 -14.17
CA ALA B 167 55.80 -5.02 -13.56
C ALA B 167 54.80 -6.11 -13.44
N LEU B 168 54.66 -6.94 -14.49
CA LEU B 168 53.67 -7.97 -14.46
C LEU B 168 53.97 -8.89 -13.33
N ASP B 169 55.25 -9.29 -13.20
CA ASP B 169 55.67 -10.25 -12.21
C ASP B 169 55.36 -9.73 -10.84
N VAL B 170 55.58 -8.42 -10.61
CA VAL B 170 55.34 -7.93 -9.29
C VAL B 170 53.88 -8.08 -8.99
N CYS B 171 53.01 -7.81 -9.96
CA CYS B 171 51.60 -7.93 -9.73
C CYS B 171 51.25 -9.39 -9.50
N LEU B 172 51.86 -10.33 -10.28
CA LEU B 172 51.47 -11.71 -10.23
C LEU B 172 51.81 -12.49 -8.98
N SER B 173 53.03 -12.39 -8.40
CA SER B 173 53.36 -13.27 -7.28
C SER B 173 52.77 -12.73 -5.99
N TYR B 174 52.32 -11.48 -6.09
CA TYR B 174 51.82 -10.49 -5.21
C TYR B 174 50.45 -10.55 -4.64
N LYS B 175 49.91 -11.74 -4.33
CA LYS B 175 48.55 -11.87 -3.87
C LYS B 175 48.26 -10.80 -2.83
N VAL B 176 49.22 -10.47 -1.95
CA VAL B 176 48.99 -9.46 -0.94
C VAL B 176 48.69 -8.13 -1.60
N GLN B 177 49.50 -7.74 -2.61
CA GLN B 177 49.36 -6.46 -3.24
C GLN B 177 48.03 -6.39 -3.90
N CYS B 178 47.62 -7.49 -4.56
CA CYS B 178 46.38 -7.51 -5.29
C CYS B 178 45.25 -7.34 -4.33
N LYS B 179 45.33 -7.92 -3.13
CA LYS B 179 44.25 -7.79 -2.21
C LYS B 179 44.10 -6.37 -1.78
N MET B 180 45.22 -5.72 -1.44
CA MET B 180 45.12 -4.38 -0.92
C MET B 180 44.59 -3.47 -1.95
N ASP B 181 45.10 -3.54 -3.19
CA ASP B 181 44.55 -2.67 -4.18
C ASP B 181 43.22 -3.25 -4.49
N PHE B 182 42.17 -2.42 -4.61
CA PHE B 182 40.90 -3.04 -4.84
C PHE B 182 40.92 -3.72 -6.17
N LYS B 183 41.33 -2.98 -7.22
CA LYS B 183 41.34 -3.57 -8.53
C LYS B 183 42.47 -2.94 -9.27
N ILE B 184 42.92 -3.57 -10.37
CA ILE B 184 44.01 -2.96 -11.06
C ILE B 184 43.67 -2.88 -12.53
N PHE B 185 44.02 -1.74 -13.15
CA PHE B 185 43.76 -1.56 -14.56
C PHE B 185 45.10 -1.39 -15.22
N TRP B 186 45.34 -2.18 -16.29
CA TRP B 186 46.61 -2.08 -16.96
C TRP B 186 46.33 -1.72 -18.39
N LEU B 187 46.97 -0.64 -18.88
CA LEU B 187 46.82 -0.29 -20.26
C LEU B 187 48.15 0.11 -20.78
N ASN B 188 48.42 -0.19 -22.07
CA ASN B 188 49.67 0.22 -22.64
C ASN B 188 49.34 1.41 -23.47
N LEU B 189 49.88 2.58 -23.08
CA LEU B 189 49.54 3.79 -23.75
C LEU B 189 50.12 3.82 -25.12
N LYS B 190 49.25 4.25 -26.06
CA LYS B 190 49.56 4.50 -27.44
C LYS B 190 50.09 5.90 -27.42
N ASN B 191 50.88 6.30 -28.43
CA ASN B 191 51.54 7.58 -28.47
C ASN B 191 50.57 8.65 -28.09
N CYS B 192 50.80 9.25 -26.90
CA CYS B 192 50.03 10.31 -26.30
C CYS B 192 50.34 11.61 -26.96
N ASN B 193 51.59 11.77 -27.45
CA ASN B 193 51.93 13.03 -28.03
C ASN B 193 51.02 13.32 -29.19
N SER B 194 50.54 12.29 -29.92
CA SER B 194 49.56 12.54 -30.93
C SER B 194 48.27 12.85 -30.18
N PRO B 195 47.64 13.93 -30.56
CA PRO B 195 46.47 14.48 -29.93
C PRO B 195 45.23 13.64 -29.70
N GLU B 196 44.61 13.11 -30.77
CA GLU B 196 43.35 12.43 -30.66
C GLU B 196 43.55 11.29 -29.74
N THR B 197 44.81 10.84 -29.65
CA THR B 197 45.17 9.67 -28.90
C THR B 197 44.68 9.76 -27.50
N VAL B 198 44.83 10.92 -26.82
CA VAL B 198 44.45 10.97 -25.44
C VAL B 198 43.00 10.64 -25.28
N LEU B 199 42.12 11.23 -26.10
CA LEU B 199 40.72 10.94 -25.92
C LEU B 199 40.47 9.51 -26.20
N GLU B 200 41.16 8.96 -27.21
CA GLU B 200 40.96 7.61 -27.63
C GLU B 200 41.26 6.72 -26.46
N MET B 201 42.39 6.97 -25.77
CA MET B 201 42.80 6.11 -24.71
C MET B 201 41.81 6.16 -23.59
N LEU B 202 41.32 7.37 -23.27
CA LEU B 202 40.48 7.55 -22.13
C LEU B 202 39.15 6.91 -22.42
N GLN B 203 38.73 6.90 -23.70
CA GLN B 203 37.45 6.34 -24.02
C GLN B 203 37.47 4.90 -23.64
N LYS B 204 38.59 4.20 -23.92
CA LYS B 204 38.71 2.81 -23.61
C LYS B 204 38.61 2.66 -22.13
N LEU B 205 39.19 3.60 -21.38
CA LEU B 205 39.17 3.55 -19.95
C LEU B 205 37.74 3.57 -19.54
N LEU B 206 36.97 4.43 -20.20
CA LEU B 206 35.60 4.66 -19.85
C LEU B 206 34.90 3.35 -20.07
N TYR B 207 35.24 2.65 -21.18
CA TYR B 207 34.54 1.44 -21.50
C TYR B 207 34.79 0.41 -20.43
N GLN B 208 36.06 0.23 -20.04
CA GLN B 208 36.42 -0.78 -19.09
C GLN B 208 35.83 -0.48 -17.76
N ILE B 209 35.77 0.81 -17.39
CA ILE B 209 35.29 1.15 -16.08
C ILE B 209 33.88 0.66 -16.01
N ASP B 210 33.10 0.89 -17.08
CA ASP B 210 31.75 0.42 -17.25
C ASP B 210 31.35 0.79 -18.64
N PRO B 211 30.65 -0.10 -19.27
CA PRO B 211 30.04 0.16 -20.55
C PRO B 211 28.71 0.82 -20.29
N ASN B 212 28.45 1.15 -19.01
CA ASN B 212 27.19 1.56 -18.44
C ASN B 212 26.41 2.57 -19.20
N TRP B 213 26.09 3.65 -18.46
CA TRP B 213 25.45 4.90 -18.77
C TRP B 213 26.52 5.72 -19.36
N THR B 214 27.70 5.16 -19.20
CA THR B 214 28.99 5.58 -19.52
C THR B 214 28.85 6.26 -20.86
N SER B 215 28.26 5.55 -21.83
CA SER B 215 28.11 6.00 -23.18
C SER B 215 27.13 7.15 -23.39
N ARG B 216 26.13 7.34 -22.51
CA ARG B 216 25.04 8.26 -22.76
C ARG B 216 25.42 9.72 -22.91
N SER B 217 26.30 10.27 -22.05
CA SER B 217 26.54 11.71 -22.00
C SER B 217 27.19 12.24 -23.22
N ASP B 218 27.03 13.56 -23.41
CA ASP B 218 27.41 14.28 -24.59
C ASP B 218 28.85 14.12 -24.91
N HIS B 219 29.11 13.55 -26.10
CA HIS B 219 30.44 13.50 -26.59
C HIS B 219 30.53 14.67 -27.48
N SER B 220 31.28 15.69 -27.04
CA SER B 220 31.35 16.93 -27.76
C SER B 220 32.03 16.73 -29.05
N SER B 221 31.48 17.38 -30.08
CA SER B 221 32.01 17.29 -31.40
C SER B 221 33.37 17.87 -31.34
N ASN B 222 33.53 19.00 -30.63
CA ASN B 222 34.84 19.57 -30.56
C ASN B 222 35.52 18.86 -29.43
N ILE B 223 36.84 18.73 -29.55
CA ILE B 223 37.64 18.07 -28.56
C ILE B 223 37.61 18.85 -27.30
N LYS B 224 37.53 20.20 -27.43
CA LYS B 224 37.69 21.10 -26.33
C LYS B 224 36.83 20.68 -25.18
N LEU B 225 35.56 20.31 -25.44
CA LEU B 225 34.67 19.86 -24.40
C LEU B 225 34.89 18.42 -23.97
N ARG B 226 35.06 17.50 -24.93
CA ARG B 226 35.04 16.07 -24.68
C ARG B 226 36.12 15.63 -23.72
N ILE B 227 37.37 16.09 -23.89
CA ILE B 227 38.42 15.58 -23.06
C ILE B 227 38.10 15.94 -21.64
N HIS B 228 37.66 17.18 -21.42
CA HIS B 228 37.37 17.64 -20.09
C HIS B 228 36.25 16.82 -19.55
N SER B 229 35.23 16.57 -20.39
CA SER B 229 34.08 15.84 -19.94
C SER B 229 34.49 14.47 -19.54
N ILE B 230 35.40 13.85 -20.32
CA ILE B 230 35.77 12.51 -19.99
C ILE B 230 36.44 12.47 -18.66
N GLN B 231 37.32 13.44 -18.38
CA GLN B 231 38.02 13.37 -17.13
C GLN B 231 37.02 13.42 -16.04
N ALA B 232 35.96 14.24 -16.20
CA ALA B 232 34.96 14.35 -15.18
C ALA B 232 34.30 13.01 -15.01
N GLU B 233 33.97 12.33 -16.12
CA GLU B 233 33.28 11.07 -16.02
C GLU B 233 34.17 10.07 -15.38
N LEU B 234 35.47 10.08 -15.73
CA LEU B 234 36.39 9.11 -15.24
C LEU B 234 36.43 9.25 -13.74
N ARG B 235 36.52 10.50 -13.26
CA ARG B 235 36.60 10.74 -11.85
C ARG B 235 35.35 10.23 -11.20
N ARG B 236 34.19 10.52 -11.83
CA ARG B 236 32.92 10.15 -11.29
C ARG B 236 32.85 8.66 -11.16
N LEU B 237 33.25 7.93 -12.22
CA LEU B 237 33.13 6.51 -12.14
C LEU B 237 34.03 5.96 -11.09
N LEU B 238 35.22 6.55 -10.90
CA LEU B 238 36.06 5.97 -9.88
C LEU B 238 35.39 6.04 -8.54
N LYS B 239 34.76 7.18 -8.22
CA LYS B 239 34.13 7.30 -6.94
C LYS B 239 32.99 6.34 -6.86
N SER B 240 32.25 6.18 -7.99
CA SER B 240 31.02 5.45 -8.01
C SER B 240 31.20 4.05 -7.52
N LYS B 241 32.30 3.38 -7.89
CA LYS B 241 32.41 2.02 -7.44
C LYS B 241 33.50 1.94 -6.40
N PRO B 242 33.83 0.75 -5.96
CA PRO B 242 34.82 0.55 -4.93
C PRO B 242 36.24 0.81 -5.32
N TYR B 243 36.47 1.48 -6.46
CA TYR B 243 37.73 1.74 -7.12
C TYR B 243 38.75 2.48 -6.30
N GLU B 244 38.36 3.21 -5.23
CA GLU B 244 39.17 4.22 -4.59
C GLU B 244 40.64 3.91 -4.48
N ASN B 245 41.16 2.82 -3.93
CA ASN B 245 42.59 2.65 -4.10
C ASN B 245 42.70 1.62 -5.17
N CYS B 246 42.68 2.09 -6.43
CA CYS B 246 42.70 1.25 -7.58
C CYS B 246 44.07 1.39 -8.17
N LEU B 247 44.70 0.27 -8.58
CA LEU B 247 46.03 0.38 -9.09
C LEU B 247 45.93 0.44 -10.56
N LEU B 248 46.50 1.50 -11.16
CA LEU B 248 46.43 1.59 -12.58
C LEU B 248 47.84 1.55 -13.05
N VAL B 249 48.09 0.78 -14.13
CA VAL B 249 49.44 0.73 -14.59
C VAL B 249 49.44 1.26 -15.98
N LEU B 250 50.24 2.31 -16.24
CA LEU B 250 50.28 2.76 -17.60
C LEU B 250 51.55 2.23 -18.16
N LEU B 251 51.43 1.36 -19.17
CA LEU B 251 52.59 0.77 -19.76
C LEU B 251 53.03 1.60 -20.91
N ASN B 252 54.36 1.74 -21.04
CA ASN B 252 54.98 2.47 -22.12
C ASN B 252 54.35 3.82 -22.29
N VAL B 253 54.48 4.70 -21.27
CA VAL B 253 53.89 6.01 -21.41
C VAL B 253 54.90 6.92 -22.02
N GLN B 254 54.63 7.34 -23.27
CA GLN B 254 55.47 8.21 -24.04
C GLN B 254 55.35 9.66 -23.62
N ASN B 255 54.11 10.14 -23.39
CA ASN B 255 53.93 11.56 -23.22
C ASN B 255 53.60 11.91 -21.79
N ALA B 256 54.07 13.11 -21.39
CA ALA B 256 53.94 13.68 -20.07
C ALA B 256 52.50 13.90 -19.75
N LYS B 257 51.70 14.27 -20.76
CA LYS B 257 50.33 14.61 -20.53
C LYS B 257 49.64 13.47 -19.86
N ALA B 258 49.99 12.22 -20.20
CA ALA B 258 49.33 11.11 -19.57
C ALA B 258 49.60 11.22 -18.11
N TRP B 259 50.84 11.60 -17.76
CA TRP B 259 51.28 11.72 -16.41
C TRP B 259 50.49 12.81 -15.74
N ASN B 260 50.26 13.94 -16.43
CA ASN B 260 49.50 14.99 -15.80
C ASN B 260 48.07 14.56 -15.63
N ALA B 261 47.54 13.77 -16.58
CA ALA B 261 46.19 13.32 -16.51
C ALA B 261 46.09 12.51 -15.25
N PHE B 262 47.19 11.81 -14.92
CA PHE B 262 47.30 10.99 -13.75
C PHE B 262 47.00 11.87 -12.59
N ASN B 263 47.55 13.10 -12.59
CA ASN B 263 47.41 13.99 -11.46
C ASN B 263 45.95 14.11 -11.19
N LEU B 264 45.15 14.33 -12.24
CA LEU B 264 43.75 14.31 -11.98
C LEU B 264 43.36 12.89 -12.22
N SER B 265 43.61 12.01 -11.23
CA SER B 265 43.34 10.61 -11.36
C SER B 265 43.71 9.95 -10.08
N CYS B 266 44.19 8.69 -10.18
CA CYS B 266 44.52 7.93 -9.01
C CYS B 266 45.96 7.51 -9.06
N LYS B 267 46.32 6.45 -8.29
CA LYS B 267 47.65 5.92 -8.14
C LYS B 267 48.05 5.15 -9.36
N ILE B 268 49.36 5.20 -9.69
CA ILE B 268 49.85 4.57 -10.89
C ILE B 268 51.22 3.99 -10.72
N LEU B 269 51.50 2.90 -11.48
CA LEU B 269 52.80 2.37 -11.70
C LEU B 269 53.07 2.66 -13.13
N LEU B 270 54.23 3.27 -13.46
CA LEU B 270 54.41 3.59 -14.84
C LEU B 270 55.70 2.99 -15.32
N THR B 271 55.72 2.55 -16.59
CA THR B 271 56.94 2.05 -17.19
C THR B 271 57.26 3.01 -18.29
N THR B 272 58.50 3.56 -18.32
CA THR B 272 58.80 4.50 -19.36
C THR B 272 60.26 4.45 -19.73
N ARG B 273 60.57 4.72 -21.00
CA ARG B 273 61.88 4.72 -21.61
C ARG B 273 62.66 5.97 -21.34
N PHE B 274 62.09 6.92 -20.63
CA PHE B 274 62.83 8.10 -20.33
C PHE B 274 62.97 8.01 -18.85
N LYS B 275 63.90 8.75 -18.23
CA LYS B 275 63.88 9.05 -16.81
C LYS B 275 63.25 10.39 -16.60
N GLN B 276 63.52 11.37 -17.50
CA GLN B 276 63.10 12.69 -17.15
C GLN B 276 61.62 12.82 -17.16
N VAL B 277 60.90 12.03 -17.98
CA VAL B 277 59.46 12.08 -17.99
C VAL B 277 58.98 11.84 -16.59
N THR B 278 59.62 10.88 -15.93
CA THR B 278 59.37 10.45 -14.60
C THR B 278 59.54 11.62 -13.68
N ASP B 279 60.63 12.35 -13.91
CA ASP B 279 61.03 13.43 -13.08
C ASP B 279 59.98 14.49 -13.14
N PHE B 280 59.46 14.78 -14.36
CA PHE B 280 58.49 15.83 -14.52
C PHE B 280 57.24 15.48 -13.77
N LEU B 281 56.82 14.22 -13.86
CA LEU B 281 55.61 13.77 -13.24
C LEU B 281 55.73 13.93 -11.75
N SER B 282 56.90 13.61 -11.19
CA SER B 282 57.16 13.68 -9.77
C SER B 282 57.11 15.12 -9.35
N ALA B 283 57.56 16.02 -10.23
CA ALA B 283 57.53 17.40 -9.86
C ALA B 283 56.11 17.87 -9.75
N ALA B 284 55.27 17.49 -10.75
CA ALA B 284 53.93 17.99 -10.78
C ALA B 284 53.22 17.52 -9.56
N THR B 285 53.30 16.20 -9.30
CA THR B 285 52.71 15.65 -8.12
C THR B 285 53.85 15.15 -7.35
N THR B 286 53.93 15.58 -6.07
CA THR B 286 55.02 15.18 -5.24
C THR B 286 54.87 13.71 -5.03
N THR B 287 55.63 13.13 -4.08
CA THR B 287 55.57 11.71 -3.89
C THR B 287 55.77 10.92 -5.14
N HIS B 288 57.03 10.88 -5.63
CA HIS B 288 57.36 10.04 -6.73
C HIS B 288 58.30 9.00 -6.20
N ILE B 289 58.26 7.79 -6.82
CA ILE B 289 59.12 6.71 -6.44
C ILE B 289 59.77 6.27 -7.71
N SER B 290 61.09 5.98 -7.69
CA SER B 290 61.65 5.62 -8.96
C SER B 290 62.35 4.31 -8.83
N LEU B 291 62.10 3.42 -9.80
CA LEU B 291 62.78 2.16 -9.84
C LEU B 291 63.40 2.15 -11.21
N ASP B 292 64.73 2.13 -11.27
CA ASP B 292 65.38 2.15 -12.53
C ASP B 292 65.81 0.72 -12.84
N HIS B 293 65.76 0.24 -14.11
CA HIS B 293 65.36 0.95 -15.29
C HIS B 293 66.52 1.93 -15.55
N HIS B 294 67.55 1.71 -14.78
CA HIS B 294 68.74 2.48 -14.76
C HIS B 294 69.22 1.92 -13.49
N SER B 295 70.34 2.41 -12.96
CA SER B 295 70.89 1.98 -11.71
C SER B 295 72.02 1.02 -12.01
N MET B 296 72.27 0.13 -11.04
CA MET B 296 73.28 -0.91 -10.92
C MET B 296 73.10 -2.05 -11.90
N THR B 297 71.85 -2.36 -12.30
CA THR B 297 71.44 -3.42 -13.20
C THR B 297 71.61 -4.86 -12.78
N LEU B 298 71.19 -5.22 -11.55
CA LEU B 298 71.08 -6.65 -11.26
C LEU B 298 72.44 -7.26 -11.31
N THR B 299 72.46 -8.54 -11.71
CA THR B 299 73.68 -9.28 -11.88
C THR B 299 73.64 -9.95 -13.23
N PRO B 300 74.65 -9.69 -14.03
CA PRO B 300 74.71 -10.27 -15.34
C PRO B 300 74.81 -11.75 -15.32
N ASP B 301 75.34 -12.34 -14.23
CA ASP B 301 75.45 -13.77 -14.18
C ASP B 301 74.06 -14.34 -14.18
N GLU B 302 73.18 -13.76 -13.36
CA GLU B 302 71.84 -14.25 -13.24
C GLU B 302 71.12 -14.04 -14.53
N VAL B 303 71.34 -12.87 -15.16
CA VAL B 303 70.63 -12.56 -16.36
C VAL B 303 71.08 -13.56 -17.37
N LYS B 304 72.39 -13.81 -17.46
CA LYS B 304 72.87 -14.68 -18.49
C LYS B 304 72.27 -16.02 -18.29
N SER B 305 72.10 -16.45 -17.02
CA SER B 305 71.58 -17.76 -16.77
C SER B 305 70.17 -17.79 -17.28
N LEU B 306 69.50 -16.63 -17.29
CA LEU B 306 68.15 -16.52 -17.72
C LEU B 306 68.08 -16.94 -19.13
N LEU B 307 68.94 -16.32 -19.94
CA LEU B 307 68.90 -16.51 -21.33
C LEU B 307 69.29 -17.92 -21.54
N LEU B 308 70.20 -18.37 -20.67
CA LEU B 308 70.80 -19.65 -20.76
C LEU B 308 69.75 -20.70 -20.64
N LYS B 309 68.76 -20.56 -19.74
CA LYS B 309 67.83 -21.64 -19.73
C LYS B 309 66.93 -21.59 -20.92
N TYR B 310 66.60 -20.38 -21.41
CA TYR B 310 65.75 -20.27 -22.56
C TYR B 310 66.34 -21.08 -23.66
N LEU B 311 67.59 -20.69 -23.95
CA LEU B 311 68.39 -21.17 -25.03
C LEU B 311 69.01 -22.54 -24.82
N ASP B 312 69.38 -22.89 -23.57
CA ASP B 312 70.16 -24.04 -23.15
C ASP B 312 71.50 -24.14 -23.90
N CYS B 313 72.54 -23.37 -23.47
CA CYS B 313 73.83 -23.25 -24.13
C CYS B 313 75.05 -23.72 -23.35
N ARG B 314 76.26 -23.22 -23.77
CA ARG B 314 77.56 -23.59 -23.22
C ARG B 314 78.29 -22.36 -22.74
N PRO B 315 79.06 -22.58 -21.68
CA PRO B 315 79.83 -21.58 -20.97
C PRO B 315 80.84 -20.89 -21.83
N GLN B 316 81.44 -21.60 -22.79
CA GLN B 316 82.40 -20.97 -23.65
C GLN B 316 81.63 -19.96 -24.42
N ASP B 317 80.39 -20.36 -24.73
CA ASP B 317 79.50 -19.57 -25.51
C ASP B 317 79.08 -18.34 -24.78
N LEU B 318 79.13 -18.41 -23.44
CA LEU B 318 78.56 -17.39 -22.63
C LEU B 318 79.05 -16.03 -22.92
N PRO B 319 80.32 -15.83 -23.07
CA PRO B 319 80.78 -14.49 -23.27
C PRO B 319 80.19 -13.92 -24.52
N ARG B 320 79.78 -14.77 -25.47
CA ARG B 320 79.17 -14.14 -26.60
C ARG B 320 77.91 -13.48 -26.14
N GLU B 321 77.18 -14.18 -25.26
CA GLU B 321 75.89 -13.80 -24.73
C GLU B 321 76.03 -12.61 -23.85
N VAL B 322 77.15 -12.55 -23.10
CA VAL B 322 77.35 -11.58 -22.08
C VAL B 322 77.14 -10.30 -22.79
N LEU B 323 77.62 -10.22 -24.05
CA LEU B 323 77.34 -9.04 -24.83
C LEU B 323 76.05 -9.28 -25.55
N THR B 324 75.19 -8.25 -25.59
CA THR B 324 75.47 -6.99 -24.97
C THR B 324 74.73 -6.92 -23.67
N THR B 325 74.95 -5.83 -22.92
CA THR B 325 74.37 -5.64 -21.63
C THR B 325 72.88 -5.54 -21.70
N ASN B 326 72.32 -4.80 -22.71
CA ASN B 326 70.91 -4.56 -22.63
C ASN B 326 70.07 -5.77 -22.83
N PRO B 327 69.10 -5.80 -21.95
CA PRO B 327 68.12 -6.85 -21.91
C PRO B 327 67.28 -6.85 -23.14
N ARG B 328 67.01 -5.69 -23.76
CA ARG B 328 66.16 -5.81 -24.92
C ARG B 328 66.93 -6.54 -25.95
N ARG B 329 68.22 -6.17 -26.09
CA ARG B 329 69.03 -6.79 -27.09
C ARG B 329 69.22 -8.22 -26.75
N LEU B 330 69.33 -8.51 -25.43
CA LEU B 330 69.58 -9.87 -25.06
C LEU B 330 68.42 -10.67 -25.54
N SER B 331 67.20 -10.17 -25.38
CA SER B 331 66.17 -11.05 -25.74
C SER B 331 65.94 -11.07 -27.23
N ILE B 332 66.24 -9.96 -27.96
CA ILE B 332 66.12 -10.04 -29.39
C ILE B 332 67.07 -11.10 -29.88
N ILE B 333 68.29 -11.12 -29.31
CA ILE B 333 69.30 -12.06 -29.67
C ILE B 333 68.79 -13.43 -29.29
N ALA B 334 68.21 -13.57 -28.08
CA ALA B 334 67.81 -14.85 -27.57
C ALA B 334 66.82 -15.46 -28.49
N GLU B 335 65.87 -14.65 -28.99
CA GLU B 335 64.88 -15.16 -29.87
C GLU B 335 65.57 -15.68 -31.10
N SER B 336 66.55 -14.92 -31.62
CA SER B 336 67.23 -15.27 -32.83
C SER B 336 67.97 -16.54 -32.63
N ILE B 337 68.61 -16.69 -31.46
CA ILE B 337 69.36 -17.86 -31.15
C ILE B 337 68.46 -19.05 -31.04
N ARG B 338 67.21 -18.90 -30.57
CA ARG B 338 66.41 -20.09 -30.55
C ARG B 338 66.31 -20.55 -31.98
N ASP B 339 66.15 -19.60 -32.91
CA ASP B 339 66.18 -20.01 -34.29
C ASP B 339 67.57 -20.38 -34.82
N GLY B 340 68.70 -19.75 -34.37
CA GLY B 340 70.04 -19.95 -34.93
C GLY B 340 71.16 -19.88 -33.82
N LEU B 341 72.37 -19.20 -34.01
CA LEU B 341 73.60 -19.37 -33.16
C LEU B 341 74.20 -18.21 -32.19
N ALA B 342 75.14 -18.45 -31.08
CA ALA B 342 76.02 -17.42 -30.54
C ALA B 342 77.23 -17.86 -31.27
N THR B 343 77.32 -17.49 -32.57
CA THR B 343 78.44 -17.93 -33.34
C THR B 343 78.69 -17.00 -34.46
N TRP B 344 79.34 -17.52 -35.52
CA TRP B 344 79.71 -16.70 -36.63
C TRP B 344 78.47 -16.12 -37.24
N ASP B 345 77.40 -16.92 -37.37
CA ASP B 345 76.20 -16.41 -37.98
C ASP B 345 75.62 -15.31 -37.13
N ASN B 346 75.57 -15.51 -35.80
CA ASN B 346 74.96 -14.61 -34.86
C ASN B 346 75.67 -13.31 -34.91
N TRP B 347 77.00 -13.36 -34.79
CA TRP B 347 77.78 -12.18 -34.79
C TRP B 347 77.62 -11.54 -36.12
N LYS B 348 77.47 -12.37 -37.17
CA LYS B 348 77.39 -11.89 -38.51
C LYS B 348 76.22 -10.96 -38.64
N HIS B 349 75.05 -11.33 -38.07
CA HIS B 349 73.87 -10.52 -38.21
C HIS B 349 74.05 -9.21 -37.49
N VAL B 350 74.57 -9.32 -36.24
CA VAL B 350 74.77 -8.33 -35.21
C VAL B 350 73.48 -7.95 -34.51
N ASN B 351 72.42 -8.78 -34.64
CA ASN B 351 71.13 -8.59 -34.02
C ASN B 351 70.57 -7.22 -34.21
N CYS B 352 70.57 -6.82 -35.49
CA CYS B 352 69.98 -5.60 -35.96
C CYS B 352 68.58 -5.71 -36.45
N ASP B 353 68.11 -6.91 -36.83
CA ASP B 353 66.87 -7.01 -37.58
C ASP B 353 65.75 -6.35 -36.84
N LYS B 354 65.51 -6.75 -35.58
CA LYS B 354 64.46 -6.15 -34.82
C LYS B 354 64.77 -4.72 -34.46
N LEU B 355 65.98 -4.49 -33.94
CA LEU B 355 66.36 -3.24 -33.37
C LEU B 355 66.39 -2.12 -34.37
N THR B 356 66.87 -2.38 -35.60
CA THR B 356 67.01 -1.30 -36.53
C THR B 356 65.66 -0.71 -36.76
N THR B 357 64.64 -1.56 -36.97
CA THR B 357 63.33 -1.04 -37.21
C THR B 357 62.87 -0.33 -35.97
N ILE B 358 63.20 -0.89 -34.80
CA ILE B 358 62.73 -0.37 -33.55
C ILE B 358 63.25 1.03 -33.35
N ILE B 359 64.56 1.23 -33.58
CA ILE B 359 65.21 2.49 -33.39
C ILE B 359 64.66 3.50 -34.35
N GLU B 360 64.34 3.05 -35.58
CA GLU B 360 63.92 3.95 -36.61
C GLU B 360 62.74 4.73 -36.13
N SER B 361 61.80 4.06 -35.46
CA SER B 361 60.63 4.75 -35.00
C SER B 361 61.07 5.76 -33.99
N SER B 362 62.14 5.45 -33.24
CA SER B 362 62.63 6.32 -32.21
C SER B 362 63.10 7.61 -32.81
N LEU B 363 63.76 7.54 -33.98
CA LEU B 363 64.32 8.72 -34.58
C LEU B 363 63.20 9.65 -34.97
N ASN B 364 62.09 9.09 -35.47
CA ASN B 364 61.02 9.88 -35.99
C ASN B 364 60.46 10.76 -34.92
N VAL B 365 60.48 10.30 -33.66
CA VAL B 365 59.86 11.04 -32.61
C VAL B 365 60.46 12.42 -32.46
N LEU B 366 61.80 12.57 -32.66
CA LEU B 366 62.46 13.86 -32.53
C LEU B 366 62.37 14.61 -33.86
N GLU B 367 62.91 15.87 -33.98
CA GLU B 367 62.80 16.66 -35.20
C GLU B 367 64.07 16.54 -36.02
N PRO B 368 63.87 16.00 -37.18
CA PRO B 368 64.89 15.62 -38.10
C PRO B 368 65.86 16.66 -38.53
N ALA B 369 65.44 17.92 -38.75
CA ALA B 369 66.43 18.78 -39.33
C ALA B 369 67.57 18.99 -38.39
N GLU B 370 67.29 19.55 -37.21
CA GLU B 370 68.40 19.82 -36.34
C GLU B 370 68.84 18.60 -35.60
N TYR B 371 67.89 17.96 -34.91
CA TYR B 371 68.19 16.87 -34.02
C TYR B 371 68.62 15.65 -34.78
N ARG B 372 67.87 15.30 -35.84
CA ARG B 372 68.22 14.11 -36.56
C ARG B 372 69.59 14.31 -37.12
N LYS B 373 69.87 15.51 -37.64
CA LYS B 373 71.16 15.80 -38.22
C LYS B 373 72.21 15.81 -37.16
N MET B 374 71.92 16.44 -36.01
CA MET B 374 72.90 16.59 -34.99
C MET B 374 73.32 15.25 -34.45
N PHE B 375 72.35 14.34 -34.27
CA PHE B 375 72.61 12.99 -33.83
C PHE B 375 73.34 12.24 -34.90
N ASP B 376 72.99 12.49 -36.17
CA ASP B 376 73.51 11.70 -37.25
C ASP B 376 75.01 11.80 -37.26
N ARG B 377 75.55 12.95 -36.83
CA ARG B 377 76.95 13.24 -36.83
C ARG B 377 77.72 12.37 -35.86
N LEU B 378 77.12 11.97 -34.74
CA LEU B 378 77.80 11.32 -33.63
C LEU B 378 78.52 10.09 -34.09
N SER B 379 78.16 9.56 -35.28
CA SER B 379 78.70 8.33 -35.79
C SER B 379 80.24 8.26 -35.78
N VAL B 380 81.04 9.19 -36.40
CA VAL B 380 82.51 9.06 -36.45
C VAL B 380 83.05 9.46 -35.12
N PHE B 381 83.06 8.48 -34.19
CA PHE B 381 83.56 8.61 -32.86
C PHE B 381 83.81 7.24 -32.37
N PRO B 382 84.69 7.17 -31.42
CA PRO B 382 84.89 5.87 -30.83
C PRO B 382 83.75 5.48 -29.95
N PRO B 383 83.37 4.23 -30.05
CA PRO B 383 82.28 3.72 -29.28
C PRO B 383 82.70 3.38 -27.90
N SER B 384 81.79 3.55 -26.93
CA SER B 384 82.05 3.17 -25.57
C SER B 384 83.32 3.81 -25.14
N ALA B 385 83.67 4.95 -25.75
CA ALA B 385 84.88 5.57 -25.33
C ALA B 385 84.56 6.97 -24.98
N HIS B 386 84.60 7.28 -23.67
CA HIS B 386 84.30 8.56 -23.10
C HIS B 386 84.93 9.63 -23.94
N ILE B 387 84.09 10.42 -24.62
CA ILE B 387 84.58 11.46 -25.47
C ILE B 387 84.11 12.76 -24.92
N PRO B 388 85.04 13.65 -24.72
CA PRO B 388 84.71 14.91 -24.12
C PRO B 388 83.84 15.76 -24.99
N THR B 389 83.10 16.70 -24.37
CA THR B 389 82.15 17.54 -25.03
C THR B 389 82.86 18.40 -26.03
N ILE B 390 84.07 18.89 -25.71
CA ILE B 390 84.78 19.75 -26.60
C ILE B 390 84.93 19.03 -27.90
N LEU B 391 85.21 17.71 -27.81
CA LEU B 391 85.34 16.88 -28.96
C LEU B 391 84.02 16.78 -29.64
N LEU B 392 82.96 16.69 -28.83
CA LEU B 392 81.62 16.49 -29.25
C LEU B 392 81.18 17.68 -30.05
N SER B 393 81.61 18.88 -29.62
CA SER B 393 81.19 20.10 -30.26
C SER B 393 81.63 20.09 -31.70
N LEU B 394 82.78 19.49 -32.01
CA LEU B 394 83.23 19.55 -33.37
C LEU B 394 82.19 18.90 -34.24
N ILE B 395 81.79 17.68 -33.88
CA ILE B 395 80.83 16.94 -34.62
C ILE B 395 79.46 17.54 -34.48
N TRP B 396 79.07 17.90 -33.24
CA TRP B 396 77.72 18.33 -33.09
C TRP B 396 77.49 19.62 -33.81
N PHE B 397 78.47 20.55 -33.82
CA PHE B 397 78.24 21.84 -34.42
C PHE B 397 77.95 21.76 -35.89
N ASP B 398 76.67 21.89 -36.28
CA ASP B 398 76.29 22.21 -37.64
C ASP B 398 76.15 23.71 -37.70
N VAL B 399 75.63 24.40 -36.52
CA VAL B 399 75.39 25.78 -36.23
C VAL B 399 76.21 25.94 -35.00
N ILE B 400 76.49 27.17 -34.53
CA ILE B 400 77.39 27.12 -33.42
C ILE B 400 76.96 27.94 -32.25
N LYS B 401 77.22 27.35 -31.06
CA LYS B 401 76.99 27.86 -29.75
C LYS B 401 76.16 26.88 -29.01
N SER B 402 75.54 27.32 -27.90
CA SER B 402 74.82 26.47 -27.00
C SER B 402 73.70 25.81 -27.73
N ASP B 403 73.41 26.24 -28.98
CA ASP B 403 72.32 25.71 -29.73
C ASP B 403 72.53 24.24 -29.79
N VAL B 404 73.79 23.88 -30.05
CA VAL B 404 74.22 22.52 -30.15
C VAL B 404 74.05 21.88 -28.82
N MET B 405 74.29 22.66 -27.75
CA MET B 405 74.20 22.17 -26.41
C MET B 405 72.78 21.74 -26.15
N VAL B 406 71.80 22.59 -26.51
CA VAL B 406 70.40 22.31 -26.29
C VAL B 406 69.88 21.24 -27.20
N VAL B 407 70.27 21.30 -28.49
CA VAL B 407 69.70 20.41 -29.45
C VAL B 407 70.02 18.99 -29.06
N VAL B 408 71.23 18.73 -28.54
CA VAL B 408 71.52 17.40 -28.09
C VAL B 408 70.64 17.11 -26.92
N ASN B 409 70.36 18.15 -26.10
CA ASN B 409 69.69 18.02 -24.85
C ASN B 409 68.33 17.42 -25.02
N LYS B 410 67.59 17.84 -26.06
CA LYS B 410 66.24 17.38 -26.23
C LYS B 410 66.24 15.89 -26.39
N LEU B 411 67.26 15.38 -27.09
CA LEU B 411 67.32 13.95 -27.25
C LEU B 411 67.88 13.25 -26.01
N HIS B 412 68.97 13.87 -25.43
CA HIS B 412 70.14 13.52 -24.65
C HIS B 412 69.71 12.92 -23.38
N LYS B 413 68.56 13.37 -22.90
CA LYS B 413 68.20 13.12 -21.56
C LYS B 413 68.18 11.64 -21.38
N TYR B 414 67.97 10.90 -22.54
CA TYR B 414 66.88 9.96 -22.77
C TYR B 414 67.25 8.86 -21.92
N SER B 415 68.48 8.50 -22.19
CA SER B 415 68.94 7.22 -22.10
C SER B 415 70.03 7.28 -23.09
N LEU B 416 70.04 6.22 -23.89
CA LEU B 416 71.23 5.75 -24.49
C LEU B 416 71.14 6.10 -25.92
N VAL B 417 70.52 7.26 -26.16
CA VAL B 417 70.80 7.88 -27.41
C VAL B 417 72.21 8.36 -27.31
N GLU B 418 72.45 9.36 -26.45
CA GLU B 418 73.72 9.77 -25.91
C GLU B 418 73.62 9.92 -24.43
N LYS B 419 74.75 9.75 -23.70
CA LYS B 419 74.68 9.91 -22.28
C LYS B 419 75.76 10.87 -21.87
N GLN B 420 75.45 11.75 -20.90
CA GLN B 420 76.47 12.66 -20.47
C GLN B 420 76.67 12.53 -18.99
N PRO B 421 77.87 12.16 -18.64
CA PRO B 421 78.25 12.03 -17.26
C PRO B 421 78.38 13.32 -16.53
N LYS B 422 78.83 14.24 -17.27
CA LYS B 422 79.07 15.50 -16.64
C LYS B 422 79.39 16.47 -17.73
N GLU B 423 79.80 17.69 -17.37
CA GLU B 423 80.09 18.74 -18.31
C GLU B 423 81.21 18.29 -19.19
N SER B 424 82.09 17.41 -18.65
CA SER B 424 83.27 16.93 -19.32
C SER B 424 83.00 16.16 -20.59
N THR B 425 82.21 15.06 -20.57
CA THR B 425 82.15 14.33 -21.82
C THR B 425 80.83 13.69 -22.03
N ILE B 426 80.59 13.26 -23.29
CA ILE B 426 79.42 12.50 -23.57
C ILE B 426 79.89 11.29 -24.28
N SER B 427 79.25 10.13 -24.05
CA SER B 427 79.72 8.98 -24.75
C SER B 427 78.56 8.52 -25.56
N ILE B 428 78.81 7.69 -26.60
CA ILE B 428 77.72 7.11 -27.32
C ILE B 428 77.28 5.93 -26.51
N PRO B 429 76.00 5.91 -26.25
CA PRO B 429 75.55 5.02 -25.24
C PRO B 429 75.82 3.63 -25.21
N SER B 430 75.64 2.98 -26.33
CA SER B 430 75.90 1.61 -26.27
C SER B 430 75.84 1.21 -27.68
N ILE B 431 75.98 -0.10 -27.87
CA ILE B 431 76.02 -0.78 -29.11
C ILE B 431 74.74 -0.54 -29.85
N TYR B 432 73.61 -0.45 -29.12
CA TYR B 432 72.34 -0.37 -29.76
C TYR B 432 72.21 0.81 -30.67
N LEU B 433 72.50 2.02 -30.16
CA LEU B 433 72.29 3.19 -30.97
C LEU B 433 73.24 3.14 -32.12
N GLU B 434 74.52 2.86 -31.81
CA GLU B 434 75.57 2.90 -32.79
C GLU B 434 75.30 1.87 -33.83
N LEU B 435 74.76 0.72 -33.41
CA LEU B 435 74.56 -0.37 -34.32
C LEU B 435 73.63 0.15 -35.36
N LYS B 436 72.64 0.94 -34.96
CA LYS B 436 71.70 1.47 -35.90
C LYS B 436 72.43 2.34 -36.88
N VAL B 437 73.25 3.27 -36.37
CA VAL B 437 73.87 4.25 -37.21
C VAL B 437 74.84 3.62 -38.15
N LYS B 438 75.63 2.63 -37.68
CA LYS B 438 76.65 2.10 -38.53
C LYS B 438 76.09 1.55 -39.80
N LEU B 439 74.95 0.83 -39.75
CA LEU B 439 74.43 0.30 -40.97
C LEU B 439 74.05 1.41 -41.90
N GLU B 440 73.38 2.47 -41.38
CA GLU B 440 72.92 3.51 -42.25
C GLU B 440 73.84 4.67 -42.23
N ASN B 441 74.50 4.95 -43.37
CA ASN B 441 75.39 6.08 -43.40
C ASN B 441 75.47 6.49 -44.84
N GLU B 442 75.96 7.72 -45.12
CA GLU B 442 76.07 8.24 -46.46
C GLU B 442 77.45 8.79 -46.59
N TYR B 443 77.90 9.25 -47.78
CA TYR B 443 79.27 9.58 -47.69
C TYR B 443 79.41 11.01 -47.31
N ALA B 444 78.95 11.29 -46.07
CA ALA B 444 79.15 12.43 -45.22
C ALA B 444 80.48 12.21 -44.55
N LEU B 445 80.84 10.92 -44.43
CA LEU B 445 81.95 10.48 -43.66
C LEU B 445 83.19 11.21 -44.05
N HIS B 446 83.41 11.49 -45.35
CA HIS B 446 84.65 12.12 -45.72
C HIS B 446 84.80 13.41 -44.99
N ARG B 447 83.76 14.25 -44.94
CA ARG B 447 83.89 15.52 -44.29
C ARG B 447 84.17 15.29 -42.84
N SER B 448 83.50 14.32 -42.22
CA SER B 448 83.68 14.12 -40.81
C SER B 448 85.09 13.72 -40.53
N ILE B 449 85.64 12.80 -41.33
CA ILE B 449 86.97 12.32 -41.09
C ILE B 449 87.91 13.47 -41.25
N VAL B 450 87.66 14.34 -42.26
CA VAL B 450 88.56 15.42 -42.50
C VAL B 450 88.54 16.32 -41.30
N ASP B 451 87.36 16.47 -40.65
CA ASP B 451 87.25 17.35 -39.54
C ASP B 451 88.21 16.89 -38.48
N HIS B 452 88.32 15.56 -38.30
CA HIS B 452 89.18 15.04 -37.27
C HIS B 452 90.59 15.43 -37.58
N TYR B 453 91.01 15.40 -38.85
CA TYR B 453 92.37 15.78 -39.12
C TYR B 453 92.55 17.20 -38.69
N ASN B 454 91.56 18.04 -39.02
CA ASN B 454 91.67 19.44 -38.73
C ASN B 454 91.80 19.65 -37.26
N ILE B 455 91.04 18.89 -36.44
CA ILE B 455 91.10 19.17 -35.03
C ILE B 455 92.49 18.95 -34.48
N PRO B 456 93.21 17.86 -34.66
CA PRO B 456 94.56 17.92 -34.17
C PRO B 456 95.46 18.88 -34.87
N LYS B 457 95.13 19.27 -36.11
CA LYS B 457 95.96 20.22 -36.78
C LYS B 457 95.94 21.48 -35.98
N THR B 458 94.74 21.91 -35.55
CA THR B 458 94.61 23.13 -34.82
C THR B 458 95.34 22.99 -33.52
N PHE B 459 95.16 21.85 -32.83
CA PHE B 459 95.86 21.67 -31.60
C PHE B 459 97.31 21.63 -31.92
N ASP B 460 98.10 22.55 -31.34
CA ASP B 460 99.50 22.50 -31.64
C ASP B 460 100.22 23.29 -30.60
N SER B 461 101.31 22.70 -30.06
CA SER B 461 102.14 23.41 -29.13
C SER B 461 103.47 23.51 -29.81
N ASP B 462 104.35 24.42 -29.35
CA ASP B 462 105.60 24.60 -30.04
C ASP B 462 106.31 23.29 -30.05
N ASP B 463 106.44 22.68 -28.87
CA ASP B 463 107.12 21.43 -28.83
C ASP B 463 106.15 20.31 -29.03
N LEU B 464 106.66 19.09 -28.81
CA LEU B 464 106.07 17.81 -29.07
C LEU B 464 104.94 17.43 -28.17
N ILE B 465 104.56 18.25 -27.17
CA ILE B 465 103.53 17.80 -26.25
C ILE B 465 102.17 18.38 -26.59
N PRO B 466 101.26 17.45 -26.79
CA PRO B 466 99.88 17.76 -27.12
C PRO B 466 99.04 18.20 -25.96
N PRO B 467 98.06 18.99 -26.28
CA PRO B 467 97.08 19.51 -25.33
C PRO B 467 96.03 18.52 -24.94
N TYR B 468 96.13 17.25 -25.41
CA TYR B 468 95.16 16.19 -25.22
C TYR B 468 94.35 16.33 -23.97
N LEU B 469 93.05 16.03 -24.12
CA LEU B 469 92.03 16.17 -23.13
C LEU B 469 91.89 14.89 -22.39
N ASP B 470 90.67 14.53 -21.92
CA ASP B 470 90.59 13.41 -21.01
C ASP B 470 91.20 12.16 -21.57
N GLN B 471 90.40 11.26 -22.19
CA GLN B 471 91.01 10.10 -22.80
C GLN B 471 90.86 10.03 -24.28
N TYR B 472 89.78 10.66 -24.81
CA TYR B 472 89.29 10.46 -26.16
C TYR B 472 90.41 10.58 -27.10
N PHE B 473 91.13 11.68 -27.01
CA PHE B 473 92.13 11.94 -27.99
C PHE B 473 93.13 10.84 -27.97
N TYR B 474 93.57 10.42 -26.77
CA TYR B 474 94.61 9.45 -26.71
C TYR B 474 94.17 8.19 -27.41
N SER B 475 92.97 7.67 -27.09
CA SER B 475 92.55 6.46 -27.73
C SER B 475 92.23 6.67 -29.19
N HIS B 476 91.33 7.63 -29.44
CA HIS B 476 90.66 7.93 -30.68
C HIS B 476 91.55 8.50 -31.77
N ILE B 477 92.55 9.33 -31.42
CA ILE B 477 93.26 10.09 -32.41
C ILE B 477 93.86 9.21 -33.46
N GLY B 478 94.55 8.13 -33.08
CA GLY B 478 95.21 7.31 -34.05
C GLY B 478 94.21 6.71 -34.98
N HIS B 479 93.04 6.28 -34.43
CA HIS B 479 92.06 5.61 -35.23
C HIS B 479 91.58 6.51 -36.32
N HIS B 480 91.26 7.78 -35.99
CA HIS B 480 90.75 8.67 -36.98
C HIS B 480 91.83 8.91 -37.99
N LEU B 481 93.08 9.03 -37.51
CA LEU B 481 94.22 9.28 -38.33
C LEU B 481 94.42 8.17 -39.30
N LYS B 482 94.27 6.92 -38.85
CA LYS B 482 94.53 5.82 -39.73
C LYS B 482 93.62 5.97 -40.90
N ASN B 483 92.36 6.30 -40.62
CA ASN B 483 91.45 6.44 -41.70
C ASN B 483 91.91 7.57 -42.57
N ILE B 484 92.34 8.69 -41.94
CA ILE B 484 92.64 9.83 -42.76
C ILE B 484 93.83 9.61 -43.65
N GLU B 485 94.98 9.20 -43.10
CA GLU B 485 96.16 9.05 -43.91
C GLU B 485 97.32 8.64 -43.08
N HIS B 486 98.42 8.26 -43.77
CA HIS B 486 99.68 7.89 -43.21
C HIS B 486 100.44 9.04 -42.60
N PRO B 487 100.66 10.16 -43.27
CA PRO B 487 101.56 11.16 -42.76
C PRO B 487 101.33 11.62 -41.36
N GLU B 488 100.09 11.90 -40.96
CA GLU B 488 99.85 12.38 -39.62
C GLU B 488 100.18 11.29 -38.67
N ARG B 489 99.82 10.06 -39.07
CA ARG B 489 99.96 8.92 -38.22
C ARG B 489 101.39 8.82 -37.80
N MET B 490 102.31 9.02 -38.76
CA MET B 490 103.71 8.87 -38.50
C MET B 490 104.12 9.78 -37.39
N THR B 491 103.77 11.08 -37.48
CA THR B 491 104.21 11.99 -36.45
C THR B 491 103.52 11.72 -35.16
N LEU B 492 102.18 11.55 -35.22
CA LEU B 492 101.40 11.40 -34.03
C LEU B 492 101.72 10.14 -33.31
N PHE B 493 101.85 9.01 -34.04
CA PHE B 493 102.10 7.76 -33.39
C PHE B 493 103.36 7.91 -32.64
N ARG B 494 104.29 8.74 -33.13
CA ARG B 494 105.36 8.97 -32.22
C ARG B 494 106.05 7.61 -32.14
N MET B 495 105.99 6.96 -33.29
CA MET B 495 106.87 5.86 -33.45
C MET B 495 108.10 6.66 -33.70
N VAL B 496 107.86 7.74 -34.46
CA VAL B 496 108.84 8.72 -34.75
C VAL B 496 109.21 9.45 -33.47
N PHE B 497 108.08 9.88 -32.84
CA PHE B 497 108.35 10.73 -31.75
C PHE B 497 108.17 10.06 -30.47
N LEU B 498 109.18 10.45 -29.72
CA LEU B 498 109.56 9.79 -28.56
C LEU B 498 108.77 10.35 -27.41
N ASP B 499 108.26 11.55 -27.64
CA ASP B 499 107.46 12.18 -26.65
C ASP B 499 106.24 11.40 -26.30
N PHE B 500 105.53 10.74 -27.22
CA PHE B 500 104.31 10.09 -26.82
C PHE B 500 104.62 8.79 -26.25
N ARG B 501 105.88 8.34 -26.44
CA ARG B 501 106.29 7.26 -25.63
C ARG B 501 106.03 7.73 -24.23
N PHE B 502 106.62 8.87 -23.84
CA PHE B 502 106.37 9.57 -22.61
C PHE B 502 104.89 9.76 -22.39
N LEU B 503 104.18 10.63 -23.18
CA LEU B 503 102.92 11.07 -22.70
C LEU B 503 101.87 10.04 -22.68
N GLU B 504 101.76 9.24 -23.76
CA GLU B 504 100.69 8.29 -23.76
C GLU B 504 100.86 7.39 -22.59
N GLN B 505 102.10 6.94 -22.40
CA GLN B 505 102.39 5.99 -21.38
C GLN B 505 102.12 6.55 -20.00
N LYS B 506 102.65 7.74 -19.65
CA LYS B 506 102.42 8.10 -18.28
C LYS B 506 100.99 8.45 -18.04
N ILE B 507 100.33 9.13 -19.00
CA ILE B 507 98.96 9.47 -18.72
C ILE B 507 98.03 8.30 -18.58
N ARG B 508 98.11 7.25 -19.42
CA ARG B 508 97.13 6.22 -19.16
C ARG B 508 97.66 5.26 -18.15
N HIS B 509 98.12 5.81 -17.00
CA HIS B 509 98.50 5.14 -15.78
C HIS B 509 97.33 5.08 -14.86
N ASP B 510 96.39 6.04 -15.02
CA ASP B 510 95.27 6.26 -14.14
C ASP B 510 94.25 5.17 -14.21
N SER B 511 93.78 4.77 -13.01
CA SER B 511 92.74 3.82 -12.76
C SER B 511 92.62 3.79 -11.28
N THR B 512 91.62 3.07 -10.76
CA THR B 512 91.54 2.95 -9.33
C THR B 512 91.50 1.50 -9.01
N ALA B 513 92.63 0.96 -8.50
CA ALA B 513 92.61 -0.42 -8.13
C ALA B 513 93.57 -0.58 -7.00
N TRP B 514 93.17 -1.36 -5.98
CA TRP B 514 94.08 -1.56 -4.91
C TRP B 514 95.21 -2.34 -5.45
N ASN B 515 94.92 -3.48 -6.10
CA ASN B 515 95.94 -4.36 -6.57
C ASN B 515 96.70 -3.73 -7.67
N ALA B 516 97.97 -4.12 -7.74
CA ALA B 516 98.98 -3.65 -8.61
C ALA B 516 98.69 -3.82 -10.10
N SER B 517 97.87 -4.81 -10.50
CA SER B 517 97.55 -4.68 -11.90
C SER B 517 96.19 -5.27 -12.12
N GLY B 518 95.89 -5.73 -13.35
CA GLY B 518 94.66 -6.19 -13.88
C GLY B 518 94.78 -5.69 -15.27
N SER B 519 93.69 -5.72 -16.07
CA SER B 519 93.85 -5.23 -17.41
C SER B 519 93.01 -3.99 -17.52
N ILE B 520 93.67 -2.83 -17.72
CA ILE B 520 92.98 -1.58 -17.91
C ILE B 520 93.71 -0.82 -18.97
N LEU B 521 93.06 0.22 -19.54
CA LEU B 521 93.70 1.03 -20.54
C LEU B 521 95.02 1.51 -20.04
N ASN B 522 96.07 1.06 -20.74
CA ASN B 522 97.42 1.41 -20.43
C ASN B 522 98.13 1.23 -21.72
N THR B 523 99.28 0.55 -21.65
CA THR B 523 100.10 0.27 -22.80
C THR B 523 99.28 -0.54 -23.75
N LEU B 524 98.33 -1.34 -23.22
CA LEU B 524 97.59 -2.27 -24.01
C LEU B 524 96.94 -1.57 -25.17
N GLN B 525 96.29 -0.42 -24.93
CA GLN B 525 95.64 0.28 -26.01
C GLN B 525 96.66 0.86 -26.94
N GLN B 526 97.76 1.38 -26.40
CA GLN B 526 98.78 2.04 -27.17
C GLN B 526 99.31 1.09 -28.20
N LEU B 527 99.66 -0.14 -27.77
CA LEU B 527 100.21 -1.12 -28.66
C LEU B 527 99.16 -1.43 -29.68
N LYS B 528 97.88 -1.39 -29.27
CA LYS B 528 96.81 -1.70 -30.16
C LYS B 528 96.79 -0.73 -31.29
N PHE B 529 97.05 0.57 -31.02
CA PHE B 529 96.97 1.53 -32.08
C PHE B 529 98.02 1.23 -33.08
N TYR B 530 99.25 0.94 -32.61
CA TYR B 530 100.31 0.80 -33.54
C TYR B 530 100.02 -0.30 -34.51
N LYS B 531 99.52 -1.45 -34.04
CA LYS B 531 99.38 -2.55 -34.95
C LYS B 531 98.38 -2.28 -36.05
N PRO B 532 97.14 -1.94 -35.83
CA PRO B 532 96.30 -1.73 -36.99
C PRO B 532 96.54 -0.48 -37.79
N TYR B 533 97.08 0.58 -37.17
CA TYR B 533 97.27 1.83 -37.83
C TYR B 533 98.37 1.81 -38.85
N ILE B 534 99.37 0.91 -38.70
CA ILE B 534 100.59 0.94 -39.48
C ILE B 534 100.30 0.87 -40.95
N CYS B 535 99.21 0.20 -41.36
CA CYS B 535 98.98 -0.07 -42.75
C CYS B 535 98.98 1.20 -43.53
N ASP B 536 98.58 2.32 -42.89
CA ASP B 536 98.50 3.55 -43.60
C ASP B 536 99.87 3.90 -44.12
N ASN B 537 100.93 3.32 -43.50
CA ASN B 537 102.30 3.59 -43.88
C ASN B 537 102.87 2.45 -44.69
N ASP B 538 104.20 2.54 -44.95
CA ASP B 538 104.95 1.55 -45.70
C ASP B 538 105.90 0.78 -44.80
N PRO B 539 106.74 -0.04 -45.40
CA PRO B 539 107.71 -0.78 -44.63
C PRO B 539 108.78 -0.01 -43.92
N LYS B 540 109.31 1.08 -44.51
CA LYS B 540 110.42 1.77 -43.91
C LYS B 540 109.97 2.19 -42.56
N TYR B 541 108.76 2.78 -42.52
CA TYR B 541 108.18 3.20 -41.28
C TYR B 541 107.88 1.98 -40.48
N GLU B 542 107.49 0.89 -41.17
CA GLU B 542 107.08 -0.31 -40.52
C GLU B 542 108.20 -0.81 -39.67
N ARG B 543 109.43 -0.76 -40.20
CA ARG B 543 110.51 -1.25 -39.38
C ARG B 543 110.66 -0.36 -38.19
N LEU B 544 110.54 0.97 -38.39
CA LEU B 544 110.73 1.88 -37.31
C LEU B 544 109.71 1.58 -36.27
N VAL B 545 108.45 1.39 -36.70
CA VAL B 545 107.43 1.17 -35.72
C VAL B 545 107.74 -0.05 -34.92
N ASN B 546 108.31 -1.10 -35.56
CA ASN B 546 108.60 -2.25 -34.78
C ASN B 546 109.68 -1.94 -33.79
N ALA B 547 110.63 -1.06 -34.17
CA ALA B 547 111.73 -0.75 -33.30
C ALA B 547 111.15 -0.20 -32.02
N ILE B 548 110.19 0.72 -32.14
CA ILE B 548 109.60 1.32 -30.97
C ILE B 548 108.87 0.25 -30.25
N LEU B 549 108.19 -0.61 -31.03
CA LEU B 549 107.35 -1.62 -30.47
C LEU B 549 108.16 -2.57 -29.66
N ASP B 550 109.33 -3.02 -30.15
CA ASP B 550 110.09 -3.95 -29.37
C ASP B 550 110.55 -3.27 -28.12
N PHE B 551 110.88 -1.97 -28.20
CA PHE B 551 111.38 -1.28 -27.07
C PHE B 551 110.34 -1.25 -25.99
N LEU B 552 109.07 -1.06 -26.36
CA LEU B 552 108.02 -0.96 -25.38
C LEU B 552 107.88 -2.21 -24.57
N PRO B 553 107.72 -3.40 -25.11
CA PRO B 553 107.72 -4.51 -24.21
C PRO B 553 109.04 -4.76 -23.58
N LYS B 554 110.13 -4.24 -24.16
CA LYS B 554 111.42 -4.51 -23.58
C LYS B 554 111.42 -3.92 -22.20
N ILE B 555 110.91 -2.69 -22.08
CA ILE B 555 110.97 -2.01 -20.82
C ILE B 555 110.00 -2.64 -19.88
N GLU B 556 110.52 -2.99 -18.68
CA GLU B 556 109.81 -3.67 -17.65
C GLU B 556 109.07 -2.72 -16.77
N GLU B 557 108.19 -3.30 -15.94
CA GLU B 557 107.34 -2.57 -15.05
C GLU B 557 108.19 -1.72 -14.17
N ASN B 558 107.93 -0.41 -14.27
CA ASN B 558 108.55 0.62 -13.50
C ASN B 558 107.63 1.78 -13.65
N LEU B 559 107.98 2.90 -13.00
CA LEU B 559 107.24 4.12 -13.15
C LEU B 559 107.98 4.83 -14.25
N ILE B 560 107.29 5.20 -15.36
CA ILE B 560 107.93 5.94 -16.41
C ILE B 560 108.21 7.29 -15.83
N CYS B 561 107.19 7.85 -15.16
CA CYS B 561 107.31 9.18 -14.63
C CYS B 561 108.50 9.23 -13.74
N SER B 562 109.40 10.16 -14.07
CA SER B 562 110.67 10.40 -13.46
C SER B 562 111.08 11.68 -14.11
N LYS B 563 112.34 12.07 -14.18
CA LYS B 563 112.36 13.12 -15.12
C LYS B 563 112.29 12.58 -16.43
N TYR B 564 112.03 13.54 -17.26
CA TYR B 564 111.73 13.37 -18.63
C TYR B 564 112.94 12.83 -19.32
N THR B 565 114.09 13.07 -18.70
CA THR B 565 115.39 12.67 -19.09
C THR B 565 115.39 11.25 -19.46
N ASP B 566 114.72 10.47 -18.61
CA ASP B 566 114.87 9.06 -18.72
C ASP B 566 114.48 8.58 -20.06
N LEU B 567 113.41 9.13 -20.59
CA LEU B 567 112.95 8.65 -21.84
C LEU B 567 114.10 8.81 -22.78
N LEU B 568 114.77 9.99 -22.76
CA LEU B 568 115.74 10.20 -23.78
C LEU B 568 116.90 9.25 -23.59
N ARG B 569 117.35 8.91 -22.32
CA ARG B 569 118.43 7.99 -22.25
C ARG B 569 118.02 6.62 -22.70
N ILE B 570 116.80 6.16 -22.38
CA ILE B 570 116.52 4.83 -22.86
C ILE B 570 116.48 4.81 -24.36
N ALA B 571 116.05 5.92 -24.96
CA ALA B 571 115.94 6.01 -26.40
C ALA B 571 117.29 5.73 -26.98
N LEU B 572 118.33 6.12 -26.24
CA LEU B 572 119.70 6.08 -26.67
C LEU B 572 120.14 4.67 -26.99
N MET B 573 119.51 3.64 -26.41
CA MET B 573 120.03 2.30 -26.54
C MET B 573 120.20 1.81 -27.97
N ALA B 574 119.22 1.95 -28.89
CA ALA B 574 119.48 1.40 -30.20
C ALA B 574 119.67 2.53 -31.17
N GLU B 575 120.83 2.55 -31.86
CA GLU B 575 121.22 3.63 -32.74
C GLU B 575 120.34 3.73 -33.95
N ASP B 576 119.81 2.59 -34.43
CA ASP B 576 119.05 2.50 -35.63
C ASP B 576 117.70 3.25 -35.63
N GLU B 577 117.12 3.77 -34.50
CA GLU B 577 115.73 4.23 -34.51
C GLU B 577 115.42 5.71 -34.49
N ALA B 578 114.22 6.04 -35.04
CA ALA B 578 113.61 7.34 -35.17
C ALA B 578 113.27 7.90 -33.83
N ILE B 579 112.88 7.02 -32.90
CA ILE B 579 112.56 7.40 -31.57
C ILE B 579 113.72 8.14 -30.98
N PHE B 580 114.94 7.63 -31.18
CA PHE B 580 116.10 8.26 -30.62
C PHE B 580 116.26 9.62 -31.19
N GLU B 581 116.07 9.77 -32.51
CA GLU B 581 116.27 11.06 -33.09
C GLU B 581 115.31 12.01 -32.44
N GLU B 582 114.07 11.56 -32.20
CA GLU B 582 113.08 12.38 -31.56
C GLU B 582 113.51 12.65 -30.15
N ALA B 583 114.08 11.64 -29.48
CA ALA B 583 114.48 11.79 -28.10
C ALA B 583 115.49 12.90 -28.04
N HIS B 584 116.41 12.93 -29.00
CA HIS B 584 117.43 13.94 -29.00
C HIS B 584 116.80 15.28 -29.25
N LYS B 585 115.79 15.36 -30.13
CA LYS B 585 115.22 16.65 -30.41
C LYS B 585 114.58 17.19 -29.17
N GLN B 586 113.79 16.34 -28.51
CA GLN B 586 113.05 16.76 -27.36
C GLN B 586 113.99 17.17 -26.25
N VAL B 587 115.12 16.48 -26.13
CA VAL B 587 116.08 16.94 -25.18
C VAL B 587 116.46 18.34 -25.59
N GLN B 588 116.74 18.58 -26.86
CA GLN B 588 117.20 19.88 -27.27
C GLN B 588 116.19 20.92 -26.87
N ARG B 589 114.88 20.70 -27.16
CA ARG B 589 113.94 21.70 -26.71
C ARG B 589 113.35 21.16 -25.43
N UNK B 590 112.59 40.04 -2.27
CA UNK B 590 113.89 39.55 -2.76
C UNK B 590 113.70 38.36 -3.63
N UNK B 591 114.67 37.42 -3.61
CA UNK B 591 114.56 36.25 -4.42
C UNK B 591 113.42 35.44 -3.88
N UNK B 592 112.70 34.75 -4.77
CA UNK B 592 111.59 33.93 -4.38
C UNK B 592 112.13 32.60 -3.96
N UNK B 593 111.25 31.74 -3.40
CA UNK B 593 111.68 30.46 -2.96
C UNK B 593 112.24 29.75 -4.15
N UNK B 594 113.21 28.85 -3.88
CA UNK B 594 113.88 28.12 -4.92
C UNK B 594 112.94 27.24 -5.68
N UNK B 595 112.00 26.55 -4.98
CA UNK B 595 110.99 25.70 -5.59
C UNK B 595 111.52 24.90 -6.73
N UNK B 596 112.25 23.80 -6.45
CA UNK B 596 112.79 23.00 -7.53
C UNK B 596 111.89 21.84 -7.77
N UNK B 597 111.63 21.53 -9.06
CA UNK B 597 110.78 20.43 -9.44
C UNK B 597 111.60 19.18 -9.34
N UNK B 598 110.93 18.04 -9.20
CA UNK B 598 111.65 16.79 -9.10
C UNK B 598 112.22 16.50 -10.44
N UNK B 599 113.41 15.87 -10.46
CA UNK B 599 113.96 15.58 -11.73
C UNK B 599 114.39 14.14 -11.69
N UNK B 600 114.63 13.57 -12.85
CA UNK B 600 114.92 12.20 -13.02
C UNK B 600 116.21 12.12 -12.36
N UNK B 601 116.48 11.05 -11.66
CA UNK B 601 117.81 10.93 -11.21
C UNK B 601 118.57 10.33 -12.33
N UNK B 602 119.88 10.61 -12.39
CA UNK B 602 120.67 10.00 -13.41
C UNK B 602 120.49 8.53 -13.15
N UNK B 603 120.05 7.73 -14.16
CA UNK B 603 119.66 6.41 -13.72
C UNK B 603 120.40 5.18 -14.30
N UNK B 604 120.71 4.11 -13.43
CA UNK B 604 121.19 2.70 -13.67
C UNK B 604 121.19 1.44 -12.33
N UNK B 605 120.37 0.08 -11.89
CA UNK B 605 120.25 -1.20 -10.90
C UNK B 605 118.85 -1.91 -10.57
N UNK B 606 117.74 -1.83 -11.36
CA UNK B 606 116.37 -2.25 -11.01
C UNK B 606 116.05 -3.70 -10.71
N UNK B 607 116.66 -4.68 -11.39
CA UNK B 607 116.24 -6.05 -11.17
C UNK B 607 116.45 -6.43 -9.75
N UNK B 608 115.69 -7.49 -9.33
CA UNK B 608 115.73 -8.13 -8.05
C UNK B 608 114.54 -7.69 -7.28
N UNK B 609 114.05 -8.58 -6.40
CA UNK B 609 112.91 -8.29 -5.58
C UNK B 609 113.38 -7.39 -4.50
N UNK B 610 112.56 -6.37 -4.18
CA UNK B 610 112.92 -5.51 -3.09
C UNK B 610 112.82 -6.29 -1.83
N UNK B 611 111.72 -7.07 -1.72
CA UNK B 611 111.44 -7.83 -0.54
C UNK B 611 111.71 -9.27 -0.78
N UNK B 612 111.47 -10.09 0.26
CA UNK B 612 111.68 -11.50 0.18
C UNK B 612 110.76 -12.07 -0.83
N UNK B 613 111.09 -13.27 -1.33
CA UNK B 613 110.23 -13.92 -2.26
C UNK B 613 109.54 -15.01 -1.52
N UNK B 614 108.18 -15.00 -1.58
CA UNK B 614 107.34 -15.95 -0.92
C UNK B 614 107.42 -17.32 -1.53
N UNK B 615 107.39 -17.44 -2.87
CA UNK B 615 107.34 -18.77 -3.41
C UNK B 615 108.08 -18.83 -4.71
N UNK B 616 108.46 -20.07 -5.11
CA UNK B 616 109.13 -20.29 -6.36
C UNK B 616 108.33 -21.32 -7.09
N UNK B 617 108.25 -21.19 -8.44
CA UNK B 617 107.47 -22.15 -9.17
C UNK B 617 108.15 -22.38 -10.49
N UNK B 618 107.91 -23.57 -11.09
CA UNK B 618 108.52 -23.89 -12.35
C UNK B 618 107.45 -23.93 -13.39
N UNK B 619 107.75 -23.39 -14.60
CA UNK B 619 106.80 -23.40 -15.68
C UNK B 619 106.77 -24.79 -16.22
N UNK B 620 105.58 -25.30 -16.55
CA UNK B 620 105.55 -26.65 -17.03
C UNK B 620 106.24 -26.78 -18.36
N UNK B 621 105.77 -26.03 -19.37
CA UNK B 621 106.29 -26.19 -20.70
C UNK B 621 107.66 -25.61 -20.91
N UNK B 622 107.82 -24.31 -20.58
CA UNK B 622 109.02 -23.62 -20.94
C UNK B 622 110.03 -23.73 -19.86
N UNK B 623 111.31 -23.51 -20.22
CA UNK B 623 112.28 -23.49 -19.17
C UNK B 623 112.27 -22.09 -18.67
N UNK B 624 111.37 -21.84 -17.70
CA UNK B 624 111.24 -20.55 -17.12
C UNK B 624 110.72 -20.80 -15.75
N UNK B 625 111.03 -19.90 -14.81
CA UNK B 625 110.56 -20.09 -13.47
C UNK B 625 109.95 -18.81 -13.04
N UNK B 626 108.98 -18.87 -12.11
CA UNK B 626 108.33 -17.67 -11.67
C UNK B 626 108.64 -17.52 -10.22
N UNK B 627 108.70 -16.26 -9.75
CA UNK B 627 109.00 -16.02 -8.37
C UNK B 627 107.87 -15.21 -7.80
N UNK B 628 107.60 -15.41 -6.50
CA UNK B 628 106.56 -14.68 -5.83
C UNK B 628 107.25 -13.81 -4.82
N UNK B 629 106.73 -12.59 -4.64
CA UNK B 629 107.34 -11.64 -3.75
C UNK B 629 106.41 -10.48 -3.76
N UNK B 630 106.97 -9.27 -3.58
CA UNK B 630 106.12 -8.11 -3.60
C UNK B 630 105.45 -8.12 -4.93
N UNK B 631 106.22 -8.47 -5.99
CA UNK B 631 105.64 -8.57 -7.29
C UNK B 631 106.11 -9.87 -7.86
N UNK B 632 105.37 -10.43 -8.83
CA UNK B 632 105.84 -11.66 -9.40
C UNK B 632 106.86 -11.32 -10.43
N UNK B 633 107.86 -12.20 -10.60
CA UNK B 633 108.88 -11.97 -11.57
C UNK B 633 109.09 -13.26 -12.29
N UNK B 634 109.50 -13.18 -13.57
CA UNK B 634 109.73 -14.39 -14.31
C UNK B 634 111.17 -14.38 -14.70
N UNK B 635 111.81 -15.56 -14.63
CA UNK B 635 113.19 -15.63 -14.99
C UNK B 635 113.41 -16.97 -15.60
N UNK B 636 114.53 -17.14 -16.32
CA UNK B 636 114.79 -18.41 -16.92
C UNK B 636 115.79 -19.11 -16.07
N UNK B 637 115.49 -20.39 -15.76
CA UNK B 637 116.36 -21.24 -14.99
C UNK B 637 117.59 -21.41 -15.81
N UNK B 638 117.39 -21.42 -17.14
CA UNK B 638 118.43 -21.61 -18.11
C UNK B 638 119.45 -20.55 -17.92
N UNK B 639 120.47 -20.57 -18.80
CA UNK B 639 121.61 -19.72 -18.73
C UNK B 639 121.21 -18.29 -18.76
N UNK B 640 120.15 -17.94 -19.52
CA UNK B 640 119.82 -16.54 -19.65
C UNK B 640 119.58 -15.96 -18.29
N UNK B 641 118.72 -16.63 -17.47
CA UNK B 641 118.44 -16.21 -16.13
C UNK B 641 118.21 -14.74 -16.08
N UNK B 642 117.30 -14.21 -16.91
CA UNK B 642 117.09 -12.79 -16.89
C UNK B 642 115.69 -12.55 -16.46
N UNK B 643 115.43 -11.36 -15.86
CA UNK B 643 114.08 -11.10 -15.46
C UNK B 643 113.35 -10.82 -16.71
N UNK B 644 112.65 -11.86 -17.23
CA UNK B 644 111.94 -11.73 -18.46
C UNK B 644 110.85 -10.73 -18.30
N UNK B 645 110.08 -10.82 -17.20
CA UNK B 645 108.98 -9.91 -17.08
C UNK B 645 108.66 -9.66 -15.65
N UNK B 646 107.84 -8.61 -15.40
CA UNK B 646 107.40 -8.20 -14.11
C UNK B 646 105.91 -8.43 -14.04
N UNK B 647 105.44 -8.90 -12.86
CA UNK B 647 104.07 -9.27 -12.55
C UNK B 647 103.07 -8.15 -12.52
N UNK B 648 103.45 -6.97 -11.99
CA UNK B 648 102.68 -5.76 -12.03
C UNK B 648 101.56 -5.59 -11.07
N UNK B 649 100.89 -6.76 -10.85
CA UNK B 649 99.59 -7.19 -10.41
C UNK B 649 99.08 -6.94 -8.99
N UNK B 650 99.89 -6.77 -7.90
CA UNK B 650 99.19 -6.80 -6.64
C UNK B 650 99.38 -5.57 -5.80
N UNK B 651 98.23 -5.12 -5.28
CA UNK B 651 97.95 -3.96 -4.49
C UNK B 651 98.70 -4.08 -3.26
N UNK B 652 98.34 -5.21 -2.67
CA UNK B 652 98.74 -5.57 -1.36
C UNK B 652 100.07 -6.17 -1.50
N UNK B 653 100.51 -6.82 -0.41
CA UNK B 653 101.83 -7.34 -0.40
C UNK B 653 101.86 -8.60 0.39
N UNK B 654 102.89 -8.71 1.26
CA UNK B 654 103.18 -9.88 2.03
C UNK B 654 103.70 -10.88 1.07
N UNK B 655 104.10 -10.39 -0.11
CA UNK B 655 104.55 -11.23 -1.18
C UNK B 655 103.33 -11.88 -1.71
N UNK B 656 103.28 -12.18 -3.03
CA UNK B 656 102.15 -12.95 -3.42
C UNK B 656 102.41 -14.20 -2.68
N UNK B 657 101.46 -14.59 -1.82
CA UNK B 657 101.74 -15.67 -0.93
C UNK B 657 102.03 -16.88 -1.75
N UNK B 658 101.22 -17.12 -2.79
CA UNK B 658 101.46 -18.31 -3.54
C UNK B 658 101.20 -18.04 -4.98
N UNK B 659 101.68 -18.96 -5.83
CA UNK B 659 101.43 -18.87 -7.24
C UNK B 659 101.17 -20.28 -7.67
N UNK B 660 100.32 -20.44 -8.70
CA UNK B 660 100.06 -21.76 -9.19
C UNK B 660 99.89 -21.64 -10.66
N UNK B 661 100.31 -22.67 -11.41
CA UNK B 661 100.19 -22.61 -12.83
C UNK B 661 99.28 -23.70 -13.25
N UNK B 662 98.54 -23.45 -14.35
CA UNK B 662 97.66 -24.44 -14.90
C UNK B 662 98.53 -25.43 -15.59
N UNK B 663 97.98 -26.62 -15.91
CA UNK B 663 98.74 -27.64 -16.55
C UNK B 663 99.19 -27.10 -17.87
N UNK B 664 98.30 -26.35 -18.55
CA UNK B 664 98.58 -25.78 -19.83
C UNK B 664 99.73 -24.84 -19.66
N UNK B 665 99.79 -24.19 -18.49
CA UNK B 665 100.79 -23.20 -18.20
C UNK B 665 100.40 -21.97 -18.97
N UNK B 666 99.17 -21.99 -19.51
CA UNK B 666 98.63 -20.84 -20.17
C UNK B 666 98.36 -19.78 -19.15
N UNK B 667 97.80 -20.16 -17.98
CA UNK B 667 97.42 -19.17 -17.03
C UNK B 667 98.09 -19.42 -15.72
N UNK B 668 98.32 -18.33 -14.96
CA UNK B 668 98.92 -18.44 -13.67
C UNK B 668 98.00 -17.78 -12.71
N UNK B 669 97.94 -18.29 -11.46
CA UNK B 669 97.08 -17.68 -10.49
C UNK B 669 97.97 -17.22 -9.37
N UNK B 670 97.61 -16.10 -8.73
CA UNK B 670 98.43 -15.58 -7.67
C UNK B 670 97.56 -15.26 -6.51
N UNK B 671 98.16 -15.20 -5.30
CA UNK B 671 97.44 -14.87 -4.11
C UNK B 671 98.16 -13.74 -3.45
N UNK B 672 97.46 -12.96 -2.59
CA UNK B 672 98.14 -11.86 -2.01
C UNK B 672 97.39 -11.37 -0.79
N UNK B 673 97.97 -10.33 -0.17
CA UNK B 673 97.46 -9.65 0.98
C UNK B 673 96.15 -9.05 0.60
N UNK B 674 96.01 -8.73 -0.70
CA UNK B 674 94.86 -8.06 -1.25
C UNK B 674 93.67 -8.90 -0.89
N UNK B 675 93.88 -10.22 -0.74
CA UNK B 675 92.79 -11.12 -0.50
C UNK B 675 92.03 -11.23 -1.77
N UNK B 676 92.75 -11.01 -2.88
CA UNK B 676 92.19 -11.18 -4.17
C UNK B 676 93.04 -12.21 -4.84
N UNK B 677 92.46 -13.00 -5.75
CA UNK B 677 93.30 -13.92 -6.46
C UNK B 677 93.35 -13.43 -7.85
N UNK B 678 94.51 -12.95 -8.28
CA UNK B 678 94.52 -12.47 -9.61
C UNK B 678 94.64 -13.67 -10.47
N UNK B 679 93.93 -13.67 -11.61
CA UNK B 679 94.34 -14.63 -12.56
C UNK B 679 95.58 -13.90 -12.83
N UNK B 680 96.69 -14.44 -12.27
CA UNK B 680 97.96 -13.80 -12.19
C UNK B 680 98.19 -13.43 -13.56
N UNK B 681 97.81 -14.36 -14.46
CA UNK B 681 97.91 -13.87 -15.77
C UNK B 681 97.40 -14.83 -16.74
N UNK B 682 97.25 -14.27 -17.95
CA UNK B 682 96.83 -15.00 -19.09
C UNK B 682 96.27 -13.94 -20.04
N UNK B 683 100.89 -8.95 -20.52
CA UNK B 683 100.28 -9.93 -19.60
C UNK B 683 99.52 -9.22 -18.55
N UNK B 684 98.19 -9.11 -18.75
CA UNK B 684 97.40 -8.42 -17.78
C UNK B 684 96.56 -9.46 -17.10
N UNK B 685 96.15 -9.18 -15.86
CA UNK B 685 95.39 -10.16 -15.15
C UNK B 685 94.10 -10.33 -15.88
N UNK B 686 93.70 -11.59 -16.10
CA UNK B 686 92.47 -11.85 -16.79
C UNK B 686 91.34 -11.35 -15.96
N UNK B 687 91.38 -11.63 -14.65
CA UNK B 687 90.29 -11.19 -13.81
C UNK B 687 90.77 -11.20 -12.40
N UNK B 688 90.02 -10.51 -11.52
CA UNK B 688 90.37 -10.50 -10.13
C UNK B 688 89.24 -11.17 -9.41
N UNK B 689 89.57 -12.03 -8.43
CA UNK B 689 88.53 -12.69 -7.71
C UNK B 689 88.60 -12.22 -6.29
N UNK B 690 87.44 -11.88 -5.71
CA UNK B 690 87.42 -11.40 -4.37
C UNK B 690 86.48 -12.27 -3.61
N UNK B 691 86.64 -12.31 -2.28
CA UNK B 691 85.82 -13.19 -1.51
C UNK B 691 86.36 -13.14 -0.13
N UNK B 692 87.42 -13.92 0.10
CA UNK B 692 88.01 -14.07 1.40
C UNK B 692 88.23 -12.74 2.03
N UNK B 693 87.88 -12.68 3.34
CA UNK B 693 87.99 -11.55 4.20
C UNK B 693 89.42 -11.21 4.46
N UNK B 694 90.28 -12.24 4.60
CA UNK B 694 91.63 -11.98 5.03
C UNK B 694 92.61 -12.41 3.99
N UNK B 695 93.91 -12.28 4.34
CA UNK B 695 94.97 -12.58 3.43
C UNK B 695 94.83 -13.99 2.96
N UNK B 696 95.15 -14.22 1.66
CA UNK B 696 95.03 -15.53 1.12
C UNK B 696 96.39 -16.16 1.13
N UNK B 697 96.52 -17.23 1.93
CA UNK B 697 97.74 -17.95 2.10
C UNK B 697 98.13 -18.72 0.87
N UNK B 698 97.18 -19.40 0.19
CA UNK B 698 97.62 -20.20 -0.91
C UNK B 698 96.55 -20.33 -1.94
N UNK B 699 96.95 -20.61 -3.19
CA UNK B 699 96.02 -20.78 -4.27
C UNK B 699 96.53 -21.89 -5.12
N UNK B 700 95.62 -22.58 -5.84
CA UNK B 700 96.09 -23.61 -6.70
C UNK B 700 95.09 -23.79 -7.79
N UNK B 701 95.57 -24.23 -8.96
CA UNK B 701 94.67 -24.48 -10.05
C UNK B 701 94.45 -25.95 -10.07
N UNK B 702 93.18 -26.38 -10.24
CA UNK B 702 92.88 -27.78 -10.27
C UNK B 702 93.42 -28.33 -11.54
N UNK B 703 93.73 -29.64 -11.55
CA UNK B 703 94.25 -30.25 -12.73
C UNK B 703 93.23 -30.04 -13.85
N UNK B 704 87.71 -24.88 -10.67
CA UNK B 704 88.81 -24.18 -11.36
C UNK B 704 89.97 -23.95 -10.43
N UNK B 705 89.76 -23.15 -9.37
CA UNK B 705 90.86 -22.85 -8.51
C UNK B 705 90.40 -22.94 -7.08
N UNK B 706 91.36 -23.19 -6.16
CA UNK B 706 91.04 -23.26 -4.77
C UNK B 706 91.97 -22.35 -4.04
N UNK B 707 91.51 -21.76 -2.93
CA UNK B 707 92.35 -20.88 -2.17
C UNK B 707 92.06 -21.13 -0.73
N UNK B 708 92.99 -20.72 0.15
CA UNK B 708 92.82 -20.86 1.58
C UNK B 708 93.13 -19.53 2.16
N UNK B 709 92.53 -19.21 3.33
CA UNK B 709 92.77 -17.89 3.85
C UNK B 709 92.77 -17.90 5.34
N UNK B 710 93.08 -16.72 5.90
CA UNK B 710 93.08 -16.40 7.30
C UNK B 710 91.67 -16.57 7.72
N UNK B 711 90.78 -16.41 6.74
CA UNK B 711 89.36 -16.52 6.90
C UNK B 711 89.10 -17.87 7.49
N UNK B 712 90.03 -18.82 7.27
CA UNK B 712 89.86 -20.15 7.77
C UNK B 712 88.79 -20.77 6.95
N UNK B 713 88.71 -20.33 5.68
CA UNK B 713 87.77 -20.90 4.77
C UNK B 713 88.54 -21.34 3.58
N UNK B 714 87.97 -22.32 2.85
CA UNK B 714 88.54 -22.76 1.62
C UNK B 714 87.52 -22.42 0.59
N UNK B 715 87.93 -21.84 -0.54
CA UNK B 715 86.93 -21.46 -1.49
C UNK B 715 87.33 -21.98 -2.82
N UNK B 716 86.32 -22.27 -3.67
CA UNK B 716 86.57 -22.72 -4.99
C UNK B 716 86.09 -21.64 -5.90
N UNK B 717 86.85 -21.32 -6.95
CA UNK B 717 86.44 -20.27 -7.82
C UNK B 717 86.38 -20.79 -9.21
N UNK B 718 85.50 -20.20 -10.04
CA UNK B 718 85.40 -20.63 -11.40
C UNK B 718 86.38 -19.79 -12.15
N UNK B 719 81.60 -20.80 -6.20
CA UNK B 719 80.90 -22.05 -6.07
C UNK B 719 80.99 -22.69 -4.72
N UNK B 720 82.19 -22.82 -4.12
CA UNK B 720 82.20 -23.62 -2.94
C UNK B 720 82.92 -22.94 -1.82
N UNK B 721 82.54 -23.34 -0.60
CA UNK B 721 83.19 -22.88 0.59
C UNK B 721 83.34 -24.09 1.45
N UNK B 722 84.46 -24.20 2.18
CA UNK B 722 84.61 -25.37 2.98
C UNK B 722 84.70 -24.95 4.40
N UNK B 723 83.78 -25.46 5.24
CA UNK B 723 83.84 -25.19 6.64
C UNK B 723 84.95 -26.05 7.13
N UNK B 724 85.62 -25.64 8.22
CA UNK B 724 86.74 -26.44 8.60
C UNK B 724 87.22 -25.99 9.93
N UNK B 725 88.54 -26.16 10.15
CA UNK B 725 89.19 -25.86 11.38
C UNK B 725 88.96 -24.43 11.73
N UNK B 726 89.03 -24.16 13.05
CA UNK B 726 88.84 -22.85 13.61
C UNK B 726 89.95 -21.93 13.17
N UNK B 727 91.19 -22.45 13.14
CA UNK B 727 92.35 -21.67 12.83
C UNK B 727 92.42 -21.35 11.37
N UNK B 728 93.32 -20.42 11.01
CA UNK B 728 93.50 -19.99 9.64
C UNK B 728 94.07 -21.14 8.88
N UNK B 729 93.86 -21.16 7.55
CA UNK B 729 94.36 -22.24 6.76
C UNK B 729 95.53 -21.78 5.97
N UNK B 730 96.68 -22.45 6.18
CA UNK B 730 97.94 -22.15 5.54
C UNK B 730 97.95 -22.48 4.08
N UNK B 731 97.45 -23.67 3.68
CA UNK B 731 97.59 -24.00 2.28
C UNK B 731 96.57 -25.00 1.88
N UNK B 732 96.34 -25.11 0.55
CA UNK B 732 95.41 -26.08 0.03
C UNK B 732 96.08 -26.73 -1.14
N UNK B 733 95.90 -28.05 -1.28
CA UNK B 733 96.50 -28.71 -2.40
C UNK B 733 95.51 -29.70 -2.93
N UNK B 734 95.44 -29.80 -4.27
CA UNK B 734 94.55 -30.75 -4.88
C UNK B 734 95.28 -32.05 -5.01
N UNK B 735 94.51 -33.14 -5.15
CA UNK B 735 95.09 -34.43 -5.37
C UNK B 735 95.36 -34.52 -6.83
N UNK B 736 96.24 -35.45 -7.23
CA UNK B 736 96.56 -35.61 -8.62
C UNK B 736 95.28 -35.97 -9.30
N UNK B 737 94.49 -36.82 -8.63
CA UNK B 737 93.21 -37.26 -9.12
C UNK B 737 92.37 -36.04 -9.19
N UNK B 738 92.64 -35.09 -8.27
CA UNK B 738 91.87 -33.90 -8.13
C UNK B 738 90.61 -34.31 -7.46
N UNK B 739 90.60 -35.58 -7.00
CA UNK B 739 89.49 -36.13 -6.29
C UNK B 739 89.35 -35.45 -4.96
N UNK B 740 90.48 -35.21 -4.26
CA UNK B 740 90.36 -34.68 -2.93
C UNK B 740 91.30 -33.53 -2.75
N UNK B 741 91.07 -32.75 -1.67
CA UNK B 741 91.90 -31.61 -1.39
C UNK B 741 92.45 -31.74 -0.01
N UNK B 742 93.67 -31.22 0.20
CA UNK B 742 94.28 -31.28 1.50
C UNK B 742 94.46 -29.86 1.94
N UNK B 743 94.14 -29.58 3.22
CA UNK B 743 94.29 -28.26 3.73
C UNK B 743 95.17 -28.33 4.92
N UNK B 744 95.90 -27.23 5.19
CA UNK B 744 96.75 -27.19 6.33
C UNK B 744 96.36 -25.98 7.10
N UNK B 745 96.42 -26.07 8.44
CA UNK B 745 96.02 -24.95 9.23
C UNK B 745 96.73 -25.07 10.52
N UNK B 746 96.52 -24.09 11.41
CA UNK B 746 97.18 -24.17 12.68
C UNK B 746 96.68 -25.40 13.36
N UNK B 747 95.36 -25.64 13.30
CA UNK B 747 94.76 -26.73 14.01
C UNK B 747 95.23 -28.07 13.51
N UNK B 748 95.21 -28.31 12.19
CA UNK B 748 95.57 -29.63 11.75
C UNK B 748 95.55 -29.65 10.25
N UNK B 749 95.85 -30.82 9.66
CA UNK B 749 95.80 -30.96 8.24
C UNK B 749 94.62 -31.81 7.94
N UNK B 750 93.75 -31.37 7.02
CA UNK B 750 92.58 -32.14 6.76
C UNK B 750 92.50 -32.42 5.29
N UNK B 751 91.92 -33.58 4.95
CA UNK B 751 91.73 -33.94 3.58
C UNK B 751 90.24 -33.89 3.36
N UNK B 752 89.81 -33.33 2.22
CA UNK B 752 88.40 -33.22 2.00
C UNK B 752 88.09 -33.72 0.63
N UNK B 753 86.87 -34.26 0.46
CA UNK B 753 86.43 -34.73 -0.82
C UNK B 753 86.04 -33.53 -1.61
N UNK B 754 85.98 -33.69 -2.95
CA UNK B 754 85.63 -32.59 -3.81
C UNK B 754 84.22 -32.14 -3.45
N UNK B 755 85.00 -34.98 5.06
CA UNK B 755 85.87 -35.27 6.21
C UNK B 755 86.25 -36.72 6.23
N UNK B 756 87.03 -37.15 5.22
CA UNK B 756 87.45 -38.52 5.17
C UNK B 756 88.28 -38.80 6.37
N UNK B 757 89.21 -37.89 6.69
CA UNK B 757 90.05 -38.10 7.83
C UNK B 757 90.88 -36.87 8.01
N UNK B 758 91.54 -36.75 9.18
CA UNK B 758 92.36 -35.60 9.42
C UNK B 758 93.51 -36.04 10.27
N UNK B 759 94.66 -35.34 10.18
CA UNK B 759 95.79 -35.76 10.93
C UNK B 759 95.74 -35.15 12.30
N UNK B 760 95.45 -36.01 13.28
CA UNK B 760 95.40 -35.74 14.69
C UNK B 760 96.79 -35.51 15.18
N UNK B 761 97.77 -36.15 14.52
CA UNK B 761 99.11 -36.25 15.00
C UNK B 761 99.68 -34.90 15.33
N UNK B 762 99.41 -33.85 14.53
CA UNK B 762 99.99 -32.57 14.87
C UNK B 762 99.45 -32.22 16.22
N UNK B 763 98.13 -32.40 16.39
CA UNK B 763 97.48 -32.21 17.65
C UNK B 763 97.56 -30.78 18.10
N UNK B 764 96.57 -30.40 18.92
CA UNK B 764 96.48 -29.11 19.53
C UNK B 764 97.63 -29.00 20.48
N UNK B 765 97.96 -30.12 21.12
CA UNK B 765 99.03 -30.15 22.08
C UNK B 765 100.25 -29.65 21.40
N UNK B 766 101.27 -29.26 22.19
CA UNK B 766 102.46 -28.66 21.67
C UNK B 766 102.97 -29.48 20.53
N UNK B 767 102.71 -28.93 19.34
CA UNK B 767 103.04 -29.42 18.05
C UNK B 767 101.97 -28.80 17.23
N UNK B 768 102.33 -28.11 16.14
CA UNK B 768 101.26 -27.44 15.47
C UNK B 768 101.84 -26.58 14.41
N UNK B 769 101.04 -25.59 13.96
CA UNK B 769 101.45 -24.68 12.94
C UNK B 769 101.98 -25.44 11.78
N UNK B 770 101.10 -26.19 11.09
CA UNK B 770 101.57 -26.94 9.95
C UNK B 770 101.56 -26.04 8.76
N UNK B 771 102.78 -25.65 8.33
CA UNK B 771 103.08 -24.78 7.23
C UNK B 771 102.80 -25.37 5.88
N UNK B 772 103.14 -26.65 5.65
CA UNK B 772 103.04 -27.07 4.27
C UNK B 772 102.50 -28.45 4.15
N UNK B 773 102.05 -28.76 2.92
CA UNK B 773 101.56 -30.07 2.62
C UNK B 773 101.92 -30.33 1.20
N UNK B 774 102.25 -31.59 0.90
CA UNK B 774 102.57 -31.93 -0.45
C UNK B 774 101.92 -33.24 -0.66
N UNK B 775 101.52 -33.50 -1.90
CA UNK B 775 100.90 -34.74 -2.19
C UNK B 775 101.95 -35.56 -2.79
N UNK B 776 101.91 -36.85 -2.44
CA UNK B 776 102.90 -37.75 -2.94
C UNK B 776 102.58 -38.04 -4.38
N UNK B 777 103.59 -38.64 -5.04
CA UNK B 777 103.54 -39.18 -6.37
C UNK B 777 102.72 -40.40 -6.15
N UNK B 778 103.30 -41.62 -6.02
CA UNK B 778 102.45 -42.69 -5.52
C UNK B 778 101.99 -42.16 -4.09
N UNK B 779 100.71 -42.52 -3.43
CA UNK B 779 99.70 -42.07 -2.34
C UNK B 779 100.04 -41.82 -0.88
N UNK B 780 99.81 -40.53 -0.50
CA UNK B 780 100.07 -40.05 0.82
C UNK B 780 100.18 -38.57 0.72
N UNK B 781 100.38 -37.91 1.87
CA UNK B 781 100.55 -36.48 1.91
C UNK B 781 101.66 -36.23 2.88
N UNK B 782 102.36 -35.10 2.71
CA UNK B 782 103.42 -34.81 3.63
C UNK B 782 103.21 -33.43 4.13
N UNK B 783 103.53 -33.20 5.42
CA UNK B 783 103.34 -31.90 5.96
C UNK B 783 104.53 -31.59 6.81
N UNK B 784 104.76 -30.29 7.05
CA UNK B 784 105.83 -29.86 7.89
C UNK B 784 105.29 -28.72 8.69
N UNK B 785 105.78 -28.52 9.94
CA UNK B 785 105.23 -27.46 10.73
C UNK B 785 106.32 -26.50 11.12
N UNK B 786 106.00 -25.19 11.06
CA UNK B 786 106.88 -24.14 11.46
C UNK B 786 107.04 -24.20 12.95
N UNK B 787 105.95 -24.59 13.63
CA UNK B 787 105.81 -24.59 15.05
C UNK B 787 106.85 -25.43 15.70
N UNK B 788 106.65 -25.67 17.00
CA UNK B 788 107.60 -26.33 17.84
C UNK B 788 107.93 -27.66 17.24
N UNK B 789 106.95 -28.36 16.64
CA UNK B 789 107.27 -29.64 16.10
C UNK B 789 108.35 -29.46 15.08
N UNK B 790 108.16 -28.51 14.14
CA UNK B 790 109.14 -28.21 13.13
C UNK B 790 109.63 -29.49 12.53
N UNK B 791 108.72 -30.41 12.17
CA UNK B 791 109.25 -31.61 11.62
C UNK B 791 108.41 -31.99 10.46
N UNK B 792 108.97 -32.82 9.56
CA UNK B 792 108.21 -33.31 8.46
C UNK B 792 107.40 -34.42 9.00
N UNK B 793 106.20 -34.61 8.45
CA UNK B 793 105.39 -35.70 8.89
C UNK B 793 105.00 -36.41 7.64
N UNK B 794 105.02 -37.76 7.68
CA UNK B 794 104.63 -38.48 6.52
C UNK B 794 103.53 -39.37 6.92
N UNK B 795 102.50 -39.49 6.05
CA UNK B 795 101.41 -40.35 6.40
C UNK B 795 100.63 -40.62 5.16
N UNK B 796 99.80 -41.69 5.22
CA UNK B 796 98.94 -42.01 4.12
C UNK B 796 97.58 -41.58 4.53
N UNK B 797 96.83 -40.95 3.60
CA UNK B 797 95.54 -40.45 3.97
C UNK B 797 94.65 -41.59 4.31
N UNK B 798 94.68 -42.68 3.52
CA UNK B 798 93.75 -43.74 3.80
C UNK B 798 94.04 -44.30 5.15
N UNK B 799 95.33 -44.59 5.43
CA UNK B 799 95.72 -45.18 6.67
C UNK B 799 95.45 -44.22 7.79
N UNK B 800 95.73 -42.92 7.58
CA UNK B 800 95.58 -41.95 8.63
C UNK B 800 96.60 -42.24 9.69
N UNK B 801 97.70 -42.90 9.31
CA UNK B 801 98.74 -43.17 10.26
C UNK B 801 99.97 -42.47 9.75
N UNK B 802 100.84 -42.02 10.69
CA UNK B 802 102.03 -41.33 10.27
C UNK B 802 103.10 -42.36 10.12
N UNK B 803 103.67 -42.45 8.90
CA UNK B 803 104.68 -43.43 8.66
C UNK B 803 105.88 -43.13 9.50
N UNK B 804 106.33 -41.86 9.52
CA UNK B 804 107.49 -41.56 10.32
C UNK B 804 107.65 -40.09 10.37
N UNK B 805 108.46 -39.61 11.33
CA UNK B 805 108.69 -38.20 11.44
C UNK B 805 110.15 -37.97 11.26
N UNK B 806 110.52 -36.90 10.52
CA UNK B 806 111.92 -36.63 10.30
C UNK B 806 112.27 -35.37 11.04
N UNK B 807 113.42 -35.35 11.75
CA UNK B 807 113.80 -34.20 12.54
C UNK B 807 114.31 -33.05 11.65
N UNK B 808 114.09 -31.73 12.04
CA UNK B 808 114.41 -30.46 11.32
C UNK B 808 114.73 -29.14 12.28
N UNK B 809 114.65 -27.73 11.84
CA UNK B 809 114.77 -26.24 12.29
C UNK B 809 113.35 -25.71 12.36
N UNK B 810 112.76 -25.08 11.31
CA UNK B 810 111.33 -24.87 11.17
C UNK B 810 111.15 -25.08 9.70
N UNK B 811 110.16 -25.92 9.28
CA UNK B 811 110.12 -26.25 7.88
C UNK B 811 109.12 -25.39 7.16
N UNK B 812 109.68 -24.59 6.23
CA UNK B 812 108.94 -23.74 5.35
C UNK B 812 108.21 -24.50 4.28
N UNK B 813 108.87 -25.49 3.65
CA UNK B 813 108.20 -26.13 2.55
C UNK B 813 108.67 -27.55 2.43
N UNK B 814 107.78 -28.42 1.94
CA UNK B 814 108.13 -29.80 1.78
C UNK B 814 107.81 -30.16 0.37
N UNK B 815 108.63 -31.05 -0.21
CA UNK B 815 108.38 -31.45 -1.56
C UNK B 815 108.84 -32.85 -1.71
N UNK B 816 108.31 -33.56 -2.72
CA UNK B 816 108.75 -34.91 -2.94
C UNK B 816 109.44 -34.89 -4.25
N UNK B 817 110.51 -35.70 -4.39
CA UNK B 817 111.17 -35.68 -5.66
C UNK B 817 110.18 -36.22 -6.64
N UNK B 818 109.93 -35.43 -7.71
CA UNK B 818 108.97 -35.84 -8.69
C UNK B 818 109.48 -37.04 -9.40
N UNK B 819 110.77 -36.99 -9.77
CA UNK B 819 111.36 -38.01 -10.57
C UNK B 819 110.68 -37.94 -11.90
N UNK B 820 111.48 -37.96 -12.97
CA UNK B 820 110.94 -37.90 -14.29
C UNK B 820 110.49 -39.27 -14.64
N UNK B 821 109.75 -39.39 -15.77
CA UNK B 821 109.25 -40.65 -16.26
C UNK B 821 108.67 -41.42 -15.14
N UNK B 822 107.44 -41.04 -14.74
CA UNK B 822 106.76 -41.66 -13.64
C UNK B 822 107.38 -41.03 -12.46
N UNK B 823 106.70 -41.09 -11.30
CA UNK B 823 107.32 -40.39 -10.22
C UNK B 823 107.80 -41.40 -9.25
N UNK B 824 108.97 -41.10 -8.65
CA UNK B 824 109.53 -41.95 -7.65
C UNK B 824 110.11 -41.03 -6.65
N UNK B 825 109.94 -41.32 -5.35
CA UNK B 825 110.59 -40.42 -4.45
C UNK B 825 111.59 -41.19 -3.65
N UNK B 826 112.86 -41.12 -4.05
CA UNK B 826 113.92 -41.74 -3.31
C UNK B 826 114.08 -40.99 -2.03
N UNK B 827 114.05 -39.65 -2.13
CA UNK B 827 114.25 -38.81 -1.00
C UNK B 827 113.32 -37.65 -1.12
N UNK B 828 113.16 -36.89 -0.03
CA UNK B 828 112.28 -35.76 -0.05
C UNK B 828 113.11 -34.54 0.06
N UNK B 829 112.64 -33.44 -0.56
CA UNK B 829 113.37 -32.20 -0.49
C UNK B 829 112.59 -31.27 0.37
N UNK B 830 113.29 -30.54 1.24
CA UNK B 830 112.59 -29.63 2.08
C UNK B 830 113.46 -28.44 2.27
N UNK B 831 112.82 -27.29 2.54
CA UNK B 831 113.52 -26.07 2.77
C UNK B 831 113.07 -25.64 4.13
N UNK B 832 113.95 -24.93 4.87
CA UNK B 832 113.55 -24.56 6.19
C UNK B 832 113.85 -23.12 6.40
N UNK B 833 113.13 -22.53 7.38
CA UNK B 833 113.33 -21.17 7.76
C UNK B 833 114.43 -21.15 8.75
N UNK B 834 115.01 -19.96 8.94
CA UNK B 834 116.04 -19.81 9.91
C UNK B 834 115.70 -18.61 10.70
N UNK B 835 115.91 -18.71 12.02
CA UNK B 835 115.68 -17.68 12.99
C UNK B 835 116.95 -16.94 13.10
N UNK B 836 117.09 -16.09 14.14
CA UNK B 836 118.27 -15.30 14.27
C UNK B 836 119.44 -16.24 14.32
N UNK B 837 119.38 -17.30 15.15
CA UNK B 837 120.49 -18.20 15.07
C UNK B 837 120.39 -18.81 13.73
N UNK B 838 121.51 -18.94 12.98
CA UNK B 838 121.29 -19.43 11.67
C UNK B 838 121.70 -20.86 11.60
N UNK B 839 120.94 -21.76 12.27
CA UNK B 839 121.23 -23.14 12.10
C UNK B 839 120.73 -23.65 10.79
N UNK B 840 119.41 -23.46 10.51
CA UNK B 840 118.95 -24.12 9.34
C UNK B 840 118.43 -23.21 8.30
N UNK B 841 119.39 -22.72 7.50
CA UNK B 841 119.30 -21.98 6.29
C UNK B 841 119.03 -22.91 5.14
N UNK B 842 119.41 -24.19 5.31
CA UNK B 842 119.53 -25.12 4.22
C UNK B 842 118.27 -25.71 3.67
N UNK B 843 118.45 -26.26 2.46
CA UNK B 843 117.47 -27.06 1.80
C UNK B 843 118.02 -28.43 1.98
N UNK B 844 117.21 -29.36 2.50
CA UNK B 844 117.80 -30.64 2.76
C UNK B 844 117.03 -31.68 2.06
N UNK B 845 117.76 -32.72 1.61
CA UNK B 845 117.11 -33.81 0.98
C UNK B 845 117.19 -34.91 2.00
N UNK B 846 116.05 -35.56 2.28
CA UNK B 846 116.14 -36.58 3.26
C UNK B 846 115.91 -37.88 2.58
N UNK B 847 116.83 -38.85 2.81
CA UNK B 847 116.60 -40.12 2.22
C UNK B 847 115.42 -40.64 2.93
N UNK B 848 114.41 -41.10 2.18
CA UNK B 848 113.23 -41.57 2.81
C UNK B 848 113.57 -42.94 3.39
N UNK B 849 118.20 -40.25 8.19
CA UNK B 849 118.46 -38.82 8.49
C UNK B 849 118.63 -38.07 7.21
N UNK B 850 118.74 -36.74 7.29
CA UNK B 850 118.92 -36.04 6.06
C UNK B 850 120.22 -36.49 5.49
N UNK B 851 120.20 -36.84 4.18
CA UNK B 851 121.39 -37.32 3.56
C UNK B 851 122.40 -36.22 3.51
N UNK B 852 121.96 -35.01 3.08
CA UNK B 852 122.91 -33.95 3.00
C UNK B 852 122.18 -32.66 3.07
N UNK B 853 122.91 -31.59 3.44
CA UNK B 853 122.30 -30.30 3.51
C UNK B 853 123.21 -29.35 2.83
N UNK B 854 122.39 -16.30 4.26
CA UNK B 854 121.90 -16.21 5.60
C UNK B 854 120.54 -15.63 5.47
N UNK B 855 119.52 -16.39 5.94
CA UNK B 855 118.16 -15.94 5.87
C UNK B 855 117.33 -17.17 5.86
N UNK B 856 116.01 -16.98 5.95
CA UNK B 856 115.15 -18.11 5.85
C UNK B 856 114.95 -18.37 4.40
N UNK B 857 114.75 -19.66 4.04
CA UNK B 857 114.42 -19.93 2.67
C UNK B 857 112.95 -20.18 2.69
N UNK B 858 112.18 -19.25 2.08
CA UNK B 858 110.76 -19.33 2.14
C UNK B 858 110.24 -20.53 1.41
N UNK B 859 110.75 -20.78 0.18
CA UNK B 859 110.15 -21.84 -0.57
C UNK B 859 111.20 -22.50 -1.41
N UNK B 860 110.79 -23.58 -2.10
CA UNK B 860 111.68 -24.30 -2.96
C UNK B 860 110.85 -24.91 -4.04
N UNK B 861 111.50 -25.36 -5.13
CA UNK B 861 110.76 -26.00 -6.18
C UNK B 861 111.66 -27.00 -6.83
N UNK B 862 111.09 -28.16 -7.22
CA UNK B 862 111.87 -29.18 -7.87
C UNK B 862 111.20 -29.41 -9.19
N UNK B 863 111.98 -29.83 -10.21
CA UNK B 863 111.39 -30.03 -11.50
C UNK B 863 111.35 -31.49 -11.78
N UNK B 864 110.18 -31.98 -12.25
CA UNK B 864 110.08 -33.38 -12.56
C UNK B 864 110.92 -33.70 -13.75
N UNK B 865 110.81 -32.87 -14.80
CA UNK B 865 111.50 -33.11 -16.03
C UNK B 865 112.98 -32.95 -15.89
N UNK B 866 113.42 -31.86 -15.24
CA UNK B 866 114.84 -31.58 -15.21
C UNK B 866 115.29 -31.56 -13.80
N UNK B 867 116.60 -31.84 -13.60
CA UNK B 867 117.10 -31.79 -12.27
C UNK B 867 117.58 -30.40 -12.05
N UNK B 868 116.82 -29.64 -11.23
CA UNK B 868 117.17 -28.30 -10.89
C UNK B 868 116.28 -27.98 -9.75
N UNK B 869 116.69 -27.02 -8.90
CA UNK B 869 115.85 -26.67 -7.79
C UNK B 869 115.94 -25.20 -7.66
N UNK B 870 114.86 -24.55 -7.18
CA UNK B 870 114.91 -23.13 -7.02
C UNK B 870 114.67 -22.85 -5.57
N UNK B 871 115.29 -21.78 -5.05
CA UNK B 871 115.12 -21.44 -3.66
C UNK B 871 114.83 -19.97 -3.59
N UNK B 872 113.98 -19.59 -2.62
CA UNK B 872 113.63 -18.22 -2.43
C UNK B 872 113.88 -17.91 -0.99
N UNK B 873 114.19 -16.63 -0.65
CA UNK B 873 114.47 -16.34 0.73
C UNK B 873 113.57 -15.25 1.23
N UNK B 874 113.02 -15.51 2.44
CA UNK B 874 112.10 -14.73 3.23
C UNK B 874 112.70 -13.49 3.85
N UNK B 875 113.97 -13.53 4.26
CA UNK B 875 114.37 -12.35 4.95
C UNK B 875 114.43 -11.19 4.00
N UNK B 876 113.72 -10.10 4.36
CA UNK B 876 113.76 -8.88 3.61
C UNK B 876 114.89 -8.11 4.17
N UNK B 877 115.48 -7.18 3.39
CA UNK B 877 116.62 -6.46 3.88
C UNK B 877 117.61 -7.50 4.24
N UNK B 878 117.61 -8.57 3.44
CA UNK B 878 118.43 -9.72 3.61
C UNK B 878 118.53 -10.30 2.26
N UNK B 879 118.75 -11.62 2.15
CA UNK B 879 118.87 -12.12 0.82
C UNK B 879 117.51 -12.42 0.28
N UNK B 880 117.06 -11.60 -0.68
CA UNK B 880 115.85 -11.94 -1.38
C UNK B 880 116.39 -12.32 -2.71
N UNK B 881 116.52 -13.65 -2.94
CA UNK B 881 117.13 -14.04 -4.16
C UNK B 881 116.63 -15.38 -4.53
N UNK B 882 116.71 -15.70 -5.84
CA UNK B 882 116.30 -16.99 -6.28
C UNK B 882 117.56 -17.74 -6.59
N UNK B 883 117.69 -18.94 -6.02
CA UNK B 883 118.85 -19.73 -6.32
C UNK B 883 118.36 -20.96 -6.99
N UNK B 884 118.99 -21.34 -8.12
CA UNK B 884 118.55 -22.53 -8.77
C UNK B 884 119.75 -23.41 -8.94
N UNK B 885 119.79 -24.60 -8.32
CA UNK B 885 121.03 -25.29 -8.51
C UNK B 885 120.83 -26.76 -8.55
N UNK B 886 121.66 -27.48 -9.35
CA UNK B 886 121.49 -28.89 -9.20
C UNK B 886 122.02 -29.29 -7.84
N UNK B 887 123.37 -29.41 -7.69
CA UNK B 887 123.98 -29.57 -6.39
C UNK B 887 124.60 -28.33 -5.82
N UNK B 888 125.64 -27.88 -6.56
CA UNK B 888 126.54 -26.83 -6.15
C UNK B 888 125.84 -25.56 -6.43
N UNK B 889 126.38 -24.43 -5.91
CA UNK B 889 125.72 -23.19 -6.13
C UNK B 889 125.59 -23.01 -7.60
N UNK B 890 124.37 -22.71 -8.05
CA UNK B 890 124.11 -22.54 -9.44
C UNK B 890 122.97 -21.60 -9.56
N UNK B 891 122.79 -21.06 -10.77
CA UNK B 891 121.72 -20.15 -11.09
C UNK B 891 122.23 -18.77 -10.91
N UNK B 892 121.38 -17.77 -11.20
CA UNK B 892 121.84 -16.43 -11.15
C UNK B 892 121.17 -15.68 -10.05
N UNK B 893 121.84 -14.61 -9.59
CA UNK B 893 121.33 -13.75 -8.57
C UNK B 893 121.13 -12.40 -9.20
N UNK B 894 120.16 -11.62 -8.69
CA UNK B 894 119.92 -10.36 -9.32
C UNK B 894 120.52 -9.26 -8.50
N UNK B 895 121.17 -8.28 -9.16
CA UNK B 895 121.72 -7.21 -8.38
C UNK B 895 120.61 -6.26 -8.05
N UNK B 896 120.54 -5.51 -6.95
CA UNK B 896 119.38 -4.63 -6.79
C UNK B 896 119.69 -3.16 -7.05
N UNK B 897 118.86 -2.21 -6.57
CA UNK B 897 118.76 -0.86 -7.18
C UNK B 897 118.54 0.49 -6.32
N UNK B 898 117.74 1.68 -6.81
CA UNK B 898 117.26 3.06 -6.35
C UNK B 898 118.50 3.61 -5.74
N UNK B 899 118.52 4.70 -4.95
CA UNK B 899 119.87 4.90 -4.52
C UNK B 899 119.97 4.99 -3.02
N UNK B 900 120.86 4.16 -2.44
CA UNK B 900 121.17 4.23 -1.04
C UNK B 900 121.95 5.47 -0.77
N UNK B 901 122.99 5.74 -1.60
CA UNK B 901 123.84 6.88 -1.40
C UNK B 901 124.51 7.17 -2.70
N UNK B 902 125.10 8.38 -2.85
CA UNK B 902 125.74 8.63 -4.10
C UNK B 902 126.88 9.56 -3.86
N UNK B 903 127.87 9.53 -4.77
CA UNK B 903 128.99 10.43 -4.69
C UNK B 903 129.30 10.84 -6.09
N UNK B 904 129.56 12.13 -6.31
CA UNK B 904 129.87 12.59 -7.64
C UNK B 904 131.34 12.42 -7.86
N UNK B 905 131.75 12.34 -9.14
CA UNK B 905 133.16 12.23 -9.42
C UNK B 905 133.74 13.57 -9.12
N UNK B 906 134.96 13.61 -8.57
CA UNK B 906 135.50 14.90 -8.25
C UNK B 906 135.70 15.65 -9.54
N UNK B 907 136.39 15.02 -10.50
CA UNK B 907 136.69 15.65 -11.75
C UNK B 907 135.47 15.84 -12.58
N UNK B 908 134.59 14.83 -12.61
CA UNK B 908 133.49 14.91 -13.54
C UNK B 908 132.19 14.97 -12.81
N UNK B 909 131.18 15.52 -13.52
CA UNK B 909 129.84 15.71 -13.06
C UNK B 909 129.19 14.39 -12.81
N UNK B 910 129.55 13.37 -13.61
CA UNK B 910 128.93 12.07 -13.59
C UNK B 910 128.78 11.59 -12.19
N UNK B 911 127.71 10.81 -11.94
CA UNK B 911 127.45 10.41 -10.59
C UNK B 911 127.57 8.94 -10.46
N UNK B 912 128.02 8.53 -9.27
CA UNK B 912 128.12 7.15 -8.94
C UNK B 912 127.18 6.98 -7.79
N UNK B 913 126.39 5.90 -7.81
CA UNK B 913 125.50 5.75 -6.69
C UNK B 913 125.46 4.32 -6.34
N UNK B 914 125.29 4.03 -5.03
CA UNK B 914 125.18 2.69 -4.55
C UNK B 914 123.73 2.34 -4.58
N UNK B 915 123.42 1.03 -4.56
CA UNK B 915 122.06 0.58 -4.66
C UNK B 915 121.81 -0.35 -3.53
N UNK B 916 120.52 -0.60 -3.23
CA UNK B 916 120.13 -1.56 -2.23
C UNK B 916 120.73 -2.80 -2.73
N UNK B 917 120.63 -3.00 -4.04
CA UNK B 917 121.50 -3.82 -4.83
C UNK B 917 122.77 -4.07 -4.25
N UNK B 918 123.25 -5.20 -4.68
CA UNK B 918 124.62 -5.48 -4.54
C UNK B 918 125.33 -4.50 -5.44
N UNK B 919 124.77 -4.23 -6.61
CA UNK B 919 125.37 -3.35 -7.56
C UNK B 919 125.31 -1.90 -7.16
N UNK B 920 126.29 -1.15 -7.68
CA UNK B 920 126.43 0.27 -7.59
C UNK B 920 126.63 0.64 -9.02
N UNK B 921 126.32 1.88 -9.44
CA UNK B 921 126.49 2.08 -10.84
C UNK B 921 127.03 3.44 -11.09
N UNK B 922 127.60 3.58 -12.29
CA UNK B 922 128.11 4.84 -12.72
C UNK B 922 127.12 5.31 -13.70
N UNK B 923 126.75 6.60 -13.62
CA UNK B 923 125.84 7.08 -14.59
C UNK B 923 126.33 8.40 -15.01
N UNK B 924 125.98 8.77 -16.25
CA UNK B 924 126.39 10.04 -16.74
C UNK B 924 125.15 10.80 -17.02
N UNK B 925 125.18 12.11 -16.73
CA UNK B 925 124.08 12.97 -16.98
C UNK B 925 124.52 13.86 -18.10
N UNK B 926 123.58 14.22 -18.99
CA UNK B 926 123.95 15.03 -20.12
C UNK B 926 124.46 16.34 -19.62
N UNK B 927 125.44 16.91 -20.35
CA UNK B 927 126.06 18.14 -19.95
C UNK B 927 125.02 19.22 -19.92
N UNK B 928 124.16 19.28 -20.95
CA UNK B 928 123.18 20.32 -20.94
C UNK B 928 122.04 19.82 -20.12
N UNK B 929 121.95 20.32 -18.88
CA UNK B 929 120.91 19.95 -17.98
C UNK B 929 119.60 20.47 -18.51
N UNK B 930 119.62 21.69 -19.06
CA UNK B 930 118.43 22.37 -19.48
C UNK B 930 117.77 21.55 -20.53
N UNK B 931 118.60 21.01 -21.43
CA UNK B 931 118.04 20.21 -22.48
C UNK B 931 117.36 19.06 -21.79
N UNK B 932 116.39 18.40 -22.43
CA UNK B 932 115.75 17.29 -21.83
C UNK B 932 116.86 16.36 -21.50
N UNK B 933 116.91 15.97 -20.22
CA UNK B 933 118.05 15.21 -19.81
C UNK B 933 117.97 13.85 -20.36
N UNK B 934 119.07 13.10 -20.24
CA UNK B 934 119.01 11.71 -20.56
C UNK B 934 119.93 11.15 -19.54
N UNK B 935 119.64 9.95 -19.00
CA UNK B 935 120.57 9.48 -18.02
C UNK B 935 121.00 8.12 -18.41
N UNK B 936 122.32 7.92 -18.56
CA UNK B 936 122.75 6.65 -19.05
C UNK B 936 123.59 6.00 -18.03
N UNK B 937 123.48 4.66 -17.98
CA UNK B 937 124.24 3.92 -17.05
C UNK B 937 125.55 3.65 -17.70
N UNK B 938 126.64 4.22 -17.15
CA UNK B 938 127.91 3.95 -17.73
C UNK B 938 128.21 2.51 -17.49
N UNK B 939 128.01 2.03 -16.26
CA UNK B 939 128.32 0.65 -16.02
C UNK B 939 127.79 0.31 -14.67
N UNK B 940 127.62 -1.00 -14.43
CA UNK B 940 127.16 -1.42 -13.15
C UNK B 940 128.28 -2.15 -12.50
N UNK B 941 128.51 -1.84 -11.21
CA UNK B 941 129.50 -2.54 -10.46
C UNK B 941 128.72 -3.40 -9.55
N UNK B 942 128.99 -4.70 -9.57
CA UNK B 942 128.19 -5.57 -8.76
C UNK B 942 129.10 -6.27 -7.83
N UNK B 943 128.56 -6.61 -6.66
CA UNK B 943 129.31 -7.31 -5.68
C UNK B 943 128.41 -8.35 -5.16
N UNK B 944 128.96 -9.35 -4.46
CA UNK B 944 128.16 -10.38 -3.91
C UNK B 944 127.27 -9.80 -2.86
N UNK B 945 127.83 -8.92 -2.00
CA UNK B 945 127.12 -8.40 -0.88
C UNK B 945 125.85 -7.72 -1.31
N UNK B 946 124.85 -7.77 -0.42
CA UNK B 946 123.54 -7.29 -0.71
C UNK B 946 123.51 -5.83 -0.98
N UNK B 947 124.11 -5.00 -0.12
CA UNK B 947 123.91 -3.59 -0.34
C UNK B 947 125.21 -2.88 -0.32
N UNK B 948 125.25 -1.71 -1.00
CA UNK B 948 126.48 -0.96 -1.00
C UNK B 948 126.35 0.13 0.01
N UNK B 949 127.11 0.01 1.11
CA UNK B 949 127.12 0.97 2.16
C UNK B 949 127.73 2.26 1.72
N UNK B 950 128.89 2.21 1.03
CA UNK B 950 129.51 3.46 0.71
C UNK B 950 130.37 3.32 -0.49
N UNK B 951 130.66 4.46 -1.13
CA UNK B 951 131.53 4.48 -2.27
C UNK B 951 132.39 5.67 -2.12
N UNK B 952 133.67 5.57 -2.51
CA UNK B 952 134.51 6.72 -2.43
C UNK B 952 135.31 6.77 -3.67
N UNK B 953 135.35 7.94 -4.32
CA UNK B 953 136.14 8.09 -5.51
C UNK B 953 137.51 8.48 -5.07
N UNK B 954 138.52 8.17 -5.90
CA UNK B 954 139.85 8.57 -5.60
C UNK B 954 139.94 10.02 -5.95
N UNK B 955 140.99 10.70 -5.48
CA UNK B 955 141.15 12.08 -5.78
C UNK B 955 141.25 12.20 -7.28
N UNK B 956 141.94 11.23 -7.90
CA UNK B 956 142.13 11.21 -9.31
C UNK B 956 140.79 11.10 -9.96
N UNK B 957 139.87 10.36 -9.30
CA UNK B 957 138.56 10.09 -9.83
C UNK B 957 138.73 9.07 -10.90
N UNK B 958 139.97 8.58 -11.07
CA UNK B 958 140.24 7.54 -12.02
C UNK B 958 139.56 6.30 -11.52
N UNK B 959 139.64 6.04 -10.20
CA UNK B 959 139.10 4.82 -9.67
C UNK B 959 138.17 5.15 -8.54
N UNK B 960 137.25 4.22 -8.27
CA UNK B 960 136.32 4.38 -7.19
C UNK B 960 136.32 3.09 -6.43
N UNK B 961 136.01 3.15 -5.12
CA UNK B 961 135.98 1.94 -4.37
C UNK B 961 134.57 1.69 -3.97
N UNK B 962 134.11 0.44 -4.12
CA UNK B 962 132.77 0.11 -3.74
C UNK B 962 132.88 -0.69 -2.49
N UNK B 963 131.99 -0.40 -1.52
CA UNK B 963 132.02 -1.13 -0.30
C UNK B 963 130.63 -1.60 -0.05
N UNK B 964 130.48 -2.82 0.50
CA UNK B 964 129.14 -3.26 0.71
C UNK B 964 128.90 -3.33 2.18
N UNK B 965 127.86 -2.60 2.65
CA UNK B 965 127.51 -2.70 4.02
C UNK B 965 126.10 -2.28 4.14
N UNK B 966 125.44 -2.78 5.20
CA UNK B 966 124.04 -2.54 5.34
C UNK B 966 123.65 -3.47 6.43
N UNK B 967 122.51 -4.16 6.26
CA UNK B 967 122.13 -5.10 7.26
C UNK B 967 123.25 -6.07 7.36
N UNK B 968 123.77 -6.54 6.20
CA UNK B 968 124.92 -7.40 6.29
C UNK B 968 125.90 -6.89 5.30
N UNK B 969 127.07 -6.45 5.78
CA UNK B 969 128.06 -5.95 4.88
C UNK B 969 129.00 -7.08 4.65
N UNK B 970 129.30 -7.38 3.38
CA UNK B 970 130.33 -8.30 3.06
C UNK B 970 131.61 -7.62 3.40
N UNK B 971 131.62 -6.30 3.13
CA UNK B 971 132.74 -5.40 3.25
C UNK B 971 133.71 -5.71 2.19
N UNK B 972 133.32 -6.50 1.18
CA UNK B 972 134.29 -6.69 0.14
C UNK B 972 134.46 -5.35 -0.47
N UNK B 973 135.70 -4.95 -0.75
CA UNK B 973 135.91 -3.67 -1.34
C UNK B 973 136.48 -3.93 -2.69
N UNK B 974 135.93 -3.25 -3.72
CA UNK B 974 136.46 -3.47 -5.03
C UNK B 974 136.85 -2.15 -5.56
N UNK B 975 137.98 -2.12 -6.30
CA UNK B 975 138.38 -0.91 -6.92
C UNK B 975 137.95 -1.05 -8.34
N UNK B 976 137.26 -0.04 -8.88
CA UNK B 976 136.79 -0.16 -10.21
C UNK B 976 137.25 1.04 -10.97
N UNK B 977 137.52 0.85 -12.27
CA UNK B 977 137.90 1.98 -13.06
C UNK B 977 136.66 2.79 -13.19
N UNK B 978 136.81 4.12 -13.34
CA UNK B 978 135.65 4.95 -13.46
C UNK B 978 134.93 4.49 -14.67
N UNK B 979 135.70 4.15 -15.73
CA UNK B 979 135.16 3.77 -16.99
C UNK B 979 134.37 2.51 -16.91
N UNK B 980 134.83 1.47 -16.18
CA UNK B 980 134.06 0.26 -16.37
C UNK B 980 134.10 -0.66 -15.18
N UNK B 981 133.40 -1.78 -15.37
CA UNK B 981 133.13 -2.88 -14.49
C UNK B 981 134.36 -3.68 -14.16
N UNK B 982 135.37 -3.73 -15.05
CA UNK B 982 136.45 -4.66 -14.93
C UNK B 982 137.10 -4.57 -13.58
N UNK B 983 137.38 -3.36 -13.07
CA UNK B 983 137.94 -3.22 -11.75
C UNK B 983 139.34 -3.74 -11.70
N UNK B 984 140.22 -2.95 -11.05
CA UNK B 984 141.60 -3.29 -10.91
C UNK B 984 141.78 -4.47 -10.00
N UNK B 985 141.09 -4.47 -8.84
CA UNK B 985 141.31 -5.58 -7.94
C UNK B 985 140.25 -5.56 -6.89
N UNK B 986 140.20 -6.65 -6.10
CA UNK B 986 139.24 -6.72 -5.03
C UNK B 986 139.99 -7.01 -3.78
N UNK B 987 139.68 -6.29 -2.69
CA UNK B 987 140.33 -6.57 -1.45
C UNK B 987 139.25 -6.76 -0.43
N UNK B 988 139.25 -7.90 0.29
CA UNK B 988 138.25 -8.02 1.31
C UNK B 988 138.94 -8.31 2.59
N UNK B 989 139.41 -7.24 3.27
CA UNK B 989 140.08 -7.36 4.53
C UNK B 989 139.11 -7.71 5.63
N UNK B 990 137.91 -7.07 5.65
CA UNK B 990 137.10 -7.20 6.84
C UNK B 990 135.65 -7.42 6.52
N UNK B 991 134.87 -7.57 7.60
CA UNK B 991 133.45 -7.87 7.60
C UNK B 991 132.62 -6.79 6.99
N UNK B 992 132.82 -5.50 7.33
CA UNK B 992 131.97 -4.47 6.77
C UNK B 992 132.76 -3.21 6.65
N UNK B 993 132.34 -2.25 5.80
CA UNK B 993 133.10 -1.03 5.78
C UNK B 993 132.18 0.14 5.66
N UNK B 994 132.00 0.88 6.77
CA UNK B 994 131.16 2.05 6.80
C UNK B 994 131.77 3.18 6.04
N UNK B 995 133.07 3.45 6.25
CA UNK B 995 133.61 4.61 5.59
C UNK B 995 135.01 4.33 5.14
N UNK B 996 135.40 4.93 4.00
CA UNK B 996 136.73 4.78 3.53
C UNK B 996 137.16 6.13 3.06
N UNK B 997 138.39 6.53 3.40
CA UNK B 997 138.84 7.81 2.95
C UNK B 997 140.14 7.58 2.27
N UNK B 998 140.29 8.14 1.05
CA UNK B 998 141.52 7.98 0.35
C UNK B 998 142.47 9.01 0.83
N UNK B 999 143.77 8.65 0.84
CA UNK B 999 144.82 9.53 1.18
C UNK B 999 145.12 10.23 -0.09
N UNK B 1000 146.27 10.92 -0.18
CA UNK B 1000 146.61 11.56 -1.42
C UNK B 1000 146.62 10.45 -2.41
N UNK B 1001 147.17 9.29 -2.01
CA UNK B 1001 147.09 8.12 -2.82
C UNK B 1001 146.76 6.99 -1.90
N UNK B 1002 145.90 6.04 -2.34
CA UNK B 1002 145.56 4.89 -1.55
C UNK B 1002 144.45 5.24 -0.62
N UNK B 1003 144.03 4.27 0.23
CA UNK B 1003 142.97 4.56 1.15
C UNK B 1003 143.06 3.63 2.32
N UNK B 1004 142.30 3.98 3.39
CA UNK B 1004 142.20 3.18 4.58
C UNK B 1004 140.73 2.94 4.75
N UNK B 1005 140.34 1.77 5.29
CA UNK B 1005 138.94 1.51 5.40
C UNK B 1005 138.59 1.23 6.82
N UNK B 1006 137.32 1.56 7.19
CA UNK B 1006 136.88 1.31 8.52
C UNK B 1006 135.60 0.53 8.43
N UNK B 1007 135.49 -0.49 9.30
CA UNK B 1007 134.33 -1.34 9.37
C UNK B 1007 133.37 -0.78 10.37
N UNK B 1008 132.12 -1.29 10.35
CA UNK B 1008 131.15 -0.97 11.35
C UNK B 1008 131.73 -1.54 12.60
N UNK B 1009 132.41 -2.69 12.42
CA UNK B 1009 133.08 -3.46 13.42
C UNK B 1009 134.13 -2.57 14.02
N UNK B 1010 134.60 -1.60 13.21
CA UNK B 1010 135.64 -0.67 13.58
C UNK B 1010 137.00 -1.28 13.40
N UNK B 1011 137.10 -2.43 12.71
CA UNK B 1011 138.44 -2.83 12.42
C UNK B 1011 138.91 -1.80 11.44
N UNK B 1012 140.14 -1.28 11.62
CA UNK B 1012 140.58 -0.27 10.70
C UNK B 1012 141.78 -0.81 10.02
N UNK B 1013 141.90 -0.57 8.70
CA UNK B 1013 143.05 -1.11 8.04
C UNK B 1013 143.64 -0.05 7.18
N UNK B 1014 144.98 -0.02 7.14
CA UNK B 1014 145.65 0.88 6.24
C UNK B 1014 146.08 -0.01 5.14
N UNK B 1015 145.74 0.34 3.89
CA UNK B 1015 146.12 -0.56 2.85
C UNK B 1015 146.55 0.21 1.67
N UNK B 1016 147.41 -0.40 0.84
CA UNK B 1016 147.78 0.25 -0.37
C UNK B 1016 146.87 -0.34 -1.40
N UNK B 1017 145.91 0.46 -1.90
CA UNK B 1017 145.03 -0.09 -2.87
C UNK B 1017 145.83 -0.26 -4.10
N UNK B 1018 145.71 -1.44 -4.74
CA UNK B 1018 146.48 -1.69 -5.92
C UNK B 1018 146.34 -3.14 -6.20
N UNK B 1019 147.13 -3.64 -7.17
CA UNK B 1019 147.06 -5.03 -7.49
C UNK B 1019 147.46 -5.76 -6.24
N UNK B 1020 148.45 -5.23 -5.51
CA UNK B 1020 148.90 -5.90 -4.32
C UNK B 1020 147.76 -5.98 -3.37
N UNK B 1021 147.04 -4.85 -3.19
CA UNK B 1021 145.92 -4.80 -2.29
C UNK B 1021 146.34 -5.38 -0.97
N UNK B 1022 147.44 -4.85 -0.39
CA UNK B 1022 147.90 -5.37 0.86
C UNK B 1022 147.66 -4.35 1.91
N UNK B 1023 147.50 -4.79 3.17
CA UNK B 1023 147.25 -3.87 4.24
C UNK B 1023 148.45 -3.81 5.12
N UNK B 1024 148.93 -2.58 5.40
CA UNK B 1024 150.07 -2.39 6.24
C UNK B 1024 149.76 -2.82 7.64
N UNK B 1025 148.61 -2.40 8.18
CA UNK B 1025 148.30 -2.74 9.54
C UNK B 1025 146.84 -2.53 9.77
N UNK B 1026 146.33 -3.06 10.90
CA UNK B 1026 144.94 -2.89 11.23
C UNK B 1026 144.84 -2.80 12.73
N UNK B 1027 143.76 -2.17 13.23
CA UNK B 1027 143.59 -2.07 14.66
C UNK B 1027 142.14 -2.23 14.97
N UNK B 1028 141.81 -2.79 16.15
CA UNK B 1028 140.42 -2.88 16.50
C UNK B 1028 140.24 -2.21 17.84
N UNK B 1029 139.85 -0.93 17.82
CA UNK B 1029 139.60 -0.22 19.05
C UNK B 1029 138.36 -0.73 19.71
N UNK B 1030 137.24 -0.82 18.92
CA UNK B 1030 135.95 -1.31 19.34
C UNK B 1030 135.01 -0.15 19.60
N UNK B 1031 133.76 -0.50 19.96
CA UNK B 1031 132.68 0.36 20.38
C UNK B 1031 132.28 1.48 19.44
N UNK B 1032 131.92 1.17 18.17
CA UNK B 1032 131.31 2.10 17.25
C UNK B 1032 131.98 3.45 17.21
N UNK B 1033 133.31 3.44 16.99
CA UNK B 1033 134.29 4.48 16.83
C UNK B 1033 134.25 5.19 15.50
N UNK B 1034 133.50 4.67 14.51
CA UNK B 1034 133.67 4.64 13.07
C UNK B 1034 134.24 5.78 12.25
N UNK B 1035 133.94 7.09 12.42
CA UNK B 1035 134.50 8.01 11.43
C UNK B 1035 136.02 7.97 11.41
N UNK B 1036 136.64 8.20 10.22
CA UNK B 1036 138.08 8.16 10.07
C UNK B 1036 138.52 9.23 9.11
N UNK B 1037 139.82 9.62 9.16
CA UNK B 1037 140.33 10.63 8.27
C UNK B 1037 141.83 10.55 8.24
N UNK B 1038 142.46 11.15 7.21
CA UNK B 1038 143.90 11.12 7.12
C UNK B 1038 144.42 12.51 7.33
N UNK B 1039 145.30 12.68 8.33
CA UNK B 1039 145.90 13.95 8.61
C UNK B 1039 146.83 14.36 7.51
N UNK B 1040 147.68 13.42 7.04
CA UNK B 1040 148.64 13.83 6.05
C UNK B 1040 148.48 12.98 4.84
N UNK B 1041 148.55 13.64 3.66
CA UNK B 1041 148.43 12.96 2.40
C UNK B 1041 149.60 12.04 2.25
N UNK B 1042 150.81 12.54 2.57
CA UNK B 1042 151.96 11.72 2.42
C UNK B 1042 151.76 10.58 3.35
N UNK B 1043 152.44 9.44 3.09
CA UNK B 1043 152.29 8.32 3.96
C UNK B 1043 152.67 8.85 5.31
N UNK B 1044 151.73 8.76 6.26
CA UNK B 1044 151.98 9.38 7.51
C UNK B 1044 150.80 9.14 8.38
N UNK B 1045 150.60 10.06 9.34
CA UNK B 1045 149.56 9.94 10.30
C UNK B 1045 148.21 10.09 9.68
N UNK B 1046 147.24 9.40 10.29
CA UNK B 1046 145.85 9.44 9.95
C UNK B 1046 145.17 9.38 11.28
N UNK B 1047 143.90 9.80 11.36
CA UNK B 1047 143.29 9.76 12.66
C UNK B 1047 142.27 8.68 12.66
N UNK B 1048 142.21 7.93 13.79
CA UNK B 1048 141.24 6.88 13.93
C UNK B 1048 140.66 7.07 15.30
N UNK B 1049 139.36 6.74 15.46
CA UNK B 1049 138.75 6.93 16.74
C UNK B 1049 139.26 5.89 17.68
N UNK B 1050 139.63 6.35 18.90
CA UNK B 1050 140.10 5.49 19.95
C UNK B 1050 138.95 5.24 20.86
N UNK B 1051 139.15 4.36 21.86
CA UNK B 1051 138.12 4.08 22.81
C UNK B 1051 137.98 5.29 23.68
N UNK B 1052 136.87 5.36 24.43
CA UNK B 1052 136.63 6.47 25.31
C UNK B 1052 136.50 7.70 24.48
N UNK B 1053 136.08 7.54 23.21
CA UNK B 1053 135.86 8.67 22.37
C UNK B 1053 137.12 9.46 22.24
N UNK B 1054 138.28 8.78 22.43
CA UNK B 1054 139.54 9.45 22.29
C UNK B 1054 139.88 9.44 20.84
N UNK B 1055 140.82 10.32 20.44
CA UNK B 1055 141.24 10.34 19.08
C UNK B 1055 142.62 9.76 19.06
N UNK B 1056 142.88 8.85 18.11
CA UNK B 1056 144.19 8.27 18.06
C UNK B 1056 144.79 8.69 16.77
N UNK B 1057 146.09 9.03 16.81
CA UNK B 1057 146.73 9.38 15.58
C UNK B 1057 147.50 8.16 15.20
N UNK B 1058 147.44 7.80 13.90
CA UNK B 1058 148.00 6.54 13.47
C UNK B 1058 149.18 6.76 12.59
N UNK B 1059 149.84 5.64 12.26
CA UNK B 1059 151.05 5.55 11.50
C UNK B 1059 152.17 5.88 12.43
N UNK B 1060 151.80 6.48 13.58
CA UNK B 1060 152.65 6.84 14.68
C UNK B 1060 152.20 8.21 15.07
N UNK B 1061 152.06 8.47 16.39
CA UNK B 1061 151.66 9.75 16.88
C UNK B 1061 151.06 9.60 18.24
N UNK B 1062 150.46 10.70 18.73
CA UNK B 1062 149.82 10.76 20.02
C UNK B 1062 148.33 10.66 19.86
N UNK B 1063 147.61 10.65 21.00
CA UNK B 1063 146.18 10.56 20.99
C UNK B 1063 145.64 11.80 21.63
N UNK B 1064 144.40 12.18 21.26
CA UNK B 1064 143.81 13.36 21.82
C UNK B 1064 142.70 12.94 22.73
N UNK B 1065 142.62 13.58 23.91
CA UNK B 1065 141.58 13.27 24.86
C UNK B 1065 140.59 14.38 24.73
N UNK B 1066 139.29 14.04 24.85
CA UNK B 1066 138.34 15.08 24.60
C UNK B 1066 136.97 14.49 24.67
N UNK B 1067 136.41 14.28 23.47
CA UNK B 1067 135.05 13.87 23.26
C UNK B 1067 134.64 12.76 24.17
N UNK B 1068 133.44 12.95 24.74
CA UNK B 1068 132.73 12.05 25.60
C UNK B 1068 132.25 10.86 24.84
N UNK B 1069 131.81 11.06 23.58
CA UNK B 1069 131.15 10.00 22.87
C UNK B 1069 131.84 9.70 21.57
N UNK B 1070 131.31 8.67 20.87
CA UNK B 1070 131.86 8.17 19.64
C UNK B 1070 132.02 9.30 18.68
N UNK B 1071 133.00 9.17 17.77
CA UNK B 1071 133.27 10.24 16.85
C UNK B 1071 132.48 10.05 15.60
N UNK B 1072 131.53 10.97 15.37
CA UNK B 1072 130.70 10.99 14.21
C UNK B 1072 131.49 11.33 12.98
N UNK B 1073 132.36 12.36 13.07
CA UNK B 1073 133.03 12.74 11.85
C UNK B 1073 134.41 13.22 12.14
N UNK B 1074 135.30 13.06 11.14
CA UNK B 1074 136.63 13.57 11.25
C UNK B 1074 136.94 14.20 9.94
N UNK B 1075 137.36 15.47 9.96
CA UNK B 1075 137.70 16.11 8.72
C UNK B 1075 138.97 16.86 8.98
N UNK B 1076 139.91 16.80 8.03
CA UNK B 1076 141.14 17.51 8.24
C UNK B 1076 141.23 18.54 7.17
N UNK B 1077 141.73 19.73 7.53
CA UNK B 1077 141.85 20.76 6.53
C UNK B 1077 143.29 20.80 6.16
N UNK B 1078 143.58 20.69 4.85
CA UNK B 1078 144.95 20.73 4.44
C UNK B 1078 145.47 22.06 4.85
N UNK B 1079 144.68 23.11 4.59
CA UNK B 1079 145.09 24.42 5.00
C UNK B 1079 144.79 24.53 6.45
N UNK B 1080 145.64 25.28 7.18
CA UNK B 1080 145.49 25.52 8.58
C UNK B 1080 145.82 24.27 9.34
N UNK B 1081 145.91 23.13 8.65
CA UNK B 1081 146.28 21.86 9.23
C UNK B 1081 145.56 21.65 10.52
N UNK B 1082 144.22 21.81 10.53
CA UNK B 1082 143.50 21.60 11.74
C UNK B 1082 142.56 20.48 11.51
N UNK B 1083 142.32 19.66 12.57
CA UNK B 1083 141.42 18.57 12.39
C UNK B 1083 140.13 18.93 13.05
N UNK B 1084 139.01 18.63 12.39
CA UNK B 1084 137.74 18.94 12.96
C UNK B 1084 137.10 17.65 13.29
N UNK B 1085 136.49 17.56 14.49
CA UNK B 1085 135.87 16.33 14.87
C UNK B 1085 134.52 16.65 15.41
N UNK B 1086 133.58 15.69 15.27
CA UNK B 1086 132.26 15.85 15.78
C UNK B 1086 131.96 14.60 16.54
N UNK B 1087 131.05 14.66 17.52
CA UNK B 1087 130.81 13.48 18.28
C UNK B 1087 129.38 13.41 18.70
N UNK B 1088 129.02 12.24 19.28
CA UNK B 1088 127.72 11.92 19.79
C UNK B 1088 127.45 12.89 20.89
N UNK B 1089 128.55 13.35 21.53
CA UNK B 1089 128.53 14.26 22.63
C UNK B 1089 127.77 15.46 22.21
N UNK B 1090 127.72 15.72 20.88
CA UNK B 1090 127.06 16.88 20.34
C UNK B 1090 127.91 18.09 20.55
N UNK B 1091 129.23 17.87 20.61
CA UNK B 1091 130.17 18.96 20.67
C UNK B 1091 131.09 18.76 19.52
N UNK B 1092 131.69 19.86 19.02
CA UNK B 1092 132.62 19.76 17.93
C UNK B 1092 133.91 20.24 18.49
N UNK B 1093 135.05 19.76 17.94
CA UNK B 1093 136.29 20.23 18.47
C UNK B 1093 137.29 20.30 17.36
N UNK B 1094 138.31 21.17 17.54
CA UNK B 1094 139.35 21.27 16.56
C UNK B 1094 140.60 20.84 17.23
N UNK B 1095 141.45 20.05 16.54
CA UNK B 1095 142.63 19.61 17.21
C UNK B 1095 143.84 20.15 16.53
N UNK B 1096 144.50 21.13 17.18
CA UNK B 1096 145.74 21.71 16.73
C UNK B 1096 146.88 20.77 16.94
N UNK B 1097 146.92 20.09 18.11
CA UNK B 1097 148.10 19.35 18.48
C UNK B 1097 147.87 17.87 18.40
N UNK B 1098 148.98 17.13 18.24
CA UNK B 1098 148.95 15.71 18.13
C UNK B 1098 148.44 15.14 19.43
N UNK B 1099 148.93 15.63 20.57
CA UNK B 1099 148.44 15.13 21.82
C UNK B 1099 148.17 16.30 22.70
N UNK B 1100 146.95 16.33 23.28
CA UNK B 1100 146.54 17.38 24.17
C UNK B 1100 145.05 17.47 24.07
N UNK B 1101 144.47 18.43 24.80
CA UNK B 1101 143.07 18.69 24.70
C UNK B 1101 142.90 19.43 23.42
N UNK B 1102 141.65 19.49 22.90
CA UNK B 1102 141.42 20.17 21.66
C UNK B 1102 141.60 21.63 21.88
N UNK B 1103 142.08 22.33 20.83
CA UNK B 1103 142.30 23.75 20.94
C UNK B 1103 140.99 24.40 21.17
N UNK B 1104 139.95 23.98 20.40
CA UNK B 1104 138.70 24.65 20.57
C UNK B 1104 137.61 23.64 20.68
N UNK B 1105 136.57 24.00 21.44
CA UNK B 1105 135.39 23.20 21.53
C UNK B 1105 134.33 24.07 20.94
N UNK B 1106 133.52 23.51 20.03
CA UNK B 1106 132.53 24.35 19.43
C UNK B 1106 131.30 24.22 20.25
N UNK B 1107 130.86 25.34 20.83
CA UNK B 1107 129.68 25.34 21.63
C UNK B 1107 129.40 26.77 21.95
N UNK B 1108 128.12 27.10 22.20
CA UNK B 1108 127.81 28.47 22.49
C UNK B 1108 128.19 28.74 23.94
N UNK B 1109 120.16 20.52 21.04
CA UNK B 1109 119.63 19.16 20.82
C UNK B 1109 120.59 18.15 21.34
N UNK B 1110 120.06 17.18 22.11
CA UNK B 1110 120.85 16.17 22.73
C UNK B 1110 121.49 15.34 21.67
N UNK B 1111 120.76 15.12 20.56
CA UNK B 1111 121.23 14.25 19.51
C UNK B 1111 122.60 14.66 19.07
N UNK B 1112 123.35 13.67 18.55
CA UNK B 1112 124.70 13.85 18.10
C UNK B 1112 124.68 14.52 16.77
N UNK B 1113 125.82 15.14 16.39
CA UNK B 1113 125.93 15.79 15.13
C UNK B 1113 126.03 14.75 14.06
N UNK B 1114 125.16 14.84 13.04
CA UNK B 1114 125.16 13.92 11.95
C UNK B 1114 126.40 14.11 11.11
N UNK B 1115 126.72 15.38 10.77
CA UNK B 1115 127.88 15.58 9.95
C UNK B 1115 128.36 16.98 10.12
N UNK B 1116 129.68 17.16 9.97
CA UNK B 1116 130.29 18.45 10.09
C UNK B 1116 131.11 18.62 8.86
N UNK B 1117 131.37 19.88 8.45
CA UNK B 1117 132.12 20.05 7.24
C UNK B 1117 132.99 21.25 7.36
N UNK B 1118 134.03 21.30 6.51
CA UNK B 1118 134.94 22.41 6.49
C UNK B 1118 134.23 23.58 5.90
N UNK B 1119 134.57 24.75 6.45
CA UNK B 1119 134.05 26.06 6.16
C UNK B 1119 134.71 26.80 7.27
N UNK B 1120 134.07 27.85 7.82
CA UNK B 1120 134.68 28.31 9.03
C UNK B 1120 134.57 27.09 9.90
N UNK B 1121 133.35 26.53 9.91
CA UNK B 1121 133.03 25.30 10.56
C UNK B 1121 131.55 25.17 10.41
N UNK B 1122 131.05 23.98 10.04
CA UNK B 1122 129.63 23.88 9.91
C UNK B 1122 129.26 22.56 10.47
N UNK B 1123 128.13 22.51 11.21
CA UNK B 1123 127.74 21.26 11.76
C UNK B 1123 126.27 21.13 11.62
N UNK B 1124 125.81 19.88 11.41
CA UNK B 1124 124.42 19.60 11.31
C UNK B 1124 124.16 18.53 12.30
N UNK B 1125 122.97 18.54 12.89
CA UNK B 1125 122.57 17.60 13.89
C UNK B 1125 121.10 17.76 13.92
N UNK B 1126 120.47 17.44 15.07
CA UNK B 1126 119.06 17.68 15.14
C UNK B 1126 118.95 19.16 14.92
N UNK B 1127 119.90 19.92 15.50
CA UNK B 1127 120.01 21.33 15.34
C UNK B 1127 120.91 21.59 14.17
N UNK B 1128 121.17 22.88 13.87
CA UNK B 1128 122.10 23.23 12.83
C UNK B 1128 122.90 24.40 13.35
N UNK B 1129 124.21 24.43 13.06
CA UNK B 1129 124.98 25.55 13.56
C UNK B 1129 126.14 25.81 12.65
N UNK B 1130 126.59 27.07 12.65
CA UNK B 1130 127.73 27.48 11.89
C UNK B 1130 128.71 27.95 12.91
N UNK B 1131 130.01 27.73 12.68
CA UNK B 1131 130.93 28.11 13.69
C UNK B 1131 131.99 28.97 13.08
N UNK B 1132 132.56 29.84 13.93
CA UNK B 1132 133.69 30.65 13.59
C UNK B 1132 134.68 30.27 14.65
N UNK B 1133 135.99 30.44 14.42
CA UNK B 1133 136.79 30.11 15.57
C UNK B 1133 136.44 31.19 16.57
N UNK B 1134 135.63 30.84 17.64
CA UNK B 1134 135.07 31.77 18.60
C UNK B 1134 133.74 31.27 19.13
N UNK B 1135 132.62 31.88 18.65
CA UNK B 1135 131.25 31.63 19.04
C UNK B 1135 130.46 31.20 17.83
N UNK B 1136 129.17 30.85 18.01
CA UNK B 1136 128.38 30.37 16.91
C UNK B 1136 128.27 31.44 15.87
N UNK B 1137 128.66 31.12 14.63
CA UNK B 1137 128.59 32.06 13.55
C UNK B 1137 127.16 32.35 13.22
N UNK B 1138 126.35 31.27 13.11
CA UNK B 1138 124.97 31.44 12.74
C UNK B 1138 124.25 30.19 13.13
N UNK B 1139 122.89 30.24 13.15
CA UNK B 1139 122.15 29.07 13.55
C UNK B 1139 121.01 28.88 12.60
N UNK B 1140 120.53 27.62 12.50
CA UNK B 1140 119.39 27.32 11.66
C UNK B 1140 118.28 26.92 12.57
N UNK B 1141 117.05 27.36 12.22
CA UNK B 1141 115.85 27.28 13.01
C UNK B 1141 115.25 25.92 13.26
N UNK B 1142 115.14 25.02 12.23
CA UNK B 1142 114.31 23.83 12.21
C UNK B 1142 114.08 23.28 13.59
N UNK B 1143 112.93 23.68 14.17
CA UNK B 1143 112.66 23.44 15.57
C UNK B 1143 112.59 21.99 15.90
N UNK B 1144 111.73 21.22 15.22
CA UNK B 1144 111.74 19.85 15.61
C UNK B 1144 111.91 19.08 14.36
N UNK B 1145 113.08 19.19 13.74
CA UNK B 1145 113.28 18.40 12.58
C UNK B 1145 114.69 17.97 12.63
N UNK B 1146 114.92 16.66 12.82
CA UNK B 1146 116.26 16.20 12.89
C UNK B 1146 116.78 16.26 11.49
N UNK B 1147 118.09 16.48 11.33
CA UNK B 1147 118.65 16.51 10.02
C UNK B 1147 119.34 15.20 9.82
N UNK B 1148 118.97 14.49 8.74
CA UNK B 1148 119.55 13.22 8.43
C UNK B 1148 121.01 13.39 8.08
N UNK B 1149 121.32 14.37 7.22
CA UNK B 1149 122.68 14.53 6.83
C UNK B 1149 122.85 15.89 6.23
N UNK B 1150 124.10 16.39 6.21
CA UNK B 1150 124.32 17.67 5.62
C UNK B 1150 125.56 17.57 4.79
N UNK B 1151 125.55 18.23 3.62
CA UNK B 1151 126.69 18.20 2.76
C UNK B 1151 127.04 19.62 2.47
N UNK B 1152 128.34 19.86 2.20
CA UNK B 1152 128.77 21.20 1.91
C UNK B 1152 129.18 21.20 0.47
N UNK B 1153 128.94 22.32 -0.24
CA UNK B 1153 129.26 22.42 -1.63
C UNK B 1153 130.75 22.41 -1.76
N UNK B 1154 131.26 22.11 -2.97
CA UNK B 1154 132.68 22.08 -3.16
C UNK B 1154 133.17 23.43 -2.78
N UNK B 1155 132.48 24.47 -3.28
CA UNK B 1155 132.78 25.77 -2.79
C UNK B 1155 131.81 25.85 -1.66
N UNK B 1156 132.28 26.15 -0.43
CA UNK B 1156 131.29 26.04 0.60
C UNK B 1156 130.52 27.31 0.69
N UNK B 1157 129.85 27.66 -0.43
CA UNK B 1157 128.92 28.74 -0.46
C UNK B 1157 127.68 28.30 0.24
N UNK B 1158 127.27 27.04 -0.03
CA UNK B 1158 126.00 26.60 0.48
C UNK B 1158 126.15 25.27 1.14
N UNK B 1159 125.28 25.02 2.13
CA UNK B 1159 125.25 23.76 2.80
C UNK B 1159 123.87 23.24 2.62
N UNK B 1160 123.73 21.96 2.22
CA UNK B 1160 122.42 21.43 2.04
C UNK B 1160 122.24 20.36 3.04
N UNK B 1161 121.04 20.28 3.63
CA UNK B 1161 120.80 19.26 4.61
C UNK B 1161 119.44 18.71 4.36
N UNK B 1162 119.22 17.44 4.75
CA UNK B 1162 117.91 16.89 4.54
C UNK B 1162 117.23 16.86 5.86
N UNK B 1163 116.06 17.52 5.96
CA UNK B 1163 115.30 17.47 7.17
C UNK B 1163 114.67 16.12 7.18
N UNK B 1164 114.57 15.49 8.36
CA UNK B 1164 114.08 14.15 8.40
C UNK B 1164 112.60 14.11 8.27
N UNK B 1165 112.13 13.06 7.57
CA UNK B 1165 110.76 12.69 7.46
C UNK B 1165 110.86 11.23 7.70
N UNK B 1166 110.06 10.68 8.64
CA UNK B 1166 110.31 9.31 8.97
C UNK B 1166 109.37 8.94 10.05
N UNK B 1167 109.90 8.26 11.07
CA UNK B 1167 109.08 7.81 12.16
C UNK B 1167 108.40 9.01 12.71
N UNK B 1168 109.13 10.13 12.84
CA UNK B 1168 108.45 11.30 13.31
C UNK B 1168 107.88 11.97 12.10
N UNK B 1169 106.55 12.03 12.01
CA UNK B 1169 105.94 12.64 10.88
C UNK B 1169 105.97 14.11 11.06
N UNK B 1170 106.15 14.85 9.95
CA UNK B 1170 106.12 16.28 10.02
C UNK B 1170 106.11 16.77 8.62
N UNK B 1171 105.63 18.01 8.41
CA UNK B 1171 105.72 18.50 7.06
C UNK B 1171 107.18 18.78 6.94
N UNK B 1172 107.87 17.94 6.16
CA UNK B 1172 109.29 18.03 6.13
C UNK B 1172 109.75 17.20 4.99
N UNK B 1173 110.91 16.54 5.17
CA UNK B 1173 111.47 15.78 4.10
C UNK B 1173 111.77 16.79 3.05
N UNK B 1174 112.18 17.98 3.50
CA UNK B 1174 112.54 19.00 2.55
C UNK B 1174 114.02 19.13 2.65
N UNK B 1175 114.69 19.28 1.50
CA UNK B 1175 116.10 19.50 1.55
C UNK B 1175 116.26 20.96 1.49
N UNK B 1176 116.94 21.55 2.49
CA UNK B 1176 117.06 22.97 2.46
C UNK B 1176 118.49 23.30 2.21
N UNK B 1177 118.72 24.22 1.25
CA UNK B 1177 120.06 24.64 1.01
C UNK B 1177 120.17 25.97 1.65
N UNK B 1178 121.23 26.19 2.45
CA UNK B 1178 121.33 27.45 3.10
C UNK B 1178 122.45 28.18 2.44
N UNK B 1179 122.24 29.48 2.19
CA UNK B 1179 123.29 30.26 1.59
C UNK B 1179 124.17 30.65 2.76
N UNK B 1180 121.90 34.97 11.49
CA UNK B 1180 120.78 34.42 12.28
C UNK B 1180 120.42 33.06 11.80
N UNK B 1181 119.14 32.90 11.41
CA UNK B 1181 118.50 31.69 10.99
C UNK B 1181 119.21 31.13 9.80
N UNK B 1182 119.94 31.98 9.05
CA UNK B 1182 120.51 31.51 7.83
C UNK B 1182 119.41 31.04 6.94
N UNK B 1183 118.94 31.98 6.09
CA UNK B 1183 117.86 31.75 5.18
C UNK B 1183 118.21 30.64 4.26
N UNK B 1184 117.18 29.91 3.80
CA UNK B 1184 117.42 28.82 2.92
C UNK B 1184 117.30 29.33 1.53
N UNK B 1185 118.39 29.17 0.75
CA UNK B 1185 118.42 29.61 -0.61
C UNK B 1185 117.46 28.78 -1.40
N UNK B 1186 117.46 27.45 -1.19
CA UNK B 1186 116.61 26.63 -2.00
C UNK B 1186 115.91 25.63 -1.14
N UNK B 1187 114.75 25.15 -1.62
CA UNK B 1187 114.03 24.15 -0.89
C UNK B 1187 113.70 23.05 -1.84
N UNK B 1188 113.77 21.79 -1.36
CA UNK B 1188 113.45 20.68 -2.19
C UNK B 1188 112.55 19.80 -1.39
N UNK B 1189 111.65 19.06 -2.06
CA UNK B 1189 110.79 18.22 -1.29
C UNK B 1189 111.01 16.81 -1.68
N UNK B 1190 111.28 15.95 -0.68
CA UNK B 1190 111.44 14.54 -0.85
C UNK B 1190 112.21 14.06 0.33
N UNK B 1191 111.89 12.85 0.82
CA UNK B 1191 112.63 12.35 1.94
C UNK B 1191 113.98 12.01 1.43
N UNK B 1192 115.04 12.23 2.23
CA UNK B 1192 116.32 11.89 1.68
C UNK B 1192 117.12 11.15 2.69
N UNK B 1193 117.61 9.96 2.30
CA UNK B 1193 118.50 9.22 3.13
C UNK B 1193 119.78 9.99 3.16
N UNK B 1194 120.20 10.50 1.99
CA UNK B 1194 121.42 11.23 1.90
C UNK B 1194 121.41 12.00 0.61
N UNK B 1195 122.33 12.97 0.48
CA UNK B 1195 122.41 13.76 -0.71
C UNK B 1195 123.86 14.01 -0.97
N UNK B 1196 124.21 14.34 -2.24
CA UNK B 1196 125.59 14.60 -2.57
C UNK B 1196 125.61 15.73 -3.55
N UNK B 1197 126.74 16.45 -3.60
CA UNK B 1197 126.83 17.56 -4.51
C UNK B 1197 127.83 17.21 -5.56
N UNK B 1198 127.57 17.68 -6.79
CA UNK B 1198 128.49 17.46 -7.88
C UNK B 1198 129.61 18.43 -7.68
N UNK B 1199 130.74 18.20 -8.36
CA UNK B 1199 131.87 19.09 -8.24
C UNK B 1199 131.41 20.44 -8.69
N UNK B 1200 130.59 20.45 -9.76
CA UNK B 1200 130.07 21.66 -10.32
C UNK B 1200 129.24 22.34 -9.28
N UNK B 1201 128.55 21.54 -8.45
CA UNK B 1201 127.65 22.05 -7.45
C UNK B 1201 126.43 22.54 -8.15
N UNK B 1202 126.34 22.25 -9.46
CA UNK B 1202 125.19 22.58 -10.24
C UNK B 1202 124.05 21.73 -9.79
N UNK B 1203 124.29 20.43 -9.53
CA UNK B 1203 123.19 19.56 -9.21
C UNK B 1203 123.51 18.80 -7.96
N UNK B 1204 122.45 18.29 -7.31
CA UNK B 1204 122.62 17.51 -6.12
C UNK B 1204 121.89 16.23 -6.33
N UNK B 1205 122.43 15.13 -5.77
CA UNK B 1205 121.76 13.87 -5.93
C UNK B 1205 121.01 13.65 -4.66
N UNK B 1206 119.74 13.23 -4.77
CA UNK B 1206 118.95 13.01 -3.60
C UNK B 1206 118.69 11.55 -3.49
N UNK B 1207 118.83 11.01 -2.27
CA UNK B 1207 118.56 9.62 -2.08
C UNK B 1207 117.26 9.54 -1.35
N UNK B 1208 116.36 8.65 -1.79
CA UNK B 1208 115.08 8.53 -1.16
C UNK B 1208 114.72 7.08 -1.18
N UNK B 1209 113.68 6.70 -0.42
CA UNK B 1209 113.27 5.33 -0.42
C UNK B 1209 112.85 5.04 -1.82
N UNK B 1210 112.15 5.99 -2.44
CA UNK B 1210 111.70 5.84 -3.80
C UNK B 1210 112.89 6.06 -4.66
N UNK B 1211 112.66 6.11 -5.99
CA UNK B 1211 113.76 6.33 -6.89
C UNK B 1211 114.43 7.58 -6.46
N UNK B 1212 115.75 7.66 -6.66
CA UNK B 1212 116.50 8.81 -6.26
C UNK B 1212 116.18 9.89 -7.22
N UNK B 1213 116.39 11.15 -6.79
CA UNK B 1213 116.11 12.26 -7.65
C UNK B 1213 117.37 13.03 -7.83
N UNK B 1214 117.55 13.61 -9.03
CA UNK B 1214 118.66 14.48 -9.27
C UNK B 1214 118.03 15.80 -9.52
N UNK B 1215 118.45 16.85 -8.78
CA UNK B 1215 117.83 18.14 -9.00
C UNK B 1215 118.92 19.11 -9.29
N UNK B 1216 118.63 20.13 -10.12
CA UNK B 1216 119.65 21.08 -10.44
C UNK B 1216 119.37 22.34 -9.69
N UNK B 1217 120.43 22.95 -9.13
CA UNK B 1217 120.28 24.19 -8.43
C UNK B 1217 120.98 25.21 -9.27
N UNK B 1218 120.41 26.43 -9.36
CA UNK B 1218 121.06 27.41 -10.18
C UNK B 1218 121.91 28.24 -9.29
N UNK B 1219 123.20 28.35 -9.64
CA UNK B 1219 124.09 29.16 -8.84
C UNK B 1219 123.58 30.56 -8.94
N UNK B 1220 123.19 30.96 -10.15
CA UNK B 1220 122.69 32.29 -10.35
C UNK B 1220 121.50 32.16 -11.24
N UNK B 1221 120.62 33.17 -11.22
CA UNK B 1221 119.46 33.14 -12.06
C UNK B 1221 119.98 33.08 -13.50
N MET C 7 58.01 11.99 5.57
CA MET C 7 57.20 11.27 6.57
C MET C 7 56.28 10.40 5.77
N ASP C 8 55.57 9.50 6.44
CA ASP C 8 54.66 8.66 5.74
C ASP C 8 53.58 9.60 5.33
N PHE C 9 52.67 9.16 4.45
CA PHE C 9 51.63 10.08 4.07
C PHE C 9 50.89 10.43 5.31
N GLU C 10 50.51 9.42 6.11
CA GLU C 10 49.77 9.70 7.31
C GLU C 10 50.61 10.51 8.24
N THR C 11 51.93 10.26 8.28
CA THR C 11 52.74 10.99 9.20
C THR C 11 52.64 12.44 8.85
N GLY C 12 52.85 12.75 7.55
CA GLY C 12 52.83 14.11 7.07
C GLY C 12 51.46 14.68 7.19
N GLU C 13 50.43 13.89 6.88
CA GLU C 13 49.10 14.39 6.90
C GLU C 13 48.79 14.84 8.29
N HIS C 14 49.15 13.98 9.26
CA HIS C 14 48.90 14.31 10.63
C HIS C 14 49.78 15.43 11.08
N GLN C 15 51.05 15.48 10.66
CA GLN C 15 51.91 16.55 11.10
C GLN C 15 51.33 17.82 10.57
N TYR C 16 50.92 17.74 9.31
CA TYR C 16 50.37 18.81 8.56
C TYR C 16 49.13 19.29 9.25
N GLN C 17 48.30 18.36 9.76
CA GLN C 17 47.10 18.71 10.47
C GLN C 17 47.39 19.26 11.83
N TYR C 18 48.33 18.57 12.51
CA TYR C 18 48.76 18.66 13.87
C TYR C 18 49.48 19.93 14.13
N LYS C 19 49.78 20.71 13.08
CA LYS C 19 50.58 21.91 13.11
C LYS C 19 50.16 22.94 14.12
N ASP C 20 48.91 23.44 14.06
CA ASP C 20 48.51 24.55 14.89
C ASP C 20 48.71 24.16 16.30
N ILE C 21 48.36 22.92 16.63
CA ILE C 21 48.55 22.49 17.98
C ILE C 21 50.02 22.52 18.31
N LEU C 22 50.92 22.08 17.41
CA LEU C 22 52.29 22.13 17.83
C LEU C 22 52.72 23.55 18.04
N SER C 23 52.42 24.44 17.08
CA SER C 23 52.94 25.77 17.17
C SER C 23 52.49 26.42 18.44
N VAL C 24 51.16 26.40 18.67
CA VAL C 24 50.61 27.03 19.82
C VAL C 24 51.05 26.34 21.07
N PHE C 25 51.11 25.00 21.06
CA PHE C 25 51.31 24.33 22.31
C PHE C 25 52.61 24.72 22.91
N GLU C 26 53.71 24.51 22.17
CA GLU C 26 54.99 24.82 22.71
C GLU C 26 55.09 26.28 22.81
N ASP C 27 54.50 27.06 21.88
CA ASP C 27 54.61 28.51 21.75
C ASP C 27 55.05 29.17 23.02
N ALA C 28 56.13 29.97 22.93
CA ALA C 28 56.78 30.66 24.02
C ALA C 28 57.65 29.69 24.75
N PHE C 29 57.23 28.41 24.79
CA PHE C 29 58.01 27.25 25.13
C PHE C 29 58.70 26.70 23.91
N VAL C 30 58.05 26.75 22.72
CA VAL C 30 58.62 26.19 21.52
C VAL C 30 59.89 26.93 21.24
N ASP C 31 59.85 28.26 21.42
CA ASP C 31 61.00 29.06 21.12
C ASP C 31 62.11 28.64 22.02
N ASN C 32 61.79 28.47 23.32
CA ASN C 32 62.81 28.15 24.28
C ASN C 32 63.36 26.80 23.96
N PHE C 33 62.49 25.83 23.61
CA PHE C 33 63.03 24.53 23.42
C PHE C 33 63.92 24.52 22.23
N ASP C 34 63.61 25.26 21.15
CA ASP C 34 64.44 25.28 19.98
C ASP C 34 65.81 25.75 20.34
N CYS C 35 65.92 26.81 21.14
CA CYS C 35 67.22 27.33 21.43
C CYS C 35 68.02 26.26 22.09
N LYS C 36 67.39 25.52 23.04
CA LYS C 36 68.04 24.45 23.75
C LYS C 36 68.33 23.42 22.71
N ASP C 37 67.42 23.37 21.72
CA ASP C 37 67.22 22.37 20.72
C ASP C 37 68.35 22.14 19.80
N VAL C 38 69.28 23.09 19.68
CA VAL C 38 70.29 23.03 18.68
C VAL C 38 71.02 21.72 18.71
N GLN C 39 71.16 20.99 19.81
CA GLN C 39 71.84 19.77 19.45
C GLN C 39 70.92 18.86 18.67
N ASP C 40 69.68 18.75 19.13
CA ASP C 40 68.69 17.91 18.47
C ASP C 40 68.61 18.20 16.98
N MET C 41 68.17 19.41 16.64
CA MET C 41 68.04 19.82 15.25
C MET C 41 69.31 19.50 14.46
N PRO C 42 70.43 19.41 15.17
CA PRO C 42 71.72 19.10 14.54
C PRO C 42 71.90 17.60 14.32
N LYS C 43 70.80 16.85 14.37
CA LYS C 43 70.85 15.41 14.18
C LYS C 43 69.76 14.94 13.22
N SER C 44 69.87 13.70 12.77
CA SER C 44 68.89 13.13 11.84
C SER C 44 67.55 13.84 11.95
N ILE C 45 67.60 15.13 12.30
CA ILE C 45 66.38 15.92 12.45
C ILE C 45 66.53 17.27 11.74
N LEU C 46 67.60 17.99 12.05
CA LEU C 46 67.85 19.30 11.45
C LEU C 46 69.32 19.67 11.56
N SER C 47 70.02 19.65 10.44
CA SER C 47 71.44 20.00 10.41
C SER C 47 71.75 21.13 11.38
N LYS C 48 73.02 21.27 11.73
CA LYS C 48 73.43 22.29 12.63
C LYS C 48 72.95 23.59 12.09
N GLU C 49 73.11 23.76 10.77
CA GLU C 49 72.73 24.99 10.15
C GLU C 49 71.25 25.15 10.28
N GLU C 50 70.51 24.04 10.14
CA GLU C 50 69.09 24.14 10.13
C GLU C 50 68.56 24.61 11.46
N ILE C 51 69.17 24.24 12.60
CA ILE C 51 68.51 24.72 13.79
C ILE C 51 68.65 26.20 13.82
N ASP C 52 69.85 26.69 13.47
CA ASP C 52 70.07 28.11 13.47
C ASP C 52 69.12 28.71 12.49
N HIS C 53 68.81 27.95 11.43
CA HIS C 53 67.93 28.45 10.42
C HIS C 53 66.59 28.74 11.04
N ILE C 54 66.01 27.78 11.78
CA ILE C 54 64.70 28.00 12.34
C ILE C 54 64.78 29.09 13.36
N ILE C 55 65.85 29.06 14.15
CA ILE C 55 66.04 29.96 15.24
C ILE C 55 66.03 31.36 14.73
N MET C 56 66.66 31.60 13.57
CA MET C 56 66.80 32.93 13.04
C MET C 56 65.47 33.54 12.76
N SER C 57 64.51 32.80 12.16
CA SER C 57 63.22 33.38 11.89
C SER C 57 62.67 33.82 13.22
N LYS C 58 62.62 35.15 13.38
CA LYS C 58 62.31 35.80 14.62
C LYS C 58 60.93 35.46 15.07
N ASP C 59 59.98 35.60 14.15
CA ASP C 59 58.60 35.56 14.52
C ASP C 59 58.30 34.20 14.99
N ALA C 60 57.45 34.11 16.04
CA ALA C 60 57.15 32.84 16.61
C ALA C 60 56.51 32.00 15.56
N VAL C 61 55.62 32.62 14.75
CA VAL C 61 54.93 31.90 13.73
C VAL C 61 55.95 31.40 12.75
N SER C 62 56.90 32.27 12.38
CA SER C 62 57.91 31.95 11.41
C SER C 62 58.77 30.85 11.93
N GLY C 63 59.11 30.92 13.23
CA GLY C 63 60.00 29.95 13.78
C GLY C 63 59.38 28.60 13.68
N THR C 64 58.08 28.51 14.00
CA THR C 64 57.44 27.21 13.96
C THR C 64 57.37 26.74 12.54
N LEU C 65 57.04 27.65 11.61
CA LEU C 65 56.88 27.27 10.23
C LEU C 65 58.21 26.83 9.69
N ARG C 66 59.29 27.53 10.06
CA ARG C 66 60.57 27.19 9.52
C ARG C 66 60.93 25.77 9.88
N LEU C 67 60.75 25.39 11.15
CA LEU C 67 61.15 24.06 11.56
C LEU C 67 60.30 23.05 10.86
N PHE C 68 58.99 23.31 10.71
CA PHE C 68 58.15 22.32 10.09
C PHE C 68 58.61 22.15 8.67
N TRP C 69 59.02 23.26 8.04
CA TRP C 69 59.45 23.22 6.67
C TRP C 69 60.61 22.29 6.53
N THR C 70 61.63 22.42 7.41
CA THR C 70 62.79 21.59 7.28
C THR C 70 62.41 20.16 7.48
N LEU C 71 61.47 19.92 8.42
CA LEU C 71 61.02 18.60 8.79
C LEU C 71 60.40 17.94 7.60
N LEU C 72 59.65 18.69 6.77
CA LEU C 72 58.94 18.09 5.68
C LEU C 72 59.91 17.46 4.72
N SER C 73 61.05 18.11 4.48
CA SER C 73 62.01 17.68 3.51
C SER C 73 62.54 16.34 3.88
N LYS C 74 62.36 15.90 5.12
CA LYS C 74 62.92 14.64 5.44
C LYS C 74 61.92 13.57 5.24
N GLN C 75 62.43 12.37 5.52
CA GLN C 75 61.73 11.15 5.31
C GLN C 75 60.94 10.84 6.53
N GLU C 76 60.28 9.67 6.47
CA GLU C 76 59.50 9.17 7.57
C GLU C 76 60.41 9.05 8.72
N GLU C 77 61.69 8.74 8.46
CA GLU C 77 62.60 8.52 9.53
C GLU C 77 62.66 9.74 10.38
N MET C 78 62.63 10.93 9.76
CA MET C 78 62.74 12.16 10.49
C MET C 78 61.61 12.30 11.45
N VAL C 79 60.37 11.95 11.04
CA VAL C 79 59.29 12.14 11.96
C VAL C 79 59.54 11.26 13.15
N GLN C 80 60.07 10.05 12.91
CA GLN C 80 60.32 9.13 13.98
C GLN C 80 61.38 9.69 14.88
N LYS C 81 62.43 10.32 14.31
CA LYS C 81 63.47 10.83 15.15
C LYS C 81 62.91 11.95 15.98
N PHE C 82 62.14 12.84 15.33
CA PHE C 82 61.54 13.98 15.96
C PHE C 82 60.62 13.51 17.03
N VAL C 83 59.84 12.45 16.75
CA VAL C 83 58.92 12.02 17.77
C VAL C 83 59.72 11.59 18.96
N GLU C 84 60.88 10.95 18.70
CA GLU C 84 61.69 10.47 19.79
C GLU C 84 62.16 11.62 20.61
N GLU C 85 62.58 12.73 19.96
CA GLU C 85 63.09 13.83 20.71
C GLU C 85 61.99 14.38 21.57
N VAL C 86 60.74 14.37 21.07
CA VAL C 86 59.66 14.93 21.83
C VAL C 86 59.46 14.12 23.07
N LEU C 87 59.57 12.79 22.99
CA LEU C 87 59.36 11.94 24.13
C LEU C 87 60.50 12.17 25.09
N ARG C 88 61.73 12.32 24.59
CA ARG C 88 62.86 12.53 25.45
C ARG C 88 62.62 13.81 26.18
N ILE C 89 62.08 14.81 25.45
CA ILE C 89 61.73 16.09 25.98
C ILE C 89 60.66 15.84 26.99
N ASN C 90 59.89 14.76 26.76
CA ASN C 90 58.73 14.42 27.54
C ASN C 90 57.91 15.62 27.55
N TYR C 91 57.64 16.02 26.30
CA TYR C 91 56.77 17.09 26.04
C TYR C 91 55.52 16.30 26.00
N LYS C 92 55.06 15.94 27.21
CA LYS C 92 54.12 14.88 27.39
C LYS C 92 52.86 15.03 26.62
N PHE C 93 52.16 16.15 26.75
CA PHE C 93 50.88 16.20 26.11
C PHE C 93 51.09 16.14 24.65
N LEU C 94 52.03 16.92 24.11
CA LEU C 94 52.18 16.98 22.69
C LEU C 94 52.63 15.66 22.18
N MET C 95 53.53 14.98 22.92
CA MET C 95 54.01 13.75 22.38
C MET C 95 52.90 12.75 22.30
N SER C 96 51.94 12.77 23.26
CA SER C 96 50.88 11.79 23.22
C SER C 96 50.10 11.94 21.94
N PRO C 97 49.56 13.08 21.59
CA PRO C 97 48.94 13.13 20.31
C PRO C 97 49.81 12.83 19.13
N ILE C 98 51.12 13.11 19.17
CA ILE C 98 51.85 12.78 18.00
C ILE C 98 51.86 11.28 17.83
N LYS C 99 52.01 10.51 18.94
CA LYS C 99 52.07 9.08 18.76
C LYS C 99 50.76 8.55 18.27
N THR C 100 49.63 9.15 18.68
CA THR C 100 48.38 8.63 18.20
C THR C 100 48.35 8.82 16.71
N GLU C 101 48.89 9.95 16.27
CA GLU C 101 48.99 10.39 14.92
C GLU C 101 49.68 9.35 14.10
N GLN C 102 50.82 8.80 14.56
CA GLN C 102 51.47 7.85 13.71
C GLN C 102 50.58 6.67 13.46
N ARG C 103 50.33 6.42 12.15
CA ARG C 103 49.49 5.39 11.58
C ARG C 103 48.09 5.42 12.11
N GLN C 104 47.34 6.53 11.88
CA GLN C 104 45.95 6.60 12.30
C GLN C 104 45.15 7.32 11.25
N PRO C 105 44.00 6.79 10.90
CA PRO C 105 43.13 7.49 9.95
C PRO C 105 42.17 8.44 10.62
N SER C 106 41.57 9.40 9.86
CA SER C 106 40.59 10.31 10.38
C SER C 106 39.97 11.02 9.22
N MET C 107 38.74 11.54 9.40
CA MET C 107 38.09 12.26 8.33
C MET C 107 38.88 13.49 8.03
N MET C 108 39.26 14.25 9.09
CA MET C 108 39.98 15.48 8.92
C MET C 108 41.33 15.22 8.34
N THR C 109 41.99 14.14 8.78
CA THR C 109 43.31 13.85 8.30
C THR C 109 43.24 13.56 6.84
N ARG C 110 42.23 12.77 6.45
CA ARG C 110 42.10 12.32 5.09
C ARG C 110 41.87 13.50 4.20
N MET C 111 41.05 14.47 4.65
CA MET C 111 40.79 15.58 3.78
C MET C 111 42.05 16.37 3.57
N TYR C 112 42.88 16.52 4.61
CA TYR C 112 44.05 17.32 4.46
C TYR C 112 45.01 16.69 3.50
N ILE C 113 45.18 15.36 3.56
CA ILE C 113 46.11 14.70 2.68
C ILE C 113 45.65 14.86 1.28
N GLU C 114 44.33 14.75 1.06
CA GLU C 114 43.76 14.85 -0.25
C GLU C 114 44.08 16.19 -0.83
N GLN C 115 43.93 17.26 -0.02
CA GLN C 115 44.13 18.59 -0.51
C GLN C 115 45.56 18.77 -0.91
N ARG C 116 46.48 18.23 -0.11
CA ARG C 116 47.89 18.34 -0.36
C ARG C 116 48.22 17.71 -1.69
N ASP C 117 47.67 16.51 -1.95
CA ASP C 117 48.00 15.82 -3.16
C ASP C 117 47.49 16.61 -4.33
N ARG C 118 46.30 17.20 -4.20
CA ARG C 118 45.73 17.91 -5.31
C ARG C 118 46.60 19.06 -5.67
N LEU C 119 47.13 19.79 -4.67
CA LEU C 119 47.93 20.92 -5.05
C LEU C 119 49.19 20.48 -5.73
N TYR C 120 49.78 19.35 -5.32
CA TYR C 120 50.99 18.91 -5.97
C TYR C 120 50.68 18.68 -7.42
N ASN C 121 49.56 18.01 -7.71
CA ASN C 121 49.20 17.66 -9.06
C ASN C 121 49.03 18.91 -9.84
N ASP C 122 48.47 19.95 -9.20
CA ASP C 122 48.20 21.19 -9.84
C ASP C 122 49.47 21.80 -10.33
N ASN C 123 50.58 21.69 -9.56
CA ASN C 123 51.69 22.39 -10.14
C ASN C 123 53.03 22.01 -9.59
N GLN C 124 53.10 21.59 -8.30
CA GLN C 124 54.39 21.43 -7.67
C GLN C 124 55.16 20.25 -8.20
N VAL C 125 55.80 20.42 -9.38
CA VAL C 125 56.73 19.48 -9.93
C VAL C 125 58.05 19.71 -9.29
N PHE C 126 58.45 20.98 -9.39
CA PHE C 126 59.60 21.51 -8.79
C PHE C 126 59.43 22.86 -8.55
N ALA C 127 60.51 23.11 -7.90
CA ALA C 127 60.85 24.22 -7.29
C ALA C 127 61.66 23.57 -6.28
N LYS C 128 62.91 23.32 -6.63
CA LYS C 128 63.71 22.56 -5.74
C LYS C 128 63.92 23.35 -4.51
N TYR C 129 64.31 24.62 -4.63
CA TYR C 129 64.52 25.24 -3.36
C TYR C 129 63.92 26.59 -3.27
N ASN C 130 63.49 26.94 -2.06
CA ASN C 130 62.62 28.06 -1.92
C ASN C 130 62.90 28.86 -0.70
N VAL C 131 62.62 30.17 -0.84
CA VAL C 131 62.81 31.30 0.01
C VAL C 131 61.53 31.37 0.72
N SER C 132 61.60 31.58 2.03
CA SER C 132 60.38 31.52 2.74
C SER C 132 60.00 32.92 3.02
N ARG C 133 58.86 33.33 2.44
CA ARG C 133 58.41 34.64 2.68
C ARG C 133 57.39 34.40 3.66
N LEU C 134 57.82 34.42 4.89
CA LEU C 134 56.79 34.14 5.79
C LEU C 134 55.89 35.33 5.75
N GLN C 135 56.48 36.53 5.55
CA GLN C 135 55.66 37.69 5.64
C GLN C 135 54.54 37.67 4.63
N PRO C 136 54.76 37.46 3.35
CA PRO C 136 53.60 37.47 2.48
C PRO C 136 52.71 36.29 2.66
N TYR C 137 53.29 35.15 3.07
CA TYR C 137 52.60 33.91 3.28
C TYR C 137 51.60 34.05 4.38
N LEU C 138 52.02 34.61 5.52
CA LEU C 138 51.14 34.78 6.63
C LEU C 138 50.07 35.76 6.28
N LYS C 139 50.42 36.83 5.55
CA LYS C 139 49.44 37.84 5.27
C LYS C 139 48.30 37.26 4.51
N LEU C 140 48.59 36.45 3.48
CA LEU C 140 47.53 35.93 2.66
C LEU C 140 46.65 35.06 3.48
N ARG C 141 47.24 34.19 4.34
CA ARG C 141 46.38 33.24 4.99
C ARG C 141 45.47 33.96 5.92
N GLN C 142 45.99 34.98 6.62
CA GLN C 142 45.23 35.63 7.65
C GLN C 142 44.04 36.26 7.01
N ALA C 143 44.26 36.98 5.89
CA ALA C 143 43.19 37.67 5.26
C ALA C 143 42.20 36.68 4.75
N LEU C 144 42.68 35.59 4.13
CA LEU C 144 41.77 34.67 3.51
C LEU C 144 40.93 34.03 4.57
N LEU C 145 41.53 33.72 5.72
CA LEU C 145 40.82 33.08 6.78
C LEU C 145 39.75 34.03 7.22
N GLU C 146 40.12 35.30 7.41
CA GLU C 146 39.24 36.29 7.95
C GLU C 146 38.09 36.57 7.04
N LEU C 147 38.33 36.83 5.73
CA LEU C 147 37.16 37.18 5.00
C LEU C 147 36.74 35.98 4.25
N ARG C 148 35.92 35.16 4.91
CA ARG C 148 35.36 33.97 4.36
C ARG C 148 34.35 34.31 3.30
N PRO C 149 33.50 35.28 3.52
CA PRO C 149 32.48 35.57 2.56
C PRO C 149 33.09 36.03 1.28
N ALA C 150 32.28 36.08 0.20
CA ALA C 150 32.80 36.40 -1.11
C ALA C 150 33.59 37.66 -1.02
N LYS C 151 34.79 37.63 -1.62
CA LYS C 151 35.63 38.78 -1.66
C LYS C 151 36.63 38.54 -2.72
N ASN C 152 37.56 39.50 -2.94
CA ASN C 152 38.57 39.22 -3.91
C ASN C 152 39.90 39.44 -3.28
N VAL C 153 40.66 38.35 -3.12
CA VAL C 153 41.99 38.47 -2.59
C VAL C 153 42.85 38.54 -3.79
N LEU C 154 43.54 39.67 -4.00
CA LEU C 154 44.40 39.66 -5.13
C LEU C 154 45.68 39.17 -4.61
N ILE C 155 46.43 38.71 -5.58
CA ILE C 155 47.79 38.41 -5.50
C ILE C 155 48.11 38.90 -6.86
N ASP C 156 49.09 39.79 -6.97
CA ASP C 156 49.38 40.27 -8.29
C ASP C 156 50.76 40.83 -8.53
N GLY C 157 51.67 40.19 -9.29
CA GLY C 157 53.03 40.70 -9.35
C GLY C 157 53.54 40.49 -10.74
N VAL C 158 54.87 40.67 -10.92
CA VAL C 158 55.53 40.53 -12.20
C VAL C 158 55.36 39.10 -12.61
N LEU C 159 55.41 38.83 -13.94
CA LEU C 159 55.26 37.46 -14.33
C LEU C 159 56.36 36.67 -13.72
N GLY C 160 55.99 35.54 -13.08
CA GLY C 160 56.96 34.63 -12.51
C GLY C 160 57.40 35.11 -11.16
N SER C 161 56.67 36.05 -10.53
CA SER C 161 57.02 36.56 -9.24
C SER C 161 56.81 35.49 -8.22
N GLY C 162 56.05 34.43 -8.57
CA GLY C 162 55.83 33.40 -7.61
C GLY C 162 54.47 33.53 -6.97
N LYS C 163 53.59 34.17 -7.73
CA LYS C 163 52.25 34.42 -7.30
C LYS C 163 51.53 33.14 -6.98
N THR C 164 51.46 32.23 -7.99
CA THR C 164 50.74 30.96 -8.09
C THR C 164 51.30 29.95 -7.18
N TRP C 165 52.64 29.92 -7.12
CA TRP C 165 53.26 28.99 -6.25
C TRP C 165 52.76 29.36 -4.86
N VAL C 166 52.82 30.68 -4.43
CA VAL C 166 52.44 31.14 -3.13
C VAL C 166 51.04 30.73 -2.82
N ALA C 167 50.13 30.87 -3.80
CA ALA C 167 48.75 30.55 -3.56
C ALA C 167 48.60 29.11 -3.21
N LEU C 168 49.33 28.23 -3.93
CA LEU C 168 49.19 26.83 -3.70
C LEU C 168 49.60 26.54 -2.30
N ASP C 169 50.73 27.11 -1.87
CA ASP C 169 51.30 26.85 -0.58
C ASP C 169 50.34 27.26 0.49
N VAL C 170 49.66 28.40 0.30
CA VAL C 170 48.76 28.83 1.33
C VAL C 170 47.69 27.82 1.48
N CYS C 171 47.18 27.28 0.36
CA CYS C 171 46.14 26.31 0.43
C CYS C 171 46.65 25.04 1.08
N LEU C 172 47.90 24.62 0.75
CA LEU C 172 48.42 23.36 1.21
C LEU C 172 48.73 23.21 2.67
N SER C 173 49.41 24.18 3.34
CA SER C 173 49.80 23.94 4.72
C SER C 173 48.65 24.16 5.67
N TYR C 174 47.61 24.77 5.10
CA TYR C 174 46.36 25.33 5.52
C TYR C 174 45.20 24.48 5.90
N LYS C 175 45.41 23.30 6.51
CA LYS C 175 44.33 22.40 6.81
C LYS C 175 43.15 23.17 7.38
N VAL C 176 43.40 24.20 8.22
CA VAL C 176 42.31 24.95 8.79
C VAL C 176 41.51 25.63 7.70
N GLN C 177 42.20 26.27 6.73
CA GLN C 177 41.54 27.02 5.70
C GLN C 177 40.72 26.08 4.87
N CYS C 178 41.28 24.89 4.58
CA CYS C 178 40.60 23.95 3.74
C CYS C 178 39.34 23.50 4.42
N LYS C 179 39.38 23.33 5.75
CA LYS C 179 38.20 22.86 6.43
C LYS C 179 37.12 23.89 6.33
N MET C 180 37.46 25.17 6.58
CA MET C 180 36.44 26.16 6.61
C MET C 180 35.83 26.32 5.27
N ASP C 181 36.64 26.39 4.21
CA ASP C 181 36.04 26.50 2.92
C ASP C 181 35.48 25.15 2.64
N PHE C 182 34.24 25.06 2.12
CA PHE C 182 33.75 23.72 1.94
C PHE C 182 34.58 23.01 0.93
N LYS C 183 34.79 23.65 -0.24
CA LYS C 183 35.54 23.00 -1.27
C LYS C 183 36.25 24.08 -2.02
N ILE C 184 37.31 23.74 -2.77
CA ILE C 184 37.97 24.77 -3.48
C ILE C 184 38.13 24.37 -4.92
N PHE C 185 37.93 25.32 -5.84
CA PHE C 185 38.06 25.06 -7.24
C PHE C 185 39.17 25.94 -7.74
N TRP C 186 40.15 25.34 -8.45
CA TRP C 186 41.26 26.12 -8.94
C TRP C 186 41.29 25.97 -10.42
N LEU C 187 41.29 27.10 -11.15
CA LEU C 187 41.39 27.03 -12.58
C LEU C 187 42.32 28.11 -13.02
N ASN C 188 43.10 27.84 -14.09
CA ASN C 188 43.97 28.86 -14.60
C ASN C 188 43.28 29.39 -15.81
N LEU C 189 42.88 30.67 -15.76
CA LEU C 189 42.11 31.23 -16.83
C LEU C 189 42.97 31.38 -18.05
N LYS C 190 42.37 30.99 -19.18
CA LYS C 190 42.88 31.13 -20.51
C LYS C 190 42.45 32.52 -20.88
N ASN C 191 43.12 33.16 -21.86
CA ASN C 191 42.88 34.53 -22.23
C ASN C 191 41.40 34.74 -22.37
N CYS C 192 40.84 35.54 -21.42
CA CYS C 192 39.46 35.92 -21.32
C CYS C 192 39.13 36.97 -22.32
N ASN C 193 40.11 37.82 -22.67
CA ASN C 193 39.81 38.87 -23.59
C ASN C 193 39.33 38.30 -24.89
N SER C 194 39.81 37.11 -25.28
CA SER C 194 39.25 36.47 -26.44
C SER C 194 37.88 35.99 -26.02
N PRO C 195 36.89 36.30 -26.82
CA PRO C 195 35.49 36.04 -26.56
C PRO C 195 34.99 34.66 -26.25
N GLU C 196 35.19 33.67 -27.14
CA GLU C 196 34.61 32.36 -26.99
C GLU C 196 35.15 31.80 -25.72
N THR C 197 36.31 32.32 -25.31
CA THR C 197 37.04 31.82 -24.18
C THR C 197 36.17 31.81 -22.97
N VAL C 198 35.39 32.87 -22.70
CA VAL C 198 34.64 32.90 -21.47
C VAL C 198 33.71 31.73 -21.41
N LEU C 199 32.96 31.45 -22.49
CA LEU C 199 32.04 30.35 -22.42
C LEU C 199 32.79 29.08 -22.23
N GLU C 200 33.94 28.96 -22.90
CA GLU C 200 34.72 27.76 -22.86
C GLU C 200 35.10 27.50 -21.44
N MET C 201 35.57 28.54 -20.73
CA MET C 201 36.05 28.35 -19.39
C MET C 201 34.92 27.93 -18.50
N LEU C 202 33.75 28.56 -18.66
CA LEU C 202 32.66 28.33 -17.78
C LEU C 202 32.14 26.94 -18.01
N GLN C 203 32.23 26.44 -19.26
CA GLN C 203 31.71 25.14 -19.54
C GLN C 203 32.46 24.16 -18.71
N LYS C 204 33.79 24.33 -18.59
CA LYS C 204 34.60 23.43 -17.82
C LYS C 204 34.14 23.50 -16.40
N LEU C 205 33.78 24.71 -15.94
CA LEU C 205 33.35 24.89 -14.59
C LEU C 205 32.15 24.05 -14.40
N LEU C 206 31.27 24.06 -15.41
CA LEU C 206 30.01 23.39 -15.34
C LEU C 206 30.33 21.93 -15.21
N TYR C 207 31.34 21.45 -15.96
CA TYR C 207 31.64 20.05 -15.95
C TYR C 207 32.09 19.63 -14.58
N GLN C 208 33.02 20.40 -13.98
CA GLN C 208 33.59 20.05 -12.71
C GLN C 208 32.55 20.11 -11.65
N ILE C 209 31.63 21.09 -11.73
CA ILE C 209 30.66 21.24 -10.70
C ILE C 209 29.87 19.97 -10.65
N ASP C 210 29.49 19.45 -11.84
CA ASP C 210 28.82 18.19 -12.02
C ASP C 210 28.75 17.97 -13.49
N PRO C 211 28.94 16.74 -13.88
CA PRO C 211 28.74 16.32 -15.23
C PRO C 211 27.28 15.98 -15.39
N ASN C 212 26.49 16.27 -14.34
CA ASN C 212 25.13 15.84 -14.11
C ASN C 212 24.20 15.95 -15.26
N TRP C 213 23.08 16.65 -14.97
CA TRP C 213 21.98 17.11 -15.76
C TRP C 213 22.48 18.31 -16.45
N THR C 214 23.64 18.70 -15.94
CA THR C 214 24.46 19.80 -16.22
C THR C 214 24.37 19.98 -17.71
N SER C 215 24.65 18.91 -18.46
CA SER C 215 24.69 18.91 -19.90
C SER C 215 23.36 19.09 -20.60
N ARG C 216 22.22 18.73 -19.98
CA ARG C 216 20.95 18.64 -20.66
C ARG C 216 20.42 19.94 -21.24
N SER C 217 20.48 21.07 -20.50
CA SER C 217 19.80 22.29 -20.89
C SER C 217 20.36 22.90 -22.13
N ASP C 218 19.52 23.74 -22.77
CA ASP C 218 19.76 24.31 -24.06
C ASP C 218 21.02 25.09 -24.11
N HIS C 219 21.91 24.65 -25.00
CA HIS C 219 23.10 25.39 -25.25
C HIS C 219 22.75 26.16 -26.47
N SER C 220 22.57 27.48 -26.29
CA SER C 220 22.12 28.31 -27.37
C SER C 220 23.15 28.40 -28.42
N SER C 221 22.67 28.34 -29.67
CA SER C 221 23.54 28.40 -30.80
C SER C 221 24.20 29.72 -30.76
N ASN C 222 23.42 30.79 -30.45
CA ASN C 222 24.05 32.07 -30.39
C ASN C 222 24.61 32.18 -29.01
N ILE C 223 25.71 32.94 -28.91
CA ILE C 223 26.38 33.14 -27.66
C ILE C 223 25.49 33.91 -26.75
N LYS C 224 24.68 34.82 -27.32
CA LYS C 224 23.93 35.79 -26.58
C LYS C 224 23.18 35.10 -25.48
N LEU C 225 22.52 33.96 -25.77
CA LEU C 225 21.81 33.21 -24.77
C LEU C 225 22.68 32.37 -23.86
N ARG C 226 23.66 31.63 -24.42
CA ARG C 226 24.40 30.62 -23.72
C ARG C 226 25.16 31.15 -22.53
N ILE C 227 25.87 32.29 -22.68
CA ILE C 227 26.69 32.75 -21.59
C ILE C 227 25.80 33.03 -20.43
N HIS C 228 24.65 33.70 -20.69
CA HIS C 228 23.76 34.07 -19.65
C HIS C 228 23.24 32.83 -19.02
N SER C 229 22.89 31.83 -19.85
CA SER C 229 22.31 30.62 -19.35
C SER C 229 23.31 29.94 -18.47
N ILE C 230 24.59 29.95 -18.86
CA ILE C 230 25.55 29.26 -18.06
C ILE C 230 25.65 29.90 -16.72
N GLN C 231 25.65 31.24 -16.65
CA GLN C 231 25.82 31.86 -15.37
C GLN C 231 24.70 31.42 -14.51
N ALA C 232 23.48 31.30 -15.07
CA ALA C 232 22.36 30.90 -14.28
C ALA C 232 22.60 29.51 -13.77
N GLU C 233 23.10 28.61 -14.63
CA GLU C 233 23.29 27.25 -14.20
C GLU C 233 24.35 27.20 -13.16
N LEU C 234 25.41 27.99 -13.32
CA LEU C 234 26.52 27.96 -12.40
C LEU C 234 25.99 28.35 -11.05
N ARG C 235 25.16 29.41 -11.01
CA ARG C 235 24.64 29.87 -9.75
C ARG C 235 23.81 28.80 -9.15
N ARG C 236 22.98 28.14 -9.98
CA ARG C 236 22.08 27.13 -9.52
C ARG C 236 22.85 26.00 -8.93
N LEU C 237 23.92 25.56 -9.61
CA LEU C 237 24.65 24.44 -9.08
C LEU C 237 25.31 24.81 -7.80
N LEU C 238 25.78 26.06 -7.66
CA LEU C 238 26.43 26.34 -6.41
C LEU C 238 25.47 26.18 -5.27
N LYS C 239 24.23 26.66 -5.43
CA LYS C 239 23.29 26.56 -4.36
C LYS C 239 22.97 25.11 -4.12
N SER C 240 22.87 24.33 -5.21
CA SER C 240 22.39 22.97 -5.16
C SER C 240 23.20 22.15 -4.21
N LYS C 241 24.53 22.31 -4.18
CA LYS C 241 25.27 21.47 -3.30
C LYS C 241 25.81 22.29 -2.15
N PRO C 242 26.61 21.70 -1.30
CA PRO C 242 27.14 22.37 -0.14
C PRO C 242 28.17 23.43 -0.40
N TYR C 243 28.30 23.88 -1.66
CA TYR C 243 29.29 24.78 -2.20
C TYR C 243 29.35 26.13 -1.54
N GLU C 244 28.29 26.61 -0.84
CA GLU C 244 28.10 27.99 -0.47
C GLU C 244 29.34 28.74 -0.07
N ASN C 245 30.21 28.36 0.88
CA ASN C 245 31.42 29.15 0.97
C ASN C 245 32.44 28.29 0.32
N CYS C 246 32.55 28.41 -1.01
CA CYS C 246 33.43 27.60 -1.80
C CYS C 246 34.54 28.51 -2.22
N LEU C 247 35.80 28.02 -2.14
CA LEU C 247 36.88 28.89 -2.48
C LEU C 247 37.24 28.62 -3.89
N LEU C 248 37.24 29.68 -4.72
CA LEU C 248 37.58 29.45 -6.09
C LEU C 248 38.80 30.26 -6.33
N VAL C 249 39.78 29.69 -7.04
CA VAL C 249 40.96 30.45 -7.28
C VAL C 249 41.09 30.60 -8.75
N LEU C 250 41.15 31.86 -9.24
CA LEU C 250 41.34 31.99 -10.65
C LEU C 250 42.77 32.34 -10.83
N LEU C 251 43.51 31.45 -11.49
CA LEU C 251 44.90 31.66 -11.70
C LEU C 251 45.11 32.38 -12.99
N ASN C 252 46.07 33.33 -12.98
CA ASN C 252 46.43 34.09 -14.15
C ASN C 252 45.22 34.64 -14.84
N VAL C 253 44.47 35.55 -14.16
CA VAL C 253 43.32 36.10 -14.80
C VAL C 253 43.72 37.33 -15.54
N GLN C 254 43.67 37.25 -16.88
CA GLN C 254 44.02 38.31 -17.78
C GLN C 254 42.95 39.37 -17.89
N ASN C 255 41.67 38.96 -18.00
CA ASN C 255 40.64 39.92 -18.34
C ASN C 255 39.74 40.20 -17.16
N ALA C 256 39.26 41.45 -17.12
CA ALA C 256 38.41 42.01 -16.10
C ALA C 256 37.11 41.29 -16.07
N LYS C 257 36.62 40.86 -17.24
CA LYS C 257 35.32 40.25 -17.32
C LYS C 257 35.27 39.07 -16.41
N ALA C 258 36.37 38.33 -16.26
CA ALA C 258 36.34 37.19 -15.39
C ALA C 258 36.01 37.69 -14.03
N TRP C 259 36.59 38.84 -13.67
CA TRP C 259 36.43 39.44 -12.38
C TRP C 259 34.99 39.84 -12.23
N ASN C 260 34.37 40.41 -13.27
CA ASN C 260 33.00 40.79 -13.13
C ASN C 260 32.13 39.57 -13.02
N ALA C 261 32.49 38.48 -13.72
CA ALA C 261 31.73 37.27 -13.69
C ALA C 261 31.73 36.82 -12.26
N PHE C 262 32.86 37.08 -11.57
CA PHE C 262 33.05 36.76 -10.19
C PHE C 262 31.94 37.40 -9.44
N ASN C 263 31.63 38.66 -9.78
CA ASN C 263 30.65 39.41 -9.04
C ASN C 263 29.41 38.59 -9.02
N LEU C 264 29.01 38.06 -10.18
CA LEU C 264 27.90 37.17 -10.12
C LEU C 264 28.53 35.82 -9.91
N SER C 265 28.91 35.52 -8.67
CA SER C 265 29.57 34.28 -8.36
C SER C 265 29.85 34.25 -6.89
N CYS C 266 30.98 33.62 -6.51
CA CYS C 266 31.30 33.47 -5.11
C CYS C 266 32.63 34.10 -4.82
N LYS C 267 33.28 33.68 -3.72
CA LYS C 267 34.53 34.19 -3.22
C LYS C 267 35.67 33.68 -4.05
N ILE C 268 36.72 34.51 -4.20
CA ILE C 268 37.83 34.17 -5.05
C ILE C 268 39.14 34.68 -4.51
N LEU C 269 40.23 33.92 -4.82
CA LEU C 269 41.58 34.35 -4.68
C LEU C 269 42.07 34.49 -6.08
N LEU C 270 42.66 35.65 -6.43
CA LEU C 270 43.05 35.77 -7.80
C LEU C 270 44.51 36.10 -7.88
N THR C 271 45.19 35.57 -8.91
CA THR C 271 46.58 35.90 -9.14
C THR C 271 46.60 36.63 -10.45
N THR C 272 47.21 37.83 -10.49
CA THR C 272 47.21 38.54 -11.74
C THR C 272 48.44 39.41 -11.87
N ARG C 273 48.91 39.59 -13.11
CA ARG C 273 50.07 40.36 -13.50
C ARG C 273 49.84 41.83 -13.56
N PHE C 274 48.62 42.28 -13.29
CA PHE C 274 48.39 43.68 -13.31
C PHE C 274 48.08 43.95 -11.87
N LYS C 275 48.14 45.22 -11.41
CA LYS C 275 47.50 45.66 -10.19
C LYS C 275 46.17 46.28 -10.52
N GLN C 276 46.09 47.02 -11.66
CA GLN C 276 44.88 47.78 -11.82
C GLN C 276 43.70 46.90 -12.07
N VAL C 277 43.90 45.71 -12.67
CA VAL C 277 42.80 44.80 -12.88
C VAL C 277 42.14 44.54 -11.57
N THR C 278 42.98 44.37 -10.54
CA THR C 278 42.63 44.11 -9.19
C THR C 278 41.77 45.24 -8.71
N ASP C 279 42.23 46.45 -9.01
CA ASP C 279 41.62 47.65 -8.54
C ASP C 279 40.23 47.73 -9.10
N PHE C 280 40.07 47.41 -10.40
CA PHE C 280 38.78 47.51 -11.02
C PHE C 280 37.82 46.57 -10.38
N LEU C 281 38.26 45.34 -10.11
CA LEU C 281 37.44 44.33 -9.53
C LEU C 281 36.96 44.77 -8.17
N SER C 282 37.85 45.40 -7.39
CA SER C 282 37.55 45.86 -6.06
C SER C 282 36.54 46.96 -6.15
N ALA C 283 36.62 47.77 -7.21
CA ALA C 283 35.67 48.83 -7.32
C ALA C 283 34.30 48.26 -7.57
N ALA C 284 34.22 47.26 -8.48
CA ALA C 284 32.93 46.76 -8.86
C ALA C 284 32.29 46.14 -7.67
N THR C 285 33.04 45.28 -6.97
CA THR C 285 32.56 44.67 -5.77
C THR C 285 33.45 45.19 -4.72
N THR C 286 32.86 45.78 -3.66
CA THR C 286 33.64 46.33 -2.61
C THR C 286 34.35 45.18 -1.94
N THR C 287 34.94 45.40 -0.77
CA THR C 287 35.67 44.36 -0.12
C THR C 287 36.68 43.70 -1.00
N HIS C 288 37.79 44.41 -1.27
CA HIS C 288 38.89 43.82 -1.98
C HIS C 288 40.03 43.76 -1.02
N ILE C 289 40.90 42.75 -1.19
CA ILE C 289 42.07 42.57 -0.36
C ILE C 289 43.21 42.46 -1.32
N SER C 290 44.35 43.11 -1.03
CA SER C 290 45.38 43.00 -2.02
C SER C 290 46.63 42.51 -1.37
N LEU C 291 47.28 41.53 -2.02
CA LEU C 291 48.54 41.05 -1.54
C LEU C 291 49.44 41.21 -2.73
N ASP C 292 50.46 42.06 -2.60
CA ASP C 292 51.34 42.27 -3.70
C ASP C 292 52.59 41.46 -3.46
N HIS C 293 53.23 40.86 -4.50
CA HIS C 293 52.89 40.92 -5.88
C HIS C 293 53.25 42.36 -6.30
N HIS C 294 53.92 43.00 -5.37
CA HIS C 294 54.34 44.35 -5.45
C HIS C 294 54.62 44.46 -4.01
N SER C 295 55.00 45.65 -3.53
CA SER C 295 55.27 45.91 -2.14
C SER C 295 56.77 45.90 -1.96
N MET C 296 57.18 45.56 -0.72
CA MET C 296 58.49 45.48 -0.13
C MET C 296 59.35 44.35 -0.69
N THR C 297 58.73 43.24 -1.13
CA THR C 297 59.33 42.04 -1.67
C THR C 297 60.17 41.16 -0.78
N LEU C 298 59.69 40.81 0.44
CA LEU C 298 60.35 39.75 1.17
C LEU C 298 61.74 40.18 1.51
N THR C 299 62.64 39.17 1.56
CA THR C 299 64.03 39.40 1.81
C THR C 299 64.82 38.66 0.77
N PRO C 300 65.68 39.37 0.07
CA PRO C 300 66.46 38.77 -0.95
C PRO C 300 67.41 37.74 -0.43
N ASP C 301 67.81 37.84 0.86
CA ASP C 301 68.71 36.88 1.40
C ASP C 301 68.02 35.55 1.40
N GLU C 302 66.76 35.53 1.85
CA GLU C 302 66.01 34.31 1.95
C GLU C 302 65.76 33.78 0.58
N VAL C 303 65.43 34.68 -0.37
CA VAL C 303 65.12 34.24 -1.69
C VAL C 303 66.35 33.62 -2.24
N LYS C 304 67.50 34.29 -2.06
CA LYS C 304 68.69 33.79 -2.67
C LYS C 304 68.97 32.43 -2.12
N SER C 305 68.70 32.22 -0.81
CA SER C 305 69.00 30.96 -0.22
C SER C 305 68.14 29.93 -0.86
N LEU C 306 66.95 30.35 -1.35
CA LEU C 306 66.03 29.47 -1.98
C LEU C 306 66.67 28.88 -3.15
N LEU C 307 67.19 29.76 -4.01
CA LEU C 307 67.71 29.35 -5.25
C LEU C 307 68.90 28.54 -4.92
N LEU C 308 69.57 28.95 -3.84
CA LEU C 308 70.81 28.38 -3.42
C LEU C 308 70.60 26.95 -3.10
N LYS C 309 69.50 26.55 -2.43
CA LYS C 309 69.44 25.14 -2.18
C LYS C 309 69.12 24.39 -3.44
N TYR C 310 68.31 24.99 -4.34
CA TYR C 310 67.97 24.32 -5.57
C TYR C 310 69.24 23.93 -6.24
N LEU C 311 70.03 24.97 -6.48
CA LEU C 311 71.25 24.97 -7.21
C LEU C 311 72.45 24.40 -6.48
N ASP C 312 72.54 24.60 -5.15
CA ASP C 312 73.66 24.34 -4.28
C ASP C 312 74.96 24.99 -4.77
N CYS C 313 75.14 26.32 -4.47
CA CYS C 313 76.25 27.15 -4.96
C CYS C 313 77.18 27.73 -3.92
N ARG C 314 77.92 28.82 -4.31
CA ARG C 314 78.93 29.49 -3.50
C ARG C 314 78.60 30.96 -3.36
N PRO C 315 78.95 31.48 -2.20
CA PRO C 315 78.72 32.84 -1.77
C PRO C 315 79.34 33.87 -2.66
N GLN C 316 80.51 33.58 -3.24
CA GLN C 316 81.12 34.52 -4.13
C GLN C 316 80.19 34.62 -5.29
N ASP C 317 79.60 33.47 -5.61
CA ASP C 317 78.72 33.33 -6.72
C ASP C 317 77.46 34.09 -6.50
N LEU C 318 77.11 34.30 -5.22
CA LEU C 318 75.83 34.82 -4.88
C LEU C 318 75.49 36.09 -5.54
N PRO C 319 76.36 37.04 -5.57
CA PRO C 319 75.98 38.30 -6.15
C PRO C 319 75.60 38.12 -7.58
N ARG C 320 76.09 37.07 -8.24
CA ARG C 320 75.63 36.94 -9.59
C ARG C 320 74.15 36.67 -9.54
N GLU C 321 73.75 35.83 -8.58
CA GLU C 321 72.40 35.36 -8.39
C GLU C 321 71.53 36.46 -7.94
N VAL C 322 72.09 37.37 -7.12
CA VAL C 322 71.33 38.40 -6.46
C VAL C 322 70.65 39.09 -7.58
N LEU C 323 71.36 39.24 -8.72
CA LEU C 323 70.71 39.80 -9.86
C LEU C 323 70.11 38.66 -10.63
N THR C 324 68.87 38.84 -11.14
CA THR C 324 68.14 40.06 -10.93
C THR C 324 67.15 39.84 -9.84
N THR C 325 66.43 40.92 -9.48
CA THR C 325 65.47 40.89 -8.41
C THR C 325 64.33 39.97 -8.71
N ASN C 326 63.80 39.99 -9.96
CA ASN C 326 62.58 39.25 -10.17
C ASN C 326 62.73 37.79 -10.06
N PRO C 327 61.74 37.28 -9.36
CA PRO C 327 61.63 35.87 -9.10
C PRO C 327 61.39 35.10 -10.36
N ARG C 328 60.71 35.68 -11.37
CA ARG C 328 60.50 34.85 -12.52
C ARG C 328 61.84 34.63 -13.13
N ARG C 329 62.63 35.72 -13.22
CA ARG C 329 63.90 35.63 -13.84
C ARG C 329 64.79 34.76 -13.01
N LEU C 330 64.62 34.83 -11.68
CA LEU C 330 65.49 34.06 -10.85
C LEU C 330 65.25 32.63 -11.19
N SER C 331 64.00 32.23 -11.36
CA SER C 331 63.86 30.84 -11.54
C SER C 331 64.17 30.43 -12.96
N ILE C 332 63.97 31.32 -13.97
CA ILE C 332 64.39 30.94 -15.29
C ILE C 332 65.87 30.71 -15.27
N ILE C 333 66.60 31.58 -14.57
CA ILE C 333 68.03 31.48 -14.46
C ILE C 333 68.34 30.22 -13.71
N ALA C 334 67.61 29.94 -12.62
CA ALA C 334 67.90 28.82 -11.77
C ALA C 334 67.80 27.55 -12.56
N GLU C 335 66.78 27.45 -13.42
CA GLU C 335 66.63 26.28 -14.20
C GLU C 335 67.84 26.13 -15.08
N SER C 336 68.28 27.25 -15.69
CA SER C 336 69.38 27.24 -16.62
C SER C 336 70.62 26.82 -15.91
N ILE C 337 70.81 27.33 -14.68
CA ILE C 337 71.96 27.01 -13.90
C ILE C 337 71.95 25.56 -13.53
N ARG C 338 70.79 24.92 -13.30
CA ARG C 338 70.89 23.53 -13.00
C ARG C 338 71.53 22.89 -14.19
N ASP C 339 71.15 23.33 -15.39
CA ASP C 339 71.85 22.81 -16.54
C ASP C 339 73.27 23.35 -16.73
N GLY C 340 73.59 24.63 -16.37
CA GLY C 340 74.89 25.27 -16.64
C GLY C 340 75.32 26.25 -15.49
N LEU C 341 75.89 27.50 -15.73
CA LEU C 341 76.63 28.33 -14.71
C LEU C 341 76.10 29.74 -14.11
N ALA C 342 76.57 30.36 -12.88
CA ALA C 342 76.46 31.79 -12.59
C ALA C 342 77.85 32.14 -12.97
N THR C 343 78.11 32.25 -14.29
CA THR C 343 79.45 32.52 -14.71
C THR C 343 79.44 33.19 -16.03
N TRP C 344 80.56 33.06 -16.77
CA TRP C 344 80.70 33.72 -18.03
C TRP C 344 79.64 33.23 -18.95
N ASP C 345 79.35 31.91 -18.95
CA ASP C 345 78.35 31.40 -19.85
C ASP C 345 77.00 31.97 -19.50
N ASN C 346 76.66 32.01 -18.20
CA ASN C 346 75.38 32.44 -17.70
C ASN C 346 75.16 33.86 -18.09
N TRP C 347 76.14 34.70 -17.78
CA TRP C 347 76.02 36.09 -18.07
C TRP C 347 75.94 36.23 -19.55
N LYS C 348 76.66 35.34 -20.26
CA LYS C 348 76.73 35.42 -21.69
C LYS C 348 75.36 35.32 -22.28
N HIS C 349 74.53 34.37 -21.78
CA HIS C 349 73.23 34.17 -22.33
C HIS C 349 72.36 35.37 -22.08
N VAL C 350 72.41 35.85 -20.81
CA VAL C 350 71.65 36.89 -20.15
C VAL C 350 70.25 36.44 -19.78
N ASN C 351 69.98 35.11 -19.78
CA ASN C 351 68.72 34.51 -19.42
C ASN C 351 67.56 35.12 -20.14
N CYS C 352 67.72 35.20 -21.46
CA CYS C 352 66.72 35.64 -22.39
C CYS C 352 65.88 34.55 -23.00
N ASP C 353 66.37 33.29 -23.01
CA ASP C 353 65.75 32.29 -23.84
C ASP C 353 64.29 32.16 -23.52
N LYS C 354 63.95 31.93 -22.24
CA LYS C 354 62.58 31.81 -21.87
C LYS C 354 61.85 33.11 -21.98
N LEU C 355 62.45 34.17 -21.40
CA LEU C 355 61.81 35.44 -21.24
C LEU C 355 61.49 36.11 -22.54
N THR C 356 62.40 36.03 -23.54
CA THR C 356 62.16 36.75 -24.75
C THR C 356 60.87 36.26 -25.34
N THR C 357 60.68 34.94 -25.39
CA THR C 357 59.48 34.42 -25.95
C THR C 357 58.32 34.85 -25.10
N ILE C 358 58.53 34.85 -23.77
CA ILE C 358 57.48 35.15 -22.84
C ILE C 358 56.98 36.55 -23.05
N ILE C 359 57.90 37.52 -23.16
CA ILE C 359 57.59 38.91 -23.31
C ILE C 359 56.89 39.12 -24.62
N GLU C 360 57.31 38.38 -25.66
CA GLU C 360 56.79 38.59 -26.98
C GLU C 360 55.30 38.48 -26.95
N SER C 361 54.78 37.48 -26.22
CA SER C 361 53.35 37.30 -26.18
C SER C 361 52.77 38.51 -25.51
N SER C 362 53.52 39.10 -24.56
CA SER C 362 53.04 40.23 -23.84
C SER C 362 52.82 41.39 -24.76
N LEU C 363 53.72 41.58 -25.73
CA LEU C 363 53.64 42.71 -26.61
C LEU C 363 52.38 42.59 -27.43
N ASN C 364 52.04 41.36 -27.86
CA ASN C 364 50.94 41.16 -28.76
C ASN C 364 49.67 41.63 -28.12
N VAL C 365 49.56 41.51 -26.79
CA VAL C 365 48.32 41.83 -26.14
C VAL C 365 47.92 43.27 -26.37
N LEU C 366 48.88 44.22 -26.44
CA LEU C 366 48.58 45.62 -26.65
C LEU C 366 48.49 45.89 -28.16
N GLU C 367 48.18 47.16 -28.63
CA GLU C 367 48.03 47.45 -30.04
C GLU C 367 49.30 48.06 -30.59
N PRO C 368 49.83 47.33 -31.53
CA PRO C 368 51.12 47.56 -32.12
C PRO C 368 51.35 48.91 -32.74
N ALA C 369 50.36 49.51 -33.42
CA ALA C 369 50.78 50.69 -34.11
C ALA C 369 51.21 51.75 -33.16
N GLU C 370 50.29 52.19 -32.28
CA GLU C 370 50.69 53.26 -31.40
C GLU C 370 51.50 52.77 -30.25
N TYR C 371 50.96 51.80 -29.51
CA TYR C 371 51.55 51.34 -28.28
C TYR C 371 52.81 50.59 -28.53
N ARG C 372 52.80 49.67 -29.51
CA ARG C 372 53.99 48.90 -29.73
C ARG C 372 55.07 49.84 -30.14
N LYS C 373 54.74 50.83 -30.99
CA LYS C 373 55.70 51.78 -31.45
C LYS C 373 56.15 52.65 -30.33
N MET C 374 55.19 53.13 -29.51
CA MET C 374 55.51 54.05 -28.47
C MET C 374 56.44 53.43 -27.46
N PHE C 375 56.21 52.16 -27.12
CA PHE C 375 57.05 51.41 -26.23
C PHE C 375 58.38 51.15 -26.88
N ASP C 376 58.37 50.89 -28.19
CA ASP C 376 59.56 50.47 -28.88
C ASP C 376 60.62 51.52 -28.72
N ARG C 377 60.21 52.79 -28.62
CA ARG C 377 61.08 53.93 -28.53
C ARG C 377 61.87 53.96 -27.24
N LEU C 378 61.30 53.45 -26.14
CA LEU C 378 61.83 53.61 -24.80
C LEU C 378 63.24 53.09 -24.72
N SER C 379 63.65 52.28 -25.70
CA SER C 379 64.94 51.63 -25.70
C SER C 379 66.13 52.59 -25.46
N VAL C 380 66.38 53.69 -26.24
CA VAL C 380 67.55 54.55 -26.05
C VAL C 380 67.30 55.43 -24.87
N PHE C 381 67.60 54.87 -23.68
CA PHE C 381 67.47 55.52 -22.41
C PHE C 381 68.32 54.75 -21.46
N PRO C 382 68.71 55.42 -20.44
CA PRO C 382 69.42 54.70 -19.43
C PRO C 382 68.53 53.82 -18.63
N PRO C 383 69.02 52.65 -18.36
CA PRO C 383 68.26 51.68 -17.61
C PRO C 383 68.35 51.94 -16.15
N SER C 384 67.27 51.62 -15.42
CA SER C 384 67.25 51.75 -13.99
C SER C 384 67.68 53.12 -13.63
N ALA C 385 67.47 54.09 -14.54
CA ALA C 385 67.87 55.41 -14.18
C ALA C 385 66.70 56.30 -14.37
N HIS C 386 66.12 56.76 -13.25
CA HIS C 386 64.97 57.61 -13.18
C HIS C 386 65.08 58.67 -14.23
N ILE C 387 64.19 58.58 -15.25
CA ILE C 387 64.22 59.52 -16.32
C ILE C 387 62.93 60.27 -16.30
N PRO C 388 63.03 61.58 -16.29
CA PRO C 388 61.85 62.38 -16.20
C PRO C 388 60.98 62.29 -17.40
N THR C 389 59.68 62.61 -17.23
CA THR C 389 58.69 62.50 -18.26
C THR C 389 59.03 63.41 -19.39
N ILE C 390 59.54 64.63 -19.08
CA ILE C 390 59.84 65.57 -20.11
C ILE C 390 60.79 64.92 -21.05
N LEU C 391 61.74 64.16 -20.50
CA LEU C 391 62.70 63.43 -21.27
C LEU C 391 61.98 62.37 -22.06
N LEU C 392 60.99 61.75 -21.41
CA LEU C 392 60.24 60.65 -21.92
C LEU C 392 59.47 61.12 -23.12
N SER C 393 58.95 62.35 -23.06
CA SER C 393 58.12 62.87 -24.12
C SER C 393 58.91 62.89 -25.40
N LEU C 394 60.22 63.16 -25.34
CA LEU C 394 60.94 63.27 -26.57
C LEU C 394 60.83 61.96 -27.30
N ILE C 395 61.13 60.87 -26.60
CA ILE C 395 61.09 59.56 -27.19
C ILE C 395 59.68 59.13 -27.43
N TRP C 396 58.77 59.35 -26.46
CA TRP C 396 57.47 58.81 -26.63
C TRP C 396 56.77 59.49 -27.77
N PHE C 397 56.96 60.81 -27.95
CA PHE C 397 56.21 61.51 -28.97
C PHE C 397 56.51 61.01 -30.36
N ASP C 398 55.60 60.21 -30.94
CA ASP C 398 55.56 59.96 -32.36
C ASP C 398 54.60 60.96 -32.94
N VAL C 399 53.42 61.33 -32.14
CA VAL C 399 52.34 62.24 -32.35
C VAL C 399 52.47 63.11 -31.15
N ILE C 400 51.81 64.28 -31.08
CA ILE C 400 52.16 65.02 -29.91
C ILE C 400 50.99 65.53 -29.15
N LYS C 401 51.15 65.48 -27.81
CA LYS C 401 50.26 65.92 -26.78
C LYS C 401 50.00 64.78 -25.87
N SER C 402 48.92 64.88 -25.06
CA SER C 402 48.60 63.94 -24.04
C SER C 402 48.38 62.60 -24.65
N ASP C 403 48.32 62.51 -25.99
CA ASP C 403 48.04 61.28 -26.68
C ASP C 403 49.09 60.32 -26.21
N VAL C 404 50.32 60.84 -26.16
CA VAL C 404 51.47 60.10 -25.75
C VAL C 404 51.30 59.74 -24.31
N MET C 405 50.68 60.66 -23.55
CA MET C 405 50.48 60.46 -22.14
C MET C 405 49.60 59.26 -21.95
N VAL C 406 48.48 59.18 -22.70
CA VAL C 406 47.53 58.10 -22.58
C VAL C 406 48.07 56.83 -23.15
N VAL C 407 48.73 56.89 -24.32
CA VAL C 407 49.14 55.70 -24.99
C VAL C 407 50.08 54.94 -24.11
N VAL C 408 50.98 55.63 -23.38
CA VAL C 408 51.83 54.91 -22.48
C VAL C 408 50.97 54.32 -21.41
N ASN C 409 49.90 55.04 -21.03
CA ASN C 409 49.08 54.71 -19.90
C ASN C 409 48.48 53.36 -20.05
N LYS C 410 48.00 53.00 -21.26
CA LYS C 410 47.33 51.76 -21.44
C LYS C 410 48.25 50.62 -21.11
N LEU C 411 49.54 50.81 -21.44
CA LEU C 411 50.47 49.77 -21.11
C LEU C 411 50.91 49.82 -19.64
N HIS C 412 51.17 51.09 -19.17
CA HIS C 412 52.00 51.73 -18.17
C HIS C 412 51.64 51.22 -16.84
N LYS C 413 50.36 50.88 -16.69
CA LYS C 413 49.82 50.69 -15.41
C LYS C 413 50.62 49.61 -14.75
N TYR C 414 51.26 48.73 -15.61
CA TYR C 414 51.07 47.29 -15.66
C TYR C 414 51.74 46.86 -14.45
N SER C 415 52.94 47.35 -14.42
CA SER C 415 54.01 46.74 -13.85
C SER C 415 55.09 47.32 -14.65
N LEU C 416 55.98 46.41 -15.04
CA LEU C 416 57.34 46.74 -15.28
C LEU C 416 57.52 46.70 -16.75
N VAL C 417 56.44 47.11 -17.44
CA VAL C 417 56.69 47.53 -18.77
C VAL C 417 57.43 48.83 -18.65
N GLU C 418 56.73 49.88 -18.16
CA GLU C 418 57.28 51.10 -17.61
C GLU C 418 56.64 51.40 -16.29
N LYS C 419 57.36 52.13 -15.41
CA LYS C 419 56.76 52.45 -14.15
C LYS C 419 56.86 53.93 -13.94
N GLN C 420 55.81 54.54 -13.37
CA GLN C 420 55.90 55.94 -13.13
C GLN C 420 55.65 56.22 -11.69
N PRO C 421 56.66 56.80 -11.07
CA PRO C 421 56.58 57.18 -9.69
C PRO C 421 55.68 58.35 -9.42
N LYS C 422 55.71 59.19 -10.35
CA LYS C 422 54.95 60.39 -10.15
C LYS C 422 54.96 61.12 -11.46
N GLU C 423 54.43 62.36 -11.46
CA GLU C 423 54.33 63.16 -12.65
C GLU C 423 55.71 63.41 -13.17
N SER C 424 56.70 63.43 -12.27
CA SER C 424 58.07 63.74 -12.57
C SER C 424 58.73 62.79 -13.53
N THR C 425 58.78 61.45 -13.25
CA THR C 425 59.56 60.67 -14.19
C THR C 425 59.03 59.29 -14.35
N ILE C 426 59.50 58.61 -15.41
CA ILE C 426 59.16 57.23 -15.58
C ILE C 426 60.45 56.52 -15.78
N SER C 427 60.58 55.30 -15.26
CA SER C 427 61.83 54.64 -15.48
C SER C 427 61.51 53.40 -16.22
N ILE C 428 62.50 52.78 -16.89
CA ILE C 428 62.26 51.52 -17.52
C ILE C 428 62.36 50.50 -16.43
N PRO C 429 61.36 49.69 -16.34
CA PRO C 429 61.22 48.91 -15.16
C PRO C 429 62.23 48.07 -14.64
N SER C 430 62.83 47.28 -15.49
CA SER C 430 63.82 46.45 -14.95
C SER C 430 64.45 45.89 -16.14
N ILE C 431 65.38 44.98 -15.86
CA ILE C 431 66.21 44.29 -16.79
C ILE C 431 65.35 43.51 -17.72
N TYR C 432 64.23 42.95 -17.23
CA TYR C 432 63.43 42.07 -18.03
C TYR C 432 62.93 42.71 -19.28
N LEU C 433 62.27 43.88 -19.17
CA LEU C 433 61.67 44.46 -20.34
C LEU C 433 62.78 44.85 -21.28
N GLU C 434 63.80 45.54 -20.72
CA GLU C 434 64.87 46.09 -21.51
C GLU C 434 65.60 44.98 -22.18
N LEU C 435 65.75 43.84 -21.47
CA LEU C 435 66.52 42.76 -21.99
C LEU C 435 65.86 42.36 -23.26
N LYS C 436 64.52 42.35 -23.27
CA LYS C 436 63.81 41.98 -24.45
C LYS C 436 64.15 42.92 -25.56
N VAL C 437 64.05 44.24 -25.28
CA VAL C 437 64.21 45.22 -26.31
C VAL C 437 65.60 45.23 -26.85
N LYS C 438 66.61 45.10 -25.98
CA LYS C 438 67.95 45.24 -26.46
C LYS C 438 68.27 44.25 -27.54
N LEU C 439 67.82 42.99 -27.40
CA LEU C 439 68.13 42.04 -28.44
C LEU C 439 67.49 42.47 -29.72
N GLU C 440 66.21 42.89 -29.68
CA GLU C 440 65.53 43.19 -30.90
C GLU C 440 65.52 44.67 -31.14
N ASN C 441 66.21 45.11 -32.20
CA ASN C 441 66.20 46.52 -32.50
C ASN C 441 66.49 46.63 -33.96
N GLU C 442 66.21 47.81 -34.57
CA GLU C 442 66.41 48.04 -35.98
C GLU C 442 67.16 49.33 -36.10
N TYR C 443 67.59 49.76 -37.31
CA TYR C 443 68.39 50.92 -37.15
C TYR C 443 67.53 52.13 -37.25
N ALA C 444 66.63 52.24 -36.25
CA ALA C 444 65.85 53.35 -35.80
C ALA C 444 66.74 54.17 -34.93
N LEU C 445 67.75 53.47 -34.34
CA LEU C 445 68.58 54.02 -33.33
C LEU C 445 69.19 55.30 -33.77
N HIS C 446 69.60 55.43 -35.05
CA HIS C 446 70.27 56.64 -35.45
C HIS C 446 69.40 57.82 -35.17
N ARG C 447 68.11 57.76 -35.54
CA ARG C 447 67.26 58.88 -35.34
C ARG C 447 67.14 59.15 -33.87
N SER C 448 67.02 58.10 -33.06
CA SER C 448 66.83 58.31 -31.65
C SER C 448 68.02 58.98 -31.06
N ILE C 449 69.23 58.53 -31.43
CA ILE C 449 70.42 59.09 -30.87
C ILE C 449 70.49 60.52 -31.28
N VAL C 450 70.12 60.83 -32.54
CA VAL C 450 70.22 62.17 -33.01
C VAL C 450 69.30 63.03 -32.19
N ASP C 451 68.14 62.48 -31.79
CA ASP C 451 67.18 63.24 -31.05
C ASP C 451 67.83 63.70 -29.79
N HIS C 452 68.64 62.83 -29.16
CA HIS C 452 69.27 63.19 -27.91
C HIS C 452 70.17 64.35 -28.14
N TYR C 453 70.90 64.39 -29.27
CA TYR C 453 71.78 65.51 -29.46
C TYR C 453 70.94 66.74 -29.51
N ASN C 454 69.81 66.67 -30.22
CA ASN C 454 68.98 67.81 -30.41
C ASN C 454 68.49 68.30 -29.09
N ILE C 455 68.11 67.38 -28.17
CA ILE C 455 67.55 67.87 -26.94
C ILE C 455 68.54 68.71 -26.17
N PRO C 456 69.77 68.35 -25.88
CA PRO C 456 70.59 69.36 -25.26
C PRO C 456 70.91 70.53 -26.11
N LYS C 457 70.82 70.39 -27.45
CA LYS C 457 71.09 71.53 -28.27
C LYS C 457 70.08 72.58 -27.95
N THR C 458 68.81 72.17 -27.86
CA THR C 458 67.75 73.11 -27.59
C THR C 458 67.97 73.71 -26.24
N PHE C 459 68.30 72.87 -25.24
CA PHE C 459 68.53 73.41 -23.93
C PHE C 459 69.74 74.27 -24.03
N ASP C 460 69.60 75.56 -23.69
CA ASP C 460 70.76 76.40 -23.76
C ASP C 460 70.51 77.63 -22.95
N SER C 461 71.49 78.00 -22.11
CA SER C 461 71.40 79.21 -21.37
C SER C 461 72.54 80.04 -21.86
N ASP C 462 72.52 81.37 -21.62
CA ASP C 462 73.56 82.20 -22.15
C ASP C 462 74.86 81.71 -21.63
N ASP C 463 74.94 81.54 -20.31
CA ASP C 463 76.17 81.07 -19.77
C ASP C 463 76.18 79.57 -19.71
N LEU C 464 77.20 79.04 -19.04
CA LEU C 464 77.60 77.68 -18.93
C LEU C 464 76.70 76.80 -18.11
N ILE C 465 75.61 77.33 -17.50
CA ILE C 465 74.82 76.47 -16.64
C ILE C 465 73.59 75.96 -17.32
N PRO C 466 73.52 74.65 -17.32
CA PRO C 466 72.42 73.92 -17.92
C PRO C 466 71.16 73.89 -17.09
N PRO C 467 70.06 73.77 -17.78
CA PRO C 467 68.74 73.67 -17.20
C PRO C 467 68.41 72.31 -16.64
N TYR C 468 69.38 71.37 -16.65
CA TYR C 468 69.22 69.98 -16.25
C TYR C 468 68.14 69.77 -15.23
N LEU C 469 67.40 68.67 -15.45
CA LEU C 469 66.24 68.28 -14.71
C LEU C 469 66.66 67.37 -13.61
N ASP C 470 65.81 66.37 -13.22
CA ASP C 470 66.13 65.65 -12.01
C ASP C 470 67.50 65.04 -12.03
N GLN C 471 67.63 63.75 -12.42
CA GLN C 471 68.96 63.19 -12.52
C GLN C 471 69.35 62.79 -13.90
N TYR C 472 68.35 62.45 -14.74
CA TYR C 472 68.53 61.76 -16.00
C TYR C 472 69.59 62.42 -16.77
N PHE C 473 69.44 63.73 -16.96
CA PHE C 473 70.35 64.40 -17.83
C PHE C 473 71.73 64.25 -17.31
N TYR C 474 71.93 64.43 -15.99
CA TYR C 474 73.26 64.40 -15.47
C TYR C 474 73.89 63.08 -15.77
N SER C 475 73.20 61.97 -15.46
CA SER C 475 73.80 60.68 -15.70
C SER C 475 73.90 60.39 -17.17
N HIS C 476 72.74 60.46 -17.86
CA HIS C 476 72.46 60.03 -19.20
C HIS C 476 73.14 60.85 -20.28
N ILE C 477 73.28 62.17 -20.10
CA ILE C 477 73.68 63.03 -21.19
C ILE C 477 74.97 62.61 -21.80
N GLY C 478 75.99 62.32 -20.99
CA GLY C 478 77.28 61.99 -21.54
C GLY C 478 77.18 60.73 -22.34
N HIS C 479 76.39 59.75 -21.84
CA HIS C 479 76.31 58.47 -22.49
C HIS C 479 75.77 58.64 -23.87
N HIS C 480 74.69 59.41 -24.02
CA HIS C 480 74.09 59.57 -25.32
C HIS C 480 75.07 60.28 -26.19
N LEU C 481 75.77 61.28 -25.62
CA LEU C 481 76.74 62.07 -26.32
C LEU C 481 77.84 61.22 -26.83
N LYS C 482 78.33 60.27 -26.01
CA LYS C 482 79.43 59.48 -26.44
C LYS C 482 79.05 58.80 -27.69
N ASN C 483 77.83 58.27 -27.72
CA ASN C 483 77.41 57.58 -28.89
C ASN C 483 77.36 58.57 -30.01
N ILE C 484 76.83 59.79 -29.74
CA ILE C 484 76.63 60.69 -30.85
C ILE C 484 77.92 61.15 -31.45
N GLU C 485 78.86 61.70 -30.64
CA GLU C 485 80.08 62.22 -31.19
C GLU C 485 80.92 62.83 -30.12
N HIS C 486 82.17 63.15 -30.50
CA HIS C 486 83.15 63.79 -29.69
C HIS C 486 82.85 65.24 -29.40
N PRO C 487 82.57 66.10 -30.36
CA PRO C 487 82.49 67.52 -30.09
C PRO C 487 81.60 67.93 -28.97
N GLU C 488 80.38 67.39 -28.86
CA GLU C 488 79.50 67.82 -27.80
C GLU C 488 80.09 67.39 -26.51
N ARG C 489 80.67 66.18 -26.52
CA ARG C 489 81.17 65.58 -25.33
C ARG C 489 82.17 66.51 -24.72
N MET C 490 83.04 67.10 -25.56
CA MET C 490 84.09 67.95 -25.08
C MET C 490 83.50 69.08 -24.29
N THR C 491 82.51 69.79 -24.84
CA THR C 491 81.98 70.92 -24.13
C THR C 491 81.21 70.48 -22.93
N LEU C 492 80.34 69.47 -23.10
CA LEU C 492 79.46 69.05 -22.05
C LEU C 492 80.22 68.46 -20.91
N PHE C 493 81.21 67.59 -21.20
CA PHE C 493 81.92 66.94 -20.15
C PHE C 493 82.54 68.00 -19.34
N ARG C 494 82.89 69.14 -19.94
CA ARG C 494 83.28 70.17 -19.02
C ARG C 494 84.56 69.63 -18.41
N MET C 495 85.27 68.91 -19.27
CA MET C 495 86.62 68.66 -18.93
C MET C 495 87.14 70.00 -19.27
N VAL C 496 86.57 70.51 -20.38
CA VAL C 496 86.80 71.84 -20.84
C VAL C 496 86.26 72.82 -19.84
N PHE C 497 84.96 72.51 -19.54
CA PHE C 497 84.31 73.50 -18.78
C PHE C 497 84.17 73.10 -17.39
N LEU C 498 84.46 74.17 -16.68
CA LEU C 498 84.76 74.14 -15.32
C LEU C 498 83.48 74.23 -14.54
N ASP C 499 82.46 74.74 -15.22
CA ASP C 499 81.19 74.84 -14.61
C ASP C 499 80.63 73.53 -14.19
N PHE C 500 80.79 72.43 -14.92
CA PHE C 500 80.13 71.22 -14.50
C PHE C 500 80.95 70.56 -13.49
N ARG C 501 82.20 71.02 -13.34
CA ARG C 501 82.89 70.62 -12.18
C ARG C 501 81.97 71.04 -11.07
N PHE C 502 81.61 72.34 -11.00
CA PHE C 502 80.63 72.89 -10.12
C PHE C 502 79.35 72.10 -10.17
N LEU C 503 78.57 72.14 -11.29
CA LEU C 503 77.21 71.72 -11.16
C LEU C 503 77.04 70.28 -10.94
N GLU C 504 77.75 69.43 -11.70
CA GLU C 504 77.52 68.03 -11.52
C GLU C 504 77.81 67.69 -10.11
N GLN C 505 78.94 68.19 -9.61
CA GLN C 505 79.40 67.86 -8.31
C GLN C 505 78.42 68.32 -7.25
N LYS C 506 78.01 69.62 -7.24
CA LYS C 506 77.19 69.95 -6.11
C LYS C 506 75.85 69.31 -6.20
N ILE C 507 75.25 69.22 -7.41
CA ILE C 507 73.95 68.62 -7.44
C ILE C 507 73.91 67.18 -7.05
N ARG C 508 74.85 66.30 -7.47
CA ARG C 508 74.65 64.95 -7.02
C ARG C 508 75.29 64.77 -5.68
N HIS C 509 74.94 65.67 -4.73
CA HIS C 509 75.24 65.62 -3.32
C HIS C 509 74.10 64.96 -2.60
N ASP C 510 72.89 65.03 -3.18
CA ASP C 510 71.65 64.61 -2.58
C ASP C 510 71.56 63.13 -2.43
N SER C 511 71.06 62.73 -1.24
CA SER C 511 70.78 61.38 -0.83
C SER C 511 70.24 61.54 0.56
N THR C 512 69.74 60.44 1.14
CA THR C 512 69.29 60.54 2.50
C THR C 512 70.04 59.50 3.28
N ALA C 513 71.03 59.93 4.09
CA ALA C 513 71.71 58.96 4.89
C ALA C 513 72.16 59.67 6.12
N TRP C 514 71.99 59.00 7.28
CA TRP C 514 72.45 59.63 8.47
C TRP C 514 73.92 59.71 8.37
N ASN C 515 74.58 58.56 8.10
CA ASN C 515 76.00 58.51 8.10
C ASN C 515 76.55 59.29 6.96
N ALA C 516 77.75 59.81 7.19
CA ALA C 516 78.50 60.67 6.36
C ALA C 516 78.86 60.11 4.99
N SER C 517 78.95 58.77 4.83
CA SER C 517 79.10 58.43 3.45
C SER C 517 78.50 57.07 3.26
N GLY C 518 78.92 56.32 2.22
CA GLY C 518 78.46 55.09 1.71
C GLY C 518 78.68 55.29 0.26
N SER C 519 78.15 54.43 -0.62
CA SER C 519 78.39 54.66 -2.01
C SER C 519 77.07 55.02 -2.64
N ILE C 520 76.94 56.27 -3.12
CA ILE C 520 75.75 56.70 -3.81
C ILE C 520 76.18 57.55 -4.96
N LEU C 521 75.27 57.81 -5.92
CA LEU C 521 75.59 58.65 -7.03
C LEU C 521 76.13 59.95 -6.55
N ASN C 522 77.39 60.19 -6.92
CA ASN C 522 78.10 61.39 -6.56
C ASN C 522 79.13 61.50 -7.61
N THR C 523 80.38 61.76 -7.17
CA THR C 523 81.50 61.90 -8.04
C THR C 523 81.67 60.61 -8.77
N LEU C 524 81.28 59.49 -8.12
CA LEU C 524 81.52 58.18 -8.66
C LEU C 524 80.99 58.09 -10.05
N GLN C 525 79.75 58.54 -10.30
CA GLN C 525 79.19 58.44 -11.63
C GLN C 525 79.91 59.37 -12.56
N GLN C 526 80.25 60.58 -12.08
CA GLN C 526 80.86 61.61 -12.89
C GLN C 526 82.14 61.08 -13.46
N LEU C 527 82.99 60.48 -12.60
CA LEU C 527 84.26 59.95 -13.03
C LEU C 527 83.98 58.88 -14.02
N LYS C 528 82.89 58.14 -13.82
CA LYS C 528 82.55 57.05 -14.69
C LYS C 528 82.32 57.57 -16.07
N PHE C 529 81.66 58.74 -16.21
CA PHE C 529 81.37 59.22 -17.53
C PHE C 529 82.65 59.52 -18.23
N TYR C 530 83.58 60.18 -17.54
CA TYR C 530 84.75 60.62 -18.21
C TYR C 530 85.48 59.46 -18.79
N LYS C 531 85.64 58.35 -18.04
CA LYS C 531 86.47 57.29 -18.54
C LYS C 531 85.92 56.65 -19.79
N PRO C 532 84.72 56.13 -19.87
CA PRO C 532 84.34 55.55 -21.13
C PRO C 532 84.04 56.49 -22.26
N TYR C 533 83.62 57.73 -21.96
CA TYR C 533 83.22 58.66 -22.97
C TYR C 533 84.39 59.20 -23.76
N ILE C 534 85.62 59.22 -23.19
CA ILE C 534 86.75 59.90 -23.77
C ILE C 534 87.04 59.41 -25.15
N CYS C 535 86.76 58.13 -25.47
CA CYS C 535 87.18 57.55 -26.70
C CYS C 535 86.67 58.36 -27.85
N ASP C 536 85.52 59.02 -27.68
CA ASP C 536 84.95 59.76 -28.77
C ASP C 536 85.93 60.82 -29.18
N ASN C 537 86.86 61.20 -28.27
CA ASN C 537 87.85 62.23 -28.53
C ASN C 537 89.20 61.63 -28.83
N ASP C 538 90.23 62.52 -28.93
CA ASP C 538 91.60 62.15 -29.20
C ASP C 538 92.46 62.36 -27.98
N PRO C 539 93.77 62.21 -28.15
CA PRO C 539 94.68 62.42 -27.05
C PRO C 539 94.80 63.81 -26.51
N LYS C 540 94.75 64.86 -27.35
CA LYS C 540 94.97 66.20 -26.87
C LYS C 540 93.95 66.45 -25.82
N TYR C 541 92.70 66.09 -26.13
CA TYR C 541 91.63 66.24 -25.19
C TYR C 541 91.87 65.27 -24.08
N GLU C 542 92.43 64.10 -24.41
CA GLU C 542 92.63 63.04 -23.46
C GLU C 542 93.50 63.55 -22.36
N ARG C 543 94.56 64.31 -22.69
CA ARG C 543 95.39 64.80 -21.63
C ARG C 543 94.60 65.76 -20.79
N LEU C 544 93.78 66.62 -21.43
CA LEU C 544 93.04 67.61 -20.70
C LEU C 544 92.14 66.88 -19.77
N VAL C 545 91.45 65.84 -20.28
CA VAL C 545 90.52 65.18 -19.43
C VAL C 545 91.21 64.62 -18.23
N ASN C 546 92.45 64.12 -18.40
CA ASN C 546 93.10 63.58 -17.26
C ASN C 546 93.40 64.69 -16.29
N ALA C 547 93.71 65.90 -16.81
CA ALA C 547 94.07 66.99 -15.95
C ALA C 547 92.93 67.24 -15.02
N ILE C 548 91.70 67.26 -15.56
CA ILE C 548 90.54 67.52 -14.75
C ILE C 548 90.39 66.37 -13.83
N LEU C 549 90.65 65.16 -14.35
CA LEU C 549 90.44 63.96 -13.61
C LEU C 549 91.35 63.93 -12.42
N ASP C 550 92.63 64.29 -12.58
CA ASP C 550 93.50 64.23 -11.44
C ASP C 550 93.05 65.24 -10.44
N PHE C 551 92.55 66.39 -10.90
CA PHE C 551 92.16 67.43 -10.00
C PHE C 551 91.03 66.95 -9.14
N LEU C 552 90.09 66.19 -9.73
CA LEU C 552 88.93 65.75 -8.99
C LEU C 552 89.32 64.87 -7.83
N PRO C 553 90.07 63.80 -7.96
CA PRO C 553 90.43 63.13 -6.76
C PRO C 553 91.37 63.92 -5.91
N LYS C 554 92.06 64.92 -6.47
CA LYS C 554 92.98 65.66 -5.67
C LYS C 554 92.21 66.33 -4.57
N ILE C 555 91.06 66.93 -4.94
CA ILE C 555 90.31 67.67 -3.99
C ILE C 555 89.66 66.74 -3.03
N GLU C 556 89.87 67.02 -1.73
CA GLU C 556 89.43 66.23 -0.62
C GLU C 556 88.03 66.59 -0.23
N GLU C 557 87.47 65.73 0.64
CA GLU C 557 86.12 65.85 1.11
C GLU C 557 85.97 67.19 1.75
N ASN C 558 85.04 67.97 1.19
CA ASN C 558 84.65 69.26 1.65
C ASN C 558 83.34 69.48 1.01
N LEU C 559 82.72 70.65 1.28
CA LEU C 559 81.52 71.05 0.65
C LEU C 559 81.98 71.87 -0.52
N ILE C 560 81.60 71.50 -1.77
CA ILE C 560 81.97 72.28 -2.92
C ILE C 560 81.21 73.55 -2.78
N CYS C 561 79.91 73.42 -2.48
CA CYS C 561 79.04 74.55 -2.42
C CYS C 561 79.61 75.52 -1.44
N SER C 562 79.84 76.75 -1.94
CA SER C 562 80.45 77.87 -1.28
C SER C 562 80.22 78.96 -2.25
N LYS C 563 80.94 80.07 -2.29
CA LYS C 563 80.63 80.69 -3.51
C LYS C 563 81.32 80.03 -4.56
N TYR C 564 80.83 80.42 -5.69
CA TYR C 564 81.12 79.88 -6.94
C TYR C 564 82.56 80.14 -7.26
N THR C 565 83.08 81.19 -6.60
CA THR C 565 84.41 81.67 -6.67
C THR C 565 85.37 80.56 -6.53
N ASP C 566 85.06 79.69 -5.57
CA ASP C 566 86.04 78.74 -5.18
C ASP C 566 86.45 77.90 -6.33
N LEU C 567 85.50 77.51 -7.15
CA LEU C 567 85.84 76.65 -8.21
C LEU C 567 86.89 77.37 -8.99
N LEU C 568 86.69 78.67 -9.27
CA LEU C 568 87.61 79.30 -10.17
C LEU C 568 88.97 79.39 -9.52
N ARG C 569 89.10 79.65 -8.17
CA ARG C 569 90.42 79.68 -7.65
C ARG C 569 91.07 78.34 -7.66
N ILE C 570 90.33 77.25 -7.38
CA ILE C 570 91.06 76.00 -7.42
C ILE C 570 91.51 75.72 -8.82
N ALA C 571 90.72 76.14 -9.81
CA ALA C 571 91.04 75.90 -11.19
C ALA C 571 92.40 76.46 -11.47
N LEU C 572 92.71 77.57 -10.77
CA LEU C 572 93.89 78.36 -10.97
C LEU C 572 95.15 77.57 -10.74
N MET C 573 95.11 76.49 -9.94
CA MET C 573 96.32 75.81 -9.55
C MET C 573 97.19 75.32 -10.70
N ALA C 574 96.67 74.63 -11.74
CA ALA C 574 97.60 74.17 -12.75
C ALA C 574 97.38 74.97 -14.00
N GLU C 575 98.44 75.64 -14.49
CA GLU C 575 98.38 76.54 -15.62
C GLU C 575 98.05 75.81 -16.91
N ASP C 576 98.48 74.56 -17.04
CA ASP C 576 98.35 73.78 -18.24
C ASP C 576 96.90 73.46 -18.66
N GLU C 577 95.80 73.66 -17.86
CA GLU C 577 94.50 73.07 -18.21
C GLU C 577 93.39 73.97 -18.72
N ALA C 578 92.48 73.33 -19.50
CA ALA C 578 91.30 73.87 -20.14
C ALA C 578 90.29 74.28 -19.12
N ILE C 579 90.23 73.54 -18.01
CA ILE C 579 89.34 73.84 -16.93
C ILE C 579 89.59 75.24 -16.47
N PHE C 580 90.87 75.63 -16.33
CA PHE C 580 91.18 76.94 -15.87
C PHE C 580 90.67 77.96 -16.83
N GLU C 581 90.86 77.72 -18.14
CA GLU C 581 90.43 78.70 -19.08
C GLU C 581 88.96 78.88 -18.91
N GLU C 582 88.22 77.78 -18.70
CA GLU C 582 86.80 77.85 -18.51
C GLU C 582 86.52 78.57 -17.23
N ALA C 583 87.32 78.31 -16.19
CA ALA C 583 87.10 78.91 -14.90
C ALA C 583 87.18 80.39 -15.07
N HIS C 584 88.16 80.86 -15.86
CA HIS C 584 88.31 82.28 -16.06
C HIS C 584 87.13 82.81 -16.82
N LYS C 585 86.61 82.06 -17.80
CA LYS C 585 85.51 82.58 -18.57
C LYS C 585 84.33 82.77 -17.68
N GLN C 586 84.03 81.74 -16.89
CA GLN C 586 82.88 81.76 -16.05
C GLN C 586 82.97 82.86 -15.03
N VAL C 587 84.19 83.11 -14.53
CA VAL C 587 84.32 84.25 -13.67
C VAL C 587 83.91 85.45 -14.47
N GLN C 588 84.39 85.60 -15.70
CA GLN C 588 84.09 86.79 -16.45
C GLN C 588 82.60 86.95 -16.56
N ARG C 589 81.85 85.89 -16.93
CA ARG C 589 80.42 86.08 -16.97
C ARG C 589 79.89 85.52 -15.67
N UNK C 590 60.90 102.84 -0.43
CA UNK C 590 62.31 103.25 -0.55
C UNK C 590 63.14 102.10 -0.99
N UNK C 591 64.40 102.05 -0.54
CA UNK C 591 65.27 100.97 -0.92
C UNK C 591 64.72 99.73 -0.29
N UNK C 592 64.88 98.60 -0.99
CA UNK C 592 64.41 97.33 -0.50
C UNK C 592 65.46 96.77 0.41
N UNK C 593 65.14 95.66 1.09
CA UNK C 593 66.08 95.08 2.00
C UNK C 593 67.30 94.71 1.20
N UNK C 594 68.45 94.72 1.87
CA UNK C 594 69.71 94.46 1.24
C UNK C 594 69.76 93.07 0.69
N UNK C 595 69.25 92.06 1.45
CA UNK C 595 69.19 90.68 1.03
C UNK C 595 70.42 90.24 0.30
N UNK C 596 71.53 89.95 1.02
CA UNK C 596 72.74 89.54 0.35
C UNK C 596 72.83 88.04 0.39
N UNK C 597 73.23 87.44 -0.75
CA UNK C 597 73.36 86.01 -0.84
C UNK C 597 74.66 85.64 -0.22
N UNK C 598 74.80 84.37 0.19
CA UNK C 598 76.04 83.96 0.80
C UNK C 598 77.06 83.88 -0.28
N UNK C 599 78.32 84.20 0.07
CA UNK C 599 79.31 84.13 -0.94
C UNK C 599 80.46 83.34 -0.38
N UNK C 600 81.35 82.90 -1.24
CA UNK C 600 82.42 82.04 -0.90
C UNK C 600 83.22 82.95 -0.08
N UNK C 601 83.83 82.45 0.97
CA UNK C 601 84.74 83.32 1.60
C UNK C 601 86.02 83.17 0.86
N UNK C 602 86.84 84.24 0.88
CA UNK C 602 88.12 84.12 0.24
C UNK C 602 88.77 82.96 0.95
N UNK C 603 89.23 81.93 0.21
CA UNK C 603 89.58 80.76 1.00
C UNK C 603 91.03 80.25 0.97
N UNK C 604 91.62 79.80 2.18
CA UNK C 604 92.89 79.04 2.49
C UNK C 604 93.21 78.34 4.16
N UNK C 605 93.25 76.87 4.91
CA UNK C 605 93.60 76.02 6.24
C UNK C 605 92.88 74.64 6.60
N UNK C 606 92.26 73.84 5.70
CA UNK C 606 91.37 72.68 5.97
C UNK C 606 91.89 71.46 6.69
N UNK C 607 93.14 71.02 6.47
CA UNK C 607 93.57 69.78 7.07
C UNK C 607 93.50 69.87 8.55
N UNK C 608 93.42 68.67 9.19
CA UNK C 608 93.42 68.44 10.61
C UNK C 608 92.04 68.11 11.02
N UNK C 609 91.92 67.29 12.08
CA UNK C 609 90.64 66.89 12.59
C UNK C 609 90.11 68.04 13.36
N UNK C 610 88.80 68.32 13.22
CA UNK C 610 88.22 69.37 14.00
C UNK C 610 88.21 68.93 15.42
N UNK C 611 87.82 67.66 15.63
CA UNK C 611 87.68 67.12 16.95
C UNK C 611 88.81 66.19 17.24
N UNK C 612 88.78 65.60 18.45
CA UNK C 612 89.80 64.70 18.87
C UNK C 612 89.77 63.50 17.99
N UNK C 613 90.88 62.75 17.97
CA UNK C 613 90.90 61.55 17.20
C UNK C 613 90.81 60.41 18.16
N UNK C 614 89.82 59.53 17.94
CA UNK C 614 89.54 58.39 18.75
C UNK C 614 90.60 57.33 18.65
N UNK C 615 91.07 57.00 17.43
CA UNK C 615 91.99 55.90 17.36
C UNK C 615 92.98 56.11 16.26
N UNK C 616 94.12 55.39 16.35
CA UNK C 616 95.14 55.45 15.35
C UNK C 616 95.39 54.05 14.90
N UNK C 617 95.67 53.85 13.59
CA UNK C 617 95.89 52.51 13.12
C UNK C 617 96.96 52.56 12.06
N UNK C 618 97.66 51.43 11.86
CA UNK C 618 98.69 51.39 10.87
C UNK C 618 98.26 50.47 9.77
N UNK C 619 98.54 50.87 8.50
CA UNK C 619 98.19 50.06 7.37
C UNK C 619 99.16 48.92 7.33
N UNK C 620 98.67 47.71 7.02
CA UNK C 620 99.60 46.62 7.03
C UNK C 620 100.60 46.75 5.92
N UNK C 621 100.13 46.81 4.66
CA UNK C 621 101.04 46.82 3.54
C UNK C 621 101.78 48.11 3.34
N UNK C 622 101.02 49.22 3.23
CA UNK C 622 101.63 50.46 2.83
C UNK C 622 102.10 51.22 4.01
N UNK C 623 103.03 52.16 3.77
CA UNK C 623 103.41 52.99 4.87
C UNK C 623 102.42 54.09 4.87
N UNK C 624 101.30 53.86 5.57
CA UNK C 624 100.26 54.82 5.67
C UNK C 624 99.59 54.53 6.97
N UNK C 625 98.99 55.55 7.58
CA UNK C 625 98.33 55.33 8.83
C UNK C 625 96.98 55.95 8.73
N UNK C 626 96.01 55.42 9.48
CA UNK C 626 94.68 55.96 9.42
C UNK C 626 94.36 56.51 10.76
N UNK C 627 93.52 57.56 10.79
CA UNK C 627 93.16 58.16 12.03
C UNK C 627 91.67 58.12 12.14
N UNK C 628 91.17 58.01 13.39
CA UNK C 628 89.75 57.99 13.63
C UNK C 628 89.44 59.23 14.38
N UNK C 629 88.28 59.83 14.07
CA UNK C 629 87.89 61.07 14.67
C UNK C 629 86.52 61.33 14.15
N UNK C 630 86.16 62.61 13.99
CA UNK C 630 84.86 62.91 13.48
C UNK C 630 84.79 62.25 12.15
N UNK C 631 85.90 62.31 11.38
CA UNK C 631 85.93 61.64 10.12
C UNK C 631 87.23 60.89 10.09
N UNK C 632 87.32 59.82 9.27
CA UNK C 632 88.57 59.13 9.20
C UNK C 632 89.45 59.88 8.26
N UNK C 633 90.77 59.86 8.53
CA UNK C 633 91.70 60.53 7.68
C UNK C 633 92.85 59.59 7.46
N UNK C 634 93.51 59.70 6.30
CA UNK C 634 94.62 58.84 6.05
C UNK C 634 95.81 59.72 5.87
N UNK C 635 96.96 59.30 6.41
CA UNK C 635 98.15 60.09 6.29
C UNK C 635 99.29 59.13 6.19
N UNK C 636 100.45 59.62 5.72
CA UNK C 636 101.58 58.75 5.61
C UNK C 636 102.47 59.03 6.78
N UNK C 637 102.90 57.95 7.45
CA UNK C 637 103.81 58.03 8.57
C UNK C 637 105.07 58.56 8.02
N UNK C 638 105.35 58.20 6.76
CA UNK C 638 106.55 58.58 6.06
C UNK C 638 106.62 60.06 6.01
N UNK C 639 107.68 60.56 5.34
CA UNK C 639 108.01 61.95 5.28
C UNK C 639 106.87 62.74 4.71
N UNK C 640 106.11 62.17 3.75
CA UNK C 640 105.09 62.97 3.13
C UNK C 640 104.14 63.45 4.17
N UNK C 641 103.63 62.55 5.03
CA UNK C 641 102.75 62.89 6.11
C UNK C 641 101.69 63.85 5.64
N UNK C 642 100.97 63.49 4.57
CA UNK C 642 99.97 64.40 4.08
C UNK C 642 98.65 63.74 4.22
N UNK C 643 97.57 64.54 4.35
CA UNK C 643 96.29 63.93 4.46
C UNK C 643 95.98 63.43 3.10
N UNK C 644 96.22 62.12 2.86
CA UNK C 644 96.01 61.55 1.58
C UNK C 644 94.56 61.60 1.25
N UNK C 645 93.70 61.21 2.21
CA UNK C 645 92.30 61.19 1.87
C UNK C 645 91.46 61.40 3.08
N UNK C 646 90.16 61.67 2.85
CA UNK C 646 89.18 61.90 3.87
C UNK C 646 88.19 60.78 3.81
N UNK C 647 87.74 60.32 5.00
CA UNK C 647 86.85 59.21 5.24
C UNK C 647 85.42 59.38 4.75
N UNK C 648 84.85 60.58 4.91
CA UNK C 648 83.58 60.97 4.36
C UNK C 648 82.34 60.52 5.06
N UNK C 649 82.47 59.25 5.56
CA UNK C 649 81.60 58.16 5.94
C UNK C 649 80.63 58.25 7.12
N UNK C 650 80.79 59.08 8.19
CA UNK C 650 79.89 58.83 9.28
C UNK C 650 79.04 60.00 9.68
N UNK C 651 77.76 59.66 9.86
CA UNK C 651 76.62 60.47 10.18
C UNK C 651 76.86 61.07 11.46
N UNK C 652 77.06 60.11 12.35
CA UNK C 652 77.16 60.33 13.73
C UNK C 652 78.55 60.73 13.99
N UNK C 653 78.91 60.72 15.28
CA UNK C 653 80.20 61.22 15.63
C UNK C 653 80.72 60.43 16.80
N UNK C 654 81.27 61.18 17.78
CA UNK C 654 81.93 60.63 18.93
C UNK C 654 83.22 60.08 18.44
N UNK C 655 83.60 60.49 17.22
CA UNK C 655 84.77 59.99 16.57
C UNK C 655 84.41 58.62 16.12
N UNK C 656 84.97 58.16 14.98
CA UNK C 656 84.69 56.78 14.72
C UNK C 656 85.39 56.15 15.86
N UNK C 657 84.64 55.40 16.68
CA UNK C 657 85.21 54.92 17.89
C UNK C 657 86.39 54.09 17.58
N UNK C 658 86.26 53.20 16.57
CA UNK C 658 87.38 52.36 16.31
C UNK C 658 87.48 52.14 14.84
N UNK C 659 88.65 51.64 14.41
CA UNK C 659 88.86 51.30 13.03
C UNK C 659 89.63 50.02 13.06
N UNK C 660 89.41 49.17 12.04
CA UNK C 660 90.15 47.94 11.99
C UNK C 660 90.42 47.66 10.55
N UNK C 661 91.58 47.06 10.25
CA UNK C 661 91.90 46.79 8.89
C UNK C 661 92.00 45.32 8.73
N UNK C 662 91.65 44.83 7.53
CA UNK C 662 91.75 43.43 7.23
C UNK C 662 93.20 43.16 7.03
N UNK C 663 93.59 41.87 7.05
CA UNK C 663 94.96 41.50 6.89
C UNK C 663 95.40 41.97 5.54
N UNK C 664 94.51 41.82 4.54
CA UNK C 664 94.78 42.21 3.19
C UNK C 664 95.03 43.69 3.19
N UNK C 665 94.33 44.42 4.08
CA UNK C 665 94.39 45.84 4.15
C UNK C 665 93.63 46.36 2.98
N UNK C 666 92.89 45.45 2.31
CA UNK C 666 92.01 45.83 1.24
C UNK C 666 90.86 46.61 1.80
N UNK C 667 90.30 46.16 2.94
CA UNK C 667 89.13 46.80 3.45
C UNK C 667 89.37 47.28 4.85
N UNK C 668 88.66 48.36 5.23
CA UNK C 668 88.78 48.89 6.55
C UNK C 668 87.39 48.93 7.10
N UNK C 669 87.25 48.74 8.43
CA UNK C 669 85.95 48.77 9.03
C UNK C 669 85.98 49.88 10.03
N UNK C 670 84.85 50.58 10.21
CA UNK C 670 84.83 51.68 11.13
C UNK C 670 83.61 51.55 12.00
N UNK C 671 83.65 52.19 13.19
CA UNK C 671 82.54 52.16 14.09
C UNK C 671 82.21 53.58 14.43
N UNK C 672 80.95 53.83 14.87
CA UNK C 672 80.62 55.20 15.14
C UNK C 672 79.40 55.26 16.01
N UNK C 673 79.01 56.51 16.32
CA UNK C 673 77.88 56.88 17.11
C UNK C 673 76.67 56.40 16.38
N UNK C 674 76.79 56.32 15.04
CA UNK C 674 75.71 55.97 14.16
C UNK C 674 75.20 54.64 14.61
N UNK C 675 76.09 53.82 15.22
CA UNK C 675 75.73 52.49 15.59
C UNK C 675 75.64 51.70 14.35
N UNK C 676 76.38 52.14 13.33
CA UNK C 676 76.48 51.43 12.10
C UNK C 676 77.93 51.12 11.94
N UNK C 677 78.25 50.00 11.28
CA UNK C 677 79.65 49.76 11.04
C UNK C 677 79.82 49.92 9.57
N UNK C 678 80.55 50.96 9.17
CA UNK C 678 80.69 51.09 7.76
C UNK C 678 81.76 50.15 7.38
N UNK C 679 81.59 49.48 6.22
CA UNK C 679 82.77 48.89 5.72
C UNK C 679 83.35 50.18 5.38
N UNK C 680 84.31 50.61 6.23
CA UNK C 680 84.84 51.93 6.26
C UNK C 680 85.24 52.11 4.89
N UNK C 681 85.79 51.04 4.31
CA UNK C 681 85.99 51.25 2.94
C UNK C 681 86.48 50.03 2.28
N UNK C 682 86.43 50.14 0.94
CA UNK C 682 86.90 49.13 0.07
C UNK C 682 86.16 49.39 -1.24
N UNK C 683 86.81 56.02 -2.74
CA UNK C 683 86.64 55.05 -1.63
C UNK C 683 85.32 55.25 -0.99
N UNK C 684 84.33 54.42 -1.39
CA UNK C 684 83.04 54.57 -0.82
C UNK C 684 82.82 53.38 0.04
N UNK C 685 81.95 53.52 1.05
CA UNK C 685 81.72 52.42 1.94
C UNK C 685 81.09 51.34 1.15
N UNK C 686 81.61 50.10 1.31
CA UNK C 686 81.07 48.99 0.59
C UNK C 686 79.68 48.77 1.05
N UNK C 687 79.45 48.80 2.37
CA UNK C 687 78.12 48.56 2.86
C UNK C 687 78.03 49.09 4.24
N UNK C 688 76.80 49.26 4.74
CA UNK C 688 76.61 49.73 6.07
C UNK C 688 75.94 48.63 6.82
N UNK C 689 76.38 48.37 8.07
CA UNK C 689 75.76 47.33 8.82
C UNK C 689 75.10 47.96 10.00
N UNK C 690 73.85 47.54 10.27
CA UNK C 690 73.13 48.11 11.36
C UNK C 690 72.70 46.98 12.23
N UNK C 691 72.42 47.28 13.50
CA UNK C 691 72.09 46.22 14.41
C UNK C 691 72.01 46.85 15.75
N UNK C 692 73.20 47.01 16.37
CA UNK C 692 73.31 47.51 17.71
C UNK C 692 72.50 48.74 17.89
N UNK C 693 71.79 48.76 19.04
CA UNK C 693 70.93 49.82 19.48
C UNK C 693 71.72 51.05 19.81
N UNK C 694 72.92 50.88 20.39
CA UNK C 694 73.64 52.03 20.89
C UNK C 694 74.94 52.19 20.19
N UNK C 695 75.73 53.18 20.65
CA UNK C 695 76.98 53.51 20.04
C UNK C 695 77.85 52.29 20.04
N UNK C 696 78.64 52.12 18.96
CA UNK C 696 79.49 50.97 18.87
C UNK C 696 80.86 51.40 19.27
N UNK C 697 81.34 50.85 20.39
CA UNK C 697 82.62 51.14 20.95
C UNK C 697 83.75 50.62 20.11
N UNK C 698 83.66 49.38 19.58
CA UNK C 698 84.81 48.90 18.88
C UNK C 698 84.40 47.92 17.81
N UNK C 699 85.27 47.77 16.79
CA UNK C 699 85.02 46.85 15.72
C UNK C 699 86.32 46.23 15.36
N UNK C 700 86.27 45.01 14.80
CA UNK C 700 87.51 44.39 14.40
C UNK C 700 87.21 43.43 13.31
N UNK C 701 88.20 43.21 12.42
CA UNK C 701 88.02 42.26 11.37
C UNK C 701 88.73 41.04 11.82
N UNK C 702 88.09 39.86 11.63
CA UNK C 702 88.70 38.63 12.03
C UNK C 702 89.82 38.36 11.09
N UNK C 703 90.83 37.59 11.56
CA UNK C 703 91.95 37.29 10.73
C UNK C 703 91.42 36.60 9.48
N UNK C 704 83.28 37.30 10.00
CA UNK C 704 83.90 38.43 9.27
C UNK C 704 84.33 39.51 10.21
N UNK C 705 83.37 40.14 10.90
CA UNK C 705 83.74 41.23 11.76
C UNK C 705 82.99 41.11 13.06
N UNK C 706 83.56 41.71 14.13
CA UNK C 706 82.93 41.67 15.41
C UNK C 706 82.86 43.09 15.91
N UNK C 707 81.82 43.40 16.70
CA UNK C 707 81.68 44.73 17.22
C UNK C 707 81.15 44.60 18.61
N UNK C 708 81.33 45.66 19.42
CA UNK C 708 80.83 45.67 20.77
C UNK C 708 80.10 46.96 20.92
N UNK C 709 79.09 47.01 21.82
CA UNK C 709 78.34 48.22 21.90
C UNK C 709 77.86 48.46 23.30
N UNK C 710 77.23 49.63 23.47
CA UNK C 710 76.60 50.11 24.67
C UNK C 710 75.52 49.13 24.94
N UNK C 711 75.07 48.49 23.84
CA UNK C 711 74.03 47.51 23.84
C UNK C 711 74.44 46.45 24.81
N UNK C 712 75.76 46.32 25.04
CA UNK C 712 76.26 45.31 25.92
C UNK C 712 76.09 44.01 25.23
N UNK C 713 76.18 44.08 23.89
CA UNK C 713 76.09 42.89 23.10
C UNK C 713 77.30 42.86 22.23
N UNK C 714 77.69 41.65 21.80
CA UNK C 714 78.76 41.49 20.88
C UNK C 714 78.12 40.90 19.67
N UNK C 715 78.44 41.41 18.47
CA UNK C 715 77.78 40.87 17.33
C UNK C 715 78.79 40.52 16.30
N UNK C 716 78.48 39.51 15.48
CA UNK C 716 79.36 39.11 14.43
C UNK C 716 78.65 39.43 13.16
N UNK C 717 79.36 39.99 12.17
CA UNK C 717 78.70 40.35 10.95
C UNK C 717 79.41 39.69 9.82
N UNK C 718 78.67 39.41 8.73
CA UNK C 718 79.28 38.81 7.59
C UNK C 718 79.74 39.94 6.74
N UNK C 719 74.91 37.07 12.00
CA UNK C 719 75.08 35.72 12.45
C UNK C 719 75.10 35.53 13.93
N UNK C 720 75.88 36.32 14.69
CA UNK C 720 75.99 35.93 16.07
C UNK C 720 75.78 37.08 16.97
N UNK C 721 75.33 36.76 18.20
CA UNK C 721 75.17 37.73 19.24
C UNK C 721 75.72 37.08 20.46
N UNK C 722 76.40 37.85 21.33
CA UNK C 722 76.94 37.21 22.49
C UNK C 722 76.31 37.84 23.69
N UNK C 723 75.66 36.99 24.52
CA UNK C 723 75.11 37.47 25.75
C UNK C 723 76.28 37.65 26.63
N UNK C 724 76.20 38.57 27.61
CA UNK C 724 77.39 38.78 28.38
C UNK C 724 77.06 39.65 29.54
N UNK C 725 78.08 40.42 29.97
CA UNK C 725 77.99 41.27 31.11
C UNK C 725 76.87 42.25 30.93
N UNK C 726 76.33 42.72 32.08
CA UNK C 726 75.25 43.64 32.14
C UNK C 726 75.68 44.97 31.57
N UNK C 727 76.92 45.39 31.88
CA UNK C 727 77.41 46.68 31.49
C UNK C 727 77.73 46.71 30.03
N UNK C 728 77.96 47.93 29.50
CA UNK C 728 78.28 48.13 28.11
C UNK C 728 79.63 47.54 27.86
N UNK C 729 79.89 47.16 26.59
CA UNK C 729 81.16 46.55 26.28
C UNK C 729 82.01 47.53 25.54
N UNK C 730 83.19 47.83 26.11
CA UNK C 730 84.15 48.75 25.58
C UNK C 730 84.82 48.26 24.34
N UNK C 731 85.27 47.00 24.29
CA UNK C 731 86.01 46.61 23.12
C UNK C 731 85.98 45.13 22.93
N UNK C 732 86.29 44.68 21.70
CA UNK C 732 86.33 43.28 21.42
C UNK C 732 87.57 43.04 20.62
N UNK C 733 88.27 41.92 20.91
CA UNK C 733 89.46 41.64 20.16
C UNK C 733 89.46 40.17 19.86
N UNK C 734 89.90 39.82 18.64
CA UNK C 734 89.99 38.45 18.27
C UNK C 734 91.33 37.94 18.67
N UNK C 735 91.44 36.60 18.80
CA UNK C 735 92.71 36.00 19.11
C UNK C 735 93.42 35.86 17.80
N UNK C 736 94.75 35.69 17.85
CA UNK C 736 95.53 35.54 16.66
C UNK C 736 95.00 34.33 15.97
N UNK C 737 94.71 33.29 16.78
CA UNK C 737 94.17 32.06 16.29
C UNK C 737 92.84 32.39 15.71
N UNK C 738 92.20 33.42 16.29
CA UNK C 738 90.87 33.81 15.92
C UNK C 738 89.97 32.79 16.52
N UNK C 739 90.56 31.93 17.36
CA UNK C 739 89.84 30.92 18.06
C UNK C 739 88.92 31.56 19.06
N UNK C 740 89.39 32.59 19.78
CA UNK C 740 88.57 33.13 20.84
C UNK C 740 88.53 34.63 20.75
N UNK C 741 87.56 35.23 21.46
CA UNK C 741 87.42 36.66 21.46
C UNK C 741 87.48 37.15 22.86
N UNK C 742 88.01 38.38 23.05
CA UNK C 742 88.08 38.95 24.36
C UNK C 742 87.24 40.19 24.33
N UNK C 743 86.44 40.40 25.39
CA UNK C 743 85.60 41.56 25.44
C UNK C 743 85.93 42.28 26.70
N UNK C 744 85.74 43.62 26.68
CA UNK C 744 85.99 44.39 27.84
C UNK C 744 84.74 45.16 28.11
N UNK C 745 84.41 45.36 29.39
CA UNK C 745 83.21 46.06 29.70
C UNK C 745 83.41 46.65 31.05
N UNK C 746 82.39 47.40 31.52
CA UNK C 746 82.52 47.98 32.82
C UNK C 746 82.66 46.86 33.80
N UNK C 747 81.83 45.80 33.65
CA UNK C 747 81.81 44.73 34.59
C UNK C 747 83.10 43.97 34.64
N UNK C 748 83.65 43.55 33.48
CA UNK C 748 84.84 42.75 33.55
C UNK C 748 85.31 42.47 32.16
N UNK C 749 86.41 41.70 32.05
CA UNK C 749 86.89 41.33 30.75
C UNK C 749 86.61 39.88 30.60
N UNK C 750 85.99 39.47 29.47
CA UNK C 750 85.66 38.10 29.33
C UNK C 750 86.23 37.59 28.04
N UNK C 751 86.60 36.30 28.03
CA UNK C 751 87.09 35.68 26.85
C UNK C 751 86.04 34.71 26.43
N UNK C 752 85.74 34.64 25.12
CA UNK C 752 84.69 33.76 24.70
C UNK C 752 85.20 32.96 23.54
N UNK C 753 84.65 31.73 23.39
CA UNK C 753 85.01 30.88 22.30
C UNK C 753 84.27 31.37 21.11
N UNK C 754 84.74 30.99 19.91
CA UNK C 754 84.11 31.42 18.69
C UNK C 754 82.67 30.89 18.69
N UNK C 755 82.22 30.75 27.68
CA UNK C 755 82.69 31.30 28.96
C UNK C 755 83.81 30.49 29.52
N UNK C 756 84.98 30.51 28.83
CA UNK C 756 86.11 29.76 29.28
C UNK C 756 86.51 30.30 30.61
N UNK C 757 86.57 31.64 30.73
CA UNK C 757 86.94 32.23 31.98
C UNK C 757 86.78 33.71 31.84
N UNK C 758 86.83 34.42 32.99
CA UNK C 758 86.70 35.85 32.94
C UNK C 758 87.55 36.42 34.03
N UNK C 759 88.01 37.67 33.86
CA UNK C 759 88.86 38.23 34.86
C UNK C 759 88.04 38.88 35.92
N UNK C 760 88.02 38.23 37.09
CA UNK C 760 87.38 38.63 38.31
C UNK C 760 88.12 39.79 38.88
N UNK C 761 89.44 39.85 38.60
CA UNK C 761 90.34 40.74 39.26
C UNK C 761 89.86 42.16 39.20
N UNK C 762 89.31 42.61 38.07
CA UNK C 762 88.87 43.99 38.04
C UNK C 762 87.83 44.13 39.10
N UNK C 763 86.90 43.16 39.15
CA UNK C 763 85.90 43.09 40.17
C UNK C 763 84.99 44.27 40.13
N UNK C 764 83.76 44.04 40.63
CA UNK C 764 82.74 45.04 40.76
C UNK C 764 83.24 46.02 41.76
N UNK C 765 83.94 45.53 42.79
CA UNK C 765 84.45 46.37 43.84
C UNK C 765 85.28 47.42 43.19
N UNK C 766 85.56 48.51 43.94
CA UNK C 766 86.25 49.65 43.41
C UNK C 766 87.47 49.18 42.69
N UNK C 767 87.33 49.21 41.36
CA UNK C 767 88.29 48.85 40.36
C UNK C 767 87.38 48.47 39.25
N UNK C 768 87.58 49.04 38.05
CA UNK C 768 86.60 48.71 37.06
C UNK C 768 86.86 49.55 35.86
N UNK C 769 85.82 49.68 35.01
CA UNK C 769 85.91 50.44 33.80
C UNK C 769 87.13 50.03 33.05
N UNK C 770 87.14 48.78 32.53
CA UNK C 770 88.28 48.35 31.78
C UNK C 770 88.11 48.82 30.37
N UNK C 771 88.94 49.82 30.00
CA UNK C 771 88.98 50.47 28.72
C UNK C 771 89.56 49.62 27.63
N UNK C 772 90.65 48.86 27.88
CA UNK C 772 91.25 48.26 26.72
C UNK C 772 91.69 46.86 26.99
N UNK C 773 91.93 46.13 25.89
CA UNK C 773 92.43 44.80 25.97
C UNK C 773 93.30 44.60 24.78
N UNK C 774 94.39 43.84 24.97
CA UNK C 774 95.25 43.57 23.86
C UNK C 774 95.60 42.15 24.02
N UNK C 775 95.86 41.48 22.89
CA UNK C 775 96.21 40.12 22.95
C UNK C 775 97.67 40.10 22.80
N UNK C 776 98.29 39.18 23.55
CA UNK C 776 99.71 39.08 23.52
C UNK C 776 100.10 38.41 22.23
N UNK C 777 101.40 38.52 21.94
CA UNK C 777 102.11 37.87 20.88
C UNK C 777 102.15 36.47 21.38
N UNK C 778 103.26 35.96 21.98
CA UNK C 778 103.10 34.70 22.69
C UNK C 778 102.00 35.04 23.79
N UNK C 779 101.04 34.06 24.36
CA UNK C 779 99.68 33.90 25.08
C UNK C 779 99.32 34.56 26.40
N UNK C 780 98.28 35.42 26.31
CA UNK C 780 97.77 36.16 27.41
C UNK C 780 97.01 37.32 26.84
N UNK C 781 96.41 38.13 27.73
CA UNK C 781 95.68 39.30 27.31
C UNK C 781 96.06 40.37 28.28
N UNK C 782 95.95 41.63 27.84
CA UNK C 782 96.29 42.70 28.75
C UNK C 782 95.16 43.66 28.72
N UNK C 783 94.86 44.26 29.89
CA UNK C 783 93.78 45.18 29.94
C UNK C 783 94.21 46.33 30.79
N UNK C 784 93.55 47.48 30.61
CA UNK C 784 93.83 48.64 31.40
C UNK C 784 92.49 49.26 31.69
N UNK C 785 92.35 49.94 32.85
CA UNK C 785 91.07 50.49 33.16
C UNK C 785 91.19 51.98 33.36
N UNK C 786 90.20 52.73 32.83
CA UNK C 786 90.10 54.15 32.97
C UNK C 786 89.78 54.46 34.40
N UNK C 787 88.99 53.57 35.02
CA UNK C 787 88.44 53.73 36.33
C UNK C 787 89.51 53.89 37.35
N UNK C 788 89.08 53.80 38.62
CA UNK C 788 89.91 54.08 39.74
C UNK C 788 91.13 53.22 39.68
N UNK C 789 91.00 51.96 39.21
CA UNK C 789 92.17 51.13 39.18
C UNK C 789 93.20 51.80 38.31
N UNK C 790 92.79 52.22 37.10
CA UNK C 790 93.66 52.91 36.19
C UNK C 790 94.96 52.19 36.10
N UNK C 791 94.94 50.85 35.96
CA UNK C 791 96.23 50.21 35.91
C UNK C 791 96.19 49.19 34.85
N UNK C 792 97.38 48.81 34.36
CA UNK C 792 97.44 47.76 33.39
C UNK C 792 97.32 46.50 34.16
N UNK C 793 96.71 45.47 33.55
CA UNK C 793 96.61 44.21 34.21
C UNK C 793 97.15 43.23 33.23
N UNK C 794 97.93 42.26 33.72
CA UNK C 794 98.44 41.27 32.82
C UNK C 794 98.01 39.96 33.34
N UNK C 795 97.60 39.05 32.44
CA UNK C 795 97.18 37.77 32.91
C UNK C 795 97.15 36.85 31.73
N UNK C 796 97.14 35.53 32.03
CA UNK C 796 97.04 34.55 31.00
C UNK C 796 95.65 34.03 31.05
N UNK C 797 95.01 33.86 29.88
CA UNK C 797 93.64 33.43 29.88
C UNK C 797 93.54 32.07 30.47
N UNK C 798 94.45 31.16 30.09
CA UNK C 798 94.30 29.82 30.58
C UNK C 798 94.42 29.83 32.07
N UNK C 799 95.47 30.50 32.59
CA UNK C 799 95.71 30.52 34.01
C UNK C 799 94.59 31.25 34.69
N UNK C 800 94.09 32.35 34.10
CA UNK C 800 93.08 33.14 34.74
C UNK C 800 93.67 33.77 35.96
N UNK C 801 95.00 33.96 35.98
CA UNK C 801 95.64 34.59 37.09
C UNK C 801 96.30 35.83 36.55
N UNK C 802 96.39 36.89 37.39
CA UNK C 802 97.00 38.10 36.92
C UNK C 802 98.45 38.02 37.26
N UNK C 803 99.30 38.13 36.24
CA UNK C 803 100.71 38.02 36.47
C UNK C 803 101.17 39.17 37.32
N UNK C 804 100.75 40.40 36.98
CA UNK C 804 101.18 41.51 37.77
C UNK C 804 100.42 42.72 37.36
N UNK C 805 100.43 43.76 38.20
CA UNK C 805 99.74 44.97 37.87
C UNK C 805 100.75 46.07 37.81
N UNK C 806 100.63 46.98 36.82
CA UNK C 806 101.58 48.05 36.71
C UNK C 806 100.85 49.33 37.03
N UNK C 807 101.48 50.22 37.84
CA UNK C 807 100.83 51.44 38.24
C UNK C 807 100.82 52.48 37.10
N UNK C 808 99.76 53.37 36.99
CA UNK C 808 99.48 54.40 35.94
C UNK C 808 98.64 55.74 36.45
N UNK C 809 97.88 56.65 35.55
CA UNK C 809 96.95 57.91 35.49
C UNK C 809 95.56 57.37 35.19
N UNK C 810 95.08 57.27 33.92
CA UNK C 810 93.94 56.48 33.54
C UNK C 810 94.40 55.94 32.21
N UNK C 811 94.29 54.61 31.96
CA UNK C 811 94.89 54.11 30.75
C UNK C 811 93.87 53.96 29.67
N UNK C 812 94.11 54.76 28.60
CA UNK C 812 93.33 54.76 27.40
C UNK C 812 93.57 53.54 26.57
N UNK C 813 94.86 53.14 26.39
CA UNK C 813 95.08 52.04 25.49
C UNK C 813 96.29 51.28 25.91
N UNK C 814 96.30 49.98 25.63
CA UNK C 814 97.42 49.16 25.98
C UNK C 814 97.85 48.45 24.74
N UNK C 815 99.16 48.22 24.60
CA UNK C 815 99.64 47.54 23.44
C UNK C 815 100.86 46.79 23.83
N UNK C 816 101.20 45.75 23.05
CA UNK C 816 102.38 45.01 23.35
C UNK C 816 103.31 45.25 22.22
N UNK C 817 104.62 45.33 22.49
CA UNK C 817 105.50 45.56 21.39
C UNK C 817 105.39 44.36 20.53
N UNK C 818 105.08 44.58 19.23
CA UNK C 818 104.92 43.49 18.32
C UNK C 818 106.23 42.83 18.13
N UNK C 819 107.27 43.65 17.94
CA UNK C 819 108.56 43.14 17.60
C UNK C 819 108.43 42.53 16.25
N UNK C 820 109.39 42.85 15.37
CA UNK C 820 109.36 42.32 14.04
C UNK C 820 109.94 40.95 14.10
N UNK C 821 109.82 40.19 13.00
CA UNK C 821 110.34 38.86 12.89
C UNK C 821 110.02 38.08 14.11
N UNK C 822 108.75 37.63 14.20
CA UNK C 822 108.27 36.92 15.34
C UNK C 822 107.98 37.99 16.32
N UNK C 823 107.15 37.70 17.33
CA UNK C 823 106.85 38.80 18.19
C UNK C 823 107.50 38.54 19.49
N UNK C 824 108.00 39.62 20.11
CA UNK C 824 108.60 39.53 21.40
C UNK C 824 108.17 40.76 22.10
N UNK C 825 107.81 40.65 23.39
CA UNK C 825 107.49 41.89 24.02
C UNK C 825 108.43 42.11 25.16
N UNK C 826 109.46 42.93 24.93
CA UNK C 826 110.38 43.30 25.96
C UNK C 826 109.65 44.17 26.93
N UNK C 827 108.86 45.11 26.39
CA UNK C 827 108.17 46.07 27.20
C UNK C 827 106.83 46.29 26.57
N UNK C 828 105.92 46.92 27.32
CA UNK C 828 104.60 47.18 26.80
C UNK C 828 104.46 48.65 26.62
N UNK C 829 103.66 49.04 25.61
CA UNK C 829 103.46 50.44 25.36
C UNK C 829 102.06 50.75 25.75
N UNK C 830 101.87 51.91 26.41
CA UNK C 830 100.55 52.26 26.80
C UNK C 830 100.43 53.74 26.69
N UNK C 831 99.19 54.20 26.47
CA UNK C 831 98.92 55.61 26.38
C UNK C 831 97.91 55.86 27.44
N UNK C 832 97.91 57.07 28.02
CA UNK C 832 96.98 57.32 29.08
C UNK C 832 96.29 58.61 28.84
N UNK C 833 95.10 58.73 29.45
CA UNK C 833 94.32 59.92 29.38
C UNK C 833 94.81 60.83 30.45
N UNK C 834 94.49 62.12 30.30
CA UNK C 834 94.86 63.07 31.30
C UNK C 834 93.65 63.86 31.60
N UNK C 835 93.45 64.15 32.89
CA UNK C 835 92.37 64.93 33.42
C UNK C 835 92.84 66.33 33.44
N UNK C 836 92.11 67.21 34.15
CA UNK C 836 92.49 68.59 34.17
C UNK C 836 93.90 68.66 34.68
N UNK C 837 94.21 67.99 35.80
CA UNK C 837 95.59 68.04 36.18
C UNK C 837 96.29 67.29 35.10
N UNK C 838 97.44 67.82 34.61
CA UNK C 838 97.98 67.08 33.51
C UNK C 838 99.15 66.28 33.98
N UNK C 839 98.91 65.24 34.80
CA UNK C 839 99.99 64.39 35.15
C UNK C 839 100.33 63.46 34.02
N UNK C 840 99.32 62.69 33.52
CA UNK C 840 99.75 61.70 32.59
C UNK C 840 99.14 61.86 31.25
N UNK C 841 99.83 62.71 30.46
CA UNK C 841 99.71 62.99 29.07
C UNK C 841 100.42 61.94 28.27
N UNK C 842 101.40 61.28 28.91
CA UNK C 842 102.38 60.48 28.22
C UNK C 842 101.96 59.14 27.73
N UNK C 843 102.80 58.63 26.81
CA UNK C 843 102.75 57.29 26.33
C UNK C 843 103.91 56.68 27.03
N UNK C 844 103.70 55.54 27.72
CA UNK C 844 104.80 55.04 28.46
C UNK C 844 105.07 53.65 28.05
N UNK C 845 106.36 53.28 28.07
CA UNK C 845 106.73 51.95 27.77
C UNK C 845 107.11 51.36 29.08
N UNK C 846 106.56 50.19 29.42
CA UNK C 846 106.91 49.66 30.68
C UNK C 846 107.73 48.44 30.45
N UNK C 847 108.90 48.37 31.10
CA UNK C 847 109.67 47.18 30.95
C UNK C 847 108.87 46.14 31.62
N UNK C 848 108.62 45.02 30.94
CA UNK C 848 107.83 44.00 31.54
C UNK C 848 108.70 43.31 32.57
N UNK C 849 109.04 49.14 36.78
CA UNK C 849 108.31 50.41 36.61
C UNK C 849 108.40 50.85 35.20
N UNK C 850 107.66 51.93 34.84
CA UNK C 850 107.77 52.35 33.48
C UNK C 850 109.19 52.77 33.27
N UNK C 851 109.80 52.28 32.17
CA UNK C 851 111.16 52.60 31.90
C UNK C 851 111.27 54.07 31.62
N UNK C 852 110.37 54.60 30.77
CA UNK C 852 110.48 55.99 30.47
C UNK C 852 109.16 56.48 30.00
N UNK C 853 108.95 57.80 30.09
CA UNK C 853 107.72 58.35 29.65
C UNK C 853 108.05 59.54 28.81
N UNK C 854 99.31 68.86 25.71
CA UNK C 854 98.47 68.84 26.86
C UNK C 854 97.15 68.34 26.37
N UNK C 855 96.69 67.20 26.92
CA UNK C 855 95.44 66.62 26.53
C UNK C 855 95.55 65.18 26.82
N UNK C 856 94.41 64.47 26.65
CA UNK C 856 94.48 63.05 26.83
C UNK C 856 94.94 62.48 25.53
N UNK C 857 95.66 61.34 25.59
CA UNK C 857 96.02 60.70 24.37
C UNK C 857 95.06 59.56 24.26
N UNK C 858 94.13 59.64 23.30
CA UNK C 858 93.10 58.65 23.18
C UNK C 858 93.65 57.31 22.83
N UNK C 859 94.56 57.25 21.83
CA UNK C 859 94.98 55.95 21.41
C UNK C 859 96.41 56.00 20.98
N UNK C 860 96.97 54.83 20.64
CA UNK C 860 98.33 54.74 20.19
C UNK C 860 98.40 53.56 19.27
N UNK C 861 99.50 53.47 18.50
CA UNK C 861 99.66 52.33 17.63
C UNK C 861 101.13 52.08 17.49
N UNK C 862 101.51 50.79 17.42
CA UNK C 862 102.89 50.44 17.26
C UNK C 862 102.95 49.60 16.01
N UNK C 863 104.09 49.63 15.31
CA UNK C 863 104.18 48.88 14.09
C UNK C 863 105.10 47.73 14.31
N UNK C 864 104.68 46.52 13.88
CA UNK C 864 105.51 45.37 14.03
C UNK C 864 106.71 45.50 13.15
N UNK C 865 106.46 45.85 11.87
CA UNK C 865 107.51 45.92 10.89
C UNK C 865 108.47 47.04 11.17
N UNK C 866 107.95 48.24 11.48
CA UNK C 866 108.83 49.36 11.60
C UNK C 866 108.72 49.91 12.97
N UNK C 867 109.78 50.60 13.42
CA UNK C 867 109.71 51.19 14.72
C UNK C 867 109.17 52.57 14.52
N UNK C 868 107.91 52.77 14.94
CA UNK C 868 107.26 54.04 14.86
C UNK C 868 106.06 53.89 15.69
N UNK C 869 105.53 55.01 16.22
CA UNK C 869 104.35 54.90 17.02
C UNK C 869 103.51 56.07 16.68
N UNK C 870 102.17 55.92 16.76
CA UNK C 870 101.31 57.03 16.45
C UNK C 870 100.52 57.32 17.67
N UNK C 871 100.18 58.60 17.89
CA UNK C 871 99.42 58.97 19.04
C UNK C 871 98.31 59.87 18.58
N UNK C 872 97.15 59.77 19.26
CA UNK C 872 96.02 60.59 18.93
C UNK C 872 95.57 61.22 20.20
N UNK C 873 94.95 62.42 20.14
CA UNK C 873 94.55 63.05 21.36
C UNK C 873 93.08 63.35 21.35
N UNK C 874 92.44 62.99 22.49
CA UNK C 874 91.05 63.10 22.85
C UNK C 874 90.57 64.50 23.09
N UNK C 875 91.40 65.39 23.66
CA UNK C 875 90.79 66.64 23.96
C UNK C 875 90.45 67.36 22.70
N UNK C 876 89.16 67.76 22.58
CA UNK C 876 88.71 68.56 21.48
C UNK C 876 88.92 69.97 21.90
N UNK C 877 89.06 70.90 20.94
CA UNK C 877 89.33 72.27 21.31
C UNK C 877 90.57 72.22 22.12
N UNK C 878 91.45 71.28 21.73
CA UNK C 878 92.69 71.01 22.38
C UNK C 878 93.53 70.42 21.33
N UNK C 879 94.51 69.57 21.70
CA UNK C 879 95.31 69.05 20.63
C UNK C 879 94.65 67.85 20.06
N UNK C 880 94.13 68.00 18.82
CA UNK C 880 93.65 66.84 18.12
C UNK C 880 94.70 66.68 17.07
N UNK C 881 95.64 65.75 17.32
CA UNK C 881 96.71 65.65 16.39
C UNK C 881 97.25 64.28 16.42
N UNK C 882 97.91 63.88 15.32
CA UNK C 882 98.51 62.59 15.29
C UNK C 882 99.97 62.80 15.41
N UNK C 883 100.61 62.10 16.35
CA UNK C 883 102.03 62.23 16.50
C UNK C 883 102.60 60.90 16.21
N UNK C 884 103.65 60.84 15.37
CA UNK C 884 104.24 59.56 15.11
C UNK C 884 105.69 59.67 15.39
N UNK C 885 106.23 58.92 16.37
CA UNK C 885 107.62 59.19 16.60
C UNK C 885 108.35 57.97 17.02
N UNK C 886 109.64 57.85 16.62
CA UNK C 886 110.30 56.72 17.21
C UNK C 886 110.50 57.01 18.67
N UNK C 887 111.52 57.82 19.04
CA UNK C 887 111.67 58.32 20.38
C UNK C 887 111.22 59.74 20.59
N UNK C 888 111.95 60.63 19.89
CA UNK C 888 111.87 62.06 20.04
C UNK C 888 110.70 62.50 19.27
N UNK C 889 110.28 63.77 19.45
CA UNK C 889 109.12 64.21 18.74
C UNK C 889 109.38 64.01 17.28
N UNK C 890 108.42 63.35 16.60
CA UNK C 890 108.59 63.08 15.22
C UNK C 890 107.22 63.00 14.64
N UNK C 891 107.14 63.09 13.31
CA UNK C 891 105.92 63.00 12.57
C UNK C 891 105.43 64.38 12.34
N UNK C 892 104.30 64.50 11.63
CA UNK C 892 103.84 65.80 11.28
C UNK C 892 102.55 66.11 11.98
N UNK C 893 102.27 67.41 12.13
CA UNK C 893 101.06 67.88 12.74
C UNK C 893 100.32 68.64 11.68
N UNK C 894 98.98 68.66 11.76
CA UNK C 894 98.26 69.33 10.72
C UNK C 894 97.79 70.66 11.20
N UNK C 895 97.91 71.70 10.34
CA UNK C 895 97.45 72.99 10.79
C UNK C 895 95.96 73.01 10.63
N UNK C 896 95.11 73.71 11.41
CA UNK C 896 93.67 73.63 11.10
C UNK C 896 93.12 74.87 10.42
N UNK C 897 91.79 75.10 10.44
CA UNK C 897 91.11 75.92 9.40
C UNK C 897 89.90 76.92 9.74
N UNK C 898 88.75 77.20 8.77
CA UNK C 898 87.43 77.98 8.68
C UNK C 898 87.84 79.29 9.23
N UNK C 899 86.96 80.24 9.60
CA UNK C 899 87.71 81.35 10.13
C UNK C 899 87.26 81.73 11.51
N UNK C 900 88.23 81.80 12.44
CA UNK C 900 87.98 82.29 13.77
C UNK C 900 87.74 83.77 13.72
N UNK C 901 88.62 84.50 12.98
CA UNK C 901 88.52 85.93 12.91
C UNK C 901 89.26 86.37 11.68
N UNK C 902 89.03 87.61 11.22
CA UNK C 902 89.75 88.01 10.06
C UNK C 902 89.97 89.49 10.12
N UNK C 903 91.02 89.96 9.42
CA UNK C 903 91.29 91.36 9.34
C UNK C 903 91.73 91.62 7.94
N UNK C 904 91.23 92.72 7.34
CA UNK C 904 91.61 93.04 5.99
C UNK C 904 92.87 93.83 6.03
N UNK C 905 93.63 93.83 4.92
CA UNK C 905 94.82 94.62 4.88
C UNK C 905 94.37 96.04 4.79
N UNK C 906 95.09 96.96 5.46
CA UNK C 906 94.63 98.31 5.39
C UNK C 906 94.74 98.79 3.98
N UNK C 907 95.93 98.61 3.38
CA UNK C 907 96.19 99.06 2.04
C UNK C 907 95.42 98.26 1.04
N UNK C 908 95.38 96.92 1.23
CA UNK C 908 94.80 96.12 0.19
C UNK C 908 93.57 95.43 0.67
N UNK C 909 92.72 95.05 -0.30
CA UNK C 909 91.45 94.40 -0.12
C UNK C 909 91.68 93.04 0.47
N UNK C 910 92.80 92.38 0.11
CA UNK C 910 93.10 91.03 0.48
C UNK C 910 92.82 90.81 1.93
N UNK C 911 92.41 89.58 2.28
CA UNK C 911 92.02 89.34 3.63
C UNK C 911 92.94 88.36 4.26
N UNK C 912 93.14 88.55 5.57
CA UNK C 912 93.93 87.65 6.35
C UNK C 912 92.97 87.11 7.35
N UNK C 913 93.01 85.79 7.59
CA UNK C 913 92.08 85.30 8.56
C UNK C 913 92.79 84.27 9.36
N UNK C 914 92.42 84.17 10.66
CA UNK C 914 92.97 83.18 11.53
C UNK C 914 92.11 81.98 11.43
N UNK C 915 92.65 80.82 11.84
CA UNK C 915 91.94 79.58 11.72
C UNK C 915 91.94 78.92 13.06
N UNK C 916 91.03 77.93 13.25
CA UNK C 916 90.98 77.14 14.44
C UNK C 916 92.33 76.54 14.47
N UNK C 917 92.78 76.11 13.30
CA UNK C 917 94.15 75.94 12.95
C UNK C 917 95.07 76.69 13.75
N UNK C 918 96.23 76.09 13.79
CA UNK C 918 97.37 76.81 14.19
C UNK C 918 97.60 77.84 13.12
N UNK C 919 97.40 77.48 11.86
CA UNK C 919 97.63 78.35 10.76
C UNK C 919 96.60 79.45 10.65
N UNK C 920 97.05 80.56 10.04
CA UNK C 920 96.28 81.71 9.66
C UNK C 920 96.67 81.87 8.24
N UNK C 921 95.84 82.52 7.40
CA UNK C 921 96.29 82.53 6.04
C UNK C 921 95.98 83.84 5.43
N UNK C 922 96.70 84.13 4.34
CA UNK C 922 96.47 85.30 3.59
C UNK C 922 95.77 84.84 2.38
N UNK C 923 94.71 85.56 1.98
CA UNK C 923 94.05 85.16 0.79
C UNK C 923 93.77 86.38 0.02
N UNK C 924 93.68 86.21 -1.30
CA UNK C 924 93.39 87.34 -2.12
C UNK C 924 92.11 87.04 -2.81
N UNK C 925 91.28 88.08 -2.96
CA UNK C 925 90.03 87.94 -3.64
C UNK C 925 90.19 88.69 -4.92
N UNK C 926 89.56 88.20 -6.00
CA UNK C 926 89.71 88.84 -7.26
C UNK C 926 89.17 90.23 -7.16
N UNK C 927 89.79 91.17 -7.90
CA UNK C 927 89.39 92.55 -7.86
C UNK C 927 87.98 92.67 -8.33
N UNK C 928 87.63 91.97 -9.43
CA UNK C 928 86.29 92.09 -9.89
C UNK C 928 85.47 91.12 -9.12
N UNK C 929 84.72 91.64 -8.14
CA UNK C 929 83.87 90.83 -7.31
C UNK C 929 82.76 90.28 -8.15
N UNK C 930 82.23 91.10 -9.06
CA UNK C 930 81.08 90.74 -9.85
C UNK C 930 81.40 89.53 -10.64
N UNK C 931 82.62 89.52 -11.20
CA UNK C 931 83.02 88.39 -11.98
C UNK C 931 82.97 87.22 -11.04
N UNK C 932 82.84 85.98 -11.56
CA UNK C 932 82.83 84.85 -10.70
C UNK C 932 84.10 84.95 -9.94
N UNK C 933 83.96 84.90 -8.62
CA UNK C 933 85.11 85.16 -7.83
C UNK C 933 86.04 84.01 -7.89
N UNK C 934 87.25 84.20 -7.39
CA UNK C 934 88.13 83.10 -7.23
C UNK C 934 88.83 83.45 -5.97
N UNK C 935 89.15 82.47 -5.10
CA UNK C 935 89.80 82.90 -3.91
C UNK C 935 91.05 82.11 -3.76
N UNK C 936 92.19 82.80 -3.67
CA UNK C 936 93.41 82.06 -3.65
C UNK C 936 94.10 82.31 -2.36
N UNK C 937 94.78 81.26 -1.88
CA UNK C 937 95.51 81.36 -0.67
C UNK C 937 96.84 81.91 -1.01
N UNK C 938 97.14 83.13 -0.54
CA UNK C 938 98.43 83.68 -0.82
C UNK C 938 99.43 82.85 -0.08
N UNK C 939 99.17 82.58 1.20
CA UNK C 939 100.13 81.81 1.92
C UNK C 939 99.52 81.44 3.23
N UNK C 940 100.09 80.41 3.87
CA UNK C 940 99.58 80.01 5.14
C UNK C 940 100.64 80.31 6.14
N UNK C 941 100.23 80.91 7.27
CA UNK C 941 101.14 81.17 8.33
C UNK C 941 100.77 80.18 9.36
N UNK C 942 101.76 79.39 9.82
CA UNK C 942 101.41 78.37 10.75
C UNK C 942 102.20 78.61 11.97
N UNK C 943 101.64 78.20 13.11
CA UNK C 943 102.29 78.35 14.36
C UNK C 943 102.07 77.07 15.07
N UNK C 944 102.85 76.82 16.13
CA UNK C 944 102.70 75.62 16.88
C UNK C 944 101.36 75.65 17.55
N UNK C 945 100.97 76.80 18.13
CA UNK C 945 99.78 76.90 18.91
C UNK C 945 98.59 76.50 18.11
N UNK C 946 97.58 75.96 18.82
CA UNK C 946 96.42 75.41 18.22
C UNK C 946 95.62 76.41 17.48
N UNK C 947 95.31 77.58 18.09
CA UNK C 947 94.40 78.44 17.39
C UNK C 947 94.94 79.83 17.35
N UNK C 948 94.50 80.60 16.33
CA UNK C 948 94.97 81.94 16.23
C UNK C 948 93.91 82.84 16.80
N UNK C 949 94.21 83.43 17.97
CA UNK C 949 93.31 84.34 18.63
C UNK C 949 93.14 85.61 17.88
N UNK C 950 94.25 86.20 17.40
CA UNK C 950 94.08 87.48 16.77
C UNK C 950 95.19 87.73 15.81
N UNK C 951 94.93 88.66 14.87
CA UNK C 951 95.92 89.05 13.92
C UNK C 951 95.80 90.52 13.78
N UNK C 952 96.95 91.22 13.61
CA UNK C 952 96.87 92.63 13.42
C UNK C 952 97.84 92.98 12.36
N UNK C 953 97.37 93.75 11.36
CA UNK C 953 98.24 94.18 10.31
C UNK C 953 98.89 95.44 10.77
N UNK C 954 100.09 95.73 10.22
CA UNK C 954 100.75 96.95 10.55
C UNK C 954 100.08 98.01 9.76
N UNK C 955 100.32 99.28 10.11
CA UNK C 955 99.71 100.37 9.39
C UNK C 955 100.18 100.26 7.97
N UNK C 956 101.47 99.90 7.81
CA UNK C 956 102.07 99.76 6.52
C UNK C 956 101.35 98.69 5.77
N UNK C 957 100.89 97.66 6.51
CA UNK C 957 100.24 96.52 5.93
C UNK C 957 101.30 95.69 5.29
N UNK C 958 102.57 96.11 5.46
CA UNK C 958 103.68 95.36 4.97
C UNK C 958 103.75 94.09 5.75
N UNK C 959 103.55 94.18 7.08
CA UNK C 959 103.69 93.02 7.91
C UNK C 959 102.45 92.83 8.72
N UNK C 960 102.23 91.59 9.17
CA UNK C 960 101.10 91.28 10.00
C UNK C 960 101.61 90.46 11.13
N UNK C 961 100.93 90.53 12.29
CA UNK C 961 101.40 89.74 13.40
C UNK C 961 100.36 88.70 13.66
N UNK C 962 100.81 87.45 13.88
CA UNK C 962 99.89 86.39 14.16
C UNK C 962 100.04 86.09 15.61
N UNK C 963 98.90 85.89 16.30
CA UNK C 963 98.97 85.58 17.69
C UNK C 963 98.14 84.35 17.89
N UNK C 964 98.57 83.45 18.78
CA UNK C 964 97.76 82.29 18.95
C UNK C 964 97.16 82.32 20.31
N UNK C 965 95.82 82.26 20.37
CA UNK C 965 95.19 82.19 21.64
C UNK C 965 93.84 81.60 21.43
N UNK C 966 93.31 80.97 22.49
CA UNK C 966 92.08 80.26 22.37
C UNK C 966 92.00 79.50 23.64
N UNK C 967 91.61 78.22 23.55
CA UNK C 967 91.56 77.44 24.74
C UNK C 967 92.95 77.48 25.31
N UNK C 968 93.97 77.29 24.46
CA UNK C 968 95.30 77.42 24.98
C UNK C 968 96.05 78.27 24.02
N UNK C 969 96.50 79.44 24.47
CA UNK C 969 97.23 80.29 23.60
C UNK C 969 98.67 80.05 23.88
N UNK C 970 99.46 79.81 22.83
CA UNK C 970 100.88 79.74 22.98
C UNK C 970 101.32 81.15 23.25
N UNK C 971 100.63 82.08 22.56
CA UNK C 971 100.90 83.49 22.52
C UNK C 971 102.14 83.72 21.76
N UNK C 972 102.62 82.72 21.02
CA UNK C 972 103.79 83.03 20.25
C UNK C 972 103.31 84.03 19.25
N UNK C 973 104.10 85.09 19.03
CA UNK C 973 103.68 86.07 18.07
C UNK C 973 104.70 86.02 16.98
N UNK C 974 104.21 85.99 15.72
CA UNK C 974 105.15 85.96 14.65
C UNK C 974 104.84 87.10 13.76
N UNK C 975 105.89 87.72 13.21
CA UNK C 975 105.66 88.79 12.28
C UNK C 975 105.87 88.15 10.94
N UNK C 976 104.93 88.36 10.01
CA UNK C 976 105.09 87.73 8.75
C UNK C 976 104.96 88.79 7.70
N UNK C 977 105.68 88.61 6.59
CA UNK C 977 105.55 89.56 5.52
C UNK C 977 104.18 89.33 4.97
N UNK C 978 103.57 90.38 4.40
CA UNK C 978 102.25 90.20 3.87
C UNK C 978 102.37 89.19 2.78
N UNK C 979 103.47 89.28 2.02
CA UNK C 979 103.69 88.42 0.89
C UNK C 979 103.82 86.98 1.28
N UNK C 980 104.55 86.64 2.37
CA UNK C 980 104.74 85.23 2.49
C UNK C 980 104.95 84.78 3.92
N UNK C 981 105.14 83.45 4.02
CA UNK C 981 105.31 82.61 5.17
C UNK C 981 106.59 82.90 5.91
N UNK C 982 107.65 83.36 5.22
CA UNK C 982 108.97 83.41 5.79
C UNK C 982 108.97 84.12 7.11
N UNK C 983 108.30 85.29 7.21
CA UNK C 983 108.22 85.97 8.48
C UNK C 983 109.56 86.52 8.88
N UNK C 984 109.54 87.78 9.34
CA UNK C 984 110.72 88.47 9.78
C UNK C 984 111.26 87.86 11.04
N UNK C 985 110.39 87.60 12.03
CA UNK C 985 110.91 87.09 13.27
C UNK C 985 109.79 86.58 14.10
N UNK C 986 110.15 85.88 15.20
CA UNK C 986 109.13 85.39 16.09
C UNK C 986 109.47 85.87 17.46
N UNK C 987 108.46 86.38 18.19
CA UNK C 987 108.72 86.80 19.53
C UNK C 987 107.70 86.14 20.40
N UNK C 988 108.15 85.42 21.45
CA UNK C 988 107.16 84.85 22.31
C UNK C 988 107.44 85.31 23.70
N UNK C 989 106.94 86.52 24.04
CA UNK C 989 107.10 87.07 25.34
C UNK C 989 106.24 86.37 26.35
N UNK C 990 104.97 86.07 26.01
CA UNK C 990 104.07 85.64 27.05
C UNK C 990 103.23 84.47 26.63
N UNK C 991 102.39 84.02 27.58
CA UNK C 991 101.51 82.88 27.50
C UNK C 991 100.45 83.02 26.45
N UNK C 992 99.73 84.17 26.37
CA UNK C 992 98.66 84.27 25.39
C UNK C 992 98.56 85.70 24.97
N UNK C 993 97.95 85.99 23.80
CA UNK C 993 97.80 87.38 23.47
C UNK C 993 96.46 87.62 22.85
N UNK C 994 95.54 88.24 23.61
CA UNK C 994 94.22 88.55 23.15
C UNK C 994 94.24 89.66 22.14
N UNK C 995 94.98 90.75 22.42
CA UNK C 995 94.91 91.84 21.49
C UNK C 995 96.26 92.47 21.35
N UNK C 996 96.55 92.97 20.14
CA UNK C 996 97.78 93.66 19.93
C UNK C 996 97.45 94.85 19.10
N UNK C 997 98.03 96.01 19.44
CA UNK C 997 97.76 97.18 18.66
C UNK C 997 99.08 97.74 18.27
N UNK C 998 99.24 98.04 16.97
CA UNK C 998 100.47 98.61 16.53
C UNK C 998 100.42 100.08 16.77
N UNK C 999 101.60 100.65 17.07
CA UNK C 999 101.75 102.06 17.23
C UNK C 999 101.96 102.56 15.85
N UNK C 1000 102.44 103.81 15.69
CA UNK C 1000 102.71 104.29 14.37
C UNK C 1000 103.68 103.30 13.81
N UNK C 1001 104.65 102.87 14.65
CA UNK C 1001 105.54 101.83 14.27
C UNK C 1001 105.66 100.93 15.46
N UNK C 1002 105.72 99.61 15.24
CA UNK C 1002 105.89 98.67 16.33
C UNK C 1002 104.57 98.35 16.93
N UNK C 1003 104.56 97.51 17.99
CA UNK C 1003 103.31 97.18 18.61
C UNK C 1003 103.55 96.75 20.02
N UNK C 1004 102.45 96.69 20.81
CA UNK C 1004 102.47 96.23 22.16
C UNK C 1004 101.46 95.13 22.21
N UNK C 1005 101.69 94.10 23.05
CA UNK C 1005 100.77 93.00 23.05
C UNK C 1005 100.21 92.81 24.42
N UNK C 1006 98.97 92.30 24.50
CA UNK C 1006 98.35 92.04 25.76
C UNK C 1006 97.90 90.62 25.76
N UNK C 1007 98.14 89.93 26.90
CA UNK C 1007 97.76 88.56 27.09
C UNK C 1007 96.40 88.51 27.71
N UNK C 1008 95.78 87.32 27.70
CA UNK C 1008 94.55 87.09 28.39
C UNK C 1008 94.92 87.25 29.83
N UNK C 1009 96.16 86.83 30.13
CA UNK C 1009 96.80 86.87 31.42
C UNK C 1009 96.87 88.31 31.82
N UNK C 1010 96.90 89.20 30.80
CA UNK C 1010 97.01 90.62 30.98
C UNK C 1010 98.43 91.03 31.19
N UNK C 1011 99.40 90.14 30.94
CA UNK C 1011 100.73 90.67 30.98
C UNK C 1011 100.79 91.57 29.79
N UNK C 1012 101.34 92.79 29.95
CA UNK C 1012 101.36 93.66 28.81
C UNK C 1012 102.79 93.94 28.51
N UNK C 1013 103.16 93.97 27.22
CA UNK C 1013 104.52 94.22 26.94
C UNK C 1013 104.61 95.24 25.86
N UNK C 1014 105.61 96.13 25.99
CA UNK C 1014 105.86 97.08 24.94
C UNK C 1014 107.05 96.52 24.26
N UNK C 1015 106.99 96.34 22.94
CA UNK C 1015 108.14 95.75 22.32
C UNK C 1015 108.38 96.41 21.02
N UNK C 1016 109.64 96.38 20.56
CA UNK C 1016 109.90 96.90 19.26
C UNK C 1016 109.90 95.70 18.38
N UNK C 1017 108.88 95.57 17.52
CA UNK C 1017 108.85 94.43 16.67
C UNK C 1017 109.93 94.61 15.68
N UNK C 1018 110.74 93.55 15.47
CA UNK C 1018 111.84 93.69 14.56
C UNK C 1018 112.67 92.47 14.75
N UNK C 1019 113.85 92.46 14.12
CA UNK C 1019 114.73 91.34 14.28
C UNK C 1019 115.06 91.27 15.74
N UNK C 1020 115.26 92.43 16.37
CA UNK C 1020 115.61 92.43 17.77
C UNK C 1020 114.51 91.79 18.53
N UNK C 1021 113.25 92.18 18.22
CA UNK C 1021 112.10 91.63 18.90
C UNK C 1021 112.34 91.71 20.38
N UNK C 1022 112.66 92.91 20.90
CA UNK C 1022 112.92 93.04 22.29
C UNK C 1022 111.80 93.82 22.91
N UNK C 1023 111.54 93.60 24.21
CA UNK C 1023 110.47 94.30 24.86
C UNK C 1023 111.06 95.27 25.83
N UNK C 1024 110.60 96.54 25.75
CA UNK C 1024 111.08 97.57 26.62
C UNK C 1024 110.65 97.29 28.03
N UNK C 1025 109.38 96.93 28.24
CA UNK C 1025 108.93 96.71 29.58
C UNK C 1025 107.64 95.94 29.53
N UNK C 1026 107.21 95.42 30.70
CA UNK C 1026 105.98 94.69 30.76
C UNK C 1026 105.37 94.94 32.11
N UNK C 1027 104.04 94.77 32.23
CA UNK C 1027 103.41 94.98 33.50
C UNK C 1027 102.32 93.96 33.66
N UNK C 1028 102.04 93.54 34.90
CA UNK C 1028 100.95 92.62 35.07
C UNK C 1028 100.00 93.21 36.08
N UNK C 1029 98.94 93.91 35.58
CA UNK C 1029 97.95 94.47 36.46
C UNK C 1029 97.13 93.40 37.08
N UNK C 1030 96.61 92.46 36.22
CA UNK C 1030 95.79 91.33 36.60
C UNK C 1030 94.34 91.61 36.34
N UNK C 1031 93.49 90.61 36.63
CA UNK C 1031 92.05 90.59 36.59
C UNK C 1031 91.38 91.00 35.28
N UNK C 1032 91.71 90.32 34.16
CA UNK C 1032 90.99 90.45 32.90
C UNK C 1032 90.71 91.88 32.51
N UNK C 1033 91.78 92.70 32.49
CA UNK C 1033 91.94 94.08 32.12
C UNK C 1033 91.92 94.36 30.63
N UNK C 1034 91.98 93.31 29.78
CA UNK C 1034 92.58 93.16 28.47
C UNK C 1034 92.59 94.23 27.40
N UNK C 1035 91.54 95.03 27.08
CA UNK C 1035 91.73 95.91 25.93
C UNK C 1035 92.88 96.88 26.13
N UNK C 1036 93.60 97.24 25.03
CA UNK C 1036 94.73 98.13 25.09
C UNK C 1036 94.73 99.05 23.89
N UNK C 1037 95.46 100.20 23.99
CA UNK C 1037 95.52 101.12 22.89
C UNK C 1037 96.69 102.04 23.08
N UNK C 1038 97.13 102.73 22.01
CA UNK C 1038 98.25 103.63 22.12
C UNK C 1038 97.75 105.03 21.93
N UNK C 1039 98.00 105.89 22.92
CA UNK C 1039 97.60 107.27 22.85
C UNK C 1039 98.40 107.99 21.81
N UNK C 1040 99.74 107.79 21.79
CA UNK C 1040 100.52 108.55 20.86
C UNK C 1040 101.28 107.61 19.99
N UNK C 1041 101.32 107.94 18.67
CA UNK C 1041 102.03 107.15 17.71
C UNK C 1041 103.49 107.22 18.03
N UNK C 1042 103.99 108.44 18.33
CA UNK C 1042 105.38 108.56 18.61
C UNK C 1042 105.61 107.74 19.83
N UNK C 1043 106.87 107.30 20.05
CA UNK C 1043 107.14 106.53 21.23
C UNK C 1043 106.69 107.38 22.35
N UNK C 1044 105.74 106.87 23.15
CA UNK C 1044 105.16 107.71 24.14
C UNK C 1044 104.15 106.90 24.88
N UNK C 1045 103.16 107.61 25.44
CA UNK C 1045 102.15 107.00 26.24
C UNK C 1045 101.25 106.13 25.43
N UNK C 1046 100.74 105.08 26.10
CA UNK C 1046 99.79 104.14 25.58
C UNK C 1046 98.91 103.88 26.75
N UNK C 1047 97.69 103.37 26.52
CA UNK C 1047 96.85 103.17 27.67
C UNK C 1047 96.72 101.70 27.89
N UNK C 1048 96.77 101.29 29.19
CA UNK C 1048 96.62 99.91 29.54
C UNK C 1048 95.64 99.90 30.67
N UNK C 1049 94.82 98.84 30.77
CA UNK C 1049 93.85 98.79 31.82
C UNK C 1049 94.54 98.52 33.11
N UNK C 1050 94.16 99.31 34.14
CA UNK C 1050 94.68 99.16 35.47
C UNK C 1050 93.69 98.37 36.25
N UNK C 1051 94.04 98.03 37.51
CA UNK C 1051 93.14 97.31 38.35
C UNK C 1051 92.05 98.25 38.74
N UNK C 1052 90.95 97.71 39.27
CA UNK C 1052 89.84 98.51 39.68
C UNK C 1052 89.27 99.20 38.48
N UNK C 1053 89.46 98.60 37.30
CA UNK C 1053 88.89 99.14 36.10
C UNK C 1053 89.42 100.52 35.89
N UNK C 1054 90.60 100.81 36.44
CA UNK C 1054 91.19 102.10 36.26
C UNK C 1054 91.91 102.07 34.96
N UNK C 1055 92.22 103.27 34.41
CA UNK C 1055 92.96 103.33 33.20
C UNK C 1055 94.33 103.80 33.55
N UNK C 1056 95.36 103.15 33.01
CA UNK C 1056 96.69 103.57 33.33
C UNK C 1056 97.29 104.05 32.07
N UNK C 1057 98.05 105.16 32.16
CA UNK C 1057 98.71 105.62 30.98
C UNK C 1057 100.12 105.17 31.13
N UNK C 1058 100.70 104.64 30.04
CA UNK C 1058 101.98 104.02 30.12
C UNK C 1058 103.01 104.80 29.39
N UNK C 1059 104.27 104.35 29.54
CA UNK C 1059 105.46 104.94 29.02
C UNK C 1059 105.81 106.08 29.92
N UNK C 1060 104.83 106.47 30.76
CA UNK C 1060 104.89 107.48 31.77
C UNK C 1060 103.62 108.26 31.62
N UNK C 1061 102.96 108.60 32.75
CA UNK C 1061 101.74 109.35 32.72
C UNK C 1061 100.96 109.07 33.97
N UNK C 1062 99.71 109.57 33.98
CA UNK C 1062 98.79 109.41 35.07
C UNK C 1062 97.79 108.34 34.76
N UNK C 1063 96.91 108.05 35.73
CA UNK C 1063 95.89 107.05 35.56
C UNK C 1063 94.55 107.72 35.67
N UNK C 1064 93.53 107.13 35.04
CA UNK C 1064 92.22 107.71 35.09
C UNK C 1064 91.37 106.81 35.94
N UNK C 1065 90.54 107.44 36.81
CA UNK C 1065 89.66 106.69 37.66
C UNK C 1065 88.31 106.83 37.04
N UNK C 1066 87.50 105.76 37.09
CA UNK C 1066 86.25 105.86 36.39
C UNK C 1066 85.57 104.54 36.47
N UNK C 1067 85.66 103.81 35.34
CA UNK C 1067 84.96 102.58 35.10
C UNK C 1067 85.01 101.65 36.27
N UNK C 1068 83.82 101.11 36.57
CA UNK C 1068 83.56 100.12 37.59
C UNK C 1068 84.14 98.79 37.20
N UNK C 1069 84.09 98.45 35.90
CA UNK C 1069 84.45 97.11 35.50
C UNK C 1069 85.55 97.12 34.48
N UNK C 1070 85.98 95.90 34.10
CA UNK C 1070 87.08 95.68 33.19
C UNK C 1070 86.83 96.46 31.94
N UNK C 1071 87.93 96.85 31.26
CA UNK C 1071 87.79 97.66 30.09
C UNK C 1071 87.72 96.79 28.88
N UNK C 1072 86.53 96.82 28.23
CA UNK C 1072 86.27 96.08 27.03
C UNK C 1072 87.04 96.65 25.87
N UNK C 1073 87.06 98.00 25.73
CA UNK C 1073 87.71 98.51 24.55
C UNK C 1073 88.36 99.81 24.85
N UNK C 1074 89.43 100.11 24.09
CA UNK C 1074 90.11 101.37 24.20
C UNK C 1074 90.37 101.81 22.80
N UNK C 1075 89.93 103.03 22.45
CA UNK C 1075 90.19 103.52 21.13
C UNK C 1075 90.61 104.94 21.29
N UNK C 1076 91.65 105.35 20.55
CA UNK C 1076 92.09 106.71 20.68
C UNK C 1076 91.87 107.36 19.35
N UNK C 1077 91.43 108.62 19.36
CA UNK C 1077 91.24 109.29 18.10
C UNK C 1077 92.40 110.20 17.93
N UNK C 1078 93.09 110.09 16.78
CA UNK C 1078 94.22 110.95 16.57
C UNK C 1078 93.69 112.34 16.59
N UNK C 1079 92.56 112.55 15.88
CA UNK C 1079 91.97 113.84 15.88
C UNK C 1079 91.22 113.98 17.16
N UNK C 1080 91.20 115.21 17.71
CA UNK C 1080 90.50 115.53 18.92
C UNK C 1080 91.23 114.96 20.09
N UNK C 1081 92.19 114.04 19.82
CA UNK C 1081 93.03 113.46 20.84
C UNK C 1081 92.21 113.04 22.02
N UNK C 1082 91.12 112.28 21.80
CA UNK C 1082 90.32 111.87 22.90
C UNK C 1082 90.36 110.39 22.94
N UNK C 1083 90.32 109.80 24.16
CA UNK C 1083 90.36 108.37 24.24
C UNK C 1083 88.97 107.92 24.56
N UNK C 1084 88.52 106.85 23.89
CA UNK C 1084 87.21 106.34 24.16
C UNK C 1084 87.40 105.02 24.81
N UNK C 1085 86.62 104.76 25.87
CA UNK C 1085 86.76 103.51 26.56
C UNK C 1085 85.40 102.95 26.77
N UNK C 1086 85.31 101.62 26.84
CA UNK C 1086 84.07 100.95 27.08
C UNK C 1086 84.35 99.96 28.17
N UNK C 1087 83.32 99.57 28.94
CA UNK C 1087 83.60 98.68 30.02
C UNK C 1087 82.44 97.76 30.25
N UNK C 1088 82.68 96.76 31.11
CA UNK C 1088 81.74 95.76 31.53
C UNK C 1088 80.62 96.49 32.20
N UNK C 1089 80.97 97.65 32.79
CA UNK C 1089 80.07 98.49 33.52
C UNK C 1089 78.93 98.81 32.62
N UNK C 1090 79.16 98.75 31.29
CA UNK C 1090 78.16 99.08 30.31
C UNK C 1090 78.02 100.55 30.22
N UNK C 1091 79.11 101.27 30.52
CA UNK C 1091 79.14 102.70 30.34
C UNK C 1091 80.31 102.96 29.45
N UNK C 1092 80.26 104.08 28.70
CA UNK C 1092 81.35 104.43 27.84
C UNK C 1092 81.86 105.73 28.37
N UNK C 1093 83.16 106.02 28.17
CA UNK C 1093 83.64 107.28 28.68
C UNK C 1093 84.69 107.79 27.76
N UNK C 1094 84.88 109.12 27.77
CA UNK C 1094 85.90 109.72 26.95
C UNK C 1094 86.88 110.33 27.90
N UNK C 1095 88.19 110.19 27.62
CA UNK C 1095 89.12 110.76 28.56
C UNK C 1095 89.92 111.83 27.90
N UNK C 1096 89.62 113.09 28.27
CA UNK C 1096 90.35 114.25 27.82
C UNK C 1096 91.68 114.35 28.49
N UNK C 1097 91.75 114.07 29.81
CA UNK C 1097 92.94 114.36 30.55
C UNK C 1097 93.66 113.10 30.94
N UNK C 1098 94.98 113.26 31.19
CA UNK C 1098 95.83 112.18 31.56
C UNK C 1098 95.37 111.63 32.88
N UNK C 1099 95.08 112.53 33.85
CA UNK C 1099 94.62 112.03 35.12
C UNK C 1099 93.45 112.86 35.52
N UNK C 1100 92.34 112.19 35.89
CA UNK C 1100 91.14 112.85 36.31
C UNK C 1100 90.02 111.93 35.99
N UNK C 1101 88.79 112.38 36.28
CA UNK C 1101 87.63 111.62 35.91
C UNK C 1101 87.46 111.85 34.44
N UNK C 1102 86.67 110.98 33.78
CA UNK C 1102 86.49 111.13 32.36
C UNK C 1102 85.69 112.36 32.11
N UNK C 1103 85.96 113.02 30.95
CA UNK C 1103 85.26 114.22 30.61
C UNK C 1103 83.83 113.87 30.44
N UNK C 1104 83.55 112.76 29.73
CA UNK C 1104 82.16 112.46 29.49
C UNK C 1104 81.91 111.02 29.78
N UNK C 1105 80.69 110.74 30.24
CA UNK C 1105 80.25 109.39 30.43
C UNK C 1105 79.13 109.24 29.45
N UNK C 1106 79.15 108.14 28.67
CA UNK C 1106 78.11 108.00 27.70
C UNK C 1106 77.01 107.23 28.35
N UNK C 1107 75.85 107.88 28.47
CA UNK C 1107 74.71 107.25 29.05
C UNK C 1107 73.56 108.16 28.83
N UNK C 1108 72.34 107.62 28.79
CA UNK C 1108 71.20 108.47 28.56
C UNK C 1108 70.87 109.16 29.88
N UNK C 1109 70.66 97.36 28.83
CA UNK C 1109 71.13 95.97 29.01
C UNK C 1109 72.27 95.95 29.96
N UNK C 1110 72.21 95.01 30.93
CA UNK C 1110 73.21 94.89 31.95
C UNK C 1110 74.50 94.52 31.32
N UNK C 1111 74.45 93.69 30.26
CA UNK C 1111 75.63 93.18 29.63
C UNK C 1111 76.54 94.30 29.27
N UNK C 1112 77.86 93.98 29.21
CA UNK C 1112 78.89 94.91 28.91
C UNK C 1112 78.91 95.18 27.44
N UNK C 1113 79.51 96.32 27.04
CA UNK C 1113 79.60 96.65 25.65
C UNK C 1113 80.63 95.77 25.02
N UNK C 1114 80.25 95.09 23.92
CA UNK C 1114 81.14 94.23 23.21
C UNK C 1114 82.21 95.04 22.53
N UNK C 1115 81.82 96.13 21.83
CA UNK C 1115 82.81 96.89 21.14
C UNK C 1115 82.30 98.27 20.91
N UNK C 1116 83.22 99.25 20.89
CA UNK C 1116 82.87 100.62 20.65
C UNK C 1116 83.76 101.08 19.55
N UNK C 1117 83.34 102.10 18.78
CA UNK C 1117 84.19 102.51 17.70
C UNK C 1117 84.08 103.99 17.52
N UNK C 1118 85.10 104.56 16.85
CA UNK C 1118 85.13 105.97 16.59
C UNK C 1118 84.10 106.27 15.55
N UNK C 1119 83.49 107.45 15.72
CA UNK C 1119 82.42 108.02 14.95
C UNK C 1119 82.12 109.19 15.82
N UNK C 1120 80.87 109.63 15.91
CA UNK C 1120 80.67 110.58 16.97
C UNK C 1120 81.02 109.76 18.17
N UNK C 1121 80.45 108.55 18.20
CA UNK C 1121 80.73 107.53 19.18
C UNK C 1121 79.75 106.45 18.88
N UNK C 1122 80.19 105.19 18.86
CA UNK C 1122 79.24 104.15 18.59
C UNK C 1122 79.56 103.03 19.50
N UNK C 1123 78.52 102.38 20.05
CA UNK C 1123 78.80 101.30 20.93
C UNK C 1123 77.82 100.21 20.65
N UNK C 1124 78.28 98.96 20.81
CA UNK C 1124 77.44 97.83 20.62
C UNK C 1124 77.57 97.04 21.87
N UNK C 1125 76.48 96.36 22.25
CA UNK C 1125 76.43 95.58 23.45
C UNK C 1125 75.23 94.73 23.23
N UNK C 1126 74.58 94.28 24.32
CA UNK C 1126 73.37 93.56 24.13
C UNK C 1126 72.49 94.53 23.41
N UNK C 1127 72.57 95.80 23.83
CA UNK C 1127 71.87 96.90 23.23
C UNK C 1127 72.75 97.47 22.16
N UNK C 1128 72.29 98.55 21.49
CA UNK C 1128 73.09 99.24 20.53
C UNK C 1128 72.84 100.70 20.73
N UNK C 1129 73.89 101.55 20.63
CA UNK C 1129 73.65 102.95 20.82
C UNK C 1129 74.63 103.75 20.04
N UNK C 1130 74.23 104.98 19.68
CA UNK C 1130 75.08 105.90 18.98
C UNK C 1130 75.20 107.06 19.91
N UNK C 1131 76.38 107.70 19.94
CA UNK C 1131 76.52 108.76 20.88
C UNK C 1131 77.00 109.98 20.17
N UNK C 1132 76.65 111.14 20.76
CA UNK C 1132 77.11 112.42 20.31
C UNK C 1132 77.73 112.96 21.55
N UNK C 1133 78.68 113.91 21.46
CA UNK C 1133 79.11 114.39 22.75
C UNK C 1133 77.89 115.12 23.29
N UNK C 1134 77.16 114.52 24.29
CA UNK C 1134 75.89 114.99 24.80
C UNK C 1134 75.03 113.84 25.29
N UNK C 1135 73.99 113.48 24.49
CA UNK C 1135 72.99 112.46 24.75
C UNK C 1135 73.04 111.43 23.66
N UNK C 1136 72.23 110.35 23.77
CA UNK C 1136 72.28 109.29 22.80
C UNK C 1136 71.88 109.84 21.46
N UNK C 1137 72.76 109.65 20.46
CA UNK C 1137 72.49 110.12 19.12
C UNK C 1137 71.38 109.33 18.54
N UNK C 1138 71.43 107.99 18.68
CA UNK C 1138 70.42 107.15 18.09
C UNK C 1138 70.50 105.82 18.78
N UNK C 1139 69.46 104.98 18.60
CA UNK C 1139 69.47 103.71 19.26
C UNK C 1139 69.03 102.64 18.29
N UNK C 1140 69.44 101.39 18.55
CA UNK C 1140 69.05 100.27 17.71
C UNK C 1140 68.16 99.41 18.55
N UNK C 1141 67.10 98.87 17.91
CA UNK C 1141 66.01 98.15 18.51
C UNK C 1141 66.28 96.80 19.12
N UNK C 1142 67.05 95.90 18.45
CA UNK C 1142 67.14 94.47 18.71
C UNK C 1142 66.87 94.15 20.15
N UNK C 1143 65.60 93.78 20.40
CA UNK C 1143 65.09 93.67 21.75
C UNK C 1143 65.78 92.61 22.53
N UNK C 1144 65.80 91.37 22.04
CA UNK C 1144 66.51 90.44 22.86
C UNK C 1144 67.47 89.76 21.97
N UNK C 1145 68.48 90.51 21.51
CA UNK C 1145 69.46 89.86 20.72
C UNK C 1145 70.75 90.48 21.11
N UNK C 1146 71.62 89.70 21.75
CA UNK C 1146 72.88 90.24 22.14
C UNK C 1146 73.67 90.38 20.88
N UNK C 1147 74.57 91.40 20.84
CA UNK C 1147 75.38 91.55 19.67
C UNK C 1147 76.73 91.01 20.01
N UNK C 1148 77.22 90.06 19.19
CA UNK C 1148 78.49 89.46 19.41
C UNK C 1148 79.57 90.47 19.21
N UNK C 1149 79.50 91.24 18.12
CA UNK C 1149 80.55 92.20 17.89
C UNK C 1149 80.06 93.21 16.91
N UNK C 1150 80.70 94.39 16.89
CA UNK C 1150 80.30 95.39 15.94
C UNK C 1150 81.55 95.99 15.36
N UNK C 1151 81.52 96.25 14.05
CA UNK C 1151 82.65 96.83 13.41
C UNK C 1151 82.17 98.06 12.71
N UNK C 1152 83.08 99.05 12.56
CA UNK C 1152 82.71 100.26 11.89
C UNK C 1152 83.47 100.29 10.60
N UNK C 1153 82.85 100.84 9.54
CA UNK C 1153 83.47 100.88 8.25
C UNK C 1153 84.62 101.83 8.33
N UNK C 1154 85.55 101.75 7.37
CA UNK C 1154 86.69 102.61 7.39
C UNK C 1154 86.14 103.99 7.36
N UNK C 1155 85.17 104.23 6.45
CA UNK C 1155 84.48 105.47 6.53
C UNK C 1155 83.36 105.09 7.43
N UNK C 1156 83.14 105.81 8.53
CA UNK C 1156 82.15 105.26 9.40
C UNK C 1156 80.79 105.70 8.95
N UNK C 1157 80.44 105.34 7.71
CA UNK C 1157 79.12 105.52 7.19
C UNK C 1157 78.24 104.50 7.82
N UNK C 1158 78.76 103.26 7.94
CA UNK C 1158 77.92 102.19 8.40
C UNK C 1158 78.61 101.42 9.48
N UNK C 1159 77.79 100.83 10.37
CA UNK C 1159 78.30 100.00 11.41
C UNK C 1159 77.63 98.68 11.23
N UNK C 1160 78.41 97.58 11.26
CA UNK C 1160 77.80 96.30 11.09
C UNK C 1160 77.99 95.56 12.36
N UNK C 1161 76.96 94.82 12.78
CA UNK C 1161 77.07 94.07 14.00
C UNK C 1161 76.46 92.74 13.76
N UNK C 1162 76.91 91.73 14.52
CA UNK C 1162 76.34 90.42 14.33
C UNK C 1162 75.43 90.17 15.49
N UNK C 1163 74.14 89.91 15.21
CA UNK C 1163 73.22 89.58 16.25
C UNK C 1163 73.55 88.18 16.63
N UNK C 1164 73.46 87.85 17.92
CA UNK C 1164 73.88 86.56 18.35
C UNK C 1164 72.84 85.53 18.03
N UNK C 1165 73.33 84.33 17.66
CA UNK C 1165 72.56 83.14 17.50
C UNK C 1165 73.42 82.16 18.23
N UNK C 1166 72.86 81.41 19.18
CA UNK C 1166 73.74 80.61 19.98
C UNK C 1166 72.92 79.90 20.98
N UNK C 1167 73.39 79.92 22.24
CA UNK C 1167 72.71 79.24 23.30
C UNK C 1167 71.32 79.77 23.32
N UNK C 1168 71.16 81.10 23.16
CA UNK C 1168 69.82 81.60 23.12
C UNK C 1168 69.39 81.50 21.69
N UNK C 1169 68.38 80.66 21.42
CA UNK C 1169 67.93 80.51 20.07
C UNK C 1169 67.03 81.65 19.75
N UNK C 1170 67.08 82.13 18.50
CA UNK C 1170 66.19 83.17 18.09
C UNK C 1170 66.33 83.30 16.61
N UNK C 1171 65.31 83.86 15.93
CA UNK C 1171 65.53 84.06 14.53
C UNK C 1171 66.47 85.19 14.52
N UNK C 1172 67.74 84.90 14.16
CA UNK C 1172 68.75 85.89 14.29
C UNK C 1172 69.94 85.38 13.56
N UNK C 1173 71.13 85.69 14.11
CA UNK C 1173 72.32 85.31 13.43
C UNK C 1173 72.30 86.08 12.16
N UNK C 1174 71.76 87.30 12.24
CA UNK C 1174 71.73 88.13 11.07
C UNK C 1174 72.71 89.21 11.31
N UNK C 1175 73.49 89.56 10.27
CA UNK C 1175 74.40 90.66 10.44
C UNK C 1175 73.67 91.83 9.91
N UNK C 1176 73.52 92.88 10.74
CA UNK C 1176 72.77 94.00 10.26
C UNK C 1176 73.72 95.13 10.10
N UNK C 1177 73.66 95.80 8.94
CA UNK C 1177 74.49 96.95 8.76
C UNK C 1177 73.58 98.11 8.92
N UNK C 1178 73.99 99.09 9.73
CA UNK C 1178 73.12 100.20 9.94
C UNK C 1178 73.72 101.36 9.22
N UNK C 1179 72.88 102.14 8.53
CA UNK C 1179 73.39 103.29 7.86
C UNK C 1179 73.45 104.36 8.94
N UNK C 1180 66.46 107.53 15.35
CA UNK C 1180 65.70 106.52 16.12
C UNK C 1180 66.39 105.20 16.07
N UNK C 1181 65.65 104.18 15.59
CA UNK C 1181 66.02 102.80 15.52
C UNK C 1181 67.24 102.65 14.68
N UNK C 1182 67.53 103.63 13.80
CA UNK C 1182 68.62 103.45 12.89
C UNK C 1182 68.36 102.24 12.07
N UNK C 1183 67.73 102.47 10.90
CA UNK C 1183 67.34 101.44 9.99
C UNK C 1183 68.55 100.70 9.54
N UNK C 1184 68.35 99.41 9.22
CA UNK C 1184 69.46 98.61 8.80
C UNK C 1184 69.51 98.68 7.31
N UNK C 1185 70.66 99.15 6.78
CA UNK C 1185 70.85 99.25 5.37
C UNK C 1185 70.88 97.89 4.78
N UNK C 1186 71.60 96.94 5.42
CA UNK C 1186 71.70 95.64 4.82
C UNK C 1186 71.50 94.59 5.86
N UNK C 1187 71.06 93.40 5.41
CA UNK C 1187 70.88 92.32 6.34
C UNK C 1187 71.59 91.13 5.77
N UNK C 1188 72.23 90.34 6.64
CA UNK C 1188 72.91 89.16 6.19
C UNK C 1188 72.51 88.06 7.12
N UNK C 1189 72.48 86.81 6.62
CA UNK C 1189 72.09 85.76 7.50
C UNK C 1189 73.22 84.80 7.63
N UNK C 1190 73.61 84.51 8.89
CA UNK C 1190 74.61 83.54 9.22
C UNK C 1190 75.09 83.89 10.58
N UNK C 1191 75.41 82.87 11.40
CA UNK C 1191 75.89 83.19 12.71
C UNK C 1191 77.26 83.72 12.53
N UNK C 1192 77.67 84.72 13.34
CA UNK C 1192 78.99 85.22 13.12
C UNK C 1192 79.71 85.37 14.41
N UNK C 1193 80.90 84.74 14.51
CA UNK C 1193 81.74 84.92 15.65
C UNK C 1193 82.23 86.33 15.59
N UNK C 1194 82.60 86.78 14.38
CA UNK C 1194 83.11 88.11 14.22
C UNK C 1194 83.06 88.44 12.75
N UNK C 1195 83.20 89.74 12.43
CA UNK C 1195 83.18 90.17 11.07
C UNK C 1195 84.19 91.27 10.94
N UNK C 1196 84.66 91.52 9.70
CA UNK C 1196 85.64 92.56 9.48
C UNK C 1196 85.30 93.24 8.19
N UNK C 1197 85.73 94.51 8.05
CA UNK C 1197 85.43 95.22 6.85
C UNK C 1197 86.72 95.45 6.12
N UNK C 1198 86.64 95.42 4.78
CA UNK C 1198 87.79 95.68 3.96
C UNK C 1198 87.99 97.15 3.97
N UNK C 1199 89.18 97.62 3.56
CA UNK C 1199 89.45 99.03 3.53
C UNK C 1199 88.46 99.64 2.61
N UNK C 1200 88.19 98.94 1.49
CA UNK C 1200 87.26 99.40 0.50
C UNK C 1200 85.91 99.53 1.13
N UNK C 1201 85.61 98.62 2.08
CA UNK C 1201 84.33 98.57 2.73
C UNK C 1201 83.35 98.02 1.74
N UNK C 1202 83.87 97.53 0.61
CA UNK C 1202 83.07 96.88 -0.38
C UNK C 1202 82.57 95.59 0.17
N UNK C 1203 83.45 94.82 0.87
CA UNK C 1203 83.04 93.53 1.32
C UNK C 1203 83.32 93.39 2.78
N UNK C 1204 82.63 92.42 3.41
CA UNK C 1204 82.84 92.17 4.80
C UNK C 1204 83.13 90.70 4.93
N UNK C 1205 84.00 90.34 5.89
CA UNK C 1205 84.28 88.95 6.08
C UNK C 1205 83.46 88.51 7.24
N UNK C 1206 82.79 87.35 7.10
CA UNK C 1206 81.96 86.87 8.16
C UNK C 1206 82.60 85.64 8.72
N UNK C 1207 82.62 85.54 10.05
CA UNK C 1207 83.19 84.38 10.66
C UNK C 1207 82.04 83.59 11.19
N UNK C 1208 82.04 82.27 10.96
CA UNK C 1208 80.96 81.45 11.42
C UNK C 1208 81.55 80.14 11.84
N UNK C 1209 80.75 79.31 12.53
CA UNK C 1209 81.25 78.04 12.93
C UNK C 1209 81.56 77.31 11.67
N UNK C 1210 80.67 77.45 10.68
CA UNK C 1210 80.86 76.81 9.40
C UNK C 1210 81.89 77.60 8.68
N UNK C 1211 82.11 77.27 7.39
CA UNK C 1211 83.07 77.99 6.62
C UNK C 1211 82.70 79.43 6.69
N UNK C 1212 83.70 80.32 6.66
CA UNK C 1212 83.45 81.73 6.75
C UNK C 1212 82.88 82.16 5.46
N UNK C 1213 82.16 83.29 5.46
CA UNK C 1213 81.58 83.77 4.25
C UNK C 1213 82.11 85.14 3.99
N UNK C 1214 82.28 85.48 2.71
CA UNK C 1214 82.67 86.81 2.35
C UNK C 1214 81.51 87.33 1.59
N UNK C 1215 80.96 88.50 1.98
CA UNK C 1215 79.81 89.01 1.27
C UNK C 1215 80.15 90.38 0.82
N UNK C 1216 79.59 90.80 -0.33
CA UNK C 1216 79.89 92.12 -0.81
C UNK C 1216 78.70 92.99 -0.57
N UNK C 1217 78.96 94.22 -0.11
CA UNK C 1217 77.89 95.16 0.12
C UNK C 1217 78.08 96.23 -0.91
N UNK C 1218 76.97 96.73 -1.49
CA UNK C 1218 77.14 97.74 -2.49
C UNK C 1218 76.99 99.07 -1.81
N UNK C 1219 78.00 99.94 -2.01
CA UNK C 1219 77.93 101.24 -1.41
C UNK C 1219 76.77 101.93 -2.03
N UNK C 1220 76.61 101.77 -3.36
CA UNK C 1220 75.52 102.38 -4.05
C UNK C 1220 75.00 101.36 -5.00
N UNK C 1221 73.74 101.53 -5.43
CA UNK C 1221 73.17 100.61 -6.36
C UNK C 1221 74.03 100.66 -7.62
N MET D 7 34.33 47.77 8.95
CA MET D 7 33.85 46.87 10.01
C MET D 7 33.92 45.50 9.43
N ASP D 8 33.71 44.48 10.26
CA ASP D 8 33.75 43.15 9.76
C ASP D 8 32.52 43.05 8.93
N PHE D 9 32.37 41.99 8.13
CA PHE D 9 31.18 41.93 7.33
C PHE D 9 30.03 41.91 8.27
N GLU D 10 30.10 41.05 9.31
CA GLU D 10 29.01 40.97 10.24
C GLU D 10 28.86 42.28 10.94
N THR D 11 29.98 42.96 11.24
CA THR D 11 29.85 44.19 11.96
C THR D 11 29.04 45.13 11.14
N GLY D 12 29.42 45.28 9.86
CA GLY D 12 28.76 46.18 8.95
C GLY D 12 27.37 45.73 8.69
N GLU D 13 27.17 44.41 8.52
CA GLU D 13 25.87 43.92 8.20
C GLU D 13 24.95 44.27 9.30
N HIS D 14 25.40 44.06 10.55
CA HIS D 14 24.60 44.36 11.69
C HIS D 14 24.44 45.84 11.85
N GLN D 15 25.49 46.64 11.61
CA GLN D 15 25.36 48.06 11.78
C GLN D 15 24.35 48.54 10.79
N TYR D 16 24.49 47.99 9.58
CA TYR D 16 23.69 48.29 8.45
C TYR D 16 22.26 47.94 8.77
N GLN D 17 22.03 46.80 9.44
CA GLN D 17 20.71 46.39 9.83
C GLN D 17 20.18 47.22 10.96
N TYR D 18 21.06 47.45 11.94
CA TYR D 18 20.90 48.01 13.24
C TYR D 18 20.60 49.47 13.16
N LYS D 19 20.71 50.07 11.96
CA LYS D 19 20.60 51.47 11.70
C LYS D 19 19.35 52.13 12.24
N ASP D 20 18.14 51.67 11.85
CA ASP D 20 16.92 52.36 12.20
C ASP D 20 16.85 52.45 13.68
N ILE D 21 17.22 51.35 14.35
CA ILE D 21 17.19 51.40 15.78
C ILE D 21 18.17 52.44 16.27
N LEU D 22 19.38 52.55 15.70
CA LEU D 22 20.22 53.56 16.26
C LEU D 22 19.65 54.92 16.04
N SER D 23 19.21 55.22 14.81
CA SER D 23 18.79 56.56 14.52
C SER D 23 17.66 56.94 15.42
N VAL D 24 16.62 56.11 15.48
CA VAL D 24 15.47 56.41 16.27
C VAL D 24 15.81 56.39 17.72
N PHE D 25 16.65 55.44 18.16
CA PHE D 25 16.79 55.29 19.58
C PHE D 25 17.34 56.54 20.18
N GLU D 26 18.52 56.97 19.72
CA GLU D 26 19.12 58.13 20.28
C GLU D 26 18.30 59.28 19.90
N ASP D 27 17.69 59.32 18.69
CA ASP D 27 16.96 60.44 18.11
C ASP D 27 16.50 61.42 19.13
N ALA D 28 16.86 62.70 18.92
CA ALA D 28 16.60 63.81 19.80
C ALA D 28 17.59 63.79 20.91
N PHE D 29 18.02 62.60 21.33
CA PHE D 29 19.17 62.30 22.13
C PHE D 29 20.39 62.14 21.26
N VAL D 30 20.25 61.55 20.05
CA VAL D 30 21.39 61.33 19.20
C VAL D 30 21.98 62.65 18.86
N ASP D 31 21.11 63.62 18.58
CA ASP D 31 21.60 64.92 18.18
C ASP D 31 22.38 65.48 19.32
N ASN D 32 21.83 65.38 20.54
CA ASN D 32 22.48 65.96 21.68
C ASN D 32 23.78 65.28 21.90
N PHE D 33 23.82 63.94 21.78
CA PHE D 33 25.05 63.30 22.12
C PHE D 33 26.09 63.68 21.13
N ASP D 34 25.75 63.83 19.82
CA ASP D 34 26.75 64.20 18.84
C ASP D 34 27.38 65.50 19.20
N CYS D 35 26.57 66.48 19.60
CA CYS D 35 27.14 67.77 19.87
C CYS D 35 28.16 67.62 20.96
N LYS D 36 27.83 66.83 22.01
CA LYS D 36 28.71 66.58 23.11
C LYS D 36 29.86 65.83 22.53
N ASP D 37 29.53 65.03 21.49
CA ASP D 37 30.29 64.00 20.86
C ASP D 37 31.56 64.41 20.23
N VAL D 38 31.72 65.71 19.93
CA VAL D 38 32.84 66.14 19.15
C VAL D 38 34.13 65.67 19.71
N GLN D 39 34.32 65.40 20.99
CA GLN D 39 35.66 64.90 21.16
C GLN D 39 35.75 63.49 20.61
N ASP D 40 34.74 62.68 20.91
CA ASP D 40 34.72 61.29 20.45
C ASP D 40 34.96 61.20 18.95
N MET D 41 34.02 61.75 18.17
CA MET D 41 34.13 61.74 16.72
C MET D 41 35.51 62.19 16.26
N PRO D 42 36.17 62.98 17.09
CA PRO D 42 37.51 63.49 16.78
C PRO D 42 38.60 62.47 17.10
N LYS D 43 38.21 61.21 17.25
CA LYS D 43 39.16 60.15 17.56
C LYS D 43 38.92 58.92 16.67
N SER D 44 39.87 58.00 16.67
CA SER D 44 39.78 56.79 15.87
C SER D 44 38.32 56.45 15.56
N ILE D 45 37.50 57.49 15.46
CA ILE D 45 36.07 57.30 15.17
C ILE D 45 35.61 58.27 14.09
N LEU D 46 35.89 59.56 14.28
CA LEU D 46 35.49 60.58 13.31
C LEU D 46 36.32 61.84 13.49
N SER D 47 37.22 62.09 12.54
CA SER D 47 38.08 63.27 12.59
C SER D 47 37.33 64.48 13.15
N LYS D 48 38.09 65.47 13.61
CA LYS D 48 37.51 66.64 14.17
C LYS D 48 36.56 67.19 13.16
N GLU D 49 36.99 67.19 11.89
CA GLU D 49 36.18 67.75 10.86
C GLU D 49 34.95 66.92 10.74
N GLU D 50 35.10 65.60 10.87
CA GLU D 50 33.98 64.74 10.64
C GLU D 50 32.90 64.96 11.65
N ILE D 51 33.20 65.28 12.93
CA ILE D 51 32.04 65.40 13.78
C ILE D 51 31.27 66.59 13.34
N ASP D 52 31.98 67.68 13.01
CA ASP D 52 31.32 68.87 12.57
C ASP D 52 30.57 68.52 11.33
N HIS D 53 31.13 67.58 10.55
CA HIS D 53 30.49 67.20 9.32
C HIS D 53 29.13 66.65 9.63
N ILE D 54 29.02 65.68 10.56
CA ILE D 54 27.74 65.08 10.84
C ILE D 54 26.84 66.11 11.44
N ILE D 55 27.41 66.92 12.32
CA ILE D 55 26.67 67.90 13.07
C ILE D 55 25.99 68.83 12.12
N MET D 56 26.69 69.21 11.04
CA MET D 56 26.19 70.20 10.13
C MET D 56 24.92 69.74 9.48
N SER D 57 24.83 68.46 9.05
CA SER D 57 23.61 68.01 8.43
C SER D 57 22.53 68.18 9.45
N LYS D 58 21.66 69.16 9.15
CA LYS D 58 20.65 69.64 10.05
C LYS D 58 19.69 68.57 10.40
N ASP D 59 19.17 67.89 9.37
CA ASP D 59 18.06 67.02 9.54
C ASP D 59 18.49 65.90 10.40
N ALA D 60 17.59 65.45 11.29
CA ALA D 60 17.92 64.42 12.20
C ALA D 60 18.28 63.21 11.42
N VAL D 61 17.51 62.94 10.34
CA VAL D 61 17.74 61.79 9.53
C VAL D 61 19.11 61.92 8.92
N SER D 62 19.42 63.12 8.41
CA SER D 62 20.66 63.39 7.75
C SER D 62 21.79 63.23 8.71
N GLY D 63 21.59 63.72 9.95
CA GLY D 63 22.66 63.68 10.91
C GLY D 63 23.01 62.26 11.18
N THR D 64 22.00 61.40 11.33
CA THR D 64 22.29 60.03 11.64
C THR D 64 22.97 59.38 10.46
N LEU D 65 22.49 59.68 9.25
CA LEU D 65 23.03 59.07 8.06
C LEU D 65 24.44 59.52 7.89
N ARG D 66 24.72 60.81 8.15
CA ARG D 66 26.04 61.30 7.92
C ARG D 66 27.02 60.56 8.78
N LEU D 67 26.73 60.37 10.07
CA LEU D 67 27.66 59.72 10.94
C LEU D 67 27.85 58.30 10.52
N PHE D 68 26.77 57.61 10.11
CA PHE D 68 26.92 56.23 9.74
C PHE D 68 27.82 56.16 8.55
N TRP D 69 27.67 57.14 7.64
CA TRP D 69 28.45 57.15 6.43
C TRP D 69 29.91 57.21 6.77
N THR D 70 30.31 58.12 7.67
CA THR D 70 31.69 58.26 7.99
C THR D 70 32.19 56.98 8.60
N LEU D 71 31.34 56.35 9.43
CA LEU D 71 31.66 55.15 10.15
C LEU D 71 31.96 54.04 9.18
N LEU D 72 31.23 53.96 8.06
CA LEU D 72 31.40 52.87 7.14
C LEU D 72 32.80 52.89 6.59
N SER D 73 33.34 54.08 6.30
CA SER D 73 34.61 54.22 5.66
C SER D 73 35.68 53.65 6.52
N LYS D 74 35.40 53.42 7.81
CA LYS D 74 36.46 52.90 8.59
C LYS D 74 36.42 51.43 8.64
N GLN D 75 37.41 50.92 9.36
CA GLN D 75 37.67 49.54 9.48
C GLN D 75 36.89 48.99 10.61
N GLU D 76 37.10 47.69 10.85
CA GLU D 76 36.48 46.99 11.94
C GLU D 76 36.86 47.70 13.18
N GLU D 77 38.07 48.26 13.21
CA GLU D 77 38.55 48.88 14.41
C GLU D 77 37.59 49.96 14.81
N MET D 78 37.07 50.71 13.82
CA MET D 78 36.20 51.81 14.11
C MET D 78 34.97 51.33 14.81
N VAL D 79 34.38 50.20 14.38
CA VAL D 79 33.17 49.79 15.03
C VAL D 79 33.50 49.51 16.46
N GLN D 80 34.68 48.92 16.72
CA GLN D 80 35.08 48.59 18.05
C GLN D 80 35.25 49.85 18.85
N LYS D 81 35.85 50.90 18.25
CA LYS D 81 36.05 52.10 19.00
C LYS D 81 34.72 52.70 19.33
N PHE D 82 33.81 52.74 18.32
CA PHE D 82 32.51 53.30 18.46
C PHE D 82 31.76 52.52 19.49
N VAL D 83 31.89 51.18 19.47
CA VAL D 83 31.14 50.44 20.44
C VAL D 83 31.62 50.84 21.80
N GLU D 84 32.93 51.10 21.93
CA GLU D 84 33.48 51.45 23.21
C GLU D 84 32.89 52.75 23.66
N GLU D 85 32.76 53.73 22.75
CA GLU D 85 32.24 55.00 23.15
C GLU D 85 30.84 54.83 23.62
N VAL D 86 30.07 53.92 22.99
CA VAL D 86 28.70 53.75 23.37
C VAL D 86 28.63 53.25 24.77
N LEU D 87 29.52 52.31 25.15
CA LEU D 87 29.51 51.74 26.47
C LEU D 87 29.91 52.82 27.44
N ARG D 88 30.90 53.65 27.08
CA ARG D 88 31.34 54.70 27.97
C ARG D 88 30.17 55.60 28.19
N ILE D 89 29.43 55.87 27.11
CA ILE D 89 28.24 56.67 27.14
C ILE D 89 27.27 55.96 28.01
N ASN D 90 27.39 54.61 28.06
CA ASN D 90 26.50 53.73 28.74
C ASN D 90 25.18 54.08 28.24
N TYR D 91 25.14 53.99 26.91
CA TYR D 91 23.95 54.16 26.20
C TYR D 91 23.49 52.75 26.25
N LYS D 92 22.97 52.39 27.44
CA LYS D 92 22.85 51.03 27.84
C LYS D 92 22.07 50.19 26.90
N PHE D 93 20.83 50.58 26.56
CA PHE D 93 20.07 49.66 25.77
C PHE D 93 20.72 49.51 24.45
N LEU D 94 21.12 50.61 23.82
CA LEU D 94 21.65 50.51 22.50
C LEU D 94 22.92 49.75 22.52
N MET D 95 23.76 49.95 23.55
CA MET D 95 25.01 49.27 23.52
C MET D 95 24.79 47.80 23.63
N SER D 96 23.77 47.35 24.39
CA SER D 96 23.57 45.92 24.54
C SER D 96 23.31 45.30 23.19
N PRO D 97 22.34 45.74 22.42
CA PRO D 97 22.26 45.14 21.12
C PRO D 97 23.45 45.30 20.23
N ILE D 98 24.24 46.37 20.35
CA ILE D 98 25.36 46.41 19.46
C ILE D 98 26.30 45.28 19.81
N LYS D 99 26.52 45.00 21.12
CA LYS D 99 27.45 43.95 21.43
C LYS D 99 26.95 42.62 20.98
N THR D 100 25.64 42.39 21.01
CA THR D 100 25.16 41.11 20.57
C THR D 100 25.49 40.98 19.11
N GLU D 101 25.38 42.10 18.40
CA GLU D 101 25.61 42.25 17.00
C GLU D 101 26.99 41.80 16.67
N GLN D 102 28.02 42.21 17.44
CA GLN D 102 29.34 41.80 17.05
C GLN D 102 29.45 40.31 17.09
N ARG D 103 29.82 39.74 15.92
CA ARG D 103 29.98 38.34 15.62
C ARG D 103 28.76 37.52 15.91
N GLN D 104 27.62 37.81 15.22
CA GLN D 104 26.42 37.03 15.41
C GLN D 104 25.73 36.86 14.08
N PRO D 105 25.28 35.66 13.78
CA PRO D 105 24.53 35.44 12.55
C PRO D 105 23.04 35.63 12.73
N SER D 106 22.28 35.81 11.62
CA SER D 106 20.84 35.93 11.68
C SER D 106 20.33 35.85 10.27
N MET D 107 19.05 35.45 10.10
CA MET D 107 18.49 35.38 8.78
C MET D 107 18.43 36.76 8.19
N MET D 108 17.95 37.74 8.98
CA MET D 108 17.81 39.09 8.51
C MET D 108 19.15 39.68 8.23
N THR D 109 20.13 39.40 9.09
CA THR D 109 21.44 39.96 8.91
C THR D 109 22.02 39.46 7.64
N ARG D 110 21.87 38.15 7.41
CA ARG D 110 22.45 37.51 6.27
C ARG D 110 21.87 38.07 5.02
N MET D 111 20.55 38.33 5.00
CA MET D 111 19.98 38.83 3.79
C MET D 111 20.51 40.20 3.50
N TYR D 112 20.72 41.03 4.53
CA TYR D 112 21.16 42.37 4.28
C TYR D 112 22.55 42.36 3.71
N ILE D 113 23.44 41.51 4.25
CA ILE D 113 24.80 41.47 3.76
C ILE D 113 24.80 41.06 2.33
N GLU D 114 23.95 40.08 1.99
CA GLU D 114 23.89 39.56 0.66
C GLU D 114 23.52 40.65 -0.29
N GLN D 115 22.52 41.47 0.09
CA GLN D 115 22.03 42.50 -0.78
C GLN D 115 23.12 43.50 -1.02
N ARG D 116 23.88 43.85 0.03
CA ARG D 116 24.93 44.81 -0.06
C ARG D 116 25.97 44.34 -1.04
N ASP D 117 26.36 43.05 -0.96
CA ASP D 117 27.39 42.54 -1.82
C ASP D 117 26.92 42.61 -3.24
N ARG D 118 25.64 42.28 -3.47
CA ARG D 118 25.15 42.24 -4.82
C ARG D 118 25.24 43.60 -5.42
N LEU D 119 24.88 44.66 -4.66
CA LEU D 119 24.93 45.95 -5.28
C LEU D 119 26.34 46.34 -5.60
N TYR D 120 27.32 45.95 -4.77
CA TYR D 120 28.67 46.31 -5.07
C TYR D 120 29.05 45.70 -6.38
N ASN D 121 28.70 44.43 -6.58
CA ASN D 121 29.07 43.69 -7.77
C ASN D 121 28.44 44.37 -8.95
N ASP D 122 27.22 44.88 -8.76
CA ASP D 122 26.48 45.52 -9.81
C ASP D 122 27.23 46.71 -10.29
N ASN D 123 27.88 47.49 -9.40
CA ASN D 123 28.46 48.64 -10.02
C ASN D 123 29.52 49.32 -9.20
N GLN D 124 29.41 49.28 -7.85
CA GLN D 124 30.27 50.11 -7.03
C GLN D 124 31.70 49.66 -7.03
N VAL D 125 32.44 49.99 -8.11
CA VAL D 125 33.87 49.82 -8.19
C VAL D 125 34.51 50.96 -7.50
N PHE D 126 34.09 52.14 -7.96
CA PHE D 126 34.44 53.39 -7.42
C PHE D 126 33.45 54.32 -7.66
N ALA D 127 33.90 55.31 -7.00
CA ALA D 127 33.31 56.46 -6.75
C ALA D 127 33.97 56.68 -5.48
N LYS D 128 35.16 57.26 -5.56
CA LYS D 128 35.92 57.38 -4.37
C LYS D 128 35.23 58.29 -3.46
N TYR D 129 34.79 59.48 -3.94
CA TYR D 129 34.20 60.28 -2.93
C TYR D 129 32.93 60.89 -3.38
N ASN D 130 32.02 61.07 -2.42
CA ASN D 130 30.67 61.36 -2.78
C ASN D 130 30.02 62.33 -1.87
N VAL D 131 29.08 63.09 -2.47
CA VAL D 131 28.30 64.19 -2.03
C VAL D 131 27.07 63.52 -1.56
N SER D 132 26.59 63.94 -0.40
CA SER D 132 25.49 63.22 0.13
C SER D 132 24.29 64.04 -0.13
N ARG D 133 23.39 63.51 -0.96
CA ARG D 133 22.20 64.22 -1.24
C ARG D 133 21.27 63.54 -0.38
N LEU D 134 21.20 64.04 0.83
CA LEU D 134 20.31 63.32 1.62
C LEU D 134 18.95 63.60 1.08
N GLN D 135 18.76 64.83 0.57
CA GLN D 135 17.43 65.16 0.15
C GLN D 135 16.93 64.25 -0.94
N PRO D 136 17.62 64.01 -2.03
CA PRO D 136 17.03 63.12 -3.00
C PRO D 136 17.00 61.70 -2.56
N TYR D 137 17.97 61.31 -1.72
CA TYR D 137 18.13 59.98 -1.20
C TYR D 137 16.94 59.61 -0.36
N LEU D 138 16.58 60.50 0.58
CA LEU D 138 15.46 60.23 1.44
C LEU D 138 14.20 60.19 0.65
N LYS D 139 14.07 61.08 -0.35
CA LYS D 139 12.83 61.14 -1.08
C LYS D 139 12.56 59.84 -1.75
N LEU D 140 13.59 59.25 -2.39
CA LEU D 140 13.36 58.05 -3.13
C LEU D 140 12.96 56.96 -2.19
N ARG D 141 13.64 56.85 -1.03
CA ARG D 141 13.36 55.70 -0.21
C ARG D 141 11.95 55.80 0.29
N GLN D 142 11.52 57.01 0.68
CA GLN D 142 10.25 57.15 1.32
C GLN D 142 9.19 56.74 0.36
N ALA D 143 9.29 57.22 -0.89
CA ALA D 143 8.29 56.92 -1.86
C ALA D 143 8.28 55.46 -2.14
N LEU D 144 9.48 54.86 -2.29
CA LEU D 144 9.55 53.49 -2.68
C LEU D 144 8.97 52.64 -1.60
N LEU D 145 9.23 53.00 -0.34
CA LEU D 145 8.73 52.25 0.77
C LEU D 145 7.25 52.31 0.72
N GLU D 146 6.72 53.54 0.53
CA GLU D 146 5.30 53.77 0.59
C GLU D 146 4.57 53.07 -0.51
N LEU D 147 5.02 53.20 -1.78
CA LEU D 147 4.17 52.57 -2.74
C LEU D 147 4.81 51.28 -3.09
N ARG D 148 4.45 50.26 -2.32
CA ARG D 148 4.92 48.92 -2.51
C ARG D 148 4.31 48.33 -3.75
N PRO D 149 3.03 48.52 -3.98
CA PRO D 149 2.41 47.91 -5.11
C PRO D 149 2.99 48.43 -6.38
N ALA D 150 2.71 47.75 -7.51
CA ALA D 150 3.31 48.11 -8.77
C ALA D 150 3.14 49.56 -8.99
N LYS D 151 4.23 50.23 -9.39
CA LYS D 151 4.19 51.62 -9.70
C LYS D 151 5.42 51.92 -10.47
N ASN D 152 5.61 53.20 -10.86
CA ASN D 152 6.83 53.49 -11.55
C ASN D 152 7.48 54.62 -10.86
N VAL D 153 8.66 54.35 -10.25
CA VAL D 153 9.39 55.40 -9.61
C VAL D 153 10.38 55.80 -10.64
N LEU D 154 10.29 57.05 -11.13
CA LEU D 154 11.29 57.42 -12.06
C LEU D 154 12.37 57.99 -11.24
N ILE D 155 13.51 57.98 -11.89
CA ILE D 155 14.67 58.66 -11.54
C ILE D 155 15.05 59.01 -12.93
N ASP D 156 15.29 60.28 -13.20
CA ASP D 156 15.64 60.60 -14.55
C ASP D 156 16.40 61.88 -14.77
N GLY D 157 17.71 61.88 -15.15
CA GLY D 157 18.43 63.12 -15.19
C GLY D 157 19.38 63.08 -16.35
N VAL D 158 20.31 64.06 -16.40
CA VAL D 158 21.29 64.16 -17.46
C VAL D 158 22.14 62.93 -17.39
N LEU D 159 22.75 62.54 -18.54
CA LEU D 159 23.57 61.37 -18.47
C LEU D 159 24.67 61.61 -17.49
N GLY D 160 24.86 60.64 -16.57
CA GLY D 160 25.93 60.70 -15.60
C GLY D 160 25.55 61.58 -14.44
N SER D 161 24.25 61.88 -14.27
CA SER D 161 23.80 62.71 -13.19
C SER D 161 23.96 61.96 -11.91
N GLY D 162 24.13 60.62 -11.98
CA GLY D 162 24.27 59.87 -10.77
C GLY D 162 22.98 59.20 -10.40
N LYS D 163 22.19 58.95 -11.44
CA LYS D 163 20.91 58.34 -11.29
C LYS D 163 21.03 56.98 -10.67
N THR D 164 21.82 56.09 -11.32
CA THR D 164 22.06 54.66 -11.09
C THR D 164 22.80 54.44 -9.82
N TRP D 165 23.79 55.31 -9.58
CA TRP D 165 24.52 55.18 -8.37
C TRP D 165 23.49 55.36 -7.27
N VAL D 166 22.62 56.43 -7.30
CA VAL D 166 21.67 56.76 -6.28
C VAL D 166 20.75 55.59 -6.05
N ALA D 167 20.31 54.93 -7.12
CA ALA D 167 19.39 53.84 -6.98
C ALA D 167 20.03 52.73 -6.20
N LEU D 168 21.31 52.44 -6.49
CA LEU D 168 21.96 51.35 -5.82
C LEU D 168 21.99 51.64 -4.36
N ASP D 169 22.37 52.88 -4.00
CA ASP D 169 22.54 53.27 -2.63
C ASP D 169 21.24 53.13 -1.90
N VAL D 170 20.12 53.49 -2.55
CA VAL D 170 18.88 53.40 -1.84
C VAL D 170 18.62 51.96 -1.52
N CYS D 171 18.92 51.05 -2.45
CA CYS D 171 18.69 49.66 -2.20
C CYS D 171 19.62 49.18 -1.10
N LEU D 172 20.90 49.63 -1.10
CA LEU D 172 21.89 49.11 -0.19
C LEU D 172 21.74 49.46 1.27
N SER D 173 21.45 50.73 1.67
CA SER D 173 21.46 51.05 3.09
C SER D 173 20.16 50.61 3.74
N TYR D 174 19.21 50.29 2.87
CA TYR D 174 17.83 49.96 2.92
C TYR D 174 17.35 48.63 3.39
N LYS D 175 18.00 48.00 4.38
CA LYS D 175 17.64 46.67 4.81
C LYS D 175 16.13 46.57 4.94
N VAL D 176 15.44 47.63 5.41
CA VAL D 176 14.00 47.57 5.55
C VAL D 176 13.36 47.36 4.20
N GLN D 177 13.80 48.13 3.18
CA GLN D 177 13.19 48.07 1.88
C GLN D 177 13.39 46.71 1.31
N CYS D 178 14.59 46.14 1.50
CA CYS D 178 14.91 44.86 0.93
C CYS D 178 14.04 43.82 1.56
N LYS D 179 13.74 43.94 2.86
CA LYS D 179 12.92 42.94 3.49
C LYS D 179 11.55 42.98 2.91
N MET D 180 10.97 44.18 2.77
CA MET D 180 9.60 44.25 2.33
C MET D 180 9.49 43.74 0.95
N ASP D 181 10.39 44.15 0.04
CA ASP D 181 10.27 43.61 -1.28
C ASP D 181 10.75 42.21 -1.17
N PHE D 182 10.05 41.24 -1.79
CA PHE D 182 10.52 39.91 -1.58
C PHE D 182 11.87 39.75 -2.18
N LYS D 183 12.02 40.16 -3.45
CA LYS D 183 13.30 40.01 -4.09
C LYS D 183 13.42 41.14 -5.06
N ILE D 184 14.65 41.44 -5.51
CA ILE D 184 14.76 42.53 -6.43
C ILE D 184 15.58 42.09 -7.61
N PHE D 185 15.14 42.51 -8.82
CA PHE D 185 15.85 42.16 -10.02
C PHE D 185 16.31 43.45 -10.63
N TRP D 186 17.62 43.53 -10.96
CA TRP D 186 18.13 44.75 -11.53
C TRP D 186 18.72 44.40 -12.87
N LEU D 187 18.27 45.12 -13.92
CA LEU D 187 18.85 44.89 -15.21
C LEU D 187 19.04 46.22 -15.86
N ASN D 188 20.12 46.35 -16.67
CA ASN D 188 20.32 47.59 -17.37
C ASN D 188 19.89 47.33 -18.76
N LEU D 189 18.82 48.01 -19.20
CA LEU D 189 18.26 47.75 -20.48
C LEU D 189 19.18 48.21 -21.56
N LYS D 190 19.33 47.33 -22.57
CA LYS D 190 20.04 47.55 -23.79
C LYS D 190 19.02 48.22 -24.65
N ASN D 191 19.46 48.98 -25.69
CA ASN D 191 18.58 49.76 -26.53
C ASN D 191 17.40 48.92 -26.92
N CYS D 192 16.22 49.30 -26.37
CA CYS D 192 14.93 48.70 -26.59
C CYS D 192 14.38 49.09 -27.92
N ASN D 193 14.73 50.30 -28.40
CA ASN D 193 14.17 50.72 -29.64
C ASN D 193 14.57 49.76 -30.73
N SER D 194 15.75 49.13 -30.63
CA SER D 194 16.07 48.11 -31.58
C SER D 194 15.21 46.92 -31.21
N PRO D 195 14.53 46.37 -32.19
CA PRO D 195 13.57 45.31 -32.06
C PRO D 195 13.91 44.01 -31.36
N GLU D 196 14.92 43.27 -31.85
CA GLU D 196 15.21 41.95 -31.34
C GLU D 196 15.54 42.11 -29.90
N THR D 197 15.97 43.32 -29.54
CA THR D 197 16.45 43.61 -28.22
C THR D 197 15.43 43.24 -27.20
N VAL D 198 14.14 43.56 -27.41
CA VAL D 198 13.18 43.29 -26.37
C VAL D 198 13.15 41.83 -26.04
N LEU D 199 13.10 40.95 -27.06
CA LEU D 199 13.04 39.55 -26.75
C LEU D 199 14.29 39.13 -26.06
N GLU D 200 15.42 39.69 -26.49
CA GLU D 200 16.70 39.32 -25.95
C GLU D 200 16.68 39.62 -24.48
N MET D 201 16.19 40.82 -24.10
CA MET D 201 16.24 41.22 -22.73
C MET D 201 15.37 40.32 -21.91
N LEU D 202 14.18 39.99 -22.43
CA LEU D 202 13.23 39.25 -21.67
C LEU D 202 13.73 37.85 -21.50
N GLN D 203 14.49 37.34 -22.48
CA GLN D 203 14.96 35.98 -22.38
C GLN D 203 15.83 35.89 -21.17
N LYS D 204 16.68 36.91 -20.94
CA LYS D 204 17.57 36.91 -19.82
C LYS D 204 16.74 36.91 -18.58
N LEU D 205 15.62 37.63 -18.59
CA LEU D 205 14.76 37.71 -17.46
C LEU D 205 14.30 36.33 -17.16
N LEU D 206 13.96 35.60 -18.22
CA LEU D 206 13.40 34.30 -18.10
C LEU D 206 14.45 33.45 -17.45
N TYR D 207 15.72 33.63 -17.86
CA TYR D 207 16.77 32.79 -17.34
C TYR D 207 16.91 33.02 -15.86
N GLN D 208 16.97 34.29 -15.43
CA GLN D 208 17.19 34.61 -14.06
C GLN D 208 16.05 34.16 -13.23
N ILE D 209 14.81 34.26 -13.76
CA ILE D 209 13.67 33.92 -12.96
C ILE D 209 13.83 32.47 -12.60
N ASP D 210 14.22 31.65 -13.59
CA ASP D 210 14.52 30.25 -13.43
C ASP D 210 15.07 29.78 -14.74
N PRO D 211 16.06 28.95 -14.66
CA PRO D 211 16.58 28.27 -15.82
C PRO D 211 15.74 27.04 -16.05
N ASN D 212 14.66 26.91 -15.27
CA ASN D 212 13.83 25.75 -15.09
C ASN D 212 13.43 25.02 -16.33
N TRP D 213 12.09 24.86 -16.44
CA TRP D 213 11.25 24.33 -17.48
C TRP D 213 11.13 25.43 -18.45
N THR D 214 11.61 26.56 -17.95
CA THR D 214 11.65 27.86 -18.47
C THR D 214 11.95 27.69 -19.93
N SER D 215 13.04 26.96 -20.24
CA SER D 215 13.52 26.75 -21.57
C SER D 215 12.65 25.88 -22.46
N ARG D 216 11.82 24.97 -21.91
CA ARG D 216 11.14 23.96 -22.70
C ARG D 216 10.16 24.48 -23.74
N SER D 217 9.30 25.47 -23.42
CA SER D 217 8.20 25.85 -24.28
C SER D 217 8.65 26.46 -25.56
N ASP D 218 7.73 26.43 -26.55
CA ASP D 218 7.97 26.78 -27.91
C ASP D 218 8.47 28.17 -28.05
N HIS D 219 9.69 28.28 -28.61
CA HIS D 219 10.21 29.57 -28.94
C HIS D 219 9.88 29.70 -30.38
N SER D 220 8.91 30.58 -30.68
CA SER D 220 8.43 30.72 -32.02
C SER D 220 9.48 31.28 -32.89
N SER D 221 9.55 30.72 -34.10
CA SER D 221 10.52 31.14 -35.06
C SER D 221 10.21 32.55 -35.38
N ASN D 222 8.92 32.88 -35.54
CA ASN D 222 8.60 34.24 -35.83
C ASN D 222 8.52 34.93 -34.51
N ILE D 223 8.86 36.22 -34.52
CA ILE D 223 8.85 37.02 -33.32
C ILE D 223 7.45 37.16 -32.85
N LYS D 224 6.49 37.21 -33.80
CA LYS D 224 5.12 37.54 -33.52
C LYS D 224 4.62 36.73 -32.37
N LEU D 225 4.90 35.41 -32.35
CA LEU D 225 4.48 34.57 -31.26
C LEU D 225 5.34 34.67 -30.01
N ARG D 226 6.68 34.67 -30.17
CA ARG D 226 7.61 34.53 -29.07
C ARG D 226 7.48 35.62 -28.04
N ILE D 227 7.39 36.90 -28.46
CA ILE D 227 7.40 37.95 -27.49
C ILE D 227 6.18 37.78 -26.62
N HIS D 228 5.03 37.48 -27.24
CA HIS D 228 3.81 37.34 -26.51
C HIS D 228 3.96 36.19 -25.58
N SER D 229 4.55 35.09 -26.06
CA SER D 229 4.68 33.91 -25.27
C SER D 229 5.54 34.20 -24.09
N ILE D 230 6.62 34.99 -24.29
CA ILE D 230 7.48 35.24 -23.18
C ILE D 230 6.76 36.00 -22.13
N GLN D 231 5.95 37.00 -22.51
CA GLN D 231 5.31 37.78 -21.50
C GLN D 231 4.45 36.87 -20.70
N ALA D 232 3.80 35.90 -21.35
CA ALA D 232 2.94 34.99 -20.63
C ALA D 232 3.78 34.21 -19.65
N GLU D 233 4.96 33.74 -20.09
CA GLU D 233 5.77 32.93 -19.21
C GLU D 233 6.25 33.76 -18.08
N LEU D 234 6.63 35.02 -18.35
CA LEU D 234 7.18 35.87 -17.34
C LEU D 234 6.13 36.04 -16.28
N ARG D 235 4.88 36.29 -16.70
CA ARG D 235 3.82 36.50 -15.75
C ARG D 235 3.64 35.25 -14.94
N ARG D 236 3.67 34.09 -15.61
CA ARG D 236 3.46 32.83 -14.97
C ARG D 236 4.51 32.62 -13.93
N LEU D 237 5.79 32.87 -14.28
CA LEU D 237 6.81 32.61 -13.32
C LEU D 237 6.68 33.53 -12.16
N LEU D 238 6.26 34.78 -12.38
CA LEU D 238 6.17 35.63 -11.22
C LEU D 238 5.19 35.08 -10.23
N LYS D 239 4.04 34.59 -10.70
CA LYS D 239 3.06 34.07 -9.80
C LYS D 239 3.60 32.85 -9.13
N SER D 240 4.34 32.02 -9.91
CA SER D 240 4.76 30.72 -9.47
C SER D 240 5.55 30.79 -8.20
N LYS D 241 6.43 31.79 -8.05
CA LYS D 241 7.21 31.80 -6.85
C LYS D 241 6.75 32.95 -5.98
N PRO D 242 7.42 33.19 -4.89
CA PRO D 242 7.06 34.23 -3.96
C PRO D 242 7.28 35.64 -4.41
N TYR D 243 7.52 35.84 -5.72
CA TYR D 243 7.89 37.07 -6.39
C TYR D 243 6.93 38.22 -6.22
N GLU D 244 5.65 37.98 -5.86
CA GLU D 244 4.57 38.94 -5.99
C GLU D 244 4.93 40.37 -5.71
N ASN D 245 5.48 40.83 -4.58
CA ASN D 245 5.90 42.21 -4.60
C ASN D 245 7.37 42.14 -4.78
N CYS D 246 7.81 42.06 -6.05
CA CYS D 246 9.18 41.92 -6.41
C CYS D 246 9.61 43.24 -6.95
N LEU D 247 10.81 43.72 -6.54
CA LEU D 247 11.21 45.02 -7.00
C LEU D 247 12.08 44.81 -8.18
N LEU D 248 11.72 45.44 -9.32
CA LEU D 248 12.53 45.28 -10.47
C LEU D 248 13.04 46.63 -10.80
N VAL D 249 14.34 46.73 -11.14
CA VAL D 249 14.83 48.02 -11.46
C VAL D 249 15.31 47.98 -12.87
N LEU D 250 14.77 48.86 -13.73
CA LEU D 250 15.28 48.83 -15.07
C LEU D 250 16.19 50.00 -15.16
N LEU D 251 17.49 49.72 -15.39
CA LEU D 251 18.45 50.76 -15.46
C LEU D 251 18.60 51.20 -16.88
N ASN D 252 18.74 52.53 -17.06
CA ASN D 252 18.94 53.13 -18.36
C ASN D 252 17.93 52.63 -19.34
N VAL D 253 16.63 52.92 -19.11
CA VAL D 253 15.64 52.46 -20.05
C VAL D 253 15.45 53.51 -21.09
N GLN D 254 15.88 53.19 -22.33
CA GLN D 254 15.80 54.05 -23.47
C GLN D 254 14.41 54.11 -24.07
N ASN D 255 13.74 52.95 -24.20
CA ASN D 255 12.52 52.92 -24.98
C ASN D 255 11.31 52.74 -24.09
N ALA D 256 10.20 53.35 -24.54
CA ALA D 256 8.92 53.39 -23.88
C ALA D 256 8.37 52.00 -23.79
N LYS D 257 8.62 51.17 -24.80
CA LYS D 257 8.04 49.86 -24.85
C LYS D 257 8.41 49.11 -23.61
N ALA D 258 9.62 49.30 -23.08
CA ALA D 258 9.99 48.59 -21.90
C ALA D 258 9.02 48.97 -20.83
N TRP D 259 8.67 50.27 -20.80
CA TRP D 259 7.78 50.82 -19.82
C TRP D 259 6.43 50.20 -20.00
N ASN D 260 5.96 50.03 -21.25
CA ASN D 260 4.67 49.43 -21.43
C ASN D 260 4.71 47.99 -21.04
N ALA D 261 5.85 47.31 -21.28
CA ALA D 261 5.98 45.92 -20.94
C ALA D 261 5.80 45.83 -19.45
N PHE D 262 6.26 46.89 -18.75
CA PHE D 262 6.16 47.00 -17.33
C PHE D 262 4.73 46.87 -16.99
N ASN D 263 3.85 47.54 -17.77
CA ASN D 263 2.45 47.59 -17.45
C ASN D 263 2.00 46.17 -17.33
N LEU D 264 2.39 45.31 -18.29
CA LEU D 264 2.07 43.94 -18.08
C LEU D 264 3.25 43.40 -17.37
N SER D 265 3.33 43.64 -16.04
CA SER D 265 4.46 43.21 -15.26
C SER D 265 4.21 43.61 -13.85
N CYS D 266 5.29 43.95 -13.13
CA CYS D 266 5.18 44.29 -11.73
C CYS D 266 5.71 45.67 -11.50
N LYS D 267 6.09 45.98 -10.23
CA LYS D 267 6.57 47.26 -9.77
C LYS D 267 7.98 47.49 -10.22
N ILE D 268 8.31 48.76 -10.50
CA ILE D 268 9.62 49.09 -11.03
C ILE D 268 10.12 50.41 -10.52
N LEU D 269 11.47 50.52 -10.42
CA LEU D 269 12.18 51.74 -10.24
C LEU D 269 12.90 51.93 -11.54
N LEU D 270 12.78 53.12 -12.17
CA LEU D 270 13.42 53.22 -13.44
C LEU D 270 14.35 54.41 -13.42
N THR D 271 15.48 54.29 -14.12
CA THR D 271 16.40 55.40 -14.26
C THR D 271 16.40 55.73 -15.73
N THR D 272 16.15 57.02 -16.08
CA THR D 272 16.12 57.33 -17.49
C THR D 272 16.57 58.74 -17.73
N ARG D 273 17.21 58.98 -18.88
CA ARG D 273 17.75 60.24 -19.35
C ARG D 273 16.73 61.16 -19.93
N PHE D 274 15.47 60.74 -19.98
CA PHE D 274 14.48 61.62 -20.50
C PHE D 274 13.63 61.86 -19.29
N LYS D 275 12.79 62.90 -19.27
CA LYS D 275 11.67 63.02 -18.36
C LYS D 275 10.42 62.54 -19.06
N GLN D 276 10.28 62.85 -20.37
CA GLN D 276 8.98 62.59 -20.94
C GLN D 276 8.71 61.13 -21.03
N VAL D 277 9.74 60.28 -21.18
CA VAL D 277 9.53 58.85 -21.22
C VAL D 277 8.77 58.46 -19.99
N THR D 278 9.17 59.05 -18.87
CA THR D 278 8.63 58.85 -17.57
C THR D 278 7.18 59.21 -17.60
N ASP D 279 6.90 60.35 -18.24
CA ASP D 279 5.60 60.92 -18.27
C ASP D 279 4.69 59.98 -19.00
N PHE D 280 5.17 59.40 -20.13
CA PHE D 280 4.34 58.53 -20.92
C PHE D 280 3.98 57.32 -20.13
N LEU D 281 4.95 56.76 -19.41
CA LEU D 281 4.75 55.57 -18.64
C LEU D 281 3.71 55.81 -17.59
N SER D 282 3.75 56.98 -16.95
CA SER D 282 2.84 57.35 -15.90
C SER D 282 1.47 57.48 -16.48
N ALA D 283 1.39 57.95 -17.73
CA ALA D 283 0.08 58.09 -18.32
C ALA D 283 -0.51 56.74 -18.54
N ALA D 284 0.30 55.79 -19.08
CA ALA D 284 -0.24 54.51 -19.42
C ALA D 284 -0.73 53.84 -18.19
N THR D 285 0.12 53.82 -17.15
CA THR D 285 -0.27 53.26 -15.90
C THR D 285 -0.23 54.39 -14.97
N THR D 286 -1.35 54.62 -14.26
CA THR D 286 -1.44 55.72 -13.35
C THR D 286 -0.45 55.44 -12.26
N THR D 287 -0.51 56.20 -11.16
CA THR D 287 0.45 56.02 -10.11
C THR D 287 1.86 56.04 -10.58
N HIS D 288 2.36 57.25 -10.92
CA HIS D 288 3.74 57.41 -11.23
C HIS D 288 4.32 58.28 -10.16
N ILE D 289 5.63 58.07 -9.87
CA ILE D 289 6.34 58.84 -8.89
C ILE D 289 7.56 59.35 -9.59
N SER D 290 7.93 60.63 -9.39
CA SER D 290 9.07 61.05 -10.14
C SER D 290 10.09 61.62 -9.20
N LEU D 291 11.35 61.21 -9.39
CA LEU D 291 12.43 61.76 -8.62
C LEU D 291 13.37 62.27 -9.66
N ASP D 292 13.59 63.58 -9.69
CA ASP D 292 14.46 64.13 -10.67
C ASP D 292 15.80 64.39 -10.01
N HIS D 293 16.96 64.20 -10.69
CA HIS D 293 17.10 63.79 -12.05
C HIS D 293 16.67 65.02 -12.86
N HIS D 294 16.48 66.08 -12.12
CA HIS D 294 16.02 67.34 -12.59
C HIS D 294 15.71 67.85 -11.25
N SER D 295 15.15 69.05 -11.14
CA SER D 295 14.76 69.65 -9.90
C SER D 295 15.82 70.65 -9.52
N MET D 296 15.93 70.88 -8.20
CA MET D 296 16.78 71.78 -7.44
C MET D 296 18.24 71.42 -7.48
N THR D 297 18.58 70.12 -7.60
CA THR D 297 19.91 69.53 -7.63
C THR D 297 20.77 69.59 -6.39
N LEU D 298 20.22 69.23 -5.21
CA LEU D 298 21.12 69.00 -4.08
C LEU D 298 21.79 70.28 -3.73
N THR D 299 23.03 70.15 -3.22
CA THR D 299 23.86 71.27 -2.88
C THR D 299 25.21 71.06 -3.50
N PRO D 300 25.64 72.03 -4.27
CA PRO D 300 26.92 71.92 -4.92
C PRO D 300 28.06 71.88 -3.97
N ASP D 301 27.88 72.43 -2.75
CA ASP D 301 28.96 72.40 -1.80
C ASP D 301 29.23 70.96 -1.45
N GLU D 302 28.15 70.21 -1.19
CA GLU D 302 28.28 68.83 -0.79
C GLU D 302 28.85 68.05 -1.92
N VAL D 303 28.37 68.33 -3.15
CA VAL D 303 28.81 67.58 -4.29
C VAL D 303 30.26 67.85 -4.43
N LYS D 304 30.67 69.11 -4.33
CA LYS D 304 32.05 69.42 -4.58
C LYS D 304 32.88 68.70 -3.57
N SER D 305 32.38 68.59 -2.32
CA SER D 305 33.16 67.96 -1.30
C SER D 305 33.34 66.52 -1.68
N LEU D 306 32.37 65.97 -2.43
CA LEU D 306 32.38 64.61 -2.84
C LEU D 306 33.58 64.40 -3.67
N LEU D 307 33.72 65.25 -4.68
CA LEU D 307 34.75 65.08 -5.63
C LEU D 307 36.00 65.32 -4.91
N LEU D 308 35.92 66.24 -3.94
CA LEU D 308 37.03 66.70 -3.20
C LEU D 308 37.63 65.56 -2.45
N LYS D 309 36.83 64.66 -1.84
CA LYS D 309 37.54 63.63 -1.15
C LYS D 309 38.14 62.65 -2.11
N TYR D 310 37.47 62.41 -3.26
CA TYR D 310 38.00 61.48 -4.22
C TYR D 310 39.39 61.91 -4.56
N LEU D 311 39.43 63.17 -5.02
CA LEU D 311 40.58 63.83 -5.54
C LEU D 311 41.58 64.32 -4.51
N ASP D 312 41.10 64.75 -3.32
CA ASP D 312 41.82 65.44 -2.27
C ASP D 312 42.54 66.70 -2.77
N CYS D 313 41.81 67.85 -2.92
CA CYS D 313 42.29 69.09 -3.50
C CYS D 313 42.32 70.31 -2.59
N ARG D 314 42.35 71.53 -3.22
CA ARG D 314 42.45 72.82 -2.56
C ARG D 314 41.30 73.71 -2.96
N PRO D 315 40.90 74.52 -2.00
CA PRO D 315 39.78 75.45 -2.08
C PRO D 315 39.91 76.45 -3.18
N GLN D 316 41.14 76.91 -3.46
CA GLN D 316 41.32 77.86 -4.52
C GLN D 316 40.93 77.13 -5.76
N ASP D 317 41.28 75.83 -5.76
CA ASP D 317 41.05 74.98 -6.87
C ASP D 317 39.60 74.73 -7.08
N LEU D 318 38.82 74.88 -6.00
CA LEU D 318 37.45 74.48 -6.03
C LEU D 318 36.65 75.09 -7.11
N PRO D 319 36.75 76.35 -7.34
CA PRO D 319 35.91 76.93 -8.34
C PRO D 319 36.19 76.31 -9.68
N ARG D 320 37.38 75.74 -9.88
CA ARG D 320 37.53 75.12 -11.15
C ARG D 320 36.58 73.96 -11.22
N GLU D 321 36.47 73.24 -10.10
CA GLU D 321 35.69 72.04 -9.94
C GLU D 321 34.24 72.36 -10.01
N VAL D 322 33.86 73.54 -9.46
CA VAL D 322 32.49 73.91 -9.29
C VAL D 322 31.93 73.78 -10.66
N LEU D 323 32.72 74.16 -11.68
CA LEU D 323 32.27 73.95 -13.02
C LEU D 323 32.75 72.59 -13.44
N THR D 324 31.88 71.83 -14.13
CA THR D 324 30.56 72.29 -14.44
C THR D 324 29.60 71.66 -13.49
N THR D 325 28.31 72.05 -13.60
CA THR D 325 27.28 71.58 -12.72
C THR D 325 27.07 70.11 -12.85
N ASN D 326 27.06 69.56 -14.10
CA ASN D 326 26.65 68.18 -14.20
C ASN D 326 27.59 67.21 -13.59
N PRO D 327 26.94 66.31 -12.91
CA PRO D 327 27.60 65.25 -12.21
C PRO D 327 28.27 64.31 -13.16
N ARG D 328 27.74 64.12 -14.39
CA ARG D 328 28.45 63.18 -15.21
C ARG D 328 29.75 63.79 -15.54
N ARG D 329 29.73 65.10 -15.87
CA ARG D 329 30.93 65.76 -16.25
C ARG D 329 31.84 65.83 -15.07
N LEU D 330 31.24 66.01 -13.87
CA LEU D 330 32.08 66.15 -12.72
C LEU D 330 32.85 64.88 -12.60
N SER D 331 32.21 63.74 -12.79
CA SER D 331 32.99 62.59 -12.52
C SER D 331 33.91 62.26 -13.66
N ILE D 332 33.56 62.61 -14.93
CA ILE D 332 34.51 62.38 -15.99
C ILE D 332 35.74 63.17 -15.69
N ILE D 333 35.55 64.42 -15.22
CA ILE D 333 36.63 65.30 -14.90
C ILE D 333 37.37 64.69 -13.74
N ALA D 334 36.65 64.19 -12.73
CA ALA D 334 37.26 63.70 -11.52
C ALA D 334 38.18 62.59 -11.85
N GLU D 335 37.75 61.69 -12.75
CA GLU D 335 38.58 60.59 -13.12
C GLU D 335 39.83 61.13 -13.73
N SER D 336 39.71 62.14 -14.61
CA SER D 336 40.82 62.69 -15.33
C SER D 336 41.76 63.31 -14.36
N ILE D 337 41.22 64.02 -13.36
CA ILE D 337 42.02 64.67 -12.37
C ILE D 337 42.75 63.66 -11.54
N ARG D 338 42.18 62.47 -11.28
CA ARG D 338 42.98 61.56 -10.51
C ARG D 338 44.21 61.30 -11.32
N ASP D 339 44.06 61.18 -12.65
CA ASP D 339 45.24 61.06 -13.45
C ASP D 339 46.03 62.36 -13.62
N GLY D 340 45.41 63.58 -13.67
CA GLY D 340 46.08 64.85 -13.96
C GLY D 340 45.47 66.05 -13.15
N LEU D 341 45.22 67.30 -13.72
CA LEU D 341 44.97 68.57 -12.95
C LEU D 341 43.55 69.36 -12.93
N ALA D 342 43.15 70.34 -11.91
CA ALA D 342 42.13 71.36 -12.14
C ALA D 342 43.08 72.47 -12.42
N THR D 343 43.62 72.50 -13.66
CA THR D 343 44.59 73.50 -13.97
C THR D 343 44.61 73.76 -15.42
N TRP D 344 45.76 74.27 -15.91
CA TRP D 344 45.88 74.64 -17.29
C TRP D 344 45.66 73.43 -18.13
N ASP D 345 46.22 72.27 -17.73
CA ASP D 345 46.06 71.09 -18.53
C ASP D 345 44.61 70.69 -18.58
N ASN D 346 43.92 70.71 -17.42
CA ASN D 346 42.56 70.27 -17.27
C ASN D 346 41.68 71.10 -18.13
N TRP D 347 41.82 72.43 -17.99
CA TRP D 347 41.00 73.32 -18.74
C TRP D 347 41.34 73.13 -20.18
N LYS D 348 42.61 72.82 -20.46
CA LYS D 348 43.07 72.68 -21.80
C LYS D 348 42.30 71.61 -22.50
N HIS D 349 42.08 70.45 -21.83
CA HIS D 349 41.39 69.35 -22.46
C HIS D 349 39.97 69.72 -22.73
N VAL D 350 39.32 70.31 -21.70
CA VAL D 350 37.94 70.69 -21.52
C VAL D 350 37.05 69.50 -21.22
N ASN D 351 37.63 68.36 -20.81
CA ASN D 351 36.93 67.14 -20.45
C ASN D 351 35.93 66.71 -21.47
N CYS D 352 36.43 66.65 -22.72
CA CYS D 352 35.72 66.16 -23.86
C CYS D 352 35.93 64.72 -24.18
N ASP D 353 37.04 64.10 -23.71
CA ASP D 353 37.42 62.81 -24.24
C ASP D 353 36.31 61.82 -24.09
N LYS D 354 35.80 61.64 -22.86
CA LYS D 354 34.73 60.71 -22.66
C LYS D 354 33.45 61.19 -23.29
N LEU D 355 33.09 62.45 -23.02
CA LEU D 355 31.82 62.99 -23.37
C LEU D 355 31.60 63.07 -24.86
N THR D 356 32.63 63.43 -25.64
CA THR D 356 32.41 63.60 -27.04
C THR D 356 31.93 62.30 -27.60
N THR D 357 32.59 61.19 -27.23
CA THR D 357 32.17 59.92 -27.75
C THR D 357 30.79 59.63 -27.25
N ILE D 358 30.52 59.99 -25.98
CA ILE D 358 29.28 59.67 -25.36
C ILE D 358 28.14 60.35 -26.08
N ILE D 359 28.30 61.65 -26.38
CA ILE D 359 27.29 62.44 -27.02
C ILE D 359 27.06 61.92 -28.41
N GLU D 360 28.13 61.47 -29.08
CA GLU D 360 28.04 61.06 -30.45
C GLU D 360 27.00 60.01 -30.58
N SER D 361 26.97 59.05 -29.64
CA SER D 361 26.00 58.00 -29.73
C SER D 361 24.64 58.61 -29.59
N SER D 362 24.54 59.70 -28.80
CA SER D 362 23.30 60.35 -28.56
C SER D 362 22.74 60.90 -29.84
N LEU D 363 23.61 61.46 -30.69
CA LEU D 363 23.15 62.09 -31.90
C LEU D 363 22.55 61.05 -32.79
N ASN D 364 23.15 59.85 -32.83
CA ASN D 364 22.74 58.82 -33.75
C ASN D 364 21.32 58.44 -33.48
N VAL D 365 20.88 58.51 -32.21
CA VAL D 365 19.57 58.05 -31.87
C VAL D 365 18.50 58.79 -32.62
N LEU D 366 18.67 60.12 -32.87
CA LEU D 366 17.69 60.92 -33.58
C LEU D 366 17.94 60.80 -35.09
N GLU D 367 17.12 61.46 -35.98
CA GLU D 367 17.26 61.34 -37.42
C GLU D 367 18.03 62.52 -37.97
N PRO D 368 19.15 62.18 -38.53
CA PRO D 368 20.15 63.09 -38.99
C PRO D 368 19.75 64.13 -39.98
N ALA D 369 18.87 63.81 -40.95
CA ALA D 369 18.70 64.84 -41.94
C ALA D 369 18.09 66.06 -41.34
N GLU D 370 16.88 65.93 -40.78
CA GLU D 370 16.26 67.12 -40.27
C GLU D 370 16.79 67.49 -38.93
N TYR D 371 16.73 66.54 -37.99
CA TYR D 371 17.04 66.79 -36.61
C TYR D 371 18.51 67.04 -36.42
N ARG D 372 19.35 66.18 -37.03
CA ARG D 372 20.76 66.35 -36.83
C ARG D 372 21.13 67.69 -37.38
N LYS D 373 20.58 68.05 -38.54
CA LYS D 373 20.88 69.31 -39.16
C LYS D 373 20.34 70.43 -38.34
N MET D 374 19.09 70.30 -37.86
CA MET D 374 18.45 71.37 -37.15
C MET D 374 19.20 71.69 -35.88
N PHE D 375 19.66 70.65 -35.17
CA PHE D 375 20.45 70.80 -33.98
C PHE D 375 21.79 71.37 -34.33
N ASP D 376 22.35 70.96 -35.47
CA ASP D 376 23.71 71.31 -35.80
C ASP D 376 23.83 72.81 -35.87
N ARG D 377 22.74 73.49 -36.25
CA ARG D 377 22.69 74.91 -36.43
C ARG D 377 22.85 75.66 -35.13
N LEU D 378 22.38 75.10 -34.01
CA LEU D 378 22.26 75.80 -32.73
C LEU D 378 23.59 76.35 -32.31
N SER D 379 24.69 75.86 -32.89
CA SER D 379 26.02 76.22 -32.51
C SER D 379 26.26 77.75 -32.44
N VAL D 380 26.05 78.58 -33.51
CA VAL D 380 26.35 80.03 -33.46
C VAL D 380 25.28 80.70 -32.68
N PHE D 381 25.45 80.69 -31.34
CA PHE D 381 24.58 81.30 -30.39
C PHE D 381 25.35 81.44 -29.14
N PRO D 382 24.92 82.37 -28.35
CA PRO D 382 25.56 82.49 -27.08
C PRO D 382 25.17 81.39 -26.15
N PRO D 383 26.14 80.88 -25.45
CA PRO D 383 25.91 79.80 -24.53
C PRO D 383 25.36 80.29 -23.25
N SER D 384 24.50 79.48 -22.60
CA SER D 384 23.98 79.79 -21.31
C SER D 384 23.37 81.15 -21.37
N ALA D 385 22.92 81.57 -22.57
CA ALA D 385 22.33 82.87 -22.62
C ALA D 385 21.00 82.72 -23.25
N HIS D 386 19.95 82.88 -22.43
CA HIS D 386 18.57 82.76 -22.80
C HIS D 386 18.35 83.43 -24.13
N ILE D 387 18.06 82.62 -25.16
CA ILE D 387 17.87 83.15 -26.47
C ILE D 387 16.47 82.86 -26.87
N PRO D 388 15.77 83.88 -27.28
CA PRO D 388 14.39 83.73 -27.62
C PRO D 388 14.18 82.88 -28.83
N THR D 389 12.97 82.29 -28.95
CA THR D 389 12.62 81.39 -30.00
C THR D 389 12.68 82.10 -31.32
N ILE D 390 12.26 83.37 -31.37
CA ILE D 390 12.25 84.10 -32.60
C ILE D 390 13.63 84.07 -33.14
N LEU D 391 14.63 84.23 -32.24
CA LEU D 391 16.01 84.19 -32.60
C LEU D 391 16.34 82.81 -33.07
N LEU D 392 15.77 81.82 -32.39
CA LEU D 392 16.02 80.43 -32.60
C LEU D 392 15.55 80.06 -33.98
N SER D 393 14.42 80.64 -34.41
CA SER D 393 13.83 80.30 -35.68
C SER D 393 14.80 80.62 -36.77
N LEU D 394 15.60 81.69 -36.63
CA LEU D 394 16.47 82.03 -37.72
C LEU D 394 17.38 80.87 -37.98
N ILE D 395 18.04 80.38 -36.93
CA ILE D 395 18.96 79.29 -37.04
C ILE D 395 18.23 78.01 -37.32
N TRP D 396 17.13 77.75 -36.60
CA TRP D 396 16.53 76.46 -36.76
C TRP D 396 15.97 76.31 -38.14
N PHE D 397 15.39 77.38 -38.73
CA PHE D 397 14.74 77.23 -40.01
C PHE D 397 15.70 76.83 -41.10
N ASP D 398 15.68 75.54 -41.49
CA ASP D 398 16.24 75.10 -42.75
C ASP D 398 15.12 75.10 -43.74
N VAL D 399 13.77 74.74 -43.28
CA VAL D 399 12.50 74.67 -43.92
C VAL D 399 11.71 75.59 -43.07
N ILE D 400 10.50 76.03 -43.48
CA ILE D 400 9.96 77.00 -42.59
C ILE D 400 8.54 76.74 -42.21
N LYS D 401 8.27 77.03 -40.91
CA LYS D 401 7.02 76.95 -40.22
C LYS D 401 7.21 76.08 -39.04
N SER D 402 6.10 75.60 -38.45
CA SER D 402 6.09 74.87 -37.23
C SER D 402 6.92 73.63 -37.38
N ASP D 403 7.34 73.30 -38.62
CA ASP D 403 8.08 72.10 -38.87
C ASP D 403 9.27 72.16 -37.98
N VAL D 404 9.87 73.35 -37.95
CA VAL D 404 11.03 73.63 -37.16
C VAL D 404 10.66 73.50 -35.73
N MET D 405 9.42 73.90 -35.40
CA MET D 405 8.94 73.86 -34.05
C MET D 405 8.93 72.43 -33.58
N VAL D 406 8.38 71.51 -34.40
CA VAL D 406 8.28 70.11 -34.06
C VAL D 406 9.61 69.42 -34.10
N VAL D 407 10.43 69.72 -35.13
CA VAL D 407 11.64 68.99 -35.31
C VAL D 407 12.52 69.20 -34.11
N VAL D 408 12.55 70.41 -33.53
CA VAL D 408 13.32 70.60 -32.34
C VAL D 408 12.69 69.78 -31.26
N ASN D 409 11.35 69.67 -31.28
CA ASN D 409 10.58 69.09 -30.23
C ASN D 409 10.97 67.67 -30.00
N LYS D 410 11.21 66.89 -31.07
CA LYS D 410 11.50 65.49 -30.92
C LYS D 410 12.75 65.33 -30.10
N LEU D 411 13.70 66.24 -30.31
CA LEU D 411 14.91 66.15 -29.53
C LEU D 411 14.73 66.72 -28.12
N HIS D 412 14.04 67.91 -28.06
CA HIS D 412 13.96 69.10 -27.23
C HIS D 412 13.57 68.70 -25.87
N LYS D 413 12.77 67.64 -25.79
CA LYS D 413 12.08 67.36 -24.60
C LYS D 413 13.10 67.21 -23.52
N TYR D 414 14.36 66.84 -23.95
CA TYR D 414 15.09 65.64 -23.54
C TYR D 414 15.45 65.96 -22.18
N SER D 415 16.05 67.12 -22.15
CA SER D 415 17.03 67.46 -21.27
C SER D 415 17.74 68.47 -22.07
N LEU D 416 19.06 68.31 -22.01
CA LEU D 416 19.95 69.40 -22.17
C LEU D 416 20.57 69.24 -23.50
N VAL D 417 19.75 68.72 -24.43
CA VAL D 417 20.10 68.97 -25.78
C VAL D 417 19.85 70.42 -26.00
N GLU D 418 18.57 70.83 -25.97
CA GLU D 418 18.08 72.17 -25.80
C GLU D 418 17.01 72.20 -24.75
N LYS D 419 16.84 73.36 -24.08
CA LYS D 419 15.80 73.42 -23.08
C LYS D 419 14.94 74.61 -23.37
N GLN D 420 13.62 74.46 -23.18
CA GLN D 420 12.78 75.60 -23.41
C GLN D 420 11.97 75.89 -22.19
N PRO D 421 12.19 77.07 -21.67
CA PRO D 421 11.47 77.54 -20.52
C PRO D 421 10.04 77.86 -20.77
N LYS D 422 9.85 78.34 -21.92
CA LYS D 422 8.52 78.75 -22.23
C LYS D 422 8.51 79.09 -23.69
N GLU D 423 7.39 79.64 -24.18
CA GLU D 423 7.21 79.96 -25.57
C GLU D 423 8.26 80.96 -25.96
N SER D 424 8.70 81.79 -24.98
CA SER D 424 9.64 82.86 -25.18
C SER D 424 10.99 82.42 -25.68
N THR D 425 11.73 81.53 -24.97
CA THR D 425 13.07 81.31 -25.48
C THR D 425 13.52 79.91 -25.24
N ILE D 426 14.61 79.54 -25.95
CA ILE D 426 15.22 78.27 -25.69
C ILE D 426 16.66 78.57 -25.47
N SER D 427 17.32 77.84 -24.56
CA SER D 427 18.71 78.13 -24.37
C SER D 427 19.42 76.88 -24.71
N ILE D 428 20.75 76.96 -24.99
CA ILE D 428 21.51 75.77 -25.19
C ILE D 428 21.85 75.27 -23.81
N PRO D 429 21.54 74.02 -23.60
CA PRO D 429 21.52 73.56 -22.26
C PRO D 429 22.60 73.69 -21.36
N SER D 430 23.79 73.36 -21.81
CA SER D 430 24.83 73.49 -20.90
C SER D 430 26.02 73.28 -21.73
N ILE D 431 27.16 73.27 -21.05
CA ILE D 431 28.47 73.15 -21.58
C ILE D 431 28.59 71.85 -22.31
N TYR D 432 27.92 70.79 -21.81
CA TYR D 432 28.10 69.49 -22.37
C TYR D 432 27.76 69.41 -23.82
N LEU D 433 26.54 69.86 -24.19
CA LEU D 433 26.13 69.71 -25.55
C LEU D 433 27.01 70.56 -26.41
N GLU D 434 27.19 71.82 -25.98
CA GLU D 434 27.91 72.79 -26.77
C GLU D 434 29.32 72.35 -26.91
N LEU D 435 29.87 71.73 -25.86
CA LEU D 435 31.25 71.35 -25.88
C LEU D 435 31.39 70.40 -27.02
N LYS D 436 30.40 69.53 -27.21
CA LYS D 436 30.47 68.58 -28.29
C LYS D 436 30.52 69.31 -29.59
N VAL D 437 29.58 70.26 -29.78
CA VAL D 437 29.44 70.92 -31.04
C VAL D 437 30.64 71.75 -31.37
N LYS D 438 31.20 72.46 -30.37
CA LYS D 438 32.26 73.35 -30.69
C LYS D 438 33.42 72.65 -31.33
N LEU D 439 33.79 71.45 -30.84
CA LEU D 439 34.91 70.79 -31.45
C LEU D 439 34.59 70.45 -32.88
N GLU D 440 33.37 69.94 -33.14
CA GLU D 440 33.06 69.52 -34.48
C GLU D 440 32.27 70.55 -35.20
N ASN D 441 32.86 71.15 -36.24
CA ASN D 441 32.12 72.14 -36.98
C ASN D 441 32.73 72.15 -38.36
N GLU D 442 32.02 72.75 -39.35
CA GLU D 442 32.48 72.80 -40.71
C GLU D 442 32.31 74.22 -41.15
N TYR D 443 32.76 74.62 -42.37
CA TYR D 443 32.63 76.03 -42.50
C TYR D 443 31.31 76.33 -43.11
N ALA D 444 30.25 76.00 -42.33
CA ALA D 444 28.87 76.38 -42.39
C ALA D 444 28.78 77.72 -41.72
N LEU D 445 29.75 77.96 -40.82
CA LEU D 445 29.73 79.08 -39.94
C LEU D 445 29.58 80.35 -40.69
N HIS D 446 30.20 80.50 -41.88
CA HIS D 446 30.11 81.76 -42.56
C HIS D 446 28.68 82.10 -42.81
N ARG D 447 27.88 81.15 -43.30
CA ARG D 447 26.51 81.46 -43.61
C ARG D 447 25.81 81.83 -42.34
N SER D 448 26.08 81.10 -41.25
CA SER D 448 25.37 81.37 -40.03
C SER D 448 25.67 82.75 -39.55
N ILE D 449 26.96 83.14 -39.58
CA ILE D 449 27.33 84.43 -39.09
C ILE D 449 26.68 85.47 -39.93
N VAL D 450 26.61 85.23 -41.26
CA VAL D 450 26.05 86.21 -42.12
C VAL D 450 24.60 86.37 -41.77
N ASP D 451 23.93 85.28 -41.37
CA ASP D 451 22.54 85.34 -41.07
C ASP D 451 22.35 86.32 -39.95
N HIS D 452 23.26 86.31 -38.97
CA HIS D 452 23.13 87.19 -37.84
C HIS D 452 23.20 88.60 -38.32
N TYR D 453 24.08 88.92 -39.28
CA TYR D 453 24.13 90.29 -39.72
C TYR D 453 22.79 90.64 -40.29
N ASN D 454 22.22 89.72 -41.08
CA ASN D 454 20.98 90.00 -41.74
C ASN D 454 19.91 90.25 -40.74
N ILE D 455 19.89 89.48 -39.63
CA ILE D 455 18.79 89.68 -38.71
C ILE D 455 18.79 91.08 -38.14
N PRO D 456 19.83 91.67 -37.59
CA PRO D 456 19.64 93.05 -37.23
C PRO D 456 19.46 93.98 -38.38
N LYS D 457 19.90 93.60 -39.59
CA LYS D 457 19.70 94.47 -40.70
C LYS D 457 18.22 94.64 -40.88
N THR D 458 17.48 93.53 -40.83
CA THR D 458 16.06 93.57 -41.04
C THR D 458 15.45 94.38 -39.94
N PHE D 459 15.86 94.14 -38.69
CA PHE D 459 15.31 94.91 -37.62
C PHE D 459 15.73 96.32 -37.84
N ASP D 460 14.76 97.24 -37.96
CA ASP D 460 15.16 98.60 -38.15
C ASP D 460 13.99 99.48 -37.84
N SER D 461 14.24 100.53 -37.05
CA SER D 461 13.21 101.50 -36.78
C SER D 461 13.73 102.77 -37.36
N ASP D 462 12.86 103.78 -37.57
CA ASP D 462 13.31 104.98 -38.21
C ASP D 462 14.40 105.56 -37.39
N ASP D 463 14.15 105.71 -36.08
CA ASP D 463 15.17 106.26 -35.26
C ASP D 463 16.04 105.17 -34.71
N LEU D 464 16.89 105.57 -33.76
CA LEU D 464 17.96 104.84 -33.15
C LEU D 464 17.55 103.75 -32.23
N ILE D 465 16.24 103.53 -31.97
CA ILE D 465 15.88 102.53 -30.98
C ILE D 465 15.48 101.21 -31.62
N PRO D 466 16.20 100.20 -31.19
CA PRO D 466 16.00 98.84 -31.65
C PRO D 466 14.82 98.14 -31.04
N PRO D 467 14.29 97.22 -31.79
CA PRO D 467 13.18 96.38 -31.40
C PRO D 467 13.56 95.26 -30.46
N TYR D 468 14.84 95.19 -30.03
CA TYR D 468 15.41 94.14 -29.21
C TYR D 468 14.42 93.45 -28.34
N LEU D 469 14.58 92.11 -28.28
CA LEU D 469 13.72 91.19 -27.61
C LEU D 469 14.21 90.97 -26.22
N ASP D 470 14.04 89.77 -25.63
CA ASP D 470 14.32 89.64 -24.22
C ASP D 470 15.71 90.08 -23.86
N GLN D 471 16.69 89.15 -23.78
CA GLN D 471 18.04 89.59 -23.51
C GLN D 471 19.00 89.32 -24.61
N TYR D 472 18.72 88.28 -25.42
CA TYR D 472 19.66 87.67 -26.34
C TYR D 472 20.30 88.72 -27.14
N PHE D 473 19.49 89.55 -27.77
CA PHE D 473 20.04 90.50 -28.68
C PHE D 473 20.99 91.38 -27.96
N TYR D 474 20.61 91.86 -26.77
CA TYR D 474 21.45 92.80 -26.10
C TYR D 474 22.80 92.19 -25.85
N SER D 475 22.85 90.97 -25.28
CA SER D 475 24.13 90.38 -25.00
C SER D 475 24.84 89.98 -26.26
N HIS D 476 24.15 89.16 -27.08
CA HIS D 476 24.62 88.43 -28.23
C HIS D 476 24.98 89.29 -29.42
N ILE D 477 24.25 90.39 -29.67
CA ILE D 477 24.38 91.10 -30.92
C ILE D 477 25.79 91.53 -31.18
N GLY D 478 26.46 92.13 -30.19
CA GLY D 478 27.78 92.63 -30.42
C GLY D 478 28.70 91.51 -30.76
N HIS D 479 28.54 90.35 -30.07
CA HIS D 479 29.44 89.24 -30.27
C HIS D 479 29.37 88.78 -31.69
N HIS D 480 28.15 88.62 -32.23
CA HIS D 480 28.03 88.13 -33.57
C HIS D 480 28.61 89.14 -34.50
N LEU D 481 28.37 90.43 -34.19
CA LEU D 481 28.84 91.53 -34.98
C LEU D 481 30.33 91.54 -35.03
N LYS D 482 30.99 91.30 -33.89
CA LYS D 482 32.42 91.38 -33.87
C LYS D 482 32.93 90.40 -34.87
N ASN D 483 32.34 89.21 -34.88
CA ASN D 483 32.80 88.24 -35.81
C ASN D 483 32.53 88.74 -37.19
N ILE D 484 31.33 89.33 -37.41
CA ILE D 484 31.01 89.68 -38.77
C ILE D 484 31.89 90.77 -39.31
N GLU D 485 32.01 91.92 -38.62
CA GLU D 485 32.78 93.01 -39.14
C GLU D 485 32.71 94.18 -38.23
N HIS D 486 33.58 95.18 -38.52
CA HIS D 486 33.66 96.43 -37.84
C HIS D 486 32.50 97.35 -38.10
N PRO D 487 32.09 97.63 -39.32
CA PRO D 487 31.11 98.67 -39.55
C PRO D 487 29.85 98.59 -38.76
N GLU D 488 29.23 97.41 -38.64
CA GLU D 488 27.98 97.33 -37.91
C GLU D 488 28.27 97.62 -36.49
N ARG D 489 29.42 97.11 -36.01
CA ARG D 489 29.77 97.19 -34.64
C ARG D 489 29.77 98.63 -34.24
N MET D 490 30.33 99.49 -35.10
CA MET D 490 30.46 100.88 -34.80
C MET D 490 29.11 101.47 -34.52
N THR D 491 28.13 101.25 -35.40
CA THR D 491 26.84 101.86 -35.19
C THR D 491 26.15 101.24 -34.02
N LEU D 492 26.14 99.89 -33.96
CA LEU D 492 25.41 99.18 -32.96
C LEU D 492 25.96 99.43 -31.60
N PHE D 493 27.30 99.39 -31.45
CA PHE D 493 27.89 99.56 -30.15
C PHE D 493 27.47 100.88 -29.66
N ARG D 494 27.25 101.85 -30.56
CA ARG D 494 26.64 103.01 -29.99
C ARG D 494 27.72 103.56 -29.07
N MET D 495 28.93 103.35 -29.54
CA MET D 495 29.98 104.10 -28.96
C MET D 495 29.68 105.38 -29.66
N VAL D 496 29.31 105.19 -30.93
CA VAL D 496 28.85 106.24 -31.77
C VAL D 496 27.54 106.78 -31.24
N PHE D 497 26.67 105.75 -31.03
CA PHE D 497 25.36 106.19 -30.73
C PHE D 497 25.05 106.04 -29.32
N LEU D 498 24.41 107.13 -28.98
CA LEU D 498 24.23 107.53 -27.65
C LEU D 498 22.98 106.89 -27.13
N ASP D 499 22.14 106.49 -28.07
CA ASP D 499 20.94 105.83 -27.71
C ASP D 499 21.16 104.57 -26.95
N PHE D 500 22.16 103.73 -27.25
CA PHE D 500 22.25 102.49 -26.54
C PHE D 500 22.92 102.70 -25.26
N ARG D 501 23.55 103.89 -25.12
CA ARG D 501 23.92 104.25 -23.80
C ARG D 501 22.64 104.14 -23.03
N PHE D 502 21.60 104.87 -23.45
CA PHE D 502 20.25 104.79 -22.94
C PHE D 502 19.78 103.36 -22.89
N LEU D 503 19.53 102.68 -24.06
CA LEU D 503 18.73 101.51 -23.97
C LEU D 503 19.37 100.37 -23.32
N GLU D 504 20.65 100.10 -23.64
CA GLU D 504 21.25 98.94 -23.04
C GLU D 504 21.22 99.11 -21.57
N GLN D 505 21.60 100.30 -21.12
CA GLN D 505 21.72 100.58 -19.74
C GLN D 505 20.39 100.47 -19.03
N LYS D 506 19.33 101.14 -19.51
CA LYS D 506 18.16 101.05 -18.67
C LYS D 506 17.56 99.68 -18.73
N ILE D 507 17.56 99.02 -19.90
CA ILE D 507 16.95 97.72 -19.91
C ILE D 507 17.65 96.69 -19.06
N ARG D 508 18.99 96.60 -19.05
CA ARG D 508 19.50 95.55 -18.20
C ARG D 508 19.66 96.06 -16.80
N HIS D 509 18.57 96.65 -16.26
CA HIS D 509 18.37 97.05 -14.89
C HIS D 509 17.68 95.95 -14.15
N ASP D 510 16.93 95.10 -14.88
CA ASP D 510 16.07 94.08 -14.35
C ASP D 510 16.82 92.96 -13.72
N SER D 511 16.31 92.54 -12.54
CA SER D 511 16.76 91.43 -11.75
C SER D 511 15.83 91.42 -10.58
N THR D 512 15.92 90.39 -9.73
CA THR D 512 15.11 90.40 -8.56
C THR D 512 16.02 90.25 -7.39
N ALA D 513 16.25 91.35 -6.64
CA ALA D 513 17.07 91.22 -5.48
C ALA D 513 16.61 92.24 -4.50
N TRP D 514 16.51 91.84 -3.22
CA TRP D 514 16.11 92.80 -2.26
C TRP D 514 17.18 93.81 -2.18
N ASN D 515 18.44 93.36 -1.96
CA ASN D 515 19.53 94.24 -1.76
C ASN D 515 19.83 94.98 -3.01
N ALA D 516 20.34 96.20 -2.81
CA ALA D 516 20.65 97.18 -3.77
C ALA D 516 21.68 96.76 -4.81
N SER D 517 22.59 95.81 -4.51
CA SER D 517 23.34 95.41 -5.67
C SER D 517 23.75 93.99 -5.47
N GLY D 518 24.84 93.55 -6.13
CA GLY D 518 25.38 92.24 -6.26
C GLY D 518 25.89 92.30 -7.65
N SER D 519 26.27 91.16 -8.26
CA SER D 519 26.76 91.26 -9.61
C SER D 519 25.77 90.56 -10.48
N ILE D 520 25.09 91.31 -11.37
CA ILE D 520 24.16 90.73 -12.31
C ILE D 520 24.35 91.45 -13.61
N LEU D 521 23.82 90.87 -14.71
CA LEU D 521 23.91 91.51 -15.99
C LEU D 521 23.39 92.91 -15.90
N ASN D 522 24.31 93.86 -16.16
CA ASN D 522 24.02 95.25 -16.13
C ASN D 522 25.06 95.85 -17.01
N THR D 523 25.68 96.92 -16.52
CA THR D 523 26.72 97.62 -17.22
C THR D 523 27.84 96.65 -17.45
N LEU D 524 27.99 95.67 -16.54
CA LEU D 524 29.12 94.78 -16.56
C LEU D 524 29.22 94.12 -17.91
N GLN D 525 28.11 93.61 -18.45
CA GLN D 525 28.17 92.95 -19.73
C GLN D 525 28.44 93.95 -20.82
N GLN D 526 27.83 95.14 -20.73
CA GLN D 526 27.95 96.16 -21.73
C GLN D 526 29.39 96.51 -21.92
N LEU D 527 30.11 96.77 -20.81
CA LEU D 527 31.49 97.14 -20.87
C LEU D 527 32.23 96.00 -21.48
N LYS D 528 31.78 94.77 -21.19
CA LYS D 528 32.45 93.60 -21.69
C LYS D 528 32.41 93.60 -23.18
N PHE D 529 31.28 94.01 -23.79
CA PHE D 529 31.20 93.95 -25.21
C PHE D 529 32.19 94.88 -25.80
N TYR D 530 32.27 96.10 -25.24
CA TYR D 530 33.10 97.08 -25.87
C TYR D 530 34.52 96.60 -25.92
N LYS D 531 35.04 96.03 -24.83
CA LYS D 531 36.44 95.70 -24.83
C LYS D 531 36.80 94.66 -25.86
N PRO D 532 36.25 93.48 -25.92
CA PRO D 532 36.71 92.58 -26.96
C PRO D 532 36.28 92.89 -28.37
N TYR D 533 35.15 93.57 -28.56
CA TYR D 533 34.62 93.83 -29.86
C TYR D 533 35.42 94.85 -30.62
N ILE D 534 36.14 95.77 -29.93
CA ILE D 534 36.76 96.92 -30.55
C ILE D 534 37.71 96.51 -31.64
N CYS D 535 38.35 95.34 -31.54
CA CYS D 535 39.40 94.97 -32.44
C CYS D 535 38.91 95.05 -33.85
N ASP D 536 37.60 94.81 -34.07
CA ASP D 536 37.09 94.79 -35.41
C ASP D 536 37.32 96.15 -36.02
N ASN D 537 37.51 97.19 -35.17
CA ASN D 537 37.71 98.55 -35.62
C ASN D 537 39.17 98.95 -35.52
N ASP D 538 39.44 100.25 -35.77
CA ASP D 538 40.76 100.84 -35.72
C ASP D 538 40.90 101.77 -34.53
N PRO D 539 42.01 102.48 -34.47
CA PRO D 539 42.22 103.42 -33.39
C PRO D 539 41.32 104.61 -33.33
N LYS D 540 40.92 105.21 -34.48
CA LYS D 540 40.15 106.42 -34.44
C LYS D 540 38.92 106.12 -33.67
N TYR D 541 38.29 104.98 -34.02
CA TYR D 541 37.11 104.54 -33.33
C TYR D 541 37.51 104.18 -31.94
N GLU D 542 38.73 103.63 -31.78
CA GLU D 542 39.19 103.15 -30.52
C GLU D 542 39.19 104.28 -29.54
N ARG D 543 39.63 105.46 -29.97
CA ARG D 543 39.63 106.54 -29.03
C ARG D 543 38.22 106.88 -28.67
N LEU D 544 37.30 106.87 -29.66
CA LEU D 544 35.95 107.24 -29.41
C LEU D 544 35.40 106.27 -28.42
N VAL D 545 35.66 104.97 -28.63
CA VAL D 545 35.08 104.01 -27.75
C VAL D 545 35.55 104.26 -26.35
N ASN D 546 36.83 104.67 -26.18
CA ASN D 546 37.26 104.89 -24.84
C ASN D 546 36.53 106.07 -24.27
N ALA D 547 36.21 107.07 -25.12
CA ALA D 547 35.57 108.26 -24.63
C ALA D 547 34.27 107.84 -23.99
N ILE D 548 33.52 106.97 -24.67
CA ILE D 548 32.25 106.54 -24.16
C ILE D 548 32.52 105.76 -22.93
N LEU D 549 33.59 104.94 -22.99
CA LEU D 549 33.91 104.04 -21.92
C LEU D 549 34.23 104.81 -20.68
N ASP D 550 35.02 105.89 -20.77
CA ASP D 550 35.35 106.61 -19.57
C ASP D 550 34.10 107.23 -19.03
N PHE D 551 33.19 107.68 -19.92
CA PHE D 551 32.01 108.33 -19.48
C PHE D 551 31.18 107.38 -18.67
N LEU D 552 31.11 106.11 -19.08
CA LEU D 552 30.28 105.16 -18.40
C LEU D 552 30.72 104.96 -16.98
N PRO D 553 31.94 104.63 -16.65
CA PRO D 553 32.23 104.59 -15.25
C PRO D 553 32.19 105.92 -14.59
N LYS D 554 32.29 107.01 -15.36
CA LYS D 554 32.29 108.30 -14.73
C LYS D 554 30.98 108.47 -14.03
N ILE D 555 29.89 108.09 -14.73
CA ILE D 555 28.59 108.32 -14.19
C ILE D 555 28.36 107.37 -13.07
N GLU D 556 27.94 107.94 -11.92
CA GLU D 556 27.72 107.25 -10.68
C GLU D 556 26.34 106.67 -10.62
N GLU D 557 26.16 105.80 -9.61
CA GLU D 557 24.93 105.10 -9.39
C GLU D 557 23.83 106.09 -9.24
N ASN D 558 22.86 105.96 -10.15
CA ASN D 558 21.66 106.74 -10.20
C ASN D 558 20.75 105.93 -11.06
N LEU D 559 19.53 106.44 -11.26
CA LEU D 559 18.60 105.82 -12.16
C LEU D 559 18.83 106.54 -13.45
N ILE D 560 19.16 105.81 -14.55
CA ILE D 560 19.33 106.44 -15.83
C ILE D 560 17.97 106.90 -16.23
N CYS D 561 16.99 105.99 -16.08
CA CYS D 561 15.65 106.28 -16.51
C CYS D 561 15.20 107.53 -15.84
N SER D 562 14.81 108.50 -16.68
CA SER D 562 14.40 109.83 -16.36
C SER D 562 13.88 110.32 -17.66
N LYS D 563 13.78 111.60 -17.97
CA LYS D 563 13.57 111.65 -19.36
C LYS D 563 14.80 111.43 -20.03
N TYR D 564 14.56 111.21 -21.28
CA TYR D 564 15.51 110.79 -22.23
C TYR D 564 16.51 111.89 -22.42
N THR D 565 16.09 113.10 -22.08
CA THR D 565 16.80 114.32 -22.13
C THR D 565 18.12 114.15 -21.51
N ASP D 566 18.10 113.47 -20.36
CA ASP D 566 19.26 113.47 -19.55
C ASP D 566 20.43 112.93 -20.29
N LEU D 567 20.20 111.88 -21.06
CA LEU D 567 21.30 111.29 -21.71
C LEU D 567 21.92 112.37 -22.54
N LEU D 568 21.08 113.16 -23.26
CA LEU D 568 21.69 114.06 -24.18
C LEU D 568 22.44 115.13 -23.42
N ARG D 569 21.96 115.64 -22.23
CA ARG D 569 22.76 116.62 -21.59
C ARG D 569 24.04 116.05 -21.07
N ILE D 570 24.04 114.81 -20.53
CA ILE D 570 25.33 114.36 -20.06
C ILE D 570 26.28 114.21 -21.21
N ALA D 571 25.75 113.85 -22.39
CA ALA D 571 26.57 113.64 -23.55
C ALA D 571 27.32 114.90 -23.81
N LEU D 572 26.69 116.04 -23.49
CA LEU D 572 27.16 117.36 -23.79
C LEU D 572 28.50 117.63 -23.14
N MET D 573 28.84 116.94 -22.04
CA MET D 573 30.02 117.31 -21.29
C MET D 573 31.32 117.33 -22.08
N ALA D 574 31.67 116.30 -22.89
CA ALA D 574 32.95 116.40 -23.55
C ALA D 574 32.72 116.63 -25.02
N GLU D 575 33.27 117.73 -25.56
CA GLU D 575 33.05 118.16 -26.92
C GLU D 575 33.63 117.20 -27.92
N ASP D 576 34.73 116.54 -27.57
CA ASP D 576 35.47 115.68 -28.45
C ASP D 576 34.72 114.42 -28.93
N GLU D 577 33.54 113.98 -28.40
CA GLU D 577 33.02 112.64 -28.70
C GLU D 577 31.82 112.49 -29.63
N ALA D 578 31.77 111.28 -30.27
CA ALA D 578 30.78 110.80 -31.19
C ALA D 578 29.46 110.62 -30.51
N ILE D 579 29.51 110.22 -29.24
CA ILE D 579 28.33 110.04 -28.45
C ILE D 579 27.54 111.31 -28.46
N PHE D 580 28.21 112.46 -28.29
CA PHE D 580 27.52 113.71 -28.25
C PHE D 580 26.86 113.96 -29.55
N GLU D 581 27.55 113.69 -30.66
CA GLU D 581 26.95 113.98 -31.93
C GLU D 581 25.69 113.17 -32.03
N GLU D 582 25.73 111.91 -31.56
CA GLU D 582 24.58 111.06 -31.60
C GLU D 582 23.53 111.62 -30.68
N ALA D 583 23.96 112.14 -29.51
CA ALA D 583 23.03 112.65 -28.54
C ALA D 583 22.27 113.77 -29.19
N HIS D 584 22.96 114.61 -29.95
CA HIS D 584 22.32 115.72 -30.58
C HIS D 584 21.36 115.22 -31.63
N LYS D 585 21.73 114.15 -32.37
CA LYS D 585 20.84 113.70 -33.40
C LYS D 585 19.57 113.21 -32.79
N GLN D 586 19.71 112.39 -31.75
CA GLN D 586 18.57 111.79 -31.13
C GLN D 586 17.67 112.84 -30.53
N VAL D 587 18.27 113.90 -29.98
CA VAL D 587 17.43 114.98 -29.54
C VAL D 587 16.67 115.46 -30.74
N GLN D 588 17.33 115.67 -31.88
CA GLN D 588 16.64 116.22 -33.01
C GLN D 588 15.47 115.35 -33.36
N ARG D 589 15.65 114.02 -33.46
CA ARG D 589 14.48 113.22 -33.75
C ARG D 589 14.02 112.67 -32.42
N UNK D 590 -15.14 115.56 -26.48
CA UNK D 590 -14.29 116.77 -26.54
C UNK D 590 -12.84 116.39 -26.46
N UNK D 591 -12.02 117.26 -25.85
CA UNK D 591 -10.63 116.97 -25.73
C UNK D 591 -10.49 115.80 -24.80
N UNK D 592 -9.49 114.95 -25.06
CA UNK D 592 -9.25 113.80 -24.24
C UNK D 592 -8.43 114.23 -23.07
N UNK D 593 -8.22 113.31 -22.10
CA UNK D 593 -7.47 113.64 -20.94
C UNK D 593 -6.10 114.04 -21.41
N UNK D 594 -5.46 114.93 -20.62
CA UNK D 594 -4.16 115.44 -20.96
C UNK D 594 -3.13 114.37 -21.00
N UNK D 595 -3.16 113.41 -20.03
CA UNK D 595 -2.25 112.28 -19.97
C UNK D 595 -0.84 112.64 -20.34
N UNK D 596 -0.09 113.27 -19.42
CA UNK D 596 1.27 113.65 -19.75
C UNK D 596 2.20 112.62 -19.20
N UNK D 597 3.22 112.23 -20.01
CA UNK D 597 4.19 111.26 -19.61
C UNK D 597 5.19 111.94 -18.73
N UNK D 598 5.90 111.17 -17.90
CA UNK D 598 6.87 111.77 -17.03
C UNK D 598 8.02 112.21 -17.88
N UNK D 599 8.66 113.32 -17.49
CA UNK D 599 9.75 113.75 -18.28
C UNK D 599 10.89 114.03 -17.34
N UNK D 600 12.08 114.12 -17.88
CA UNK D 600 13.28 114.25 -17.13
C UNK D 600 13.08 115.58 -16.56
N UNK D 601 13.50 115.80 -15.34
CA UNK D 601 13.47 117.14 -14.91
C UNK D 601 14.74 117.74 -15.39
N UNK D 602 14.72 119.07 -15.61
CA UNK D 602 15.93 119.71 -16.00
C UNK D 602 16.87 119.40 -14.87
N UNK D 603 18.07 118.81 -15.15
CA UNK D 603 18.75 118.32 -13.98
C UNK D 603 20.15 118.89 -13.64
N UNK D 604 20.47 119.15 -12.29
CA UNK D 604 21.76 119.47 -11.58
C UNK D 604 21.88 119.44 -9.75
N UNK D 605 22.54 118.53 -8.55
CA UNK D 605 22.89 118.36 -6.97
C UNK D 605 23.05 116.92 -6.28
N UNK D 606 23.35 115.76 -6.94
CA UNK D 606 23.28 114.39 -6.41
C UNK D 606 24.16 113.95 -5.26
N UNK D 607 25.41 114.40 -5.16
CA UNK D 607 26.28 113.87 -4.13
C UNK D 607 25.70 114.14 -2.79
N UNK D 608 26.15 113.32 -1.80
CA UNK D 608 25.84 113.39 -0.40
C UNK D 608 24.87 112.31 -0.09
N UNK D 609 24.94 111.79 1.15
CA UNK D 609 24.05 110.76 1.59
C UNK D 609 22.74 111.40 1.86
N UNK D 610 21.65 110.71 1.46
CA UNK D 610 20.35 111.23 1.76
C UNK D 610 20.15 111.15 3.23
N UNK D 611 20.54 110.00 3.80
CA UNK D 611 20.34 109.73 5.19
C UNK D 611 21.64 109.83 5.92
N UNK D 612 21.58 109.58 7.24
CA UNK D 612 22.74 109.65 8.08
C UNK D 612 23.69 108.60 7.65
N UNK D 613 24.97 108.77 8.02
CA UNK D 613 25.95 107.78 7.71
C UNK D 613 26.24 107.04 8.97
N UNK D 614 26.09 105.69 8.92
CA UNK D 614 26.30 104.81 10.03
C UNK D 614 27.74 104.71 10.42
N UNK D 615 28.67 104.56 9.46
CA UNK D 615 30.03 104.34 9.88
C UNK D 615 30.99 104.97 8.92
N UNK D 616 32.23 105.19 9.39
CA UNK D 616 33.27 105.74 8.57
C UNK D 616 34.42 104.79 8.65
N UNK D 617 35.16 104.62 7.54
CA UNK D 617 36.27 103.70 7.57
C UNK D 617 37.36 104.24 6.70
N UNK D 618 38.61 103.84 6.99
CA UNK D 618 39.73 104.32 6.22
C UNK D 618 40.28 103.18 5.43
N UNK D 619 40.67 103.44 4.16
CA UNK D 619 41.24 102.42 3.32
C UNK D 619 42.63 102.21 3.79
N UNK D 620 43.09 100.95 3.84
CA UNK D 620 44.42 100.75 4.33
C UNK D 620 45.44 101.32 3.39
N UNK D 621 45.45 100.85 2.13
CA UNK D 621 46.47 101.25 1.20
C UNK D 621 46.32 102.65 0.68
N UNK D 622 45.14 102.97 0.12
CA UNK D 622 44.99 104.20 -0.59
C UNK D 622 44.52 105.27 0.32
N UNK D 623 44.74 106.53 -0.09
CA UNK D 623 44.19 107.57 0.71
C UNK D 623 42.80 107.74 0.21
N UNK D 624 41.88 106.96 0.80
CA UNK D 624 40.51 107.00 0.43
C UNK D 624 39.77 106.56 1.64
N UNK D 625 38.53 107.03 1.81
CA UNK D 625 37.78 106.64 2.95
C UNK D 625 36.44 106.20 2.47
N UNK D 626 35.79 105.30 3.22
CA UNK D 626 34.51 104.81 2.81
C UNK D 626 33.51 105.24 3.83
N UNK D 627 32.26 105.47 3.40
CA UNK D 627 31.25 105.89 4.31
C UNK D 627 30.13 104.89 4.23
N UNK D 628 29.43 104.70 5.37
CA UNK D 628 28.32 103.79 5.41
C UNK D 628 27.11 104.64 5.65
N UNK D 629 25.99 104.27 5.01
CA UNK D 629 24.78 105.03 5.10
C UNK D 629 23.78 104.23 4.35
N UNK D 630 22.80 104.91 3.73
CA UNK D 630 21.82 104.19 2.97
C UNK D 630 22.58 103.43 1.94
N UNK D 631 23.61 104.07 1.35
CA UNK D 631 24.43 103.39 0.40
C UNK D 631 25.85 103.69 0.80
N UNK D 632 26.80 102.82 0.40
CA UNK D 632 28.16 103.12 0.74
C UNK D 632 28.67 104.09 -0.27
N UNK D 633 29.58 104.98 0.16
CA UNK D 633 30.14 105.94 -0.73
C UNK D 633 31.61 105.96 -0.47
N UNK D 634 32.41 106.28 -1.50
CA UNK D 634 33.83 106.33 -1.31
C UNK D 634 34.25 107.73 -1.61
N UNK D 635 35.19 108.26 -0.80
CA UNK D 635 35.64 109.59 -1.03
C UNK D 635 37.09 109.62 -0.65
N UNK D 636 37.81 110.67 -1.09
CA UNK D 636 39.19 110.75 -0.76
C UNK D 636 39.32 111.73 0.35
N UNK D 637 40.07 111.34 1.40
CA UNK D 637 40.34 112.17 2.54
C UNK D 637 41.14 113.31 2.02
N UNK D 638 41.96 113.01 1.00
CA UNK D 638 42.85 113.94 0.38
C UNK D 638 42.05 115.08 -0.15
N UNK D 639 42.74 116.02 -0.80
CA UNK D 639 42.20 117.25 -1.28
C UNK D 639 41.07 116.99 -2.21
N UNK D 640 41.14 115.92 -3.03
CA UNK D 640 40.11 115.72 -4.02
C UNK D 640 38.78 115.64 -3.33
N UNK D 641 38.67 114.78 -2.29
CA UNK D 641 37.47 114.65 -1.51
C UNK D 641 36.27 114.58 -2.41
N UNK D 642 36.28 113.66 -3.39
CA UNK D 642 35.16 113.60 -4.28
C UNK D 642 34.52 112.26 -4.11
N UNK D 643 33.20 112.18 -4.40
CA UNK D 643 32.57 110.90 -4.26
C UNK D 643 33.06 110.10 -5.41
N UNK D 644 34.09 109.27 -5.16
CA UNK D 644 34.68 108.48 -6.19
C UNK D 644 33.68 107.51 -6.71
N UNK D 645 32.95 106.82 -5.81
CA UNK D 645 32.04 105.83 -6.30
C UNK D 645 30.91 105.64 -5.35
N UNK D 646 29.84 104.96 -5.83
CA UNK D 646 28.66 104.65 -5.09
C UNK D 646 28.61 103.16 -4.90
N UNK D 647 28.17 102.73 -3.69
CA UNK D 647 28.08 101.37 -3.22
C UNK D 647 27.08 100.49 -3.92
N UNK D 648 25.89 101.03 -4.25
CA UNK D 648 24.89 100.38 -5.06
C UNK D 648 24.02 99.36 -4.43
N UNK D 649 24.69 98.59 -3.52
CA UNK D 649 24.58 97.29 -2.91
C UNK D 649 23.43 96.91 -1.98
N UNK D 650 22.72 97.82 -1.23
CA UNK D 650 21.86 97.22 -0.25
C UNK D 650 20.41 97.59 -0.38
N UNK D 651 19.60 96.54 -0.27
CA UNK D 651 18.17 96.44 -0.39
C UNK D 651 17.58 97.26 0.64
N UNK D 652 18.03 96.84 1.81
CA UNK D 652 17.54 97.29 3.05
C UNK D 652 18.25 98.54 3.33
N UNK D 653 18.12 98.99 4.59
CA UNK D 653 18.68 100.25 4.93
C UNK D 653 19.15 100.21 6.35
N UNK D 654 18.82 101.29 7.09
CA UNK D 654 19.26 101.52 8.43
C UNK D 654 20.70 101.86 8.33
N UNK D 655 21.12 102.21 7.10
CA UNK D 655 22.49 102.50 6.81
C UNK D 655 23.17 101.18 6.81
N UNK D 656 24.23 101.01 5.97
CA UNK D 656 24.92 99.77 6.15
C UNK D 656 25.45 99.96 7.52
N UNK D 657 25.08 99.05 8.43
CA UNK D 657 25.39 99.28 9.80
C UNK D 657 26.86 99.38 9.94
N UNK D 658 27.60 98.48 9.28
CA UNK D 658 29.01 98.54 9.46
C UNK D 658 29.68 98.20 8.17
N UNK D 659 30.98 98.52 8.10
CA UNK D 659 31.78 98.18 6.95
C UNK D 659 33.09 97.75 7.51
N UNK D 660 33.76 96.81 6.81
CA UNK D 660 35.04 96.38 7.26
C UNK D 660 35.86 96.11 6.05
N UNK D 661 37.17 96.37 6.13
CA UNK D 661 38.00 96.15 4.99
C UNK D 661 38.99 95.10 5.35
N UNK D 662 39.40 94.31 4.34
CA UNK D 662 40.39 93.30 4.53
C UNK D 662 41.69 94.01 4.63
N UNK D 663 42.74 93.33 5.14
CA UNK D 663 44.02 93.92 5.29
C UNK D 663 44.50 94.32 3.93
N UNK D 664 44.24 93.46 2.93
CA UNK D 664 44.64 93.70 1.57
C UNK D 664 43.95 94.95 1.12
N UNK D 665 42.72 95.17 1.61
CA UNK D 665 41.91 96.28 1.21
C UNK D 665 41.40 95.96 -0.16
N UNK D 666 41.60 94.70 -0.58
CA UNK D 666 41.06 94.23 -1.82
C UNK D 666 39.58 94.14 -1.71
N UNK D 667 39.07 93.64 -0.56
CA UNK D 667 37.66 93.43 -0.46
C UNK D 667 37.11 94.17 0.72
N UNK D 668 35.83 94.57 0.62
CA UNK D 668 35.18 95.25 1.69
C UNK D 668 33.95 94.47 2.01
N UNK D 669 33.54 94.45 3.29
CA UNK D 669 32.36 93.74 3.66
C UNK D 669 31.42 94.75 4.24
N UNK D 670 30.11 94.55 4.02
CA UNK D 670 29.15 95.50 4.52
C UNK D 670 28.05 94.76 5.20
N UNK D 671 27.32 95.45 6.10
CA UNK D 671 26.23 94.85 6.81
C UNK D 671 25.04 95.73 6.62
N UNK D 672 23.82 95.18 6.78
CA UNK D 672 22.69 96.01 6.53
C UNK D 672 21.46 95.41 7.16
N UNK D 673 20.34 96.14 6.98
CA UNK D 673 19.03 95.78 7.44
C UNK D 673 18.64 94.52 6.76
N UNK D 674 19.20 94.32 5.55
CA UNK D 674 18.89 93.20 4.70
C UNK D 674 19.16 91.96 5.50
N UNK D 675 20.10 92.05 6.45
CA UNK D 675 20.50 90.89 7.20
C UNK D 675 21.29 90.03 6.29
N UNK D 676 21.91 90.68 5.29
CA UNK D 676 22.78 90.02 4.39
C UNK D 676 24.10 90.71 4.54
N UNK D 677 25.21 89.98 4.33
CA UNK D 677 26.46 90.67 4.37
C UNK D 677 26.97 90.66 2.98
N UNK D 678 27.01 91.83 2.35
CA UNK D 678 27.49 91.79 1.02
C UNK D 678 28.96 91.73 1.11
N UNK D 679 29.59 90.93 0.23
CA UNK D 679 30.98 91.17 0.11
C UNK D 679 30.75 92.45 -0.56
N UNK D 680 30.95 93.54 0.22
CA UNK D 680 30.56 94.87 -0.11
C UNK D 680 31.18 95.04 -1.41
N UNK D 681 32.40 94.50 -1.52
CA UNK D 681 32.86 94.55 -2.84
C UNK D 681 34.15 93.87 -2.98
N UNK D 682 34.47 93.69 -4.27
CA UNK D 682 35.68 93.12 -4.70
C UNK D 682 35.40 92.59 -6.10
N UNK D 683 32.45 97.65 -9.61
CA UNK D 683 32.55 97.01 -8.28
C UNK D 683 31.25 96.40 -7.92
N UNK D 684 31.12 95.08 -8.15
CA UNK D 684 29.89 94.44 -7.85
C UNK D 684 30.15 93.56 -6.68
N UNK D 685 29.10 93.27 -5.89
CA UNK D 685 29.31 92.47 -4.72
C UNK D 685 29.73 91.12 -5.19
N UNK D 686 30.79 90.57 -4.56
CA UNK D 686 31.28 89.28 -4.94
C UNK D 686 30.22 88.27 -4.62
N UNK D 687 29.62 88.38 -3.43
CA UNK D 687 28.62 87.41 -3.07
C UNK D 687 27.80 87.99 -1.96
N UNK D 688 26.62 87.37 -1.72
CA UNK D 688 25.78 87.84 -0.65
C UNK D 688 25.70 86.70 0.32
N UNK D 689 25.78 87.01 1.63
CA UNK D 689 25.71 85.97 2.60
C UNK D 689 24.47 86.19 3.39
N UNK D 690 23.69 85.11 3.62
CA UNK D 690 22.48 85.25 4.36
C UNK D 690 22.55 84.28 5.49
N UNK D 691 21.76 84.54 6.54
CA UNK D 691 21.85 83.69 7.69
C UNK D 691 21.01 84.34 8.73
N UNK D 692 21.60 85.33 9.41
CA UNK D 692 20.97 86.00 10.51
C UNK D 692 19.57 86.39 10.16
N UNK D 693 18.67 86.15 11.13
CA UNK D 693 17.27 86.44 11.08
C UNK D 693 17.02 87.91 11.08
N UNK D 694 17.84 88.68 11.84
CA UNK D 694 17.54 90.08 12.02
C UNK D 694 18.64 90.92 11.49
N UNK D 695 18.49 92.25 11.69
CA UNK D 695 19.42 93.21 11.18
C UNK D 695 20.79 92.88 11.71
N UNK D 696 21.81 93.08 10.85
CA UNK D 696 23.15 92.79 11.26
C UNK D 696 23.79 94.08 11.68
N UNK D 697 24.13 94.16 12.97
CA UNK D 697 24.73 95.31 13.57
C UNK D 697 26.14 95.53 13.10
N UNK D 698 26.97 94.47 13.01
CA UNK D 698 28.33 94.74 12.67
C UNK D 698 28.94 93.58 11.95
N UNK D 699 29.99 93.87 11.16
CA UNK D 699 30.69 92.84 10.43
C UNK D 699 32.14 93.17 10.47
N UNK D 700 33.00 92.15 10.35
CA UNK D 700 34.40 92.44 10.35
C UNK D 700 35.10 91.35 9.61
N UNK D 701 36.23 91.69 8.98
CA UNK D 701 36.99 90.69 8.29
C UNK D 701 38.11 90.33 9.21
N UNK D 702 38.38 89.01 9.34
CA UNK D 702 39.44 88.57 10.21
C UNK D 702 40.73 88.95 9.57
N UNK D 703 41.78 89.12 10.40
CA UNK D 703 43.05 89.49 9.87
C UNK D 703 43.47 88.42 8.87
N UNK D 704 36.82 83.70 8.03
CA UNK D 704 36.85 84.81 7.06
C UNK D 704 36.24 86.05 7.63
N UNK D 705 34.93 86.01 7.94
CA UNK D 705 34.29 87.19 8.43
C UNK D 705 33.41 86.84 9.58
N UNK D 706 33.14 87.83 10.46
CA UNK D 706 32.28 87.61 11.58
C UNK D 706 31.24 88.68 11.57
N UNK D 707 30.03 88.36 12.06
CA UNK D 707 28.99 89.35 12.10
C UNK D 707 28.23 89.14 13.37
N UNK D 708 27.48 90.18 13.79
CA UNK D 708 26.67 90.09 14.98
C UNK D 708 25.32 90.58 14.59
N UNK D 709 24.26 90.11 15.29
CA UNK D 709 22.96 90.52 14.85
C UNK D 709 22.03 90.62 16.02
N UNK D 710 20.81 91.10 15.70
CA UNK D 710 19.68 91.24 16.58
C UNK D 710 19.36 89.85 17.01
N UNK D 711 19.75 88.91 16.14
CA UNK D 711 19.56 87.50 16.33
C UNK D 711 20.18 87.16 17.64
N UNK D 712 21.17 87.97 18.08
CA UNK D 712 21.86 87.70 19.30
C UNK D 712 22.71 86.51 19.06
N UNK D 713 23.16 86.39 17.80
CA UNK D 713 24.05 85.32 17.44
C UNK D 713 25.24 85.95 16.81
N UNK D 714 26.38 85.24 16.86
CA UNK D 714 27.56 85.66 16.20
C UNK D 714 27.81 84.60 15.18
N UNK D 715 28.14 84.99 13.93
CA UNK D 715 28.31 83.97 12.95
C UNK D 715 29.60 84.20 12.25
N UNK D 716 30.23 83.11 11.78
CA UNK D 716 31.45 83.22 11.05
C UNK D 716 31.13 82.78 9.65
N UNK D 717 31.64 83.49 8.64
CA UNK D 717 31.32 83.12 7.30
C UNK D 717 32.60 82.90 6.55
N UNK D 718 32.55 82.03 5.53
CA UNK D 718 33.73 81.78 4.75
C UNK D 718 33.68 82.78 3.65
N UNK D 719 30.11 78.39 8.86
CA UNK D 719 30.89 77.58 9.75
C UNK D 719 30.55 77.70 11.20
N UNK D 720 30.42 78.93 11.75
CA UNK D 720 30.29 78.95 13.18
C UNK D 720 29.16 79.81 13.61
N UNK D 721 28.65 79.48 14.81
CA UNK D 721 27.62 80.26 15.44
C UNK D 721 28.03 80.36 16.87
N UNK D 722 27.81 81.52 17.51
CA UNK D 722 28.21 81.60 18.88
C UNK D 722 27.01 81.84 19.71
N UNK D 723 26.75 80.94 20.68
CA UNK D 723 25.67 81.13 21.59
C UNK D 723 26.16 82.18 22.52
N UNK D 724 25.25 82.97 23.11
CA UNK D 724 25.77 84.03 23.91
C UNK D 724 24.65 84.65 24.66
N UNK D 725 24.80 85.96 24.95
CA UNK D 725 23.88 86.73 25.72
C UNK D 725 22.54 86.68 25.08
N UNK D 726 21.50 86.87 25.92
CA UNK D 726 20.12 86.86 25.52
C UNK D 726 19.84 88.02 24.61
N UNK D 727 20.41 89.19 24.92
CA UNK D 727 20.15 90.39 24.20
C UNK D 727 20.83 90.38 22.86
N UNK D 728 20.45 91.34 22.00
CA UNK D 728 21.01 91.46 20.68
C UNK D 728 22.44 91.86 20.82
N UNK D 729 23.27 91.54 19.80
CA UNK D 729 24.66 91.87 19.87
C UNK D 729 24.95 93.03 18.97
N UNK D 730 25.47 94.11 19.57
CA UNK D 730 25.80 95.34 18.89
C UNK D 730 26.98 95.21 17.98
N UNK D 731 28.09 94.56 18.41
CA UNK D 731 29.23 94.56 17.55
C UNK D 731 30.13 93.42 17.86
N UNK D 732 31.01 93.08 16.90
CA UNK D 732 31.97 92.03 17.11
C UNK D 732 33.29 92.54 16.62
N UNK D 733 34.37 92.21 17.35
CA UNK D 733 35.65 92.66 16.90
C UNK D 733 36.62 91.53 17.11
N UNK D 734 37.54 91.35 16.14
CA UNK D 734 38.53 90.33 16.27
C UNK D 734 39.70 90.91 16.99
N UNK D 735 40.53 90.03 17.58
CA UNK D 735 41.73 90.46 18.23
C UNK D 735 42.76 90.60 17.15
N UNK D 736 43.83 91.36 17.43
CA UNK D 736 44.87 91.55 16.46
C UNK D 736 45.41 90.19 16.16
N UNK D 737 45.55 89.37 17.21
CA UNK D 737 46.03 88.03 17.10
C UNK D 737 45.03 87.31 16.27
N UNK D 738 43.76 87.75 16.38
CA UNK D 738 42.66 87.11 15.73
C UNK D 738 42.39 85.87 16.51
N UNK D 739 43.07 85.76 17.66
CA UNK D 739 42.91 84.66 18.55
C UNK D 739 41.54 84.69 19.15
N UNK D 740 41.06 85.89 19.54
CA UNK D 740 39.79 85.92 20.24
C UNK D 740 38.92 86.99 19.66
N UNK D 741 37.61 86.92 19.99
CA UNK D 741 36.67 87.88 19.50
C UNK D 741 35.97 88.52 20.65
N UNK D 742 35.58 89.80 20.49
CA UNK D 742 34.89 90.49 21.53
C UNK D 742 33.55 90.84 20.98
N UNK D 743 32.49 90.65 21.79
CA UNK D 743 31.17 90.97 21.34
C UNK D 743 30.59 91.93 22.32
N UNK D 744 29.67 92.78 21.83
CA UNK D 744 29.03 93.71 22.69
C UNK D 744 27.56 93.50 22.52
N UNK D 745 26.80 93.66 23.61
CA UNK D 745 25.39 93.43 23.51
C UNK D 745 24.76 94.23 24.60
N UNK D 746 23.42 94.19 24.65
CA UNK D 746 22.77 94.92 25.69
C UNK D 746 23.22 94.35 27.00
N UNK D 747 23.27 93.01 27.09
CA UNK D 747 23.59 92.37 28.33
C UNK D 747 24.99 92.66 28.80
N UNK D 748 26.01 92.52 27.92
CA UNK D 748 27.34 92.71 28.42
C UNK D 748 28.29 92.57 27.27
N UNK D 749 29.60 92.71 27.57
CA UNK D 749 30.59 92.54 26.55
C UNK D 749 31.28 91.25 26.86
N UNK D 750 31.42 90.37 25.85
CA UNK D 750 32.03 89.12 26.13
C UNK D 750 33.16 88.89 25.18
N UNK D 751 34.19 88.18 25.65
CA UNK D 751 35.30 87.84 24.81
C UNK D 751 35.21 86.36 24.60
N UNK D 752 35.45 85.91 23.36
CA UNK D 752 35.33 84.49 23.12
C UNK D 752 36.53 84.03 22.37
N UNK D 753 36.90 82.76 22.57
CA UNK D 753 38.01 82.18 21.88
C UNK D 753 37.54 81.86 20.50
N UNK D 754 38.50 81.68 19.57
CA UNK D 754 38.15 81.37 18.21
C UNK D 754 37.41 80.05 18.19
N UNK D 755 34.32 81.17 26.58
CA UNK D 755 33.93 82.10 27.65
C UNK D 755 35.07 82.33 28.60
N UNK D 756 36.14 82.99 28.09
CA UNK D 756 37.28 83.26 28.92
C UNK D 756 36.84 84.14 30.03
N UNK D 757 36.06 85.19 29.70
CA UNK D 757 35.60 86.08 30.73
C UNK D 757 34.65 87.04 30.09
N UNK D 758 33.90 87.79 30.92
CA UNK D 758 32.98 88.75 30.38
C UNK D 758 32.93 89.91 31.33
N UNK D 759 32.59 91.11 30.82
CA UNK D 759 32.58 92.24 31.68
C UNK D 759 31.25 92.36 32.35
N UNK D 760 31.25 92.06 33.65
CA UNK D 760 30.15 92.15 34.57
C UNK D 760 29.84 93.59 34.81
N UNK D 761 30.88 94.44 34.71
CA UNK D 761 30.81 95.80 35.15
C UNK D 761 29.65 96.52 34.56
N UNK D 762 29.31 96.30 33.27
CA UNK D 762 28.19 97.03 32.73
C UNK D 762 27.00 96.63 33.54
N UNK D 763 26.87 95.31 33.78
CA UNK D 763 25.84 94.79 34.63
C UNK D 763 24.48 95.04 34.07
N UNK D 764 23.54 94.16 34.46
CA UNK D 764 22.15 94.24 34.11
C UNK D 764 21.62 95.47 34.78
N UNK D 765 22.12 95.73 36.00
CA UNK D 765 21.67 96.86 36.76
C UNK D 765 21.87 98.07 35.93
N UNK D 766 21.20 99.18 36.30
CA UNK D 766 21.22 100.39 35.52
C UNK D 766 22.63 100.72 35.17
N UNK D 767 22.92 100.43 33.89
CA UNK D 767 24.15 100.61 33.20
C UNK D 767 24.06 99.55 32.17
N UNK D 768 24.26 99.90 30.90
CA UNK D 768 24.03 98.85 29.95
C UNK D 768 24.11 99.43 28.58
N UNK D 769 23.53 98.71 27.61
CA UNK D 769 23.53 99.12 26.24
C UNK D 769 24.91 99.49 25.83
N UNK D 770 25.82 98.49 25.76
CA UNK D 770 27.16 98.79 25.36
C UNK D 770 27.22 98.79 23.87
N UNK D 771 27.35 100.00 23.30
CA UNK D 771 27.40 100.30 21.90
C UNK D 771 28.68 99.86 21.23
N UNK D 772 29.85 100.06 21.86
CA UNK D 772 31.02 99.81 21.06
C UNK D 772 32.09 99.13 21.83
N UNK D 773 33.04 98.56 21.08
CA UNK D 773 34.18 97.92 21.67
C UNK D 773 35.31 98.14 20.74
N UNK D 774 36.51 98.32 21.31
CA UNK D 774 37.66 98.50 20.49
C UNK D 774 38.72 97.71 21.15
N UNK D 775 39.65 97.20 20.35
CA UNK D 775 40.69 96.43 20.91
C UNK D 775 41.84 97.35 20.97
N UNK D 776 42.60 97.20 22.06
CA UNK D 776 43.72 98.05 22.25
C UNK D 776 44.82 97.60 21.32
N UNK D 777 45.82 98.49 21.19
CA UNK D 777 47.07 98.29 20.51
C UNK D 777 47.76 97.37 21.45
N UNK D 778 48.69 97.83 22.33
CA UNK D 778 49.09 96.91 23.39
C UNK D 778 47.72 96.62 24.15
N UNK D 779 47.42 95.36 24.88
CA UNK D 779 46.27 94.49 25.43
C UNK D 779 45.20 94.96 26.40
N UNK D 780 43.94 94.89 25.88
CA UNK D 780 42.77 95.30 26.60
C UNK D 780 41.71 95.55 25.58
N UNK D 781 40.51 95.90 26.06
CA UNK D 781 39.41 96.22 25.18
C UNK D 781 38.75 97.41 25.78
N UNK D 782 38.07 98.21 24.94
CA UNK D 782 37.41 99.36 25.48
C UNK D 782 36.01 99.33 24.98
N UNK D 783 35.06 99.76 25.83
CA UNK D 783 33.70 99.75 25.43
C UNK D 783 33.07 101.02 25.90
N UNK D 784 31.96 101.41 25.26
CA UNK D 784 31.23 102.57 25.64
C UNK D 784 29.79 102.21 25.54
N UNK D 785 28.91 102.81 26.38
CA UNK D 785 27.53 102.43 26.31
C UNK D 785 26.69 103.63 26.02
N UNK D 786 25.68 103.45 25.14
CA UNK D 786 24.73 104.46 24.79
C UNK D 786 23.86 104.72 25.97
N UNK D 787 23.59 103.65 26.74
CA UNK D 787 22.68 103.62 27.84
C UNK D 787 23.04 104.62 28.88
N UNK D 788 22.39 104.49 30.04
CA UNK D 788 22.49 105.43 31.11
C UNK D 788 23.92 105.58 31.49
N UNK D 789 24.71 104.49 31.47
CA UNK D 789 26.08 104.64 31.86
C UNK D 789 26.72 105.65 30.97
N UNK D 790 26.56 105.49 29.64
CA UNK D 790 27.08 106.42 28.67
C UNK D 790 28.51 106.73 29.02
N UNK D 791 29.32 105.71 29.32
CA UNK D 791 30.66 106.07 29.66
C UNK D 791 31.58 105.11 29.00
N UNK D 792 32.85 105.52 28.83
CA UNK D 792 33.82 104.63 28.28
C UNK D 792 34.23 103.75 29.41
N UNK D 793 34.57 102.50 29.09
CA UNK D 793 35.02 101.62 30.12
C UNK D 793 36.31 101.07 29.59
N UNK D 794 37.32 100.95 30.48
CA UNK D 794 38.56 100.41 30.04
C UNK D 794 38.85 99.25 30.91
N UNK D 795 39.36 98.16 30.31
CA UNK D 795 39.66 97.01 31.12
C UNK D 795 40.55 96.12 30.32
N UNK D 796 41.23 95.19 31.04
CA UNK D 796 42.06 94.23 30.39
C UNK D 796 41.30 92.95 30.43
N UNK D 797 41.30 92.20 29.30
CA UNK D 797 40.53 91.00 29.26
C UNK D 797 41.07 90.02 30.24
N UNK D 798 42.41 89.88 30.32
CA UNK D 798 42.93 88.88 31.20
C UNK D 798 42.55 89.22 32.60
N UNK D 799 42.76 90.48 33.01
CA UNK D 799 42.47 90.90 34.35
C UNK D 799 41.01 90.82 34.61
N UNK D 800 40.17 91.21 33.62
CA UNK D 800 38.75 91.24 33.82
C UNK D 800 38.43 92.30 34.83
N UNK D 801 39.32 93.30 34.96
CA UNK D 801 39.06 94.37 35.87
C UNK D 801 38.99 95.63 35.04
N UNK D 802 38.17 96.60 35.49
CA UNK D 802 38.05 97.83 34.73
C UNK D 802 39.07 98.77 35.27
N UNK D 803 39.98 99.24 34.39
CA UNK D 803 41.01 100.12 34.83
C UNK D 803 40.40 101.40 35.30
N UNK D 804 39.47 101.98 34.52
CA UNK D 804 38.89 103.22 34.95
C UNK D 804 37.75 103.53 34.05
N UNK D 805 36.88 104.45 34.50
CA UNK D 805 35.76 104.83 33.70
C UNK D 805 35.88 106.30 33.41
N UNK D 806 35.57 106.71 32.16
CA UNK D 806 35.67 108.11 31.83
C UNK D 806 34.28 108.64 31.61
N UNK D 807 33.97 109.84 32.16
CA UNK D 807 32.63 110.39 32.04
C UNK D 807 32.38 110.95 30.62
N UNK D 808 31.09 110.89 30.08
CA UNK D 808 30.62 111.28 28.73
C UNK D 808 29.04 111.80 28.64
N UNK D 809 28.22 111.83 27.40
CA UNK D 809 26.81 112.14 26.80
C UNK D 809 26.18 110.78 26.52
N UNK D 810 26.29 110.18 25.30
CA UNK D 810 26.03 108.78 25.05
C UNK D 810 27.10 108.46 24.05
N UNK D 811 27.88 107.37 24.24
CA UNK D 811 29.01 107.19 23.37
C UNK D 811 28.68 106.23 22.27
N UNK D 812 28.72 106.79 21.04
CA UNK D 812 28.52 106.08 19.82
C UNK D 812 29.69 105.20 19.47
N UNK D 813 30.93 105.71 19.61
CA UNK D 813 32.03 104.90 19.17
C UNK D 813 33.25 105.21 19.98
N UNK D 814 34.12 104.20 20.14
CA UNK D 814 35.32 104.40 20.89
C UNK D 814 36.44 103.94 20.03
N UNK D 815 37.60 104.62 20.15
CA UNK D 815 38.72 104.23 19.36
C UNK D 815 39.94 104.53 20.13
N UNK D 816 41.06 103.86 19.79
CA UNK D 816 42.29 104.14 20.48
C UNK D 816 43.18 104.73 19.46
N UNK D 817 44.03 105.70 19.87
CA UNK D 817 44.90 106.27 18.89
C UNK D 817 45.80 105.15 18.46
N UNK D 818 45.84 104.90 17.14
CA UNK D 818 46.65 103.84 16.63
C UNK D 818 48.08 104.17 16.84
N UNK D 819 48.43 105.43 16.53
CA UNK D 819 49.79 105.85 16.56
C UNK D 819 50.49 105.08 15.48
N UNK D 820 51.29 105.79 14.68
CA UNK D 820 52.00 105.16 13.61
C UNK D 820 53.22 104.55 14.21
N UNK D 821 53.92 103.72 13.41
CA UNK D 821 55.14 103.06 13.82
C UNK D 821 54.95 102.49 15.17
N UNK D 822 54.25 101.34 15.24
CA UNK D 822 53.95 100.69 16.47
C UNK D 822 52.80 101.46 16.99
N UNK D 823 52.03 100.86 17.92
CA UNK D 823 50.89 101.63 18.32
C UNK D 823 51.11 102.08 19.71
N UNK D 824 50.66 103.30 19.99
CA UNK D 824 50.75 103.85 21.31
C UNK D 824 49.48 104.60 21.50
N UNK D 825 48.87 104.50 22.69
CA UNK D 825 47.70 105.30 22.82
C UNK D 825 47.90 106.27 23.93
N UNK D 826 48.27 107.52 23.59
CA UNK D 826 48.41 108.56 24.55
C UNK D 826 47.05 108.89 25.07
N UNK D 827 46.08 108.98 24.14
CA UNK D 827 44.74 109.35 24.49
C UNK D 827 43.82 108.54 23.65
N UNK D 828 42.53 108.54 24.02
CA UNK D 828 41.57 107.78 23.28
C UNK D 828 40.66 108.73 22.60
N UNK D 829 40.15 108.33 21.41
CA UNK D 829 39.25 109.18 20.69
C UNK D 829 37.90 108.57 20.77
N UNK D 830 36.88 109.40 20.97
CA UNK D 830 35.56 108.86 21.04
C UNK D 830 34.64 109.86 20.44
N UNK D 831 33.51 109.36 19.92
CA UNK D 831 32.52 110.20 19.33
C UNK D 831 31.28 109.90 20.10
N UNK D 832 30.37 110.90 20.23
CA UNK D 832 29.21 110.64 21.01
C UNK D 832 28.01 111.09 20.27
N UNK D 833 26.85 110.52 20.64
CA UNK D 833 25.59 110.87 20.08
C UNK D 833 25.09 112.05 20.84
N UNK D 834 24.13 112.76 20.23
CA UNK D 834 23.54 113.87 20.89
C UNK D 834 22.08 113.71 20.75
N UNK D 835 21.35 114.01 21.84
CA UNK D 835 19.93 113.96 21.92
C UNK D 835 19.44 115.30 21.55
N UNK D 836 18.15 115.60 21.82
CA UNK D 836 17.62 116.86 21.42
C UNK D 836 18.45 117.93 22.06
N UNK D 837 18.74 117.83 23.38
CA UNK D 837 19.61 118.83 23.90
C UNK D 837 20.91 118.57 23.24
N UNK D 838 21.62 119.61 22.75
CA UNK D 838 22.80 119.24 22.05
C UNK D 838 23.99 119.50 22.90
N UNK D 839 24.16 118.70 23.98
CA UNK D 839 25.36 118.85 24.73
C UNK D 839 26.52 118.20 24.03
N UNK D 840 26.38 116.88 23.69
CA UNK D 840 27.57 116.27 23.20
C UNK D 840 27.45 115.77 21.82
N UNK D 841 27.71 116.71 20.89
CA UNK D 841 27.89 116.61 19.49
C UNK D 841 29.29 116.16 19.18
N UNK D 842 30.21 116.42 20.13
CA UNK D 842 31.63 116.36 19.88
C UNK D 842 32.27 115.01 19.82
N UNK D 843 33.48 115.04 19.24
CA UNK D 843 34.38 113.94 19.23
C UNK D 843 35.38 114.36 20.24
N UNK D 844 35.67 113.51 21.23
CA UNK D 844 36.56 113.98 22.24
C UNK D 844 37.71 113.06 22.35
N UNK D 845 38.88 113.64 22.66
CA UNK D 845 40.03 112.84 22.87
C UNK D 845 40.24 112.89 24.35
N UNK D 846 40.42 111.72 24.98
CA UNK D 846 40.60 111.77 26.39
C UNK D 846 41.99 111.37 26.68
N UNK D 847 42.71 112.20 27.47
CA UNK D 847 44.03 111.79 27.82
C UNK D 847 43.83 110.62 28.69
N UNK D 848 44.52 109.52 28.40
CA UNK D 848 44.34 108.35 29.18
C UNK D 848 45.07 108.59 30.50
N UNK D 849 40.56 113.81 32.53
CA UNK D 849 39.31 114.24 31.86
C UNK D 849 39.57 114.39 30.40
N UNK D 850 38.51 114.64 29.62
CA UNK D 850 38.77 114.79 28.22
C UNK D 850 39.64 115.99 28.07
N UNK D 851 40.73 115.84 27.28
CA UNK D 851 41.64 116.93 27.11
C UNK D 851 40.95 118.03 26.38
N UNK D 852 40.24 117.69 25.28
CA UNK D 852 39.60 118.74 24.55
C UNK D 852 38.46 118.15 23.78
N UNK D 853 37.50 119.00 23.40
CA UNK D 853 36.39 118.53 22.63
C UNK D 853 36.21 119.49 21.50
N UNK D 854 25.20 120.10 14.34
CA UNK D 854 24.22 119.72 15.31
C UNK D 854 23.69 118.42 14.84
N UNK D 855 23.85 117.36 15.67
CA UNK D 855 23.38 116.06 15.33
C UNK D 855 24.22 115.10 16.10
N UNK D 856 23.85 113.82 16.04
CA UNK D 856 24.67 112.85 16.67
C UNK D 856 25.76 112.51 15.72
N UNK D 857 26.95 112.16 16.25
CA UNK D 857 27.99 111.70 15.37
C UNK D 857 27.98 110.22 15.52
N UNK D 858 27.55 109.51 14.46
CA UNK D 858 27.40 108.09 14.55
C UNK D 858 28.71 107.40 14.74
N UNK D 859 29.74 107.79 13.95
CA UNK D 859 30.95 107.03 14.04
C UNK D 859 32.11 107.94 13.82
N UNK D 860 33.33 107.37 13.97
CA UNK D 860 34.53 108.12 13.76
C UNK D 860 35.57 107.15 13.30
N UNK D 861 36.68 107.67 12.75
CA UNK D 861 37.75 106.79 12.34
C UNK D 861 39.04 107.54 12.48
N UNK D 862 40.10 106.83 12.91
CA UNK D 862 41.39 107.44 13.06
C UNK D 862 42.31 106.66 12.18
N UNK D 863 43.37 107.32 11.66
CA UNK D 863 44.26 106.61 10.79
C UNK D 863 45.56 106.41 11.50
N UNK D 864 46.08 105.16 11.44
CA UNK D 864 47.33 104.89 12.07
C UNK D 864 48.44 105.61 11.37
N UNK D 865 48.45 105.50 10.03
CA UNK D 865 49.49 106.07 9.23
C UNK D 865 49.46 107.56 9.25
N UNK D 866 48.28 108.16 9.06
CA UNK D 866 48.22 109.60 8.92
C UNK D 866 47.38 110.15 10.00
N UNK D 867 47.62 111.44 10.34
CA UNK D 867 46.82 112.04 11.34
C UNK D 867 45.67 112.67 10.63
N UNK D 868 44.48 112.06 10.78
CA UNK D 868 43.28 112.56 10.20
C UNK D 868 42.20 111.81 10.87
N UNK D 869 40.98 112.37 10.92
CA UNK D 869 39.91 111.65 11.55
C UNK D 869 38.71 111.90 10.72
N UNK D 870 37.78 110.94 10.68
CA UNK D 870 36.59 111.13 9.90
C UNK D 870 35.44 111.04 10.84
N UNK D 871 34.36 111.79 10.57
CA UNK D 871 33.21 111.77 11.42
C UNK D 871 32.01 111.63 10.55
N UNK D 872 30.99 110.90 11.06
CA UNK D 872 29.78 110.71 10.33
C UNK D 872 28.66 111.10 11.25
N UNK D 873 27.51 111.56 10.70
CA UNK D 873 26.46 111.97 11.58
C UNK D 873 25.19 111.23 11.28
N UNK D 874 24.56 110.74 12.38
CA UNK D 874 23.35 109.97 12.48
C UNK D 874 22.09 110.73 12.18
N UNK D 875 22.02 112.02 12.53
CA UNK D 875 20.73 112.59 12.32
C UNK D 875 20.44 112.69 10.85
N UNK D 876 19.29 112.12 10.43
CA UNK D 876 18.84 112.23 9.08
C UNK D 876 18.03 113.47 9.04
N UNK D 877 17.88 114.09 7.85
CA UNK D 877 17.17 115.33 7.78
C UNK D 877 17.86 116.24 8.72
N UNK D 878 19.19 116.07 8.78
CA UNK D 878 20.06 116.79 9.64
C UNK D 878 21.37 116.72 8.96
N UNK D 879 22.48 116.80 9.72
CA UNK D 879 23.72 116.77 9.00
C UNK D 879 24.11 115.34 8.78
N UNK D 880 24.04 114.91 7.51
CA UNK D 880 24.58 113.62 7.17
C UNK D 880 25.78 114.02 6.39
N UNK D 881 26.96 114.00 7.06
CA UNK D 881 28.11 114.47 6.36
C UNK D 881 29.30 113.81 6.92
N UNK D 882 30.37 113.77 6.11
CA UNK D 882 31.60 113.19 6.59
C UNK D 882 32.52 114.34 6.83
N UNK D 883 33.11 114.39 8.03
CA UNK D 883 34.04 115.44 8.31
C UNK D 883 35.35 114.78 8.57
N UNK D 884 36.42 115.28 7.94
CA UNK D 884 37.69 114.68 8.19
C UNK D 884 38.62 115.77 8.61
N UNK D 885 39.16 115.73 9.85
CA UNK D 885 39.96 116.88 10.16
C UNK D 885 41.08 116.52 11.05
N UNK D 886 42.25 117.22 10.89
CA UNK D 886 43.21 116.92 11.90
C UNK D 886 42.73 117.50 13.20
N UNK D 887 42.89 118.84 13.41
CA UNK D 887 42.28 119.53 14.52
C UNK D 887 41.05 120.32 14.18
N UNK D 888 41.29 121.34 13.33
CA UNK D 888 40.35 122.36 12.99
C UNK D 888 39.45 121.78 11.96
N UNK D 889 38.34 122.47 11.65
CA UNK D 889 37.44 121.92 10.69
C UNK D 889 38.21 121.70 9.43
N UNK D 890 38.11 120.48 8.89
CA UNK D 890 38.83 120.14 7.71
C UNK D 890 38.04 119.10 7.01
N UNK D 891 38.35 118.88 5.73
CA UNK D 891 37.73 117.88 4.90
C UNK D 891 36.62 118.54 4.17
N UNK D 892 35.93 117.78 3.31
CA UNK D 892 34.93 118.38 2.50
C UNK D 892 33.57 117.88 2.87
N UNK D 893 32.55 118.68 2.55
CA UNK D 893 31.18 118.34 2.79
C UNK D 893 30.52 118.23 1.45
N UNK D 894 29.48 117.38 1.34
CA UNK D 894 28.88 117.22 0.05
C UNK D 894 27.60 117.99 -0.01
N UNK D 895 27.34 118.69 -1.13
CA UNK D 895 26.10 119.40 -1.20
C UNK D 895 25.02 118.42 -1.56
N UNK D 896 23.74 118.51 -1.18
CA UNK D 896 22.82 117.45 -1.63
C UNK D 896 21.90 117.89 -2.75
N UNK D 897 20.76 117.20 -2.99
CA UNK D 897 20.10 117.19 -4.32
C UNK D 897 18.50 117.18 -4.50
N UNK D 898 17.79 116.46 -5.65
CA UNK D 898 16.38 116.16 -6.17
C UNK D 898 15.74 117.49 -6.04
N UNK D 899 14.41 117.68 -6.12
CA UNK D 899 14.15 119.07 -5.90
C UNK D 899 13.15 119.30 -4.80
N UNK D 900 13.53 120.14 -3.82
CA UNK D 900 12.64 120.56 -2.78
C UNK D 900 11.61 121.48 -3.35
N UNK D 901 12.06 122.47 -4.16
CA UNK D 901 11.16 123.44 -4.72
C UNK D 901 11.85 124.04 -5.91
N UNK D 902 11.09 124.74 -6.78
CA UNK D 902 11.76 125.31 -7.91
C UNK D 902 11.04 126.55 -8.31
N UNK D 903 11.76 127.46 -8.99
CA UNK D 903 11.16 128.66 -9.49
C UNK D 903 11.77 128.91 -10.83
N UNK D 904 10.95 129.28 -11.82
CA UNK D 904 11.47 129.53 -13.13
C UNK D 904 11.92 130.96 -13.18
N UNK D 905 12.84 131.27 -14.12
CA UNK D 905 13.28 132.62 -14.27
C UNK D 905 12.14 133.36 -14.88
N UNK D 906 11.91 134.62 -14.47
CA UNK D 906 10.80 135.30 -15.04
C UNK D 906 11.05 135.49 -16.50
N UNK D 907 12.23 136.04 -16.84
CA UNK D 907 12.57 136.30 -18.21
C UNK D 907 12.78 135.04 -18.98
N UNK D 908 13.48 134.06 -18.37
CA UNK D 908 13.86 132.92 -19.14
C UNK D 908 13.19 131.69 -18.63
N UNK D 909 13.09 130.69 -19.53
CA UNK D 909 12.48 129.41 -19.30
C UNK D 909 13.26 128.65 -18.28
N UNK D 910 14.59 128.84 -18.25
CA UNK D 910 15.50 128.10 -17.41
C UNK D 910 14.96 128.01 -16.03
N UNK D 911 15.27 126.89 -15.34
CA UNK D 911 14.69 126.69 -14.05
C UNK D 911 15.75 126.67 -13.02
N UNK D 912 15.38 127.16 -11.83
CA UNK D 912 16.24 127.15 -10.70
C UNK D 912 15.53 126.29 -9.71
N UNK D 913 16.27 125.39 -9.04
CA UNK D 913 15.57 124.58 -8.09
C UNK D 913 16.44 124.42 -6.91
N UNK D 914 15.82 124.33 -5.72
CA UNK D 914 16.53 124.11 -4.50
C UNK D 914 16.63 122.64 -4.31
N UNK D 915 17.58 122.20 -3.47
CA UNK D 915 17.82 120.80 -3.26
C UNK D 915 17.79 120.54 -1.80
N UNK D 916 17.64 119.26 -1.41
CA UNK D 916 17.69 118.85 -0.04
C UNK D 916 19.04 119.29 0.36
N UNK D 917 20.00 119.07 -0.52
CA UNK D 917 21.24 119.78 -0.61
C UNK D 917 21.22 121.07 0.01
N UNK D 918 22.42 121.39 0.40
CA UNK D 918 22.72 122.74 0.68
C UNK D 918 22.62 123.47 -0.62
N UNK D 919 23.09 122.85 -1.71
CA UNK D 919 23.08 123.47 -3.00
C UNK D 919 21.71 123.59 -3.60
N UNK D 920 21.58 124.59 -4.48
CA UNK D 920 20.45 124.88 -5.31
C UNK D 920 21.09 125.01 -6.64
N UNK D 921 20.37 124.79 -7.75
CA UNK D 921 21.12 124.88 -8.97
C UNK D 921 20.30 125.53 -10.01
N UNK D 922 21.03 126.03 -11.03
CA UNK D 922 20.39 126.62 -12.16
C UNK D 922 20.53 125.62 -13.22
N UNK D 923 19.44 125.38 -13.98
CA UNK D 923 19.57 124.45 -15.04
C UNK D 923 18.88 125.04 -16.20
N UNK D 924 19.33 124.64 -17.39
CA UNK D 924 18.71 125.14 -18.57
C UNK D 924 18.15 123.96 -19.28
N UNK D 925 16.97 124.15 -19.88
CA UNK D 925 16.33 123.13 -20.64
C UNK D 925 16.41 123.57 -22.06
N UNK D 926 16.57 122.61 -22.99
CA UNK D 926 16.71 122.97 -24.36
C UNK D 926 15.46 123.65 -24.80
N UNK D 927 15.60 124.62 -25.72
CA UNK D 927 14.48 125.38 -26.20
C UNK D 927 13.50 124.47 -26.86
N UNK D 928 14.00 123.55 -27.70
CA UNK D 928 13.07 122.68 -28.35
C UNK D 928 12.80 121.56 -27.41
N UNK D 929 11.62 121.61 -26.78
CA UNK D 929 11.21 120.61 -25.85
C UNK D 929 10.98 119.32 -26.59
N UNK D 930 10.39 119.43 -27.79
CA UNK D 930 9.99 118.28 -28.56
C UNK D 930 11.20 117.47 -28.85
N UNK D 931 12.28 118.16 -29.20
CA UNK D 931 13.48 117.45 -29.51
C UNK D 931 13.84 116.72 -28.25
N UNK D 932 14.63 115.63 -28.34
CA UNK D 932 15.03 114.93 -27.17
C UNK D 932 15.67 115.97 -26.32
N UNK D 933 15.17 116.07 -25.08
CA UNK D 933 15.63 117.15 -24.28
C UNK D 933 17.02 116.90 -23.84
N UNK D 934 17.65 117.92 -23.27
CA UNK D 934 18.91 117.70 -22.64
C UNK D 934 18.82 118.63 -21.48
N UNK D 935 19.36 118.27 -20.31
CA UNK D 935 19.22 119.22 -19.24
C UNK D 935 20.56 119.47 -18.68
N UNK D 936 20.98 120.75 -18.67
CA UNK D 936 22.32 121.01 -18.24
C UNK D 936 22.27 121.86 -17.03
N UNK D 937 23.25 121.61 -16.14
CA UNK D 937 23.34 122.37 -14.95
C UNK D 937 24.12 123.59 -15.27
N UNK D 938 23.47 124.77 -15.20
CA UNK D 938 24.20 125.96 -15.48
C UNK D 938 25.20 126.13 -14.38
N UNK D 939 24.76 125.98 -13.12
CA UNK D 939 25.70 126.16 -12.06
C UNK D 939 25.05 125.70 -10.80
N UNK D 940 25.89 125.42 -9.78
CA UNK D 940 25.34 125.02 -8.53
C UNK D 940 25.63 126.10 -7.56
N UNK D 941 24.61 126.46 -6.76
CA UNK D 941 24.81 127.43 -5.73
C UNK D 941 24.80 126.64 -4.49
N UNK D 942 25.84 126.77 -3.67
CA UNK D 942 25.89 125.95 -2.51
C UNK D 942 25.95 126.86 -1.33
N UNK D 943 25.41 126.37 -0.21
CA UNK D 943 25.42 127.12 0.99
C UNK D 943 25.78 126.16 2.05
N UNK D 944 26.18 126.66 3.22
CA UNK D 944 26.52 125.81 4.30
C UNK D 944 25.31 125.05 4.74
N UNK D 945 24.16 125.76 4.85
CA UNK D 945 22.97 125.19 5.39
C UNK D 945 22.56 123.98 4.61
N UNK D 946 21.91 123.04 5.32
CA UNK D 946 21.56 121.77 4.79
C UNK D 946 20.61 121.86 3.66
N UNK D 947 19.50 122.61 3.80
CA UNK D 947 18.53 122.54 2.73
C UNK D 947 18.14 123.90 2.31
N UNK D 948 17.68 124.01 1.04
CA UNK D 948 17.26 125.30 0.57
C UNK D 948 15.77 125.36 0.66
N UNK D 949 15.27 126.19 1.59
CA UNK D 949 13.87 126.37 1.79
C UNK D 949 13.23 127.08 0.64
N UNK D 950 13.85 128.17 0.15
CA UNK D 950 13.17 128.88 -0.89
C UNK D 950 14.15 129.63 -1.72
N UNK D 951 13.71 129.99 -2.94
CA UNK D 951 14.52 130.77 -3.82
C UNK D 951 13.61 131.75 -4.46
N UNK D 952 14.11 132.98 -4.69
CA UNK D 952 13.27 133.93 -5.36
C UNK D 952 14.12 134.64 -6.34
N UNK D 953 13.64 134.75 -7.59
CA UNK D 953 14.37 135.46 -8.59
C UNK D 953 13.96 136.89 -8.49
N UNK D 954 14.85 137.80 -8.94
CA UNK D 954 14.53 139.18 -8.95
C UNK D 954 13.65 139.39 -10.14
N UNK D 955 12.96 140.54 -10.20
CA UNK D 955 12.11 140.82 -11.31
C UNK D 955 12.97 140.81 -12.54
N UNK D 956 14.19 141.36 -12.40
CA UNK D 956 15.12 141.43 -13.48
C UNK D 956 15.45 140.05 -13.92
N UNK D 957 15.48 139.11 -12.95
CA UNK D 957 15.86 137.74 -13.20
C UNK D 957 17.33 137.72 -13.37
N UNK D 958 17.98 138.89 -13.19
CA UNK D 958 19.40 138.98 -13.25
C UNK D 958 19.96 138.22 -12.09
N UNK D 959 19.34 138.38 -10.91
CA UNK D 959 19.86 137.75 -9.72
C UNK D 959 18.79 136.95 -9.07
N UNK D 960 19.21 135.96 -8.27
CA UNK D 960 18.30 135.14 -7.54
C UNK D 960 18.80 135.06 -6.14
N UNK D 961 17.89 134.86 -5.17
CA UNK D 961 18.35 134.77 -3.82
C UNK D 961 18.11 133.38 -3.36
N UNK D 962 19.11 132.78 -2.68
CA UNK D 962 18.96 131.45 -2.19
C UNK D 962 18.79 131.57 -0.71
N UNK D 963 17.85 130.79 -0.16
CA UNK D 963 17.64 130.83 1.25
C UNK D 963 17.67 129.43 1.74
N UNK D 964 18.24 129.20 2.93
CA UNK D 964 18.28 127.84 3.36
C UNK D 964 17.38 127.70 4.54
N UNK D 965 16.40 126.78 4.44
CA UNK D 965 15.57 126.53 5.56
C UNK D 965 14.98 125.18 5.38
N UNK D 966 14.62 124.56 6.51
CA UNK D 966 14.17 123.20 6.47
C UNK D 966 14.15 122.80 7.90
N UNK D 967 14.65 121.59 8.19
CA UNK D 967 14.69 121.19 9.56
C UNK D 967 15.51 122.22 10.26
N UNK D 968 16.67 122.60 9.67
CA UNK D 968 17.41 123.65 10.28
C UNK D 968 17.77 124.60 9.20
N UNK D 969 17.27 125.85 9.30
CA UNK D 969 17.59 126.81 8.29
C UNK D 969 18.71 127.61 8.83
N UNK D 970 19.78 127.78 8.04
CA UNK D 970 20.82 128.69 8.39
C UNK D 970 20.24 130.05 8.23
N UNK D 971 19.40 130.18 7.18
CA UNK D 971 18.78 131.38 6.71
C UNK D 971 19.80 132.24 6.09
N UNK D 972 20.99 131.70 5.80
CA UNK D 972 21.91 132.56 5.13
C UNK D 972 21.29 132.81 3.80
N UNK D 973 21.32 134.07 3.35
CA UNK D 973 20.74 134.36 2.08
C UNK D 973 21.86 134.80 1.20
N UNK D 974 21.91 134.24 -0.02
CA UNK D 974 22.97 134.65 -0.89
C UNK D 974 22.35 135.13 -2.14
N UNK D 975 22.93 136.19 -2.73
CA UNK D 975 22.44 136.67 -3.97
C UNK D 975 23.38 136.12 -4.98
N UNK D 976 22.86 135.50 -6.05
CA UNK D 976 23.74 134.92 -7.00
C UNK D 976 23.35 135.44 -8.35
N UNK D 977 24.35 135.59 -9.23
CA UNK D 977 24.03 136.02 -10.56
C UNK D 977 23.33 134.86 -11.18
N UNK D 978 22.43 135.14 -12.14
CA UNK D 978 21.72 134.06 -12.75
C UNK D 978 22.74 133.21 -13.41
N UNK D 979 23.76 133.86 -14.00
CA UNK D 979 24.78 133.19 -14.75
C UNK D 979 25.60 132.28 -13.89
N UNK D 980 26.00 132.69 -12.66
CA UNK D 980 26.94 131.80 -12.05
C UNK D 980 26.91 131.83 -10.55
N UNK D 981 27.80 131.00 -9.99
CA UNK D 981 28.06 130.70 -8.61
C UNK D 981 28.61 131.86 -7.84
N UNK D 982 29.34 132.79 -8.49
CA UNK D 982 30.12 133.78 -7.80
C UNK D 982 29.28 134.53 -6.81
N UNK D 983 28.06 134.97 -7.18
CA UNK D 983 27.20 135.63 -6.25
C UNK D 983 27.74 136.98 -5.87
N UNK D 984 26.83 137.98 -5.87
CA UNK D 984 27.18 139.32 -5.53
C UNK D 984 27.53 139.45 -4.08
N UNK D 985 26.73 138.85 -3.18
CA UNK D 985 27.03 139.02 -1.78
C UNK D 985 26.23 138.06 -0.99
N UNK D 986 26.56 137.96 0.31
CA UNK D 986 25.82 137.08 1.18
C UNK D 986 25.35 137.89 2.34
N UNK D 987 24.07 137.73 2.72
CA UNK D 987 23.59 138.44 3.86
C UNK D 987 22.95 137.43 4.76
N UNK D 988 23.37 137.37 6.04
CA UNK D 988 22.70 136.44 6.90
C UNK D 988 22.20 137.19 8.08
N UNK D 989 21.01 137.81 7.93
CA UNK D 989 20.39 138.56 8.99
C UNK D 989 19.85 137.65 10.05
N UNK D 990 19.19 136.53 9.66
CA UNK D 990 18.44 135.80 10.65
C UNK D 990 18.63 134.32 10.53
N UNK D 991 17.97 133.61 11.46
CA UNK D 991 18.02 132.17 11.64
C UNK D 991 17.47 131.41 10.48
N UNK D 992 16.29 131.77 9.93
CA UNK D 992 15.75 130.97 8.84
C UNK D 992 14.96 131.88 7.95
N UNK D 993 14.71 131.50 6.68
CA UNK D 993 13.88 132.37 5.90
C UNK D 993 12.94 131.57 5.06
N UNK D 994 11.65 131.55 5.44
CA UNK D 994 10.63 130.83 4.73
C UNK D 994 10.32 131.50 3.42
N UNK D 995 10.14 132.84 3.42
CA UNK D 995 9.74 133.43 2.18
C UNK D 995 10.41 134.76 2.02
N UNK D 996 10.71 135.12 0.76
CA UNK D 996 11.30 136.39 0.50
C UNK D 996 10.60 136.92 -0.72
N UNK D 997 10.24 138.21 -0.70
CA UNK D 997 9.60 138.75 -1.86
C UNK D 997 10.37 139.96 -2.23
N UNK D 998 10.72 140.08 -3.53
CA UNK D 998 11.45 141.22 -3.96
C UNK D 998 10.47 142.31 -4.24
N UNK D 999 10.90 143.56 -4.00
CA UNK D 999 10.15 144.72 -4.29
C UNK D 999 10.44 144.99 -5.71
N UNK D 1000 10.12 146.20 -6.21
CA UNK D 1000 10.45 146.51 -7.57
C UNK D 1000 11.93 146.32 -7.63
N UNK D 1001 12.63 146.78 -6.58
CA UNK D 1001 14.03 146.53 -6.47
C UNK D 1001 14.27 146.15 -5.04
N UNK D 1002 15.17 145.18 -4.79
CA UNK D 1002 15.51 144.78 -3.45
C UNK D 1002 14.52 143.78 -2.96
N UNK D 1003 14.68 143.33 -1.69
CA UNK D 1003 13.75 142.38 -1.17
C UNK D 1003 13.73 142.46 0.33
N UNK D 1004 12.70 141.83 0.93
CA UNK D 1004 12.55 141.73 2.35
C UNK D 1004 12.44 140.26 2.63
N UNK D 1005 12.95 139.80 3.79
CA UNK D 1005 12.90 138.39 4.03
C UNK D 1005 12.18 138.12 5.30
N UNK D 1006 11.53 136.93 5.37
CA UNK D 1006 10.83 136.56 6.56
C UNK D 1006 11.32 135.22 6.98
N UNK D 1007 11.54 135.06 8.29
CA UNK D 1007 12.01 133.83 8.88
C UNK D 1007 10.83 133.01 9.29
N UNK D 1008 11.08 131.72 9.59
CA UNK D 1008 10.09 130.86 10.16
C UNK D 1008 9.80 131.47 11.49
N UNK D 1009 10.88 132.02 12.08
CA UNK D 1009 10.93 132.69 13.35
C UNK D 1009 10.00 133.86 13.25
N UNK D 1010 9.83 134.36 12.01
CA UNK D 1010 9.01 135.51 11.72
C UNK D 1010 9.76 136.79 11.97
N UNK D 1011 11.09 136.72 12.17
CA UNK D 1011 11.75 137.98 12.21
C UNK D 1011 11.64 138.49 10.80
N UNK D 1012 11.28 139.77 10.61
CA UNK D 1012 11.14 140.24 9.26
C UNK D 1012 12.13 141.33 9.09
N UNK D 1013 12.79 141.37 7.91
CA UNK D 1013 13.76 142.40 7.76
C UNK D 1013 13.57 143.04 6.42
N UNK D 1014 13.74 144.36 6.38
CA UNK D 1014 13.70 145.05 5.12
C UNK D 1014 15.13 145.31 4.83
N UNK D 1015 15.61 144.91 3.64
CA UNK D 1015 17.00 145.12 3.41
C UNK D 1015 17.21 145.53 2.01
N UNK D 1016 18.31 146.26 1.76
CA UNK D 1016 18.61 146.60 0.41
C UNK D 1016 19.59 145.56 -0.01
N UNK D 1017 19.18 144.66 -0.91
CA UNK D 1017 20.10 143.66 -1.32
C UNK D 1017 21.11 144.34 -2.16
N UNK D 1018 22.40 144.05 -1.90
CA UNK D 1018 23.43 144.70 -2.65
C UNK D 1018 24.70 144.40 -1.95
N UNK D 1019 25.79 145.05 -2.38
CA UNK D 1019 27.05 144.83 -1.75
C UNK D 1019 26.87 145.24 -0.32
N UNK D 1020 26.13 146.33 -0.09
CA UNK D 1020 25.96 146.80 1.26
C UNK D 1020 25.27 145.73 2.04
N UNK D 1021 24.21 145.14 1.46
CA UNK D 1021 23.46 144.11 2.12
C UNK D 1021 23.12 144.56 3.51
N UNK D 1022 22.49 145.75 3.64
CA UNK D 1022 22.16 146.25 4.93
C UNK D 1022 20.69 146.19 5.09
N UNK D 1023 20.21 146.08 6.35
CA UNK D 1023 18.80 146.01 6.59
C UNK D 1023 18.36 147.27 7.24
N UNK D 1024 17.29 147.89 6.68
CA UNK D 1024 16.76 149.11 7.21
C UNK D 1024 16.17 148.86 8.57
N UNK D 1025 15.36 147.80 8.71
CA UNK D 1025 14.73 147.56 9.98
C UNK D 1025 14.24 146.15 10.02
N UNK D 1026 13.87 145.68 11.22
CA UNK D 1026 13.36 144.34 11.36
C UNK D 1026 12.34 144.36 12.46
N UNK D 1027 11.40 143.39 12.45
CA UNK D 1027 10.41 143.35 13.49
C UNK D 1027 10.15 141.91 13.82
N UNK D 1028 9.80 141.62 15.08
CA UNK D 1028 9.47 140.26 15.41
C UNK D 1028 8.09 140.24 16.02
N UNK D 1029 7.07 139.98 15.19
CA UNK D 1029 5.72 139.90 15.69
C UNK D 1029 5.54 138.66 16.51
N UNK D 1030 5.97 137.49 15.95
CA UNK D 1030 5.91 136.19 16.58
C UNK D 1030 4.75 135.40 16.05
N UNK D 1031 4.62 134.15 16.53
CA UNK D 1031 3.57 133.19 16.31
C UNK D 1031 3.25 132.84 14.87
N UNK D 1032 4.24 132.36 14.08
CA UNK D 1032 4.03 131.77 12.78
C UNK D 1032 3.11 132.57 11.90
N UNK D 1033 3.42 133.87 11.74
CA UNK D 1033 2.84 134.94 10.96
C UNK D 1033 3.14 134.88 9.48
N UNK D 1034 4.06 134.00 9.04
CA UNK D 1034 5.01 134.06 7.95
C UNK D 1034 4.73 134.68 6.59
N UNK D 1035 3.58 134.53 5.89
CA UNK D 1035 3.57 135.10 4.55
C UNK D 1035 3.79 136.60 4.57
N UNK D 1036 4.45 137.15 3.50
CA UNK D 1036 4.75 138.56 3.42
C UNK D 1036 4.59 139.03 2.00
N UNK D 1037 4.43 140.37 1.81
CA UNK D 1037 4.28 140.91 0.48
C UNK D 1037 4.54 142.39 0.51
N UNK D 1038 4.81 143.00 -0.66
CA UNK D 1038 5.07 144.41 -0.71
C UNK D 1038 3.94 145.08 -1.42
N UNK D 1039 3.29 146.05 -0.75
CA UNK D 1039 2.22 146.79 -1.33
C UNK D 1039 2.71 147.68 -2.43
N UNK D 1040 3.83 148.39 -2.20
CA UNK D 1040 4.27 149.31 -3.22
C UNK D 1040 5.66 148.98 -3.62
N UNK D 1041 5.90 149.02 -4.95
CA UNK D 1041 7.20 148.74 -5.49
C UNK D 1041 8.15 149.80 -5.03
N UNK D 1042 7.71 151.07 -5.08
CA UNK D 1042 8.58 152.12 -4.67
C UNK D 1042 8.84 151.87 -3.23
N UNK D 1043 9.97 152.41 -2.71
CA UNK D 1043 10.26 152.22 -1.32
C UNK D 1043 9.06 152.75 -0.61
N UNK D 1044 8.41 151.87 0.17
CA UNK D 1044 7.18 152.28 0.74
C UNK D 1044 6.67 151.16 1.57
N UNK D 1045 5.33 151.12 1.72
CA UNK D 1045 4.69 150.15 2.54
C UNK D 1045 4.79 148.78 1.95
N UNK D 1046 4.82 147.79 2.86
CA UNK D 1046 4.82 146.39 2.56
C UNK D 1046 3.95 145.81 3.62
N UNK D 1047 3.41 144.60 3.41
CA UNK D 1047 2.55 144.09 4.44
C UNK D 1047 3.25 142.97 5.12
N UNK D 1048 3.11 142.91 6.47
CA UNK D 1048 3.70 141.86 7.23
C UNK D 1048 2.62 141.40 8.17
N UNK D 1049 2.61 140.10 8.50
CA UNK D 1049 1.58 139.60 9.36
C UNK D 1049 1.85 140.08 10.76
N UNK D 1050 0.78 140.58 11.41
CA UNK D 1050 0.84 141.04 12.77
C UNK D 1050 0.31 139.94 13.62
N UNK D 1051 0.38 140.12 14.96
CA UNK D 1051 -0.13 139.14 15.86
C UNK D 1051 -1.62 139.20 15.77
N UNK D 1052 -2.29 138.16 16.30
CA UNK D 1052 -3.72 138.10 16.27
C UNK D 1052 -4.16 138.03 14.85
N UNK D 1053 -3.29 137.51 13.96
CA UNK D 1053 -3.66 137.33 12.59
C UNK D 1053 -4.02 138.66 12.01
N UNK D 1054 -3.48 139.75 12.59
CA UNK D 1054 -3.74 141.06 12.06
C UNK D 1054 -2.78 141.29 10.95
N UNK D 1055 -3.08 142.28 10.09
CA UNK D 1055 -2.19 142.59 9.03
C UNK D 1055 -1.56 143.90 9.39
N UNK D 1056 -0.24 144.00 9.23
CA UNK D 1056 0.41 145.23 9.57
C UNK D 1056 0.98 145.77 8.31
N UNK D 1057 0.85 147.10 8.13
CA UNK D 1057 1.44 147.68 6.96
C UNK D 1057 2.71 148.29 7.44
N UNK D 1058 3.80 148.10 6.67
CA UNK D 1058 5.10 148.50 7.14
C UNK D 1058 5.63 149.62 6.32
N UNK D 1059 6.79 150.14 6.78
CA UNK D 1059 7.49 151.27 6.26
C UNK D 1059 6.79 152.49 6.77
N UNK D 1060 5.56 152.27 7.28
CA UNK D 1060 4.69 153.23 7.91
C UNK D 1060 3.34 152.95 7.34
N UNK D 1061 2.30 152.94 8.19
CA UNK D 1061 0.95 152.71 7.76
C UNK D 1061 0.14 152.20 8.91
N UNK D 1062 -1.09 151.75 8.58
CA UNK D 1062 -2.02 151.22 9.54
C UNK D 1062 -2.03 149.72 9.47
N UNK D 1063 -2.83 149.09 10.35
CA UNK D 1063 -2.94 147.66 10.39
C UNK D 1063 -4.36 147.29 10.10
N UNK D 1064 -4.58 146.08 9.56
CA UNK D 1064 -5.91 145.65 9.24
C UNK D 1064 -6.30 144.58 10.22
N UNK D 1065 -7.54 144.65 10.72
CA UNK D 1065 -8.03 143.66 11.64
C UNK D 1065 -8.92 142.78 10.84
N UNK D 1066 -8.91 141.47 11.13
CA UNK D 1066 -9.67 140.61 10.28
C UNK D 1066 -9.42 139.20 10.69
N UNK D 1067 -8.58 138.53 9.90
CA UNK D 1067 -8.30 137.12 9.99
C UNK D 1067 -8.09 136.68 11.39
N UNK D 1068 -8.74 135.55 11.70
CA UNK D 1068 -8.68 134.82 12.94
C UNK D 1068 -7.35 134.16 13.10
N UNK D 1069 -6.76 133.65 11.99
CA UNK D 1069 -5.58 132.84 12.12
C UNK D 1069 -4.45 133.39 11.31
N UNK D 1070 -3.29 132.71 11.42
CA UNK D 1070 -2.06 133.12 10.79
C UNK D 1070 -2.30 133.31 9.32
N UNK D 1071 -1.51 134.20 8.70
CA UNK D 1071 -1.72 134.51 7.32
C UNK D 1071 -0.88 133.62 6.47
N UNK D 1072 -1.56 132.75 5.70
CA UNK D 1072 -0.95 131.84 4.79
C UNK D 1072 -0.34 132.56 3.62
N UNK D 1073 -1.07 133.54 3.04
CA UNK D 1073 -0.52 134.15 1.87
C UNK D 1073 -0.89 135.59 1.80
N UNK D 1074 -0.03 136.39 1.13
CA UNK D 1074 -0.31 137.76 0.90
C UNK D 1074 0.06 138.03 -0.52
N UNK D 1075 -0.87 138.58 -1.31
CA UNK D 1075 -0.54 138.89 -2.67
C UNK D 1075 -1.12 140.24 -2.93
N UNK D 1076 -0.36 141.10 -3.62
CA UNK D 1076 -0.88 142.40 -3.90
C UNK D 1076 -0.99 142.52 -5.38
N UNK D 1077 -2.07 143.16 -5.85
CA UNK D 1077 -2.20 143.31 -7.28
C UNK D 1077 -1.82 144.71 -7.58
N UNK D 1078 -0.88 144.90 -8.53
CA UNK D 1078 -0.48 146.23 -8.86
C UNK D 1078 -1.69 146.90 -9.38
N UNK D 1079 -2.43 146.21 -10.26
CA UNK D 1079 -3.64 146.77 -10.77
C UNK D 1079 -4.68 146.60 -9.71
N UNK D 1080 -5.60 147.58 -9.62
CA UNK D 1080 -6.69 147.56 -8.69
C UNK D 1080 -6.17 147.81 -7.31
N UNK D 1081 -4.84 147.73 -7.12
CA UNK D 1081 -4.19 148.02 -5.87
C UNK D 1081 -4.93 147.37 -4.74
N UNK D 1082 -5.23 146.07 -4.84
CA UNK D 1082 -5.93 145.43 -3.77
C UNK D 1082 -5.04 144.36 -3.24
N UNK D 1083 -5.10 144.11 -1.91
CA UNK D 1083 -4.27 143.10 -1.36
C UNK D 1083 -5.12 141.91 -1.09
N UNK D 1084 -4.62 140.72 -1.42
CA UNK D 1084 -5.38 139.53 -1.18
C UNK D 1084 -4.67 138.79 -0.10
N UNK D 1085 -5.43 138.27 0.87
CA UNK D 1085 -4.81 137.55 1.94
C UNK D 1085 -5.56 136.29 2.15
N UNK D 1086 -4.86 135.25 2.64
CA UNK D 1086 -5.47 133.99 2.93
C UNK D 1086 -5.03 133.63 4.30
N UNK D 1087 -5.81 132.80 5.02
CA UNK D 1087 -5.41 132.51 6.36
C UNK D 1087 -5.80 131.11 6.72
N UNK D 1088 -5.31 130.68 7.90
CA UNK D 1088 -5.55 129.40 8.50
C UNK D 1088 -7.02 129.31 8.73
N UNK D 1089 -7.63 130.49 8.94
CA UNK D 1089 -9.03 130.65 9.22
C UNK D 1089 -9.78 129.98 8.12
N UNK D 1090 -9.15 129.87 6.93
CA UNK D 1090 -9.78 129.28 5.78
C UNK D 1090 -10.73 130.26 5.18
N UNK D 1091 -10.43 131.56 5.37
CA UNK D 1091 -11.20 132.60 4.73
C UNK D 1091 -10.20 133.41 3.97
N UNK D 1092 -10.65 134.08 2.89
CA UNK D 1092 -9.78 134.91 2.11
C UNK D 1092 -10.33 136.28 2.25
N UNK D 1093 -9.48 137.32 2.14
CA UNK D 1093 -10.01 138.64 2.26
C UNK D 1093 -9.25 139.55 1.36
N UNK D 1094 -9.90 140.66 0.96
CA UNK D 1094 -9.23 141.63 0.13
C UNK D 1094 -9.16 142.88 0.94
N UNK D 1095 -8.01 143.59 0.91
CA UNK D 1095 -7.95 144.77 1.71
C UNK D 1095 -7.78 145.98 0.85
N UNK D 1096 -8.86 146.77 0.74
CA UNK D 1096 -8.86 148.03 0.03
C UNK D 1096 -8.13 149.08 0.80
N UNK D 1097 -8.34 149.14 2.13
CA UNK D 1097 -7.86 150.26 2.89
C UNK D 1097 -6.70 149.88 3.77
N UNK D 1098 -5.90 150.90 4.12
CA UNK D 1098 -4.74 150.72 4.94
C UNK D 1098 -5.19 150.24 6.29
N UNK D 1099 -6.22 150.87 6.87
CA UNK D 1099 -6.68 150.42 8.16
C UNK D 1099 -8.17 150.34 8.09
N UNK D 1100 -8.71 149.18 8.51
CA UNK D 1100 -10.13 148.95 8.53
C UNK D 1100 -10.32 147.47 8.39
N UNK D 1101 -11.59 147.05 8.35
CA UNK D 1101 -11.90 145.68 8.09
C UNK D 1101 -11.69 145.48 6.63
N UNK D 1102 -11.56 144.21 6.19
CA UNK D 1102 -11.33 143.96 4.79
C UNK D 1102 -12.57 144.31 4.04
N UNK D 1103 -12.38 144.77 2.78
CA UNK D 1103 -13.51 145.14 1.97
C UNK D 1103 -14.32 143.92 1.73
N UNK D 1104 -13.64 142.79 1.40
CA UNK D 1104 -14.42 141.63 1.10
C UNK D 1104 -13.85 140.46 1.81
N UNK D 1105 -14.74 139.52 2.17
CA UNK D 1105 -14.34 138.27 2.74
C UNK D 1105 -14.76 137.26 1.73
N UNK D 1106 -13.86 136.33 1.37
CA UNK D 1106 -14.25 135.39 0.37
C UNK D 1106 -14.82 134.22 1.08
N UNK D 1107 -16.10 133.94 0.82
CA UNK D 1107 -16.75 132.83 1.43
C UNK D 1107 -18.08 132.72 0.76
N UNK D 1108 -18.65 131.51 0.74
CA UNK D 1108 -19.93 131.35 0.09
C UNK D 1108 -21.00 131.87 1.05
N UNK D 1109 -13.88 122.86 3.97
CA UNK D 1109 -12.77 122.17 4.66
C UNK D 1109 -12.20 123.06 5.71
N UNK D 1110 -12.01 122.51 6.91
CA UNK D 1110 -11.52 123.23 8.04
C UNK D 1110 -10.14 123.70 7.75
N UNK D 1111 -9.35 122.87 7.02
CA UNK D 1111 -7.97 123.17 6.77
C UNK D 1111 -7.84 124.54 6.18
N UNK D 1112 -6.66 125.15 6.40
CA UNK D 1112 -6.34 126.47 5.95
C UNK D 1112 -6.02 126.42 4.49
N UNK D 1113 -6.11 127.58 3.82
CA UNK D 1113 -5.81 127.66 2.43
C UNK D 1113 -4.32 127.57 2.27
N UNK D 1114 -3.86 126.65 1.41
CA UNK D 1114 -2.47 126.47 1.15
C UNK D 1114 -1.93 127.65 0.39
N UNK D 1115 -2.65 128.08 -0.68
CA UNK D 1115 -2.14 129.18 -1.44
C UNK D 1115 -3.26 129.81 -2.18
N UNK D 1116 -3.14 131.14 -2.41
CA UNK D 1116 -4.13 131.88 -3.13
C UNK D 1116 -3.38 132.62 -4.19
N UNK D 1117 -4.06 132.97 -5.30
CA UNK D 1117 -3.34 133.64 -6.34
C UNK D 1117 -4.22 134.63 -7.00
N UNK D 1118 -3.59 135.60 -7.69
CA UNK D 1118 -4.32 136.61 -8.40
C UNK D 1118 -4.93 135.99 -9.60
N UNK D 1119 -6.13 136.48 -9.92
CA UNK D 1119 -7.02 136.08 -10.97
C UNK D 1119 -8.20 136.89 -10.58
N UNK D 1120 -9.43 136.40 -10.82
CA UNK D 1120 -10.47 137.15 -10.17
C UNK D 1120 -10.10 136.98 -8.73
N UNK D 1121 -9.82 135.71 -8.37
CA UNK D 1121 -9.33 135.32 -7.09
C UNK D 1121 -9.33 133.83 -7.14
N UNK D 1122 -8.25 133.19 -6.67
CA UNK D 1122 -8.26 131.76 -6.71
C UNK D 1122 -7.65 131.29 -5.44
N UNK D 1123 -8.21 130.23 -4.85
CA UNK D 1123 -7.66 129.76 -3.63
C UNK D 1123 -7.65 128.27 -3.67
N UNK D 1124 -6.62 127.68 -3.04
CA UNK D 1124 -6.52 126.26 -2.95
C UNK D 1124 -6.35 125.97 -1.51
N UNK D 1125 -6.88 124.83 -1.07
CA UNK D 1125 -6.84 124.42 0.30
C UNK D 1125 -7.16 122.97 0.22
N UNK D 1126 -7.72 122.40 1.30
CA UNK D 1126 -8.13 121.04 1.20
C UNK D 1126 -9.14 121.06 0.09
N UNK D 1127 -9.97 122.12 0.07
CA UNK D 1127 -10.94 122.36 -0.95
C UNK D 1127 -10.29 123.19 -2.02
N UNK D 1128 -11.05 123.56 -3.07
CA UNK D 1128 -10.55 124.44 -4.09
C UNK D 1128 -11.67 125.39 -4.42
N UNK D 1129 -11.35 126.67 -4.66
CA UNK D 1129 -12.42 127.59 -4.97
C UNK D 1129 -11.90 128.69 -5.83
N UNK D 1130 -12.82 129.26 -6.63
CA UNK D 1130 -12.51 130.39 -7.48
C UNK D 1130 -13.39 131.47 -6.99
N UNK D 1131 -12.90 132.72 -7.01
CA UNK D 1131 -13.72 133.76 -6.46
C UNK D 1131 -13.87 134.85 -7.47
N UNK D 1132 -14.99 135.57 -7.36
CA UNK D 1132 -15.26 136.74 -8.13
C UNK D 1132 -15.51 137.76 -7.07
N UNK D 1133 -15.33 139.06 -7.35
CA UNK D 1133 -15.70 139.91 -6.25
C UNK D 1133 -17.21 139.74 -6.15
N UNK D 1134 -17.71 138.99 -5.12
CA UNK D 1134 -19.10 138.59 -4.96
C UNK D 1134 -19.22 137.27 -4.24
N UNK D 1135 -19.52 136.18 -5.01
CA UNK D 1135 -19.75 134.83 -4.55
C UNK D 1135 -18.76 133.91 -5.22
N UNK D 1136 -18.77 132.60 -4.87
CA UNK D 1136 -17.80 131.69 -5.42
C UNK D 1136 -17.99 131.61 -6.90
N UNK D 1137 -16.91 131.88 -7.66
CA UNK D 1137 -16.96 131.82 -9.09
C UNK D 1137 -17.15 130.41 -9.53
N UNK D 1138 -16.36 129.48 -8.95
CA UNK D 1138 -16.43 128.11 -9.35
C UNK D 1138 -15.81 127.29 -8.25
N UNK D 1139 -16.03 125.96 -8.28
CA UNK D 1139 -15.47 125.13 -7.24
C UNK D 1139 -14.87 123.91 -7.85
N UNK D 1140 -13.90 123.29 -7.13
CA UNK D 1140 -13.29 122.07 -7.60
C UNK D 1140 -13.69 121.00 -6.65
N UNK D 1141 -13.97 119.80 -7.20
CA UNK D 1141 -14.55 118.66 -6.55
C UNK D 1141 -13.74 117.94 -5.50
N UNK D 1142 -12.42 117.66 -5.73
CA UNK D 1142 -11.59 116.72 -4.99
C UNK D 1142 -12.07 116.55 -3.58
N UNK D 1143 -12.89 115.49 -3.39
CA UNK D 1143 -13.62 115.30 -2.16
C UNK D 1143 -12.73 115.10 -0.99
N UNK D 1144 -11.82 114.12 -1.03
CA UNK D 1144 -11.01 114.03 0.14
C UNK D 1144 -9.61 114.02 -0.34
N UNK D 1145 -9.16 115.15 -0.88
CA UNK D 1145 -7.79 115.18 -1.28
C UNK D 1145 -7.32 116.54 -0.95
N UNK D 1146 -6.41 116.65 0.03
CA UNK D 1146 -5.93 117.94 0.38
C UNK D 1146 -5.03 118.36 -0.73
N UNK D 1147 -4.93 119.67 -0.99
CA UNK D 1147 -4.06 120.12 -2.02
C UNK D 1147 -2.84 120.67 -1.35
N UNK D 1148 -1.67 120.14 -1.74
CA UNK D 1148 -0.42 120.57 -1.16
C UNK D 1148 -0.15 122.00 -1.53
N UNK D 1149 -0.32 122.35 -2.82
CA UNK D 1149 -0.03 123.69 -3.22
C UNK D 1149 -0.67 123.94 -4.53
N UNK D 1150 -0.88 125.23 -4.86
CA UNK D 1150 -1.47 125.54 -6.13
C UNK D 1150 -0.71 126.70 -6.70
N UNK D 1151 -0.48 126.66 -8.02
CA UNK D 1151 0.23 127.73 -8.66
C UNK D 1151 -0.64 128.20 -9.78
N UNK D 1152 -0.49 129.49 -10.14
CA UNK D 1152 -1.28 130.02 -11.21
C UNK D 1152 -0.32 130.32 -12.32
N UNK D 1153 -0.77 130.15 -13.58
CA UNK D 1153 0.07 130.37 -14.71
C UNK D 1153 0.35 131.84 -14.80
N UNK D 1154 1.40 132.22 -15.55
CA UNK D 1154 1.73 133.61 -15.66
C UNK D 1154 0.51 134.26 -16.23
N UNK D 1155 -0.06 133.64 -17.28
CA UNK D 1155 -1.33 134.11 -17.72
C UNK D 1155 -2.22 133.25 -16.90
N UNK D 1156 -3.17 133.83 -16.14
CA UNK D 1156 -3.86 132.92 -15.28
C UNK D 1156 -4.97 132.29 -16.01
N UNK D 1157 -4.63 131.58 -17.11
CA UNK D 1157 -5.56 130.76 -17.82
C UNK D 1157 -5.81 129.54 -17.01
N UNK D 1158 -4.72 128.98 -16.42
CA UNK D 1158 -4.87 127.72 -15.75
C UNK D 1158 -4.25 127.79 -14.40
N UNK D 1159 -4.79 126.97 -13.48
CA UNK D 1159 -4.25 126.86 -12.16
C UNK D 1159 -3.91 125.42 -11.98
N UNK D 1160 -2.70 125.13 -11.48
CA UNK D 1160 -2.34 123.76 -11.30
C UNK D 1160 -2.17 123.55 -9.84
N UNK D 1161 -2.63 122.40 -9.34
CA UNK D 1161 -2.49 122.13 -7.93
C UNK D 1161 -2.08 120.71 -7.79
N UNK D 1162 -1.39 120.39 -6.69
CA UNK D 1162 -0.99 119.02 -6.51
C UNK D 1162 -1.89 118.44 -5.46
N UNK D 1163 -2.61 117.35 -5.82
CA UNK D 1163 -3.42 116.68 -4.85
C UNK D 1163 -2.47 115.92 -3.99
N UNK D 1164 -2.75 115.85 -2.68
CA UNK D 1164 -1.81 115.23 -1.81
C UNK D 1164 -1.88 113.75 -1.89
N UNK D 1165 -0.69 113.13 -1.77
CA UNK D 1165 -0.51 111.72 -1.63
C UNK D 1165 0.48 111.69 -0.51
N UNK D 1166 0.20 110.92 0.55
CA UNK D 1166 1.07 111.05 1.68
C UNK D 1166 0.56 110.15 2.74
N UNK D 1167 0.51 110.69 3.97
CA UNK D 1167 0.07 109.92 5.09
C UNK D 1167 -1.29 109.41 4.75
N UNK D 1168 -2.14 110.25 4.14
CA UNK D 1168 -3.41 109.73 3.76
C UNK D 1168 -3.24 109.14 2.40
N UNK D 1169 -3.40 107.82 2.29
CA UNK D 1169 -3.23 107.19 1.02
C UNK D 1169 -4.46 107.38 0.23
N UNK D 1170 -4.31 107.55 -1.10
CA UNK D 1170 -5.46 107.67 -1.94
C UNK D 1170 -4.96 107.61 -3.35
N UNK D 1171 -5.83 107.24 -4.30
CA UNK D 1171 -5.35 107.28 -5.65
C UNK D 1171 -5.30 108.74 -5.91
N UNK D 1172 -4.08 109.29 -5.98
CA UNK D 1172 -3.95 110.70 -6.05
C UNK D 1172 -2.53 110.99 -6.40
N UNK D 1173 -2.00 112.09 -5.84
CA UNK D 1173 -0.68 112.48 -6.18
C UNK D 1173 -0.75 112.80 -7.63
N UNK D 1174 -1.89 113.37 -8.04
CA UNK D 1174 -2.03 113.75 -9.41
C UNK D 1174 -2.02 115.24 -9.41
N UNK D 1175 -1.32 115.83 -10.39
CA UNK D 1175 -1.34 117.26 -10.48
C UNK D 1175 -2.41 117.56 -11.46
N UNK D 1176 -3.40 118.37 -11.05
CA UNK D 1176 -4.46 118.63 -11.97
C UNK D 1176 -4.37 120.06 -12.37
N UNK D 1177 -4.45 120.31 -13.69
CA UNK D 1177 -4.45 121.67 -14.13
C UNK D 1177 -5.86 121.96 -14.48
N UNK D 1178 -6.39 123.10 -14.00
CA UNK D 1178 -7.76 123.37 -14.29
C UNK D 1178 -7.76 124.50 -15.26
N UNK D 1179 -8.63 124.41 -16.28
CA UNK D 1179 -8.72 125.48 -17.23
C UNK D 1179 -9.64 126.48 -16.57
N UNK D 1180 -18.73 125.32 -12.56
CA UNK D 1180 -18.95 124.22 -11.61
C UNK D 1180 -17.65 123.69 -11.13
N UNK D 1181 -17.44 122.37 -11.34
CA UNK D 1181 -16.33 121.58 -10.89
C UNK D 1181 -15.07 122.14 -11.45
N UNK D 1182 -15.15 122.89 -12.57
CA UNK D 1182 -13.95 123.32 -13.21
C UNK D 1182 -13.17 122.11 -13.61
N UNK D 1183 -13.41 121.68 -14.86
CA UNK D 1183 -12.80 120.51 -15.42
C UNK D 1183 -11.32 120.68 -15.44
N UNK D 1184 -10.61 119.55 -15.33
CA UNK D 1184 -9.19 119.61 -15.32
C UNK D 1184 -8.72 119.44 -16.72
N UNK D 1185 -7.96 120.45 -17.22
CA UNK D 1185 -7.44 120.42 -18.54
C UNK D 1185 -6.43 119.33 -18.64
N UNK D 1186 -5.55 119.21 -17.63
CA UNK D 1186 -4.51 118.22 -17.74
C UNK D 1186 -4.37 117.49 -16.45
N UNK D 1187 -3.85 116.25 -16.53
CA UNK D 1187 -3.64 115.49 -15.33
C UNK D 1187 -2.23 114.98 -15.37
N UNK D 1188 -1.56 114.97 -14.20
CA UNK D 1188 -0.23 114.47 -14.14
C UNK D 1188 -0.17 113.55 -12.97
N UNK D 1189 0.71 112.53 -13.02
CA UNK D 1189 0.76 111.65 -11.90
C UNK D 1189 2.12 111.70 -11.31
N UNK D 1190 2.17 111.96 -9.99
CA UNK D 1190 3.39 111.96 -9.23
C UNK D 1190 3.11 112.76 -8.00
N UNK D 1191 3.68 112.36 -6.86
CA UNK D 1191 3.46 113.12 -5.67
C UNK D 1191 4.21 114.39 -5.84
N UNK D 1192 3.68 115.52 -5.36
CA UNK D 1192 4.43 116.72 -5.56
C UNK D 1192 4.47 117.52 -4.30
N UNK D 1193 5.70 117.85 -3.85
CA UNK D 1193 5.85 118.73 -2.73
C UNK D 1193 5.40 120.08 -3.19
N UNK D 1194 5.80 120.45 -4.41
CA UNK D 1194 5.45 121.73 -4.95
C UNK D 1194 5.67 121.70 -6.43
N UNK D 1195 5.12 122.70 -7.14
CA UNK D 1195 5.28 122.77 -8.56
C UNK D 1195 5.43 124.22 -8.91
N UNK D 1196 6.02 124.50 -10.09
CA UNK D 1196 6.20 125.87 -10.51
C UNK D 1196 5.96 125.93 -11.98
N UNK D 1197 5.58 127.12 -12.48
CA UNK D 1197 5.31 127.26 -13.88
C UNK D 1197 6.37 128.14 -14.46
N UNK D 1198 6.75 127.83 -15.72
CA UNK D 1198 7.71 128.64 -16.41
C UNK D 1198 6.99 129.86 -16.87
N UNK D 1199 7.73 130.91 -17.24
CA UNK D 1199 7.11 132.12 -17.70
C UNK D 1199 6.31 131.77 -18.91
N UNK D 1200 6.87 130.88 -19.75
CA UNK D 1200 6.22 130.44 -20.95
C UNK D 1200 4.95 129.77 -20.58
N UNK D 1201 4.95 129.06 -19.44
CA UNK D 1201 3.82 128.30 -18.99
C UNK D 1201 3.73 127.09 -19.85
N UNK D 1202 4.76 126.87 -20.68
CA UNK D 1202 4.86 125.70 -21.50
C UNK D 1202 5.08 124.52 -20.62
N UNK D 1203 5.95 124.65 -19.60
CA UNK D 1203 6.27 123.49 -18.80
C UNK D 1203 6.11 123.83 -17.35
N UNK D 1204 5.96 122.77 -16.53
CA UNK D 1204 5.83 122.95 -15.12
C UNK D 1204 6.86 122.08 -14.47
N UNK D 1205 7.42 122.55 -13.34
CA UNK D 1205 8.39 121.74 -12.67
C UNK D 1205 7.67 121.07 -11.55
N UNK D 1206 7.90 119.76 -11.38
CA UNK D 1206 7.23 119.05 -10.34
C UNK D 1206 8.25 118.65 -9.33
N UNK D 1207 7.91 118.82 -8.04
CA UNK D 1207 8.82 118.43 -7.02
C UNK D 1207 8.27 117.19 -6.40
N UNK D 1208 9.12 116.18 -6.19
CA UNK D 1208 8.65 114.94 -5.63
C UNK D 1208 9.73 114.44 -4.73
N UNK D 1209 9.41 113.42 -3.91
CA UNK D 1209 10.40 112.88 -3.04
C UNK D 1209 11.46 112.32 -3.94
N UNK D 1210 11.03 111.68 -5.03
CA UNK D 1210 11.94 111.12 -5.99
C UNK D 1210 12.48 112.25 -6.79
N UNK D 1211 13.24 111.93 -7.85
CA UNK D 1211 13.78 112.97 -8.68
C UNK D 1211 12.63 113.80 -9.14
N UNK D 1212 12.86 115.11 -9.33
CA UNK D 1212 11.82 116.00 -9.75
C UNK D 1212 11.55 115.71 -11.18
N UNK D 1213 10.35 116.08 -11.64
CA UNK D 1213 10.00 115.85 -13.01
C UNK D 1213 9.68 117.17 -13.63
N UNK D 1214 10.01 117.31 -14.93
CA UNK D 1214 9.64 118.48 -15.66
C UNK D 1214 8.70 117.97 -16.69
N UNK D 1215 7.49 118.55 -16.78
CA UNK D 1215 6.56 118.05 -17.77
C UNK D 1215 6.14 119.20 -18.60
N UNK D 1216 5.84 118.96 -19.89
CA UNK D 1216 5.44 120.04 -20.74
C UNK D 1216 3.97 119.95 -20.96
N UNK D 1217 3.28 121.10 -20.91
CA UNK D 1217 1.87 121.13 -21.15
C UNK D 1217 1.69 121.86 -22.44
N UNK D 1218 0.76 121.41 -23.29
CA UNK D 1218 0.60 122.10 -24.54
C UNK D 1218 -0.50 123.09 -24.37
N UNK D 1219 -0.20 124.35 -24.71
CA UNK D 1219 -1.21 125.38 -24.60
C UNK D 1219 -2.28 125.01 -25.56
N UNK D 1220 -1.88 124.58 -26.76
CA UNK D 1220 -2.83 124.19 -27.76
C UNK D 1220 -2.32 122.93 -28.37
N UNK D 1221 -3.22 122.16 -29.00
CA UNK D 1221 -2.81 120.95 -29.64
C UNK D 1221 -1.80 121.35 -30.71
N MET E 7 -5.42 59.18 -2.95
CA MET E 7 -5.59 58.38 -1.73
C MET E 7 -4.53 57.32 -1.80
N ASP E 8 -4.35 56.57 -0.71
CA ASP E 8 -3.39 55.53 -0.73
C ASP E 8 -3.99 54.52 -1.65
N PHE E 9 -3.21 53.51 -2.05
CA PHE E 9 -3.80 52.54 -2.94
C PHE E 9 -4.95 51.94 -2.21
N GLU E 10 -4.73 51.52 -0.95
CA GLU E 10 -5.78 50.91 -0.20
C GLU E 10 -6.89 51.89 0.01
N THR E 11 -6.55 53.17 0.21
CA THR E 11 -7.59 54.12 0.46
C THR E 11 -8.49 54.14 -0.73
N GLY E 12 -7.89 54.28 -1.93
CA GLY E 12 -8.63 54.37 -3.17
C GLY E 12 -9.32 53.08 -3.44
N GLU E 13 -8.64 51.95 -3.19
CA GLU E 13 -9.21 50.68 -3.50
C GLU E 13 -10.46 50.53 -2.71
N HIS E 14 -10.38 50.87 -1.41
CA HIS E 14 -11.52 50.76 -0.56
C HIS E 14 -12.56 51.77 -0.92
N GLN E 15 -12.17 53.01 -1.27
CA GLN E 15 -13.16 54.00 -1.60
C GLN E 15 -13.87 53.52 -2.82
N TYR E 16 -13.07 53.01 -3.75
CA TYR E 16 -13.49 52.51 -5.01
C TYR E 16 -14.44 51.38 -4.78
N GLN E 17 -14.16 50.50 -3.81
CA GLN E 17 -15.02 49.40 -3.49
C GLN E 17 -16.26 49.85 -2.78
N TYR E 18 -16.04 50.76 -1.82
CA TYR E 18 -16.91 51.30 -0.81
C TYR E 18 -17.96 52.16 -1.41
N LYS E 19 -17.86 52.46 -2.72
CA LYS E 19 -18.69 53.38 -3.45
C LYS E 19 -20.17 53.14 -3.33
N ASP E 20 -20.68 51.95 -3.70
CA ASP E 20 -22.10 51.72 -3.76
C ASP E 20 -22.67 51.98 -2.42
N ILE E 21 -21.97 51.53 -1.38
CA ILE E 21 -22.46 51.79 -0.06
C ILE E 21 -22.51 53.27 0.18
N LEU E 22 -21.49 54.05 -0.23
CA LEU E 22 -21.63 55.45 0.07
C LEU E 22 -22.79 56.04 -0.66
N SER E 23 -22.91 55.75 -1.97
CA SER E 23 -23.92 56.41 -2.74
C SER E 23 -25.27 56.12 -2.18
N VAL E 24 -25.57 54.82 -1.99
CA VAL E 24 -26.85 54.42 -1.50
C VAL E 24 -27.05 54.89 -0.10
N PHE E 25 -26.00 54.81 0.74
CA PHE E 25 -26.25 55.03 2.14
C PHE E 25 -26.76 56.41 2.36
N GLU E 26 -26.00 57.42 1.93
CA GLU E 26 -26.42 58.77 2.16
C GLU E 26 -27.59 59.01 1.31
N ASP E 27 -27.68 58.44 0.09
CA ASP E 27 -28.69 58.68 -0.92
C ASP E 27 -29.94 59.28 -0.36
N ALA E 28 -30.36 60.43 -0.93
CA ALA E 28 -31.49 61.22 -0.52
C ALA E 28 -31.10 62.05 0.66
N PHE E 29 -30.20 61.51 1.50
CA PHE E 29 -29.42 62.19 2.50
C PHE E 29 -28.14 62.72 1.91
N VAL E 30 -27.52 61.99 0.96
CA VAL E 30 -26.26 62.42 0.39
C VAL E 30 -26.50 63.73 -0.29
N ASP E 31 -27.63 63.83 -0.99
CA ASP E 31 -27.91 65.04 -1.73
C ASP E 31 -28.02 66.16 -0.75
N ASN E 32 -28.75 65.93 0.35
CA ASN E 32 -28.98 66.97 1.30
C ASN E 32 -27.67 67.36 1.91
N PHE E 33 -26.82 66.38 2.26
CA PHE E 33 -25.63 66.76 2.94
C PHE E 33 -24.76 67.56 2.03
N ASP E 34 -24.69 67.24 0.72
CA ASP E 34 -23.86 67.98 -0.19
C ASP E 34 -24.27 69.41 -0.21
N CYS E 35 -25.58 69.69 -0.26
CA CYS E 35 -26.00 71.05 -0.35
C CYS E 35 -25.50 71.79 0.84
N LYS E 36 -25.61 71.16 2.04
CA LYS E 36 -25.15 71.75 3.27
C LYS E 36 -23.67 71.85 3.13
N ASP E 37 -23.12 70.87 2.38
CA ASP E 37 -21.74 70.49 2.24
C ASP E 37 -20.85 71.53 1.67
N VAL E 38 -21.39 72.54 0.99
CA VAL E 38 -20.58 73.46 0.27
C VAL E 38 -19.51 74.06 1.12
N GLN E 39 -19.62 74.20 2.43
CA GLN E 39 -18.37 74.72 2.93
C GLN E 39 -17.30 73.66 2.90
N ASP E 40 -17.67 72.45 3.32
CA ASP E 40 -16.73 71.34 3.34
C ASP E 40 -16.02 71.17 2.00
N MET E 41 -16.80 70.84 0.97
CA MET E 41 -16.25 70.65 -0.37
C MET E 41 -15.34 71.81 -0.76
N PRO E 42 -15.58 72.97 -0.16
CA PRO E 42 -14.79 74.17 -0.44
C PRO E 42 -13.48 74.18 0.34
N LYS E 43 -13.07 73.02 0.85
CA LYS E 43 -11.84 72.91 1.61
C LYS E 43 -11.01 71.71 1.16
N SER E 44 -9.76 71.66 1.60
CA SER E 44 -8.86 70.56 1.24
C SER E 44 -9.65 69.31 0.86
N ILE E 45 -10.85 69.51 0.32
CA ILE E 45 -11.71 68.40 -0.08
C ILE E 45 -12.27 68.62 -1.48
N LEU E 46 -12.88 69.78 -1.69
CA LEU E 46 -13.48 70.12 -2.98
C LEU E 46 -13.66 71.62 -3.12
N SER E 47 -12.84 72.23 -3.97
CA SER E 47 -12.91 73.67 -4.21
C SER E 47 -14.35 74.17 -4.18
N LYS E 48 -14.52 75.47 -3.98
CA LYS E 48 -15.82 76.04 -3.93
C LYS E 48 -16.53 75.66 -5.18
N GLU E 49 -15.81 75.73 -6.30
CA GLU E 49 -16.41 75.43 -7.56
C GLU E 49 -16.81 74.00 -7.57
N GLU E 50 -15.96 73.14 -6.98
CA GLU E 50 -16.21 71.74 -7.06
C GLU E 50 -17.47 71.36 -6.33
N ILE E 51 -17.83 72.01 -5.21
CA ILE E 51 -19.03 71.49 -4.61
C ILE E 51 -20.17 71.79 -5.52
N ASP E 52 -20.17 73.00 -6.09
CA ASP E 52 -21.23 73.36 -6.99
C ASP E 52 -21.19 72.40 -8.13
N HIS E 53 -19.98 71.95 -8.48
CA HIS E 53 -19.84 71.05 -9.58
C HIS E 53 -20.62 69.79 -9.29
N ILE E 54 -20.42 69.17 -8.11
CA ILE E 54 -21.11 67.94 -7.82
C ILE E 54 -22.57 68.20 -7.72
N ILE E 55 -22.92 69.32 -7.09
CA ILE E 55 -24.27 69.69 -6.81
C ILE E 55 -25.03 69.77 -8.10
N MET E 56 -24.39 70.34 -9.14
CA MET E 56 -25.07 70.57 -10.40
C MET E 56 -25.53 69.29 -11.01
N SER E 57 -24.70 68.22 -11.01
CA SER E 57 -25.14 66.98 -11.59
C SER E 57 -26.38 66.58 -10.84
N LYS E 58 -27.51 66.67 -11.56
CA LYS E 58 -28.82 66.53 -11.02
C LYS E 58 -29.02 65.16 -10.46
N ASP E 59 -28.68 64.15 -11.27
CA ASP E 59 -29.05 62.81 -10.96
C ASP E 59 -28.34 62.41 -9.74
N ALA E 60 -29.04 61.64 -8.88
CA ALA E 60 -28.45 61.26 -7.63
C ALA E 60 -27.24 60.46 -7.92
N VAL E 61 -27.31 59.58 -8.94
CA VAL E 61 -26.20 58.74 -9.28
C VAL E 61 -25.08 59.63 -9.71
N SER E 62 -25.39 60.63 -10.55
CA SER E 62 -24.40 61.53 -11.08
C SER E 62 -23.78 62.32 -9.98
N GLY E 63 -24.61 62.75 -9.02
CA GLY E 63 -24.10 63.58 -7.97
C GLY E 63 -23.08 62.82 -7.20
N THR E 64 -23.37 61.54 -6.90
CA THR E 64 -22.44 60.78 -6.12
C THR E 64 -21.19 60.56 -6.91
N LEU E 65 -21.34 60.25 -8.21
CA LEU E 65 -20.20 59.95 -9.04
C LEU E 65 -19.36 61.18 -9.17
N ARG E 66 -20.00 62.35 -9.32
CA ARG E 66 -19.23 63.55 -9.51
C ARG E 66 -18.33 63.79 -8.33
N LEU E 67 -18.85 63.67 -7.11
CA LEU E 67 -18.05 63.96 -5.95
C LEU E 67 -16.93 62.96 -5.85
N PHE E 68 -17.21 61.68 -6.14
CA PHE E 68 -16.16 60.70 -6.01
C PHE E 68 -15.08 61.03 -6.99
N TRP E 69 -15.48 61.51 -8.18
CA TRP E 69 -14.53 61.82 -9.21
C TRP E 69 -13.59 62.87 -8.72
N THR E 70 -14.11 63.96 -8.12
CA THR E 70 -13.25 65.02 -7.68
C THR E 70 -12.33 64.51 -6.62
N LEU E 71 -12.85 63.62 -5.75
CA LEU E 71 -12.13 63.07 -4.64
C LEU E 71 -10.95 62.30 -5.14
N LEU E 72 -11.10 61.57 -6.26
CA LEU E 72 -10.04 60.72 -6.73
C LEU E 72 -8.83 61.55 -7.07
N SER E 73 -9.04 62.73 -7.65
CA SER E 73 -7.97 63.56 -8.13
C SER E 73 -7.12 63.98 -7.00
N LYS E 74 -7.59 63.85 -5.75
CA LYS E 74 -6.74 64.30 -4.71
C LYS E 74 -5.93 63.20 -4.19
N GLN E 75 -5.12 63.59 -3.20
CA GLN E 75 -4.14 62.77 -2.60
C GLN E 75 -4.76 62.04 -1.46
N GLU E 76 -3.91 61.26 -0.78
CA GLU E 76 -4.32 60.52 0.39
C GLU E 76 -4.84 61.50 1.36
N GLU E 77 -4.27 62.72 1.37
CA GLU E 77 -4.67 63.68 2.34
C GLU E 77 -6.13 63.92 2.22
N MET E 78 -6.65 63.96 0.98
CA MET E 78 -8.04 64.26 0.77
C MET E 78 -8.90 63.22 1.42
N VAL E 79 -8.53 61.92 1.32
CA VAL E 79 -9.39 60.95 1.91
C VAL E 79 -9.43 61.19 3.38
N GLN E 80 -8.29 61.58 3.96
CA GLN E 80 -8.22 61.81 5.37
C GLN E 80 -9.08 62.99 5.72
N LYS E 81 -9.07 64.05 4.89
CA LYS E 81 -9.87 65.20 5.23
C LYS E 81 -11.32 64.82 5.16
N PHE E 82 -11.69 64.10 4.08
CA PHE E 82 -13.04 63.67 3.84
C PHE E 82 -13.46 62.78 4.97
N VAL E 83 -12.57 61.88 5.42
CA VAL E 83 -13.00 61.00 6.47
C VAL E 83 -13.32 61.84 7.66
N GLU E 84 -12.52 62.91 7.88
CA GLU E 84 -12.73 63.74 9.03
C GLU E 84 -14.07 64.39 8.94
N GLU E 85 -14.46 64.87 7.74
CA GLU E 85 -15.72 65.54 7.62
C GLU E 85 -16.81 64.57 7.93
N VAL E 86 -16.65 63.29 7.55
CA VAL E 86 -17.69 62.33 7.77
C VAL E 86 -17.88 62.15 9.24
N LEU E 87 -16.79 62.11 10.02
CA LEU E 87 -16.89 61.91 11.44
C LEU E 87 -17.52 63.13 12.05
N ARG E 88 -17.16 64.33 11.57
CA ARG E 88 -17.73 65.54 12.11
C ARG E 88 -19.20 65.48 11.86
N ILE E 89 -19.57 65.00 10.66
CA ILE E 89 -20.94 64.82 10.26
C ILE E 89 -21.51 63.81 11.19
N ASN E 90 -20.64 62.91 11.69
CA ASN E 90 -21.01 61.79 12.50
C ASN E 90 -22.04 61.09 11.75
N TYR E 91 -21.60 60.78 10.52
CA TYR E 91 -22.36 60.00 9.64
C TYR E 91 -21.89 58.67 10.10
N LYS E 92 -22.43 58.27 11.26
CA LYS E 92 -21.85 57.25 12.07
C LYS E 92 -21.64 55.95 11.37
N PHE E 93 -22.67 55.39 10.76
CA PHE E 93 -22.46 54.07 10.22
C PHE E 93 -21.47 54.17 9.13
N LEU E 94 -21.61 55.14 8.23
CA LEU E 94 -20.75 55.18 7.10
C LEU E 94 -19.36 55.46 7.54
N MET E 95 -19.19 56.34 8.55
CA MET E 95 -17.84 56.65 8.91
C MET E 95 -17.17 55.44 9.47
N SER E 96 -17.91 54.56 10.20
CA SER E 96 -17.26 53.41 10.78
C SER E 96 -16.67 52.55 9.70
N PRO E 97 -17.39 52.11 8.70
CA PRO E 97 -16.70 51.40 7.68
C PRO E 97 -15.62 52.14 6.95
N ILE E 98 -15.70 53.47 6.82
CA ILE E 98 -14.61 54.08 6.12
C ILE E 98 -13.36 53.93 6.95
N LYS E 99 -13.44 54.08 8.29
CA LYS E 99 -12.23 53.98 9.06
C LYS E 99 -11.68 52.59 9.01
N THR E 100 -12.53 51.56 8.94
CA THR E 100 -12.00 50.23 8.89
C THR E 100 -11.20 50.11 7.62
N GLU E 101 -11.73 50.73 6.56
CA GLU E 101 -11.21 50.77 5.24
C GLU E 101 -9.80 51.29 5.27
N GLN E 102 -9.53 52.39 5.98
CA GLN E 102 -8.18 52.89 5.93
C GLN E 102 -7.23 51.87 6.48
N ARG E 103 -6.25 51.49 5.62
CA ARG E 103 -5.21 50.52 5.83
C ARG E 103 -5.73 49.16 6.21
N GLN E 104 -6.54 48.51 5.32
CA GLN E 104 -7.03 47.18 5.60
C GLN E 104 -7.02 46.38 4.32
N PRO E 105 -6.54 45.15 4.38
CA PRO E 105 -6.59 44.29 3.21
C PRO E 105 -7.86 43.49 3.11
N SER E 106 -8.19 42.93 1.91
CA SER E 106 -9.34 42.09 1.73
C SER E 106 -9.23 41.45 0.38
N MET E 107 -9.89 40.30 0.18
CA MET E 107 -9.85 39.65 -1.10
C MET E 107 -10.52 40.53 -2.11
N MET E 108 -11.71 41.07 -1.77
CA MET E 108 -12.46 41.90 -2.67
C MET E 108 -11.73 43.17 -2.95
N THR E 109 -11.09 43.74 -1.92
CA THR E 109 -10.40 44.98 -2.10
C THR E 109 -9.27 44.78 -3.05
N ARG E 110 -8.54 43.67 -2.85
CA ARG E 110 -7.36 43.39 -3.63
C ARG E 110 -7.74 43.21 -5.06
N MET E 111 -8.86 42.53 -5.34
CA MET E 111 -9.20 42.33 -6.71
C MET E 111 -9.52 43.63 -7.36
N TYR E 112 -10.18 44.55 -6.65
CA TYR E 112 -10.55 45.79 -7.27
C TYR E 112 -9.35 46.60 -7.61
N ILE E 113 -8.35 46.64 -6.72
CA ILE E 113 -7.17 47.42 -6.97
C ILE E 113 -6.47 46.88 -8.17
N GLU E 114 -6.41 45.55 -8.28
CA GLU E 114 -5.74 44.89 -9.35
C GLU E 114 -6.36 45.30 -10.65
N GLN E 115 -7.70 45.32 -10.70
CA GLN E 115 -8.39 45.61 -11.92
C GLN E 115 -8.09 47.02 -12.33
N ARG E 116 -8.07 47.94 -11.37
CA ARG E 116 -7.82 49.33 -11.63
C ARG E 116 -6.46 49.49 -12.25
N ASP E 117 -5.44 48.81 -11.70
CA ASP E 117 -4.11 48.97 -12.19
C ASP E 117 -4.04 48.46 -13.60
N ARG E 118 -4.73 47.35 -13.88
CA ARG E 118 -4.65 46.77 -15.20
C ARG E 118 -5.19 47.73 -16.20
N LEU E 119 -6.32 48.40 -15.88
CA LEU E 119 -6.84 49.28 -16.88
C LEU E 119 -5.92 50.44 -17.13
N TYR E 120 -5.24 50.94 -16.09
CA TYR E 120 -4.34 52.04 -16.31
C TYR E 120 -3.29 51.61 -17.28
N ASN E 121 -2.74 50.41 -17.09
CA ASN E 121 -1.66 49.91 -17.91
C ASN E 121 -2.14 49.80 -19.31
N ASP E 122 -3.41 49.41 -19.48
CA ASP E 122 -4.00 49.22 -20.76
C ASP E 122 -4.00 50.50 -21.51
N ASN E 123 -4.26 51.65 -20.85
CA ASN E 123 -4.30 52.78 -21.73
C ASN E 123 -4.18 54.11 -21.06
N GLN E 124 -4.66 54.23 -19.80
CA GLN E 124 -4.77 55.54 -19.20
C GLN E 124 -3.44 56.14 -18.85
N VAL E 125 -2.74 56.71 -19.87
CA VAL E 125 -1.56 57.50 -19.70
C VAL E 125 -1.97 58.88 -19.34
N PHE E 126 -2.84 59.39 -20.22
CA PHE E 126 -3.48 60.63 -20.09
C PHE E 126 -4.69 60.62 -20.75
N ALA E 127 -5.15 61.77 -20.41
CA ALA E 127 -6.34 62.26 -20.63
C ALA E 127 -6.38 63.07 -19.43
N LYS E 128 -5.81 64.27 -19.54
CA LYS E 128 -5.68 65.04 -18.37
C LYS E 128 -7.03 65.43 -17.91
N TYR E 129 -7.89 65.94 -18.81
CA TYR E 129 -9.13 66.30 -18.22
C TYR E 129 -10.31 65.85 -19.01
N ASN E 130 -11.38 65.55 -18.29
CA ASN E 130 -12.45 64.81 -18.91
C ASN E 130 -13.79 65.26 -18.47
N VAL E 131 -14.74 65.11 -19.41
CA VAL E 131 -16.11 65.47 -19.47
C VAL E 131 -16.78 64.26 -18.97
N SER E 132 -17.75 64.45 -18.09
CA SER E 132 -18.31 63.28 -17.50
C SER E 132 -19.61 63.07 -18.17
N ARG E 133 -19.70 61.94 -18.89
CA ARG E 133 -20.91 61.64 -19.54
C ARG E 133 -21.47 60.68 -18.64
N LEU E 134 -22.21 61.20 -17.69
CA LEU E 134 -22.69 60.21 -16.83
C LEU E 134 -23.69 59.44 -17.61
N GLN E 135 -24.41 60.13 -18.53
CA GLN E 135 -25.46 59.44 -19.20
C GLN E 135 -24.95 58.26 -19.98
N PRO E 136 -23.95 58.35 -20.83
CA PRO E 136 -23.56 57.14 -21.52
C PRO E 136 -22.88 56.15 -20.64
N TYR E 137 -22.20 56.64 -19.59
CA TYR E 137 -21.46 55.85 -18.65
C TYR E 137 -22.38 54.95 -17.89
N LEU E 138 -23.48 55.51 -17.37
CA LEU E 138 -24.42 54.74 -16.61
C LEU E 138 -25.09 53.75 -17.52
N LYS E 139 -25.40 54.15 -18.76
CA LYS E 139 -26.12 53.26 -19.62
C LYS E 139 -25.34 52.01 -19.85
N LEU E 140 -24.03 52.14 -20.13
CA LEU E 140 -23.26 50.97 -20.44
C LEU E 140 -23.21 50.08 -19.25
N ARG E 141 -23.01 50.64 -18.04
CA ARG E 141 -22.80 49.74 -16.94
C ARG E 141 -24.06 48.98 -16.69
N GLN E 142 -25.21 49.65 -16.78
CA GLN E 142 -26.45 49.04 -16.40
C GLN E 142 -26.69 47.88 -17.30
N ALA E 143 -26.51 48.08 -18.62
CA ALA E 143 -26.77 47.05 -19.56
C ALA E 143 -25.82 45.92 -19.33
N LEU E 144 -24.53 46.24 -19.12
CA LEU E 144 -23.55 45.20 -19.01
C LEU E 144 -23.83 44.38 -17.80
N LEU E 145 -24.24 45.04 -16.70
CA LEU E 145 -24.51 44.34 -15.48
C LEU E 145 -25.65 43.41 -15.75
N GLU E 146 -26.70 43.92 -16.41
CA GLU E 146 -27.91 43.19 -16.62
C GLU E 146 -27.69 42.00 -17.51
N LEU E 147 -27.04 42.18 -18.68
CA LEU E 147 -26.99 40.99 -19.48
C LEU E 147 -25.65 40.40 -19.30
N ARG E 148 -25.54 39.55 -18.28
CA ARG E 148 -24.36 38.84 -17.95
C ARG E 148 -24.07 37.79 -18.99
N PRO E 149 -25.07 37.05 -19.44
CA PRO E 149 -24.81 36.00 -20.38
C PRO E 149 -24.28 36.56 -21.66
N ALA E 150 -23.74 35.68 -22.53
CA ALA E 150 -23.10 36.12 -23.73
C ALA E 150 -24.02 37.04 -24.46
N LYS E 151 -23.46 38.18 -24.90
CA LYS E 151 -24.21 39.14 -25.66
C LYS E 151 -23.24 40.02 -26.32
N ASN E 152 -23.72 41.03 -27.08
CA ASN E 152 -22.77 41.92 -27.66
C ASN E 152 -23.17 43.31 -27.30
N VAL E 153 -22.33 43.97 -26.48
CA VAL E 153 -22.60 45.34 -26.14
C VAL E 153 -21.78 46.11 -27.11
N LEU E 154 -22.44 46.89 -27.98
CA LEU E 154 -21.61 47.66 -28.84
C LEU E 154 -21.40 48.92 -28.13
N ILE E 155 -20.34 49.55 -28.58
CA ILE E 155 -19.99 50.88 -28.32
C ILE E 155 -19.47 51.14 -29.68
N ASP E 156 -19.96 52.19 -30.33
CA ASP E 156 -19.46 52.42 -31.64
C ASP E 156 -19.57 53.83 -32.18
N GLY E 157 -18.48 54.61 -32.36
CA GLY E 157 -18.67 56.01 -32.71
C GLY E 157 -17.57 56.39 -33.66
N VAL E 158 -17.43 57.72 -33.90
CA VAL E 158 -16.43 58.26 -34.80
C VAL E 158 -15.10 57.92 -34.21
N LEU E 159 -14.05 57.84 -35.07
CA LEU E 159 -12.77 57.53 -34.51
C LEU E 159 -12.41 58.58 -33.52
N GLY E 160 -11.99 58.15 -32.32
CA GLY E 160 -11.53 59.06 -31.29
C GLY E 160 -12.69 59.65 -30.55
N SER E 161 -13.90 59.06 -30.67
CA SER E 161 -15.06 59.56 -29.99
C SER E 161 -14.91 59.32 -28.52
N GLY E 162 -13.97 58.44 -28.12
CA GLY E 162 -13.81 58.18 -26.73
C GLY E 162 -14.49 56.90 -26.33
N LYS E 163 -14.60 56.03 -27.32
CA LYS E 163 -15.24 54.76 -27.15
C LYS E 163 -14.55 53.94 -26.10
N THR E 164 -13.22 53.70 -26.30
CA THR E 164 -12.28 52.85 -25.58
C THR E 164 -12.01 53.37 -24.24
N TRP E 165 -11.85 54.71 -24.16
CA TRP E 165 -11.61 55.29 -22.90
C TRP E 165 -12.83 54.94 -22.06
N VAL E 166 -14.11 55.16 -22.56
CA VAL E 166 -15.32 54.93 -21.85
C VAL E 166 -15.38 53.52 -21.36
N ALA E 167 -14.99 52.56 -22.21
CA ALA E 167 -15.07 51.18 -21.83
C ALA E 167 -14.19 50.91 -20.65
N LEU E 168 -12.98 51.49 -20.65
CA LEU E 168 -12.07 51.22 -19.58
C LEU E 168 -12.68 51.71 -18.31
N ASP E 169 -13.24 52.92 -18.34
CA ASP E 169 -13.78 53.56 -17.16
C ASP E 169 -14.89 52.72 -16.60
N VAL E 170 -15.73 52.15 -17.48
CA VAL E 170 -16.82 51.39 -16.96
C VAL E 170 -16.27 50.22 -16.21
N CYS E 171 -15.22 49.59 -16.73
CA CYS E 171 -14.65 48.46 -16.07
C CYS E 171 -14.02 48.88 -14.77
N LEU E 172 -13.33 50.06 -14.75
CA LEU E 172 -12.59 50.49 -13.59
C LEU E 172 -13.35 50.89 -12.36
N SER E 173 -14.44 51.70 -12.45
CA SER E 173 -15.07 52.17 -11.23
C SER E 173 -15.99 51.12 -10.64
N TYR E 174 -16.22 50.12 -11.48
CA TYR E 174 -17.08 48.97 -11.51
C TYR E 174 -16.81 47.76 -10.69
N LYS E 175 -16.26 47.89 -9.47
CA LYS E 175 -15.89 46.74 -8.67
C LYS E 175 -16.99 45.70 -8.72
N VAL E 176 -18.28 46.11 -8.73
CA VAL E 176 -19.35 45.15 -8.77
C VAL E 176 -19.28 44.35 -10.04
N GLN E 177 -19.08 45.02 -11.19
CA GLN E 177 -19.09 44.36 -12.47
C GLN E 177 -17.95 43.39 -12.52
N CYS E 178 -16.79 43.80 -12.00
CA CYS E 178 -15.62 42.97 -12.05
C CYS E 178 -15.86 41.73 -11.24
N LYS E 179 -16.56 41.85 -10.11
CA LYS E 179 -16.78 40.69 -9.30
C LYS E 179 -17.64 39.71 -10.03
N MET E 180 -18.74 40.19 -10.64
CA MET E 180 -19.65 39.28 -11.26
C MET E 180 -19.00 38.59 -12.39
N ASP E 181 -18.29 39.33 -13.26
CA ASP E 181 -17.64 38.64 -14.33
C ASP E 181 -16.49 37.94 -13.69
N PHE E 182 -16.25 36.66 -14.04
CA PHE E 182 -15.18 36.02 -13.34
C PHE E 182 -13.89 36.70 -13.67
N LYS E 183 -13.61 36.88 -14.97
CA LYS E 183 -12.38 37.49 -15.35
C LYS E 183 -12.64 38.24 -16.61
N ILE E 184 -11.77 39.19 -16.97
CA ILE E 184 -12.03 39.91 -18.17
C ILE E 184 -10.80 39.92 -19.03
N PHE E 185 -10.98 39.74 -20.34
CA PHE E 185 -9.88 39.75 -21.26
C PHE E 185 -10.10 40.89 -22.20
N TRP E 186 -9.07 41.76 -22.36
CA TRP E 186 -9.23 42.89 -23.23
C TRP E 186 -8.17 42.79 -24.28
N LEU E 187 -8.58 42.85 -25.56
CA LEU E 187 -7.61 42.84 -26.62
C LEU E 187 -8.05 43.84 -27.64
N ASN E 188 -7.07 44.51 -28.29
CA ASN E 188 -7.42 45.43 -29.33
C ASN E 188 -7.15 44.72 -30.60
N LEU E 189 -8.22 44.45 -31.38
CA LEU E 189 -8.06 43.66 -32.57
C LEU E 189 -7.31 44.44 -33.60
N LYS E 190 -6.37 43.72 -34.23
CA LYS E 190 -5.58 44.14 -35.35
C LYS E 190 -6.47 43.82 -36.52
N ASN E 191 -6.25 44.48 -37.67
CA ASN E 191 -7.10 44.35 -38.83
C ASN E 191 -7.36 42.89 -39.08
N CYS E 192 -8.64 42.49 -38.85
CA CYS E 192 -9.17 41.16 -39.02
C CYS E 192 -9.39 40.87 -40.47
N ASN E 193 -9.69 41.90 -41.27
CA ASN E 193 -9.96 41.64 -42.65
C ASN E 193 -8.77 41.01 -43.29
N SER E 194 -7.54 41.34 -42.84
CA SER E 194 -6.40 40.63 -43.34
C SER E 194 -6.47 39.25 -42.71
N PRO E 195 -6.33 38.24 -43.54
CA PRO E 195 -6.47 36.85 -43.18
C PRO E 195 -5.66 36.23 -42.06
N GLU E 196 -4.32 36.27 -42.13
CA GLU E 196 -3.48 35.57 -41.18
C GLU E 196 -3.79 36.15 -39.85
N THR E 197 -4.30 37.38 -39.85
CA THR E 197 -4.54 38.14 -38.66
C THR E 197 -5.40 37.36 -37.71
N VAL E 198 -6.47 36.71 -38.19
CA VAL E 198 -7.37 36.07 -37.26
C VAL E 198 -6.63 35.03 -36.47
N LEU E 199 -5.83 34.18 -37.14
CA LEU E 199 -5.14 33.16 -36.38
C LEU E 199 -4.19 33.79 -35.44
N GLU E 200 -3.54 34.87 -35.87
CA GLU E 200 -2.54 35.52 -35.08
C GLU E 200 -3.18 35.98 -33.81
N MET E 201 -4.38 36.61 -33.91
CA MET E 201 -5.01 37.17 -32.76
C MET E 201 -5.39 36.07 -31.81
N LEU E 202 -5.92 34.96 -32.34
CA LEU E 202 -6.43 33.92 -31.52
C LEU E 202 -5.29 33.25 -30.82
N GLN E 203 -4.11 33.20 -31.47
CA GLN E 203 -2.99 32.53 -30.86
C GLN E 203 -2.68 33.23 -29.59
N LYS E 204 -2.72 34.57 -29.60
CA LYS E 204 -2.41 35.35 -28.43
C LYS E 204 -3.41 35.01 -27.38
N LEU E 205 -4.68 34.81 -27.79
CA LEU E 205 -5.71 34.50 -26.87
C LEU E 205 -5.34 33.23 -26.19
N LEU E 206 -4.82 32.29 -26.99
CA LEU E 206 -4.51 30.98 -26.52
C LEU E 206 -3.44 31.16 -25.48
N TYR E 207 -2.47 32.06 -25.76
CA TYR E 207 -1.36 32.21 -24.86
C TYR E 207 -1.85 32.72 -23.53
N GLN E 208 -2.70 33.76 -23.55
CA GLN E 208 -3.16 34.39 -22.34
C GLN E 208 -4.00 33.44 -21.57
N ILE E 209 -4.82 32.62 -22.26
CA ILE E 209 -5.70 31.75 -21.56
C ILE E 209 -4.86 30.85 -20.72
N ASP E 210 -3.77 30.32 -21.31
CA ASP E 210 -2.77 29.52 -20.66
C ASP E 210 -1.68 29.32 -21.65
N PRO E 211 -0.47 29.36 -21.17
CA PRO E 211 0.68 29.02 -21.96
C PRO E 211 0.85 27.52 -21.87
N ASN E 212 -0.12 26.84 -21.25
CA ASN E 212 -0.11 25.47 -20.81
C ASN E 212 0.41 24.47 -21.78
N TRP E 213 -0.45 23.45 -22.00
CA TRP E 213 -0.44 22.34 -22.91
C TRP E 213 -0.87 22.91 -24.20
N THR E 214 -1.34 24.14 -24.05
CA THR E 214 -1.90 25.04 -24.95
C THR E 214 -1.11 24.86 -26.22
N SER E 215 0.21 24.98 -26.12
CA SER E 215 1.12 24.91 -27.23
C SER E 215 1.26 23.56 -27.90
N ARG E 216 1.00 22.43 -27.19
CA ARG E 216 1.34 21.11 -27.68
C ARG E 216 0.64 20.67 -28.95
N SER E 217 -0.69 20.90 -29.09
CA SER E 217 -1.46 20.32 -30.17
C SER E 217 -1.08 20.84 -31.51
N ASP E 218 -1.43 20.04 -32.54
CA ASP E 218 -1.02 20.24 -33.90
C ASP E 218 -1.43 21.57 -34.42
N HIS E 219 -0.41 22.34 -34.83
CA HIS E 219 -0.68 23.58 -35.49
C HIS E 219 -0.55 23.22 -36.92
N SER E 220 -1.69 23.18 -37.62
CA SER E 220 -1.71 22.74 -38.98
C SER E 220 -0.98 23.70 -39.85
N SER E 221 -0.21 23.12 -40.78
CA SER E 221 0.56 23.91 -41.68
C SER E 221 -0.40 24.70 -42.49
N ASN E 222 -1.51 24.05 -42.93
CA ASN E 222 -2.45 24.81 -43.69
C ASN E 222 -3.33 25.48 -42.69
N ILE E 223 -3.83 26.66 -43.09
CA ILE E 223 -4.70 27.44 -42.24
C ILE E 223 -5.97 26.70 -42.03
N LYS E 224 -6.41 25.94 -43.06
CA LYS E 224 -7.71 25.35 -43.10
C LYS E 224 -7.98 24.62 -41.82
N LEU E 225 -7.00 23.83 -41.32
CA LEU E 225 -7.14 23.13 -40.08
C LEU E 225 -6.96 23.97 -38.84
N ARG E 226 -5.92 24.83 -38.80
CA ARG E 226 -5.49 25.51 -37.61
C ARG E 226 -6.55 26.41 -37.03
N ILE E 227 -7.25 27.22 -37.86
CA ILE E 227 -8.17 28.16 -37.30
C ILE E 227 -9.24 27.39 -36.59
N HIS E 228 -9.73 26.30 -37.22
CA HIS E 228 -10.78 25.53 -36.65
C HIS E 228 -10.29 24.94 -35.38
N SER E 229 -9.04 24.43 -35.39
CA SER E 229 -8.51 23.77 -34.24
C SER E 229 -8.41 24.76 -33.12
N ILE E 230 -8.01 26.00 -33.43
CA ILE E 230 -7.87 26.94 -32.36
C ILE E 230 -9.19 27.21 -31.73
N GLN E 231 -10.25 27.35 -32.53
CA GLN E 231 -11.51 27.67 -31.93
C GLN E 231 -11.86 26.58 -30.99
N ALA E 232 -11.57 25.32 -31.36
CA ALA E 232 -11.90 24.22 -30.50
C ALA E 232 -11.13 24.36 -29.22
N GLU E 233 -9.83 24.71 -29.31
CA GLU E 233 -9.03 24.78 -28.12
C GLU E 233 -9.52 25.91 -27.27
N LEU E 234 -9.90 27.03 -27.89
CA LEU E 234 -10.31 28.20 -27.16
C LEU E 234 -11.52 27.81 -26.37
N ARG E 235 -12.47 27.10 -27.01
CA ARG E 235 -13.68 26.73 -26.33
C ARG E 235 -13.34 25.84 -25.19
N ARG E 236 -12.41 24.89 -25.42
CA ARG E 236 -12.04 23.93 -24.43
C ARG E 236 -11.45 24.62 -23.25
N LEU E 237 -10.54 25.59 -23.49
CA LEU E 237 -9.93 26.24 -22.37
C LEU E 237 -10.94 27.03 -21.61
N LEU E 238 -11.92 27.63 -22.29
CA LEU E 238 -12.85 28.40 -21.50
C LEU E 238 -13.56 27.51 -20.52
N LYS E 239 -13.99 26.32 -20.96
CA LYS E 239 -14.70 25.45 -20.07
C LYS E 239 -13.78 25.01 -18.97
N SER E 240 -12.50 24.75 -19.32
CA SER E 240 -11.56 24.14 -18.42
C SER E 240 -11.43 24.93 -17.16
N LYS E 241 -11.40 26.27 -17.23
CA LYS E 241 -11.21 26.99 -16.01
C LYS E 241 -12.50 27.69 -15.64
N PRO E 242 -12.48 28.49 -14.60
CA PRO E 242 -13.65 29.17 -14.13
C PRO E 242 -14.17 30.27 -15.00
N TYR E 243 -13.71 30.36 -16.26
CA TYR E 243 -13.93 31.39 -17.24
C TYR E 243 -15.38 31.63 -17.59
N GLU E 244 -16.32 30.69 -17.35
CA GLU E 244 -17.64 30.66 -17.94
C GLU E 244 -18.31 32.01 -18.10
N ASN E 245 -18.51 32.89 -17.12
CA ASN E 245 -19.02 34.19 -17.54
C ASN E 245 -17.82 35.06 -17.49
N CYS E 246 -17.06 35.08 -18.60
CA CYS E 246 -15.84 35.81 -18.69
C CYS E 246 -16.12 36.98 -19.58
N LEU E 247 -15.65 38.18 -19.21
CA LEU E 247 -15.96 39.32 -20.01
C LEU E 247 -14.82 39.54 -20.93
N LEU E 248 -15.11 39.58 -22.25
CA LEU E 248 -14.03 39.80 -23.16
C LEU E 248 -14.35 41.07 -23.85
N VAL E 249 -13.34 41.93 -24.03
CA VAL E 249 -13.63 43.16 -24.69
C VAL E 249 -12.80 43.19 -25.93
N LEU E 250 -13.45 43.34 -27.10
CA LEU E 250 -12.63 43.43 -28.27
C LEU E 250 -12.61 44.87 -28.62
N LEU E 251 -11.42 45.48 -28.57
CA LEU E 251 -11.28 46.86 -28.85
C LEU E 251 -10.99 47.04 -30.31
N ASN E 252 -11.60 48.09 -30.89
CA ASN E 252 -11.41 48.44 -32.28
C ASN E 252 -11.55 47.24 -33.17
N VAL E 253 -12.76 46.64 -33.23
CA VAL E 253 -12.93 45.50 -34.08
C VAL E 253 -13.36 45.97 -35.42
N GLN E 254 -12.46 45.81 -36.41
CA GLN E 254 -12.66 46.20 -37.78
C GLN E 254 -13.54 45.23 -38.54
N ASN E 255 -13.31 43.91 -38.37
CA ASN E 255 -13.97 42.96 -39.25
C ASN E 255 -15.03 42.19 -38.52
N ALA E 256 -16.08 41.84 -39.29
CA ALA E 256 -17.26 41.13 -38.86
C ALA E 256 -16.89 39.77 -38.38
N LYS E 257 -15.88 39.15 -39.02
CA LYS E 257 -15.53 37.80 -38.70
C LYS E 257 -15.21 37.69 -37.25
N ALA E 258 -14.59 38.73 -36.66
CA ALA E 258 -14.27 38.64 -35.27
C ALA E 258 -15.55 38.47 -34.53
N TRP E 259 -16.58 39.19 -34.98
CA TRP E 259 -17.88 39.19 -34.36
C TRP E 259 -18.46 37.81 -34.51
N ASN E 260 -18.32 37.17 -35.68
CA ASN E 260 -18.87 35.86 -35.82
C ASN E 260 -18.12 34.88 -34.97
N ALA E 261 -16.79 35.08 -34.82
CA ALA E 261 -15.98 34.21 -34.02
C ALA E 261 -16.54 34.27 -32.63
N PHE E 262 -17.03 35.47 -32.26
CA PHE E 262 -17.62 35.73 -30.98
C PHE E 262 -18.73 34.75 -30.82
N ASN E 263 -19.52 34.54 -31.88
CA ASN E 263 -20.69 33.70 -31.79
C ASN E 263 -20.23 32.39 -31.26
N LEU E 264 -19.14 31.85 -31.82
CA LEU E 264 -18.63 30.66 -31.22
C LEU E 264 -17.65 31.17 -30.21
N SER E 265 -18.15 31.61 -29.05
CA SER E 265 -17.31 32.17 -28.02
C SER E 265 -18.18 32.54 -26.87
N CYS E 266 -17.80 33.63 -26.16
CA CYS E 266 -18.52 34.05 -24.98
C CYS E 266 -19.02 35.45 -25.15
N LYS E 267 -19.31 36.13 -24.03
CA LYS E 267 -19.86 37.46 -23.96
C LYS E 267 -18.80 38.48 -24.27
N ILE E 268 -19.21 39.60 -24.91
CA ILE E 268 -18.27 40.60 -25.34
C ILE E 268 -18.84 41.99 -25.24
N LEU E 269 -17.92 42.96 -24.99
CA LEU E 269 -18.18 44.36 -25.14
C LEU E 269 -17.34 44.76 -26.32
N LEU E 270 -17.93 45.44 -27.32
CA LEU E 270 -17.11 45.73 -28.45
C LEU E 270 -17.13 47.20 -28.71
N THR E 271 -15.99 47.75 -29.17
CA THR E 271 -15.92 49.14 -29.55
C THR E 271 -15.66 49.14 -31.02
N THR E 272 -16.48 49.87 -31.82
CA THR E 272 -16.24 49.84 -33.23
C THR E 272 -16.67 51.14 -33.87
N ARG E 273 -15.97 51.53 -34.95
CA ARG E 273 -16.16 52.73 -35.73
C ARG E 273 -17.28 52.65 -36.71
N PHE E 274 -17.95 51.50 -36.79
CA PHE E 274 -19.04 51.41 -37.70
C PHE E 274 -20.20 51.24 -36.76
N LYS E 275 -21.45 51.46 -37.21
CA LYS E 275 -22.64 50.96 -36.54
C LYS E 275 -23.07 49.68 -37.20
N GLN E 276 -22.93 49.59 -38.55
CA GLN E 276 -23.57 48.45 -39.17
C GLN E 276 -22.88 47.18 -38.80
N VAL E 277 -21.57 47.21 -38.51
CA VAL E 277 -20.87 46.01 -38.11
C VAL E 277 -21.58 45.43 -36.93
N THR E 278 -21.99 46.32 -36.03
CA THR E 278 -22.69 46.04 -34.82
C THR E 278 -23.96 45.35 -35.16
N ASP E 279 -24.65 45.90 -36.17
CA ASP E 279 -25.94 45.46 -36.57
C ASP E 279 -25.83 44.04 -37.05
N PHE E 280 -24.78 43.75 -37.85
CA PHE E 280 -24.63 42.43 -38.41
C PHE E 280 -24.43 41.43 -37.32
N LEU E 281 -23.60 41.77 -36.33
CA LEU E 281 -23.29 40.90 -35.25
C LEU E 281 -24.55 40.57 -34.48
N SER E 282 -25.41 41.58 -34.26
CA SER E 282 -26.64 41.42 -33.53
C SER E 282 -27.55 40.52 -34.30
N ALA E 283 -27.50 40.60 -35.64
CA ALA E 283 -28.36 39.76 -36.40
C ALA E 283 -27.94 38.33 -36.24
N ALA E 284 -26.61 38.08 -36.32
CA ALA E 284 -26.15 36.71 -36.29
C ALA E 284 -26.50 36.11 -34.98
N THR E 285 -26.19 36.82 -33.89
CA THR E 285 -26.54 36.37 -32.58
C THR E 285 -27.48 37.38 -32.10
N THR E 286 -28.67 36.95 -31.66
CA THR E 286 -29.66 37.85 -31.18
C THR E 286 -29.11 38.48 -29.93
N THR E 287 -29.95 39.18 -29.17
CA THR E 287 -29.46 39.86 -28.00
C THR E 287 -28.28 40.72 -28.26
N HIS E 288 -28.51 41.87 -28.91
CA HIS E 288 -27.48 42.85 -29.08
C HIS E 288 -27.89 44.05 -28.29
N ILE E 289 -26.89 44.79 -27.77
CA ILE E 289 -27.13 46.00 -27.01
C ILE E 289 -26.31 47.05 -27.68
N SER E 290 -26.84 48.27 -27.86
CA SER E 290 -26.00 49.20 -28.55
C SER E 290 -25.88 50.45 -27.74
N LEU E 291 -24.64 50.94 -27.60
CA LEU E 291 -24.41 52.18 -26.93
C LEU E 291 -23.68 53.00 -27.94
N ASP E 292 -24.28 54.11 -28.37
CA ASP E 292 -23.64 54.92 -29.36
C ASP E 292 -23.02 56.09 -28.65
N HIS E 293 -21.82 56.59 -29.06
CA HIS E 293 -21.04 56.16 -30.18
C HIS E 293 -21.83 56.63 -31.41
N HIS E 294 -22.83 57.43 -31.09
CA HIS E 294 -23.76 57.97 -32.01
C HIS E 294 -24.71 58.37 -30.96
N SER E 295 -25.87 58.90 -31.34
CA SER E 295 -26.91 59.31 -30.43
C SER E 295 -26.83 60.80 -30.27
N MET E 296 -27.30 61.27 -29.10
CA MET E 296 -27.45 62.61 -28.58
C MET E 296 -26.13 63.30 -28.30
N THR E 297 -25.07 62.54 -27.93
CA THR E 297 -23.73 62.97 -27.59
C THR E 297 -23.52 63.78 -26.33
N LEU E 298 -24.08 63.36 -25.18
CA LEU E 298 -23.64 63.96 -23.94
C LEU E 298 -24.01 65.42 -23.94
N THR E 299 -23.15 66.21 -23.25
CA THR E 299 -23.31 67.63 -23.20
C THR E 299 -21.99 68.26 -23.53
N PRO E 300 -21.99 69.13 -24.52
CA PRO E 300 -20.78 69.77 -24.92
C PRO E 300 -20.20 70.65 -23.86
N ASP E 301 -21.04 71.15 -22.93
CA ASP E 301 -20.52 71.99 -21.89
C ASP E 301 -19.60 71.17 -21.05
N GLU E 302 -20.02 69.95 -20.70
CA GLU E 302 -19.25 69.09 -19.85
C GLU E 302 -18.01 68.69 -20.58
N VAL E 303 -18.14 68.38 -21.88
CA VAL E 303 -17.01 67.93 -22.63
C VAL E 303 -16.04 69.05 -22.66
N LYS E 304 -16.51 70.27 -22.93
CA LYS E 304 -15.60 71.35 -23.08
C LYS E 304 -14.87 71.54 -21.79
N SER E 305 -15.57 71.35 -20.65
CA SER E 305 -14.93 71.56 -19.38
C SER E 305 -13.85 70.56 -19.24
N LEU E 306 -14.01 69.38 -19.89
CA LEU E 306 -13.06 68.32 -19.82
C LEU E 306 -11.79 68.82 -20.36
N LEU E 307 -11.86 69.35 -21.57
CA LEU E 307 -10.70 69.74 -22.27
C LEU E 307 -10.13 70.87 -21.50
N LEU E 308 -11.05 71.65 -20.91
CA LEU E 308 -10.72 72.85 -20.22
C LEU E 308 -9.85 72.52 -19.07
N LYS E 309 -10.10 71.44 -18.31
CA LYS E 309 -9.18 71.26 -17.22
C LYS E 309 -7.85 70.77 -17.71
N TYR E 310 -7.85 69.96 -18.80
CA TYR E 310 -6.61 69.46 -19.32
C TYR E 310 -5.73 70.63 -19.59
N LEU E 311 -6.28 71.50 -20.43
CA LEU E 311 -5.66 72.66 -20.99
C LEU E 311 -5.53 73.85 -20.05
N ASP E 312 -6.51 74.05 -19.15
CA ASP E 312 -6.72 75.21 -18.30
C ASP E 312 -6.75 76.52 -19.09
N CYS E 313 -7.93 76.86 -19.71
CA CYS E 313 -8.12 78.01 -20.60
C CYS E 313 -9.10 79.07 -20.15
N ARG E 314 -9.61 79.88 -21.14
CA ARG E 314 -10.50 81.01 -20.94
C ARG E 314 -11.75 80.84 -21.77
N PRO E 315 -12.84 81.34 -21.20
CA PRO E 315 -14.18 81.28 -21.72
C PRO E 315 -14.33 81.92 -23.06
N GLN E 316 -13.60 83.01 -23.32
CA GLN E 316 -13.68 83.65 -24.60
C GLN E 316 -13.15 82.65 -25.56
N ASP E 317 -12.14 81.93 -25.09
CA ASP E 317 -11.44 80.95 -25.86
C ASP E 317 -12.32 79.79 -26.18
N LEU E 318 -13.33 79.57 -25.33
CA LEU E 318 -14.10 78.37 -25.40
C LEU E 318 -14.71 78.12 -26.71
N PRO E 319 -15.31 79.07 -27.34
CA PRO E 319 -15.96 78.78 -28.58
C PRO E 319 -14.96 78.28 -29.58
N ARG E 320 -13.68 78.60 -29.42
CA ARG E 320 -12.79 78.04 -30.38
C ARG E 320 -12.81 76.55 -30.19
N GLU E 321 -12.81 76.13 -28.92
CA GLU E 321 -12.74 74.76 -28.48
C GLU E 321 -13.97 74.04 -28.84
N VAL E 322 -15.12 74.75 -28.77
CA VAL E 322 -16.42 74.15 -28.92
C VAL E 322 -16.33 73.46 -30.22
N LEU E 323 -15.64 74.09 -31.19
CA LEU E 323 -15.43 73.42 -32.44
C LEU E 323 -14.15 72.65 -32.32
N THR E 324 -14.12 71.40 -32.83
CA THR E 324 -15.28 70.82 -33.45
C THR E 324 -15.93 69.89 -32.47
N THR E 325 -17.07 69.32 -32.88
CA THR E 325 -17.84 68.44 -32.04
C THR E 325 -17.09 67.19 -31.70
N ASN E 326 -16.39 66.58 -32.68
CA ASN E 326 -15.84 65.28 -32.38
C ASN E 326 -14.77 65.28 -31.36
N PRO E 327 -14.94 64.31 -30.51
CA PRO E 327 -14.04 64.08 -29.41
C PRO E 327 -12.69 63.67 -29.90
N ARG E 328 -12.58 62.97 -31.05
CA ARG E 328 -11.25 62.59 -31.41
C ARG E 328 -10.52 63.85 -31.75
N ARG E 329 -11.21 64.74 -32.50
CA ARG E 329 -10.58 65.94 -32.92
C ARG E 329 -10.33 66.80 -31.72
N LEU E 330 -11.24 66.74 -30.73
CA LEU E 330 -11.06 67.59 -29.59
C LEU E 330 -9.78 67.18 -28.95
N SER E 331 -9.53 65.89 -28.84
CA SER E 331 -8.37 65.59 -28.10
C SER E 331 -7.12 65.76 -28.94
N ILE E 332 -7.19 65.57 -30.29
CA ILE E 332 -6.02 65.85 -31.07
C ILE E 332 -5.67 67.29 -30.89
N ILE E 333 -6.69 68.16 -30.90
CA ILE E 333 -6.50 69.58 -30.74
C ILE E 333 -5.96 69.81 -29.36
N ALA E 334 -6.53 69.14 -28.34
CA ALA E 334 -6.16 69.38 -26.97
C ALA E 334 -4.71 69.10 -26.78
N GLU E 335 -4.21 68.01 -27.39
CA GLU E 335 -2.84 67.68 -27.25
C GLU E 335 -2.03 68.80 -27.83
N SER E 336 -2.44 69.31 -29.01
CA SER E 336 -1.71 70.33 -29.71
C SER E 336 -1.69 71.57 -28.89
N ILE E 337 -2.82 71.90 -28.26
CA ILE E 337 -2.92 73.07 -27.45
C ILE E 337 -2.05 72.94 -26.24
N ARG E 338 -1.85 71.74 -25.67
CA ARG E 338 -0.96 71.72 -24.55
C ARG E 338 0.36 72.20 -25.06
N ASP E 339 0.74 71.78 -26.28
CA ASP E 339 1.94 72.34 -26.83
C ASP E 339 1.82 73.78 -27.31
N GLY E 340 0.66 74.26 -27.85
CA GLY E 340 0.50 75.59 -28.46
C GLY E 340 -0.92 76.21 -28.18
N LEU E 341 -1.66 76.87 -29.16
CA LEU E 341 -2.84 77.77 -28.89
C LEU E 341 -4.37 77.43 -29.32
N ALA E 342 -5.56 78.06 -28.76
CA ALA E 342 -6.85 78.11 -29.44
C ALA E 342 -6.70 79.50 -29.95
N THR E 343 -5.93 79.67 -31.04
CA THR E 343 -5.70 80.99 -31.53
C THR E 343 -5.38 80.95 -32.97
N TRP E 344 -4.68 82.00 -33.45
CA TRP E 344 -4.37 82.11 -34.84
C TRP E 344 -3.55 80.93 -35.26
N ASP E 345 -2.57 80.51 -34.42
CA ASP E 345 -1.75 79.40 -34.80
C ASP E 345 -2.57 78.15 -34.90
N ASN E 346 -3.46 77.91 -33.92
CA ASN E 346 -4.27 76.73 -33.81
C ASN E 346 -5.14 76.62 -35.01
N TRP E 347 -5.85 77.70 -35.30
CA TRP E 347 -6.76 77.70 -36.41
C TRP E 347 -5.94 77.53 -37.64
N LYS E 348 -4.72 78.10 -37.63
CA LYS E 348 -3.87 78.07 -38.77
C LYS E 348 -3.60 76.65 -39.18
N HIS E 349 -3.28 75.77 -38.19
CA HIS E 349 -2.95 74.41 -38.51
C HIS E 349 -4.14 73.69 -39.07
N VAL E 350 -5.30 73.88 -38.39
CA VAL E 350 -6.61 73.28 -38.54
C VAL E 350 -6.67 71.88 -37.99
N ASN E 351 -5.68 71.48 -37.14
CA ASN E 351 -5.61 70.19 -36.50
C ASN E 351 -5.77 69.05 -37.44
N CYS E 352 -4.98 69.12 -38.52
CA CYS E 352 -4.85 68.10 -39.51
C CYS E 352 -3.75 67.11 -39.30
N ASP E 353 -2.71 67.48 -38.51
CA ASP E 353 -1.50 66.69 -38.52
C ASP E 353 -1.78 65.25 -38.20
N LYS E 354 -2.45 64.99 -37.07
CA LYS E 354 -2.77 63.64 -36.71
C LYS E 354 -3.79 63.05 -37.63
N LEU E 355 -4.89 63.79 -37.85
CA LEU E 355 -6.05 63.29 -38.53
C LEU E 355 -5.78 62.95 -39.96
N THR E 356 -4.98 63.76 -40.68
CA THR E 356 -4.80 63.51 -42.07
C THR E 356 -4.22 62.14 -42.23
N THR E 357 -3.20 61.81 -41.43
CA THR E 357 -2.59 60.53 -41.54
C THR E 357 -3.60 59.49 -41.17
N ILE E 358 -4.42 59.79 -40.13
CA ILE E 358 -5.36 58.85 -39.61
C ILE E 358 -6.36 58.48 -40.66
N ILE E 359 -6.92 59.48 -41.36
CA ILE E 359 -7.93 59.30 -42.35
C ILE E 359 -7.36 58.54 -43.50
N GLU E 360 -6.09 58.79 -43.84
CA GLU E 360 -5.48 58.20 -44.99
C GLU E 360 -5.60 56.71 -44.91
N SER E 361 -5.36 56.15 -43.71
CA SER E 361 -5.42 54.72 -43.57
C SER E 361 -6.85 54.31 -43.83
N SER E 362 -7.80 55.19 -43.47
CA SER E 362 -9.19 54.89 -43.62
C SER E 362 -9.52 54.71 -45.07
N LEU E 363 -8.94 55.56 -45.94
CA LEU E 363 -9.27 55.52 -47.34
C LEU E 363 -8.82 54.20 -47.91
N ASN E 364 -7.65 53.71 -47.47
CA ASN E 364 -7.07 52.53 -48.03
C ASN E 364 -7.98 51.36 -47.85
N VAL E 365 -8.75 51.34 -46.74
CA VAL E 365 -9.56 50.19 -46.44
C VAL E 365 -10.56 49.92 -47.54
N LEU E 366 -11.14 50.96 -48.19
CA LEU E 366 -12.11 50.79 -49.25
C LEU E 366 -11.38 50.61 -50.59
N GLU E 367 -12.10 50.40 -51.75
CA GLU E 367 -11.45 50.17 -53.03
C GLU E 367 -11.41 51.45 -53.83
N PRO E 368 -10.19 51.84 -54.09
CA PRO E 368 -9.84 53.09 -54.69
C PRO E 368 -10.45 53.41 -56.02
N ALA E 369 -10.60 52.45 -56.94
CA ALA E 369 -11.02 52.93 -58.22
C ALA E 369 -12.39 53.53 -58.15
N GLU E 370 -13.40 52.73 -57.75
CA GLU E 370 -14.71 53.29 -57.75
C GLU E 370 -14.96 54.14 -56.54
N TYR E 371 -14.75 53.56 -55.36
CA TYR E 371 -15.10 54.19 -54.11
C TYR E 371 -14.21 55.35 -53.82
N ARG E 372 -12.89 55.17 -53.99
CA ARG E 372 -12.01 56.26 -53.68
C ARG E 372 -12.34 57.40 -54.58
N LYS E 373 -12.60 57.10 -55.87
CA LYS E 373 -12.92 58.11 -56.82
C LYS E 373 -14.24 58.74 -56.50
N MET E 374 -15.24 57.89 -56.18
CA MET E 374 -16.56 58.38 -55.95
C MET E 374 -16.60 59.32 -54.78
N PHE E 375 -15.88 58.98 -53.71
CA PHE E 375 -15.75 59.81 -52.54
C PHE E 375 -14.98 61.06 -52.87
N ASP E 376 -13.95 60.92 -53.72
CA ASP E 376 -13.05 62.01 -53.98
C ASP E 376 -13.82 63.17 -54.52
N ARG E 377 -14.91 62.90 -55.25
CA ARG E 377 -15.73 63.89 -55.89
C ARG E 377 -16.47 64.77 -54.90
N LEU E 378 -16.84 64.24 -53.73
CA LEU E 378 -17.74 64.89 -52.79
C LEU E 378 -17.21 66.23 -52.40
N SER E 379 -15.92 66.48 -52.64
CA SER E 379 -15.27 67.70 -52.23
C SER E 379 -16.00 68.99 -52.63
N VAL E 380 -16.32 69.29 -53.94
CA VAL E 380 -16.96 70.55 -54.33
C VAL E 380 -18.40 70.49 -53.97
N PHE E 381 -18.69 70.81 -52.70
CA PHE E 381 -20.00 70.85 -52.13
C PHE E 381 -19.90 71.68 -50.90
N PRO E 382 -21.01 72.22 -50.53
CA PRO E 382 -21.00 72.93 -49.30
C PRO E 382 -20.94 72.02 -48.12
N PRO E 383 -20.15 72.40 -47.16
CA PRO E 383 -19.97 71.61 -45.98
C PRO E 383 -21.08 71.83 -45.02
N SER E 384 -21.43 70.78 -44.25
CA SER E 384 -22.43 70.88 -43.23
C SER E 384 -23.66 71.47 -43.82
N ALA E 385 -23.86 71.29 -45.13
CA ALA E 385 -25.04 71.85 -45.69
C ALA E 385 -25.75 70.76 -46.41
N HIS E 386 -26.88 70.32 -45.84
CA HIS E 386 -27.72 69.28 -46.33
C HIS E 386 -27.86 69.41 -47.81
N ILE E 387 -27.27 68.44 -48.55
CA ILE E 387 -27.31 68.49 -49.97
C ILE E 387 -28.06 67.29 -50.44
N PRO E 388 -29.05 67.51 -51.26
CA PRO E 388 -29.88 66.43 -51.70
C PRO E 388 -29.16 65.47 -52.58
N THR E 389 -29.68 64.23 -52.66
CA THR E 389 -29.07 63.15 -53.39
C THR E 389 -29.01 63.50 -54.84
N ILE E 390 -30.07 64.15 -55.37
CA ILE E 390 -30.11 64.46 -56.76
C ILE E 390 -28.90 65.27 -57.07
N LEU E 391 -28.54 66.18 -56.16
CA LEU E 391 -27.38 67.00 -56.29
C LEU E 391 -26.16 66.12 -56.23
N LEU E 392 -26.22 65.13 -55.34
CA LEU E 392 -25.15 64.23 -55.04
C LEU E 392 -24.85 63.43 -56.27
N SER E 393 -25.89 63.03 -57.01
CA SER E 393 -25.73 62.19 -58.16
C SER E 393 -24.85 62.87 -59.16
N LEU E 394 -24.93 64.21 -59.28
CA LEU E 394 -24.14 64.84 -60.29
C LEU E 394 -22.70 64.54 -60.03
N ILE E 395 -22.26 64.79 -58.80
CA ILE E 395 -20.90 64.57 -58.42
C ILE E 395 -20.59 63.11 -58.35
N TRP E 396 -21.48 62.30 -57.74
CA TRP E 396 -21.12 60.94 -57.54
C TRP E 396 -21.01 60.23 -58.85
N PHE E 397 -21.89 60.54 -59.83
CA PHE E 397 -21.87 59.79 -61.06
C PHE E 397 -20.59 59.93 -61.82
N ASP E 398 -19.72 58.90 -61.77
CA ASP E 398 -18.64 58.73 -62.71
C ASP E 398 -19.16 57.83 -63.79
N VAL E 399 -20.10 56.77 -63.42
CA VAL E 399 -20.80 55.77 -64.16
C VAL E 399 -22.20 56.08 -63.79
N ILE E 400 -23.23 55.55 -64.47
CA ILE E 400 -24.49 56.06 -64.04
C ILE E 400 -25.51 55.00 -63.78
N LYS E 401 -26.29 55.26 -62.71
CA LYS E 401 -27.39 54.49 -62.20
C LYS E 401 -27.11 54.19 -60.78
N SER E 402 -27.84 53.19 -60.22
CA SER E 402 -27.80 52.86 -58.84
C SER E 402 -26.41 52.46 -58.46
N ASP E 403 -25.51 52.28 -59.44
CA ASP E 403 -24.17 51.84 -59.19
C ASP E 403 -23.60 52.82 -58.22
N VAL E 404 -23.87 54.09 -58.50
CA VAL E 404 -23.42 55.19 -57.71
C VAL E 404 -24.07 55.09 -56.37
N MET E 405 -25.33 54.63 -56.36
CA MET E 405 -26.09 54.52 -55.15
C MET E 405 -25.40 53.53 -54.24
N VAL E 406 -25.01 52.36 -54.78
CA VAL E 406 -24.38 51.32 -54.01
C VAL E 406 -22.97 51.67 -53.64
N VAL E 407 -22.20 52.25 -54.58
CA VAL E 407 -20.81 52.49 -54.35
C VAL E 407 -20.67 53.42 -53.18
N VAL E 408 -21.54 54.43 -53.04
CA VAL E 408 -21.45 55.27 -51.89
C VAL E 408 -21.78 54.43 -50.69
N ASN E 409 -22.70 53.47 -50.86
CA ASN E 409 -23.27 52.72 -49.79
C ASN E 409 -22.21 51.97 -49.04
N LYS E 410 -21.24 51.37 -49.75
CA LYS E 410 -20.25 50.56 -49.11
C LYS E 410 -19.48 51.38 -48.13
N LEU E 411 -19.25 52.65 -48.49
CA LEU E 411 -18.54 53.51 -47.57
C LEU E 411 -19.45 54.05 -46.47
N HIS E 412 -20.69 54.48 -46.91
CA HIS E 412 -21.71 55.44 -46.54
C HIS E 412 -22.20 55.13 -45.19
N LYS E 413 -22.19 53.84 -44.86
CA LYS E 413 -22.91 53.37 -43.75
C LYS E 413 -22.40 54.12 -42.55
N TYR E 414 -21.11 54.60 -42.67
CA TYR E 414 -19.99 54.26 -41.79
C TYR E 414 -20.35 54.97 -40.58
N SER E 415 -20.59 56.21 -40.86
CA SER E 415 -20.35 57.26 -40.02
C SER E 415 -20.15 58.32 -41.00
N LEU E 416 -19.09 59.08 -40.72
CA LEU E 416 -19.02 60.45 -41.11
C LEU E 416 -18.05 60.51 -42.22
N VAL E 417 -18.06 59.44 -43.02
CA VAL E 417 -17.51 59.62 -44.31
C VAL E 417 -18.50 60.49 -45.04
N GLU E 418 -19.69 59.95 -45.33
CA GLU E 418 -20.91 60.65 -45.67
C GLU E 418 -22.05 60.15 -44.85
N LYS E 419 -23.07 61.00 -44.62
CA LYS E 419 -24.19 60.53 -43.86
C LYS E 419 -25.44 60.80 -44.63
N GLN E 420 -26.40 59.86 -44.58
CA GLN E 420 -27.62 60.11 -45.29
C GLN E 420 -28.77 60.00 -44.35
N PRO E 421 -29.47 61.10 -44.23
CA PRO E 421 -30.64 61.17 -43.41
C PRO E 421 -31.83 60.42 -43.94
N LYS E 422 -31.88 60.45 -45.20
CA LYS E 422 -33.03 59.84 -45.80
C LYS E 422 -32.76 59.83 -47.28
N GLU E 423 -33.77 59.43 -48.07
CA GLU E 423 -33.65 59.32 -49.50
C GLU E 423 -33.34 60.67 -50.05
N SER E 424 -33.80 61.73 -49.36
CA SER E 424 -33.67 63.09 -49.78
C SER E 424 -32.26 63.58 -49.92
N THR E 425 -31.40 63.52 -48.86
CA THR E 425 -30.12 64.14 -49.08
C THR E 425 -29.03 63.46 -48.33
N ILE E 426 -27.77 63.78 -48.72
CA ILE E 426 -26.66 63.29 -47.98
C ILE E 426 -25.82 64.49 -47.68
N SER E 427 -25.19 64.53 -46.50
CA SER E 427 -24.39 65.69 -46.24
C SER E 427 -23.01 65.18 -46.04
N ILE E 428 -21.99 66.06 -46.15
CA ILE E 428 -20.66 65.64 -45.84
C ILE E 428 -20.56 65.73 -44.35
N PRO E 429 -20.12 64.65 -43.78
CA PRO E 429 -20.28 64.52 -42.37
C PRO E 429 -19.83 65.48 -41.43
N SER E 430 -18.61 65.93 -41.58
CA SER E 430 -18.20 66.87 -40.63
C SER E 430 -16.94 67.35 -41.19
N ILE E 431 -16.30 68.20 -40.40
CA ILE E 431 -15.08 68.89 -40.67
C ILE E 431 -14.00 67.89 -40.90
N TYR E 432 -14.03 66.75 -40.17
CA TYR E 432 -12.95 65.82 -40.24
C TYR E 432 -12.71 65.29 -41.62
N LEU E 433 -13.76 64.76 -42.28
CA LEU E 433 -13.55 64.14 -43.55
C LEU E 433 -13.12 65.20 -44.52
N GLU E 434 -13.87 66.33 -44.52
CA GLU E 434 -13.65 67.38 -45.47
C GLU E 434 -12.29 67.94 -45.28
N LEU E 435 -11.85 68.04 -44.01
CA LEU E 435 -10.60 68.66 -43.72
C LEU E 435 -9.57 67.86 -44.45
N LYS E 436 -9.73 66.53 -44.47
CA LYS E 436 -8.79 65.70 -45.15
C LYS E 436 -8.77 66.05 -46.60
N VAL E 437 -9.96 66.10 -47.22
CA VAL E 437 -10.06 66.28 -48.64
C VAL E 437 -9.55 67.62 -49.05
N LYS E 438 -9.87 68.68 -48.29
CA LYS E 438 -9.51 69.98 -48.74
C LYS E 438 -8.03 70.12 -48.95
N LEU E 439 -7.20 69.56 -48.04
CA LEU E 439 -5.78 69.69 -48.24
C LEU E 439 -5.38 69.00 -49.51
N GLU E 440 -5.89 67.78 -49.75
CA GLU E 440 -5.45 67.04 -50.89
C GLU E 440 -6.43 67.16 -52.02
N ASN E 441 -6.01 67.82 -53.12
CA ASN E 441 -6.91 67.93 -54.23
C ASN E 441 -6.03 68.11 -55.44
N GLU E 442 -6.59 67.91 -56.66
CA GLU E 442 -5.85 68.02 -57.89
C GLU E 442 -6.68 68.89 -58.80
N TYR E 443 -6.19 69.26 -60.00
CA TYR E 443 -7.08 70.19 -60.61
C TYR E 443 -8.05 69.45 -61.46
N ALA E 444 -8.88 68.65 -60.76
CA ALA E 444 -10.12 68.02 -61.12
C ALA E 444 -11.18 69.05 -60.96
N LEU E 445 -10.88 70.02 -60.06
CA LEU E 445 -11.84 70.98 -59.62
C LEU E 445 -12.47 71.68 -60.77
N HIS E 446 -11.71 72.00 -61.84
CA HIS E 446 -12.30 72.76 -62.91
C HIS E 446 -13.50 72.03 -63.44
N ARG E 447 -13.37 70.72 -63.70
CA ARG E 447 -14.47 70.01 -64.26
C ARG E 447 -15.62 70.02 -63.30
N SER E 448 -15.33 69.86 -62.00
CA SER E 448 -16.41 69.80 -61.05
C SER E 448 -17.14 71.09 -61.01
N ILE E 449 -16.41 72.22 -61.00
CA ILE E 449 -17.04 73.50 -60.92
C ILE E 449 -17.87 73.68 -62.14
N VAL E 450 -17.36 73.25 -63.31
CA VAL E 450 -18.08 73.45 -64.52
C VAL E 450 -19.37 72.69 -64.44
N ASP E 451 -19.35 71.51 -63.79
CA ASP E 451 -20.51 70.69 -63.71
C ASP E 451 -21.59 71.48 -63.02
N HIS E 452 -21.21 72.24 -61.98
CA HIS E 452 -22.19 72.99 -61.24
C HIS E 452 -22.83 73.99 -62.14
N TYR E 453 -22.05 74.63 -63.03
CA TYR E 453 -22.68 75.60 -63.89
C TYR E 453 -23.70 74.89 -64.71
N ASN E 454 -23.34 73.71 -65.22
CA ASN E 454 -24.20 72.99 -66.10
C ASN E 454 -25.47 72.65 -65.39
N ILE E 455 -25.39 72.25 -64.10
CA ILE E 455 -26.61 71.83 -63.46
C ILE E 455 -27.61 72.96 -63.39
N PRO E 456 -27.36 74.17 -62.93
CA PRO E 456 -28.43 75.12 -63.08
C PRO E 456 -28.75 75.49 -64.49
N LYS E 457 -27.81 75.30 -65.43
CA LYS E 457 -28.13 75.61 -66.79
C LYS E 457 -29.27 74.75 -67.21
N THR E 458 -29.17 73.45 -66.89
CA THR E 458 -30.19 72.51 -67.28
C THR E 458 -31.48 72.89 -66.62
N PHE E 459 -31.42 73.21 -65.31
CA PHE E 459 -32.63 73.59 -64.64
C PHE E 459 -33.08 74.87 -65.25
N ASP E 460 -34.30 74.89 -65.81
CA ASP E 460 -34.74 76.11 -66.38
C ASP E 460 -36.23 76.06 -66.54
N SER E 461 -36.92 77.13 -66.12
CA SER E 461 -38.33 77.22 -66.32
C SER E 461 -38.51 78.39 -67.21
N ASP E 462 -39.68 78.52 -67.87
CA ASP E 462 -39.85 79.60 -68.80
C ASP E 462 -39.64 80.88 -68.08
N ASP E 463 -40.34 81.04 -66.95
CA ASP E 463 -40.16 82.26 -66.22
C ASP E 463 -39.05 82.12 -65.23
N LEU E 464 -38.94 83.13 -64.37
CA LEU E 464 -37.91 83.39 -63.42
C LEU E 464 -37.87 82.48 -62.24
N ILE E 465 -38.79 81.50 -62.10
CA ILE E 465 -38.77 80.69 -60.90
C ILE E 465 -38.11 79.36 -61.11
N PRO E 466 -37.11 79.16 -60.28
CA PRO E 466 -36.31 77.95 -60.28
C PRO E 466 -36.97 76.76 -59.64
N PRO E 467 -36.58 75.61 -60.10
CA PRO E 467 -37.03 74.33 -59.59
C PRO E 467 -36.39 73.91 -58.30
N TYR E 468 -35.54 74.77 -57.71
CA TYR E 468 -34.75 74.51 -56.51
C TYR E 468 -35.36 73.49 -55.61
N LEU E 469 -34.47 72.63 -55.08
CA LEU E 469 -34.78 71.49 -54.27
C LEU E 469 -34.72 71.90 -52.83
N ASP E 470 -34.32 70.99 -51.91
CA ASP E 470 -34.48 71.32 -50.51
C ASP E 470 -33.83 72.62 -50.13
N GLN E 471 -32.58 72.59 -49.62
CA GLN E 471 -31.92 73.84 -49.33
C GLN E 471 -30.69 74.09 -50.14
N TYR E 472 -30.03 73.00 -50.59
CA TYR E 472 -28.68 73.01 -51.12
C TYR E 472 -28.58 74.07 -52.13
N PHE E 473 -29.48 74.04 -53.11
CA PHE E 473 -29.33 74.94 -54.20
C PHE E 473 -29.37 76.34 -53.69
N TYR E 474 -30.31 76.65 -52.78
CA TYR E 474 -30.45 78.01 -52.36
C TYR E 474 -29.17 78.48 -51.74
N SER E 475 -28.60 77.70 -50.80
CA SER E 475 -27.38 78.16 -50.17
C SER E 475 -26.22 78.11 -51.13
N HIS E 476 -25.99 76.92 -51.71
CA HIS E 476 -24.85 76.50 -52.48
C HIS E 476 -24.71 77.17 -53.83
N ILE E 477 -25.82 77.46 -54.53
CA ILE E 477 -25.74 77.86 -55.91
C ILE E 477 -24.88 79.05 -56.10
N GLY E 478 -25.03 80.10 -55.29
CA GLY E 478 -24.28 81.30 -55.49
C GLY E 478 -22.82 81.01 -55.32
N HIS E 479 -22.48 80.16 -54.32
CA HIS E 479 -21.10 79.91 -54.01
C HIS E 479 -20.43 79.29 -55.19
N HIS E 480 -21.06 78.28 -55.80
CA HIS E 480 -20.44 77.60 -56.91
C HIS E 480 -20.31 78.58 -58.03
N LEU E 481 -21.35 79.42 -58.21
CA LEU E 481 -21.39 80.41 -59.25
C LEU E 481 -20.29 81.38 -59.10
N LYS E 482 -20.01 81.83 -57.86
CA LYS E 482 -19.00 82.82 -57.69
C LYS E 482 -17.73 82.27 -58.23
N ASN E 483 -17.46 81.00 -57.91
CA ASN E 483 -16.25 80.43 -58.39
C ASN E 483 -16.31 80.39 -59.89
N ILE E 484 -17.48 80.01 -60.45
CA ILE E 484 -17.50 79.82 -61.88
C ILE E 484 -17.32 81.10 -62.63
N GLU E 485 -18.13 82.16 -62.35
CA GLU E 485 -18.02 83.38 -63.09
C GLU E 485 -19.06 84.35 -62.65
N HIS E 486 -18.91 85.59 -63.14
CA HIS E 486 -19.79 86.69 -62.91
C HIS E 486 -21.12 86.56 -63.60
N PRO E 487 -21.21 86.29 -64.90
CA PRO E 487 -22.48 86.38 -65.59
C PRO E 487 -23.61 85.63 -64.99
N GLU E 488 -23.42 84.37 -64.57
CA GLU E 488 -24.53 83.62 -64.02
C GLU E 488 -24.93 84.26 -62.75
N ARG E 489 -23.92 84.71 -61.99
CA ARG E 489 -24.16 85.24 -60.69
C ARG E 489 -25.12 86.37 -60.79
N MET E 490 -24.94 87.22 -61.81
CA MET E 490 -25.76 88.39 -61.97
C MET E 490 -27.20 87.98 -62.08
N THR E 491 -27.52 87.03 -62.97
CA THR E 491 -28.90 86.67 -63.14
C THR E 491 -29.42 85.95 -61.94
N LEU E 492 -28.65 84.97 -61.43
CA LEU E 492 -29.10 84.14 -60.36
C LEU E 492 -29.26 84.92 -59.10
N PHE E 493 -28.29 85.79 -58.77
CA PHE E 493 -28.36 86.51 -57.54
C PHE E 493 -29.61 87.29 -57.57
N ARG E 494 -30.06 87.71 -58.76
CA ARG E 494 -31.38 88.26 -58.70
C ARG E 494 -31.19 89.52 -57.88
N MET E 495 -30.01 90.09 -58.09
CA MET E 495 -29.86 91.43 -57.66
C MET E 495 -30.61 92.06 -58.77
N VAL E 496 -30.38 91.46 -59.95
CA VAL E 496 -31.07 91.79 -61.14
C VAL E 496 -32.52 91.43 -60.99
N PHE E 497 -32.63 90.13 -60.57
CA PHE E 497 -33.96 89.64 -60.62
C PHE E 497 -34.55 89.56 -59.29
N LEU E 498 -35.77 90.01 -59.42
CA LEU E 498 -36.57 90.41 -58.34
C LEU E 498 -37.29 89.21 -57.80
N ASP E 499 -37.38 88.20 -58.66
CA ASP E 499 -38.00 87.00 -58.26
C ASP E 499 -37.33 86.33 -57.11
N PHE E 500 -36.00 86.33 -56.97
CA PHE E 500 -35.42 85.58 -55.88
C PHE E 500 -35.45 86.40 -54.68
N ARG E 501 -35.74 87.71 -54.85
CA ARG E 501 -36.08 88.43 -53.70
C ARG E 501 -37.21 87.65 -53.11
N PHE E 502 -38.30 87.43 -53.88
CA PHE E 502 -39.40 86.58 -53.55
C PHE E 502 -38.92 85.23 -53.10
N LEU E 503 -38.35 84.37 -54.00
CA LEU E 503 -38.28 83.00 -53.64
C LEU E 503 -37.34 82.69 -52.56
N GLU E 504 -36.11 83.26 -52.60
CA GLU E 504 -35.18 82.90 -51.58
C GLU E 504 -35.77 83.26 -50.27
N GLN E 505 -36.33 84.46 -50.19
CA GLN E 505 -36.84 84.99 -48.97
C GLN E 505 -37.98 84.15 -48.45
N LYS E 506 -39.03 83.86 -49.27
CA LYS E 506 -40.11 83.18 -48.61
C LYS E 506 -39.73 81.77 -48.28
N ILE E 507 -38.97 81.08 -49.16
CA ILE E 507 -38.65 79.72 -48.82
C ILE E 507 -37.80 79.57 -47.60
N ARG E 508 -36.74 80.38 -47.36
CA ARG E 508 -36.01 80.08 -46.16
C ARG E 508 -36.64 80.80 -45.00
N HIS E 509 -37.97 80.61 -44.84
CA HIS E 509 -38.78 81.01 -43.72
C HIS E 509 -38.88 79.87 -42.75
N ASP E 510 -38.71 78.63 -43.25
CA ASP E 510 -38.93 77.41 -42.53
C ASP E 510 -37.90 77.18 -41.47
N SER E 511 -38.40 76.73 -40.30
CA SER E 511 -37.66 76.34 -39.13
C SER E 511 -38.72 75.93 -38.16
N THR E 512 -38.31 75.36 -37.02
CA THR E 512 -39.29 75.04 -36.03
C THR E 512 -38.90 75.73 -34.77
N ALA E 513 -39.61 76.82 -34.40
CA ALA E 513 -39.29 77.45 -33.17
C ALA E 513 -40.55 78.06 -32.66
N TRP E 514 -40.79 77.92 -31.34
CA TRP E 514 -41.96 78.52 -30.82
C TRP E 514 -41.77 79.98 -30.93
N ASN E 515 -40.63 80.50 -30.41
CA ASN E 515 -40.41 81.91 -30.37
C ASN E 515 -40.23 82.45 -31.74
N ALA E 516 -40.62 83.71 -31.89
CA ALA E 516 -40.67 84.48 -33.07
C ALA E 516 -39.34 84.67 -33.78
N SER E 517 -38.19 84.62 -33.05
CA SER E 517 -37.04 84.62 -33.90
C SER E 517 -35.95 83.87 -33.19
N GLY E 518 -34.68 84.14 -33.52
CA GLY E 518 -33.47 83.52 -33.13
C GLY E 518 -32.68 83.65 -34.38
N SER E 519 -31.53 82.97 -34.52
CA SER E 519 -30.81 83.13 -35.75
C SER E 519 -30.85 81.81 -36.46
N ILE E 520 -31.52 81.77 -37.63
CA ILE E 520 -31.57 80.58 -38.44
C ILE E 520 -31.45 81.01 -39.86
N LEU E 521 -31.15 80.05 -40.77
CA LEU E 521 -31.06 80.37 -42.17
C LEU E 521 -32.29 81.08 -42.61
N ASN E 522 -32.09 82.33 -43.05
CA ASN E 522 -33.14 83.18 -43.53
C ASN E 522 -32.43 84.14 -44.41
N THR E 523 -32.76 85.43 -44.22
CA THR E 523 -32.17 86.49 -44.98
C THR E 523 -30.70 86.48 -44.72
N LEU E 524 -30.30 86.02 -43.52
CA LEU E 524 -28.93 86.09 -43.10
C LEU E 524 -28.05 85.45 -44.12
N GLN E 525 -28.39 84.24 -44.61
CA GLN E 525 -27.55 83.58 -45.57
C GLN E 525 -27.59 84.32 -46.88
N GLN E 526 -28.77 84.81 -47.27
CA GLN E 526 -28.98 85.46 -48.54
C GLN E 526 -28.05 86.64 -48.64
N LEU E 527 -28.03 87.49 -47.60
CA LEU E 527 -27.19 88.66 -47.59
C LEU E 527 -25.78 88.20 -47.67
N LYS E 528 -25.47 87.05 -47.05
CA LYS E 528 -24.13 86.54 -47.04
C LYS E 528 -23.69 86.27 -48.44
N PHE E 529 -24.58 85.72 -49.29
CA PHE E 529 -24.16 85.38 -50.62
C PHE E 529 -23.79 86.62 -51.34
N TYR E 530 -24.61 87.66 -51.22
CA TYR E 530 -24.38 88.82 -52.01
C TYR E 530 -23.03 89.39 -51.72
N LYS E 531 -22.64 89.49 -50.43
CA LYS E 531 -21.41 90.16 -50.15
C LYS E 531 -20.20 89.46 -50.71
N PRO E 532 -19.90 88.22 -50.45
CA PRO E 532 -18.70 87.68 -51.06
C PRO E 532 -18.75 87.40 -52.53
N TYR E 533 -19.94 87.13 -53.09
CA TYR E 533 -20.07 86.75 -54.46
C TYR E 533 -19.84 87.91 -55.40
N ILE E 534 -20.06 89.17 -54.97
CA ILE E 534 -20.07 90.32 -55.84
C ILE E 534 -18.80 90.45 -56.60
N CYS E 535 -17.66 90.02 -56.03
CA CYS E 535 -16.38 90.28 -56.62
C CYS E 535 -16.34 89.78 -58.02
N ASP E 536 -17.10 88.71 -58.32
CA ASP E 536 -17.05 88.14 -59.63
C ASP E 536 -17.48 89.19 -60.62
N ASN E 537 -18.23 90.22 -60.15
CA ASN E 537 -18.73 91.28 -60.99
C ASN E 537 -17.91 92.54 -60.84
N ASP E 538 -18.40 93.64 -61.47
CA ASP E 538 -17.78 94.94 -61.45
C ASP E 538 -18.60 95.91 -60.63
N PRO E 539 -18.22 97.18 -60.65
CA PRO E 539 -18.95 98.19 -59.94
C PRO E 539 -20.35 98.49 -60.39
N LYS E 540 -20.62 98.48 -61.71
CA LYS E 540 -21.93 98.87 -62.19
C LYS E 540 -22.91 97.96 -61.53
N TYR E 541 -22.60 96.67 -61.56
CA TYR E 541 -23.43 95.69 -60.93
C TYR E 541 -23.36 95.92 -59.46
N GLU E 542 -22.18 96.33 -58.97
CA GLU E 542 -21.95 96.49 -57.56
C GLU E 542 -22.92 97.49 -57.03
N ARG E 543 -23.16 98.59 -57.76
CA ARG E 543 -24.10 99.54 -57.24
C ARG E 543 -25.46 98.92 -57.21
N LEU E 544 -25.82 98.14 -58.25
CA LEU E 544 -27.13 97.56 -58.32
C LEU E 544 -27.27 96.67 -57.14
N VAL E 545 -26.25 95.84 -56.88
CA VAL E 545 -26.39 94.91 -55.81
C VAL E 545 -26.62 95.63 -54.53
N ASN E 546 -25.98 96.80 -54.33
CA ASN E 546 -26.20 97.47 -53.10
C ASN E 546 -27.62 97.96 -53.06
N ALA E 547 -28.18 98.35 -54.22
CA ALA E 547 -29.52 98.88 -54.25
C ALA E 547 -30.44 97.84 -53.69
N ILE E 548 -30.27 96.58 -54.13
CA ILE E 548 -31.12 95.52 -53.68
C ILE E 548 -30.84 95.33 -52.23
N LEU E 549 -29.55 95.42 -51.87
CA LEU E 549 -29.12 95.15 -50.54
C LEU E 549 -29.73 96.14 -49.60
N ASP E 550 -29.75 97.43 -49.93
CA ASP E 550 -30.31 98.38 -49.01
C ASP E 550 -31.77 98.11 -48.88
N PHE E 551 -32.42 97.69 -49.97
CA PHE E 551 -33.84 97.48 -49.94
C PHE E 551 -34.16 96.37 -48.97
N LEU E 552 -33.32 95.31 -48.95
CA LEU E 552 -33.60 94.18 -48.11
C LEU E 552 -33.60 94.56 -46.65
N PRO E 553 -32.60 95.19 -46.07
CA PRO E 553 -32.80 95.57 -44.71
C PRO E 553 -33.82 96.64 -44.55
N LYS E 554 -34.15 97.39 -45.61
CA LYS E 554 -35.11 98.44 -45.46
C LYS E 554 -36.41 97.82 -45.04
N ILE E 555 -36.77 96.72 -45.71
CA ILE E 555 -38.04 96.12 -45.45
C ILE E 555 -38.01 95.45 -44.12
N GLU E 556 -39.02 95.79 -43.29
CA GLU E 556 -39.16 95.35 -41.93
C GLU E 556 -39.86 94.03 -41.86
N GLU E 557 -39.82 93.45 -40.66
CA GLU E 557 -40.38 92.17 -40.38
C GLU E 557 -41.83 92.19 -40.73
N ASN E 558 -42.19 91.31 -41.66
CA ASN E 558 -43.52 91.09 -42.13
C ASN E 558 -43.45 89.76 -42.77
N LEU E 559 -44.60 89.29 -43.30
CA LEU E 559 -44.65 88.08 -44.05
C LEU E 559 -44.49 88.54 -45.47
N ILE E 560 -43.46 88.03 -46.21
CA ILE E 560 -43.30 88.39 -47.59
C ILE E 560 -44.46 87.78 -48.29
N CYS E 561 -44.71 86.49 -47.98
CA CYS E 561 -45.72 85.75 -48.66
C CYS E 561 -47.01 86.49 -48.51
N SER E 562 -47.61 86.80 -49.68
CA SER E 562 -48.81 87.57 -49.87
C SER E 562 -49.06 87.37 -51.32
N LYS E 563 -49.80 88.20 -52.04
CA LYS E 563 -49.55 87.86 -53.38
C LYS E 563 -48.29 88.40 -53.77
N TYR E 564 -47.94 87.87 -54.90
CA TYR E 564 -46.69 88.01 -55.52
C TYR E 564 -46.52 89.45 -55.92
N THR E 565 -47.67 90.12 -56.08
CA THR E 565 -47.83 91.48 -56.43
C THR E 565 -46.95 92.32 -55.61
N ASP E 566 -46.92 92.00 -54.32
CA ASP E 566 -46.32 92.90 -53.41
C ASP E 566 -44.89 93.15 -53.76
N LEU E 567 -44.20 92.10 -54.16
CA LEU E 567 -42.83 92.27 -54.43
C LEU E 567 -42.76 93.32 -55.49
N LEU E 568 -43.60 93.24 -56.53
CA LEU E 568 -43.41 94.15 -57.61
C LEU E 568 -43.71 95.55 -57.16
N ARG E 569 -44.75 95.81 -56.27
CA ARG E 569 -44.93 97.17 -55.90
C ARG E 569 -43.81 97.67 -55.05
N ILE E 570 -43.25 96.85 -54.14
CA ILE E 570 -42.17 97.44 -53.38
C ILE E 570 -41.02 97.75 -54.28
N ALA E 571 -40.82 96.94 -55.32
CA ALA E 571 -39.72 97.13 -56.23
C ALA E 571 -39.82 98.52 -56.79
N LEU E 572 -41.06 98.99 -56.95
CA LEU E 572 -41.39 100.22 -57.61
C LEU E 572 -40.77 101.41 -56.92
N MET E 573 -40.45 101.32 -55.62
CA MET E 573 -40.03 102.48 -54.88
C MET E 573 -38.82 103.21 -55.45
N ALA E 574 -37.70 102.55 -55.81
CA ALA E 574 -36.60 103.34 -56.30
C ALA E 574 -36.45 103.11 -57.78
N GLU E 575 -36.52 104.20 -58.57
CA GLU E 575 -36.50 104.14 -60.02
C GLU E 575 -35.18 103.65 -60.55
N ASP E 576 -34.09 103.94 -59.86
CA ASP E 576 -32.75 103.64 -60.29
C ASP E 576 -32.41 102.14 -60.43
N GLU E 577 -33.21 101.13 -59.94
CA GLU E 577 -32.71 99.75 -59.85
C GLU E 577 -33.21 98.70 -60.82
N ALA E 578 -32.34 97.67 -61.02
CA ALA E 578 -32.51 96.51 -61.86
C ALA E 578 -33.59 95.63 -61.34
N ILE E 579 -33.73 95.58 -60.01
CA ILE E 579 -34.75 94.81 -59.37
C ILE E 579 -36.08 95.23 -59.91
N PHE E 580 -36.30 96.54 -60.03
CA PHE E 580 -37.56 97.02 -60.50
C PHE E 580 -37.81 96.55 -61.90
N GLU E 581 -36.77 96.61 -62.76
CA GLU E 581 -36.99 96.21 -64.11
C GLU E 581 -37.42 94.79 -64.11
N GLU E 582 -36.80 93.96 -63.25
CA GLU E 582 -37.15 92.57 -63.15
C GLU E 582 -38.54 92.46 -62.61
N ALA E 583 -38.90 93.30 -61.65
CA ALA E 583 -40.20 93.25 -61.03
C ALA E 583 -41.21 93.46 -62.10
N HIS E 584 -40.96 94.42 -63.01
CA HIS E 584 -41.89 94.70 -64.06
C HIS E 584 -41.97 93.52 -64.99
N LYS E 585 -40.85 92.86 -65.28
CA LYS E 585 -40.90 91.76 -66.20
C LYS E 585 -41.76 90.68 -65.64
N GLN E 586 -41.50 90.34 -64.38
CA GLN E 586 -42.19 89.26 -63.75
C GLN E 586 -43.66 89.54 -63.66
N VAL E 587 -44.02 90.81 -63.43
CA VAL E 587 -45.41 91.12 -63.48
C VAL E 587 -45.88 90.77 -64.86
N GLN E 588 -45.16 91.17 -65.91
CA GLN E 588 -45.64 90.94 -67.24
C GLN E 588 -45.88 89.47 -67.44
N ARG E 589 -44.93 88.59 -67.06
CA ARG E 589 -45.23 87.19 -67.22
C ARG E 589 -45.69 86.71 -65.86
N UNK E 590 -70.95 70.75 -65.15
CA UNK E 590 -71.01 72.18 -65.50
C UNK E 590 -69.74 72.86 -65.11
N UNK E 591 -69.84 74.14 -64.72
CA UNK E 591 -68.66 74.86 -64.33
C UNK E 591 -68.17 74.25 -63.05
N UNK E 592 -66.84 74.23 -62.88
CA UNK E 592 -66.24 73.68 -61.70
C UNK E 592 -66.25 74.74 -60.64
N UNK E 593 -65.87 74.36 -59.40
CA UNK E 593 -65.87 75.29 -58.33
C UNK E 593 -64.93 76.40 -58.71
N UNK E 594 -65.22 77.60 -58.19
CA UNK E 594 -64.46 78.78 -58.50
C UNK E 594 -63.04 78.65 -58.05
N UNK E 595 -62.81 78.10 -56.82
CA UNK E 595 -61.50 77.87 -56.27
C UNK E 595 -60.54 78.98 -56.55
N UNK E 596 -60.64 80.11 -55.80
CA UNK E 596 -59.75 81.22 -56.05
C UNK E 596 -58.62 81.16 -55.07
N UNK E 597 -57.39 81.41 -55.56
CA UNK E 597 -56.21 81.39 -54.74
C UNK E 597 -56.16 82.69 -54.02
N UNK E 598 -55.43 82.73 -52.89
CA UNK E 598 -55.34 83.96 -52.15
C UNK E 598 -54.47 84.89 -52.93
N UNK E 599 -54.77 86.19 -52.85
CA UNK E 599 -53.96 87.09 -53.59
C UNK E 599 -53.57 88.20 -52.64
N UNK E 600 -52.57 88.97 -53.02
CA UNK E 600 -52.00 89.97 -52.21
C UNK E 600 -53.11 90.92 -52.15
N UNK E 601 -53.31 91.55 -51.02
CA UNK E 601 -54.26 92.59 -51.07
C UNK E 601 -53.52 93.79 -51.55
N UNK E 602 -54.25 94.71 -52.20
CA UNK E 602 -53.59 95.92 -52.62
C UNK E 602 -53.07 96.50 -51.33
N UNK E 603 -51.75 96.80 -51.24
CA UNK E 603 -51.31 97.09 -49.89
C UNK E 603 -50.71 98.47 -49.58
N UNK E 604 -51.06 99.10 -48.36
CA UNK E 604 -50.51 100.31 -47.63
C UNK E 604 -50.98 100.68 -45.89
N UNK E 605 -50.33 100.63 -44.38
CA UNK E 605 -50.47 100.99 -42.81
C UNK E 605 -49.72 100.16 -41.66
N UNK E 606 -48.62 99.40 -41.85
CA UNK E 606 -48.02 98.43 -40.92
C UNK E 606 -47.47 98.88 -39.58
N UNK E 607 -46.84 100.05 -39.46
CA UNK E 607 -46.21 100.40 -38.21
C UNK E 607 -47.22 100.44 -37.12
N UNK E 608 -46.71 100.29 -35.87
CA UNK E 608 -47.43 100.38 -34.63
C UNK E 608 -47.61 99.00 -34.11
N UNK E 609 -47.65 98.88 -32.77
CA UNK E 609 -47.83 97.61 -32.13
C UNK E 609 -49.27 97.26 -32.26
N UNK E 610 -49.55 95.98 -32.56
CA UNK E 610 -50.92 95.57 -32.62
C UNK E 610 -51.48 95.62 -31.25
N UNK E 611 -50.70 95.12 -30.28
CA UNK E 611 -51.12 95.02 -28.92
C UNK E 611 -50.46 96.08 -28.10
N UNK E 612 -50.76 96.08 -26.79
CA UNK E 612 -50.21 97.03 -25.88
C UNK E 612 -48.74 96.81 -25.80
N UNK E 613 -48.01 97.84 -25.34
CA UNK E 613 -46.61 97.68 -25.17
C UNK E 613 -46.35 97.54 -23.71
N UNK E 614 -45.66 96.46 -23.33
CA UNK E 614 -45.33 96.12 -21.98
C UNK E 614 -44.32 97.06 -21.38
N UNK E 615 -43.24 97.40 -22.11
CA UNK E 615 -42.23 98.20 -21.46
C UNK E 615 -41.58 99.12 -22.44
N UNK E 616 -40.94 100.18 -21.91
CA UNK E 616 -40.23 101.13 -22.72
C UNK E 616 -38.85 101.20 -22.17
N UNK E 617 -37.84 101.36 -23.06
CA UNK E 617 -36.48 101.41 -22.58
C UNK E 617 -35.72 102.39 -23.42
N UNK E 618 -34.64 102.96 -22.85
CA UNK E 618 -33.85 103.91 -23.58
C UNK E 618 -32.51 103.31 -23.86
N UNK E 619 -31.98 103.53 -25.09
CA UNK E 619 -30.69 103.01 -25.45
C UNK E 619 -29.67 103.85 -24.76
N UNK E 620 -28.61 103.22 -24.23
CA UNK E 620 -27.66 104.04 -23.53
C UNK E 620 -26.94 104.96 -24.46
N UNK E 621 -26.25 104.41 -25.48
CA UNK E 621 -25.44 105.22 -26.35
C UNK E 621 -26.21 106.07 -27.32
N UNK E 622 -27.09 105.43 -28.11
CA UNK E 622 -27.71 106.12 -29.20
C UNK E 622 -28.98 106.76 -28.76
N UNK E 623 -29.43 107.76 -29.54
CA UNK E 623 -30.71 108.30 -29.21
C UNK E 623 -31.68 107.43 -29.92
N UNK E 624 -32.08 106.35 -29.23
CA UNK E 624 -33.01 105.42 -29.77
C UNK E 624 -33.69 104.82 -28.59
N UNK E 625 -34.94 104.38 -28.76
CA UNK E 625 -35.63 103.79 -27.66
C UNK E 625 -36.21 102.51 -28.14
N UNK E 626 -36.41 101.55 -27.23
CA UNK E 626 -36.94 100.28 -27.63
C UNK E 626 -38.25 100.12 -26.94
N UNK E 627 -39.18 99.39 -27.59
CA UNK E 627 -40.47 99.19 -27.01
C UNK E 627 -40.70 97.71 -26.91
N UNK E 628 -41.46 97.30 -25.87
CA UNK E 628 -41.77 95.91 -25.68
C UNK E 628 -43.24 95.79 -25.90
N UNK E 629 -43.65 94.67 -26.52
CA UNK E 629 -45.03 94.46 -26.85
C UNK E 629 -45.07 93.08 -27.42
N UNK E 630 -46.00 92.84 -28.36
CA UNK E 630 -46.07 91.55 -28.96
C UNK E 630 -44.74 91.31 -29.56
N UNK E 631 -44.16 92.35 -30.19
CA UNK E 631 -42.84 92.23 -30.74
C UNK E 631 -42.09 93.44 -30.28
N UNK E 632 -40.74 93.36 -30.24
CA UNK E 632 -40.01 94.52 -29.84
C UNK E 632 -39.88 95.40 -31.04
N UNK E 633 -39.88 96.72 -30.81
CA UNK E 633 -39.73 97.66 -31.88
C UNK E 633 -38.73 98.68 -31.45
N UNK E 634 -38.00 99.26 -32.41
CA UNK E 634 -37.04 100.26 -32.07
C UNK E 634 -37.45 101.51 -32.75
N UNK E 635 -37.33 102.65 -32.06
CA UNK E 635 -37.71 103.90 -32.64
C UNK E 635 -36.77 104.93 -32.11
N UNK E 636 -36.70 106.10 -32.78
CA UNK E 636 -35.82 107.12 -32.30
C UNK E 636 -36.66 108.12 -31.58
N UNK E 637 -36.20 108.49 -30.37
CA UNK E 637 -36.85 109.48 -29.54
C UNK E 637 -36.76 110.75 -30.30
N UNK E 638 -35.65 110.89 -31.04
CA UNK E 638 -35.35 112.06 -31.82
C UNK E 638 -36.45 112.28 -32.79
N UNK E 639 -36.28 113.33 -33.62
CA UNK E 639 -37.26 113.80 -34.55
C UNK E 639 -37.65 112.70 -35.49
N UNK E 640 -36.70 111.82 -35.88
CA UNK E 640 -37.05 110.84 -36.88
C UNK E 640 -38.20 110.02 -36.39
N UNK E 641 -38.11 109.49 -35.14
CA UNK E 641 -39.16 108.73 -34.53
C UNK E 641 -39.74 107.75 -35.51
N UNK E 642 -38.88 106.92 -36.12
CA UNK E 642 -39.40 105.98 -37.08
C UNK E 642 -39.14 104.61 -36.56
N UNK E 643 -39.98 103.63 -36.98
CA UNK E 643 -39.74 102.31 -36.50
C UNK E 643 -38.53 101.85 -37.24
N UNK E 644 -37.36 101.94 -36.60
CA UNK E 644 -36.13 101.57 -37.23
C UNK E 644 -36.15 100.12 -37.52
N UNK E 645 -36.56 99.29 -36.54
CA UNK E 645 -36.50 97.88 -36.80
C UNK E 645 -37.53 97.16 -36.00
N UNK E 646 -37.76 95.88 -36.36
CA UNK E 646 -38.70 95.01 -35.72
C UNK E 646 -37.93 93.90 -35.06
N UNK E 647 -38.38 93.50 -33.85
CA UNK E 647 -37.79 92.52 -32.97
C UNK E 647 -37.80 91.09 -33.46
N UNK E 648 -38.89 90.66 -34.11
CA UNK E 648 -39.00 89.39 -34.78
C UNK E 648 -39.25 88.17 -33.97
N UNK E 649 -38.58 88.21 -32.77
CA UNK E 649 -38.09 87.27 -31.79
C UNK E 649 -39.02 86.40 -30.94
N UNK E 650 -40.31 86.72 -30.64
CA UNK E 650 -40.92 85.89 -29.64
C UNK E 650 -42.17 85.19 -30.08
N UNK E 651 -42.19 83.90 -29.73
CA UNK E 651 -43.16 82.88 -30.00
C UNK E 651 -44.40 83.27 -29.39
N UNK E 652 -44.19 83.44 -28.10
CA UNK E 652 -45.21 83.67 -27.16
C UNK E 652 -45.51 85.10 -27.22
N UNK E 653 -46.26 85.56 -26.21
CA UNK E 653 -46.71 86.91 -26.24
C UNK E 653 -46.77 87.43 -24.84
N UNK E 654 -47.90 88.13 -24.55
CA UNK E 654 -48.12 88.81 -23.31
C UNK E 654 -47.22 90.00 -23.33
N UNK E 655 -46.72 90.33 -24.53
CA UNK E 655 -45.79 91.39 -24.72
C UNK E 655 -44.50 90.86 -24.19
N UNK E 656 -43.36 91.28 -24.78
CA UNK E 656 -42.17 90.85 -24.11
C UNK E 656 -42.32 91.57 -22.82
N UNK E 657 -42.34 90.81 -21.72
CA UNK E 657 -42.68 91.42 -20.47
C UNK E 657 -41.69 92.48 -20.18
N UNK E 658 -40.39 92.19 -20.40
CA UNK E 658 -39.44 93.19 -20.06
C UNK E 658 -38.33 93.16 -21.06
N UNK E 659 -37.53 94.24 -21.07
CA UNK E 659 -36.37 94.31 -21.91
C UNK E 659 -35.32 94.94 -21.08
N UNK E 660 -34.05 94.57 -21.33
CA UNK E 660 -32.98 95.17 -20.59
C UNK E 660 -31.83 95.30 -21.52
N UNK E 661 -31.04 96.37 -21.36
CA UNK E 661 -29.93 96.56 -22.25
C UNK E 661 -28.69 96.50 -21.43
N UNK E 662 -27.60 96.00 -22.05
CA UNK E 662 -26.33 95.94 -21.40
C UNK E 662 -25.81 97.34 -21.37
N UNK E 663 -24.79 97.60 -20.54
CA UNK E 663 -24.24 98.91 -20.42
C UNK E 663 -23.69 99.29 -21.76
N UNK E 664 -23.06 98.32 -22.44
CA UNK E 664 -22.47 98.52 -23.74
C UNK E 664 -23.58 98.92 -24.67
N UNK E 665 -24.78 98.36 -24.44
CA UNK E 665 -25.91 98.58 -25.30
C UNK E 665 -25.67 97.78 -26.53
N UNK E 666 -24.64 96.90 -26.48
CA UNK E 666 -24.37 96.00 -27.55
C UNK E 666 -25.46 94.98 -27.62
N UNK E 667 -25.91 94.46 -26.45
CA UNK E 667 -26.87 93.41 -26.47
C UNK E 667 -28.08 93.79 -25.69
N UNK E 668 -29.23 93.23 -26.09
CA UNK E 668 -30.46 93.49 -25.40
C UNK E 668 -31.02 92.16 -25.01
N UNK E 669 -31.72 92.10 -23.86
CA UNK E 669 -32.29 90.87 -23.43
C UNK E 669 -33.76 91.09 -23.36
N UNK E 670 -34.56 90.04 -23.67
CA UNK E 670 -35.98 90.20 -23.65
C UNK E 670 -36.58 89.05 -22.91
N UNK E 671 -37.81 89.24 -22.39
CA UNK E 671 -38.50 88.21 -21.68
C UNK E 671 -39.84 88.04 -22.31
N UNK E 672 -40.47 86.85 -22.14
CA UNK E 672 -41.73 86.69 -22.80
C UNK E 672 -42.48 85.55 -22.17
N UNK E 673 -43.69 85.31 -22.73
CA UNK E 673 -44.60 84.28 -22.36
C UNK E 673 -43.93 82.98 -22.63
N UNK E 674 -43.01 82.99 -23.62
CA UNK E 674 -42.32 81.82 -24.08
C UNK E 674 -41.65 81.22 -22.89
N UNK E 675 -41.29 82.06 -21.90
CA UNK E 675 -40.56 81.60 -20.77
C UNK E 675 -39.17 81.33 -21.23
N UNK E 676 -38.78 82.04 -22.29
CA UNK E 676 -37.45 81.97 -22.79
C UNK E 676 -36.92 83.36 -22.71
N UNK E 677 -35.61 83.52 -22.51
CA UNK E 677 -35.10 84.86 -22.54
C UNK E 677 -34.28 84.95 -23.77
N UNK E 678 -34.73 85.74 -24.73
CA UNK E 678 -33.93 85.78 -25.91
C UNK E 678 -32.83 86.73 -25.60
N UNK E 679 -31.61 86.40 -26.07
CA UNK E 679 -30.69 87.47 -26.08
C UNK E 679 -31.40 88.15 -27.16
N UNK E 680 -32.14 89.21 -26.77
CA UNK E 680 -33.10 89.88 -27.57
C UNK E 680 -32.33 90.19 -28.75
N UNK E 681 -31.07 90.58 -28.51
CA UNK E 681 -30.35 90.69 -29.71
C UNK E 681 -28.94 91.01 -29.44
N UNK E 682 -28.19 90.87 -30.54
CA UNK E 682 -26.80 91.17 -30.58
C UNK E 682 -26.27 90.37 -31.76
N UNK E 683 -30.33 91.57 -37.11
CA UNK E 683 -30.31 91.38 -35.65
C UNK E 683 -31.03 90.14 -35.28
N UNK E 684 -30.26 89.05 -35.08
CA UNK E 684 -30.90 87.82 -34.74
C UNK E 684 -30.56 87.55 -33.32
N UNK E 685 -31.41 86.77 -32.63
CA UNK E 685 -31.16 86.51 -31.25
C UNK E 685 -29.90 85.71 -31.18
N UNK E 686 -28.99 86.11 -30.27
CA UNK E 686 -27.76 85.41 -30.12
C UNK E 686 -28.05 84.04 -29.63
N UNK E 687 -28.93 83.92 -28.64
CA UNK E 687 -29.22 82.61 -28.11
C UNK E 687 -30.52 82.68 -27.38
N UNK E 688 -31.11 81.51 -27.11
CA UNK E 688 -32.34 81.48 -26.38
C UNK E 688 -32.05 80.75 -25.10
N UNK E 689 -32.57 81.26 -23.97
CA UNK E 689 -32.33 80.60 -22.73
C UNK E 689 -33.63 80.09 -22.22
N UNK E 690 -33.64 78.83 -21.75
CA UNK E 690 -34.86 78.25 -21.28
C UNK E 690 -34.60 77.78 -19.89
N UNK E 691 -35.66 77.63 -19.10
CA UNK E 691 -35.46 77.26 -17.73
C UNK E 691 -36.80 77.35 -17.09
N UNK E 692 -37.16 78.59 -16.71
CA UNK E 692 -38.37 78.85 -15.98
C UNK E 692 -39.53 78.18 -16.63
N UNK E 693 -40.36 77.57 -15.76
CA UNK E 693 -41.56 76.85 -16.09
C UNK E 693 -42.61 77.79 -16.61
N UNK E 694 -42.69 79.00 -16.05
CA UNK E 694 -43.80 79.87 -16.38
C UNK E 694 -43.31 81.12 -17.02
N UNK E 695 -44.27 82.04 -17.29
CA UNK E 695 -43.98 83.27 -17.96
C UNK E 695 -42.93 84.01 -17.18
N UNK E 696 -42.02 84.69 -17.91
CA UNK E 696 -40.98 85.42 -17.25
C UNK E 696 -41.39 86.85 -17.20
N UNK E 697 -41.60 87.35 -15.98
CA UNK E 697 -42.02 88.70 -15.72
C UNK E 697 -40.95 89.70 -16.04
N UNK E 698 -39.68 89.45 -15.67
CA UNK E 698 -38.73 90.49 -15.90
C UNK E 698 -37.36 89.90 -16.10
N UNK E 699 -36.49 90.67 -16.79
CA UNK E 699 -35.14 90.25 -17.04
C UNK E 699 -34.27 91.45 -16.92
N UNK E 700 -32.99 91.24 -16.58
CA UNK E 700 -32.11 92.38 -16.48
C UNK E 700 -30.72 91.90 -16.72
N UNK E 701 -29.88 92.79 -17.26
CA UNK E 701 -28.51 92.44 -17.48
C UNK E 701 -27.76 93.05 -16.35
N UNK E 702 -26.82 92.28 -15.76
CA UNK E 702 -26.05 92.79 -14.66
C UNK E 702 -25.11 93.81 -15.21
N UNK E 703 -24.69 94.77 -14.36
CA UNK E 703 -23.79 95.78 -14.80
C UNK E 703 -22.54 95.10 -15.33
N UNK E 704 -24.44 87.13 -15.42
CA UNK E 704 -24.77 87.81 -16.70
C UNK E 704 -26.13 88.42 -16.65
N UNK E 705 -27.17 87.58 -16.52
CA UNK E 705 -28.50 88.11 -16.55
C UNK E 705 -29.32 87.46 -15.47
N UNK E 706 -30.38 88.16 -15.02
CA UNK E 706 -31.24 87.63 -14.01
C UNK E 706 -32.65 87.75 -14.52
N UNK E 707 -33.51 86.80 -14.11
CA UNK E 707 -34.88 86.84 -14.55
C UNK E 707 -35.72 86.41 -13.40
N UNK E 708 -37.02 86.75 -13.44
CA UNK E 708 -37.94 86.36 -12.41
C UNK E 708 -39.12 85.77 -13.12
N UNK E 709 -39.85 84.84 -12.45
CA UNK E 709 -40.92 84.23 -13.16
C UNK E 709 -42.04 83.88 -12.24
N UNK E 710 -43.13 83.39 -12.86
CA UNK E 710 -44.33 82.90 -12.23
C UNK E 710 -43.89 81.75 -11.41
N UNK E 711 -42.76 81.15 -11.85
CA UNK E 711 -42.14 80.02 -11.24
C UNK E 711 -41.88 80.40 -9.82
N UNK E 712 -41.77 81.71 -9.55
CA UNK E 712 -41.48 82.17 -8.22
C UNK E 712 -40.07 81.82 -7.94
N UNK E 713 -39.27 81.81 -9.01
CA UNK E 713 -37.87 81.55 -8.88
C UNK E 713 -37.15 82.68 -9.52
N UNK E 714 -35.90 82.91 -9.08
CA UNK E 714 -35.06 83.89 -9.69
C UNK E 714 -33.93 83.10 -10.25
N UNK E 715 -33.52 83.38 -11.50
CA UNK E 715 -32.48 82.59 -12.05
C UNK E 715 -31.44 83.48 -12.61
N UNK E 716 -30.18 83.01 -12.61
CA UNK E 716 -29.10 83.76 -13.16
C UNK E 716 -28.64 82.99 -14.36
N UNK E 717 -28.35 83.68 -15.47
CA UNK E 717 -27.95 82.97 -16.64
C UNK E 717 -26.64 83.52 -17.10
N UNK E 718 -25.84 82.68 -17.76
CA UNK E 718 -24.58 83.13 -18.26
C UNK E 718 -24.85 83.64 -19.63
N UNK E 719 -26.57 78.95 -13.77
CA UNK E 719 -25.79 79.02 -12.57
C UNK E 719 -26.58 79.13 -11.30
N UNK E 720 -27.57 80.04 -11.21
CA UNK E 720 -28.12 80.22 -9.90
C UNK E 720 -29.60 80.19 -9.93
N UNK E 721 -30.18 79.81 -8.78
CA UNK E 721 -31.60 79.82 -8.59
C UNK E 721 -31.80 80.40 -7.23
N UNK E 722 -32.86 81.22 -7.04
CA UNK E 722 -33.03 81.77 -5.74
C UNK E 722 -34.34 81.30 -5.21
N UNK E 723 -34.30 80.64 -4.03
CA UNK E 723 -35.51 80.23 -3.40
C UNK E 723 -36.05 81.47 -2.81
N UNK E 724 -37.38 81.56 -2.65
CA UNK E 724 -37.88 82.82 -2.18
C UNK E 724 -39.31 82.67 -1.83
N UNK E 725 -40.05 83.79 -1.98
CA UNK E 725 -41.43 83.87 -1.64
C UNK E 725 -42.21 82.84 -2.40
N UNK E 726 -43.36 82.45 -1.81
CA UNK E 726 -44.24 81.47 -2.36
C UNK E 726 -44.84 81.98 -3.64
N UNK E 727 -45.21 83.28 -3.66
CA UNK E 727 -45.89 83.87 -4.78
C UNK E 727 -44.96 84.08 -5.93
N UNK E 728 -45.53 84.39 -7.10
CA UNK E 728 -44.76 84.63 -8.30
C UNK E 728 -43.99 85.88 -8.12
N UNK E 729 -42.86 86.01 -8.86
CA UNK E 729 -42.04 87.18 -8.70
C UNK E 729 -42.22 88.07 -9.89
N UNK E 730 -42.66 89.32 -9.63
CA UNK E 730 -42.92 90.32 -10.62
C UNK E 730 -41.67 90.84 -11.27
N UNK E 731 -40.61 91.16 -10.50
CA UNK E 731 -39.49 91.77 -11.16
C UNK E 731 -38.24 91.57 -10.37
N UNK E 732 -37.08 91.74 -11.03
CA UNK E 732 -35.82 91.62 -10.36
C UNK E 732 -34.98 92.76 -10.82
N UNK E 733 -34.21 93.36 -9.88
CA UNK E 733 -33.38 94.46 -10.27
C UNK E 733 -32.07 94.30 -9.58
N UNK E 734 -30.98 94.60 -10.30
CA UNK E 734 -29.68 94.53 -9.71
C UNK E 734 -29.37 95.84 -9.07
N UNK E 735 -28.41 95.82 -8.12
CA UNK E 735 -27.98 97.04 -7.50
C UNK E 735 -26.97 97.64 -8.42
N UNK E 736 -26.70 98.94 -8.26
CA UNK E 736 -25.74 99.60 -9.09
C UNK E 736 -24.44 98.91 -8.85
N UNK E 737 -24.19 98.58 -7.57
CA UNK E 737 -23.01 97.88 -7.17
C UNK E 737 -23.06 96.55 -7.84
N UNK E 738 -24.30 96.06 -8.04
CA UNK E 738 -24.53 94.76 -8.59
C UNK E 738 -24.24 93.81 -7.48
N UNK E 739 -24.04 94.37 -6.28
CA UNK E 739 -23.80 93.60 -5.10
C UNK E 739 -25.02 92.83 -4.74
N UNK E 740 -26.21 93.46 -4.83
CA UNK E 740 -27.39 92.77 -4.36
C UNK E 740 -28.49 92.88 -5.38
N UNK E 741 -29.53 92.03 -5.22
CA UNK E 741 -30.64 92.04 -6.13
C UNK E 741 -31.89 92.25 -5.35
N UNK E 742 -32.88 92.91 -5.98
CA UNK E 742 -34.14 93.14 -5.33
C UNK E 742 -35.17 92.43 -6.14
N UNK E 743 -36.10 91.74 -5.46
CA UNK E 743 -37.12 91.02 -6.17
C UNK E 743 -38.43 91.52 -5.65
N UNK E 744 -39.47 91.46 -6.51
CA UNK E 744 -40.76 91.88 -6.10
C UNK E 744 -41.67 90.73 -6.39
N UNK E 745 -42.68 90.53 -5.53
CA UNK E 745 -43.56 89.42 -5.73
C UNK E 745 -44.84 89.78 -5.06
N UNK E 746 -45.84 88.88 -5.18
CA UNK E 746 -47.08 89.17 -4.54
C UNK E 746 -46.82 89.27 -3.07
N UNK E 747 -46.02 88.33 -2.52
CA UNK E 747 -45.80 88.27 -1.12
C UNK E 747 -45.08 89.48 -0.59
N UNK E 748 -43.96 89.89 -1.22
CA UNK E 748 -43.24 91.00 -0.65
C UNK E 748 -42.09 91.33 -1.54
N UNK E 749 -41.29 92.34 -1.14
CA UNK E 749 -40.13 92.68 -1.90
C UNK E 749 -38.96 92.24 -1.10
N UNK E 750 -38.01 91.51 -1.72
CA UNK E 750 -36.91 91.03 -0.96
C UNK E 750 -35.64 91.44 -1.63
N UNK E 751 -34.60 91.68 -0.82
CA UNK E 751 -33.31 92.02 -1.34
C UNK E 751 -32.44 90.84 -1.05
N UNK E 752 -31.61 90.44 -2.03
CA UNK E 752 -30.79 89.28 -1.80
C UNK E 752 -29.39 89.61 -2.18
N UNK E 753 -28.42 88.94 -1.52
CA UNK E 753 -27.04 89.13 -1.83
C UNK E 753 -26.75 88.35 -3.06
N UNK E 754 -25.64 88.69 -3.75
CA UNK E 754 -25.29 88.01 -4.96
C UNK E 754 -25.06 86.53 -4.64
N UNK E 755 -30.67 86.75 2.40
CA UNK E 755 -31.84 87.36 3.04
C UNK E 755 -31.43 88.44 4.00
N UNK E 756 -30.87 89.55 3.45
CA UNK E 756 -30.43 90.63 4.29
C UNK E 756 -31.63 91.18 4.97
N UNK E 757 -32.73 91.38 4.22
CA UNK E 757 -33.92 91.91 4.82
C UNK E 757 -34.99 91.89 3.77
N UNK E 758 -36.25 92.09 4.20
CA UNK E 758 -37.33 92.11 3.26
C UNK E 758 -38.34 93.08 3.75
N UNK E 759 -39.14 93.66 2.83
CA UNK E 759 -40.09 94.63 3.25
C UNK E 759 -41.36 93.96 3.66
N UNK E 760 -41.60 93.96 4.97
CA UNK E 760 -42.75 93.46 5.66
C UNK E 760 -43.91 94.36 5.37
N UNK E 761 -43.61 95.65 5.12
CA UNK E 761 -44.60 96.68 5.08
C UNK E 761 -45.71 96.35 4.12
N UNK E 762 -45.42 95.76 2.96
CA UNK E 762 -46.51 95.46 2.06
C UNK E 762 -47.41 94.52 2.79
N UNK E 763 -46.82 93.51 3.44
CA UNK E 763 -47.53 92.59 4.27
C UNK E 763 -48.53 91.80 3.48
N UNK E 764 -48.82 90.59 4.01
CA UNK E 764 -49.80 89.69 3.47
C UNK E 764 -51.12 90.36 3.62
N UNK E 765 -51.30 91.08 4.73
CA UNK E 765 -52.54 91.75 5.01
C UNK E 765 -52.83 92.63 3.85
N UNK E 766 -54.11 93.08 3.74
CA UNK E 766 -54.56 93.83 2.61
C UNK E 766 -53.60 94.95 2.36
N UNK E 767 -52.80 94.71 1.31
CA UNK E 767 -51.77 95.55 0.77
C UNK E 767 -50.89 94.52 0.15
N UNK E 768 -50.55 94.69 -1.13
CA UNK E 768 -49.80 93.61 -1.70
C UNK E 768 -49.65 93.87 -3.16
N UNK E 769 -49.34 92.78 -3.91
CA UNK E 769 -49.16 92.85 -5.32
C UNK E 769 -48.22 93.97 -5.64
N UNK E 770 -46.93 93.81 -5.25
CA UNK E 770 -45.99 94.85 -5.55
C UNK E 770 -45.48 94.62 -6.94
N UNK E 771 -45.91 95.51 -7.85
CA UNK E 771 -45.60 95.53 -9.25
C UNK E 771 -44.19 95.93 -9.56
N UNK E 772 -43.63 96.95 -8.88
CA UNK E 772 -42.37 97.40 -9.39
C UNK E 772 -41.40 97.72 -8.29
N UNK E 773 -40.12 97.80 -8.68
CA UNK E 773 -39.08 98.17 -7.76
C UNK E 773 -38.08 98.92 -8.55
N UNK E 774 -37.48 99.94 -7.92
CA UNK E 774 -36.46 100.68 -8.60
C UNK E 774 -35.43 100.90 -7.58
N UNK E 775 -34.17 101.00 -8.03
CA UNK E 775 -33.12 101.21 -7.11
C UNK E 775 -32.83 102.65 -7.21
N UNK E 776 -32.52 103.23 -6.04
CA UNK E 776 -32.24 104.62 -6.00
C UNK E 776 -30.87 104.85 -6.57
N UNK E 777 -30.61 106.13 -6.85
CA UNK E 777 -29.35 106.68 -7.26
C UNK E 777 -28.59 106.62 -5.98
N UNK E 778 -28.44 107.72 -5.19
CA UNK E 778 -27.94 107.49 -3.84
C UNK E 778 -29.03 106.51 -3.21
N UNK E 779 -28.75 105.50 -2.16
CA UNK E 779 -29.25 104.19 -1.50
C UNK E 779 -30.64 104.01 -0.90
N UNK E 780 -31.37 103.05 -1.53
CA UNK E 780 -32.70 102.70 -1.15
C UNK E 780 -33.32 102.02 -2.32
N UNK E 781 -34.58 101.57 -2.16
CA UNK E 781 -35.30 100.94 -3.23
C UNK E 781 -36.69 101.49 -3.15
N UNK E 782 -37.39 101.48 -4.29
CA UNK E 782 -38.74 101.99 -4.27
C UNK E 782 -39.60 100.96 -4.91
N UNK E 783 -40.83 100.82 -4.37
CA UNK E 783 -41.71 99.84 -4.93
C UNK E 783 -43.07 100.45 -5.00
N UNK E 784 -43.92 99.89 -5.87
CA UNK E 784 -45.27 100.35 -5.99
C UNK E 784 -46.10 99.11 -6.17
N UNK E 785 -47.37 99.12 -5.70
CA UNK E 785 -48.15 97.93 -5.82
C UNK E 785 -49.40 98.21 -6.61
N UNK E 786 -49.76 97.27 -7.50
CA UNK E 786 -50.95 97.32 -8.29
C UNK E 786 -52.14 97.15 -7.39
N UNK E 787 -51.94 96.32 -6.35
CA UNK E 787 -52.96 95.89 -5.44
C UNK E 787 -53.59 97.04 -4.74
N UNK E 788 -54.37 96.70 -3.71
CA UNK E 788 -55.19 97.64 -3.01
C UNK E 788 -54.34 98.76 -2.51
N UNK E 789 -53.09 98.47 -2.07
CA UNK E 789 -52.29 99.54 -1.56
C UNK E 789 -52.12 100.56 -2.65
N UNK E 790 -51.73 100.11 -3.86
CA UNK E 790 -51.59 100.98 -5.00
C UNK E 790 -50.81 102.18 -4.60
N UNK E 791 -49.70 102.02 -3.86
CA UNK E 791 -49.02 103.23 -3.48
C UNK E 791 -47.57 103.00 -3.66
N UNK E 792 -46.82 104.11 -3.79
CA UNK E 792 -45.40 103.99 -3.87
C UNK E 792 -44.93 103.81 -2.48
N UNK E 793 -43.83 103.05 -2.31
CA UNK E 793 -43.29 102.87 -1.00
C UNK E 793 -41.86 103.23 -1.13
N UNK E 794 -41.32 103.95 -0.13
CA UNK E 794 -39.94 104.29 -0.20
C UNK E 794 -39.31 103.77 1.04
N UNK E 795 -38.10 103.20 0.91
CA UNK E 795 -37.46 102.69 2.08
C UNK E 795 -36.02 102.48 1.76
N UNK E 796 -35.19 102.36 2.82
CA UNK E 796 -33.81 102.09 2.64
C UNK E 796 -33.62 100.65 3.01
N UNK E 797 -32.84 99.92 2.21
CA UNK E 797 -32.68 98.52 2.47
C UNK E 797 -32.02 98.33 3.78
N UNK E 798 -30.96 99.10 4.08
CA UNK E 798 -30.27 98.85 5.30
C UNK E 798 -31.19 99.09 6.45
N UNK E 799 -31.90 100.23 6.44
CA UNK E 799 -32.79 100.58 7.52
C UNK E 799 -33.91 99.60 7.58
N UNK E 800 -34.45 99.17 6.42
CA UNK E 800 -35.58 98.30 6.41
C UNK E 800 -36.77 99.04 6.96
N UNK E 801 -36.75 100.38 6.86
CA UNK E 801 -37.85 101.16 7.32
C UNK E 801 -38.38 101.90 6.12
N UNK E 802 -39.71 102.16 6.10
CA UNK E 802 -40.27 102.84 4.97
C UNK E 802 -40.24 104.30 5.30
N UNK E 803 -39.56 105.08 4.44
CA UNK E 803 -39.45 106.49 4.70
C UNK E 803 -40.81 107.12 4.63
N UNK E 804 -41.60 106.80 3.59
CA UNK E 804 -42.89 107.40 3.50
C UNK E 804 -43.65 106.74 2.41
N UNK E 805 -44.98 106.92 2.40
CA UNK E 805 -45.78 106.33 1.37
C UNK E 805 -46.47 107.44 0.63
N UNK E 806 -46.55 107.34 -0.71
CA UNK E 806 -47.19 108.38 -1.47
C UNK E 806 -48.46 107.81 -2.04
N UNK E 807 -49.58 108.58 -1.97
CA UNK E 807 -50.85 108.09 -2.44
C UNK E 807 -50.93 108.10 -3.98
N UNK E 808 -51.67 107.13 -4.63
CA UNK E 808 -51.84 106.88 -6.10
C UNK E 808 -53.29 106.22 -6.56
N UNK E 809 -53.52 105.49 -7.83
CA UNK E 809 -54.56 104.69 -8.68
C UNK E 809 -54.14 103.23 -8.58
N UNK E 810 -53.32 102.65 -9.51
CA UNK E 810 -52.62 101.41 -9.31
C UNK E 810 -51.31 101.71 -9.99
N UNK E 811 -50.15 101.45 -9.35
CA UNK E 811 -48.93 101.90 -9.95
C UNK E 811 -48.26 100.80 -10.70
N UNK E 812 -48.17 101.03 -12.03
CA UNK E 812 -47.51 100.17 -12.96
C UNK E 812 -46.02 100.23 -12.84
N UNK E 813 -45.44 101.45 -12.71
CA UNK E 813 -44.00 101.49 -12.71
C UNK E 813 -43.54 102.65 -11.90
N UNK E 814 -42.36 102.50 -11.29
CA UNK E 814 -41.81 103.56 -10.50
C UNK E 814 -40.43 103.82 -11.00
N UNK E 815 -40.00 105.09 -10.96
CA UNK E 815 -38.69 105.40 -11.42
C UNK E 815 -38.21 106.57 -10.63
N UNK E 816 -36.87 106.74 -10.58
CA UNK E 816 -36.35 107.86 -9.87
C UNK E 816 -35.71 108.72 -10.89
N UNK E 817 -35.77 110.05 -10.72
CA UNK E 817 -35.15 110.87 -11.71
C UNK E 817 -33.70 110.57 -11.62
N UNK E 818 -33.09 110.19 -12.77
CA UNK E 818 -31.70 109.85 -12.78
C UNK E 818 -30.91 111.07 -12.50
N UNK E 819 -31.28 112.16 -13.16
CA UNK E 819 -30.52 113.37 -13.09
C UNK E 819 -29.22 113.08 -13.75
N UNK E 820 -28.79 114.00 -14.64
CA UNK E 820 -27.55 113.82 -15.33
C UNK E 820 -26.47 114.26 -14.40
N UNK E 821 -25.21 113.97 -14.78
CA UNK E 821 -24.05 114.35 -14.02
C UNK E 821 -24.27 114.04 -12.58
N UNK E 822 -24.13 112.75 -12.23
CA UNK E 822 -24.37 112.29 -10.90
C UNK E 822 -25.84 112.18 -10.83
N UNK E 823 -26.36 111.40 -9.86
CA UNK E 823 -27.77 111.28 -9.90
C UNK E 823 -28.31 112.00 -8.72
N UNK E 824 -29.47 112.65 -8.93
CA UNK E 824 -30.13 113.33 -7.87
C UNK E 824 -31.58 113.08 -8.11
N UNK E 825 -32.35 112.81 -7.04
CA UNK E 825 -33.74 112.66 -7.35
C UNK E 825 -34.51 113.70 -6.60
N UNK E 826 -34.86 114.79 -7.29
CA UNK E 826 -35.68 115.82 -6.71
C UNK E 826 -37.04 115.26 -6.52
N UNK E 827 -37.52 114.53 -7.55
CA UNK E 827 -38.85 114.00 -7.53
C UNK E 827 -38.80 112.65 -8.16
N UNK E 828 -39.87 111.86 -7.99
CA UNK E 828 -39.91 110.54 -8.56
C UNK E 828 -40.93 110.54 -9.64
N UNK E 829 -40.70 109.71 -10.67
CA UNK E 829 -41.64 109.64 -11.75
C UNK E 829 -42.30 108.30 -11.65
N UNK E 830 -43.63 108.28 -11.88
CA UNK E 830 -44.31 107.04 -11.81
C UNK E 830 -45.39 107.06 -12.83
N UNK E 831 -45.77 105.86 -13.30
CA UNK E 831 -46.82 105.73 -14.26
C UNK E 831 -47.81 104.83 -13.61
N UNK E 832 -49.10 105.00 -13.93
CA UNK E 832 -50.07 104.18 -13.27
C UNK E 832 -51.00 103.60 -14.28
N UNK E 833 -51.62 102.48 -13.89
CA UNK E 833 -52.60 101.82 -14.70
C UNK E 833 -53.90 102.49 -14.45
N UNK E 834 -54.84 102.28 -15.38
CA UNK E 834 -56.15 102.82 -15.21
C UNK E 834 -57.09 101.73 -15.49
N UNK E 835 -58.16 101.65 -14.67
CA UNK E 835 -59.22 100.70 -14.76
C UNK E 835 -60.25 101.31 -15.63
N UNK E 836 -61.46 100.72 -15.64
CA UNK E 836 -62.49 101.24 -16.51
C UNK E 836 -62.68 102.68 -16.15
N UNK E 837 -62.84 103.01 -14.85
CA UNK E 837 -62.94 104.41 -14.58
C UNK E 837 -61.60 104.95 -14.93
N UNK E 838 -61.55 106.11 -15.65
CA UNK E 838 -60.23 106.49 -16.02
C UNK E 838 -59.76 107.60 -15.15
N UNK E 839 -59.51 107.32 -13.85
CA UNK E 839 -58.94 108.33 -13.04
C UNK E 839 -57.47 108.49 -13.33
N UNK E 840 -56.69 107.38 -13.22
CA UNK E 840 -55.30 107.63 -13.31
C UNK E 840 -54.65 106.94 -14.46
N UNK E 841 -54.72 107.65 -15.60
CA UNK E 841 -54.08 107.46 -16.85
C UNK E 841 -52.68 107.99 -16.80
N UNK E 842 -52.45 108.95 -15.89
CA UNK E 842 -51.28 109.78 -15.91
C UNK E 842 -49.99 109.19 -15.43
N UNK E 843 -48.92 109.91 -15.82
CA UNK E 843 -47.60 109.69 -15.35
C UNK E 843 -47.43 110.83 -14.41
N UNK E 844 -47.01 110.56 -13.16
CA UNK E 844 -46.95 111.66 -12.26
C UNK E 844 -45.60 111.75 -11.69
N UNK E 845 -45.16 113.00 -11.44
CA UNK E 845 -43.90 113.21 -10.83
C UNK E 845 -44.24 113.62 -9.43
N UNK E 846 -43.61 112.98 -8.44
CA UNK E 846 -43.96 113.37 -7.11
C UNK E 846 -42.78 114.05 -6.52
N UNK E 847 -42.99 115.25 -5.97
CA UNK E 847 -41.88 115.89 -5.32
C UNK E 847 -41.60 115.04 -4.14
N UNK E 848 -40.35 114.63 -3.97
CA UNK E 848 -40.04 113.78 -2.86
C UNK E 848 -40.05 114.65 -1.62
N UNK E 849 -47.13 115.90 -2.06
CA UNK E 849 -48.09 115.28 -3.00
C UNK E 849 -47.53 115.31 -4.38
N UNK E 850 -48.22 114.66 -5.33
CA UNK E 850 -47.68 114.71 -6.65
C UNK E 850 -47.69 116.14 -7.07
N UNK E 851 -46.55 116.62 -7.61
CA UNK E 851 -46.45 117.98 -8.02
C UNK E 851 -47.38 118.22 -9.16
N UNK E 852 -47.37 117.31 -10.16
CA UNK E 852 -48.23 117.54 -11.28
C UNK E 852 -48.48 116.24 -11.95
N UNK E 853 -49.57 116.17 -12.72
CA UNK E 853 -49.88 114.98 -13.42
C UNK E 853 -50.22 115.37 -14.82
N UNK E 854 -56.51 107.39 -23.18
CA UNK E 854 -57.32 106.65 -22.28
C UNK E 854 -56.80 105.25 -22.35
N UNK E 855 -56.33 104.73 -21.20
CA UNK E 855 -55.80 103.39 -21.15
C UNK E 855 -54.86 103.38 -20.01
N UNK E 856 -54.35 102.17 -19.69
CA UNK E 856 -53.37 102.10 -18.66
C UNK E 856 -52.06 102.41 -19.30
N UNK E 857 -51.13 103.01 -18.53
CA UNK E 857 -49.83 103.21 -19.06
C UNK E 857 -49.00 102.14 -18.42
N UNK E 858 -48.57 101.15 -19.23
CA UNK E 858 -47.87 100.02 -18.70
C UNK E 858 -46.55 100.41 -18.12
N UNK E 859 -45.76 101.23 -18.84
CA UNK E 859 -44.44 101.48 -18.35
C UNK E 859 -44.04 102.87 -18.70
N UNK E 860 -42.85 103.29 -18.21
CA UNK E 860 -42.33 104.59 -18.50
C UNK E 860 -40.84 104.47 -18.47
N UNK E 861 -40.15 105.49 -19.00
CA UNK E 861 -38.71 105.47 -18.95
C UNK E 861 -38.24 106.89 -18.90
N UNK E 862 -37.16 107.13 -18.12
CA UNK E 862 -36.61 108.46 -18.02
C UNK E 862 -35.18 108.34 -18.45
N UNK E 863 -34.62 109.42 -19.01
CA UNK E 863 -33.26 109.34 -19.47
C UNK E 863 -32.40 110.16 -18.57
N UNK E 864 -31.26 109.58 -18.14
CA UNK E 864 -30.37 110.30 -17.29
C UNK E 864 -29.76 111.44 -18.04
N UNK E 865 -29.25 111.13 -19.26
CA UNK E 865 -28.56 112.11 -20.05
C UNK E 865 -29.48 113.19 -20.54
N UNK E 866 -30.65 112.82 -21.07
CA UNK E 866 -31.48 113.81 -21.68
C UNK E 866 -32.78 113.86 -20.97
N UNK E 867 -33.46 115.02 -21.05
CA UNK E 867 -34.74 115.10 -20.42
C UNK E 867 -35.74 114.70 -21.45
N UNK E 868 -36.31 113.49 -21.26
CA UNK E 868 -37.32 112.98 -22.14
C UNK E 868 -37.88 111.83 -21.40
N UNK E 869 -39.14 111.46 -21.70
CA UNK E 869 -39.71 110.33 -21.02
C UNK E 869 -40.49 109.59 -22.03
N UNK E 870 -40.60 108.26 -21.88
CA UNK E 870 -41.36 107.50 -22.83
C UNK E 870 -42.45 106.83 -22.07
N UNK E 871 -43.61 106.64 -22.72
CA UNK E 871 -44.72 106.01 -22.07
C UNK E 871 -45.26 104.97 -23.00
N UNK E 872 -45.75 103.86 -22.42
CA UNK E 872 -46.32 102.79 -23.20
C UNK E 872 -47.66 102.51 -22.61
N UNK E 873 -48.62 102.01 -23.43
CA UNK E 873 -49.92 101.77 -22.88
C UNK E 873 -50.33 100.33 -23.09
N UNK E 874 -50.85 99.75 -21.99
CA UNK E 874 -51.33 98.41 -21.79
C UNK E 874 -52.62 98.09 -22.49
N UNK E 875 -53.55 99.05 -22.61
CA UNK E 875 -54.78 98.59 -23.17
C UNK E 875 -54.58 98.23 -24.61
N UNK E 876 -54.97 96.99 -24.96
CA UNK E 876 -54.95 96.54 -26.32
C UNK E 876 -56.27 96.92 -26.89
N UNK E 877 -56.36 97.07 -28.22
CA UNK E 877 -57.61 97.51 -28.80
C UNK E 877 -57.93 98.80 -28.13
N UNK E 878 -56.85 99.55 -27.83
CA UNK E 878 -56.90 100.80 -27.15
C UNK E 878 -55.67 101.50 -27.59
N UNK E 879 -55.13 102.41 -26.76
CA UNK E 879 -53.97 103.07 -27.25
C UNK E 879 -52.77 102.25 -26.94
N UNK E 880 -52.16 101.66 -27.99
CA UNK E 880 -50.90 101.01 -27.81
C UNK E 880 -49.99 101.96 -28.51
N UNK E 881 -49.31 102.82 -27.72
CA UNK E 881 -48.51 103.80 -28.37
C UNK E 881 -47.41 104.19 -27.47
N UNK E 882 -46.33 104.73 -28.07
CA UNK E 882 -45.25 105.19 -27.27
C UNK E 882 -45.30 106.67 -27.30
N UNK E 883 -45.27 107.30 -26.12
CA UNK E 883 -45.29 108.73 -26.09
C UNK E 883 -44.01 109.15 -25.46
N UNK E 884 -43.31 110.12 -26.06
CA UNK E 884 -42.08 110.55 -25.46
C UNK E 884 -42.16 112.03 -25.30
N UNK E 885 -42.14 112.56 -24.06
CA UNK E 885 -42.31 113.99 -24.05
C UNK E 885 -41.55 114.61 -22.94
N UNK E 886 -41.05 115.85 -23.17
CA UNK E 886 -40.47 116.44 -22.00
C UNK E 886 -41.59 116.77 -21.05
N UNK E 887 -42.31 117.90 -21.27
CA UNK E 887 -43.52 118.19 -20.55
C UNK E 887 -44.80 117.91 -21.29
N UNK E 888 -44.95 118.67 -22.39
CA UNK E 888 -46.15 118.75 -23.18
C UNK E 888 -46.15 117.57 -24.06
N UNK E 889 -47.29 117.29 -24.73
CA UNK E 889 -47.33 116.13 -25.57
C UNK E 889 -46.22 116.27 -26.56
N UNK E 890 -45.41 115.20 -26.68
CA UNK E 890 -44.31 115.23 -27.57
C UNK E 890 -44.06 113.82 -27.98
N UNK E 891 -43.29 113.66 -29.06
CA UNK E 891 -42.91 112.38 -29.59
C UNK E 891 -43.89 112.01 -30.64
N UNK E 892 -43.68 110.85 -31.28
CA UNK E 892 -44.52 110.50 -32.37
C UNK E 892 -45.36 109.30 -32.04
N UNK E 893 -46.48 109.17 -32.74
CA UNK E 893 -47.38 108.07 -32.58
C UNK E 893 -47.39 107.32 -33.89
N UNK E 894 -47.62 106.00 -33.85
CA UNK E 894 -47.57 105.27 -35.08
C UNK E 894 -48.95 104.99 -35.56
N UNK E 895 -49.20 105.14 -36.87
CA UNK E 895 -50.52 104.84 -37.34
C UNK E 895 -50.63 103.36 -37.49
N UNK E 896 -51.76 102.65 -37.34
CA UNK E 896 -51.68 101.19 -37.53
C UNK E 896 -52.27 100.72 -38.85
N UNK E 897 -52.63 99.42 -38.99
CA UNK E 897 -52.70 98.75 -40.32
C UNK E 897 -53.82 97.67 -40.69
N UNK E 898 -53.57 96.49 -41.62
CA UNK E 898 -54.28 95.25 -42.20
C UNK E 898 -55.58 95.84 -42.60
N UNK E 899 -56.65 95.09 -42.92
CA UNK E 899 -57.74 95.98 -43.21
C UNK E 899 -58.96 95.68 -42.39
N UNK E 900 -59.48 96.72 -41.70
CA UNK E 900 -60.72 96.62 -40.99
C UNK E 900 -61.85 96.52 -41.97
N UNK E 901 -61.84 97.42 -42.99
CA UNK E 901 -62.90 97.45 -43.96
C UNK E 901 -62.37 98.14 -45.18
N UNK E 902 -63.07 98.00 -46.33
CA UNK E 902 -62.55 98.67 -47.48
C UNK E 902 -63.70 99.04 -48.36
N UNK E 903 -63.48 100.08 -49.20
CA UNK E 903 -64.47 100.48 -50.15
C UNK E 903 -63.74 100.84 -51.39
N UNK E 904 -64.26 100.41 -52.56
CA UNK E 904 -63.61 100.72 -53.80
C UNK E 904 -64.09 102.04 -54.26
N UNK E 905 -63.29 102.72 -55.12
CA UNK E 905 -63.72 103.98 -55.64
C UNK E 905 -64.81 103.67 -56.61
N UNK E 906 -65.84 104.52 -56.68
CA UNK E 906 -66.90 104.20 -57.58
C UNK E 906 -66.36 104.25 -58.98
N UNK E 907 -65.70 105.37 -59.32
CA UNK E 907 -65.17 105.57 -60.64
C UNK E 907 -64.03 104.65 -60.91
N UNK E 908 -63.12 104.49 -59.92
CA UNK E 908 -61.92 103.76 -60.22
C UNK E 908 -61.85 102.50 -59.41
N UNK E 909 -61.06 101.54 -59.94
CA UNK E 909 -60.83 100.24 -59.39
C UNK E 909 -60.13 100.37 -58.07
N UNK E 910 -59.26 101.39 -57.93
CA UNK E 910 -58.41 101.57 -56.78
C UNK E 910 -59.19 101.39 -55.53
N UNK E 911 -58.52 100.88 -54.47
CA UNK E 911 -59.24 100.57 -53.28
C UNK E 911 -58.77 101.44 -52.16
N UNK E 912 -59.72 101.75 -51.27
CA UNK E 912 -59.41 102.50 -50.10
C UNK E 912 -59.75 101.57 -48.98
N UNK E 913 -58.88 101.49 -47.96
CA UNK E 913 -59.23 100.60 -46.90
C UNK E 913 -58.86 101.25 -45.63
N UNK E 914 -59.65 100.98 -44.57
CA UNK E 914 -59.37 101.49 -43.26
C UNK E 914 -58.50 100.51 -42.58
N UNK E 915 -57.79 100.95 -41.52
CA UNK E 915 -56.86 100.11 -40.83
C UNK E 915 -57.19 100.15 -39.38
N UNK E 916 -56.67 99.17 -38.62
CA UNK E 916 -56.82 99.13 -37.19
C UNK E 916 -56.20 100.40 -36.78
N UNK E 917 -55.08 100.72 -37.41
CA UNK E 917 -54.56 102.04 -37.56
C UNK E 917 -55.52 103.08 -37.41
N UNK E 918 -54.93 104.18 -37.00
CA UNK E 918 -55.60 105.41 -37.14
C UNK E 918 -55.69 105.66 -38.62
N UNK E 919 -54.64 105.33 -39.36
CA UNK E 919 -54.59 105.56 -40.77
C UNK E 919 -55.49 104.65 -41.55
N UNK E 920 -55.91 105.16 -42.73
CA UNK E 920 -56.65 104.48 -43.75
C UNK E 920 -55.83 104.78 -44.95
N UNK E 921 -55.90 103.96 -46.02
CA UNK E 921 -55.00 104.31 -47.07
C UNK E 921 -55.66 104.08 -48.38
N UNK E 922 -55.10 104.75 -49.40
CA UNK E 922 -55.56 104.57 -50.73
C UNK E 922 -54.53 103.74 -51.37
N UNK E 923 -54.97 102.74 -52.14
CA UNK E 923 -53.99 101.95 -52.81
C UNK E 923 -54.48 101.74 -54.18
N UNK E 924 -53.53 101.53 -55.10
CA UNK E 924 -53.91 101.30 -56.45
C UNK E 924 -53.41 99.95 -56.80
N UNK E 925 -54.21 99.21 -57.58
CA UNK E 925 -53.84 97.91 -58.02
C UNK E 925 -53.59 98.05 -59.49
N UNK E 926 -52.62 97.29 -60.02
CA UNK E 926 -52.29 97.41 -61.40
C UNK E 926 -53.49 97.03 -62.20
N UNK E 927 -53.66 97.67 -63.37
CA UNK E 927 -54.80 97.42 -64.22
C UNK E 927 -54.77 96.00 -64.66
N UNK E 928 -53.59 95.50 -65.07
CA UNK E 928 -53.56 94.15 -65.51
C UNK E 928 -53.40 93.29 -64.30
N UNK E 929 -54.51 92.67 -63.88
CA UNK E 929 -54.52 91.82 -62.74
C UNK E 929 -53.71 90.60 -63.03
N UNK E 930 -53.83 90.08 -64.27
CA UNK E 930 -53.21 88.85 -64.66
C UNK E 930 -51.74 88.99 -64.50
N UNK E 931 -51.23 90.15 -64.91
CA UNK E 931 -49.82 90.37 -64.80
C UNK E 931 -49.52 90.27 -63.34
N UNK E 932 -48.26 89.98 -62.95
CA UNK E 932 -47.93 89.92 -61.57
C UNK E 932 -48.33 91.25 -61.04
N UNK E 933 -49.14 91.21 -59.98
CA UNK E 933 -49.69 92.44 -59.53
C UNK E 933 -48.65 93.23 -58.85
N UNK E 934 -48.96 94.50 -58.57
CA UNK E 934 -48.10 95.26 -57.75
C UNK E 934 -49.08 96.09 -56.99
N UNK E 935 -48.84 96.37 -55.70
CA UNK E 935 -49.83 97.16 -55.04
C UNK E 935 -49.16 98.32 -54.42
N UNK E 936 -49.61 99.53 -54.78
CA UNK E 936 -48.90 100.67 -54.29
C UNK E 936 -49.82 101.48 -53.44
N UNK E 937 -49.22 102.08 -52.40
CA UNK E 937 -49.98 102.91 -51.53
C UNK E 937 -50.01 104.26 -52.13
N UNK E 938 -51.21 104.71 -52.54
CA UNK E 938 -51.29 106.03 -53.10
C UNK E 938 -51.00 106.99 -52.00
N UNK E 939 -51.63 106.80 -50.83
CA UNK E 939 -51.37 107.73 -49.77
C UNK E 939 -51.98 107.18 -48.54
N UNK E 940 -51.53 107.70 -47.38
CA UNK E 940 -52.08 107.25 -46.15
C UNK E 940 -52.81 108.40 -45.56
N UNK E 941 -54.04 108.14 -45.07
CA UNK E 941 -54.78 109.15 -44.41
C UNK E 941 -54.72 108.76 -42.99
N UNK E 942 -54.28 109.69 -42.13
CA UNK E 942 -54.13 109.32 -40.76
C UNK E 942 -54.98 110.22 -39.96
N UNK E 943 -55.45 109.70 -38.83
CA UNK E 943 -56.27 110.46 -37.95
C UNK E 943 -55.76 110.17 -36.59
N UNK E 944 -56.14 110.99 -35.61
CA UNK E 944 -55.71 110.77 -34.27
C UNK E 944 -56.32 109.50 -33.78
N UNK E 945 -57.62 109.28 -34.07
CA UNK E 945 -58.34 108.16 -33.53
C UNK E 945 -57.68 106.88 -33.90
N UNK E 946 -57.84 105.88 -33.02
CA UNK E 946 -57.18 104.63 -33.14
C UNK E 946 -57.59 103.88 -34.35
N UNK E 947 -58.90 103.73 -34.62
CA UNK E 947 -59.24 102.86 -35.72
C UNK E 947 -60.21 103.55 -36.62
N UNK E 948 -60.22 103.11 -37.90
CA UNK E 948 -61.13 103.70 -38.82
C UNK E 948 -62.31 102.78 -38.96
N UNK E 949 -63.46 103.22 -38.43
CA UNK E 949 -64.68 102.47 -38.49
C UNK E 949 -65.20 102.38 -39.88
N UNK E 950 -65.22 103.51 -40.62
CA UNK E 950 -65.83 103.42 -41.92
C UNK E 950 -65.27 104.47 -42.82
N UNK E 951 -65.42 104.24 -44.14
CA UNK E 951 -65.00 105.19 -45.11
C UNK E 951 -66.06 105.21 -46.16
N UNK E 952 -66.34 106.40 -46.72
CA UNK E 952 -67.31 106.45 -47.76
C UNK E 952 -66.79 107.37 -48.80
N UNK E 953 -66.81 106.91 -50.07
CA UNK E 953 -66.37 107.74 -51.14
C UNK E 953 -67.55 108.54 -51.58
N UNK E 954 -67.27 109.72 -52.18
CA UNK E 954 -68.34 110.52 -52.69
C UNK E 954 -68.73 109.90 -53.99
N UNK E 955 -69.90 110.29 -54.52
CA UNK E 955 -70.36 109.75 -55.77
C UNK E 955 -69.32 110.10 -56.79
N UNK E 956 -68.78 111.33 -56.69
CA UNK E 956 -67.79 111.81 -57.59
C UNK E 956 -66.59 110.93 -57.49
N UNK E 957 -66.32 110.43 -56.27
CA UNK E 957 -65.16 109.62 -56.00
C UNK E 957 -63.99 110.54 -55.96
N UNK E 958 -64.26 111.86 -56.09
CA UNK E 958 -63.23 112.85 -55.99
C UNK E 958 -62.74 112.85 -54.58
N UNK E 959 -63.67 112.76 -53.61
CA UNK E 959 -63.28 112.84 -52.23
C UNK E 959 -63.81 111.66 -51.49
N UNK E 960 -63.17 111.34 -50.36
CA UNK E 960 -63.59 110.25 -49.53
C UNK E 960 -63.61 110.77 -48.13
N UNK E 961 -64.48 110.18 -47.28
CA UNK E 961 -64.51 110.65 -45.92
C UNK E 961 -64.01 109.54 -45.06
N UNK E 962 -63.13 109.87 -44.10
CA UNK E 962 -62.62 108.87 -43.22
C UNK E 962 -63.28 109.10 -41.90
N UNK E 963 -63.70 108.00 -41.25
CA UNK E 963 -64.33 108.15 -39.98
C UNK E 963 -63.62 107.21 -39.05
N UNK E 964 -63.43 107.61 -37.78
CA UNK E 964 -62.75 106.71 -36.92
C UNK E 964 -63.71 106.22 -35.90
N UNK E 965 -63.86 104.89 -35.82
CA UNK E 965 -64.69 104.35 -34.80
C UNK E 965 -64.28 102.93 -34.60
N UNK E 966 -64.53 102.43 -33.38
CA UNK E 966 -64.06 101.13 -33.03
C UNK E 966 -64.29 101.07 -31.57
N UNK E 967 -63.30 100.55 -30.82
CA UNK E 967 -63.46 100.50 -29.41
C UNK E 967 -63.67 101.93 -28.99
N UNK E 968 -62.86 102.86 -29.51
CA UNK E 968 -63.12 104.23 -29.19
C UNK E 968 -63.07 104.98 -30.47
N UNK E 969 -64.20 105.59 -30.85
CA UNK E 969 -64.21 106.33 -32.07
C UNK E 969 -64.02 107.75 -31.68
N UNK E 970 -63.08 108.43 -32.34
CA UNK E 970 -62.94 109.85 -32.17
C UNK E 970 -64.14 110.44 -32.86
N UNK E 971 -64.50 109.80 -33.99
CA UNK E 971 -65.52 110.21 -34.91
C UNK E 971 -65.07 111.41 -35.64
N UNK E 972 -63.77 111.73 -35.57
CA UNK E 972 -63.38 112.86 -36.36
C UNK E 972 -63.58 112.42 -37.77
N UNK E 973 -64.15 113.29 -38.61
CA UNK E 973 -64.35 112.90 -39.96
C UNK E 973 -63.50 113.82 -40.78
N UNK E 974 -62.74 113.24 -41.73
CA UNK E 974 -61.93 114.09 -42.54
C UNK E 974 -62.28 113.82 -43.95
N UNK E 975 -62.28 114.89 -44.77
CA UNK E 975 -62.54 114.70 -46.16
C UNK E 975 -61.19 114.74 -46.79
N UNK E 976 -60.88 113.76 -47.64
CA UNK E 976 -59.58 113.76 -48.23
C UNK E 976 -59.75 113.66 -49.70
N UNK E 977 -58.82 114.27 -50.45
CA UNK E 977 -58.90 114.16 -51.88
C UNK E 977 -58.55 112.73 -52.17
N UNK E 978 -59.07 112.19 -53.27
CA UNK E 978 -58.76 110.83 -53.58
C UNK E 978 -57.29 110.76 -53.77
N UNK E 979 -56.74 111.80 -54.41
CA UNK E 979 -55.35 111.85 -54.75
C UNK E 979 -54.47 111.86 -53.53
N UNK E 980 -54.80 112.64 -52.47
CA UNK E 980 -53.77 112.69 -51.48
C UNK E 980 -54.30 112.96 -50.09
N UNK E 981 -53.32 113.02 -49.17
CA UNK E 981 -53.38 113.20 -47.75
C UNK E 981 -53.90 114.55 -47.34
N UNK E 982 -53.69 115.60 -48.16
CA UNK E 982 -53.92 116.95 -47.75
C UNK E 982 -55.30 117.13 -47.18
N UNK E 983 -56.34 116.58 -47.84
CA UNK E 983 -57.67 116.67 -47.30
C UNK E 983 -58.18 118.08 -47.33
N UNK E 984 -59.44 118.23 -47.77
CA UNK E 984 -60.09 119.50 -47.86
C UNK E 984 -60.35 120.07 -46.50
N UNK E 985 -60.88 119.25 -45.57
CA UNK E 985 -61.21 119.81 -44.28
C UNK E 985 -61.48 118.71 -43.32
N UNK E 986 -61.59 119.08 -42.03
CA UNK E 986 -61.90 118.09 -41.04
C UNK E 986 -63.09 118.58 -40.28
N UNK E 987 -64.07 117.68 -40.04
CA UNK E 987 -65.20 118.08 -39.27
C UNK E 987 -65.37 117.07 -38.19
N UNK E 988 -65.42 117.52 -36.92
CA UNK E 988 -65.65 116.54 -35.90
C UNK E 988 -66.84 116.97 -35.11
N UNK E 989 -68.04 116.62 -35.61
CA UNK E 989 -69.27 116.93 -34.96
C UNK E 989 -69.47 116.09 -33.73
N UNK E 990 -69.18 114.77 -33.82
CA UNK E 990 -69.62 113.91 -32.75
C UNK E 990 -68.56 112.93 -32.34
N UNK E 991 -68.93 112.12 -31.32
CA UNK E 991 -68.11 111.13 -30.67
C UNK E 991 -67.70 110.01 -31.57
N UNK E 992 -68.61 109.40 -32.37
CA UNK E 992 -68.21 108.29 -33.19
C UNK E 992 -69.06 108.30 -34.43
N UNK E 993 -68.62 107.63 -35.52
CA UNK E 993 -69.49 107.60 -36.65
C UNK E 993 -69.46 106.25 -37.29
N UNK E 994 -70.52 105.45 -37.10
CA UNK E 994 -70.64 104.14 -37.67
C UNK E 994 -70.85 104.20 -39.15
N UNK E 995 -71.77 105.06 -39.62
CA UNK E 995 -72.03 105.04 -41.03
C UNK E 995 -72.25 106.43 -41.53
N UNK E 996 -71.84 106.68 -42.78
CA UNK E 996 -72.08 107.95 -43.37
C UNK E 996 -72.52 107.68 -44.78
N UNK E 997 -73.55 108.40 -45.24
CA UNK E 997 -73.99 108.19 -46.58
C UNK E 997 -74.00 109.52 -47.23
N UNK E 998 -73.40 109.61 -48.43
CA UNK E 998 -73.40 110.86 -49.12
C UNK E 998 -74.68 110.98 -49.87
N UNK E 999 -75.17 112.22 -50.00
CA UNK E 999 -76.33 112.53 -50.77
C UNK E 999 -75.82 112.68 -52.14
N UNK E 1000 -76.61 113.28 -53.06
CA UNK E 1000 -76.12 113.49 -54.38
C UNK E 1000 -74.89 114.31 -54.18
N UNK E 1001 -74.96 115.29 -53.26
CA UNK E 1001 -73.81 116.05 -52.88
C UNK E 1001 -73.86 116.16 -51.40
N UNK E 1002 -72.70 116.07 -50.72
CA UNK E 1002 -72.64 116.23 -49.29
C UNK E 1002 -72.94 114.93 -48.63
N UNK E 1003 -72.96 114.91 -47.28
CA UNK E 1003 -73.26 113.69 -46.60
C UNK E 1003 -73.79 113.99 -45.23
N UNK E 1004 -74.38 112.95 -44.59
CA UNK E 1004 -74.87 113.02 -43.25
C UNK E 1004 -74.19 111.92 -42.52
N UNK E 1005 -73.89 112.11 -41.22
CA UNK E 1005 -73.17 111.08 -40.52
C UNK E 1005 -73.95 110.61 -39.35
N UNK E 1006 -73.76 109.34 -38.97
CA UNK E 1006 -74.44 108.79 -37.84
C UNK E 1006 -73.41 108.19 -36.93
N UNK E 1007 -73.57 108.45 -35.62
CA UNK E 1007 -72.68 107.95 -34.60
C UNK E 1007 -73.21 106.64 -34.10
N UNK E 1008 -72.36 105.91 -33.36
CA UNK E 1008 -72.78 104.72 -32.68
C UNK E 1008 -73.76 105.21 -31.67
N UNK E 1009 -73.47 106.42 -31.16
CA UNK E 1009 -74.23 107.15 -30.19
C UNK E 1009 -75.58 107.40 -30.79
N UNK E 1010 -75.62 107.44 -32.15
CA UNK E 1010 -76.80 107.70 -32.91
C UNK E 1010 -77.08 109.17 -33.00
N UNK E 1011 -76.12 110.03 -32.62
CA UNK E 1011 -76.38 111.40 -32.91
C UNK E 1011 -76.31 111.46 -34.41
N UNK E 1012 -77.27 112.14 -35.05
CA UNK E 1012 -77.22 112.17 -36.49
C UNK E 1012 -77.07 113.59 -36.88
N UNK E 1013 -76.24 113.86 -37.90
CA UNK E 1013 -76.08 115.22 -38.27
C UNK E 1013 -76.17 115.33 -39.75
N UNK E 1014 -76.81 116.42 -40.21
CA UNK E 1014 -76.85 116.69 -41.62
C UNK E 1014 -75.84 117.76 -41.78
N UNK E 1015 -74.88 117.58 -42.70
CA UNK E 1015 -73.89 118.62 -42.79
C UNK E 1015 -73.55 118.82 -44.22
N UNK E 1016 -73.08 120.03 -44.54
CA UNK E 1016 -72.63 120.25 -45.88
C UNK E 1016 -71.15 120.06 -45.79
N UNK E 1017 -70.64 118.97 -46.39
CA UNK E 1017 -69.23 118.76 -46.32
C UNK E 1017 -68.61 119.78 -47.19
N UNK E 1018 -67.57 120.46 -46.68
CA UNK E 1018 -66.96 121.49 -47.46
C UNK E 1018 -66.05 122.21 -46.54
N UNK E 1019 -65.49 123.34 -47.01
CA UNK E 1019 -64.62 124.10 -46.18
C UNK E 1019 -65.44 124.53 -45.00
N UNK E 1020 -66.71 124.90 -45.24
CA UNK E 1020 -67.54 125.35 -44.17
C UNK E 1020 -67.67 124.25 -43.17
N UNK E 1021 -67.93 123.01 -43.67
CA UNK E 1021 -68.09 121.87 -42.80
C UNK E 1021 -69.04 122.23 -41.70
N UNK E 1022 -70.25 122.70 -42.06
CA UNK E 1022 -71.20 123.09 -41.07
C UNK E 1022 -72.32 122.10 -41.09
N UNK E 1023 -73.00 121.91 -39.94
CA UNK E 1023 -74.08 120.98 -39.89
C UNK E 1023 -75.37 121.73 -39.76
N UNK E 1024 -76.34 121.40 -40.62
CA UNK E 1024 -77.62 122.04 -40.60
C UNK E 1024 -78.35 121.69 -39.33
N UNK E 1025 -78.36 120.41 -38.95
CA UNK E 1025 -79.10 120.04 -37.78
C UNK E 1025 -78.64 118.68 -37.34
N UNK E 1026 -79.03 118.29 -36.11
CA UNK E 1026 -78.66 117.00 -35.60
C UNK E 1026 -79.78 116.53 -34.72
N UNK E 1027 -79.89 115.19 -34.53
CA UNK E 1027 -80.93 114.68 -33.68
C UNK E 1027 -80.39 113.52 -32.92
N UNK E 1028 -80.88 113.29 -31.69
CA UNK E 1028 -80.42 112.12 -30.99
C UNK E 1028 -81.62 111.32 -30.59
N UNK E 1029 -81.98 110.30 -31.42
CA UNK E 1029 -83.09 109.44 -31.10
C UNK E 1029 -82.76 108.56 -29.95
N UNK E 1030 -81.57 107.89 -30.02
CA UNK E 1030 -81.04 106.99 -29.02
C UNK E 1030 -81.28 105.56 -29.40
N UNK E 1031 -80.79 104.64 -28.55
CA UNK E 1031 -80.93 103.21 -28.58
C UNK E 1031 -80.51 102.49 -29.85
N UNK E 1032 -79.24 102.66 -30.29
CA UNK E 1032 -78.64 101.87 -31.34
C UNK E 1032 -79.53 101.70 -32.56
N UNK E 1033 -80.00 102.84 -33.09
CA UNK E 1033 -80.81 103.11 -34.25
C UNK E 1033 -80.10 103.01 -35.58
N UNK E 1034 -78.75 102.90 -35.56
CA UNK E 1034 -77.73 103.38 -36.48
C UNK E 1034 -77.88 103.41 -37.99
N UNK E 1035 -78.42 102.43 -38.75
CA UNK E 1035 -78.35 102.62 -40.20
C UNK E 1035 -79.07 103.88 -40.65
N UNK E 1036 -78.56 104.54 -41.73
CA UNK E 1036 -79.14 105.76 -42.24
C UNK E 1036 -79.09 105.77 -43.74
N UNK E 1037 -79.95 106.61 -44.39
CA UNK E 1037 -79.96 106.68 -45.83
C UNK E 1037 -80.64 107.95 -46.25
N UNK E 1038 -80.43 108.37 -47.52
CA UNK E 1038 -81.05 109.59 -47.99
C UNK E 1038 -82.06 109.21 -49.04
N UNK E 1039 -83.32 109.62 -48.81
CA UNK E 1039 -84.39 109.36 -49.75
C UNK E 1039 -84.18 110.15 -51.00
N UNK E 1040 -83.85 111.45 -50.88
CA UNK E 1040 -83.74 112.24 -52.08
C UNK E 1040 -82.38 112.83 -52.15
N UNK E 1041 -81.80 112.80 -53.37
CA UNK E 1041 -80.50 113.36 -53.62
C UNK E 1041 -80.57 114.83 -53.41
N UNK E 1042 -81.63 115.47 -53.94
CA UNK E 1042 -81.73 116.89 -53.79
C UNK E 1042 -81.84 117.13 -52.33
N UNK E 1043 -81.48 118.35 -51.87
CA UNK E 1043 -81.59 118.62 -50.47
C UNK E 1043 -83.02 118.35 -50.14
N UNK E 1044 -83.24 117.41 -49.21
CA UNK E 1044 -84.58 117.01 -48.98
C UNK E 1044 -84.55 115.98 -47.90
N UNK E 1045 -85.57 115.10 -47.92
CA UNK E 1045 -85.74 114.10 -46.92
C UNK E 1045 -84.68 113.06 -47.01
N UNK E 1046 -84.35 112.50 -45.83
CA UNK E 1046 -83.43 111.43 -45.64
C UNK E 1046 -84.08 110.61 -44.57
N UNK E 1047 -83.70 109.33 -44.43
CA UNK E 1047 -84.36 108.56 -43.42
C UNK E 1047 -83.40 108.31 -42.31
N UNK E 1048 -83.89 108.41 -41.06
CA UNK E 1048 -83.07 108.15 -39.91
C UNK E 1048 -83.90 107.26 -39.03
N UNK E 1049 -83.25 106.34 -38.29
CA UNK E 1049 -83.99 105.46 -37.46
C UNK E 1049 -84.51 106.22 -36.28
N UNK E 1050 -85.82 106.00 -35.98
CA UNK E 1050 -86.47 106.59 -34.86
C UNK E 1050 -86.48 105.59 -33.76
N UNK E 1051 -86.97 106.00 -32.57
CA UNK E 1051 -87.06 105.10 -31.47
C UNK E 1051 -88.17 104.14 -31.77
N UNK E 1052 -88.22 103.03 -31.02
CA UNK E 1052 -89.23 102.04 -31.22
C UNK E 1052 -89.08 101.46 -32.58
N UNK E 1053 -87.85 101.50 -33.12
CA UNK E 1053 -87.58 100.90 -34.39
C UNK E 1053 -88.44 101.54 -35.42
N UNK E 1054 -88.86 102.79 -35.17
CA UNK E 1054 -89.67 103.49 -36.13
C UNK E 1054 -88.73 104.11 -37.11
N UNK E 1055 -89.27 104.49 -38.29
CA UNK E 1055 -88.46 105.14 -39.27
C UNK E 1055 -88.87 106.57 -39.28
N UNK E 1056 -87.90 107.49 -39.29
CA UNK E 1056 -88.25 108.87 -39.30
C UNK E 1056 -87.75 109.43 -40.57
N UNK E 1057 -88.57 110.29 -41.21
CA UNK E 1057 -88.10 110.91 -42.41
C UNK E 1057 -87.67 112.27 -41.99
N UNK E 1058 -86.50 112.71 -42.50
CA UNK E 1058 -85.91 113.93 -42.03
C UNK E 1058 -85.93 114.97 -43.09
N UNK E 1059 -85.51 116.19 -42.68
CA UNK E 1059 -85.49 117.39 -43.45
C UNK E 1059 -86.89 117.92 -43.47
N UNK E 1060 -87.84 117.05 -43.08
CA UNK E 1060 -89.24 117.28 -42.93
C UNK E 1060 -89.91 116.10 -43.55
N UNK E 1061 -90.96 115.56 -42.89
CA UNK E 1061 -91.68 114.42 -43.40
C UNK E 1061 -92.34 113.71 -42.26
N UNK E 1062 -92.88 112.53 -42.58
CA UNK E 1062 -93.57 111.68 -41.64
C UNK E 1062 -92.68 110.56 -41.21
N UNK E 1063 -93.18 109.72 -40.28
CA UNK E 1063 -92.43 108.60 -39.78
C UNK E 1063 -93.18 107.35 -40.12
N UNK E 1064 -92.45 106.23 -40.25
CA UNK E 1064 -93.10 104.99 -40.58
C UNK E 1064 -93.05 104.11 -39.37
N UNK E 1065 -94.19 103.43 -39.09
CA UNK E 1065 -94.26 102.53 -37.96
C UNK E 1065 -94.15 101.16 -38.54
N UNK E 1066 -93.46 100.26 -37.83
CA UNK E 1066 -93.24 98.98 -38.44
C UNK E 1066 -92.37 98.18 -37.55
N UNK E 1067 -91.09 98.10 -37.96
CA UNK E 1067 -90.09 97.26 -37.37
C UNK E 1067 -90.10 97.31 -35.88
N UNK E 1068 -90.02 96.10 -35.31
CA UNK E 1068 -89.94 95.82 -33.90
C UNK E 1068 -88.61 96.23 -33.35
N UNK E 1069 -87.53 96.05 -34.14
CA UNK E 1069 -86.21 96.24 -33.59
C UNK E 1069 -85.43 97.25 -34.38
N UNK E 1070 -84.20 97.53 -33.90
CA UNK E 1070 -83.33 98.53 -34.46
C UNK E 1070 -83.16 98.27 -35.92
N UNK E 1071 -82.90 99.35 -36.69
CA UNK E 1071 -82.81 99.20 -38.11
C UNK E 1071 -81.39 98.95 -38.49
N UNK E 1072 -81.15 97.73 -39.02
CA UNK E 1072 -79.86 97.31 -39.48
C UNK E 1072 -79.47 98.04 -40.73
N UNK E 1073 -80.41 98.18 -41.70
CA UNK E 1073 -79.98 98.80 -42.93
C UNK E 1073 -81.08 99.59 -43.52
N UNK E 1074 -80.70 100.63 -44.29
CA UNK E 1074 -81.65 101.43 -45.00
C UNK E 1074 -81.07 101.63 -46.36
N UNK E 1075 -81.85 101.29 -47.41
CA UNK E 1075 -81.36 101.51 -48.74
C UNK E 1075 -82.49 102.07 -49.51
N UNK E 1076 -82.22 103.10 -50.34
CA UNK E 1076 -83.28 103.67 -51.10
C UNK E 1076 -82.97 103.42 -52.54
N UNK E 1077 -84.00 103.11 -53.34
CA UNK E 1077 -83.74 102.89 -54.73
C UNK E 1077 -84.19 104.13 -55.43
N UNK E 1078 -83.30 104.72 -56.25
CA UNK E 1078 -83.68 105.91 -56.95
C UNK E 1078 -84.82 105.52 -57.82
N UNK E 1079 -84.67 104.37 -58.51
CA UNK E 1079 -85.74 103.91 -59.34
C UNK E 1079 -86.75 103.28 -58.43
N UNK E 1080 -88.04 103.42 -58.79
CA UNK E 1080 -89.13 102.85 -58.06
C UNK E 1080 -89.34 103.61 -56.79
N UNK E 1081 -88.35 104.45 -56.40
CA UNK E 1081 -88.44 105.30 -55.25
C UNK E 1081 -88.97 104.53 -54.08
N UNK E 1082 -88.38 103.36 -53.77
CA UNK E 1082 -88.86 102.61 -52.66
C UNK E 1082 -87.74 102.50 -51.69
N UNK E 1083 -88.06 102.49 -50.38
CA UNK E 1083 -87.01 102.39 -49.41
C UNK E 1083 -87.04 101.00 -48.88
N UNK E 1084 -85.85 100.39 -48.72
CA UNK E 1084 -85.80 99.06 -48.20
C UNK E 1084 -85.18 99.16 -46.86
N UNK E 1085 -85.74 98.44 -45.88
CA UNK E 1085 -85.20 98.50 -44.56
C UNK E 1085 -85.08 97.12 -44.04
N UNK E 1086 -84.10 96.90 -43.15
CA UNK E 1086 -83.90 95.62 -42.54
C UNK E 1086 -83.79 95.88 -41.07
N UNK E 1087 -84.11 94.87 -40.23
CA UNK E 1087 -84.07 95.15 -38.83
C UNK E 1087 -83.65 93.92 -38.09
N UNK E 1088 -83.40 94.12 -36.77
CA UNK E 1088 -83.01 93.11 -35.82
C UNK E 1088 -84.14 92.14 -35.78
N UNK E 1089 -85.35 92.64 -36.05
CA UNK E 1089 -86.56 91.89 -36.03
C UNK E 1089 -86.39 90.72 -36.94
N UNK E 1090 -85.48 90.84 -37.92
CA UNK E 1090 -85.24 89.81 -38.89
C UNK E 1090 -86.33 89.81 -39.90
N UNK E 1091 -86.93 90.99 -40.11
CA UNK E 1091 -87.91 91.15 -41.16
C UNK E 1091 -87.41 92.27 -42.00
N UNK E 1092 -87.79 92.28 -43.29
CA UNK E 1092 -87.39 93.33 -44.18
C UNK E 1092 -88.65 94.01 -44.58
N UNK E 1093 -88.59 95.31 -44.92
CA UNK E 1093 -89.82 95.95 -45.32
C UNK E 1093 -89.50 96.97 -46.35
N UNK E 1094 -90.50 97.30 -47.19
CA UNK E 1094 -90.31 98.31 -48.19
C UNK E 1094 -91.25 99.41 -47.84
N UNK E 1095 -90.81 100.68 -47.96
CA UNK E 1095 -91.71 101.73 -47.59
C UNK E 1095 -92.02 102.59 -48.77
N UNK E 1096 -93.26 102.44 -49.29
CA UNK E 1096 -93.78 103.25 -50.36
C UNK E 1096 -94.10 104.63 -49.90
N UNK E 1097 -94.71 104.76 -48.70
CA UNK E 1097 -95.25 106.03 -48.30
C UNK E 1097 -94.44 106.65 -47.21
N UNK E 1098 -94.56 107.99 -47.11
CA UNK E 1098 -93.85 108.76 -46.13
C UNK E 1098 -94.32 108.35 -44.76
N UNK E 1099 -95.65 108.22 -44.58
CA UNK E 1099 -96.13 107.81 -43.29
C UNK E 1099 -97.17 106.76 -43.51
N UNK E 1100 -97.03 105.62 -42.81
CA UNK E 1100 -97.94 104.53 -42.90
C UNK E 1100 -97.18 103.30 -42.57
N UNK E 1101 -97.87 102.14 -42.64
CA UNK E 1101 -97.19 100.89 -42.46
C UNK E 1101 -96.47 100.63 -43.74
N UNK E 1102 -95.48 99.71 -43.71
CA UNK E 1102 -94.73 99.44 -44.90
C UNK E 1102 -95.61 98.76 -45.88
N UNK E 1103 -95.35 99.00 -47.19
CA UNK E 1103 -96.15 98.40 -48.21
C UNK E 1103 -95.95 96.94 -48.14
N UNK E 1104 -94.69 96.49 -47.98
CA UNK E 1104 -94.49 95.07 -47.98
C UNK E 1104 -93.60 94.70 -46.85
N UNK E 1105 -93.82 93.49 -46.32
CA UNK E 1105 -92.96 92.93 -45.32
C UNK E 1105 -92.36 91.73 -45.99
N UNK E 1106 -91.03 91.58 -45.90
CA UNK E 1106 -90.44 90.47 -46.56
C UNK E 1106 -90.40 89.35 -45.58
N UNK E 1107 -91.12 88.27 -45.91
CA UNK E 1107 -91.14 87.12 -45.06
C UNK E 1107 -91.85 86.05 -45.82
N UNK E 1108 -91.57 84.78 -45.52
CA UNK E 1108 -92.21 83.72 -46.24
C UNK E 1108 -93.61 83.56 -45.66
N UNK E 1109 -83.94 82.09 -38.99
CA UNK E 1109 -82.92 82.43 -37.97
C UNK E 1109 -83.36 83.63 -37.21
N UNK E 1110 -83.26 83.54 -35.87
CA UNK E 1110 -83.68 84.60 -35.00
C UNK E 1110 -82.84 85.80 -35.24
N UNK E 1111 -81.54 85.58 -35.54
CA UNK E 1111 -80.61 86.65 -35.69
C UNK E 1111 -81.12 87.65 -36.68
N UNK E 1112 -80.68 88.91 -36.51
CA UNK E 1112 -81.07 90.01 -37.33
C UNK E 1112 -80.35 89.94 -38.63
N UNK E 1113 -80.90 90.62 -39.67
CA UNK E 1113 -80.27 90.64 -40.95
C UNK E 1113 -79.06 91.53 -40.87
N UNK E 1114 -77.90 91.00 -41.30
CA UNK E 1114 -76.68 91.75 -41.30
C UNK E 1114 -76.74 92.83 -42.33
N UNK E 1115 -77.19 92.50 -43.56
CA UNK E 1115 -77.21 93.51 -44.57
C UNK E 1115 -78.19 93.12 -45.63
N UNK E 1116 -78.81 94.14 -46.26
CA UNK E 1116 -79.75 93.92 -47.32
C UNK E 1116 -79.29 94.76 -48.45
N UNK E 1117 -79.65 94.39 -49.70
CA UNK E 1117 -79.18 95.19 -50.79
C UNK E 1117 -80.21 95.22 -51.87
N UNK E 1118 -80.10 96.24 -52.74
CA UNK E 1118 -81.02 96.39 -53.83
C UNK E 1118 -80.72 95.32 -54.83
N UNK E 1119 -81.81 94.85 -55.45
CA UNK E 1119 -81.89 93.79 -56.41
C UNK E 1119 -83.38 93.67 -56.48
N UNK E 1120 -83.93 92.48 -56.71
CA UNK E 1120 -85.35 92.46 -56.49
C UNK E 1120 -85.43 92.81 -55.04
N UNK E 1121 -84.59 92.13 -54.25
CA UNK E 1121 -84.39 92.38 -52.85
C UNK E 1121 -83.50 91.27 -52.40
N UNK E 1122 -82.46 91.58 -51.61
CA UNK E 1122 -81.62 90.51 -51.17
C UNK E 1122 -81.29 90.78 -49.75
N UNK E 1123 -81.27 89.72 -48.92
CA UNK E 1123 -80.96 89.96 -47.55
C UNK E 1123 -80.07 88.87 -47.09
N UNK E 1124 -79.16 89.20 -46.16
CA UNK E 1124 -78.28 88.24 -45.60
C UNK E 1124 -78.43 88.39 -44.13
N UNK E 1125 -78.30 87.26 -43.41
CA UNK E 1125 -78.46 87.22 -41.99
C UNK E 1125 -77.82 85.93 -41.63
N UNK E 1126 -78.24 85.33 -40.51
CA UNK E 1126 -77.72 84.04 -40.20
C UNK E 1126 -78.12 83.21 -41.38
N UNK E 1127 -79.35 83.45 -41.86
CA UNK E 1127 -79.90 82.82 -43.03
C UNK E 1127 -79.56 83.67 -44.21
N UNK E 1128 -80.02 83.27 -45.41
CA UNK E 1128 -79.85 84.06 -46.59
C UNK E 1128 -81.12 83.97 -47.37
N UNK E 1129 -81.57 85.09 -47.97
CA UNK E 1129 -82.80 85.01 -48.71
C UNK E 1129 -82.80 86.01 -49.82
N UNK E 1130 -83.57 85.71 -50.88
CA UNK E 1130 -83.73 86.59 -52.00
C UNK E 1130 -85.18 86.90 -52.02
N UNK E 1131 -85.55 88.13 -52.39
CA UNK E 1131 -86.93 88.45 -52.33
C UNK E 1131 -87.37 89.00 -53.65
N UNK E 1132 -88.67 88.81 -53.94
CA UNK E 1132 -89.31 89.36 -55.09
C UNK E 1132 -90.43 90.12 -54.47
N UNK E 1133 -90.98 91.16 -55.14
CA UNK E 1133 -92.11 91.73 -54.44
C UNK E 1133 -93.15 90.64 -54.49
N UNK E 1134 -93.41 89.93 -53.34
CA UNK E 1134 -94.26 88.75 -53.26
C UNK E 1134 -93.80 87.81 -52.16
N UNK E 1135 -93.14 86.69 -52.55
CA UNK E 1135 -92.66 85.62 -51.71
C UNK E 1135 -91.17 85.48 -51.90
N UNK E 1136 -90.52 84.57 -51.13
CA UNK E 1136 -89.08 84.44 -51.21
C UNK E 1136 -88.71 84.00 -52.60
N UNK E 1137 -87.82 84.78 -53.24
CA UNK E 1137 -87.38 84.46 -54.58
C UNK E 1137 -86.54 83.23 -54.54
N UNK E 1138 -85.60 83.16 -53.58
CA UNK E 1138 -84.71 82.03 -53.51
C UNK E 1138 -84.12 82.02 -52.13
N UNK E 1139 -83.49 80.89 -51.74
CA UNK E 1139 -82.93 80.82 -50.42
C UNK E 1139 -81.55 80.21 -50.50
N UNK E 1140 -80.70 80.51 -49.50
CA UNK E 1140 -79.37 79.94 -49.45
C UNK E 1140 -79.34 79.04 -48.26
N UNK E 1141 -78.67 77.89 -48.41
CA UNK E 1141 -78.63 76.78 -47.50
C UNK E 1141 -77.94 76.95 -46.18
N UNK E 1142 -76.73 77.57 -46.12
CA UNK E 1142 -75.78 77.55 -45.01
C UNK E 1142 -76.49 77.35 -43.69
N UNK E 1143 -76.52 76.07 -43.27
CA UNK E 1143 -77.35 75.65 -42.16
C UNK E 1143 -76.94 76.29 -40.88
N UNK E 1144 -75.67 76.15 -40.48
CA UNK E 1144 -75.39 76.82 -39.25
C UNK E 1144 -74.19 77.64 -39.50
N UNK E 1145 -74.35 78.68 -40.33
CA UNK E 1145 -73.23 79.53 -40.53
C UNK E 1145 -73.78 80.90 -40.61
N UNK E 1146 -73.48 81.74 -39.61
CA UNK E 1146 -73.99 83.07 -39.64
C UNK E 1146 -73.20 83.77 -40.70
N UNK E 1147 -73.84 84.76 -41.37
CA UNK E 1147 -73.12 85.49 -42.36
C UNK E 1147 -72.75 86.80 -41.75
N UNK E 1148 -71.44 87.13 -41.78
CA UNK E 1148 -70.96 88.35 -41.23
C UNK E 1148 -71.47 89.51 -42.01
N UNK E 1149 -71.39 89.44 -43.35
CA UNK E 1149 -71.84 90.56 -44.13
C UNK E 1149 -72.07 90.10 -45.53
N UNK E 1150 -72.88 90.85 -46.29
CA UNK E 1150 -73.09 90.48 -47.66
C UNK E 1150 -73.03 91.74 -48.48
N UNK E 1151 -72.41 91.64 -49.66
CA UNK E 1151 -72.32 92.77 -50.52
C UNK E 1151 -72.88 92.37 -51.84
N UNK E 1152 -73.42 93.35 -52.58
CA UNK E 1152 -73.98 93.06 -53.86
C UNK E 1152 -73.10 93.72 -54.87
N UNK E 1153 -72.93 93.07 -56.05
CA UNK E 1153 -72.07 93.60 -57.07
C UNK E 1153 -72.71 94.84 -57.60
N UNK E 1154 -71.92 95.69 -58.29
CA UNK E 1154 -72.45 96.91 -58.81
C UNK E 1154 -73.56 96.50 -59.71
N UNK E 1155 -73.29 95.49 -60.57
CA UNK E 1155 -74.38 94.94 -61.30
C UNK E 1155 -74.79 93.85 -60.37
N UNK E 1156 -76.07 93.80 -59.98
CA UNK E 1156 -76.32 92.82 -58.96
C UNK E 1156 -76.55 91.48 -59.59
N UNK E 1157 -75.53 91.00 -60.34
CA UNK E 1157 -75.51 89.67 -60.85
C UNK E 1157 -75.23 88.74 -59.72
N UNK E 1158 -74.29 89.15 -58.84
CA UNK E 1158 -73.86 88.24 -57.82
C UNK E 1158 -73.87 88.93 -56.49
N UNK E 1159 -74.08 88.12 -55.43
CA UNK E 1159 -74.03 88.62 -54.10
C UNK E 1159 -72.99 87.81 -53.40
N UNK E 1160 -72.07 88.47 -52.68
CA UNK E 1160 -71.06 87.73 -52.01
C UNK E 1160 -71.27 87.93 -50.55
N UNK E 1161 -71.09 86.87 -49.76
CA UNK E 1161 -71.27 86.99 -48.34
C UNK E 1161 -70.17 86.24 -47.68
N UNK E 1162 -69.82 86.64 -46.45
CA UNK E 1162 -68.78 85.93 -45.78
C UNK E 1162 -69.43 85.09 -44.73
N UNK E 1163 -69.21 83.77 -44.79
CA UNK E 1163 -69.73 82.90 -43.78
C UNK E 1163 -68.85 83.11 -42.59
N UNK E 1164 -69.42 83.09 -41.39
CA UNK E 1164 -68.64 83.40 -40.24
C UNK E 1164 -67.79 82.24 -39.83
N UNK E 1165 -66.57 82.58 -39.35
CA UNK E 1165 -65.66 81.69 -38.73
C UNK E 1165 -65.26 82.49 -37.55
N UNK E 1166 -65.35 81.93 -36.33
CA UNK E 1166 -65.13 82.79 -35.21
C UNK E 1166 -65.32 81.98 -33.99
N UNK E 1167 -66.07 82.54 -33.03
CA UNK E 1167 -66.29 81.88 -31.78
C UNK E 1167 -66.89 80.55 -32.11
N UNK E 1168 -67.83 80.51 -33.07
CA UNK E 1168 -68.35 79.23 -33.43
C UNK E 1168 -67.44 78.69 -34.47
N UNK E 1169 -66.75 77.58 -34.16
CA UNK E 1169 -65.84 77.02 -35.11
C UNK E 1169 -66.63 76.22 -36.08
N UNK E 1170 -66.20 76.22 -37.35
CA UNK E 1170 -66.85 75.41 -38.34
C UNK E 1170 -66.00 75.46 -39.56
N UNK E 1171 -66.13 74.45 -40.44
CA UNK E 1171 -65.38 74.58 -41.65
C UNK E 1171 -66.12 75.63 -42.38
N UNK E 1172 -65.51 76.83 -42.46
CA UNK E 1172 -66.22 77.94 -42.98
C UNK E 1172 -65.23 79.02 -43.22
N UNK E 1173 -65.66 80.27 -42.98
CA UNK E 1173 -64.79 81.36 -43.26
C UNK E 1173 -64.58 81.33 -44.73
N UNK E 1174 -65.64 80.91 -45.45
CA UNK E 1174 -65.54 80.88 -46.87
C UNK E 1174 -66.40 81.98 -47.37
N UNK E 1175 -65.91 82.71 -48.39
CA UNK E 1175 -66.75 83.74 -48.95
C UNK E 1175 -67.41 83.09 -50.10
N UNK E 1176 -68.75 83.11 -50.13
CA UNK E 1176 -69.40 82.44 -51.21
C UNK E 1176 -70.05 83.49 -52.05
N UNK E 1177 -69.85 83.41 -53.37
CA UNK E 1177 -70.50 84.33 -54.24
C UNK E 1177 -71.61 83.56 -54.85
N UNK E 1178 -72.82 84.13 -54.84
CA UNK E 1178 -73.91 83.39 -55.39
C UNK E 1178 -74.28 84.05 -56.68
N UNK E 1179 -74.54 83.24 -57.71
CA UNK E 1179 -74.94 83.82 -58.96
C UNK E 1179 -76.43 84.07 -58.80
N UNK E 1180 -83.77 77.93 -55.89
CA UNK E 1180 -83.58 77.13 -54.66
C UNK E 1180 -82.45 77.68 -53.86
N UNK E 1181 -81.46 76.81 -53.59
CA UNK E 1181 -80.31 77.03 -52.76
C UNK E 1181 -79.52 78.16 -53.31
N UNK E 1182 -79.67 78.48 -54.61
CA UNK E 1182 -78.83 79.47 -55.19
C UNK E 1182 -77.41 79.04 -55.06
N UNK E 1183 -76.94 78.34 -56.12
CA UNK E 1183 -75.62 77.79 -56.17
C UNK E 1183 -74.62 78.88 -56.04
N UNK E 1184 -73.45 78.52 -55.48
CA UNK E 1184 -72.44 79.51 -55.29
C UNK E 1184 -71.55 79.46 -56.48
N UNK E 1185 -71.43 80.61 -57.18
CA UNK E 1185 -70.59 80.70 -58.34
C UNK E 1185 -69.17 80.54 -57.93
N UNK E 1186 -68.76 81.21 -56.83
CA UNK E 1186 -67.37 81.14 -56.47
C UNK E 1186 -67.25 80.91 -55.00
N UNK E 1187 -66.11 80.32 -54.59
CA UNK E 1187 -65.88 80.11 -53.19
C UNK E 1187 -64.52 80.65 -52.87
N UNK E 1188 -64.39 81.27 -51.69
CA UNK E 1188 -63.11 81.79 -51.29
C UNK E 1188 -62.90 81.35 -49.88
N UNK E 1189 -61.63 81.16 -49.48
CA UNK E 1189 -61.43 80.73 -48.13
C UNK E 1189 -60.64 81.76 -47.41
N UNK E 1190 -61.16 82.22 -46.25
CA UNK E 1190 -60.50 83.13 -45.38
C UNK E 1190 -61.56 83.75 -44.54
N UNK E 1191 -61.26 84.02 -43.27
CA UNK E 1191 -62.26 84.64 -42.45
C UNK E 1191 -62.38 86.04 -42.92
N UNK E 1192 -63.61 86.60 -42.92
CA UNK E 1192 -63.68 87.95 -43.41
C UNK E 1192 -64.53 88.77 -42.49
N UNK E 1193 -63.95 89.89 -42.02
CA UNK E 1193 -64.70 90.84 -41.24
C UNK E 1193 -65.69 91.46 -42.17
N UNK E 1194 -65.23 91.78 -43.39
CA UNK E 1194 -66.08 92.41 -44.36
C UNK E 1194 -65.42 92.27 -45.70
N UNK E 1195 -66.19 92.52 -46.78
CA UNK E 1195 -65.67 92.45 -48.11
C UNK E 1195 -66.30 93.55 -48.89
N UNK E 1196 -65.65 93.95 -50.01
CA UNK E 1196 -66.19 95.00 -50.83
C UNK E 1196 -65.95 94.64 -52.26
N UNK E 1197 -66.77 95.19 -53.17
CA UNK E 1197 -66.60 94.87 -54.55
C UNK E 1197 -66.16 96.12 -55.26
N UNK E 1198 -65.30 95.93 -56.27
CA UNK E 1198 -64.84 97.04 -57.06
C UNK E 1198 -65.95 97.39 -57.99
N UNK E 1199 -65.90 98.58 -58.59
CA UNK E 1199 -66.93 99.00 -59.51
C UNK E 1199 -66.94 98.00 -60.62
N UNK E 1200 -65.74 97.58 -61.04
CA UNK E 1200 -65.58 96.63 -62.10
C UNK E 1200 -66.24 95.35 -61.71
N UNK E 1201 -66.18 95.03 -60.40
CA UNK E 1201 -66.72 93.81 -59.87
C UNK E 1201 -65.79 92.71 -60.29
N UNK E 1202 -64.64 93.09 -60.86
CA UNK E 1202 -63.62 92.15 -61.21
C UNK E 1202 -63.04 91.57 -59.97
N UNK E 1203 -62.78 92.42 -58.94
CA UNK E 1203 -62.12 91.91 -57.77
C UNK E 1203 -62.90 92.29 -56.55
N UNK E 1204 -62.64 91.55 -55.45
CA UNK E 1204 -63.30 91.83 -54.22
C UNK E 1204 -62.22 91.98 -53.18
N UNK E 1205 -62.44 92.89 -52.20
CA UNK E 1205 -61.45 93.04 -51.18
C UNK E 1205 -61.95 92.27 -50.02
N UNK E 1206 -61.05 91.47 -49.38
CA UNK E 1206 -61.46 90.68 -48.26
C UNK E 1206 -60.79 91.24 -47.05
N UNK E 1207 -61.55 91.35 -45.96
CA UNK E 1207 -60.97 91.84 -44.75
C UNK E 1207 -60.84 90.66 -43.84
N UNK E 1208 -59.68 90.51 -43.19
CA UNK E 1208 -59.48 89.39 -42.32
C UNK E 1208 -58.66 89.88 -41.16
N UNK E 1209 -58.57 89.05 -40.10
CA UNK E 1209 -57.78 89.45 -38.98
C UNK E 1209 -56.38 89.58 -39.50
N UNK E 1210 -55.98 88.64 -40.36
CA UNK E 1210 -54.67 88.67 -40.94
C UNK E 1210 -54.69 89.72 -41.99
N UNK E 1211 -53.60 89.80 -42.77
CA UNK E 1211 -53.54 90.78 -43.82
C UNK E 1211 -54.74 90.55 -44.68
N UNK E 1212 -55.28 91.64 -45.27
CA UNK E 1212 -56.44 91.54 -46.09
C UNK E 1212 -56.03 90.91 -47.37
N UNK E 1213 -56.99 90.32 -48.08
CA UNK E 1213 -56.67 89.70 -49.33
C UNK E 1213 -57.49 90.34 -50.39
N UNK E 1214 -56.92 90.45 -51.60
CA UNK E 1214 -57.66 90.95 -52.72
C UNK E 1214 -57.74 89.79 -53.65
N UNK E 1215 -58.95 89.39 -54.08
CA UNK E 1215 -59.03 88.25 -54.96
C UNK E 1215 -59.76 88.69 -56.18
N UNK E 1216 -59.43 88.09 -57.34
CA UNK E 1216 -60.10 88.49 -58.55
C UNK E 1216 -61.06 87.41 -58.91
N UNK E 1217 -62.27 87.82 -59.34
CA UNK E 1217 -63.27 86.88 -59.77
C UNK E 1217 -63.42 87.10 -61.24
N UNK E 1218 -63.58 86.00 -62.01
CA UNK E 1218 -63.71 86.19 -63.42
C UNK E 1218 -65.16 86.24 -63.74
N UNK E 1219 -65.58 87.31 -64.44
CA UNK E 1219 -66.96 87.42 -64.81
C UNK E 1219 -67.25 86.29 -65.73
N UNK E 1220 -66.31 86.02 -66.65
CA UNK E 1220 -66.48 84.94 -67.58
C UNK E 1220 -65.16 84.25 -67.67
N UNK E 1221 -65.18 82.99 -68.12
CA UNK E 1221 -63.96 82.25 -68.26
C UNK E 1221 -63.10 83.03 -69.26
N MET F 7 -37.95 39.55 -23.15
CA MET F 7 -37.99 39.06 -21.76
C MET F 7 -36.57 38.95 -21.35
N ASP F 8 -36.33 38.70 -20.05
CA ASP F 8 -35.00 38.57 -19.60
C ASP F 8 -34.55 37.28 -20.19
N PHE F 9 -33.25 36.96 -20.13
CA PHE F 9 -32.85 35.71 -20.72
C PHE F 9 -33.57 34.64 -19.99
N GLU F 10 -33.56 34.70 -18.64
CA GLU F 10 -34.22 33.68 -17.88
C GLU F 10 -35.69 33.71 -18.16
N THR F 11 -36.26 34.92 -18.36
CA THR F 11 -37.67 34.97 -18.58
C THR F 11 -37.97 34.19 -19.82
N GLY F 12 -37.23 34.49 -20.90
CA GLY F 12 -37.44 33.87 -22.18
C GLY F 12 -37.10 32.42 -22.10
N GLU F 13 -36.01 32.08 -21.40
CA GLU F 13 -35.59 30.71 -21.34
C GLU F 13 -36.67 29.91 -20.72
N HIS F 14 -37.24 30.44 -19.62
CA HIS F 14 -38.29 29.76 -18.93
C HIS F 14 -39.54 29.76 -19.75
N GLN F 15 -39.87 30.87 -20.43
CA GLN F 15 -41.09 30.89 -21.20
C GLN F 15 -40.95 29.86 -22.28
N TYR F 16 -39.76 29.85 -22.87
CA TYR F 16 -39.37 29.00 -23.93
C TYR F 16 -39.49 27.58 -23.47
N GLN F 17 -39.07 27.29 -22.23
CA GLN F 17 -39.16 25.96 -21.68
C GLN F 17 -40.57 25.61 -21.33
N TYR F 18 -41.26 26.58 -20.71
CA TYR F 18 -42.52 26.58 -20.06
C TYR F 18 -43.63 26.42 -21.05
N LYS F 19 -43.32 26.49 -22.36
CA LYS F 19 -44.25 26.50 -23.46
C LYS F 19 -45.25 25.38 -23.46
N ASP F 20 -44.81 24.10 -23.48
CA ASP F 20 -45.71 22.99 -23.65
C ASP F 20 -46.72 23.03 -22.56
N ILE F 21 -46.25 23.34 -21.34
CA ILE F 21 -47.19 23.43 -20.27
C ILE F 21 -48.17 24.53 -20.54
N LEU F 22 -47.74 25.70 -21.05
CA LEU F 22 -48.77 26.69 -21.25
C LEU F 22 -49.75 26.24 -22.29
N SER F 23 -49.25 25.73 -23.43
CA SER F 23 -50.15 25.43 -24.50
C SER F 23 -51.15 24.42 -24.06
N VAL F 24 -50.68 23.31 -23.49
CA VAL F 24 -51.56 22.26 -23.08
C VAL F 24 -52.41 22.70 -21.94
N PHE F 25 -51.86 23.47 -21.00
CA PHE F 25 -52.61 23.70 -19.80
C PHE F 25 -53.88 24.42 -20.12
N GLU F 26 -53.77 25.60 -20.75
CA GLU F 26 -54.95 26.35 -21.04
C GLU F 26 -55.69 25.63 -22.07
N ASP F 27 -55.03 24.93 -23.04
CA ASP F 27 -55.61 24.28 -24.20
C ASP F 27 -57.07 24.00 -24.04
N ALA F 28 -57.88 24.48 -25.01
CA ALA F 28 -59.31 24.39 -25.04
C ALA F 28 -59.88 25.45 -24.15
N PHE F 29 -59.16 25.79 -23.07
CA PHE F 29 -59.30 26.96 -22.26
C PHE F 29 -58.48 28.09 -22.82
N VAL F 30 -57.28 27.81 -23.38
CA VAL F 30 -56.43 28.85 -23.89
C VAL F 30 -57.15 29.54 -24.99
N ASP F 31 -57.83 28.76 -25.83
CA ASP F 31 -58.52 29.34 -26.95
C ASP F 31 -59.57 30.26 -26.43
N ASN F 32 -60.32 29.80 -25.42
CA ASN F 32 -61.40 30.58 -24.91
C ASN F 32 -60.86 31.82 -24.30
N PHE F 33 -59.75 31.72 -23.54
CA PHE F 33 -59.32 32.89 -22.87
C PHE F 33 -58.85 33.89 -23.86
N ASP F 34 -58.19 33.48 -24.98
CA ASP F 34 -57.73 34.42 -25.96
C ASP F 34 -58.87 35.21 -26.50
N CYS F 35 -59.98 34.54 -26.82
CA CYS F 35 -61.07 35.25 -27.42
C CYS F 35 -61.51 36.33 -26.48
N LYS F 36 -61.60 36.00 -25.17
CA LYS F 36 -61.99 36.93 -24.16
C LYS F 36 -60.91 37.96 -24.12
N ASP F 37 -59.69 37.47 -24.42
CA ASP F 37 -58.40 38.07 -24.24
C ASP F 37 -58.16 39.32 -24.99
N VAL F 38 -58.95 39.59 -26.04
CA VAL F 38 -58.65 40.69 -26.91
C VAL F 38 -58.48 41.96 -26.18
N GLN F 39 -59.06 42.22 -25.01
CA GLN F 39 -58.61 43.51 -24.56
C GLN F 39 -57.17 43.42 -24.09
N ASP F 40 -56.86 42.36 -23.35
CA ASP F 40 -55.51 42.16 -22.83
C ASP F 40 -54.47 42.27 -23.93
N MET F 41 -54.51 41.35 -24.88
CA MET F 41 -53.58 41.34 -26.00
C MET F 41 -53.46 42.72 -26.63
N PRO F 42 -54.51 43.52 -26.48
CA PRO F 42 -54.54 44.87 -27.04
C PRO F 42 -53.82 45.88 -26.14
N LYS F 43 -53.00 45.37 -25.23
CA LYS F 43 -52.26 46.23 -24.31
C LYS F 43 -50.79 45.81 -24.22
N SER F 44 -49.96 46.66 -23.63
CA SER F 44 -48.55 46.38 -23.49
C SER F 44 -48.27 44.88 -23.52
N ILE F 45 -49.11 44.16 -24.26
CA ILE F 45 -48.96 42.71 -24.37
C ILE F 45 -49.08 42.26 -25.83
N LEU F 46 -50.15 42.69 -26.49
CA LEU F 46 -50.38 42.32 -27.89
C LEU F 46 -51.35 43.28 -28.55
N SER F 47 -50.84 44.13 -29.43
CA SER F 47 -51.66 45.11 -30.14
C SER F 47 -53.03 44.53 -30.47
N LYS F 48 -53.99 45.41 -30.74
CA LYS F 48 -55.31 44.99 -31.06
C LYS F 48 -55.22 44.03 -32.19
N GLU F 49 -54.37 44.36 -33.17
CA GLU F 49 -54.24 43.55 -34.33
C GLU F 49 -53.69 42.23 -33.91
N GLU F 50 -52.74 42.25 -32.96
CA GLU F 50 -52.07 41.04 -32.60
C GLU F 50 -53.02 40.06 -31.96
N ILE F 51 -54.03 40.49 -31.18
CA ILE F 51 -54.80 39.42 -30.61
C ILE F 51 -55.54 38.74 -31.70
N ASP F 52 -56.07 39.53 -32.65
CA ASP F 52 -56.79 38.96 -33.75
C ASP F 52 -55.84 38.09 -34.48
N HIS F 53 -54.56 38.49 -34.49
CA HIS F 53 -53.57 37.73 -35.20
C HIS F 53 -53.52 36.34 -34.62
N ILE F 54 -53.37 36.21 -33.29
CA ILE F 54 -53.25 34.90 -32.70
C ILE F 54 -54.52 34.15 -32.90
N ILE F 55 -55.63 34.86 -32.72
CA ILE F 55 -56.95 34.29 -32.77
C ILE F 55 -57.15 33.64 -34.09
N MET F 56 -56.68 34.29 -35.17
CA MET F 56 -56.92 33.82 -36.51
C MET F 56 -56.32 32.46 -36.72
N SER F 57 -55.08 32.22 -36.25
CA SER F 57 -54.50 30.92 -36.44
C SER F 57 -55.40 29.94 -35.77
N LYS F 58 -56.08 29.15 -36.63
CA LYS F 58 -57.14 28.27 -36.24
C LYS F 58 -56.65 27.23 -35.30
N ASP F 59 -55.55 26.57 -35.67
CA ASP F 59 -55.13 25.39 -34.99
C ASP F 59 -54.76 25.77 -33.62
N ALA F 60 -55.09 24.90 -32.65
CA ALA F 60 -54.83 25.19 -31.29
C ALA F 60 -53.36 25.36 -31.12
N VAL F 61 -52.58 24.49 -31.79
CA VAL F 61 -51.15 24.55 -31.68
C VAL F 61 -50.70 25.87 -32.23
N SER F 62 -51.26 26.26 -33.38
CA SER F 62 -50.89 27.47 -34.06
C SER F 62 -51.24 28.65 -33.21
N GLY F 63 -52.41 28.59 -32.56
CA GLY F 63 -52.86 29.72 -31.79
C GLY F 63 -51.89 29.95 -30.68
N THR F 64 -51.45 28.87 -30.02
CA THR F 64 -50.56 29.04 -28.91
C THR F 64 -49.24 29.56 -29.41
N LEU F 65 -48.76 29.03 -30.54
CA LEU F 65 -47.48 29.41 -31.06
C LEU F 65 -47.54 30.84 -31.48
N ARG F 66 -48.66 31.27 -32.10
CA ARG F 66 -48.73 32.61 -32.57
C ARG F 66 -48.57 33.57 -31.43
N LEU F 67 -49.28 33.36 -30.32
CA LEU F 67 -49.21 34.29 -29.23
C LEU F 67 -47.83 34.30 -28.65
N PHE F 68 -47.18 33.12 -28.53
CA PHE F 68 -45.87 33.11 -27.94
C PHE F 68 -44.95 33.90 -28.82
N TRP F 69 -45.15 33.79 -30.15
CA TRP F 69 -44.30 34.47 -31.08
C TRP F 69 -44.38 35.95 -30.85
N THR F 70 -45.59 36.50 -30.72
CA THR F 70 -45.72 37.92 -30.56
C THR F 70 -45.07 38.33 -29.27
N LEU F 71 -45.21 37.48 -28.24
CA LEU F 71 -44.71 37.73 -26.92
C LEU F 71 -43.21 37.85 -26.97
N LEU F 72 -42.53 37.03 -27.79
CA LEU F 72 -41.10 37.02 -27.80
C LEU F 72 -40.59 38.36 -28.24
N SER F 73 -41.25 39.00 -29.20
CA SER F 73 -40.80 40.23 -29.79
C SER F 73 -40.76 41.30 -28.75
N LYS F 74 -41.44 41.10 -27.61
CA LYS F 74 -41.39 42.15 -26.67
C LYS F 74 -40.30 41.97 -25.71
N GLN F 75 -40.24 42.96 -24.81
CA GLN F 75 -39.23 43.08 -23.85
C GLN F 75 -39.62 42.33 -22.63
N GLU F 76 -38.74 42.43 -21.61
CA GLU F 76 -38.97 41.83 -20.33
C GLU F 76 -40.25 42.37 -19.82
N GLU F 77 -40.54 43.63 -20.14
CA GLU F 77 -41.71 44.25 -19.60
C GLU F 77 -42.91 43.45 -19.99
N MET F 78 -42.93 42.93 -21.23
CA MET F 78 -44.07 42.20 -21.71
C MET F 78 -44.30 40.99 -20.87
N VAL F 79 -43.23 40.25 -20.49
CA VAL F 79 -43.47 39.06 -19.73
C VAL F 79 -44.12 39.47 -18.45
N GLN F 80 -43.68 40.60 -17.88
CA GLN F 80 -44.22 41.06 -16.63
C GLN F 80 -45.66 41.42 -16.81
N LYS F 81 -46.02 42.07 -17.93
CA LYS F 81 -47.38 42.45 -18.11
C LYS F 81 -48.22 41.21 -18.24
N PHE F 82 -47.73 40.24 -19.06
CA PHE F 82 -48.41 39.02 -19.32
C PHE F 82 -48.55 38.27 -18.03
N VAL F 83 -47.50 38.26 -17.19
CA VAL F 83 -47.64 37.52 -15.98
C VAL F 83 -48.74 38.13 -15.18
N GLU F 84 -48.85 39.47 -15.23
CA GLU F 84 -49.86 40.15 -14.45
C GLU F 84 -51.21 39.73 -14.94
N GLU F 85 -51.40 39.63 -16.26
CA GLU F 85 -52.70 39.28 -16.77
C GLU F 85 -53.04 37.90 -16.30
N VAL F 86 -52.04 37.00 -16.21
CA VAL F 86 -52.32 35.65 -15.82
C VAL F 86 -52.83 35.63 -14.42
N LEU F 87 -52.23 36.45 -13.53
CA LEU F 87 -52.64 36.48 -12.15
C LEU F 87 -54.02 37.06 -12.08
N ARG F 88 -54.31 38.10 -12.87
CA ARG F 88 -55.61 38.71 -12.85
C ARG F 88 -56.59 37.66 -13.26
N ILE F 89 -56.21 36.87 -14.27
CA ILE F 89 -56.99 35.77 -14.76
C ILE F 89 -57.12 34.81 -13.64
N ASN F 90 -56.10 34.79 -12.75
CA ASN F 90 -55.96 33.87 -11.67
C ASN F 90 -56.08 32.55 -12.28
N TYR F 91 -55.18 32.41 -13.26
CA TYR F 91 -55.01 31.19 -13.92
C TYR F 91 -54.02 30.59 -12.99
N LYS F 92 -54.56 30.13 -11.85
CA LYS F 92 -53.78 29.91 -10.67
C LYS F 92 -52.65 28.98 -10.87
N PHE F 93 -52.89 27.77 -11.39
CA PHE F 93 -51.78 26.86 -11.42
C PHE F 93 -50.76 27.38 -12.34
N LEU F 94 -51.15 27.85 -13.53
CA LEU F 94 -50.18 28.27 -14.49
C LEU F 94 -49.45 29.45 -13.98
N MET F 95 -50.15 30.38 -13.30
CA MET F 95 -49.45 31.55 -12.89
C MET F 95 -48.42 31.19 -11.88
N SER F 96 -48.68 30.19 -11.00
CA SER F 96 -47.70 29.86 -9.99
C SER F 96 -46.41 29.43 -10.63
N PRO F 97 -46.38 28.46 -11.52
CA PRO F 97 -45.11 28.22 -12.14
C PRO F 97 -44.52 29.36 -12.93
N ILE F 98 -45.32 30.26 -13.51
CA ILE F 98 -44.65 31.30 -14.21
C ILE F 98 -43.89 32.15 -13.22
N LYS F 99 -44.47 32.44 -12.03
CA LYS F 99 -43.74 33.28 -11.12
C LYS F 99 -42.50 32.61 -10.63
N THR F 100 -42.51 31.29 -10.46
CA THR F 100 -41.31 30.65 -9.99
C THR F 100 -40.25 30.86 -11.04
N GLU F 101 -40.68 30.80 -12.30
CA GLU F 101 -39.89 30.94 -13.48
C GLU F 101 -39.16 32.25 -13.44
N GLN F 102 -39.83 33.37 -13.10
CA GLN F 102 -39.10 34.60 -13.14
C GLN F 102 -37.97 34.57 -12.16
N ARG F 103 -36.75 34.79 -12.70
CA ARG F 103 -35.47 34.78 -12.05
C ARG F 103 -35.17 33.51 -11.31
N GLN F 104 -35.11 32.36 -12.03
CA GLN F 104 -34.78 31.10 -11.39
C GLN F 104 -33.90 30.30 -12.32
N PRO F 105 -32.84 29.71 -11.80
CA PRO F 105 -32.00 28.85 -12.61
C PRO F 105 -32.44 27.41 -12.60
N SER F 106 -31.97 26.59 -13.58
CA SER F 106 -32.29 25.18 -13.62
C SER F 106 -31.40 24.56 -14.66
N MET F 107 -31.15 23.24 -14.54
CA MET F 107 -30.34 22.57 -15.53
C MET F 107 -31.03 22.61 -16.85
N MET F 108 -32.34 22.29 -16.87
CA MET F 108 -33.09 22.25 -18.08
C MET F 108 -33.21 23.62 -18.67
N THR F 109 -33.41 24.63 -17.82
CA THR F 109 -33.56 25.97 -18.31
C THR F 109 -32.31 26.40 -18.98
N ARG F 110 -31.17 26.10 -18.32
CA ARG F 110 -29.89 26.53 -18.79
C ARG F 110 -29.61 25.92 -20.12
N MET F 111 -29.96 24.63 -20.30
CA MET F 111 -29.65 24.02 -21.56
C MET F 111 -30.45 24.67 -22.65
N TYR F 112 -31.72 25.03 -22.38
CA TYR F 112 -32.53 25.59 -23.42
C TYR F 112 -31.99 26.92 -23.84
N ILE F 113 -31.56 27.76 -22.89
CA ILE F 113 -31.06 29.06 -23.23
C ILE F 113 -29.84 28.92 -24.08
N GLU F 114 -28.98 27.95 -23.72
CA GLU F 114 -27.75 27.74 -24.42
C GLU F 114 -28.04 27.41 -25.85
N GLN F 115 -29.04 26.53 -26.08
CA GLN F 115 -29.34 26.09 -27.41
C GLN F 115 -29.81 27.25 -28.23
N ARG F 116 -30.65 28.11 -27.63
CA ARG F 116 -31.20 29.24 -28.30
C ARG F 116 -30.08 30.16 -28.75
N ASP F 117 -29.10 30.42 -27.87
CA ASP F 117 -28.04 31.32 -28.21
C ASP F 117 -27.26 30.76 -29.35
N ARG F 118 -27.01 29.44 -29.33
CA ARG F 118 -26.20 28.85 -30.35
C ARG F 118 -26.86 29.03 -31.68
N LEU F 119 -28.19 28.83 -31.77
CA LEU F 119 -28.78 28.97 -33.06
C LEU F 119 -28.70 30.38 -33.55
N TYR F 120 -28.81 31.38 -32.65
CA TYR F 120 -28.72 32.73 -33.11
C TYR F 120 -27.38 32.95 -33.73
N ASN F 121 -26.32 32.45 -33.08
CA ASN F 121 -24.97 32.66 -33.53
C ASN F 121 -24.82 32.02 -34.87
N ASP F 122 -25.49 30.87 -35.07
CA ASP F 122 -25.41 30.12 -36.28
C ASP F 122 -25.93 30.95 -37.41
N ASN F 123 -27.00 31.74 -37.20
CA ASN F 123 -27.42 32.39 -38.41
C ASN F 123 -28.32 33.57 -38.20
N GLN F 124 -29.16 33.56 -37.13
CA GLN F 124 -30.20 34.55 -37.02
C GLN F 124 -29.67 35.93 -36.73
N VAL F 125 -29.16 36.62 -37.77
CA VAL F 125 -28.80 38.01 -37.71
C VAL F 125 -30.03 38.81 -37.90
N PHE F 126 -30.70 38.48 -39.00
CA PHE F 126 -31.95 38.99 -39.38
C PHE F 126 -32.63 38.08 -40.15
N ALA F 127 -33.75 38.68 -40.27
CA ALA F 127 -34.87 38.23 -40.81
C ALA F 127 -35.76 39.01 -39.96
N LYS F 128 -36.00 40.24 -40.39
CA LYS F 128 -36.74 41.09 -39.54
C LYS F 128 -38.10 40.57 -39.41
N TYR F 129 -38.76 40.22 -40.54
CA TYR F 129 -40.09 39.79 -40.27
C TYR F 129 -40.44 38.55 -41.01
N ASN F 130 -41.29 37.74 -40.39
CA ASN F 130 -41.46 36.40 -40.86
C ASN F 130 -42.86 35.92 -40.78
N VAL F 131 -43.18 35.03 -41.73
CA VAL F 131 -44.40 34.39 -42.09
C VAL F 131 -44.33 33.15 -41.30
N SER F 132 -45.45 32.79 -40.68
CA SER F 132 -45.37 31.67 -39.82
C SER F 132 -45.99 30.55 -40.55
N ARG F 133 -45.16 29.53 -40.85
CA ARG F 133 -45.69 28.40 -41.53
C ARG F 133 -45.82 27.48 -40.44
N LEU F 134 -46.97 27.55 -39.82
CA LEU F 134 -47.03 26.65 -38.76
C LEU F 134 -47.07 25.29 -39.37
N GLN F 135 -47.72 25.19 -40.54
CA GLN F 135 -47.88 23.87 -41.08
C GLN F 135 -46.56 23.21 -41.35
N PRO F 136 -45.60 23.78 -42.04
CA PRO F 136 -44.38 23.04 -42.23
C PRO F 136 -43.57 22.89 -40.98
N TYR F 137 -43.68 23.88 -40.08
CA TYR F 137 -42.96 23.94 -38.84
C TYR F 137 -43.36 22.79 -37.96
N LEU F 138 -44.68 22.59 -37.80
CA LEU F 138 -45.16 21.52 -36.97
C LEU F 138 -44.78 20.21 -37.56
N LYS F 139 -44.86 20.09 -38.90
CA LYS F 139 -44.60 18.81 -39.51
C LYS F 139 -43.21 18.36 -39.20
N LEU F 140 -42.23 19.28 -39.33
CA LEU F 140 -40.87 18.87 -39.13
C LEU F 140 -40.68 18.44 -37.72
N ARG F 141 -41.24 19.19 -36.74
CA ARG F 141 -40.90 18.85 -35.39
C ARG F 141 -41.47 17.50 -35.07
N GLN F 142 -42.70 17.23 -35.54
CA GLN F 142 -43.37 16.03 -35.14
C GLN F 142 -42.59 14.86 -35.63
N ALA F 143 -42.16 14.92 -36.90
CA ALA F 143 -41.44 13.82 -37.46
C ALA F 143 -40.14 13.65 -36.75
N LEU F 144 -39.44 14.77 -36.49
CA LEU F 144 -38.13 14.67 -35.92
C LEU F 144 -38.24 14.08 -34.55
N LEU F 145 -39.27 14.48 -33.80
CA LEU F 145 -39.46 13.99 -32.47
C LEU F 145 -39.66 12.52 -32.56
N GLU F 146 -40.55 12.10 -33.48
CA GLU F 146 -40.94 10.73 -33.59
C GLU F 146 -39.81 9.85 -34.00
N LEU F 147 -39.05 10.22 -35.06
CA LEU F 147 -38.07 9.23 -35.41
C LEU F 147 -36.77 9.71 -34.86
N ARG F 148 -36.52 9.31 -33.62
CA ARG F 148 -35.32 9.62 -32.92
C ARG F 148 -34.17 8.86 -33.50
N PRO F 149 -34.33 7.60 -33.81
CA PRO F 149 -33.22 6.84 -34.30
C PRO F 149 -32.75 7.37 -35.61
N ALA F 150 -31.55 6.94 -36.06
CA ALA F 150 -30.96 7.48 -37.25
C ALA F 150 -31.96 7.43 -38.35
N LYS F 151 -32.08 8.56 -39.07
CA LYS F 151 -32.96 8.64 -40.19
C LYS F 151 -32.55 9.83 -40.97
N ASN F 152 -33.26 10.12 -42.09
CA ASN F 152 -32.89 11.30 -42.80
C ASN F 152 -34.12 12.12 -42.97
N VAL F 153 -34.15 13.30 -42.32
CA VAL F 153 -35.26 14.18 -42.49
C VAL F 153 -34.80 15.13 -43.54
N LEU F 154 -35.46 15.13 -44.70
CA LEU F 154 -35.03 16.09 -45.65
C LEU F 154 -35.84 17.28 -45.38
N ILE F 155 -35.28 18.36 -45.86
CA ILE F 155 -35.88 19.60 -46.02
C ILE F 155 -35.23 19.91 -47.31
N ASP F 156 -36.01 20.26 -48.32
CA ASP F 156 -35.35 20.53 -49.56
C ASP F 156 -36.10 21.40 -50.55
N GLY F 157 -35.70 22.67 -50.83
CA GLY F 157 -36.53 23.51 -51.65
C GLY F 157 -35.65 24.36 -52.51
N VAL F 158 -36.25 25.38 -53.17
CA VAL F 158 -35.54 26.28 -54.05
C VAL F 158 -34.53 27.01 -53.21
N LEU F 159 -33.44 27.49 -53.84
CA LEU F 159 -32.48 28.19 -53.05
C LEU F 159 -33.14 29.37 -52.43
N GLY F 160 -32.96 29.54 -51.10
CA GLY F 160 -33.48 30.67 -50.39
C GLY F 160 -34.93 30.47 -50.04
N SER F 161 -35.43 29.23 -50.12
CA SER F 161 -36.81 28.95 -49.81
C SER F 161 -37.01 29.12 -48.34
N GLY F 162 -35.92 29.15 -47.55
CA GLY F 162 -36.09 29.30 -46.14
C GLY F 162 -35.97 27.99 -45.43
N LYS F 163 -35.22 27.10 -46.08
CA LYS F 163 -35.01 25.78 -45.59
C LYS F 163 -34.34 25.80 -44.24
N THR F 164 -33.15 26.45 -44.18
CA THR F 164 -32.17 26.57 -43.09
C THR F 164 -32.71 27.37 -41.97
N TRP F 165 -33.40 28.46 -42.32
CA TRP F 165 -33.97 29.26 -41.31
C TRP F 165 -34.93 28.34 -40.57
N VAL F 166 -35.84 27.59 -41.28
CA VAL F 166 -36.85 26.74 -40.70
C VAL F 166 -36.22 25.74 -39.79
N ALA F 167 -35.09 25.16 -40.20
CA ALA F 167 -34.46 24.14 -39.41
C ALA F 167 -34.02 24.72 -38.10
N LEU F 168 -33.46 25.94 -38.13
CA LEU F 168 -32.96 26.52 -36.92
C LEU F 168 -34.09 26.69 -35.97
N ASP F 169 -35.23 27.23 -36.48
CA ASP F 169 -36.37 27.54 -35.66
C ASP F 169 -36.88 26.28 -35.02
N VAL F 170 -36.89 25.16 -35.75
CA VAL F 170 -37.42 23.98 -35.16
C VAL F 170 -36.55 23.60 -34.00
N CYS F 171 -35.23 23.73 -34.14
CA CYS F 171 -34.35 23.39 -33.06
C CYS F 171 -34.56 24.34 -31.90
N LEU F 172 -34.74 25.66 -32.18
CA LEU F 172 -34.80 26.65 -31.14
C LEU F 172 -36.00 26.65 -30.24
N SER F 173 -37.26 26.53 -30.74
CA SER F 173 -38.40 26.67 -29.84
C SER F 173 -38.64 25.39 -29.07
N TYR F 174 -37.96 24.35 -29.54
CA TYR F 174 -37.91 22.95 -29.30
C TYR F 174 -37.25 22.37 -28.10
N LYS F 175 -37.31 23.03 -26.93
CA LYS F 175 -36.61 22.57 -25.75
C LYS F 175 -36.80 21.07 -25.60
N VAL F 176 -37.99 20.53 -25.91
CA VAL F 176 -38.22 19.10 -25.78
C VAL F 176 -37.29 18.35 -26.69
N GLN F 177 -37.17 18.78 -27.96
CA GLN F 177 -36.39 18.08 -28.94
C GLN F 177 -34.96 18.09 -28.51
N CYS F 178 -34.49 19.24 -28.00
CA CYS F 178 -33.12 19.39 -27.62
C CYS F 178 -32.83 18.46 -26.48
N LYS F 179 -33.77 18.28 -25.55
CA LYS F 179 -33.51 17.42 -24.44
C LYS F 179 -33.34 16.01 -24.92
N MET F 180 -34.25 15.55 -25.79
CA MET F 180 -34.20 14.17 -26.19
C MET F 180 -32.95 13.89 -26.93
N ASP F 181 -32.58 14.76 -27.89
CA ASP F 181 -31.35 14.49 -28.57
C ASP F 181 -30.29 14.83 -27.59
N PHE F 182 -29.24 13.99 -27.46
CA PHE F 182 -28.29 14.34 -26.45
C PHE F 182 -27.62 15.63 -26.81
N LYS F 183 -27.12 15.72 -28.05
CA LYS F 183 -26.44 16.92 -28.45
C LYS F 183 -26.68 17.08 -29.91
N ILE F 184 -26.47 18.30 -30.44
CA ILE F 184 -26.72 18.45 -31.84
C ILE F 184 -25.53 19.13 -32.47
N PHE F 185 -25.15 18.65 -33.67
CA PHE F 185 -24.04 19.23 -34.38
C PHE F 185 -24.59 19.77 -35.67
N TRP F 186 -24.28 21.05 -35.97
CA TRP F 186 -24.79 21.63 -37.18
C TRP F 186 -23.61 22.08 -37.98
N LEU F 187 -23.54 21.63 -39.26
CA LEU F 187 -22.48 22.09 -40.11
C LEU F 187 -23.07 22.36 -41.45
N ASN F 188 -22.53 23.38 -42.15
CA ASN F 188 -23.02 23.66 -43.48
C ASN F 188 -21.99 23.09 -44.39
N LEU F 189 -22.37 22.07 -45.17
CA LEU F 189 -21.43 21.39 -46.00
C LEU F 189 -21.00 22.27 -47.12
N LYS F 190 -19.67 22.26 -47.34
CA LYS F 190 -18.98 22.89 -48.42
C LYS F 190 -19.08 21.88 -49.52
N ASN F 191 -18.95 22.31 -50.79
CA ASN F 191 -19.13 21.46 -51.95
C ASN F 191 -18.39 20.17 -51.73
N CYS F 192 -19.18 19.08 -51.55
CA CYS F 192 -18.74 17.73 -51.34
C CYS F 192 -18.27 17.12 -52.62
N ASN F 193 -18.86 17.55 -53.76
CA ASN F 193 -18.46 16.95 -54.99
C ASN F 193 -17.00 17.16 -55.22
N SER F 194 -16.42 18.28 -54.74
CA SER F 194 -15.00 18.42 -54.82
C SER F 194 -14.43 17.47 -53.79
N PRO F 195 -13.48 16.67 -54.20
CA PRO F 195 -12.87 15.62 -53.43
C PRO F 195 -12.27 15.88 -52.07
N GLU F 196 -11.26 16.77 -51.97
CA GLU F 196 -10.54 16.97 -50.74
C GLU F 196 -11.52 17.41 -49.73
N THR F 197 -12.62 17.99 -50.21
CA THR F 197 -13.62 18.59 -49.37
C THR F 197 -14.11 17.63 -48.35
N VAL F 198 -14.38 16.36 -48.72
CA VAL F 198 -14.95 15.46 -47.76
C VAL F 198 -14.04 15.31 -46.58
N LEU F 199 -12.73 15.09 -46.81
CA LEU F 199 -11.86 14.91 -45.68
C LEU F 199 -11.82 16.16 -44.88
N GLU F 200 -11.83 17.31 -45.56
CA GLU F 200 -11.73 18.58 -44.90
C GLU F 200 -12.88 18.71 -43.95
N MET F 201 -14.10 18.37 -44.42
CA MET F 201 -15.26 18.56 -43.61
C MET F 201 -15.21 17.67 -42.41
N LEU F 202 -14.77 16.42 -42.61
CA LEU F 202 -14.81 15.45 -41.56
C LEU F 202 -13.77 15.82 -40.53
N GLN F 203 -12.67 16.45 -40.96
CA GLN F 203 -11.64 16.78 -40.03
C GLN F 203 -12.21 17.73 -39.03
N LYS F 204 -13.03 18.69 -39.49
CA LYS F 204 -13.63 19.66 -38.62
C LYS F 204 -14.51 18.93 -37.66
N LEU F 205 -15.20 17.89 -38.14
CA LEU F 205 -16.08 17.13 -37.32
C LEU F 205 -15.27 16.56 -36.22
N LEU F 206 -14.08 16.07 -36.58
CA LEU F 206 -13.23 15.39 -35.66
C LEU F 206 -12.86 16.39 -34.61
N TYR F 207 -12.58 17.65 -35.04
CA TYR F 207 -12.13 18.64 -34.10
C TYR F 207 -13.22 18.91 -33.10
N GLN F 208 -14.46 19.13 -33.57
CA GLN F 208 -15.54 19.49 -32.71
C GLN F 208 -15.85 18.37 -31.79
N ILE F 209 -15.76 17.12 -32.27
CA ILE F 209 -16.13 16.01 -31.44
C ILE F 209 -15.23 16.05 -30.25
N ASP F 210 -13.93 16.28 -30.48
CA ASP F 210 -12.92 16.44 -29.47
C ASP F 210 -11.67 16.84 -30.19
N PRO F 211 -10.96 17.75 -29.59
CA PRO F 211 -9.64 18.11 -30.06
C PRO F 211 -8.66 17.14 -29.46
N ASN F 212 -9.19 16.11 -28.78
CA ASN F 212 -8.51 15.18 -27.91
C ASN F 212 -7.22 14.62 -28.41
N TRP F 213 -7.20 13.27 -28.40
CA TRP F 213 -6.25 12.30 -28.88
C TRP F 213 -6.50 12.22 -30.33
N THR F 214 -7.61 12.85 -30.65
CA THR F 214 -8.28 12.98 -31.87
C THR F 214 -7.19 13.15 -32.89
N SER F 215 -6.30 14.13 -32.66
CA SER F 215 -5.24 14.49 -33.56
C SER F 215 -4.12 13.47 -33.70
N ARG F 216 -3.87 12.59 -32.71
CA ARG F 216 -2.69 11.76 -32.68
C ARG F 216 -2.56 10.76 -33.81
N SER F 217 -3.63 10.04 -34.20
CA SER F 217 -3.52 8.92 -35.12
C SER F 217 -3.12 9.33 -36.49
N ASP F 218 -2.59 8.34 -37.24
CA ASP F 218 -1.97 8.51 -38.52
C ASP F 218 -2.89 9.14 -39.50
N HIS F 219 -2.47 10.31 -40.00
CA HIS F 219 -3.18 10.93 -41.06
C HIS F 219 -2.42 10.51 -42.26
N SER F 220 -3.03 9.62 -43.06
CA SER F 220 -2.35 9.05 -44.18
C SER F 220 -2.10 10.09 -45.21
N SER F 221 -0.90 10.01 -45.79
CA SER F 221 -0.49 10.95 -46.79
C SER F 221 -1.42 10.75 -47.94
N ASN F 222 -1.73 9.49 -48.27
CA ASN F 222 -2.63 9.29 -49.37
C ASN F 222 -4.00 9.38 -48.78
N ILE F 223 -4.94 9.85 -49.60
CA ILE F 223 -6.30 10.01 -49.18
C ILE F 223 -6.89 8.67 -48.91
N LYS F 224 -6.45 7.65 -49.68
CA LYS F 224 -7.05 6.35 -49.69
C LYS F 224 -7.22 5.86 -48.29
N LEU F 225 -6.18 6.00 -47.43
CA LEU F 225 -6.27 5.58 -46.06
C LEU F 225 -7.03 6.54 -45.15
N ARG F 226 -6.77 7.85 -45.27
CA ARG F 226 -7.23 8.84 -44.33
C ARG F 226 -8.73 8.91 -44.23
N ILE F 227 -9.46 8.91 -45.36
CA ILE F 227 -10.88 9.10 -45.27
C ILE F 227 -11.44 7.94 -44.50
N HIS F 228 -10.97 6.72 -44.79
CA HIS F 228 -11.48 5.55 -44.15
C HIS F 228 -11.16 5.66 -42.70
N SER F 229 -9.94 6.10 -42.37
CA SER F 229 -9.51 6.16 -41.01
C SER F 229 -10.38 7.13 -40.28
N ILE F 230 -10.71 8.27 -40.92
CA ILE F 230 -11.50 9.23 -40.22
C ILE F 230 -12.84 8.67 -39.89
N GLN F 231 -13.46 7.94 -40.83
CA GLN F 231 -14.77 7.46 -40.54
C GLN F 231 -14.69 6.58 -39.35
N ALA F 232 -13.62 5.78 -39.24
CA ALA F 232 -13.48 4.90 -38.12
C ALA F 232 -13.39 5.72 -36.86
N GLU F 233 -12.61 6.81 -36.89
CA GLU F 233 -12.43 7.60 -35.70
C GLU F 233 -13.73 8.25 -35.35
N LEU F 234 -14.48 8.73 -36.35
CA LEU F 234 -15.69 9.43 -36.11
C LEU F 234 -16.63 8.49 -35.40
N ARG F 235 -16.71 7.24 -35.89
CA ARG F 235 -17.60 6.29 -35.29
C ARG F 235 -17.18 6.04 -33.88
N ARG F 236 -15.85 5.91 -33.66
CA ARG F 236 -15.32 5.61 -32.37
C ARG F 236 -15.68 6.72 -31.42
N LEU F 237 -15.49 7.98 -31.85
CA LEU F 237 -15.77 9.05 -30.94
C LEU F 237 -17.22 9.10 -30.61
N LEU F 238 -18.10 8.79 -31.58
CA LEU F 238 -19.49 8.87 -31.22
C LEU F 238 -19.81 7.92 -30.12
N LYS F 239 -19.28 6.69 -30.18
CA LYS F 239 -19.58 5.73 -29.15
C LYS F 239 -18.99 6.20 -27.86
N SER F 240 -17.77 6.79 -27.93
CA SER F 240 -17.00 7.11 -26.77
C SER F 240 -17.76 7.99 -25.83
N LYS F 241 -18.51 8.98 -26.34
CA LYS F 241 -19.17 9.84 -25.41
C LYS F 241 -20.66 9.57 -25.47
N PRO F 242 -21.44 10.34 -24.77
CA PRO F 242 -22.87 10.16 -24.71
C PRO F 242 -23.64 10.49 -25.96
N TYR F 243 -22.94 10.64 -27.10
CA TYR F 243 -23.42 11.09 -28.39
C TYR F 243 -24.53 10.26 -28.99
N GLU F 244 -24.73 8.99 -28.57
CA GLU F 244 -25.52 8.01 -29.29
C GLU F 244 -26.75 8.53 -29.98
N ASN F 245 -27.74 9.21 -29.39
CA ASN F 245 -28.74 9.76 -30.27
C ASN F 245 -28.38 11.21 -30.36
N CYS F 246 -27.47 11.53 -31.30
CA CYS F 246 -26.97 12.85 -31.47
C CYS F 246 -27.59 13.38 -32.72
N LEU F 247 -28.06 14.64 -32.71
CA LEU F 247 -28.71 15.14 -33.88
C LEU F 247 -27.70 15.89 -34.66
N LEU F 248 -27.51 15.51 -35.94
CA LEU F 248 -26.56 16.21 -36.72
C LEU F 248 -27.33 16.83 -37.83
N VAL F 249 -27.02 18.10 -38.15
CA VAL F 249 -27.75 18.70 -39.21
C VAL F 249 -26.77 19.06 -40.27
N LEU F 250 -26.97 18.54 -41.50
CA LEU F 250 -26.04 18.95 -42.52
C LEU F 250 -26.77 19.97 -43.32
N LEU F 251 -26.25 21.20 -43.31
CA LEU F 251 -26.88 22.26 -44.02
C LEU F 251 -26.31 22.34 -45.40
N ASN F 252 -27.19 22.61 -46.38
CA ASN F 252 -26.81 22.77 -47.76
C ASN F 252 -25.94 21.64 -48.21
N VAL F 253 -26.47 20.40 -48.23
CA VAL F 253 -25.65 19.29 -48.67
C VAL F 253 -25.82 19.14 -50.14
N GLN F 254 -24.74 19.44 -50.89
CA GLN F 254 -24.69 19.36 -52.32
C GLN F 254 -24.54 17.95 -52.82
N ASN F 255 -23.65 17.15 -52.20
CA ASN F 255 -23.29 15.88 -52.79
C ASN F 255 -23.86 14.73 -52.00
N ALA F 256 -24.19 13.65 -52.73
CA ALA F 256 -24.79 12.44 -52.26
C ALA F 256 -23.86 11.76 -51.31
N LYS F 257 -22.55 11.85 -51.56
CA LYS F 257 -21.59 11.14 -50.78
C LYS F 257 -21.75 11.52 -49.34
N ALA F 258 -22.08 12.79 -49.05
CA ALA F 258 -22.23 13.17 -47.67
C ALA F 258 -23.32 12.32 -47.10
N TRP F 259 -24.38 12.11 -47.90
CA TRP F 259 -25.52 11.35 -47.50
C TRP F 259 -25.10 9.94 -47.25
N ASN F 260 -24.25 9.36 -48.11
CA ASN F 260 -23.84 8.01 -47.88
C ASN F 260 -22.97 7.93 -46.66
N ALA F 261 -22.16 8.97 -46.41
CA ALA F 261 -21.29 8.99 -45.27
C ALA F 261 -22.18 8.91 -44.06
N PHE F 262 -23.37 9.53 -44.18
CA PHE F 262 -24.36 9.55 -43.15
C PHE F 262 -24.66 8.14 -42.82
N ASN F 263 -24.80 7.28 -43.85
CA ASN F 263 -25.20 5.91 -43.65
C ASN F 263 -24.25 5.33 -42.65
N LEU F 264 -22.94 5.56 -42.85
CA LEU F 264 -22.06 5.12 -41.82
C LEU F 264 -21.95 6.30 -40.92
N SER F 265 -22.95 6.50 -40.05
CA SER F 265 -22.98 7.63 -39.16
C SER F 265 -24.20 7.53 -38.33
N CYS F 266 -24.78 8.70 -37.98
CA CYS F 266 -25.93 8.72 -37.11
C CYS F 266 -27.07 9.41 -37.80
N LYS F 267 -28.06 9.91 -37.02
CA LYS F 267 -29.27 10.55 -37.47
C LYS F 267 -28.98 11.94 -37.96
N ILE F 268 -29.74 12.38 -38.98
CA ILE F 268 -29.50 13.66 -39.59
C ILE F 268 -30.77 14.34 -40.03
N LEU F 269 -30.75 15.69 -40.01
CA LEU F 269 -31.71 16.53 -40.65
C LEU F 269 -30.95 17.16 -41.76
N LEU F 270 -31.47 17.12 -43.00
CA LEU F 270 -30.67 17.68 -44.05
C LEU F 270 -31.48 18.71 -44.78
N THR F 271 -30.80 19.78 -45.24
CA THR F 271 -31.45 20.79 -46.05
C THR F 271 -30.78 20.70 -47.39
N THR F 272 -31.58 20.57 -48.49
CA THR F 272 -30.93 20.46 -49.76
C THR F 272 -31.81 21.03 -50.84
N ARG F 273 -31.19 21.60 -51.89
CA ARG F 273 -31.79 22.23 -53.04
C ARG F 273 -32.26 21.26 -54.08
N PHE F 274 -32.06 19.98 -53.86
CA PHE F 274 -32.54 19.04 -54.83
C PHE F 274 -33.59 18.31 -54.04
N LYS F 275 -34.51 17.58 -54.70
CA LYS F 275 -35.31 16.55 -54.08
C LYS F 275 -34.66 15.22 -54.32
N GLN F 276 -34.08 15.00 -55.53
CA GLN F 276 -33.70 13.65 -55.82
C GLN F 276 -32.55 13.22 -54.96
N VAL F 277 -31.68 14.15 -54.53
CA VAL F 277 -30.58 13.79 -53.66
C VAL F 277 -31.15 13.10 -52.46
N THR F 278 -32.26 13.63 -51.97
CA THR F 278 -33.00 13.18 -50.84
C THR F 278 -33.43 11.77 -51.10
N ASP F 279 -33.94 11.56 -52.31
CA ASP F 279 -34.51 10.32 -52.71
C ASP F 279 -33.45 9.27 -52.68
N PHE F 280 -32.24 9.61 -53.18
CA PHE F 280 -31.18 8.64 -53.25
C PHE F 280 -30.79 8.22 -51.87
N LEU F 281 -30.69 9.18 -50.95
CA LEU F 281 -30.28 8.92 -49.61
C LEU F 281 -31.26 7.99 -48.95
N SER F 282 -32.56 8.20 -49.20
CA SER F 282 -33.62 7.41 -48.63
C SER F 282 -33.53 6.02 -49.17
N ALA F 283 -33.11 5.89 -50.44
CA ALA F 283 -33.01 4.57 -50.99
C ALA F 283 -31.91 3.82 -50.30
N ALA F 284 -30.74 4.49 -50.11
CA ALA F 284 -29.61 3.80 -49.57
C ALA F 284 -29.94 3.34 -48.20
N THR F 285 -30.46 4.26 -47.37
CA THR F 285 -30.87 3.91 -46.05
C THR F 285 -32.32 4.13 -46.06
N THR F 286 -33.08 3.10 -45.66
CA THR F 286 -34.51 3.19 -45.65
C THR F 286 -34.85 4.22 -44.62
N THR F 287 -36.14 4.32 -44.25
CA THR F 287 -36.54 5.34 -43.32
C THR F 287 -36.09 6.71 -43.69
N HIS F 288 -36.74 7.29 -44.72
CA HIS F 288 -36.49 8.66 -45.05
C HIS F 288 -37.76 9.40 -44.77
N ILE F 289 -37.61 10.70 -44.41
CA ILE F 289 -38.74 11.55 -44.13
C ILE F 289 -38.53 12.76 -44.99
N SER F 290 -39.59 13.27 -45.64
CA SER F 290 -39.30 14.40 -46.48
C SER F 290 -40.20 15.53 -46.12
N LEU F 291 -39.61 16.73 -45.99
CA LEU F 291 -40.38 17.91 -45.74
C LEU F 291 -40.00 18.82 -46.86
N ASP F 292 -40.96 19.17 -47.71
CA ASP F 292 -40.65 20.01 -48.82
C ASP F 292 -41.10 21.42 -48.46
N HIS F 293 -40.38 22.49 -48.86
CA HIS F 293 -39.19 22.50 -49.65
C HIS F 293 -39.67 22.12 -51.06
N HIS F 294 -40.97 22.10 -51.16
CA HIS F 294 -41.70 21.74 -52.32
C HIS F 294 -42.98 21.59 -51.61
N SER F 295 -44.04 21.15 -52.30
CA SER F 295 -45.33 20.93 -51.71
C SER F 295 -46.20 22.11 -52.05
N MET F 296 -47.19 22.34 -51.17
CA MET F 296 -48.26 23.32 -51.15
C MET F 296 -47.77 24.74 -50.95
N THR F 297 -46.66 24.93 -50.21
CA THR F 297 -46.02 26.19 -49.85
C THR F 297 -46.74 27.14 -48.92
N LEU F 298 -47.27 26.65 -47.78
CA LEU F 298 -47.70 27.60 -46.77
C LEU F 298 -48.82 28.43 -47.30
N THR F 299 -48.88 29.68 -46.81
CA THR F 299 -49.85 30.64 -47.25
C THR F 299 -49.13 31.91 -47.60
N PRO F 300 -49.33 32.38 -48.80
CA PRO F 300 -48.68 33.59 -49.23
C PRO F 300 -49.10 34.78 -48.46
N ASP F 301 -50.31 34.76 -47.86
CA ASP F 301 -50.75 35.90 -47.11
C ASP F 301 -49.84 36.04 -45.92
N GLU F 302 -49.56 34.92 -45.25
CA GLU F 302 -48.74 34.94 -44.07
C GLU F 302 -47.35 35.34 -44.45
N VAL F 303 -46.86 34.80 -45.58
CA VAL F 303 -45.51 35.07 -45.97
C VAL F 303 -45.44 36.53 -46.25
N LYS F 304 -46.42 37.07 -46.97
CA LYS F 304 -46.33 38.45 -47.35
C LYS F 304 -46.31 39.28 -46.11
N SER F 305 -47.08 38.87 -45.08
CA SER F 305 -47.13 39.66 -43.88
C SER F 305 -45.77 39.65 -43.27
N LEU F 306 -45.00 38.58 -43.50
CA LEU F 306 -43.69 38.43 -42.96
C LEU F 306 -42.86 39.53 -43.45
N LEU F 307 -42.86 39.69 -44.78
CA LEU F 307 -42.00 40.61 -45.40
C LEU F 307 -42.48 41.94 -44.98
N LEU F 308 -43.81 42.02 -44.82
CA LEU F 308 -44.49 43.23 -44.53
C LEU F 308 -44.01 43.76 -43.22
N LYS F 309 -43.80 42.92 -42.19
CA LYS F 309 -43.36 43.57 -40.99
C LYS F 309 -41.93 43.99 -41.12
N TYR F 310 -41.10 43.22 -41.86
CA TYR F 310 -39.72 43.58 -42.01
C TYR F 310 -39.66 44.98 -42.53
N LEU F 311 -40.33 45.11 -43.68
CA LEU F 311 -40.37 46.28 -44.51
C LEU F 311 -41.27 47.40 -44.01
N ASP F 312 -42.40 47.06 -43.36
CA ASP F 312 -43.51 47.92 -42.98
C ASP F 312 -44.06 48.72 -44.17
N CYS F 313 -44.94 48.10 -45.01
CA CYS F 313 -45.47 48.66 -46.25
C CYS F 313 -46.97 48.88 -46.32
N ARG F 314 -47.51 48.98 -47.58
CA ARG F 314 -48.90 49.26 -47.88
C ARG F 314 -49.48 48.18 -48.76
N PRO F 315 -50.76 47.94 -48.54
CA PRO F 315 -51.55 46.92 -49.19
C PRO F 315 -51.62 47.07 -50.68
N GLN F 316 -51.63 48.31 -51.18
CA GLN F 316 -51.67 48.51 -52.60
C GLN F 316 -50.38 47.95 -53.10
N ASP F 317 -49.35 48.16 -52.28
CA ASP F 317 -48.02 47.77 -52.59
C ASP F 317 -47.88 46.29 -52.61
N LEU F 318 -48.78 45.61 -51.88
CA LEU F 318 -48.62 44.21 -51.65
C LEU F 318 -48.51 43.40 -52.87
N PRO F 319 -49.32 43.61 -53.85
CA PRO F 319 -49.24 42.76 -55.00
C PRO F 319 -47.88 42.87 -55.64
N ARG F 320 -47.17 43.98 -55.42
CA ARG F 320 -45.87 43.97 -56.02
C ARG F 320 -45.07 42.90 -55.34
N GLU F 321 -45.23 42.81 -54.02
CA GLU F 321 -44.51 41.92 -53.14
C GLU F 321 -44.89 40.51 -53.40
N VAL F 322 -46.19 40.30 -53.73
CA VAL F 322 -46.76 38.99 -53.84
C VAL F 322 -45.86 38.32 -54.81
N LEU F 323 -45.41 39.06 -55.84
CA LEU F 323 -44.46 38.50 -56.76
C LEU F 323 -43.10 38.80 -56.21
N THR F 324 -42.19 37.81 -56.27
CA THR F 324 -42.51 36.52 -56.81
C THR F 324 -42.75 35.58 -55.68
N THR F 325 -43.14 34.33 -56.02
CA THR F 325 -43.46 33.33 -55.05
C THR F 325 -42.28 32.96 -54.21
N ASN F 326 -41.07 32.80 -54.83
CA ASN F 326 -40.00 32.24 -54.04
C ASN F 326 -39.52 33.13 -52.95
N PRO F 327 -39.35 32.45 -51.85
CA PRO F 327 -38.89 33.04 -50.63
C PRO F 327 -37.49 33.54 -50.78
N ARG F 328 -36.64 32.90 -51.61
CA ARG F 328 -35.31 33.45 -51.64
C ARG F 328 -35.40 34.78 -52.27
N ARG F 329 -36.20 34.86 -53.36
CA ARG F 329 -36.31 36.09 -54.07
C ARG F 329 -37.00 37.09 -53.20
N LEU F 330 -37.97 36.61 -52.38
CA LEU F 330 -38.69 37.54 -51.58
C LEU F 330 -37.70 38.19 -50.67
N SER F 331 -36.78 37.42 -50.10
CA SER F 331 -35.98 38.10 -49.16
C SER F 331 -34.88 38.90 -49.83
N ILE F 332 -34.40 38.49 -51.03
CA ILE F 332 -33.44 39.32 -51.70
C ILE F 332 -34.09 40.65 -51.97
N ILE F 333 -35.36 40.62 -52.40
CA ILE F 333 -36.10 41.81 -52.70
C ILE F 333 -36.27 42.57 -51.41
N ALA F 334 -36.62 41.88 -50.31
CA ALA F 334 -36.92 42.52 -49.07
C ALA F 334 -35.75 43.30 -48.61
N GLU F 335 -34.54 42.72 -48.74
CA GLU F 335 -33.36 43.40 -48.32
C GLU F 335 -33.23 44.65 -49.13
N SER F 336 -33.48 44.56 -50.46
CA SER F 336 -33.30 45.67 -51.35
C SER F 336 -34.27 46.73 -50.99
N ILE F 337 -35.51 46.35 -50.67
CA ILE F 337 -36.53 47.28 -50.31
C ILE F 337 -36.19 47.96 -49.02
N ARG F 338 -35.51 47.30 -48.07
CA ARG F 338 -35.20 48.06 -46.90
C ARG F 338 -34.33 49.19 -47.35
N ASP F 339 -33.42 48.93 -48.30
CA ASP F 339 -32.68 50.03 -48.84
C ASP F 339 -33.47 50.93 -49.79
N GLY F 340 -34.45 50.44 -50.60
CA GLY F 340 -35.16 51.21 -51.63
C GLY F 340 -36.66 50.78 -51.77
N LEU F 341 -37.30 50.62 -53.00
CA LEU F 341 -38.79 50.55 -53.21
C LEU F 341 -39.59 49.22 -53.70
N ALA F 342 -41.03 49.00 -53.55
CA ALA F 342 -41.80 48.08 -54.37
C ALA F 342 -42.34 49.11 -55.28
N THR F 343 -41.52 49.56 -56.26
CA THR F 343 -41.97 50.60 -57.12
C THR F 343 -41.26 50.53 -58.42
N TRP F 344 -41.20 51.69 -59.11
CA TRP F 344 -40.60 51.74 -60.41
C TRP F 344 -39.16 51.34 -60.29
N ASP F 345 -38.46 51.81 -59.25
CA ASP F 345 -37.07 51.47 -59.12
C ASP F 345 -36.91 49.99 -58.91
N ASN F 346 -37.75 49.40 -58.04
CA ASN F 346 -37.68 48.01 -57.65
C ASN F 346 -37.88 47.16 -58.84
N TRP F 347 -38.97 47.44 -59.58
CA TRP F 347 -39.29 46.67 -60.73
C TRP F 347 -38.19 46.87 -61.71
N LYS F 348 -37.62 48.08 -61.72
CA LYS F 348 -36.61 48.42 -62.67
C LYS F 348 -35.44 47.49 -62.54
N HIS F 349 -35.00 47.21 -61.29
CA HIS F 349 -33.85 46.37 -61.08
C HIS F 349 -34.14 44.97 -61.54
N VAL F 350 -35.33 44.47 -61.12
CA VAL F 350 -35.90 43.15 -61.23
C VAL F 350 -35.29 42.17 -60.25
N ASN F 351 -34.60 42.66 -59.20
CA ASN F 351 -33.98 41.87 -58.15
C ASN F 351 -33.13 40.76 -58.68
N CYS F 352 -32.24 41.16 -59.60
CA CYS F 352 -31.23 40.31 -60.18
C CYS F 352 -29.90 40.35 -59.51
N ASP F 353 -29.58 41.43 -58.75
CA ASP F 353 -28.22 41.64 -58.34
C ASP F 353 -27.69 40.45 -57.60
N LYS F 354 -28.39 40.01 -56.54
CA LYS F 354 -27.94 38.87 -55.80
C LYS F 354 -28.07 37.60 -56.60
N LEU F 355 -29.25 37.40 -57.19
CA LEU F 355 -29.60 36.16 -57.82
C LEU F 355 -28.75 35.84 -59.01
N THR F 356 -28.41 36.84 -59.84
CA THR F 356 -27.68 36.54 -61.04
C THR F 356 -26.39 35.88 -60.65
N THR F 357 -25.69 36.45 -59.65
CA THR F 357 -24.45 35.88 -59.26
C THR F 357 -24.71 34.51 -58.69
N ILE F 358 -25.82 34.38 -57.94
CA ILE F 358 -26.13 33.16 -57.26
C ILE F 358 -26.33 32.05 -58.26
N ILE F 359 -27.12 32.31 -59.31
CA ILE F 359 -27.45 31.34 -60.32
C ILE F 359 -26.21 30.95 -61.06
N GLU F 360 -25.30 31.92 -61.29
CA GLU F 360 -24.14 31.68 -62.09
C GLU F 360 -23.38 30.53 -61.53
N SER F 361 -23.24 30.48 -60.19
CA SER F 361 -22.50 29.41 -59.60
C SER F 361 -23.23 28.13 -59.89
N SER F 362 -24.58 28.20 -59.97
CA SER F 362 -25.38 27.05 -60.20
C SER F 362 -25.07 26.46 -61.54
N LEU F 363 -24.85 27.32 -62.55
CA LEU F 363 -24.63 26.83 -63.89
C LEU F 363 -23.35 26.06 -63.92
N ASN F 364 -22.33 26.53 -63.19
CA ASN F 364 -21.02 25.95 -63.25
C ASN F 364 -21.07 24.53 -62.81
N VAL F 365 -21.98 24.19 -61.87
CA VAL F 365 -22.00 22.88 -61.32
C VAL F 365 -22.24 21.83 -62.39
N LEU F 366 -23.08 22.12 -63.42
CA LEU F 366 -23.36 21.17 -64.48
C LEU F 366 -22.29 21.29 -65.57
N GLU F 367 -22.34 20.48 -66.68
CA GLU F 367 -21.32 20.50 -67.72
C GLU F 367 -21.79 21.34 -68.89
N PRO F 368 -21.03 22.38 -69.10
CA PRO F 368 -21.32 23.43 -70.03
C PRO F 368 -21.53 23.05 -71.45
N ALA F 369 -20.80 22.07 -72.01
CA ALA F 369 -20.98 21.94 -73.42
C ALA F 369 -22.38 21.50 -73.74
N GLU F 370 -22.78 20.33 -73.23
CA GLU F 370 -24.09 19.87 -73.60
C GLU F 370 -25.16 20.54 -72.79
N TYR F 371 -25.03 20.45 -71.46
CA TYR F 371 -26.05 20.89 -70.55
C TYR F 371 -26.17 22.38 -70.55
N ARG F 372 -25.02 23.08 -70.47
CA ARG F 372 -25.10 24.52 -70.42
C ARG F 372 -25.74 24.98 -71.69
N LYS F 373 -25.35 24.38 -72.82
CA LYS F 373 -25.89 24.76 -74.09
C LYS F 373 -27.33 24.40 -74.18
N MET F 374 -27.69 23.18 -73.73
CA MET F 374 -29.03 22.71 -73.86
C MET F 374 -29.98 23.58 -73.08
N PHE F 375 -29.57 23.98 -71.87
CA PHE F 375 -30.34 24.88 -71.04
C PHE F 375 -30.40 26.24 -71.66
N ASP F 376 -29.29 26.66 -72.27
CA ASP F 376 -29.18 28.02 -72.75
C ASP F 376 -30.27 28.28 -73.75
N ARG F 377 -30.69 27.25 -74.48
CA ARG F 377 -31.67 27.32 -75.52
C ARG F 377 -33.05 27.66 -74.99
N LEU F 378 -33.38 27.22 -73.77
CA LEU F 378 -34.73 27.27 -73.23
C LEU F 378 -35.26 28.67 -73.24
N SER F 379 -34.37 29.67 -73.37
CA SER F 379 -34.73 31.06 -73.30
C SER F 379 -35.91 31.46 -74.21
N VAL F 380 -35.90 31.25 -75.57
CA VAL F 380 -37.01 31.70 -76.44
C VAL F 380 -38.15 30.77 -76.28
N PHE F 381 -38.96 31.03 -75.23
CA PHE F 381 -40.13 30.30 -74.89
C PHE F 381 -40.94 31.18 -74.01
N PRO F 382 -42.20 30.90 -73.99
CA PRO F 382 -43.01 31.65 -73.07
C PRO F 382 -42.80 31.21 -71.66
N PRO F 383 -42.73 32.18 -70.79
CA PRO F 383 -42.51 31.91 -69.40
C PRO F 383 -43.76 31.50 -68.72
N SER F 384 -43.65 30.63 -67.71
CA SER F 384 -44.77 30.23 -66.91
C SER F 384 -45.85 29.76 -67.83
N ALA F 385 -45.47 29.27 -69.02
CA ALA F 385 -46.51 28.81 -69.89
C ALA F 385 -46.17 27.43 -70.28
N HIS F 386 -46.94 26.46 -69.76
CA HIS F 386 -46.78 25.06 -69.98
C HIS F 386 -46.50 24.81 -71.43
N ILE F 387 -45.26 24.36 -71.72
CA ILE F 387 -44.86 24.13 -73.07
C ILE F 387 -44.57 22.67 -73.20
N PRO F 388 -45.18 22.05 -74.17
CA PRO F 388 -45.02 20.64 -74.34
C PRO F 388 -43.64 20.26 -74.74
N THR F 389 -43.26 18.99 -74.47
CA THR F 389 -41.95 18.47 -74.72
C THR F 389 -41.66 18.51 -76.18
N ILE F 390 -42.66 18.21 -77.03
CA ILE F 390 -42.44 18.18 -78.44
C ILE F 390 -41.91 19.51 -78.84
N LEU F 391 -42.47 20.58 -78.24
CA LEU F 391 -42.04 21.92 -78.48
C LEU F 391 -40.64 22.08 -77.97
N LEU F 392 -40.38 21.46 -76.82
CA LEU F 392 -39.16 21.55 -76.10
C LEU F 392 -38.07 20.95 -76.93
N SER F 393 -38.38 19.85 -77.64
CA SER F 393 -37.39 19.14 -78.41
C SER F 393 -36.83 20.05 -79.45
N LEU F 394 -37.63 20.96 -80.01
CA LEU F 394 -37.10 21.78 -81.07
C LEU F 394 -35.94 22.55 -80.53
N ILE F 395 -36.14 23.23 -79.40
CA ILE F 395 -35.11 24.02 -78.80
C ILE F 395 -34.04 23.15 -78.20
N TRP F 396 -34.44 22.08 -77.48
CA TRP F 396 -33.43 21.35 -76.79
C TRP F 396 -32.52 20.67 -77.78
N PHE F 397 -33.03 20.16 -78.91
CA PHE F 397 -32.20 19.41 -79.81
C PHE F 397 -31.09 20.23 -80.39
N ASP F 398 -29.85 20.05 -79.88
CA ASP F 398 -28.65 20.47 -80.56
C ASP F 398 -28.17 19.28 -81.34
N VAL F 399 -28.35 17.95 -80.76
CA VAL F 399 -28.05 16.63 -81.22
C VAL F 399 -29.39 16.00 -81.16
N ILE F 400 -29.63 14.82 -81.76
CA ILE F 400 -31.00 14.44 -81.69
C ILE F 400 -31.22 13.04 -81.24
N LYS F 401 -32.29 12.90 -80.42
CA LYS F 401 -32.82 11.71 -79.84
C LYS F 401 -32.88 11.90 -78.37
N SER F 402 -33.01 10.78 -77.62
CA SER F 402 -33.22 10.80 -76.21
C SER F 402 -32.07 11.48 -75.54
N ASP F 403 -30.99 11.77 -76.28
CA ASP F 403 -29.82 12.37 -75.72
C ASP F 403 -30.27 13.62 -75.06
N VAL F 404 -31.13 14.34 -75.78
CA VAL F 404 -31.70 15.58 -75.35
C VAL F 404 -32.54 15.30 -74.15
N MET F 405 -33.21 14.14 -74.16
CA MET F 405 -34.09 13.76 -73.09
C MET F 405 -33.29 13.64 -71.83
N VAL F 406 -32.14 12.94 -71.88
CA VAL F 406 -31.29 12.73 -70.74
C VAL F 406 -30.58 13.97 -70.32
N VAL F 407 -30.06 14.73 -71.30
CA VAL F 407 -29.23 15.86 -70.97
C VAL F 407 -30.03 16.84 -70.16
N VAL F 408 -31.32 17.03 -70.49
CA VAL F 408 -32.12 17.90 -69.68
C VAL F 408 -32.25 17.28 -68.33
N ASN F 409 -32.32 15.94 -68.28
CA ASN F 409 -32.63 15.19 -67.11
C ASN F 409 -31.64 15.45 -66.02
N LYS F 410 -30.34 15.53 -66.36
CA LYS F 410 -29.32 15.69 -65.36
C LYS F 410 -29.56 16.97 -64.61
N LEU F 411 -30.01 18.00 -65.35
CA LEU F 411 -30.27 19.24 -64.68
C LEU F 411 -31.62 19.23 -63.95
N HIS F 412 -32.66 18.66 -64.66
CA HIS F 412 -34.10 18.77 -64.77
C HIS F 412 -34.70 18.44 -63.47
N LYS F 413 -34.04 17.55 -62.74
CA LYS F 413 -34.66 16.92 -61.65
C LYS F 413 -35.10 18.01 -60.71
N TYR F 414 -34.38 19.19 -60.80
CA TYR F 414 -33.63 19.83 -59.72
C TYR F 414 -34.69 20.32 -58.87
N SER F 415 -35.52 21.03 -59.58
CA SER F 415 -36.21 22.10 -59.11
C SER F 415 -36.39 22.85 -60.36
N LEU F 416 -36.14 24.15 -60.21
CA LEU F 416 -36.76 25.13 -61.02
C LEU F 416 -35.72 25.63 -61.94
N VAL F 417 -34.85 24.69 -62.33
CA VAL F 417 -34.14 24.96 -63.53
C VAL F 417 -35.15 24.84 -64.63
N GLU F 418 -35.64 23.61 -64.87
CA GLU F 418 -36.84 23.27 -65.59
C GLU F 418 -37.66 22.30 -64.81
N LYS F 419 -39.00 22.29 -65.02
CA LYS F 419 -39.79 21.35 -64.29
C LYS F 419 -40.64 20.59 -65.27
N GLN F 420 -40.81 19.28 -65.04
CA GLN F 420 -41.64 18.54 -65.95
C GLN F 420 -42.74 17.87 -65.19
N PRO F 421 -43.94 18.24 -65.54
CA PRO F 421 -45.11 17.66 -64.95
C PRO F 421 -45.38 16.25 -65.35
N LYS F 422 -45.04 16.03 -66.55
CA LYS F 422 -45.34 14.72 -67.06
C LYS F 422 -44.68 14.63 -68.40
N GLU F 423 -44.93 13.54 -69.14
CA GLU F 423 -44.33 13.30 -70.42
C GLU F 423 -44.72 14.41 -71.34
N SER F 424 -45.91 15.00 -71.11
CA SER F 424 -46.49 16.03 -71.94
C SER F 424 -45.67 17.29 -72.04
N THR F 425 -45.34 17.98 -70.92
CA THR F 425 -44.68 19.25 -71.16
C THR F 425 -43.70 19.58 -70.09
N ILE F 426 -42.83 20.57 -70.39
CA ILE F 426 -41.95 21.07 -69.39
C ILE F 426 -42.13 22.54 -69.40
N SER F 427 -42.06 23.19 -68.23
CA SER F 427 -42.23 24.61 -68.26
C SER F 427 -40.97 25.16 -67.72
N ILE F 428 -40.69 26.47 -67.98
CA ILE F 428 -39.55 27.09 -67.38
C ILE F 428 -39.99 27.48 -65.99
N PRO F 429 -39.21 27.06 -65.05
CA PRO F 429 -39.70 27.10 -63.72
C PRO F 429 -40.23 28.25 -63.09
N SER F 430 -39.55 29.36 -63.22
CA SER F 430 -40.09 30.47 -62.60
C SER F 430 -39.25 31.57 -63.10
N ILE F 431 -39.53 32.75 -62.56
CA ILE F 431 -38.94 34.00 -62.89
C ILE F 431 -37.47 33.93 -62.62
N TYR F 432 -37.06 33.20 -61.57
CA TYR F 432 -35.68 33.21 -61.18
C TYR F 432 -34.76 32.74 -62.25
N LEU F 433 -35.02 31.56 -62.83
CA LEU F 433 -34.10 31.03 -63.79
C LEU F 433 -34.10 31.92 -64.99
N GLU F 434 -35.31 32.26 -65.46
CA GLU F 434 -35.48 33.02 -66.68
C GLU F 434 -34.86 34.36 -66.50
N LEU F 435 -34.99 34.92 -65.29
CA LEU F 435 -34.50 36.25 -65.06
C LEU F 435 -33.04 36.21 -65.34
N LYS F 436 -32.38 35.13 -64.94
CA LYS F 436 -30.97 35.02 -65.17
C LYS F 436 -30.70 35.04 -66.64
N VAL F 437 -31.43 34.20 -67.39
CA VAL F 437 -31.15 34.02 -68.79
C VAL F 437 -31.43 35.27 -69.55
N LYS F 438 -32.54 35.98 -69.23
CA LYS F 438 -32.89 37.10 -70.04
C LYS F 438 -31.80 38.13 -70.08
N LEU F 439 -31.14 38.41 -68.94
CA LEU F 439 -30.11 39.41 -68.98
C LEU F 439 -28.99 38.95 -69.88
N GLU F 440 -28.59 37.67 -69.77
CA GLU F 440 -27.46 37.22 -70.53
C GLU F 440 -27.90 36.48 -71.75
N ASN F 441 -27.63 37.05 -72.94
CA ASN F 441 -28.01 36.36 -74.14
C ASN F 441 -27.08 36.86 -75.21
N GLU F 442 -27.01 36.14 -76.36
CA GLU F 442 -26.13 36.50 -77.44
C GLU F 442 -26.96 36.45 -78.69
N TYR F 443 -26.45 36.84 -79.87
CA TYR F 443 -27.46 36.84 -80.87
C TYR F 443 -27.47 35.51 -81.54
N ALA F 444 -27.85 34.49 -80.74
CA ALA F 444 -28.27 33.16 -81.03
C ALA F 444 -29.73 33.26 -81.36
N LEU F 445 -30.36 34.31 -80.81
CA LEU F 445 -31.77 34.47 -80.84
C LEU F 445 -32.30 34.39 -82.23
N HIS F 446 -31.59 34.93 -83.23
CA HIS F 446 -32.14 34.92 -84.56
C HIS F 446 -32.42 33.52 -84.98
N ARG F 447 -31.48 32.59 -84.76
CA ARG F 447 -31.70 31.24 -85.20
C ARG F 447 -32.87 30.67 -84.46
N SER F 448 -32.96 30.95 -83.16
CA SER F 448 -34.02 30.37 -82.38
C SER F 448 -35.35 30.84 -82.88
N ILE F 449 -35.47 32.15 -83.15
CA ILE F 449 -36.72 32.69 -83.59
C ILE F 449 -37.06 32.08 -84.90
N VAL F 450 -36.05 31.90 -85.78
CA VAL F 450 -36.33 31.37 -87.07
C VAL F 450 -36.86 29.97 -86.91
N ASP F 451 -36.36 29.23 -85.91
CA ASP F 451 -36.77 27.88 -85.72
C ASP F 451 -38.25 27.87 -85.48
N HIS F 452 -38.74 28.86 -84.71
CA HIS F 452 -40.15 28.90 -84.39
C HIS F 452 -40.92 29.07 -85.66
N TYR F 453 -40.45 29.90 -86.60
CA TYR F 453 -41.21 30.06 -87.81
C TYR F 453 -41.30 28.72 -88.48
N ASN F 454 -40.17 28.01 -88.51
CA ASN F 454 -40.11 26.75 -89.20
C ASN F 454 -41.08 25.79 -88.60
N ILE F 455 -41.19 25.77 -87.25
CA ILE F 455 -42.05 24.78 -86.67
C ILE F 455 -43.48 24.95 -87.12
N PRO F 456 -44.16 26.09 -87.06
CA PRO F 456 -45.46 26.07 -87.66
C PRO F 456 -45.48 25.90 -89.14
N LYS F 457 -44.37 26.21 -89.83
CA LYS F 457 -44.36 26.01 -91.24
C LYS F 457 -44.56 24.55 -91.50
N THR F 458 -43.83 23.70 -90.76
CA THR F 458 -43.92 22.29 -90.95
C THR F 458 -45.31 21.84 -90.63
N PHE F 459 -45.86 22.32 -89.50
CA PHE F 459 -47.19 21.93 -89.16
C PHE F 459 -48.08 22.47 -90.22
N ASP F 460 -48.83 21.59 -90.91
CA ASP F 460 -49.70 22.11 -91.91
C ASP F 460 -50.72 21.07 -92.23
N SER F 461 -51.99 21.48 -92.29
CA SER F 461 -53.04 20.58 -92.69
C SER F 461 -53.58 21.17 -93.95
N ASP F 462 -54.33 20.40 -94.76
CA ASP F 462 -54.79 20.92 -96.01
C ASP F 462 -55.61 22.13 -95.73
N ASP F 463 -56.59 21.99 -94.82
CA ASP F 463 -57.40 23.12 -94.53
C ASP F 463 -56.80 23.91 -93.41
N LEU F 464 -57.59 24.87 -92.93
CA LEU F 464 -57.28 25.90 -91.99
C LEU F 464 -57.08 25.45 -90.58
N ILE F 465 -57.24 24.15 -90.25
CA ILE F 465 -57.14 23.77 -88.85
C ILE F 465 -55.78 23.19 -88.52
N PRO F 466 -55.18 23.83 -87.54
CA PRO F 466 -53.87 23.46 -87.03
C PRO F 466 -53.86 22.27 -86.12
N PRO F 467 -52.75 21.59 -86.12
CA PRO F 467 -52.50 20.44 -85.29
C PRO F 467 -52.18 20.77 -83.86
N TYR F 468 -52.24 22.07 -83.47
CA TYR F 468 -51.88 22.59 -82.17
C TYR F 468 -52.02 21.60 -81.06
N LEU F 469 -51.02 21.63 -80.16
CA LEU F 469 -50.84 20.73 -79.07
C LEU F 469 -51.48 21.30 -77.86
N ASP F 470 -50.95 21.06 -76.64
CA ASP F 470 -51.70 21.43 -75.47
C ASP F 470 -52.10 22.88 -75.46
N GLN F 471 -51.31 23.76 -74.80
CA GLN F 471 -51.65 25.16 -74.86
C GLN F 471 -50.63 26.01 -75.54
N TYR F 472 -49.35 25.57 -75.50
CA TYR F 472 -48.19 26.37 -75.83
C TYR F 472 -48.41 27.05 -77.10
N PHE F 473 -48.76 26.28 -78.12
CA PHE F 473 -48.84 26.85 -79.43
C PHE F 473 -49.85 27.94 -79.42
N TYR F 474 -51.02 27.70 -78.80
CA TYR F 474 -52.05 28.68 -78.88
C TYR F 474 -51.57 29.97 -78.29
N SER F 475 -50.99 29.94 -77.07
CA SER F 475 -50.55 31.17 -76.48
C SER F 475 -49.36 31.74 -77.20
N HIS F 476 -48.30 30.91 -77.31
CA HIS F 476 -46.96 31.22 -77.74
C HIS F 476 -46.82 31.58 -79.20
N ILE F 477 -47.60 30.94 -80.10
CA ILE F 477 -47.34 31.05 -81.51
C ILE F 477 -47.34 32.47 -81.98
N GLY F 478 -48.33 33.27 -81.59
CA GLY F 478 -48.41 34.62 -82.08
C GLY F 478 -47.21 35.39 -81.62
N HIS F 479 -46.78 35.17 -80.36
CA HIS F 479 -45.69 35.93 -79.80
C HIS F 479 -44.45 35.71 -80.61
N HIS F 480 -44.14 34.44 -80.93
CA HIS F 480 -42.94 34.17 -81.66
C HIS F 480 -43.06 34.78 -83.01
N LEU F 481 -44.27 34.70 -83.60
CA LEU F 481 -44.56 35.21 -84.90
C LEU F 481 -44.35 36.69 -84.93
N LYS F 482 -44.80 37.40 -83.89
CA LYS F 482 -44.69 38.83 -83.92
C LYS F 482 -43.25 39.16 -84.08
N ASN F 483 -42.40 38.46 -83.33
CA ASN F 483 -41.02 38.74 -83.43
C ASN F 483 -40.57 38.43 -84.82
N ILE F 484 -41.03 37.28 -85.37
CA ILE F 484 -40.48 36.89 -86.65
C ILE F 484 -40.87 37.83 -87.75
N GLU F 485 -42.17 38.12 -87.94
CA GLU F 485 -42.58 38.96 -89.03
C GLU F 485 -44.06 39.08 -89.07
N HIS F 486 -44.53 40.01 -89.93
CA HIS F 486 -45.91 40.28 -90.19
C HIS F 486 -46.60 39.19 -90.98
N PRO F 487 -46.10 38.72 -92.10
CA PRO F 487 -46.87 37.84 -92.95
C PRO F 487 -47.47 36.64 -92.29
N GLU F 488 -46.72 35.91 -91.46
CA GLU F 488 -47.27 34.72 -90.85
C GLU F 488 -48.35 35.15 -89.92
N ARG F 489 -48.11 36.27 -89.23
CA ARG F 489 -49.00 36.73 -88.22
C ARG F 489 -50.35 36.90 -88.82
N MET F 490 -50.40 37.49 -90.03
CA MET F 490 -51.64 37.78 -90.68
C MET F 490 -52.44 36.52 -90.84
N THR F 491 -51.83 35.45 -91.39
CA THR F 491 -52.60 34.26 -91.62
C THR F 491 -52.94 33.59 -90.32
N LEU F 492 -51.94 33.46 -89.42
CA LEU F 492 -52.13 32.74 -88.20
C LEU F 492 -53.11 33.41 -87.31
N PHE F 493 -53.00 34.75 -87.16
CA PHE F 493 -53.88 35.44 -86.26
C PHE F 493 -55.25 35.19 -86.72
N ARG F 494 -55.45 35.01 -88.03
CA ARG F 494 -56.78 34.56 -88.33
C ARG F 494 -57.64 35.75 -87.96
N MET F 495 -57.03 36.91 -88.18
CA MET F 495 -57.84 38.07 -88.20
C MET F 495 -58.43 37.84 -89.56
N VAL F 496 -57.52 37.36 -90.42
CA VAL F 496 -57.86 36.95 -91.74
C VAL F 496 -58.77 35.75 -91.68
N PHE F 497 -58.22 34.79 -90.87
CA PHE F 497 -58.91 33.56 -90.92
C PHE F 497 -59.72 33.34 -89.74
N LEU F 498 -60.86 32.84 -90.17
CA LEU F 498 -62.02 32.80 -89.40
C LEU F 498 -62.02 31.53 -88.60
N ASP F 499 -61.22 30.60 -89.07
CA ASP F 499 -61.10 29.36 -88.38
C ASP F 499 -60.57 29.51 -86.99
N PHE F 500 -59.62 30.39 -86.69
CA PHE F 500 -59.10 30.41 -85.35
C PHE F 500 -59.99 31.20 -84.50
N ARG F 501 -60.91 31.95 -85.14
CA ARG F 501 -61.96 32.45 -84.34
C ARG F 501 -62.53 31.24 -83.68
N PHE F 502 -62.96 30.24 -84.47
CA PHE F 502 -63.38 28.94 -84.04
C PHE F 502 -62.38 28.33 -83.10
N LEU F 503 -61.15 27.92 -83.57
CA LEU F 503 -60.41 27.01 -82.77
C LEU F 503 -59.87 27.59 -81.53
N GLU F 504 -59.29 28.80 -81.61
CA GLU F 504 -58.71 29.32 -80.41
C GLU F 504 -59.77 29.43 -79.38
N GLN F 505 -60.91 29.96 -79.78
CA GLN F 505 -61.99 30.21 -78.88
C GLN F 505 -62.51 28.93 -78.27
N LYS F 506 -62.86 27.91 -79.08
CA LYS F 506 -63.46 26.81 -78.38
C LYS F 506 -62.46 26.07 -77.56
N ILE F 507 -61.21 25.91 -78.05
CA ILE F 507 -60.29 25.18 -77.23
C ILE F 507 -59.94 25.83 -75.92
N ARG F 508 -59.71 27.15 -75.84
CA ARG F 508 -59.37 27.61 -74.52
C ARG F 508 -60.62 27.92 -73.76
N HIS F 509 -61.56 26.95 -73.73
CA HIS F 509 -62.75 26.89 -72.92
C HIS F 509 -62.46 26.15 -71.65
N ASP F 510 -61.44 25.27 -71.68
CA ASP F 510 -61.10 24.35 -70.63
C ASP F 510 -60.54 25.03 -69.43
N SER F 511 -61.02 24.57 -68.25
CA SER F 511 -60.62 24.96 -66.94
C SER F 511 -61.46 24.13 -66.03
N THR F 512 -61.19 24.18 -64.72
CA THR F 512 -62.05 23.46 -63.83
C THR F 512 -62.55 24.44 -62.82
N ALA F 513 -63.84 24.83 -62.94
CA ALA F 513 -64.36 25.73 -61.95
C ALA F 513 -65.82 25.44 -61.84
N TRP F 514 -66.34 25.40 -60.60
CA TRP F 514 -67.72 25.17 -60.47
C TRP F 514 -68.41 26.34 -61.04
N ASN F 515 -68.04 27.56 -60.58
CA ASN F 515 -68.72 28.75 -60.98
C ASN F 515 -68.46 29.03 -62.41
N ALA F 516 -69.45 29.67 -63.02
CA ALA F 516 -69.56 30.00 -64.39
C ALA F 516 -68.45 30.91 -64.92
N SER F 517 -67.81 31.74 -64.08
CA SER F 517 -66.67 32.35 -64.72
C SER F 517 -65.65 32.63 -63.66
N GLY F 518 -64.76 33.62 -63.89
CA GLY F 518 -63.61 34.01 -63.16
C GLY F 518 -62.72 34.41 -64.27
N SER F 519 -61.41 34.63 -64.02
CA SER F 519 -60.58 35.03 -65.12
C SER F 519 -59.62 33.91 -65.35
N ILE F 520 -59.72 33.24 -66.52
CA ILE F 520 -58.80 32.20 -66.89
C ILE F 520 -58.51 32.35 -68.34
N LEU F 521 -57.44 31.69 -68.83
CA LEU F 521 -57.12 31.75 -70.23
C LEU F 521 -58.31 31.38 -71.04
N ASN F 522 -58.76 32.36 -71.84
CA ASN F 522 -59.88 32.22 -72.70
C ASN F 522 -59.65 33.25 -73.75
N THR F 523 -60.71 34.01 -74.05
CA THR F 523 -60.67 35.06 -75.03
C THR F 523 -59.64 36.05 -74.59
N LEU F 524 -59.45 36.18 -73.26
CA LEU F 524 -58.61 37.20 -72.71
C LEU F 524 -57.24 37.13 -73.34
N GLN F 525 -56.64 35.94 -73.44
CA GLN F 525 -55.33 35.84 -74.01
C GLN F 525 -55.37 36.13 -75.48
N GLN F 526 -56.43 35.65 -76.17
CA GLN F 526 -56.56 35.79 -77.59
C GLN F 526 -56.53 37.25 -77.95
N LEU F 527 -57.33 38.07 -77.25
CA LEU F 527 -57.41 39.47 -77.53
C LEU F 527 -56.06 40.05 -77.26
N LYS F 528 -55.35 39.49 -76.27
CA LYS F 528 -54.06 40.00 -75.91
C LYS F 528 -53.12 39.85 -77.06
N PHE F 529 -53.20 38.72 -77.79
CA PHE F 529 -52.26 38.53 -78.86
C PHE F 529 -52.49 39.56 -79.90
N TYR F 530 -53.76 39.81 -80.24
CA TYR F 530 -54.01 40.68 -81.34
C TYR F 530 -53.44 42.04 -81.07
N LYS F 531 -53.62 42.58 -79.86
CA LYS F 531 -53.19 43.93 -79.65
C LYS F 531 -51.69 44.11 -79.78
N PRO F 532 -50.82 43.44 -79.08
CA PRO F 532 -49.42 43.73 -79.31
C PRO F 532 -48.83 43.23 -80.60
N TYR F 533 -49.37 42.16 -81.19
CA TYR F 533 -48.82 41.57 -82.36
C TYR F 533 -49.02 42.40 -83.60
N ILE F 534 -50.07 43.27 -83.64
CA ILE F 534 -50.48 43.95 -84.84
C ILE F 534 -49.37 44.76 -85.42
N CYS F 535 -48.45 45.29 -84.60
CA CYS F 535 -47.47 46.22 -85.06
C CYS F 535 -46.70 45.64 -86.20
N ASP F 536 -46.54 44.30 -86.22
CA ASP F 536 -45.76 43.69 -87.25
C ASP F 536 -46.39 44.01 -88.58
N ASN F 537 -47.69 44.37 -88.58
CA ASN F 537 -48.42 44.68 -89.79
C ASN F 537 -48.60 46.17 -89.96
N ASP F 538 -49.42 46.55 -90.98
CA ASP F 538 -49.73 47.92 -91.30
C ASP F 538 -51.18 48.25 -90.97
N PRO F 539 -51.62 49.42 -91.36
CA PRO F 539 -52.99 49.81 -91.13
C PRO F 539 -54.06 49.03 -91.84
N LYS F 540 -53.85 48.62 -93.11
CA LYS F 540 -54.90 47.97 -93.85
C LYS F 540 -55.30 46.78 -93.07
N TYR F 541 -54.29 46.02 -92.62
CA TYR F 541 -54.53 44.86 -91.82
C TYR F 541 -55.08 45.32 -90.51
N GLU F 542 -54.61 46.48 -90.04
CA GLU F 542 -54.98 46.99 -88.75
C GLU F 542 -56.46 47.17 -88.71
N ARG F 543 -57.04 47.70 -89.79
CA ARG F 543 -58.46 47.88 -89.74
C ARG F 543 -59.12 46.54 -89.69
N LEU F 544 -58.60 45.56 -90.46
CA LEU F 544 -59.22 44.27 -90.50
C LEU F 544 -59.17 43.70 -89.12
N VAL F 545 -58.00 43.81 -88.47
CA VAL F 545 -57.90 43.21 -87.18
C VAL F 545 -58.90 43.80 -86.25
N ASN F 546 -59.17 45.12 -86.37
CA ASN F 546 -60.13 45.68 -85.48
C ASN F 546 -61.49 45.12 -85.79
N ALA F 547 -61.76 44.84 -87.08
CA ALA F 547 -63.06 44.35 -87.46
C ALA F 547 -63.30 43.07 -86.71
N ILE F 548 -62.30 42.18 -86.68
CA ILE F 548 -62.45 40.92 -86.02
C ILE F 548 -62.59 41.21 -84.57
N LEU F 549 -61.79 42.18 -84.09
CA LEU F 549 -61.73 42.48 -82.70
C LEU F 549 -63.06 42.97 -82.23
N ASP F 550 -63.73 43.86 -82.97
CA ASP F 550 -65.00 44.35 -82.50
C ASP F 550 -65.97 43.21 -82.48
N PHE F 551 -65.87 42.29 -83.46
CA PHE F 551 -66.80 41.22 -83.54
C PHE F 551 -66.69 40.36 -82.31
N LEU F 552 -65.46 40.13 -81.83
CA LEU F 552 -65.26 39.26 -80.70
C LEU F 552 -65.95 39.78 -79.47
N PRO F 553 -65.75 40.99 -79.00
CA PRO F 553 -66.57 41.38 -77.89
C PRO F 553 -68.00 41.52 -78.23
N LYS F 554 -68.35 41.67 -79.52
CA LYS F 554 -69.73 41.85 -79.85
C LYS F 554 -70.46 40.62 -79.42
N ILE F 555 -69.87 39.45 -79.73
CA ILE F 555 -70.55 38.22 -79.46
C ILE F 555 -70.55 37.98 -77.99
N GLU F 556 -71.77 37.70 -77.46
CA GLU F 556 -72.04 37.51 -76.07
C GLU F 556 -71.81 36.09 -75.66
N GLU F 557 -71.81 35.90 -74.33
CA GLU F 557 -71.56 34.63 -73.72
C GLU F 557 -72.55 33.65 -74.25
N ASN F 558 -72.00 32.60 -74.87
CA ASN F 558 -72.71 31.49 -75.41
C ASN F 558 -71.67 30.44 -75.57
N LEU F 559 -72.09 29.26 -76.06
CA LEU F 559 -71.17 28.21 -76.36
C LEU F 559 -70.87 28.41 -77.82
N ILE F 560 -69.59 28.58 -78.20
CA ILE F 560 -69.23 28.72 -79.59
C ILE F 560 -69.51 27.39 -80.20
N CYS F 561 -69.03 26.33 -79.51
CA CYS F 561 -69.15 25.01 -80.04
C CYS F 561 -70.59 24.74 -80.32
N SER F 562 -70.85 24.38 -81.58
CA SER F 562 -72.12 24.13 -82.18
C SER F 562 -71.75 23.57 -83.50
N LYS F 563 -72.55 23.58 -84.55
CA LYS F 563 -71.74 23.26 -85.65
C LYS F 563 -70.99 24.42 -86.03
N TYR F 564 -70.07 24.06 -86.86
CA TYR F 564 -69.03 24.89 -87.32
C TYR F 564 -69.62 25.97 -88.16
N THR F 565 -70.82 25.70 -88.67
CA THR F 565 -71.64 26.53 -89.47
C THR F 565 -71.73 27.87 -88.88
N ASP F 566 -71.93 27.87 -87.56
CA ASP F 566 -72.29 29.08 -86.93
C ASP F 566 -71.27 30.13 -87.15
N LEU F 567 -70.01 29.74 -87.08
CA LEU F 567 -69.01 30.72 -87.20
C LEU F 567 -69.24 31.38 -88.53
N LEU F 568 -69.49 30.58 -89.59
CA LEU F 568 -69.53 31.20 -90.87
C LEU F 568 -70.74 32.11 -90.96
N ARG F 569 -71.93 31.78 -90.35
CA ARG F 569 -72.99 32.71 -90.48
C ARG F 569 -72.72 33.97 -89.70
N ILE F 570 -72.11 33.88 -88.51
CA ILE F 570 -71.89 35.15 -87.85
C ILE F 570 -70.94 35.99 -88.64
N ALA F 571 -69.99 35.34 -89.32
CA ALA F 571 -68.99 36.05 -90.08
C ALA F 571 -69.70 36.91 -91.08
N LEU F 572 -70.85 36.41 -91.56
CA LEU F 572 -71.62 36.99 -92.62
C LEU F 572 -72.07 38.39 -92.28
N MET F 573 -72.19 38.75 -91.00
CA MET F 573 -72.80 40.02 -90.64
C MET F 573 -72.15 41.24 -91.26
N ALA F 574 -70.81 41.43 -91.23
CA ALA F 574 -70.30 42.65 -91.80
C ALA F 574 -69.59 42.34 -93.08
N GLU F 575 -70.02 42.96 -94.19
CA GLU F 575 -69.52 42.68 -95.52
C GLU F 575 -68.09 43.08 -95.68
N ASP F 576 -67.66 44.14 -94.98
CA ASP F 576 -66.35 44.71 -95.11
C ASP F 576 -65.18 43.81 -94.69
N GLU F 577 -65.33 42.64 -94.01
CA GLU F 577 -64.18 41.96 -93.40
C GLU F 577 -63.62 40.69 -94.02
N ALA F 578 -62.31 40.46 -93.75
CA ALA F 578 -61.48 39.36 -94.17
C ALA F 578 -61.93 38.09 -93.54
N ILE F 579 -62.42 38.19 -92.30
CA ILE F 579 -62.92 37.06 -91.58
C ILE F 579 -63.99 36.41 -92.40
N PHE F 580 -64.90 37.20 -92.99
CA PHE F 580 -65.97 36.65 -93.76
C PHE F 580 -65.43 35.92 -94.93
N GLU F 581 -64.43 36.49 -95.61
CA GLU F 581 -63.93 35.83 -96.78
C GLU F 581 -63.40 34.50 -96.35
N GLU F 582 -62.73 34.44 -95.19
CA GLU F 582 -62.20 33.21 -94.68
C GLU F 582 -63.34 32.30 -94.33
N ALA F 583 -64.41 32.86 -93.76
CA ALA F 583 -65.54 32.06 -93.34
C ALA F 583 -66.08 31.37 -94.55
N HIS F 584 -66.16 32.09 -95.67
CA HIS F 584 -66.70 31.51 -96.87
C HIS F 584 -65.77 30.44 -97.36
N LYS F 585 -64.45 30.63 -97.26
CA LYS F 585 -63.56 29.63 -97.77
C LYS F 585 -63.73 28.37 -97.00
N GLN F 586 -63.74 28.50 -95.67
CA GLN F 586 -63.81 27.36 -94.82
C GLN F 586 -65.11 26.62 -95.03
N VAL F 587 -66.19 27.36 -95.28
CA VAL F 587 -67.40 26.67 -95.61
C VAL F 587 -67.11 25.87 -96.85
N GLN F 588 -66.47 26.46 -97.86
CA GLN F 588 -66.27 25.75 -99.09
C GLN F 588 -65.52 24.47 -98.83
N ARG F 589 -64.42 24.51 -98.05
CA ARG F 589 -63.77 23.25 -97.77
C ARG F 589 -64.25 22.83 -96.40
N UNK F 590 -73.86 -5.35 -93.81
CA UNK F 590 -74.64 -4.39 -94.62
C UNK F 590 -74.22 -2.99 -94.30
N UNK F 591 -75.17 -2.04 -94.38
CA UNK F 591 -74.85 -0.68 -94.10
C UNK F 591 -74.52 -0.59 -92.64
N UNK F 592 -73.58 0.30 -92.29
CA UNK F 592 -73.18 0.48 -90.93
C UNK F 592 -74.14 1.43 -90.29
N UNK F 593 -74.02 1.61 -88.96
CA UNK F 593 -74.91 2.48 -88.26
C UNK F 593 -74.75 3.84 -88.87
N UNK F 594 -75.85 4.63 -88.82
CA UNK F 594 -75.87 5.94 -89.40
C UNK F 594 -74.89 6.85 -88.74
N UNK F 595 -74.77 6.80 -87.39
CA UNK F 595 -73.83 7.59 -86.62
C UNK F 595 -73.70 9.00 -87.13
N UNK F 596 -74.66 9.88 -86.81
CA UNK F 596 -74.57 11.24 -87.30
C UNK F 596 -74.01 12.10 -86.21
N UNK F 597 -73.08 13.01 -86.59
CA UNK F 597 -72.46 13.90 -85.65
C UNK F 597 -73.41 15.03 -85.40
N UNK F 598 -73.25 15.72 -84.27
CA UNK F 598 -74.14 16.81 -83.97
C UNK F 598 -73.80 17.93 -84.90
N UNK F 599 -74.81 18.70 -85.30
CA UNK F 599 -74.50 19.77 -86.17
C UNK F 599 -75.17 21.00 -85.62
N UNK F 600 -74.75 22.15 -86.09
CA UNK F 600 -75.17 23.41 -85.59
C UNK F 600 -76.57 23.39 -85.99
N UNK F 601 -77.46 23.92 -85.17
CA UNK F 601 -78.76 24.06 -85.69
C UNK F 601 -78.76 25.34 -86.44
N UNK F 602 -79.64 25.44 -87.45
CA UNK F 602 -79.74 26.68 -88.16
C UNK F 602 -80.09 27.66 -87.08
N UNK F 603 -79.31 28.77 -86.91
CA UNK F 603 -79.59 29.49 -85.69
C UNK F 603 -80.06 30.96 -85.78
N UNK F 604 -81.08 31.40 -84.90
CA UNK F 604 -81.60 32.77 -84.55
C UNK F 604 -82.72 33.02 -83.11
N UNK F 605 -82.69 33.68 -81.60
CA UNK F 605 -83.51 34.12 -80.27
C UNK F 605 -82.82 34.19 -78.82
N UNK F 606 -81.48 34.32 -78.60
CA UNK F 606 -80.76 34.15 -77.32
C UNK F 606 -81.04 35.07 -76.15
N UNK F 607 -81.30 36.36 -76.35
CA UNK F 607 -81.43 37.24 -75.21
C UNK F 607 -82.55 36.80 -74.35
N UNK F 608 -82.49 37.24 -73.06
CA UNK F 608 -83.46 37.04 -72.02
C UNK F 608 -82.95 35.99 -71.10
N UNK F 609 -83.33 36.10 -69.82
CA UNK F 609 -82.93 35.15 -68.83
C UNK F 609 -83.75 33.94 -69.03
N UNK F 610 -83.10 32.76 -68.91
CA UNK F 610 -83.86 31.54 -69.01
C UNK F 610 -84.74 31.44 -67.83
N UNK F 611 -84.17 31.75 -66.65
CA UNK F 611 -84.86 31.64 -65.41
C UNK F 611 -85.24 32.99 -64.90
N UNK F 612 -85.89 33.01 -63.72
CA UNK F 612 -86.32 34.23 -63.11
C UNK F 612 -85.12 35.03 -62.77
N UNK F 613 -85.33 36.35 -62.59
CA UNK F 613 -84.25 37.19 -62.19
C UNK F 613 -84.44 37.50 -60.74
N UNK F 614 -83.39 37.21 -59.94
CA UNK F 614 -83.39 37.42 -58.52
C UNK F 614 -83.37 38.86 -58.14
N UNK F 615 -82.54 39.70 -58.79
CA UNK F 615 -82.47 41.05 -58.31
C UNK F 615 -82.22 42.00 -59.44
N UNK F 616 -82.53 43.29 -59.21
CA UNK F 616 -82.31 44.32 -60.20
C UNK F 616 -81.49 45.37 -59.52
N UNK F 617 -80.56 46.00 -60.27
CA UNK F 617 -79.73 47.01 -59.65
C UNK F 617 -79.47 48.08 -60.66
N UNK F 618 -79.18 49.31 -60.18
CA UNK F 618 -78.92 50.40 -61.07
C UNK F 618 -77.48 50.77 -60.96
N UNK F 619 -76.84 51.09 -62.11
CA UNK F 619 -75.45 51.49 -62.10
C UNK F 619 -75.41 52.89 -61.60
N UNK F 620 -74.42 53.21 -60.75
CA UNK F 620 -74.41 54.55 -60.24
C UNK F 620 -74.13 55.55 -61.33
N UNK F 621 -72.97 55.42 -62.00
CA UNK F 621 -72.57 56.40 -62.97
C UNK F 621 -73.33 56.36 -64.26
N UNK F 622 -73.37 55.18 -64.91
CA UNK F 622 -73.89 55.10 -66.23
C UNK F 622 -75.34 54.81 -66.21
N UNK F 623 -76.02 55.12 -67.33
CA UNK F 623 -77.40 54.74 -67.37
C UNK F 623 -77.39 53.34 -67.87
N UNK F 624 -77.27 52.40 -66.92
CA UNK F 624 -77.24 51.01 -67.25
C UNK F 624 -77.76 50.32 -66.03
N UNK F 625 -78.38 49.15 -66.21
CA UNK F 625 -78.90 48.46 -65.08
C UNK F 625 -78.42 47.05 -65.18
N UNK F 626 -78.28 46.37 -64.03
CA UNK F 626 -77.81 45.02 -64.06
C UNK F 626 -78.91 44.15 -63.54
N UNK F 627 -78.97 42.90 -64.02
CA UNK F 627 -80.00 42.00 -63.59
C UNK F 627 -79.32 40.79 -63.03
N UNK F 628 -79.98 40.16 -62.03
CA UNK F 628 -79.45 38.97 -61.43
C UNK F 628 -80.40 37.87 -61.79
N UNK F 629 -79.85 36.67 -62.06
CA UNK F 629 -80.64 35.56 -62.47
C UNK F 629 -79.69 34.43 -62.55
N UNK F 630 -79.94 33.48 -63.47
CA UNK F 630 -79.04 32.38 -63.61
C UNK F 630 -77.70 32.98 -63.91
N UNK F 631 -77.70 34.02 -64.77
CA UNK F 631 -76.47 34.70 -65.07
C UNK F 631 -76.77 36.16 -64.95
N UNK F 632 -75.74 36.98 -64.70
CA UNK F 632 -76.01 38.39 -64.62
C UNK F 632 -76.05 38.92 -66.01
N UNK F 633 -76.90 39.94 -66.24
CA UNK F 633 -77.00 40.53 -67.53
C UNK F 633 -76.99 42.01 -67.34
N UNK F 634 -76.48 42.76 -68.33
CA UNK F 634 -76.47 44.18 -68.21
C UNK F 634 -77.30 44.72 -69.32
N UNK F 635 -78.10 45.77 -69.03
CA UNK F 635 -78.92 46.33 -70.04
C UNK F 635 -79.00 47.80 -69.76
N UNK F 636 -79.43 48.59 -70.76
CA UNK F 636 -79.54 50.00 -70.55
C UNK F 636 -80.97 50.31 -70.31
N UNK F 637 -81.23 51.08 -69.25
CA UNK F 637 -82.55 51.53 -68.89
C UNK F 637 -83.00 52.40 -70.01
N UNK F 638 -82.03 53.10 -70.60
CA UNK F 638 -82.24 54.03 -71.67
C UNK F 638 -82.88 53.31 -72.80
N UNK F 639 -83.10 54.05 -73.90
CA UNK F 639 -83.81 53.59 -75.06
C UNK F 639 -83.17 52.38 -75.62
N UNK F 640 -81.82 52.28 -75.57
CA UNK F 640 -81.18 51.16 -76.22
C UNK F 640 -81.72 49.88 -75.64
N UNK F 641 -81.73 49.76 -74.29
CA UNK F 641 -82.27 48.62 -73.61
C UNK F 641 -81.80 47.36 -74.27
N UNK F 642 -80.48 47.20 -74.45
CA UNK F 642 -80.01 46.01 -75.10
C UNK F 642 -79.18 45.26 -74.13
N UNK F 643 -79.09 43.92 -74.30
CA UNK F 643 -78.28 43.18 -73.39
C UNK F 643 -76.88 43.49 -73.77
N UNK F 644 -76.27 44.45 -73.04
CA UNK F 644 -74.94 44.88 -73.34
C UNK F 644 -74.00 43.75 -73.13
N UNK F 645 -74.13 43.03 -72.00
CA UNK F 645 -73.17 41.99 -71.76
C UNK F 645 -73.77 40.92 -70.91
N UNK F 646 -73.07 39.75 -70.86
CA UNK F 646 -73.46 38.61 -70.10
C UNK F 646 -72.44 38.42 -69.00
N UNK F 647 -72.92 38.03 -67.80
CA UNK F 647 -72.18 37.84 -66.57
C UNK F 647 -71.20 36.70 -66.56
N UNK F 648 -71.55 35.56 -67.16
CA UNK F 648 -70.67 34.43 -67.39
C UNK F 648 -70.40 33.51 -66.25
N UNK F 649 -70.29 34.18 -65.06
CA UNK F 649 -69.69 33.97 -63.77
C UNK F 649 -70.14 32.87 -62.81
N UNK F 650 -71.39 32.31 -62.81
CA UNK F 650 -71.65 31.47 -61.68
C UNK F 650 -72.04 30.06 -62.02
N UNK F 651 -71.40 29.16 -61.28
CA UNK F 651 -71.43 27.72 -61.32
C UNK F 651 -72.79 27.30 -61.05
N UNK F 652 -73.14 27.79 -59.87
CA UNK F 652 -74.33 27.44 -59.20
C UNK F 652 -75.37 28.29 -59.76
N UNK F 653 -76.53 28.30 -59.08
CA UNK F 653 -77.64 29.01 -59.61
C UNK F 653 -78.44 29.58 -58.49
N UNK F 654 -79.78 29.42 -58.60
CA UNK F 654 -80.74 29.98 -57.70
C UNK F 654 -80.76 31.43 -57.99
N UNK F 655 -80.21 31.80 -59.16
CA UNK F 655 -80.07 33.16 -59.56
C UNK F 655 -78.97 33.71 -58.72
N UNK F 656 -78.18 34.67 -59.25
CA UNK F 656 -77.26 35.25 -58.33
C UNK F 656 -78.20 35.89 -57.39
N UNK F 657 -78.12 35.51 -56.11
CA UNK F 657 -79.12 35.93 -55.20
C UNK F 657 -79.10 37.42 -55.14
N UNK F 658 -77.90 38.01 -55.08
CA UNK F 658 -77.88 39.43 -54.97
C UNK F 658 -76.72 39.96 -55.74
N UNK F 659 -76.76 41.28 -56.00
CA UNK F 659 -75.68 41.95 -56.66
C UNK F 659 -75.53 43.25 -55.95
N UNK F 660 -74.29 43.77 -55.89
CA UNK F 660 -74.08 45.03 -55.26
C UNK F 660 -73.01 45.72 -56.02
N UNK F 661 -73.10 47.06 -56.12
CA UNK F 661 -72.11 47.77 -56.86
C UNK F 661 -71.40 48.67 -55.91
N UNK F 662 -70.11 48.92 -56.19
CA UNK F 662 -69.33 49.82 -55.39
C UNK F 662 -69.78 51.19 -55.76
N UNK F 663 -69.44 52.20 -54.93
CA UNK F 663 -69.83 53.54 -55.18
C UNK F 663 -69.22 53.95 -56.48
N UNK F 664 -67.96 53.53 -56.71
CA UNK F 664 -67.24 53.86 -57.91
C UNK F 664 -68.00 53.26 -59.06
N UNK F 665 -68.64 52.11 -58.82
CA UNK F 665 -69.34 51.38 -59.84
C UNK F 665 -68.29 50.74 -60.70
N UNK F 666 -67.03 50.78 -60.22
CA UNK F 666 -65.96 50.10 -60.89
C UNK F 666 -66.15 48.63 -60.76
N UNK F 667 -66.55 48.16 -59.55
CA UNK F 667 -66.63 46.75 -59.35
C UNK F 667 -68.01 46.37 -58.91
N UNK F 668 -68.41 45.13 -59.25
CA UNK F 668 -69.69 44.63 -58.85
C UNK F 668 -69.45 43.36 -58.12
N UNK F 669 -70.30 43.05 -57.12
CA UNK F 669 -70.13 41.83 -56.39
C UNK F 669 -71.38 41.04 -56.59
N UNK F 670 -71.26 39.70 -56.64
CA UNK F 670 -72.42 38.89 -56.86
C UNK F 670 -72.42 37.78 -55.87
N UNK F 671 -73.61 37.19 -55.61
CA UNK F 671 -73.74 36.10 -54.69
C UNK F 671 -74.44 34.99 -55.41
N UNK F 672 -74.27 33.74 -54.94
CA UNK F 672 -74.89 32.68 -55.67
C UNK F 672 -74.98 31.45 -54.81
N UNK F 673 -75.57 30.40 -55.41
CA UNK F 673 -75.75 29.10 -54.84
C UNK F 673 -74.40 28.54 -54.57
N UNK F 674 -73.41 28.98 -55.37
CA UNK F 674 -72.06 28.49 -55.32
C UNK F 674 -71.58 28.69 -53.92
N UNK F 675 -72.13 29.71 -53.23
CA UNK F 675 -71.66 30.04 -51.92
C UNK F 675 -70.33 30.67 -52.08
N UNK F 676 -70.12 31.28 -53.25
CA UNK F 676 -68.94 32.01 -53.52
C UNK F 676 -69.39 33.39 -53.84
N UNK F 677 -68.57 34.41 -53.53
CA UNK F 677 -68.96 35.72 -53.93
C UNK F 677 -68.02 36.12 -55.00
N UNK F 678 -68.52 36.24 -56.22
CA UNK F 678 -67.58 36.61 -57.23
C UNK F 678 -67.41 38.07 -57.11
N UNK F 679 -66.16 38.54 -57.28
CA UNK F 679 -66.10 39.94 -57.52
C UNK F 679 -66.69 39.78 -58.85
N UNK F 680 -67.99 40.15 -58.93
CA UNK F 680 -68.85 39.88 -60.04
C UNK F 680 -68.08 40.41 -61.14
N UNK F 681 -67.45 41.56 -60.88
CA UNK F 681 -66.60 41.92 -61.93
C UNK F 681 -65.83 43.12 -61.60
N UNK F 682 -64.83 43.32 -62.48
CA UNK F 682 -63.97 44.44 -62.44
C UNK F 682 -62.72 44.00 -63.20
N UNK F 683 -64.76 41.32 -69.13
CA UNK F 683 -65.10 41.45 -67.70
C UNK F 683 -65.02 40.13 -67.04
N UNK F 684 -63.88 39.85 -66.39
CA UNK F 684 -63.73 38.59 -65.75
C UNK F 684 -63.76 38.84 -64.28
N UNK F 685 -64.16 37.83 -63.50
CA UNK F 685 -64.26 38.05 -62.09
C UNK F 685 -62.88 38.30 -61.59
N UNK F 686 -62.72 39.34 -60.75
CA UNK F 686 -61.43 39.66 -60.22
C UNK F 686 -60.99 38.54 -59.34
N UNK F 687 -61.90 38.04 -58.49
CA UNK F 687 -61.51 36.98 -57.60
C UNK F 687 -62.75 36.31 -57.12
N UNK F 688 -62.58 35.09 -56.55
CA UNK F 688 -63.71 34.39 -56.02
C UNK F 688 -63.47 34.26 -54.55
N UNK F 689 -64.51 34.48 -53.74
CA UNK F 689 -64.34 34.37 -52.33
C UNK F 689 -65.16 33.22 -51.86
N UNK F 690 -64.58 32.36 -51.00
CA UNK F 690 -65.29 31.23 -50.53
C UNK F 690 -65.26 31.28 -49.04
N UNK F 691 -66.21 30.61 -48.39
CA UNK F 691 -66.28 30.70 -46.97
C UNK F 691 -67.53 30.00 -46.57
N UNK F 692 -68.65 30.74 -46.68
CA UNK F 692 -69.94 30.27 -46.25
C UNK F 692 -70.19 28.90 -46.78
N UNK F 693 -70.73 28.05 -45.88
CA UNK F 693 -71.09 26.68 -46.11
C UNK F 693 -72.26 26.59 -47.05
N UNK F 694 -73.22 27.53 -46.94
CA UNK F 694 -74.44 27.39 -47.69
C UNK F 694 -74.62 28.53 -48.63
N UNK F 695 -75.78 28.52 -49.32
CA UNK F 695 -76.08 29.51 -50.31
C UNK F 695 -75.99 30.87 -49.69
N UNK F 696 -75.48 31.84 -50.47
CA UNK F 696 -75.34 33.17 -49.96
C UNK F 696 -76.51 33.97 -50.45
N UNK F 697 -77.34 34.41 -49.51
CA UNK F 697 -78.53 35.17 -49.76
C UNK F 697 -78.22 36.55 -50.26
N UNK F 698 -77.25 37.26 -49.65
CA UNK F 698 -77.07 38.61 -50.08
C UNK F 698 -75.65 39.04 -49.90
N UNK F 699 -75.24 40.06 -50.69
CA UNK F 699 -73.91 40.59 -50.60
C UNK F 699 -74.00 42.07 -50.76
N UNK F 700 -73.03 42.81 -50.20
CA UNK F 700 -73.08 44.22 -50.38
C UNK F 700 -71.70 44.75 -50.26
N UNK F 701 -71.42 45.87 -50.95
CA UNK F 701 -70.12 46.47 -50.85
C UNK F 701 -70.28 47.60 -49.90
N UNK F 702 -69.32 47.76 -48.97
CA UNK F 702 -69.39 48.82 -48.01
C UNK F 702 -69.13 50.10 -48.74
N UNK F 703 -69.64 51.22 -48.20
CA UNK F 703 -69.44 52.48 -48.83
C UNK F 703 -67.93 52.71 -48.93
N UNK F 704 -64.62 45.57 -46.62
CA UNK F 704 -64.86 45.64 -48.08
C UNK F 704 -66.25 45.21 -48.42
N UNK F 705 -66.57 43.93 -48.16
CA UNK F 705 -67.87 43.45 -48.54
C UNK F 705 -68.43 42.62 -47.43
N UNK F 706 -69.78 42.52 -47.38
CA UNK F 706 -70.42 41.73 -46.38
C UNK F 706 -71.37 40.81 -47.07
N UNK F 707 -71.58 39.61 -46.50
CA UNK F 707 -72.49 38.68 -47.10
C UNK F 707 -73.23 38.00 -45.99
N UNK F 708 -74.38 37.39 -46.33
CA UNK F 708 -75.17 36.67 -45.36
C UNK F 708 -75.47 35.35 -45.98
N UNK F 709 -75.68 34.30 -45.14
CA UNK F 709 -75.88 33.02 -45.74
C UNK F 709 -76.81 32.19 -44.92
N UNK F 710 -77.13 31.01 -45.47
CA UNK F 710 -77.93 29.97 -44.89
C UNK F 710 -77.18 29.55 -43.68
N UNK F 711 -75.86 29.78 -43.75
CA UNK F 711 -74.92 29.45 -42.71
C UNK F 711 -75.41 30.14 -41.48
N UNK F 712 -76.18 31.23 -41.65
CA UNK F 712 -76.66 31.98 -40.52
C UNK F 712 -75.49 32.69 -39.95
N UNK F 713 -74.54 33.03 -40.85
CA UNK F 713 -73.39 33.78 -40.44
C UNK F 713 -73.32 34.97 -41.33
N UNK F 714 -72.67 36.03 -40.82
CA UNK F 714 -72.43 37.20 -41.60
C UNK F 714 -70.94 37.27 -41.72
N UNK F 715 -70.41 37.53 -42.92
CA UNK F 715 -68.99 37.53 -43.03
C UNK F 715 -68.57 38.78 -43.72
N UNK F 716 -67.36 39.26 -43.39
CA UNK F 716 -66.82 40.42 -44.01
C UNK F 716 -65.65 39.95 -44.81
N UNK F 717 -65.49 40.46 -46.04
CA UNK F 717 -64.40 40.01 -46.85
C UNK F 717 -63.61 41.19 -47.28
N UNK F 718 -62.30 40.98 -47.52
CA UNK F 718 -61.47 42.06 -47.96
C UNK F 718 -61.55 42.03 -49.45
N UNK F 719 -61.91 38.44 -42.65
CA UNK F 719 -61.75 39.21 -41.44
C UNK F 719 -62.80 38.98 -40.40
N UNK F 720 -64.11 39.02 -40.75
CA UNK F 720 -65.03 39.01 -39.66
C UNK F 720 -66.11 38.00 -39.88
N UNK F 721 -66.68 37.55 -38.75
CA UNK F 721 -67.80 36.66 -38.76
C UNK F 721 -68.73 37.18 -37.72
N UNK F 722 -70.04 37.12 -37.95
CA UNK F 722 -70.92 37.64 -36.95
C UNK F 722 -71.78 36.53 -36.47
N UNK F 723 -71.73 36.26 -35.15
CA UNK F 723 -72.58 35.28 -34.57
C UNK F 723 -73.91 35.94 -34.52
N UNK F 724 -75.00 35.16 -34.57
CA UNK F 724 -76.26 35.84 -34.61
C UNK F 724 -77.35 34.84 -34.43
N UNK F 725 -78.51 35.15 -35.04
CA UNK F 725 -79.69 34.37 -34.93
C UNK F 725 -79.42 32.98 -35.40
N UNK F 726 -80.23 32.04 -34.88
CA UNK F 726 -80.15 30.64 -35.19
C UNK F 726 -80.50 30.41 -36.63
N UNK F 727 -81.52 31.12 -37.13
CA UNK F 727 -82.02 30.93 -38.46
C UNK F 727 -81.09 31.50 -39.48
N UNK F 728 -81.33 31.16 -40.76
CA UNK F 728 -80.52 31.62 -41.85
C UNK F 728 -80.73 33.09 -41.99
N UNK F 729 -79.74 33.80 -42.57
CA UNK F 729 -79.87 35.23 -42.71
C UNK F 729 -80.15 35.56 -44.14
N UNK F 730 -81.29 36.24 -44.36
CA UNK F 730 -81.77 36.64 -45.66
C UNK F 730 -80.94 37.72 -46.28
N UNK F 731 -80.58 38.78 -45.52
CA UNK F 731 -79.89 39.86 -46.19
C UNK F 731 -79.10 40.65 -45.22
N UNK F 732 -78.13 41.42 -45.74
CA UNK F 732 -77.33 42.28 -44.91
C UNK F 732 -77.25 43.60 -45.60
N UNK F 733 -77.32 44.70 -44.82
CA UNK F 733 -77.22 45.99 -45.45
C UNK F 733 -76.37 46.85 -44.56
N UNK F 734 -75.50 47.66 -45.19
CA UNK F 734 -74.67 48.56 -44.44
C UNK F 734 -75.43 49.83 -44.24
N UNK F 735 -75.01 50.61 -43.23
CA UNK F 735 -75.60 51.89 -42.99
C UNK F 735 -74.90 52.84 -43.91
N UNK F 736 -75.53 54.01 -44.16
CA UNK F 736 -74.93 54.98 -45.03
C UNK F 736 -73.63 55.36 -44.40
N UNK F 737 -73.65 55.49 -43.06
CA UNK F 737 -72.49 55.83 -42.29
C UNK F 737 -71.54 54.70 -42.49
N UNK F 738 -72.10 53.49 -42.69
CA UNK F 738 -71.34 52.29 -42.79
C UNK F 738 -70.92 51.96 -41.41
N UNK F 739 -71.48 52.71 -40.44
CA UNK F 739 -71.21 52.50 -39.05
C UNK F 739 -71.78 51.19 -38.62
N UNK F 740 -73.01 50.86 -39.08
CA UNK F 740 -73.64 49.66 -38.57
C UNK F 740 -74.20 48.86 -39.70
N UNK F 741 -74.51 47.58 -39.40
CA UNK F 741 -75.06 46.70 -40.40
C UNK F 741 -76.36 46.16 -39.92
N UNK F 742 -77.29 45.90 -40.85
CA UNK F 742 -78.56 45.36 -40.49
C UNK F 742 -78.65 44.02 -41.15
N UNK F 743 -79.15 43.01 -40.41
CA UNK F 743 -79.28 41.71 -40.96
C UNK F 743 -80.70 41.30 -40.82
N UNK F 744 -81.17 40.43 -41.74
CA UNK F 744 -82.50 39.95 -41.67
C UNK F 744 -82.42 38.47 -41.68
N UNK F 745 -83.32 37.81 -40.94
CA UNK F 745 -83.26 36.38 -40.89
C UNK F 745 -84.63 35.92 -40.55
N UNK F 746 -84.80 34.59 -40.49
CA UNK F 746 -86.10 34.09 -40.15
C UNK F 746 -86.43 34.58 -38.78
N UNK F 747 -85.46 34.51 -37.86
CA UNK F 747 -85.70 34.85 -36.49
C UNK F 747 -86.04 36.30 -36.30
N UNK F 748 -85.26 37.23 -36.88
CA UNK F 748 -85.55 38.61 -36.62
C UNK F 748 -84.61 39.45 -37.41
N UNK F 749 -84.73 40.78 -37.26
CA UNK F 749 -83.84 41.68 -37.93
C UNK F 749 -82.95 42.26 -36.88
N UNK F 750 -81.63 42.23 -37.10
CA UNK F 750 -80.77 42.73 -36.08
C UNK F 750 -79.85 43.75 -36.67
N UNK F 751 -79.47 44.74 -35.85
CA UNK F 751 -78.55 45.75 -36.28
C UNK F 751 -77.29 45.49 -35.50
N UNK F 752 -76.13 45.58 -36.17
CA UNK F 752 -74.91 45.31 -35.46
C UNK F 752 -73.94 46.40 -35.74
N UNK F 753 -73.04 46.65 -34.78
CA UNK F 753 -72.02 47.64 -34.94
C UNK F 753 -70.96 47.04 -35.80
N UNK F 754 -70.12 47.90 -36.40
CA UNK F 754 -69.07 47.42 -37.26
C UNK F 754 -68.14 46.55 -36.44
N UNK F 755 -74.67 44.23 -30.69
CA UNK F 755 -76.10 44.02 -30.45
C UNK F 755 -76.73 45.25 -29.86
N UNK F 756 -76.78 46.33 -30.66
CA UNK F 756 -77.37 47.55 -30.18
C UNK F 756 -78.80 47.29 -29.88
N UNK F 757 -79.49 46.59 -30.80
CA UNK F 757 -80.88 46.31 -30.58
C UNK F 757 -81.33 45.42 -31.68
N UNK F 758 -82.53 44.81 -31.52
CA UNK F 758 -83.04 43.95 -32.55
C UNK F 758 -84.53 44.09 -32.55
N UNK F 759 -85.17 43.84 -33.71
CA UNK F 759 -86.58 44.00 -33.77
C UNK F 759 -87.26 42.75 -33.33
N UNK F 760 -87.85 42.82 -32.13
CA UNK F 760 -88.63 41.80 -31.49
C UNK F 760 -89.93 41.66 -32.21
N UNK F 761 -90.39 42.76 -32.83
CA UNK F 761 -91.72 42.87 -33.35
C UNK F 761 -92.05 41.74 -34.27
N UNK F 762 -91.11 41.29 -35.13
CA UNK F 762 -91.47 40.21 -36.01
C UNK F 762 -91.82 39.05 -35.14
N UNK F 763 -90.98 38.81 -34.12
CA UNK F 763 -91.24 37.80 -33.13
C UNK F 763 -91.25 36.43 -33.73
N UNK F 764 -90.94 35.44 -32.88
CA UNK F 764 -90.96 34.05 -33.21
C UNK F 764 -92.39 33.69 -33.47
N UNK F 765 -93.29 34.30 -32.70
CA UNK F 765 -94.70 34.03 -32.83
C UNK F 765 -95.08 34.29 -34.24
N UNK F 766 -96.25 33.77 -34.66
CA UNK F 766 -96.68 33.84 -36.02
C UNK F 766 -96.53 35.25 -36.50
N UNK F 767 -95.47 35.41 -37.30
CA UNK F 767 -95.02 36.60 -37.94
C UNK F 767 -93.57 36.33 -38.07
N UNK F 768 -93.01 36.46 -39.27
CA UNK F 768 -91.64 36.06 -39.34
C UNK F 768 -91.21 36.10 -40.77
N UNK F 769 -90.12 35.38 -41.07
CA UNK F 769 -89.58 35.31 -42.39
C UNK F 769 -89.43 36.69 -42.93
N UNK F 770 -88.50 37.48 -42.34
CA UNK F 770 -88.31 38.81 -42.84
C UNK F 770 -87.36 38.76 -43.99
N UNK F 771 -87.92 38.97 -45.20
CA UNK F 771 -87.26 38.95 -46.47
C UNK F 771 -86.34 40.12 -46.71
N UNK F 772 -86.74 41.34 -46.33
CA UNK F 772 -85.91 42.42 -46.79
C UNK F 772 -85.73 43.47 -45.75
N UNK F 773 -84.70 44.31 -45.96
CA UNK F 773 -84.44 45.41 -45.10
C UNK F 773 -83.88 46.49 -45.95
N UNK F 774 -84.23 47.74 -45.62
CA UNK F 774 -83.70 48.83 -46.36
C UNK F 774 -83.39 49.85 -45.34
N UNK F 775 -82.37 50.66 -45.63
CA UNK F 775 -82.00 51.67 -44.71
C UNK F 775 -82.60 52.90 -45.23
N UNK F 776 -83.07 53.72 -44.29
CA UNK F 776 -83.70 54.94 -44.68
C UNK F 776 -82.64 55.91 -45.10
N UNK F 777 -83.11 56.98 -45.76
CA UNK F 777 -82.37 58.15 -46.15
C UNK F 777 -82.17 58.81 -44.84
N UNK F 778 -82.96 59.85 -44.45
CA UNK F 778 -82.87 60.23 -43.05
C UNK F 778 -83.30 58.91 -42.28
N UNK F 779 -82.84 58.53 -40.92
CA UNK F 779 -82.65 57.34 -39.94
C UNK F 779 -83.77 56.40 -39.50
N UNK F 780 -83.54 55.11 -39.87
CA UNK F 780 -84.45 54.05 -39.57
C UNK F 780 -84.13 52.94 -40.52
N UNK F 781 -84.86 51.82 -40.39
CA UNK F 781 -84.68 50.70 -41.27
C UNK F 781 -86.06 50.20 -41.57
N UNK F 782 -86.23 49.55 -42.73
CA UNK F 782 -87.53 49.05 -43.05
C UNK F 782 -87.37 47.61 -43.42
N UNK F 783 -88.36 46.79 -43.04
CA UNK F 783 -88.27 45.40 -43.36
C UNK F 783 -89.62 44.95 -43.80
N UNK F 784 -89.65 43.83 -44.55
CA UNK F 784 -90.88 43.25 -44.99
C UNK F 784 -90.71 41.78 -44.85
N UNK F 785 -91.82 41.03 -44.59
CA UNK F 785 -91.66 39.62 -44.41
C UNK F 785 -92.50 38.88 -45.40
N UNK F 786 -91.93 37.80 -45.97
CA UNK F 786 -92.61 36.93 -46.89
C UNK F 786 -93.66 36.18 -46.14
N UNK F 787 -93.36 35.87 -44.87
CA UNK F 787 -94.14 35.04 -44.01
C UNK F 787 -95.52 35.58 -43.83
N UNK F 788 -96.23 35.01 -42.86
CA UNK F 788 -97.61 35.28 -42.62
C UNK F 788 -97.78 36.74 -42.41
N UNK F 789 -96.84 37.42 -41.74
CA UNK F 789 -97.03 38.82 -41.52
C UNK F 789 -97.16 39.49 -42.85
N UNK F 790 -96.22 39.21 -43.78
CA UNK F 790 -96.26 39.75 -45.11
C UNK F 790 -96.53 41.22 -45.03
N UNK F 791 -95.83 41.96 -44.15
CA UNK F 791 -96.16 43.34 -44.11
C UNK F 791 -94.89 44.11 -44.00
N UNK F 792 -94.94 45.40 -44.39
CA UNK F 792 -93.79 46.23 -44.24
C UNK F 792 -93.78 46.63 -42.81
N UNK F 793 -92.57 46.82 -42.26
CA UNK F 793 -92.48 47.26 -40.90
C UNK F 793 -91.57 48.44 -40.95
N UNK F 794 -91.91 49.49 -40.19
CA UNK F 794 -91.06 50.63 -40.18
C UNK F 794 -90.69 50.88 -38.77
N UNK F 795 -89.41 51.22 -38.54
CA UNK F 795 -89.00 51.47 -37.19
C UNK F 795 -87.70 52.20 -37.23
N UNK F 796 -87.36 52.83 -36.09
CA UNK F 796 -86.11 53.51 -35.97
C UNK F 796 -85.24 52.64 -35.13
N UNK F 797 -83.96 52.48 -35.53
CA UNK F 797 -83.12 51.59 -34.80
C UNK F 797 -82.91 52.10 -33.42
N UNK F 798 -82.69 53.42 -33.27
CA UNK F 798 -82.41 53.90 -31.94
C UNK F 798 -83.59 53.66 -31.07
N UNK F 799 -84.80 54.02 -31.56
CA UNK F 799 -86.00 53.89 -30.79
C UNK F 799 -86.28 52.44 -30.55
N UNK F 800 -86.06 51.58 -31.57
CA UNK F 800 -86.39 50.19 -31.44
C UNK F 800 -87.88 50.05 -31.33
N UNK F 801 -88.62 51.04 -31.86
CA UNK F 801 -90.04 50.96 -31.84
C UNK F 801 -90.49 50.96 -33.27
N UNK F 802 -91.62 50.28 -33.55
CA UNK F 802 -92.10 50.23 -34.91
C UNK F 802 -93.04 51.38 -35.09
N UNK F 803 -92.73 52.26 -36.06
CA UNK F 803 -93.55 53.40 -36.28
C UNK F 803 -94.91 52.96 -36.73
N UNK F 804 -94.97 52.04 -37.70
CA UNK F 804 -96.27 51.62 -38.16
C UNK F 804 -96.09 50.45 -39.06
N UNK F 805 -97.19 49.71 -39.30
CA UNK F 805 -97.11 48.58 -40.17
C UNK F 805 -98.04 48.82 -41.32
N UNK F 806 -97.61 48.47 -42.55
CA UNK F 806 -98.46 48.68 -43.69
C UNK F 806 -98.90 47.34 -44.20
N UNK F 807 -100.20 47.19 -44.54
CA UNK F 807 -100.72 45.92 -44.99
C UNK F 807 -100.29 45.61 -46.44
N UNK F 808 -100.07 44.29 -46.83
CA UNK F 808 -99.58 43.75 -48.13
C UNK F 808 -100.12 42.23 -48.54
N UNK F 809 -99.47 41.33 -49.52
CA UNK F 809 -99.50 39.92 -50.18
C UNK F 809 -98.36 39.14 -49.55
N UNK F 810 -97.12 39.09 -50.11
CA UNK F 810 -95.92 38.67 -49.41
C UNK F 810 -94.91 39.63 -49.98
N UNK F 811 -94.10 40.31 -49.14
CA UNK F 811 -93.27 41.35 -49.69
C UNK F 811 -91.88 40.84 -49.94
N UNK F 812 -91.53 40.84 -51.24
CA UNK F 812 -90.24 40.48 -51.74
C UNK F 812 -89.20 41.53 -51.44
N UNK F 813 -89.52 42.82 -51.65
CA UNK F 813 -88.49 43.80 -51.47
C UNK F 813 -89.08 45.10 -51.04
N UNK F 814 -88.30 45.87 -50.26
CA UNK F 814 -88.78 47.14 -49.80
C UNK F 814 -87.74 48.14 -50.17
N UNK F 815 -88.19 49.37 -50.50
CA UNK F 815 -87.25 50.38 -50.86
C UNK F 815 -87.82 51.68 -50.45
N UNK F 816 -86.95 52.70 -50.28
CA UNK F 816 -87.44 53.99 -49.91
C UNK F 816 -87.14 54.87 -51.07
N UNK F 817 -88.04 55.83 -51.37
CA UNK F 817 -87.74 56.68 -52.48
C UNK F 817 -86.51 57.42 -52.10
N UNK F 818 -85.47 57.34 -52.96
CA UNK F 818 -84.24 58.00 -52.68
C UNK F 818 -84.45 59.47 -52.71
N UNK F 819 -85.17 59.92 -53.75
CA UNK F 819 -85.34 61.32 -53.98
C UNK F 819 -83.99 61.85 -54.33
N UNK F 820 -83.93 62.65 -55.40
CA UNK F 820 -82.68 63.21 -55.82
C UNK F 820 -82.43 64.40 -54.96
N UNK F 821 -81.21 64.96 -55.05
CA UNK F 821 -80.81 66.13 -54.31
C UNK F 821 -81.24 65.99 -52.90
N UNK F 822 -80.49 65.18 -52.12
CA UNK F 822 -80.81 64.91 -50.76
C UNK F 822 -81.87 63.89 -50.85
N UNK F 823 -82.09 63.13 -49.76
CA UNK F 823 -83.08 62.12 -49.94
C UNK F 823 -84.27 62.49 -49.15
N UNK F 824 -85.44 62.18 -49.71
CA UNK F 824 -86.68 62.42 -49.04
C UNK F 824 -87.53 61.25 -49.37
N UNK F 825 -88.28 60.73 -48.39
CA UNK F 825 -89.12 59.66 -48.81
C UNK F 825 -90.54 60.04 -48.56
N UNK F 826 -91.23 60.50 -49.62
CA UNK F 826 -92.63 60.82 -49.53
C UNK F 826 -93.38 59.54 -49.35
N UNK F 827 -92.98 58.52 -50.13
CA UNK F 827 -93.66 57.26 -50.10
C UNK F 827 -92.62 56.20 -50.24
N UNK F 828 -93.01 54.94 -49.96
CA UNK F 828 -92.08 53.86 -50.06
C UNK F 828 -92.50 53.00 -51.20
N UNK F 829 -91.51 52.36 -51.86
CA UNK F 829 -91.83 51.51 -52.97
C UNK F 829 -91.57 50.11 -52.53
N UNK F 830 -92.47 49.19 -52.90
CA UNK F 830 -92.26 47.84 -52.51
C UNK F 830 -92.77 46.98 -53.62
N UNK F 831 -92.19 45.77 -53.71
CA UNK F 831 -92.59 44.82 -54.70
C UNK F 831 -93.00 43.62 -53.92
N UNK F 832 -93.97 42.84 -54.46
CA UNK F 832 -94.41 41.71 -53.70
C UNK F 832 -94.44 40.51 -54.57
N UNK F 833 -94.37 39.34 -53.92
CA UNK F 833 -94.45 38.08 -54.59
C UNK F 833 -95.89 37.76 -54.75
N UNK F 834 -96.18 36.83 -55.67
CA UNK F 834 -97.52 36.40 -55.87
C UNK F 834 -97.49 34.93 -55.89
N UNK F 835 -98.50 34.32 -55.24
CA UNK F 835 -98.69 32.91 -55.15
C UNK F 835 -99.54 32.54 -56.30
N UNK F 836 -100.10 31.31 -56.28
CA UNK F 836 -100.89 30.87 -57.40
C UNK F 836 -102.00 31.86 -57.57
N UNK F 837 -102.72 32.23 -56.48
CA UNK F 837 -103.71 33.24 -56.71
C UNK F 837 -102.92 34.45 -57.05
N UNK F 838 -103.33 35.22 -58.08
CA UNK F 838 -102.46 36.30 -58.39
C UNK F 838 -103.04 37.57 -57.88
N UNK F 839 -103.09 37.74 -56.54
CA UNK F 839 -103.52 39.00 -56.04
C UNK F 839 -102.44 40.03 -56.17
N UNK F 840 -101.24 39.74 -55.60
CA UNK F 840 -100.31 40.82 -55.58
C UNK F 840 -99.07 40.55 -56.34
N UNK F 841 -99.17 40.83 -57.65
CA UNK F 841 -98.19 40.89 -58.67
C UNK F 841 -97.48 42.21 -58.61
N UNK F 842 -98.16 43.23 -58.04
CA UNK F 842 -97.78 44.61 -58.19
C UNK F 842 -96.62 45.10 -57.37
N UNK F 843 -96.13 46.26 -57.83
CA UNK F 843 -95.16 47.04 -57.14
C UNK F 843 -96.00 48.16 -56.62
N UNK F 844 -95.93 48.43 -55.31
CA UNK F 844 -96.82 49.44 -54.83
C UNK F 844 -96.04 50.49 -54.14
N UNK F 845 -96.53 51.73 -54.27
CA UNK F 845 -95.90 52.81 -53.59
C UNK F 845 -96.85 53.14 -52.48
N UNK F 846 -96.32 53.25 -51.25
CA UNK F 846 -97.22 53.53 -50.19
C UNK F 846 -96.92 54.90 -49.70
N UNK F 847 -97.97 55.75 -49.61
CA UNK F 847 -97.71 57.04 -49.08
C UNK F 847 -97.39 56.80 -47.66
N UNK F 848 -96.27 57.35 -47.19
CA UNK F 848 -95.89 57.11 -45.84
C UNK F 848 -96.81 57.96 -44.97
N UNK F 849 -102.66 54.16 -46.73
CA UNK F 849 -102.72 52.92 -47.54
C UNK F 849 -101.89 53.07 -48.76
N UNK F 850 -101.72 51.99 -49.52
CA UNK F 850 -100.92 52.16 -50.70
C UNK F 850 -101.64 53.13 -51.57
N UNK F 851 -100.90 54.14 -52.08
CA UNK F 851 -101.51 55.14 -52.90
C UNK F 851 -101.98 54.51 -54.16
N UNK F 852 -101.11 53.69 -54.80
CA UNK F 852 -101.54 53.10 -56.03
C UNK F 852 -100.74 51.86 -56.26
N UNK F 853 -101.28 50.97 -57.11
CA UNK F 853 -100.58 49.76 -57.41
C UNK F 853 -100.62 49.59 -58.88
N UNK F 854 -97.96 38.19 -64.88
CA UNK F 854 -98.41 37.26 -63.89
C UNK F 854 -97.18 36.56 -63.43
N UNK F 855 -96.88 36.67 -62.12
CA UNK F 855 -95.72 36.05 -61.56
C UNK F 855 -95.36 36.84 -60.36
N UNK F 856 -94.39 36.35 -59.60
CA UNK F 856 -93.94 37.11 -58.48
C UNK F 856 -92.94 38.09 -59.00
N UNK F 857 -92.85 39.27 -58.36
CA UNK F 857 -91.82 40.18 -58.75
C UNK F 857 -90.79 40.04 -57.69
N UNK F 858 -89.62 39.46 -58.05
CA UNK F 858 -88.61 39.17 -57.09
C UNK F 858 -88.04 40.42 -56.50
N UNK F 859 -87.71 41.42 -57.35
CA UNK F 859 -87.03 42.55 -56.79
C UNK F 859 -87.44 43.78 -57.53
N UNK F 860 -86.94 44.94 -57.05
CA UNK F 860 -87.24 46.20 -57.68
C UNK F 860 -86.08 47.10 -57.41
N UNK F 861 -85.99 48.21 -58.16
CA UNK F 861 -84.92 49.14 -57.92
C UNK F 861 -85.43 50.51 -58.27
N UNK F 862 -85.01 51.53 -57.49
CA UNK F 862 -85.41 52.88 -57.75
C UNK F 862 -84.15 53.65 -57.93
N UNK F 863 -84.19 54.73 -58.74
CA UNK F 863 -82.99 55.47 -58.97
C UNK F 863 -83.11 56.79 -58.28
N UNK F 864 -82.06 57.18 -57.53
CA UNK F 864 -82.09 58.45 -56.86
C UNK F 864 -82.06 59.56 -57.86
N UNK F 865 -81.13 59.46 -58.83
CA UNK F 865 -80.94 60.49 -59.80
C UNK F 865 -82.09 60.61 -60.73
N UNK F 866 -82.59 59.48 -61.26
CA UNK F 866 -83.61 59.56 -62.28
C UNK F 866 -84.82 58.86 -61.80
N UNK F 867 -85.99 59.26 -62.36
CA UNK F 867 -87.18 58.60 -61.96
C UNK F 867 -87.36 57.47 -62.92
N UNK F 868 -87.13 56.23 -62.42
CA UNK F 868 -87.31 55.06 -63.20
C UNK F 868 -87.28 53.96 -62.21
N UNK F 869 -87.90 52.81 -62.53
CA UNK F 869 -87.88 51.73 -61.60
C UNK F 869 -87.70 50.50 -62.40
N UNK F 870 -87.05 49.47 -61.83
CA UNK F 870 -86.86 48.26 -62.56
C UNK F 870 -87.52 47.17 -61.78
N UNK F 871 -88.07 46.16 -62.48
CA UNK F 871 -88.73 45.08 -61.81
C UNK F 871 -88.23 43.80 -62.40
N UNK F 872 -88.11 42.76 -61.55
CA UNK F 872 -87.66 41.48 -62.00
C UNK F 872 -88.68 40.49 -61.54
N UNK F 873 -88.84 39.35 -62.27
CA UNK F 873 -89.84 38.41 -61.85
C UNK F 873 -89.24 37.06 -61.62
N UNK F 874 -89.63 36.46 -60.47
CA UNK F 874 -89.26 35.19 -59.90
C UNK F 874 -89.81 34.00 -60.63
N UNK F 875 -91.03 34.08 -61.18
CA UNK F 875 -91.49 32.84 -61.71
C UNK F 875 -90.68 32.46 -62.91
N UNK F 876 -90.13 31.23 -62.88
CA UNK F 876 -89.42 30.69 -63.99
C UNK F 876 -90.45 30.01 -64.82
N UNK F 877 -90.19 29.84 -66.14
CA UNK F 877 -91.19 29.25 -66.98
C UNK F 877 -92.39 30.10 -66.82
N UNK F 878 -92.13 31.40 -66.66
CA UNK F 878 -93.11 32.40 -66.44
C UNK F 878 -92.47 33.65 -66.92
N UNK F 879 -92.87 34.81 -66.37
CA UNK F 879 -92.24 35.98 -66.90
C UNK F 879 -90.95 36.22 -66.17
N UNK F 880 -89.83 36.00 -66.88
CA UNK F 880 -88.56 36.39 -66.32
C UNK F 880 -88.23 37.56 -67.17
N UNK F 881 -88.48 38.77 -66.63
CA UNK F 881 -88.26 39.91 -67.46
C UNK F 881 -87.96 41.07 -66.60
N UNK F 882 -87.28 42.07 -67.20
CA UNK F 882 -86.98 43.26 -66.46
C UNK F 882 -87.90 44.30 -66.99
N UNK F 883 -88.62 44.99 -66.09
CA UNK F 883 -89.48 46.04 -66.54
C UNK F 883 -88.98 47.29 -65.92
N UNK F 884 -88.83 48.36 -66.71
CA UNK F 884 -88.37 49.58 -66.13
C UNK F 884 -89.35 50.64 -66.48
N UNK F 885 -90.04 51.26 -65.50
CA UNK F 885 -91.01 52.19 -65.99
C UNK F 885 -91.16 53.34 -65.06
N UNK F 886 -91.44 54.55 -65.62
CA UNK F 886 -91.73 55.55 -64.64
C UNK F 886 -93.06 55.23 -64.01
N UNK F 887 -94.19 55.55 -64.70
CA UNK F 887 -95.50 55.09 -64.28
C UNK F 887 -96.04 53.92 -65.05
N UNK F 888 -96.26 54.20 -66.35
CA UNK F 888 -96.95 53.35 -67.27
C UNK F 888 -95.96 52.32 -67.70
N UNK F 889 -96.43 51.26 -68.38
CA UNK F 889 -95.52 50.24 -68.78
C UNK F 889 -94.47 50.89 -69.62
N UNK F 890 -93.21 50.62 -69.26
CA UNK F 890 -92.11 51.22 -69.96
C UNK F 890 -90.97 50.28 -69.84
N UNK F 891 -89.96 50.47 -70.69
CA UNK F 891 -88.75 49.69 -70.70
C UNK F 891 -88.93 48.59 -71.69
N UNK F 892 -87.89 47.77 -71.88
CA UNK F 892 -87.97 46.78 -72.89
C UNK F 892 -87.99 45.41 -72.29
N UNK F 893 -88.53 44.45 -73.06
CA UNK F 893 -88.59 43.08 -72.66
C UNK F 893 -87.75 42.31 -73.63
N UNK F 894 -87.16 41.18 -73.19
CA UNK F 894 -86.30 40.48 -74.09
C UNK F 894 -87.02 39.28 -74.63
N UNK F 895 -86.87 39.01 -75.94
CA UNK F 895 -87.53 37.85 -76.45
C UNK F 895 -86.69 36.65 -76.11
N UNK F 896 -87.16 35.42 -75.88
CA UNK F 896 -86.18 34.36 -75.56
C UNK F 896 -85.93 33.41 -76.71
N UNK F 897 -85.39 32.19 -76.47
CA UNK F 897 -84.63 31.44 -77.49
C UNK F 897 -84.71 29.83 -77.64
N UNK F 898 -83.53 28.97 -78.08
CA UNK F 898 -83.14 27.50 -78.29
C UNK F 898 -84.33 27.01 -79.04
N UNK F 899 -84.59 25.70 -79.23
CA UNK F 899 -85.83 25.60 -79.95
C UNK F 899 -86.81 24.71 -79.25
N UNK F 900 -88.03 25.25 -79.02
CA UNK F 900 -89.12 24.49 -78.48
C UNK F 900 -89.60 23.52 -79.51
N UNK F 901 -89.79 24.00 -80.77
CA UNK F 901 -90.30 23.17 -81.82
C UNK F 901 -89.92 23.82 -83.12
N UNK F 902 -90.00 23.07 -84.24
CA UNK F 902 -89.64 23.71 -85.47
C UNK F 902 -90.44 23.09 -86.57
N UNK F 903 -90.62 23.84 -87.66
CA UNK F 903 -91.30 23.34 -88.82
C UNK F 903 -90.57 23.86 -90.00
N UNK F 904 -90.33 23.01 -91.01
CA UNK F 904 -89.64 23.45 -92.19
C UNK F 904 -90.64 24.04 -93.13
N UNK F 905 -90.17 24.92 -94.04
CA UNK F 905 -91.07 25.47 -95.01
C UNK F 905 -91.39 24.37 -95.96
N UNK F 906 -92.63 24.31 -96.44
CA UNK F 906 -92.94 23.23 -97.32
C UNK F 906 -92.13 23.39 -98.57
N UNK F 907 -92.19 24.58 -99.17
CA UNK F 907 -91.49 24.84 -100.40
C UNK F 907 -90.01 24.88 -100.19
N UNK F 908 -89.56 25.51 -99.10
CA UNK F 908 -88.15 25.71 -98.97
C UNK F 908 -87.61 24.97 -97.79
N UNK F 909 -86.29 24.70 -97.86
CA UNK F 909 -85.53 23.98 -96.88
C UNK F 909 -85.50 24.76 -95.59
N UNK F 910 -85.49 26.10 -95.69
CA UNK F 910 -85.34 26.99 -94.56
C UNK F 910 -86.21 26.55 -93.44
N UNK F 911 -85.74 26.79 -92.20
CA UNK F 911 -86.47 26.30 -91.08
C UNK F 911 -86.98 27.42 -90.26
N UNK F 912 -88.14 27.19 -89.65
CA UNK F 912 -88.73 28.13 -88.77
C UNK F 912 -88.79 27.42 -87.46
N UNK F 913 -88.43 28.11 -86.37
CA UNK F 913 -88.49 27.40 -85.12
C UNK F 913 -89.01 28.34 -84.11
N UNK F 914 -89.76 27.80 -83.13
CA UNK F 914 -90.27 28.58 -82.04
C UNK F 914 -89.25 28.54 -80.96
N UNK F 915 -89.33 29.51 -80.03
CA UNK F 915 -88.35 29.62 -78.98
C UNK F 915 -89.08 29.67 -77.69
N UNK F 916 -88.36 29.42 -76.58
CA UNK F 916 -88.90 29.54 -75.25
C UNK F 916 -89.32 30.94 -75.21
N UNK F 917 -88.48 31.81 -75.75
CA UNK F 917 -88.81 33.10 -76.26
C UNK F 917 -90.19 33.27 -76.60
N UNK F 918 -90.53 34.51 -76.50
CA UNK F 918 -91.71 34.97 -77.13
C UNK F 918 -91.46 34.85 -78.60
N UNK F 919 -90.24 35.16 -79.05
CA UNK F 919 -89.90 35.12 -80.44
C UNK F 919 -89.79 33.73 -80.99
N UNK F 920 -90.02 33.64 -82.31
CA UNK F 920 -89.86 32.49 -83.13
C UNK F 920 -89.04 33.03 -84.24
N UNK F 921 -88.27 32.21 -84.97
CA UNK F 921 -87.47 32.88 -85.96
C UNK F 921 -87.42 32.05 -87.19
N UNK F 922 -87.07 32.74 -88.28
CA UNK F 922 -86.90 32.08 -89.53
C UNK F 922 -85.44 32.04 -89.72
N UNK F 923 -84.92 30.88 -90.16
CA UNK F 923 -83.52 30.83 -90.40
C UNK F 923 -83.33 30.12 -91.67
N UNK F 924 -82.21 30.44 -92.33
CA UNK F 924 -81.93 29.79 -93.57
C UNK F 924 -80.66 29.06 -93.37
N UNK F 925 -80.57 27.86 -93.97
CA UNK F 925 -79.39 27.07 -93.90
C UNK F 925 -78.82 27.09 -95.28
N UNK F 926 -77.48 27.08 -95.39
CA UNK F 926 -76.88 27.15 -96.68
C UNK F 926 -77.28 25.94 -97.46
N UNK F 927 -77.43 26.11 -98.79
CA UNK F 927 -77.85 25.04 -99.64
C UNK F 927 -76.86 23.93 -99.58
N UNK F 928 -75.56 24.27 -99.64
CA UNK F 928 -74.60 23.21 -99.60
C UNK F 928 -74.36 22.90 -98.17
N UNK F 929 -74.95 21.78 -97.72
CA UNK F 929 -74.82 21.34 -96.37
C UNK F 929 -73.40 20.92 -96.13
N UNK F 930 -72.79 20.26 -97.12
CA UNK F 930 -71.48 19.69 -96.99
C UNK F 930 -70.52 20.79 -96.70
N UNK F 931 -70.70 21.90 -97.40
CA UNK F 931 -69.81 23.00 -97.18
C UNK F 931 -69.99 23.38 -95.74
N UNK F 932 -69.01 24.04 -95.12
CA UNK F 932 -69.16 24.46 -93.77
C UNK F 932 -70.41 25.26 -93.76
N UNK F 933 -71.33 24.87 -92.88
CA UNK F 933 -72.60 25.50 -92.94
C UNK F 933 -72.51 26.88 -92.43
N UNK F 934 -73.57 27.65 -92.63
CA UNK F 934 -73.64 28.93 -91.99
C UNK F 934 -75.09 29.02 -91.69
N UNK F 935 -75.49 29.60 -90.55
CA UNK F 935 -76.90 29.65 -90.33
C UNK F 935 -77.28 31.04 -90.05
N UNK F 936 -78.22 31.59 -90.84
CA UNK F 936 -78.53 32.97 -90.67
C UNK F 936 -79.94 33.11 -90.27
N UNK F 937 -80.19 34.12 -89.43
CA UNK F 937 -81.51 34.37 -88.98
C UNK F 937 -82.14 35.24 -90.00
N UNK F 938 -83.17 34.72 -90.69
CA UNK F 938 -83.82 35.55 -91.66
C UNK F 938 -84.52 36.63 -90.91
N UNK F 939 -85.25 36.28 -89.84
CA UNK F 939 -85.94 37.32 -89.13
C UNK F 939 -86.46 36.72 -87.88
N UNK F 940 -86.78 37.59 -86.91
CA UNK F 940 -87.32 37.11 -85.69
C UNK F 940 -88.73 37.58 -85.62
N UNK F 941 -89.64 36.66 -85.23
CA UNK F 941 -91.01 37.03 -85.05
C UNK F 941 -91.18 37.03 -83.58
N UNK F 942 -91.67 38.15 -83.04
CA UNK F 942 -91.76 38.20 -81.61
C UNK F 942 -93.19 38.44 -81.28
N UNK F 943 -93.59 37.94 -80.11
CA UNK F 943 -94.92 38.12 -79.65
C UNK F 943 -94.80 38.46 -78.22
N UNK F 944 -95.88 38.99 -77.63
CA UNK F 944 -95.86 39.33 -76.25
C UNK F 944 -95.71 38.07 -75.45
N UNK F 945 -96.46 37.02 -75.81
CA UNK F 945 -96.52 35.82 -75.04
C UNK F 945 -95.15 35.23 -74.87
N UNK F 946 -94.96 34.55 -73.73
CA UNK F 946 -93.69 34.03 -73.34
C UNK F 946 -93.17 33.01 -74.29
N UNK F 947 -93.97 32.00 -74.65
CA UNK F 947 -93.37 30.95 -75.44
C UNK F 947 -94.19 30.67 -76.64
N UNK F 948 -93.54 30.12 -77.68
CA UNK F 948 -94.28 29.80 -78.87
C UNK F 948 -94.57 28.33 -78.85
N UNK F 949 -95.86 27.99 -78.66
CA UNK F 949 -96.30 26.64 -78.62
C UNK F 949 -96.20 25.99 -79.96
N UNK F 950 -96.65 26.68 -81.03
CA UNK F 950 -96.63 26.00 -82.29
C UNK F 950 -96.55 26.98 -83.41
N UNK F 951 -96.12 26.49 -84.58
CA UNK F 951 -96.06 27.31 -85.75
C UNK F 951 -96.52 26.46 -86.87
N UNK F 952 -97.26 27.06 -87.83
CA UNK F 952 -97.68 26.27 -88.95
C UNK F 952 -97.50 27.11 -90.15
N UNK F 953 -96.85 26.55 -91.19
CA UNK F 953 -96.67 27.27 -92.42
C UNK F 953 -97.88 27.02 -93.24
N UNK F 954 -98.19 27.96 -94.16
CA UNK F 954 -99.28 27.78 -95.05
C UNK F 954 -98.81 26.83 -96.10
N UNK F 955 -99.73 26.27 -96.89
CA UNK F 955 -99.35 25.36 -97.92
C UNK F 955 -98.47 26.13 -98.86
N UNK F 956 -98.82 27.40 -99.10
CA UNK F 956 -98.08 28.25 -99.97
C UNK F 956 -96.71 28.40 -99.43
N UNK F 957 -96.59 28.42 -98.08
CA UNK F 957 -95.34 28.63 -97.41
C UNK F 957 -95.03 30.08 -97.53
N UNK F 958 -95.96 30.85 -98.12
CA UNK F 958 -95.81 32.27 -98.22
C UNK F 958 -95.89 32.83 -96.83
N UNK F 959 -96.83 32.32 -96.02
CA UNK F 959 -97.03 32.87 -94.71
C UNK F 959 -96.96 31.77 -93.70
N UNK F 960 -96.65 32.15 -92.45
CA UNK F 960 -96.59 31.21 -91.37
C UNK F 960 -97.35 31.82 -90.24
N UNK F 961 -97.93 30.97 -89.37
CA UNK F 961 -98.65 31.51 -88.26
C UNK F 961 -97.90 31.16 -87.02
N UNK F 962 -97.74 32.15 -86.12
CA UNK F 962 -97.05 31.90 -84.89
C UNK F 962 -98.09 31.85 -83.83
N UNK F 963 -97.96 30.89 -82.91
CA UNK F 963 -98.91 30.79 -81.85
C UNK F 963 -98.13 30.71 -80.58
N UNK F 964 -98.63 31.35 -79.51
CA UNK F 964 -97.86 31.28 -78.31
C UNK F 964 -98.61 30.46 -77.32
N UNK F 965 -97.96 29.39 -76.82
CA UNK F 965 -98.58 28.62 -75.80
C UNK F 965 -97.50 27.89 -75.08
N UNK F 966 -97.79 27.56 -73.82
CA UNK F 966 -96.77 26.97 -72.99
C UNK F 966 -97.37 27.02 -71.64
N UNK F 967 -96.57 27.41 -70.64
CA UNK F 967 -97.11 27.51 -69.33
C UNK F 967 -98.24 28.48 -69.44
N UNK F 968 -98.01 29.63 -70.12
CA UNK F 968 -99.11 30.52 -70.32
C UNK F 968 -99.12 30.89 -71.75
N UNK F 969 -100.20 30.53 -72.47
CA UNK F 969 -100.26 30.86 -73.85
C UNK F 969 -101.08 32.10 -73.94
N UNK F 970 -100.57 33.11 -74.65
CA UNK F 970 -101.36 34.26 -74.95
C UNK F 970 -102.37 33.81 -75.94
N UNK F 971 -101.92 32.91 -76.83
CA UNK F 971 -102.62 32.39 -77.97
C UNK F 971 -102.76 33.44 -78.98
N UNK F 972 -102.01 34.55 -78.85
CA UNK F 972 -102.14 35.49 -79.91
C UNK F 972 -101.57 34.81 -81.11
N UNK F 973 -102.25 34.93 -82.26
CA UNK F 973 -101.74 34.28 -83.42
C UNK F 973 -101.39 35.37 -84.38
N UNK F 974 -100.18 35.28 -84.97
CA UNK F 974 -99.82 36.30 -85.90
C UNK F 974 -99.48 35.64 -87.17
N UNK F 975 -99.85 36.28 -88.29
CA UNK F 975 -99.49 35.74 -89.56
C UNK F 975 -98.32 36.55 -89.99
N UNK F 976 -97.24 35.89 -90.42
CA UNK F 976 -96.09 36.63 -90.79
C UNK F 976 -95.69 36.20 -92.16
N UNK F 977 -95.11 37.13 -92.93
CA UNK F 977 -94.65 36.76 -94.23
C UNK F 977 -93.46 35.91 -93.98
N UNK F 978 -93.18 34.97 -94.90
CA UNK F 978 -92.06 34.11 -94.70
C UNK F 978 -90.86 34.99 -94.67
N UNK F 979 -90.86 36.02 -95.53
CA UNK F 979 -89.75 36.91 -95.67
C UNK F 979 -89.49 37.69 -94.43
N UNK F 980 -90.52 38.22 -93.74
CA UNK F 980 -90.11 39.12 -92.69
C UNK F 980 -91.09 39.20 -91.55
N UNK F 981 -90.69 40.04 -90.59
CA UNK F 981 -91.29 40.37 -89.33
C UNK F 981 -92.60 41.09 -89.47
N UNK F 982 -92.80 41.86 -90.56
CA UNK F 982 -93.90 42.78 -90.64
C UNK F 982 -95.21 42.10 -90.36
N UNK F 983 -95.46 40.91 -90.94
CA UNK F 983 -96.67 40.19 -90.64
C UNK F 983 -97.87 40.89 -91.20
N UNK F 984 -98.75 40.10 -91.83
CA UNK F 984 -99.96 40.60 -92.42
C UNK F 984 -100.92 41.07 -91.37
N UNK F 985 -101.13 40.28 -90.31
CA UNK F 985 -102.10 40.70 -89.33
C UNK F 985 -101.96 39.87 -88.11
N UNK F 986 -102.66 40.28 -87.04
CA UNK F 986 -102.63 39.53 -85.82
C UNK F 986 -104.03 39.23 -85.43
N UNK F 987 -104.32 37.97 -85.05
CA UNK F 987 -105.64 37.65 -84.62
C UNK F 987 -105.51 36.99 -83.28
N UNK F 988 -106.22 37.50 -82.26
CA UNK F 988 -106.13 36.79 -81.01
C UNK F 988 -107.51 36.47 -80.57
N UNK F 989 -108.04 35.34 -81.09
CA UNK F 989 -109.36 34.88 -80.75
C UNK F 989 -109.40 34.33 -79.35
N UNK F 990 -108.37 33.53 -78.95
CA UNK F 990 -108.53 32.79 -77.72
C UNK F 990 -107.30 32.82 -76.87
N UNK F 991 -107.42 32.17 -75.71
CA UNK F 991 -106.43 32.08 -74.66
C UNK F 991 -105.17 31.38 -75.08
N UNK F 992 -105.25 30.20 -75.74
CA UNK F 992 -104.03 29.50 -76.08
C UNK F 992 -104.27 28.74 -77.35
N UNK F 993 -103.21 28.36 -78.09
CA UNK F 993 -103.49 27.56 -79.25
C UNK F 993 -102.46 26.48 -79.40
N UNK F 994 -102.85 25.24 -79.09
CA UNK F 994 -101.98 24.09 -79.20
C UNK F 994 -101.70 23.75 -80.63
N UNK F 995 -102.75 23.71 -81.48
CA UNK F 995 -102.48 23.28 -82.82
C UNK F 995 -103.31 24.07 -83.79
N UNK F 996 -102.76 24.31 -84.98
CA UNK F 996 -103.49 25.00 -85.99
C UNK F 996 -103.22 24.27 -87.27
N UNK F 997 -104.27 24.05 -88.08
CA UNK F 997 -104.04 23.38 -89.32
C UNK F 997 -104.63 24.24 -90.37
N UNK F 998 -103.86 24.50 -91.45
CA UNK F 998 -104.37 25.30 -92.50
C UNK F 998 -105.16 24.42 -93.41
N UNK F 999 -106.21 24.99 -94.01
CA UNK F 999 -107.02 24.34 -94.98
C UNK F 999 -106.29 24.55 -96.25
N UNK F 1000 -106.94 24.32 -97.40
CA UNK F 1000 -106.28 24.57 -98.65
C UNK F 1000 -105.91 26.02 -98.57
N UNK F 1001 -106.84 26.84 -98.04
CA UNK F 1001 -106.54 28.21 -97.79
C UNK F 1001 -107.12 28.52 -96.45
N UNK F 1002 -106.42 29.33 -95.63
CA UNK F 1002 -106.92 29.73 -94.34
C UNK F 1002 -106.58 28.68 -93.33
N UNK F 1003 -107.02 28.89 -92.06
CA UNK F 1003 -106.73 27.91 -91.06
C UNK F 1003 -107.74 28.01 -89.95
N UNK F 1004 -107.76 26.97 -89.09
CA UNK F 1004 -108.60 26.92 -87.93
C UNK F 1004 -107.66 26.68 -86.79
N UNK F 1005 -107.97 27.23 -85.60
CA UNK F 1005 -107.05 27.06 -84.52
C UNK F 1005 -107.74 26.42 -83.37
N UNK F 1006 -106.95 25.65 -82.56
CA UNK F 1006 -107.50 25.01 -81.41
C UNK F 1006 -106.67 25.39 -80.24
N UNK F 1007 -107.35 25.70 -79.12
CA UNK F 1007 -106.71 26.08 -77.88
C UNK F 1007 -106.49 24.86 -77.05
N UNK F 1008 -105.66 25.00 -75.99
CA UNK F 1008 -105.49 23.97 -75.02
C UNK F 1008 -106.83 23.85 -74.38
N UNK F 1009 -107.48 25.02 -74.26
CA UNK F 1009 -108.79 25.23 -73.70
C UNK F 1009 -109.74 24.42 -74.53
N UNK F 1010 -109.37 24.20 -75.81
CA UNK F 1010 -110.17 23.49 -76.76
C UNK F 1010 -111.21 24.38 -77.37
N UNK F 1011 -111.11 25.71 -77.17
CA UNK F 1011 -112.03 26.49 -77.94
C UNK F 1011 -111.54 26.32 -79.35
N UNK F 1012 -112.45 26.08 -80.31
CA UNK F 1012 -111.98 25.89 -81.65
C UNK F 1012 -112.58 26.97 -82.47
N UNK F 1013 -111.79 27.54 -83.40
CA UNK F 1013 -112.36 28.60 -84.17
C UNK F 1013 -112.03 28.37 -85.61
N UNK F 1014 -113.00 28.67 -86.48
CA UNK F 1014 -112.74 28.60 -87.89
C UNK F 1014 -112.58 30.03 -88.27
N UNK F 1015 -111.47 30.37 -88.93
CA UNK F 1015 -111.31 31.76 -89.23
C UNK F 1015 -110.71 31.90 -90.58
N UNK F 1016 -110.98 33.04 -91.23
CA UNK F 1016 -110.35 33.28 -92.48
C UNK F 1016 -109.17 34.12 -92.15
N UNK F 1017 -107.96 33.55 -92.27
CA UNK F 1017 -106.81 34.33 -91.95
C UNK F 1017 -106.69 35.33 -93.03
N UNK F 1018 -106.46 36.60 -92.64
CA UNK F 1018 -106.36 37.63 -93.62
C UNK F 1018 -106.41 38.92 -92.88
N UNK F 1019 -106.51 40.04 -93.62
CA UNK F 1019 -106.57 41.31 -92.98
C UNK F 1019 -107.81 41.28 -92.14
N UNK F 1020 -108.89 40.68 -92.66
CA UNK F 1020 -110.12 40.65 -91.91
C UNK F 1020 -109.87 39.92 -90.63
N UNK F 1021 -109.19 38.76 -90.72
CA UNK F 1021 -108.91 37.96 -89.55
C UNK F 1021 -110.17 37.78 -88.77
N UNK F 1022 -111.24 37.28 -89.43
CA UNK F 1022 -112.48 37.11 -88.75
C UNK F 1022 -112.72 35.65 -88.59
N UNK F 1023 -113.49 35.26 -87.55
CA UNK F 1023 -113.76 33.87 -87.33
C UNK F 1023 -115.19 33.61 -87.63
N UNK F 1024 -115.45 32.57 -88.46
CA UNK F 1024 -116.79 32.21 -88.82
C UNK F 1024 -117.53 31.70 -87.62
N UNK F 1025 -116.90 30.80 -86.84
CA UNK F 1025 -117.60 30.25 -85.72
C UNK F 1025 -116.60 29.62 -84.79
N UNK F 1026 -117.04 29.29 -83.57
CA UNK F 1026 -116.17 28.66 -82.61
C UNK F 1026 -117.01 27.74 -81.78
N UNK F 1027 -116.37 26.71 -81.18
CA UNK F 1027 -117.11 25.80 -80.36
C UNK F 1027 -116.25 25.42 -79.19
N UNK F 1028 -116.87 25.14 -78.03
CA UNK F 1028 -116.07 24.70 -76.92
C UNK F 1028 -116.62 23.38 -76.45
N UNK F 1029 -116.03 22.27 -76.93
CA UNK F 1029 -116.44 20.96 -76.50
C UNK F 1029 -116.04 20.72 -75.08
N UNK F 1030 -114.74 20.99 -74.76
CA UNK F 1030 -114.14 20.85 -73.46
C UNK F 1030 -113.34 19.57 -73.37
N UNK F 1031 -112.70 19.36 -72.20
CA UNK F 1031 -111.96 18.20 -71.78
C UNK F 1031 -110.82 17.74 -72.67
N UNK F 1032 -109.84 18.62 -72.97
CA UNK F 1032 -108.59 18.25 -73.61
C UNK F 1032 -108.77 17.35 -74.80
N UNK F 1033 -109.63 17.77 -75.74
CA UNK F 1033 -110.03 17.25 -77.02
C UNK F 1033 -109.01 17.43 -78.13
N UNK F 1034 -107.95 18.22 -77.91
CA UNK F 1034 -107.19 19.09 -78.79
C UNK F 1034 -106.84 18.77 -80.23
N UNK F 1035 -106.43 17.56 -80.68
CA UNK F 1035 -106.03 17.50 -82.09
C UNK F 1035 -107.16 17.88 -83.02
N UNK F 1036 -106.83 18.51 -84.19
CA UNK F 1036 -107.82 18.95 -85.14
C UNK F 1036 -107.31 18.73 -86.54
N UNK F 1037 -108.23 18.69 -87.54
CA UNK F 1037 -107.83 18.49 -88.91
C UNK F 1037 -108.95 18.90 -89.82
N UNK F 1038 -108.64 19.14 -91.11
CA UNK F 1038 -109.67 19.54 -92.04
C UNK F 1038 -109.88 18.44 -93.02
N UNK F 1039 -111.12 17.94 -93.13
CA UNK F 1039 -111.46 16.90 -94.05
C UNK F 1039 -111.38 17.40 -95.46
N UNK F 1040 -111.94 18.60 -95.73
CA UNK F 1040 -111.95 19.05 -97.09
C UNK F 1040 -111.26 20.36 -97.18
N UNK F 1041 -110.43 20.51 -98.24
CA UNK F 1041 -109.71 21.73 -98.48
C UNK F 1041 -110.70 22.81 -98.78
N UNK F 1042 -111.69 22.51 -99.63
CA UNK F 1042 -112.64 23.50 -99.97
C UNK F 1042 -113.33 23.85 -98.70
N UNK F 1043 -113.93 25.06 -98.63
CA UNK F 1043 -114.62 25.43 -97.44
C UNK F 1043 -115.62 24.35 -97.23
N UNK F 1044 -115.53 23.67 -96.07
CA UNK F 1044 -116.35 22.53 -95.90
C UNK F 1044 -116.07 21.98 -94.55
N UNK F 1045 -116.31 20.66 -94.42
CA UNK F 1045 -116.16 19.98 -93.17
C UNK F 1045 -114.73 19.90 -92.75
N UNK F 1046 -114.53 19.90 -91.43
CA UNK F 1046 -113.27 19.74 -90.77
C UNK F 1046 -113.61 18.90 -89.59
N UNK F 1047 -112.61 18.23 -88.98
CA UNK F 1047 -112.98 17.39 -87.87
C UNK F 1047 -112.46 18.02 -86.63
N UNK F 1048 -113.28 17.99 -85.55
CA UNK F 1048 -112.88 18.52 -84.29
C UNK F 1048 -113.26 17.48 -83.28
N UNK F 1049 -112.46 17.36 -82.20
CA UNK F 1049 -112.76 16.35 -81.22
C UNK F 1049 -113.96 16.78 -80.44
N UNK F 1050 -114.90 15.81 -80.27
CA UNK F 1050 -116.09 16.01 -79.51
C UNK F 1050 -115.86 15.44 -78.15
N UNK F 1051 -116.83 15.63 -77.24
CA UNK F 1051 -116.71 15.10 -75.92
C UNK F 1051 -116.88 13.62 -76.03
N UNK F 1052 -116.50 12.89 -74.97
CA UNK F 1052 -116.62 11.46 -74.96
C UNK F 1052 -115.73 10.91 -76.02
N UNK F 1053 -114.66 11.65 -76.37
CA UNK F 1053 -113.71 11.17 -77.32
C UNK F 1053 -114.40 10.90 -78.62
N UNK F 1054 -115.53 11.59 -78.86
CA UNK F 1054 -116.24 11.42 -80.09
C UNK F 1054 -115.60 12.31 -81.09
N UNK F 1055 -115.85 12.05 -82.39
CA UNK F 1055 -115.31 12.89 -83.40
C UNK F 1055 -116.47 13.67 -83.95
N UNK F 1056 -116.27 14.98 -84.13
CA UNK F 1056 -117.35 15.77 -84.64
C UNK F 1056 -116.90 16.29 -85.95
N UNK F 1057 -117.82 16.29 -86.94
CA UNK F 1057 -117.46 16.85 -88.21
C UNK F 1057 -118.07 18.21 -88.21
N UNK F 1058 -117.30 19.20 -88.68
CA UNK F 1058 -117.74 20.57 -88.56
C UNK F 1058 -118.02 21.15 -89.90
N UNK F 1059 -118.56 22.39 -89.87
CA UNK F 1059 -119.01 23.15 -90.99
C UNK F 1059 -120.35 22.62 -91.37
N UNK F 1060 -120.66 21.42 -90.84
CA UNK F 1060 -121.90 20.70 -90.97
C UNK F 1060 -121.50 19.29 -91.24
N UNK F 1061 -122.16 18.32 -90.58
CA UNK F 1061 -121.88 16.93 -90.78
C UNK F 1061 -122.32 16.16 -89.57
N UNK F 1062 -121.92 14.87 -89.55
CA UNK F 1062 -122.23 13.96 -88.47
C UNK F 1062 -121.04 13.80 -87.58
N UNK F 1063 -121.21 13.00 -86.50
CA UNK F 1063 -120.16 12.75 -85.56
C UNK F 1063 -119.87 11.29 -85.57
N UNK F 1064 -118.62 10.91 -85.21
CA UNK F 1064 -118.26 9.52 -85.19
C UNK F 1064 -118.10 9.10 -83.77
N UNK F 1065 -118.63 7.92 -83.43
CA UNK F 1065 -118.51 7.39 -82.09
C UNK F 1065 -117.44 6.36 -82.16
N UNK F 1066 -116.62 6.27 -81.10
CA UNK F 1066 -115.52 5.36 -81.22
C UNK F 1066 -114.67 5.49 -80.00
N UNK F 1067 -113.55 6.21 -80.19
CA UNK F 1067 -112.49 6.34 -79.23
C UNK F 1067 -113.01 6.62 -77.86
N UNK F 1068 -112.41 5.88 -76.91
CA UNK F 1068 -112.63 5.96 -75.49
C UNK F 1068 -112.05 7.23 -74.94
N UNK F 1069 -110.89 7.68 -75.47
CA UNK F 1069 -110.20 8.77 -74.85
C UNK F 1069 -109.97 9.89 -75.82
N UNK F 1070 -109.37 10.98 -75.30
CA UNK F 1070 -109.14 12.20 -76.04
C UNK F 1070 -108.39 11.86 -77.29
N UNK F 1071 -108.59 12.70 -78.33
CA UNK F 1071 -107.98 12.41 -79.60
C UNK F 1071 -106.66 13.09 -79.68
N UNK F 1072 -105.59 12.27 -79.73
CA UNK F 1072 -104.24 12.72 -79.86
C UNK F 1072 -103.99 13.30 -81.21
N UNK F 1073 -104.46 12.63 -82.28
CA UNK F 1073 -104.12 13.16 -83.58
C UNK F 1073 -105.23 12.93 -84.54
N UNK F 1074 -105.31 13.81 -85.57
CA UNK F 1074 -106.25 13.65 -86.62
C UNK F 1074 -105.52 13.94 -87.88
N UNK F 1075 -105.57 13.01 -88.85
CA UNK F 1075 -104.91 13.27 -90.09
C UNK F 1075 -105.84 12.81 -91.16
N UNK F 1076 -105.98 13.60 -92.23
CA UNK F 1076 -106.87 13.20 -93.27
C UNK F 1076 -106.04 12.99 -94.49
N UNK F 1077 -106.37 11.95 -95.27
CA UNK F 1077 -105.60 11.72 -96.47
C UNK F 1077 -106.44 12.22 -97.59
N UNK F 1078 -105.87 13.10 -98.43
CA UNK F 1078 -106.63 13.61 -99.53
C UNK F 1078 -106.97 12.43 -100.37
N UNK F 1079 -105.98 11.56 -100.61
CA UNK F 1079 -106.24 10.38 -101.37
C UNK F 1079 -106.90 9.41 -100.45
N UNK F 1080 -107.83 8.60 -101.00
CA UNK F 1080 -108.54 7.59 -100.28
C UNK F 1080 -109.54 8.23 -99.37
N UNK F 1081 -109.43 9.56 -99.16
CA UNK F 1081 -110.35 10.33 -98.37
C UNK F 1081 -110.66 9.62 -97.09
N UNK F 1082 -109.63 9.18 -96.35
CA UNK F 1082 -109.90 8.50 -95.12
C UNK F 1082 -109.30 9.32 -94.03
N UNK F 1083 -109.96 9.33 -92.84
CA UNK F 1083 -109.43 10.10 -91.77
C UNK F 1083 -108.79 9.15 -90.81
N UNK F 1084 -107.60 9.50 -90.31
CA UNK F 1084 -106.94 8.65 -89.37
C UNK F 1084 -106.96 9.35 -88.07
N UNK F 1085 -107.27 8.62 -86.99
CA UNK F 1085 -107.32 9.25 -85.70
C UNK F 1085 -106.57 8.39 -84.75
N UNK F 1086 -106.00 9.02 -83.71
CA UNK F 1086 -105.29 8.31 -82.69
C UNK F 1086 -105.82 8.81 -81.39
N UNK F 1087 -105.74 8.01 -80.32
CA UNK F 1087 -106.30 8.48 -79.09
C UNK F 1087 -105.51 7.98 -77.93
N UNK F 1088 -105.86 8.51 -76.74
CA UNK F 1088 -105.28 8.18 -75.47
C UNK F 1088 -105.55 6.74 -75.24
N UNK F 1089 -106.66 6.26 -75.83
CA UNK F 1089 -107.13 4.91 -75.72
C UNK F 1089 -106.02 4.02 -76.15
N UNK F 1090 -105.11 4.54 -76.99
CA UNK F 1090 -104.01 3.77 -77.52
C UNK F 1090 -104.51 2.88 -78.62
N UNK F 1091 -105.58 3.32 -79.29
CA UNK F 1091 -106.08 2.62 -80.44
C UNK F 1091 -106.09 3.64 -81.54
N UNK F 1092 -105.98 3.17 -82.80
CA UNK F 1092 -106.02 4.07 -83.92
C UNK F 1092 -107.23 3.66 -84.69
N UNK F 1093 -107.85 4.61 -85.43
CA UNK F 1093 -109.00 4.22 -86.17
C UNK F 1093 -109.04 5.00 -87.44
N UNK F 1094 -109.72 4.44 -88.46
CA UNK F 1094 -109.86 5.14 -89.71
C UNK F 1094 -111.32 5.39 -89.88
N UNK F 1095 -111.70 6.60 -90.35
CA UNK F 1095 -113.11 6.84 -90.47
C UNK F 1095 -113.47 7.07 -91.90
N UNK F 1096 -114.14 6.07 -92.50
CA UNK F 1096 -114.66 6.14 -93.84
C UNK F 1096 -115.86 7.03 -93.92
N UNK F 1097 -116.77 6.93 -92.92
CA UNK F 1097 -118.05 7.58 -93.04
C UNK F 1097 -118.16 8.75 -92.12
N UNK F 1098 -119.06 9.68 -92.49
CA UNK F 1098 -119.29 10.87 -91.73
C UNK F 1098 -119.84 10.48 -90.38
N UNK F 1099 -120.81 9.56 -90.34
CA UNK F 1099 -121.33 9.16 -89.07
C UNK F 1099 -121.42 7.67 -89.07
N UNK F 1100 -120.86 7.04 -88.01
CA UNK F 1100 -120.87 5.62 -87.86
C UNK F 1100 -119.67 5.26 -87.04
N UNK F 1101 -119.48 3.96 -86.81
CA UNK F 1101 -118.31 3.50 -86.14
C UNK F 1101 -117.21 3.58 -87.15
N UNK F 1102 -115.95 3.54 -86.68
CA UNK F 1102 -114.85 3.64 -87.60
C UNK F 1102 -114.79 2.39 -88.41
N UNK F 1103 -114.34 2.53 -89.67
CA UNK F 1103 -114.25 1.39 -90.54
C UNK F 1103 -113.26 0.44 -89.96
N UNK F 1104 -112.11 0.97 -89.50
CA UNK F 1104 -111.13 0.06 -89.00
C UNK F 1104 -110.60 0.56 -87.69
N UNK F 1105 -110.22 -0.39 -86.83
CA UNK F 1105 -109.57 -0.07 -85.60
C UNK F 1105 -108.21 -0.67 -85.74
N UNK F 1106 -107.16 0.10 -85.43
CA UNK F 1106 -105.86 -0.45 -85.60
C UNK F 1106 -105.48 -1.09 -84.31
N UNK F 1107 -105.26 -2.40 -84.35
CA UNK F 1107 -104.87 -3.12 -83.18
C UNK F 1107 -104.54 -4.50 -83.63
N UNK F 1108 -103.66 -5.19 -82.88
CA UNK F 1108 -103.30 -6.52 -83.29
C UNK F 1108 -104.43 -7.46 -82.88
N UNK F 1109 -98.46 -1.08 -74.88
CA UNK F 1109 -98.23 0.01 -73.90
C UNK F 1109 -99.50 0.74 -73.65
N UNK F 1110 -99.81 0.96 -72.36
CA UNK F 1110 -101.01 1.60 -71.95
C UNK F 1110 -101.02 3.00 -72.47
N UNK F 1111 -99.83 3.64 -72.50
CA UNK F 1111 -99.72 5.02 -72.88
C UNK F 1111 -100.38 5.25 -74.20
N UNK F 1112 -100.85 6.50 -74.40
CA UNK F 1112 -101.53 6.91 -75.59
C UNK F 1112 -100.53 7.11 -76.68
N UNK F 1113 -101.02 7.09 -77.94
CA UNK F 1113 -100.16 7.30 -79.07
C UNK F 1113 -99.81 8.75 -79.13
N UNK F 1114 -98.50 9.05 -79.20
CA UNK F 1114 -98.02 10.39 -79.28
C UNK F 1114 -98.39 10.99 -80.61
N UNK F 1115 -98.13 10.24 -81.71
CA UNK F 1115 -98.43 10.80 -83.00
C UNK F 1115 -98.59 9.69 -83.98
N UNK F 1116 -99.45 9.93 -84.99
CA UNK F 1116 -99.69 8.97 -86.03
C UNK F 1116 -99.49 9.70 -87.31
N UNK F 1117 -99.15 8.98 -88.39
CA UNK F 1117 -98.92 9.69 -89.62
C UNK F 1117 -99.37 8.86 -90.77
N UNK F 1118 -99.61 9.53 -91.91
CA UNK F 1118 -100.03 8.86 -93.10
C UNK F 1118 -98.87 8.10 -93.64
N UNK F 1119 -99.20 6.93 -94.20
CA UNK F 1119 -98.34 5.94 -94.76
C UNK F 1119 -99.35 4.87 -94.99
N UNK F 1120 -98.98 3.59 -94.87
CA UNK F 1120 -100.10 2.68 -94.85
C UNK F 1120 -100.82 3.14 -93.63
N UNK F 1121 -100.05 3.31 -92.54
CA UNK F 1121 -100.49 3.86 -91.30
C UNK F 1121 -99.31 3.71 -90.39
N UNK F 1122 -98.98 4.75 -89.62
CA UNK F 1122 -97.86 4.59 -88.75
C UNK F 1122 -98.23 5.24 -87.46
N UNK F 1123 -97.85 4.62 -86.33
CA UNK F 1123 -98.19 5.22 -85.09
C UNK F 1123 -97.02 5.07 -84.18
N UNK F 1124 -96.84 6.08 -83.30
CA UNK F 1124 -95.79 6.05 -82.34
C UNK F 1124 -96.46 6.30 -81.04
N UNK F 1125 -95.93 5.68 -79.98
CA UNK F 1125 -96.47 5.78 -78.66
C UNK F 1125 -95.35 5.31 -77.81
N UNK F 1126 -95.66 4.78 -76.61
CA UNK F 1126 -94.60 4.23 -75.83
C UNK F 1126 -94.05 3.15 -76.71
N UNK F 1127 -94.95 2.44 -77.40
CA UNK F 1127 -94.61 1.42 -78.35
C UNK F 1127 -94.50 2.07 -79.69
N UNK F 1128 -94.22 1.27 -80.75
CA UNK F 1128 -94.19 1.77 -82.09
C UNK F 1128 -94.84 0.73 -82.95
N UNK F 1129 -95.64 1.16 -83.95
CA UNK F 1129 -96.28 0.17 -84.78
C UNK F 1129 -96.52 0.73 -86.14
N UNK F 1130 -96.57 -0.18 -87.13
CA UNK F 1130 -96.86 0.18 -88.49
C UNK F 1130 -98.12 -0.55 -88.81
N UNK F 1131 -99.00 0.06 -89.61
CA UNK F 1131 -100.23 -0.61 -89.85
C UNK F 1131 -100.46 -0.72 -91.32
N UNK F 1132 -101.22 -1.76 -91.70
CA UNK F 1132 -101.67 -1.96 -93.05
C UNK F 1132 -103.15 -2.03 -92.87
N UNK F 1133 -103.95 -1.74 -93.91
CA UNK F 1133 -105.35 -1.94 -93.60
C UNK F 1133 -105.46 -3.44 -93.42
N UNK F 1134 -105.60 -3.94 -92.15
CA UNK F 1134 -105.57 -5.34 -91.79
C UNK F 1134 -105.02 -5.55 -90.39
N UNK F 1135 -103.74 -6.01 -90.29
CA UNK F 1135 -103.02 -6.34 -89.09
C UNK F 1135 -101.77 -5.50 -89.02
N UNK F 1136 -100.99 -5.61 -87.91
CA UNK F 1136 -99.82 -4.79 -87.76
C UNK F 1136 -98.85 -5.09 -88.85
N UNK F 1137 -98.45 -4.05 -89.60
CA UNK F 1137 -97.50 -4.21 -90.68
C UNK F 1137 -96.17 -4.58 -90.12
N UNK F 1138 -95.73 -3.84 -89.08
CA UNK F 1138 -94.43 -4.08 -88.52
C UNK F 1138 -94.42 -3.47 -87.15
N UNK F 1139 -93.40 -3.82 -86.33
CA UNK F 1139 -93.35 -3.28 -84.99
C UNK F 1139 -91.96 -2.85 -84.69
N UNK F 1140 -91.81 -1.89 -83.74
CA UNK F 1140 -90.51 -1.44 -83.32
C UNK F 1140 -90.33 -1.88 -81.91
N UNK F 1141 -89.10 -2.32 -81.58
CA UNK F 1141 -88.71 -2.96 -80.36
C UNK F 1141 -88.72 -2.15 -79.08
N UNK F 1142 -88.20 -0.89 -79.07
CA UNK F 1142 -87.83 -0.11 -77.90
C UNK F 1142 -88.65 -0.49 -76.70
N UNK F 1143 -88.06 -1.39 -75.89
CA UNK F 1143 -88.78 -2.04 -74.83
C UNK F 1143 -89.26 -1.09 -73.79
N UNK F 1144 -88.36 -0.29 -73.19
CA UNK F 1144 -88.92 0.59 -72.23
C UNK F 1144 -88.44 1.94 -72.58
N UNK F 1145 -88.91 2.46 -73.72
CA UNK F 1145 -88.51 3.79 -74.03
C UNK F 1145 -89.70 4.42 -74.64
N UNK F 1146 -90.28 5.41 -73.95
CA UNK F 1146 -91.43 6.04 -74.49
C UNK F 1146 -90.94 6.89 -75.61
N UNK F 1147 -91.77 7.10 -76.64
CA UNK F 1147 -91.36 7.94 -77.72
C UNK F 1147 -92.05 9.25 -77.54
N UNK F 1148 -91.26 10.33 -77.50
CA UNK F 1148 -91.79 11.65 -77.31
C UNK F 1148 -92.62 12.04 -78.51
N UNK F 1149 -92.10 11.81 -79.72
CA UNK F 1149 -92.84 12.21 -80.88
C UNK F 1149 -92.28 11.49 -82.06
N UNK F 1150 -93.09 11.39 -83.13
CA UNK F 1150 -92.60 10.74 -84.32
C UNK F 1150 -93.04 11.57 -85.49
N UNK F 1151 -92.15 11.69 -86.48
CA UNK F 1151 -92.48 12.46 -87.65
C UNK F 1151 -92.24 11.56 -88.82
N UNK F 1152 -92.99 11.81 -89.91
CA UNK F 1152 -92.82 11.00 -91.09
C UNK F 1152 -92.23 11.90 -92.13
N UNK F 1153 -91.36 11.34 -92.99
CA UNK F 1153 -90.72 12.12 -94.01
C UNK F 1153 -91.75 12.53 -95.00
N UNK F 1154 -91.44 13.56 -95.82
CA UNK F 1154 -92.39 14.01 -96.79
C UNK F 1154 -92.69 12.83 -97.64
N UNK F 1155 -91.63 12.12 -98.07
CA UNK F 1155 -91.87 10.87 -98.71
C UNK F 1155 -91.84 9.97 -97.53
N UNK F 1156 -92.88 9.14 -97.32
CA UNK F 1156 -92.81 8.43 -96.08
C UNK F 1156 -92.00 7.20 -96.25
N UNK F 1157 -90.72 7.39 -96.65
CA UNK F 1157 -89.77 6.34 -96.69
C UNK F 1157 -89.37 6.03 -95.29
N UNK F 1158 -89.17 7.09 -94.47
CA UNK F 1158 -88.65 6.87 -93.16
C UNK F 1158 -89.47 7.59 -92.15
N UNK F 1159 -89.49 7.04 -90.92
CA UNK F 1159 -90.17 7.67 -89.84
C UNK F 1159 -89.14 7.87 -88.78
N UNK F 1160 -89.08 9.08 -88.20
CA UNK F 1160 -88.10 9.31 -87.19
C UNK F 1160 -88.84 9.57 -85.93
N UNK F 1161 -88.32 9.04 -84.81
CA UNK F 1161 -88.98 9.25 -83.55
C UNK F 1161 -87.93 9.52 -82.54
N UNK F 1162 -88.30 10.26 -81.48
CA UNK F 1162 -87.31 10.53 -80.47
C UNK F 1162 -87.63 9.66 -79.30
N UNK F 1163 -86.67 8.81 -78.89
CA UNK F 1163 -86.86 8.01 -77.72
C UNK F 1163 -86.70 8.94 -76.57
N UNK F 1164 -87.51 8.76 -75.52
CA UNK F 1164 -87.46 9.69 -74.44
C UNK F 1164 -86.28 9.47 -73.56
N UNK F 1165 -85.73 10.60 -73.07
CA UNK F 1165 -84.72 10.64 -72.07
C UNK F 1165 -85.27 11.70 -71.18
N UNK F 1166 -85.38 11.42 -69.87
CA UNK F 1166 -86.09 12.39 -69.08
C UNK F 1166 -86.13 11.87 -67.69
N UNK F 1167 -87.32 11.97 -67.08
CA UNK F 1167 -87.50 11.53 -65.72
C UNK F 1167 -87.06 10.11 -65.67
N UNK F 1168 -87.43 9.31 -66.68
CA UNK F 1168 -86.95 7.96 -66.66
C UNK F 1168 -85.62 7.98 -67.33
N UNK F 1169 -84.55 7.68 -66.58
CA UNK F 1169 -83.25 7.69 -67.16
C UNK F 1169 -83.06 6.42 -67.91
N UNK F 1170 -82.33 6.49 -69.04
CA UNK F 1170 -82.04 5.30 -69.78
C UNK F 1170 -81.05 5.69 -70.82
N UNK F 1171 -80.27 4.71 -71.33
CA UNK F 1171 -79.39 5.08 -72.39
C UNK F 1171 -80.34 5.26 -73.52
N UNK F 1172 -80.57 6.52 -73.91
CA UNK F 1172 -81.59 6.79 -74.87
C UNK F 1172 -81.41 8.20 -75.31
N UNK F 1173 -82.54 8.88 -75.56
CA UNK F 1173 -82.46 10.21 -76.08
C UNK F 1173 -81.80 10.06 -77.40
N UNK F 1174 -82.12 8.95 -78.08
CA UNK F 1174 -81.57 8.75 -79.38
C UNK F 1174 -82.71 8.91 -80.33
N UNK F 1175 -82.46 9.59 -81.46
CA UNK F 1175 -83.51 9.71 -82.43
C UNK F 1175 -83.25 8.61 -83.39
N UNK F 1176 -84.25 7.74 -83.59
CA UNK F 1176 -84.01 6.64 -84.47
C UNK F 1176 -84.84 6.85 -85.69
N UNK F 1177 -84.21 6.69 -86.86
CA UNK F 1177 -84.97 6.79 -88.07
C UNK F 1177 -85.16 5.40 -88.53
N UNK F 1178 -86.40 5.02 -88.88
CA UNK F 1178 -86.59 3.67 -89.29
C UNK F 1178 -86.86 3.71 -90.76
N UNK F 1179 -86.25 2.76 -91.49
CA UNK F 1179 -86.49 2.71 -92.90
C UNK F 1179 -87.79 1.95 -93.03
N UNK F 1180 -90.56 -6.89 -89.25
CA UNK F 1180 -90.34 -7.14 -87.81
C UNK F 1180 -90.07 -5.87 -87.10
N UNK F 1181 -88.91 -5.81 -86.43
CA UNK F 1181 -88.44 -4.76 -85.57
C UNK F 1181 -88.36 -3.49 -86.36
N UNK F 1182 -88.24 -3.58 -87.69
CA UNK F 1182 -88.02 -2.39 -88.46
C UNK F 1182 -86.74 -1.77 -87.99
N UNK F 1183 -85.65 -2.15 -88.69
CA UNK F 1183 -84.33 -1.71 -88.38
C UNK F 1183 -84.26 -0.22 -88.49
N UNK F 1184 -83.37 0.38 -87.69
CA UNK F 1184 -83.24 1.80 -87.71
C UNK F 1184 -82.17 2.14 -88.68
N UNK F 1185 -82.54 2.95 -89.70
CA UNK F 1185 -81.61 3.37 -90.70
C UNK F 1185 -80.59 4.25 -90.08
N UNK F 1186 -81.02 5.19 -89.22
CA UNK F 1186 -80.07 6.12 -88.68
C UNK F 1186 -80.30 6.28 -87.21
N UNK F 1187 -79.24 6.66 -86.48
CA UNK F 1187 -79.38 6.89 -85.07
C UNK F 1187 -78.79 8.23 -84.77
N UNK F 1188 -79.43 8.98 -83.86
CA UNK F 1188 -78.91 10.26 -83.49
C UNK F 1188 -78.94 10.31 -82.00
N UNK F 1189 -78.02 11.07 -81.39
CA UNK F 1189 -78.04 11.12 -79.96
C UNK F 1189 -78.28 12.52 -79.53
N UNK F 1190 -79.30 12.70 -78.67
CA UNK F 1190 -79.63 13.96 -78.07
C UNK F 1190 -81.05 13.86 -77.63
N UNK F 1191 -81.39 14.47 -76.49
CA UNK F 1191 -82.75 14.41 -76.06
C UNK F 1191 -83.52 15.27 -76.99
N UNK F 1192 -84.76 14.89 -77.34
CA UNK F 1192 -85.46 15.75 -78.25
C UNK F 1192 -86.86 15.96 -77.78
N UNK F 1193 -87.24 17.25 -77.63
CA UNK F 1193 -88.60 17.57 -77.32
C UNK F 1193 -89.41 17.22 -78.54
N UNK F 1194 -88.87 17.57 -79.72
CA UNK F 1194 -89.56 17.31 -80.94
C UNK F 1194 -88.58 17.41 -82.07
N UNK F 1195 -88.96 16.92 -83.26
CA UNK F 1195 -88.11 16.97 -84.40
C UNK F 1195 -88.98 17.24 -85.59
N UNK F 1196 -88.37 17.77 -86.68
CA UNK F 1196 -89.14 18.05 -87.86
C UNK F 1196 -88.29 17.71 -89.04
N UNK F 1197 -88.94 17.41 -90.18
CA UNK F 1197 -88.19 17.06 -91.35
C UNK F 1197 -88.37 18.15 -92.36
N UNK F 1198 -87.30 18.41 -93.13
CA UNK F 1198 -87.36 19.39 -94.18
C UNK F 1198 -88.10 18.76 -95.31
N UNK F 1199 -88.57 19.57 -96.26
CA UNK F 1199 -89.29 19.05 -97.39
C UNK F 1199 -88.37 18.12 -98.10
N UNK F 1200 -87.08 18.53 -98.19
CA UNK F 1200 -86.07 17.75 -98.84
C UNK F 1200 -85.94 16.45 -98.14
N UNK F 1201 -86.12 16.47 -96.80
CA UNK F 1201 -85.96 15.30 -95.98
C UNK F 1201 -84.50 15.02 -95.88
N UNK F 1202 -83.68 15.97 -96.38
CA UNK F 1202 -82.26 15.88 -96.27
C UNK F 1202 -81.88 16.05 -94.84
N UNK F 1203 -82.51 17.00 -94.12
CA UNK F 1203 -82.09 17.27 -92.78
C UNK F 1203 -83.28 17.25 -91.86
N UNK F 1204 -83.01 17.05 -90.56
CA UNK F 1204 -84.04 17.05 -89.58
C UNK F 1204 -83.66 18.03 -88.53
N UNK F 1205 -84.66 18.71 -87.94
CA UNK F 1205 -84.34 19.65 -86.91
C UNK F 1205 -84.62 18.96 -85.62
N UNK F 1206 -83.70 19.06 -84.66
CA UNK F 1206 -83.89 18.40 -83.40
C UNK F 1206 -84.09 19.45 -82.36
N UNK F 1207 -85.07 19.23 -81.48
CA UNK F 1207 -85.30 20.17 -80.43
C UNK F 1207 -84.81 19.54 -79.18
N UNK F 1208 -84.06 20.30 -78.36
CA UNK F 1208 -83.52 19.75 -77.15
C UNK F 1208 -83.56 20.84 -76.13
N UNK F 1209 -83.34 20.48 -74.85
CA UNK F 1209 -83.34 21.48 -73.83
C UNK F 1209 -82.22 22.40 -74.17
N UNK F 1210 -81.10 21.83 -74.60
CA UNK F 1210 -79.95 22.61 -74.99
C UNK F 1210 -80.25 23.19 -76.32
N UNK F 1211 -79.24 23.83 -76.93
CA UNK F 1211 -79.45 24.41 -78.23
C UNK F 1211 -79.94 23.32 -79.11
N UNK F 1212 -80.79 23.66 -80.10
CA UNK F 1212 -81.34 22.69 -80.99
C UNK F 1212 -80.26 22.29 -81.91
N UNK F 1213 -80.40 21.10 -82.51
CA UNK F 1213 -79.40 20.63 -83.43
C UNK F 1213 -80.06 20.39 -84.75
N UNK F 1214 -79.31 20.64 -85.83
CA UNK F 1214 -79.80 20.33 -87.14
C UNK F 1214 -78.88 19.28 -87.63
N UNK F 1215 -79.41 18.12 -88.07
CA UNK F 1215 -78.52 17.08 -88.52
C UNK F 1215 -78.94 16.71 -89.90
N UNK F 1216 -77.98 16.29 -90.74
CA UNK F 1216 -78.32 15.94 -92.09
C UNK F 1216 -78.30 14.46 -92.21
N UNK F 1217 -79.30 13.90 -92.90
CA UNK F 1217 -79.35 12.48 -93.12
C UNK F 1217 -79.12 12.28 -94.58
N UNK F 1218 -78.36 11.24 -94.96
CA UNK F 1218 -78.12 11.07 -96.36
C UNK F 1218 -79.12 10.09 -96.87
N UNK F 1219 -79.85 10.49 -97.92
CA UNK F 1219 -80.83 9.60 -98.49
C UNK F 1219 -80.08 8.42 -99.01
N UNK F 1220 -78.94 8.69 -99.66
CA UNK F 1220 -78.13 7.63 -100.20
C UNK F 1220 -76.72 7.97 -99.87
N UNK F 1221 -75.84 6.94 -99.87
CA UNK F 1221 -74.46 7.18 -99.60
C UNK F 1221 -73.96 8.14 -100.67
N MET G 7 -44.21 0.37 -39.82
CA MET G 7 -44.39 0.22 -38.37
C MET G 7 -43.39 1.15 -37.75
N ASP G 8 -43.49 1.33 -36.43
CA ASP G 8 -42.55 2.19 -35.78
C ASP G 8 -41.28 1.42 -35.85
N PHE G 9 -40.15 2.06 -35.52
CA PHE G 9 -38.93 1.30 -35.59
C PHE G 9 -39.06 0.16 -34.65
N GLU G 10 -39.51 0.44 -33.41
CA GLU G 10 -39.64 -0.62 -32.45
C GLU G 10 -40.66 -1.60 -32.92
N THR G 11 -41.74 -1.12 -33.58
CA THR G 11 -42.75 -2.04 -33.99
C THR G 11 -42.13 -3.02 -34.93
N GLY G 12 -41.41 -2.50 -35.94
CA GLY G 12 -40.79 -3.32 -36.95
C GLY G 12 -39.71 -4.15 -36.36
N GLU G 13 -38.92 -3.57 -35.44
CA GLU G 13 -37.82 -4.29 -34.88
C GLU G 13 -38.36 -5.49 -34.18
N HIS G 14 -39.43 -5.27 -33.39
CA HIS G 14 -40.02 -6.35 -32.67
C HIS G 14 -40.71 -7.31 -33.60
N GLN G 15 -41.38 -6.82 -34.65
CA GLN G 15 -42.06 -7.73 -35.54
C GLN G 15 -41.01 -8.58 -36.18
N TYR G 16 -39.93 -7.90 -36.57
CA TYR G 16 -38.81 -8.46 -37.23
C TYR G 16 -38.21 -9.50 -36.34
N GLN G 17 -38.11 -9.24 -35.03
CA GLN G 17 -37.58 -10.18 -34.09
C GLN G 17 -38.53 -11.31 -33.84
N TYR G 18 -39.80 -10.93 -33.67
CA TYR G 18 -40.95 -11.67 -33.24
C TYR G 18 -41.37 -12.66 -34.25
N LYS G 19 -40.76 -12.63 -35.45
CA LYS G 19 -41.11 -13.42 -36.61
C LYS G 19 -41.20 -14.91 -36.37
N ASP G 20 -40.11 -15.56 -35.90
CA ASP G 20 -40.07 -16.99 -35.82
C ASP G 20 -41.19 -17.43 -34.95
N ILE G 21 -41.42 -16.70 -33.85
CA ILE G 21 -42.50 -17.06 -33.00
C ILE G 21 -43.80 -16.95 -33.75
N LEU G 22 -44.01 -15.88 -34.56
CA LEU G 22 -45.29 -15.86 -35.21
C LEU G 22 -45.42 -17.01 -36.16
N SER G 23 -44.39 -17.25 -36.99
CA SER G 23 -44.54 -18.24 -38.01
C SER G 23 -44.84 -19.57 -37.40
N VAL G 24 -44.00 -19.99 -36.44
CA VAL G 24 -44.17 -21.26 -35.81
C VAL G 24 -45.43 -21.31 -35.02
N PHE G 25 -45.77 -20.21 -34.32
CA PHE G 25 -46.85 -20.33 -33.38
C PHE G 25 -48.11 -20.68 -34.08
N GLU G 26 -48.52 -19.86 -35.05
CA GLU G 26 -49.75 -20.12 -35.73
C GLU G 26 -49.55 -21.32 -36.55
N ASP G 27 -48.36 -21.56 -37.13
CA ASP G 27 -48.03 -22.61 -38.07
C ASP G 27 -49.00 -23.75 -38.03
N ALA G 28 -49.58 -24.10 -39.20
CA ALA G 28 -50.58 -25.10 -39.39
C ALA G 28 -51.91 -24.54 -38.99
N PHE G 29 -51.91 -23.64 -38.00
CA PHE G 29 -52.96 -22.73 -37.65
C PHE G 29 -52.85 -21.45 -38.44
N VAL G 30 -51.60 -20.98 -38.71
CA VAL G 30 -51.41 -19.73 -39.41
C VAL G 30 -52.02 -19.88 -40.77
N ASP G 31 -51.80 -21.05 -41.39
CA ASP G 31 -52.30 -21.26 -42.72
C ASP G 31 -53.79 -21.18 -42.67
N ASN G 32 -54.39 -21.84 -41.68
CA ASN G 32 -55.82 -21.90 -41.61
C ASN G 32 -56.34 -20.51 -41.37
N PHE G 33 -55.70 -19.74 -40.48
CA PHE G 33 -56.27 -18.47 -40.19
C PHE G 33 -56.20 -17.60 -41.39
N ASP G 34 -55.12 -17.66 -42.20
CA ASP G 34 -55.01 -16.83 -43.37
C ASP G 34 -56.15 -17.10 -44.29
N CYS G 35 -56.50 -18.37 -44.51
CA CYS G 35 -57.53 -18.65 -45.46
C CYS G 35 -58.79 -17.99 -45.00
N LYS G 36 -59.07 -18.07 -43.67
CA LYS G 36 -60.24 -17.47 -43.10
C LYS G 36 -60.05 -16.00 -43.26
N ASP G 37 -58.75 -15.61 -43.21
CA ASP G 37 -58.21 -14.29 -43.07
C ASP G 37 -58.53 -13.35 -44.16
N VAL G 38 -58.94 -13.83 -45.33
CA VAL G 38 -59.09 -12.99 -46.47
C VAL G 38 -59.95 -11.80 -46.18
N GLN G 39 -60.90 -11.80 -45.26
CA GLN G 39 -61.46 -10.47 -45.20
C GLN G 39 -60.49 -9.52 -44.54
N ASP G 40 -59.87 -9.97 -43.46
CA ASP G 40 -58.91 -9.15 -42.73
C ASP G 40 -57.86 -8.57 -43.65
N MET G 41 -57.04 -9.45 -44.24
CA MET G 41 -55.99 -9.02 -45.15
C MET G 41 -56.52 -8.04 -46.20
N PRO G 42 -57.82 -8.11 -46.46
CA PRO G 42 -58.46 -7.22 -47.43
C PRO G 42 -58.80 -5.87 -46.83
N LYS G 43 -58.18 -5.54 -45.70
CA LYS G 43 -58.42 -4.27 -45.03
C LYS G 43 -57.11 -3.61 -44.62
N SER G 44 -57.19 -2.34 -44.24
CA SER G 44 -56.00 -1.58 -43.82
C SER G 44 -54.91 -2.52 -43.31
N ILE G 45 -54.87 -3.73 -43.87
CA ILE G 45 -53.88 -4.72 -43.48
C ILE G 45 -53.24 -5.37 -44.70
N LEU G 46 -54.07 -5.87 -45.61
CA LEU G 46 -53.59 -6.52 -46.82
C LEU G 46 -54.68 -6.56 -47.89
N SER G 47 -54.51 -5.75 -48.93
CA SER G 47 -55.47 -5.69 -50.02
C SER G 47 -56.05 -7.07 -50.32
N LYS G 48 -57.19 -7.10 -50.99
CA LYS G 48 -57.83 -8.32 -51.33
C LYS G 48 -56.84 -9.16 -52.05
N GLU G 49 -56.10 -8.52 -52.96
CA GLU G 49 -55.15 -9.24 -53.75
C GLU G 49 -54.10 -9.78 -52.85
N GLU G 50 -53.70 -8.98 -51.85
CA GLU G 50 -52.61 -9.37 -51.03
C GLU G 50 -52.94 -10.61 -50.23
N ILE G 51 -54.19 -10.82 -49.77
CA ILE G 51 -54.32 -12.01 -48.98
C ILE G 51 -54.12 -13.18 -49.88
N ASP G 52 -54.68 -13.11 -51.09
CA ASP G 52 -54.53 -14.19 -52.02
C ASP G 52 -53.07 -14.33 -52.30
N HIS G 53 -52.35 -13.20 -52.27
CA HIS G 53 -50.95 -13.24 -52.55
C HIS G 53 -50.27 -14.12 -51.53
N ILE G 54 -50.51 -13.89 -50.23
CA ILE G 54 -49.83 -14.68 -49.23
C ILE G 54 -50.28 -16.10 -49.33
N ILE G 55 -51.58 -16.28 -49.56
CA ILE G 55 -52.21 -17.56 -49.58
C ILE G 55 -51.56 -18.40 -50.63
N MET G 56 -51.26 -17.79 -51.79
CA MET G 56 -50.73 -18.53 -52.91
C MET G 56 -49.42 -19.16 -52.58
N SER G 57 -48.50 -18.45 -51.89
CA SER G 57 -47.23 -19.06 -51.56
C SER G 57 -47.55 -20.27 -50.74
N LYS G 58 -47.31 -21.43 -51.36
CA LYS G 58 -47.71 -22.71 -50.85
C LYS G 58 -47.03 -23.00 -49.56
N ASP G 59 -45.71 -22.83 -49.54
CA ASP G 59 -44.92 -23.31 -48.45
C ASP G 59 -45.30 -22.55 -47.25
N ALA G 60 -45.33 -23.26 -46.10
CA ALA G 60 -45.75 -22.62 -44.89
C ALA G 60 -44.80 -21.52 -44.60
N VAL G 61 -43.50 -21.76 -44.83
CA VAL G 61 -42.50 -20.77 -44.56
C VAL G 61 -42.77 -19.59 -45.45
N SER G 62 -43.05 -19.86 -46.73
CA SER G 62 -43.28 -18.84 -47.71
C SER G 62 -44.50 -18.06 -47.35
N GLY G 63 -45.54 -18.76 -46.89
CA GLY G 63 -46.77 -18.10 -46.60
C GLY G 63 -46.55 -17.10 -45.52
N THR G 64 -45.79 -17.50 -44.48
CA THR G 64 -45.58 -16.59 -43.38
C THR G 64 -44.75 -15.44 -43.85
N LEU G 65 -43.72 -15.71 -44.66
CA LEU G 65 -42.83 -14.68 -45.11
C LEU G 65 -43.58 -13.73 -45.98
N ARG G 66 -44.47 -14.25 -46.84
CA ARG G 66 -45.16 -13.38 -47.74
C ARG G 66 -45.98 -12.38 -46.98
N LEU G 67 -46.72 -12.82 -45.96
CA LEU G 67 -47.57 -11.90 -45.24
C LEU G 67 -46.73 -10.89 -44.53
N PHE G 68 -45.60 -11.31 -43.94
CA PHE G 68 -44.80 -10.36 -43.21
C PHE G 68 -44.30 -9.33 -44.17
N TRP G 69 -43.97 -9.76 -45.40
CA TRP G 69 -43.44 -8.87 -46.39
C TRP G 69 -44.44 -7.79 -46.67
N THR G 70 -45.71 -8.16 -46.90
CA THR G 70 -46.69 -7.17 -47.23
C THR G 70 -46.85 -6.22 -46.08
N LEU G 71 -46.79 -6.76 -44.85
CA LEU G 71 -46.97 -6.02 -43.63
C LEU G 71 -45.92 -4.97 -43.52
N LEU G 72 -44.67 -5.27 -43.92
CA LEU G 72 -43.60 -4.34 -43.74
C LEU G 72 -43.86 -3.08 -44.52
N SER G 73 -44.43 -3.21 -45.73
CA SER G 73 -44.63 -2.11 -46.62
C SER G 73 -45.56 -1.13 -46.00
N LYS G 74 -46.30 -1.52 -44.96
CA LYS G 74 -47.20 -0.56 -44.43
C LYS G 74 -46.58 0.18 -43.32
N GLN G 75 -47.40 1.10 -42.81
CA GLN G 75 -47.02 2.03 -41.81
C GLN G 75 -47.26 1.42 -40.48
N GLU G 76 -46.98 2.24 -39.45
CA GLU G 76 -47.20 1.85 -38.08
C GLU G 76 -48.63 1.51 -37.95
N GLU G 77 -49.50 2.19 -38.72
CA GLU G 77 -50.90 1.97 -38.58
C GLU G 77 -51.19 0.53 -38.83
N MET G 78 -50.51 -0.08 -39.82
CA MET G 78 -50.78 -1.44 -40.18
C MET G 78 -50.50 -2.35 -39.02
N VAL G 79 -49.39 -2.11 -38.27
CA VAL G 79 -49.12 -3.02 -37.21
C VAL G 79 -50.24 -2.93 -36.22
N GLN G 80 -50.76 -1.72 -36.01
CA GLN G 80 -51.82 -1.52 -35.07
C GLN G 80 -53.05 -2.23 -35.55
N LYS G 81 -53.34 -2.17 -36.86
CA LYS G 81 -54.53 -2.82 -37.33
C LYS G 81 -54.38 -4.30 -37.16
N PHE G 82 -53.20 -4.82 -37.53
CA PHE G 82 -52.88 -6.22 -37.45
C PHE G 82 -52.96 -6.65 -36.03
N VAL G 83 -52.44 -5.83 -35.10
CA VAL G 83 -52.49 -6.25 -33.74
C VAL G 83 -53.92 -6.40 -33.34
N GLU G 84 -54.78 -5.48 -33.85
CA GLU G 84 -56.17 -5.52 -33.49
C GLU G 84 -56.77 -6.79 -33.98
N GLU G 85 -56.44 -7.22 -35.21
CA GLU G 85 -57.03 -8.41 -35.73
C GLU G 85 -56.63 -9.57 -34.89
N VAL G 86 -55.38 -9.56 -34.37
CA VAL G 86 -54.91 -10.68 -33.60
C VAL G 86 -55.73 -10.78 -32.34
N LEU G 87 -56.05 -9.64 -31.71
CA LEU G 87 -56.80 -9.65 -30.48
C LEU G 87 -58.20 -10.11 -30.79
N ARG G 88 -58.77 -9.67 -31.92
CA ARG G 88 -60.11 -10.07 -32.27
C ARG G 88 -60.10 -11.55 -32.44
N ILE G 89 -59.01 -12.06 -33.06
CA ILE G 89 -58.80 -13.46 -33.27
C ILE G 89 -58.68 -14.07 -31.91
N ASN G 90 -58.20 -13.25 -30.95
CA ASN G 90 -57.90 -13.67 -29.61
C ASN G 90 -57.01 -14.82 -29.76
N TYR G 91 -55.95 -14.50 -30.50
CA TYR G 91 -54.89 -15.41 -30.70
C TYR G 91 -54.11 -15.03 -29.50
N LYS G 92 -54.60 -15.53 -28.35
CA LYS G 92 -54.25 -14.99 -27.07
C LYS G 92 -52.79 -14.97 -26.79
N PHE G 93 -52.10 -16.10 -26.91
CA PHE G 93 -50.72 -16.06 -26.49
C PHE G 93 -49.99 -15.15 -27.39
N LEU G 94 -50.18 -15.26 -28.70
CA LEU G 94 -49.39 -14.48 -29.61
C LEU G 94 -49.71 -13.05 -29.43
N MET G 95 -51.00 -12.71 -29.20
CA MET G 95 -51.30 -11.32 -29.12
C MET G 95 -50.63 -10.73 -27.91
N SER G 96 -50.52 -11.49 -26.80
CA SER G 96 -49.92 -10.93 -25.61
C SER G 96 -48.50 -10.51 -25.90
N PRO G 97 -47.62 -11.35 -26.39
CA PRO G 97 -46.35 -10.81 -26.73
C PRO G 97 -46.33 -9.72 -27.76
N ILE G 98 -47.27 -9.67 -28.71
CA ILE G 98 -47.17 -8.58 -29.62
C ILE G 98 -47.41 -7.29 -28.88
N LYS G 99 -48.38 -7.26 -27.94
CA LYS G 99 -48.63 -6.01 -27.27
C LYS G 99 -47.47 -5.60 -26.43
N THR G 100 -46.74 -6.56 -25.84
CA THR G 100 -45.63 -6.17 -25.03
C THR G 100 -44.63 -5.49 -25.93
N GLU G 101 -44.51 -6.03 -27.14
CA GLU G 101 -43.64 -5.60 -28.19
C GLU G 101 -43.88 -4.15 -28.49
N GLN G 102 -45.14 -3.72 -28.63
CA GLN G 102 -45.32 -2.34 -28.98
C GLN G 102 -44.76 -1.45 -27.90
N ARG G 103 -43.81 -0.59 -28.32
CA ARG G 103 -43.06 0.37 -27.54
C ARG G 103 -42.33 -0.26 -26.39
N GLN G 104 -41.38 -1.19 -26.67
CA GLN G 104 -40.58 -1.79 -25.61
C GLN G 104 -39.17 -1.96 -26.09
N PRO G 105 -38.21 -1.61 -25.27
CA PRO G 105 -36.81 -1.83 -25.63
C PRO G 105 -36.30 -3.17 -25.20
N SER G 106 -35.16 -3.65 -25.78
CA SER G 106 -34.54 -4.89 -25.39
C SER G 106 -33.19 -4.95 -26.03
N MET G 107 -32.26 -5.74 -25.46
CA MET G 107 -30.96 -5.86 -26.04
C MET G 107 -31.08 -6.51 -27.38
N MET G 108 -31.85 -7.61 -27.47
CA MET G 108 -32.01 -8.34 -28.69
C MET G 108 -32.72 -7.50 -29.71
N THR G 109 -33.73 -6.74 -29.27
CA THR G 109 -34.48 -5.94 -30.20
C THR G 109 -33.58 -4.91 -30.80
N ARG G 110 -32.77 -4.29 -29.93
CA ARG G 110 -31.92 -3.20 -30.35
C ARG G 110 -30.93 -3.70 -31.35
N MET G 111 -30.37 -4.90 -31.14
CA MET G 111 -29.39 -5.36 -32.07
C MET G 111 -30.02 -5.59 -33.40
N TYR G 112 -31.26 -6.11 -33.44
CA TYR G 112 -31.87 -6.40 -34.70
C TYR G 112 -32.12 -5.14 -35.47
N ILE G 113 -32.59 -4.08 -34.80
CA ILE G 113 -32.89 -2.85 -35.49
C ILE G 113 -31.63 -2.30 -36.07
N GLU G 114 -30.53 -2.39 -35.30
CA GLU G 114 -29.27 -1.86 -35.72
C GLU G 114 -28.84 -2.54 -36.99
N GLN G 115 -28.99 -3.87 -37.04
CA GLN G 115 -28.54 -4.62 -38.17
C GLN G 115 -29.32 -4.21 -39.39
N ARG G 116 -30.63 -4.02 -39.22
CA ARG G 116 -31.49 -3.66 -40.30
C ARG G 116 -31.06 -2.34 -40.88
N ASP G 117 -30.75 -1.36 -40.01
CA ASP G 117 -30.40 -0.05 -40.49
C ASP G 117 -29.12 -0.15 -41.26
N ARG G 118 -28.17 -0.96 -40.77
CA ARG G 118 -26.89 -1.04 -41.42
C ARG G 118 -27.06 -1.56 -42.81
N LEU G 119 -27.92 -2.58 -43.00
CA LEU G 119 -28.03 -3.09 -44.33
C LEU G 119 -28.65 -2.08 -45.25
N TYR G 120 -29.60 -1.27 -44.76
CA TYR G 120 -30.19 -0.28 -45.62
C TYR G 120 -29.12 0.64 -46.09
N ASN G 121 -28.25 1.08 -45.18
CA ASN G 121 -27.21 2.04 -45.49
C ASN G 121 -26.31 1.45 -46.51
N ASP G 122 -26.06 0.13 -46.40
CA ASP G 122 -25.19 -0.57 -47.28
C ASP G 122 -25.69 -0.49 -48.67
N ASN G 123 -27.02 -0.59 -48.89
CA ASN G 123 -27.34 -0.58 -50.28
C ASN G 123 -28.77 -0.27 -50.60
N GLN G 124 -29.72 -0.65 -49.71
CA GLN G 124 -31.12 -0.58 -50.08
C GLN G 124 -31.63 0.83 -50.18
N VAL G 125 -31.33 1.50 -51.32
CA VAL G 125 -31.90 2.77 -51.69
C VAL G 125 -33.23 2.53 -52.29
N PHE G 126 -33.18 1.65 -53.30
CA PHE G 126 -34.30 1.16 -53.99
C PHE G 126 -34.02 -0.10 -54.50
N ALA G 127 -35.17 -0.41 -54.96
CA ALA G 127 -35.56 -1.56 -55.45
C ALA G 127 -36.95 -1.42 -55.04
N LYS G 128 -37.72 -0.75 -55.88
CA LYS G 128 -39.04 -0.46 -55.47
C LYS G 128 -39.79 -1.73 -55.36
N TYR G 129 -39.72 -2.59 -56.39
CA TYR G 129 -40.53 -3.74 -56.16
C TYR G 129 -39.83 -5.01 -56.50
N ASN G 130 -40.19 -6.06 -55.76
CA ASN G 130 -39.37 -7.23 -55.77
C ASN G 130 -40.16 -8.49 -55.73
N VAL G 131 -39.57 -9.51 -56.36
CA VAL G 131 -39.98 -10.85 -56.64
C VAL G 131 -39.45 -11.59 -55.49
N SER G 132 -40.27 -12.47 -54.94
CA SER G 132 -39.82 -13.10 -53.75
C SER G 132 -39.39 -14.46 -54.14
N ARG G 133 -38.09 -14.72 -53.98
CA ARG G 133 -37.60 -16.00 -54.30
C ARG G 133 -37.50 -16.59 -53.00
N LEU G 134 -38.59 -17.19 -52.60
CA LEU G 134 -38.44 -17.70 -51.31
C LEU G 134 -37.48 -18.83 -51.43
N GLN G 135 -37.52 -19.54 -52.58
CA GLN G 135 -36.70 -20.70 -52.67
C GLN G 135 -35.24 -20.38 -52.52
N PRO G 136 -34.65 -19.45 -53.23
CA PRO G 136 -33.24 -19.23 -53.00
C PRO G 136 -32.95 -18.58 -51.68
N TYR G 137 -33.90 -17.78 -51.18
CA TYR G 137 -33.80 -17.06 -49.95
C TYR G 137 -33.70 -18.01 -48.80
N LEU G 138 -34.60 -19.00 -48.75
CA LEU G 138 -34.60 -19.95 -47.69
C LEU G 138 -33.35 -20.79 -47.76
N LYS G 139 -32.91 -21.15 -48.98
CA LYS G 139 -31.78 -22.02 -49.08
C LYS G 139 -30.58 -21.38 -48.46
N LEU G 140 -30.34 -20.10 -48.75
CA LEU G 140 -29.15 -19.47 -48.25
C LEU G 140 -29.21 -19.42 -46.77
N ARG G 141 -30.38 -19.08 -46.18
CA ARG G 141 -30.35 -18.87 -44.76
C ARG G 141 -30.08 -20.18 -44.09
N GLN G 142 -30.69 -21.27 -44.60
CA GLN G 142 -30.61 -22.53 -43.92
C GLN G 142 -29.19 -22.95 -43.88
N ALA G 143 -28.49 -22.85 -45.03
CA ALA G 143 -27.14 -23.28 -45.10
C ALA G 143 -26.29 -22.44 -44.20
N LEU G 144 -26.51 -21.11 -44.23
CA LEU G 144 -25.66 -20.23 -43.49
C LEU G 144 -25.83 -20.50 -42.03
N LEU G 145 -27.07 -20.76 -41.60
CA LEU G 145 -27.34 -21.01 -40.22
C LEU G 145 -26.60 -22.25 -39.85
N GLU G 146 -26.71 -23.29 -40.69
CA GLU G 146 -26.17 -24.58 -40.39
C GLU G 146 -24.67 -24.55 -40.32
N LEU G 147 -23.99 -23.97 -41.34
CA LEU G 147 -22.57 -24.11 -41.20
C LEU G 147 -22.06 -22.82 -40.68
N ARG G 148 -22.04 -22.73 -39.35
CA ARG G 148 -21.55 -21.59 -38.64
C ARG G 148 -20.05 -21.50 -38.78
N PRO G 149 -19.33 -22.59 -38.67
CA PRO G 149 -17.90 -22.51 -38.72
C PRO G 149 -17.46 -22.03 -40.06
N ALA G 150 -16.17 -21.64 -40.18
CA ALA G 150 -15.67 -21.05 -41.39
C ALA G 150 -16.04 -21.93 -42.53
N LYS G 151 -16.56 -21.30 -43.60
CA LYS G 151 -16.91 -22.00 -44.79
C LYS G 151 -17.05 -20.99 -45.86
N ASN G 152 -17.40 -21.43 -47.09
CA ASN G 152 -17.60 -20.44 -48.10
C ASN G 152 -18.95 -20.67 -48.70
N VAL G 153 -19.86 -19.71 -48.48
CA VAL G 153 -21.16 -19.81 -49.09
C VAL G 153 -21.04 -19.00 -50.31
N LEU G 154 -21.17 -19.63 -51.49
CA LEU G 154 -21.12 -18.80 -52.64
C LEU G 154 -22.51 -18.41 -52.89
N ILE G 155 -22.57 -17.33 -53.63
CA ILE G 155 -23.70 -16.83 -54.27
C ILE G 155 -22.99 -16.39 -55.48
N ASP G 156 -23.45 -16.82 -56.65
CA ASP G 156 -22.73 -16.40 -57.81
C ASP G 156 -23.49 -16.40 -59.12
N GLY G 157 -23.84 -15.26 -59.75
CA GLY G 157 -24.71 -15.33 -60.91
C GLY G 157 -24.28 -14.27 -61.87
N VAL G 158 -25.12 -14.02 -62.91
CA VAL G 158 -24.85 -13.04 -63.93
C VAL G 158 -24.79 -11.71 -63.26
N LEU G 159 -24.06 -10.74 -63.86
CA LEU G 159 -24.01 -9.46 -63.22
C LEU G 159 -25.39 -8.92 -63.13
N GLY G 160 -25.76 -8.46 -61.92
CA GLY G 160 -27.04 -7.84 -61.70
C GLY G 160 -28.12 -8.87 -61.51
N SER G 161 -27.74 -10.14 -61.23
CA SER G 161 -28.70 -11.19 -61.03
C SER G 161 -29.41 -10.95 -59.74
N GLY G 162 -28.87 -10.08 -58.87
CA GLY G 162 -29.54 -9.84 -57.63
C GLY G 162 -28.89 -10.61 -56.51
N LYS G 163 -27.61 -10.89 -56.73
CA LYS G 163 -26.82 -11.64 -55.80
C LYS G 163 -26.77 -10.96 -54.46
N THR G 164 -26.29 -9.68 -54.46
CA THR G 164 -25.97 -8.78 -53.35
C THR G 164 -27.19 -8.35 -52.64
N TRP G 165 -28.24 -8.05 -53.43
CA TRP G 165 -29.45 -7.66 -52.82
C TRP G 165 -29.86 -8.85 -51.96
N VAL G 166 -29.87 -10.13 -52.49
CA VAL G 166 -30.30 -11.30 -51.80
C VAL G 166 -29.54 -11.47 -50.53
N ALA G 167 -28.22 -11.23 -50.57
CA ALA G 167 -27.40 -11.43 -49.41
C ALA G 167 -27.83 -10.50 -48.32
N LEU G 168 -28.12 -9.23 -48.68
CA LEU G 168 -28.48 -8.28 -47.68
C LEU G 168 -29.73 -8.74 -47.01
N ASP G 169 -30.71 -9.17 -47.80
CA ASP G 169 -32.00 -9.56 -47.30
C ASP G 169 -31.86 -10.70 -46.35
N VAL G 170 -30.97 -11.66 -46.66
CA VAL G 170 -30.85 -12.78 -45.78
C VAL G 170 -30.36 -12.30 -44.47
N CYS G 171 -29.41 -11.35 -44.46
CA CYS G 171 -28.89 -10.86 -43.23
C CYS G 171 -29.96 -10.09 -42.48
N LEU G 172 -30.79 -9.28 -43.21
CA LEU G 172 -31.75 -8.42 -42.58
C LEU G 172 -32.93 -9.05 -41.89
N SER G 173 -33.63 -10.04 -42.48
CA SER G 173 -34.84 -10.53 -41.84
C SER G 173 -34.52 -11.51 -40.73
N TYR G 174 -33.25 -11.90 -40.73
CA TYR G 174 -32.45 -12.87 -40.04
C TYR G 174 -32.01 -12.66 -38.63
N LYS G 175 -32.81 -12.01 -37.77
CA LYS G 175 -32.39 -11.70 -36.43
C LYS G 175 -31.69 -12.91 -35.81
N VAL G 176 -32.17 -14.14 -36.08
CA VAL G 176 -31.54 -15.31 -35.51
C VAL G 176 -30.11 -15.41 -35.99
N GLN G 177 -29.88 -15.23 -37.30
CA GLN G 177 -28.57 -15.40 -37.87
C GLN G 177 -27.65 -14.37 -37.29
N CYS G 178 -28.15 -13.14 -37.14
CA CYS G 178 -27.34 -12.07 -36.65
C CYS G 178 -26.92 -12.37 -35.24
N LYS G 179 -27.81 -12.97 -34.44
CA LYS G 179 -27.46 -13.24 -33.07
C LYS G 179 -26.36 -14.25 -33.03
N MET G 180 -26.48 -15.34 -33.81
CA MET G 180 -25.51 -16.38 -33.72
C MET G 180 -24.19 -15.89 -34.15
N ASP G 181 -24.12 -15.17 -35.29
CA ASP G 181 -22.83 -14.68 -35.67
C ASP G 181 -22.55 -13.56 -34.73
N PHE G 182 -21.32 -13.48 -34.19
CA PHE G 182 -21.14 -12.43 -33.23
C PHE G 182 -21.29 -11.11 -33.91
N LYS G 183 -20.57 -10.91 -35.03
CA LYS G 183 -20.64 -9.65 -35.71
C LYS G 183 -20.46 -9.93 -37.16
N ILE G 184 -20.86 -9.00 -38.04
CA ILE G 184 -20.68 -9.28 -39.42
C ILE G 184 -20.00 -8.12 -40.08
N PHE G 185 -19.06 -8.41 -40.99
CA PHE G 185 -18.34 -7.39 -41.69
C PHE G 185 -18.66 -7.56 -43.15
N TRP G 186 -19.09 -6.47 -43.81
CA TRP G 186 -19.44 -6.57 -45.20
C TRP G 186 -18.56 -5.61 -45.95
N LEU G 187 -17.85 -6.11 -46.98
CA LEU G 187 -17.06 -5.23 -47.79
C LEU G 187 -17.23 -5.64 -49.21
N ASN G 188 -17.22 -4.65 -50.13
CA ASN G 188 -17.32 -4.98 -51.52
C ASN G 188 -15.93 -4.89 -52.05
N LEU G 189 -15.38 -6.03 -52.49
CA LEU G 189 -14.01 -6.04 -52.91
C LEU G 189 -13.85 -5.30 -54.19
N LYS G 190 -12.79 -4.48 -54.22
CA LYS G 190 -12.31 -3.74 -55.35
C LYS G 190 -11.44 -4.74 -56.06
N ASN G 191 -11.19 -4.55 -57.36
CA ASN G 191 -10.47 -5.49 -58.19
C ASN G 191 -9.23 -5.92 -57.45
N CYS G 192 -9.22 -7.21 -57.03
CA CYS G 192 -8.16 -7.88 -56.32
C CYS G 192 -7.06 -8.24 -57.26
N ASN G 193 -7.38 -8.49 -58.54
CA ASN G 193 -6.34 -8.89 -59.43
C ASN G 193 -5.31 -7.82 -59.53
N SER G 194 -5.69 -6.54 -59.38
CA SER G 194 -4.69 -5.51 -59.31
C SER G 194 -4.04 -5.67 -57.95
N PRO G 195 -2.73 -5.69 -57.95
CA PRO G 195 -1.90 -5.94 -56.79
C PRO G 195 -2.03 -5.13 -55.53
N GLU G 196 -1.84 -3.79 -55.60
CA GLU G 196 -1.80 -2.96 -54.42
C GLU G 196 -3.12 -3.11 -53.75
N THR G 197 -4.13 -3.49 -54.54
CA THR G 197 -5.49 -3.56 -54.10
C THR G 197 -5.60 -4.42 -52.88
N VAL G 198 -4.94 -5.59 -52.84
CA VAL G 198 -5.14 -6.47 -51.72
C VAL G 198 -4.75 -5.78 -50.45
N LEU G 199 -3.57 -5.13 -50.42
CA LEU G 199 -3.18 -4.49 -49.19
C LEU G 199 -4.14 -3.42 -48.85
N GLU G 200 -4.61 -2.69 -49.87
CA GLU G 200 -5.49 -1.57 -49.66
C GLU G 200 -6.72 -2.07 -48.97
N MET G 201 -7.28 -3.20 -49.46
CA MET G 201 -8.52 -3.68 -48.92
C MET G 201 -8.33 -4.10 -47.50
N LEU G 202 -7.20 -4.78 -47.21
CA LEU G 202 -6.99 -5.33 -45.91
C LEU G 202 -6.77 -4.21 -44.94
N GLN G 203 -6.17 -3.10 -45.40
CA GLN G 203 -5.90 -2.01 -44.50
C GLN G 203 -7.20 -1.53 -43.97
N LYS G 204 -8.23 -1.43 -44.82
CA LYS G 204 -9.52 -0.96 -44.41
C LYS G 204 -10.04 -1.91 -43.39
N LEU G 205 -9.79 -3.22 -43.59
CA LEU G 205 -10.27 -4.21 -42.68
C LEU G 205 -9.67 -3.91 -41.36
N LEU G 206 -8.39 -3.56 -41.37
CA LEU G 206 -7.64 -3.35 -40.17
C LEU G 206 -8.29 -2.18 -39.48
N TYR G 207 -8.69 -1.15 -40.26
CA TYR G 207 -9.23 0.03 -39.65
C TYR G 207 -10.52 -0.30 -38.95
N GLN G 208 -11.41 -1.04 -39.63
CA GLN G 208 -12.71 -1.34 -39.09
C GLN G 208 -12.58 -2.22 -37.90
N ILE G 209 -11.61 -3.16 -37.92
CA ILE G 209 -11.50 -4.08 -36.83
C ILE G 209 -11.23 -3.27 -35.61
N ASP G 210 -10.32 -2.28 -35.73
CA ASP G 210 -9.99 -1.32 -34.70
C ASP G 210 -9.07 -0.34 -35.34
N PRO G 211 -9.25 0.90 -34.99
CA PRO G 211 -8.35 1.95 -35.37
C PRO G 211 -7.23 1.98 -34.36
N ASN G 212 -7.23 0.99 -33.45
CA ASN G 212 -6.45 0.89 -32.24
C ASN G 212 -5.01 1.24 -32.35
N TRP G 213 -4.19 0.27 -31.88
CA TRP G 213 -2.77 0.09 -31.89
C TRP G 213 -2.45 -0.37 -33.24
N THR G 214 -3.55 -0.70 -33.91
CA THR G 214 -3.74 -1.24 -35.18
C THR G 214 -2.70 -0.57 -36.04
N SER G 215 -2.69 0.76 -36.03
CA SER G 215 -1.82 1.58 -36.85
C SER G 215 -0.35 1.52 -36.50
N ARG G 216 0.04 1.21 -35.24
CA ARG G 216 1.40 1.38 -34.78
C ARG G 216 2.45 0.55 -35.49
N SER G 217 2.19 -0.76 -35.75
CA SER G 217 3.22 -1.67 -36.22
C SER G 217 3.71 -1.34 -37.59
N ASP G 218 4.93 -1.84 -37.88
CA ASP G 218 5.68 -1.52 -39.06
C ASP G 218 4.94 -1.83 -40.31
N HIS G 219 4.73 -0.78 -41.10
CA HIS G 219 4.16 -0.96 -42.40
C HIS G 219 5.36 -0.98 -43.28
N SER G 220 5.68 -2.17 -43.80
CA SER G 220 6.88 -2.33 -44.57
C SER G 220 6.78 -1.58 -45.84
N SER G 221 7.90 -0.95 -46.20
CA SER G 221 7.97 -0.17 -47.39
C SER G 221 7.75 -1.10 -48.52
N ASN G 222 8.38 -2.29 -48.46
CA ASN G 222 8.16 -3.21 -49.54
C ASN G 222 6.91 -3.94 -49.19
N ILE G 223 6.19 -4.35 -50.24
CA ILE G 223 4.95 -5.07 -50.09
C ILE G 223 5.23 -6.39 -49.47
N LYS G 224 6.40 -6.98 -49.79
CA LYS G 224 6.71 -8.33 -49.45
C LYS G 224 6.43 -8.57 -48.00
N LEU G 225 6.85 -7.64 -47.11
CA LEU G 225 6.59 -7.77 -45.70
C LEU G 225 5.19 -7.41 -45.27
N ARG G 226 4.64 -6.28 -45.78
CA ARG G 226 3.41 -5.70 -45.29
C ARG G 226 2.23 -6.61 -45.41
N ILE G 227 2.04 -7.29 -46.57
CA ILE G 227 0.85 -8.07 -46.74
C ILE G 227 0.86 -9.15 -45.71
N HIS G 228 2.03 -9.79 -45.52
CA HIS G 228 2.13 -10.88 -44.59
C HIS G 228 1.85 -10.35 -43.23
N SER G 229 2.40 -9.17 -42.91
CA SER G 229 2.25 -8.62 -41.60
C SER G 229 0.80 -8.34 -41.36
N ILE G 230 0.09 -7.84 -42.38
CA ILE G 230 -1.28 -7.52 -42.15
C ILE G 230 -2.05 -8.75 -41.84
N GLN G 231 -1.79 -9.86 -42.55
CA GLN G 231 -2.57 -11.03 -42.30
C GLN G 231 -2.37 -11.42 -40.88
N ALA G 232 -1.14 -11.28 -40.37
CA ALA G 232 -0.88 -11.65 -39.01
C ALA G 232 -1.69 -10.78 -38.11
N GLU G 233 -1.74 -9.46 -38.39
CA GLU G 233 -2.45 -8.57 -37.51
C GLU G 233 -3.91 -8.88 -37.57
N LEU G 234 -4.42 -9.19 -38.77
CA LEU G 234 -5.83 -9.42 -38.94
C LEU G 234 -6.19 -10.60 -38.09
N ARG G 235 -5.35 -11.67 -38.14
CA ARG G 235 -5.64 -12.85 -37.39
C ARG G 235 -5.64 -12.52 -35.94
N ARG G 236 -4.65 -11.71 -35.51
CA ARG G 236 -4.49 -11.37 -34.13
C ARG G 236 -5.69 -10.63 -33.66
N LEU G 237 -6.16 -9.65 -34.45
CA LEU G 237 -7.29 -8.89 -33.99
C LEU G 237 -8.50 -9.75 -33.91
N LEU G 238 -8.66 -10.72 -34.82
CA LEU G 238 -9.86 -11.50 -34.70
C LEU G 238 -9.88 -12.22 -33.39
N LYS G 239 -8.75 -12.80 -32.97
CA LYS G 239 -8.74 -13.52 -31.74
C LYS G 239 -8.98 -12.57 -30.60
N SER G 240 -8.40 -11.36 -30.70
CA SER G 240 -8.37 -10.42 -29.62
C SER G 240 -9.76 -10.11 -29.14
N LYS G 241 -10.73 -9.95 -30.05
CA LYS G 241 -12.03 -9.61 -29.56
C LYS G 241 -12.96 -10.78 -29.72
N PRO G 242 -14.23 -10.60 -29.43
CA PRO G 242 -15.19 -11.67 -29.50
C PRO G 242 -15.56 -12.13 -30.87
N TYR G 243 -14.77 -11.76 -31.90
CA TYR G 243 -14.98 -11.95 -33.31
C TYR G 243 -15.13 -13.39 -33.74
N GLU G 244 -14.67 -14.40 -32.97
CA GLU G 244 -14.44 -15.76 -33.41
C GLU G 244 -15.46 -16.30 -34.39
N ASN G 245 -16.78 -16.33 -34.20
CA ASN G 245 -17.57 -16.74 -35.34
C ASN G 245 -18.12 -15.46 -35.86
N CYS G 246 -17.34 -14.78 -36.72
CA CYS G 246 -17.69 -13.50 -37.25
C CYS G 246 -18.06 -13.74 -38.68
N LEU G 247 -19.16 -13.12 -39.14
CA LEU G 247 -19.56 -13.37 -40.49
C LEU G 247 -19.01 -12.29 -41.33
N LEU G 248 -18.26 -12.67 -42.38
CA LEU G 248 -17.71 -11.65 -43.22
C LEU G 248 -18.29 -11.89 -44.56
N VAL G 249 -18.71 -10.81 -45.24
CA VAL G 249 -19.27 -11.03 -46.53
C VAL G 249 -18.41 -10.29 -47.50
N LEU G 250 -17.87 -11.01 -48.51
CA LEU G 250 -17.11 -10.28 -49.47
C LEU G 250 -17.99 -10.14 -50.65
N LEU G 251 -18.33 -8.89 -50.99
CA LEU G 251 -19.20 -8.63 -52.08
C LEU G 251 -18.38 -8.44 -53.32
N ASN G 252 -18.89 -8.98 -54.44
CA ASN G 252 -18.26 -8.86 -55.73
C ASN G 252 -16.81 -9.19 -55.66
N VAL G 253 -16.46 -10.45 -55.33
CA VAL G 253 -15.07 -10.80 -55.27
C VAL G 253 -14.64 -11.28 -56.62
N GLN G 254 -13.78 -10.47 -57.27
CA GLN G 254 -13.25 -10.74 -58.57
C GLN G 254 -12.14 -11.77 -58.56
N ASN G 255 -11.20 -11.66 -57.58
CA ASN G 255 -10.00 -12.47 -57.67
C ASN G 255 -10.00 -13.56 -56.62
N ALA G 256 -9.39 -14.69 -57.00
CA ALA G 256 -9.26 -15.89 -56.23
C ALA G 256 -8.47 -15.63 -54.99
N LYS G 257 -7.47 -14.74 -55.09
CA LYS G 257 -6.58 -14.50 -53.99
C LYS G 257 -7.38 -14.09 -52.79
N ALA G 258 -8.46 -13.32 -52.99
CA ALA G 258 -9.23 -12.91 -51.85
C ALA G 258 -9.73 -14.15 -51.18
N TRP G 259 -10.13 -15.13 -51.99
CA TRP G 259 -10.68 -16.37 -51.52
C TRP G 259 -9.60 -17.10 -50.76
N ASN G 260 -8.36 -17.11 -51.26
CA ASN G 260 -7.33 -17.80 -50.54
C ASN G 260 -7.02 -17.08 -49.26
N ALA G 261 -7.10 -15.74 -49.26
CA ALA G 261 -6.83 -14.96 -48.09
C ALA G 261 -7.83 -15.40 -47.06
N PHE G 262 -9.04 -15.74 -47.53
CA PHE G 262 -10.12 -16.21 -46.71
C PHE G 262 -9.61 -17.39 -45.97
N ASN G 263 -8.88 -18.28 -46.67
CA ASN G 263 -8.44 -19.51 -46.07
C ASN G 263 -7.71 -19.15 -44.83
N LEU G 264 -6.81 -18.17 -44.92
CA LEU G 264 -6.21 -17.74 -43.69
C LEU G 264 -7.12 -16.63 -43.22
N SER G 265 -8.25 -17.00 -42.61
CA SER G 265 -9.21 -16.04 -42.16
C SER G 265 -10.34 -16.77 -41.51
N CYS G 266 -11.57 -16.23 -41.66
CA CYS G 266 -12.71 -16.82 -41.01
C CYS G 266 -13.75 -17.18 -42.03
N LYS G 267 -15.02 -17.32 -41.60
CA LYS G 267 -16.15 -17.72 -42.39
C LYS G 267 -16.60 -16.60 -43.27
N ILE G 268 -17.11 -16.94 -44.47
CA ILE G 268 -17.48 -15.94 -45.43
C ILE G 268 -18.69 -16.35 -46.24
N LEU G 269 -19.47 -15.33 -46.66
CA LEU G 269 -20.48 -15.45 -47.67
C LEU G 269 -19.94 -14.67 -48.82
N LEU G 270 -19.91 -15.26 -50.03
CA LEU G 270 -19.31 -14.51 -51.09
C LEU G 270 -20.28 -14.39 -52.22
N THR G 271 -20.27 -13.24 -52.92
CA THR G 271 -21.09 -13.06 -54.09
C THR G 271 -20.13 -12.91 -55.23
N THR G 272 -20.29 -13.71 -56.31
CA THR G 272 -19.35 -13.58 -57.39
C THR G 272 -20.00 -13.92 -58.70
N ARG G 273 -19.53 -13.27 -59.78
CA ARG G 273 -19.99 -13.40 -61.15
C ARG G 273 -19.44 -14.59 -61.86
N PHE G 274 -18.60 -15.38 -61.20
CA PHE G 274 -18.10 -16.54 -61.85
C PHE G 274 -18.70 -17.63 -61.02
N LYS G 275 -18.74 -18.89 -61.52
CA LYS G 275 -18.93 -20.07 -60.70
C LYS G 275 -17.59 -20.67 -60.40
N GLN G 276 -16.65 -20.65 -61.38
CA GLN G 276 -15.47 -21.44 -61.14
C GLN G 276 -14.63 -20.85 -60.05
N VAL G 277 -14.68 -19.53 -59.84
CA VAL G 277 -13.93 -18.93 -58.76
C VAL G 277 -14.31 -19.60 -57.48
N THR G 278 -15.62 -19.86 -57.35
CA THR G 278 -16.25 -20.48 -56.24
C THR G 278 -15.66 -21.84 -56.08
N ASP G 279 -15.54 -22.54 -57.21
CA ASP G 279 -15.11 -23.90 -57.24
C ASP G 279 -13.70 -23.96 -56.72
N PHE G 280 -12.84 -23.02 -57.15
CA PHE G 280 -11.46 -23.04 -56.75
C PHE G 280 -11.36 -22.87 -55.27
N LEU G 281 -12.14 -21.93 -54.71
CA LEU G 281 -12.11 -21.63 -53.32
C LEU G 281 -12.50 -22.85 -52.53
N SER G 282 -13.52 -23.59 -53.00
CA SER G 282 -14.01 -24.77 -52.34
C SER G 282 -12.95 -25.83 -52.37
N ALA G 283 -12.17 -25.86 -53.46
CA ALA G 283 -11.15 -26.86 -53.52
C ALA G 283 -10.10 -26.57 -52.48
N ALA G 284 -9.69 -25.29 -52.38
CA ALA G 284 -8.60 -24.96 -51.49
C ALA G 284 -9.01 -25.28 -50.10
N THR G 285 -10.20 -24.81 -49.71
CA THR G 285 -10.72 -25.11 -48.41
C THR G 285 -11.92 -25.91 -48.68
N THR G 286 -12.01 -27.10 -48.07
CA THR G 286 -13.13 -27.95 -48.28
C THR G 286 -14.33 -27.25 -47.71
N THR G 287 -15.46 -27.95 -47.57
CA THR G 287 -16.65 -27.31 -47.09
C THR G 287 -17.00 -26.07 -47.83
N HIS G 288 -17.50 -26.23 -49.07
CA HIS G 288 -18.02 -25.12 -49.81
C HIS G 288 -19.48 -25.35 -49.96
N ILE G 289 -20.25 -24.25 -50.03
CA ILE G 289 -21.69 -24.31 -50.21
C ILE G 289 -21.97 -23.43 -51.38
N SER G 290 -22.86 -23.86 -52.30
CA SER G 290 -23.03 -22.98 -53.42
C SER G 290 -24.49 -22.67 -53.58
N LEU G 291 -24.79 -21.38 -53.78
CA LEU G 291 -26.14 -20.98 -54.04
C LEU G 291 -26.04 -20.24 -55.34
N ASP G 292 -26.69 -20.76 -56.38
CA ASP G 292 -26.61 -20.12 -57.65
C ASP G 292 -27.88 -19.33 -57.84
N HIS G 293 -27.85 -18.12 -58.48
CA HIS G 293 -26.72 -17.48 -59.06
C HIS G 293 -26.41 -18.31 -60.31
N HIS G 294 -27.35 -19.19 -60.58
CA HIS G 294 -27.30 -20.13 -61.64
C HIS G 294 -28.38 -20.96 -61.09
N SER G 295 -28.70 -22.08 -61.73
CA SER G 295 -29.71 -23.01 -61.28
C SER G 295 -30.95 -22.76 -62.10
N MET G 296 -32.11 -23.09 -61.49
CA MET G 296 -33.48 -23.06 -61.95
C MET G 296 -34.02 -21.66 -62.16
N THR G 297 -33.53 -20.66 -61.39
CA THR G 297 -33.92 -19.27 -61.39
C THR G 297 -35.30 -18.88 -60.93
N LEU G 298 -35.77 -19.39 -59.77
CA LEU G 298 -36.96 -18.80 -59.20
C LEU G 298 -38.12 -19.02 -60.12
N THR G 299 -39.05 -18.04 -60.08
CA THR G 299 -40.20 -18.05 -60.94
C THR G 299 -40.30 -16.70 -61.59
N PRO G 300 -40.35 -16.69 -62.90
CA PRO G 300 -40.44 -15.45 -63.62
C PRO G 300 -41.71 -14.71 -63.35
N ASP G 301 -42.78 -15.42 -62.95
CA ASP G 301 -44.01 -14.75 -62.68
C ASP G 301 -43.79 -13.85 -61.50
N GLU G 302 -43.13 -14.36 -60.46
CA GLU G 302 -42.91 -13.62 -59.26
C GLU G 302 -41.99 -12.49 -59.56
N VAL G 303 -40.95 -12.75 -60.37
CA VAL G 303 -39.99 -11.73 -60.65
C VAL G 303 -40.71 -10.65 -61.38
N LYS G 304 -41.53 -11.02 -62.37
CA LYS G 304 -42.16 -10.01 -63.17
C LYS G 304 -43.02 -9.17 -62.28
N SER G 305 -43.68 -9.80 -61.28
CA SER G 305 -44.56 -9.06 -60.43
C SER G 305 -43.74 -8.07 -59.68
N LEU G 306 -42.45 -8.40 -59.44
CA LEU G 306 -41.57 -7.55 -58.71
C LEU G 306 -41.45 -6.29 -59.43
N LEU G 307 -41.10 -6.39 -60.71
CA LEU G 307 -40.81 -5.26 -61.49
C LEU G 307 -42.09 -4.52 -61.60
N LEU G 308 -43.18 -5.31 -61.65
CA LEU G 308 -44.49 -4.81 -61.88
C LEU G 308 -44.86 -3.89 -60.77
N LYS G 309 -44.54 -4.19 -59.50
CA LYS G 309 -44.96 -3.22 -58.54
C LYS G 309 -44.11 -1.99 -58.60
N TYR G 310 -42.81 -2.14 -58.93
CA TYR G 310 -41.94 -1.00 -59.01
C TYR G 310 -42.56 -0.03 -59.95
N LEU G 311 -42.77 -0.55 -61.16
CA LEU G 311 -43.23 0.14 -62.32
C LEU G 311 -44.71 0.46 -62.35
N ASP G 312 -45.56 -0.43 -61.78
CA ASP G 312 -47.00 -0.45 -61.86
C ASP G 312 -47.52 -0.41 -63.30
N CYS G 313 -47.54 -1.60 -64.00
CA CYS G 313 -47.88 -1.74 -65.42
C CYS G 313 -49.10 -2.57 -65.75
N ARG G 314 -49.16 -3.06 -67.04
CA ARG G 314 -50.27 -3.82 -67.60
C ARG G 314 -49.78 -5.14 -68.14
N PRO G 315 -50.65 -6.13 -68.02
CA PRO G 315 -50.44 -7.50 -68.40
C PRO G 315 -50.11 -7.69 -69.84
N GLN G 316 -50.70 -6.87 -70.73
CA GLN G 316 -50.39 -6.98 -72.12
C GLN G 316 -48.95 -6.63 -72.23
N ASP G 317 -48.57 -5.67 -71.40
CA ASP G 317 -47.25 -5.13 -71.38
C ASP G 317 -46.27 -6.14 -70.89
N LEU G 318 -46.75 -7.11 -70.10
CA LEU G 318 -45.89 -7.99 -69.40
C LEU G 318 -44.95 -8.72 -70.26
N PRO G 319 -45.35 -9.26 -71.35
CA PRO G 319 -44.43 -10.04 -72.13
C PRO G 319 -43.30 -9.18 -72.58
N ARG G 320 -43.48 -7.86 -72.66
CA ARG G 320 -42.33 -7.10 -73.03
C ARG G 320 -41.32 -7.25 -71.94
N GLU G 321 -41.80 -7.20 -70.69
CA GLU G 321 -41.01 -7.24 -69.48
C GLU G 321 -40.39 -8.56 -69.31
N VAL G 322 -41.12 -9.63 -69.72
CA VAL G 322 -40.74 -10.99 -69.46
C VAL G 322 -39.37 -11.06 -70.03
N LEU G 323 -39.16 -10.39 -71.18
CA LEU G 323 -37.83 -10.34 -71.72
C LEU G 323 -37.16 -9.14 -71.12
N THR G 324 -35.87 -9.28 -70.73
CA THR G 324 -35.18 -10.53 -70.84
C THR G 324 -35.17 -11.19 -69.51
N THR G 325 -34.61 -12.41 -69.46
CA THR G 325 -34.57 -13.21 -68.26
C THR G 325 -33.73 -12.56 -67.20
N ASN G 326 -32.55 -12.00 -67.57
CA ASN G 326 -31.68 -11.57 -66.51
C ASN G 326 -32.18 -10.43 -65.72
N PRO G 327 -32.00 -10.63 -64.44
CA PRO G 327 -32.39 -9.68 -63.44
C PRO G 327 -31.60 -8.41 -63.55
N ARG G 328 -30.33 -8.46 -64.00
CA ARG G 328 -29.65 -7.21 -64.04
C ARG G 328 -30.31 -6.39 -65.09
N ARG G 329 -30.60 -7.03 -66.23
CA ARG G 329 -31.19 -6.32 -67.31
C ARG G 329 -32.56 -5.89 -66.93
N LEU G 330 -33.26 -6.73 -66.14
CA LEU G 330 -34.60 -6.38 -65.79
C LEU G 330 -34.53 -5.11 -65.03
N SER G 331 -33.58 -4.98 -64.12
CA SER G 331 -33.67 -3.80 -63.36
C SER G 331 -33.12 -2.61 -64.10
N ILE G 332 -32.13 -2.80 -65.02
CA ILE G 332 -31.71 -1.66 -65.80
C ILE G 332 -32.88 -1.16 -66.58
N ILE G 333 -33.67 -2.08 -67.14
CA ILE G 333 -34.83 -1.74 -67.91
C ILE G 333 -35.81 -1.08 -66.99
N ALA G 334 -36.01 -1.63 -65.78
CA ALA G 334 -37.01 -1.14 -64.87
C ALA G 334 -36.73 0.29 -64.54
N GLU G 335 -35.46 0.62 -64.31
CA GLU G 335 -35.11 1.96 -63.99
C GLU G 335 -35.50 2.84 -65.14
N SER G 336 -35.21 2.39 -66.38
CA SER G 336 -35.45 3.16 -67.57
C SER G 336 -36.92 3.37 -67.72
N ILE G 337 -37.71 2.33 -67.45
CA ILE G 337 -39.13 2.41 -67.56
C ILE G 337 -39.68 3.35 -66.54
N ARG G 338 -39.10 3.47 -65.34
CA ARG G 338 -39.67 4.44 -64.45
C ARG G 338 -39.55 5.76 -65.14
N ASP G 339 -38.42 5.99 -65.82
CA ASP G 339 -38.34 7.20 -66.59
C ASP G 339 -39.17 7.20 -67.88
N GLY G 340 -39.35 6.05 -68.60
CA GLY G 340 -40.00 5.98 -69.92
C GLY G 340 -40.83 4.66 -70.10
N LEU G 341 -40.81 3.92 -71.28
CA LEU G 341 -41.82 2.86 -71.65
C LEU G 341 -41.48 1.27 -71.78
N ALA G 342 -42.47 0.19 -71.75
CA ALA G 342 -42.24 -1.13 -72.32
C ALA G 342 -42.97 -0.88 -73.59
N THR G 343 -42.31 -0.18 -74.54
CA THR G 343 -42.99 0.14 -75.75
C THR G 343 -42.00 0.35 -76.84
N TRP G 344 -42.42 1.11 -77.87
CA TRP G 344 -41.59 1.33 -79.01
C TRP G 344 -40.33 1.99 -78.58
N ASP G 345 -40.41 2.98 -77.67
CA ASP G 345 -39.22 3.66 -77.25
C ASP G 345 -38.29 2.71 -76.54
N ASN G 346 -38.84 1.88 -75.64
CA ASN G 346 -38.10 0.96 -74.81
C ASN G 346 -37.37 0.00 -75.67
N TRP G 347 -38.11 -0.62 -76.59
CA TRP G 347 -37.53 -1.60 -77.45
C TRP G 347 -36.51 -0.91 -78.29
N LYS G 348 -36.81 0.37 -78.63
CA LYS G 348 -35.95 1.12 -79.49
C LYS G 348 -34.58 1.21 -78.90
N HIS G 349 -34.49 1.51 -77.58
CA HIS G 349 -33.21 1.68 -76.96
C HIS G 349 -32.45 0.39 -76.95
N VAL G 350 -33.17 -0.69 -76.55
CA VAL G 350 -32.78 -2.06 -76.30
C VAL G 350 -32.06 -2.23 -74.98
N ASN G 351 -32.16 -1.22 -74.06
CA ASN G 351 -31.57 -1.23 -72.75
C ASN G 351 -30.12 -1.57 -72.75
N CYS G 352 -29.39 -0.86 -73.63
CA CYS G 352 -27.97 -0.92 -73.76
C CYS G 352 -27.21 0.10 -72.96
N ASP G 353 -27.85 1.23 -72.57
CA ASP G 353 -27.09 2.34 -72.07
C ASP G 353 -26.23 1.94 -70.92
N LYS G 354 -26.82 1.34 -69.87
CA LYS G 354 -26.05 0.92 -68.75
C LYS G 354 -25.15 -0.23 -69.08
N LEU G 355 -25.72 -1.26 -69.73
CA LEU G 355 -25.05 -2.51 -69.95
C LEU G 355 -23.86 -2.39 -70.84
N THR G 356 -23.93 -1.57 -71.90
CA THR G 356 -22.83 -1.52 -72.82
C THR G 356 -21.61 -1.09 -72.07
N THR G 357 -21.73 -0.05 -71.23
CA THR G 357 -20.60 0.41 -70.51
C THR G 357 -20.17 -0.67 -69.57
N ILE G 358 -21.15 -1.37 -68.96
CA ILE G 358 -20.88 -2.36 -67.97
C ILE G 358 -20.06 -3.47 -68.56
N ILE G 359 -20.46 -3.98 -69.73
CA ILE G 359 -19.82 -5.07 -70.39
C ILE G 359 -18.44 -4.67 -70.79
N GLU G 360 -18.27 -3.41 -71.21
CA GLU G 360 -17.01 -2.95 -71.72
C GLU G 360 -15.94 -3.21 -70.71
N SER G 361 -16.23 -2.94 -69.43
CA SER G 361 -15.23 -3.14 -68.42
C SER G 361 -14.93 -4.61 -68.36
N SER G 362 -15.95 -5.44 -68.65
CA SER G 362 -15.79 -6.86 -68.58
C SER G 362 -14.79 -7.32 -69.59
N LEU G 363 -14.82 -6.72 -70.80
CA LEU G 363 -13.95 -7.15 -71.86
C LEU G 363 -12.52 -6.88 -71.46
N ASN G 364 -12.28 -5.74 -70.80
CA ASN G 364 -10.95 -5.32 -70.49
C ASN G 364 -10.28 -6.34 -69.60
N VAL G 365 -11.06 -7.02 -68.74
CA VAL G 365 -10.47 -7.91 -67.79
C VAL G 365 -9.69 -9.02 -68.47
N LEU G 366 -10.16 -9.53 -69.64
CA LEU G 366 -9.48 -10.59 -70.35
C LEU G 366 -8.41 -9.99 -71.27
N GLU G 367 -7.61 -10.81 -72.04
CA GLU G 367 -6.55 -10.29 -72.88
C GLU G 367 -7.01 -10.18 -74.31
N PRO G 368 -7.00 -8.95 -74.75
CA PRO G 368 -7.54 -8.52 -76.01
C PRO G 368 -7.02 -9.19 -77.25
N ALA G 369 -5.72 -9.51 -77.34
CA ALA G 369 -5.34 -9.97 -78.64
C ALA G 369 -6.02 -11.26 -78.98
N GLU G 370 -5.78 -12.31 -78.17
CA GLU G 370 -6.38 -13.56 -78.53
C GLU G 370 -7.82 -13.63 -78.14
N TYR G 371 -8.09 -13.39 -76.85
CA TYR G 371 -9.40 -13.58 -76.29
C TYR G 371 -10.36 -12.56 -76.80
N ARG G 372 -9.95 -11.28 -76.80
CA ARG G 372 -10.87 -10.27 -77.25
C ARG G 372 -11.22 -10.55 -78.67
N LYS G 373 -10.21 -10.94 -79.47
CA LYS G 373 -10.43 -11.22 -80.86
C LYS G 373 -11.27 -12.45 -81.01
N MET G 374 -10.96 -13.50 -80.23
CA MET G 374 -11.64 -14.75 -80.38
C MET G 374 -13.10 -14.61 -80.06
N PHE G 375 -13.43 -13.84 -79.02
CA PHE G 375 -14.78 -13.54 -78.64
C PHE G 375 -15.43 -12.68 -79.68
N ASP G 376 -14.66 -11.74 -80.25
CA ASP G 376 -15.22 -10.75 -81.13
C ASP G 376 -15.88 -11.44 -82.29
N ARG G 377 -15.34 -12.60 -82.68
CA ARG G 377 -15.80 -13.36 -83.81
C ARG G 377 -17.19 -13.93 -83.62
N LEU G 378 -17.57 -14.27 -82.37
CA LEU G 378 -18.77 -15.02 -82.06
C LEU G 378 -19.98 -14.33 -82.61
N SER G 379 -19.86 -13.05 -82.95
CA SER G 379 -20.97 -12.24 -83.39
C SER G 379 -21.80 -12.87 -84.53
N VAL G 380 -21.24 -13.26 -85.73
CA VAL G 380 -22.05 -13.79 -86.84
C VAL G 380 -22.40 -15.21 -86.53
N PHE G 381 -23.49 -15.36 -85.75
CA PHE G 381 -24.04 -16.61 -85.34
C PHE G 381 -25.44 -16.34 -84.92
N PRO G 382 -26.22 -17.36 -84.98
CA PRO G 382 -27.54 -17.18 -84.47
C PRO G 382 -27.58 -17.13 -82.99
N PRO G 383 -28.38 -16.23 -82.48
CA PRO G 383 -28.49 -16.05 -81.06
C PRO G 383 -29.41 -17.05 -80.47
N SER G 384 -29.13 -17.45 -79.21
CA SER G 384 -29.97 -18.35 -78.49
C SER G 384 -30.21 -19.55 -79.33
N ALA G 385 -29.27 -19.87 -80.23
CA ALA G 385 -29.50 -21.03 -81.03
C ALA G 385 -28.30 -21.90 -80.89
N HIS G 386 -28.46 -23.02 -80.18
CA HIS G 386 -27.45 -24.00 -79.90
C HIS G 386 -26.64 -24.23 -81.14
N ILE G 387 -25.36 -23.80 -81.09
CA ILE G 387 -24.50 -23.94 -82.22
C ILE G 387 -23.39 -24.84 -81.82
N PRO G 388 -23.17 -25.87 -82.60
CA PRO G 388 -22.16 -26.83 -82.27
C PRO G 388 -20.78 -26.28 -82.33
N THR G 389 -19.85 -26.93 -81.61
CA THR G 389 -18.48 -26.49 -81.49
C THR G 389 -17.83 -26.50 -82.83
N ILE G 390 -18.13 -27.53 -83.66
CA ILE G 390 -17.50 -27.64 -84.94
C ILE G 390 -17.77 -26.38 -85.68
N LEU G 391 -19.00 -25.86 -85.55
CA LEU G 391 -19.40 -24.64 -86.16
C LEU G 391 -18.61 -23.51 -85.55
N LEU G 392 -18.41 -23.60 -84.23
CA LEU G 392 -17.78 -22.61 -83.43
C LEU G 392 -16.35 -22.49 -83.87
N SER G 393 -15.71 -23.62 -84.20
CA SER G 393 -14.33 -23.63 -84.55
C SER G 393 -14.11 -22.76 -85.75
N LEU G 394 -15.07 -22.71 -86.69
CA LEU G 394 -14.82 -21.94 -87.87
C LEU G 394 -14.57 -20.52 -87.47
N ILE G 395 -15.48 -19.97 -86.67
CA ILE G 395 -15.38 -18.61 -86.23
C ILE G 395 -14.26 -18.45 -85.25
N TRP G 396 -14.14 -19.37 -84.27
CA TRP G 396 -13.18 -19.13 -83.25
C TRP G 396 -11.80 -19.19 -83.82
N PHE G 397 -11.53 -20.11 -84.78
CA PHE G 397 -10.17 -20.26 -85.25
C PHE G 397 -9.64 -19.02 -85.92
N ASP G 398 -8.78 -18.26 -85.22
CA ASP G 398 -7.92 -17.28 -85.84
C ASP G 398 -6.61 -17.98 -86.11
N VAL G 399 -6.15 -18.98 -85.15
CA VAL G 399 -5.01 -19.84 -85.10
C VAL G 399 -5.65 -21.16 -85.01
N ILE G 400 -4.94 -22.29 -85.21
CA ILE G 400 -5.77 -23.46 -85.20
C ILE G 400 -5.25 -24.55 -84.34
N LYS G 401 -6.22 -25.22 -83.68
CA LYS G 401 -6.09 -26.35 -82.80
C LYS G 401 -6.72 -26.00 -81.51
N SER G 402 -6.39 -26.78 -80.46
CA SER G 402 -7.00 -26.67 -79.17
C SER G 402 -6.76 -25.31 -78.62
N ASP G 403 -5.89 -24.50 -79.26
CA ASP G 403 -5.54 -23.20 -78.77
C ASP G 403 -6.83 -22.46 -78.64
N VAL G 404 -7.67 -22.62 -79.67
CA VAL G 404 -8.95 -22.00 -79.75
C VAL G 404 -9.80 -22.56 -78.66
N MET G 405 -9.60 -23.85 -78.36
CA MET G 405 -10.38 -24.53 -77.36
C MET G 405 -10.11 -23.88 -76.03
N VAL G 406 -8.82 -23.65 -75.70
CA VAL G 406 -8.43 -23.07 -74.44
C VAL G 406 -8.76 -21.61 -74.37
N VAL G 407 -8.51 -20.86 -75.47
CA VAL G 407 -8.67 -19.44 -75.43
C VAL G 407 -10.09 -19.11 -75.11
N VAL G 408 -11.07 -19.87 -75.65
CA VAL G 408 -12.43 -19.61 -75.29
C VAL G 408 -12.58 -19.92 -73.83
N ASN G 409 -11.85 -20.95 -73.36
CA ASN G 409 -12.02 -21.51 -72.05
C ASN G 409 -11.79 -20.48 -71.00
N LYS G 410 -10.75 -19.63 -71.16
CA LYS G 410 -10.41 -18.69 -70.15
C LYS G 410 -11.56 -17.76 -69.90
N LEU G 411 -12.28 -17.43 -70.99
CA LEU G 411 -13.43 -16.57 -70.82
C LEU G 411 -14.65 -17.34 -70.31
N HIS G 412 -14.86 -18.56 -70.93
CA HIS G 412 -15.96 -19.44 -71.26
C HIS G 412 -16.63 -19.86 -70.02
N LYS G 413 -15.84 -19.96 -68.95
CA LYS G 413 -16.28 -20.64 -67.80
C LYS G 413 -17.54 -19.97 -67.34
N TYR G 414 -17.67 -18.64 -67.73
CA TYR G 414 -17.83 -17.50 -66.83
C TYR G 414 -19.18 -17.69 -66.34
N SER G 415 -19.98 -17.82 -67.35
CA SER G 415 -21.28 -17.42 -67.36
C SER G 415 -21.46 -17.19 -68.80
N LEU G 416 -22.08 -16.04 -69.05
CA LEU G 416 -22.88 -15.87 -70.22
C LEU G 416 -22.11 -14.97 -71.11
N VAL G 417 -20.78 -15.16 -71.05
CA VAL G 417 -20.04 -14.69 -72.17
C VAL G 417 -20.37 -15.63 -73.29
N GLU G 418 -19.92 -16.90 -73.17
CA GLU G 418 -20.40 -18.06 -73.89
C GLU G 418 -20.68 -19.18 -72.94
N LYS G 419 -21.60 -20.09 -73.31
CA LYS G 419 -21.86 -21.19 -72.43
C LYS G 419 -21.74 -22.46 -73.20
N GLN G 420 -21.17 -23.50 -72.58
CA GLN G 420 -21.07 -24.74 -73.29
C GLN G 420 -21.72 -25.83 -72.50
N PRO G 421 -22.72 -26.40 -73.11
CA PRO G 421 -23.45 -27.49 -72.52
C PRO G 421 -22.68 -28.78 -72.46
N LYS G 422 -21.93 -28.92 -73.46
CA LYS G 422 -21.22 -30.17 -73.55
C LYS G 422 -20.25 -30.02 -74.68
N GLU G 423 -19.57 -31.12 -75.04
CA GLU G 423 -18.57 -31.12 -76.07
C GLU G 423 -19.22 -30.72 -77.36
N SER G 424 -20.53 -31.02 -77.49
CA SER G 424 -21.29 -30.79 -78.69
C SER G 424 -21.40 -29.34 -79.10
N THR G 425 -21.91 -28.42 -78.23
CA THR G 425 -22.09 -27.10 -78.79
C THR G 425 -21.90 -26.03 -77.77
N ILE G 426 -21.74 -24.78 -78.27
CA ILE G 426 -21.69 -23.67 -77.38
C ILE G 426 -22.70 -22.70 -77.90
N SER G 427 -23.39 -21.98 -77.01
CA SER G 427 -24.34 -21.05 -77.54
C SER G 427 -23.91 -19.72 -77.05
N ILE G 428 -24.38 -18.63 -77.69
CA ILE G 428 -24.09 -17.32 -77.18
C ILE G 428 -25.08 -17.10 -76.08
N PRO G 429 -24.56 -16.73 -74.95
CA PRO G 429 -25.36 -16.80 -73.79
C PRO G 429 -26.64 -16.19 -73.66
N SER G 430 -26.73 -14.94 -74.06
CA SER G 430 -28.00 -14.37 -73.92
C SER G 430 -27.86 -13.11 -74.64
N ILE G 431 -28.93 -12.33 -74.57
CA ILE G 431 -29.13 -11.07 -75.20
C ILE G 431 -28.08 -10.12 -74.75
N TYR G 432 -27.67 -10.20 -73.46
CA TYR G 432 -26.78 -9.23 -72.91
C TYR G 432 -25.48 -9.16 -73.64
N LEU G 433 -24.79 -10.30 -73.82
CA LEU G 433 -23.48 -10.25 -74.42
C LEU G 433 -23.64 -9.79 -75.84
N GLU G 434 -24.59 -10.41 -76.55
CA GLU G 434 -24.78 -10.17 -77.96
C GLU G 434 -25.16 -8.75 -78.15
N LEU G 435 -25.97 -8.21 -77.23
CA LEU G 435 -26.47 -6.88 -77.39
C LEU G 435 -25.27 -6.00 -77.44
N LYS G 436 -24.26 -6.28 -76.62
CA LYS G 436 -23.08 -5.49 -76.62
C LYS G 436 -22.43 -5.55 -77.96
N VAL G 437 -22.23 -6.77 -78.48
CA VAL G 437 -21.49 -6.95 -79.69
C VAL G 437 -22.19 -6.34 -80.85
N LYS G 438 -23.52 -6.49 -80.93
CA LYS G 438 -24.19 -6.04 -82.11
C LYS G 438 -23.98 -4.57 -82.34
N LEU G 439 -24.02 -3.74 -81.29
CA LEU G 439 -23.82 -2.34 -81.52
C LEU G 439 -22.43 -2.10 -82.06
N GLU G 440 -21.41 -2.75 -81.47
CA GLU G 440 -20.07 -2.47 -81.89
C GLU G 440 -19.58 -3.51 -82.84
N ASN G 441 -19.34 -3.12 -84.10
CA ASN G 441 -18.83 -4.08 -85.04
C ASN G 441 -18.11 -3.28 -86.09
N GLU G 442 -17.25 -3.95 -86.90
CA GLU G 442 -16.47 -3.30 -87.92
C GLU G 442 -16.67 -4.09 -89.18
N TYR G 443 -16.14 -3.67 -90.34
CA TYR G 443 -16.58 -4.50 -91.41
C TYR G 443 -15.60 -5.60 -91.60
N ALA G 444 -15.53 -6.45 -90.55
CA ALA G 444 -14.97 -7.77 -90.44
C ALA G 444 -16.00 -8.71 -90.98
N LEU G 445 -17.27 -8.25 -90.90
CA LEU G 445 -18.40 -9.07 -91.17
C LEU G 445 -18.30 -9.71 -92.51
N HIS G 446 -17.78 -9.00 -93.53
CA HIS G 446 -17.76 -9.60 -94.84
C HIS G 446 -17.01 -10.89 -94.80
N ARG G 447 -15.83 -10.92 -94.17
CA ARG G 447 -15.07 -12.12 -94.16
C ARG G 447 -15.83 -13.19 -93.43
N SER G 448 -16.48 -12.82 -92.32
CA SER G 448 -17.17 -13.82 -91.55
C SER G 448 -18.28 -14.42 -92.35
N ILE G 449 -19.05 -13.58 -93.05
CA ILE G 449 -20.17 -14.07 -93.80
C ILE G 449 -19.65 -14.97 -94.87
N VAL G 450 -18.51 -14.60 -95.50
CA VAL G 450 -17.99 -15.38 -96.56
C VAL G 450 -17.62 -16.73 -96.02
N ASP G 451 -17.13 -16.78 -94.77
CA ASP G 451 -16.70 -18.01 -94.20
C ASP G 451 -17.87 -18.94 -94.17
N HIS G 452 -19.06 -18.42 -93.85
CA HIS G 452 -20.23 -19.26 -93.75
C HIS G 452 -20.50 -19.85 -95.09
N TYR G 453 -20.34 -19.09 -96.18
CA TYR G 453 -20.62 -19.67 -97.46
C TYR G 453 -19.69 -20.82 -97.66
N ASN G 454 -18.42 -20.62 -97.30
CA ASN G 454 -17.42 -21.62 -97.52
C ASN G 454 -17.77 -22.86 -96.77
N ILE G 455 -18.26 -22.72 -95.52
CA ILE G 455 -18.50 -23.92 -94.76
C ILE G 455 -19.53 -24.80 -95.43
N PRO G 456 -20.71 -24.39 -95.84
CA PRO G 456 -21.49 -25.37 -96.57
C PRO G 456 -20.93 -25.75 -97.89
N LYS G 457 -20.06 -24.91 -98.49
CA LYS G 457 -19.49 -25.30 -99.74
C LYS G 457 -18.71 -26.55 -99.53
N THR G 458 -17.90 -26.56 -98.46
CA THR G 458 -17.06 -27.70 -98.18
C THR G 458 -17.93 -28.88 -97.91
N PHE G 459 -18.99 -28.70 -97.10
CA PHE G 459 -19.86 -29.81 -96.82
C PHE G 459 -20.51 -30.17 -98.11
N ASP G 460 -20.33 -31.42 -98.56
CA ASP G 460 -20.96 -31.78 -99.79
C ASP G 460 -21.01 -33.27 -99.88
N SER G 461 -22.18 -33.82 -100.24
CA SER G 461 -22.30 -35.22 -100.46
C SER G 461 -22.66 -35.35 -101.90
N ASP G 462 -22.50 -36.55 -102.49
CA ASP G 462 -22.75 -36.68 -103.90
C ASP G 462 -24.17 -36.29 -104.15
N ASP G 463 -25.09 -36.88 -103.38
CA ASP G 463 -26.45 -36.53 -103.59
C ASP G 463 -26.83 -35.36 -102.73
N LEU G 464 -28.13 -35.08 -102.70
CA LEU G 464 -28.81 -33.97 -102.13
C LEU G 464 -28.84 -33.93 -100.63
N ILE G 465 -28.29 -34.94 -99.91
CA ILE G 465 -28.43 -34.90 -98.47
C ILE G 465 -27.19 -34.40 -97.79
N PRO G 466 -27.43 -33.36 -97.01
CA PRO G 466 -26.40 -32.70 -96.24
C PRO G 466 -25.98 -33.42 -94.99
N PRO G 467 -24.76 -33.18 -94.62
CA PRO G 467 -24.15 -33.72 -93.42
C PRO G 467 -24.56 -33.03 -92.15
N TYR G 468 -25.49 -32.05 -92.23
CA TYR G 468 -25.94 -31.20 -91.14
C TYR G 468 -25.81 -31.85 -89.79
N LEU G 469 -25.37 -31.01 -88.84
CA LEU G 469 -25.05 -31.38 -87.49
C LEU G 469 -26.26 -31.17 -86.64
N ASP G 470 -26.09 -30.79 -85.34
CA ASP G 470 -27.24 -30.81 -84.47
C ASP G 470 -28.39 -30.01 -85.00
N GLN G 471 -28.54 -28.73 -84.57
CA GLN G 471 -29.60 -27.92 -85.14
C GLN G 471 -29.12 -26.74 -85.92
N TYR G 472 -27.92 -26.23 -85.57
CA TYR G 472 -27.42 -24.93 -85.98
C TYR G 472 -27.59 -24.80 -87.43
N PHE G 473 -27.07 -25.77 -88.17
CA PHE G 473 -27.05 -25.62 -89.59
C PHE G 473 -28.45 -25.47 -90.08
N TYR G 474 -29.38 -26.31 -89.58
CA TYR G 474 -30.70 -26.28 -90.12
C TYR G 474 -31.29 -24.91 -89.93
N SER G 475 -31.21 -24.35 -88.71
CA SER G 475 -31.80 -23.06 -88.50
C SER G 475 -31.03 -21.98 -89.21
N HIS G 476 -29.72 -21.91 -88.89
CA HIS G 476 -28.76 -20.88 -89.22
C HIS G 476 -28.41 -20.78 -90.69
N ILE G 477 -28.33 -21.90 -91.41
CA ILE G 477 -27.76 -21.89 -92.74
C ILE G 477 -28.44 -20.92 -93.64
N GLY G 478 -29.78 -20.91 -93.68
CA GLY G 478 -30.47 -20.05 -94.59
C GLY G 478 -30.18 -18.63 -94.26
N HIS G 479 -30.12 -18.30 -92.95
CA HIS G 479 -29.94 -16.93 -92.54
C HIS G 479 -28.64 -16.42 -93.06
N HIS G 480 -27.56 -17.19 -92.90
CA HIS G 480 -26.27 -16.73 -93.32
C HIS G 480 -26.30 -16.59 -94.81
N LEU G 481 -26.96 -17.55 -95.49
CA LEU G 481 -27.07 -17.57 -96.91
C LEU G 481 -27.77 -16.36 -97.41
N LYS G 482 -28.86 -15.95 -96.73
CA LYS G 482 -29.60 -14.83 -97.22
C LYS G 482 -28.68 -13.67 -97.28
N ASN G 483 -27.87 -13.51 -96.24
CA ASN G 483 -26.98 -12.40 -96.24
C ASN G 483 -26.02 -12.58 -97.37
N ILE G 484 -25.51 -13.82 -97.57
CA ILE G 484 -24.47 -13.96 -98.56
C ILE G 484 -24.96 -13.71 -99.95
N GLU G 485 -26.05 -14.38 -100.40
CA GLU G 485 -26.50 -14.21 -101.75
C GLU G 485 -27.66 -15.11 -102.03
N HIS G 486 -28.28 -14.87 -103.20
CA HIS G 486 -29.38 -15.62 -103.71
C HIS G 486 -29.01 -17.01 -104.18
N PRO G 487 -28.01 -17.22 -105.01
CA PRO G 487 -27.80 -18.51 -105.61
C PRO G 487 -27.74 -19.68 -104.68
N GLU G 488 -27.02 -19.58 -103.55
CA GLU G 488 -26.92 -20.71 -102.66
C GLU G 488 -28.26 -20.95 -102.09
N ARG G 489 -28.96 -19.85 -101.78
CA ARG G 489 -30.21 -19.93 -101.10
C ARG G 489 -31.14 -20.78 -101.91
N MET G 490 -31.13 -20.59 -103.24
CA MET G 490 -32.03 -21.30 -104.10
C MET G 490 -31.82 -22.78 -103.94
N THR G 491 -30.57 -23.26 -104.02
CA THR G 491 -30.36 -24.68 -103.94
C THR G 491 -30.63 -25.17 -102.55
N LEU G 492 -30.10 -24.47 -101.54
CA LEU G 492 -30.20 -24.92 -100.18
C LEU G 492 -31.61 -24.91 -99.70
N PHE G 493 -32.37 -23.83 -99.99
CA PHE G 493 -33.70 -23.74 -99.49
C PHE G 493 -34.43 -24.90 -100.03
N ARG G 494 -34.06 -25.39 -101.22
CA ARG G 494 -34.69 -26.64 -101.52
C ARG G 494 -36.15 -26.26 -101.69
N MET G 495 -36.31 -25.05 -102.20
CA MET G 495 -37.59 -24.73 -102.72
C MET G 495 -37.47 -25.50 -103.98
N VAL G 496 -36.23 -25.42 -104.51
CA VAL G 496 -35.82 -26.17 -105.65
C VAL G 496 -35.82 -27.62 -105.31
N PHE G 497 -35.10 -27.84 -104.17
CA PHE G 497 -34.87 -29.21 -103.90
C PHE G 497 -35.72 -29.70 -102.82
N LEU G 498 -36.13 -30.88 -103.21
CA LEU G 498 -37.22 -31.55 -102.64
C LEU G 498 -36.73 -32.34 -101.47
N ASP G 499 -35.42 -32.59 -101.49
CA ASP G 499 -34.83 -33.30 -100.42
C ASP G 499 -34.96 -32.62 -99.11
N PHE G 500 -34.87 -31.29 -98.99
CA PHE G 500 -34.92 -30.71 -97.67
C PHE G 500 -36.31 -30.57 -97.26
N ARG G 501 -37.24 -30.73 -98.23
CA ARG G 501 -38.56 -30.91 -97.79
C ARG G 501 -38.48 -32.07 -96.84
N PHE G 502 -37.96 -33.22 -97.31
CA PHE G 502 -37.65 -34.38 -96.53
C PHE G 502 -36.83 -34.01 -95.31
N LEU G 503 -35.54 -33.59 -95.46
CA LEU G 503 -34.71 -33.64 -94.31
C LEU G 503 -35.03 -32.65 -93.28
N GLU G 504 -35.29 -31.39 -93.66
CA GLU G 504 -35.54 -30.42 -92.64
C GLU G 504 -36.71 -30.87 -91.86
N GLN G 505 -37.75 -31.29 -92.57
CA GLN G 505 -38.99 -31.66 -91.96
C GLN G 505 -38.81 -32.84 -91.03
N LYS G 506 -38.21 -33.96 -91.49
CA LYS G 506 -38.24 -35.05 -90.55
C LYS G 506 -37.31 -34.79 -89.40
N ILE G 507 -36.14 -34.17 -89.64
CA ILE G 507 -35.28 -33.98 -88.51
C ILE G 507 -35.82 -33.05 -87.46
N ARG G 508 -36.45 -31.90 -87.79
CA ARG G 508 -36.89 -31.12 -86.67
C ARG G 508 -38.25 -31.58 -86.23
N HIS G 509 -38.37 -32.91 -86.00
CA HIS G 509 -39.49 -33.59 -85.38
C HIS G 509 -39.24 -33.73 -83.91
N ASP G 510 -37.94 -33.73 -83.52
CA ASP G 510 -37.49 -34.01 -82.18
C ASP G 510 -37.85 -32.93 -81.21
N SER G 511 -38.31 -33.39 -80.03
CA SER G 511 -38.65 -32.60 -78.87
C SER G 511 -39.08 -33.63 -77.86
N THR G 512 -39.32 -33.19 -76.62
CA THR G 512 -39.81 -34.12 -75.66
C THR G 512 -41.09 -33.56 -75.11
N ALA G 513 -42.24 -34.13 -75.52
CA ALA G 513 -43.46 -33.66 -74.97
C ALA G 513 -44.41 -34.81 -74.97
N TRP G 514 -45.16 -34.96 -73.86
CA TRP G 514 -46.10 -36.02 -73.85
C TRP G 514 -47.12 -35.70 -74.86
N ASN G 515 -47.70 -34.48 -74.78
CA ASN G 515 -48.78 -34.12 -75.64
C ASN G 515 -48.31 -33.98 -77.04
N ALA G 516 -49.23 -34.26 -77.96
CA ALA G 516 -49.08 -34.31 -79.36
C ALA G 516 -48.62 -33.02 -80.01
N SER G 517 -48.90 -31.84 -79.41
CA SER G 517 -48.22 -30.76 -80.07
C SER G 517 -47.95 -29.70 -79.04
N GLY G 518 -47.79 -28.43 -79.46
CA GLY G 518 -47.41 -27.27 -78.76
C GLY G 518 -46.62 -26.57 -79.80
N SER G 519 -45.87 -25.51 -79.47
CA SER G 519 -45.13 -24.86 -80.52
C SER G 519 -43.68 -25.09 -80.23
N ILE G 520 -42.99 -25.85 -81.11
CA ILE G 520 -41.57 -26.08 -80.99
C ILE G 520 -40.99 -26.02 -82.36
N LEU G 521 -39.65 -25.90 -82.46
CA LEU G 521 -39.01 -25.88 -83.74
C LEU G 521 -39.42 -27.06 -84.53
N ASN G 522 -40.08 -26.76 -85.66
CA ASN G 522 -40.56 -27.76 -86.58
C ASN G 522 -40.65 -27.03 -87.86
N THR G 523 -41.81 -27.20 -88.54
CA THR G 523 -42.07 -26.57 -89.79
C THR G 523 -42.03 -25.10 -89.58
N LEU G 524 -42.39 -24.65 -88.35
CA LEU G 524 -42.54 -23.26 -88.07
C LEU G 524 -41.29 -22.52 -88.45
N GLN G 525 -40.10 -23.02 -88.06
CA GLN G 525 -38.88 -22.33 -88.39
C GLN G 525 -38.63 -22.39 -89.86
N GLN G 526 -38.91 -23.54 -90.48
CA GLN G 526 -38.64 -23.78 -91.88
C GLN G 526 -39.36 -22.74 -92.69
N LEU G 527 -40.66 -22.56 -92.43
CA LEU G 527 -41.46 -21.61 -93.15
C LEU G 527 -40.88 -20.26 -92.92
N LYS G 528 -40.35 -20.03 -91.72
CA LYS G 528 -39.80 -18.75 -91.37
C LYS G 528 -38.65 -18.45 -92.28
N PHE G 529 -37.81 -19.45 -92.60
CA PHE G 529 -36.66 -19.16 -93.41
C PHE G 529 -37.11 -18.72 -94.75
N TYR G 530 -38.09 -19.43 -95.32
CA TYR G 530 -38.45 -19.14 -96.67
C TYR G 530 -38.90 -17.72 -96.79
N LYS G 531 -39.74 -17.22 -95.86
CA LYS G 531 -40.28 -15.91 -96.06
C LYS G 531 -39.23 -14.83 -96.04
N PRO G 532 -38.41 -14.63 -95.05
CA PRO G 532 -37.46 -13.55 -95.17
C PRO G 532 -36.32 -13.74 -96.13
N TYR G 533 -35.91 -14.99 -96.40
CA TYR G 533 -34.78 -15.26 -97.22
C TYR G 533 -35.04 -14.98 -98.68
N ILE G 534 -36.31 -15.04 -99.15
CA ILE G 534 -36.64 -15.00 -100.55
C ILE G 534 -36.11 -13.78 -101.22
N CYS G 535 -35.99 -12.65 -100.49
CA CYS G 535 -35.66 -11.40 -101.11
C CYS G 535 -34.39 -11.52 -101.88
N ASP G 536 -33.48 -12.40 -101.43
CA ASP G 536 -32.21 -12.51 -102.08
C ASP G 536 -32.44 -12.90 -103.51
N ASN G 537 -33.63 -13.51 -103.81
CA ASN G 537 -33.97 -13.96 -105.14
C ASN G 537 -34.93 -13.01 -105.82
N ASP G 538 -35.44 -13.43 -107.00
CA ASP G 538 -36.38 -12.68 -107.80
C ASP G 538 -37.74 -13.34 -107.79
N PRO G 539 -38.65 -12.83 -108.61
CA PRO G 539 -39.97 -13.40 -108.70
C PRO G 539 -40.08 -14.79 -109.25
N LYS G 540 -39.28 -15.17 -110.27
CA LYS G 540 -39.44 -16.46 -110.89
C LYS G 540 -39.28 -17.47 -109.82
N TYR G 541 -38.23 -17.30 -109.01
CA TYR G 541 -37.98 -18.18 -107.91
C TYR G 541 -39.08 -17.97 -106.91
N GLU G 542 -39.55 -16.72 -106.79
CA GLU G 542 -40.53 -16.37 -105.81
C GLU G 542 -41.76 -17.19 -106.03
N ARG G 543 -42.17 -17.37 -107.30
CA ARG G 543 -43.34 -18.17 -107.50
C ARG G 543 -43.06 -19.58 -107.09
N LEU G 544 -41.85 -20.09 -107.41
CA LEU G 544 -41.53 -21.46 -107.10
C LEU G 544 -41.60 -21.60 -105.63
N VAL G 545 -41.00 -20.65 -104.89
CA VAL G 545 -40.98 -20.80 -103.47
C VAL G 545 -42.37 -20.87 -102.94
N ASN G 546 -43.31 -20.09 -103.53
CA ASN G 546 -44.63 -20.16 -103.00
C ASN G 546 -45.21 -21.51 -103.28
N ALA G 547 -44.85 -22.11 -104.44
CA ALA G 547 -45.40 -23.39 -104.80
C ALA G 547 -45.07 -24.37 -103.71
N ILE G 548 -43.81 -24.36 -103.26
CA ILE G 548 -43.39 -25.28 -102.24
C ILE G 548 -44.11 -24.91 -101.00
N LEU G 549 -44.25 -23.59 -100.77
CA LEU G 549 -44.83 -23.09 -99.56
C LEU G 549 -46.25 -23.53 -99.46
N ASP G 550 -47.04 -23.44 -100.54
CA ASP G 550 -48.41 -23.83 -100.43
C ASP G 550 -48.47 -25.30 -100.17
N PHE G 551 -47.55 -26.07 -100.76
CA PHE G 551 -47.59 -27.49 -100.60
C PHE G 551 -47.38 -27.85 -99.16
N LEU G 552 -46.48 -27.12 -98.46
CA LEU G 552 -46.18 -27.45 -97.10
C LEU G 552 -47.38 -27.30 -96.21
N PRO G 553 -48.10 -26.20 -96.15
CA PRO G 553 -49.28 -26.26 -95.35
C PRO G 553 -50.33 -27.16 -95.90
N LYS G 554 -50.28 -27.49 -97.20
CA LYS G 554 -51.30 -28.32 -97.76
C LYS G 554 -51.25 -29.64 -97.04
N ILE G 555 -50.03 -30.16 -96.87
CA ILE G 555 -49.89 -31.46 -96.29
C ILE G 555 -50.21 -31.40 -94.84
N GLU G 556 -51.12 -32.30 -94.42
CA GLU G 556 -51.66 -32.39 -93.10
C GLU G 556 -50.78 -33.21 -92.21
N GLU G 557 -51.08 -33.13 -90.91
CA GLU G 557 -50.34 -33.80 -89.88
C GLU G 557 -50.33 -35.26 -90.18
N ASN G 558 -49.11 -35.78 -90.34
CA ASN G 558 -48.81 -37.16 -90.57
C ASN G 558 -47.38 -37.27 -90.22
N LEU G 559 -46.83 -38.49 -90.34
CA LEU G 559 -45.44 -38.72 -90.16
C LEU G 559 -44.88 -38.63 -91.55
N ILE G 560 -43.89 -37.71 -91.79
CA ILE G 560 -43.28 -37.62 -93.09
C ILE G 560 -42.51 -38.88 -93.24
N CYS G 561 -41.75 -39.24 -92.19
CA CYS G 561 -40.89 -40.37 -92.25
C CYS G 561 -41.70 -41.56 -92.61
N SER G 562 -41.29 -42.21 -93.72
CA SER G 562 -41.91 -43.34 -94.36
C SER G 562 -40.88 -43.72 -95.35
N LYS G 563 -41.15 -44.42 -96.45
CA LYS G 563 -40.01 -44.31 -97.27
C LYS G 563 -40.02 -43.03 -97.90
N TYR G 564 -38.86 -42.83 -98.43
CA TYR G 564 -38.42 -41.62 -99.00
C TYR G 564 -39.25 -41.34 -100.22
N THR G 565 -39.81 -42.42 -100.77
CA THR G 565 -40.65 -42.47 -101.90
C THR G 565 -41.70 -41.44 -101.80
N ASP G 566 -42.26 -41.35 -100.60
CA ASP G 566 -43.46 -40.59 -100.46
C ASP G 566 -43.24 -39.19 -100.88
N LEU G 567 -42.10 -38.64 -100.52
CA LEU G 567 -41.89 -37.28 -100.83
C LEU G 567 -42.02 -37.18 -102.31
N LEU G 568 -41.41 -38.10 -103.07
CA LEU G 568 -41.40 -37.90 -104.48
C LEU G 568 -42.80 -38.03 -105.02
N ARG G 569 -43.69 -38.96 -104.51
CA ARG G 569 -44.99 -38.98 -105.08
C ARG G 569 -45.77 -37.75 -104.73
N ILE G 570 -45.64 -37.21 -103.51
CA ILE G 570 -46.43 -36.02 -103.29
C ILE G 570 -45.96 -34.91 -104.18
N ALA G 571 -44.66 -34.88 -104.47
CA ALA G 571 -44.10 -33.84 -105.28
C ALA G 571 -44.82 -33.83 -106.60
N LEU G 572 -45.23 -35.03 -107.03
CA LEU G 572 -45.81 -35.29 -108.32
C LEU G 572 -47.08 -34.50 -108.53
N MET G 573 -47.78 -34.09 -107.47
CA MET G 573 -49.09 -33.50 -107.63
C MET G 573 -49.14 -32.27 -108.53
N ALA G 574 -48.26 -31.25 -108.38
CA ALA G 574 -48.42 -30.12 -109.26
C ALA G 574 -47.30 -30.10 -110.25
N GLU G 575 -47.64 -30.12 -111.56
CA GLU G 575 -46.68 -30.22 -112.64
C GLU G 575 -45.80 -29.00 -112.73
N ASP G 576 -46.32 -27.83 -112.37
CA ASP G 576 -45.65 -26.57 -112.51
C ASP G 576 -44.37 -26.40 -111.66
N GLU G 577 -44.01 -27.25 -110.65
CA GLU G 577 -42.95 -26.88 -109.70
C GLU G 577 -41.60 -27.56 -109.79
N ALA G 578 -40.57 -26.82 -109.29
CA ALA G 578 -39.17 -27.17 -109.20
C ALA G 578 -38.95 -28.29 -108.25
N ILE G 579 -39.77 -28.33 -107.19
CA ILE G 579 -39.71 -29.37 -106.21
C ILE G 579 -39.86 -30.69 -106.90
N PHE G 580 -40.82 -30.79 -107.83
CA PHE G 580 -41.05 -32.03 -108.51
C PHE G 580 -39.84 -32.42 -109.29
N GLU G 581 -39.22 -31.45 -109.99
CA GLU G 581 -38.09 -31.81 -110.78
C GLU G 581 -37.05 -32.38 -109.88
N GLU G 582 -36.88 -31.78 -108.68
CA GLU G 582 -35.92 -32.26 -107.73
C GLU G 582 -36.35 -33.62 -107.25
N ALA G 583 -37.65 -33.81 -107.04
CA ALA G 583 -38.15 -35.06 -106.54
C ALA G 583 -37.77 -36.13 -107.51
N HIS G 584 -37.91 -35.84 -108.81
CA HIS G 584 -37.58 -36.82 -109.81
C HIS G 584 -36.10 -37.09 -109.79
N LYS G 585 -35.27 -36.07 -109.58
CA LYS G 585 -33.85 -36.30 -109.60
C LYS G 585 -33.48 -37.21 -108.49
N GLN G 586 -33.98 -36.90 -107.29
CA GLN G 586 -33.63 -37.64 -106.13
C GLN G 586 -34.09 -39.07 -106.25
N VAL G 587 -35.26 -39.28 -106.87
CA VAL G 587 -35.64 -40.63 -107.12
C VAL G 587 -34.56 -41.24 -107.97
N GLN G 588 -34.12 -40.56 -109.02
CA GLN G 588 -33.16 -41.16 -109.91
C GLN G 588 -31.94 -41.56 -109.13
N ARG G 589 -31.38 -40.68 -108.27
CA ARG G 589 -30.25 -41.13 -107.51
C ARG G 589 -30.79 -41.53 -106.16
N UNK G 590 -22.17 -68.15 -95.65
CA UNK G 590 -23.06 -68.09 -96.83
C UNK G 590 -23.66 -66.74 -96.95
N UNK G 591 -24.91 -66.67 -97.46
CA UNK G 591 -25.56 -65.40 -97.60
C UNK G 591 -25.83 -64.88 -96.23
N UNK G 592 -25.76 -63.55 -96.07
CA UNK G 592 -26.00 -62.92 -94.80
C UNK G 592 -27.48 -62.74 -94.65
N UNK G 593 -27.92 -62.31 -93.46
CA UNK G 593 -29.31 -62.14 -93.22
C UNK G 593 -29.81 -61.12 -94.21
N UNK G 594 -31.09 -61.25 -94.57
CA UNK G 594 -31.70 -60.40 -95.55
C UNK G 594 -31.71 -58.97 -95.11
N UNK G 595 -32.03 -58.70 -93.81
CA UNK G 595 -32.03 -57.39 -93.23
C UNK G 595 -32.59 -56.35 -94.15
N UNK G 596 -33.94 -56.27 -94.28
CA UNK G 596 -34.52 -55.29 -95.18
C UNK G 596 -34.95 -54.11 -94.37
N UNK G 597 -34.67 -52.90 -94.91
CA UNK G 597 -35.03 -51.67 -94.25
C UNK G 597 -36.48 -51.43 -94.51
N UNK G 598 -37.13 -50.62 -93.67
CA UNK G 598 -38.52 -50.35 -93.87
C UNK G 598 -38.64 -49.46 -95.06
N UNK G 599 -39.72 -49.62 -95.83
CA UNK G 599 -39.85 -48.77 -96.96
C UNK G 599 -41.24 -48.21 -96.93
N UNK G 600 -41.47 -47.17 -97.71
CA UNK G 600 -42.68 -46.44 -97.71
C UNK G 600 -43.58 -47.44 -98.27
N UNK G 601 -44.80 -47.49 -97.80
CA UNK G 601 -45.68 -48.33 -98.50
C UNK G 601 -46.21 -47.51 -99.62
N UNK G 602 -46.60 -48.19 -100.72
CA UNK G 602 -47.18 -47.45 -101.80
C UNK G 602 -48.37 -46.77 -101.17
N UNK G 603 -48.49 -45.43 -101.28
CA UNK G 603 -49.51 -44.86 -100.42
C UNK G 603 -50.69 -44.11 -101.05
N UNK G 604 -51.99 -44.30 -100.51
CA UNK G 604 -53.30 -43.57 -100.71
C UNK G 604 -54.74 -43.87 -99.60
N UNK G 605 -55.57 -43.12 -98.40
CA UNK G 605 -56.85 -43.10 -97.41
C UNK G 605 -56.85 -42.36 -95.99
N UNK G 606 -56.00 -41.35 -95.65
CA UNK G 606 -55.77 -40.79 -94.31
C UNK G 606 -56.89 -40.10 -93.55
N UNK G 607 -57.78 -39.34 -94.21
CA UNK G 607 -58.75 -38.59 -93.45
C UNK G 607 -59.60 -39.51 -92.65
N UNK G 608 -60.21 -38.92 -91.58
CA UNK G 608 -61.15 -39.53 -90.68
C UNK G 608 -60.44 -39.81 -89.40
N UNK G 609 -61.20 -39.77 -88.29
CA UNK G 609 -60.65 -40.02 -86.99
C UNK G 609 -60.48 -41.49 -86.89
N UNK G 610 -59.35 -41.93 -86.30
CA UNK G 610 -59.16 -43.33 -86.10
C UNK G 610 -60.13 -43.78 -85.07
N UNK G 611 -60.26 -42.98 -84.00
CA UNK G 611 -61.10 -43.31 -82.89
C UNK G 611 -62.34 -42.48 -82.92
N UNK G 612 -63.21 -42.68 -81.91
CA UNK G 612 -64.44 -41.97 -81.81
C UNK G 612 -64.13 -40.53 -81.60
N UNK G 613 -65.12 -39.67 -81.89
CA UNK G 613 -64.93 -38.28 -81.65
C UNK G 613 -65.71 -37.93 -80.43
N UNK G 614 -65.03 -37.32 -79.45
CA UNK G 614 -65.58 -36.92 -78.19
C UNK G 614 -66.55 -35.79 -78.31
N UNK G 615 -66.22 -34.74 -79.09
CA UNK G 615 -67.11 -33.61 -79.08
C UNK G 615 -67.12 -32.94 -80.41
N UNK G 616 -68.19 -32.16 -80.68
CA UNK G 616 -68.32 -31.42 -81.91
C UNK G 616 -68.54 -30.00 -81.51
N UNK G 617 -67.98 -29.05 -82.30
CA UNK G 617 -68.15 -27.66 -81.95
C UNK G 617 -68.28 -26.87 -83.21
N UNK G 618 -68.93 -25.69 -83.13
CA UNK G 618 -69.10 -24.88 -84.29
C UNK G 618 -68.29 -23.63 -84.12
N UNK G 619 -67.63 -23.17 -85.21
CA UNK G 619 -66.84 -21.97 -85.15
C UNK G 619 -67.79 -20.82 -85.14
N UNK G 620 -67.51 -19.79 -84.33
CA UNK G 620 -68.46 -18.72 -84.30
C UNK G 620 -68.48 -17.98 -85.60
N UNK G 621 -67.33 -17.43 -86.03
CA UNK G 621 -67.31 -16.60 -87.22
C UNK G 621 -67.45 -17.35 -88.51
N UNK G 622 -66.57 -18.35 -88.72
CA UNK G 622 -66.49 -18.98 -90.01
C UNK G 622 -67.42 -20.15 -90.08
N UNK G 623 -67.75 -20.55 -91.32
CA UNK G 623 -68.53 -21.74 -91.41
C UNK G 623 -67.54 -22.84 -91.41
N UNK G 624 -67.19 -23.30 -90.20
CA UNK G 624 -66.26 -24.36 -90.03
C UNK G 624 -66.63 -25.00 -88.74
N UNK G 625 -66.34 -26.29 -88.60
CA UNK G 625 -66.67 -26.96 -87.38
C UNK G 625 -65.45 -27.70 -86.95
N UNK G 626 -65.32 -27.92 -85.63
CA UNK G 626 -64.16 -28.61 -85.14
C UNK G 626 -64.63 -29.88 -84.51
N UNK G 627 -63.79 -30.92 -84.56
CA UNK G 627 -64.15 -32.18 -83.99
C UNK G 627 -63.12 -32.54 -82.98
N UNK G 628 -63.54 -33.26 -81.92
CA UNK G 628 -62.64 -33.70 -80.90
C UNK G 628 -62.60 -35.18 -80.99
N UNK G 629 -61.40 -35.75 -80.77
CA UNK G 629 -61.20 -37.16 -80.89
C UNK G 629 -59.80 -37.38 -80.46
N UNK G 630 -59.14 -38.40 -81.04
CA UNK G 630 -57.78 -38.65 -80.69
C UNK G 630 -57.04 -37.39 -81.00
N UNK G 631 -57.38 -36.76 -82.14
CA UNK G 631 -56.77 -35.51 -82.48
C UNK G 631 -57.89 -34.61 -82.89
N UNK G 632 -57.69 -33.27 -82.79
CA UNK G 632 -58.74 -32.40 -83.22
C UNK G 632 -58.64 -32.28 -84.70
N UNK G 633 -59.80 -32.12 -85.37
CA UNK G 633 -59.82 -31.96 -86.79
C UNK G 633 -60.75 -30.84 -87.09
N UNK G 634 -60.50 -30.13 -88.20
CA UNK G 634 -61.37 -29.05 -88.56
C UNK G 634 -61.95 -29.38 -89.89
N UNK G 635 -63.24 -29.09 -90.07
CA UNK G 635 -63.88 -29.38 -91.32
C UNK G 635 -64.89 -28.31 -91.55
N UNK G 636 -65.35 -28.18 -92.81
CA UNK G 636 -66.32 -27.16 -93.08
C UNK G 636 -67.65 -27.84 -93.16
N UNK G 637 -68.64 -27.26 -92.46
CA UNK G 637 -70.00 -27.74 -92.45
C UNK G 637 -70.49 -27.57 -93.84
N UNK G 638 -69.99 -26.52 -94.50
CA UNK G 638 -70.36 -26.16 -95.84
C UNK G 638 -70.05 -27.30 -96.74
N UNK G 639 -70.31 -27.09 -98.04
CA UNK G 639 -70.21 -28.08 -99.06
C UNK G 639 -68.83 -28.65 -99.10
N UNK G 640 -67.79 -27.83 -98.84
CA UNK G 640 -66.45 -28.35 -98.99
C UNK G 640 -66.28 -29.54 -98.10
N UNK G 641 -66.64 -29.41 -96.80
CA UNK G 641 -66.58 -30.48 -95.85
C UNK G 641 -65.28 -31.22 -95.98
N UNK G 642 -64.15 -30.51 -95.93
CA UNK G 642 -62.90 -31.19 -96.08
C UNK G 642 -62.13 -31.03 -94.80
N UNK G 643 -61.23 -31.99 -94.51
CA UNK G 643 -60.48 -31.85 -93.31
C UNK G 643 -59.51 -30.76 -93.58
N UNK G 644 -59.84 -29.53 -93.13
CA UNK G 644 -59.01 -28.40 -93.38
C UNK G 644 -57.71 -28.58 -92.68
N UNK G 645 -57.75 -29.00 -91.41
CA UNK G 645 -56.49 -29.10 -90.71
C UNK G 645 -56.57 -30.14 -89.64
N UNK G 646 -55.40 -30.52 -89.11
CA UNK G 646 -55.24 -31.50 -88.07
C UNK G 646 -54.72 -30.79 -86.85
N UNK G 647 -55.23 -31.19 -85.67
CA UNK G 647 -54.96 -30.64 -84.36
C UNK G 647 -53.55 -30.83 -83.84
N UNK G 648 -52.95 -32.00 -84.06
CA UNK G 648 -51.57 -32.29 -83.78
C UNK G 648 -51.17 -32.60 -82.38
N UNK G 649 -51.87 -31.84 -81.48
CA UNK G 649 -51.71 -31.38 -80.12
C UNK G 649 -51.69 -32.32 -78.92
N UNK G 650 -52.29 -33.55 -78.90
CA UNK G 650 -52.36 -34.16 -77.60
C UNK G 650 -51.70 -35.51 -77.50
N UNK G 651 -50.93 -35.63 -76.42
CA UNK G 651 -50.10 -36.71 -75.98
C UNK G 651 -50.94 -37.85 -75.77
N UNK G 652 -51.86 -37.54 -74.88
CA UNK G 652 -52.75 -38.46 -74.30
C UNK G 652 -53.86 -38.61 -75.25
N UNK G 653 -54.94 -39.24 -74.77
CA UNK G 653 -56.01 -39.54 -75.65
C UNK G 653 -57.30 -39.45 -74.90
N UNK G 654 -58.16 -40.47 -75.12
CA UNK G 654 -59.49 -40.53 -74.60
C UNK G 654 -60.27 -39.53 -75.36
N UNK G 655 -59.71 -39.09 -76.50
CA UNK G 655 -60.29 -38.06 -77.30
C UNK G 655 -60.05 -36.80 -76.56
N UNK G 656 -59.86 -35.67 -77.27
CA UNK G 656 -59.80 -34.48 -76.47
C UNK G 656 -61.18 -34.46 -75.93
N UNK G 657 -61.29 -34.48 -74.60
CA UNK G 657 -62.59 -34.66 -74.02
C UNK G 657 -63.46 -33.55 -74.46
N UNK G 658 -62.94 -32.31 -74.44
CA UNK G 658 -63.80 -31.24 -74.81
C UNK G 658 -63.01 -30.21 -75.56
N UNK G 659 -63.73 -29.31 -76.24
CA UNK G 659 -63.11 -28.22 -76.93
C UNK G 659 -63.98 -27.05 -76.68
N UNK G 660 -63.38 -25.84 -76.63
CA UNK G 660 -64.18 -24.67 -76.43
C UNK G 660 -63.54 -23.59 -77.23
N UNK G 661 -64.36 -22.68 -77.78
CA UNK G 661 -63.81 -21.63 -78.58
C UNK G 661 -64.12 -20.34 -77.90
N UNK G 662 -63.22 -19.36 -78.06
CA UNK G 662 -63.42 -18.05 -77.51
C UNK G 662 -64.45 -17.40 -78.37
N UNK G 663 -65.04 -16.29 -77.89
CA UNK G 663 -66.05 -15.60 -78.62
C UNK G 663 -65.43 -15.13 -79.90
N UNK G 664 -64.17 -14.64 -79.81
CA UNK G 664 -63.45 -14.14 -80.93
C UNK G 664 -63.30 -15.27 -81.91
N UNK G 665 -63.17 -16.50 -81.39
CA UNK G 665 -62.94 -17.66 -82.19
C UNK G 665 -61.52 -17.60 -82.65
N UNK G 666 -60.75 -16.66 -82.04
CA UNK G 666 -59.35 -16.57 -82.29
C UNK G 666 -58.65 -17.75 -81.71
N UNK G 667 -59.05 -18.16 -80.48
CA UNK G 667 -58.35 -19.22 -79.83
C UNK G 667 -59.29 -20.33 -79.48
N UNK G 668 -58.75 -21.56 -79.44
CA UNK G 668 -59.55 -22.70 -79.08
C UNK G 668 -58.84 -23.36 -77.94
N UNK G 669 -59.61 -23.97 -77.01
CA UNK G 669 -59.00 -24.63 -75.90
C UNK G 669 -59.40 -26.06 -75.99
N UNK G 670 -58.50 -26.98 -75.57
CA UNK G 670 -58.82 -28.37 -75.67
C UNK G 670 -58.47 -29.03 -74.37
N UNK G 671 -59.10 -30.20 -74.10
CA UNK G 671 -58.84 -30.92 -72.89
C UNK G 671 -58.48 -32.33 -73.29
N UNK G 672 -57.76 -33.05 -72.41
CA UNK G 672 -57.38 -34.37 -72.82
C UNK G 672 -56.99 -35.18 -71.62
N UNK G 673 -56.61 -36.44 -71.91
CA UNK G 673 -56.17 -37.43 -70.97
C UNK G 673 -54.91 -36.91 -70.35
N UNK G 674 -54.19 -36.07 -71.11
CA UNK G 674 -52.91 -35.54 -70.73
C UNK G 674 -53.11 -34.84 -69.42
N UNK G 675 -54.34 -34.33 -69.18
CA UNK G 675 -54.60 -33.56 -68.01
C UNK G 675 -53.94 -32.26 -68.19
N UNK G 676 -53.76 -31.87 -69.46
CA UNK G 676 -53.22 -30.60 -69.79
C UNK G 676 -54.28 -29.93 -70.62
N UNK G 677 -54.36 -28.60 -70.55
CA UNK G 677 -55.31 -27.96 -71.42
C UNK G 677 -54.49 -27.23 -72.42
N UNK G 678 -54.55 -27.67 -73.67
CA UNK G 678 -53.75 -26.96 -74.60
C UNK G 678 -54.53 -25.75 -74.96
N UNK G 679 -53.82 -24.61 -75.10
CA UNK G 679 -54.53 -23.59 -75.79
C UNK G 679 -54.46 -24.30 -77.06
N UNK G 680 -55.61 -24.90 -77.43
CA UNK G 680 -55.73 -25.85 -78.48
C UNK G 680 -55.13 -25.14 -79.59
N UNK G 681 -55.43 -23.83 -79.64
CA UNK G 681 -54.67 -23.19 -80.63
C UNK G 681 -54.90 -21.74 -80.62
N UNK G 682 -54.01 -21.09 -81.38
CA UNK G 682 -54.04 -19.69 -81.59
C UNK G 682 -52.62 -19.34 -81.99
N UNK G 683 -50.68 -23.64 -86.92
CA UNK G 683 -51.45 -23.53 -85.67
C UNK G 683 -50.82 -24.34 -84.60
N UNK G 684 -50.02 -23.68 -83.74
CA UNK G 684 -49.37 -24.41 -82.71
C UNK G 684 -50.01 -23.99 -81.43
N UNK G 685 -49.96 -24.86 -80.42
CA UNK G 685 -50.59 -24.53 -79.18
C UNK G 685 -49.87 -23.37 -78.61
N UNK G 686 -50.64 -22.35 -78.16
CA UNK G 686 -50.03 -21.19 -77.59
C UNK G 686 -49.33 -21.58 -76.35
N UNK G 687 -49.97 -22.39 -75.50
CA UNK G 687 -49.34 -22.77 -74.27
C UNK G 687 -50.02 -23.99 -73.76
N UNK G 688 -49.36 -24.68 -72.81
CA UNK G 688 -49.95 -25.84 -72.23
C UNK G 688 -50.16 -25.54 -70.78
N UNK G 689 -51.32 -25.92 -70.23
CA UNK G 689 -51.57 -25.65 -68.85
C UNK G 689 -51.66 -26.96 -68.15
N UNK G 690 -50.99 -27.06 -66.98
CA UNK G 690 -51.00 -28.29 -66.26
C UNK G 690 -51.48 -27.97 -64.88
N UNK G 691 -52.00 -28.98 -64.18
CA UNK G 691 -52.55 -28.72 -62.89
C UNK G 691 -53.19 -29.99 -62.45
N UNK G 692 -54.43 -30.19 -62.95
CA UNK G 692 -55.24 -31.31 -62.56
C UNK G 692 -54.46 -32.58 -62.64
N UNK G 693 -54.64 -33.40 -61.59
CA UNK G 693 -54.03 -34.69 -61.40
C UNK G 693 -54.56 -35.67 -62.40
N UNK G 694 -55.85 -35.59 -62.73
CA UNK G 694 -56.45 -36.62 -63.55
C UNK G 694 -56.94 -36.07 -64.83
N UNK G 695 -57.60 -36.94 -65.63
CA UNK G 695 -58.08 -36.58 -66.92
C UNK G 695 -59.01 -35.41 -66.78
N UNK G 696 -58.96 -34.49 -67.77
CA UNK G 696 -59.80 -33.34 -67.71
C UNK G 696 -60.98 -33.59 -68.59
N UNK G 697 -62.16 -33.66 -67.97
CA UNK G 697 -63.41 -33.93 -68.62
C UNK G 697 -63.84 -32.79 -69.50
N UNK G 698 -63.72 -31.52 -69.04
CA UNK G 698 -64.26 -30.49 -69.87
C UNK G 698 -63.51 -29.21 -69.65
N UNK G 699 -63.56 -28.32 -70.67
CA UNK G 699 -62.90 -27.04 -70.58
C UNK G 699 -63.79 -26.05 -71.24
N UNK G 700 -63.68 -24.77 -70.84
CA UNK G 700 -64.51 -23.78 -71.48
C UNK G 700 -63.82 -22.47 -71.36
N UNK G 701 -64.05 -21.58 -72.34
CA UNK G 701 -63.47 -20.27 -72.27
C UNK G 701 -64.56 -19.39 -71.78
N UNK G 702 -64.23 -18.48 -70.83
CA UNK G 702 -65.21 -17.59 -70.30
C UNK G 702 -65.52 -16.60 -71.37
N UNK G 703 -66.75 -16.02 -71.31
CA UNK G 703 -67.14 -15.06 -72.29
C UNK G 703 -66.12 -13.93 -72.26
N UNK G 704 -60.19 -16.62 -67.29
CA UNK G 704 -59.94 -16.97 -68.71
C UNK G 704 -60.61 -18.26 -69.07
N UNK G 705 -60.18 -19.37 -68.44
CA UNK G 705 -60.75 -20.63 -68.81
C UNK G 705 -61.02 -21.42 -67.57
N UNK G 706 -61.98 -22.38 -67.67
CA UNK G 706 -62.31 -23.20 -66.56
C UNK G 706 -62.26 -24.63 -67.03
N UNK G 707 -61.90 -25.55 -66.12
CA UNK G 707 -61.82 -26.94 -66.49
C UNK G 707 -62.32 -27.73 -65.33
N UNK G 708 -62.72 -28.99 -65.59
CA UNK G 708 -63.19 -29.86 -64.55
C UNK G 708 -62.44 -31.14 -64.73
N UNK G 709 -62.24 -31.91 -63.64
CA UNK G 709 -61.45 -33.09 -63.80
C UNK G 709 -61.91 -34.17 -62.87
N UNK G 710 -61.28 -35.34 -63.04
CA UNK G 710 -61.45 -36.54 -62.26
C UNK G 710 -61.03 -36.15 -60.89
N UNK G 711 -60.15 -35.13 -60.85
CA UNK G 711 -59.59 -34.58 -59.66
C UNK G 711 -60.74 -34.18 -58.79
N UNK G 712 -61.91 -33.91 -59.41
CA UNK G 712 -63.06 -33.48 -58.68
C UNK G 712 -62.79 -32.10 -58.23
N UNK G 713 -62.01 -31.38 -59.05
CA UNK G 713 -61.71 -30.01 -58.77
C UNK G 713 -62.08 -29.23 -59.98
N UNK G 714 -62.38 -27.93 -59.78
CA UNK G 714 -62.64 -27.05 -60.86
C UNK G 714 -61.55 -26.05 -60.79
N UNK G 715 -60.92 -25.71 -61.94
CA UNK G 715 -59.84 -24.80 -61.85
C UNK G 715 -60.03 -23.72 -62.85
N UNK G 716 -59.52 -22.52 -62.53
CA UNK G 716 -59.61 -21.41 -63.43
C UNK G 716 -58.21 -21.12 -63.87
N UNK G 717 -58.00 -20.85 -65.17
CA UNK G 717 -56.67 -20.61 -65.62
C UNK G 717 -56.64 -19.29 -66.32
N UNK G 718 -55.47 -18.63 -66.29
CA UNK G 718 -55.35 -17.37 -66.96
C UNK G 718 -54.92 -17.69 -68.34
N UNK G 719 -55.22 -19.43 -60.85
CA UNK G 719 -55.93 -18.56 -59.96
C UNK G 719 -56.92 -19.24 -59.05
N UNK G 720 -57.80 -20.12 -59.56
CA UNK G 720 -58.82 -20.55 -58.67
C UNK G 720 -58.97 -22.02 -58.68
N UNK G 721 -59.47 -22.56 -57.55
CA UNK G 721 -59.78 -23.94 -57.41
C UNK G 721 -61.10 -23.99 -56.73
N UNK G 722 -61.98 -24.93 -57.11
CA UNK G 722 -63.25 -24.95 -56.46
C UNK G 722 -63.39 -26.26 -55.76
N UNK G 723 -63.61 -26.19 -54.43
CA UNK G 723 -63.85 -27.39 -53.68
C UNK G 723 -65.24 -27.76 -54.02
N UNK G 724 -65.58 -29.06 -53.96
CA UNK G 724 -66.90 -29.39 -54.39
C UNK G 724 -67.19 -30.80 -54.04
N UNK G 725 -68.05 -31.43 -54.86
CA UNK G 725 -68.49 -32.77 -54.66
C UNK G 725 -67.33 -33.70 -54.61
N UNK G 726 -67.54 -34.83 -53.91
CA UNK G 726 -66.55 -35.85 -53.72
C UNK G 726 -66.22 -36.49 -55.03
N UNK G 727 -67.25 -36.73 -55.88
CA UNK G 727 -67.08 -37.43 -57.12
C UNK G 727 -66.40 -36.56 -58.14
N UNK G 728 -65.97 -37.19 -59.25
CA UNK G 728 -65.30 -36.50 -60.32
C UNK G 728 -66.28 -35.59 -60.96
N UNK G 729 -65.78 -34.51 -61.61
CA UNK G 729 -66.67 -33.56 -62.23
C UNK G 729 -66.62 -33.75 -63.71
N UNK G 730 -67.80 -34.04 -64.30
CA UNK G 730 -67.98 -34.26 -65.71
C UNK G 730 -67.81 -33.02 -66.53
N UNK G 731 -68.41 -31.88 -66.13
CA UNK G 731 -68.32 -30.76 -67.02
C UNK G 731 -68.51 -29.48 -66.27
N UNK G 732 -68.07 -28.36 -66.89
CA UNK G 732 -68.25 -27.07 -66.29
C UNK G 732 -68.73 -26.16 -67.36
N UNK G 733 -69.69 -25.27 -67.01
CA UNK G 733 -70.17 -24.36 -68.01
C UNK G 733 -70.32 -23.03 -67.36
N UNK G 734 -69.96 -21.96 -68.10
CA UNK G 734 -70.11 -20.64 -67.59
C UNK G 734 -71.48 -20.16 -67.93
N UNK G 735 -71.95 -19.13 -67.17
CA UNK G 735 -73.22 -18.54 -67.46
C UNK G 735 -72.97 -17.54 -68.55
N UNK G 736 -74.04 -17.13 -69.25
CA UNK G 736 -73.90 -16.17 -70.31
C UNK G 736 -73.36 -14.94 -69.67
N UNK G 737 -73.88 -14.62 -68.47
CA UNK G 737 -73.45 -13.49 -67.71
C UNK G 737 -72.01 -13.73 -67.39
N UNK G 738 -71.66 -15.02 -67.25
CA UNK G 738 -70.35 -15.43 -66.84
C UNK G 738 -70.28 -15.15 -65.38
N UNK G 739 -71.44 -14.80 -64.80
CA UNK G 739 -71.56 -14.55 -63.41
C UNK G 739 -71.35 -15.82 -62.64
N UNK G 740 -71.92 -16.94 -63.12
CA UNK G 740 -71.84 -18.15 -62.33
C UNK G 740 -71.42 -19.30 -63.19
N UNK G 741 -71.01 -20.40 -62.54
CA UNK G 741 -70.58 -21.57 -63.25
C UNK G 741 -71.38 -22.74 -62.79
N UNK G 742 -71.63 -23.70 -63.70
CA UNK G 742 -72.37 -24.87 -63.36
C UNK G 742 -71.44 -26.03 -63.54
N UNK G 743 -71.46 -26.97 -62.58
CA UNK G 743 -70.59 -28.11 -62.67
C UNK G 743 -71.46 -29.32 -62.60
N UNK G 744 -71.00 -30.42 -63.23
CA UNK G 744 -71.75 -31.63 -63.18
C UNK G 744 -70.80 -32.67 -62.69
N UNK G 745 -71.31 -33.62 -61.90
CA UNK G 745 -70.45 -34.63 -61.36
C UNK G 745 -71.30 -35.81 -61.08
N UNK G 746 -70.67 -36.90 -60.60
CA UNK G 746 -71.45 -38.06 -60.30
C UNK G 746 -72.41 -37.68 -59.22
N UNK G 747 -71.94 -36.93 -58.20
CA UNK G 747 -72.75 -36.62 -57.07
C UNK G 747 -73.91 -35.74 -57.43
N UNK G 748 -73.69 -34.63 -58.17
CA UNK G 748 -74.81 -33.77 -58.42
C UNK G 748 -74.36 -32.66 -59.32
N UNK G 749 -75.29 -31.73 -59.64
CA UNK G 749 -74.92 -30.61 -60.44
C UNK G 749 -74.94 -29.43 -59.54
N UNK G 750 -73.87 -28.61 -59.55
CA UNK G 750 -73.84 -27.51 -58.65
C UNK G 750 -73.58 -26.26 -59.42
N UNK G 751 -74.14 -25.14 -58.94
CA UNK G 751 -73.91 -23.87 -59.55
C UNK G 751 -73.08 -23.10 -58.57
N UNK G 752 -72.06 -22.39 -59.07
CA UNK G 752 -71.21 -21.68 -58.15
C UNK G 752 -71.04 -20.28 -58.65
N UNK G 753 -70.82 -19.34 -57.71
CA UNK G 753 -70.60 -17.97 -58.06
C UNK G 753 -69.19 -17.86 -58.52
N UNK G 754 -68.88 -16.78 -59.25
CA UNK G 754 -67.55 -16.59 -59.77
C UNK G 754 -66.59 -16.49 -58.58
N UNK G 755 -71.89 -21.50 -53.30
CA UNK G 755 -72.92 -22.55 -53.20
C UNK G 755 -74.29 -21.96 -53.14
N UNK G 756 -74.72 -21.33 -54.26
CA UNK G 756 -76.03 -20.73 -54.30
C UNK G 756 -77.03 -21.81 -54.12
N UNK G 757 -76.85 -22.94 -54.84
CA UNK G 757 -77.78 -24.02 -54.72
C UNK G 757 -77.24 -25.16 -55.52
N UNK G 758 -77.83 -26.35 -55.32
CA UNK G 758 -77.38 -27.50 -56.07
C UNK G 758 -78.56 -28.37 -56.32
N UNK G 759 -78.53 -29.17 -57.40
CA UNK G 759 -79.66 -29.99 -57.69
C UNK G 759 -79.56 -31.28 -56.96
N UNK G 760 -80.42 -31.42 -55.95
CA UNK G 760 -80.61 -32.56 -55.11
C UNK G 760 -81.26 -33.64 -55.91
N UNK G 761 -82.06 -33.24 -56.91
CA UNK G 761 -82.95 -34.11 -57.61
C UNK G 761 -82.23 -35.32 -58.14
N UNK G 762 -81.01 -35.18 -58.67
CA UNK G 762 -80.35 -36.36 -59.18
C UNK G 762 -80.20 -37.29 -58.02
N UNK G 763 -79.76 -36.75 -56.88
CA UNK G 763 -79.66 -37.50 -55.65
C UNK G 763 -78.69 -38.62 -55.77
N UNK G 764 -78.13 -38.99 -54.60
CA UNK G 764 -77.22 -40.10 -54.45
C UNK G 764 -78.00 -41.33 -54.76
N UNK G 765 -79.28 -41.35 -54.37
CA UNK G 765 -80.12 -42.49 -54.58
C UNK G 765 -80.11 -42.78 -56.03
N UNK G 766 -80.54 -44.01 -56.41
CA UNK G 766 -80.46 -44.47 -57.76
C UNK G 766 -81.04 -43.42 -58.66
N UNK G 767 -80.10 -42.73 -59.32
CA UNK G 767 -80.27 -41.67 -60.26
C UNK G 767 -78.98 -40.95 -60.09
N UNK G 768 -78.26 -40.68 -61.18
CA UNK G 768 -76.98 -40.09 -60.93
C UNK G 768 -76.24 -40.03 -62.22
N UNK G 769 -74.89 -39.89 -62.11
CA UNK G 769 -74.04 -39.80 -63.25
C UNK G 769 -74.58 -38.78 -64.20
N UNK G 770 -74.54 -37.50 -63.79
CA UNK G 770 -75.03 -36.47 -64.67
C UNK G 770 -73.91 -36.09 -65.60
N UNK G 771 -74.08 -36.50 -66.87
CA UNK G 771 -73.17 -36.30 -67.96
C UNK G 771 -73.11 -34.88 -68.45
N UNK G 772 -74.25 -34.17 -68.56
CA UNK G 772 -74.11 -32.91 -69.24
C UNK G 772 -74.92 -31.84 -68.59
N UNK G 773 -74.58 -30.59 -68.93
CA UNK G 773 -75.31 -29.46 -68.45
C UNK G 773 -75.27 -28.45 -69.53
N UNK G 774 -76.37 -27.70 -69.69
CA UNK G 774 -76.38 -26.67 -70.67
C UNK G 774 -77.06 -25.54 -70.02
N UNK G 775 -76.70 -24.32 -70.42
CA UNK G 775 -77.31 -23.18 -69.84
C UNK G 775 -78.32 -22.76 -70.82
N UNK G 776 -79.45 -22.30 -70.29
CA UNK G 776 -80.52 -21.88 -71.13
C UNK G 776 -80.16 -20.55 -71.71
N UNK G 777 -80.93 -20.18 -72.74
CA UNK G 777 -80.94 -18.90 -73.40
C UNK G 777 -81.59 -18.06 -72.37
N UNK G 778 -82.92 -17.74 -72.45
CA UNK G 778 -83.53 -17.17 -71.26
C UNK G 778 -83.31 -18.30 -70.16
N UNK G 779 -83.17 -18.04 -68.70
CA UNK G 779 -82.64 -18.63 -67.37
C UNK G 779 -83.05 -19.98 -66.79
N UNK G 780 -82.01 -20.84 -66.67
CA UNK G 780 -82.15 -22.17 -66.16
C UNK G 780 -80.96 -22.95 -66.65
N UNK G 781 -80.88 -24.22 -66.25
CA UNK G 781 -79.82 -25.08 -66.67
C UNK G 781 -80.46 -26.40 -66.98
N UNK G 782 -79.83 -27.18 -67.86
CA UNK G 782 -80.40 -28.47 -68.17
C UNK G 782 -79.32 -29.47 -68.01
N UNK G 783 -79.70 -30.67 -67.52
CA UNK G 783 -78.71 -31.68 -67.34
C UNK G 783 -79.30 -32.98 -67.78
N UNK G 784 -78.43 -33.94 -68.11
CA UNK G 784 -78.87 -35.24 -68.50
C UNK G 784 -77.92 -36.20 -67.85
N UNK G 785 -78.38 -37.43 -67.51
CA UNK G 785 -77.49 -38.33 -66.85
C UNK G 785 -77.37 -39.60 -67.64
N UNK G 786 -76.13 -40.12 -67.74
CA UNK G 786 -75.82 -41.35 -68.39
C UNK G 786 -76.40 -42.48 -67.59
N UNK G 787 -76.40 -42.29 -66.26
CA UNK G 787 -76.77 -43.27 -65.28
C UNK G 787 -78.17 -43.73 -65.48
N UNK G 788 -78.66 -44.46 -64.47
CA UNK G 788 -79.92 -45.13 -64.53
C UNK G 788 -80.99 -44.13 -64.85
N UNK G 789 -80.89 -42.89 -64.31
CA UNK G 789 -81.93 -41.96 -64.60
C UNK G 789 -82.00 -41.77 -66.09
N UNK G 790 -80.84 -41.52 -66.73
CA UNK G 790 -80.77 -41.37 -68.16
C UNK G 790 -81.86 -40.45 -68.61
N UNK G 791 -82.05 -39.31 -67.93
CA UNK G 791 -83.13 -38.48 -68.40
C UNK G 791 -82.67 -37.08 -68.39
N UNK G 792 -83.34 -36.23 -69.19
CA UNK G 792 -83.02 -34.84 -69.17
C UNK G 792 -83.70 -34.29 -67.97
N UNK G 793 -83.09 -33.26 -67.35
CA UNK G 793 -83.71 -32.65 -66.22
C UNK G 793 -83.72 -31.20 -66.54
N UNK G 794 -84.83 -30.52 -66.22
CA UNK G 794 -84.87 -29.12 -66.48
C UNK G 794 -85.18 -28.45 -65.20
N UNK G 795 -84.51 -27.32 -64.93
CA UNK G 795 -84.77 -26.65 -63.69
C UNK G 795 -84.23 -25.27 -63.80
N UNK G 796 -84.70 -24.38 -62.90
CA UNK G 796 -84.20 -23.04 -62.85
C UNK G 796 -83.31 -22.98 -61.66
N UNK G 797 -82.15 -22.33 -61.81
CA UNK G 797 -81.21 -22.30 -60.72
C UNK G 797 -81.81 -21.56 -59.58
N UNK G 798 -82.46 -20.42 -59.83
CA UNK G 798 -82.95 -19.66 -58.73
C UNK G 798 -83.97 -20.47 -58.00
N UNK G 799 -84.93 -21.06 -58.73
CA UNK G 799 -85.99 -21.82 -58.12
C UNK G 799 -85.42 -23.03 -57.46
N UNK G 800 -84.42 -23.69 -58.09
CA UNK G 800 -83.89 -24.90 -57.55
C UNK G 800 -84.95 -25.96 -57.60
N UNK G 801 -85.91 -25.81 -58.53
CA UNK G 801 -86.94 -26.80 -58.67
C UNK G 801 -86.82 -27.34 -60.07
N UNK G 802 -87.17 -28.63 -60.26
CA UNK G 802 -87.06 -29.21 -61.57
C UNK G 802 -88.38 -29.00 -62.24
N UNK G 803 -88.36 -28.32 -63.39
CA UNK G 803 -89.58 -28.05 -64.08
C UNK G 803 -90.20 -29.33 -64.55
N UNK G 804 -89.39 -30.22 -65.16
CA UNK G 804 -89.96 -31.46 -65.62
C UNK G 804 -88.86 -32.36 -66.04
N UNK G 805 -89.16 -33.66 -66.17
CA UNK G 805 -88.16 -34.59 -66.59
C UNK G 805 -88.63 -35.22 -67.87
N UNK G 806 -87.72 -35.41 -68.85
CA UNK G 806 -88.12 -35.99 -70.10
C UNK G 806 -87.49 -37.36 -70.18
N UNK G 807 -88.26 -38.38 -70.63
CA UNK G 807 -87.75 -39.73 -70.69
C UNK G 807 -86.80 -39.92 -71.89
N UNK G 808 -85.74 -40.81 -71.78
CA UNK G 808 -84.64 -41.11 -72.76
C UNK G 808 -84.03 -42.64 -72.70
N UNK G 809 -82.70 -43.05 -73.23
CA UNK G 809 -81.68 -44.23 -73.38
C UNK G 809 -80.57 -43.94 -72.38
N UNK G 810 -79.44 -43.26 -72.72
CA UNK G 810 -78.53 -42.67 -71.78
C UNK G 810 -78.16 -41.40 -72.49
N UNK G 811 -78.22 -40.22 -71.82
CA UNK G 811 -78.04 -39.01 -72.57
C UNK G 811 -76.63 -38.52 -72.45
N UNK G 812 -75.96 -38.50 -73.62
CA UNK G 812 -74.63 -38.01 -73.79
C UNK G 812 -74.57 -36.52 -73.72
N UNK G 813 -75.51 -35.81 -74.39
CA UNK G 813 -75.37 -34.37 -74.41
C UNK G 813 -76.71 -33.74 -74.51
N UNK G 814 -76.83 -32.53 -73.95
CA UNK G 814 -78.07 -31.82 -74.00
C UNK G 814 -77.78 -30.47 -74.54
N UNK G 815 -78.72 -29.91 -75.31
CA UNK G 815 -78.51 -28.61 -75.86
C UNK G 815 -79.84 -27.95 -75.98
N UNK G 816 -79.84 -26.61 -76.05
CA UNK G 816 -81.07 -25.92 -76.20
C UNK G 816 -81.01 -25.28 -77.54
N UNK G 817 -82.15 -25.19 -78.25
CA UNK G 817 -82.07 -24.56 -79.53
C UNK G 817 -81.72 -23.15 -79.26
N UNK G 818 -80.63 -22.68 -79.90
CA UNK G 818 -80.19 -21.33 -79.69
C UNK G 818 -81.19 -20.40 -80.24
N UNK G 819 -81.67 -20.71 -81.45
CA UNK G 819 -82.54 -19.83 -82.16
C UNK G 819 -81.74 -18.61 -82.48
N UNK G 820 -81.83 -18.17 -83.74
CA UNK G 820 -81.10 -17.00 -84.15
C UNK G 820 -81.89 -15.81 -83.71
N UNK G 821 -81.27 -14.62 -83.81
CA UNK G 821 -81.90 -13.38 -83.46
C UNK G 821 -82.59 -13.52 -82.15
N UNK G 822 -81.80 -13.49 -81.06
CA UNK G 822 -82.32 -13.67 -79.74
C UNK G 822 -82.47 -15.13 -79.62
N UNK G 823 -82.54 -15.65 -78.39
CA UNK G 823 -82.60 -17.07 -78.34
C UNK G 823 -83.97 -17.45 -77.89
N UNK G 824 -84.47 -18.54 -78.47
CA UNK G 824 -85.75 -19.06 -78.09
C UNK G 824 -85.59 -20.53 -78.13
N UNK G 825 -86.15 -21.24 -77.13
CA UNK G 825 -86.02 -22.66 -77.28
C UNK G 825 -87.38 -23.26 -77.37
N UNK G 826 -87.83 -23.56 -78.60
CA UNK G 826 -89.08 -24.22 -78.80
C UNK G 826 -88.94 -25.62 -78.31
N UNK G 827 -87.80 -26.24 -78.64
CA UNK G 827 -87.57 -27.61 -78.30
C UNK G 827 -86.13 -27.74 -77.93
N UNK G 828 -85.77 -28.87 -77.31
CA UNK G 828 -84.40 -29.08 -76.91
C UNK G 828 -83.85 -30.18 -77.75
N UNK G 829 -82.54 -30.12 -78.02
CA UNK G 829 -81.92 -31.14 -78.81
C UNK G 829 -81.04 -31.92 -77.90
N UNK G 830 -81.05 -33.25 -78.07
CA UNK G 830 -80.22 -34.05 -77.23
C UNK G 830 -79.74 -35.20 -78.04
N UNK G 831 -78.56 -35.73 -77.64
CA UNK G 831 -78.00 -36.86 -78.31
C UNK G 831 -77.84 -37.88 -77.24
N UNK G 832 -77.93 -39.17 -77.60
CA UNK G 832 -77.83 -40.17 -76.59
C UNK G 832 -76.88 -41.22 -77.00
N UNK G 833 -76.34 -41.92 -75.99
CA UNK G 833 -75.45 -43.01 -76.21
C UNK G 833 -76.28 -44.22 -76.44
N UNK G 834 -75.65 -45.25 -77.04
CA UNK G 834 -76.34 -46.48 -77.26
C UNK G 834 -75.44 -47.55 -76.78
N UNK G 835 -76.03 -48.55 -76.11
CA UNK G 835 -75.38 -49.70 -75.58
C UNK G 835 -75.43 -50.73 -76.65
N UNK G 836 -75.12 -51.99 -76.29
CA UNK G 836 -75.11 -53.02 -77.30
C UNK G 836 -76.47 -53.04 -77.93
N UNK G 837 -77.55 -53.06 -77.14
CA UNK G 837 -78.81 -53.01 -77.82
C UNK G 837 -78.83 -51.65 -78.43
N UNK G 838 -79.26 -51.53 -79.71
CA UNK G 838 -79.15 -50.21 -80.23
C UNK G 838 -80.50 -49.57 -80.26
N UNK G 839 -81.06 -49.25 -79.08
CA UNK G 839 -82.28 -48.53 -79.09
C UNK G 839 -82.04 -47.08 -79.40
N UNK G 840 -81.15 -46.41 -78.61
CA UNK G 840 -81.11 -45.00 -78.83
C UNK G 840 -79.78 -44.52 -79.28
N UNK G 841 -79.62 -44.60 -80.61
CA UNK G 841 -78.60 -44.08 -81.46
C UNK G 841 -78.87 -42.63 -81.75
N UNK G 842 -80.14 -42.24 -81.64
CA UNK G 842 -80.63 -41.00 -82.18
C UNK G 842 -80.31 -39.74 -81.43
N UNK G 843 -80.48 -38.64 -82.18
CA UNK G 843 -80.45 -37.31 -81.67
C UNK G 843 -81.89 -36.95 -81.66
N UNK G 844 -82.41 -36.48 -80.52
CA UNK G 844 -83.82 -36.24 -80.52
C UNK G 844 -84.08 -34.84 -80.13
N UNK G 845 -85.14 -34.27 -80.73
CA UNK G 845 -85.52 -32.95 -80.38
C UNK G 845 -86.76 -33.14 -79.57
N UNK G 846 -86.82 -32.51 -78.39
CA UNK G 846 -87.99 -32.71 -77.61
C UNK G 846 -88.74 -31.43 -77.57
N UNK G 847 -90.03 -31.47 -77.91
CA UNK G 847 -90.79 -30.26 -77.81
C UNK G 847 -90.84 -29.98 -76.35
N UNK G 848 -90.48 -28.76 -75.95
CA UNK G 848 -90.49 -28.46 -74.56
C UNK G 848 -91.94 -28.30 -74.15
N UNK G 849 -93.51 -35.22 -75.32
CA UNK G 849 -92.57 -36.31 -75.66
C UNK G 849 -91.65 -35.85 -76.74
N UNK G 850 -90.64 -36.68 -77.08
CA UNK G 850 -89.77 -36.23 -78.12
C UNK G 850 -90.61 -36.13 -79.36
N UNK G 851 -90.49 -34.99 -80.07
CA UNK G 851 -91.27 -34.79 -81.24
C UNK G 851 -90.86 -35.77 -82.28
N UNK G 852 -89.53 -35.93 -82.48
CA UNK G 852 -89.11 -36.84 -83.50
C UNK G 852 -87.72 -37.27 -83.20
N UNK G 853 -87.32 -38.42 -83.76
CA UNK G 853 -85.99 -38.89 -83.54
C UNK G 853 -85.46 -39.30 -84.87
N UNK G 854 -74.88 -46.97 -86.32
CA UNK G 854 -74.97 -47.79 -85.15
C UNK G 854 -73.79 -47.42 -84.33
N UNK G 855 -74.05 -46.91 -83.10
CA UNK G 855 -72.99 -46.52 -82.21
C UNK G 855 -73.58 -45.50 -81.31
N UNK G 856 -72.79 -45.09 -80.30
CA UNK G 856 -73.27 -44.05 -79.45
C UNK G 856 -72.93 -42.76 -80.13
N UNK G 857 -73.76 -41.73 -79.91
CA UNK G 857 -73.42 -40.45 -80.45
C UNK G 857 -72.89 -39.70 -79.27
N UNK G 858 -71.58 -39.43 -79.27
CA UNK G 858 -70.96 -38.81 -78.13
C UNK G 858 -71.45 -37.42 -77.92
N UNK G 859 -71.52 -36.60 -79.00
CA UNK G 859 -71.86 -35.23 -78.77
C UNK G 859 -72.66 -34.72 -79.92
N UNK G 860 -73.13 -33.47 -79.80
CA UNK G 860 -73.89 -32.84 -80.84
C UNK G 860 -73.63 -31.37 -80.73
N UNK G 861 -73.99 -30.62 -81.79
CA UNK G 861 -73.83 -29.19 -81.73
C UNK G 861 -74.89 -28.58 -82.59
N UNK G 862 -75.42 -27.43 -82.13
CA UNK G 862 -76.44 -26.74 -82.89
C UNK G 862 -75.90 -25.36 -83.14
N UNK G 863 -76.30 -24.74 -84.26
CA UNK G 863 -75.78 -23.43 -84.55
C UNK G 863 -76.87 -22.43 -84.37
N UNK G 864 -76.55 -21.33 -83.66
CA UNK G 864 -77.53 -20.30 -83.46
C UNK G 864 -77.85 -19.64 -84.76
N UNK G 865 -76.79 -19.26 -85.50
CA UNK G 865 -76.95 -18.54 -86.72
C UNK G 865 -77.59 -19.37 -87.79
N UNK G 866 -77.12 -20.62 -87.98
CA UNK G 866 -77.60 -21.38 -89.08
C UNK G 866 -78.25 -22.62 -88.57
N UNK G 867 -79.17 -23.18 -89.37
CA UNK G 867 -79.79 -24.39 -88.95
C UNK G 867 -78.96 -25.50 -89.49
N UNK G 868 -78.22 -26.17 -88.59
CA UNK G 868 -77.40 -27.29 -88.94
C UNK G 868 -77.06 -27.91 -87.65
N UNK G 869 -76.74 -29.22 -87.66
CA UNK G 869 -76.38 -29.84 -86.42
C UNK G 869 -75.27 -30.77 -86.74
N UNK G 870 -74.36 -31.00 -85.77
CA UNK G 870 -73.27 -31.90 -86.03
C UNK G 870 -73.37 -33.00 -85.02
N UNK G 871 -72.97 -34.22 -85.42
CA UNK G 871 -73.03 -35.33 -84.51
C UNK G 871 -71.71 -36.04 -84.58
N UNK G 872 -71.29 -36.60 -83.43
CA UNK G 872 -70.05 -37.32 -83.36
C UNK G 872 -70.37 -38.64 -82.74
N UNK G 873 -69.59 -39.70 -83.06
CA UNK G 873 -69.92 -40.98 -82.49
C UNK G 873 -68.74 -41.54 -81.74
N UNK G 874 -69.05 -42.04 -80.52
CA UNK G 874 -68.20 -42.64 -79.52
C UNK G 874 -67.68 -44.00 -79.87
N UNK G 875 -68.46 -44.84 -80.58
CA UNK G 875 -67.91 -46.14 -80.73
C UNK G 875 -66.70 -46.09 -81.61
N UNK G 876 -65.58 -46.63 -81.10
CA UNK G 876 -64.37 -46.75 -81.86
C UNK G 876 -64.48 -48.07 -82.55
N UNK G 877 -63.77 -48.25 -83.68
CA UNK G 877 -63.90 -49.48 -84.41
C UNK G 877 -65.34 -49.62 -84.71
N UNK G 878 -65.97 -48.45 -84.95
CA UNK G 878 -67.36 -48.32 -85.21
C UNK G 878 -67.47 -47.07 -85.99
N UNK G 879 -68.63 -46.38 -85.92
CA UNK G 879 -68.67 -45.19 -86.71
C UNK G 879 -68.09 -44.06 -85.95
N UNK G 880 -66.90 -43.60 -86.38
CA UNK G 880 -66.36 -42.40 -85.82
C UNK G 880 -66.53 -41.45 -86.96
N UNK G 881 -67.60 -40.63 -86.89
CA UNK G 881 -67.84 -39.79 -88.01
C UNK G 881 -68.58 -38.59 -87.56
N UNK G 882 -68.47 -37.51 -88.35
CA UNK G 882 -69.19 -36.33 -88.02
C UNK G 882 -70.32 -36.23 -88.99
N UNK G 883 -71.54 -36.05 -88.47
CA UNK G 883 -72.66 -35.92 -89.35
C UNK G 883 -73.22 -34.57 -89.12
N UNK G 884 -73.49 -33.82 -90.20
CA UNK G 884 -74.05 -32.51 -90.00
C UNK G 884 -75.30 -32.43 -90.81
N UNK G 885 -76.47 -32.26 -90.19
CA UNK G 885 -77.60 -32.29 -91.09
C UNK G 885 -78.68 -31.38 -90.63
N UNK G 886 -79.42 -30.78 -91.58
CA UNK G 886 -80.54 -30.06 -91.05
C UNK G 886 -81.54 -31.07 -90.53
N UNK G 887 -82.35 -31.68 -91.42
CA UNK G 887 -83.18 -32.80 -91.06
C UNK G 887 -82.66 -34.15 -91.46
N UNK G 888 -82.57 -34.30 -92.79
CA UNK G 888 -82.28 -35.55 -93.46
C UNK G 888 -80.82 -35.73 -93.39
N UNK G 889 -80.33 -36.94 -93.74
CA UNK G 889 -78.92 -37.16 -93.65
C UNK G 889 -78.26 -36.13 -94.50
N UNK G 890 -77.27 -35.44 -93.91
CA UNK G 890 -76.59 -34.41 -94.62
C UNK G 890 -75.22 -34.33 -94.04
N UNK G 891 -74.31 -33.67 -94.77
CA UNK G 891 -72.95 -33.46 -94.36
C UNK G 891 -72.13 -34.55 -94.94
N UNK G 892 -70.81 -34.50 -94.70
CA UNK G 892 -69.96 -35.46 -95.33
C UNK G 892 -69.37 -36.38 -94.32
N UNK G 893 -68.96 -37.56 -94.79
CA UNK G 893 -68.33 -38.55 -93.97
C UNK G 893 -66.94 -38.73 -94.51
N UNK G 894 -65.98 -39.10 -93.64
CA UNK G 894 -64.64 -39.21 -94.13
C UNK G 894 -64.29 -40.65 -94.32
N UNK G 895 -63.61 -40.98 -95.44
CA UNK G 895 -63.25 -42.36 -95.63
C UNK G 895 -62.03 -42.62 -94.80
N UNK G 896 -61.73 -43.80 -94.24
CA UNK G 896 -60.48 -43.89 -93.46
C UNK G 896 -59.36 -44.62 -94.18
N UNK G 897 -58.32 -45.12 -93.48
CA UNK G 897 -56.99 -45.35 -94.08
C UNK G 897 -56.06 -46.60 -93.69
N UNK G 898 -54.54 -46.54 -93.66
CA UNK G 898 -53.32 -47.41 -93.32
C UNK G 898 -53.67 -48.67 -94.01
N UNK G 899 -53.03 -49.84 -93.79
CA UNK G 899 -53.67 -50.85 -94.59
C UNK G 899 -54.11 -52.03 -93.77
N UNK G 900 -55.40 -52.39 -93.90
CA UNK G 900 -55.93 -53.57 -93.29
C UNK G 900 -55.38 -54.78 -94.00
N UNK G 901 -55.42 -54.75 -95.36
CA UNK G 901 -54.98 -55.88 -96.13
C UNK G 901 -54.67 -55.38 -97.50
N UNK G 902 -53.93 -56.17 -98.31
CA UNK G 902 -53.65 -55.67 -99.62
C UNK G 902 -53.53 -56.84 -100.55
N UNK G 903 -53.76 -56.58 -101.85
CA UNK G 903 -53.60 -57.59 -102.85
C UNK G 903 -53.00 -56.93 -104.03
N UNK G 904 -52.00 -57.57 -104.66
CA UNK G 904 -51.38 -56.99 -105.81
C UNK G 904 -52.17 -57.36 -107.02
N UNK G 905 -52.04 -56.57 -108.10
CA UNK G 905 -52.73 -56.91 -109.31
C UNK G 905 -52.02 -58.09 -109.87
N UNK G 906 -52.77 -59.04 -110.47
CA UNK G 906 -52.08 -60.19 -110.97
C UNK G 906 -51.17 -59.75 -112.08
N UNK G 907 -51.73 -59.01 -113.05
CA UNK G 907 -50.99 -58.56 -114.19
C UNK G 907 -49.97 -57.54 -113.81
N UNK G 908 -50.35 -56.58 -112.94
CA UNK G 908 -49.46 -55.49 -112.70
C UNK G 908 -48.99 -55.49 -111.28
N UNK G 909 -47.83 -54.84 -111.07
CA UNK G 909 -47.14 -54.70 -109.82
C UNK G 909 -47.99 -53.89 -108.88
N UNK G 910 -48.75 -52.92 -109.41
CA UNK G 910 -49.50 -51.97 -108.64
C UNK G 910 -50.25 -52.67 -107.55
N UNK G 911 -50.44 -51.98 -106.41
CA UNK G 911 -51.04 -52.63 -105.30
C UNK G 911 -52.35 -51.99 -104.98
N UNK G 912 -53.27 -52.83 -104.49
CA UNK G 912 -54.55 -52.37 -104.06
C UNK G 912 -54.58 -52.71 -102.60
N UNK G 913 -55.05 -51.78 -101.76
CA UNK G 913 -55.07 -52.14 -100.38
C UNK G 913 -56.33 -51.61 -99.81
N UNK G 914 -56.89 -52.34 -98.81
CA UNK G 914 -58.07 -51.91 -98.13
C UNK G 914 -57.64 -51.10 -96.97
N UNK G 915 -58.56 -50.27 -96.43
CA UNK G 915 -58.23 -49.38 -95.36
C UNK G 915 -59.21 -49.60 -94.27
N UNK G 916 -58.87 -49.12 -93.05
CA UNK G 916 -59.76 -49.16 -91.92
C UNK G 916 -60.91 -48.40 -92.41
N UNK G 917 -60.63 -47.30 -93.09
CA UNK G 917 -61.47 -46.65 -94.04
C UNK G 917 -62.49 -47.49 -94.59
N UNK G 918 -63.51 -46.77 -94.96
CA UNK G 918 -64.45 -47.32 -95.85
C UNK G 918 -63.73 -47.49 -97.16
N UNK G 919 -62.87 -46.54 -97.52
CA UNK G 919 -62.16 -46.58 -98.76
C UNK G 919 -61.08 -47.62 -98.79
N UNK G 920 -60.78 -48.07 -100.03
CA UNK G 920 -59.71 -48.95 -100.39
C UNK G 920 -59.08 -48.19 -101.50
N UNK G 921 -57.79 -48.43 -101.80
CA UNK G 921 -57.28 -47.58 -102.84
C UNK G 921 -56.37 -48.36 -103.71
N UNK G 922 -56.17 -47.81 -104.92
CA UNK G 922 -55.26 -48.38 -105.84
C UNK G 922 -54.08 -47.49 -105.80
N UNK G 923 -52.88 -48.09 -105.76
CA UNK G 923 -51.73 -47.25 -105.78
C UNK G 923 -50.77 -47.86 -106.71
N UNK G 924 -49.91 -47.00 -107.28
CA UNK G 924 -48.93 -47.51 -108.18
C UNK G 924 -47.62 -47.18 -107.59
N UNK G 925 -46.66 -48.11 -107.73
CA UNK G 925 -45.33 -47.90 -107.25
C UNK G 925 -44.49 -47.75 -108.47
N UNK G 926 -43.45 -46.90 -108.39
CA UNK G 926 -42.63 -46.67 -109.53
C UNK G 926 -41.99 -47.96 -109.92
N UNK G 927 -41.77 -48.15 -111.23
CA UNK G 927 -41.19 -49.37 -111.73
C UNK G 927 -39.82 -49.52 -111.18
N UNK G 928 -39.02 -48.42 -111.17
CA UNK G 928 -37.70 -48.57 -110.65
C UNK G 928 -37.79 -48.40 -109.17
N UNK G 929 -37.72 -49.53 -108.46
CA UNK G 929 -37.78 -49.54 -107.04
C UNK G 929 -36.56 -48.88 -106.49
N UNK G 930 -35.40 -49.15 -107.12
CA UNK G 930 -34.14 -48.68 -106.63
C UNK G 930 -34.15 -47.20 -106.59
N UNK G 931 -34.72 -46.61 -107.64
CA UNK G 931 -34.79 -45.18 -107.69
C UNK G 931 -35.60 -44.78 -106.49
N UNK G 932 -35.46 -43.53 -106.00
CA UNK G 932 -36.23 -43.11 -104.90
C UNK G 932 -37.64 -43.33 -105.32
N UNK G 933 -38.37 -44.06 -104.49
CA UNK G 933 -39.67 -44.45 -104.92
C UNK G 933 -40.58 -43.29 -104.89
N UNK G 934 -41.76 -43.45 -105.48
CA UNK G 934 -42.76 -42.45 -105.32
C UNK G 934 -43.99 -43.28 -105.27
N UNK G 935 -45.00 -42.92 -104.45
CA UNK G 935 -46.13 -43.77 -104.44
C UNK G 935 -47.33 -42.94 -104.69
N UNK G 936 -48.09 -43.30 -105.74
CA UNK G 936 -49.19 -42.44 -106.08
C UNK G 936 -50.45 -43.21 -105.94
N UNK G 937 -51.49 -42.48 -105.52
CA UNK G 937 -52.77 -43.08 -105.37
C UNK G 937 -53.43 -43.02 -106.69
N UNK G 938 -53.68 -44.19 -107.30
CA UNK G 938 -54.34 -44.18 -108.57
C UNK G 938 -55.73 -43.71 -108.32
N UNK G 939 -56.40 -44.27 -107.30
CA UNK G 939 -57.75 -43.84 -107.08
C UNK G 939 -58.18 -44.41 -105.78
N UNK G 940 -59.25 -43.82 -105.21
CA UNK G 940 -59.75 -44.32 -103.97
C UNK G 940 -61.10 -44.88 -104.25
N UNK G 941 -61.36 -46.09 -103.72
CA UNK G 941 -62.65 -46.68 -103.85
C UNK G 941 -63.23 -46.55 -102.50
N UNK G 942 -64.43 -45.95 -102.43
CA UNK G 942 -64.98 -45.74 -101.13
C UNK G 942 -66.29 -46.43 -101.08
N UNK G 943 -66.66 -46.87 -99.88
CA UNK G 943 -67.90 -47.54 -99.69
C UNK G 943 -68.47 -46.96 -98.45
N UNK G 944 -69.76 -47.18 -98.22
CA UNK G 944 -70.39 -46.67 -97.04
C UNK G 944 -69.80 -47.37 -95.86
N UNK G 945 -69.61 -48.70 -95.94
CA UNK G 945 -69.18 -49.49 -94.83
C UNK G 945 -67.88 -48.99 -94.30
N UNK G 946 -67.69 -49.18 -92.98
CA UNK G 946 -66.57 -48.67 -92.27
C UNK G 946 -65.28 -49.23 -92.74
N UNK G 947 -65.17 -50.58 -92.86
CA UNK G 947 -63.85 -51.08 -93.16
C UNK G 947 -63.93 -52.04 -94.30
N UNK G 948 -62.79 -52.19 -95.01
CA UNK G 948 -62.78 -53.10 -96.11
C UNK G 948 -62.13 -54.37 -95.64
N UNK G 949 -62.95 -55.43 -95.52
CA UNK G 949 -62.49 -56.73 -95.10
C UNK G 949 -61.61 -57.36 -96.12
N UNK G 950 -62.01 -57.32 -97.40
CA UNK G 950 -61.20 -58.02 -98.35
C UNK G 950 -61.38 -57.43 -99.71
N UNK G 951 -60.39 -57.71 -100.58
CA UNK G 951 -60.45 -57.27 -101.94
C UNK G 951 -59.94 -58.39 -102.76
N UNK G 952 -60.54 -58.59 -103.95
CA UNK G 952 -60.04 -59.63 -104.80
C UNK G 952 -60.02 -59.10 -106.18
N UNK G 953 -58.88 -59.26 -106.87
CA UNK G 953 -58.78 -58.82 -108.23
C UNK G 953 -59.27 -59.94 -109.08
N UNK G 954 -59.76 -59.60 -110.29
CA UNK G 954 -60.19 -60.61 -111.20
C UNK G 954 -58.95 -61.16 -111.81
N UNK G 955 -59.06 -62.32 -112.48
CA UNK G 955 -57.91 -62.92 -113.10
C UNK G 955 -57.40 -61.93 -114.11
N UNK G 956 -58.35 -61.26 -114.80
CA UNK G 956 -58.03 -60.30 -115.80
C UNK G 956 -57.26 -59.19 -115.16
N UNK G 957 -57.61 -58.89 -113.90
CA UNK G 957 -57.01 -57.80 -113.17
C UNK G 957 -57.60 -56.54 -113.72
N UNK G 958 -58.56 -56.68 -114.66
CA UNK G 958 -59.25 -55.56 -115.20
C UNK G 958 -60.08 -54.96 -114.10
N UNK G 959 -60.74 -55.82 -113.30
CA UNK G 959 -61.62 -55.33 -112.28
C UNK G 959 -61.24 -55.91 -110.97
N UNK G 960 -61.63 -55.22 -109.89
CA UNK G 960 -61.38 -55.69 -108.55
C UNK G 960 -62.65 -55.56 -107.80
N UNK G 961 -62.85 -56.41 -106.78
CA UNK G 961 -64.07 -56.29 -106.02
C UNK G 961 -63.69 -55.84 -104.65
N UNK G 962 -64.44 -54.87 -104.11
CA UNK G 962 -64.17 -54.39 -102.80
C UNK G 962 -65.25 -54.92 -101.92
N UNK G 963 -64.87 -55.40 -100.73
CA UNK G 963 -65.86 -55.92 -99.84
C UNK G 963 -65.64 -55.24 -98.52
N UNK G 964 -66.72 -54.92 -97.80
CA UNK G 964 -66.48 -54.27 -96.56
C UNK G 964 -66.88 -55.19 -95.46
N UNK G 965 -65.92 -55.47 -94.55
CA UNK G 965 -66.26 -56.27 -93.43
C UNK G 965 -65.24 -55.99 -92.37
N UNK G 966 -65.66 -56.19 -91.11
CA UNK G 966 -64.82 -55.83 -90.02
C UNK G 966 -65.72 -55.96 -88.84
N UNK G 967 -65.67 -54.97 -87.93
CA UNK G 967 -66.54 -55.03 -86.82
C UNK G 967 -67.93 -55.07 -87.39
N UNK G 968 -68.21 -54.21 -88.38
CA UNK G 968 -69.49 -54.30 -89.00
C UNK G 968 -69.26 -54.27 -90.47
N UNK G 969 -69.63 -55.36 -91.16
CA UNK G 969 -69.43 -55.39 -92.57
C UNK G 969 -70.74 -55.03 -93.17
N UNK G 970 -70.73 -54.07 -94.11
CA UNK G 970 -71.91 -53.78 -94.87
C UNK G 970 -72.08 -54.96 -95.79
N UNK G 971 -70.92 -55.47 -96.26
CA UNK G 971 -70.79 -56.51 -97.24
C UNK G 971 -71.19 -55.99 -98.55
N UNK G 972 -71.32 -54.67 -98.70
CA UNK G 972 -71.64 -54.23 -100.02
C UNK G 972 -70.43 -54.57 -100.83
N UNK G 973 -70.65 -55.12 -102.03
CA UNK G 973 -69.52 -55.46 -102.84
C UNK G 973 -69.60 -54.58 -104.05
N UNK G 974 -68.47 -53.96 -104.41
CA UNK G 974 -68.51 -53.12 -105.57
C UNK G 974 -67.46 -53.61 -106.49
N UNK G 975 -67.76 -53.56 -107.80
CA UNK G 975 -66.78 -53.95 -108.76
C UNK G 975 -66.24 -52.65 -109.27
N UNK G 976 -64.91 -52.50 -109.31
CA UNK G 976 -64.38 -51.26 -109.75
C UNK G 976 -63.40 -51.55 -110.83
N UNK G 977 -63.28 -50.63 -111.79
CA UNK G 977 -62.30 -50.81 -112.82
C UNK G 977 -60.98 -50.63 -112.14
N UNK G 978 -59.94 -51.29 -112.65
CA UNK G 978 -58.66 -51.15 -112.03
C UNK G 978 -58.30 -49.71 -112.12
N UNK G 979 -58.63 -49.10 -113.28
CA UNK G 979 -58.28 -47.74 -113.55
C UNK G 979 -58.94 -46.78 -112.62
N UNK G 980 -60.25 -46.95 -112.29
CA UNK G 980 -60.78 -45.85 -111.55
C UNK G 980 -61.93 -46.24 -110.65
N UNK G 981 -62.43 -45.19 -109.98
CA UNK G 981 -63.47 -45.13 -108.98
C UNK G 981 -64.83 -45.48 -109.53
N UNK G 982 -65.09 -45.22 -110.83
CA UNK G 982 -66.42 -45.29 -111.37
C UNK G 982 -67.08 -46.59 -111.05
N UNK G 983 -66.38 -47.73 -111.22
CA UNK G 983 -66.95 -49.00 -110.87
C UNK G 983 -68.08 -49.36 -111.78
N UNK G 984 -68.07 -50.63 -112.23
CA UNK G 984 -69.07 -51.16 -113.10
C UNK G 984 -70.40 -51.26 -112.41
N UNK G 985 -70.43 -51.80 -111.18
CA UNK G 985 -71.71 -51.97 -110.54
C UNK G 985 -71.50 -52.27 -109.11
N UNK G 986 -72.61 -52.25 -108.34
CA UNK G 986 -72.51 -52.58 -106.94
C UNK G 986 -73.52 -53.65 -106.67
N UNK G 987 -73.10 -54.70 -105.93
CA UNK G 987 -74.03 -55.72 -105.60
C UNK G 987 -73.96 -55.91 -104.11
N UNK G 988 -75.11 -55.82 -103.42
CA UNK G 988 -75.03 -56.07 -102.01
C UNK G 988 -76.01 -57.15 -101.68
N UNK G 989 -75.58 -58.42 -101.86
CA UNK G 989 -76.38 -59.55 -101.56
C UNK G 989 -76.53 -59.75 -100.07
N UNK G 990 -75.43 -59.60 -99.30
CA UNK G 990 -75.50 -60.04 -97.93
C UNK G 990 -74.87 -59.06 -96.98
N UNK G 991 -74.94 -59.43 -95.69
CA UNK G 991 -74.49 -58.67 -94.55
C UNK G 991 -73.00 -58.44 -94.54
N UNK G 992 -72.15 -59.47 -94.77
CA UNK G 992 -70.73 -59.24 -94.70
C UNK G 992 -70.07 -60.17 -95.66
N UNK G 993 -68.81 -59.89 -96.09
CA UNK G 993 -68.18 -60.85 -96.95
C UNK G 993 -66.74 -60.99 -96.59
N UNK G 994 -66.39 -62.12 -95.94
CA UNK G 994 -65.04 -62.41 -95.55
C UNK G 994 -64.17 -62.72 -96.73
N UNK G 995 -64.66 -63.58 -97.65
CA UNK G 995 -63.78 -63.95 -98.72
C UNK G 995 -64.56 -64.07 -99.99
N UNK G 996 -63.91 -63.73 -101.12
CA UNK G 996 -64.55 -63.88 -102.39
C UNK G 996 -63.51 -64.45 -103.30
N UNK G 997 -63.90 -65.44 -104.12
CA UNK G 997 -62.95 -65.99 -105.03
C UNK G 997 -63.57 -65.92 -106.38
N UNK G 998 -62.80 -65.40 -107.36
CA UNK G 998 -63.32 -65.33 -108.68
C UNK G 998 -63.11 -66.65 -109.34
N UNK G 999 -64.05 -67.01 -110.24
CA UNK G 999 -63.94 -68.19 -111.03
C UNK G 999 -63.13 -67.77 -112.19
N UNK G 1000 -63.11 -68.57 -113.28
CA UNK G 1000 -62.38 -68.16 -114.44
C UNK G 1000 -62.98 -66.84 -114.79
N UNK G 1001 -64.32 -66.74 -114.70
CA UNK G 1001 -64.99 -65.50 -114.88
C UNK G 1001 -66.02 -65.42 -113.80
N UNK G 1002 -66.23 -64.23 -113.22
CA UNK G 1002 -67.25 -64.05 -112.21
C UNK G 1002 -66.70 -64.43 -110.88
N UNK G 1003 -67.54 -64.35 -109.82
CA UNK G 1003 -67.07 -64.71 -108.52
C UNK G 1003 -68.23 -65.11 -107.66
N UNK G 1004 -67.91 -65.75 -106.51
CA UNK G 1004 -68.87 -66.13 -105.52
C UNK G 1004 -68.40 -65.51 -104.25
N UNK G 1005 -69.32 -65.10 -103.36
CA UNK G 1005 -68.88 -64.43 -102.17
C UNK G 1005 -69.36 -65.17 -100.97
N UNK G 1006 -68.60 -65.08 -99.87
CA UNK G 1006 -68.97 -65.72 -98.65
C UNK G 1006 -68.96 -64.69 -97.57
N UNK G 1007 -70.00 -64.72 -96.71
CA UNK G 1007 -70.14 -63.82 -95.60
C UNK G 1007 -69.52 -64.44 -94.39
N UNK G 1008 -69.32 -63.61 -93.34
CA UNK G 1008 -68.89 -64.10 -92.07
C UNK G 1008 -70.02 -64.95 -91.61
N UNK G 1009 -71.24 -64.50 -91.98
CA UNK G 1009 -72.50 -65.10 -91.70
C UNK G 1009 -72.48 -66.46 -92.32
N UNK G 1010 -71.67 -66.60 -93.40
CA UNK G 1010 -71.54 -67.80 -94.16
C UNK G 1010 -72.64 -67.93 -95.16
N UNK G 1011 -73.42 -66.87 -95.41
CA UNK G 1011 -74.32 -67.01 -96.51
C UNK G 1011 -73.42 -67.05 -97.70
N UNK G 1012 -73.65 -67.98 -98.64
CA UNK G 1012 -72.76 -68.04 -99.76
C UNK G 1012 -73.59 -67.78 -100.97
N UNK G 1013 -73.05 -67.00 -101.92
CA UNK G 1013 -73.84 -66.73 -103.07
C UNK G 1013 -73.00 -66.92 -104.29
N UNK G 1014 -73.63 -67.48 -105.34
CA UNK G 1014 -72.95 -67.60 -106.59
C UNK G 1014 -73.55 -66.51 -107.39
N UNK G 1015 -72.72 -65.63 -107.98
CA UNK G 1015 -73.32 -64.56 -108.70
C UNK G 1015 -72.54 -64.30 -109.93
N UNK G 1016 -73.21 -63.74 -110.95
CA UNK G 1016 -72.47 -63.37 -112.12
C UNK G 1016 -72.20 -61.92 -111.93
N UNK G 1017 -70.92 -61.56 -111.69
CA UNK G 1017 -70.63 -60.19 -111.50
C UNK G 1017 -70.79 -59.54 -112.81
N UNK G 1018 -71.50 -58.39 -112.85
CA UNK G 1018 -71.72 -57.74 -114.10
C UNK G 1018 -72.74 -56.70 -113.84
N UNK G 1019 -73.23 -56.06 -114.91
CA UNK G 1019 -74.24 -55.06 -114.75
C UNK G 1019 -75.41 -55.74 -114.11
N UNK G 1020 -75.70 -56.98 -114.54
CA UNK G 1020 -76.82 -57.69 -114.00
C UNK G 1020 -76.62 -57.85 -112.53
N UNK G 1021 -75.40 -58.27 -112.13
CA UNK G 1021 -75.09 -58.47 -110.74
C UNK G 1021 -76.17 -59.30 -110.12
N UNK G 1022 -76.46 -60.48 -110.71
CA UNK G 1022 -77.50 -61.31 -110.19
C UNK G 1022 -76.87 -62.52 -109.59
N UNK G 1023 -77.53 -63.13 -108.59
CA UNK G 1023 -76.98 -64.29 -107.96
C UNK G 1023 -77.80 -65.48 -108.34
N UNK G 1024 -77.13 -66.55 -108.81
CA UNK G 1024 -77.80 -67.75 -109.20
C UNK G 1024 -78.42 -68.41 -108.01
N UNK G 1025 -77.68 -68.52 -106.90
CA UNK G 1025 -78.22 -69.20 -105.76
C UNK G 1025 -77.40 -68.86 -104.55
N UNK G 1026 -77.92 -69.18 -103.36
CA UNK G 1026 -77.21 -68.91 -102.14
C UNK G 1026 -77.54 -70.00 -101.17
N UNK G 1027 -76.65 -70.24 -100.18
CA UNK G 1027 -76.93 -71.25 -99.20
C UNK G 1027 -76.44 -70.78 -97.88
N UNK G 1028 -77.10 -71.20 -96.78
CA UNK G 1028 -76.59 -70.81 -95.50
C UNK G 1028 -76.38 -72.05 -94.69
N UNK G 1029 -75.12 -72.57 -94.69
CA UNK G 1029 -74.80 -73.73 -93.91
C UNK G 1029 -74.81 -73.40 -92.45
N UNK G 1030 -74.10 -72.30 -92.07
CA UNK G 1030 -73.98 -71.79 -90.72
C UNK G 1030 -72.66 -72.20 -90.11
N UNK G 1031 -72.44 -71.74 -88.87
CA UNK G 1031 -71.34 -72.03 -87.98
C UNK G 1031 -69.93 -71.78 -88.51
N UNK G 1032 -69.63 -70.53 -88.95
CA UNK G 1032 -68.28 -70.10 -89.26
C UNK G 1032 -67.50 -71.09 -90.10
N UNK G 1033 -68.10 -71.48 -91.24
CA UNK G 1033 -67.68 -72.35 -92.31
C UNK G 1033 -66.67 -71.75 -93.27
N UNK G 1034 -66.43 -70.42 -93.18
CA UNK G 1034 -66.10 -69.43 -94.19
C UNK G 1034 -65.19 -69.69 -95.38
N UNK G 1035 -64.03 -70.38 -95.35
CA UNK G 1035 -63.25 -70.40 -96.59
C UNK G 1035 -64.02 -71.02 -97.74
N UNK G 1036 -63.79 -70.53 -98.99
CA UNK G 1036 -64.48 -71.02 -100.16
C UNK G 1036 -63.52 -71.09 -101.32
N UNK G 1037 -63.86 -71.90 -102.37
CA UNK G 1037 -63.02 -72.01 -103.52
C UNK G 1037 -63.81 -72.58 -104.66
N UNK G 1038 -63.32 -72.43 -105.91
CA UNK G 1038 -64.02 -72.97 -107.05
C UNK G 1038 -63.21 -74.08 -107.62
N UNK G 1039 -63.82 -75.27 -107.72
CA UNK G 1039 -63.17 -76.43 -108.28
C UNK G 1039 -62.96 -76.24 -109.75
N UNK G 1040 -63.99 -75.76 -110.48
CA UNK G 1040 -63.83 -75.67 -111.90
C UNK G 1040 -64.06 -74.27 -112.33
N UNK G 1041 -63.20 -73.79 -113.25
CA UNK G 1041 -63.31 -72.46 -113.79
C UNK G 1041 -64.58 -72.36 -114.56
N UNK G 1042 -64.87 -73.39 -115.39
CA UNK G 1042 -66.07 -73.33 -116.17
C UNK G 1042 -67.18 -73.31 -115.18
N UNK G 1043 -68.36 -72.80 -115.60
CA UNK G 1043 -69.46 -72.78 -114.70
C UNK G 1043 -69.64 -74.19 -114.28
N UNK G 1044 -69.54 -74.44 -112.96
CA UNK G 1044 -69.54 -75.79 -112.53
C UNK G 1044 -69.42 -75.79 -111.05
N UNK G 1045 -68.87 -76.89 -110.52
CA UNK G 1045 -68.75 -77.08 -109.11
C UNK G 1045 -67.77 -76.14 -108.51
N UNK G 1046 -68.04 -75.78 -107.24
CA UNK G 1046 -67.22 -74.96 -106.41
C UNK G 1046 -67.35 -75.60 -105.06
N UNK G 1047 -66.41 -75.34 -104.15
CA UNK G 1047 -66.53 -76.01 -102.88
C UNK G 1047 -66.91 -74.99 -101.86
N UNK G 1048 -67.84 -75.38 -100.95
CA UNK G 1048 -68.26 -74.51 -99.90
C UNK G 1048 -68.24 -75.35 -98.66
N UNK G 1049 -67.92 -74.74 -97.50
CA UNK G 1049 -67.86 -75.51 -96.30
C UNK G 1049 -69.25 -75.86 -95.87
N UNK G 1050 -69.43 -77.15 -95.51
CA UNK G 1050 -70.67 -77.65 -95.03
C UNK G 1050 -70.60 -77.68 -93.54
N UNK G 1051 -71.72 -78.03 -92.88
CA UNK G 1051 -71.74 -78.13 -91.45
C UNK G 1051 -70.95 -79.35 -91.09
N UNK G 1052 -70.58 -79.46 -89.81
CA UNK G 1052 -69.83 -80.58 -89.34
C UNK G 1052 -68.50 -80.59 -90.02
N UNK G 1053 -68.04 -79.40 -90.46
CA UNK G 1053 -66.74 -79.29 -91.05
C UNK G 1053 -66.69 -80.16 -92.27
N UNK G 1054 -67.86 -80.43 -92.87
CA UNK G 1054 -67.90 -81.23 -94.06
C UNK G 1054 -67.63 -80.32 -95.20
N UNK G 1055 -67.25 -80.90 -96.36
CA UNK G 1055 -67.03 -80.10 -97.52
C UNK G 1055 -68.17 -80.37 -98.44
N UNK G 1056 -68.76 -79.31 -99.02
CA UNK G 1056 -69.85 -79.53 -99.91
C UNK G 1056 -69.41 -79.07 -101.25
N UNK G 1057 -69.78 -79.84 -102.29
CA UNK G 1057 -69.44 -79.40 -103.61
C UNK G 1057 -70.69 -78.81 -104.15
N UNK G 1058 -70.56 -77.64 -104.81
CA UNK G 1058 -71.72 -76.90 -105.21
C UNK G 1058 -71.85 -76.89 -106.70
N UNK G 1059 -72.99 -76.32 -107.14
CA UNK G 1059 -73.43 -76.24 -108.51
C UNK G 1059 -73.99 -77.58 -108.87
N UNK G 1060 -73.69 -78.57 -108.01
CA UNK G 1060 -74.14 -79.93 -108.06
C UNK G 1060 -72.93 -80.76 -107.79
N UNK G 1061 -73.06 -81.80 -106.94
CA UNK G 1061 -71.95 -82.67 -106.62
C UNK G 1061 -72.21 -83.32 -105.30
N UNK G 1062 -71.17 -84.00 -104.79
CA UNK G 1062 -71.20 -84.69 -103.53
C UNK G 1062 -70.50 -83.89 -102.48
N UNK G 1063 -70.51 -84.40 -101.24
CA UNK G 1063 -69.86 -83.73 -100.13
C UNK G 1063 -68.78 -84.63 -99.61
N UNK G 1064 -67.75 -84.03 -98.99
CA UNK G 1064 -66.68 -84.82 -98.47
C UNK G 1064 -66.76 -84.77 -96.97
N UNK G 1065 -66.55 -85.95 -96.34
CA UNK G 1065 -66.59 -86.02 -94.90
C UNK G 1065 -65.16 -86.09 -94.47
N UNK G 1066 -64.83 -85.45 -93.34
CA UNK G 1066 -63.43 -85.41 -93.01
C UNK G 1066 -63.27 -84.55 -91.80
N UNK G 1067 -62.79 -83.32 -92.07
CA UNK G 1067 -62.40 -82.37 -91.07
C UNK G 1067 -63.37 -82.27 -89.95
N UNK G 1068 -62.79 -82.27 -88.74
CA UNK G 1068 -63.45 -82.11 -87.47
C UNK G 1068 -63.95 -80.70 -87.30
N UNK G 1069 -63.18 -79.71 -87.79
CA UNK G 1069 -63.50 -78.34 -87.48
C UNK G 1069 -63.68 -77.53 -88.73
N UNK G 1070 -64.05 -76.25 -88.53
CA UNK G 1070 -64.35 -75.32 -89.59
C UNK G 1070 -63.21 -75.29 -90.55
N UNK G 1071 -63.52 -74.98 -91.82
CA UNK G 1071 -62.50 -75.01 -92.83
C UNK G 1071 -61.89 -73.66 -92.96
N UNK G 1072 -60.59 -73.58 -92.59
CA UNK G 1072 -59.81 -72.38 -92.68
C UNK G 1072 -59.54 -72.01 -94.11
N UNK G 1073 -59.16 -73.00 -94.95
CA UNK G 1073 -58.80 -72.61 -96.29
C UNK G 1073 -59.18 -73.67 -97.25
N UNK G 1074 -59.44 -73.23 -98.51
CA UNK G 1074 -59.73 -74.15 -99.57
C UNK G 1074 -58.96 -73.66 -100.74
N UNK G 1075 -58.13 -74.55 -101.34
CA UNK G 1075 -57.40 -74.13 -102.50
C UNK G 1075 -57.49 -75.26 -103.47
N UNK G 1076 -57.72 -74.95 -104.76
CA UNK G 1076 -57.81 -76.01 -105.71
C UNK G 1076 -56.68 -75.83 -106.67
N UNK G 1077 -56.06 -76.94 -107.09
CA UNK G 1077 -54.99 -76.81 -108.04
C UNK G 1077 -55.55 -77.18 -109.36
N UNK G 1078 -55.38 -76.30 -110.36
CA UNK G 1078 -55.90 -76.61 -111.66
C UNK G 1078 -55.20 -77.85 -112.10
N UNK G 1079 -53.86 -77.87 -111.90
CA UNK G 1079 -53.12 -79.04 -112.25
C UNK G 1079 -53.34 -80.04 -111.16
N UNK G 1080 -53.38 -81.33 -111.53
CA UNK G 1080 -53.54 -82.42 -110.61
C UNK G 1080 -54.95 -82.45 -110.11
N UNK G 1081 -55.71 -81.36 -110.34
CA UNK G 1081 -57.10 -81.27 -109.98
C UNK G 1081 -57.31 -81.78 -108.60
N UNK G 1082 -56.53 -81.30 -107.62
CA UNK G 1082 -56.72 -81.76 -106.28
C UNK G 1082 -57.10 -80.59 -105.45
N UNK G 1083 -57.97 -80.81 -104.44
CA UNK G 1083 -58.36 -79.71 -103.62
C UNK G 1083 -57.63 -79.84 -102.33
N UNK G 1084 -57.12 -78.71 -101.81
CA UNK G 1084 -56.41 -78.75 -100.57
C UNK G 1084 -57.26 -78.02 -99.59
N UNK G 1085 -57.40 -78.58 -98.38
CA UNK G 1085 -58.21 -77.94 -97.39
C UNK G 1085 -57.45 -77.92 -96.11
N UNK G 1086 -57.73 -76.91 -95.28
CA UNK G 1086 -57.10 -76.79 -93.99
C UNK G 1086 -58.21 -76.55 -93.02
N UNK G 1087 -58.01 -76.90 -91.74
CA UNK G 1087 -59.09 -76.72 -90.83
C UNK G 1087 -58.57 -76.38 -89.47
N UNK G 1088 -59.52 -76.01 -88.58
CA UNK G 1088 -59.30 -75.66 -87.21
C UNK G 1088 -58.72 -76.86 -86.55
N UNK G 1089 -59.08 -78.04 -87.09
CA UNK G 1089 -58.67 -79.32 -86.60
C UNK G 1089 -57.18 -79.33 -86.57
N UNK G 1090 -56.54 -78.49 -87.40
CA UNK G 1090 -55.11 -78.43 -87.50
C UNK G 1090 -54.61 -79.59 -88.28
N UNK G 1091 -55.46 -80.08 -89.20
CA UNK G 1091 -55.05 -81.11 -90.11
C UNK G 1091 -55.31 -80.57 -91.47
N UNK G 1092 -54.56 -81.05 -92.48
CA UNK G 1092 -54.75 -80.60 -93.83
C UNK G 1092 -55.18 -81.82 -94.58
N UNK G 1093 -55.96 -81.65 -95.66
CA UNK G 1093 -56.35 -82.83 -96.39
C UNK G 1093 -56.44 -82.49 -97.83
N UNK G 1094 -56.30 -83.51 -98.69
CA UNK G 1094 -56.41 -83.30 -100.11
C UNK G 1094 -57.60 -84.10 -100.54
N UNK G 1095 -58.44 -83.54 -101.43
CA UNK G 1095 -59.59 -84.30 -101.82
C UNK G 1095 -59.55 -84.61 -103.27
N UNK G 1096 -59.27 -85.89 -103.59
CA UNK G 1096 -59.27 -86.40 -104.94
C UNK G 1096 -60.66 -86.55 -105.46
N UNK G 1097 -61.60 -87.06 -104.62
CA UNK G 1097 -62.89 -87.43 -105.12
C UNK G 1097 -63.95 -86.48 -104.66
N UNK G 1098 -65.06 -86.45 -105.43
CA UNK G 1098 -66.17 -85.60 -105.15
C UNK G 1098 -66.77 -86.01 -103.84
N UNK G 1099 -66.96 -87.33 -103.63
CA UNK G 1099 -67.52 -87.75 -102.37
C UNK G 1099 -66.70 -88.90 -101.88
N UNK G 1100 -66.25 -88.82 -100.62
CA UNK G 1100 -65.47 -89.85 -100.00
C UNK G 1100 -64.64 -89.19 -98.96
N UNK G 1101 -63.80 -89.99 -98.29
CA UNK G 1101 -62.86 -89.44 -97.35
C UNK G 1101 -61.77 -88.84 -98.17
N UNK G 1102 -60.96 -87.95 -97.56
CA UNK G 1102 -59.91 -87.32 -98.30
C UNK G 1102 -58.88 -88.34 -98.63
N UNK G 1103 -58.21 -88.16 -99.80
CA UNK G 1103 -57.21 -89.08 -100.22
C UNK G 1103 -56.10 -89.03 -99.23
N UNK G 1104 -55.70 -87.81 -98.82
CA UNK G 1104 -54.58 -87.75 -97.92
C UNK G 1104 -54.90 -86.82 -96.80
N UNK G 1105 -54.34 -87.13 -95.62
CA UNK G 1105 -54.43 -86.26 -94.49
C UNK G 1105 -53.01 -85.84 -94.25
N UNK G 1106 -52.79 -84.52 -94.07
CA UNK G 1106 -51.44 -84.10 -93.88
C UNK G 1106 -51.19 -84.10 -92.41
N UNK G 1107 -50.25 -84.95 -91.98
CA UNK G 1107 -49.90 -85.02 -90.60
C UNK G 1107 -48.70 -85.89 -90.52
N UNK G 1108 -47.88 -85.71 -89.48
CA UNK G 1108 -46.70 -86.51 -89.37
C UNK G 1108 -47.11 -87.87 -88.82
N UNK G 1109 -48.96 -77.92 -82.68
CA UNK G 1109 -49.74 -76.80 -82.09
C UNK G 1109 -51.19 -77.06 -82.27
N UNK G 1110 -51.95 -76.87 -81.18
CA UNK G 1110 -53.37 -77.12 -81.17
C UNK G 1110 -54.03 -76.18 -82.12
N UNK G 1111 -53.51 -74.94 -82.20
CA UNK G 1111 -54.12 -73.91 -83.00
C UNK G 1111 -54.32 -74.40 -84.39
N UNK G 1112 -55.35 -73.81 -85.06
CA UNK G 1112 -55.73 -74.16 -86.40
C UNK G 1112 -54.76 -73.54 -87.35
N UNK G 1113 -54.70 -74.10 -88.59
CA UNK G 1113 -53.83 -73.56 -89.59
C UNK G 1113 -54.41 -72.28 -90.09
N UNK G 1114 -53.58 -71.21 -90.07
CA UNK G 1114 -54.01 -69.92 -90.54
C UNK G 1114 -54.20 -69.95 -92.02
N UNK G 1115 -53.22 -70.52 -92.77
CA UNK G 1115 -53.37 -70.51 -94.19
C UNK G 1115 -52.53 -71.60 -94.77
N UNK G 1116 -52.99 -72.16 -95.91
CA UNK G 1116 -52.27 -73.20 -96.58
C UNK G 1116 -52.15 -72.75 -98.00
N UNK G 1117 -51.12 -73.23 -98.73
CA UNK G 1117 -50.99 -72.77 -100.08
C UNK G 1117 -50.46 -73.87 -100.93
N UNK G 1118 -50.68 -73.73 -102.25
CA UNK G 1118 -50.23 -74.70 -103.20
C UNK G 1118 -48.74 -74.59 -103.29
N UNK G 1119 -48.12 -75.77 -103.48
CA UNK G 1119 -46.71 -76.03 -103.55
C UNK G 1119 -46.77 -77.51 -103.54
N UNK G 1120 -45.78 -78.20 -102.96
CA UNK G 1120 -46.08 -79.59 -102.79
C UNK G 1120 -47.27 -79.53 -101.89
N UNK G 1121 -47.15 -78.71 -100.84
CA UNK G 1121 -48.19 -78.38 -99.91
C UNK G 1121 -47.52 -77.57 -98.86
N UNK G 1122 -48.12 -76.45 -98.44
CA UNK G 1122 -47.47 -75.69 -97.42
C UNK G 1122 -48.53 -75.23 -96.49
N UNK G 1123 -48.24 -75.25 -95.18
CA UNK G 1123 -49.24 -74.82 -94.27
C UNK G 1123 -48.58 -74.01 -93.21
N UNK G 1124 -49.31 -73.00 -92.70
CA UNK G 1124 -48.81 -72.18 -91.65
C UNK G 1124 -49.87 -72.21 -90.61
N UNK G 1125 -49.44 -72.14 -89.34
CA UNK G 1125 -50.32 -72.19 -88.22
C UNK G 1125 -49.48 -71.66 -87.12
N UNK G 1126 -49.78 -72.06 -85.87
CA UNK G 1126 -48.91 -71.64 -84.81
C UNK G 1126 -47.58 -72.22 -85.20
N UNK G 1127 -47.63 -73.45 -85.73
CA UNK G 1127 -46.47 -74.15 -86.23
C UNK G 1127 -46.35 -73.81 -87.69
N UNK G 1128 -45.33 -74.40 -88.37
CA UNK G 1128 -45.18 -74.24 -89.78
C UNK G 1128 -44.79 -75.57 -90.33
N UNK G 1129 -45.32 -75.95 -91.51
CA UNK G 1129 -44.95 -77.23 -92.04
C UNK G 1129 -45.01 -77.21 -93.53
N UNK G 1130 -44.21 -78.09 -94.16
CA UNK G 1130 -44.20 -78.24 -95.59
C UNK G 1130 -44.61 -79.65 -95.81
N UNK G 1131 -45.37 -79.92 -96.88
CA UNK G 1131 -45.82 -81.26 -97.04
C UNK G 1131 -45.47 -81.73 -98.41
N UNK G 1132 -45.30 -83.06 -98.52
CA UNK G 1132 -45.09 -83.73 -99.77
C UNK G 1132 -46.20 -84.72 -99.77
N UNK G 1133 -46.64 -85.21 -100.95
CA UNK G 1133 -47.66 -86.22 -100.78
C UNK G 1133 -46.92 -87.37 -100.14
N UNK G 1134 -47.13 -87.61 -98.80
CA UNK G 1134 -46.39 -88.57 -97.99
C UNK G 1134 -46.31 -88.11 -96.54
N UNK G 1135 -45.12 -87.61 -96.13
CA UNK G 1135 -44.76 -87.17 -94.80
C UNK G 1135 -44.35 -85.73 -94.85
N UNK G 1136 -44.05 -85.11 -93.67
CA UNK G 1136 -43.72 -83.71 -93.65
C UNK G 1136 -42.47 -83.49 -94.44
N UNK G 1137 -42.55 -82.58 -95.43
CA UNK G 1137 -41.41 -82.27 -96.25
C UNK G 1137 -40.38 -81.56 -95.44
N UNK G 1138 -40.81 -80.56 -94.65
CA UNK G 1138 -39.88 -79.79 -93.87
C UNK G 1138 -40.66 -79.10 -92.80
N UNK G 1139 -39.96 -78.56 -91.77
CA UNK G 1139 -40.67 -77.91 -90.71
C UNK G 1139 -39.98 -76.61 -90.37
N UNK G 1140 -40.73 -75.66 -89.79
CA UNK G 1140 -40.16 -74.40 -89.38
C UNK G 1140 -40.22 -74.37 -87.88
N UNK G 1141 -39.15 -73.83 -87.27
CA UNK G 1141 -38.87 -73.83 -85.86
C UNK G 1141 -39.75 -73.03 -84.94
N UNK G 1142 -40.11 -71.77 -85.29
CA UNK G 1142 -40.67 -70.75 -84.40
C UNK G 1142 -41.43 -71.36 -83.26
N UNK G 1143 -40.72 -71.50 -82.13
CA UNK G 1143 -41.20 -72.28 -81.01
C UNK G 1143 -42.45 -71.71 -80.42
N UNK G 1144 -42.44 -70.43 -80.01
CA UNK G 1144 -43.69 -69.99 -79.48
C UNK G 1144 -44.01 -68.74 -80.19
N UNK G 1145 -44.30 -68.86 -81.49
CA UNK G 1145 -44.69 -67.67 -82.17
C UNK G 1145 -45.76 -68.09 -83.11
N UNK G 1146 -46.99 -67.63 -82.87
CA UNK G 1146 -48.05 -68.00 -83.74
C UNK G 1146 -47.83 -67.23 -85.00
N UNK G 1147 -48.25 -67.82 -86.15
CA UNK G 1147 -48.09 -67.10 -87.38
C UNK G 1147 -49.43 -66.56 -87.73
N UNK G 1148 -49.50 -65.23 -87.95
CA UNK G 1148 -50.73 -64.59 -88.29
C UNK G 1148 -51.19 -65.04 -89.64
N UNK G 1149 -50.28 -65.06 -90.63
CA UNK G 1149 -50.71 -65.46 -91.94
C UNK G 1149 -49.50 -65.83 -92.74
N UNK G 1150 -49.70 -66.62 -93.81
CA UNK G 1150 -48.58 -66.97 -94.63
C UNK G 1150 -49.02 -66.85 -96.06
N UNK G 1151 -48.12 -66.33 -96.91
CA UNK G 1151 -48.44 -66.18 -98.29
C UNK G 1151 -47.37 -66.88 -99.06
N UNK G 1152 -47.73 -67.38 -100.26
CA UNK G 1152 -46.76 -68.06 -101.07
C UNK G 1152 -46.53 -67.19 -102.26
N UNK G 1153 -45.27 -67.17 -102.76
CA UNK G 1153 -44.93 -66.35 -103.89
C UNK G 1153 -45.62 -66.89 -105.09
N UNK G 1154 -45.74 -66.08 -106.15
CA UNK G 1154 -46.41 -66.52 -107.33
C UNK G 1154 -45.67 -67.73 -107.78
N UNK G 1155 -44.32 -67.63 -107.80
CA UNK G 1155 -43.58 -68.82 -108.02
C UNK G 1155 -43.38 -69.27 -106.61
N UNK G 1156 -43.75 -70.52 -106.28
CA UNK G 1156 -43.67 -70.79 -104.88
C UNK G 1156 -42.27 -71.19 -104.52
N UNK G 1157 -41.31 -70.29 -104.78
CA UNK G 1157 -39.96 -70.44 -104.34
C UNK G 1157 -39.93 -70.17 -102.88
N UNK G 1158 -40.67 -69.13 -102.45
CA UNK G 1158 -40.57 -68.72 -101.08
C UNK G 1158 -41.93 -68.56 -100.49
N UNK G 1159 -42.00 -68.77 -99.16
CA UNK G 1159 -43.22 -68.57 -98.44
C UNK G 1159 -42.90 -67.57 -97.38
N UNK G 1160 -43.75 -66.53 -97.24
CA UNK G 1160 -43.48 -65.55 -96.24
C UNK G 1160 -44.58 -65.64 -95.24
N UNK G 1161 -44.24 -65.50 -93.96
CA UNK G 1161 -45.25 -65.57 -92.94
C UNK G 1161 -44.95 -64.50 -91.95
N UNK G 1162 -45.99 -64.02 -91.25
CA UNK G 1162 -45.73 -63.01 -90.27
C UNK G 1162 -45.83 -63.66 -88.93
N UNK G 1163 -44.75 -63.58 -88.14
CA UNK G 1163 -44.78 -64.11 -86.81
C UNK G 1163 -45.58 -63.12 -86.02
N UNK G 1164 -46.40 -63.60 -85.08
CA UNK G 1164 -47.26 -62.71 -84.38
C UNK G 1164 -46.52 -61.95 -83.33
N UNK G 1165 -46.93 -60.67 -83.17
CA UNK G 1165 -46.52 -59.81 -82.11
C UNK G 1165 -47.84 -59.24 -81.71
N UNK G 1166 -48.18 -59.30 -80.41
CA UNK G 1166 -49.52 -58.91 -80.08
C UNK G 1166 -49.69 -59.09 -78.62
N UNK G 1167 -50.82 -59.70 -78.24
CA UNK G 1167 -51.13 -59.90 -76.86
C UNK G 1167 -49.98 -60.65 -76.28
N UNK G 1168 -49.46 -61.66 -77.00
CA UNK G 1168 -48.32 -62.33 -76.47
C UNK G 1168 -47.13 -61.56 -76.93
N UNK G 1169 -46.39 -60.96 -75.98
CA UNK G 1169 -45.25 -60.19 -76.35
C UNK G 1169 -44.12 -61.13 -76.60
N UNK G 1170 -43.26 -60.80 -77.58
CA UNK G 1170 -42.11 -61.60 -77.84
C UNK G 1170 -41.27 -60.84 -78.81
N UNK G 1171 -39.95 -61.14 -78.85
CA UNK G 1171 -39.20 -60.47 -79.86
C UNK G 1171 -39.64 -61.15 -81.09
N UNK G 1172 -40.43 -60.43 -81.91
CA UNK G 1172 -41.04 -61.07 -83.03
C UNK G 1172 -41.60 -59.99 -83.89
N UNK G 1173 -42.76 -60.27 -84.50
CA UNK G 1173 -43.31 -59.32 -85.41
C UNK G 1173 -42.34 -59.23 -86.51
N UNK G 1174 -41.70 -60.37 -86.82
CA UNK G 1174 -40.76 -60.38 -87.90
C UNK G 1174 -41.41 -61.16 -88.99
N UNK G 1175 -41.26 -60.69 -90.23
CA UNK G 1175 -41.80 -61.45 -91.32
C UNK G 1175 -40.66 -62.26 -91.81
N UNK G 1176 -40.83 -63.59 -91.85
CA UNK G 1176 -39.72 -64.39 -92.27
C UNK G 1176 -40.08 -64.99 -93.58
N UNK G 1177 -39.15 -64.89 -94.55
CA UNK G 1177 -39.40 -65.51 -95.81
C UNK G 1177 -38.56 -66.74 -95.80
N UNK G 1178 -39.16 -67.87 -96.16
CA UNK G 1178 -38.38 -69.08 -96.13
C UNK G 1178 -38.12 -69.47 -97.54
N UNK G 1179 -36.88 -69.89 -97.83
CA UNK G 1179 -36.59 -70.32 -99.16
C UNK G 1179 -37.07 -71.76 -99.21
N UNK G 1180 -35.12 -79.45 -93.11
CA UNK G 1180 -35.26 -79.25 -91.65
C UNK G 1180 -36.04 -78.01 -91.37
N UNK G 1181 -35.42 -77.09 -90.61
CA UNK G 1181 -35.96 -75.87 -90.10
C UNK G 1181 -36.39 -75.01 -91.24
N UNK G 1182 -35.84 -75.23 -92.44
CA UNK G 1182 -36.12 -74.33 -93.52
C UNK G 1182 -35.69 -72.97 -93.13
N UNK G 1183 -34.43 -72.64 -93.50
CA UNK G 1183 -33.81 -71.40 -93.19
C UNK G 1183 -34.60 -70.29 -93.78
N UNK G 1184 -34.54 -69.12 -93.10
CA UNK G 1184 -35.29 -68.00 -93.58
C UNK G 1184 -34.38 -67.21 -94.46
N UNK G 1185 -34.81 -67.03 -95.73
CA UNK G 1185 -34.05 -66.28 -96.68
C UNK G 1185 -34.00 -64.85 -96.26
N UNK G 1186 -35.16 -64.29 -95.83
CA UNK G 1186 -35.16 -62.90 -95.50
C UNK G 1186 -35.89 -62.69 -94.21
N UNK G 1187 -35.55 -61.58 -93.52
CA UNK G 1187 -36.24 -61.28 -92.30
C UNK G 1187 -36.68 -59.85 -92.38
N UNK G 1188 -37.89 -59.56 -91.87
CA UNK G 1188 -38.38 -58.22 -91.87
C UNK G 1188 -38.90 -57.95 -90.51
N UNK G 1189 -38.85 -56.68 -90.07
CA UNK G 1189 -39.35 -56.42 -88.75
C UNK G 1189 -40.49 -55.47 -88.84
N UNK G 1190 -41.63 -55.86 -88.24
CA UNK G 1190 -42.80 -55.05 -88.14
C UNK G 1190 -43.93 -55.97 -87.89
N UNK G 1191 -44.91 -55.55 -87.07
CA UNK G 1191 -46.02 -56.42 -86.83
C UNK G 1191 -46.81 -56.44 -88.09
N UNK G 1192 -47.40 -57.60 -88.45
CA UNK G 1192 -48.13 -57.57 -89.68
C UNK G 1192 -49.44 -58.26 -89.50
N UNK G 1193 -50.53 -57.54 -89.84
CA UNK G 1193 -51.84 -58.13 -89.84
C UNK G 1193 -51.85 -59.12 -90.97
N UNK G 1194 -51.28 -58.71 -92.11
CA UNK G 1194 -51.25 -59.57 -93.26
C UNK G 1194 -50.22 -59.03 -94.21
N UNK G 1195 -49.84 -59.85 -95.21
CA UNK G 1195 -48.88 -59.44 -96.18
C UNK G 1195 -49.31 -60.02 -97.50
N UNK G 1196 -48.83 -59.42 -98.61
CA UNK G 1196 -49.19 -59.91 -99.91
C UNK G 1196 -47.98 -59.80 -100.79
N UNK G 1197 -47.93 -60.64 -101.84
CA UNK G 1197 -46.79 -60.61 -102.71
C UNK G 1197 -47.25 -60.09 -104.04
N UNK G 1198 -46.36 -59.34 -104.71
CA UNK G 1198 -46.66 -58.83 -106.02
C UNK G 1198 -46.48 -59.96 -106.96
N UNK G 1199 -47.01 -59.84 -108.18
CA UNK G 1199 -46.88 -60.89 -109.16
C UNK G 1199 -45.42 -61.08 -109.39
N UNK G 1200 -44.68 -59.96 -109.44
CA UNK G 1200 -43.26 -59.98 -109.66
C UNK G 1200 -42.62 -60.74 -108.55
N UNK G 1201 -43.19 -60.61 -107.33
CA UNK G 1201 -42.65 -61.23 -106.15
C UNK G 1201 -41.43 -60.45 -105.77
N UNK G 1202 -41.22 -59.32 -106.45
CA UNK G 1202 -40.14 -58.42 -106.12
C UNK G 1202 -40.40 -57.81 -104.79
N UNK G 1203 -41.67 -57.40 -104.53
CA UNK G 1203 -41.94 -56.70 -103.30
C UNK G 1203 -43.09 -57.35 -102.60
N UNK G 1204 -43.18 -57.08 -101.28
CA UNK G 1204 -44.26 -57.61 -100.51
C UNK G 1204 -44.89 -56.45 -99.80
N UNK G 1205 -46.23 -56.50 -99.61
CA UNK G 1205 -46.86 -55.43 -98.91
C UNK G 1205 -47.07 -55.91 -97.52
N UNK G 1206 -46.74 -55.06 -96.53
CA UNK G 1206 -46.90 -55.46 -95.16
C UNK G 1206 -48.00 -54.64 -94.57
N UNK G 1207 -48.87 -55.30 -93.80
CA UNK G 1207 -49.93 -54.58 -93.17
C UNK G 1207 -49.58 -54.51 -91.72
N UNK G 1208 -49.73 -53.32 -91.11
CA UNK G 1208 -49.40 -53.18 -89.73
C UNK G 1208 -50.39 -52.23 -89.14
N UNK G 1209 -50.42 -52.14 -87.80
CA UNK G 1209 -51.33 -51.23 -87.18
C UNK G 1209 -50.93 -49.87 -87.65
N UNK G 1210 -49.62 -49.63 -87.72
CA UNK G 1210 -49.10 -48.37 -88.18
C UNK G 1210 -49.25 -48.36 -89.66
N UNK G 1211 -48.69 -47.33 -90.31
CA UNK G 1211 -48.77 -47.26 -91.74
C UNK G 1211 -48.21 -48.53 -92.27
N UNK G 1212 -48.74 -49.00 -93.41
CA UNK G 1212 -48.29 -50.22 -93.99
C UNK G 1212 -46.95 -49.97 -94.58
N UNK G 1213 -46.17 -51.04 -94.77
CA UNK G 1213 -44.87 -50.88 -95.33
C UNK G 1213 -44.80 -51.71 -96.57
N UNK G 1214 -44.05 -51.23 -97.57
CA UNK G 1214 -43.82 -52.00 -98.76
C UNK G 1214 -42.35 -52.26 -98.74
N UNK G 1215 -41.93 -53.53 -98.83
CA UNK G 1215 -40.51 -53.79 -98.79
C UNK G 1215 -40.17 -54.56 -100.01
N UNK G 1216 -38.94 -54.38 -100.53
CA UNK G 1216 -38.57 -55.10 -101.72
C UNK G 1216 -37.64 -56.19 -101.33
N UNK G 1217 -37.83 -57.38 -101.92
CA UNK G 1217 -36.97 -58.50 -101.66
C UNK G 1217 -36.22 -58.73 -102.94
N UNK G 1218 -34.92 -59.06 -102.84
CA UNK G 1218 -34.20 -59.27 -104.06
C UNK G 1218 -34.21 -60.74 -104.34
N UNK G 1219 -34.65 -61.10 -105.56
CA UNK G 1219 -34.67 -62.49 -105.92
C UNK G 1219 -33.26 -62.95 -105.92
N UNK G 1220 -32.35 -62.12 -106.46
CA UNK G 1220 -30.97 -62.46 -106.50
C UNK G 1220 -30.21 -61.24 -106.11
N UNK G 1221 -28.96 -61.41 -105.66
CA UNK G 1221 -28.16 -60.29 -105.30
C UNK G 1221 -28.02 -59.44 -106.56
N MET H 7 -20.53 -35.40 -43.20
CA MET H 7 -21.03 -35.38 -41.81
C MET H 7 -21.03 -33.95 -41.41
N ASP H 8 -21.63 -33.65 -40.25
CA ASP H 8 -21.64 -32.30 -39.81
C ASP H 8 -20.22 -32.03 -39.44
N PHE H 9 -19.85 -30.77 -39.19
CA PHE H 9 -18.48 -30.54 -38.85
C PHE H 9 -18.20 -31.31 -37.61
N GLU H 10 -19.10 -31.19 -36.61
CA GLU H 10 -18.88 -31.90 -35.37
C GLU H 10 -18.91 -33.37 -35.62
N THR H 11 -19.78 -33.83 -36.54
CA THR H 11 -19.86 -35.24 -36.75
C THR H 11 -18.52 -35.71 -37.22
N GLY H 12 -17.98 -35.03 -38.25
CA GLY H 12 -16.72 -35.39 -38.84
C GLY H 12 -15.62 -35.20 -37.86
N GLU H 13 -15.66 -34.10 -37.09
CA GLU H 13 -14.60 -33.81 -36.18
C GLU H 13 -14.51 -34.92 -35.20
N HIS H 14 -15.68 -35.35 -34.68
CA HIS H 14 -15.72 -36.40 -33.73
C HIS H 14 -15.36 -37.71 -34.36
N GLN H 15 -15.82 -37.98 -35.60
CA GLN H 15 -15.51 -39.24 -36.21
C GLN H 15 -14.03 -39.29 -36.40
N TYR H 16 -13.50 -38.15 -36.84
CA TYR H 16 -12.13 -37.93 -37.12
C TYR H 16 -11.34 -38.16 -35.86
N GLN H 17 -11.84 -37.67 -34.72
CA GLN H 17 -11.19 -37.86 -33.45
C GLN H 17 -11.31 -39.27 -32.96
N TYR H 18 -12.53 -39.80 -33.10
CA TYR H 18 -13.10 -41.01 -32.61
C TYR H 18 -12.49 -42.20 -33.28
N LYS H 19 -11.69 -41.99 -34.34
CA LYS H 19 -11.12 -42.99 -35.20
C LYS H 19 -10.38 -44.09 -34.49
N ASP H 20 -9.34 -43.79 -33.70
CA ASP H 20 -8.49 -44.80 -33.13
C ASP H 20 -9.33 -45.72 -32.32
N ILE H 21 -10.28 -45.13 -31.57
CA ILE H 21 -11.14 -45.97 -30.80
C ILE H 21 -11.94 -46.86 -31.72
N LEU H 22 -12.46 -46.35 -32.85
CA LEU H 22 -13.22 -47.29 -33.64
C LEU H 22 -12.35 -48.38 -34.16
N SER H 23 -11.18 -48.03 -34.72
CA SER H 23 -10.38 -49.03 -35.36
C SER H 23 -10.02 -50.09 -34.38
N VAL H 24 -9.46 -49.70 -33.24
CA VAL H 24 -9.02 -50.64 -32.26
C VAL H 24 -10.18 -51.35 -31.66
N PHE H 25 -11.30 -50.66 -31.42
CA PHE H 25 -12.33 -51.29 -30.64
C PHE H 25 -12.84 -52.50 -31.35
N GLU H 26 -13.33 -52.32 -32.59
CA GLU H 26 -13.87 -53.43 -33.30
C GLU H 26 -12.77 -54.32 -33.64
N ASP H 27 -11.54 -53.81 -33.94
CA ASP H 27 -10.38 -54.54 -34.43
C ASP H 27 -10.45 -56.01 -34.13
N ALA H 28 -10.31 -56.83 -35.19
CA ALA H 28 -10.40 -58.26 -35.17
C ALA H 28 -11.85 -58.65 -35.16
N PHE H 29 -12.69 -57.83 -34.54
CA PHE H 29 -14.12 -57.78 -34.65
C PHE H 29 -14.53 -56.89 -35.79
N VAL H 30 -13.81 -55.78 -36.04
CA VAL H 30 -14.18 -54.87 -37.09
C VAL H 30 -14.11 -55.60 -38.38
N ASP H 31 -13.07 -56.41 -38.54
CA ASP H 31 -12.89 -57.12 -39.78
C ASP H 31 -14.06 -58.03 -39.97
N ASN H 32 -14.43 -58.75 -38.90
CA ASN H 32 -15.49 -59.70 -39.00
C ASN H 32 -16.76 -59.00 -39.31
N PHE H 33 -17.02 -57.85 -38.65
CA PHE H 33 -18.29 -57.25 -38.88
C PHE H 33 -18.37 -56.76 -40.28
N ASP H 34 -17.27 -56.23 -40.87
CA ASP H 34 -17.32 -55.75 -42.23
C ASP H 34 -17.72 -56.85 -43.16
N CYS H 35 -17.15 -58.04 -42.98
CA CYS H 35 -17.45 -59.09 -43.90
C CYS H 35 -18.93 -59.35 -43.86
N LYS H 36 -19.51 -59.38 -42.64
CA LYS H 36 -20.91 -59.59 -42.45
C LYS H 36 -21.58 -58.41 -43.07
N ASP H 37 -20.87 -57.27 -42.98
CA ASP H 37 -21.28 -55.92 -43.22
C ASP H 37 -21.74 -55.62 -44.59
N VAL H 38 -21.38 -56.45 -45.58
CA VAL H 38 -21.63 -56.11 -46.94
C VAL H 38 -23.06 -55.75 -47.18
N GLN H 39 -24.06 -56.21 -46.45
CA GLN H 39 -25.28 -55.60 -46.91
C GLN H 39 -25.33 -54.14 -46.48
N ASP H 40 -24.94 -53.89 -45.24
CA ASP H 40 -24.94 -52.53 -44.70
C ASP H 40 -24.21 -51.58 -45.62
N MET H 41 -22.90 -51.78 -45.77
CA MET H 41 -22.08 -50.94 -46.62
C MET H 41 -22.72 -50.73 -47.99
N PRO H 42 -23.56 -51.68 -48.39
CA PRO H 42 -24.25 -51.61 -49.67
C PRO H 42 -25.50 -50.73 -49.61
N LYS H 43 -25.58 -49.90 -48.58
CA LYS H 43 -26.72 -49.01 -48.41
C LYS H 43 -26.27 -47.59 -48.07
N SER H 44 -27.19 -46.64 -48.14
CA SER H 44 -26.89 -45.25 -47.85
C SER H 44 -25.68 -45.13 -46.92
N ILE H 45 -24.77 -46.09 -47.03
CA ILE H 45 -23.57 -46.10 -46.20
C ILE H 45 -22.32 -46.37 -47.05
N LEU H 46 -22.36 -47.44 -47.84
CA LEU H 46 -21.24 -47.81 -48.69
C LEU H 46 -21.68 -48.72 -49.81
N SER H 47 -21.71 -48.20 -51.03
CA SER H 47 -22.12 -48.97 -52.20
C SER H 47 -21.64 -50.41 -52.10
N LYS H 48 -22.26 -51.30 -52.87
CA LYS H 48 -21.91 -52.67 -52.86
C LYS H 48 -20.45 -52.76 -53.13
N GLU H 49 -19.98 -51.95 -54.09
CA GLU H 49 -18.61 -52.00 -54.47
C GLU H 49 -17.79 -51.55 -53.30
N GLU H 50 -18.29 -50.54 -52.58
CA GLU H 50 -17.50 -49.97 -51.53
C GLU H 50 -17.27 -50.96 -50.42
N ILE H 51 -18.22 -51.86 -50.09
CA ILE H 51 -17.86 -52.69 -48.98
C ILE H 51 -16.74 -53.57 -49.40
N ASP H 52 -16.81 -54.09 -50.63
CA ASP H 52 -15.78 -54.95 -51.12
C ASP H 52 -14.53 -54.15 -51.14
N HIS H 53 -14.67 -52.83 -51.39
CA HIS H 53 -13.51 -51.98 -51.45
C HIS H 53 -12.81 -52.03 -50.12
N ILE H 54 -13.53 -51.80 -49.01
CA ILE H 54 -12.87 -51.76 -47.72
C ILE H 54 -12.34 -53.12 -47.41
N ILE H 55 -13.13 -54.14 -47.73
CA ILE H 55 -12.83 -55.50 -47.41
C ILE H 55 -11.52 -55.87 -48.02
N MET H 56 -11.29 -55.41 -49.27
CA MET H 56 -10.12 -55.80 -50.00
C MET H 56 -8.87 -55.36 -49.30
N SER H 57 -8.82 -54.12 -48.78
CA SER H 57 -7.63 -53.68 -48.10
C SER H 57 -7.41 -54.63 -46.97
N LYS H 58 -6.35 -55.45 -47.13
CA LYS H 58 -6.05 -56.56 -46.28
C LYS H 58 -5.79 -56.11 -44.89
N ASP H 59 -4.91 -55.11 -44.76
CA ASP H 59 -4.38 -54.76 -43.47
C ASP H 59 -5.49 -54.26 -42.66
N ALA H 60 -5.47 -54.60 -41.35
CA ALA H 60 -6.52 -54.21 -40.49
C ALA H 60 -6.57 -52.72 -40.46
N VAL H 61 -5.38 -52.08 -40.42
CA VAL H 61 -5.32 -50.65 -40.36
C VAL H 61 -5.93 -50.11 -41.62
N SER H 62 -5.57 -50.72 -42.77
CA SER H 62 -6.03 -50.28 -44.05
C SER H 62 -7.51 -50.44 -44.14
N GLY H 63 -8.02 -51.56 -43.61
CA GLY H 63 -9.43 -51.83 -43.73
C GLY H 63 -10.18 -50.76 -43.01
N THR H 64 -9.72 -50.39 -41.82
CA THR H 64 -10.43 -49.40 -41.06
C THR H 64 -10.35 -48.08 -41.77
N LEU H 65 -9.17 -47.74 -42.30
CA LEU H 65 -8.97 -46.47 -42.94
C LEU H 65 -9.82 -46.42 -44.17
N ARG H 66 -9.89 -47.53 -44.93
CA ARG H 66 -10.64 -47.50 -46.15
C ARG H 66 -12.07 -47.16 -45.87
N LEU H 67 -12.70 -47.80 -44.88
CA LEU H 67 -14.09 -47.56 -44.62
C LEU H 67 -14.28 -46.15 -44.18
N PHE H 68 -13.38 -45.61 -43.34
CA PHE H 68 -13.57 -44.27 -42.86
C PHE H 68 -13.51 -43.34 -44.04
N TRP H 69 -12.62 -43.65 -45.00
CA TRP H 69 -12.44 -42.81 -46.15
C TRP H 69 -13.73 -42.72 -46.90
N THR H 70 -14.39 -43.86 -47.16
CA THR H 70 -15.59 -43.83 -47.94
C THR H 70 -16.64 -43.05 -47.19
N LEU H 71 -16.65 -43.20 -45.86
CA LEU H 71 -17.61 -42.57 -45.00
C LEU H 71 -17.49 -41.07 -45.10
N LEU H 72 -16.26 -40.55 -45.21
CA LEU H 72 -16.06 -39.13 -45.21
C LEU H 72 -16.75 -38.52 -46.39
N SER H 73 -16.71 -39.18 -47.55
CA SER H 73 -17.23 -38.66 -48.77
C SER H 73 -18.70 -38.44 -48.65
N LYS H 74 -19.35 -39.04 -47.65
CA LYS H 74 -20.74 -38.82 -47.59
C LYS H 74 -21.07 -37.68 -46.72
N GLN H 75 -22.38 -37.45 -46.65
CA GLN H 75 -22.96 -36.36 -45.98
C GLN H 75 -23.20 -36.73 -44.56
N GLU H 76 -23.81 -35.78 -43.83
CA GLU H 76 -24.18 -35.97 -42.46
C GLU H 76 -25.08 -37.14 -42.42
N GLU H 77 -25.88 -37.34 -43.47
CA GLU H 77 -26.84 -38.39 -43.45
C GLU H 77 -26.13 -39.69 -43.25
N MET H 78 -24.96 -39.86 -43.88
CA MET H 78 -24.24 -41.09 -43.80
C MET H 78 -23.86 -41.38 -42.38
N VAL H 79 -23.40 -40.37 -41.61
CA VAL H 79 -23.00 -40.67 -40.27
C VAL H 79 -24.20 -41.17 -39.54
N GLN H 80 -25.37 -40.58 -39.81
CA GLN H 80 -26.58 -40.98 -39.14
C GLN H 80 -26.92 -42.38 -39.52
N LYS H 81 -26.76 -42.76 -40.80
CA LYS H 81 -27.11 -44.09 -41.18
C LYS H 81 -26.18 -45.05 -40.51
N PHE H 82 -24.87 -44.73 -40.52
CA PHE H 82 -23.85 -45.54 -39.95
C PHE H 82 -24.11 -45.66 -38.48
N VAL H 83 -24.49 -44.56 -37.82
CA VAL H 83 -24.71 -44.68 -36.41
C VAL H 83 -25.82 -45.65 -36.19
N GLU H 84 -26.83 -45.63 -37.08
CA GLU H 84 -27.96 -46.50 -36.92
C GLU H 84 -27.50 -47.92 -37.03
N GLU H 85 -26.62 -48.22 -38.00
CA GLU H 85 -26.19 -49.58 -38.17
C GLU H 85 -25.47 -50.02 -36.94
N VAL H 86 -24.71 -49.12 -36.29
CA VAL H 86 -23.96 -49.50 -35.14
C VAL H 86 -24.89 -49.90 -34.04
N LEU H 87 -26.00 -49.16 -33.87
CA LEU H 87 -26.95 -49.45 -32.82
C LEU H 87 -27.61 -50.76 -33.14
N ARG H 88 -27.94 -51.00 -34.42
CA ARG H 88 -28.59 -52.23 -34.79
C ARG H 88 -27.65 -53.34 -34.45
N ILE H 89 -26.36 -53.12 -34.73
CA ILE H 89 -25.31 -54.04 -34.42
C ILE H 89 -25.29 -54.18 -32.94
N ASN H 90 -25.71 -53.10 -32.24
CA ASN H 90 -25.66 -52.98 -30.82
C ASN H 90 -24.28 -53.28 -30.46
N TYR H 91 -23.45 -52.47 -31.12
CA TYR H 91 -22.07 -52.48 -30.86
C TYR H 91 -22.08 -51.48 -29.75
N LYS H 92 -22.51 -51.98 -28.58
CA LYS H 92 -22.98 -51.14 -27.52
C LYS H 92 -22.00 -50.12 -27.08
N PHE H 93 -20.77 -50.52 -26.72
CA PHE H 93 -19.91 -49.52 -26.16
C PHE H 93 -19.61 -48.52 -27.20
N LEU H 94 -19.27 -48.95 -28.41
CA LEU H 94 -18.87 -48.02 -29.41
C LEU H 94 -20.00 -47.14 -29.76
N MET H 95 -21.23 -47.69 -29.83
CA MET H 95 -22.29 -46.84 -30.25
C MET H 95 -22.53 -45.78 -29.24
N SER H 96 -22.35 -46.07 -27.93
CA SER H 96 -22.61 -45.06 -26.93
C SER H 96 -21.71 -43.87 -27.15
N PRO H 97 -20.41 -44.00 -27.22
CA PRO H 97 -19.67 -42.82 -27.54
C PRO H 97 -19.97 -42.18 -28.86
N ILE H 98 -20.40 -42.93 -29.89
CA ILE H 98 -20.68 -42.21 -31.09
C ILE H 98 -21.85 -41.29 -30.86
N LYS H 99 -22.89 -41.75 -30.12
CA LYS H 99 -24.02 -40.88 -29.95
C LYS H 99 -23.66 -39.68 -29.14
N THR H 100 -22.75 -39.80 -28.17
CA THR H 100 -22.41 -38.64 -27.40
C THR H 100 -21.78 -37.65 -28.33
N GLU H 101 -21.00 -38.17 -29.27
CA GLU H 101 -20.26 -37.46 -30.27
C GLU H 101 -21.19 -36.60 -31.06
N GLN H 102 -22.35 -37.13 -31.51
CA GLN H 102 -23.19 -36.29 -32.32
C GLN H 102 -23.63 -35.10 -31.53
N ARG H 103 -23.30 -33.90 -32.08
CA ARG H 103 -23.55 -32.58 -31.57
C ARG H 103 -23.00 -32.36 -30.19
N GLN H 104 -21.66 -32.47 -30.02
CA GLN H 104 -21.05 -32.22 -28.73
C GLN H 104 -19.74 -31.50 -28.93
N PRO H 105 -19.49 -30.47 -28.15
CA PRO H 105 -18.21 -29.78 -28.22
C PRO H 105 -17.17 -30.37 -27.31
N SER H 106 -15.86 -30.06 -27.54
CA SER H 106 -14.80 -30.52 -26.68
C SER H 106 -13.55 -29.78 -27.09
N MET H 107 -12.58 -29.65 -26.16
CA MET H 107 -11.35 -28.99 -26.49
C MET H 107 -10.63 -29.77 -27.54
N MET H 108 -10.54 -31.10 -27.36
CA MET H 108 -9.84 -31.95 -28.28
C MET H 108 -10.53 -31.96 -29.60
N THR H 109 -11.87 -32.00 -29.58
CA THR H 109 -12.61 -32.05 -30.81
C THR H 109 -12.36 -30.81 -31.59
N ARG H 110 -12.40 -29.67 -30.89
CA ARG H 110 -12.27 -28.39 -31.52
C ARG H 110 -10.93 -28.27 -32.16
N MET H 111 -9.88 -28.76 -31.49
CA MET H 111 -8.58 -28.62 -32.07
C MET H 111 -8.49 -29.42 -33.33
N TYR H 112 -9.10 -30.62 -33.36
CA TYR H 112 -8.97 -31.45 -34.52
C TYR H 112 -9.66 -30.81 -35.69
N ILE H 113 -10.85 -30.23 -35.49
CA ILE H 113 -11.57 -29.63 -36.57
C ILE H 113 -10.78 -28.50 -37.12
N GLU H 114 -10.15 -27.71 -36.24
CA GLU H 114 -9.39 -26.57 -36.63
C GLU H 114 -8.28 -27.00 -37.53
N GLN H 115 -7.58 -28.09 -37.16
CA GLN H 115 -6.44 -28.54 -37.90
C GLN H 115 -6.88 -28.95 -39.28
N ARG H 116 -8.03 -29.65 -39.37
CA ARG H 116 -8.54 -30.13 -40.61
C ARG H 116 -8.82 -28.97 -41.53
N ASP H 117 -9.44 -27.89 -41.01
CA ASP H 117 -9.79 -26.78 -41.84
C ASP H 117 -8.54 -26.14 -42.35
N ARG H 118 -7.52 -26.03 -41.50
CA ARG H 118 -6.32 -25.36 -41.91
C ARG H 118 -5.70 -26.10 -43.06
N LEU H 119 -5.67 -27.45 -43.01
CA LEU H 119 -5.03 -28.12 -44.10
C LEU H 119 -5.79 -27.93 -45.37
N TYR H 120 -7.14 -27.87 -45.31
CA TYR H 120 -7.88 -27.68 -46.52
C TYR H 120 -7.48 -26.38 -47.13
N ASN H 121 -7.38 -25.33 -46.31
CA ASN H 121 -7.08 -24.00 -46.78
C ASN H 121 -5.73 -24.02 -47.41
N ASP H 122 -4.81 -24.81 -46.84
CA ASP H 122 -3.46 -24.89 -47.30
C ASP H 122 -3.45 -25.41 -48.70
N ASN H 123 -4.32 -26.38 -49.05
CA ASN H 123 -4.11 -26.82 -50.40
C ASN H 123 -5.26 -27.58 -50.99
N GLN H 124 -6.03 -28.33 -50.16
CA GLN H 124 -6.99 -29.26 -50.71
C GLN H 124 -8.17 -28.58 -51.35
N VAL H 125 -7.98 -28.08 -52.59
CA VAL H 125 -9.03 -27.57 -53.43
C VAL H 125 -9.69 -28.73 -54.09
N PHE H 126 -8.83 -29.50 -54.73
CA PHE H 126 -9.14 -30.72 -55.36
C PHE H 126 -8.04 -31.55 -55.38
N ALA H 127 -8.57 -32.61 -55.86
CA ALA H 127 -8.02 -33.80 -56.00
C ALA H 127 -9.26 -34.54 -55.84
N LYS H 128 -9.97 -34.69 -56.95
CA LYS H 128 -11.25 -35.27 -56.84
C LYS H 128 -11.09 -36.67 -56.42
N TYR H 129 -10.20 -37.45 -57.08
CA TYR H 129 -10.21 -38.79 -56.60
C TYR H 129 -8.84 -39.31 -56.39
N ASN H 130 -8.72 -40.19 -55.40
CA ASN H 130 -7.41 -40.53 -54.92
C ASN H 130 -7.27 -41.96 -54.56
N VAL H 131 -6.03 -42.44 -54.73
CA VAL H 131 -5.47 -43.74 -54.61
C VAL H 131 -5.00 -43.74 -53.22
N SER H 132 -5.26 -44.84 -52.51
CA SER H 132 -4.93 -44.80 -51.14
C SER H 132 -3.69 -45.59 -50.99
N ARG H 133 -2.62 -44.90 -50.58
CA ARG H 133 -1.39 -45.58 -50.39
C ARG H 133 -1.39 -45.73 -48.96
N LEU H 134 -1.97 -46.81 -48.54
CA LEU H 134 -1.96 -46.88 -47.14
C LEU H 134 -0.54 -47.11 -46.76
N GLN H 135 0.20 -47.85 -47.60
CA GLN H 135 1.53 -48.18 -47.19
C GLN H 135 2.37 -46.96 -46.96
N PRO H 136 2.49 -46.00 -47.85
CA PRO H 136 3.33 -44.88 -47.52
C PRO H 136 2.76 -43.99 -46.46
N TYR H 137 1.42 -43.94 -46.39
CA TYR H 137 0.68 -43.12 -45.46
C TYR H 137 0.96 -43.57 -44.06
N LEU H 138 0.85 -44.89 -43.81
CA LEU H 138 1.08 -45.41 -42.50
C LEU H 138 2.52 -45.21 -42.12
N LYS H 139 3.44 -45.40 -43.08
CA LYS H 139 4.83 -45.32 -42.74
C LYS H 139 5.16 -43.96 -42.21
N LEU H 140 4.66 -42.90 -42.88
CA LEU H 140 5.02 -41.58 -42.46
C LEU H 140 4.48 -41.33 -41.10
N ARG H 141 3.23 -41.74 -40.82
CA ARG H 141 2.67 -41.34 -39.56
C ARG H 141 3.44 -42.01 -38.46
N GLN H 142 3.79 -43.30 -38.66
CA GLN H 142 4.37 -44.05 -37.59
C GLN H 142 5.67 -43.43 -37.23
N ALA H 143 6.48 -43.09 -38.25
CA ALA H 143 7.77 -42.53 -37.98
C ALA H 143 7.62 -41.21 -37.31
N LEU H 144 6.68 -40.38 -37.81
CA LEU H 144 6.56 -39.05 -37.30
C LEU H 144 6.13 -39.11 -35.87
N LEU H 145 5.23 -40.04 -35.55
CA LEU H 145 4.74 -40.17 -34.21
C LEU H 145 5.90 -40.53 -33.35
N GLU H 146 6.69 -41.52 -33.81
CA GLU H 146 7.77 -42.06 -33.02
C GLU H 146 8.84 -41.05 -32.77
N LEU H 147 9.32 -40.34 -33.82
CA LEU H 147 10.42 -39.50 -33.46
C LEU H 147 9.87 -38.12 -33.34
N ARG H 148 9.43 -37.82 -32.12
CA ARG H 148 8.90 -36.54 -31.77
C ARG H 148 9.99 -35.52 -31.73
N PRO H 149 11.14 -35.83 -31.17
CA PRO H 149 12.17 -34.85 -31.06
C PRO H 149 12.64 -34.43 -32.41
N ALA H 150 13.41 -33.31 -32.47
CA ALA H 150 13.82 -32.76 -33.73
C ALA H 150 14.42 -33.84 -34.56
N LYS H 151 13.99 -33.90 -35.83
CA LYS H 151 14.53 -34.85 -36.76
C LYS H 151 14.16 -34.38 -38.11
N ASN H 152 14.55 -35.14 -39.16
CA ASN H 152 14.13 -34.71 -40.46
C ASN H 152 13.46 -35.86 -41.12
N VAL H 153 12.14 -35.72 -41.36
CA VAL H 153 11.43 -36.74 -42.06
C VAL H 153 11.42 -36.27 -43.47
N LEU H 154 12.08 -37.01 -44.37
CA LEU H 154 11.99 -36.56 -45.71
C LEU H 154 10.80 -37.23 -46.26
N ILE H 155 10.35 -36.60 -47.32
CA ILE H 155 9.42 -37.08 -48.23
C ILE H 155 10.08 -36.50 -49.41
N ASP H 156 10.35 -37.31 -50.43
CA ASP H 156 11.00 -36.73 -51.56
C ASP H 156 10.86 -37.45 -52.88
N GLY H 157 10.12 -36.95 -53.89
CA GLY H 157 9.89 -37.76 -55.06
C GLY H 157 9.89 -36.86 -56.26
N VAL H 158 9.44 -37.40 -57.42
CA VAL H 158 9.40 -36.67 -58.66
C VAL H 158 8.43 -35.54 -58.47
N LEU H 159 8.60 -34.45 -59.26
CA LEU H 159 7.68 -33.37 -59.08
C LEU H 159 6.30 -33.86 -59.36
N GLY H 160 5.37 -33.56 -58.44
CA GLY H 160 3.98 -33.91 -58.61
C GLY H 160 3.74 -35.34 -58.22
N SER H 161 4.67 -35.97 -57.50
CA SER H 161 4.52 -37.34 -57.09
C SER H 161 3.44 -37.42 -56.06
N GLY H 162 3.05 -36.27 -55.46
CA GLY H 162 2.03 -36.32 -54.47
C GLY H 162 2.60 -36.28 -53.08
N LYS H 163 3.79 -35.68 -53.03
CA LYS H 163 4.52 -35.56 -51.81
C LYS H 163 3.74 -34.80 -50.77
N THR H 164 3.35 -33.54 -51.13
CA THR H 164 2.70 -32.48 -50.35
C THR H 164 1.31 -32.84 -50.00
N TRP H 165 0.61 -33.45 -50.97
CA TRP H 165 -0.72 -33.86 -50.69
C TRP H 165 -0.59 -34.84 -49.55
N VAL H 166 0.32 -35.88 -49.62
CA VAL H 166 0.48 -36.92 -48.65
C VAL H 166 0.75 -36.33 -47.30
N ALA H 167 1.60 -35.29 -47.25
CA ALA H 167 1.96 -34.71 -45.98
C ALA H 167 0.75 -34.12 -45.34
N LEU H 168 -0.11 -33.44 -46.13
CA LEU H 168 -1.25 -32.80 -45.56
C LEU H 168 -2.11 -33.84 -44.94
N ASP H 169 -2.35 -34.94 -45.67
CA ASP H 169 -3.24 -35.98 -45.25
C ASP H 169 -2.75 -36.57 -43.96
N VAL H 170 -1.43 -36.75 -43.82
CA VAL H 170 -0.96 -37.35 -42.61
C VAL H 170 -1.29 -36.44 -41.47
N CYS H 171 -1.15 -35.12 -41.65
CA CYS H 171 -1.44 -34.21 -40.60
C CYS H 171 -2.93 -34.23 -40.31
N LEU H 172 -3.79 -34.30 -41.36
CA LEU H 172 -5.21 -34.17 -41.18
C LEU H 172 -5.93 -35.30 -40.49
N SER H 173 -5.68 -36.60 -40.80
CA SER H 173 -6.50 -37.65 -40.20
C SER H 173 -6.03 -37.96 -38.80
N TYR H 174 -4.85 -37.42 -38.50
CA TYR H 174 -3.92 -37.50 -37.43
C TYR H 174 -4.16 -36.81 -36.13
N LYS H 175 -5.40 -36.71 -35.64
CA LYS H 175 -5.70 -35.98 -34.44
C LYS H 175 -4.67 -36.31 -33.37
N VAL H 176 -4.21 -37.57 -33.27
CA VAL H 176 -3.23 -37.93 -32.27
C VAL H 176 -1.96 -37.15 -32.49
N GLN H 177 -1.48 -37.09 -33.75
CA GLN H 177 -0.22 -36.45 -34.05
C GLN H 177 -0.32 -35.00 -33.72
N CYS H 178 -1.47 -34.38 -34.06
CA CYS H 178 -1.65 -32.97 -33.85
C CYS H 178 -1.62 -32.70 -32.38
N LYS H 179 -2.18 -33.58 -31.55
CA LYS H 179 -2.18 -33.32 -30.14
C LYS H 179 -0.79 -33.34 -29.61
N MET H 180 0.00 -34.35 -30.00
CA MET H 180 1.32 -34.47 -29.43
C MET H 180 2.15 -33.31 -29.83
N ASP H 181 2.14 -32.93 -31.12
CA ASP H 181 2.93 -31.79 -31.47
C ASP H 181 2.18 -30.62 -30.92
N PHE H 182 2.88 -29.66 -30.28
CA PHE H 182 2.09 -28.61 -29.72
C PHE H 182 1.42 -27.84 -30.80
N LYS H 183 2.19 -27.42 -31.82
CA LYS H 183 1.60 -26.66 -32.88
C LYS H 183 2.37 -26.99 -34.11
N ILE H 184 1.79 -26.70 -35.30
CA ILE H 184 2.53 -27.04 -36.48
C ILE H 184 2.56 -25.84 -37.39
N PHE H 185 3.73 -25.60 -38.01
CA PHE H 185 3.87 -24.49 -38.92
C PHE H 185 4.19 -25.08 -40.26
N TRP H 186 3.44 -24.66 -41.30
CA TRP H 186 3.69 -25.20 -42.61
C TRP H 186 4.01 -24.05 -43.51
N LEU H 187 5.16 -24.13 -44.21
CA LEU H 187 5.48 -23.09 -45.15
C LEU H 187 6.04 -23.75 -46.37
N ASN H 188 5.77 -23.16 -47.55
CA ASN H 188 6.33 -23.72 -48.75
C ASN H 188 7.47 -22.82 -49.10
N LEU H 189 8.69 -23.36 -49.05
CA LEU H 189 9.85 -22.56 -49.26
C LEU H 189 9.94 -22.13 -50.68
N LYS H 190 10.25 -20.83 -50.84
CA LYS H 190 10.53 -20.16 -52.07
C LYS H 190 11.99 -20.44 -52.28
N ASN H 191 12.47 -20.37 -53.54
CA ASN H 191 13.83 -20.72 -53.89
C ASN H 191 14.77 -20.10 -52.90
N CYS H 192 15.40 -20.98 -52.08
CA CYS H 192 16.36 -20.66 -51.06
C CYS H 192 17.69 -20.35 -51.66
N ASN H 193 18.00 -20.98 -52.82
CA ASN H 193 19.29 -20.74 -53.38
C ASN H 193 19.46 -19.28 -53.69
N SER H 194 18.37 -18.56 -54.02
CA SER H 194 18.49 -17.14 -54.17
C SER H 194 18.64 -16.60 -52.76
N PRO H 195 19.63 -15.76 -52.57
CA PRO H 195 20.03 -15.21 -51.30
C PRO H 195 19.04 -14.48 -50.41
N GLU H 196 18.43 -13.39 -50.89
CA GLU H 196 17.60 -12.56 -50.06
C GLU H 196 16.49 -13.41 -49.57
N THR H 197 16.22 -14.48 -50.31
CA THR H 197 15.10 -15.35 -50.05
C THR H 197 15.14 -15.85 -48.65
N VAL H 198 16.31 -16.28 -48.14
CA VAL H 198 16.32 -16.86 -46.82
C VAL H 198 15.81 -15.88 -45.81
N LEU H 199 16.28 -14.63 -45.85
CA LEU H 199 15.82 -13.70 -44.86
C LEU H 199 14.36 -13.47 -45.02
N GLU H 200 13.91 -13.41 -46.28
CA GLU H 200 12.53 -13.13 -46.57
C GLU H 200 11.70 -14.20 -45.93
N MET H 201 12.09 -15.47 -46.08
CA MET H 201 11.29 -16.55 -45.59
C MET H 201 11.23 -16.49 -44.09
N LEU H 202 12.37 -16.20 -43.45
CA LEU H 202 12.44 -16.26 -42.03
C LEU H 202 11.65 -15.12 -41.46
N GLN H 203 11.57 -13.99 -42.18
CA GLN H 203 10.86 -12.86 -41.67
C GLN H 203 9.43 -13.26 -41.50
N LYS H 204 8.88 -14.01 -42.47
CA LYS H 204 7.51 -14.44 -42.41
C LYS H 204 7.36 -15.32 -41.21
N LEU H 205 8.38 -16.14 -40.93
CA LEU H 205 8.33 -17.03 -39.82
C LEU H 205 8.17 -16.20 -38.60
N LEU H 206 8.92 -15.10 -38.56
CA LEU H 206 8.98 -14.25 -37.41
C LEU H 206 7.59 -13.70 -37.24
N TYR H 207 6.94 -13.33 -38.36
CA TYR H 207 5.64 -12.72 -38.26
C TYR H 207 4.66 -13.69 -37.66
N GLN H 208 4.64 -14.94 -38.18
CA GLN H 208 3.69 -15.91 -37.74
C GLN H 208 3.92 -16.27 -36.32
N ILE H 209 5.20 -16.33 -35.90
CA ILE H 209 5.48 -16.76 -34.56
C ILE H 209 4.81 -15.77 -33.66
N ASP H 210 4.95 -14.47 -33.98
CA ASP H 210 4.31 -13.38 -33.29
C ASP H 210 4.61 -12.15 -34.09
N PRO H 211 3.64 -11.30 -34.20
CA PRO H 211 3.82 -10.00 -34.78
C PRO H 211 4.30 -9.08 -33.70
N ASN H 212 4.60 -9.65 -32.52
CA ASN H 212 4.85 -9.01 -31.26
C ASN H 212 5.76 -7.82 -31.28
N TRP H 213 6.79 -7.94 -30.42
CA TRP H 213 7.95 -7.13 -30.17
C TRP H 213 8.90 -7.49 -31.24
N THR H 214 8.48 -8.56 -31.90
CA THR H 214 9.06 -9.30 -32.93
C THR H 214 9.71 -8.28 -33.82
N SER H 215 8.93 -7.28 -34.26
CA SER H 215 9.35 -6.26 -35.17
C SER H 215 10.36 -5.26 -34.63
N ARG H 216 10.44 -5.03 -33.30
CA ARG H 216 11.21 -3.94 -32.74
C ARG H 216 12.70 -3.99 -32.99
N SER H 217 13.37 -5.16 -32.84
CA SER H 217 14.82 -5.23 -32.84
C SER H 217 15.42 -4.90 -34.16
N ASP H 218 16.72 -4.53 -34.10
CA ASP H 218 17.47 -3.99 -35.20
C ASP H 218 17.49 -4.91 -36.36
N HIS H 219 16.95 -4.41 -37.49
CA HIS H 219 17.06 -5.14 -38.71
C HIS H 219 18.23 -4.52 -39.37
N SER H 220 19.34 -5.27 -39.42
CA SER H 220 20.57 -4.74 -39.93
C SER H 220 20.45 -4.47 -41.37
N SER H 221 21.03 -3.33 -41.77
CA SER H 221 20.99 -2.90 -43.13
C SER H 221 21.74 -3.93 -43.90
N ASN H 222 22.88 -4.38 -43.37
CA ASN H 222 23.61 -5.38 -44.09
C ASN H 222 23.00 -6.69 -43.70
N ILE H 223 23.04 -7.64 -44.64
CA ILE H 223 22.49 -8.94 -44.42
C ILE H 223 23.27 -9.64 -43.37
N LYS H 224 24.59 -9.36 -43.32
CA LYS H 224 25.52 -10.09 -42.50
C LYS H 224 24.99 -10.20 -41.10
N LEU H 225 24.47 -9.10 -40.53
CA LEU H 225 23.92 -9.12 -39.20
C LEU H 225 22.52 -9.70 -39.11
N ARG H 226 21.62 -9.33 -40.03
CA ARG H 226 20.20 -9.61 -39.93
C ARG H 226 19.90 -11.09 -39.91
N ILE H 227 20.52 -11.89 -40.79
CA ILE H 227 20.15 -13.28 -40.85
C ILE H 227 20.48 -13.90 -39.52
N HIS H 228 21.65 -13.57 -38.97
CA HIS H 228 22.08 -14.14 -37.73
C HIS H 228 21.13 -13.71 -36.67
N SER H 229 20.74 -12.43 -36.70
CA SER H 229 19.88 -11.90 -35.68
C SER H 229 18.58 -12.60 -35.73
N ILE H 230 18.07 -12.87 -36.96
CA ILE H 230 16.79 -13.50 -37.03
C ILE H 230 16.84 -14.86 -36.43
N GLN H 231 17.91 -15.62 -36.69
CA GLN H 231 17.94 -16.95 -36.17
C GLN H 231 17.87 -16.87 -34.69
N ALA H 232 18.55 -15.88 -34.09
CA ALA H 232 18.54 -15.75 -32.67
C ALA H 232 17.13 -15.48 -32.22
N GLU H 233 16.41 -14.59 -32.93
CA GLU H 233 15.07 -14.25 -32.50
C GLU H 233 14.19 -15.44 -32.65
N LEU H 234 14.36 -16.21 -33.73
CA LEU H 234 13.52 -17.33 -34.00
C LEU H 234 13.68 -18.30 -32.86
N ARG H 235 14.93 -18.54 -32.45
CA ARG H 235 15.18 -19.48 -31.39
C ARG H 235 14.53 -18.98 -30.14
N ARG H 236 14.66 -17.66 -29.87
CA ARG H 236 14.14 -17.07 -28.68
C ARG H 236 12.65 -17.24 -28.66
N LEU H 237 11.97 -16.96 -29.78
CA LEU H 237 10.55 -17.06 -29.75
C LEU H 237 10.12 -18.47 -29.55
N LEU H 238 10.86 -19.45 -30.10
CA LEU H 238 10.39 -20.79 -29.89
C LEU H 238 10.39 -21.12 -28.43
N LYS H 239 11.44 -20.72 -27.69
CA LYS H 239 11.49 -21.04 -26.30
C LYS H 239 10.39 -20.31 -25.59
N SER H 240 10.14 -19.05 -26.01
CA SER H 240 9.26 -18.16 -25.31
C SER H 240 7.90 -18.75 -25.15
N LYS H 241 7.36 -19.43 -26.18
CA LYS H 241 6.04 -19.94 -26.01
C LYS H 241 6.10 -21.44 -25.89
N PRO H 242 4.96 -22.09 -25.84
CA PRO H 242 4.89 -23.52 -25.68
C PRO H 242 5.32 -24.34 -26.86
N TYR H 243 6.01 -23.72 -27.84
CA TYR H 243 6.42 -24.25 -29.12
C TYR H 243 7.29 -25.47 -29.07
N GLU H 244 7.98 -25.78 -27.95
CA GLU H 244 9.08 -26.71 -27.88
C GLU H 244 8.96 -27.93 -28.75
N ASN H 245 7.95 -28.80 -28.73
CA ASN H 245 7.96 -29.80 -29.77
C ASN H 245 6.95 -29.31 -30.75
N CYS H 246 7.40 -28.44 -31.68
CA CYS H 246 6.56 -27.82 -32.64
C CYS H 246 6.87 -28.48 -33.95
N LEU H 247 5.83 -28.82 -34.74
CA LEU H 247 6.11 -29.50 -35.97
C LEU H 247 6.15 -28.48 -37.04
N LEU H 248 7.27 -28.43 -37.79
CA LEU H 248 7.34 -27.47 -38.83
C LEU H 248 7.47 -28.26 -40.09
N VAL H 249 6.73 -27.85 -41.14
CA VAL H 249 6.85 -28.59 -42.34
C VAL H 249 7.37 -27.66 -43.38
N LEU H 250 8.51 -28.01 -44.01
CA LEU H 250 8.95 -27.12 -45.05
C LEU H 250 8.59 -27.80 -46.32
N LEU H 251 7.70 -27.16 -47.09
CA LEU H 251 7.25 -27.73 -48.32
C LEU H 251 8.13 -27.26 -49.43
N ASN H 252 8.43 -28.18 -50.36
CA ASN H 252 9.23 -27.90 -51.53
C ASN H 252 10.49 -27.18 -51.16
N VAL H 253 11.38 -27.83 -50.38
CA VAL H 253 12.61 -27.16 -50.02
C VAL H 253 13.63 -27.45 -51.06
N GLN H 254 14.01 -26.41 -51.83
CA GLN H 254 14.98 -26.48 -52.88
C GLN H 254 16.40 -26.50 -52.38
N ASN H 255 16.72 -25.65 -51.38
CA ASN H 255 18.11 -25.48 -51.03
C ASN H 255 18.43 -26.10 -49.70
N ALA H 256 19.68 -26.59 -49.58
CA ALA H 256 20.23 -27.27 -48.45
C ALA H 256 20.28 -26.34 -47.28
N LYS H 257 20.53 -25.05 -47.53
CA LYS H 257 20.70 -24.11 -46.46
C LYS H 257 19.48 -24.13 -45.59
N ALA H 258 18.29 -24.30 -46.17
CA ALA H 258 17.11 -24.31 -45.35
C ALA H 258 17.26 -25.43 -44.37
N TRP H 259 17.79 -26.56 -44.86
CA TRP H 259 17.98 -27.75 -44.08
C TRP H 259 18.96 -27.45 -42.99
N ASN H 260 20.05 -26.73 -43.29
CA ASN H 260 21.00 -26.44 -42.25
C ASN H 260 20.39 -25.50 -41.25
N ALA H 261 19.54 -24.56 -41.71
CA ALA H 261 18.92 -23.62 -40.84
C ALA H 261 18.11 -24.42 -39.86
N PHE H 262 17.56 -25.55 -40.35
CA PHE H 262 16.77 -26.45 -39.58
C PHE H 262 17.61 -26.87 -38.42
N ASN H 263 18.90 -27.16 -38.68
CA ASN H 263 19.77 -27.69 -37.65
C ASN H 263 19.70 -26.73 -36.51
N LEU H 264 19.82 -25.42 -36.80
CA LEU H 264 19.62 -24.51 -35.73
C LEU H 264 18.16 -24.21 -35.77
N SER H 265 17.33 -25.12 -35.23
CA SER H 265 15.90 -24.97 -35.26
C SER H 265 15.30 -26.13 -34.56
N CYS H 266 14.12 -26.56 -35.03
CA CYS H 266 13.41 -27.64 -34.39
C CYS H 266 13.17 -28.75 -35.36
N LYS H 267 12.17 -29.62 -35.08
CA LYS H 267 11.81 -30.79 -35.84
C LYS H 267 11.09 -30.40 -37.09
N ILE H 268 11.30 -31.19 -38.17
CA ILE H 268 10.73 -30.86 -39.45
C ILE H 268 10.33 -32.09 -40.23
N LEU H 269 9.28 -31.93 -41.07
CA LEU H 269 8.92 -32.84 -42.10
C LEU H 269 9.23 -32.11 -43.36
N LEU H 270 9.98 -32.73 -44.29
CA LEU H 270 10.31 -31.96 -45.45
C LEU H 270 9.88 -32.71 -46.68
N THR H 271 9.43 -31.97 -47.71
CA THR H 271 9.09 -32.57 -48.97
C THR H 271 10.08 -32.01 -49.95
N THR H 272 10.77 -32.90 -50.72
CA THR H 272 11.74 -32.37 -51.64
C THR H 272 11.87 -33.26 -52.84
N ARG H 273 12.17 -32.66 -54.01
CA ARG H 273 12.34 -33.28 -55.30
C ARG H 273 13.67 -33.92 -55.49
N PHE H 274 14.55 -33.84 -54.51
CA PHE H 274 15.82 -34.48 -54.66
C PHE H 274 15.75 -35.54 -53.60
N LYS H 275 16.61 -36.57 -53.65
CA LYS H 275 16.90 -37.42 -52.52
C LYS H 275 18.16 -36.93 -51.86
N GLN H 276 19.16 -36.48 -52.66
CA GLN H 276 20.42 -36.25 -52.02
C GLN H 276 20.36 -35.09 -51.08
N VAL H 277 19.49 -34.10 -51.33
CA VAL H 277 19.35 -32.98 -50.42
C VAL H 277 19.06 -33.52 -49.06
N THR H 278 18.20 -34.53 -49.03
CA THR H 278 17.74 -35.23 -47.87
C THR H 278 18.93 -35.82 -47.18
N ASP H 279 19.79 -36.44 -47.99
CA ASP H 279 20.92 -37.16 -47.51
C ASP H 279 21.84 -36.21 -46.82
N PHE H 280 22.05 -35.01 -47.42
CA PHE H 280 22.97 -34.06 -46.85
C PHE H 280 22.47 -33.61 -45.51
N LEU H 281 21.17 -33.35 -45.41
CA LEU H 281 20.58 -32.87 -44.20
C LEU H 281 20.75 -33.89 -43.11
N SER H 282 20.59 -35.18 -43.44
CA SER H 282 20.70 -36.26 -42.50
C SER H 282 22.12 -36.35 -42.04
N ALA H 283 23.07 -36.04 -42.94
CA ALA H 283 24.44 -36.12 -42.52
C ALA H 283 24.72 -35.05 -41.51
N ALA H 284 24.23 -33.81 -41.78
CA ALA H 284 24.56 -32.72 -40.93
C ALA H 284 24.01 -32.98 -39.57
N THR H 285 22.72 -33.35 -39.52
CA THR H 285 22.11 -33.70 -38.28
C THR H 285 21.76 -35.11 -38.43
N THR H 286 22.20 -35.94 -37.47
CA THR H 286 21.95 -37.35 -37.53
C THR H 286 20.46 -37.51 -37.39
N THR H 287 19.99 -38.75 -37.18
CA THR H 287 18.58 -38.97 -37.10
C THR H 287 17.82 -38.41 -38.25
N HIS H 288 17.93 -39.07 -39.42
CA HIS H 288 17.13 -38.71 -40.55
C HIS H 288 16.22 -39.87 -40.81
N ILE H 289 15.01 -39.57 -41.35
CA ILE H 289 14.05 -40.58 -41.68
C ILE H 289 13.68 -40.32 -43.11
N SER H 290 13.57 -41.37 -43.95
CA SER H 290 13.27 -41.03 -45.31
C SER H 290 12.06 -41.78 -45.75
N LEU H 291 11.14 -41.07 -46.41
CA LEU H 291 9.98 -41.69 -46.96
C LEU H 291 10.03 -41.30 -48.41
N ASP H 292 10.18 -42.29 -49.29
CA ASP H 292 10.27 -41.98 -50.68
C ASP H 292 8.91 -42.26 -51.29
N HIS H 293 8.42 -41.46 -52.28
CA HIS H 293 9.07 -40.34 -52.89
C HIS H 293 10.18 -40.96 -53.75
N HIS H 294 10.10 -42.26 -53.82
CA HIS H 294 11.01 -43.11 -54.49
C HIS H 294 10.52 -44.34 -53.85
N SER H 295 11.15 -45.49 -54.11
CA SER H 295 10.80 -46.75 -53.53
C SER H 295 10.00 -47.52 -54.54
N MET H 296 9.14 -48.41 -54.01
CA MET H 296 8.24 -49.37 -54.63
C MET H 296 7.09 -48.73 -55.36
N THR H 297 6.62 -47.55 -54.91
CA THR H 297 5.50 -46.76 -55.43
C THR H 297 4.10 -47.31 -55.32
N LEU H 298 3.69 -47.80 -54.12
CA LEU H 298 2.27 -48.05 -53.95
C LEU H 298 1.83 -49.12 -54.88
N THR H 299 0.56 -49.02 -55.30
CA THR H 299 -0.02 -49.91 -56.26
C THR H 299 -0.69 -49.10 -57.33
N PRO H 300 -0.32 -49.34 -58.56
CA PRO H 300 -0.89 -48.61 -59.65
C PRO H 300 -2.35 -48.85 -59.81
N ASP H 301 -2.86 -50.00 -59.35
CA ASP H 301 -4.26 -50.27 -59.48
C ASP H 301 -5.00 -49.26 -58.65
N GLU H 302 -4.53 -49.04 -57.42
CA GLU H 302 -5.19 -48.14 -56.52
C GLU H 302 -5.08 -46.75 -57.05
N VAL H 303 -3.89 -46.40 -57.59
CA VAL H 303 -3.68 -45.07 -58.05
C VAL H 303 -4.62 -44.87 -59.19
N LYS H 304 -4.71 -45.84 -60.10
CA LYS H 304 -5.51 -45.65 -61.26
C LYS H 304 -6.92 -45.45 -60.83
N SER H 305 -7.36 -46.17 -59.77
CA SER H 305 -8.72 -46.06 -59.35
C SER H 305 -8.93 -44.66 -58.86
N LEU H 306 -7.87 -44.02 -58.36
CA LEU H 306 -7.93 -42.70 -57.84
C LEU H 306 -8.36 -41.80 -58.92
N LEU H 307 -7.64 -41.88 -60.03
CA LEU H 307 -7.85 -40.99 -61.10
C LEU H 307 -9.19 -41.29 -61.62
N LEU H 308 -9.53 -42.59 -61.55
CA LEU H 308 -10.72 -43.12 -62.10
C LEU H 308 -11.89 -42.50 -61.42
N LYS H 309 -11.87 -42.30 -60.09
CA LYS H 309 -13.06 -41.70 -59.57
C LYS H 309 -13.13 -40.25 -59.93
N TYR H 310 -11.97 -39.56 -60.01
CA TYR H 310 -11.97 -38.17 -60.35
C TYR H 310 -12.71 -38.01 -61.63
N LEU H 311 -12.17 -38.74 -62.62
CA LEU H 311 -12.55 -38.72 -63.99
C LEU H 311 -13.84 -39.47 -64.32
N ASP H 312 -14.13 -40.58 -63.61
CA ASP H 312 -15.16 -41.56 -63.87
C ASP H 312 -15.11 -42.12 -65.30
N CYS H 313 -14.21 -43.12 -65.56
CA CYS H 313 -13.93 -43.68 -66.88
C CYS H 313 -14.24 -45.15 -67.08
N ARG H 314 -13.59 -45.77 -68.12
CA ARG H 314 -13.79 -47.14 -68.54
C ARG H 314 -12.48 -47.89 -68.54
N PRO H 315 -12.60 -49.17 -68.22
CA PRO H 315 -11.50 -50.11 -68.09
C PRO H 315 -10.69 -50.27 -69.33
N GLN H 316 -11.33 -50.20 -70.50
CA GLN H 316 -10.59 -50.32 -71.73
C GLN H 316 -9.69 -49.14 -71.76
N ASP H 317 -10.24 -48.03 -71.25
CA ASP H 317 -9.57 -46.78 -71.23
C ASP H 317 -8.41 -46.79 -70.31
N LEU H 318 -8.46 -47.69 -69.32
CA LEU H 318 -7.51 -47.66 -68.25
C LEU H 318 -6.10 -47.72 -68.69
N PRO H 319 -5.75 -48.58 -69.58
CA PRO H 319 -4.36 -48.67 -69.93
C PRO H 319 -3.88 -47.36 -70.48
N ARG H 320 -4.77 -46.53 -71.02
CA ARG H 320 -4.24 -45.28 -71.46
C ARG H 320 -3.74 -44.54 -70.26
N GLU H 321 -4.52 -44.61 -69.18
CA GLU H 321 -4.30 -43.92 -67.93
C GLU H 321 -3.10 -44.46 -67.24
N VAL H 322 -2.89 -45.79 -67.37
CA VAL H 322 -1.90 -46.50 -66.63
C VAL H 322 -0.65 -45.75 -66.95
N LEU H 323 -0.52 -45.31 -68.22
CA LEU H 323 0.61 -44.49 -68.56
C LEU H 323 0.20 -43.07 -68.32
N THR H 324 1.11 -42.27 -67.73
CA THR H 324 2.40 -42.76 -67.33
C THR H 324 2.38 -43.01 -65.86
N THR H 325 3.50 -43.54 -65.34
CA THR H 325 3.62 -43.90 -63.95
C THR H 325 3.53 -42.69 -63.07
N ASN H 326 4.19 -41.56 -63.44
CA ASN H 326 4.26 -40.50 -62.47
C ASN H 326 2.95 -39.85 -62.18
N PRO H 327 2.80 -39.66 -60.90
CA PRO H 327 1.64 -39.05 -60.33
C PRO H 327 1.52 -37.62 -60.75
N ARG H 328 2.64 -36.91 -60.98
CA ARG H 328 2.41 -35.53 -61.34
C ARG H 328 1.77 -35.54 -62.68
N ARG H 329 2.30 -36.41 -63.58
CA ARG H 329 1.78 -36.45 -64.91
C ARG H 329 0.38 -36.96 -64.87
N LEU H 330 0.12 -37.91 -63.94
CA LEU H 330 -1.19 -38.47 -63.91
C LEU H 330 -2.13 -37.36 -63.62
N SER H 331 -1.79 -36.48 -62.69
CA SER H 331 -2.80 -35.55 -62.38
C SER H 331 -2.85 -34.43 -63.40
N ILE H 332 -1.72 -34.09 -64.07
CA ILE H 332 -1.82 -33.10 -65.10
C ILE H 332 -2.75 -33.62 -66.16
N ILE H 333 -2.62 -34.92 -66.48
CA ILE H 333 -3.43 -35.55 -67.47
C ILE H 333 -4.85 -35.55 -66.96
N ALA H 334 -5.05 -35.88 -65.67
CA ALA H 334 -6.37 -36.03 -65.12
C ALA H 334 -7.11 -34.75 -65.25
N GLU H 335 -6.42 -33.62 -64.97
CA GLU H 335 -7.06 -32.35 -65.07
C GLU H 335 -7.50 -32.16 -66.49
N SER H 336 -6.63 -32.51 -67.46
CA SER H 336 -6.89 -32.29 -68.86
C SER H 336 -8.06 -33.12 -69.26
N ILE H 337 -8.12 -34.37 -68.77
CA ILE H 337 -9.19 -35.26 -69.09
C ILE H 337 -10.48 -34.75 -68.53
N ARG H 338 -10.49 -34.07 -67.37
CA ARG H 338 -11.77 -33.59 -66.94
C ARG H 338 -12.24 -32.66 -68.01
N ASP H 339 -11.33 -31.85 -68.56
CA ASP H 339 -11.73 -31.05 -69.68
C ASP H 339 -11.93 -31.81 -70.99
N GLY H 340 -11.16 -32.89 -71.31
CA GLY H 340 -11.20 -33.59 -72.60
C GLY H 340 -10.97 -35.14 -72.44
N LEU H 341 -10.15 -35.88 -73.30
CA LEU H 341 -10.16 -37.38 -73.42
C LEU H 341 -8.93 -38.34 -72.97
N ALA H 342 -9.04 -39.79 -72.71
CA ALA H 342 -7.91 -40.70 -72.77
C ALA H 342 -8.19 -41.21 -74.14
N THR H 343 -7.82 -40.42 -75.17
CA THR H 343 -8.13 -40.83 -76.50
C THR H 343 -7.17 -40.22 -77.45
N TRP H 344 -7.61 -40.10 -78.72
CA TRP H 344 -6.77 -39.60 -79.76
C TRP H 344 -6.35 -38.21 -79.40
N ASP H 345 -7.28 -37.38 -78.89
CA ASP H 345 -6.92 -36.03 -78.56
C ASP H 345 -5.90 -36.01 -77.46
N ASN H 346 -6.10 -36.83 -76.42
CA ASN H 346 -5.28 -36.87 -75.24
C ASN H 346 -3.90 -37.25 -75.62
N TRP H 347 -3.79 -38.35 -76.38
CA TRP H 347 -2.51 -38.84 -76.77
C TRP H 347 -1.90 -37.80 -77.66
N LYS H 348 -2.76 -37.11 -78.43
CA LYS H 348 -2.30 -36.14 -79.38
C LYS H 348 -1.52 -35.07 -78.68
N HIS H 349 -2.03 -34.57 -77.53
CA HIS H 349 -1.38 -33.50 -76.84
C HIS H 349 -0.05 -33.96 -76.30
N VAL H 350 -0.08 -35.16 -75.66
CA VAL H 350 0.93 -35.87 -74.92
C VAL H 350 1.14 -35.29 -73.53
N ASN H 351 0.19 -34.47 -73.03
CA ASN H 351 0.22 -33.86 -71.72
C ASN H 351 1.51 -33.17 -71.42
N CYS H 352 1.90 -32.31 -72.37
CA CYS H 352 3.03 -31.44 -72.28
C CYS H 352 2.74 -30.07 -71.78
N ASP H 353 1.48 -29.59 -71.87
CA ASP H 353 1.23 -28.18 -71.68
C ASP H 353 1.75 -27.72 -70.35
N LYS H 354 1.33 -28.38 -69.26
CA LYS H 354 1.80 -27.99 -67.96
C LYS H 354 3.25 -28.31 -67.77
N LEU H 355 3.64 -29.55 -68.11
CA LEU H 355 4.93 -30.07 -67.81
C LEU H 355 6.04 -29.35 -68.53
N THR H 356 5.84 -28.96 -69.80
CA THR H 356 6.91 -28.37 -70.53
C THR H 356 7.33 -27.12 -69.81
N THR H 357 6.36 -26.30 -69.39
CA THR H 357 6.70 -25.09 -68.71
C THR H 357 7.37 -25.45 -67.41
N ILE H 358 6.85 -26.50 -66.75
CA ILE H 358 7.32 -26.88 -65.46
C ILE H 358 8.78 -27.27 -65.52
N ILE H 359 9.14 -28.11 -66.51
CA ILE H 359 10.47 -28.60 -66.68
C ILE H 359 11.40 -27.47 -67.00
N GLU H 360 10.91 -26.49 -67.78
CA GLU H 360 11.74 -25.42 -68.25
C GLU H 360 12.37 -24.74 -67.08
N SER H 361 11.58 -24.51 -66.01
CA SER H 361 12.13 -23.84 -64.87
C SER H 361 13.19 -24.71 -64.29
N SER H 362 13.02 -26.04 -64.41
CA SER H 362 13.95 -26.98 -63.86
C SER H 362 15.29 -26.83 -64.52
N LEU H 363 15.30 -26.60 -65.84
CA LEU H 363 16.53 -26.54 -66.57
C LEU H 363 17.31 -25.34 -66.10
N ASN H 364 16.61 -24.22 -65.83
CA ASN H 364 17.26 -22.99 -65.50
C ASN H 364 18.07 -23.15 -64.25
N VAL H 365 17.62 -24.02 -63.32
CA VAL H 365 18.28 -24.13 -62.06
C VAL H 365 19.73 -24.55 -62.22
N LEU H 366 20.05 -25.43 -63.21
CA LEU H 366 21.41 -25.89 -63.43
C LEU H 366 22.13 -24.89 -64.34
N GLU H 367 23.45 -25.11 -64.69
CA GLU H 367 24.22 -24.18 -65.50
C GLU H 367 24.25 -24.64 -66.93
N PRO H 368 23.68 -23.80 -67.75
CA PRO H 368 23.43 -24.05 -69.14
C PRO H 368 24.58 -24.41 -70.00
N ALA H 369 25.78 -23.82 -69.81
CA ALA H 369 26.75 -24.13 -70.81
C ALA H 369 27.10 -25.57 -70.80
N GLU H 370 27.64 -26.05 -69.66
CA GLU H 370 28.05 -27.43 -69.66
C GLU H 370 26.90 -28.36 -69.46
N TYR H 371 26.14 -28.14 -68.38
CA TYR H 371 25.10 -29.04 -67.96
C TYR H 371 23.94 -29.00 -68.91
N ARG H 372 23.50 -27.79 -69.29
CA ARG H 372 22.36 -27.72 -70.15
C ARG H 372 22.72 -28.40 -71.43
N LYS H 373 23.94 -28.17 -71.93
CA LYS H 373 24.39 -28.76 -73.15
C LYS H 373 24.54 -30.23 -73.00
N MET H 374 25.14 -30.67 -71.88
CA MET H 374 25.42 -32.06 -71.69
C MET H 374 24.14 -32.86 -71.64
N PHE H 375 23.12 -32.32 -70.96
CA PHE H 375 21.81 -32.93 -70.89
C PHE H 375 21.16 -32.89 -72.23
N ASP H 376 21.36 -31.80 -72.97
CA ASP H 376 20.63 -31.59 -74.20
C ASP H 376 20.92 -32.72 -75.14
N ARG H 377 22.12 -33.30 -75.06
CA ARG H 377 22.59 -34.34 -75.92
C ARG H 377 21.83 -35.63 -75.72
N LEU H 378 21.36 -35.92 -74.50
CA LEU H 378 20.81 -37.21 -74.13
C LEU H 378 19.67 -37.59 -75.03
N SER H 379 19.10 -36.62 -75.76
CA SER H 379 17.95 -36.83 -76.58
C SER H 379 18.07 -38.03 -77.55
N VAL H 380 19.08 -38.15 -78.47
CA VAL H 380 19.15 -39.26 -79.43
C VAL H 380 19.61 -40.48 -78.72
N PHE H 381 18.65 -41.18 -78.09
CA PHE H 381 18.85 -42.39 -77.36
C PHE H 381 17.52 -43.03 -77.24
N PRO H 382 17.57 -44.31 -77.06
CA PRO H 382 16.31 -44.97 -76.83
C PRO H 382 15.79 -44.70 -75.46
N PRO H 383 14.50 -44.46 -75.40
CA PRO H 383 13.86 -44.17 -74.15
C PRO H 383 13.59 -45.40 -73.37
N SER H 384 13.64 -45.31 -72.03
CA SER H 384 13.30 -46.40 -71.18
C SER H 384 14.10 -47.58 -71.59
N ALA H 385 15.27 -47.35 -72.20
CA ALA H 385 16.04 -48.49 -72.59
C ALA H 385 17.40 -48.32 -72.02
N HIS H 386 17.71 -49.14 -71.00
CA HIS H 386 18.95 -49.15 -70.28
C HIS H 386 20.09 -48.99 -71.24
N ILE H 387 20.76 -47.83 -71.18
CA ILE H 387 21.84 -47.57 -72.07
C ILE H 387 23.08 -47.43 -71.25
N PRO H 388 24.09 -48.17 -71.61
CA PRO H 388 25.30 -48.17 -70.85
C PRO H 388 26.02 -46.87 -70.91
N THR H 389 26.87 -46.60 -69.89
CA THR H 389 27.58 -45.37 -69.75
C THR H 389 28.51 -45.19 -70.90
N ILE H 390 29.15 -46.27 -71.37
CA ILE H 390 30.09 -46.17 -72.45
C ILE H 390 29.38 -45.53 -73.59
N LEU H 391 28.11 -45.93 -73.81
CA LEU H 391 27.30 -45.40 -74.84
C LEU H 391 27.03 -43.96 -74.54
N LEU H 392 26.81 -43.67 -73.25
CA LEU H 392 26.44 -42.39 -72.75
C LEU H 392 27.57 -41.43 -73.01
N SER H 393 28.82 -41.91 -72.85
CA SER H 393 29.97 -41.06 -72.99
C SER H 393 30.00 -40.49 -74.38
N LEU H 394 29.55 -41.23 -75.40
CA LEU H 394 29.65 -40.70 -76.72
C LEU H 394 28.88 -39.43 -76.79
N ILE H 395 27.61 -39.47 -76.35
CA ILE H 395 26.76 -38.34 -76.37
C ILE H 395 27.19 -37.32 -75.36
N TRP H 396 27.50 -37.76 -74.13
CA TRP H 396 27.76 -36.78 -73.12
C TRP H 396 29.01 -36.02 -73.45
N PHE H 397 30.05 -36.67 -74.00
CA PHE H 397 31.30 -35.99 -74.22
C PHE H 397 31.17 -34.84 -75.19
N ASP H 398 31.14 -33.59 -74.67
CA ASP H 398 31.40 -32.41 -75.45
C ASP H 398 32.87 -32.11 -75.30
N VAL H 399 33.50 -32.39 -74.01
CA VAL H 399 34.84 -32.26 -73.53
C VAL H 399 35.11 -33.65 -73.09
N ILE H 400 36.36 -34.04 -72.80
CA ILE H 400 36.43 -35.44 -72.52
C ILE H 400 37.20 -35.76 -71.28
N LYS H 401 36.66 -36.78 -70.57
CA LYS H 401 37.14 -37.38 -69.36
C LYS H 401 36.07 -37.31 -68.35
N SER H 402 36.43 -37.50 -67.07
CA SER H 402 35.51 -37.60 -65.99
C SER H 402 34.70 -36.34 -65.89
N ASP H 403 35.09 -35.29 -66.64
CA ASP H 403 34.42 -34.03 -66.58
C ASP H 403 32.99 -34.30 -66.87
N VAL H 404 32.79 -35.13 -67.89
CA VAL H 404 31.49 -35.54 -68.34
C VAL H 404 30.84 -36.32 -67.24
N MET H 405 31.66 -37.10 -66.52
CA MET H 405 31.16 -37.93 -65.46
C MET H 405 30.56 -37.05 -64.39
N VAL H 406 31.27 -35.98 -63.99
CA VAL H 406 30.82 -35.08 -62.96
C VAL H 406 29.70 -34.21 -63.42
N VAL H 407 29.79 -33.69 -64.66
CA VAL H 407 28.83 -32.73 -65.11
C VAL H 407 27.47 -33.37 -65.12
N VAL H 408 27.36 -34.65 -65.50
CA VAL H 408 26.08 -35.29 -65.43
C VAL H 408 25.70 -35.38 -63.99
N ASN H 409 26.69 -35.59 -63.11
CA ASN H 409 26.49 -35.88 -61.72
C ASN H 409 25.72 -34.79 -61.05
N LYS H 410 26.04 -33.52 -61.35
CA LYS H 410 25.41 -32.42 -60.67
C LYS H 410 23.93 -32.47 -60.91
N LEU H 411 23.55 -32.87 -62.13
CA LEU H 411 22.14 -32.95 -62.40
C LEU H 411 21.52 -34.24 -61.84
N HIS H 412 22.28 -35.38 -62.04
CA HIS H 412 22.08 -36.80 -62.20
C HIS H 412 21.44 -37.34 -60.99
N LYS H 413 21.75 -36.71 -59.85
CA LYS H 413 21.46 -37.32 -58.62
C LYS H 413 19.99 -37.57 -58.57
N TYR H 414 19.23 -36.74 -59.39
CA TYR H 414 18.15 -35.85 -58.96
C TYR H 414 17.11 -36.79 -58.61
N SER H 415 16.90 -37.60 -59.62
CA SER H 415 15.70 -38.14 -59.94
C SER H 415 15.89 -38.34 -61.38
N LEU H 416 14.83 -37.95 -62.09
CA LEU H 416 14.51 -38.53 -63.33
C LEU H 416 14.84 -37.51 -64.36
N VAL H 417 15.91 -36.77 -64.07
CA VAL H 417 16.55 -36.13 -65.16
C VAL H 417 17.20 -37.23 -65.94
N GLU H 418 18.24 -37.85 -65.35
CA GLU H 418 18.80 -39.13 -65.70
C GLU H 418 18.95 -39.98 -64.48
N LYS H 419 18.92 -41.32 -64.65
CA LYS H 419 19.09 -42.15 -63.49
C LYS H 419 20.18 -43.14 -63.77
N GLN H 420 21.02 -43.43 -62.77
CA GLN H 420 22.05 -44.40 -63.01
C GLN H 420 21.96 -45.50 -62.00
N PRO H 421 21.74 -46.67 -62.51
CA PRO H 421 21.66 -47.86 -61.69
C PRO H 421 22.96 -48.29 -61.11
N LYS H 422 23.93 -48.07 -61.89
CA LYS H 422 25.21 -48.53 -61.46
C LYS H 422 26.21 -47.99 -62.44
N GLU H 423 27.48 -48.40 -62.32
CA GLU H 423 28.55 -47.93 -63.15
C GLU H 423 28.23 -48.27 -64.57
N SER H 424 27.48 -49.38 -64.78
CA SER H 424 27.14 -49.91 -66.07
C SER H 424 26.34 -48.98 -66.94
N THR H 425 25.15 -48.49 -66.51
CA THR H 425 24.41 -47.73 -67.50
C THR H 425 23.60 -46.65 -66.88
N ILE H 426 23.15 -45.71 -67.73
CA ILE H 426 22.24 -44.71 -67.27
C ILE H 426 21.09 -44.74 -68.21
N SER H 427 19.87 -44.52 -67.72
CA SER H 427 18.78 -44.54 -68.64
C SER H 427 18.17 -43.20 -68.57
N ILE H 428 17.37 -42.81 -69.59
CA ILE H 428 16.66 -41.57 -69.51
C ILE H 428 15.43 -41.86 -68.69
N PRO H 429 15.26 -41.06 -67.69
CA PRO H 429 14.33 -41.44 -66.69
C PRO H 429 12.98 -41.80 -66.94
N SER H 430 12.30 -41.02 -67.74
CA SER H 430 10.99 -41.40 -67.96
C SER H 430 10.57 -40.50 -69.05
N ILE H 431 9.29 -40.62 -69.38
CA ILE H 431 8.61 -39.93 -70.42
C ILE H 431 8.68 -38.46 -70.16
N TYR H 432 8.63 -38.04 -68.88
CA TYR H 432 8.55 -36.65 -68.57
C TYR H 432 9.70 -35.86 -69.11
N LEU H 433 10.94 -36.28 -68.81
CA LEU H 433 12.07 -35.49 -69.20
C LEU H 433 12.13 -35.49 -70.70
N GLU H 434 12.02 -36.70 -71.29
CA GLU H 434 12.18 -36.88 -72.70
C GLU H 434 11.12 -36.12 -73.42
N LEU H 435 9.91 -36.09 -72.84
CA LEU H 435 8.80 -35.46 -73.50
C LEU H 435 9.20 -34.04 -73.68
N LYS H 436 9.86 -33.46 -72.68
CA LYS H 436 10.26 -32.09 -72.78
C LYS H 436 11.20 -31.94 -73.93
N VAL H 437 12.24 -32.80 -73.98
CA VAL H 437 13.28 -32.65 -74.95
C VAL H 437 12.77 -32.86 -76.34
N LYS H 438 11.89 -33.86 -76.54
CA LYS H 438 11.49 -34.15 -77.88
C LYS H 438 10.87 -32.97 -78.56
N LEU H 439 10.01 -32.20 -77.85
CA LEU H 439 9.41 -31.08 -78.51
C LEU H 439 10.46 -30.09 -78.91
N GLU H 440 11.43 -29.80 -78.00
CA GLU H 440 12.40 -28.79 -78.31
C GLU H 440 13.67 -29.40 -78.78
N ASN H 441 14.01 -29.15 -80.06
CA ASN H 441 15.25 -29.70 -80.55
C ASN H 441 15.66 -28.80 -81.69
N GLU H 442 16.94 -28.89 -82.13
CA GLU H 442 17.46 -28.06 -83.19
C GLU H 442 18.18 -28.99 -84.12
N TYR H 443 18.69 -28.53 -85.28
CA TYR H 443 19.19 -29.60 -86.06
C TYR H 443 20.62 -29.80 -85.74
N ALA H 444 20.86 -30.22 -84.47
CA ALA H 444 22.01 -30.79 -83.85
C ALA H 444 21.96 -32.26 -84.18
N LEU H 445 20.73 -32.74 -84.42
CA LEU H 445 20.44 -34.12 -84.56
C LEU H 445 21.31 -34.75 -85.59
N HIS H 446 21.62 -34.07 -86.71
CA HIS H 446 22.40 -34.72 -87.73
C HIS H 446 23.70 -35.17 -87.16
N ARG H 447 24.40 -34.31 -86.40
CA ARG H 447 25.68 -34.70 -85.89
C ARG H 447 25.50 -35.86 -84.96
N SER H 448 24.45 -35.83 -84.13
CA SER H 448 24.28 -36.88 -83.17
C SER H 448 24.07 -38.19 -83.86
N ILE H 449 23.22 -38.19 -84.90
CA ILE H 449 22.92 -39.42 -85.59
C ILE H 449 24.17 -39.92 -86.22
N VAL H 450 24.99 -39.00 -86.77
CA VAL H 450 26.17 -39.43 -87.44
C VAL H 450 27.08 -40.08 -86.44
N ASP H 451 27.08 -39.58 -85.19
CA ASP H 451 27.95 -40.11 -84.19
C ASP H 451 27.61 -41.56 -84.00
N HIS H 452 26.31 -41.89 -84.03
CA HIS H 452 25.91 -43.26 -83.83
C HIS H 452 26.47 -44.10 -84.92
N TYR H 453 26.48 -43.62 -86.17
CA TYR H 453 27.03 -44.46 -87.21
C TYR H 453 28.47 -44.72 -86.88
N ASN H 454 29.18 -43.68 -86.45
CA ASN H 454 30.58 -43.80 -86.19
C ASN H 454 30.81 -44.81 -85.12
N ILE H 455 29.97 -44.82 -84.06
CA ILE H 455 30.26 -45.73 -82.99
C ILE H 455 30.22 -47.17 -83.45
N PRO H 456 29.23 -47.72 -84.13
CA PRO H 456 29.46 -49.06 -84.59
C PRO H 456 30.52 -49.20 -85.62
N LYS H 457 30.86 -48.12 -86.35
CA LYS H 457 31.90 -48.24 -87.32
C LYS H 457 33.16 -48.61 -86.59
N THR H 458 33.43 -47.92 -85.48
CA THR H 458 34.63 -48.16 -84.73
C THR H 458 34.59 -49.56 -84.20
N PHE H 459 33.45 -49.97 -83.64
CA PHE H 459 33.36 -51.31 -83.14
C PHE H 459 33.50 -52.21 -84.31
N ASP H 460 34.51 -53.10 -84.29
CA ASP H 460 34.64 -53.99 -85.40
C ASP H 460 35.52 -55.12 -84.99
N SER H 461 35.08 -56.35 -85.30
CA SER H 461 35.89 -57.51 -85.05
C SER H 461 36.15 -58.09 -86.40
N ASP H 462 37.17 -58.96 -86.54
CA ASP H 462 37.50 -59.47 -87.84
C ASP H 462 36.29 -60.14 -88.40
N ASP H 463 35.70 -61.05 -87.61
CA ASP H 463 34.55 -61.72 -88.10
C ASP H 463 33.31 -60.96 -87.73
N LEU H 464 32.17 -61.61 -87.97
CA LEU H 464 30.83 -61.13 -87.90
C LEU H 464 30.31 -60.87 -86.52
N ILE H 465 31.08 -61.13 -85.44
CA ILE H 465 30.51 -60.96 -84.12
C ILE H 465 30.91 -59.65 -83.49
N PRO H 466 29.88 -58.92 -83.14
CA PRO H 466 30.01 -57.62 -82.50
C PRO H 466 30.35 -57.66 -81.04
N PRO H 467 31.01 -56.63 -80.61
CA PRO H 467 31.41 -56.43 -79.23
C PRO H 467 30.29 -55.97 -78.33
N TYR H 468 29.04 -55.88 -78.85
CA TYR H 468 27.87 -55.37 -78.18
C TYR H 468 27.91 -55.52 -76.69
N LEU H 469 27.45 -54.45 -76.01
CA LEU H 469 27.47 -54.29 -74.59
C LEU H 469 26.19 -54.78 -74.02
N ASP H 470 25.68 -54.18 -72.92
CA ASP H 470 24.56 -54.80 -72.26
C ASP H 470 23.40 -55.05 -73.17
N GLN H 471 22.40 -54.13 -73.21
CA GLN H 471 21.32 -54.33 -74.15
C GLN H 471 21.23 -53.28 -75.21
N TYR H 472 21.71 -52.05 -74.89
CA TYR H 472 21.44 -50.84 -75.64
C TYR H 472 21.69 -51.09 -77.06
N PHE H 473 22.89 -51.59 -77.37
CA PHE H 473 23.26 -51.71 -78.74
C PHE H 473 22.29 -52.61 -79.43
N TYR H 474 21.94 -53.74 -78.81
CA TYR H 474 21.10 -54.68 -79.49
C TYR H 474 19.80 -54.02 -79.85
N SER H 475 19.13 -53.36 -78.89
CA SER H 475 17.87 -52.75 -79.20
C SER H 475 18.04 -51.57 -80.12
N HIS H 476 18.88 -50.61 -79.67
CA HIS H 476 19.08 -49.28 -80.19
C HIS H 476 19.75 -49.22 -81.55
N ILE H 477 20.70 -50.12 -81.84
CA ILE H 477 21.54 -49.96 -83.01
C ILE H 477 20.74 -49.85 -84.26
N GLY H 478 19.76 -50.73 -84.48
CA GLY H 478 19.02 -50.70 -85.71
C GLY H 478 18.29 -49.40 -85.84
N HIS H 479 17.72 -48.90 -84.72
CA HIS H 479 16.93 -47.70 -84.77
C HIS H 479 17.76 -46.56 -85.24
N HIS H 480 18.97 -46.40 -84.69
CA HIS H 480 19.79 -45.29 -85.07
C HIS H 480 20.15 -45.45 -86.50
N LEU H 481 20.44 -46.70 -86.91
CA LEU H 481 20.83 -47.03 -88.25
C LEU H 481 19.74 -46.68 -89.21
N LYS H 482 18.48 -46.98 -88.86
CA LYS H 482 17.42 -46.72 -89.78
C LYS H 482 17.44 -45.28 -90.10
N ASN H 483 17.62 -44.45 -89.08
CA ASN H 483 17.64 -43.05 -89.33
C ASN H 483 18.81 -42.74 -90.20
N ILE H 484 19.98 -43.36 -89.90
CA ILE H 484 21.15 -42.95 -90.64
C ILE H 484 21.07 -43.32 -92.09
N GLU H 485 20.81 -44.60 -92.43
CA GLU H 485 20.80 -45.00 -93.80
C GLU H 485 20.55 -46.46 -93.92
N HIS H 486 20.31 -46.90 -95.18
CA HIS H 486 20.10 -48.26 -95.56
C HIS H 486 21.34 -49.12 -95.48
N PRO H 487 22.47 -48.75 -96.05
CA PRO H 487 23.59 -49.67 -96.15
C PRO H 487 24.02 -50.33 -94.89
N GLU H 488 24.14 -49.60 -93.77
CA GLU H 488 24.60 -50.22 -92.55
C GLU H 488 23.56 -51.18 -92.11
N ARG H 489 22.29 -50.78 -92.29
CA ARG H 489 21.19 -51.54 -91.80
C ARG H 489 21.27 -52.91 -92.39
N MET H 490 21.58 -52.98 -93.69
CA MET H 490 21.60 -54.24 -94.38
C MET H 490 22.57 -55.17 -93.71
N THR H 491 23.81 -54.71 -93.46
CA THR H 491 24.78 -55.61 -92.88
C THR H 491 24.43 -55.92 -91.46
N LEU H 492 24.09 -54.88 -90.68
CA LEU H 492 23.85 -55.05 -89.28
C LEU H 492 22.65 -55.88 -89.01
N PHE H 493 21.54 -55.63 -89.75
CA PHE H 493 20.33 -56.36 -89.50
C PHE H 493 20.64 -57.78 -89.70
N ARG H 494 21.58 -58.10 -90.60
CA ARG H 494 21.95 -59.48 -90.55
C ARG H 494 20.69 -60.19 -91.03
N MET H 495 20.03 -59.49 -91.93
CA MET H 495 19.05 -60.17 -92.69
C MET H 495 20.00 -60.88 -93.59
N VAL H 496 21.03 -60.09 -93.95
CA VAL H 496 22.13 -60.57 -94.72
C VAL H 496 22.90 -61.59 -93.91
N PHE H 497 23.19 -61.08 -92.67
CA PHE H 497 24.08 -61.89 -91.94
C PHE H 497 23.40 -62.63 -90.89
N LEU H 498 23.91 -63.84 -90.91
CA LEU H 498 23.31 -64.94 -90.30
C LEU H 498 23.78 -65.01 -88.88
N ASP H 499 24.90 -64.34 -88.64
CA ASP H 499 25.43 -64.29 -87.33
C ASP H 499 24.51 -63.66 -86.34
N PHE H 500 23.75 -62.60 -86.66
CA PHE H 500 22.96 -61.98 -85.63
C PHE H 500 21.71 -62.72 -85.48
N ARG H 501 21.42 -63.60 -86.45
CA ARG H 501 20.41 -64.54 -86.17
C ARG H 501 20.85 -65.18 -84.89
N PHE H 502 22.06 -65.76 -84.87
CA PHE H 502 22.73 -66.28 -83.71
C PHE H 502 22.73 -65.27 -82.59
N LEU H 503 23.50 -64.13 -82.69
CA LEU H 503 23.78 -63.43 -81.49
C LEU H 503 22.63 -62.74 -80.90
N GLU H 504 21.82 -62.05 -81.72
CA GLU H 504 20.74 -61.33 -81.12
C GLU H 504 19.88 -62.29 -80.39
N GLN H 505 19.58 -63.40 -81.05
CA GLN H 505 18.68 -64.38 -80.53
C GLN H 505 19.21 -64.98 -79.25
N LYS H 506 20.46 -65.49 -79.22
CA LYS H 506 20.79 -66.14 -77.98
C LYS H 506 20.97 -65.16 -76.88
N ILE H 507 21.56 -63.98 -77.14
CA ILE H 507 21.72 -63.07 -76.05
C ILE H 507 20.44 -62.57 -75.44
N ARG H 508 19.41 -62.20 -76.22
CA ARG H 508 18.26 -61.72 -75.48
C ARG H 508 17.39 -62.87 -75.10
N HIS H 509 18.00 -63.89 -74.47
CA HIS H 509 17.38 -65.02 -73.81
C HIS H 509 17.18 -64.71 -72.36
N ASP H 510 18.01 -63.80 -71.82
CA ASP H 510 18.09 -63.47 -70.42
C ASP H 510 16.89 -62.76 -69.92
N SER H 511 16.44 -63.19 -68.72
CA SER H 511 15.36 -62.65 -67.95
C SER H 511 15.33 -63.50 -66.72
N THR H 512 14.50 -63.14 -65.74
CA THR H 512 14.38 -63.99 -64.60
C THR H 512 12.94 -64.31 -64.44
N ALA H 513 12.54 -65.56 -64.79
CA ALA H 513 11.17 -65.92 -64.60
C ALA H 513 11.14 -67.38 -64.34
N TRP H 514 10.32 -67.80 -63.36
CA TRP H 514 10.25 -69.19 -63.12
C TRP H 514 9.61 -69.80 -64.31
N ASN H 515 8.44 -69.28 -64.72
CA ASN H 515 7.69 -69.86 -65.78
C ASN H 515 8.41 -69.68 -67.07
N ALA H 516 8.18 -70.64 -67.96
CA ALA H 516 8.77 -70.82 -69.22
C ALA H 516 8.55 -69.67 -70.21
N SER H 517 7.47 -68.88 -70.07
CA SER H 517 7.55 -67.75 -70.95
C SER H 517 6.79 -66.62 -70.31
N GLY H 518 6.29 -65.66 -71.10
CA GLY H 518 5.67 -64.42 -70.78
C GLY H 518 6.17 -63.58 -71.89
N SER H 519 6.01 -62.25 -71.82
CA SER H 519 6.50 -61.46 -72.92
C SER H 519 7.63 -60.63 -72.38
N ILE H 520 8.86 -60.89 -72.87
CA ILE H 520 10.01 -60.11 -72.49
C ILE H 520 10.85 -59.92 -73.71
N LEU H 521 11.80 -58.96 -73.66
CA LEU H 521 12.67 -58.74 -74.77
C LEU H 521 13.32 -60.02 -75.18
N ASN H 522 13.01 -60.43 -76.42
CA ASN H 522 13.52 -61.62 -77.01
C ASN H 522 13.42 -61.37 -78.47
N THR H 523 12.89 -62.36 -79.19
CA THR H 523 12.71 -62.29 -80.61
C THR H 523 11.80 -61.14 -80.89
N LEU H 524 10.89 -60.83 -79.94
CA LEU H 524 9.87 -59.86 -80.16
C LEU H 524 10.48 -58.56 -80.59
N GLN H 525 11.54 -58.09 -79.91
CA GLN H 525 12.14 -56.84 -80.28
C GLN H 525 12.84 -56.96 -81.60
N GLN H 526 13.50 -58.11 -81.84
CA GLN H 526 14.28 -58.33 -83.03
C GLN H 526 13.39 -58.18 -84.23
N LEU H 527 12.22 -58.84 -84.21
CA LEU H 527 11.31 -58.80 -85.32
C LEU H 527 10.87 -57.38 -85.47
N LYS H 528 10.75 -56.66 -84.35
CA LYS H 528 10.30 -55.30 -84.38
C LYS H 528 11.26 -54.48 -85.17
N PHE H 529 12.58 -54.72 -85.02
CA PHE H 529 13.51 -53.89 -85.72
C PHE H 529 13.35 -54.09 -87.18
N TYR H 530 13.21 -55.35 -87.61
CA TYR H 530 13.21 -55.59 -89.01
C TYR H 530 12.07 -54.87 -89.66
N LYS H 531 10.86 -54.90 -89.07
CA LYS H 531 9.75 -54.32 -89.76
C LYS H 531 9.89 -52.83 -89.97
N PRO H 532 10.07 -51.98 -88.99
CA PRO H 532 10.17 -50.58 -89.35
C PRO H 532 11.44 -50.14 -90.03
N TYR H 533 12.56 -50.83 -89.81
CA TYR H 533 13.82 -50.44 -90.33
C TYR H 533 13.93 -50.64 -91.82
N ILE H 534 13.16 -51.59 -92.40
CA ILE H 534 13.35 -52.03 -93.77
C ILE H 534 13.22 -50.88 -94.73
N CYS H 535 12.42 -49.85 -94.42
CA CYS H 535 12.12 -48.82 -95.36
C CYS H 535 13.38 -48.20 -95.87
N ASP H 536 14.44 -48.19 -95.04
CA ASP H 536 15.65 -47.55 -95.44
C ASP H 536 16.16 -48.24 -96.68
N ASN H 537 15.73 -49.50 -96.91
CA ASN H 537 16.16 -50.28 -98.05
C ASN H 537 15.10 -50.33 -99.13
N ASP H 538 15.35 -51.17 -100.16
CA ASP H 538 14.46 -51.37 -101.28
C ASP H 538 13.82 -52.74 -101.24
N PRO H 539 13.11 -53.09 -102.29
CA PRO H 539 12.50 -54.40 -102.36
C PRO H 539 13.40 -55.59 -102.43
N LYS H 540 14.54 -55.51 -103.14
CA LYS H 540 15.38 -56.68 -103.32
C LYS H 540 15.75 -57.14 -101.96
N TYR H 541 16.18 -56.18 -101.12
CA TYR H 541 16.53 -56.48 -99.77
C TYR H 541 15.28 -56.88 -99.05
N GLU H 542 14.15 -56.25 -99.42
CA GLU H 542 12.91 -56.47 -98.75
C GLU H 542 12.56 -57.92 -98.85
N ARG H 543 12.76 -58.53 -100.02
CA ARG H 543 12.41 -59.92 -100.10
C ARG H 543 13.32 -60.70 -99.21
N LEU H 544 14.63 -60.34 -99.18
CA LEU H 544 15.57 -61.09 -98.40
C LEU H 544 15.14 -60.99 -96.98
N VAL H 545 14.79 -59.77 -96.53
CA VAL H 545 14.45 -59.64 -95.15
C VAL H 545 13.29 -60.50 -94.82
N ASN H 546 12.32 -60.64 -95.75
CA ASN H 546 11.21 -61.47 -95.42
C ASN H 546 11.66 -62.90 -95.31
N ALA H 547 12.65 -63.29 -96.13
CA ALA H 547 13.10 -64.66 -96.12
C ALA H 547 13.58 -64.97 -94.74
N ILE H 548 14.37 -64.07 -94.15
CA ILE H 548 14.90 -64.30 -92.83
C ILE H 548 13.76 -64.30 -91.90
N LEU H 549 12.81 -63.37 -92.14
CA LEU H 549 11.71 -63.18 -91.25
C LEU H 549 10.87 -64.41 -91.20
N ASP H 550 10.57 -65.04 -92.35
CA ASP H 550 9.74 -66.21 -92.30
C ASP H 550 10.48 -67.29 -91.57
N PHE H 551 11.81 -67.36 -91.74
CA PHE H 551 12.57 -68.40 -91.13
C PHE H 551 12.47 -68.27 -89.63
N LEU H 552 12.50 -67.04 -89.11
CA LEU H 552 12.48 -66.85 -87.69
C LEU H 552 11.22 -67.39 -87.07
N PRO H 553 10.02 -67.04 -87.47
CA PRO H 553 8.92 -67.72 -86.86
C PRO H 553 8.84 -69.15 -87.22
N LYS H 554 9.50 -69.58 -88.31
CA LYS H 554 9.39 -70.96 -88.69
C LYS H 554 9.98 -71.78 -87.58
N ILE H 555 11.14 -71.33 -87.08
CA ILE H 555 11.83 -72.11 -86.09
C ILE H 555 11.09 -72.03 -84.80
N GLU H 556 10.82 -73.22 -84.23
CA GLU H 556 10.06 -73.41 -83.03
C GLU H 556 10.91 -73.29 -81.82
N GLU H 557 10.23 -73.21 -80.66
CA GLU H 557 10.85 -73.04 -79.39
C GLU H 557 11.81 -74.16 -79.18
N ASN H 558 13.07 -73.77 -78.99
CA ASN H 558 14.17 -74.63 -78.71
C ASN H 558 15.21 -73.71 -78.16
N LEU H 559 16.37 -74.28 -77.79
CA LEU H 559 17.48 -73.50 -77.36
C LEU H 559 18.28 -73.29 -78.61
N ILE H 560 18.55 -72.03 -79.01
CA ILE H 560 19.36 -71.77 -80.17
C ILE H 560 20.73 -72.22 -79.79
N CYS H 561 21.17 -71.81 -78.59
CA CYS H 561 22.50 -72.10 -78.16
C CYS H 561 22.71 -73.57 -78.21
N SER H 562 23.74 -73.96 -78.97
CA SER H 562 24.15 -75.29 -79.28
C SER H 562 25.46 -75.07 -79.94
N LYS H 563 26.01 -75.95 -80.76
CA LYS H 563 27.05 -75.26 -81.42
C LYS H 563 26.49 -74.43 -82.43
N TYR H 564 27.40 -73.62 -82.84
CA TYR H 564 27.19 -72.53 -83.72
C TYR H 564 26.81 -73.08 -85.05
N THR H 565 27.19 -74.33 -85.29
CA THR H 565 26.96 -75.12 -86.44
C THR H 565 25.54 -75.03 -86.83
N ASP H 566 24.69 -75.13 -85.81
CA ASP H 566 23.32 -75.32 -86.09
C ASP H 566 22.78 -74.22 -86.92
N LEU H 567 23.19 -73.00 -86.61
CA LEU H 567 22.65 -71.91 -87.32
C LEU H 567 22.95 -72.18 -88.77
N LEU H 568 24.20 -72.59 -89.08
CA LEU H 568 24.52 -72.66 -90.47
C LEU H 568 23.73 -73.77 -91.12
N ARG H 569 23.45 -74.95 -90.45
CA ARG H 569 22.68 -75.92 -91.14
C ARG H 569 21.26 -75.46 -91.33
N ILE H 570 20.65 -74.77 -90.35
CA ILE H 570 19.30 -74.38 -90.65
C ILE H 570 19.27 -73.41 -91.78
N ALA H 571 20.31 -72.58 -91.89
CA ALA H 571 20.38 -71.58 -92.93
C ALA H 571 20.26 -72.27 -94.25
N LEU H 572 20.79 -73.50 -94.31
CA LEU H 572 20.92 -74.28 -95.51
C LEU H 572 19.58 -74.56 -96.14
N MET H 573 18.48 -74.55 -95.37
CA MET H 573 17.21 -75.00 -95.90
C MET H 573 16.74 -74.28 -97.14
N ALA H 574 16.74 -72.92 -97.23
CA ALA H 574 16.22 -72.34 -98.45
C ALA H 574 17.36 -71.76 -99.23
N GLU H 575 17.53 -72.22 -100.49
CA GLU H 575 18.64 -71.85 -101.34
C GLU H 575 18.62 -70.39 -101.71
N ASP H 576 17.42 -69.81 -101.84
CA ASP H 576 17.23 -68.47 -102.29
C ASP H 576 17.80 -67.36 -101.39
N GLU H 577 18.25 -67.58 -100.12
CA GLU H 577 18.54 -66.46 -99.21
C GLU H 577 19.97 -66.08 -98.88
N ALA H 578 20.14 -64.78 -98.53
CA ALA H 578 21.35 -64.10 -98.14
C ALA H 578 21.87 -64.63 -96.85
N ILE H 579 20.96 -65.01 -95.96
CA ILE H 579 21.30 -65.57 -94.69
C ILE H 579 22.18 -66.76 -94.92
N PHE H 580 21.83 -67.62 -95.88
CA PHE H 580 22.60 -68.80 -96.13
C PHE H 580 23.97 -68.42 -96.57
N GLU H 581 24.09 -67.42 -97.46
CA GLU H 581 25.39 -67.08 -97.93
C GLU H 581 26.22 -66.66 -96.76
N GLU H 582 25.61 -65.91 -95.82
CA GLU H 582 26.30 -65.48 -94.65
C GLU H 582 26.64 -66.67 -93.80
N ALA H 583 25.71 -67.64 -93.72
CA ALA H 583 25.92 -68.80 -92.90
C ALA H 583 27.14 -69.50 -93.40
N HIS H 584 27.29 -69.59 -94.72
CA HIS H 584 28.41 -70.27 -95.29
C HIS H 584 29.67 -69.50 -94.98
N LYS H 585 29.62 -68.16 -95.02
CA LYS H 585 30.82 -67.41 -94.78
C LYS H 585 31.28 -67.65 -93.38
N GLN H 586 30.34 -67.55 -92.44
CA GLN H 586 30.67 -67.67 -91.05
C GLN H 586 31.21 -69.05 -90.75
N VAL H 587 30.66 -70.07 -91.42
CA VAL H 587 31.25 -71.36 -91.25
C VAL H 587 32.68 -71.24 -91.70
N GLN H 588 32.94 -70.63 -92.85
CA GLN H 588 34.29 -70.59 -93.36
C GLN H 588 35.19 -69.96 -92.33
N ARG H 589 34.82 -68.81 -91.75
CA ARG H 589 35.69 -68.27 -90.73
C ARG H 589 35.08 -68.68 -89.41
N UNK H 590 53.86 -80.87 -69.60
CA UNK H 590 53.54 -81.61 -70.84
C UNK H 590 52.32 -81.02 -71.48
N UNK H 591 51.51 -81.88 -72.15
CA UNK H 591 50.33 -81.40 -72.79
C UNK H 591 49.39 -80.95 -71.71
N UNK H 592 48.61 -79.90 -72.00
CA UNK H 592 47.66 -79.39 -71.06
C UNK H 592 46.41 -80.20 -71.17
N UNK H 593 45.45 -79.96 -70.26
CA UNK H 593 44.23 -80.70 -70.28
C UNK H 593 43.59 -80.45 -71.61
N UNK H 594 42.82 -81.45 -72.08
CA UNK H 594 42.18 -81.38 -73.36
C UNK H 594 41.18 -80.27 -73.42
N UNK H 595 40.39 -80.06 -72.34
CA UNK H 595 39.41 -78.99 -72.24
C UNK H 595 38.67 -78.75 -73.52
N UNK H 596 37.67 -79.60 -73.84
CA UNK H 596 36.95 -79.41 -75.08
C UNK H 596 35.68 -78.68 -74.78
N UNK H 597 35.34 -77.69 -75.64
CA UNK H 597 34.14 -76.92 -75.48
C UNK H 597 33.00 -77.73 -76.01
N UNK H 598 31.78 -77.42 -75.57
CA UNK H 598 30.64 -78.17 -76.04
C UNK H 598 30.41 -77.78 -77.46
N UNK H 599 29.94 -78.74 -78.27
CA UNK H 599 29.71 -78.39 -79.62
C UNK H 599 28.33 -78.89 -79.97
N UNK H 600 27.79 -78.40 -81.06
CA UNK H 600 26.46 -78.65 -81.47
C UNK H 600 26.55 -80.07 -81.78
N UNK H 601 25.53 -80.83 -81.49
CA UNK H 601 25.58 -82.15 -81.99
C UNK H 601 25.07 -82.08 -83.38
N UNK H 602 25.52 -83.02 -84.23
CA UNK H 602 25.00 -83.04 -85.56
C UNK H 602 23.52 -83.21 -85.35
N UNK H 603 22.67 -82.32 -85.92
CA UNK H 603 21.32 -82.42 -85.44
C UNK H 603 20.18 -82.75 -86.44
N UNK H 604 19.16 -83.65 -86.04
CA UNK H 604 17.82 -84.01 -86.64
C UNK H 604 16.58 -84.98 -85.70
N UNK H 605 15.14 -84.77 -84.94
CA UNK H 605 13.86 -85.44 -84.20
C UNK H 605 12.98 -84.64 -83.12
N UNK H 606 12.91 -83.28 -83.02
CA UNK H 606 12.32 -82.49 -81.92
C UNK H 606 10.85 -82.59 -81.60
N UNK H 607 9.95 -82.72 -82.58
CA UNK H 607 8.54 -82.68 -82.25
C UNK H 607 8.19 -83.77 -81.31
N UNK H 608 7.06 -83.57 -80.59
CA UNK H 608 6.43 -84.47 -79.67
C UNK H 608 6.72 -84.01 -78.29
N UNK H 609 5.78 -84.27 -77.37
CA UNK H 609 5.93 -83.90 -76.00
C UNK H 609 6.89 -84.85 -75.39
N UNK H 610 7.80 -84.32 -74.55
CA UNK H 610 8.71 -85.20 -73.86
C UNK H 610 7.92 -86.00 -72.89
N UNK H 611 7.02 -85.31 -72.17
CA UNK H 611 6.24 -85.91 -71.14
C UNK H 611 4.83 -86.11 -71.60
N UNK H 612 4.00 -86.67 -70.71
CA UNK H 612 2.62 -86.92 -71.01
C UNK H 612 1.94 -85.63 -71.25
N UNK H 613 0.79 -85.69 -71.94
CA UNK H 613 0.03 -84.51 -72.16
C UNK H 613 -1.14 -84.55 -71.24
N UNK H 614 -1.30 -83.48 -70.43
CA UNK H 614 -2.34 -83.35 -69.46
C UNK H 614 -3.69 -83.16 -70.09
N UNK H 615 -3.82 -82.30 -71.11
CA UNK H 615 -5.15 -82.05 -71.60
C UNK H 615 -5.13 -81.80 -73.07
N UNK H 616 -6.31 -81.96 -73.72
CA UNK H 616 -6.45 -81.71 -75.13
C UNK H 616 -7.58 -80.74 -75.27
N UNK H 617 -7.47 -79.81 -76.24
CA UNK H 617 -8.53 -78.84 -76.40
C UNK H 617 -8.68 -78.55 -77.85
N UNK H 618 -9.89 -78.10 -78.26
CA UNK H 618 -10.13 -77.80 -79.64
C UNK H 618 -10.31 -76.33 -79.78
N UNK H 619 -9.75 -75.74 -80.86
CA UNK H 619 -9.89 -74.33 -81.10
C UNK H 619 -11.27 -74.11 -81.60
N UNK H 620 -11.93 -73.03 -81.15
CA UNK H 620 -13.27 -72.84 -81.60
C UNK H 620 -13.32 -72.55 -83.07
N UNK H 621 -12.65 -71.46 -83.50
CA UNK H 621 -12.75 -71.04 -84.88
C UNK H 621 -12.00 -71.89 -85.85
N UNK H 622 -10.69 -72.10 -85.60
CA UNK H 622 -9.86 -72.72 -86.58
C UNK H 622 -9.83 -74.19 -86.39
N UNK H 623 -9.45 -74.92 -87.45
CA UNK H 623 -9.31 -76.32 -87.25
C UNK H 623 -7.91 -76.49 -86.75
N UNK H 624 -7.77 -76.40 -85.42
CA UNK H 624 -6.51 -76.54 -84.79
C UNK H 624 -6.81 -77.03 -83.42
N UNK H 625 -5.88 -77.77 -82.82
CA UNK H 625 -6.12 -78.28 -81.51
C UNK H 625 -4.92 -77.95 -80.69
N UNK H 626 -5.10 -77.80 -79.37
CA UNK H 626 -3.99 -77.47 -78.53
C UNK H 626 -3.79 -78.61 -77.59
N UNK H 627 -2.53 -78.83 -77.17
CA UNK H 627 -2.24 -79.91 -76.27
C UNK H 627 -1.58 -79.31 -75.06
N UNK H 628 -1.81 -79.95 -73.90
CA UNK H 628 -1.21 -79.50 -72.67
C UNK H 628 -0.26 -80.58 -72.26
N UNK H 629 0.90 -80.18 -71.71
CA UNK H 629 1.91 -81.11 -71.33
C UNK H 629 2.95 -80.28 -70.67
N UNK H 630 4.22 -80.70 -70.78
CA UNK H 630 5.27 -79.92 -70.18
C UNK H 630 5.17 -78.57 -70.79
N UNK H 631 4.91 -78.52 -72.12
CA UNK H 631 4.73 -77.26 -72.77
C UNK H 631 3.49 -77.40 -73.60
N UNK H 632 2.84 -76.27 -73.92
CA UNK H 632 1.68 -76.39 -74.75
C UNK H 632 2.14 -76.48 -76.17
N UNK H 633 1.39 -77.24 -77.00
CA UNK H 633 1.74 -77.38 -78.37
C UNK H 633 0.48 -77.21 -79.16
N UNK H 634 0.60 -76.70 -80.40
CA UNK H 634 -0.57 -76.54 -81.20
C UNK H 634 -0.38 -77.39 -82.41
N UNK H 635 -1.47 -78.05 -82.85
CA UNK H 635 -1.37 -78.89 -84.00
C UNK H 635 -2.68 -78.80 -84.71
N UNK H 636 -2.71 -79.22 -85.99
CA UNK H 636 -3.94 -79.17 -86.72
C UNK H 636 -4.51 -80.54 -86.74
N UNK H 637 -5.80 -80.64 -86.41
CA UNK H 637 -6.53 -81.88 -86.42
C UNK H 637 -6.55 -82.32 -87.84
N UNK H 638 -6.60 -81.33 -88.74
CA UNK H 638 -6.66 -81.53 -90.16
C UNK H 638 -5.48 -82.32 -90.58
N UNK H 639 -5.38 -82.55 -91.90
CA UNK H 639 -4.39 -83.39 -92.51
C UNK H 639 -3.03 -82.91 -92.17
N UNK H 640 -2.82 -81.58 -92.06
CA UNK H 640 -1.47 -81.11 -91.85
C UNK H 640 -0.92 -81.72 -90.60
N UNK H 641 -1.68 -81.65 -89.48
CA UNK H 641 -1.30 -82.24 -88.23
C UNK H 641 0.14 -81.95 -87.93
N UNK H 642 0.55 -80.67 -87.97
CA UNK H 642 1.92 -80.38 -87.72
C UNK H 642 1.99 -79.55 -86.48
N UNK H 643 3.14 -79.62 -85.77
CA UNK H 643 3.24 -78.82 -84.59
C UNK H 643 3.41 -77.43 -85.07
N UNK H 644 2.29 -76.67 -85.11
CA UNK H 644 2.32 -75.34 -85.61
C UNK H 644 3.17 -74.50 -84.72
N UNK H 645 3.00 -74.61 -83.39
CA UNK H 645 3.76 -73.75 -82.54
C UNK H 645 3.97 -74.39 -81.21
N UNK H 646 4.92 -73.81 -80.43
CA UNK H 646 5.27 -74.25 -79.12
C UNK H 646 4.86 -73.17 -78.14
N UNK H 647 4.34 -73.61 -76.97
CA UNK H 647 3.81 -72.80 -75.89
C UNK H 647 4.79 -71.93 -75.16
N UNK H 648 6.01 -72.44 -74.90
CA UNK H 648 7.12 -71.70 -74.36
C UNK H 648 7.15 -71.44 -72.90
N UNK H 649 5.90 -71.18 -72.40
CA UNK H 649 5.32 -70.50 -71.26
C UNK H 649 5.51 -70.99 -69.83
N UNK H 650 5.78 -72.28 -69.48
CA UNK H 650 5.68 -72.55 -68.07
C UNK H 650 6.93 -73.10 -67.45
N UNK H 651 7.23 -72.50 -66.29
CA UNK H 651 8.35 -72.68 -65.41
C UNK H 651 8.34 -74.04 -64.95
N UNK H 652 7.17 -74.26 -64.34
CA UNK H 652 6.87 -75.42 -63.61
C UNK H 652 6.44 -76.41 -64.60
N UNK H 653 5.86 -77.51 -64.08
CA UNK H 653 5.51 -78.58 -64.95
C UNK H 653 4.27 -79.23 -64.45
N UNK H 654 4.30 -80.58 -64.43
CA UNK H 654 3.18 -81.41 -64.10
C UNK H 654 2.24 -81.31 -65.25
N UNK H 655 2.77 -80.81 -66.38
CA UNK H 655 1.99 -80.57 -67.55
C UNK H 655 1.19 -79.36 -67.24
N UNK H 656 0.88 -78.52 -68.26
CA UNK H 656 -0.03 -77.47 -67.91
C UNK H 656 -1.24 -78.27 -67.59
N UNK H 657 -1.74 -78.13 -66.35
CA UNK H 657 -2.76 -79.02 -65.93
C UNK H 657 -3.94 -78.84 -66.83
N UNK H 658 -4.28 -77.58 -67.15
CA UNK H 658 -5.43 -77.41 -67.96
C UNK H 658 -5.21 -76.27 -68.89
N UNK H 659 -6.06 -76.19 -69.92
CA UNK H 659 -6.02 -75.11 -70.86
C UNK H 659 -7.45 -74.78 -71.13
N UNK H 660 -7.73 -73.48 -71.40
CA UNK H 660 -9.07 -73.10 -71.71
C UNK H 660 -8.98 -72.03 -72.73
N UNK H 661 -9.95 -71.99 -73.66
CA UNK H 661 -9.91 -70.99 -74.68
C UNK H 661 -11.12 -70.13 -74.51
N UNK H 662 -10.97 -68.84 -74.87
CA UNK H 662 -12.06 -67.92 -74.82
C UNK H 662 -12.94 -68.25 -75.98
N UNK H 663 -14.19 -67.75 -75.97
CA UNK H 663 -15.11 -68.02 -77.02
C UNK H 663 -14.53 -67.47 -78.28
N UNK H 664 -13.90 -66.29 -78.19
CA UNK H 664 -13.31 -65.63 -79.32
C UNK H 664 -12.23 -66.53 -79.83
N UNK H 665 -11.57 -67.26 -78.92
CA UNK H 665 -10.46 -68.10 -79.26
C UNK H 665 -9.30 -67.19 -79.51
N UNK H 666 -9.46 -65.91 -79.15
CA UNK H 666 -8.40 -64.96 -79.23
C UNK H 666 -7.37 -65.29 -78.20
N UNK H 667 -7.82 -65.64 -76.97
CA UNK H 667 -6.88 -65.85 -75.92
C UNK H 667 -7.03 -67.22 -75.35
N UNK H 668 -5.92 -67.77 -74.83
CA UNK H 668 -5.95 -69.06 -74.21
C UNK H 668 -5.40 -68.89 -72.84
N UNK H 669 -5.90 -69.69 -71.88
CA UNK H 669 -5.41 -69.59 -70.54
C UNK H 669 -4.83 -70.93 -70.20
N UNK H 670 -3.76 -70.95 -69.39
CA UNK H 670 -3.14 -72.20 -69.05
C UNK H 670 -2.92 -72.23 -67.58
N UNK H 671 -2.77 -73.46 -67.02
CA UNK H 671 -2.53 -73.62 -65.62
C UNK H 671 -1.32 -74.48 -65.47
N UNK H 672 -0.63 -74.41 -64.31
CA UNK H 672 0.56 -75.18 -64.21
C UNK H 672 0.95 -75.34 -62.76
N UNK H 673 2.06 -76.07 -62.57
CA UNK H 673 2.68 -76.33 -61.30
C UNK H 673 3.11 -75.03 -60.72
N UNK H 674 3.40 -74.07 -61.62
CA UNK H 674 3.91 -72.77 -61.27
C UNK H 674 2.93 -72.17 -60.31
N UNK H 675 1.65 -72.56 -60.42
CA UNK H 675 0.63 -71.97 -59.62
C UNK H 675 0.41 -70.59 -60.13
N UNK H 676 0.71 -70.41 -61.42
CA UNK H 676 0.47 -69.18 -62.09
C UNK H 676 -0.45 -69.52 -63.21
N UNK H 677 -1.32 -68.57 -63.61
CA UNK H 677 -2.12 -68.86 -64.75
C UNK H 677 -1.64 -67.97 -65.83
N UNK H 678 -1.02 -68.54 -66.85
CA UNK H 678 -0.55 -67.66 -67.86
C UNK H 678 -1.73 -67.32 -68.69
N UNK H 679 -1.83 -66.06 -69.11
CA UNK H 679 -2.74 -65.87 -70.19
C UNK H 679 -1.86 -66.57 -71.12
N UNK H 680 -2.25 -67.83 -71.43
CA UNK H 680 -1.45 -68.79 -72.11
C UNK H 680 -1.07 -68.06 -73.30
N UNK H 681 -2.04 -67.30 -73.82
CA UNK H 681 -1.55 -66.50 -74.86
C UNK H 681 -2.57 -65.58 -75.36
N UNK H 682 -2.05 -64.65 -76.16
CA UNK H 682 -2.82 -63.68 -76.83
C UNK H 682 -1.85 -62.54 -77.13
N UNK H 683 3.68 -65.27 -80.04
CA UNK H 683 2.64 -65.49 -79.01
C UNK H 683 3.25 -65.49 -77.67
N UNK H 684 3.19 -64.34 -76.98
CA UNK H 684 3.78 -64.27 -75.68
C UNK H 684 2.65 -64.17 -74.71
N UNK H 685 2.89 -64.61 -73.47
CA UNK H 685 1.82 -64.58 -72.51
C UNK H 685 1.49 -63.15 -72.28
N UNK H 686 0.18 -62.82 -72.29
CA UNK H 686 -0.24 -61.47 -72.07
C UNK H 686 0.13 -61.08 -70.68
N UNK H 687 -0.14 -61.97 -69.71
CA UNK H 687 0.16 -61.62 -68.35
C UNK H 687 0.22 -62.88 -67.55
N UNK H 688 0.81 -62.79 -66.35
CA UNK H 688 0.88 -63.95 -65.50
C UNK H 688 0.08 -63.61 -64.28
N UNK H 689 -0.73 -64.56 -63.79
CA UNK H 689 -1.51 -64.29 -62.63
C UNK H 689 -1.03 -65.19 -61.55
N UNK H 690 -0.84 -64.64 -60.33
CA UNK H 690 -0.35 -65.42 -59.25
C UNK H 690 -1.33 -65.27 -58.14
N UNK H 691 -1.34 -66.24 -57.22
CA UNK H 691 -2.31 -66.19 -56.17
C UNK H 691 -2.19 -67.47 -55.43
N UNK H 692 -2.82 -68.51 -55.99
CA UNK H 692 -2.89 -69.80 -55.37
C UNK H 692 -1.54 -70.24 -54.91
N UNK H 693 -1.52 -70.79 -53.68
CA UNK H 693 -0.38 -71.30 -52.99
C UNK H 693 0.14 -72.54 -53.66
N UNK H 694 -0.77 -73.39 -54.18
CA UNK H 694 -0.35 -74.67 -54.68
C UNK H 694 -0.65 -74.80 -56.13
N UNK H 695 -0.36 -76.01 -56.67
CA UNK H 695 -0.53 -76.28 -58.06
C UNK H 695 -1.95 -76.01 -58.44
N UNK H 696 -2.14 -75.46 -59.66
CA UNK H 696 -3.46 -75.15 -60.11
C UNK H 696 -3.91 -76.27 -61.00
N UNK H 697 -4.95 -76.98 -60.55
CA UNK H 697 -5.52 -78.10 -61.24
C UNK H 697 -6.23 -77.69 -62.49
N UNK H 698 -7.04 -76.61 -62.47
CA UNK H 698 -7.78 -76.33 -63.66
C UNK H 698 -8.04 -74.87 -63.78
N UNK H 699 -8.28 -74.41 -65.03
CA UNK H 699 -8.57 -73.03 -65.29
C UNK H 699 -9.61 -72.99 -66.35
N UNK H 700 -10.42 -71.91 -66.39
CA UNK H 700 -11.39 -71.83 -67.43
C UNK H 700 -11.70 -70.39 -67.66
N UNK H 701 -12.09 -70.06 -68.90
CA UNK H 701 -12.45 -68.70 -69.19
C UNK H 701 -13.94 -68.67 -69.18
N UNK H 702 -14.52 -67.63 -68.55
CA UNK H 702 -15.95 -67.53 -68.48
C UNK H 702 -16.43 -67.19 -69.85
N UNK H 703 -17.70 -67.55 -70.15
CA UNK H 703 -18.24 -67.26 -71.44
C UNK H 703 -18.17 -65.75 -71.65
N UNK H 704 -13.73 -63.02 -65.32
CA UNK H 704 -12.90 -63.35 -66.49
C UNK H 704 -12.52 -64.80 -66.49
N UNK H 705 -11.74 -65.23 -65.48
CA UNK H 705 -11.30 -66.59 -65.48
C UNK H 705 -11.44 -67.16 -64.10
N UNK H 706 -11.56 -68.50 -64.00
CA UNK H 706 -11.66 -69.14 -62.73
C UNK H 706 -10.64 -70.23 -62.69
N UNK H 707 -10.11 -70.52 -61.49
CA UNK H 707 -9.13 -71.56 -61.37
C UNK H 707 -9.40 -72.27 -60.08
N UNK H 708 -8.87 -73.50 -59.96
CA UNK H 708 -9.02 -74.28 -58.76
C UNK H 708 -7.66 -74.76 -58.40
N UNK H 709 -7.40 -75.01 -57.10
CA UNK H 709 -6.07 -75.39 -56.75
C UNK H 709 -6.07 -76.33 -55.59
N UNK H 710 -4.86 -76.81 -55.27
CA UNK H 710 -4.53 -77.66 -54.17
C UNK H 710 -4.87 -76.87 -52.96
N UNK H 711 -4.84 -75.54 -53.15
CA UNK H 711 -5.12 -74.57 -52.14
C UNK H 711 -6.49 -74.89 -51.62
N UNK H 712 -7.31 -75.56 -52.45
CA UNK H 712 -8.66 -75.87 -52.06
C UNK H 712 -9.41 -74.59 -52.06
N UNK H 713 -8.99 -73.69 -52.96
CA UNK H 713 -9.67 -72.44 -53.12
C UNK H 713 -10.02 -72.32 -54.55
N UNK H 714 -11.07 -71.52 -54.84
CA UNK H 714 -11.45 -71.23 -56.18
C UNK H 714 -11.24 -69.75 -56.30
N UNK H 715 -10.62 -69.29 -57.40
CA UNK H 715 -10.37 -67.89 -57.47
C UNK H 715 -10.85 -67.40 -58.79
N UNK H 716 -11.27 -66.12 -58.83
CA UNK H 716 -11.70 -65.52 -60.05
C UNK H 716 -10.69 -64.47 -60.37
N UNK H 717 -10.28 -64.35 -61.64
CA UNK H 717 -9.29 -63.38 -61.97
C UNK H 717 -9.83 -62.50 -63.05
N UNK H 718 -9.35 -61.24 -63.09
CA UNK H 718 -9.80 -60.35 -64.11
C UNK H 718 -8.85 -60.54 -65.25
N UNK H 719 -10.42 -60.75 -57.71
CA UNK H 719 -11.75 -60.42 -57.26
C UNK H 719 -12.36 -61.41 -56.32
N UNK H 720 -12.33 -62.72 -56.62
CA UNK H 720 -13.12 -63.56 -55.78
C UNK H 720 -12.35 -64.75 -55.32
N UNK H 721 -12.79 -65.28 -54.16
CA UNK H 721 -12.24 -66.48 -53.61
C UNK H 721 -13.42 -67.27 -53.14
N UNK H 722 -13.39 -68.60 -53.29
CA UNK H 722 -14.52 -69.33 -52.84
C UNK H 722 -14.08 -70.27 -51.78
N UNK H 723 -14.70 -70.14 -50.58
CA UNK H 723 -14.42 -71.05 -49.52
C UNK H 723 -15.13 -72.29 -49.90
N UNK H 724 -14.63 -73.46 -49.46
CA UNK H 724 -15.28 -74.64 -49.93
C UNK H 724 -14.77 -75.81 -49.16
N UNK H 725 -14.77 -76.98 -49.84
CA UNK H 725 -14.39 -78.22 -49.27
C UNK H 725 -12.99 -78.13 -48.75
N UNK H 726 -12.71 -78.98 -47.75
CA UNK H 726 -11.42 -79.06 -47.11
C UNK H 726 -10.38 -79.54 -48.07
N UNK H 727 -10.74 -80.52 -48.91
CA UNK H 727 -9.82 -81.14 -49.82
C UNK H 727 -9.50 -80.23 -50.97
N UNK H 728 -8.47 -80.60 -51.74
CA UNK H 728 -8.03 -79.83 -52.88
C UNK H 728 -9.10 -79.91 -53.92
N UNK H 729 -9.15 -78.90 -54.82
CA UNK H 729 -10.17 -78.89 -55.83
C UNK H 729 -9.57 -79.24 -57.14
N UNK H 730 -10.08 -80.33 -57.75
CA UNK H 730 -9.63 -80.85 -59.01
C UNK H 730 -9.97 -79.97 -60.18
N UNK H 731 -11.22 -79.45 -60.26
CA UNK H 731 -11.54 -78.71 -61.45
C UNK H 731 -12.66 -77.77 -61.20
N UNK H 732 -12.80 -76.77 -62.09
CA UNK H 732 -13.88 -75.83 -61.98
C UNK H 732 -14.45 -75.66 -63.36
N UNK H 733 -15.79 -75.56 -63.45
CA UNK H 733 -16.37 -75.38 -64.75
C UNK H 733 -17.48 -74.38 -64.60
N UNK H 734 -17.60 -73.49 -65.60
CA UNK H 734 -18.66 -72.52 -65.59
C UNK H 734 -19.85 -73.13 -66.24
N UNK H 735 -21.04 -72.56 -65.95
CA UNK H 735 -22.24 -73.00 -66.58
C UNK H 735 -22.30 -72.28 -67.89
N UNK H 736 -23.12 -72.80 -68.83
CA UNK H 736 -23.24 -72.18 -70.11
C UNK H 736 -23.77 -70.80 -69.86
N UNK H 737 -24.71 -70.71 -68.91
CA UNK H 737 -25.30 -69.46 -68.52
C UNK H 737 -24.20 -68.65 -67.95
N UNK H 738 -23.22 -69.35 -67.34
CA UNK H 738 -22.13 -68.72 -66.65
C UNK H 738 -22.70 -68.23 -65.37
N UNK H 739 -23.95 -68.63 -65.10
CA UNK H 739 -24.64 -68.29 -63.90
C UNK H 739 -23.97 -68.95 -62.74
N UNK H 740 -23.59 -70.24 -62.89
CA UNK H 740 -23.07 -70.94 -61.74
C UNK H 740 -21.81 -71.66 -62.10
N UNK H 741 -21.05 -72.09 -61.06
CA UNK H 741 -19.82 -72.79 -61.29
C UNK H 741 -19.87 -74.10 -60.58
N UNK H 742 -19.20 -75.12 -61.14
CA UNK H 742 -19.17 -76.41 -60.53
C UNK H 742 -17.74 -76.68 -60.18
N UNK H 743 -17.50 -77.23 -58.98
CA UNK H 743 -16.17 -77.52 -58.58
C UNK H 743 -16.12 -78.96 -58.22
N UNK H 744 -14.94 -79.59 -58.39
CA UNK H 744 -14.78 -80.95 -58.03
C UNK H 744 -13.63 -81.02 -57.10
N UNK H 745 -13.70 -81.92 -56.12
CA UNK H 745 -12.63 -82.00 -55.17
C UNK H 745 -12.66 -83.39 -54.62
N UNK H 746 -11.70 -83.69 -53.73
CA UNK H 746 -11.69 -85.00 -53.17
C UNK H 746 -12.98 -85.17 -52.42
N UNK H 747 -13.38 -84.15 -51.65
CA UNK H 747 -14.53 -84.25 -50.81
C UNK H 747 -15.81 -84.43 -51.59
N UNK H 748 -16.05 -83.60 -52.62
CA UNK H 748 -17.31 -83.73 -53.29
C UNK H 748 -17.34 -82.77 -54.43
N UNK H 749 -18.47 -82.75 -55.16
CA UNK H 749 -18.62 -81.82 -56.24
C UNK H 749 -19.62 -80.80 -55.79
N UNK H 750 -19.30 -79.51 -55.93
CA UNK H 750 -20.21 -78.53 -55.46
C UNK H 750 -20.51 -77.56 -56.56
N UNK H 751 -21.74 -77.02 -56.55
CA UNK H 751 -22.12 -76.04 -57.51
C UNK H 751 -22.26 -74.76 -56.74
N UNK H 752 -21.76 -73.65 -57.31
CA UNK H 752 -21.84 -72.41 -56.58
C UNK H 752 -22.38 -71.36 -57.48
N UNK H 753 -23.07 -70.37 -56.89
CA UNK H 753 -23.60 -69.27 -57.64
C UNK H 753 -22.46 -68.35 -57.92
N UNK H 754 -22.64 -67.47 -58.92
CA UNK H 754 -21.60 -66.54 -59.28
C UNK H 754 -21.33 -65.64 -58.09
N UNK H 755 -23.99 -71.92 -52.20
CA UNK H 755 -24.16 -73.35 -51.89
C UNK H 755 -25.55 -73.80 -52.22
N UNK H 756 -25.89 -73.80 -53.53
CA UNK H 756 -27.20 -74.23 -53.93
C UNK H 756 -27.36 -75.65 -53.55
N UNK H 757 -26.34 -76.48 -53.82
CA UNK H 757 -26.44 -77.86 -53.47
C UNK H 757 -25.11 -78.49 -53.77
N UNK H 758 -24.90 -79.73 -53.26
CA UNK H 758 -23.65 -80.40 -53.52
C UNK H 758 -23.95 -81.86 -53.62
N UNK H 759 -23.10 -82.61 -54.35
CA UNK H 759 -23.38 -84.00 -54.51
C UNK H 759 -22.77 -84.76 -53.38
N UNK H 760 -23.65 -85.25 -52.50
CA UNK H 760 -23.38 -86.08 -51.36
C UNK H 760 -22.98 -87.44 -51.84
N UNK H 761 -23.50 -87.83 -53.02
CA UNK H 761 -23.42 -89.17 -53.50
C UNK H 761 -22.01 -89.68 -53.50
N UNK H 762 -21.01 -88.86 -53.87
CA UNK H 762 -19.67 -89.39 -53.87
C UNK H 762 -19.37 -89.80 -52.47
N UNK H 763 -19.72 -88.91 -51.51
CA UNK H 763 -19.60 -89.20 -50.11
C UNK H 763 -18.17 -89.39 -49.71
N UNK H 764 -17.91 -89.12 -48.43
CA UNK H 764 -16.64 -89.30 -47.80
C UNK H 764 -16.38 -90.77 -47.78
N UNK H 765 -17.45 -91.55 -47.57
CA UNK H 765 -17.34 -92.98 -47.51
C UNK H 765 -16.69 -93.44 -48.77
N UNK H 766 -16.18 -94.68 -48.77
CA UNK H 766 -15.43 -95.20 -49.87
C UNK H 766 -16.19 -94.96 -51.14
N UNK H 767 -15.68 -93.94 -51.85
CA UNK H 767 -16.13 -93.43 -53.10
C UNK H 767 -15.66 -92.03 -53.01
N UNK H 768 -14.93 -91.54 -54.03
CA UNK H 768 -14.41 -90.23 -53.82
C UNK H 768 -13.49 -89.91 -54.95
N UNK H 769 -12.61 -88.92 -54.71
CA UNK H 769 -11.66 -88.49 -55.69
C UNK H 769 -12.36 -88.24 -56.98
N UNK H 770 -13.22 -87.20 -57.02
CA UNK H 770 -13.90 -86.92 -58.25
C UNK H 770 -13.02 -86.07 -59.10
N UNK H 771 -12.49 -86.69 -60.17
CA UNK H 771 -11.59 -86.13 -61.14
C UNK H 771 -12.22 -85.12 -62.05
N UNK H 772 -13.45 -85.37 -62.55
CA UNK H 772 -13.88 -84.46 -63.58
C UNK H 772 -15.32 -84.10 -63.43
N UNK H 773 -15.70 -83.02 -64.13
CA UNK H 773 -17.06 -82.58 -64.15
C UNK H 773 -17.28 -81.98 -65.49
N UNK H 774 -18.49 -82.18 -66.03
CA UNK H 774 -18.79 -81.60 -67.30
C UNK H 774 -20.18 -81.10 -67.15
N UNK H 775 -20.49 -80.03 -67.88
CA UNK H 775 -21.79 -79.50 -67.80
C UNK H 775 -22.49 -80.01 -68.99
N UNK H 776 -23.76 -80.32 -68.79
CA UNK H 776 -24.53 -80.86 -69.86
C UNK H 776 -24.88 -79.73 -70.80
N UNK H 777 -25.34 -80.14 -71.99
CA UNK H 777 -25.90 -79.32 -73.03
C UNK H 777 -27.21 -78.95 -72.44
N UNK H 778 -28.35 -79.60 -72.79
CA UNK H 778 -29.51 -79.38 -71.95
C UNK H 778 -29.04 -79.88 -70.52
N UNK H 779 -29.55 -79.35 -69.23
CA UNK H 779 -29.22 -79.22 -67.72
C UNK H 779 -28.92 -80.38 -66.79
N UNK H 780 -27.67 -80.32 -66.25
CA UNK H 780 -27.16 -81.30 -65.35
C UNK H 780 -25.67 -81.17 -65.39
N UNK H 781 -24.98 -81.99 -64.58
CA UNK H 781 -23.55 -82.00 -64.55
C UNK H 781 -23.15 -83.44 -64.47
N UNK H 782 -21.94 -83.76 -64.96
CA UNK H 782 -21.52 -85.13 -64.89
C UNK H 782 -20.17 -85.14 -64.27
N UNK H 783 -19.90 -86.18 -63.46
CA UNK H 783 -18.63 -86.25 -62.82
C UNK H 783 -18.17 -87.67 -62.89
N UNK H 784 -16.84 -87.87 -62.76
CA UNK H 784 -16.27 -89.18 -62.74
C UNK H 784 -15.21 -89.15 -61.70
N UNK H 785 -14.94 -90.30 -61.03
CA UNK H 785 -13.95 -90.27 -59.99
C UNK H 785 -12.87 -91.26 -60.30
N UNK H 786 -11.61 -90.84 -60.05
CA UNK H 786 -10.45 -91.67 -60.21
C UNK H 786 -10.48 -92.73 -59.17
N UNK H 787 -11.00 -92.37 -57.98
CA UNK H 787 -11.01 -93.17 -56.80
C UNK H 787 -11.71 -94.46 -57.01
N UNK H 788 -11.97 -95.16 -55.90
CA UNK H 788 -12.50 -96.48 -55.90
C UNK H 788 -13.77 -96.49 -56.66
N UNK H 789 -14.59 -95.43 -56.57
CA UNK H 789 -15.83 -95.46 -57.28
C UNK H 789 -15.53 -95.62 -58.74
N UNK H 790 -14.61 -94.79 -59.28
CA UNK H 790 -14.19 -94.87 -60.65
C UNK H 790 -15.40 -94.99 -61.52
N UNK H 791 -16.44 -94.16 -61.30
CA UNK H 791 -17.56 -94.34 -62.15
C UNK H 791 -18.06 -93.00 -62.54
N UNK H 792 -18.81 -92.94 -63.66
CA UNK H 792 -19.40 -91.71 -64.06
C UNK H 792 -20.60 -91.55 -63.21
N UNK H 793 -20.94 -90.29 -62.90
CA UNK H 793 -22.12 -90.06 -62.13
C UNK H 793 -22.88 -89.04 -62.91
N UNK H 794 -24.22 -89.21 -62.99
CA UNK H 794 -24.99 -88.26 -63.70
C UNK H 794 -26.01 -87.75 -62.76
N UNK H 795 -26.26 -86.43 -62.79
CA UNK H 795 -27.25 -85.90 -61.90
C UNK H 795 -27.63 -84.54 -62.39
N UNK H 796 -28.79 -84.05 -61.91
CA UNK H 796 -29.22 -82.73 -62.24
C UNK H 796 -28.97 -81.90 -61.03
N UNK H 797 -28.44 -80.67 -61.23
CA UNK H 797 -28.11 -79.87 -60.10
C UNK H 797 -29.34 -79.51 -59.35
N UNK H 798 -30.42 -79.14 -60.07
CA UNK H 798 -31.59 -78.72 -59.35
C UNK H 798 -32.10 -79.85 -58.53
N UNK H 799 -32.22 -81.05 -59.15
CA UNK H 799 -32.76 -82.19 -58.47
C UNK H 799 -31.83 -82.60 -57.37
N UNK H 800 -30.50 -82.55 -57.61
CA UNK H 800 -29.56 -83.00 -56.63
C UNK H 800 -29.71 -84.49 -56.47
N UNK H 801 -30.23 -85.16 -57.51
CA UNK H 801 -30.36 -86.58 -57.45
C UNK H 801 -29.51 -87.13 -58.56
N UNK H 802 -28.95 -88.35 -58.35
CA UNK H 802 -28.12 -88.93 -59.37
C UNK H 802 -29.01 -89.75 -60.25
N UNK H 803 -29.04 -89.43 -61.55
CA UNK H 803 -29.88 -90.15 -62.45
C UNK H 803 -29.43 -91.57 -62.53
N UNK H 804 -28.11 -91.80 -62.70
CA UNK H 804 -27.67 -93.17 -62.79
C UNK H 804 -26.18 -93.18 -62.74
N UNK H 805 -25.60 -94.35 -62.47
CA UNK H 805 -24.18 -94.46 -62.42
C UNK H 805 -23.76 -95.44 -63.47
N UNK H 806 -22.66 -95.15 -64.20
CA UNK H 806 -22.21 -96.05 -65.22
C UNK H 806 -20.92 -96.67 -64.77
N UNK H 807 -20.75 -98.00 -64.94
CA UNK H 807 -19.55 -98.67 -64.49
C UNK H 807 -18.35 -98.39 -65.41
N UNK H 808 -17.07 -98.32 -64.87
CA UNK H 808 -15.78 -97.99 -65.54
C UNK H 808 -14.42 -98.71 -64.89
N UNK H 809 -13.03 -98.23 -65.08
CA UNK H 809 -11.54 -98.46 -64.69
C UNK H 809 -11.20 -97.35 -63.70
N UNK H 810 -10.65 -96.17 -64.10
CA UNK H 810 -10.61 -94.97 -63.29
C UNK H 810 -10.86 -93.92 -64.33
N UNK H 811 -11.81 -92.98 -64.10
CA UNK H 811 -12.16 -92.09 -65.18
C UNK H 811 -11.44 -90.79 -65.05
N UNK H 812 -10.58 -90.54 -66.05
CA UNK H 812 -9.83 -89.33 -66.20
C UNK H 812 -10.68 -88.17 -66.63
N UNK H 813 -11.58 -88.38 -67.61
CA UNK H 813 -12.32 -87.24 -68.09
C UNK H 813 -13.66 -87.66 -68.58
N UNK H 814 -14.64 -86.75 -68.46
CA UNK H 814 -15.96 -87.06 -68.91
C UNK H 814 -16.37 -85.96 -69.83
N UNK H 815 -17.16 -86.31 -70.86
CA UNK H 815 -17.59 -85.30 -71.77
C UNK H 815 -18.92 -85.70 -72.29
N UNK H 816 -19.70 -84.72 -72.79
CA UNK H 816 -20.98 -85.05 -73.34
C UNK H 816 -20.89 -84.76 -74.78
N UNK H 817 -21.55 -85.57 -75.63
CA UNK H 817 -21.46 -85.27 -77.02
C UNK H 817 -22.12 -83.95 -77.19
N UNK H 818 -21.38 -82.99 -77.80
CA UNK H 818 -21.92 -81.68 -78.00
C UNK H 818 -23.05 -81.74 -78.95
N UNK H 819 -22.83 -82.49 -80.05
CA UNK H 819 -23.77 -82.54 -81.11
C UNK H 819 -23.80 -81.17 -81.71
N UNK H 820 -23.73 -81.10 -83.05
CA UNK H 820 -23.74 -79.84 -83.72
C UNK H 820 -25.16 -79.41 -83.81
N UNK H 821 -25.38 -78.15 -84.22
CA UNK H 821 -26.69 -77.58 -84.39
C UNK H 821 -27.53 -77.92 -83.21
N UNK H 822 -27.30 -77.20 -82.10
CA UNK H 822 -27.99 -77.43 -80.87
C UNK H 822 -27.28 -78.60 -80.30
N UNK H 823 -27.42 -78.82 -78.98
CA UNK H 823 -26.65 -79.91 -78.48
C UNK H 823 -27.58 -80.99 -78.11
N UNK H 824 -27.13 -82.23 -78.36
CA UNK H 824 -27.90 -83.38 -78.00
C UNK H 824 -26.90 -84.37 -77.52
N UNK H 825 -27.21 -85.09 -76.43
CA UNK H 825 -26.23 -86.07 -76.08
C UNK H 825 -26.86 -87.42 -76.14
N UNK H 826 -26.64 -88.14 -77.25
CA UNK H 826 -27.11 -89.48 -77.39
C UNK H 826 -26.34 -90.34 -76.45
N UNK H 827 -25.02 -90.11 -76.40
CA UNK H 827 -24.15 -90.90 -75.59
C UNK H 827 -23.12 -89.99 -75.02
N UNK H 828 -22.38 -90.49 -74.01
CA UNK H 828 -21.37 -89.68 -73.39
C UNK H 828 -20.05 -90.27 -73.73
N UNK H 829 -19.02 -89.40 -73.83
CA UNK H 829 -17.71 -89.88 -74.15
C UNK H 829 -16.88 -89.74 -72.92
N UNK H 830 -16.06 -90.75 -72.63
CA UNK H 830 -15.23 -90.65 -71.47
C UNK H 830 -13.94 -91.32 -71.78
N UNK H 831 -12.88 -90.88 -71.08
CA UNK H 831 -11.59 -91.45 -71.26
C UNK H 831 -11.21 -91.92 -69.90
N UNK H 832 -10.39 -92.99 -69.82
CA UNK H 832 -10.06 -93.49 -68.52
C UNK H 832 -8.60 -93.70 -68.43
N UNK H 833 -8.09 -93.71 -67.19
CA UNK H 833 -6.72 -93.97 -66.91
C UNK H 833 -6.55 -95.44 -66.84
N UNK H 834 -5.29 -95.88 -66.97
CA UNK H 834 -5.01 -97.27 -66.85
C UNK H 834 -3.86 -97.39 -65.93
N UNK H 835 -3.93 -98.40 -65.05
CA UNK H 835 -2.93 -98.73 -64.09
C UNK H 835 -2.03 -99.70 -64.75
N UNK H 836 -1.17 -100.38 -63.96
CA UNK H 836 -0.23 -101.29 -64.55
C UNK H 836 -1.02 -102.31 -65.31
N UNK H 837 -2.08 -102.90 -64.71
CA UNK H 837 -2.83 -103.79 -65.53
C UNK H 837 -3.45 -102.92 -66.56
N UNK H 838 -3.44 -103.32 -67.85
CA UNK H 838 -3.97 -102.37 -68.76
C UNK H 838 -5.34 -102.79 -69.18
N UNK H 839 -6.32 -102.72 -68.26
CA UNK H 839 -7.65 -102.98 -68.67
C UNK H 839 -8.23 -101.81 -69.41
N UNK H 840 -8.21 -100.60 -68.78
CA UNK H 840 -8.93 -99.57 -69.45
C UNK H 840 -8.09 -98.43 -69.85
N UNK H 841 -7.49 -98.60 -71.04
CA UNK H 841 -6.77 -97.70 -71.87
C UNK H 841 -7.74 -96.86 -72.66
N UNK H 842 -8.96 -97.38 -72.86
CA UNK H 842 -9.88 -96.88 -73.85
C UNK H 842 -10.62 -95.62 -73.52
N UNK H 843 -11.16 -95.05 -74.61
CA UNK H 843 -12.07 -93.96 -74.56
C UNK H 843 -13.36 -94.63 -74.87
N UNK H 844 -14.39 -94.44 -74.03
CA UNK H 844 -15.58 -95.18 -74.30
C UNK H 844 -16.71 -94.25 -74.44
N UNK H 845 -17.65 -94.63 -75.33
CA UNK H 845 -18.83 -93.84 -75.48
C UNK H 845 -19.89 -94.66 -74.83
N UNK H 846 -20.68 -94.03 -73.95
CA UNK H 846 -21.68 -94.83 -73.32
C UNK H 846 -23.00 -94.35 -73.80
N UNK H 847 -23.84 -95.30 -74.28
CA UNK H 847 -25.14 -94.87 -74.68
C UNK H 847 -25.80 -94.47 -73.43
N UNK H 848 -26.38 -93.27 -73.41
CA UNK H 848 -27.00 -92.81 -72.21
C UNK H 848 -28.31 -93.57 -72.08
N UNK H 849 -25.03 -99.90 -71.07
CA UNK H 849 -23.57 -100.14 -70.90
C UNK H 849 -22.82 -99.39 -71.94
N UNK H 850 -21.49 -99.39 -71.85
CA UNK H 850 -20.77 -98.67 -72.86
C UNK H 850 -21.06 -99.35 -74.16
N UNK H 851 -21.42 -98.55 -75.18
CA UNK H 851 -21.75 -99.12 -76.45
C UNK H 851 -20.53 -99.74 -77.04
N UNK H 852 -19.39 -99.02 -77.00
CA UNK H 852 -18.22 -99.59 -77.58
C UNK H 852 -17.03 -98.94 -76.97
N UNK H 853 -15.87 -99.62 -77.06
CA UNK H 853 -14.67 -99.07 -76.53
C UNK H 853 -13.62 -99.25 -77.56
N UNK H 854 -0.77 -98.21 -74.95
CA UNK H 854 -0.73 -98.67 -73.60
C UNK H 854 -0.33 -97.49 -72.80
N UNK H 855 -1.20 -97.08 -71.86
CA UNK H 855 -0.93 -95.95 -71.02
C UNK H 855 -2.25 -95.43 -70.59
N UNK H 856 -2.23 -94.45 -69.68
CA UNK H 856 -3.46 -93.84 -69.30
C UNK H 856 -3.76 -92.80 -70.32
N UNK H 857 -5.06 -92.54 -70.57
CA UNK H 857 -5.38 -91.45 -71.44
C UNK H 857 -5.81 -90.36 -70.53
N UNK H 858 -4.99 -89.30 -70.43
CA UNK H 858 -5.25 -88.25 -69.50
C UNK H 858 -6.50 -87.51 -69.83
N UNK H 859 -6.70 -87.14 -71.12
CA UNK H 859 -7.83 -86.32 -71.40
C UNK H 859 -8.36 -86.66 -72.76
N UNK H 860 -9.49 -86.01 -73.12
CA UNK H 860 -10.09 -86.22 -74.41
C UNK H 860 -10.80 -84.96 -74.76
N UNK H 861 -11.17 -84.82 -76.04
CA UNK H 861 -11.91 -83.65 -76.44
C UNK H 861 -12.80 -84.03 -77.58
N UNK H 862 -14.02 -83.46 -77.62
CA UNK H 862 -14.94 -83.74 -78.68
C UNK H 862 -15.26 -82.42 -79.30
N UNK H 863 -15.58 -82.42 -80.61
CA UNK H 863 -15.86 -81.17 -81.25
C UNK H 863 -17.32 -81.11 -81.56
N UNK H 864 -17.96 -79.97 -81.22
CA UNK H 864 -19.35 -79.82 -81.50
C UNK H 864 -19.58 -79.75 -82.98
N UNK H 865 -18.77 -78.91 -83.66
CA UNK H 865 -18.93 -78.69 -85.06
C UNK H 865 -18.58 -79.89 -85.87
N UNK H 866 -17.44 -80.54 -85.56
CA UNK H 866 -16.99 -81.62 -86.41
C UNK H 866 -16.91 -82.86 -85.60
N UNK H 867 -17.01 -84.02 -86.29
CA UNK H 867 -16.90 -85.24 -85.57
C UNK H 867 -15.45 -85.60 -85.60
N UNK H 868 -14.79 -85.46 -84.43
CA UNK H 868 -13.42 -85.81 -84.29
C UNK H 868 -13.20 -85.82 -82.83
N UNK H 869 -12.19 -86.58 -82.35
CA UNK H 869 -11.95 -86.59 -80.94
C UNK H 869 -10.47 -86.60 -80.78
N UNK H 870 -9.97 -86.02 -79.68
CA UNK H 870 -8.55 -86.01 -79.48
C UNK H 870 -8.30 -86.72 -78.19
N UNK H 871 -7.15 -87.41 -78.09
CA UNK H 871 -6.82 -88.13 -76.89
C UNK H 871 -5.41 -87.80 -76.54
N UNK H 872 -5.13 -87.73 -75.22
CA UNK H 872 -3.81 -87.44 -74.76
C UNK H 872 -3.46 -88.52 -73.78
N UNK H 873 -2.15 -88.84 -73.62
CA UNK H 873 -1.82 -89.90 -72.71
C UNK H 873 -0.85 -89.42 -71.67
N UNK H 874 -1.17 -89.79 -70.40
CA UNK H 874 -0.51 -89.50 -69.16
C UNK H 874 0.80 -90.23 -68.96
N UNK H 875 0.92 -91.47 -69.45
CA UNK H 875 2.15 -92.09 -69.08
C UNK H 875 3.30 -91.42 -69.76
N UNK H 876 4.30 -90.99 -68.95
CA UNK H 876 5.50 -90.42 -69.47
C UNK H 876 6.41 -91.57 -69.69
N UNK H 877 7.41 -91.44 -70.59
CA UNK H 877 8.26 -92.55 -70.87
C UNK H 877 7.36 -93.64 -71.30
N UNK H 878 6.29 -93.24 -72.00
CA UNK H 878 5.26 -94.10 -72.47
C UNK H 878 4.69 -93.38 -73.62
N UNK H 879 3.40 -93.61 -73.94
CA UNK H 879 2.92 -92.90 -75.09
C UNK H 879 2.44 -91.55 -74.67
N UNK H 880 3.19 -90.51 -75.07
CA UNK H 880 2.70 -89.18 -74.88
C UNK H 880 2.38 -88.79 -76.27
N UNK H 881 1.08 -88.88 -76.63
CA UNK H 881 0.76 -88.60 -77.99
C UNK H 881 -0.63 -88.12 -78.06
N UNK H 882 -0.94 -87.39 -79.15
CA UNK H 882 -2.28 -86.93 -79.32
C UNK H 882 -2.86 -87.77 -80.41
N UNK H 883 -4.04 -88.35 -80.15
CA UNK H 883 -4.67 -89.13 -81.16
C UNK H 883 -5.96 -88.46 -81.47
N UNK H 884 -6.26 -88.27 -82.77
CA UNK H 884 -7.51 -87.64 -83.08
C UNK H 884 -8.22 -88.53 -84.04
N UNK H 885 -9.40 -89.08 -83.67
CA UNK H 885 -9.94 -89.98 -84.65
C UNK H 885 -11.41 -89.94 -84.66
N UNK H 886 -12.03 -90.15 -85.86
CA UNK H 886 -13.45 -90.26 -85.74
C UNK H 886 -13.77 -91.56 -85.06
N UNK H 887 -13.72 -92.71 -85.79
CA UNK H 887 -13.80 -94.01 -85.19
C UNK H 887 -12.49 -94.73 -85.05
N UNK H 888 -11.91 -95.01 -86.24
CA UNK H 888 -10.76 -95.85 -86.41
C UNK H 888 -9.58 -95.01 -86.08
N UNK H 889 -8.39 -95.64 -85.95
CA UNK H 889 -7.25 -94.87 -85.60
C UNK H 889 -7.09 -93.82 -86.65
N UNK H 890 -6.95 -92.57 -86.20
CA UNK H 890 -6.83 -91.47 -87.11
C UNK H 890 -6.04 -90.43 -86.41
N UNK H 891 -5.52 -89.47 -87.19
CA UNK H 891 -4.76 -88.35 -86.69
C UNK H 891 -3.32 -88.72 -86.77
N UNK H 892 -2.44 -87.78 -86.38
CA UNK H 892 -1.05 -88.03 -86.54
C UNK H 892 -0.39 -88.14 -85.21
N UNK H 893 0.76 -88.84 -85.20
CA UNK H 893 1.56 -89.00 -84.02
C UNK H 893 2.86 -88.32 -84.28
N UNK H 894 3.52 -87.81 -83.22
CA UNK H 894 4.74 -87.11 -83.46
C UNK H 894 5.91 -87.98 -83.12
N UNK H 895 6.95 -87.96 -83.97
CA UNK H 895 8.09 -88.77 -83.63
C UNK H 895 8.90 -88.03 -82.60
N UNK H 896 9.64 -88.60 -81.65
CA UNK H 896 10.37 -87.71 -80.73
C UNK H 896 11.86 -87.64 -81.01
N UNK H 897 12.71 -87.21 -80.05
CA UNK H 897 14.02 -86.61 -80.36
C UNK H 897 15.34 -86.86 -79.45
N UNK H 898 16.43 -85.81 -79.24
CA UNK H 898 17.73 -85.59 -78.47
C UNK H 898 18.43 -86.87 -78.74
N UNK H 899 19.52 -87.28 -78.06
CA UNK H 899 19.90 -88.57 -78.56
C UNK H 899 20.01 -89.59 -77.46
N UNK H 900 19.30 -90.73 -77.64
CA UNK H 900 19.41 -91.84 -76.74
C UNK H 900 20.75 -92.49 -76.93
N UNK H 901 21.14 -92.73 -78.21
CA UNK H 901 22.38 -93.39 -78.50
C UNK H 901 22.74 -93.05 -79.91
N UNK H 902 24.01 -93.29 -80.30
CA UNK H 902 24.34 -92.96 -81.66
C UNK H 902 25.41 -93.90 -82.12
N UNK H 903 25.50 -94.08 -83.45
CA UNK H 903 26.53 -94.90 -84.02
C UNK H 903 26.96 -94.21 -85.27
N UNK H 904 28.28 -94.14 -85.51
CA UNK H 904 28.77 -93.49 -86.69
C UNK H 904 28.78 -94.49 -87.80
N UNK H 905 28.74 -94.01 -89.06
CA UNK H 905 28.81 -94.91 -90.16
C UNK H 905 30.22 -95.42 -90.20
N UNK H 906 30.41 -96.70 -90.54
CA UNK H 906 31.76 -97.18 -90.54
C UNK H 906 32.52 -96.45 -91.60
N UNK H 907 31.98 -96.43 -92.83
CA UNK H 907 32.64 -95.81 -93.94
C UNK H 907 32.67 -94.32 -93.79
N UNK H 908 31.55 -93.73 -93.34
CA UNK H 908 31.49 -92.29 -93.36
C UNK H 908 31.39 -91.75 -91.98
N UNK H 909 31.80 -90.47 -91.85
CA UNK H 909 31.83 -89.71 -90.63
C UNK H 909 30.43 -89.51 -90.13
N UNK H 910 29.46 -89.37 -91.05
CA UNK H 910 28.09 -89.04 -90.75
C UNK H 910 27.61 -89.87 -89.60
N UNK H 911 26.70 -89.29 -88.79
CA UNK H 911 26.28 -89.98 -87.62
C UNK H 911 24.84 -90.30 -87.70
N UNK H 912 24.49 -91.44 -87.09
CA UNK H 912 23.14 -91.86 -87.01
C UNK H 912 22.86 -91.90 -85.54
N UNK H 913 21.69 -91.38 -85.13
CA UNK H 913 21.44 -91.42 -83.72
C UNK H 913 20.01 -91.76 -83.54
N UNK H 914 19.71 -92.49 -82.44
CA UNK H 914 18.37 -92.84 -82.10
C UNK H 914 17.84 -91.75 -81.23
N UNK H 915 16.51 -91.66 -81.12
CA UNK H 915 15.89 -90.60 -80.38
C UNK H 915 14.94 -91.22 -79.41
N UNK H 916 14.53 -90.45 -78.39
CA UNK H 916 13.54 -90.87 -77.44
C UNK H 916 12.38 -91.14 -78.30
N UNK H 917 12.16 -90.26 -79.27
CA UNK H 917 11.45 -90.50 -80.48
C UNK H 917 11.36 -91.88 -80.86
N UNK H 918 10.30 -92.08 -81.57
CA UNK H 918 10.20 -93.25 -82.35
C UNK H 918 11.25 -93.12 -83.42
N UNK H 919 11.44 -91.92 -83.95
CA UNK H 919 12.39 -91.69 -85.00
C UNK H 919 13.82 -91.76 -84.54
N UNK H 920 14.69 -92.10 -85.51
CA UNK H 920 16.11 -92.12 -85.42
C UNK H 920 16.49 -91.33 -86.62
N UNK H 921 17.68 -90.71 -86.65
CA UNK H 921 17.89 -89.92 -87.83
C UNK H 921 19.30 -90.04 -88.26
N UNK H 922 19.51 -89.71 -89.54
CA UNK H 922 20.82 -89.70 -90.09
C UNK H 922 21.16 -88.27 -90.20
N UNK H 923 22.39 -87.91 -89.80
CA UNK H 923 22.75 -86.54 -89.95
C UNK H 923 24.12 -86.52 -90.48
N UNK H 924 24.43 -85.43 -91.19
CA UNK H 924 25.75 -85.31 -91.73
C UNK H 924 26.34 -84.10 -91.11
N UNK H 925 27.64 -84.18 -90.81
CA UNK H 925 28.36 -83.09 -90.25
C UNK H 925 29.29 -82.63 -91.33
N UNK H 926 29.53 -81.31 -91.40
CA UNK H 926 30.36 -80.80 -92.44
C UNK H 926 31.73 -81.37 -92.27
N UNK H 927 32.42 -81.60 -93.41
CA UNK H 927 33.72 -82.20 -93.40
C UNK H 927 34.66 -81.32 -92.64
N UNK H 928 34.60 -80.00 -92.90
CA UNK H 928 35.51 -79.15 -92.19
C UNK H 928 34.88 -78.84 -90.88
N UNK H 929 35.37 -79.51 -89.83
CA UNK H 929 34.88 -79.31 -88.50
C UNK H 929 35.23 -77.93 -88.04
N UNK H 930 36.44 -77.47 -88.39
CA UNK H 930 36.96 -76.22 -87.92
C UNK H 930 36.05 -75.13 -88.38
N UNK H 931 35.62 -75.25 -89.64
CA UNK H 931 34.75 -74.24 -90.15
C UNK H 931 33.53 -74.28 -89.28
N UNK H 932 32.75 -73.18 -89.21
CA UNK H 932 31.57 -73.19 -88.43
C UNK H 932 30.79 -74.35 -88.95
N UNK H 933 30.41 -75.23 -88.02
CA UNK H 933 29.81 -76.44 -88.47
C UNK H 933 28.44 -76.17 -88.95
N UNK H 934 27.84 -77.16 -89.60
CA UNK H 934 26.45 -77.05 -89.92
C UNK H 934 26.01 -78.46 -89.75
N UNK H 935 24.80 -78.71 -89.24
CA UNK H 935 24.45 -80.09 -89.11
C UNK H 935 23.15 -80.31 -89.78
N UNK H 936 23.12 -81.24 -90.74
CA UNK H 936 21.91 -81.39 -91.49
C UNK H 936 21.38 -82.75 -91.27
N UNK H 937 20.04 -82.83 -91.26
CA UNK H 937 19.40 -84.08 -91.08
C UNK H 937 19.29 -84.70 -92.43
N UNK H 938 20.00 -85.83 -92.64
CA UNK H 938 19.89 -86.46 -93.92
C UNK H 938 18.50 -86.99 -94.03
N UNK H 939 18.00 -87.67 -92.99
CA UNK H 939 16.68 -88.19 -93.09
C UNK H 939 16.28 -88.68 -91.75
N UNK H 940 14.96 -88.83 -91.55
CA UNK H 940 14.50 -89.33 -90.30
C UNK H 940 13.91 -90.67 -90.56
N UNK H 941 14.26 -91.64 -89.68
CA UNK H 941 13.69 -92.94 -89.79
C UNK H 941 12.74 -93.00 -88.65
N UNK H 942 11.48 -93.33 -88.94
CA UNK H 942 10.54 -93.32 -87.87
C UNK H 942 9.96 -94.68 -87.78
N UNK H 943 9.56 -95.04 -86.56
CA UNK H 943 8.97 -96.31 -86.32
C UNK H 943 7.82 -96.05 -85.43
N UNK H 944 6.90 -97.02 -85.32
CA UNK H 944 5.78 -96.86 -84.46
C UNK H 944 6.25 -96.78 -83.05
N UNK H 945 7.20 -97.66 -82.66
CA UNK H 945 7.63 -97.78 -81.31
C UNK H 945 8.15 -96.47 -80.79
N UNK H 946 7.98 -96.26 -79.48
CA UNK H 946 8.29 -95.03 -78.84
C UNK H 946 9.73 -94.69 -78.92
N UNK H 947 10.63 -95.61 -78.57
CA UNK H 947 12.01 -95.17 -78.51
C UNK H 947 12.87 -96.11 -79.26
N UNK H 948 14.03 -95.60 -79.72
CA UNK H 948 14.93 -96.46 -80.44
C UNK H 948 16.01 -96.89 -79.50
N UNK H 949 15.99 -98.19 -79.14
CA UNK H 949 16.95 -98.76 -78.26
C UNK H 949 18.31 -98.82 -78.88
N UNK H 950 18.39 -99.28 -80.15
CA UNK H 950 19.71 -99.43 -80.69
C UNK H 950 19.67 -99.34 -82.18
N UNK H 951 20.84 -99.04 -82.77
CA UNK H 951 20.95 -98.99 -84.19
C UNK H 951 22.25 -99.62 -84.52
N UNK H 952 22.30 -100.36 -85.65
CA UNK H 952 23.55 -100.94 -86.02
C UNK H 952 23.69 -100.76 -87.48
N UNK H 953 24.86 -100.26 -87.93
CA UNK H 953 25.10 -100.10 -89.33
C UNK H 953 25.66 -101.39 -89.82
N UNK H 954 25.48 -101.66 -91.13
CA UNK H 954 26.04 -102.84 -91.70
C UNK H 954 27.49 -102.54 -91.92
N UNK H 955 28.30 -103.57 -92.17
CA UNK H 955 29.69 -103.37 -92.40
C UNK H 955 29.81 -102.48 -93.60
N UNK H 956 28.93 -102.72 -94.59
CA UNK H 956 28.93 -101.97 -95.81
C UNK H 956 28.64 -100.55 -95.47
N UNK H 957 27.80 -100.33 -94.44
CA UNK H 957 27.37 -99.02 -94.05
C UNK H 957 26.37 -98.57 -95.05
N UNK H 958 26.03 -99.46 -96.01
CA UNK H 958 25.03 -99.17 -96.98
C UNK H 958 23.71 -99.10 -96.27
N UNK H 959 23.48 -100.02 -95.32
CA UNK H 959 22.20 -100.06 -94.65
C UNK H 959 22.42 -100.03 -93.18
N UNK H 960 21.38 -99.59 -92.45
CA UNK H 960 21.43 -99.55 -91.02
C UNK H 960 20.16 -100.15 -90.53
N UNK H 961 20.19 -100.74 -89.32
CA UNK H 961 18.98 -101.32 -88.81
C UNK H 961 18.56 -100.52 -87.63
N UNK H 962 17.26 -100.20 -87.55
CA UNK H 962 16.77 -99.44 -86.44
C UNK H 962 16.00 -100.40 -85.60
N UNK H 963 16.18 -100.30 -84.28
CA UNK H 963 15.46 -101.17 -83.40
C UNK H 963 14.83 -100.32 -82.37
N UNK H 964 13.60 -100.67 -81.94
CA UNK H 964 13.00 -99.82 -80.97
C UNK H 964 12.91 -100.57 -79.68
N UNK H 965 13.50 -100.00 -78.62
CA UNK H 965 13.36 -100.61 -77.35
C UNK H 965 13.61 -99.56 -76.32
N UNK H 966 13.03 -99.78 -75.13
CA UNK H 966 13.09 -98.77 -74.12
C UNK H 966 12.13 -99.26 -73.10
N UNK H 967 11.30 -98.35 -72.57
CA UNK H 967 10.33 -98.78 -71.63
C UNK H 967 9.51 -99.80 -72.33
N UNK H 968 9.10 -99.52 -73.59
CA UNK H 968 8.39 -100.53 -74.31
C UNK H 968 9.01 -100.61 -75.65
N UNK H 969 9.60 -101.77 -75.98
CA UNK H 969 10.21 -101.91 -77.26
C UNK H 969 9.22 -102.60 -78.12
N UNK H 970 8.95 -102.04 -79.31
CA UNK H 970 8.16 -102.73 -80.28
C UNK H 970 9.00 -103.86 -80.77
N UNK H 971 10.31 -103.56 -80.88
CA UNK H 971 11.34 -104.40 -81.43
C UNK H 971 11.15 -104.51 -82.89
N UNK H 972 10.31 -103.65 -83.48
CA UNK H 972 10.24 -103.75 -84.90
C UNK H 972 11.59 -103.35 -85.39
N UNK H 973 12.13 -104.10 -86.36
CA UNK H 973 13.43 -103.75 -86.84
C UNK H 973 13.23 -103.36 -88.27
N UNK H 974 13.83 -102.22 -88.66
CA UNK H 974 13.67 -101.82 -90.03
C UNK H 974 15.03 -101.64 -90.59
N UNK H 975 15.19 -102.04 -91.87
CA UNK H 975 16.45 -101.83 -92.51
C UNK H 975 16.25 -100.62 -93.34
N UNK H 976 17.16 -99.64 -93.25
CA UNK H 976 16.97 -98.45 -94.00
C UNK H 976 18.21 -98.20 -94.78
N UNK H 977 18.06 -97.60 -95.97
CA UNK H 977 19.22 -97.28 -96.74
C UNK H 977 19.87 -96.17 -96.00
N UNK H 978 21.20 -96.05 -96.11
CA UNK H 978 21.87 -95.01 -95.41
C UNK H 978 21.33 -93.73 -95.93
N UNK H 979 21.08 -93.68 -97.25
CA UNK H 979 20.63 -92.51 -97.92
C UNK H 979 19.28 -92.08 -97.45
N UNK H 980 18.30 -93.00 -97.26
CA UNK H 980 17.01 -92.42 -97.01
C UNK H 980 16.11 -93.29 -96.19
N UNK H 981 14.91 -92.74 -95.97
CA UNK H 981 13.79 -93.21 -95.21
C UNK H 981 13.15 -94.45 -95.78
N UNK H 982 13.22 -94.65 -97.11
CA UNK H 982 12.44 -95.66 -97.77
C UNK H 982 12.62 -97.00 -97.13
N UNK H 983 13.86 -97.42 -96.82
CA UNK H 983 14.07 -98.66 -96.14
C UNK H 983 13.73 -99.82 -97.03
N UNK H 984 14.63 -100.83 -97.02
CA UNK H 984 14.47 -102.02 -97.80
C UNK H 984 13.32 -102.84 -97.29
N UNK H 985 13.24 -103.05 -95.97
CA UNK H 985 12.18 -103.90 -95.49
C UNK H 985 12.06 -103.75 -94.01
N UNK H 986 10.98 -104.32 -93.45
CA UNK H 986 10.80 -104.28 -92.03
C UNK H 986 10.61 -105.67 -91.55
N UNK H 987 11.29 -106.05 -90.46
CA UNK H 987 11.10 -107.37 -89.93
C UNK H 987 10.79 -107.20 -88.47
N UNK H 988 9.66 -107.78 -88.01
CA UNK H 988 9.43 -107.66 -86.60
C UNK H 988 9.23 -109.04 -86.06
N UNK H 989 10.35 -109.71 -85.75
CA UNK H 989 10.33 -111.04 -85.20
C UNK H 989 9.86 -111.03 -83.77
N UNK H 990 10.35 -110.07 -82.95
CA UNK H 990 10.13 -110.21 -81.53
C UNK H 990 9.72 -108.91 -80.89
N UNK H 991 9.48 -109.01 -79.57
CA UNK H 991 9.01 -107.96 -78.70
C UNK H 991 9.97 -106.82 -78.57
N UNK H 992 11.28 -107.07 -78.33
CA UNK H 992 12.18 -105.95 -78.15
C UNK H 992 13.53 -106.36 -78.65
N UNK H 993 14.43 -105.40 -78.97
CA UNK H 993 15.74 -105.84 -79.37
C UNK H 993 16.78 -104.95 -78.80
N UNK H 994 17.50 -105.43 -77.77
CA UNK H 994 18.55 -104.69 -77.12
C UNK H 994 19.75 -104.56 -78.02
N UNK H 995 20.18 -105.67 -78.65
CA UNK H 995 21.39 -105.54 -79.41
C UNK H 995 21.29 -106.36 -80.66
N UNK H 996 21.93 -105.88 -81.74
CA UNK H 996 21.94 -106.61 -82.96
C UNK H 996 23.33 -106.51 -83.49
N UNK H 997 23.89 -107.63 -83.97
CA UNK H 997 25.21 -107.57 -84.51
C UNK H 997 25.14 -108.15 -85.87
N UNK H 998 25.71 -107.44 -86.86
CA UNK H 998 25.70 -107.95 -88.19
C UNK H 998 26.84 -108.88 -88.34
N UNK H 999 26.65 -109.92 -89.18
CA UNK H 999 27.66 -110.85 -89.52
C UNK H 999 28.39 -110.20 -90.63
N UNK H 1000 29.21 -110.96 -91.37
CA UNK H 1000 29.88 -110.37 -92.50
C UNK H 1000 28.77 -109.86 -93.35
N UNK H 1001 27.69 -110.65 -93.47
CA UNK H 1001 26.52 -110.20 -94.14
C UNK H 1001 25.36 -110.64 -93.30
N UNK H 1002 24.32 -109.80 -93.18
CA UNK H 1002 23.13 -110.16 -92.43
C UNK H 1002 23.35 -109.86 -90.99
N UNK H 1003 22.34 -110.17 -90.14
CA UNK H 1003 22.49 -109.91 -88.75
C UNK H 1003 21.59 -110.82 -87.96
N UNK H 1004 21.84 -110.88 -86.63
CA UNK H 1004 21.05 -111.63 -85.71
C UNK H 1004 20.63 -110.64 -84.67
N UNK H 1005 19.42 -110.80 -84.10
CA UNK H 1005 18.98 -109.82 -83.15
C UNK H 1005 18.67 -110.48 -81.85
N UNK H 1006 18.85 -109.72 -80.74
CA UNK H 1006 18.55 -110.24 -79.45
C UNK H 1006 17.62 -109.29 -78.78
N UNK H 1007 16.59 -109.85 -78.11
CA UNK H 1007 15.60 -109.09 -77.39
C UNK H 1007 16.04 -108.93 -75.97
N UNK H 1008 15.38 -108.02 -75.24
CA UNK H 1008 15.58 -107.87 -73.83
C UNK H 1008 15.09 -109.17 -73.27
N UNK H 1009 14.04 -109.69 -73.93
CA UNK H 1009 13.37 -110.92 -73.63
C UNK H 1009 14.39 -112.01 -73.76
N UNK H 1010 15.40 -111.76 -74.61
CA UNK H 1010 16.45 -112.70 -74.90
C UNK H 1010 16.02 -113.69 -75.95
N UNK H 1011 14.89 -113.44 -76.63
CA UNK H 1011 14.66 -114.33 -77.73
C UNK H 1011 15.74 -113.96 -78.71
N UNK H 1012 16.41 -114.97 -79.30
CA UNK H 1012 17.46 -114.62 -80.22
C UNK H 1012 17.07 -115.17 -81.54
N UNK H 1013 17.32 -114.39 -82.62
CA UNK H 1013 16.92 -114.91 -83.88
C UNK H 1013 18.05 -114.72 -84.85
N UNK H 1014 18.24 -115.71 -85.72
CA UNK H 1014 19.21 -115.56 -86.77
C UNK H 1014 18.38 -115.29 -87.96
N UNK H 1015 18.67 -114.20 -88.69
CA UNK H 1015 17.82 -113.93 -89.80
C UNK H 1015 18.63 -113.43 -90.92
N UNK H 1016 18.13 -113.62 -92.15
CA UNK H 1016 18.82 -113.07 -93.27
C UNK H 1016 18.11 -111.79 -93.53
N UNK H 1017 18.78 -110.65 -93.26
CA UNK H 1017 18.12 -109.42 -93.50
C UNK H 1017 18.04 -109.27 -94.97
N UNK H 1018 16.85 -108.89 -95.47
CA UNK H 1018 16.69 -108.76 -96.89
C UNK H 1018 15.24 -108.62 -97.13
N UNK H 1019 14.83 -108.66 -98.41
CA UNK H 1019 13.45 -108.55 -98.72
C UNK H 1019 12.78 -109.71 -98.06
N UNK H 1020 13.43 -110.89 -98.08
CA UNK H 1020 12.83 -112.05 -97.50
C UNK H 1020 12.62 -111.79 -96.04
N UNK H 1021 13.65 -111.23 -95.37
CA UNK H 1021 13.56 -110.95 -93.96
C UNK H 1021 13.05 -112.15 -93.25
N UNK H 1022 13.71 -113.32 -93.45
CA UNK H 1022 13.26 -114.51 -92.82
C UNK H 1022 14.25 -114.89 -91.78
N UNK H 1023 13.80 -115.61 -90.73
CA UNK H 1023 14.69 -116.00 -89.68
C UNK H 1023 14.90 -117.48 -89.75
N UNK H 1024 16.18 -117.90 -89.74
CA UNK H 1024 16.52 -119.29 -89.80
C UNK H 1024 16.07 -119.98 -88.55
N UNK H 1025 16.34 -119.40 -87.38
CA UNK H 1025 15.97 -120.06 -86.16
C UNK H 1025 15.99 -119.06 -85.04
N UNK H 1026 15.42 -119.44 -83.89
CA UNK H 1026 15.41 -118.57 -82.74
C UNK H 1026 15.50 -119.43 -81.52
N UNK H 1027 15.99 -118.86 -80.40
CA UNK H 1027 16.07 -119.62 -79.19
C UNK H 1027 15.73 -118.72 -78.04
N UNK H 1028 15.14 -119.27 -76.96
CA UNK H 1028 14.88 -118.44 -75.83
C UNK H 1028 15.53 -119.08 -74.63
N UNK H 1029 16.75 -118.64 -74.29
CA UNK H 1029 17.43 -119.16 -73.13
C UNK H 1029 16.78 -118.67 -71.88
N UNK H 1030 16.54 -117.33 -71.80
CA UNK H 1030 15.90 -116.65 -70.70
C UNK H 1030 16.93 -115.98 -69.82
N UNK H 1031 16.43 -115.28 -68.78
CA UNK H 1031 17.15 -114.63 -67.71
C UNK H 1031 18.20 -113.62 -68.10
N UNK H 1032 17.84 -112.57 -68.88
CA UNK H 1032 18.68 -111.42 -69.13
C UNK H 1032 20.10 -111.78 -69.49
N UNK H 1033 20.26 -112.66 -70.49
CA UNK H 1033 21.42 -113.20 -71.15
C UNK H 1033 22.11 -112.26 -72.11
N UNK H 1034 21.49 -111.11 -72.44
CA UNK H 1034 21.47 -110.33 -73.66
C UNK H 1034 22.67 -110.13 -74.57
N UNK H 1035 23.94 -109.88 -74.16
CA UNK H 1035 24.91 -109.59 -75.20
C UNK H 1035 25.07 -110.75 -76.17
N UNK H 1036 25.36 -110.44 -77.47
CA UNK H 1036 25.50 -111.45 -78.49
C UNK H 1036 26.61 -111.07 -79.43
N UNK H 1037 27.16 -112.07 -80.18
CA UNK H 1037 28.22 -111.79 -81.11
C UNK H 1037 28.34 -112.93 -82.09
N UNK H 1038 29.01 -112.70 -83.24
CA UNK H 1038 29.16 -113.75 -84.22
C UNK H 1038 30.60 -114.14 -84.28
N UNK H 1039 30.89 -115.43 -84.05
CA UNK H 1039 32.22 -115.94 -84.11
C UNK H 1039 32.74 -115.92 -85.51
N UNK H 1040 31.91 -116.37 -86.49
CA UNK H 1040 32.43 -116.44 -87.83
C UNK H 1040 31.56 -115.63 -88.73
N UNK H 1041 32.22 -114.87 -89.63
CA UNK H 1041 31.52 -114.05 -90.58
C UNK H 1041 30.76 -114.94 -91.51
N UNK H 1042 31.41 -116.02 -91.98
CA UNK H 1042 30.74 -116.89 -92.88
C UNK H 1042 29.59 -117.44 -92.12
N UNK H 1043 28.54 -117.91 -92.84
CA UNK H 1043 27.42 -118.47 -92.15
C UNK H 1043 27.99 -119.55 -91.31
N UNK H 1044 27.79 -119.44 -89.99
CA UNK H 1044 28.45 -120.37 -89.13
C UNK H 1044 28.06 -120.04 -87.74
N UNK H 1045 28.96 -120.40 -86.80
CA UNK H 1045 28.71 -120.23 -85.41
C UNK H 1045 28.69 -118.78 -85.03
N UNK H 1046 27.88 -118.49 -84.00
CA UNK H 1046 27.75 -117.21 -83.38
C UNK H 1046 27.61 -117.54 -81.93
N UNK H 1047 27.87 -116.57 -81.04
CA UNK H 1047 27.77 -116.93 -79.65
C UNK H 1047 26.56 -116.26 -79.09
N UNK H 1048 25.81 -117.00 -78.23
CA UNK H 1048 24.66 -116.45 -77.59
C UNK H 1048 24.78 -116.86 -76.15
N UNK H 1049 24.29 -116.00 -75.24
CA UNK H 1049 24.41 -116.32 -73.85
C UNK H 1049 23.44 -117.41 -73.52
N UNK H 1050 23.95 -118.42 -72.78
CA UNK H 1050 23.17 -119.53 -72.32
C UNK H 1050 22.78 -119.25 -70.91
N UNK H 1051 21.94 -120.13 -70.33
CA UNK H 1051 21.53 -119.97 -68.97
C UNK H 1051 22.72 -120.30 -68.12
N UNK H 1052 22.66 -119.91 -66.83
CA UNK H 1052 23.74 -120.17 -65.92
C UNK H 1052 24.94 -119.42 -66.39
N UNK H 1053 24.72 -118.31 -67.12
CA UNK H 1053 25.81 -117.49 -67.54
C UNK H 1053 26.74 -118.30 -68.38
N UNK H 1054 26.22 -119.37 -69.01
CA UNK H 1054 27.04 -120.18 -69.86
C UNK H 1054 27.06 -119.54 -71.20
N UNK H 1055 28.05 -119.91 -72.04
CA UNK H 1055 28.11 -119.37 -73.35
C UNK H 1055 27.71 -120.47 -74.28
N UNK H 1056 26.84 -120.16 -75.24
CA UNK H 1056 26.43 -121.19 -76.15
C UNK H 1056 26.91 -120.79 -77.49
N UNK H 1057 27.41 -121.78 -78.26
CA UNK H 1057 27.83 -121.46 -79.59
C UNK H 1057 26.72 -121.92 -80.46
N UNK H 1058 26.34 -121.10 -81.45
CA UNK H 1058 25.17 -121.38 -82.23
C UNK H 1058 25.53 -121.71 -83.63
N UNK H 1059 24.49 -122.12 -84.39
CA UNK H 1059 24.55 -122.57 -85.75
C UNK H 1059 25.03 -123.98 -85.71
N UNK H 1060 25.58 -124.37 -84.54
CA UNK H 1060 26.06 -125.68 -84.19
C UNK H 1060 27.36 -125.45 -83.50
N UNK H 1061 27.60 -126.15 -82.39
CA UNK H 1061 28.83 -126.03 -81.65
C UNK H 1061 28.61 -126.45 -80.23
N UNK H 1062 29.63 -126.18 -79.40
CA UNK H 1062 29.61 -126.50 -77.99
C UNK H 1062 29.33 -125.27 -77.19
N UNK H 1063 29.24 -125.44 -75.86
CA UNK H 1063 28.97 -124.35 -74.97
C UNK H 1063 30.13 -124.21 -74.04
N UNK H 1064 30.35 -122.98 -73.52
CA UNK H 1064 31.45 -122.77 -72.62
C UNK H 1064 30.90 -122.54 -71.25
N UNK H 1065 31.53 -123.16 -70.24
CA UNK H 1065 31.10 -122.99 -68.87
C UNK H 1065 32.07 -122.04 -68.27
N UNK H 1066 31.58 -121.16 -67.38
CA UNK H 1066 32.49 -120.17 -66.90
C UNK H 1066 31.73 -119.22 -66.03
N UNK H 1067 31.44 -118.05 -66.62
CA UNK H 1067 30.86 -116.91 -65.96
C UNK H 1067 29.72 -117.29 -65.08
N UNK H 1068 29.76 -116.71 -63.87
CA UNK H 1068 28.78 -116.81 -62.82
C UNK H 1068 27.54 -116.07 -63.20
N UNK H 1069 27.67 -114.91 -63.88
CA UNK H 1069 26.53 -114.07 -64.10
C UNK H 1069 26.31 -113.80 -65.55
N UNK H 1070 25.22 -113.06 -65.84
CA UNK H 1070 24.79 -112.75 -67.18
C UNK H 1070 25.92 -112.15 -67.93
N UNK H 1071 25.91 -112.33 -69.27
CA UNK H 1071 27.00 -111.85 -70.06
C UNK H 1071 26.70 -110.48 -70.55
N UNK H 1072 27.50 -109.51 -70.06
CA UNK H 1072 27.40 -108.14 -70.44
C UNK H 1072 27.84 -107.92 -71.85
N UNK H 1073 28.97 -108.55 -72.26
CA UNK H 1073 29.43 -108.25 -73.60
C UNK H 1073 30.07 -109.44 -74.20
N UNK H 1074 30.03 -109.51 -75.55
CA UNK H 1074 30.69 -110.54 -76.27
C UNK H 1074 31.35 -109.88 -77.42
N UNK H 1075 32.67 -110.10 -77.58
CA UNK H 1075 33.34 -109.51 -78.70
C UNK H 1075 34.24 -110.56 -79.24
N UNK H 1076 34.30 -110.70 -80.58
CA UNK H 1076 35.15 -111.70 -81.13
C UNK H 1076 36.18 -110.99 -81.94
N UNK H 1077 37.43 -111.48 -81.88
CA UNK H 1077 38.45 -110.83 -82.66
C UNK H 1077 38.67 -111.70 -83.85
N UNK H 1078 38.60 -111.11 -85.05
CA UNK H 1078 38.81 -111.89 -86.23
C UNK H 1078 40.19 -112.41 -86.13
N UNK H 1079 41.14 -111.53 -85.76
CA UNK H 1079 42.49 -111.97 -85.61
C UNK H 1079 42.57 -112.66 -84.29
N UNK H 1080 43.42 -113.70 -84.21
CA UNK H 1080 43.65 -114.45 -83.01
C UNK H 1080 42.46 -115.31 -82.72
N UNK H 1081 41.33 -115.05 -83.40
CA UNK H 1081 40.12 -115.83 -83.28
C UNK H 1081 39.82 -116.11 -81.84
N UNK H 1082 39.82 -115.08 -80.98
CA UNK H 1082 39.53 -115.32 -79.60
C UNK H 1082 38.29 -114.56 -79.27
N UNK H 1083 37.46 -115.13 -78.37
CA UNK H 1083 36.26 -114.44 -78.02
C UNK H 1083 36.47 -113.83 -76.67
N UNK H 1084 36.02 -112.58 -76.50
CA UNK H 1084 36.18 -111.94 -75.23
C UNK H 1084 34.81 -111.79 -74.67
N UNK H 1085 34.65 -112.09 -73.37
CA UNK H 1085 33.36 -111.97 -72.78
C UNK H 1085 33.51 -111.25 -71.49
N UNK H 1086 32.44 -110.54 -71.08
CA UNK H 1086 32.44 -109.83 -69.84
C UNK H 1086 31.17 -110.21 -69.16
N UNK H 1087 31.11 -110.13 -67.82
CA UNK H 1087 29.91 -110.55 -67.17
C UNK H 1087 29.67 -109.72 -65.95
N UNK H 1088 28.47 -109.93 -65.37
CA UNK H 1088 27.99 -109.29 -64.17
C UNK H 1088 28.92 -109.68 -63.08
N UNK H 1089 29.52 -110.89 -63.24
CA UNK H 1089 30.42 -111.48 -62.31
C UNK H 1089 31.52 -110.50 -62.07
N UNK H 1090 31.76 -109.60 -63.05
CA UNK H 1090 32.83 -108.63 -62.96
C UNK H 1090 34.14 -109.30 -63.24
N UNK H 1091 34.08 -110.37 -64.05
CA UNK H 1091 35.29 -111.02 -64.50
C UNK H 1091 35.19 -111.01 -65.99
N UNK H 1092 36.36 -111.04 -66.67
CA UNK H 1092 36.38 -111.08 -68.11
C UNK H 1092 37.02 -112.38 -68.46
N UNK H 1093 36.68 -112.95 -69.63
CA UNK H 1093 37.30 -114.19 -69.96
C UNK H 1093 37.49 -114.25 -71.44
N UNK H 1094 38.48 -115.05 -71.88
CA UNK H 1094 38.71 -115.21 -73.29
C UNK H 1094 38.44 -116.65 -73.59
N UNK H 1095 37.76 -116.94 -74.72
CA UNK H 1095 37.48 -118.32 -74.97
C UNK H 1095 38.16 -118.76 -76.23
N UNK H 1096 39.22 -119.58 -76.06
CA UNK H 1096 39.94 -120.18 -77.14
C UNK H 1096 39.16 -121.29 -77.77
N UNK H 1097 38.49 -122.13 -76.94
CA UNK H 1097 37.91 -123.34 -77.46
C UNK H 1097 36.41 -123.26 -77.49
N UNK H 1098 35.82 -124.09 -78.36
CA UNK H 1098 34.40 -124.14 -78.53
C UNK H 1098 33.78 -124.62 -77.25
N UNK H 1099 34.34 -125.68 -76.65
CA UNK H 1099 33.78 -126.14 -75.40
C UNK H 1099 34.92 -126.38 -74.46
N UNK H 1100 34.80 -125.80 -73.24
CA UNK H 1100 35.80 -125.95 -72.22
C UNK H 1100 35.70 -124.74 -71.36
N UNK H 1101 36.58 -124.66 -70.35
CA UNK H 1101 36.66 -123.49 -69.53
C UNK H 1101 37.37 -122.47 -70.36
N UNK H 1102 37.27 -121.18 -69.97
CA UNK H 1102 37.90 -120.15 -70.74
C UNK H 1102 39.38 -120.28 -70.56
N UNK H 1103 40.13 -119.91 -71.63
CA UNK H 1103 41.56 -120.00 -71.57
C UNK H 1103 42.04 -119.08 -70.52
N UNK H 1104 41.49 -117.85 -70.49
CA UNK H 1104 42.00 -116.93 -69.52
C UNK H 1104 40.86 -116.26 -68.83
N UNK H 1105 41.09 -115.91 -67.56
CA UNK H 1105 40.16 -115.14 -66.80
C UNK H 1105 40.88 -113.87 -66.53
N UNK H 1106 40.22 -112.72 -66.77
CA UNK H 1106 40.92 -111.50 -66.54
C UNK H 1106 40.64 -111.09 -65.14
N UNK H 1107 41.70 -111.01 -64.33
CA UNK H 1107 41.56 -110.61 -62.97
C UNK H 1107 42.95 -110.45 -62.45
N UNK H 1108 43.11 -109.59 -61.42
CA UNK H 1108 44.44 -109.40 -60.90
C UNK H 1108 44.76 -110.58 -59.99
N UNK H 1109 35.58 -103.42 -57.81
CA UNK H 1109 34.16 -103.00 -57.74
C UNK H 1109 33.28 -104.17 -58.02
N UNK H 1110 32.26 -104.36 -57.17
CA UNK H 1110 31.36 -105.46 -57.26
C UNK H 1110 30.61 -105.36 -58.54
N UNK H 1111 30.29 -104.12 -58.96
CA UNK H 1111 29.48 -103.90 -60.13
C UNK H 1111 30.06 -104.63 -61.30
N UNK H 1112 29.17 -104.98 -62.25
CA UNK H 1112 29.51 -105.71 -63.43
C UNK H 1112 30.17 -104.78 -64.40
N UNK H 1113 30.92 -105.36 -65.37
CA UNK H 1113 31.58 -104.57 -66.36
C UNK H 1113 30.55 -104.08 -67.33
N UNK H 1114 30.53 -102.76 -67.57
CA UNK H 1114 29.61 -102.15 -68.48
C UNK H 1114 29.94 -102.56 -69.89
N UNK H 1115 31.24 -102.46 -70.26
CA UNK H 1115 31.58 -102.80 -71.61
C UNK H 1115 33.03 -103.14 -71.68
N UNK H 1116 33.38 -104.05 -72.61
CA UNK H 1116 34.73 -104.46 -72.81
C UNK H 1116 35.00 -104.29 -74.26
N UNK H 1117 36.28 -104.10 -74.64
CA UNK H 1117 36.54 -103.89 -76.04
C UNK H 1117 37.84 -104.51 -76.41
N UNK H 1118 38.01 -104.76 -77.71
CA UNK H 1118 39.22 -105.34 -78.21
C UNK H 1118 40.29 -104.30 -78.14
N UNK H 1119 41.50 -104.79 -77.84
CA UNK H 1119 42.73 -104.08 -77.63
C UNK H 1119 43.56 -105.21 -77.14
N UNK H 1120 44.52 -104.97 -76.23
CA UNK H 1120 45.06 -106.16 -75.65
C UNK H 1120 43.85 -106.74 -75.00
N UNK H 1121 43.13 -105.87 -74.27
CA UNK H 1121 41.87 -106.17 -73.65
C UNK H 1121 41.56 -104.95 -72.84
N UNK H 1122 40.32 -104.45 -72.91
CA UNK H 1122 40.04 -103.29 -72.12
C UNK H 1122 38.68 -103.49 -71.55
N UNK H 1123 38.49 -103.10 -70.28
CA UNK H 1123 37.21 -103.28 -69.70
C UNK H 1123 36.90 -102.07 -68.89
N UNK H 1124 35.59 -101.72 -68.85
CA UNK H 1124 35.14 -100.61 -68.08
C UNK H 1124 34.05 -101.15 -67.23
N UNK H 1125 33.92 -100.60 -66.02
CA UNK H 1125 32.94 -101.03 -65.07
C UNK H 1125 32.91 -99.90 -64.11
N UNK H 1126 32.53 -100.18 -62.85
CA UNK H 1126 32.59 -99.13 -61.89
C UNK H 1126 34.04 -98.75 -61.88
N UNK H 1127 34.91 -99.77 -61.97
CA UNK H 1127 36.33 -99.61 -62.05
C UNK H 1127 36.69 -99.53 -63.50
N UNK H 1128 38.01 -99.41 -63.81
CA UNK H 1128 38.46 -99.43 -65.16
C UNK H 1128 39.73 -100.25 -65.18
N UNK H 1129 39.92 -101.07 -66.23
CA UNK H 1129 41.13 -101.87 -66.25
C UNK H 1129 41.52 -102.15 -67.65
N UNK H 1130 42.84 -102.37 -67.84
CA UNK H 1130 43.38 -102.72 -69.12
C UNK H 1130 43.98 -104.07 -68.91
N UNK H 1131 43.91 -104.94 -69.93
CA UNK H 1131 44.42 -106.25 -69.70
C UNK H 1131 45.40 -106.60 -70.77
N UNK H 1132 46.34 -107.49 -70.40
CA UNK H 1132 47.29 -108.05 -71.32
C UNK H 1132 47.04 -109.52 -71.15
N UNK H 1133 47.37 -110.36 -72.14
CA UNK H 1133 47.15 -111.74 -71.78
C UNK H 1133 48.18 -111.99 -70.70
N UNK H 1134 47.74 -112.08 -69.39
CA UNK H 1134 48.60 -112.17 -68.23
C UNK H 1134 47.94 -111.54 -67.01
N UNK H 1135 48.40 -110.31 -66.64
CA UNK H 1135 47.98 -109.54 -65.49
C UNK H 1135 47.45 -108.21 -65.96
N UNK H 1136 46.94 -107.36 -65.04
CA UNK H 1136 46.36 -106.11 -65.43
C UNK H 1136 47.40 -105.26 -66.08
N UNK H 1137 47.12 -104.81 -67.31
CA UNK H 1137 48.04 -103.97 -68.04
C UNK H 1137 48.14 -102.64 -67.37
N UNK H 1138 46.98 -102.05 -67.02
CA UNK H 1138 46.97 -100.75 -66.43
C UNK H 1138 45.64 -100.57 -65.76
N UNK H 1139 45.52 -99.54 -64.89
CA UNK H 1139 44.27 -99.33 -64.21
C UNK H 1139 43.93 -97.88 -64.23
N UNK H 1140 42.61 -97.57 -64.11
CA UNK H 1140 42.17 -96.20 -64.06
C UNK H 1140 41.64 -95.96 -62.69
N UNK H 1141 41.92 -94.76 -62.15
CA UNK H 1141 41.69 -94.34 -60.80
C UNK H 1141 40.27 -94.17 -60.32
N UNK H 1142 39.36 -93.53 -61.11
CA UNK H 1142 38.07 -93.00 -60.70
C UNK H 1142 37.51 -93.76 -59.54
N UNK H 1143 37.76 -93.20 -58.33
CA UNK H 1143 37.50 -93.91 -57.10
C UNK H 1143 36.05 -94.20 -56.90
N UNK H 1144 35.18 -93.19 -56.95
CA UNK H 1144 33.83 -93.59 -56.76
C UNK H 1144 33.08 -93.00 -57.89
N UNK H 1145 33.33 -93.50 -59.10
CA UNK H 1145 32.57 -92.99 -60.18
C UNK H 1145 32.31 -94.15 -61.06
N UNK H 1146 31.04 -94.58 -61.15
CA UNK H 1146 30.76 -95.70 -61.98
C UNK H 1146 30.87 -95.21 -63.38
N UNK H 1147 31.26 -96.09 -64.32
CA UNK H 1147 31.34 -95.67 -65.68
C UNK H 1147 30.14 -96.21 -66.37
N UNK H 1148 29.38 -95.31 -67.02
CA UNK H 1148 28.19 -95.70 -67.72
C UNK H 1148 28.53 -96.57 -68.90
N UNK H 1149 29.54 -96.17 -69.69
CA UNK H 1149 29.87 -96.95 -70.84
C UNK H 1149 31.24 -96.56 -71.29
N UNK H 1150 31.89 -97.46 -72.06
CA UNK H 1150 33.19 -97.12 -72.56
C UNK H 1150 33.24 -97.56 -74.00
N UNK H 1151 33.88 -96.74 -74.84
CA UNK H 1151 33.99 -97.07 -76.23
C UNK H 1151 35.44 -97.02 -76.57
N UNK H 1152 35.84 -97.82 -77.57
CA UNK H 1152 37.22 -97.82 -77.97
C UNK H 1152 37.26 -97.23 -79.34
N UNK H 1153 38.34 -96.48 -79.65
CA UNK H 1153 38.47 -95.84 -80.92
C UNK H 1153 38.65 -96.90 -81.96
N UNK H 1154 38.41 -96.55 -83.24
CA UNK H 1154 38.56 -97.52 -84.28
C UNK H 1154 39.96 -98.00 -84.19
N UNK H 1155 40.91 -97.05 -84.07
CA UNK H 1155 42.24 -97.46 -83.78
C UNK H 1155 42.20 -97.43 -82.29
N UNK H 1156 42.56 -98.54 -81.61
CA UNK H 1156 42.34 -98.44 -80.20
C UNK H 1156 43.49 -97.78 -79.55
N UNK H 1157 43.76 -96.52 -79.97
CA UNK H 1157 44.71 -95.68 -79.33
C UNK H 1157 44.12 -95.22 -78.05
N UNK H 1158 42.82 -94.85 -78.09
CA UNK H 1158 42.22 -94.25 -76.93
C UNK H 1158 40.93 -94.92 -76.61
N UNK H 1159 40.58 -94.90 -75.31
CA UNK H 1159 39.33 -95.44 -74.87
C UNK H 1159 38.64 -94.31 -74.18
N UNK H 1160 37.35 -94.09 -74.50
CA UNK H 1160 36.66 -93.01 -73.85
C UNK H 1160 35.58 -93.63 -73.04
N UNK H 1161 35.35 -93.08 -71.84
CA UNK H 1161 34.31 -93.62 -71.01
C UNK H 1161 33.59 -92.48 -70.39
N UNK H 1162 32.31 -92.68 -70.04
CA UNK H 1162 31.60 -91.60 -69.43
C UNK H 1162 31.49 -91.92 -67.97
N UNK H 1163 32.00 -91.02 -67.11
CA UNK H 1163 31.86 -91.21 -65.70
C UNK H 1163 30.44 -90.87 -65.40
N UNK H 1164 29.81 -91.60 -64.47
CA UNK H 1164 28.42 -91.39 -64.23
C UNK H 1164 28.20 -90.17 -63.40
N UNK H 1165 27.09 -89.48 -63.73
CA UNK H 1165 26.55 -88.39 -62.98
C UNK H 1165 25.11 -88.76 -62.97
N UNK H 1166 24.48 -88.81 -61.78
CA UNK H 1166 23.15 -89.35 -61.78
C UNK H 1166 22.67 -89.34 -60.38
N UNK H 1167 22.07 -90.47 -59.98
CA UNK H 1167 21.52 -90.58 -58.66
C UNK H 1167 22.64 -90.28 -57.71
N UNK H 1168 23.84 -90.81 -57.99
CA UNK H 1168 24.92 -90.47 -57.11
C UNK H 1168 25.50 -89.20 -57.64
N UNK H 1169 25.39 -88.11 -56.85
CA UNK H 1169 25.91 -86.86 -57.31
C UNK H 1169 27.38 -86.85 -57.08
N UNK H 1170 28.13 -86.21 -57.99
CA UNK H 1170 29.54 -86.10 -57.81
C UNK H 1170 30.02 -85.15 -58.85
N UNK H 1171 31.19 -84.52 -58.62
CA UNK H 1171 31.68 -83.69 -59.68
C UNK H 1171 32.14 -84.70 -60.67
N UNK H 1172 31.39 -84.82 -61.78
CA UNK H 1172 31.66 -85.88 -62.69
C UNK H 1172 30.88 -85.59 -63.92
N UNK H 1173 30.37 -86.67 -64.56
CA UNK H 1173 29.69 -86.49 -65.79
C UNK H 1173 30.71 -85.95 -66.72
N UNK H 1174 31.95 -86.44 -66.54
CA UNK H 1174 33.00 -86.01 -67.42
C UNK H 1174 33.32 -87.19 -68.26
N UNK H 1175 33.55 -86.96 -69.57
CA UNK H 1175 33.94 -88.06 -70.40
C UNK H 1175 35.42 -87.99 -70.44
N UNK H 1176 36.08 -89.09 -70.05
CA UNK H 1176 37.51 -89.02 -70.04
C UNK H 1176 38.02 -89.92 -71.11
N UNK H 1177 38.95 -89.40 -71.92
CA UNK H 1177 39.53 -90.23 -72.92
C UNK H 1177 40.87 -90.59 -72.40
N UNK H 1178 41.23 -91.89 -72.44
CA UNK H 1178 42.50 -92.25 -71.90
C UNK H 1178 43.36 -92.61 -73.06
N UNK H 1179 44.62 -92.16 -73.02
CA UNK H 1179 45.52 -92.51 -74.08
C UNK H 1179 46.02 -93.89 -73.70
N UNK H 1180 50.07 -97.24 -65.20
CA UNK H 1180 49.39 -96.94 -63.92
C UNK H 1180 48.00 -96.50 -64.17
N UNK H 1181 47.68 -95.28 -63.68
CA UNK H 1181 46.39 -94.65 -63.69
C UNK H 1181 45.92 -94.50 -65.10
N UNK H 1182 46.85 -94.49 -66.07
CA UNK H 1182 46.45 -94.21 -67.42
C UNK H 1182 45.84 -92.85 -67.45
N UNK H 1183 46.70 -91.85 -67.74
CA UNK H 1183 46.33 -90.47 -67.77
C UNK H 1183 45.27 -90.27 -68.80
N UNK H 1184 44.42 -89.26 -68.55
CA UNK H 1184 43.36 -88.99 -69.46
C UNK H 1184 43.84 -87.97 -70.43
N UNK H 1185 43.82 -88.33 -71.73
CA UNK H 1185 44.25 -87.44 -72.77
C UNK H 1185 43.30 -86.29 -72.84
N UNK H 1186 41.99 -86.56 -72.78
CA UNK H 1186 41.05 -85.48 -72.93
C UNK H 1186 39.98 -85.59 -71.90
N UNK H 1187 39.36 -84.44 -71.58
CA UNK H 1187 38.28 -84.45 -70.63
C UNK H 1187 37.14 -83.70 -71.24
N UNK H 1188 35.91 -84.19 -71.02
CA UNK H 1188 34.76 -83.53 -71.54
C UNK H 1188 33.78 -83.44 -70.42
N UNK H 1189 32.92 -82.40 -70.42
CA UNK H 1189 31.99 -82.31 -69.35
C UNK H 1189 30.61 -82.37 -69.90
N UNK H 1190 29.81 -83.30 -69.36
CA UNK H 1190 28.42 -83.46 -69.70
C UNK H 1190 28.04 -84.84 -69.30
N UNK H 1191 26.82 -85.04 -68.81
CA UNK H 1191 26.42 -86.36 -68.45
C UNK H 1191 26.25 -87.11 -69.72
N UNK H 1192 26.60 -88.40 -69.75
CA UNK H 1192 26.43 -89.08 -71.01
C UNK H 1192 25.79 -90.41 -70.79
N UNK H 1193 24.67 -90.65 -71.49
CA UNK H 1193 24.05 -91.94 -71.46
C UNK H 1193 24.98 -92.86 -72.18
N UNK H 1194 25.53 -92.39 -73.32
CA UNK H 1194 26.41 -93.19 -74.10
C UNK H 1194 27.16 -92.29 -75.03
N UNK H 1195 28.24 -92.81 -75.64
CA UNK H 1195 29.03 -92.04 -76.55
C UNK H 1195 29.46 -92.96 -77.65
N UNK H 1196 29.82 -92.40 -78.82
CA UNK H 1196 30.25 -93.22 -79.92
C UNK H 1196 31.36 -92.50 -80.61
N UNK H 1197 32.23 -93.25 -81.31
CA UNK H 1197 33.33 -92.64 -81.99
C UNK H 1197 33.10 -92.78 -83.46
N UNK H 1198 33.53 -91.75 -84.21
CA UNK H 1198 33.42 -91.79 -85.64
C UNK H 1198 34.52 -92.67 -86.12
N UNK H 1199 34.44 -93.13 -87.38
CA UNK H 1199 35.46 -93.98 -87.92
C UNK H 1199 36.73 -93.21 -87.88
N UNK H 1200 36.64 -91.90 -88.20
CA UNK H 1200 37.77 -91.03 -88.21
C UNK H 1200 38.34 -90.98 -86.84
N UNK H 1201 37.47 -91.05 -85.82
CA UNK H 1201 37.87 -90.95 -84.44
C UNK H 1201 38.20 -89.52 -84.17
N UNK H 1202 37.89 -88.65 -85.15
CA UNK H 1202 38.07 -87.25 -85.01
C UNK H 1202 37.09 -86.74 -84.00
N UNK H 1203 35.83 -87.22 -84.06
CA UNK H 1203 34.83 -86.67 -83.18
C UNK H 1203 34.12 -87.78 -82.47
N UNK H 1204 33.49 -87.43 -81.34
CA UNK H 1204 32.74 -88.39 -80.59
C UNK H 1204 31.38 -87.83 -80.39
N UNK H 1205 30.36 -88.71 -80.38
CA UNK H 1205 29.02 -88.22 -80.17
C UNK H 1205 28.72 -88.47 -78.74
N UNK H 1206 28.14 -87.47 -78.05
CA UNK H 1206 27.83 -87.64 -76.66
C UNK H 1206 26.35 -87.65 -76.53
N UNK H 1207 25.84 -88.58 -75.71
CA UNK H 1207 24.43 -88.64 -75.50
C UNK H 1207 24.19 -88.12 -74.12
N UNK H 1208 23.19 -87.23 -73.97
CA UNK H 1208 22.91 -86.66 -72.68
C UNK H 1208 21.43 -86.52 -72.58
N UNK H 1209 20.93 -86.24 -71.36
CA UNK H 1209 19.52 -86.07 -71.20
C UNK H 1209 19.17 -84.89 -72.05
N UNK H 1210 20.02 -83.86 -72.01
CA UNK H 1210 19.81 -82.67 -72.80
C UNK H 1210 20.16 -83.01 -74.20
N UNK H 1211 20.18 -81.99 -75.07
CA UNK H 1211 20.53 -82.24 -76.44
C UNK H 1211 21.86 -82.90 -76.44
N UNK H 1212 22.11 -83.78 -77.42
CA UNK H 1212 23.35 -84.49 -77.50
C UNK H 1212 24.37 -83.53 -77.95
N UNK H 1213 25.65 -83.83 -77.66
CA UNK H 1213 26.71 -82.96 -78.07
C UNK H 1213 27.63 -83.74 -78.94
N UNK H 1214 28.22 -83.05 -79.94
CA UNK H 1214 29.22 -83.67 -80.75
C UNK H 1214 30.45 -82.89 -80.46
N UNK H 1215 31.55 -83.57 -80.07
CA UNK H 1215 32.74 -82.83 -79.75
C UNK H 1215 33.84 -83.39 -80.59
N UNK H 1216 34.81 -82.54 -80.97
CA UNK H 1216 35.88 -83.02 -81.79
C UNK H 1216 37.10 -83.15 -80.94
N UNK H 1217 37.84 -84.25 -81.13
CA UNK H 1217 39.06 -84.46 -80.40
C UNK H 1217 40.16 -84.37 -81.41
N UNK H 1218 41.29 -83.74 -81.03
CA UNK H 1218 42.34 -83.63 -82.00
C UNK H 1218 43.28 -84.76 -81.78
N UNK H 1219 43.55 -85.52 -82.85
CA UNK H 1219 44.47 -86.62 -82.74
C UNK H 1219 45.79 -86.03 -82.39
N UNK H 1220 46.14 -84.92 -83.05
CA UNK H 1220 47.39 -84.27 -82.79
C UNK H 1220 47.10 -82.81 -82.74
N UNK H 1221 48.00 -82.04 -82.09
CA UNK H 1221 47.81 -80.63 -82.02
C UNK H 1221 47.82 -80.12 -83.46
N MET I 7 27.89 -50.31 15.21
CA MET I 7 28.31 -49.41 14.13
C MET I 7 28.08 -48.03 14.64
N ASP I 8 28.56 -47.02 13.92
CA ASP I 8 28.34 -45.68 14.35
C ASP I 8 26.88 -45.49 14.14
N PHE I 9 26.32 -44.39 14.66
CA PHE I 9 24.91 -44.22 14.45
C PHE I 9 24.69 -44.14 12.98
N GLU I 10 25.50 -43.32 12.28
CA GLU I 10 25.33 -43.19 10.86
C GLU I 10 25.60 -44.50 10.20
N THR I 11 26.58 -45.27 10.71
CA THR I 11 26.89 -46.51 10.06
C THR I 11 25.66 -47.36 10.10
N GLY I 12 25.06 -47.51 11.30
CA GLY I 12 23.91 -48.34 11.50
C GLY I 12 22.74 -47.78 10.76
N GLU I 13 22.57 -46.45 10.79
CA GLU I 13 21.44 -45.85 10.17
C GLU I 13 21.48 -46.18 8.72
N HIS I 14 22.67 -46.02 8.12
CA HIS I 14 22.82 -46.30 6.73
C HIS I 14 22.71 -47.77 6.46
N GLN I 15 23.26 -48.63 7.33
CA GLN I 15 23.18 -50.04 7.07
C GLN I 15 21.74 -50.42 7.11
N TYR I 16 21.06 -49.85 8.11
CA TYR I 16 19.69 -50.06 8.39
C TYR I 16 18.89 -49.62 7.20
N GLN I 17 19.25 -48.49 6.59
CA GLN I 17 18.57 -48.00 5.42
C GLN I 17 18.88 -48.81 4.21
N TYR I 18 20.17 -49.13 4.07
CA TYR I 18 20.89 -49.72 2.98
C TYR I 18 20.52 -51.15 2.81
N LYS I 19 19.73 -51.72 3.74
CA LYS I 19 19.37 -53.11 3.82
C LYS I 19 18.78 -53.69 2.57
N ASP I 20 17.66 -53.14 2.05
CA ASP I 20 16.96 -53.75 0.96
C ASP I 20 17.89 -53.87 -0.19
N ILE I 21 18.70 -52.82 -0.41
CA ILE I 21 19.64 -52.90 -1.48
C ILE I 21 20.60 -54.02 -1.22
N LEU I 22 21.11 -54.20 0.02
CA LEU I 22 22.04 -55.28 0.15
C LEU I 22 21.37 -56.60 -0.11
N SER I 23 20.19 -56.82 0.49
CA SER I 23 19.59 -58.12 0.38
C SER I 23 19.35 -58.46 -1.05
N VAL I 24 18.67 -57.55 -1.77
CA VAL I 24 18.34 -57.78 -3.14
C VAL I 24 19.57 -57.84 -3.98
N PHE I 25 20.55 -56.96 -3.72
CA PHE I 25 21.62 -56.86 -4.66
C PHE I 25 22.35 -58.15 -4.77
N GLU I 26 22.86 -58.66 -3.64
CA GLU I 26 23.60 -59.88 -3.69
C GLU I 26 22.66 -60.96 -4.00
N ASP I 27 21.41 -60.92 -3.51
CA ASP I 27 20.39 -61.96 -3.60
C ASP I 27 20.67 -62.94 -4.70
N ALA I 28 20.71 -64.24 -4.33
CA ALA I 28 21.02 -65.36 -5.19
C ALA I 28 22.51 -65.44 -5.35
N PHE I 29 23.18 -64.28 -5.33
CA PHE I 29 24.59 -64.09 -5.14
C PHE I 29 24.92 -63.99 -3.67
N VAL I 30 24.04 -63.37 -2.86
CA VAL I 30 24.32 -63.18 -1.45
C VAL I 30 24.44 -64.54 -0.84
N ASP I 31 23.54 -65.45 -1.24
CA ASP I 31 23.53 -66.76 -0.66
C ASP I 31 24.83 -67.42 -0.99
N ASN I 32 25.26 -67.30 -2.25
CA ASN I 32 26.46 -67.97 -2.68
C ASN I 32 27.62 -67.38 -1.94
N PHE I 33 27.66 -66.04 -1.79
CA PHE I 33 28.83 -65.50 -1.19
C PHE I 33 28.91 -65.92 0.23
N ASP I 34 27.78 -66.02 0.97
CA ASP I 34 27.81 -66.42 2.35
C ASP I 34 28.42 -67.78 2.47
N CYS I 35 28.04 -68.72 1.60
CA CYS I 35 28.55 -70.04 1.75
C CYS I 35 30.04 -70.00 1.64
N LYS I 36 30.55 -69.21 0.66
CA LYS I 36 31.97 -69.06 0.45
C LYS I 36 32.48 -68.38 1.68
N ASP I 37 31.58 -67.53 2.24
CA ASP I 37 31.80 -66.53 3.24
C ASP I 37 32.27 -67.02 4.55
N VAL I 38 32.10 -68.31 4.85
CA VAL I 38 32.36 -68.81 6.16
C VAL I 38 33.73 -68.44 6.64
N GLN I 39 34.75 -68.23 5.82
CA GLN I 39 35.88 -67.81 6.62
C GLN I 39 35.68 -66.41 7.13
N ASP I 40 35.20 -65.53 6.25
CA ASP I 40 34.96 -64.14 6.61
C ASP I 40 34.14 -64.02 7.88
N MET I 41 32.89 -64.48 7.81
CA MET I 41 31.99 -64.43 8.96
C MET I 41 32.66 -64.98 10.21
N PRO I 42 33.66 -65.83 10.02
CA PRO I 42 34.39 -66.43 11.14
C PRO I 42 35.48 -65.49 11.66
N LYS I 43 35.38 -64.21 11.32
CA LYS I 43 36.36 -63.23 11.77
C LYS I 43 35.68 -61.97 12.30
N SER I 44 36.45 -61.12 12.96
CA SER I 44 35.92 -59.88 13.53
C SER I 44 34.67 -59.43 12.78
N ILE I 45 33.91 -60.41 12.26
CA ILE I 45 32.69 -60.11 11.53
C ILE I 45 31.55 -61.01 11.99
N LEU I 46 31.79 -62.32 12.01
CA LEU I 46 30.78 -63.29 12.42
C LEU I 46 31.42 -64.61 12.82
N SER I 47 31.42 -64.90 14.11
CA SER I 47 32.00 -66.13 14.62
C SER I 47 31.75 -67.30 13.67
N LYS I 48 32.54 -68.35 13.81
CA LYS I 48 32.41 -69.49 12.98
C LYS I 48 30.99 -69.95 13.07
N GLU I 49 30.46 -69.95 14.30
CA GLU I 49 29.12 -70.42 14.50
C GLU I 49 28.19 -69.50 13.78
N GLU I 50 28.49 -68.20 13.81
CA GLU I 50 27.57 -67.26 13.26
C GLU I 50 27.44 -67.42 11.77
N ILE I 51 28.50 -67.80 11.03
CA ILE I 51 28.22 -67.87 9.62
C ILE I 51 27.27 -68.99 9.39
N ASP I 52 27.49 -70.11 10.08
CA ASP I 52 26.62 -71.23 9.93
C ASP I 52 25.26 -70.80 10.35
N HIS I 53 25.20 -69.88 11.33
CA HIS I 53 23.94 -69.43 11.81
C HIS I 53 23.18 -68.78 10.68
N ILE I 54 23.81 -67.84 9.95
CA ILE I 54 23.09 -67.16 8.90
C ILE I 54 22.76 -68.13 7.82
N ILE I 55 23.71 -69.01 7.53
CA ILE I 55 23.61 -69.95 6.45
C ILE I 55 22.41 -70.81 6.67
N MET I 56 22.17 -71.22 7.93
CA MET I 56 21.10 -72.14 8.23
C MET I 56 19.77 -71.56 7.87
N SER I 57 19.51 -70.27 8.17
CA SER I 57 18.23 -69.71 7.81
C SER I 57 18.10 -69.85 6.33
N LYS I 58 17.19 -70.74 5.93
CA LYS I 58 17.03 -71.18 4.58
C LYS I 58 16.63 -70.05 3.70
N ASP I 59 15.60 -69.31 4.14
CA ASP I 59 14.96 -68.37 3.28
C ASP I 59 15.93 -67.31 2.97
N ALA I 60 15.90 -66.83 1.71
CA ALA I 60 16.84 -65.84 1.30
C ALA I 60 16.65 -64.63 2.14
N VAL I 61 15.38 -64.29 2.43
CA VAL I 61 15.09 -63.13 3.22
C VAL I 61 15.67 -63.34 4.58
N SER I 62 15.47 -64.55 5.13
CA SER I 62 15.93 -64.88 6.46
C SER I 62 17.41 -64.83 6.51
N GLY I 63 18.06 -65.34 5.45
CA GLY I 63 19.49 -65.40 5.46
C GLY I 63 20.04 -64.02 5.54
N THR I 64 19.46 -63.09 4.77
CA THR I 64 19.98 -61.75 4.78
C THR I 64 19.73 -61.13 6.12
N LEU I 65 18.54 -61.36 6.68
CA LEU I 65 18.18 -60.75 7.94
C LEU I 65 19.06 -61.30 9.01
N ARG I 66 19.35 -62.61 8.97
CA ARG I 66 20.14 -63.19 10.01
C ARG I 66 21.50 -62.54 10.06
N LEU I 67 22.15 -62.37 8.91
CA LEU I 67 23.49 -61.81 8.92
C LEU I 67 23.44 -60.40 9.40
N PHE I 68 22.42 -59.62 8.99
CA PHE I 68 22.38 -58.24 9.40
C PHE I 68 22.23 -58.21 10.89
N TRP I 69 21.45 -59.15 11.44
CA TRP I 69 21.20 -59.19 12.85
C TRP I 69 22.49 -59.36 13.58
N THR I 70 23.34 -60.31 13.15
CA THR I 70 24.56 -60.55 13.86
C THR I 70 25.43 -59.33 13.77
N LEU I 71 25.41 -58.67 12.60
CA LEU I 71 26.21 -57.51 12.32
C LEU I 71 25.86 -56.41 13.27
N LEU I 72 24.57 -56.25 13.61
CA LEU I 72 24.16 -55.15 14.43
C LEU I 72 24.80 -55.24 15.78
N SER I 73 24.93 -56.46 16.32
CA SER I 73 25.42 -56.68 17.65
C SER I 73 26.82 -56.20 17.75
N LYS I 74 27.51 -55.99 16.62
CA LYS I 74 28.86 -55.57 16.77
C LYS I 74 28.95 -54.11 16.75
N GLN I 75 30.21 -53.69 16.90
CA GLN I 75 30.58 -52.33 17.03
C GLN I 75 30.81 -51.76 15.67
N GLU I 76 31.22 -50.48 15.67
CA GLU I 76 31.54 -49.78 14.47
C GLU I 76 32.61 -50.54 13.79
N GLU I 77 33.49 -51.19 14.57
CA GLU I 77 34.59 -51.87 13.99
C GLU I 77 34.08 -52.89 13.03
N MET I 78 32.98 -53.57 13.38
CA MET I 78 32.46 -54.62 12.55
C MET I 78 32.06 -54.08 11.21
N VAL I 79 31.42 -52.88 11.17
CA VAL I 79 31.00 -52.41 9.89
C VAL I 79 32.22 -52.19 9.06
N GLN I 80 33.31 -51.70 9.68
CA GLN I 80 34.52 -51.43 8.97
C GLN I 80 35.10 -52.72 8.47
N LYS I 81 35.05 -53.80 9.28
CA LYS I 81 35.63 -55.03 8.83
C LYS I 81 34.82 -55.54 7.67
N PHE I 82 33.49 -55.49 7.81
CA PHE I 82 32.56 -55.96 6.81
C PHE I 82 32.77 -55.16 5.57
N VAL I 83 32.95 -53.83 5.70
CA VAL I 83 33.10 -53.07 4.50
C VAL I 83 34.33 -53.54 3.81
N GLU I 84 35.38 -53.89 4.59
CA GLU I 84 36.62 -54.31 4.00
C GLU I 84 36.40 -55.57 3.24
N GLU I 85 35.61 -56.52 3.80
CA GLU I 85 35.41 -57.76 3.12
C GLU I 85 34.71 -57.51 1.83
N VAL I 86 33.78 -56.52 1.80
CA VAL I 86 33.04 -56.27 0.60
C VAL I 86 33.97 -55.80 -0.46
N LEU I 87 34.95 -54.94 -0.11
CA LEU I 87 35.87 -54.42 -1.09
C LEU I 87 36.75 -55.54 -1.56
N ARG I 88 37.17 -56.43 -0.65
CA ARG I 88 38.02 -57.53 -1.04
C ARG I 88 37.25 -58.36 -2.01
N ILE I 89 35.95 -58.53 -1.72
CA ILE I 89 35.04 -59.25 -2.57
C ILE I 89 34.97 -58.50 -3.85
N ASN I 90 35.19 -57.17 -3.75
CA ASN I 90 35.05 -56.25 -4.84
C ASN I 90 33.71 -56.48 -5.37
N TYR I 91 32.79 -56.36 -4.42
CA TYR I 91 31.42 -56.43 -4.70
C TYR I 91 31.22 -54.99 -5.01
N LYS I 92 31.67 -54.63 -6.22
CA LYS I 92 31.95 -53.27 -6.56
C LYS I 92 30.79 -52.34 -6.37
N PHE I 93 29.64 -52.64 -6.96
CA PHE I 93 28.60 -51.65 -6.87
C PHE I 93 28.21 -51.51 -5.46
N LEU I 94 28.00 -52.62 -4.75
CA LEU I 94 27.50 -52.52 -3.41
C LEU I 94 28.50 -51.85 -2.55
N MET I 95 29.81 -52.15 -2.76
CA MET I 95 30.75 -51.56 -1.87
C MET I 95 30.77 -50.07 -2.05
N SER I 96 30.56 -49.57 -3.30
CA SER I 96 30.61 -48.14 -3.50
C SER I 96 29.56 -47.46 -2.67
N PRO I 97 28.29 -47.80 -2.75
CA PRO I 97 27.40 -47.17 -1.84
C PRO I 97 27.67 -47.39 -0.38
N ILE I 98 28.26 -48.52 0.03
CA ILE I 98 28.48 -48.61 1.44
C ILE I 98 29.48 -47.56 1.85
N LYS I 99 30.54 -47.33 1.04
CA LYS I 99 31.52 -46.36 1.47
C LYS I 99 30.94 -44.99 1.50
N THR I 100 30.00 -44.66 0.59
CA THR I 100 29.45 -43.34 0.63
C THR I 100 28.72 -43.19 1.94
N GLU I 101 28.07 -44.28 2.35
CA GLU I 101 27.30 -44.42 3.54
C GLU I 101 28.13 -44.05 4.73
N GLN I 102 29.37 -44.56 4.84
CA GLN I 102 30.10 -44.24 6.03
C GLN I 102 30.32 -42.75 6.12
N ARG I 103 29.84 -42.18 7.25
CA ARG I 103 29.86 -40.78 7.62
C ARG I 103 29.21 -39.90 6.60
N GLN I 104 27.89 -40.09 6.33
CA GLN I 104 27.18 -39.22 5.40
C GLN I 104 25.80 -38.97 5.92
N PRO I 105 25.35 -37.73 5.89
CA PRO I 105 23.99 -37.42 6.29
C PRO I 105 23.00 -37.51 5.15
N SER I 106 21.67 -37.61 5.45
CA SER I 106 20.65 -37.62 4.44
C SER I 106 19.33 -37.47 5.13
N MET I 107 18.31 -36.98 4.41
CA MET I 107 17.00 -36.83 5.00
C MET I 107 16.48 -38.18 5.36
N MET I 108 16.57 -39.15 4.42
CA MET I 108 16.06 -40.48 4.64
C MET I 108 16.82 -41.16 5.73
N THR I 109 18.14 -40.96 5.77
CA THR I 109 18.94 -41.61 6.77
C THR I 109 18.54 -41.12 8.11
N ARG I 110 18.36 -39.79 8.21
CA ARG I 110 18.08 -39.16 9.47
C ARG I 110 16.76 -39.65 9.98
N MET I 111 15.76 -39.81 9.10
CA MET I 111 14.49 -40.24 9.60
C MET I 111 14.59 -41.63 10.13
N TYR I 112 15.37 -42.50 9.49
CA TYR I 112 15.45 -43.85 9.94
C TYR I 112 16.08 -43.94 11.29
N ILE I 113 17.15 -43.16 11.52
CA ILE I 113 17.83 -43.21 12.79
C ILE I 113 16.90 -42.76 13.86
N GLU I 114 16.12 -41.72 13.57
CA GLU I 114 15.21 -41.16 14.52
C GLU I 114 14.22 -42.20 14.94
N GLN I 115 13.69 -42.96 13.96
CA GLN I 115 12.67 -43.92 14.25
C GLN I 115 13.24 -44.99 15.14
N ARG I 116 14.47 -45.41 14.86
CA ARG I 116 15.12 -46.45 15.61
C ARG I 116 15.26 -46.02 17.05
N ASP I 117 15.68 -44.77 17.28
CA ASP I 117 15.90 -44.32 18.63
C ASP I 117 14.59 -44.30 19.36
N ARG I 118 13.52 -43.88 18.68
CA ARG I 118 12.25 -43.77 19.34
C ARG I 118 11.81 -45.12 19.81
N LEU I 119 11.99 -46.16 18.98
CA LEU I 119 11.52 -47.43 19.43
C LEU I 119 12.31 -47.92 20.61
N TYR I 120 13.62 -47.63 20.66
CA TYR I 120 14.39 -48.07 21.79
C TYR I 120 13.82 -47.45 23.03
N ASN I 121 13.52 -46.15 22.97
CA ASN I 121 13.04 -45.41 24.12
C ASN I 121 11.75 -46.01 24.55
N ASP I 122 10.93 -46.44 23.58
CA ASP I 122 9.64 -46.99 23.84
C ASP I 122 9.78 -48.22 24.66
N ASN I 123 10.80 -49.07 24.42
CA ASN I 123 10.74 -50.24 25.24
C ASN I 123 12.01 -51.01 25.33
N GLN I 124 12.84 -51.01 24.26
CA GLN I 124 13.96 -51.92 24.21
C GLN I 124 15.05 -51.56 25.19
N VAL I 125 14.85 -51.93 26.48
CA VAL I 125 15.86 -51.85 27.50
C VAL I 125 16.72 -53.06 27.39
N PHE I 126 16.01 -54.19 27.41
CA PHE I 126 16.55 -55.47 27.22
C PHE I 126 15.59 -56.32 26.70
N ALA I 127 16.29 -57.37 26.49
CA ALA I 127 15.94 -58.47 25.87
C ALA I 127 17.28 -58.77 25.38
N LYS I 128 18.05 -59.44 26.22
CA LYS I 128 19.40 -59.63 25.86
C LYS I 128 19.44 -60.53 24.68
N TYR I 129 18.72 -61.66 24.72
CA TYR I 129 18.90 -62.44 23.55
C TYR I 129 17.62 -62.96 23.00
N ASN I 130 17.59 -63.10 21.68
CA ASN I 130 16.33 -63.28 21.03
C ASN I 130 16.40 -64.23 19.89
N VAL I 131 15.25 -64.90 19.69
CA VAL I 131 14.89 -65.95 18.80
C VAL I 131 14.35 -65.21 17.65
N SER I 132 14.75 -65.63 16.45
CA SER I 132 14.35 -64.85 15.34
C SER I 132 13.24 -65.58 14.70
N ARG I 133 12.05 -64.96 14.72
CA ARG I 133 10.94 -65.57 14.10
C ARG I 133 10.89 -64.85 12.86
N LEU I 134 11.61 -65.38 11.91
CA LEU I 134 11.54 -64.61 10.75
C LEU I 134 10.16 -64.79 10.23
N GLN I 135 9.58 -65.99 10.44
CA GLN I 135 8.30 -66.22 9.84
C GLN I 135 7.26 -65.24 10.33
N PRO I 136 7.05 -65.03 11.61
CA PRO I 136 6.02 -64.06 11.95
C PRO I 136 6.40 -62.65 11.65
N TYR I 137 7.71 -62.36 11.69
CA TYR I 137 8.27 -61.06 11.45
C TYR I 137 8.00 -60.63 10.04
N LEU I 138 8.29 -61.51 9.08
CA LEU I 138 8.08 -61.19 7.70
C LEU I 138 6.61 -61.04 7.43
N LYS I 139 5.78 -61.90 8.05
CA LYS I 139 4.37 -61.84 7.76
C LYS I 139 3.82 -60.51 8.11
N LEU I 140 4.18 -59.98 9.29
CA LEU I 140 3.60 -58.73 9.71
C LEU I 140 4.02 -57.66 8.78
N ARG I 141 5.31 -57.63 8.38
CA ARG I 141 5.73 -56.48 7.62
C ARG I 141 5.03 -56.49 6.30
N GLN I 142 4.89 -57.68 5.69
CA GLN I 142 4.37 -57.75 4.35
C GLN I 142 2.98 -57.24 4.37
N ALA I 143 2.17 -57.69 5.34
CA ALA I 143 0.81 -57.29 5.39
C ALA I 143 0.72 -55.83 5.64
N LEU I 144 1.54 -55.31 6.57
CA LEU I 144 1.42 -53.94 6.94
C LEU I 144 1.78 -53.08 5.77
N LEU I 145 2.81 -53.50 5.01
CA LEU I 145 3.24 -52.74 3.88
C LEU I 145 2.11 -52.70 2.91
N GLU I 146 1.50 -53.87 2.66
CA GLU I 146 0.49 -54.01 1.66
C GLU I 146 -0.74 -53.22 1.99
N LEU I 147 -1.28 -53.35 3.23
CA LEU I 147 -2.51 -52.63 3.38
C LEU I 147 -2.19 -51.39 4.11
N ARG I 148 -1.84 -50.36 3.33
CA ARG I 148 -1.54 -49.06 3.82
C ARG I 148 -2.79 -48.39 4.34
N PRO I 149 -3.90 -48.49 3.64
CA PRO I 149 -5.07 -47.79 4.08
C PRO I 149 -5.53 -48.32 5.39
N ALA I 150 -6.46 -47.60 6.05
CA ALA I 150 -6.88 -47.96 7.38
C ALA I 150 -7.27 -49.39 7.39
N LYS I 151 -6.78 -50.12 8.40
CA LYS I 151 -7.11 -51.50 8.57
C LYS I 151 -6.76 -51.86 9.95
N ASN I 152 -6.97 -53.14 10.34
CA ASN I 152 -6.56 -53.50 11.66
C ASN I 152 -5.68 -54.70 11.56
N VAL I 153 -4.39 -54.52 11.90
CA VAL I 153 -3.50 -55.64 11.91
C VAL I 153 -3.50 -56.09 13.31
N LEU I 154 -3.97 -57.32 13.57
CA LEU I 154 -3.89 -57.72 14.93
C LEU I 154 -2.59 -58.39 15.04
N ILE I 155 -2.19 -58.44 16.29
CA ILE I 155 -1.15 -59.22 16.79
C ILE I 155 -1.83 -59.55 18.06
N ASP I 156 -1.92 -60.83 18.39
CA ASP I 156 -2.60 -61.13 19.61
C ASP I 156 -2.28 -62.45 20.26
N GLY I 157 -1.58 -62.53 21.41
CA GLY I 157 -1.16 -63.83 21.90
C GLY I 157 -1.24 -63.82 23.39
N VAL I 158 -0.66 -64.85 24.04
CA VAL I 158 -0.66 -65.00 25.47
C VAL I 158 0.10 -63.84 26.03
N LEU I 159 -0.19 -63.46 27.30
CA LEU I 159 0.54 -62.35 27.83
C LEU I 159 1.99 -62.70 27.84
N GLY I 160 2.81 -61.77 27.31
CA GLY I 160 4.25 -61.93 27.32
C GLY I 160 4.70 -62.81 26.18
N SER I 161 3.83 -63.04 25.17
CA SER I 161 4.18 -63.86 24.05
C SER I 161 5.20 -63.15 23.23
N GLY I 162 5.38 -61.83 23.43
CA GLY I 162 6.34 -61.13 22.66
C GLY I 162 5.69 -60.37 21.53
N LYS I 163 4.43 -60.05 21.78
CA LYS I 163 3.63 -59.34 20.82
C LYS I 163 4.23 -58.02 20.47
N THR I 164 4.45 -57.16 21.52
CA THR I 164 4.88 -55.77 21.55
C THR I 164 6.28 -55.63 21.11
N TRP I 165 7.12 -56.57 21.58
CA TRP I 165 8.48 -56.53 21.19
C TRP I 165 8.45 -56.67 19.67
N VAL I 166 7.72 -57.68 19.08
CA VAL I 166 7.67 -57.95 17.68
C VAL I 166 7.25 -56.73 16.92
N ALA I 167 6.24 -56.01 17.44
CA ALA I 167 5.74 -54.86 16.74
C ALA I 167 6.81 -53.82 16.62
N LEU I 168 7.59 -53.62 17.71
CA LEU I 168 8.59 -52.60 17.68
C LEU I 168 9.57 -52.93 16.62
N ASP I 169 10.00 -54.20 16.57
CA ASP I 169 11.02 -54.64 15.66
C ASP I 169 10.57 -54.43 14.25
N VAL I 170 9.29 -54.69 13.97
CA VAL I 170 8.86 -54.53 12.61
C VAL I 170 8.99 -53.10 12.24
N CYS I 171 8.65 -52.18 13.15
CA CYS I 171 8.75 -50.79 12.85
C CYS I 171 10.19 -50.40 12.68
N LEU I 172 11.11 -50.94 13.53
CA LEU I 172 12.49 -50.53 13.53
C LEU I 172 13.34 -50.90 12.35
N SER I 173 13.31 -52.15 11.83
CA SER I 173 14.24 -52.50 10.77
C SER I 173 13.77 -52.00 9.43
N TYR I 174 12.51 -51.58 9.45
CA TYR I 174 11.53 -51.15 8.49
C TYR I 174 11.60 -49.81 7.85
N LYS I 175 12.79 -49.26 7.57
CA LYS I 175 12.90 -47.92 7.04
C LYS I 175 11.88 -47.72 5.93
N VAL I 176 11.62 -48.74 5.10
CA VAL I 176 10.66 -48.58 4.03
C VAL I 176 9.30 -48.29 4.59
N GLN I 177 8.88 -49.05 5.63
CA GLN I 177 7.56 -48.91 6.18
C GLN I 177 7.42 -47.55 6.78
N CYS I 178 8.48 -47.08 7.46
CA CYS I 178 8.42 -45.82 8.12
C CYS I 178 8.26 -44.73 7.10
N LYS I 179 8.91 -44.87 5.94
CA LYS I 179 8.81 -43.83 4.95
C LYS I 179 7.41 -43.75 4.45
N MET I 180 6.80 -44.91 4.12
CA MET I 180 5.50 -44.87 3.54
C MET I 180 4.52 -44.31 4.49
N ASP I 181 4.53 -44.76 5.76
CA ASP I 181 3.60 -44.18 6.67
C ASP I 181 4.13 -42.81 6.94
N PHE I 182 3.26 -41.79 6.95
CA PHE I 182 3.85 -40.49 7.16
C PHE I 182 4.45 -40.42 8.52
N LYS I 183 3.68 -40.80 9.55
CA LYS I 183 4.18 -40.72 10.88
C LYS I 183 3.55 -41.83 11.65
N ILE I 184 4.12 -42.21 12.80
CA ILE I 184 3.51 -43.27 13.52
C ILE I 184 3.34 -42.86 14.95
N PHE I 185 2.19 -43.21 15.55
CA PHE I 185 1.91 -42.89 16.92
C PHE I 185 1.75 -44.19 17.64
N TRP I 186 2.48 -44.36 18.77
CA TRP I 186 2.39 -45.59 19.50
C TRP I 186 1.95 -45.25 20.89
N LEU I 187 0.86 -45.90 21.35
CA LEU I 187 0.43 -45.68 22.70
C LEU I 187 0.03 -47.00 23.27
N ASN I 188 0.28 -47.19 24.59
CA ASN I 188 -0.13 -48.41 25.21
C ASN I 188 -1.38 -48.08 25.95
N LEU I 189 -2.50 -48.68 25.53
CA LEU I 189 -3.76 -48.33 26.11
C LEU I 189 -3.84 -48.84 27.52
N LYS I 190 -4.35 -47.95 28.38
CA LYS I 190 -4.66 -48.18 29.76
C LYS I 190 -6.04 -48.76 29.69
N ASN I 191 -6.47 -49.50 30.73
CA ASN I 191 -7.73 -50.20 30.74
C ASN I 191 -8.81 -49.28 30.25
N CYS I 192 -9.34 -49.59 29.04
CA CYS I 192 -10.39 -48.88 28.35
C CYS I 192 -11.71 -49.20 28.95
N ASN I 193 -11.87 -50.41 29.51
CA ASN I 193 -13.15 -50.76 30.04
C ASN I 193 -13.53 -49.81 31.13
N SER I 194 -12.55 -49.27 31.88
CA SER I 194 -12.88 -48.24 32.82
C SER I 194 -13.18 -47.01 32.00
N PRO I 195 -14.29 -46.38 32.29
CA PRO I 195 -14.84 -45.26 31.56
C PRO I 195 -14.03 -44.00 31.32
N GLU I 196 -13.55 -43.32 32.38
CA GLU I 196 -12.91 -42.04 32.24
C GLU I 196 -11.71 -42.26 31.39
N THR I 197 -11.23 -43.51 31.38
CA THR I 197 -10.01 -43.88 30.72
C THR I 197 -10.05 -43.46 29.29
N VAL I 198 -11.16 -43.68 28.57
CA VAL I 198 -11.15 -43.38 27.16
C VAL I 198 -10.84 -41.93 26.94
N LEU I 199 -11.51 -41.02 27.68
CA LEU I 199 -11.23 -39.63 27.45
C LEU I 199 -9.82 -39.32 27.79
N GLU I 200 -9.32 -39.94 28.86
CA GLU I 200 -7.99 -39.68 29.33
C GLU I 200 -7.04 -40.01 28.23
N MET I 201 -7.22 -41.19 27.59
CA MET I 201 -6.29 -41.63 26.60
C MET I 201 -6.31 -40.69 25.43
N LEU I 202 -7.52 -40.26 25.01
CA LEU I 202 -7.65 -39.48 23.83
C LEU I 202 -7.07 -38.13 24.08
N GLN I 203 -7.14 -37.64 25.33
CA GLN I 203 -6.63 -36.32 25.61
C GLN I 203 -5.17 -36.33 25.31
N LYS I 204 -4.46 -37.41 25.68
CA LYS I 204 -3.05 -37.51 25.46
C LYS I 204 -2.83 -37.47 23.98
N LEU I 205 -3.72 -38.12 23.21
CA LEU I 205 -3.58 -38.17 21.80
C LEU I 205 -3.62 -36.77 21.31
N LEU I 206 -4.53 -35.98 21.88
CA LEU I 206 -4.78 -34.65 21.45
C LEU I 206 -3.50 -33.90 21.70
N TYR I 207 -2.85 -34.16 22.85
CA TYR I 207 -1.68 -33.41 23.20
C TYR I 207 -0.59 -33.68 22.20
N GLN I 208 -0.36 -34.97 21.89
CA GLN I 208 0.72 -35.35 21.01
C GLN I 208 0.47 -34.84 19.64
N ILE I 209 -0.81 -34.84 19.19
CA ILE I 209 -1.08 -34.43 17.85
C ILE I 209 -0.63 -33.02 17.73
N ASP I 210 -0.95 -32.18 18.74
CA ASP I 210 -0.52 -30.81 18.86
C ASP I 210 -0.96 -30.37 20.21
N PRO I 211 -0.13 -29.59 20.85
CA PRO I 211 -0.47 -28.93 22.08
C PRO I 211 -1.15 -27.64 21.71
N ASN I 212 -1.42 -27.45 20.41
CA ASN I 212 -1.83 -26.24 19.75
C ASN I 212 -2.90 -25.45 20.42
N TRP I 213 -3.95 -25.19 19.60
CA TRP I 213 -5.23 -24.58 19.82
C TRP I 213 -6.05 -25.64 20.42
N THR I 214 -5.44 -26.82 20.34
CA THR I 214 -5.84 -28.10 20.72
C THR I 214 -6.60 -27.90 22.01
N SER I 215 -5.96 -27.25 22.98
CA SER I 215 -6.50 -27.03 24.30
C SER I 215 -7.68 -26.09 24.39
N ARG I 216 -7.85 -25.13 23.45
CA ARG I 216 -8.81 -24.06 23.60
C ARG I 216 -10.26 -24.47 23.70
N SER I 217 -10.74 -25.41 22.86
CA SER I 217 -12.16 -25.70 22.74
C SER I 217 -12.74 -26.30 23.97
N ASP I 218 -14.08 -26.17 24.08
CA ASP I 218 -14.84 -26.50 25.25
C ASP I 218 -14.66 -27.92 25.65
N HIS I 219 -14.17 -28.10 26.87
CA HIS I 219 -14.09 -29.41 27.43
C HIS I 219 -15.31 -29.48 28.27
N SER I 220 -16.29 -30.28 27.81
CA SER I 220 -17.55 -30.34 28.47
C SER I 220 -17.41 -30.96 29.81
N SER I 221 -18.13 -30.36 30.77
CA SER I 221 -18.10 -30.83 32.12
C SER I 221 -18.63 -32.21 32.11
N ASN I 222 -19.73 -32.44 31.34
CA ASN I 222 -20.25 -33.77 31.31
C ASN I 222 -19.46 -34.48 30.26
N ILE I 223 -19.31 -35.79 30.46
CA ILE I 223 -18.58 -36.62 29.54
C ILE I 223 -19.30 -36.67 28.25
N LYS I 224 -20.65 -36.62 28.30
CA LYS I 224 -21.48 -36.88 27.17
C LYS I 224 -21.02 -36.07 26.00
N LEU I 225 -20.71 -34.77 26.21
CA LEU I 225 -20.21 -33.93 25.15
C LEU I 225 -18.75 -34.12 24.81
N ARG I 226 -17.87 -34.22 25.82
CA ARG I 226 -16.44 -34.17 25.64
C ARG I 226 -15.92 -35.27 24.77
N ILE I 227 -16.36 -36.54 24.98
CA ILE I 227 -15.78 -37.61 24.23
C ILE I 227 -16.06 -37.38 22.78
N HIS I 228 -17.31 -36.98 22.47
CA HIS I 228 -17.70 -36.77 21.11
C HIS I 228 -16.88 -35.66 20.56
N SER I 229 -16.70 -34.59 21.35
CA SER I 229 -16.00 -33.44 20.88
C SER I 229 -14.58 -33.83 20.58
N ILE I 230 -13.99 -34.68 21.43
CA ILE I 230 -12.62 -35.03 21.19
C ILE I 230 -12.50 -35.76 19.90
N GLN I 231 -13.42 -36.69 19.61
CA GLN I 231 -13.27 -37.45 18.41
C GLN I 231 -13.29 -36.51 17.27
N ALA I 232 -14.14 -35.47 17.33
CA ALA I 232 -14.21 -34.53 16.25
C ALA I 232 -12.89 -33.84 16.11
N GLU I 233 -12.28 -33.43 17.25
CA GLU I 233 -11.04 -32.71 17.17
C GLU I 233 -9.98 -33.61 16.64
N LEU I 234 -9.98 -34.88 17.05
CA LEU I 234 -8.95 -35.80 16.65
C LEU I 234 -9.02 -35.92 15.16
N ARG I 235 -10.24 -36.07 14.62
CA ARG I 235 -10.39 -36.23 13.20
C ARG I 235 -9.89 -35.01 12.52
N ARG I 236 -10.23 -33.83 13.07
CA ARG I 236 -9.87 -32.58 12.48
C ARG I 236 -8.39 -32.46 12.43
N LEU I 237 -7.70 -32.79 13.54
CA LEU I 237 -6.28 -32.64 13.53
C LEU I 237 -5.65 -33.58 12.56
N LEU I 238 -6.21 -34.79 12.40
CA LEU I 238 -5.55 -35.66 11.46
C LEU I 238 -5.57 -35.06 10.09
N LYS I 239 -6.70 -34.48 9.67
CA LYS I 239 -6.77 -33.93 8.35
C LYS I 239 -5.83 -32.75 8.27
N SER I 240 -5.76 -31.96 9.35
CA SER I 240 -5.06 -30.70 9.35
C SER I 240 -3.64 -30.88 8.94
N LYS I 241 -2.95 -31.94 9.40
CA LYS I 241 -1.58 -32.04 9.03
C LYS I 241 -1.40 -33.18 8.06
N PRO I 242 -0.18 -33.49 7.70
CA PRO I 242 0.10 -34.52 6.74
C PRO I 242 -0.14 -35.93 7.19
N TYR I 243 -0.87 -36.12 8.30
CA TYR I 243 -1.13 -37.34 9.02
C TYR I 243 -1.80 -38.42 8.21
N GLU I 244 -2.49 -38.12 7.09
CA GLU I 244 -3.44 -38.99 6.43
C GLU I 244 -3.09 -40.45 6.42
N ASN I 245 -1.94 -40.97 5.96
CA ASN I 245 -1.75 -42.39 6.21
C ASN I 245 -0.79 -42.41 7.34
N CYS I 246 -1.32 -42.33 8.57
CA CYS I 246 -0.54 -42.27 9.76
C CYS I 246 -0.68 -43.61 10.41
N LEU I 247 0.43 -44.18 10.91
CA LEU I 247 0.33 -45.49 11.49
C LEU I 247 0.19 -45.31 12.95
N LEU I 248 -0.88 -45.90 13.52
CA LEU I 248 -1.05 -45.75 14.93
C LEU I 248 -0.99 -47.13 15.48
N VAL I 249 -0.28 -47.30 16.60
CA VAL I 249 -0.22 -48.62 17.13
C VAL I 249 -0.82 -48.57 18.50
N LEU I 250 -1.86 -49.38 18.75
CA LEU I 250 -2.38 -49.36 20.08
C LEU I 250 -1.85 -50.58 20.73
N LEU I 251 -1.04 -50.39 21.77
CA LEU I 251 -0.45 -51.49 22.45
C LEU I 251 -1.34 -51.91 23.58
N ASN I 252 -1.44 -53.23 23.78
CA ASN I 252 -2.21 -53.81 24.85
C ASN I 252 -3.58 -53.22 24.91
N VAL I 253 -4.41 -53.42 23.86
CA VAL I 253 -5.73 -52.87 23.90
C VAL I 253 -6.65 -53.87 24.51
N GLN I 254 -7.14 -53.55 25.73
CA GLN I 254 -8.03 -54.36 26.49
C GLN I 254 -9.45 -54.31 25.99
N ASN I 255 -9.96 -53.10 25.67
CA ASN I 255 -11.38 -52.97 25.42
C ASN I 255 -11.66 -52.73 23.96
N ALA I 256 -12.81 -53.25 23.52
CA ALA I 256 -13.32 -53.20 22.18
C ALA I 256 -13.56 -51.79 21.77
N LYS I 257 -14.00 -50.95 22.72
CA LYS I 257 -14.36 -49.60 22.40
C LYS I 257 -13.21 -48.91 21.75
N ALA I 258 -11.97 -49.21 22.17
CA ALA I 258 -10.85 -48.56 21.56
C ALA I 258 -10.87 -48.90 20.11
N TRP I 259 -11.21 -50.16 19.82
CA TRP I 259 -11.23 -50.68 18.48
C TRP I 259 -12.31 -49.95 17.72
N ASN I 260 -13.48 -49.72 18.33
CA ASN I 260 -14.51 -49.04 17.61
C ASN I 260 -14.12 -47.61 17.38
N ALA I 261 -13.40 -47.00 18.35
CA ALA I 261 -12.97 -45.64 18.23
C ALA I 261 -12.10 -45.58 17.01
N PHE I 262 -11.36 -46.67 16.77
CA PHE I 262 -10.48 -46.82 15.65
C PHE I 262 -11.30 -46.61 14.43
N ASN I 263 -12.51 -47.19 14.40
CA ASN I 263 -13.34 -47.14 13.23
C ASN I 263 -13.48 -45.70 12.87
N LEU I 264 -13.79 -44.85 13.86
CA LEU I 264 -13.79 -43.46 13.53
C LEU I 264 -12.38 -43.03 13.82
N SER I 265 -11.46 -43.30 12.89
CA SER I 265 -10.07 -42.98 13.08
C SER I 265 -9.33 -43.40 11.86
N CYS I 266 -8.06 -43.84 12.05
CA CYS I 266 -7.23 -44.21 10.94
C CYS I 266 -6.78 -45.63 11.08
N LYS I 267 -5.67 -45.99 10.40
CA LYS I 267 -5.11 -47.32 10.34
C LYS I 267 -4.39 -47.63 11.62
N ILE I 268 -4.41 -48.92 12.02
CA ILE I 268 -3.84 -49.32 13.27
C ILE I 268 -3.22 -50.70 13.20
N LEU I 269 -2.16 -50.89 14.03
CA LEU I 269 -1.61 -52.18 14.35
C LEU I 269 -1.97 -52.38 15.78
N LEU I 270 -2.57 -53.53 16.13
CA LEU I 270 -2.96 -53.65 17.50
C LEU I 270 -2.36 -54.90 18.08
N THR I 271 -1.97 -54.84 19.37
CA THR I 271 -1.48 -56.01 20.06
C THR I 271 -2.49 -56.30 21.12
N THR I 272 -3.00 -57.55 21.19
CA THR I 272 -3.98 -57.83 22.20
C THR I 272 -3.92 -59.26 22.64
N ARG I 273 -4.25 -59.51 23.92
CA ARG I 273 -4.26 -60.79 24.59
C ARG I 273 -5.46 -61.62 24.30
N PHE I 274 -6.40 -61.11 23.51
CA PHE I 274 -7.53 -61.90 23.20
C PHE I 274 -7.36 -62.12 21.72
N LYS I 275 -8.05 -63.10 21.11
CA LYS I 275 -8.27 -63.16 19.68
C LYS I 275 -9.61 -62.58 19.37
N GLN I 276 -10.63 -62.84 20.24
CA GLN I 276 -11.95 -62.47 19.79
C GLN I 276 -12.11 -60.99 19.72
N VAL I 277 -11.38 -60.22 20.54
CA VAL I 277 -11.46 -58.77 20.47
C VAL I 277 -11.17 -58.35 19.07
N THR I 278 -10.16 -59.01 18.49
CA THR I 278 -9.66 -58.81 17.17
C THR I 278 -10.77 -59.06 16.21
N ASP I 279 -11.49 -60.17 16.45
CA ASP I 279 -12.51 -60.63 15.59
C ASP I 279 -13.61 -59.61 15.54
N PHE I 280 -13.97 -59.04 16.71
CA PHE I 280 -15.05 -58.09 16.77
C PHE I 280 -14.70 -56.88 15.97
N LEU I 281 -13.46 -56.40 16.11
CA LEU I 281 -13.00 -55.23 15.44
C LEU I 281 -13.08 -55.42 13.95
N SER I 282 -12.69 -56.62 13.47
CA SER I 282 -12.69 -56.95 12.07
C SER I 282 -14.10 -56.96 11.58
N ALA I 283 -15.04 -57.39 12.43
CA ALA I 283 -16.40 -57.43 11.98
C ALA I 283 -16.89 -56.02 11.78
N ALA I 284 -16.59 -55.13 12.75
CA ALA I 284 -17.14 -53.80 12.68
C ALA I 284 -16.61 -53.13 11.46
N THR I 285 -15.29 -53.20 11.26
CA THR I 285 -14.69 -52.64 10.09
C THR I 285 -14.12 -53.81 9.40
N THR I 286 -14.48 -53.98 8.11
CA THR I 286 -14.00 -55.08 7.36
C THR I 286 -12.51 -54.91 7.23
N THR I 287 -11.87 -55.69 6.35
CA THR I 287 -10.45 -55.61 6.22
C THR I 287 -9.73 -55.72 7.52
N HIS I 288 -9.68 -56.95 8.08
CA HIS I 288 -8.89 -57.20 9.24
C HIS I 288 -7.80 -58.13 8.82
N ILE I 289 -6.63 -58.03 9.48
CA ILE I 289 -5.50 -58.88 9.21
C ILE I 289 -5.11 -59.46 10.54
N SER I 290 -4.79 -60.76 10.60
CA SER I 290 -4.49 -61.24 11.92
C SER I 290 -3.15 -61.91 11.90
N LEU I 291 -2.32 -61.58 12.90
CA LEU I 291 -1.05 -62.24 13.03
C LEU I 291 -1.09 -62.78 14.43
N ASP I 292 -1.04 -64.10 14.56
CA ASP I 292 -1.10 -64.68 15.86
C ASP I 292 0.31 -65.06 16.26
N HIS I 293 0.72 -64.92 17.55
CA HIS I 293 -0.06 -64.49 18.67
C HIS I 293 -1.03 -65.65 18.94
N HIS I 294 -0.73 -66.73 18.24
CA HIS I 294 -1.47 -67.93 18.24
C HIS I 294 -0.83 -68.46 17.03
N SER I 295 -1.27 -69.62 16.54
CA SER I 295 -0.76 -70.23 15.34
C SER I 295 0.21 -71.31 15.75
N MET I 296 1.17 -71.58 14.84
CA MET I 296 2.23 -72.56 14.82
C MET I 296 3.32 -72.30 15.85
N THR I 297 3.57 -71.02 16.20
CA THR I 297 4.57 -70.54 17.13
C THR I 297 6.03 -70.68 16.79
N LEU I 298 6.46 -70.32 15.57
CA LEU I 298 7.88 -70.19 15.34
C LEU I 298 8.53 -71.53 15.50
N THR I 299 9.80 -71.48 15.97
CA THR I 299 10.55 -72.67 16.24
C THR I 299 11.14 -72.54 17.61
N PRO I 300 10.88 -73.52 18.45
CA PRO I 300 11.37 -73.49 19.79
C PRO I 300 12.87 -73.55 19.86
N ASP I 301 13.52 -74.12 18.83
CA ASP I 301 14.95 -74.19 18.85
C ASP I 301 15.48 -72.79 18.81
N GLU I 302 14.93 -71.96 17.92
CA GLU I 302 15.38 -70.62 17.75
C GLU I 302 15.09 -69.84 18.99
N VAL I 303 13.89 -70.06 19.56
CA VAL I 303 13.51 -69.31 20.72
C VAL I 303 14.46 -69.67 21.80
N LYS I 304 14.74 -70.97 21.96
CA LYS I 304 15.56 -71.37 23.06
C LYS I 304 16.91 -70.73 22.90
N SER I 305 17.40 -70.63 21.65
CA SER I 305 18.70 -70.07 21.44
C SER I 305 18.67 -68.65 21.87
N LEU I 306 17.48 -68.01 21.78
CA LEU I 306 17.32 -66.64 22.15
C LEU I 306 17.66 -66.50 23.56
N LEU I 307 17.02 -67.32 24.38
CA LEU I 307 17.14 -67.20 25.78
C LEU I 307 18.54 -67.55 26.09
N LEU I 308 19.06 -68.49 25.28
CA LEU I 308 20.36 -69.05 25.48
C LEU I 308 21.38 -67.97 25.36
N LYS I 309 21.26 -67.04 24.40
CA LYS I 309 22.32 -66.07 24.39
C LYS I 309 22.19 -65.11 25.53
N TYR I 310 20.94 -64.80 25.94
CA TYR I 310 20.74 -63.88 27.03
C TYR I 310 21.50 -64.40 28.20
N LEU I 311 21.14 -65.64 28.54
CA LEU I 311 21.58 -66.37 29.68
C LEU I 311 22.98 -66.96 29.57
N ASP I 312 23.40 -67.39 28.36
CA ASP I 312 24.58 -68.15 28.05
C ASP I 312 24.70 -69.44 28.88
N CYS I 313 23.97 -70.53 28.46
CA CYS I 313 23.85 -71.80 29.18
C CYS I 313 24.39 -73.03 28.50
N ARG I 314 23.90 -74.24 28.95
CA ARG I 314 24.34 -75.55 28.49
C ARG I 314 23.15 -76.34 27.98
N PRO I 315 23.44 -77.15 26.98
CA PRO I 315 22.51 -77.99 26.27
C PRO I 315 21.79 -78.97 27.14
N GLN I 316 22.47 -79.51 28.16
CA GLN I 316 21.82 -80.43 29.04
C GLN I 316 20.76 -79.65 29.72
N ASP I 317 21.10 -78.39 29.98
CA ASP I 317 20.25 -77.48 30.67
C ASP I 317 19.05 -77.14 29.86
N LEU I 318 19.19 -77.26 28.53
CA LEU I 318 18.20 -76.76 27.64
C LEU I 318 16.85 -77.27 27.88
N PRO I 319 16.67 -78.53 28.08
CA PRO I 319 15.33 -79.02 28.24
C PRO I 319 14.68 -78.39 29.43
N ARG I 320 15.46 -77.90 30.39
CA ARG I 320 14.77 -77.26 31.46
C ARG I 320 14.10 -76.04 30.89
N GLU I 321 14.83 -75.34 30.02
CA GLU I 321 14.43 -74.09 29.40
C GLU I 321 13.31 -74.30 28.47
N VAL I 322 13.32 -75.46 27.78
CA VAL I 322 12.39 -75.75 26.72
C VAL I 322 11.07 -75.54 27.35
N LEU I 323 10.95 -75.94 28.63
CA LEU I 323 9.72 -75.68 29.33
C LEU I 323 9.88 -74.34 29.99
N THR I 324 8.83 -73.49 29.94
CA THR I 324 7.61 -73.85 29.26
C THR I 324 7.60 -73.18 27.93
N THR I 325 6.55 -73.47 27.14
CA THR I 325 6.41 -72.96 25.80
C THR I 325 6.27 -71.46 25.80
N ASN I 326 5.47 -70.89 26.73
CA ASN I 326 5.19 -69.48 26.57
C ASN I 326 6.36 -68.60 26.77
N PRO I 327 6.41 -67.67 25.86
CA PRO I 327 7.44 -66.68 25.81
C PRO I 327 7.36 -65.77 27.00
N ARG I 328 6.16 -65.50 27.55
CA ARG I 328 6.19 -64.59 28.65
C ARG I 328 6.89 -65.29 29.77
N ARG I 329 6.55 -66.58 29.96
CA ARG I 329 7.13 -67.30 31.03
C ARG I 329 8.59 -67.49 30.77
N LEU I 330 8.95 -67.65 29.48
CA LEU I 330 10.33 -67.87 29.20
C LEU I 330 11.08 -66.67 29.66
N SER I 331 10.56 -65.48 29.40
CA SER I 331 11.38 -64.40 29.75
C SER I 331 11.32 -64.10 31.23
N ILE I 332 10.17 -64.39 31.91
CA ILE I 332 10.18 -64.21 33.34
C ILE I 332 11.23 -65.10 33.92
N ILE I 333 11.31 -66.33 33.42
CA ILE I 333 12.27 -67.30 33.89
C ILE I 333 13.64 -66.78 33.55
N ALA I 334 13.82 -66.26 32.32
CA ALA I 334 15.12 -65.85 31.86
C ALA I 334 15.66 -64.78 32.76
N GLU I 335 14.80 -63.84 33.16
CA GLU I 335 15.24 -62.79 34.01
C GLU I 335 15.71 -63.40 35.30
N SER I 336 14.95 -64.37 35.83
CA SER I 336 15.25 -64.99 37.10
C SER I 336 16.55 -65.70 37.00
N ILE I 337 16.77 -66.39 35.87
CA ILE I 337 17.98 -67.12 35.67
C ILE I 337 19.15 -66.19 35.57
N ARG I 338 19.00 -64.97 35.03
CA ARG I 338 20.17 -64.14 35.03
C ARG I 338 20.54 -63.95 36.47
N ASP I 339 19.54 -63.78 37.34
CA ASP I 339 19.87 -63.72 38.74
C ASP I 339 20.26 -65.07 39.36
N GLY I 340 19.68 -66.24 38.94
CA GLY I 340 19.89 -67.54 39.58
C GLY I 340 19.89 -68.72 38.53
N LEU I 341 19.24 -69.93 38.75
CA LEU I 341 19.49 -71.20 37.97
C LEU I 341 18.40 -71.89 36.98
N ALA I 342 18.72 -72.87 35.94
CA ALA I 342 17.75 -73.81 35.39
C ALA I 342 18.18 -74.97 36.21
N THR I 343 17.74 -75.00 37.49
CA THR I 343 18.18 -76.07 38.34
C THR I 343 17.19 -76.29 39.42
N TRP I 344 17.67 -76.87 40.54
CA TRP I 344 16.80 -77.20 41.62
C TRP I 344 16.16 -75.96 42.13
N ASP I 345 16.92 -74.85 42.25
CA ASP I 345 16.35 -73.64 42.76
C ASP I 345 15.28 -73.13 41.83
N ASN I 346 15.55 -73.14 40.52
CA ASN I 346 14.69 -72.61 39.50
C ASN I 346 13.40 -73.35 39.52
N TRP I 347 13.50 -74.68 39.48
CA TRP I 347 12.33 -75.50 39.45
C TRP I 347 11.62 -75.29 40.74
N LYS I 348 12.40 -75.06 41.82
CA LYS I 348 11.84 -74.92 43.12
C LYS I 348 10.87 -73.78 43.14
N HIS I 349 11.25 -72.63 42.54
CA HIS I 349 10.40 -71.47 42.57
C HIS I 349 9.14 -71.72 41.80
N VAL I 350 9.32 -72.30 40.58
CA VAL I 350 8.38 -72.58 39.51
C VAL I 350 8.02 -71.35 38.72
N ASN I 351 8.80 -70.25 38.84
CA ASN I 351 8.62 -69.01 38.14
C ASN I 351 7.23 -68.47 38.24
N CYS I 352 6.75 -68.41 39.49
CA CYS I 352 5.50 -67.85 39.87
C CYS I 352 5.54 -66.40 40.28
N ASP I 353 6.72 -65.89 40.70
CA ASP I 353 6.74 -64.62 41.38
C ASP I 353 6.09 -63.55 40.56
N LYS I 354 6.55 -63.37 39.30
CA LYS I 354 5.97 -62.38 38.46
C LYS I 354 4.57 -62.74 38.05
N LEU I 355 4.39 -63.98 37.58
CA LEU I 355 3.18 -64.43 36.96
C LEU I 355 2.02 -64.44 37.91
N THR I 356 2.23 -64.85 39.17
CA THR I 356 1.10 -64.97 40.06
C THR I 356 0.47 -63.62 40.18
N THR I 357 1.27 -62.57 40.38
CA THR I 357 0.72 -61.27 40.52
C THR I 357 0.05 -60.89 39.23
N ILE I 358 0.68 -61.26 38.10
CA ILE I 358 0.21 -60.88 36.81
C ILE I 358 -1.15 -61.45 36.56
N ILE I 359 -1.34 -62.75 36.85
CA ILE I 359 -2.57 -63.45 36.62
C ILE I 359 -3.63 -62.88 37.50
N GLU I 360 -3.27 -62.49 38.74
CA GLU I 360 -4.22 -62.03 39.70
C GLU I 360 -5.02 -60.90 39.11
N SER I 361 -4.33 -59.98 38.43
CA SER I 361 -5.03 -58.85 37.87
C SER I 361 -5.98 -59.37 36.83
N SER I 362 -5.59 -60.48 36.16
CA SER I 362 -6.39 -61.03 35.12
C SER I 362 -7.70 -61.51 35.68
N LEU I 363 -7.68 -62.12 36.88
CA LEU I 363 -8.87 -62.68 37.45
C LEU I 363 -9.84 -61.57 37.73
N ASN I 364 -9.34 -60.41 38.20
CA ASN I 364 -10.18 -59.34 38.62
C ASN I 364 -11.03 -58.86 37.47
N VAL I 365 -10.49 -58.94 36.24
CA VAL I 365 -11.20 -58.39 35.12
C VAL I 365 -12.55 -59.04 34.93
N LEU I 366 -12.68 -60.37 35.19
CA LEU I 366 -13.94 -61.07 35.04
C LEU I 366 -14.76 -60.93 36.32
N GLU I 367 -16.02 -61.50 36.41
CA GLU I 367 -16.86 -61.35 37.58
C GLU I 367 -16.76 -62.57 38.46
N PRO I 368 -16.28 -62.29 39.64
CA PRO I 368 -15.92 -63.26 40.63
C PRO I 368 -16.97 -64.24 41.06
N ALA I 369 -18.24 -63.83 41.20
CA ALA I 369 -19.10 -64.82 41.78
C ALA I 369 -19.23 -66.02 40.90
N GLU I 370 -19.75 -65.82 39.67
CA GLU I 370 -19.94 -66.97 38.84
C GLU I 370 -18.66 -67.42 38.20
N TYR I 371 -18.02 -66.49 37.49
CA TYR I 371 -16.87 -66.81 36.67
C TYR I 371 -15.69 -67.15 37.52
N ARG I 372 -15.42 -66.34 38.55
CA ARG I 372 -14.25 -66.63 39.35
C ARG I 372 -14.44 -67.97 39.97
N LYS I 373 -15.67 -68.26 40.44
CA LYS I 373 -15.95 -69.51 41.07
C LYS I 373 -15.87 -70.62 40.08
N MET I 374 -16.46 -70.41 38.88
CA MET I 374 -16.52 -71.44 37.90
C MET I 374 -15.15 -71.85 37.46
N PHE I 375 -14.25 -70.88 37.27
CA PHE I 375 -12.88 -71.11 36.92
C PHE I 375 -12.16 -71.77 38.06
N ASP I 376 -12.49 -71.36 39.30
CA ASP I 376 -11.75 -71.80 40.45
C ASP I 376 -11.81 -73.29 40.53
N ARG I 377 -12.91 -73.88 40.07
CA ARG I 377 -13.17 -75.30 40.12
C ARG I 377 -12.23 -76.10 39.25
N LEU I 378 -11.78 -75.54 38.12
CA LEU I 378 -11.06 -76.25 37.08
C LEU I 378 -9.83 -76.91 37.65
N SER I 379 -9.40 -76.48 38.83
CA SER I 379 -8.18 -76.95 39.44
C SER I 379 -8.05 -78.49 39.51
N VAL I 380 -8.99 -79.28 40.13
CA VAL I 380 -8.84 -80.74 40.26
C VAL I 380 -9.15 -81.37 38.94
N PHE I 381 -8.12 -81.40 38.07
CA PHE I 381 -8.17 -81.97 36.76
C PHE I 381 -6.76 -82.21 36.36
N PRO I 382 -6.61 -83.12 35.46
CA PRO I 382 -5.29 -83.31 34.95
C PRO I 382 -4.88 -82.21 34.03
N PRO I 383 -3.66 -81.80 34.18
CA PRO I 383 -3.14 -80.73 33.37
C PRO I 383 -2.71 -81.22 32.04
N SER I 384 -2.84 -80.36 31.01
CA SER I 384 -2.39 -80.68 29.69
C SER I 384 -2.97 -81.98 29.29
N ALA I 385 -4.13 -82.34 29.87
CA ALA I 385 -4.69 -83.59 29.47
C ALA I 385 -6.09 -83.33 29.04
N HIS I 386 -6.33 -83.43 27.72
CA HIS I 386 -7.58 -83.21 27.07
C HIS I 386 -8.67 -83.83 27.88
N ILE I 387 -9.53 -82.96 28.48
CA ILE I 387 -10.58 -83.44 29.30
C ILE I 387 -11.87 -83.05 28.65
N PRO I 388 -12.73 -84.01 28.46
CA PRO I 388 -13.97 -83.74 27.78
C PRO I 388 -14.88 -82.85 28.55
N THR I 389 -15.81 -82.18 27.84
CA THR I 389 -16.71 -81.22 28.41
C THR I 389 -17.59 -81.89 29.41
N ILE I 390 -18.03 -83.14 29.12
CA ILE I 390 -18.92 -83.82 30.01
C ILE I 390 -18.26 -83.89 31.34
N LEU I 391 -16.95 -84.14 31.34
CA LEU I 391 -16.16 -84.19 32.53
C LEU I 391 -16.14 -82.82 33.15
N LEU I 392 -16.03 -81.80 32.29
CA LEU I 392 -15.89 -80.43 32.65
C LEU I 392 -17.14 -80.00 33.36
N SER I 393 -18.30 -80.48 32.90
CA SER I 393 -19.56 -80.07 33.45
C SER I 393 -19.61 -80.42 34.91
N LEU I 394 -19.00 -81.55 35.31
CA LEU I 394 -19.12 -81.92 36.69
C LEU I 394 -18.54 -80.82 37.53
N ILE I 395 -17.32 -80.41 37.21
CA ILE I 395 -16.65 -79.39 37.94
C ILE I 395 -17.27 -78.05 37.69
N TRP I 396 -17.58 -77.72 36.42
CA TRP I 396 -18.03 -76.40 36.18
C TRP I 396 -19.37 -76.17 36.82
N PHE I 397 -20.26 -77.18 36.83
CA PHE I 397 -21.59 -76.95 37.35
C PHE I 397 -21.60 -76.58 38.81
N ASP I 398 -21.79 -75.29 39.12
CA ASP I 398 -22.19 -74.85 40.44
C ASP I 398 -23.69 -74.75 40.42
N VAL I 399 -24.33 -74.31 39.18
CA VAL I 399 -25.70 -74.13 38.79
C VAL I 399 -25.77 -75.02 37.61
N ILE I 400 -26.97 -75.36 37.09
CA ILE I 400 -26.84 -76.32 36.03
C ILE I 400 -27.60 -75.96 34.81
N LYS I 401 -26.95 -76.27 33.66
CA LYS I 401 -27.39 -76.12 32.31
C LYS I 401 -26.39 -75.31 31.59
N SER I 402 -26.79 -74.76 30.42
CA SER I 402 -25.91 -74.06 29.53
C SER I 402 -25.33 -72.88 30.23
N ASP I 403 -25.82 -72.54 31.44
CA ASP I 403 -25.37 -71.39 32.16
C ASP I 403 -23.89 -71.56 32.31
N VAL I 404 -23.51 -72.79 32.65
CA VAL I 404 -22.15 -73.18 32.85
C VAL I 404 -21.45 -73.06 31.54
N MET I 405 -22.17 -73.37 30.45
CA MET I 405 -21.60 -73.34 29.13
C MET I 405 -21.20 -71.92 28.82
N VAL I 406 -22.09 -70.95 29.08
CA VAL I 406 -21.84 -69.56 28.80
C VAL I 406 -20.84 -68.97 29.73
N VAL I 407 -20.95 -69.28 31.04
CA VAL I 407 -20.11 -68.65 32.02
C VAL I 407 -18.68 -68.95 31.71
N VAL I 408 -18.36 -70.18 31.28
CA VAL I 408 -17.00 -70.45 30.91
C VAL I 408 -16.68 -69.61 29.71
N ASN I 409 -17.67 -69.41 28.83
CA ASN I 409 -17.49 -68.80 27.55
C ASN I 409 -16.94 -67.42 27.68
N LYS I 410 -17.43 -66.63 28.65
CA LYS I 410 -17.02 -65.27 28.77
C LYS I 410 -15.54 -65.20 29.02
N LEU I 411 -15.04 -66.19 29.79
CA LEU I 411 -13.62 -66.20 30.02
C LEU I 411 -12.84 -66.80 28.85
N HIS I 412 -13.40 -67.94 28.31
CA HIS I 412 -12.98 -69.13 27.61
C HIS I 412 -12.33 -68.75 26.35
N LYS I 413 -12.78 -67.64 25.79
CA LYS I 413 -12.47 -67.34 24.45
C LYS I 413 -10.97 -67.29 24.34
N TYR I 414 -10.31 -67.00 25.52
CA TYR I 414 -9.42 -65.87 25.74
C TYR I 414 -8.25 -66.26 24.97
N SER I 415 -7.88 -67.45 25.33
CA SER I 415 -6.60 -67.89 25.32
C SER I 415 -6.68 -68.91 26.37
N LEU I 416 -5.66 -68.85 27.22
CA LEU I 416 -5.18 -70.00 27.90
C LEU I 416 -5.61 -69.85 29.31
N VAL I 417 -6.81 -69.25 29.45
CA VAL I 417 -7.47 -69.48 30.68
C VAL I 417 -7.91 -70.92 30.64
N GLU I 418 -8.87 -71.22 29.74
CA GLU I 418 -9.20 -72.54 29.25
C GLU I 418 -9.29 -72.52 27.75
N LYS I 419 -9.04 -73.68 27.10
CA LYS I 419 -9.14 -73.69 25.67
C LYS I 419 -10.05 -74.80 25.27
N GLN I 420 -10.88 -74.58 24.24
CA GLN I 420 -11.73 -75.64 23.82
C GLN I 420 -11.52 -75.91 22.36
N PRO I 421 -11.10 -77.12 22.10
CA PRO I 421 -10.88 -77.56 20.75
C PRO I 421 -12.14 -77.77 19.95
N LYS I 422 -13.08 -78.20 20.67
CA LYS I 422 -14.30 -78.52 19.98
C LYS I 422 -15.31 -78.81 21.05
N GLU I 423 -16.51 -79.28 20.64
CA GLU I 423 -17.59 -79.54 21.54
C GLU I 423 -17.16 -80.61 22.50
N SER I 424 -16.23 -81.48 22.06
CA SER I 424 -15.76 -82.61 22.81
C SER I 424 -15.07 -82.26 24.10
N THR I 425 -13.99 -81.43 24.09
CA THR I 425 -13.33 -81.29 25.38
C THR I 425 -12.73 -79.94 25.55
N ILE I 426 -12.37 -79.63 26.82
CA ILE I 426 -11.67 -78.42 27.07
C ILE I 426 -10.48 -78.82 27.88
N SER I 427 -9.33 -78.16 27.67
CA SER I 427 -8.21 -78.55 28.45
C SER I 427 -7.81 -77.35 29.22
N ILE I 428 -7.04 -77.52 30.31
CA ILE I 428 -6.53 -76.38 31.01
C ILE I 428 -5.32 -75.94 30.23
N PRO I 429 -5.31 -74.69 29.90
CA PRO I 429 -4.39 -74.26 28.92
C PRO I 429 -2.99 -74.49 28.97
N SER I 430 -2.40 -74.23 30.11
CA SER I 430 -1.03 -74.46 30.14
C SER I 430 -0.71 -74.32 31.56
N ILE I 431 0.59 -74.41 31.83
CA ILE I 431 1.21 -74.36 33.10
C ILE I 431 0.90 -73.06 33.75
N TYR I 432 0.82 -71.97 32.97
CA TYR I 432 0.67 -70.66 33.54
C TYR I 432 -0.56 -70.53 34.38
N LEU I 433 -1.74 -70.88 33.82
CA LEU I 433 -2.95 -70.65 34.55
C LEU I 433 -2.94 -71.54 35.76
N GLU I 434 -2.61 -72.83 35.53
CA GLU I 434 -2.67 -73.83 36.56
C GLU I 434 -1.71 -73.47 37.64
N LEU I 435 -0.54 -72.93 37.25
CA LEU I 435 0.48 -72.65 38.20
C LEU I 435 -0.11 -71.68 39.17
N LYS I 436 -0.91 -70.73 38.67
CA LYS I 436 -1.51 -69.77 39.53
C LYS I 436 -2.41 -70.46 40.50
N VAL I 437 -3.29 -71.34 39.99
CA VAL I 437 -4.29 -71.95 40.81
C VAL I 437 -3.69 -72.85 41.83
N LYS I 438 -2.66 -73.62 41.45
CA LYS I 438 -2.15 -74.59 42.38
C LYS I 438 -1.68 -73.95 43.65
N LEU I 439 -0.99 -72.79 43.57
CA LEU I 439 -0.54 -72.19 44.79
C LEU I 439 -1.72 -71.80 45.64
N GLU I 440 -2.75 -71.19 45.03
CA GLU I 440 -3.84 -70.71 45.83
C GLU I 440 -4.99 -71.67 45.79
N ASN I 441 -5.30 -72.28 46.94
CA ASN I 441 -6.41 -73.19 46.96
C ASN I 441 -6.89 -73.21 48.39
N GLU I 442 -8.13 -73.72 48.63
CA GLU I 442 -8.71 -73.77 49.94
C GLU I 442 -9.23 -75.17 50.12
N TYR I 443 -9.75 -75.56 51.30
CA TYR I 443 -10.04 -76.95 51.27
C TYR I 443 -11.44 -77.14 50.82
N ALA I 444 -11.66 -76.76 49.55
CA ALA I 444 -12.74 -77.04 48.65
C ALA I 444 -12.46 -78.38 48.06
N LEU I 445 -11.15 -78.72 48.04
CA LEU I 445 -10.66 -79.86 47.35
C LEU I 445 -11.37 -81.09 47.76
N HIS I 446 -11.71 -81.25 49.06
CA HIS I 446 -12.33 -82.48 49.47
C HIS I 446 -13.58 -82.72 48.67
N ARG I 447 -14.43 -81.70 48.53
CA ARG I 447 -15.66 -81.90 47.82
C ARG I 447 -15.36 -82.25 46.40
N SER I 448 -14.36 -81.58 45.80
CA SER I 448 -14.09 -81.83 44.41
C SER I 448 -13.63 -83.24 44.22
N ILE I 449 -12.74 -83.72 45.10
CA ILE I 449 -12.22 -85.05 44.96
C ILE I 449 -13.35 -86.01 45.11
N VAL I 450 -14.27 -85.74 46.05
CA VAL I 450 -15.34 -86.64 46.28
C VAL I 450 -16.18 -86.72 45.04
N ASP I 451 -16.32 -85.59 44.33
CA ASP I 451 -17.14 -85.56 43.16
C ASP I 451 -16.60 -86.55 42.18
N HIS I 452 -15.27 -86.64 42.07
CA HIS I 452 -14.67 -87.54 41.13
C HIS I 452 -15.05 -88.94 41.48
N TYR I 453 -15.07 -89.29 42.78
CA TYR I 453 -15.43 -90.64 43.10
C TYR I 453 -16.81 -90.88 42.61
N ASN I 454 -17.70 -89.91 42.83
CA ASN I 454 -19.08 -90.07 42.48
C ASN I 454 -19.20 -90.28 41.01
N ILE I 455 -18.42 -89.54 40.20
CA ILE I 455 -18.63 -89.69 38.78
C ILE I 455 -18.34 -91.10 38.32
N PRO I 456 -17.25 -91.78 38.59
CA PRO I 456 -17.24 -93.15 38.17
C PRO I 456 -18.22 -94.03 38.86
N LYS I 457 -18.68 -93.65 40.07
CA LYS I 457 -19.65 -94.47 40.72
C LYS I 457 -20.86 -94.54 39.86
N THR I 458 -21.29 -93.37 39.35
CA THR I 458 -22.48 -93.30 38.55
C THR I 458 -22.25 -94.10 37.30
N PHE I 459 -21.08 -93.93 36.66
CA PHE I 459 -20.82 -94.69 35.47
C PHE I 459 -20.76 -96.12 35.88
N ASP I 460 -21.62 -96.96 35.30
CA ASP I 460 -21.56 -98.34 35.67
C ASP I 460 -22.26 -99.15 34.62
N SER I 461 -21.63 -100.24 34.18
CA SER I 461 -22.26 -101.13 33.26
C SER I 461 -22.36 -102.42 34.01
N ASP I 462 -23.22 -103.36 33.55
CA ASP I 462 -23.40 -104.57 34.29
C ASP I 462 -22.08 -105.25 34.40
N ASP I 463 -21.41 -105.42 33.26
CA ASP I 463 -20.14 -106.06 33.33
C ASP I 463 -19.05 -105.05 33.54
N LEU I 464 -17.81 -105.53 33.41
CA LEU I 464 -16.57 -104.90 33.70
C LEU I 464 -16.17 -103.80 32.76
N ILE I 465 -16.95 -103.50 31.69
CA ILE I 465 -16.47 -102.50 30.76
C ILE I 465 -17.10 -101.15 30.99
N PRO I 466 -16.21 -100.20 31.19
CA PRO I 466 -16.57 -98.82 31.43
C PRO I 466 -16.98 -98.05 30.20
N PRO I 467 -17.80 -97.08 30.43
CA PRO I 467 -18.29 -96.17 29.41
C PRO I 467 -17.31 -95.11 29.01
N TYR I 468 -16.07 -95.15 29.55
CA TYR I 468 -15.02 -94.16 29.36
C TYR I 468 -15.12 -93.42 28.06
N LEU I 469 -14.86 -92.11 28.17
CA LEU I 469 -14.99 -91.14 27.11
C LEU I 469 -13.67 -91.00 26.43
N ASP I 470 -13.31 -89.79 25.92
CA ASP I 470 -12.15 -89.73 25.07
C ASP I 470 -10.91 -90.28 25.72
N GLN I 471 -10.07 -89.42 26.35
CA GLN I 471 -8.93 -89.96 27.05
C GLN I 471 -8.94 -89.73 28.52
N TYR I 472 -9.62 -88.65 28.96
CA TYR I 472 -9.51 -88.08 30.29
C TYR I 472 -9.65 -89.16 31.28
N PHE I 473 -10.73 -89.91 31.17
CA PHE I 473 -11.01 -90.87 32.19
C PHE I 473 -9.88 -91.83 32.27
N TYR I 474 -9.39 -92.32 31.12
CA TYR I 474 -8.39 -93.34 31.17
C TYR I 474 -7.18 -92.83 31.91
N SER I 475 -6.69 -91.63 31.55
CA SER I 475 -5.51 -91.14 32.23
C SER I 475 -5.81 -90.76 33.65
N HIS I 476 -6.81 -89.86 33.81
CA HIS I 476 -7.19 -89.14 35.00
C HIS I 476 -7.79 -90.00 36.10
N ILE I 477 -8.57 -91.03 35.76
CA ILE I 477 -9.36 -91.71 36.76
C ILE I 477 -8.53 -92.24 37.88
N GLY I 478 -7.41 -92.91 37.59
CA GLY I 478 -6.63 -93.50 38.63
C GLY I 478 -6.11 -92.43 39.54
N HIS I 479 -5.69 -91.28 38.95
CA HIS I 479 -5.08 -90.24 39.73
C HIS I 479 -6.05 -89.74 40.75
N HIS I 480 -7.29 -89.47 40.33
CA HIS I 480 -8.26 -88.93 41.25
C HIS I 480 -8.52 -89.96 42.30
N LEU I 481 -8.59 -91.24 41.87
CA LEU I 481 -8.85 -92.35 42.75
C LEU I 481 -7.80 -92.47 43.78
N LYS I 482 -6.52 -92.30 43.39
CA LYS I 482 -5.47 -92.47 44.34
C LYS I 482 -5.69 -91.52 45.45
N ASN I 483 -6.05 -90.28 45.09
CA ASN I 483 -6.26 -89.32 46.11
C ASN I 483 -7.43 -89.76 46.94
N ILE I 484 -8.50 -90.26 46.28
CA ILE I 484 -9.68 -90.55 47.05
C ILE I 484 -9.48 -91.68 48.01
N GLU I 485 -9.00 -92.86 47.55
CA GLU I 485 -8.85 -93.99 48.43
C GLU I 485 -8.38 -95.18 47.68
N HIS I 486 -8.02 -96.22 48.45
CA HIS I 486 -7.58 -97.49 47.97
C HIS I 486 -8.67 -98.32 47.35
N PRO I 487 -9.82 -98.55 47.96
CA PRO I 487 -10.77 -99.51 47.45
C PRO I 487 -11.16 -99.36 46.02
N GLU I 488 -11.45 -98.14 45.54
CA GLU I 488 -11.87 -97.99 44.17
C GLU I 488 -10.72 -98.33 43.30
N ARG I 489 -9.52 -97.91 43.74
CA ARG I 489 -8.34 -98.07 42.96
C ARG I 489 -8.17 -99.51 42.63
N MET I 490 -8.40 -100.39 43.62
CA MET I 490 -8.20 -101.80 43.44
C MET I 490 -9.05 -102.29 42.31
N THR I 491 -10.35 -101.98 42.30
CA THR I 491 -11.19 -102.50 41.26
C THR I 491 -10.88 -101.86 39.95
N LEU I 492 -10.74 -100.52 39.95
CA LEU I 492 -10.55 -99.79 38.73
C LEU I 492 -9.24 -100.11 38.09
N PHE I 493 -8.16 -100.18 38.88
CA PHE I 493 -6.87 -100.42 38.31
C PHE I 493 -6.94 -101.72 37.63
N ARG I 494 -7.78 -102.65 38.12
CA ARG I 494 -7.92 -103.77 37.26
C ARG I 494 -6.55 -104.42 37.29
N MET I 495 -5.96 -104.29 38.46
CA MET I 495 -4.85 -105.13 38.72
C MET I 495 -5.62 -106.36 39.00
N VAL I 496 -6.75 -106.11 39.69
CA VAL I 496 -7.73 -107.11 39.97
C VAL I 496 -8.36 -107.56 38.69
N PHE I 497 -8.79 -106.48 37.97
CA PHE I 497 -9.59 -106.83 36.86
C PHE I 497 -8.85 -106.69 35.61
N LEU I 498 -9.17 -107.75 34.90
CA LEU I 498 -8.44 -108.18 33.79
C LEU I 498 -8.96 -107.47 32.57
N ASP I 499 -10.18 -106.97 32.71
CA ASP I 499 -10.77 -106.25 31.65
C ASP I 499 -10.01 -105.02 31.28
N PHE I 500 -9.42 -104.26 32.19
CA PHE I 500 -8.79 -103.04 31.76
C PHE I 500 -7.45 -103.34 31.27
N ARG I 501 -6.98 -104.57 31.55
CA ARG I 501 -5.84 -104.98 30.82
C ARG I 501 -6.25 -104.81 29.39
N PHE I 502 -7.36 -105.46 28.97
CA PHE I 502 -7.99 -105.29 27.70
C PHE I 502 -8.21 -103.83 27.39
N LEU I 503 -9.13 -103.11 28.09
CA LEU I 503 -9.58 -101.89 27.52
C LEU I 503 -8.58 -100.82 27.51
N GLU I 504 -7.85 -100.61 28.62
CA GLU I 504 -6.92 -99.52 28.61
C GLU I 504 -5.96 -99.74 27.50
N GLN I 505 -5.46 -100.96 27.39
CA GLN I 505 -4.45 -101.29 26.44
C GLN I 505 -4.95 -101.09 25.03
N LYS I 506 -6.11 -101.68 24.64
CA LYS I 506 -6.39 -101.53 23.24
C LYS I 506 -6.77 -100.12 22.91
N ILE I 507 -7.52 -99.43 23.80
CA ILE I 507 -7.88 -98.09 23.43
C ILE I 507 -6.73 -97.14 23.30
N ARG I 508 -5.71 -97.14 24.20
CA ARG I 508 -4.70 -96.15 23.95
C ARG I 508 -3.67 -96.71 23.01
N HIS I 509 -4.15 -97.24 21.86
CA HIS I 509 -3.40 -97.66 20.70
C HIS I 509 -3.33 -96.53 19.72
N ASP I 510 -4.32 -95.62 19.78
CA ASP I 510 -4.52 -94.56 18.83
C ASP I 510 -3.46 -93.50 18.91
N SER I 511 -3.02 -93.08 17.70
CA SER I 511 -2.07 -92.03 17.45
C SER I 511 -1.97 -91.99 15.96
N THR I 512 -1.26 -90.98 15.43
CA THR I 512 -1.07 -90.97 14.01
C THR I 512 0.41 -90.92 13.77
N ALA I 513 1.01 -92.06 13.34
CA ALA I 513 2.40 -92.02 13.04
C ALA I 513 2.64 -93.03 11.98
N TRP I 514 3.46 -92.65 10.97
CA TRP I 514 3.74 -93.61 9.97
C TRP I 514 4.51 -94.69 10.61
N ASN I 515 5.61 -94.33 11.31
CA ASN I 515 6.49 -95.30 11.87
C ASN I 515 5.82 -96.03 12.97
N ALA I 516 6.25 -97.28 13.14
CA ALA I 516 5.76 -98.26 14.03
C ALA I 516 5.84 -97.89 15.50
N SER I 517 6.79 -97.01 15.92
CA SER I 517 6.58 -96.64 17.29
C SER I 517 7.12 -95.25 17.46
N GLY I 518 7.50 -94.87 18.69
CA GLY I 518 7.91 -93.61 19.19
C GLY I 518 7.33 -93.65 20.55
N SER I 519 7.30 -92.54 21.30
CA SER I 519 6.73 -92.63 22.61
C SER I 519 5.47 -91.83 22.61
N ILE I 520 4.31 -92.51 22.79
CA ILE I 520 3.04 -91.84 22.88
C ILE I 520 2.25 -92.53 23.94
N LEU I 521 1.16 -91.89 24.41
CA LEU I 521 0.32 -92.51 25.40
C LEU I 521 -0.09 -93.86 24.95
N ASN I 522 0.33 -94.86 25.72
CA ASN I 522 0.04 -96.24 25.47
C ASN I 522 0.17 -96.87 26.80
N THR I 523 0.89 -98.01 26.83
CA THR I 523 1.12 -98.75 28.03
C THR I 523 1.85 -97.86 28.98
N LEU I 524 2.66 -96.93 28.44
CA LEU I 524 3.53 -96.12 29.24
C LEU I 524 2.75 -95.44 30.32
N GLN I 525 1.60 -94.82 29.99
CA GLN I 525 0.83 -94.13 30.99
C GLN I 525 0.23 -95.12 31.96
N GLN I 526 -0.24 -96.26 31.44
CA GLN I 526 -0.92 -97.26 32.23
C GLN I 526 0.00 -97.71 33.34
N LEU I 527 1.25 -98.06 32.99
CA LEU I 527 2.21 -98.52 33.96
C LEU I 527 2.42 -97.42 34.93
N LYS I 528 2.38 -96.17 34.46
CA LYS I 528 2.62 -95.03 35.30
C LYS I 528 1.58 -95.00 36.38
N PHE I 529 0.31 -95.30 36.05
CA PHE I 529 -0.71 -95.20 37.05
C PHE I 529 -0.43 -96.18 38.12
N TYR I 530 -0.09 -97.41 37.74
CA TYR I 530 0.03 -98.43 38.73
C TYR I 530 1.07 -98.06 39.74
N LYS I 531 2.23 -97.55 39.30
CA LYS I 531 3.28 -97.32 40.26
C LYS I 531 2.93 -96.28 41.29
N PRO I 532 2.56 -95.06 40.99
CA PRO I 532 2.26 -94.17 42.09
C PRO I 532 0.98 -94.41 42.84
N TYR I 533 -0.03 -95.01 42.19
CA TYR I 533 -1.31 -95.19 42.79
C TYR I 533 -1.31 -96.25 43.86
N ILE I 534 -0.38 -97.23 43.82
CA ILE I 534 -0.41 -98.40 44.67
C ILE I 534 -0.43 -98.04 46.11
N CYS I 535 0.19 -96.91 46.50
CA CYS I 535 0.37 -96.60 47.89
C CYS I 535 -0.94 -96.60 48.59
N ASP I 536 -2.03 -96.26 47.88
CA ASP I 536 -3.30 -96.17 48.52
C ASP I 536 -3.64 -97.52 49.10
N ASN I 537 -3.01 -98.60 48.56
CA ASN I 537 -3.25 -99.96 49.00
C ASN I 537 -2.15 -100.46 49.90
N ASP I 538 -2.20 -101.78 50.23
CA ASP I 538 -1.25 -102.45 51.07
C ASP I 538 -0.41 -103.42 50.26
N PRO I 539 0.40 -104.22 50.93
CA PRO I 539 1.21 -105.19 50.26
C PRO I 539 0.51 -106.32 49.57
N LYS I 540 -0.59 -106.86 50.14
CA LYS I 540 -1.23 -108.01 49.55
C LYS I 540 -1.60 -107.64 48.17
N TYR I 541 -2.20 -106.46 48.03
CA TYR I 541 -2.58 -105.96 46.74
C TYR I 541 -1.32 -105.66 45.99
N GLU I 542 -0.28 -105.20 46.71
CA GLU I 542 0.94 -104.78 46.11
C GLU I 542 1.52 -105.94 45.35
N ARG I 543 1.48 -107.15 45.93
CA ARG I 543 2.03 -108.25 45.20
C ARG I 543 1.21 -108.49 43.97
N LEU I 544 -0.13 -108.39 44.10
CA LEU I 544 -0.99 -108.66 42.98
C LEU I 544 -0.65 -107.69 41.91
N VAL I 545 -0.51 -106.41 42.28
CA VAL I 545 -0.27 -105.43 41.26
C VAL I 545 0.99 -105.75 40.55
N ASN I 546 2.02 -106.26 41.27
CA ASN I 546 3.23 -106.54 40.57
C ASN I 546 2.99 -107.68 39.62
N ALA I 547 2.12 -108.64 40.00
CA ALA I 547 1.88 -109.79 39.17
C ALA I 547 1.39 -109.31 37.84
N ILE I 548 0.44 -108.36 37.86
CA ILE I 548 -0.12 -107.85 36.63
C ILE I 548 0.97 -107.12 35.93
N LEU I 549 1.78 -106.39 36.72
CA LEU I 549 2.79 -105.54 36.17
C LEU I 549 3.80 -106.37 35.45
N ASP I 550 4.25 -107.50 36.02
CA ASP I 550 5.25 -108.27 35.33
C ASP I 550 4.65 -108.81 34.08
N PHE I 551 3.36 -109.17 34.11
CA PHE I 551 2.74 -109.76 32.97
C PHE I 551 2.74 -108.77 31.83
N LEU I 552 2.49 -107.48 32.13
CA LEU I 552 2.41 -106.50 31.09
C LEU I 552 3.71 -106.36 30.34
N PRO I 553 4.86 -106.13 30.94
CA PRO I 553 6.01 -106.15 30.10
C PRO I 553 6.33 -107.49 29.55
N LYS I 554 5.82 -108.58 30.15
CA LYS I 554 6.14 -109.88 29.66
C LYS I 554 5.63 -109.97 28.25
N ILE I 555 4.39 -109.50 28.04
CA ILE I 555 3.78 -109.64 26.76
C ILE I 555 4.43 -108.70 25.80
N GLU I 556 4.86 -109.27 24.65
CA GLU I 556 5.58 -108.61 23.62
C GLU I 556 4.66 -107.93 22.66
N GLU I 557 5.26 -107.09 21.80
CA GLU I 557 4.56 -106.30 20.84
C GLU I 557 3.77 -107.22 19.96
N ASN I 558 2.46 -106.99 19.98
CA ASN I 558 1.48 -107.68 19.19
C ASN I 558 0.30 -106.79 19.23
N LEU I 559 -0.78 -107.20 18.55
CA LEU I 559 -2.02 -106.50 18.59
C LEU I 559 -2.77 -107.20 19.69
N ILE I 560 -3.22 -106.46 20.74
CA ILE I 560 -4.00 -107.06 21.79
C ILE I 560 -5.29 -107.42 21.15
N CYS I 561 -5.85 -106.45 20.40
CA CYS I 561 -7.15 -106.62 19.81
C CYS I 561 -7.12 -107.85 18.98
N SER I 562 -8.05 -108.77 19.31
CA SER I 562 -8.23 -110.08 18.75
C SER I 562 -9.52 -110.49 19.36
N LYS I 563 -9.89 -111.76 19.48
CA LYS I 563 -10.99 -111.76 20.36
C LYS I 563 -10.51 -111.61 21.70
N TYR I 564 -11.51 -111.34 22.46
CA TYR I 564 -11.43 -110.96 23.81
C TYR I 564 -10.89 -112.11 24.60
N THR I 565 -11.07 -113.30 24.03
CA THR I 565 -10.66 -114.57 24.51
C THR I 565 -9.26 -114.51 24.95
N ASP I 566 -8.45 -113.86 24.11
CA ASP I 566 -7.05 -113.97 24.29
C ASP I 566 -6.65 -113.49 25.64
N LEU I 567 -7.26 -112.41 26.08
CA LEU I 567 -6.85 -111.88 27.32
C LEU I 567 -7.04 -112.98 28.32
N LEU I 568 -8.19 -113.69 28.27
CA LEU I 568 -8.43 -114.61 29.33
C LEU I 568 -7.45 -115.75 29.25
N ARG I 569 -7.03 -116.25 28.03
CA ARG I 569 -6.08 -117.30 28.06
C ARG I 569 -4.75 -116.84 28.55
N ILE I 570 -4.30 -115.62 28.20
CA ILE I 570 -3.00 -115.27 28.73
C ILE I 570 -3.08 -115.16 30.22
N ALA I 571 -4.22 -114.72 30.75
CA ALA I 571 -4.39 -114.54 32.16
C ALA I 571 -4.10 -115.85 32.83
N LEU I 572 -4.43 -116.94 32.14
CA LEU I 572 -4.37 -118.29 32.64
C LEU I 572 -2.98 -118.68 33.05
N MET I 573 -1.93 -118.05 32.49
CA MET I 573 -0.58 -118.51 32.72
C MET I 573 -0.16 -118.60 34.18
N ALA I 574 -0.37 -117.58 35.04
CA ALA I 574 0.10 -117.75 36.39
C ALA I 574 -1.08 -117.92 37.31
N GLU I 575 -1.11 -119.05 38.05
CA GLU I 575 -2.22 -119.43 38.89
C GLU I 575 -2.39 -118.48 40.05
N ASP I 576 -1.30 -117.91 40.55
CA ASP I 576 -1.29 -117.07 41.72
C ASP I 576 -2.08 -115.75 41.61
N GLU I 577 -2.56 -115.25 40.43
CA GLU I 577 -3.04 -113.86 40.34
C GLU I 577 -4.53 -113.60 40.23
N ALA I 578 -4.92 -112.38 40.69
CA ALA I 578 -6.24 -111.80 40.72
C ALA I 578 -6.74 -111.55 39.34
N ILE I 579 -5.82 -111.19 38.44
CA ILE I 579 -6.14 -110.95 37.06
C ILE I 579 -6.82 -112.16 36.50
N PHE I 580 -6.28 -113.35 36.80
CA PHE I 580 -6.85 -114.55 36.28
C PHE I 580 -8.24 -114.73 36.78
N GLU I 581 -8.47 -114.47 38.08
CA GLU I 581 -9.78 -114.67 38.60
C GLU I 581 -10.71 -113.79 37.85
N GLU I 582 -10.28 -112.54 37.56
CA GLU I 582 -11.09 -111.61 36.83
C GLU I 582 -11.28 -112.12 35.44
N ALA I 583 -10.22 -112.69 34.85
CA ALA I 583 -10.28 -113.17 33.49
C ALA I 583 -11.36 -114.21 33.42
N HIS I 584 -11.42 -115.09 34.43
CA HIS I 584 -12.40 -116.13 34.43
C HIS I 584 -13.77 -115.53 34.58
N LYS I 585 -13.93 -114.48 35.39
CA LYS I 585 -15.24 -113.92 35.58
C LYS I 585 -15.73 -113.37 34.28
N GLN I 586 -14.87 -112.59 33.63
CA GLN I 586 -15.24 -111.93 32.42
C GLN I 586 -15.58 -112.92 31.34
N VAL I 587 -14.84 -114.05 31.31
CA VAL I 587 -15.24 -115.06 30.39
C VAL I 587 -16.64 -115.46 30.75
N GLN I 588 -16.93 -115.69 32.03
CA GLN I 588 -18.25 -116.16 32.39
C GLN I 588 -19.28 -115.19 31.89
N ARG I 589 -19.12 -113.87 32.11
CA ARG I 589 -20.11 -112.98 31.56
C ARG I 589 -19.52 -112.45 30.28
N UNK I 590 -37.16 -113.43 6.17
CA UNK I 590 -36.67 -114.69 6.75
C UNK I 590 -35.53 -114.41 7.67
N UNK I 591 -34.58 -115.36 7.75
CA UNK I 591 -33.45 -115.17 8.62
C UNK I 591 -32.64 -114.04 8.05
N UNK I 592 -32.01 -113.26 8.94
CA UNK I 592 -31.21 -112.14 8.53
C UNK I 592 -29.84 -112.66 8.21
N UNK I 593 -28.97 -111.79 7.66
CA UNK I 593 -27.66 -112.21 7.30
C UNK I 593 -26.99 -112.69 8.56
N UNK I 594 -26.05 -113.63 8.39
CA UNK I 594 -25.37 -114.24 9.49
C UNK I 594 -24.56 -113.23 10.25
N UNK I 595 -23.85 -112.31 9.54
CA UNK I 595 -23.07 -111.25 10.13
C UNK I 595 -22.32 -111.69 11.34
N UNK I 596 -21.18 -112.40 11.16
CA UNK I 596 -20.43 -112.87 12.31
C UNK I 596 -19.30 -111.91 12.56
N UNK I 597 -19.07 -111.59 13.85
CA UNK I 597 -18.02 -110.69 14.23
C UNK I 597 -16.75 -111.47 14.24
N UNK I 598 -15.61 -110.77 14.13
CA UNK I 598 -14.35 -111.47 14.12
C UNK I 598 -14.11 -111.96 15.51
N UNK I 599 -13.46 -113.13 15.63
CA UNK I 599 -13.21 -113.61 16.94
C UNK I 599 -11.76 -113.99 17.00
N UNK I 600 -11.25 -114.16 18.20
CA UNK I 600 -9.88 -114.40 18.45
C UNK I 600 -9.73 -115.72 17.86
N UNK I 601 -8.62 -116.00 17.23
CA UNK I 601 -8.45 -117.34 16.86
C UNK I 601 -7.88 -118.02 18.05
N UNK I 602 -8.14 -119.34 18.16
CA UNK I 602 -7.55 -120.06 19.26
C UNK I 602 -6.07 -119.84 19.06
N UNK I 603 -5.35 -119.34 20.09
CA UNK I 603 -4.01 -118.93 19.70
C UNK I 603 -2.80 -119.60 20.38
N UNK I 604 -1.67 -119.92 19.58
CA UNK I 604 -0.27 -120.35 19.93
C UNK I 604 1.06 -120.38 18.66
N UNK I 605 2.42 -119.54 18.24
CA UNK I 605 3.74 -119.44 17.31
C UNK I 605 4.43 -118.04 16.95
N UNK I 606 4.29 -116.90 17.67
CA UNK I 606 4.69 -115.53 17.27
C UNK I 606 6.15 -115.19 17.03
N UNK I 607 7.11 -115.73 17.79
CA UNK I 607 8.47 -115.29 17.62
C UNK I 607 8.93 -115.56 16.23
N UNK I 608 9.98 -114.79 15.83
CA UNK I 608 10.70 -114.88 14.59
C UNK I 608 10.27 -113.74 13.73
N UNK I 609 11.19 -113.28 12.87
CA UNK I 609 10.92 -112.18 11.99
C UNK I 609 10.08 -112.73 10.89
N UNK I 610 9.06 -111.97 10.46
CA UNK I 610 8.27 -112.40 9.35
C UNK I 610 9.12 -112.34 8.14
N UNK I 611 9.87 -111.24 8.01
CA UNK I 611 10.68 -110.99 6.85
C UNK I 611 12.12 -111.21 7.18
N UNK I 612 12.99 -110.99 6.18
CA UNK I 612 14.39 -111.17 6.34
C UNK I 612 14.88 -110.17 7.33
N UNK I 613 16.06 -110.45 7.91
CA UNK I 613 16.63 -109.52 8.82
C UNK I 613 17.75 -108.83 8.11
N UNK I 614 17.71 -107.49 8.08
CA UNK I 614 18.67 -106.65 7.43
C UNK I 614 20.00 -106.66 8.11
N UNK I 615 20.05 -106.56 9.46
CA UNK I 615 21.35 -106.45 10.07
C UNK I 615 21.36 -107.10 11.40
N UNK I 616 22.58 -107.43 11.89
CA UNK I 616 22.75 -108.04 13.18
C UNK I 616 23.72 -107.17 13.92
N UNK I 617 23.52 -107.02 15.25
CA UNK I 617 24.42 -106.17 16.00
C UNK I 617 24.61 -106.78 17.35
N UNK I 618 25.74 -106.47 18.00
CA UNK I 618 26.01 -107.01 19.30
C UNK I 618 25.97 -105.89 20.30
N UNK I 619 25.37 -106.14 21.49
CA UNK I 619 25.30 -105.14 22.51
C UNK I 619 26.67 -105.04 23.12
N UNK I 620 27.12 -103.81 23.42
CA UNK I 620 28.44 -103.73 23.96
C UNK I 620 28.52 -104.34 25.32
N UNK I 621 27.71 -103.83 26.28
CA UNK I 621 27.81 -104.29 27.64
C UNK I 621 27.25 -105.66 27.89
N UNK I 622 25.98 -105.86 27.50
CA UNK I 622 25.30 -107.07 27.89
C UNK I 622 25.50 -108.14 26.86
N UNK I 623 25.29 -109.40 27.28
CA UNK I 623 25.35 -110.42 26.29
C UNK I 623 23.98 -110.47 25.72
N UNK I 624 23.75 -109.63 24.69
CA UNK I 624 22.50 -109.57 24.03
C UNK I 624 22.81 -109.12 22.65
N UNK I 625 21.96 -109.50 21.69
CA UNK I 625 22.21 -109.09 20.34
C UNK I 625 20.93 -108.54 19.81
N UNK I 626 21.03 -107.62 18.84
CA UNK I 626 19.84 -107.04 18.30
C UNK I 626 19.77 -107.41 16.86
N UNK I 627 18.54 -107.54 16.33
CA UNK I 627 18.38 -107.91 14.96
C UNK I 627 17.57 -106.84 14.29
N UNK I 628 17.83 -106.62 12.99
CA UNK I 628 17.11 -105.65 12.23
C UNK I 628 16.33 -106.41 11.22
N UNK I 629 15.10 -105.94 10.95
CA UNK I 629 14.22 -106.62 10.04
C UNK I 629 13.03 -105.73 9.94
N UNK I 630 11.84 -106.33 9.72
CA UNK I 630 10.67 -105.52 9.64
C UNK I 630 10.58 -104.79 10.93
N UNK I 631 10.90 -105.48 12.04
CA UNK I 631 10.91 -104.83 13.32
C UNK I 631 12.19 -105.24 13.97
N UNK I 632 12.69 -104.43 14.93
CA UNK I 632 13.90 -104.83 15.59
C UNK I 632 13.52 -105.81 16.66
N UNK I 633 14.41 -106.78 16.92
CA UNK I 633 14.17 -107.75 17.94
C UNK I 633 15.42 -107.88 18.74
N UNK I 634 15.29 -108.22 20.02
CA UNK I 634 16.46 -108.39 20.83
C UNK I 634 16.47 -109.80 21.31
N UNK I 635 17.65 -110.42 21.32
CA UNK I 635 17.75 -111.78 21.76
C UNK I 635 19.07 -111.92 22.45
N UNK I 636 19.22 -113.00 23.24
CA UNK I 636 20.46 -113.18 23.92
C UNK I 636 21.24 -114.21 23.16
N UNK I 637 22.52 -113.89 22.90
CA UNK I 637 23.43 -114.78 22.22
C UNK I 637 23.59 -115.95 23.11
N UNK I 638 23.52 -115.68 24.43
CA UNK I 638 23.69 -116.67 25.45
C UNK I 638 22.66 -117.72 25.27
N UNK I 639 22.68 -118.70 26.20
CA UNK I 639 21.86 -119.87 26.15
C UNK I 639 20.42 -119.51 26.09
N UNK I 640 20.00 -118.42 26.77
CA UNK I 640 18.59 -118.13 26.80
C UNK I 640 18.08 -117.97 25.41
N UNK I 641 18.75 -117.13 24.58
CA UNK I 641 18.41 -116.93 23.21
C UNK I 641 16.93 -116.75 23.06
N UNK I 642 16.34 -115.82 23.82
CA UNK I 642 14.92 -115.65 23.72
C UNK I 642 14.66 -114.27 23.20
N UNK I 643 13.50 -114.08 22.53
CA UNK I 643 13.23 -112.77 22.04
C UNK I 643 12.87 -111.98 23.24
N UNK I 644 13.85 -111.22 23.77
CA UNK I 644 13.64 -110.45 24.95
C UNK I 644 12.62 -109.40 24.69
N UNK I 645 12.75 -108.69 23.55
CA UNK I 645 11.82 -107.63 23.33
C UNK I 645 11.64 -107.38 21.87
N UNK I 646 10.59 -106.61 21.53
CA UNK I 646 10.23 -106.24 20.19
C UNK I 646 10.42 -104.76 20.05
N UNK I 647 10.94 -104.33 18.88
CA UNK I 647 11.30 -102.98 18.51
C UNK I 647 10.14 -102.01 18.37
N UNK I 648 9.01 -102.45 17.81
CA UNK I 648 7.78 -101.71 17.74
C UNK I 648 7.63 -100.65 16.72
N UNK I 649 8.80 -99.96 16.53
CA UNK I 649 9.21 -98.67 16.03
C UNK I 649 9.03 -98.24 14.58
N UNK I 650 8.94 -99.10 13.53
CA UNK I 650 9.02 -98.48 12.23
C UNK I 650 7.83 -98.74 11.35
N UNK I 651 7.38 -97.63 10.75
CA UNK I 651 6.26 -97.44 9.88
C UNK I 651 6.47 -98.24 8.70
N UNK I 652 7.61 -97.88 8.14
CA UNK I 652 8.05 -98.33 6.89
C UNK I 652 8.68 -99.64 7.12
N UNK I 653 9.40 -100.11 6.10
CA UNK I 653 9.95 -101.42 6.18
C UNK I 653 11.26 -101.45 5.46
N UNK I 654 11.43 -102.53 4.65
CA UNK I 654 12.65 -102.81 3.96
C UNK I 654 13.61 -103.27 4.99
N UNK I 655 13.08 -103.61 6.18
CA UNK I 655 13.87 -103.99 7.30
C UNK I 655 14.46 -102.72 7.80
N UNK I 656 14.68 -102.60 9.13
CA UNK I 656 15.39 -101.42 9.50
C UNK I 656 16.69 -101.68 8.84
N UNK I 657 17.10 -100.77 7.94
CA UNK I 657 18.24 -101.06 7.14
C UNK I 657 19.41 -101.27 8.02
N UNK I 658 19.57 -100.41 9.04
CA UNK I 658 20.73 -100.58 9.85
C UNK I 658 20.38 -100.25 11.27
N UNK I 659 21.26 -100.66 12.19
CA UNK I 659 21.10 -100.34 13.58
C UNK I 659 22.46 -100.02 14.06
N UNK I 660 22.55 -99.10 15.06
CA UNK I 660 23.84 -98.78 15.60
C UNK I 660 23.64 -98.54 17.05
N UNK I 661 24.64 -98.90 17.87
CA UNK I 661 24.49 -98.71 19.28
C UNK I 661 25.54 -97.74 19.71
N UNK I 662 25.21 -96.95 20.75
CA UNK I 662 26.14 -96.01 21.30
C UNK I 662 27.12 -96.83 22.09
N UNK I 663 28.27 -96.22 22.44
CA UNK I 663 29.28 -96.92 23.17
C UNK I 663 28.69 -97.32 24.48
N UNK I 664 27.88 -96.41 25.08
CA UNK I 664 27.25 -96.64 26.34
C UNK I 664 26.35 -97.82 26.18
N UNK I 665 25.76 -97.98 24.98
CA UNK I 665 24.81 -99.01 24.70
C UNK I 665 23.54 -98.62 25.37
N UNK I 666 23.49 -97.36 25.86
CA UNK I 666 22.30 -96.82 26.42
C UNK I 666 21.28 -96.63 25.34
N UNK I 667 21.71 -96.12 24.16
CA UNK I 667 20.76 -95.82 23.14
C UNK I 667 21.10 -96.55 21.88
N UNK I 668 20.06 -96.85 21.08
CA UNK I 668 20.26 -97.52 19.83
C UNK I 668 19.62 -96.66 18.79
N UNK I 669 20.19 -96.65 17.57
CA UNK I 669 19.63 -95.87 16.52
C UNK I 669 19.25 -96.81 15.44
N UNK I 670 18.15 -96.52 14.71
CA UNK I 670 17.71 -97.41 13.68
C UNK I 670 17.42 -96.61 12.45
N UNK I 671 17.44 -97.28 11.28
CA UNK I 671 17.16 -96.63 10.04
C UNK I 671 16.09 -97.42 9.35
N UNK I 672 15.34 -96.78 8.43
CA UNK I 672 14.28 -97.53 7.82
C UNK I 672 13.85 -96.85 6.55
N UNK I 673 12.85 -97.49 5.91
CA UNK I 673 12.22 -97.06 4.69
C UNK I 673 11.56 -95.75 4.97
N UNK I 674 11.18 -95.56 6.25
CA UNK I 674 10.45 -94.40 6.69
C UNK I 674 11.27 -93.21 6.32
N UNK I 675 12.61 -93.38 6.25
CA UNK I 675 13.48 -92.28 5.99
C UNK I 675 13.51 -91.46 7.22
N UNK I 676 13.25 -92.11 8.36
CA UNK I 676 13.33 -91.49 9.63
C UNK I 676 14.35 -92.28 10.39
N UNK I 677 15.07 -91.63 11.31
CA UNK I 677 15.97 -92.41 12.10
C UNK I 677 15.40 -92.40 13.47
N UNK I 678 14.94 -93.55 13.94
CA UNK I 678 14.39 -93.50 15.24
C UNK I 678 15.54 -93.55 16.17
N UNK I 679 15.47 -92.77 17.26
CA UNK I 679 16.39 -93.12 18.28
C UNK I 679 15.69 -94.35 18.59
N UNK I 680 16.28 -95.47 18.11
CA UNK I 680 15.67 -96.76 18.06
C UNK I 680 15.24 -96.93 19.43
N UNK I 681 16.11 -96.49 20.35
CA UNK I 681 15.55 -96.53 21.63
C UNK I 681 16.45 -95.94 22.63
N UNK I 682 15.83 -95.75 23.80
CA UNK I 682 16.48 -95.25 24.95
C UNK I 682 15.36 -94.68 25.81
N UNK I 683 10.47 -99.41 26.28
CA UNK I 683 11.48 -98.81 25.38
C UNK I 683 10.80 -98.12 24.25
N UNK I 684 10.66 -96.79 24.38
CA UNK I 684 10.00 -96.07 23.34
C UNK I 684 11.05 -95.25 22.67
N UNK I 685 10.82 -94.90 21.40
CA UNK I 685 11.81 -94.14 20.69
C UNK I 685 11.90 -92.82 21.36
N UNK I 686 13.15 -92.37 21.62
CA UNK I 686 13.34 -91.10 22.26
C UNK I 686 12.85 -90.04 21.34
N UNK I 687 13.21 -90.13 20.06
CA UNK I 687 12.78 -89.10 19.14
C UNK I 687 12.88 -89.64 17.76
N UNK I 688 12.23 -88.96 16.81
CA UNK I 688 12.30 -89.39 15.44
C UNK I 688 12.97 -88.29 14.69
N UNK I 689 13.89 -88.63 13.78
CA UNK I 689 14.56 -87.61 13.04
C UNK I 689 14.17 -87.78 11.61
N UNK I 690 13.84 -86.65 10.95
CA UNK I 690 13.42 -86.71 9.59
C UNK I 690 14.31 -85.79 8.82
N UNK I 691 14.42 -86.01 7.51
CA UNK I 691 15.32 -85.21 6.74
C UNK I 691 15.35 -85.82 5.39
N UNK I 692 16.17 -86.88 5.26
CA UNK I 692 16.40 -87.52 4.00
C UNK I 692 15.12 -87.82 3.31
N UNK I 693 15.13 -87.53 1.99
CA UNK I 693 14.04 -87.72 1.08
C UNK I 693 13.76 -89.18 0.87
N UNK I 694 14.81 -90.01 0.84
CA UNK I 694 14.62 -91.39 0.46
C UNK I 694 15.00 -92.30 1.57
N UNK I 695 14.94 -93.62 1.29
CA UNK I 695 15.21 -94.62 2.26
C UNK I 695 16.59 -94.41 2.81
N UNK I 696 16.76 -94.67 4.12
CA UNK I 696 18.04 -94.47 4.73
C UNK I 696 18.70 -95.81 4.82
N UNK I 697 19.80 -95.96 4.09
CA UNK I 697 20.57 -97.17 4.02
C UNK I 697 21.28 -97.47 5.31
N UNK I 698 21.90 -96.47 5.97
CA UNK I 698 22.65 -96.83 7.13
C UNK I 698 22.70 -95.69 8.10
N UNK I 699 22.92 -96.03 9.39
CA UNK I 699 23.01 -95.03 10.42
C UNK I 699 24.08 -95.47 11.36
N UNK I 700 24.71 -94.50 12.06
CA UNK I 700 25.73 -94.90 13.00
C UNK I 700 25.81 -93.84 14.04
N UNK I 701 26.21 -94.24 15.26
CA UNK I 701 26.37 -93.28 16.31
C UNK I 701 27.83 -93.02 16.39
N UNK I 702 28.21 -91.73 16.52
CA UNK I 702 29.60 -91.39 16.60
C UNK I 702 30.09 -91.84 17.93
N UNK I 703 31.41 -92.12 18.02
CA UNK I 703 31.97 -92.56 19.26
C UNK I 703 31.67 -91.49 20.31
N UNK I 704 26.56 -86.30 16.58
CA UNK I 704 25.85 -87.38 17.28
C UNK I 704 25.70 -88.59 16.41
N UNK I 705 24.95 -88.45 15.31
CA UNK I 705 24.72 -89.61 14.48
C UNK I 705 24.87 -89.22 13.04
N UNK I 706 25.19 -90.21 12.19
CA UNK I 706 25.33 -89.96 10.79
C UNK I 706 24.49 -90.97 10.06
N UNK I 707 23.95 -90.57 8.90
CA UNK I 707 23.13 -91.47 8.14
C UNK I 707 23.44 -91.25 6.70
N UNK I 708 23.10 -92.24 5.85
CA UNK I 708 23.32 -92.13 4.44
C UNK I 708 22.03 -92.51 3.80
N UNK I 709 21.75 -91.99 2.58
CA UNK I 709 20.48 -92.30 2.01
C UNK I 709 20.56 -92.36 0.52
N UNK I 710 19.42 -92.74 -0.08
CA UNK I 710 19.18 -92.83 -1.49
C UNK I 710 19.33 -91.44 -1.98
N UNK I 711 19.10 -90.49 -1.05
CA UNK I 711 19.18 -89.09 -1.29
C UNK I 711 20.55 -88.82 -1.82
N UNK I 712 21.51 -89.71 -1.51
CA UNK I 712 22.87 -89.52 -1.94
C UNK I 712 23.42 -88.39 -1.15
N UNK I 713 22.91 -88.27 0.09
CA UNK I 713 23.39 -87.26 0.98
C UNK I 713 23.79 -87.95 2.23
N UNK I 714 24.72 -87.32 2.98
CA UNK I 714 25.11 -87.82 4.26
C UNK I 714 24.69 -86.75 5.21
N UNK I 715 24.05 -87.12 6.33
CA UNK I 715 23.60 -86.09 7.20
C UNK I 715 24.05 -86.39 8.58
N UNK I 716 24.27 -85.34 9.38
CA UNK I 716 24.67 -85.51 10.75
C UNK I 716 23.53 -85.01 11.57
N UNK I 717 23.18 -85.73 12.65
CA UNK I 717 22.06 -85.30 13.43
C UNK I 717 22.51 -85.15 14.85
N UNK I 718 21.86 -84.25 15.59
CA UNK I 718 22.20 -84.07 16.97
C UNK I 718 21.35 -85.03 17.72
N UNK I 719 22.55 -80.54 11.58
CA UNK I 719 23.78 -79.81 11.48
C UNK I 719 24.50 -79.95 10.17
N UNK I 720 24.70 -81.18 9.65
CA UNK I 720 25.56 -81.23 8.51
C UNK I 720 24.97 -82.02 7.41
N UNK I 721 25.41 -81.70 6.18
CA UNK I 721 25.03 -82.42 5.00
C UNK I 721 26.28 -82.58 4.22
N UNK I 722 26.47 -83.74 3.56
CA UNK I 722 27.69 -83.88 2.83
C UNK I 722 27.34 -84.07 1.39
N UNK I 723 27.88 -83.17 0.53
CA UNK I 723 27.67 -83.32 -0.87
C UNK I 723 28.58 -84.42 -1.26
N UNK I 724 28.26 -85.16 -2.33
CA UNK I 724 29.10 -86.28 -2.61
C UNK I 724 28.75 -86.84 -3.93
N UNK I 725 28.97 -88.16 -4.07
CA UNK I 725 28.74 -88.88 -5.28
C UNK I 725 27.33 -88.72 -5.72
N UNK I 726 27.12 -88.86 -7.05
CA UNK I 726 25.84 -88.73 -7.67
C UNK I 726 24.94 -89.84 -7.22
N UNK I 727 25.49 -91.07 -7.10
CA UNK I 727 24.71 -92.23 -6.78
C UNK I 727 24.32 -92.23 -5.33
N UNK I 728 23.38 -93.13 -4.98
CA UNK I 728 22.90 -93.26 -3.63
C UNK I 728 24.01 -93.77 -2.78
N UNK I 729 23.95 -93.48 -1.46
CA UNK I 729 25.02 -93.90 -0.58
C UNK I 729 24.54 -95.05 0.24
N UNK I 730 25.24 -96.19 0.13
CA UNK I 730 24.95 -97.41 0.82
C UNK I 730 25.21 -97.34 2.29
N UNK I 731 26.36 -96.79 2.73
CA UNK I 731 26.62 -96.85 4.14
C UNK I 731 27.58 -95.78 4.55
N UNK I 732 27.61 -95.48 5.86
CA UNK I 732 28.52 -94.50 6.38
C UNK I 732 29.11 -95.08 7.61
N UNK I 733 30.43 -94.86 7.81
CA UNK I 733 31.04 -95.39 9.00
C UNK I 733 31.97 -94.34 9.52
N UNK I 734 32.00 -94.19 10.86
CA UNK I 734 32.89 -93.26 11.47
C UNK I 734 34.20 -93.93 11.70
N UNK I 735 35.27 -93.12 11.86
CA UNK I 735 36.56 -93.65 12.17
C UNK I 735 36.57 -93.85 13.66
N UNK I 736 37.50 -94.68 14.15
CA UNK I 736 37.60 -94.92 15.56
C UNK I 736 37.89 -93.60 16.19
N UNK I 737 38.77 -92.82 15.53
CA UNK I 737 39.13 -91.51 15.96
C UNK I 737 37.89 -90.70 15.93
N UNK I 738 37.00 -91.05 14.98
CA UNK I 738 35.80 -90.31 14.73
C UNK I 738 36.22 -89.08 14.02
N UNK I 739 37.51 -89.05 13.63
CA UNK I 739 38.06 -87.97 12.89
C UNK I 739 37.45 -87.92 11.52
N UNK I 740 37.28 -89.09 10.87
CA UNK I 740 36.81 -89.05 9.50
C UNK I 740 35.69 -90.04 9.31
N UNK I 741 34.97 -89.89 8.19
CA UNK I 741 33.87 -90.76 7.89
C UNK I 741 34.10 -91.38 6.56
N UNK I 742 33.61 -92.63 6.38
CA UNK I 742 33.75 -93.29 5.12
C UNK I 742 32.37 -93.54 4.61
N UNK I 743 32.15 -93.30 3.31
CA UNK I 743 30.85 -93.50 2.74
C UNK I 743 31.02 -94.44 1.60
N UNK I 744 29.95 -95.22 1.32
CA UNK I 744 30.00 -96.13 0.22
C UNK I 744 28.82 -95.81 -0.63
N UNK I 745 28.98 -95.94 -1.95
CA UNK I 745 27.89 -95.61 -2.82
C UNK I 745 28.10 -96.39 -4.07
N UNK I 746 27.16 -96.25 -5.02
CA UNK I 746 27.32 -96.97 -6.24
C UNK I 746 28.58 -96.47 -6.89
N UNK I 747 28.78 -95.14 -6.88
CA UNK I 747 29.89 -94.55 -7.56
C UNK I 747 31.21 -94.95 -6.97
N UNK I 748 31.38 -94.85 -5.64
CA UNK I 748 32.68 -95.17 -5.12
C UNK I 748 32.62 -95.07 -3.63
N UNK I 749 33.78 -95.31 -2.96
CA UNK I 749 33.82 -95.17 -1.54
C UNK I 749 34.63 -93.95 -1.26
N UNK I 750 34.12 -93.05 -0.40
CA UNK I 750 34.84 -91.85 -0.17
C UNK I 750 35.04 -91.68 1.30
N UNK I 751 36.17 -91.06 1.68
CA UNK I 751 36.45 -90.78 3.05
C UNK I 751 36.36 -89.30 3.18
N UNK I 752 35.72 -88.82 4.27
CA UNK I 752 35.57 -87.40 4.40
C UNK I 752 35.99 -87.01 5.78
N UNK I 753 36.48 -85.76 5.92
CA UNK I 753 36.87 -85.25 7.20
C UNK I 753 35.63 -84.85 7.91
N UNK I 754 35.71 -84.71 9.24
CA UNK I 754 34.57 -84.35 10.02
C UNK I 754 34.09 -82.97 9.57
N UNK I 755 37.39 -84.10 1.27
CA UNK I 755 37.76 -85.03 0.19
C UNK I 755 39.22 -85.36 0.26
N UNK I 756 39.62 -86.09 1.33
CA UNK I 756 41.00 -86.46 1.48
C UNK I 756 41.37 -87.34 0.34
N UNK I 757 40.49 -88.32 0.02
CA UNK I 757 40.78 -89.20 -1.07
C UNK I 757 39.58 -90.07 -1.27
N UNK I 758 39.55 -90.79 -2.40
CA UNK I 758 38.44 -91.67 -2.65
C UNK I 758 38.96 -92.84 -3.42
N UNK I 759 38.28 -94.00 -3.30
CA UNK I 759 38.77 -95.16 -3.98
C UNK I 759 38.23 -95.20 -5.37
N UNK I 760 39.13 -94.94 -6.32
CA UNK I 760 38.94 -94.97 -7.74
C UNK I 760 38.77 -96.39 -8.17
N UNK I 761 39.40 -97.31 -7.42
CA UNK I 761 39.56 -98.67 -7.83
C UNK I 761 38.24 -99.30 -8.20
N UNK I 762 37.16 -99.02 -7.47
CA UNK I 762 35.91 -99.64 -7.84
C UNK I 762 35.60 -99.18 -9.23
N UNK I 763 35.77 -97.87 -9.46
CA UNK I 763 35.62 -97.29 -10.77
C UNK I 763 34.23 -97.44 -11.28
N UNK I 764 33.86 -96.50 -12.17
CA UNK I 764 32.59 -96.48 -12.85
C UNK I 764 32.57 -97.68 -13.74
N UNK I 765 33.73 -98.02 -14.32
CA UNK I 765 33.84 -99.13 -15.21
C UNK I 765 33.34 -100.33 -14.49
N UNK I 766 33.02 -101.40 -15.24
CA UNK I 766 32.41 -102.57 -14.70
C UNK I 766 33.19 -103.00 -13.49
N UNK I 767 32.58 -102.69 -12.34
CA UNK I 767 33.01 -102.95 -11.01
C UNK I 767 32.31 -101.86 -10.28
N UNK I 768 31.57 -102.18 -9.22
CA UNK I 768 30.84 -101.09 -8.64
C UNK I 768 29.94 -101.65 -7.59
N UNK I 769 28.91 -100.85 -7.24
CA UNK I 769 27.96 -101.22 -6.25
C UNK I 769 28.68 -101.69 -5.02
N UNK I 770 29.37 -100.74 -4.34
CA UNK I 770 30.06 -101.13 -3.14
C UNK I 770 29.09 -101.09 -2.00
N UNK I 771 28.72 -102.30 -1.53
CA UNK I 771 27.80 -102.55 -0.46
C UNK I 771 28.31 -102.20 0.90
N UNK I 772 29.59 -102.49 1.22
CA UNK I 772 29.92 -102.31 2.60
C UNK I 772 31.28 -101.71 2.77
N UNK I 773 31.52 -101.19 3.99
CA UNK I 773 32.80 -100.65 4.33
C UNK I 773 32.99 -100.93 5.78
N UNK I 774 34.24 -101.22 6.16
CA UNK I 774 34.52 -101.45 7.54
C UNK I 774 35.79 -100.76 7.78
N UNK I 775 35.98 -100.29 9.01
CA UNK I 775 37.18 -99.61 9.33
C UNK I 775 38.00 -100.61 10.03
N UNK I 776 39.30 -100.55 9.75
CA UNK I 776 40.20 -101.48 10.34
C UNK I 776 40.41 -101.09 11.77
N UNK I 777 40.99 -102.03 12.52
CA UNK I 777 41.46 -101.90 13.87
C UNK I 777 42.67 -101.06 13.67
N UNK I 778 43.92 -101.61 13.63
CA UNK I 778 44.99 -100.76 13.15
C UNK I 778 44.52 -100.39 11.67
N UNK I 779 44.88 -99.14 10.95
CA UNK I 779 44.47 -98.19 9.80
C UNK I 779 44.29 -98.62 8.35
N UNK I 780 43.03 -98.45 7.89
CA UNK I 780 42.62 -98.78 6.56
C UNK I 780 41.14 -98.93 6.59
N UNK I 781 40.55 -99.22 5.42
CA UNK I 781 39.13 -99.43 5.32
C UNK I 781 38.96 -100.59 4.39
N UNK I 782 37.84 -101.31 4.54
CA UNK I 782 37.63 -102.43 3.66
C UNK I 782 36.27 -102.28 3.09
N UNK I 783 36.12 -102.68 1.80
CA UNK I 783 34.84 -102.55 1.19
C UNK I 783 34.61 -103.79 0.38
N UNK I 784 33.34 -104.07 0.10
CA UNK I 784 32.98 -105.20 -0.71
C UNK I 784 31.87 -104.73 -1.60
N UNK I 785 31.75 -105.29 -2.82
CA UNK I 785 30.72 -104.81 -3.69
C UNK I 785 29.81 -105.94 -4.08
N UNK I 786 28.49 -105.67 -4.10
CA UNK I 786 27.48 -106.59 -4.51
C UNK I 786 27.62 -106.83 -5.99
N UNK I 787 28.02 -105.76 -6.70
CA UNK I 787 28.09 -105.70 -8.13
C UNK I 787 29.00 -106.74 -8.67
N UNK I 788 29.30 -106.60 -9.97
CA UNK I 788 30.02 -107.57 -10.72
C UNK I 788 31.33 -107.84 -10.04
N UNK I 789 31.97 -106.80 -9.45
CA UNK I 789 33.23 -107.07 -8.84
C UNK I 789 33.03 -108.10 -7.77
N UNK I 790 32.02 -107.89 -6.89
CA UNK I 790 31.69 -108.83 -5.85
C UNK I 790 32.95 -109.23 -5.15
N UNK I 791 33.82 -108.28 -4.80
CA UNK I 791 35.02 -108.75 -4.15
C UNK I 791 35.31 -107.84 -3.03
N UNK I 792 36.10 -108.34 -2.06
CA UNK I 792 36.51 -107.50 -0.98
C UNK I 792 37.63 -106.69 -1.50
N UNK I 793 37.76 -105.45 -1.00
CA UNK I 793 38.85 -104.63 -1.43
C UNK I 793 39.49 -104.17 -0.16
N UNK I 794 40.82 -104.14 -0.14
CA UNK I 794 41.48 -103.68 1.04
C UNK I 794 42.36 -102.57 0.63
N UNK I 795 42.41 -101.50 1.44
CA UNK I 795 43.25 -100.40 1.08
C UNK I 795 43.44 -99.56 2.29
N UNK I 796 44.48 -98.69 2.25
CA UNK I 796 44.72 -97.78 3.31
C UNK I 796 44.29 -96.44 2.81
N UNK I 797 43.59 -95.68 3.66
CA UNK I 797 43.08 -94.41 3.20
C UNK I 797 44.21 -93.51 2.87
N UNK I 798 45.25 -93.46 3.71
CA UNK I 798 46.29 -92.53 3.44
C UNK I 798 46.94 -92.88 2.14
N UNK I 799 47.28 -94.16 1.95
CA UNK I 799 47.95 -94.60 0.76
C UNK I 799 47.04 -94.42 -0.42
N UNK I 800 45.73 -94.72 -0.26
CA UNK I 800 44.82 -94.65 -1.36
C UNK I 800 45.19 -95.71 -2.36
N UNK I 801 45.85 -96.78 -1.89
CA UNK I 801 46.21 -97.86 -2.76
C UNK I 801 45.51 -99.08 -2.23
N UNK I 802 45.14 -100.01 -3.14
CA UNK I 802 44.45 -101.19 -2.69
C UNK I 802 45.50 -102.23 -2.43
N UNK I 803 45.54 -102.73 -1.18
CA UNK I 803 46.54 -103.69 -0.84
C UNK I 803 46.32 -104.95 -1.63
N UNK I 804 45.06 -105.43 -1.69
CA UNK I 804 44.83 -106.64 -2.44
C UNK I 804 43.37 -106.85 -2.56
N UNK I 805 42.96 -107.72 -3.50
CA UNK I 805 41.57 -107.99 -3.67
C UNK I 805 41.36 -109.45 -3.42
N UNK I 806 40.26 -109.82 -2.72
CA UNK I 806 40.02 -111.21 -2.44
C UNK I 806 38.81 -111.62 -3.23
N UNK I 807 38.86 -112.81 -3.88
CA UNK I 807 37.76 -113.26 -4.70
C UNK I 807 36.58 -113.77 -3.85
N UNK I 808 35.28 -113.60 -4.31
CA UNK I 808 33.98 -113.93 -3.65
C UNK I 808 32.73 -114.33 -4.66
N UNK I 809 31.29 -114.27 -4.29
CA UNK I 809 29.83 -114.45 -4.81
C UNK I 809 29.27 -113.04 -4.99
N UNK I 810 28.57 -112.42 -4.00
CA UNK I 810 28.31 -111.01 -3.95
C UNK I 810 28.45 -110.73 -2.48
N UNK I 811 29.23 -109.70 -2.07
CA UNK I 811 29.48 -109.58 -0.66
C UNK I 811 28.57 -108.57 -0.04
N UNK I 812 27.73 -109.10 0.88
CA UNK I 812 26.81 -108.34 1.67
C UNK I 812 27.49 -107.54 2.73
N UNK I 813 28.47 -108.14 3.45
CA UNK I 813 29.04 -107.40 4.54
C UNK I 813 30.45 -107.82 4.76
N UNK I 814 31.27 -106.88 5.25
CA UNK I 814 32.65 -107.17 5.50
C UNK I 814 32.93 -106.78 6.91
N UNK I 815 33.81 -107.53 7.58
CA UNK I 815 34.13 -107.20 8.93
C UNK I 815 35.54 -107.62 9.17
N UNK I 816 36.18 -107.02 10.20
CA UNK I 816 37.51 -107.40 10.50
C UNK I 816 37.45 -108.03 11.84
N UNK I 817 38.28 -109.06 12.09
CA UNK I 817 38.21 -109.66 13.38
C UNK I 817 38.66 -108.61 14.33
N UNK I 818 37.82 -108.32 15.35
CA UNK I 818 38.15 -107.31 16.30
C UNK I 818 39.32 -107.75 17.09
N UNK I 819 39.28 -109.01 17.53
CA UNK I 819 40.28 -109.52 18.41
C UNK I 819 40.11 -108.78 19.70
N UNK I 820 40.11 -109.53 20.81
CA UNK I 820 39.96 -108.92 22.10
C UNK I 820 41.30 -108.40 22.49
N UNK I 821 41.33 -107.61 23.58
CA UNK I 821 42.55 -107.05 24.11
C UNK I 821 43.38 -106.50 23.01
N UNK I 822 42.98 -105.31 22.52
CA UNK I 822 43.64 -104.68 21.42
C UNK I 822 43.09 -105.37 20.24
N UNK I 823 43.19 -104.75 19.05
CA UNK I 823 42.57 -105.44 17.97
C UNK I 823 43.64 -105.95 17.08
N UNK I 824 43.40 -107.15 16.53
CA UNK I 824 44.32 -107.73 15.61
C UNK I 824 43.46 -108.39 14.59
N UNK I 825 43.83 -108.28 13.30
CA UNK I 825 42.99 -109.01 12.40
C UNK I 825 43.83 -110.02 11.68
N UNK I 826 43.77 -111.28 12.15
CA UNK I 826 44.45 -112.35 11.50
C UNK I 826 43.78 -112.60 10.20
N UNK I 827 42.43 -112.59 10.23
CA UNK I 827 41.66 -112.89 9.06
C UNK I 827 40.47 -111.99 9.08
N UNK I 828 39.77 -111.90 7.94
CA UNK I 828 38.61 -111.06 7.86
C UNK I 828 37.42 -111.93 7.72
N UNK I 829 36.27 -111.46 8.26
CA UNK I 829 35.07 -112.23 8.17
C UNK I 829 34.17 -111.51 7.22
N UNK I 830 33.49 -112.28 6.35
CA UNK I 830 32.61 -111.65 5.43
C UNK I 830 31.46 -112.56 5.22
N UNK I 831 30.31 -111.96 4.86
CA UNK I 831 29.12 -112.72 4.60
C UNK I 831 28.75 -112.35 3.21
N UNK I 832 28.11 -113.28 2.48
CA UNK I 832 27.79 -112.97 1.12
C UNK I 832 26.38 -113.32 0.84
N UNK I 833 25.83 -112.67 -0.19
CA UNK I 833 24.49 -112.91 -0.63
C UNK I 833 24.55 -114.07 -1.56
N UNK I 834 23.39 -114.70 -1.78
CA UNK I 834 23.32 -115.78 -2.70
C UNK I 834 22.16 -115.52 -3.57
N UNK I 835 22.33 -115.79 -4.88
CA UNK I 835 21.35 -115.65 -5.90
C UNK I 835 20.64 -116.94 -5.98
N UNK I 836 19.85 -117.15 -7.05
CA UNK I 836 19.11 -118.37 -7.16
C UNK I 836 20.08 -119.50 -7.10
N UNK I 837 21.18 -119.46 -7.88
CA UNK I 837 22.10 -120.53 -7.70
C UNK I 837 22.63 -120.34 -6.33
N UNK I 838 22.75 -121.42 -5.52
CA UNK I 838 23.17 -121.11 -4.20
C UNK I 838 24.61 -121.48 -4.03
N UNK I 839 25.52 -120.74 -4.69
CA UNK I 839 26.89 -120.99 -4.45
C UNK I 839 27.31 -120.39 -3.13
N UNK I 840 27.08 -119.06 -2.94
CA UNK I 840 27.67 -118.53 -1.76
C UNK I 840 26.68 -117.98 -0.80
N UNK I 841 26.19 -118.91 0.03
CA UNK I 841 25.38 -118.79 1.20
C UNK I 841 26.24 -118.43 2.38
N UNK I 842 27.53 -118.78 2.29
CA UNK I 842 28.40 -118.81 3.43
C UNK I 842 28.93 -117.51 3.94
N UNK I 843 29.43 -117.61 5.19
CA UNK I 843 30.16 -116.57 5.83
C UNK I 843 31.55 -117.10 5.75
N UNK I 844 32.49 -116.29 5.24
CA UNK I 844 33.79 -116.85 5.08
C UNK I 844 34.78 -116.02 5.79
N UNK I 845 35.81 -116.69 6.34
CA UNK I 845 36.85 -115.99 6.98
C UNK I 845 38.00 -116.08 6.03
N UNK I 846 38.64 -114.95 5.72
CA UNK I 846 39.71 -115.05 4.80
C UNK I 846 40.97 -114.76 5.53
N UNK I 847 41.96 -115.66 5.40
CA UNK I 847 43.20 -115.36 6.05
C UNK I 847 43.73 -114.20 5.30
N UNK I 848 44.11 -113.14 6.02
CA UNK I 848 44.60 -111.98 5.35
C UNK I 848 45.99 -112.31 4.86
N UNK I 849 43.68 -117.26 0.18
CA UNK I 849 42.28 -117.58 -0.17
C UNK I 849 41.48 -117.70 1.07
N UNK I 850 40.14 -117.85 0.92
CA UNK I 850 39.38 -117.98 2.13
C UNK I 850 39.84 -119.24 2.79
N UNK I 851 40.13 -119.15 4.11
CA UNK I 851 40.60 -120.29 4.82
C UNK I 851 39.52 -121.32 4.87
N UNK I 852 38.28 -120.90 5.20
CA UNK I 852 37.25 -121.88 5.28
C UNK I 852 35.94 -121.19 5.11
N UNK I 853 34.91 -121.96 4.72
CA UNK I 853 33.62 -121.39 4.55
C UNK I 853 32.65 -122.30 5.24
N UNK I 854 19.68 -121.93 3.09
CA UNK I 854 19.65 -121.52 1.72
C UNK I 854 19.03 -120.16 1.75
N UNK I 855 19.78 -119.15 1.27
CA UNK I 855 19.30 -117.80 1.24
C UNK I 855 20.50 -116.94 1.26
N UNK I 856 20.27 -115.62 1.10
CA UNK I 856 21.38 -114.73 1.21
C UNK I 856 21.56 -114.44 2.66
N UNK I 857 22.82 -114.18 3.08
CA UNK I 857 23.02 -113.80 4.43
C UNK I 857 23.22 -112.31 4.36
N UNK I 858 22.24 -111.55 4.87
CA UNK I 858 22.29 -110.12 4.74
C UNK I 858 23.43 -109.54 5.50
N UNK I 859 23.63 -109.96 6.77
CA UNK I 859 24.64 -109.30 7.54
C UNK I 859 25.28 -110.28 8.47
N UNK I 860 26.31 -109.81 9.19
CA UNK I 860 27.00 -110.64 10.14
C UNK I 860 27.52 -109.73 11.20
N UNK I 861 27.94 -110.31 12.34
CA UNK I 861 28.51 -109.50 13.38
C UNK I 861 29.50 -110.35 14.13
N UNK I 862 30.61 -109.72 14.55
CA UNK I 862 31.62 -110.43 15.29
C UNK I 862 31.77 -109.69 16.58
N UNK I 863 32.15 -110.40 17.66
CA UNK I 863 32.26 -109.73 18.93
C UNK I 863 33.71 -109.64 19.28
N UNK I 864 34.15 -108.44 19.71
CA UNK I 864 35.51 -108.27 20.10
C UNK I 864 35.80 -109.06 21.34
N UNK I 865 34.91 -108.90 22.34
CA UNK I 865 35.10 -109.53 23.62
C UNK I 865 34.98 -111.02 23.54
N UNK I 866 33.94 -111.52 22.86
CA UNK I 866 33.71 -112.94 22.89
C UNK I 866 33.78 -113.47 21.51
N UNK I 867 34.09 -114.77 21.39
CA UNK I 867 34.13 -115.35 20.09
C UNK I 867 32.76 -115.88 19.82
N UNK I 868 32.03 -115.18 18.93
CA UNK I 868 30.72 -115.59 18.53
C UNK I 868 30.43 -114.77 17.34
N UNK I 869 29.53 -115.25 16.46
CA UNK I 869 29.22 -114.47 15.30
C UNK I 869 27.76 -114.62 15.09
N UNK I 870 27.11 -113.58 14.52
CA UNK I 870 25.70 -113.68 14.29
C UNK I 870 25.49 -113.52 12.82
N UNK I 871 24.47 -114.20 12.28
CA UNK I 871 24.20 -114.11 10.87
C UNK I 871 22.73 -113.86 10.71
N UNK I 872 22.38 -113.08 9.66
CA UNK I 872 21.00 -112.78 9.39
C UNK I 872 20.78 -113.11 7.95
N UNK I 873 19.53 -113.49 7.57
CA UNK I 873 19.33 -113.84 6.19
C UNK I 873 18.24 -113.00 5.58
N UNK I 874 18.55 -112.50 4.37
CA UNK I 874 17.79 -111.65 3.49
C UNK I 874 16.61 -112.30 2.84
N UNK I 875 16.69 -113.60 2.50
CA UNK I 875 15.56 -114.07 1.77
C UNK I 875 14.35 -114.11 2.66
N UNK I 876 13.27 -113.45 2.21
CA UNK I 876 12.01 -113.48 2.90
C UNK I 876 11.30 -114.67 2.35
N UNK I 877 10.35 -115.24 3.12
CA UNK I 877 9.68 -116.43 2.65
C UNK I 877 10.76 -117.41 2.40
N UNK I 878 11.80 -117.33 3.25
CA UNK I 878 12.97 -118.14 3.18
C UNK I 878 13.49 -118.15 4.57
N UNK I 879 14.81 -118.33 4.75
CA UNK I 879 15.23 -118.36 6.12
C UNK I 879 15.47 -116.97 6.59
N UNK I 880 14.59 -116.49 7.49
CA UNK I 880 14.85 -115.24 8.14
C UNK I 880 15.18 -115.69 9.52
N UNK I 881 16.50 -115.77 9.81
CA UNK I 881 16.84 -116.30 11.09
C UNK I 881 18.15 -115.74 11.50
N UNK I 882 18.39 -115.75 12.82
CA UNK I 882 19.65 -115.29 13.30
C UNK I 882 20.41 -116.50 13.72
N UNK I 883 21.65 -116.62 13.23
CA UNK I 883 22.45 -117.75 13.62
C UNK I 883 23.62 -117.20 14.33
N UNK I 884 23.96 -117.75 15.51
CA UNK I 884 25.11 -117.25 16.20
C UNK I 884 26.01 -118.41 16.48
N UNK I 885 27.23 -118.44 15.93
CA UNK I 885 27.95 -119.66 16.21
C UNK I 885 29.41 -119.41 16.32
N UNK I 886 30.10 -120.17 17.20
CA UNK I 886 31.51 -119.98 17.11
C UNK I 886 31.99 -120.56 15.81
N UNK I 887 32.16 -121.91 15.73
CA UNK I 887 32.41 -122.58 14.48
C UNK I 887 31.21 -123.27 13.88
N UNK I 888 30.75 -124.28 14.65
CA UNK I 888 29.74 -125.22 14.23
C UNK I 888 28.44 -124.56 14.40
N UNK I 889 27.36 -125.16 13.86
CA UNK I 889 26.09 -124.51 13.98
C UNK I 889 25.83 -124.32 15.44
N UNK I 890 25.47 -123.07 15.80
CA UNK I 890 25.23 -122.76 17.17
C UNK I 890 24.25 -121.64 17.18
N UNK I 891 23.64 -121.42 18.34
CA UNK I 891 22.69 -120.36 18.56
C UNK I 891 21.33 -120.91 18.33
N UNK I 892 20.30 -120.07 18.53
CA UNK I 892 18.97 -120.58 18.43
C UNK I 892 18.27 -120.00 17.26
N UNK I 893 17.24 -120.71 16.79
CA UNK I 893 16.42 -120.29 15.69
C UNK I 893 15.04 -120.09 16.24
N UNK I 894 14.26 -119.17 15.65
CA UNK I 894 12.96 -118.93 16.20
C UNK I 894 11.92 -119.60 15.36
N UNK I 895 10.93 -120.25 15.99
CA UNK I 895 9.91 -120.88 15.19
C UNK I 895 8.96 -119.81 14.76
N UNK I 896 8.26 -119.82 13.61
CA UNK I 896 7.36 -118.69 13.34
C UNK I 896 5.89 -119.03 13.54
N UNK I 897 4.94 -118.25 12.97
CA UNK I 897 3.56 -118.15 13.51
C UNK I 897 2.26 -118.03 12.56
N UNK I 898 1.02 -117.24 12.95
CA UNK I 898 -0.35 -116.82 12.39
C UNK I 898 -0.82 -118.10 11.83
N UNK I 899 -1.87 -118.19 10.99
CA UNK I 899 -2.02 -119.57 10.61
C UNK I 899 -2.02 -119.75 9.12
N UNK I 900 -1.14 -120.65 8.63
CA UNK I 900 -1.13 -121.03 7.25
C UNK I 900 -2.34 -121.86 6.95
N UNK I 901 -2.61 -122.86 7.83
CA UNK I 901 -3.72 -123.75 7.61
C UNK I 901 -4.07 -124.36 8.93
N UNK I 902 -5.26 -124.97 9.05
CA UNK I 902 -5.57 -125.56 10.32
C UNK I 902 -6.46 -126.74 10.09
N UNK I 903 -6.45 -127.68 11.05
CA UNK I 903 -7.31 -128.82 10.98
C UNK I 903 -7.78 -129.07 12.38
N UNK I 904 -9.08 -129.36 12.54
CA UNK I 904 -9.60 -129.61 13.86
C UNK I 904 -9.40 -131.05 14.16
N UNK I 905 -9.38 -131.41 15.47
CA UNK I 905 -9.25 -132.79 15.83
C UNK I 905 -10.56 -133.42 15.49
N UNK I 906 -10.53 -134.67 15.01
CA UNK I 906 -11.79 -135.26 14.65
C UNK I 906 -12.61 -135.42 15.90
N UNK I 907 -12.01 -136.04 16.93
CA UNK I 907 -12.69 -136.30 18.17
C UNK I 907 -12.96 -135.04 18.91
N UNK I 908 -11.97 -134.12 18.96
CA UNK I 908 -12.13 -132.99 19.81
C UNK I 908 -12.19 -131.72 19.02
N UNK I 909 -12.80 -130.70 19.64
CA UNK I 909 -13.01 -129.38 19.10
C UNK I 909 -11.69 -128.72 18.89
N UNK I 910 -10.70 -129.00 19.76
CA UNK I 910 -9.42 -128.35 19.77
C UNK I 910 -8.87 -128.26 18.39
N UNK I 911 -8.10 -127.18 18.12
CA UNK I 911 -7.65 -126.97 16.79
C UNK I 911 -6.16 -127.07 16.74
N UNK I 912 -5.68 -127.56 15.60
CA UNK I 912 -4.27 -127.64 15.35
C UNK I 912 -4.07 -126.76 14.16
N UNK I 913 -3.02 -125.93 14.19
CA UNK I 913 -2.84 -125.10 13.03
C UNK I 913 -1.39 -125.04 12.76
N UNK I 914 -1.04 -124.93 11.46
CA UNK I 914 0.33 -124.79 11.05
C UNK I 914 0.63 -123.35 11.01
N UNK I 915 1.94 -123.00 11.04
CA UNK I 915 2.35 -121.63 11.09
C UNK I 915 3.33 -121.41 10.00
N UNK I 916 3.56 -120.13 9.65
CA UNK I 916 4.56 -119.75 8.68
C UNK I 916 5.79 -120.30 9.28
N UNK I 917 5.91 -120.13 10.58
CA UNK I 917 6.71 -120.92 11.46
C UNK I 917 7.03 -122.23 10.96
N UNK I 918 8.15 -122.64 11.47
CA UNK I 918 8.47 -124.01 11.43
C UNK I 918 7.46 -124.70 12.31
N UNK I 919 7.11 -124.09 13.43
CA UNK I 919 6.20 -124.66 14.37
C UNK I 919 4.78 -124.67 13.89
N UNK I 920 4.02 -125.64 14.42
CA UNK I 920 2.60 -125.82 14.27
C UNK I 920 2.18 -125.96 15.68
N UNK I 921 0.90 -125.66 16.01
CA UNK I 921 0.64 -125.77 17.41
C UNK I 921 -0.71 -126.33 17.62
N UNK I 922 -0.91 -126.85 18.84
CA UNK I 922 -2.17 -127.36 19.23
C UNK I 922 -2.72 -126.34 20.14
N UNK I 923 -4.01 -126.02 19.97
CA UNK I 923 -4.57 -125.07 20.87
C UNK I 923 -5.90 -125.57 21.24
N UNK I 924 -6.34 -125.16 22.44
CA UNK I 924 -7.63 -125.59 22.88
C UNK I 924 -8.43 -124.36 23.06
N UNK I 925 -9.72 -124.45 22.70
CA UNK I 925 -10.63 -123.35 22.85
C UNK I 925 -11.56 -123.76 23.95
N UNK I 926 -12.00 -122.80 24.76
CA UNK I 926 -12.85 -123.12 25.86
C UNK I 926 -14.11 -123.71 25.32
N UNK I 927 -14.70 -124.66 26.07
CA UNK I 927 -15.90 -125.33 25.64
C UNK I 927 -16.99 -124.33 25.51
N UNK I 928 -17.13 -123.41 26.49
CA UNK I 928 -18.19 -122.47 26.37
C UNK I 928 -17.68 -121.35 25.52
N UNK I 929 -18.12 -121.34 24.26
CA UNK I 929 -17.73 -120.34 23.32
C UNK I 929 -18.31 -119.02 23.74
N UNK I 930 -19.56 -119.05 24.23
CA UNK I 930 -20.28 -117.86 24.56
C UNK I 930 -19.54 -117.13 25.61
N UNK I 931 -19.03 -117.88 26.58
CA UNK I 931 -18.29 -117.26 27.64
C UNK I 931 -17.14 -116.59 26.97
N UNK I 932 -16.53 -115.55 27.60
CA UNK I 932 -15.41 -114.92 27.02
C UNK I 932 -14.43 -116.02 26.80
N UNK I 933 -13.97 -116.12 25.55
CA UNK I 933 -13.17 -117.25 25.24
C UNK I 933 -11.83 -117.11 25.85
N UNK I 934 -11.06 -118.19 25.83
CA UNK I 934 -9.70 -118.08 26.21
C UNK I 934 -9.05 -119.03 25.28
N UNK I 935 -7.83 -118.74 24.78
CA UNK I 935 -7.29 -119.70 23.88
C UNK I 935 -5.93 -120.07 24.36
N UNK I 936 -5.71 -121.37 24.59
CA UNK I 936 -4.46 -121.74 25.17
C UNK I 936 -3.73 -122.62 24.23
N UNK I 937 -2.40 -122.46 24.24
CA UNK I 937 -1.58 -123.26 23.40
C UNK I 937 -1.31 -124.52 24.13
N UNK I 938 -1.82 -125.65 23.61
CA UNK I 938 -1.56 -126.89 24.26
C UNK I 938 -0.10 -127.16 24.12
N UNK I 939 0.44 -127.01 22.90
CA UNK I 939 1.83 -127.28 22.75
C UNK I 939 2.23 -126.82 21.39
N UNK I 940 3.55 -126.63 21.21
CA UNK I 940 4.02 -126.22 19.93
C UNK I 940 4.82 -127.35 19.38
N UNK I 941 4.58 -127.66 18.09
CA UNK I 941 5.35 -128.66 17.44
C UNK I 941 6.23 -127.90 16.53
N UNK I 942 7.54 -128.14 16.63
CA UNK I 942 8.42 -127.36 15.83
C UNK I 942 9.19 -128.29 14.98
N UNK I 943 9.58 -127.81 13.80
CA UNK I 943 10.35 -128.59 12.90
C UNK I 943 11.40 -127.68 12.39
N UNK I 944 12.44 -128.24 11.77
CA UNK I 944 13.49 -127.44 11.24
C UNK I 944 12.94 -126.62 10.11
N UNK I 945 12.12 -127.24 9.24
CA UNK I 945 11.64 -126.60 8.05
C UNK I 945 10.92 -125.34 8.38
N UNK I 946 10.98 -124.38 7.45
CA UNK I 946 10.45 -123.07 7.64
C UNK I 946 8.98 -123.07 7.83
N UNK I 947 8.21 -123.75 6.96
CA UNK I 947 6.78 -123.57 7.10
C UNK I 947 6.11 -124.90 7.11
N UNK I 948 4.91 -124.94 7.72
CA UNK I 948 4.19 -126.17 7.76
C UNK I 948 3.15 -126.13 6.69
N UNK I 949 3.35 -126.95 5.64
CA UNK I 949 2.44 -127.04 4.54
C UNK I 949 1.15 -127.67 4.94
N UNK I 950 1.20 -128.78 5.70
CA UNK I 950 -0.05 -129.42 5.98
C UNK I 950 0.06 -130.22 7.24
N UNK I 951 -1.12 -130.50 7.83
CA UNK I 951 -1.17 -131.31 9.01
C UNK I 951 -2.34 -132.21 8.84
N UNK I 952 -2.22 -133.46 9.31
CA UNK I 952 -3.34 -134.34 9.21
C UNK I 952 -3.43 -135.09 10.49
N UNK I 953 -4.64 -135.11 11.08
CA UNK I 953 -4.83 -135.84 12.30
C UNK I 953 -5.16 -137.24 11.91
N UNK I 954 -4.87 -138.20 12.82
CA UNK I 954 -5.22 -139.56 12.56
C UNK I 954 -6.68 -139.67 12.84
N UNK I 955 -7.31 -140.77 12.40
CA UNK I 955 -8.71 -140.96 12.63
C UNK I 955 -8.90 -140.97 14.12
N UNK I 956 -7.95 -141.62 14.83
CA UNK I 956 -7.99 -141.73 16.25
C UNK I 956 -7.95 -140.35 16.83
N UNK I 957 -7.20 -139.45 16.16
CA UNK I 957 -7.00 -138.11 16.63
C UNK I 957 -6.03 -138.18 17.76
N UNK I 958 -5.51 -139.40 18.03
CA UNK I 958 -4.52 -139.59 19.03
C UNK I 958 -3.27 -138.91 18.57
N UNK I 959 -2.94 -139.05 17.27
CA UNK I 959 -1.71 -138.50 16.77
C UNK I 959 -2.00 -137.63 15.59
N UNK I 960 -1.08 -136.70 15.31
CA UNK I 960 -1.21 -135.83 14.17
C UNK I 960 0.11 -135.83 13.49
N UNK I 961 0.11 -135.59 12.16
CA UNK I 961 1.37 -135.57 11.47
C UNK I 961 1.60 -134.17 11.01
N UNK I 962 2.83 -133.67 11.20
CA UNK I 962 3.15 -132.35 10.77
C UNK I 962 4.01 -132.50 9.57
N UNK I 963 3.74 -131.67 8.54
CA UNK I 963 4.54 -131.75 7.36
C UNK I 963 5.00 -130.36 7.06
N UNK I 964 6.23 -130.19 6.58
CA UNK I 964 6.65 -128.86 6.32
C UNK I 964 6.79 -128.69 4.84
N UNK I 965 6.07 -127.70 4.28
CA UNK I 965 6.23 -127.43 2.90
C UNK I 965 5.77 -126.03 2.67
N UNK I 966 6.32 -125.41 1.62
CA UNK I 966 6.05 -124.03 1.38
C UNK I 966 7.02 -123.67 0.32
N UNK I 967 7.67 -122.50 0.47
CA UNK I 967 8.65 -122.14 -0.49
C UNK I 967 9.66 -123.25 -0.48
N UNK I 968 10.07 -123.69 0.72
CA UNK I 968 10.96 -124.82 0.74
C UNK I 968 10.43 -125.76 1.75
N UNK I 969 10.05 -126.96 1.31
CA UNK I 969 9.54 -127.92 2.24
C UNK I 969 10.67 -128.81 2.57
N UNK I 970 10.90 -129.03 3.88
CA UNK I 970 11.85 -130.02 4.30
C UNK I 970 11.20 -131.34 3.98
N UNK I 971 9.87 -131.37 4.18
CA UNK I 971 9.02 -132.52 4.08
C UNK I 971 9.29 -133.42 5.21
N UNK I 972 10.01 -132.96 6.24
CA UNK I 972 10.18 -133.86 7.33
C UNK I 972 8.80 -134.04 7.88
N UNK I 973 8.43 -135.28 8.20
CA UNK I 973 7.12 -135.49 8.74
C UNK I 973 7.33 -135.99 10.13
N UNK I 974 6.59 -135.41 11.09
CA UNK I 974 6.75 -135.87 12.43
C UNK I 974 5.41 -136.27 12.92
N UNK I 975 5.38 -137.35 13.72
CA UNK I 975 4.13 -137.76 14.29
C UNK I 975 4.19 -137.24 15.69
N UNK I 976 3.13 -136.56 16.14
CA UNK I 976 3.18 -136.02 17.45
C UNK I 976 1.96 -136.48 18.17
N UNK I 977 2.07 -136.67 19.49
CA UNK I 977 0.92 -137.04 20.24
C UNK I 977 0.05 -135.82 20.26
N UNK I 978 -1.26 -136.01 20.35
CA UNK I 978 -2.12 -134.86 20.36
C UNK I 978 -1.75 -134.06 21.56
N UNK I 979 -1.46 -134.78 22.66
CA UNK I 979 -1.16 -134.15 23.92
C UNK I 979 0.09 -133.33 23.87
N UNK I 980 1.18 -133.80 23.22
CA UNK I 980 2.34 -132.99 23.42
C UNK I 980 3.33 -133.07 22.29
N UNK I 981 4.43 -132.32 22.50
CA UNK I 981 5.57 -132.07 21.66
C UNK I 981 6.41 -133.30 21.43
N UNK I 982 6.44 -134.25 22.39
CA UNK I 982 7.41 -135.32 22.37
C UNK I 982 7.41 -136.03 21.05
N UNK I 983 6.22 -136.37 20.50
CA UNK I 983 6.18 -137.00 19.21
C UNK I 983 6.73 -138.39 19.26
N UNK I 984 6.00 -139.32 18.62
CA UNK I 984 6.38 -140.70 18.55
C UNK I 984 7.62 -140.88 17.72
N UNK I 985 7.67 -140.26 16.54
CA UNK I 985 8.82 -140.49 15.70
C UNK I 985 8.84 -139.49 14.60
N UNK I 986 9.96 -139.45 13.87
CA UNK I 986 10.06 -138.55 12.75
C UNK I 986 10.45 -139.36 11.56
N UNK I 987 9.77 -139.11 10.42
CA UNK I 987 10.14 -139.82 9.23
C UNK I 987 10.34 -138.79 8.16
N UNK I 988 11.52 -138.79 7.51
CA UNK I 988 11.67 -137.85 6.45
C UNK I 988 12.04 -138.60 5.21
N UNK I 989 11.03 -139.13 4.51
CA UNK I 989 11.22 -139.85 3.29
C UNK I 989 11.61 -138.93 2.16
N UNK I 990 10.94 -137.77 2.04
CA UNK I 990 11.11 -137.01 0.83
C UNK I 990 11.28 -135.54 1.09
N UNK I 991 11.47 -134.81 -0.03
CA UNK I 991 11.73 -133.39 -0.10
C UNK I 991 10.60 -132.55 0.42
N UNK I 992 9.32 -132.81 0.02
CA UNK I 992 8.26 -131.95 0.48
C UNK I 992 7.01 -132.79 0.58
N UNK I 993 5.99 -132.35 1.36
CA UNK I 993 4.80 -133.14 1.35
C UNK I 993 3.60 -132.25 1.36
N UNK I 994 2.91 -132.14 0.21
CA UNK I 994 1.73 -131.34 0.07
C UNK I 994 0.56 -131.94 0.80
N UNK I 995 0.34 -133.26 0.65
CA UNK I 995 -0.83 -133.80 1.28
C UNK I 995 -0.54 -135.16 1.81
N UNK I 996 -1.19 -135.50 2.94
CA UNK I 996 -1.03 -136.81 3.49
C UNK I 996 -2.40 -137.25 3.90
N UNK I 997 -2.74 -138.51 3.62
CA UNK I 997 -4.03 -138.98 4.02
C UNK I 997 -3.80 -140.23 4.79
N UNK I 998 -4.42 -140.33 5.98
CA UNK I 998 -4.27 -141.52 6.75
C UNK I 998 -5.24 -142.53 6.26
N UNK I 999 -4.84 -143.81 6.35
CA UNK I 999 -5.69 -144.91 6.02
C UNK I 999 -6.45 -145.15 7.26
N UNK I 1000 -7.11 -146.33 7.38
CA UNK I 1000 -7.81 -146.62 8.60
C UNK I 1000 -6.75 -146.54 9.64
N UNK I 1001 -5.55 -147.07 9.33
CA UNK I 1001 -4.42 -146.93 10.20
C UNK I 1001 -3.26 -146.60 9.32
N UNK I 1002 -2.37 -145.70 9.77
CA UNK I 1002 -1.18 -145.37 9.01
C UNK I 1002 -1.51 -144.32 8.01
N UNK I 1003 -0.51 -143.91 7.19
CA UNK I 1003 -0.78 -142.91 6.21
C UNK I 1003 0.22 -143.03 5.09
N UNK I 1004 -0.09 -142.34 3.96
CA UNK I 1004 0.77 -142.28 2.82
C UNK I 1004 0.98 -140.82 2.58
N UNK I 1005 2.16 -140.42 2.08
CA UNK I 1005 2.40 -139.02 1.91
C UNK I 1005 2.73 -138.72 0.49
N UNK I 1006 2.40 -137.51 0.03
CA UNK I 1006 2.69 -137.11 -1.31
C UNK I 1006 3.44 -135.81 -1.24
N UNK I 1007 4.51 -135.71 -2.06
CA UNK I 1007 5.33 -134.53 -2.14
C UNK I 1007 4.79 -133.65 -3.22
N UNK I 1008 5.27 -132.39 -3.24
CA UNK I 1008 4.98 -131.48 -4.31
C UNK I 1008 5.63 -132.10 -5.50
N UNK I 1009 6.78 -132.75 -5.22
CA UNK I 1009 7.62 -133.44 -6.15
C UNK I 1009 6.80 -134.55 -6.73
N UNK I 1010 5.79 -135.01 -5.95
CA UNK I 1010 4.92 -136.08 -6.31
C UNK I 1010 5.54 -137.41 -6.03
N UNK I 1011 6.66 -137.45 -5.28
CA UNK I 1011 7.08 -138.76 -4.89
C UNK I 1011 6.02 -139.21 -3.94
N UNK I 1012 5.54 -140.46 -4.08
CA UNK I 1012 4.50 -140.88 -3.19
C UNK I 1012 5.03 -142.03 -2.42
N UNK I 1013 4.72 -142.09 -1.11
CA UNK I 1013 5.25 -143.18 -0.38
C UNK I 1013 4.16 -143.76 0.47
N UNK I 1014 4.17 -145.10 0.58
CA UNK I 1014 3.24 -145.74 1.46
C UNK I 1014 4.08 -146.09 2.63
N UNK I 1015 3.66 -145.70 3.84
CA UNK I 1015 4.52 -146.00 4.94
C UNK I 1015 3.69 -146.39 6.10
N UNK I 1016 4.28 -147.19 7.01
CA UNK I 1016 3.57 -147.51 8.20
C UNK I 1016 4.08 -146.54 9.20
N UNK I 1017 3.24 -145.58 9.61
CA UNK I 1017 3.70 -144.63 10.57
C UNK I 1017 3.83 -145.35 11.85
N UNK I 1018 4.98 -145.17 12.53
CA UNK I 1018 5.18 -145.88 13.76
C UNK I 1018 6.61 -145.67 14.11
N UNK I 1019 7.08 -146.39 15.14
CA UNK I 1019 8.45 -146.28 15.53
C UNK I 1019 9.25 -146.71 14.35
N UNK I 1020 8.79 -147.76 13.65
CA UNK I 1020 9.53 -148.25 12.52
C UNK I 1020 9.63 -147.16 11.51
N UNK I 1021 8.49 -146.48 11.24
CA UNK I 1021 8.46 -145.41 10.27
C UNK I 1021 9.12 -145.88 9.01
N UNK I 1022 8.65 -147.02 8.46
CA UNK I 1022 9.25 -147.54 7.27
C UNK I 1022 8.28 -147.38 6.15
N UNK I 1023 8.78 -147.26 4.91
CA UNK I 1023 7.91 -147.10 3.78
C UNK I 1023 7.93 -148.35 2.97
N UNK I 1024 6.73 -148.87 2.65
CA UNK I 1024 6.62 -150.07 1.86
C UNK I 1024 7.11 -149.81 0.47
N UNK I 1025 6.70 -148.70 -0.15
CA UNK I 1025 7.10 -148.46 -1.50
C UNK I 1025 6.86 -147.01 -1.83
N UNK I 1026 7.43 -146.55 -2.95
CA UNK I 1026 7.25 -145.19 -3.37
C UNK I 1026 7.23 -145.16 -4.86
N UNK I 1027 6.60 -144.12 -5.46
CA UNK I 1027 6.58 -144.03 -6.89
C UNK I 1027 6.72 -142.60 -7.27
N UNK I 1028 7.33 -142.32 -8.44
CA UNK I 1028 7.40 -140.95 -8.86
C UNK I 1028 6.81 -140.85 -10.23
N UNK I 1029 5.50 -140.49 -10.31
CA UNK I 1029 4.85 -140.33 -11.58
C UNK I 1029 5.37 -139.11 -12.27
N UNK I 1030 5.39 -137.96 -11.54
CA UNK I 1030 5.86 -136.67 -12.00
C UNK I 1030 4.70 -135.79 -12.38
N UNK I 1031 5.03 -134.55 -12.79
CA UNK I 1031 4.17 -133.51 -13.30
C UNK I 1031 2.99 -133.09 -12.45
N UNK I 1032 3.23 -132.66 -11.18
CA UNK I 1032 2.23 -132.03 -10.34
C UNK I 1032 0.90 -132.74 -10.34
N UNK I 1033 0.94 -134.05 -10.05
CA UNK I 1033 -0.09 -135.05 -9.89
C UNK I 1033 -0.88 -134.97 -8.60
N UNK I 1034 -0.42 -134.14 -7.63
CA UNK I 1034 -0.46 -134.25 -6.18
C UNK I 1034 -1.63 -134.80 -5.39
N UNK I 1035 -2.93 -134.55 -5.64
CA UNK I 1035 -3.90 -135.09 -4.68
C UNK I 1035 -3.82 -136.60 -4.58
N UNK I 1036 -4.08 -137.17 -3.36
CA UNK I 1036 -4.02 -138.59 -3.14
C UNK I 1036 -5.13 -139.01 -2.21
N UNK I 1037 -5.49 -140.33 -2.22
CA UNK I 1037 -6.52 -140.82 -1.36
C UNK I 1037 -6.41 -142.31 -1.23
N UNK I 1038 -7.05 -142.90 -0.21
CA UNK I 1038 -6.98 -144.34 -0.04
C UNK I 1038 -8.35 -144.90 -0.29
N UNK I 1039 -8.43 -145.84 -1.25
CA UNK I 1039 -9.67 -146.49 -1.57
C UNK I 1039 -10.11 -147.37 -0.44
N UNK I 1040 -9.19 -148.18 0.12
CA UNK I 1040 -9.62 -149.09 1.14
C UNK I 1040 -8.84 -148.84 2.38
N UNK I 1041 -9.56 -148.86 3.53
CA UNK I 1041 -8.95 -148.67 4.82
C UNK I 1041 -8.02 -149.80 5.08
N UNK I 1042 -8.47 -151.04 4.79
CA UNK I 1042 -7.62 -152.16 5.04
C UNK I 1042 -6.44 -151.97 4.17
N UNK I 1043 -5.30 -152.60 4.53
CA UNK I 1043 -4.14 -152.47 3.70
C UNK I 1043 -4.58 -152.93 2.36
N UNK I 1044 -4.47 -152.04 1.36
CA UNK I 1044 -5.02 -152.37 0.09
C UNK I 1044 -4.76 -151.23 -0.83
N UNK I 1045 -5.63 -151.11 -1.84
CA UNK I 1045 -5.49 -150.11 -2.85
C UNK I 1045 -5.72 -148.74 -2.31
N UNK I 1046 -5.01 -147.78 -2.93
CA UNK I 1046 -5.11 -146.38 -2.67
C UNK I 1046 -4.99 -145.77 -4.03
N UNK I 1047 -5.44 -144.52 -4.20
CA UNK I 1047 -5.35 -143.98 -5.53
C UNK I 1047 -4.30 -142.92 -5.53
N UNK I 1048 -3.48 -142.90 -6.61
CA UNK I 1048 -2.46 -141.91 -6.75
C UNK I 1048 -2.59 -141.40 -8.16
N UNK I 1049 -2.29 -140.11 -8.37
CA UNK I 1049 -2.42 -139.57 -9.69
C UNK I 1049 -1.32 -140.10 -10.55
N UNK I 1050 -1.71 -140.55 -11.77
CA UNK I 1050 -0.79 -141.04 -12.75
C UNK I 1050 -0.51 -139.93 -13.70
N UNK I 1051 0.42 -140.16 -14.65
CA UNK I 1051 0.73 -139.17 -15.63
C UNK I 1051 -0.44 -139.11 -16.57
N UNK I 1052 -0.50 -138.05 -17.38
CA UNK I 1052 -1.56 -137.88 -18.32
C UNK I 1052 -2.84 -137.74 -17.57
N UNK I 1053 -2.76 -137.27 -16.32
CA UNK I 1053 -3.94 -137.03 -15.55
C UNK I 1053 -4.69 -138.30 -15.39
N UNK I 1054 -3.99 -139.44 -15.48
CA UNK I 1054 -4.63 -140.71 -15.31
C UNK I 1054 -4.68 -140.98 -13.85
N UNK I 1055 -5.56 -141.92 -13.44
CA UNK I 1055 -5.64 -142.28 -12.07
C UNK I 1055 -5.02 -143.63 -11.94
N UNK I 1056 -4.16 -143.83 -10.94
CA UNK I 1056 -3.55 -145.11 -10.79
C UNK I 1056 -4.02 -145.65 -9.49
N UNK I 1057 -4.33 -146.96 -9.48
CA UNK I 1057 -4.72 -147.55 -8.23
C UNK I 1057 -3.51 -148.26 -7.75
N UNK I 1058 -3.21 -148.12 -6.45
CA UNK I 1058 -1.98 -148.62 -5.92
C UNK I 1058 -2.21 -149.76 -5.00
N UNK I 1059 -1.08 -150.37 -4.57
CA UNK I 1059 -1.00 -151.53 -3.74
C UNK I 1059 -1.26 -152.72 -4.62
N UNK I 1060 -1.79 -152.43 -5.82
CA UNK I 1060 -2.08 -153.33 -6.89
C UNK I 1060 -3.44 -152.94 -7.38
N UNK I 1061 -3.63 -152.90 -8.71
CA UNK I 1061 -4.91 -152.54 -9.29
C UNK I 1061 -4.69 -152.02 -10.67
N UNK I 1062 -5.77 -151.47 -11.24
CA UNK I 1062 -5.78 -150.90 -12.57
C UNK I 1062 -5.73 -149.40 -12.48
N UNK I 1063 -5.68 -148.74 -13.66
CA UNK I 1063 -5.63 -147.31 -13.72
C UNK I 1063 -6.85 -146.83 -14.45
N UNK I 1064 -7.28 -145.59 -14.17
CA UNK I 1064 -8.44 -145.07 -14.82
C UNK I 1064 -7.99 -144.00 -15.76
N UNK I 1065 -8.58 -144.00 -16.98
CA UNK I 1065 -8.25 -143.00 -17.96
C UNK I 1065 -9.39 -142.03 -17.95
N UNK I 1066 -9.08 -140.73 -18.12
CA UNK I 1066 -10.16 -139.80 -17.97
C UNK I 1066 -9.59 -138.43 -18.08
N UNK I 1067 -9.46 -137.79 -16.90
CA UNK I 1067 -9.10 -136.42 -16.75
C UNK I 1067 -7.96 -136.02 -17.62
N UNK I 1068 -8.15 -134.86 -18.26
CA UNK I 1068 -7.22 -134.17 -19.11
C UNK I 1068 -6.08 -133.61 -18.31
N UNK I 1069 -6.37 -133.11 -17.09
CA UNK I 1069 -5.36 -132.39 -16.37
C UNK I 1069 -5.11 -132.99 -15.02
N UNK I 1070 -4.13 -132.40 -14.30
CA UNK I 1070 -3.68 -132.88 -13.01
C UNK I 1070 -4.86 -133.02 -12.10
N UNK I 1071 -4.75 -133.95 -11.14
CA UNK I 1071 -5.86 -134.20 -10.27
C UNK I 1071 -5.75 -133.35 -9.05
N UNK I 1072 -6.72 -132.42 -8.92
CA UNK I 1072 -6.82 -131.52 -7.81
C UNK I 1072 -7.21 -132.26 -6.56
N UNK I 1073 -8.21 -133.16 -6.65
CA UNK I 1073 -8.64 -133.78 -5.42
C UNK I 1073 -9.06 -135.18 -5.66
N UNK I 1074 -8.94 -136.01 -4.61
CA UNK I 1074 -9.39 -137.37 -4.67
C UNK I 1074 -10.08 -137.62 -3.37
N UNK I 1075 -11.35 -138.08 -3.44
CA UNK I 1075 -12.04 -138.37 -2.22
C UNK I 1075 -12.75 -139.67 -2.45
N UNK I 1076 -12.71 -140.57 -1.45
CA UNK I 1076 -13.37 -141.82 -1.63
C UNK I 1076 -14.46 -141.88 -0.62
N UNK I 1077 -15.62 -142.43 -1.01
CA UNK I 1077 -16.69 -142.54 -0.06
C UNK I 1077 -16.71 -143.96 0.39
N UNK I 1078 -16.67 -144.18 1.71
CA UNK I 1078 -16.69 -145.53 2.19
C UNK I 1078 -17.99 -146.10 1.74
N UNK I 1079 -19.07 -145.32 1.91
CA UNK I 1079 -20.35 -145.79 1.46
C UNK I 1079 -20.38 -145.57 -0.02
N UNK I 1080 -21.06 -146.49 -0.74
CA UNK I 1080 -21.24 -146.42 -2.16
C UNK I 1080 -19.95 -146.75 -2.84
N UNK I 1081 -18.83 -146.76 -2.07
CA UNK I 1081 -17.54 -147.13 -2.57
C UNK I 1081 -17.27 -146.47 -3.88
N UNK I 1082 -17.46 -145.14 -3.97
CA UNK I 1082 -17.21 -144.48 -5.21
C UNK I 1082 -16.13 -143.49 -4.98
N UNK I 1083 -15.26 -143.28 -5.99
CA UNK I 1083 -14.20 -142.34 -5.81
C UNK I 1083 -14.57 -141.11 -6.56
N UNK I 1084 -14.33 -139.94 -5.94
CA UNK I 1084 -14.65 -138.71 -6.60
C UNK I 1084 -13.35 -138.05 -6.89
N UNK I 1085 -13.21 -137.51 -8.11
CA UNK I 1085 -11.98 -136.86 -8.46
C UNK I 1085 -12.30 -135.56 -9.09
N UNK I 1086 -11.38 -134.59 -8.95
CA UNK I 1086 -11.55 -133.30 -9.54
C UNK I 1086 -10.27 -133.01 -10.24
N UNK I 1087 -10.30 -132.14 -11.27
CA UNK I 1087 -9.08 -131.92 -11.99
C UNK I 1087 -9.03 -130.51 -12.48
N UNK I 1088 -7.84 -130.14 -13.01
CA UNK I 1088 -7.53 -128.86 -13.58
C UNK I 1088 -8.45 -128.68 -14.74
N UNK I 1089 -8.84 -129.82 -15.34
CA UNK I 1089 -9.69 -129.88 -16.49
C UNK I 1089 -10.94 -129.14 -16.17
N UNK I 1090 -11.27 -129.03 -14.86
CA UNK I 1090 -12.47 -128.38 -14.42
C UNK I 1090 -13.63 -129.27 -14.64
N UNK I 1091 -13.38 -130.59 -14.62
CA UNK I 1091 -14.44 -131.55 -14.69
C UNK I 1091 -14.28 -132.41 -13.48
N UNK I 1092 -15.39 -133.01 -13.00
CA UNK I 1092 -15.33 -133.88 -11.86
C UNK I 1092 -15.74 -135.22 -12.37
N UNK I 1093 -15.26 -136.30 -11.74
CA UNK I 1093 -15.68 -137.59 -12.24
C UNK I 1093 -15.78 -138.53 -11.08
N UNK I 1094 -16.60 -139.58 -11.25
CA UNK I 1094 -16.74 -140.57 -10.21
C UNK I 1094 -16.23 -141.84 -10.80
N UNK I 1095 -15.46 -142.63 -10.02
CA UNK I 1095 -14.95 -143.84 -10.61
C UNK I 1095 -15.49 -145.03 -9.89
N UNK I 1096 -16.43 -145.74 -10.56
CA UNK I 1096 -16.99 -146.97 -10.07
C UNK I 1096 -16.02 -148.10 -10.18
N UNK I 1097 -15.27 -148.18 -11.30
CA UNK I 1097 -14.49 -149.35 -11.57
C UNK I 1097 -13.02 -149.07 -11.42
N UNK I 1098 -12.26 -150.16 -11.17
CA UNK I 1098 -10.84 -150.08 -10.99
C UNK I 1098 -10.22 -149.61 -12.28
N UNK I 1099 -10.65 -150.18 -13.42
CA UNK I 1099 -10.09 -149.74 -14.67
C UNK I 1099 -11.21 -149.54 -15.62
N UNK I 1100 -11.25 -148.36 -16.26
CA UNK I 1100 -12.26 -148.03 -17.22
C UNK I 1100 -12.39 -146.55 -17.21
N UNK I 1101 -13.33 -146.04 -18.03
CA UNK I 1101 -13.62 -144.63 -18.00
C UNK I 1101 -14.45 -144.41 -16.78
N UNK I 1102 -14.56 -143.15 -16.33
CA UNK I 1102 -15.31 -142.88 -15.14
C UNK I 1102 -16.75 -143.11 -15.42
N UNK I 1103 -17.50 -143.55 -14.39
CA UNK I 1103 -18.90 -143.82 -14.56
C UNK I 1103 -19.56 -142.53 -14.88
N UNK I 1104 -19.22 -141.45 -14.16
CA UNK I 1104 -19.91 -140.23 -14.43
C UNK I 1104 -18.93 -139.11 -14.54
N UNK I 1105 -19.27 -138.13 -15.38
CA UNK I 1105 -18.50 -136.93 -15.49
C UNK I 1105 -19.43 -135.86 -15.00
N UNK I 1106 -18.94 -134.99 -14.10
CA UNK I 1106 -19.82 -133.99 -13.60
C UNK I 1106 -19.68 -132.80 -14.48
N UNK I 1107 -20.79 -132.44 -15.14
CA UNK I 1107 -20.78 -131.30 -16.00
C UNK I 1107 -22.20 -131.07 -16.40
N UNK I 1108 -22.55 -129.83 -16.74
CA UNK I 1108 -23.91 -129.56 -17.11
C UNK I 1108 -24.09 -130.02 -18.56
N UNK I 1109 -16.25 -121.64 -15.66
CA UNK I 1109 -14.91 -121.04 -15.40
C UNK I 1109 -13.86 -122.00 -15.82
N UNK I 1110 -12.86 -121.48 -16.57
CA UNK I 1110 -11.79 -122.28 -17.09
C UNK I 1110 -11.01 -122.84 -15.96
N UNK I 1111 -10.86 -122.05 -14.87
CA UNK I 1111 -10.04 -122.43 -13.76
C UNK I 1111 -10.43 -123.79 -13.27
N UNK I 1112 -9.45 -124.49 -12.66
CA UNK I 1112 -9.62 -125.81 -12.15
C UNK I 1112 -10.36 -125.75 -10.86
N UNK I 1113 -10.98 -126.89 -10.46
CA UNK I 1113 -11.69 -126.94 -9.22
C UNK I 1113 -10.70 -126.96 -8.10
N UNK I 1114 -10.87 -126.04 -7.13
CA UNK I 1114 -10.00 -125.96 -5.99
C UNK I 1114 -10.21 -127.15 -5.10
N UNK I 1115 -11.48 -127.50 -4.81
CA UNK I 1115 -11.70 -128.61 -3.93
C UNK I 1115 -13.07 -129.15 -4.16
N UNK I 1116 -13.23 -130.47 -3.95
CA UNK I 1116 -14.50 -131.12 -4.10
C UNK I 1116 -14.72 -131.87 -2.84
N UNK I 1117 -15.99 -132.14 -2.48
CA UNK I 1117 -16.19 -132.84 -1.25
C UNK I 1117 -17.38 -133.74 -1.38
N UNK I 1118 -17.44 -134.74 -0.48
CA UNK I 1118 -18.52 -135.68 -0.47
C UNK I 1118 -19.74 -134.97 0.02
N UNK I 1119 -20.87 -135.38 -0.57
CA UNK I 1119 -22.20 -134.88 -0.38
C UNK I 1119 -22.88 -135.62 -1.49
N UNK I 1120 -23.90 -135.04 -2.12
CA UNK I 1120 -24.28 -135.73 -3.32
C UNK I 1120 -23.03 -135.62 -4.13
N UNK I 1121 -22.49 -134.40 -4.18
CA UNK I 1121 -21.23 -134.07 -4.78
C UNK I 1121 -21.16 -132.59 -4.70
N UNK I 1122 -20.01 -132.03 -4.30
CA UNK I 1122 -19.94 -130.60 -4.24
C UNK I 1122 -18.61 -130.22 -4.75
N UNK I 1123 -18.55 -129.13 -5.54
CA UNK I 1123 -17.28 -128.74 -6.05
C UNK I 1123 -17.19 -127.26 -5.98
N UNK I 1124 -15.97 -126.75 -5.73
CA UNK I 1124 -15.73 -125.35 -5.69
C UNK I 1124 -14.62 -125.12 -6.63
N UNK I 1125 -14.63 -123.95 -7.29
CA UNK I 1125 -13.65 -123.58 -8.26
C UNK I 1125 -13.84 -122.11 -8.37
N UNK I 1126 -13.48 -121.53 -9.53
CA UNK I 1126 -13.76 -120.15 -9.70
C UNK I 1126 -15.25 -120.06 -9.55
N UNK I 1127 -15.94 -121.06 -10.13
CA UNK I 1127 -17.36 -121.21 -10.04
C UNK I 1127 -17.65 -122.05 -8.83
N UNK I 1128 -18.95 -122.33 -8.58
CA UNK I 1128 -19.34 -123.22 -7.52
C UNK I 1128 -20.45 -124.07 -8.05
N UNK I 1129 -20.47 -125.37 -7.70
CA UNK I 1129 -21.53 -126.20 -8.21
C UNK I 1129 -21.82 -127.30 -7.26
N UNK I 1130 -23.06 -127.80 -7.30
CA UNK I 1130 -23.49 -128.91 -6.50
C UNK I 1130 -23.88 -129.95 -7.48
N UNK I 1131 -23.63 -131.23 -7.17
CA UNK I 1131 -23.93 -132.21 -8.15
C UNK I 1131 -24.79 -133.27 -7.54
N UNK I 1132 -25.60 -133.91 -8.40
CA UNK I 1132 -26.40 -135.04 -8.04
C UNK I 1132 -25.94 -136.06 -9.02
N UNK I 1133 -26.09 -137.37 -8.74
CA UNK I 1133 -25.68 -138.22 -9.82
C UNK I 1133 -26.71 -137.95 -10.90
N UNK I 1134 -26.33 -137.19 -11.99
CA UNK I 1134 -27.22 -136.70 -13.02
C UNK I 1134 -26.73 -135.39 -13.60
N UNK I 1135 -27.38 -134.27 -13.21
CA UNK I 1135 -27.15 -132.91 -13.66
C UNK I 1135 -26.81 -132.05 -12.47
N UNK I 1136 -26.49 -130.76 -12.70
CA UNK I 1136 -26.08 -129.90 -11.62
C UNK I 1136 -27.21 -129.76 -10.65
N UNK I 1137 -26.94 -130.08 -9.37
CA UNK I 1137 -27.95 -129.99 -8.34
C UNK I 1137 -28.27 -128.55 -8.10
N UNK I 1138 -27.24 -127.70 -7.98
CA UNK I 1138 -27.47 -126.31 -7.70
C UNK I 1138 -26.22 -125.57 -8.06
N UNK I 1139 -26.30 -124.23 -8.16
CA UNK I 1139 -25.14 -123.48 -8.53
C UNK I 1139 -25.01 -122.27 -7.64
N UNK I 1140 -23.78 -121.75 -7.50
CA UNK I 1140 -23.54 -120.57 -6.70
C UNK I 1140 -23.13 -119.49 -7.65
N UNK I 1141 -23.62 -118.27 -7.39
CA UNK I 1141 -23.53 -117.10 -8.23
C UNK I 1141 -22.18 -116.47 -8.45
N UNK I 1142 -21.34 -116.29 -7.39
CA UNK I 1142 -20.17 -115.42 -7.34
C UNK I 1142 -19.55 -115.26 -8.70
N UNK I 1143 -19.94 -114.15 -9.36
CA UNK I 1143 -19.65 -113.94 -10.76
C UNK I 1143 -18.18 -113.84 -11.02
N UNK I 1144 -17.48 -112.92 -10.34
CA UNK I 1144 -16.09 -112.93 -10.66
C UNK I 1144 -15.38 -113.00 -9.36
N UNK I 1145 -15.50 -114.15 -8.69
CA UNK I 1145 -14.76 -114.26 -7.48
C UNK I 1145 -14.29 -115.66 -7.44
N UNK I 1146 -12.97 -115.86 -7.55
CA UNK I 1146 -12.46 -117.19 -7.52
C UNK I 1146 -12.58 -117.63 -6.10
N UNK I 1147 -12.79 -118.96 -5.89
CA UNK I 1147 -12.86 -119.43 -4.55
C UNK I 1147 -11.55 -120.08 -4.24
N UNK I 1148 -10.90 -119.63 -3.15
CA UNK I 1148 -9.64 -120.17 -2.75
C UNK I 1148 -9.80 -121.59 -2.33
N UNK I 1149 -10.81 -121.88 -1.50
CA UNK I 1149 -10.95 -123.24 -1.05
C UNK I 1149 -12.34 -123.42 -0.52
N UNK I 1150 -12.81 -124.68 -0.46
CA UNK I 1150 -14.12 -124.91 0.08
C UNK I 1150 -14.03 -126.10 0.98
N UNK I 1151 -14.73 -126.04 2.12
CA UNK I 1151 -14.73 -127.13 3.03
C UNK I 1151 -16.15 -127.51 3.26
N UNK I 1152 -16.37 -128.80 3.59
CA UNK I 1152 -17.71 -129.25 3.84
C UNK I 1152 -17.78 -129.59 5.29
N UNK I 1153 -18.94 -129.34 5.92
CA UNK I 1153 -19.10 -129.59 7.33
C UNK I 1153 -19.07 -131.07 7.53
N UNK I 1154 -18.83 -131.51 8.78
CA UNK I 1154 -18.76 -132.91 9.05
C UNK I 1154 -20.07 -133.46 8.63
N UNK I 1155 -21.17 -132.78 9.04
CA UNK I 1155 -22.42 -133.15 8.49
C UNK I 1155 -22.47 -132.25 7.31
N UNK I 1156 -22.68 -132.78 6.10
CA UNK I 1156 -22.55 -131.85 5.02
C UNK I 1156 -23.83 -131.10 4.83
N UNK I 1157 -24.27 -130.40 5.89
CA UNK I 1157 -25.37 -129.49 5.81
C UNK I 1157 -24.92 -128.28 5.08
N UNK I 1158 -23.69 -127.82 5.39
CA UNK I 1158 -23.25 -126.57 4.83
C UNK I 1158 -21.88 -126.72 4.25
N UNK I 1159 -21.61 -125.89 3.23
CA UNK I 1159 -20.31 -125.86 2.63
C UNK I 1159 -19.84 -124.45 2.76
N UNK I 1160 -18.59 -124.26 3.22
CA UNK I 1160 -18.11 -122.92 3.36
C UNK I 1160 -16.98 -122.77 2.40
N UNK I 1161 -16.90 -121.60 1.75
CA UNK I 1161 -15.84 -121.38 0.82
C UNK I 1161 -15.34 -119.99 1.03
N UNK I 1162 -14.07 -119.76 0.68
CA UNK I 1162 -13.56 -118.43 0.86
C UNK I 1162 -13.47 -117.81 -0.50
N UNK I 1163 -14.15 -116.67 -0.69
CA UNK I 1163 -14.06 -115.97 -1.94
C UNK I 1163 -12.72 -115.30 -1.91
N UNK I 1164 -12.05 -115.25 -3.06
CA UNK I 1164 -10.72 -114.73 -3.06
C UNK I 1164 -10.73 -113.23 -3.00
N UNK I 1165 -9.72 -112.70 -2.27
CA UNK I 1165 -9.39 -111.31 -2.22
C UNK I 1165 -7.92 -111.38 -2.37
N UNK I 1166 -7.34 -110.63 -3.33
CA UNK I 1166 -5.95 -110.85 -3.57
C UNK I 1166 -5.55 -109.95 -4.68
N UNK I 1167 -4.80 -110.52 -5.64
CA UNK I 1167 -4.31 -109.75 -6.74
C UNK I 1167 -5.50 -109.13 -7.39
N UNK I 1168 -6.60 -109.90 -7.54
CA UNK I 1168 -7.76 -109.28 -8.10
C UNK I 1168 -8.49 -108.66 -6.96
N UNK I 1169 -8.60 -107.32 -6.95
CA UNK I 1169 -9.28 -106.67 -5.87
C UNK I 1169 -10.74 -106.76 -6.13
N UNK I 1170 -11.54 -106.90 -5.06
CA UNK I 1170 -12.96 -106.92 -5.20
C UNK I 1170 -13.53 -106.85 -3.83
N UNK I 1171 -14.79 -106.39 -3.71
CA UNK I 1171 -15.35 -106.44 -2.39
C UNK I 1171 -15.60 -107.88 -2.21
N UNK I 1172 -14.78 -108.52 -1.34
CA UNK I 1172 -14.83 -109.93 -1.24
C UNK I 1172 -14.05 -110.31 -0.04
N UNK I 1173 -13.36 -111.46 -0.13
CA UNK I 1173 -12.65 -111.93 1.01
C UNK I 1173 -13.69 -112.22 2.02
N UNK I 1174 -14.85 -112.68 1.53
CA UNK I 1174 -15.90 -113.03 2.44
C UNK I 1174 -16.00 -114.51 2.41
N UNK I 1175 -16.19 -115.12 3.60
CA UNK I 1175 -16.36 -116.54 3.60
C UNK I 1175 -17.83 -116.74 3.60
N UNK I 1176 -18.34 -117.49 2.61
CA UNK I 1176 -19.76 -117.64 2.56
C UNK I 1176 -20.06 -119.06 2.88
N UNK I 1177 -21.03 -119.28 3.79
CA UNK I 1177 -21.42 -120.62 4.08
C UNK I 1177 -22.72 -120.79 3.39
N UNK I 1178 -22.85 -121.90 2.65
CA UNK I 1178 -24.08 -122.07 1.93
C UNK I 1178 -24.83 -123.17 2.61
N UNK I 1179 -26.14 -122.98 2.78
CA UNK I 1179 -26.92 -124.02 3.39
C UNK I 1179 -27.22 -124.98 2.25
N UNK I 1180 -31.13 -123.29 -6.80
CA UNK I 1180 -30.57 -122.19 -7.62
C UNK I 1180 -29.25 -121.77 -7.08
N UNK I 1181 -29.14 -120.47 -6.75
CA UNK I 1181 -27.97 -119.77 -6.31
C UNK I 1181 -27.46 -120.39 -5.06
N UNK I 1182 -28.32 -121.11 -4.31
CA UNK I 1182 -27.91 -121.61 -3.04
C UNK I 1182 -27.51 -120.45 -2.19
N UNK I 1183 -28.50 -119.96 -1.41
CA UNK I 1183 -28.36 -118.83 -0.56
C UNK I 1183 -27.29 -119.11 0.45
N UNK I 1184 -26.62 -118.02 0.88
CA UNK I 1184 -25.56 -118.19 1.83
C UNK I 1184 -26.15 -118.02 3.18
N UNK I 1185 -26.00 -119.07 4.03
CA UNK I 1185 -26.51 -119.02 5.36
C UNK I 1185 -25.75 -118.01 6.14
N UNK I 1186 -24.41 -117.99 6.00
CA UNK I 1186 -23.65 -117.07 6.81
C UNK I 1186 -22.63 -116.39 5.96
N UNK I 1187 -22.21 -115.18 6.41
CA UNK I 1187 -21.19 -114.48 5.69
C UNK I 1187 -20.15 -114.07 6.68
N UNK I 1188 -18.87 -114.14 6.27
CA UNK I 1188 -17.81 -113.73 7.14
C UNK I 1188 -16.91 -112.86 6.34
N UNK I 1189 -16.24 -111.90 6.99
CA UNK I 1189 -15.38 -111.05 6.22
C UNK I 1189 -13.98 -111.22 6.70
N UNK I 1190 -13.06 -111.51 5.76
CA UNK I 1190 -11.66 -111.62 6.01
C UNK I 1190 -11.10 -112.43 4.90
N UNK I 1191 -9.88 -112.10 4.46
CA UNK I 1191 -9.31 -112.89 3.40
C UNK I 1191 -8.95 -114.19 4.01
N UNK I 1192 -9.10 -115.30 3.25
CA UNK I 1192 -8.76 -116.54 3.88
C UNK I 1192 -7.95 -117.38 2.95
N UNK I 1193 -6.77 -117.81 3.43
CA UNK I 1193 -5.95 -118.73 2.69
C UNK I 1193 -6.69 -120.03 2.69
N UNK I 1194 -7.25 -120.39 3.85
CA UNK I 1194 -7.96 -121.63 3.97
C UNK I 1194 -8.79 -121.57 5.22
N UNK I 1195 -9.75 -122.50 5.34
CA UNK I 1195 -10.59 -122.55 6.50
C UNK I 1195 -10.82 -124.00 6.82
N UNK I 1196 -11.20 -124.29 8.08
CA UNK I 1196 -11.44 -125.65 8.47
C UNK I 1196 -12.62 -125.66 9.39
N UNK I 1197 -13.32 -126.80 9.47
CA UNK I 1197 -14.47 -126.87 10.32
C UNK I 1197 -14.15 -127.82 11.44
N UNK I 1198 -14.69 -127.51 12.63
CA UNK I 1198 -14.51 -128.36 13.77
C UNK I 1198 -15.44 -129.51 13.59
N UNK I 1199 -15.22 -130.60 14.34
CA UNK I 1199 -16.07 -131.76 14.23
C UNK I 1199 -17.45 -131.32 14.58
N UNK I 1200 -17.54 -130.45 15.60
CA UNK I 1200 -18.79 -129.94 16.07
C UNK I 1200 -19.44 -129.18 14.96
N UNK I 1201 -18.61 -128.50 14.14
CA UNK I 1201 -19.08 -127.68 13.06
C UNK I 1201 -19.64 -126.43 13.67
N UNK I 1202 -19.43 -126.28 14.99
CA UNK I 1202 -19.82 -125.09 15.69
C UNK I 1202 -18.99 -123.95 15.22
N UNK I 1203 -17.66 -124.17 15.05
CA UNK I 1203 -16.81 -123.07 14.71
C UNK I 1203 -15.98 -123.43 13.52
N UNK I 1204 -15.46 -122.38 12.84
CA UNK I 1204 -14.62 -122.59 11.71
C UNK I 1204 -13.36 -121.82 11.95
N UNK I 1205 -12.22 -122.35 11.48
CA UNK I 1205 -11.00 -121.64 11.66
C UNK I 1205 -10.73 -120.95 10.36
N UNK I 1206 -10.35 -119.66 10.43
CA UNK I 1206 -10.09 -118.93 9.23
C UNK I 1206 -8.62 -118.64 9.18
N UNK I 1207 -8.03 -118.81 8.00
CA UNK I 1207 -6.64 -118.52 7.87
C UNK I 1207 -6.55 -117.26 7.07
N UNK I 1208 -5.70 -116.31 7.52
CA UNK I 1208 -5.58 -115.07 6.82
C UNK I 1208 -4.14 -114.67 6.90
N UNK I 1209 -3.76 -113.65 6.10
CA UNK I 1209 -2.41 -113.21 6.15
C UNK I 1209 -2.19 -112.71 7.54
N UNK I 1210 -3.20 -112.00 8.07
CA UNK I 1210 -3.13 -111.48 9.41
C UNK I 1210 -3.36 -112.63 10.33
N UNK I 1211 -3.49 -112.34 11.63
CA UNK I 1211 -3.72 -113.38 12.58
C UNK I 1211 -4.94 -114.11 12.12
N UNK I 1212 -4.99 -115.43 12.39
CA UNK I 1212 -6.10 -116.22 11.97
C UNK I 1212 -7.25 -115.89 12.85
N UNK I 1213 -8.47 -116.16 12.37
CA UNK I 1213 -9.62 -115.87 13.16
C UNK I 1213 -10.38 -117.13 13.36
N UNK I 1214 -11.01 -117.27 14.54
CA UNK I 1214 -11.86 -118.39 14.79
C UNK I 1214 -13.22 -117.79 14.94
N UNK I 1215 -14.21 -118.27 14.17
CA UNK I 1215 -15.52 -117.68 14.29
C UNK I 1215 -16.47 -118.78 14.59
N UNK I 1216 -17.54 -118.48 15.34
CA UNK I 1216 -18.49 -119.51 15.67
C UNK I 1216 -19.71 -119.30 14.85
N UNK I 1217 -20.26 -120.40 14.32
CA UNK I 1217 -21.47 -120.33 13.54
C UNK I 1217 -22.51 -121.02 14.36
N UNK I 1218 -23.75 -120.47 14.37
CA UNK I 1218 -24.75 -121.11 15.16
C UNK I 1218 -25.51 -122.03 14.27
N UNK I 1219 -25.61 -123.30 14.68
CA UNK I 1219 -26.35 -124.25 13.90
C UNK I 1219 -27.76 -123.79 13.89
N UNK I 1220 -28.25 -123.34 15.06
CA UNK I 1220 -29.59 -122.87 15.17
C UNK I 1220 -29.54 -121.63 16.00
N UNK I 1221 -30.57 -120.78 15.88
CA UNK I 1221 -30.61 -119.59 16.66
C UNK I 1221 -30.63 -120.02 18.12
N MET J 7 45.58 -16.23 34.65
CA MET J 7 45.70 -15.47 33.39
C MET J 7 44.55 -14.53 33.38
N ASP J 8 44.54 -13.59 32.43
CA ASP J 8 43.46 -12.67 32.36
C ASP J 8 42.31 -13.51 31.90
N PHE J 9 41.08 -12.99 31.95
CA PHE J 9 40.00 -13.83 31.51
C PHE J 9 40.26 -14.16 30.08
N GLU J 10 40.60 -13.14 29.27
CA GLU J 10 40.85 -13.40 27.87
C GLU J 10 42.03 -14.30 27.73
N THR J 11 43.05 -14.14 28.60
CA THR J 11 44.21 -14.95 28.44
C THR J 11 43.79 -16.38 28.60
N GLY J 12 43.06 -16.67 29.69
CA GLY J 12 42.62 -18.00 29.99
C GLY J 12 41.66 -18.48 28.97
N GLU J 13 40.74 -17.60 28.53
CA GLU J 13 39.74 -18.02 27.60
C GLU J 13 40.41 -18.47 26.36
N HIS J 14 41.40 -17.69 25.90
CA HIS J 14 42.12 -18.02 24.71
C HIS J 14 42.98 -19.23 24.93
N GLN J 15 43.63 -19.35 26.11
CA GLN J 15 44.48 -20.49 26.32
C GLN J 15 43.62 -21.71 26.30
N TYR J 16 42.47 -21.56 26.95
CA TYR J 16 41.48 -22.56 27.10
C TYR J 16 41.00 -22.97 25.74
N GLN J 17 40.79 -22.00 24.84
CA GLN J 17 40.36 -22.28 23.49
C GLN J 17 41.46 -22.88 22.67
N TYR J 18 42.66 -22.29 22.82
CA TYR J 18 43.88 -22.44 22.10
C TYR J 18 44.50 -23.77 22.36
N LYS J 19 43.96 -24.54 23.32
CA LYS J 19 44.48 -25.78 23.81
C LYS J 19 44.78 -26.81 22.75
N ASP J 20 43.79 -27.23 21.94
CA ASP J 20 43.96 -28.33 21.02
C ASP J 20 45.09 -28.00 20.12
N ILE J 21 45.14 -26.74 19.67
CA ILE J 21 46.23 -26.36 18.82
C ILE J 21 47.53 -26.50 19.57
N LEU J 22 47.61 -26.10 20.85
CA LEU J 22 48.90 -26.27 21.46
C LEU J 22 49.26 -27.72 21.56
N SER J 23 48.33 -28.56 22.04
CA SER J 23 48.68 -29.92 22.29
C SER J 23 49.14 -30.57 21.03
N VAL J 24 48.34 -30.47 19.97
CA VAL J 24 48.67 -31.09 18.72
C VAL J 24 49.87 -30.47 18.12
N PHE J 25 50.01 -29.13 18.21
CA PHE J 25 51.04 -28.51 17.43
C PHE J 25 52.38 -29.01 17.86
N GLU J 26 52.71 -28.85 19.15
CA GLU J 26 53.99 -29.27 19.60
C GLU J 26 54.03 -30.73 19.56
N ASP J 27 52.90 -31.46 19.82
CA ASP J 27 52.80 -32.90 19.95
C ASP J 27 53.93 -33.63 19.29
N ALA J 28 54.60 -34.49 20.07
CA ALA J 28 55.76 -35.25 19.68
C ALA J 28 56.96 -34.36 19.76
N PHE J 29 56.78 -33.07 19.48
CA PHE J 29 57.66 -31.98 19.79
C PHE J 29 57.38 -31.44 21.17
N VAL J 30 56.11 -31.41 21.61
CA VAL J 30 55.77 -30.87 22.89
C VAL J 30 56.45 -31.69 23.93
N ASP J 31 56.44 -33.01 23.74
CA ASP J 31 57.04 -33.88 24.72
C ASP J 31 58.49 -33.56 24.80
N ASN J 32 59.14 -33.41 23.64
CA ASN J 32 60.55 -33.19 23.62
C ASN J 32 60.84 -31.88 24.27
N PHE J 33 60.04 -30.84 23.97
CA PHE J 33 60.40 -29.57 24.50
C PHE J 33 60.26 -29.59 25.98
N ASP J 34 59.23 -30.29 26.55
CA ASP J 34 59.07 -30.32 27.98
C ASP J 34 60.28 -30.90 28.63
N CYS J 35 60.82 -31.98 28.07
CA CYS J 35 61.93 -32.61 28.72
C CYS J 35 63.05 -31.62 28.80
N LYS J 36 63.28 -30.86 27.70
CA LYS J 36 64.30 -29.86 27.64
C LYS J 36 63.90 -28.82 28.63
N ASP J 37 62.56 -28.68 28.75
CA ASP J 37 61.81 -27.64 29.38
C ASP J 37 62.04 -27.47 30.83
N VAL J 38 62.58 -28.49 31.51
CA VAL J 38 62.65 -28.45 32.94
C VAL J 38 63.30 -27.21 33.45
N GLN J 39 64.19 -26.52 32.75
CA GLN J 39 64.54 -25.35 33.51
C GLN J 39 63.40 -24.35 33.49
N ASP J 40 62.80 -24.17 32.31
CA ASP J 40 61.70 -23.23 32.16
C ASP J 40 60.62 -23.48 33.19
N MET J 41 59.97 -24.64 33.11
CA MET J 41 58.92 -25.01 34.05
C MET J 41 59.33 -24.75 35.49
N PRO J 42 60.64 -24.76 35.73
CA PRO J 42 61.18 -24.53 37.06
C PRO J 42 61.28 -23.04 37.39
N LYS J 43 60.56 -22.22 36.64
CA LYS J 43 60.58 -20.78 36.86
C LYS J 43 59.15 -20.21 36.84
N SER J 44 59.01 -18.97 37.28
CA SER J 44 57.72 -18.31 37.32
C SER J 44 56.75 -18.93 36.31
N ILE J 45 56.93 -20.21 36.06
CA ILE J 45 56.08 -20.93 35.10
C ILE J 45 55.61 -22.26 35.68
N LEU J 46 56.56 -23.06 36.16
CA LEU J 46 56.25 -24.37 36.74
C LEU J 46 57.37 -24.85 37.63
N SER J 47 57.14 -24.85 38.94
CA SER J 47 58.14 -25.29 39.91
C SER J 47 58.93 -26.48 39.37
N LYS J 48 60.10 -26.71 39.96
CA LYS J 48 60.93 -27.78 39.54
C LYS J 48 60.12 -29.02 39.58
N GLU J 49 59.33 -29.17 40.66
CA GLU J 49 58.56 -30.35 40.83
C GLU J 49 57.55 -30.41 39.73
N GLU J 50 56.99 -29.25 39.37
CA GLU J 50 55.93 -29.25 38.42
C GLU J 50 56.40 -29.71 37.07
N ILE J 51 57.65 -29.42 36.63
CA ILE J 51 57.92 -29.89 35.30
C ILE J 51 57.95 -31.38 35.33
N ASP J 52 58.55 -31.94 36.38
CA ASP J 52 58.61 -33.37 36.50
C ASP J 52 57.22 -33.87 36.56
N HIS J 53 56.33 -33.06 37.17
CA HIS J 53 54.96 -33.47 37.30
C HIS J 53 54.38 -33.69 35.93
N ILE J 54 54.52 -32.71 35.02
CA ILE J 54 53.91 -32.85 33.71
C ILE J 54 54.58 -33.97 32.99
N ILE J 55 55.91 -34.04 33.13
CA ILE J 55 56.72 -34.98 32.43
C ILE J 55 56.26 -36.36 32.75
N MET J 56 55.92 -36.60 34.03
CA MET J 56 55.58 -37.92 34.48
C MET J 56 54.36 -38.44 33.77
N SER J 57 53.32 -37.62 33.59
CA SER J 57 52.15 -38.10 32.90
C SER J 57 52.60 -38.52 31.54
N LYS J 58 52.58 -39.86 31.35
CA LYS J 58 53.14 -40.51 30.21
C LYS J 58 52.45 -40.09 28.96
N ASP J 59 51.12 -40.14 28.98
CA ASP J 59 50.36 -40.01 27.78
C ASP J 59 50.55 -38.65 27.27
N ALA J 60 50.64 -38.52 25.93
CA ALA J 60 50.89 -37.26 25.34
C ALA J 60 49.77 -36.34 25.71
N VAL J 61 48.53 -36.87 25.69
CA VAL J 61 47.39 -36.08 26.00
C VAL J 61 47.52 -35.62 27.43
N SER J 62 47.90 -36.55 28.32
CA SER J 62 48.02 -36.28 29.72
C SER J 62 49.08 -35.26 29.95
N GLY J 63 50.19 -35.38 29.22
CA GLY J 63 51.30 -34.49 29.44
C GLY J 63 50.86 -33.10 29.13
N THR J 64 50.13 -32.92 28.02
CA THR J 64 49.72 -31.60 27.65
C THR J 64 48.74 -31.07 28.67
N LEU J 65 47.81 -31.92 29.11
CA LEU J 65 46.79 -31.50 30.03
C LEU J 65 47.44 -31.15 31.33
N ARG J 66 48.44 -31.94 31.77
CA ARG J 66 49.04 -31.67 33.04
C ARG J 66 49.64 -30.30 33.05
N LEU J 67 50.40 -29.93 32.01
CA LEU J 67 51.05 -28.65 32.01
C LEU J 67 50.03 -27.56 31.98
N PHE J 68 48.95 -27.72 31.20
CA PHE J 68 47.98 -26.66 31.12
C PHE J 68 47.38 -26.48 32.48
N TRP J 69 47.18 -27.60 33.20
CA TRP J 69 46.57 -27.54 34.50
C TRP J 69 47.40 -26.70 35.41
N THR J 70 48.73 -26.92 35.44
CA THR J 70 49.56 -26.18 36.34
C THR J 70 49.51 -24.73 35.97
N LEU J 71 49.47 -24.45 34.66
CA LEU J 71 49.48 -23.12 34.12
C LEU J 71 48.26 -22.38 34.59
N LEU J 72 47.10 -23.04 34.68
CA LEU J 72 45.89 -22.36 35.02
C LEU J 72 46.00 -21.78 36.41
N SER J 73 46.64 -22.51 37.33
CA SER J 73 46.71 -22.12 38.71
C SER J 73 47.45 -20.83 38.83
N LYS J 74 48.19 -20.43 37.80
CA LYS J 74 48.89 -19.21 37.98
C LYS J 74 48.12 -18.06 37.49
N GLN J 75 48.75 -16.90 37.65
CA GLN J 75 48.19 -15.65 37.37
C GLN J 75 48.45 -15.31 35.94
N GLU J 76 48.00 -14.09 35.58
CA GLU J 76 48.21 -13.56 34.26
C GLU J 76 49.67 -13.54 34.02
N GLU J 77 50.45 -13.32 35.08
CA GLU J 77 51.86 -13.19 34.91
C GLU J 77 52.39 -14.44 34.29
N MET J 78 51.86 -15.60 34.70
CA MET J 78 52.35 -16.86 34.20
C MET J 78 52.15 -16.94 32.72
N VAL J 79 50.99 -16.50 32.19
CA VAL J 79 50.80 -16.64 30.78
C VAL J 79 51.85 -15.82 30.10
N GLN J 80 52.16 -14.64 30.67
CA GLN J 80 53.14 -13.77 30.08
C GLN J 80 54.48 -14.43 30.11
N LYS J 81 54.83 -15.11 31.22
CA LYS J 81 56.12 -15.71 31.28
C LYS J 81 56.19 -16.81 30.27
N PHE J 82 55.12 -17.64 30.20
CA PHE J 82 55.03 -18.75 29.31
C PHE J 82 55.10 -18.23 27.90
N VAL J 83 54.41 -17.12 27.61
CA VAL J 83 54.46 -16.66 26.26
C VAL J 83 55.87 -16.31 25.93
N GLU J 84 56.60 -15.76 26.91
CA GLU J 84 57.96 -15.35 26.67
C GLU J 84 58.78 -16.56 26.35
N GLU J 85 58.58 -17.67 27.09
CA GLU J 85 59.38 -18.84 26.84
C GLU J 85 59.11 -19.32 25.45
N VAL J 86 57.85 -19.21 24.98
CA VAL J 86 57.53 -19.71 23.68
C VAL J 86 58.28 -18.94 22.64
N LEU J 87 58.39 -17.61 22.81
CA LEU J 87 59.08 -16.78 21.86
C LEU J 87 60.54 -17.12 21.90
N ARG J 88 61.09 -17.34 23.10
CA ARG J 88 62.49 -17.66 23.22
C ARG J 88 62.71 -18.94 22.48
N ILE J 89 61.76 -19.87 22.64
CA ILE J 89 61.77 -21.14 21.97
C ILE J 89 61.68 -20.84 20.52
N ASN J 90 61.03 -19.71 20.19
CA ASN J 90 60.73 -19.30 18.85
C ASN J 90 60.04 -20.44 18.25
N TYR J 91 58.98 -20.78 18.99
CA TYR J 91 58.09 -21.78 18.56
C TYR J 91 57.19 -20.90 17.76
N LYS J 92 57.69 -20.55 16.57
CA LYS J 92 57.21 -19.43 15.84
C LYS J 92 55.75 -19.47 15.55
N PHE J 93 55.24 -20.55 14.95
CA PHE J 93 53.87 -20.48 14.57
C PHE J 93 53.04 -20.40 15.79
N LEU J 94 53.31 -21.23 16.79
CA LEU J 94 52.47 -21.25 17.94
C LEU J 94 52.55 -19.96 18.65
N MET J 95 53.75 -19.36 18.73
CA MET J 95 53.82 -18.16 19.49
C MET J 95 53.03 -17.09 18.83
N SER J 96 52.97 -17.06 17.48
CA SER J 96 52.23 -16.00 16.82
C SER J 96 50.78 -16.06 17.23
N PRO J 97 50.07 -17.15 17.09
CA PRO J 97 48.74 -17.11 17.62
C PRO J 97 48.61 -16.85 19.09
N ILE J 98 49.58 -17.23 19.92
CA ILE J 98 49.36 -16.92 21.30
C ILE J 98 49.36 -15.41 21.47
N LYS J 99 50.27 -14.69 20.78
CA LYS J 99 50.28 -13.27 20.98
C LYS J 99 49.03 -12.63 20.48
N THR J 100 48.44 -13.15 19.40
CA THR J 100 47.23 -12.53 18.92
C THR J 100 46.19 -12.68 20.00
N GLU J 101 46.22 -13.83 20.66
CA GLU J 101 45.34 -14.24 21.71
C GLU J 101 45.37 -13.23 22.81
N GLN J 102 46.56 -12.77 23.25
CA GLN J 102 46.54 -11.85 24.35
C GLN J 102 45.80 -10.61 23.96
N ARG J 103 44.75 -10.31 24.76
CA ARG J 103 43.82 -9.21 24.65
C ARG J 103 43.14 -9.14 23.32
N GLN J 104 42.35 -10.19 22.95
CA GLN J 104 41.62 -10.17 21.71
C GLN J 104 40.27 -10.81 21.92
N PRO J 105 39.22 -10.20 21.41
CA PRO J 105 37.90 -10.80 21.51
C PRO J 105 37.57 -11.71 20.34
N SER J 106 36.55 -12.59 20.48
CA SER J 106 36.12 -13.45 19.40
C SER J 106 34.83 -14.08 19.82
N MET J 107 34.00 -14.51 18.85
CA MET J 107 32.76 -15.15 19.18
C MET J 107 33.05 -16.44 19.89
N MET J 108 33.99 -17.24 19.36
CA MET J 108 34.32 -18.51 19.93
C MET J 108 34.93 -18.33 21.27
N THR J 109 35.79 -17.32 21.42
CA THR J 109 36.46 -17.11 22.67
C THR J 109 35.45 -16.78 23.71
N ARG J 110 34.50 -15.90 23.35
CA ARG J 110 33.52 -15.41 24.27
C ARG J 110 32.67 -16.54 24.74
N MET J 111 32.30 -17.46 23.84
CA MET J 111 31.45 -18.53 24.27
C MET J 111 32.17 -19.40 25.25
N TYR J 112 33.48 -19.64 25.04
CA TYR J 112 34.18 -20.52 25.91
C TYR J 112 34.27 -19.93 27.29
N ILE J 113 34.55 -18.62 27.40
CA ILE J 113 34.68 -18.00 28.68
C ILE J 113 33.38 -18.10 29.41
N GLU J 114 32.27 -17.89 28.68
CA GLU J 114 30.97 -17.91 29.27
C GLU J 114 30.71 -19.24 29.87
N GLN J 115 31.06 -20.32 29.14
CA GLN J 115 30.79 -21.65 29.59
C GLN J 115 31.56 -21.92 30.85
N ARG J 116 32.82 -21.47 30.90
CA ARG J 116 33.67 -21.68 32.03
C ARG J 116 33.07 -21.03 33.25
N ASP J 117 32.57 -19.79 33.11
CA ASP J 117 32.04 -19.09 34.24
C ASP J 117 30.83 -19.81 34.74
N ARG J 118 30.00 -20.31 33.83
CA ARG J 118 28.78 -20.95 34.25
C ARG J 118 29.11 -22.15 35.07
N LEU J 119 30.12 -22.95 34.66
CA LEU J 119 30.37 -24.12 35.45
C LEU J 119 30.86 -23.76 36.81
N TYR J 120 31.66 -22.68 36.94
CA TYR J 120 32.13 -22.31 38.24
C TYR J 120 30.96 -22.01 39.12
N ASN J 121 29.98 -21.27 38.59
CA ASN J 121 28.83 -20.84 39.35
C ASN J 121 28.08 -22.06 39.78
N ASP J 122 28.04 -23.07 38.91
CA ASP J 122 27.32 -24.28 39.16
C ASP J 122 27.88 -24.96 40.36
N ASN J 123 29.22 -24.95 40.55
CA ASN J 123 29.60 -25.72 41.70
C ASN J 123 30.98 -25.44 42.21
N GLN J 124 31.93 -25.06 41.32
CA GLN J 124 33.32 -25.01 41.73
C GLN J 124 33.61 -23.88 42.66
N VAL J 125 33.27 -24.06 43.96
CA VAL J 125 33.65 -23.17 45.03
C VAL J 125 35.03 -23.51 45.44
N PHE J 126 35.17 -24.80 45.74
CA PHE J 126 36.38 -25.43 46.06
C PHE J 126 36.33 -26.77 45.73
N ALA J 127 37.53 -27.11 45.98
CA ALA J 127 38.13 -28.26 45.72
C ALA J 127 39.45 -27.70 45.54
N LYS J 128 40.15 -27.53 46.65
CA LYS J 128 41.39 -26.86 46.55
C LYS J 128 42.31 -27.69 45.76
N TYR J 129 42.43 -29.00 46.07
CA TYR J 129 43.40 -29.65 45.27
C TYR J 129 42.92 -30.96 44.76
N ASN J 130 43.40 -31.30 43.56
CA ASN J 130 42.77 -32.37 42.85
C ASN J 130 43.74 -33.22 42.11
N VAL J 131 43.35 -34.50 41.99
CA VAL J 131 43.98 -35.66 41.46
C VAL J 131 43.51 -35.66 40.07
N SER J 132 44.43 -35.91 39.14
CA SER J 132 44.02 -35.79 37.79
C SER J 132 43.83 -37.16 37.29
N ARG J 133 42.57 -37.47 36.94
CA ARG J 133 42.30 -38.76 36.42
C ARG J 133 42.23 -38.48 35.02
N LEU J 134 43.38 -38.55 34.40
CA LEU J 134 43.25 -38.23 33.05
C LEU J 134 42.48 -39.35 32.44
N GLN J 135 42.69 -40.58 32.96
CA GLN J 135 42.06 -41.68 32.31
C GLN J 135 40.56 -41.55 32.31
N PRO J 136 39.87 -41.32 33.39
CA PRO J 136 38.44 -41.23 33.26
C PRO J 136 37.98 -40.00 32.55
N TYR J 137 38.77 -38.91 32.67
CA TYR J 137 38.49 -37.63 32.09
C TYR J 137 38.48 -37.73 30.60
N LEU J 138 39.53 -38.35 30.03
CA LEU J 138 39.61 -38.49 28.61
C LEU J 138 38.52 -39.38 28.12
N LYS J 139 38.20 -40.44 28.87
CA LYS J 139 37.22 -41.38 28.38
C LYS J 139 35.91 -40.70 28.19
N LEU J 140 35.50 -39.88 29.18
CA LEU J 140 34.20 -39.27 29.08
C LEU J 140 34.17 -38.35 27.90
N ARG J 141 35.23 -37.55 27.69
CA ARG J 141 35.12 -36.56 26.66
C ARG J 141 35.02 -37.26 25.33
N GLN J 142 35.81 -38.33 25.14
CA GLN J 142 35.89 -38.94 23.85
C GLN J 142 34.54 -39.48 23.50
N ALA J 143 33.91 -40.17 24.46
CA ALA J 143 32.64 -40.76 24.19
C ALA J 143 31.63 -39.70 23.92
N LEU J 144 31.64 -38.63 24.73
CA LEU J 144 30.63 -37.63 24.60
C LEU J 144 30.77 -36.96 23.27
N LEU J 145 32.01 -36.72 22.84
CA LEU J 145 32.24 -36.07 21.58
C LEU J 145 31.68 -36.94 20.52
N GLU J 146 32.00 -38.25 20.60
CA GLU J 146 31.64 -39.19 19.57
C GLU J 146 30.17 -39.36 19.46
N LEU J 147 29.45 -39.59 20.59
CA LEU J 147 28.07 -39.85 20.32
C LEU J 147 27.34 -38.59 20.63
N ARG J 148 27.23 -37.75 19.61
CA ARG J 148 26.53 -36.50 19.67
C ARG J 148 25.06 -36.74 19.77
N PRO J 149 24.51 -37.65 19.00
CA PRO J 149 23.09 -37.84 19.02
C PRO J 149 22.64 -38.31 20.36
N ALA J 150 21.32 -38.27 20.62
CA ALA J 150 20.79 -38.59 21.92
C ALA J 150 21.35 -39.90 22.35
N LYS J 151 21.83 -39.94 23.61
CA LYS J 151 22.33 -41.15 24.17
C LYS J 151 22.38 -40.94 25.64
N ASN J 152 22.85 -41.96 26.39
CA ASN J 152 22.95 -41.74 27.80
C ASN J 152 24.33 -42.06 28.22
N VAL J 153 25.08 -41.03 28.65
CA VAL J 153 26.41 -41.27 29.15
C VAL J 153 26.23 -41.35 30.61
N LEU J 154 26.51 -42.53 31.20
CA LEU J 154 26.38 -42.55 32.61
C LEU J 154 27.71 -42.17 33.11
N ILE J 155 27.65 -41.73 34.35
CA ILE J 155 28.71 -41.54 35.21
C ILE J 155 28.00 -42.01 36.41
N ASP J 156 28.59 -42.96 37.13
CA ASP J 156 27.87 -43.42 38.29
C ASP J 156 28.69 -44.08 39.37
N GLY J 157 28.89 -43.48 40.57
CA GLY J 157 29.81 -44.08 41.51
C GLY J 157 29.28 -43.87 42.89
N VAL J 158 30.12 -44.15 43.92
CA VAL J 158 29.74 -44.01 45.30
C VAL J 158 29.45 -42.56 45.54
N LEU J 159 28.61 -42.26 46.56
CA LEU J 159 28.33 -40.88 46.79
C LEU J 159 29.61 -40.18 47.10
N GLY J 160 29.85 -39.04 46.42
CA GLY J 160 31.01 -38.23 46.66
C GLY J 160 32.21 -38.77 45.95
N SER J 161 32.02 -39.67 44.97
CA SER J 161 33.11 -40.24 44.24
C SER J 161 33.72 -39.19 43.38
N GLY J 162 33.01 -38.07 43.15
CA GLY J 162 33.56 -37.05 42.32
C GLY J 162 32.99 -37.11 40.93
N LYS J 163 31.78 -37.65 40.88
CA LYS J 163 31.08 -37.82 39.65
C LYS J 163 30.85 -36.50 38.97
N THR J 164 30.17 -35.57 39.68
CA THR J 164 29.66 -34.25 39.31
C THR J 164 30.77 -33.30 39.05
N TRP J 165 31.80 -33.37 39.90
CA TRP J 165 32.91 -32.51 39.71
C TRP J 165 33.44 -32.88 38.33
N VAL J 166 33.68 -34.21 38.02
CA VAL J 166 34.26 -34.68 36.79
C VAL J 166 33.46 -34.19 35.63
N ALA J 167 32.12 -34.23 35.73
CA ALA J 167 31.29 -33.83 34.63
C ALA J 167 31.52 -32.39 34.32
N LEU J 168 31.63 -31.54 35.37
CA LEU J 168 31.78 -30.14 35.14
C LEU J 168 33.04 -29.92 34.38
N ASP J 169 34.13 -30.57 34.83
CA ASP J 169 35.44 -30.39 34.26
C ASP J 169 35.42 -30.76 32.81
N VAL J 170 34.71 -31.85 32.46
CA VAL J 170 34.72 -32.24 31.08
C VAL J 170 34.08 -31.16 30.28
N CYS J 171 33.00 -30.55 30.78
CA CYS J 171 32.35 -29.51 30.05
C CYS J 171 33.26 -28.30 29.95
N LEU J 172 33.99 -27.96 31.05
CA LEU J 172 34.77 -26.75 31.10
C LEU J 172 35.99 -26.67 30.23
N SER J 173 36.87 -27.71 30.16
CA SER J 173 38.11 -27.53 29.41
C SER J 173 37.88 -27.70 27.93
N TYR J 174 36.69 -28.22 27.63
CA TYR J 174 36.03 -28.70 26.47
C TYR J 174 35.49 -27.78 25.43
N LYS J 175 36.13 -26.63 25.15
CA LYS J 175 35.60 -25.66 24.23
C LYS J 175 35.07 -26.36 22.99
N VAL J 176 35.74 -27.43 22.51
CA VAL J 176 35.27 -28.12 21.33
C VAL J 176 33.90 -28.71 21.58
N GLN J 177 33.71 -29.37 22.74
CA GLN J 177 32.48 -30.04 23.04
C GLN J 177 31.39 -29.03 23.12
N CYS J 178 31.67 -27.88 23.75
CA CYS J 178 30.67 -26.86 23.94
C CYS J 178 30.25 -26.34 22.60
N LYS J 179 31.18 -26.21 21.65
CA LYS J 179 30.80 -25.68 20.37
C LYS J 179 29.87 -26.63 19.69
N MET J 180 30.20 -27.93 19.69
CA MET J 180 29.40 -28.86 18.95
C MET J 180 28.04 -28.93 19.52
N ASP J 181 27.92 -29.03 20.86
CA ASP J 181 26.59 -29.06 21.39
C ASP J 181 26.09 -27.67 21.27
N PHE J 182 24.84 -27.47 20.82
CA PHE J 182 24.45 -26.10 20.66
C PHE J 182 24.42 -25.43 21.98
N LYS J 183 23.74 -26.04 22.96
CA LYS J 183 23.66 -25.42 24.26
C LYS J 183 23.59 -26.53 25.25
N ILE J 184 23.88 -26.23 26.53
CA ILE J 184 23.83 -27.30 27.48
C ILE J 184 23.01 -26.86 28.66
N PHE J 185 22.16 -27.78 29.17
CA PHE J 185 21.34 -27.48 30.31
C PHE J 185 21.76 -28.42 31.40
N TRP J 186 22.04 -27.88 32.60
CA TRP J 186 22.47 -28.73 33.68
C TRP J 186 21.50 -28.53 34.80
N LEU J 187 20.93 -29.64 35.31
CA LEU J 187 20.05 -29.54 36.44
C LEU J 187 20.35 -30.66 37.36
N ASN J 188 20.23 -30.43 38.68
CA ASN J 188 20.45 -31.49 39.61
C ASN J 188 19.10 -31.94 40.03
N LEU J 189 18.74 -33.18 39.69
CA LEU J 189 17.42 -33.66 39.95
C LEU J 189 17.22 -33.85 41.41
N LYS J 190 16.04 -33.37 41.86
CA LYS J 190 15.51 -33.52 43.19
C LYS J 190 14.84 -34.86 43.13
N ASN J 191 14.63 -35.52 44.28
CA ASN J 191 14.10 -36.86 44.36
C ASN J 191 12.91 -36.96 43.45
N CYS J 192 13.08 -37.74 42.36
CA CYS J 192 12.11 -38.02 41.34
C CYS J 192 11.11 -39.02 41.83
N ASN J 193 11.54 -39.93 42.73
CA ASN J 193 10.63 -40.93 43.17
C ASN J 193 9.44 -40.29 43.82
N SER J 194 9.61 -39.12 44.47
CA SER J 194 8.46 -38.42 44.97
C SER J 194 7.77 -37.85 43.75
N PRO J 195 6.49 -38.08 43.66
CA PRO J 195 5.64 -37.72 42.54
C PRO J 195 5.60 -36.31 42.00
N GLU J 196 5.20 -35.32 42.83
CA GLU J 196 4.98 -33.98 42.36
C GLU J 196 6.26 -33.50 41.80
N THR J 197 7.35 -34.11 42.27
CA THR J 197 8.68 -33.69 41.93
C THR J 197 8.87 -33.65 40.46
N VAL J 198 8.40 -34.66 39.71
CA VAL J 198 8.67 -34.67 38.29
C VAL J 198 8.12 -33.43 37.65
N LEU J 199 6.85 -33.07 37.95
CA LEU J 199 6.30 -31.92 37.30
C LEU J 199 7.07 -30.71 37.71
N GLU J 200 7.47 -30.65 38.98
CA GLU J 200 8.15 -29.51 39.51
C GLU J 200 9.41 -29.32 38.72
N MET J 201 10.17 -30.41 38.48
CA MET J 201 11.43 -30.30 37.83
C MET J 201 11.24 -29.82 36.42
N LEU J 202 10.22 -30.36 35.74
CA LEU J 202 10.03 -30.07 34.36
C LEU J 202 9.58 -28.65 34.21
N GLN J 203 8.85 -28.12 35.21
CA GLN J 203 8.37 -26.78 35.10
C GLN J 203 9.55 -25.87 35.02
N LYS J 204 10.60 -26.14 35.82
CA LYS J 204 11.78 -25.32 35.83
C LYS J 204 12.39 -25.41 34.47
N LEU J 205 12.35 -26.59 33.85
CA LEU J 205 12.93 -26.79 32.56
C LEU J 205 12.23 -25.86 31.63
N LEU J 206 10.91 -25.78 31.79
CA LEU J 206 10.08 -25.03 30.91
C LEU J 206 10.50 -23.60 31.06
N TYR J 207 10.77 -23.17 32.31
CA TYR J 207 11.10 -21.79 32.55
C TYR J 207 12.39 -21.46 31.84
N GLN J 208 13.42 -22.30 32.01
CA GLN J 208 14.71 -22.02 31.46
C GLN J 208 14.66 -22.04 29.98
N ILE J 209 13.85 -22.95 29.40
CA ILE J 209 13.83 -23.06 27.97
C ILE J 209 13.38 -21.73 27.45
N ASP J 210 12.34 -21.16 28.08
CA ASP J 210 11.81 -19.85 27.79
C ASP J 210 10.78 -19.58 28.84
N PRO J 211 10.75 -18.37 29.29
CA PRO J 211 9.71 -17.89 30.17
C PRO J 211 8.56 -17.44 29.31
N ASN J 212 8.67 -17.70 27.99
CA ASN J 212 7.85 -17.19 26.92
C ASN J 212 6.38 -17.20 27.14
N TRP J 213 5.71 -17.83 26.15
CA TRP J 213 4.32 -18.18 25.98
C TRP J 213 4.15 -19.40 26.79
N THR J 214 5.31 -19.88 27.19
CA THR J 214 5.65 -21.03 27.91
C THR J 214 4.57 -21.16 28.95
N SER J 215 4.35 -20.09 29.72
CA SER J 215 3.42 -20.06 30.81
C SER J 215 1.95 -20.12 30.43
N ARG J 216 1.55 -19.69 29.21
CA ARG J 216 0.16 -19.50 28.86
C ARG J 216 -0.70 -20.75 28.89
N SER J 217 -0.25 -21.89 28.36
CA SER J 217 -1.10 -23.05 28.15
C SER J 217 -1.56 -23.67 29.43
N ASP J 218 -2.67 -24.43 29.31
CA ASP J 218 -3.41 -24.98 30.40
C ASP J 218 -2.57 -25.84 31.27
N HIS J 219 -2.47 -25.43 32.55
CA HIS J 219 -1.83 -26.26 33.51
C HIS J 219 -2.96 -26.97 34.15
N SER J 220 -3.07 -28.28 33.86
CA SER J 220 -4.18 -29.04 34.33
C SER J 220 -4.14 -29.17 35.80
N SER J 221 -5.32 -29.05 36.41
CA SER J 221 -5.45 -29.13 37.83
C SER J 221 -5.04 -30.51 38.20
N ASN J 222 -5.47 -31.51 37.42
CA ASN J 222 -5.07 -32.85 37.76
C ASN J 222 -3.73 -33.04 37.12
N ILE J 223 -2.91 -33.87 37.77
CA ILE J 223 -1.58 -34.15 37.29
C ILE J 223 -1.68 -34.88 36.00
N LYS J 224 -2.72 -35.72 35.85
CA LYS J 224 -2.85 -36.65 34.76
C LYS J 224 -2.61 -35.94 33.46
N LEU J 225 -3.21 -34.74 33.27
CA LEU J 225 -3.01 -33.98 32.07
C LEU J 225 -1.69 -33.23 32.01
N ARG J 226 -1.30 -32.55 33.10
CA ARG J 226 -0.21 -31.61 33.11
C ARG J 226 1.11 -32.23 32.73
N ILE J 227 1.45 -33.41 33.29
CA ILE J 227 2.76 -33.94 33.03
C ILE J 227 2.86 -34.21 31.55
N HIS J 228 1.80 -34.78 30.96
CA HIS J 228 1.82 -35.12 29.57
C HIS J 228 1.95 -33.86 28.80
N SER J 229 1.20 -32.82 29.20
CA SER J 229 1.21 -31.58 28.48
C SER J 229 2.58 -31.00 28.51
N ILE J 230 3.25 -31.09 29.68
CA ILE J 230 4.55 -30.50 29.74
C ILE J 230 5.48 -31.17 28.81
N GLN J 231 5.43 -32.51 28.72
CA GLN J 231 6.37 -33.17 27.87
C GLN J 231 6.16 -32.68 26.49
N ALA J 232 4.90 -32.46 26.09
CA ALA J 232 4.62 -32.01 24.76
C ALA J 232 5.25 -30.65 24.58
N GLU J 233 5.11 -29.76 25.58
CA GLU J 233 5.63 -28.43 25.43
C GLU J 233 7.12 -28.48 25.38
N LEU J 234 7.74 -29.35 26.19
CA LEU J 234 9.16 -29.42 26.26
C LEU J 234 9.66 -29.81 24.90
N ARG J 235 9.01 -30.81 24.27
CA ARG J 235 9.43 -31.27 22.98
C ARG J 235 9.30 -30.15 22.00
N ARG J 236 8.17 -29.41 22.08
CA ARG J 236 7.89 -28.35 21.16
C ARG J 236 8.96 -27.30 21.28
N LEU J 237 9.31 -26.91 22.52
CA LEU J 237 10.27 -25.87 22.65
C LEU J 237 11.60 -26.31 22.13
N LEU J 238 11.96 -27.59 22.31
CA LEU J 238 13.25 -27.96 21.82
C LEU J 238 13.32 -27.77 20.33
N LYS J 239 12.27 -28.15 19.60
CA LYS J 239 12.30 -28.01 18.18
C LYS J 239 12.34 -26.55 17.83
N SER J 240 11.59 -25.73 18.60
CA SER J 240 11.37 -24.36 18.27
C SER J 240 12.65 -23.61 18.13
N LYS J 241 13.64 -23.87 19.01
CA LYS J 241 14.84 -23.10 18.88
C LYS J 241 15.94 -23.99 18.37
N PRO J 242 17.15 -23.49 18.29
CA PRO J 242 18.27 -24.23 17.78
C PRO J 242 18.78 -25.35 18.63
N TYR J 243 18.00 -25.77 19.64
CA TYR J 243 18.30 -26.73 20.68
C TYR J 243 18.70 -28.10 20.20
N GLU J 244 18.36 -28.51 18.96
CA GLU J 244 18.37 -29.89 18.51
C GLU J 244 19.49 -30.73 19.03
N ASN J 245 20.80 -30.45 18.92
CA ASN J 245 21.69 -31.32 19.65
C ASN J 245 22.07 -30.51 20.85
N CYS J 246 21.24 -30.60 21.90
CA CYS J 246 21.41 -29.85 23.10
C CYS J 246 21.89 -30.81 24.13
N LEU J 247 22.90 -30.42 24.93
CA LEU J 247 23.41 -31.35 25.89
C LEU J 247 22.74 -31.07 27.18
N LEU J 248 22.09 -32.10 27.76
CA LEU J 248 21.44 -31.87 29.01
C LEU J 248 22.13 -32.75 29.99
N VAL J 249 22.41 -32.22 31.19
CA VAL J 249 23.05 -33.06 32.14
C VAL J 249 22.15 -33.19 33.31
N LEU J 250 21.78 -34.43 33.67
CA LEU J 250 20.95 -34.53 34.84
C LEU J 250 21.86 -34.98 35.92
N LEU J 251 22.03 -34.12 36.95
CA LEU J 251 22.90 -34.44 38.02
C LEU J 251 22.13 -35.13 39.10
N ASN J 252 22.77 -36.14 39.71
CA ASN J 252 22.20 -36.89 40.80
C ASN J 252 20.81 -37.34 40.47
N VAL J 253 20.65 -38.21 39.45
CA VAL J 253 19.32 -38.66 39.12
C VAL J 253 19.04 -39.89 39.91
N GLN J 254 18.10 -39.78 40.87
CA GLN J 254 17.68 -40.84 41.74
C GLN J 254 16.74 -41.81 41.07
N ASN J 255 15.76 -41.30 40.29
CA ASN J 255 14.70 -42.18 39.83
C ASN J 255 14.81 -42.43 38.35
N ALA J 256 14.39 -43.65 37.95
CA ALA J 256 14.42 -44.17 36.62
C ALA J 256 13.53 -43.36 35.73
N LYS J 257 12.41 -42.87 36.28
CA LYS J 257 11.45 -42.17 35.48
C LYS J 257 12.11 -41.01 34.80
N ALA J 258 13.07 -40.35 35.46
CA ALA J 258 13.71 -39.23 34.83
C ALA J 258 14.35 -39.75 33.58
N TRP J 259 14.95 -40.95 33.69
CA TRP J 259 15.65 -41.58 32.60
C TRP J 259 14.67 -41.87 31.51
N ASN J 260 13.47 -42.36 31.85
CA ASN J 260 12.52 -42.65 30.81
C ASN J 260 12.04 -41.37 30.18
N ALA J 261 11.92 -40.29 30.97
CA ALA J 261 11.47 -39.03 30.46
C ALA J 261 12.47 -38.62 29.42
N PHE J 262 13.75 -38.99 29.67
CA PHE J 262 14.84 -38.71 28.79
C PHE J 262 14.48 -39.29 27.47
N ASN J 263 13.93 -40.52 27.47
CA ASN J 263 13.66 -41.23 26.24
C ASN J 263 12.82 -40.32 25.41
N LEU J 264 11.78 -39.72 26.02
CA LEU J 264 11.07 -38.76 25.25
C LEU J 264 11.76 -37.48 25.56
N SER J 265 12.91 -37.23 24.91
CA SER J 265 13.69 -36.04 25.16
C SER J 265 14.87 -36.08 24.26
N CYS J 266 16.01 -35.54 24.75
CA CYS J 266 17.20 -35.46 23.94
C CYS J 266 18.32 -36.18 24.61
N LYS J 267 19.59 -35.84 24.24
CA LYS J 267 20.80 -36.45 24.70
C LYS J 267 21.12 -36.00 26.10
N ILE J 268 21.73 -36.91 26.89
CA ILE J 268 22.00 -36.61 28.28
C ILE J 268 23.29 -37.22 28.75
N LEU J 269 23.93 -36.54 29.73
CA LEU J 269 25.00 -37.07 30.53
C LEU J 269 24.40 -37.21 31.88
N LEU J 270 24.52 -38.39 32.52
CA LEU J 270 23.87 -38.50 33.78
C LEU J 270 24.87 -38.93 34.82
N THR J 271 24.71 -38.43 36.05
CA THR J 271 25.55 -38.84 37.15
C THR J 271 24.63 -39.54 38.11
N THR J 272 24.97 -40.79 38.52
CA THR J 272 24.07 -41.46 39.42
C THR J 272 24.83 -42.40 40.32
N ARG J 273 24.33 -42.59 41.55
CA ARG J 273 24.87 -43.41 42.60
C ARG J 273 24.55 -44.87 42.45
N PHE J 274 23.81 -45.23 41.42
CA PHE J 274 23.53 -46.62 41.23
C PHE J 274 24.24 -46.91 39.95
N LYS J 275 24.51 -48.18 39.62
CA LYS J 275 24.83 -48.61 38.28
C LYS J 275 23.58 -49.12 37.61
N GLN J 276 22.70 -49.83 38.37
CA GLN J 276 21.66 -50.50 37.66
C GLN J 276 20.69 -49.53 37.07
N VAL J 277 20.50 -48.34 37.68
CA VAL J 277 19.62 -47.34 37.12
C VAL J 277 20.04 -47.08 35.72
N THR J 278 21.35 -47.00 35.52
CA THR J 278 22.03 -46.75 34.29
C THR J 278 21.65 -47.83 33.33
N ASP J 279 21.68 -49.07 33.83
CA ASP J 279 21.47 -50.23 33.04
C ASP J 279 20.08 -50.20 32.51
N PHE J 280 19.10 -49.82 33.37
CA PHE J 280 17.72 -49.82 32.96
C PHE J 280 17.52 -48.83 31.86
N LEU J 281 18.12 -47.65 32.00
CA LEU J 281 17.97 -46.60 31.04
C LEU J 281 18.50 -47.04 29.71
N SER J 282 19.64 -47.75 29.71
CA SER J 282 20.29 -48.22 28.51
C SER J 282 19.40 -49.24 27.87
N ALA J 283 18.69 -50.03 28.68
CA ALA J 283 17.83 -51.02 28.09
C ALA J 283 16.71 -50.34 27.37
N ALA J 284 16.09 -49.32 28.02
CA ALA J 284 14.94 -48.71 27.44
C ALA J 284 15.31 -48.09 26.15
N THR J 285 16.40 -47.29 26.17
CA THR J 285 16.89 -46.70 24.97
C THR J 285 18.22 -47.30 24.78
N THR J 286 18.45 -47.87 23.59
CA THR J 286 19.70 -48.51 23.32
C THR J 286 20.74 -47.43 23.33
N THR J 287 21.96 -47.73 22.86
CA THR J 287 23.01 -46.76 22.91
C THR J 287 23.20 -46.15 24.25
N HIS J 288 23.79 -46.93 25.18
CA HIS J 288 24.16 -46.40 26.46
C HIS J 288 25.65 -46.45 26.52
N ILE J 289 26.25 -45.48 27.27
CA ILE J 289 27.67 -45.42 27.44
C ILE J 289 27.88 -45.36 28.92
N SER J 290 28.87 -46.11 29.46
CA SER J 290 28.96 -46.04 30.89
C SER J 290 30.36 -45.66 31.27
N LEU J 291 30.47 -44.70 32.20
CA LEU J 291 31.75 -44.33 32.72
C LEU J 291 31.60 -44.52 34.19
N ASP J 292 32.38 -45.44 34.77
CA ASP J 292 32.26 -45.69 36.16
C ASP J 292 33.40 -44.97 36.85
N HIS J 293 33.23 -44.39 38.07
CA HIS J 293 32.03 -44.40 38.86
C HIS J 293 31.92 -45.84 39.37
N HIS J 294 32.99 -46.55 39.11
CA HIS J 294 33.15 -47.93 39.42
C HIS J 294 34.32 -48.10 38.54
N SER J 295 34.84 -49.32 38.41
CA SER J 295 35.95 -49.63 37.57
C SER J 295 37.18 -49.73 38.44
N MET J 296 38.33 -49.46 37.81
CA MET J 296 39.71 -49.48 38.26
C MET J 296 40.03 -48.42 39.28
N THR J 297 39.37 -47.25 39.22
CA THR J 297 39.53 -46.07 40.06
C THR J 297 40.81 -45.28 39.99
N LEU J 298 41.29 -44.94 38.77
CA LEU J 298 42.35 -43.95 38.71
C LEU J 298 43.57 -44.48 39.39
N THR J 299 44.34 -43.55 39.97
CA THR J 299 45.52 -43.88 40.73
C THR J 299 45.45 -43.17 42.05
N PRO J 300 45.56 -43.92 43.12
CA PRO J 300 45.49 -43.34 44.43
C PRO J 300 46.61 -42.40 44.70
N ASP J 301 47.76 -42.56 44.02
CA ASP J 301 48.86 -41.68 44.26
C ASP J 301 48.44 -40.30 43.82
N GLU J 302 47.83 -40.21 42.64
CA GLU J 302 47.43 -38.95 42.10
C GLU J 302 46.37 -38.36 42.96
N VAL J 303 45.42 -39.21 43.41
CA VAL J 303 44.32 -38.71 44.18
C VAL J 303 44.90 -38.17 45.44
N LYS J 304 45.82 -38.91 46.07
CA LYS J 304 46.32 -38.49 47.33
C LYS J 304 47.00 -37.17 47.15
N SER J 305 47.69 -36.98 46.01
CA SER J 305 48.41 -35.76 45.80
C SER J 305 47.40 -34.65 45.73
N LEU J 306 46.18 -34.97 45.28
CA LEU J 306 45.14 -34.01 45.14
C LEU J 306 44.85 -33.44 46.46
N LEU J 307 44.61 -34.33 47.42
CA LEU J 307 44.19 -33.93 48.70
C LEU J 307 45.33 -33.21 49.28
N LEU J 308 46.53 -33.69 48.92
CA LEU J 308 47.75 -33.23 49.45
C LEU J 308 47.92 -31.79 49.12
N LYS J 309 47.59 -31.34 47.90
CA LYS J 309 47.81 -29.94 47.71
C LYS J 309 46.78 -29.13 48.44
N TYR J 310 45.54 -29.64 48.55
CA TYR J 310 44.51 -28.91 49.24
C TYR J 310 45.02 -28.59 50.61
N LEU J 311 45.37 -29.69 51.28
CA LEU J 311 45.77 -29.75 52.65
C LEU J 311 47.19 -29.28 52.94
N ASP J 312 48.13 -29.53 52.00
CA ASP J 312 49.57 -29.37 52.13
C ASP J 312 50.14 -30.11 53.34
N CYS J 313 50.38 -31.46 53.21
CA CYS J 313 50.80 -32.34 54.29
C CYS J 313 52.16 -33.02 54.14
N ARG J 314 52.36 -34.15 54.89
CA ARG J 314 53.59 -34.91 54.95
C ARG J 314 53.34 -36.35 54.59
N PRO J 315 54.36 -36.92 53.97
CA PRO J 315 54.38 -38.28 53.45
C PRO J 315 54.15 -39.32 54.49
N GLN J 316 54.64 -39.10 55.72
CA GLN J 316 54.43 -40.06 56.76
C GLN J 316 52.96 -40.07 56.99
N ASP J 317 52.39 -38.86 56.86
CA ASP J 317 51.00 -38.64 57.09
C ASP J 317 50.17 -39.30 56.06
N LEU J 318 50.76 -39.52 54.88
CA LEU J 318 50.01 -39.96 53.74
C LEU J 318 49.23 -41.18 53.96
N PRO J 319 49.78 -42.19 54.55
CA PRO J 319 49.02 -43.40 54.68
C PRO J 319 47.79 -43.16 55.49
N ARG J 320 47.78 -42.13 56.34
CA ARG J 320 46.54 -41.93 57.02
C ARG J 320 45.51 -41.56 56.00
N GLU J 321 45.91 -40.72 55.05
CA GLU J 321 45.09 -40.16 54.01
C GLU J 321 44.66 -41.22 53.06
N VAL J 322 45.57 -42.18 52.80
CA VAL J 322 45.39 -43.17 51.78
C VAL J 322 44.08 -43.77 52.13
N LEU J 323 43.82 -43.95 53.44
CA LEU J 323 42.53 -44.43 53.83
C LEU J 323 41.65 -43.22 54.03
N THR J 324 40.40 -43.30 53.56
CA THR J 324 39.91 -44.47 52.89
C THR J 324 39.93 -44.22 51.42
N THR J 325 39.57 -45.25 50.64
CA THR J 325 39.59 -45.18 49.20
C THR J 325 38.61 -44.18 48.68
N ASN J 326 37.37 -44.12 49.25
CA ASN J 326 36.39 -43.30 48.60
C ASN J 326 36.68 -41.84 48.66
N PRO J 327 36.46 -41.28 47.50
CA PRO J 327 36.65 -39.88 47.26
C PRO J 327 35.68 -39.07 48.05
N ARG J 328 34.46 -39.57 48.32
CA ARG J 328 33.60 -38.68 49.06
C ARG J 328 34.17 -38.55 50.41
N ARG J 329 34.62 -39.70 50.98
CA ARG J 329 35.14 -39.67 52.30
C ARG J 329 36.41 -38.89 52.31
N LEU J 330 37.19 -39.00 51.21
CA LEU J 330 38.44 -38.31 51.20
C LEU J 330 38.13 -36.86 51.33
N SER J 331 37.13 -36.37 50.62
CA SER J 331 37.00 -34.97 50.70
C SER J 331 36.31 -34.54 51.98
N ILE J 332 35.42 -35.38 52.56
CA ILE J 332 34.85 -35.00 53.83
C ILE J 332 35.97 -34.87 54.82
N ILE J 333 36.93 -35.81 54.77
CA ILE J 333 38.05 -35.82 55.65
C ILE J 333 38.87 -34.59 55.34
N ALA J 334 39.10 -34.29 54.05
CA ALA J 334 39.96 -33.22 53.65
C ALA J 334 39.46 -31.94 54.21
N GLU J 335 38.13 -31.74 54.15
CA GLU J 335 37.57 -30.53 54.66
C GLU J 335 37.87 -30.46 56.13
N SER J 336 37.72 -31.58 56.85
CA SER J 336 37.89 -31.62 58.27
C SER J 336 39.31 -31.31 58.59
N ILE J 337 40.25 -31.86 57.80
CA ILE J 337 41.64 -31.65 58.01
C ILE J 337 41.99 -30.21 57.77
N ARG J 338 41.33 -29.50 56.84
CA ARG J 338 41.71 -28.13 56.72
C ARG J 338 41.42 -27.50 58.04
N ASP J 339 40.30 -27.88 58.67
CA ASP J 339 40.08 -27.39 60.00
C ASP J 339 40.96 -28.02 61.08
N GLY J 340 41.35 -29.33 61.00
CA GLY J 340 42.07 -30.05 62.06
C GLY J 340 43.10 -31.09 61.47
N LEU J 341 43.26 -32.37 62.00
CA LEU J 341 44.43 -33.28 61.72
C LEU J 341 44.34 -34.66 60.88
N ALA J 342 45.49 -35.36 60.27
CA ALA J 342 45.49 -36.77 59.94
C ALA J 342 46.23 -37.21 61.15
N THR J 343 45.53 -37.30 62.30
CA THR J 343 46.20 -37.66 63.50
C THR J 343 45.26 -38.29 64.45
N TRP J 344 45.60 -38.21 65.75
CA TRP J 344 44.81 -38.84 66.77
C TRP J 344 43.44 -38.25 66.74
N ASP J 345 43.33 -36.92 66.59
CA ASP J 345 42.02 -36.32 66.58
C ASP J 345 41.22 -36.81 65.41
N ASN J 346 41.84 -36.86 64.22
CA ASN J 346 41.21 -37.20 62.97
C ASN J 346 40.68 -38.59 63.07
N TRP J 347 41.56 -39.52 63.48
CA TRP J 347 41.18 -40.88 63.57
C TRP J 347 40.12 -40.97 64.61
N LYS J 348 40.22 -40.12 65.65
CA LYS J 348 39.31 -40.16 66.74
C LYS J 348 37.91 -39.95 66.26
N HIS J 349 37.70 -38.96 65.36
CA HIS J 349 36.38 -38.65 64.89
C HIS J 349 35.83 -39.80 64.09
N VAL J 350 36.69 -40.31 63.17
CA VAL J 350 36.51 -41.30 62.14
C VAL J 350 35.75 -40.77 60.94
N ASN J 351 35.66 -39.43 60.80
CA ASN J 351 35.00 -38.74 59.70
C ASN J 351 33.62 -39.25 59.42
N CYS J 352 32.85 -39.31 60.51
CA CYS J 352 31.45 -39.64 60.51
C CYS J 352 30.51 -38.49 60.42
N ASP J 353 30.94 -37.26 60.80
CA ASP J 353 29.99 -36.20 61.02
C ASP J 353 29.15 -35.98 59.80
N LYS J 354 29.78 -35.75 58.64
CA LYS J 354 29.02 -35.55 57.44
C LYS J 354 28.33 -36.80 56.99
N LEU J 355 29.08 -37.91 56.94
CA LEU J 355 28.63 -39.13 56.35
C LEU J 355 27.48 -39.75 57.09
N THR J 356 27.47 -39.70 58.43
CA THR J 356 26.43 -40.37 59.15
C THR J 356 25.12 -39.78 58.73
N THR J 357 25.04 -38.44 58.67
CA THR J 357 23.81 -37.82 58.30
C THR J 357 23.51 -38.20 56.88
N ILE J 358 24.55 -38.25 56.03
CA ILE J 358 24.39 -38.49 54.64
C ILE J 358 23.78 -39.85 54.41
N ILE J 359 24.32 -40.88 55.09
CA ILE J 359 23.89 -42.23 54.95
C ILE J 359 22.48 -42.37 55.43
N GLU J 360 22.13 -41.62 56.51
CA GLU J 360 20.85 -41.76 57.12
C GLU J 360 19.79 -41.54 56.10
N SER J 361 19.96 -40.52 55.24
CA SER J 361 18.96 -40.25 54.26
C SER J 361 18.89 -41.43 53.34
N SER J 362 20.03 -42.11 53.12
CA SER J 362 20.10 -43.22 52.23
C SER J 362 19.23 -44.33 52.73
N LEU J 363 19.22 -44.55 54.06
CA LEU J 363 18.48 -45.65 54.62
C LEU J 363 17.02 -45.43 54.38
N ASN J 364 16.56 -44.17 54.50
CA ASN J 364 15.17 -43.86 54.43
C ASN J 364 14.63 -44.25 53.09
N VAL J 365 15.45 -44.17 52.03
CA VAL J 365 14.96 -44.41 50.71
C VAL J 365 14.40 -45.81 50.57
N LEU J 366 15.00 -46.83 51.24
CA LEU J 366 14.53 -48.20 51.16
C LEU J 366 13.43 -48.42 52.21
N GLU J 367 12.81 -49.64 52.31
CA GLU J 367 11.72 -49.90 53.23
C GLU J 367 12.23 -50.58 54.48
N PRO J 368 12.05 -49.86 55.55
CA PRO J 368 12.58 -50.17 56.85
C PRO J 368 12.24 -51.50 57.43
N ALA J 369 11.01 -52.02 57.25
CA ALA J 369 10.77 -53.21 58.01
C ALA J 369 11.65 -54.32 57.57
N GLU J 370 11.54 -54.72 56.29
CA GLU J 370 12.34 -55.83 55.88
C GLU J 370 13.75 -55.44 55.59
N TYR J 371 13.91 -54.45 54.70
CA TYR J 371 15.21 -54.06 54.20
C TYR J 371 16.03 -53.40 55.26
N ARG J 372 15.43 -52.46 56.00
CA ARG J 372 16.20 -51.76 56.99
C ARG J 372 16.66 -52.78 57.99
N LYS J 373 15.77 -53.71 58.37
CA LYS J 373 16.10 -54.72 59.33
C LYS J 373 17.12 -55.65 58.78
N MET J 374 16.94 -56.08 57.52
CA MET J 374 17.81 -57.05 56.94
C MET J 374 19.22 -56.52 56.84
N PHE J 375 19.36 -55.25 56.46
CA PHE J 375 20.64 -54.58 56.40
C PHE J 375 21.19 -54.41 57.78
N ASP J 376 20.32 -54.11 58.75
CA ASP J 376 20.77 -53.75 60.07
C ASP J 376 21.58 -54.88 60.64
N ARG J 377 21.25 -56.12 60.25
CA ARG J 377 21.87 -57.32 60.74
C ARG J 377 23.32 -57.43 60.31
N LEU J 378 23.67 -56.92 59.13
CA LEU J 378 24.97 -57.15 58.50
C LEU J 378 26.08 -56.74 59.41
N SER J 379 25.79 -55.93 60.43
CA SER J 379 26.78 -55.38 61.32
C SER J 379 27.75 -56.42 61.91
N VAL J 380 27.32 -57.52 62.63
CA VAL J 380 28.26 -58.47 63.25
C VAL J 380 28.81 -59.35 62.19
N PHE J 381 29.87 -58.85 61.52
CA PHE J 381 30.58 -59.52 60.49
C PHE J 381 31.90 -58.85 60.37
N PRO J 382 32.83 -59.58 59.86
CA PRO J 382 34.09 -58.94 59.62
C PRO J 382 34.04 -58.02 58.46
N PRO J 383 34.66 -56.88 58.62
CA PRO J 383 34.67 -55.89 57.58
C PRO J 383 35.69 -56.19 56.55
N SER J 384 35.42 -55.82 55.29
CA SER J 384 36.36 -55.98 54.23
C SER J 384 36.82 -57.39 54.21
N ALA J 385 35.98 -58.32 54.71
CA ALA J 385 36.42 -59.67 54.68
C ALA J 385 35.37 -60.47 54.00
N HIS J 386 35.68 -60.92 52.78
CA HIS J 386 34.81 -61.68 51.93
C HIS J 386 34.10 -62.73 52.75
N ILE J 387 32.78 -62.55 52.90
CA ILE J 387 32.01 -63.46 53.68
C ILE J 387 31.03 -64.11 52.78
N PRO J 388 31.01 -65.41 52.80
CA PRO J 388 30.15 -66.15 51.92
C PRO J 388 28.71 -65.95 52.22
N THR J 389 27.84 -66.18 51.21
CA THR J 389 26.43 -65.98 51.31
C THR J 389 25.85 -66.89 52.34
N ILE J 390 26.34 -68.13 52.43
CA ILE J 390 25.81 -69.08 53.36
C ILE J 390 25.91 -68.46 54.72
N LEU J 391 27.04 -67.78 54.98
CA LEU J 391 27.28 -67.11 56.21
C LEU J 391 26.30 -65.98 56.34
N LEU J 392 26.05 -65.31 55.21
CA LEU J 392 25.24 -64.15 55.11
C LEU J 392 23.83 -64.52 55.46
N SER J 393 23.39 -65.72 55.03
CA SER J 393 22.03 -66.14 55.24
C SER J 393 21.75 -66.20 56.71
N LEU J 394 22.73 -66.55 57.55
CA LEU J 394 22.43 -66.67 58.94
C LEU J 394 21.95 -65.35 59.44
N ILE J 395 22.72 -64.29 59.17
CA ILE J 395 22.38 -62.97 59.60
C ILE J 395 21.20 -62.44 58.84
N TRP J 396 21.19 -62.62 57.51
CA TRP J 396 20.15 -61.98 56.77
C TRP J 396 18.82 -62.58 57.12
N PHE J 397 18.74 -63.91 57.35
CA PHE J 397 17.46 -64.52 57.58
C PHE J 397 16.78 -64.01 58.82
N ASP J 398 15.77 -63.12 58.65
CA ASP J 398 14.80 -62.84 59.68
C ASP J 398 13.63 -63.75 59.43
N VAL J 399 13.28 -64.06 58.04
CA VAL J 399 12.28 -64.88 57.44
C VAL J 399 13.13 -65.79 56.62
N ILE J 400 12.60 -66.91 56.09
CA ILE J 400 13.60 -67.70 55.44
C ILE J 400 13.21 -68.16 54.07
N LYS J 401 14.24 -68.15 53.20
CA LYS J 401 14.24 -68.55 51.82
C LYS J 401 14.73 -67.42 51.01
N SER J 402 14.49 -67.48 49.69
CA SER J 402 15.01 -66.54 48.74
C SER J 402 14.53 -65.16 49.08
N ASP J 403 13.58 -65.04 50.03
CA ASP J 403 13.02 -63.77 50.38
C ASP J 403 14.17 -62.91 50.77
N VAL J 404 15.06 -63.51 51.55
CA VAL J 404 16.24 -62.87 52.04
C VAL J 404 17.11 -62.54 50.88
N MET J 405 17.11 -63.43 49.87
CA MET J 405 17.92 -63.26 48.70
C MET J 405 17.48 -62.00 47.99
N VAL J 406 16.17 -61.82 47.80
CA VAL J 406 15.62 -60.68 47.11
C VAL J 406 15.72 -59.42 47.92
N VAL J 407 15.42 -59.52 49.23
CA VAL J 407 15.35 -58.34 50.03
C VAL J 407 16.69 -57.67 50.04
N VAL J 408 17.79 -58.43 50.09
CA VAL J 408 19.08 -57.81 50.01
C VAL J 408 19.21 -57.18 48.66
N ASN J 409 18.63 -57.84 47.64
CA ASN J 409 18.80 -57.49 46.26
C ASN J 409 18.36 -56.09 46.00
N LYS J 410 17.22 -55.67 46.58
CA LYS J 410 16.68 -54.37 46.30
C LYS J 410 17.68 -53.32 46.70
N LEU J 411 18.38 -53.58 47.81
CA LEU J 411 19.37 -52.62 48.23
C LEU J 411 20.67 -52.74 47.43
N HIS J 412 21.10 -54.04 47.23
CA HIS J 412 22.34 -54.77 47.03
C HIS J 412 23.00 -54.27 45.82
N LYS J 413 22.18 -53.84 44.86
CA LYS J 413 22.66 -53.65 43.55
C LYS J 413 23.78 -52.65 43.64
N TYR J 414 23.73 -51.80 44.73
CA TYR J 414 23.66 -50.34 44.68
C TYR J 414 24.99 -50.00 44.24
N SER J 415 25.87 -50.58 45.02
CA SER J 415 27.08 -50.05 45.34
C SER J 415 27.30 -50.69 46.64
N LEU J 416 27.75 -49.83 47.55
CA LEU J 416 28.55 -50.25 48.63
C LEU J 416 27.70 -50.18 49.84
N VAL J 417 26.42 -50.50 49.62
CA VAL J 417 25.67 -50.90 50.75
C VAL J 417 26.20 -52.25 51.13
N GLU J 418 25.96 -53.26 50.27
CA GLU J 418 26.63 -54.52 50.19
C GLU J 418 27.03 -54.81 48.78
N LYS J 419 28.10 -55.62 48.59
CA LYS J 419 28.49 -55.93 47.25
C LYS J 419 28.60 -57.42 47.12
N GLN J 420 28.17 -57.97 45.98
CA GLN J 420 28.29 -59.39 45.82
C GLN J 420 29.07 -59.69 44.58
N PRO J 421 30.18 -60.35 44.79
CA PRO J 421 31.03 -60.77 43.71
C PRO J 421 30.47 -61.86 42.87
N LYS J 422 29.80 -62.69 43.55
CA LYS J 422 29.29 -63.83 42.86
C LYS J 422 28.37 -64.53 43.81
N GLU J 423 27.88 -65.72 43.43
CA GLU J 423 26.95 -66.48 44.21
C GLU J 423 27.59 -66.81 45.52
N SER J 424 28.94 -66.93 45.52
CA SER J 424 29.73 -67.32 46.66
C SER J 424 29.62 -66.39 47.84
N THR J 425 29.95 -65.08 47.71
CA THR J 425 29.95 -64.33 48.95
C THR J 425 29.54 -62.91 48.74
N ILE J 426 29.22 -62.24 49.86
CA ILE J 426 28.95 -60.84 49.79
C ILE J 426 29.82 -60.22 50.83
N SER J 427 30.35 -59.02 50.57
CA SER J 427 31.17 -58.44 51.59
C SER J 427 30.51 -57.17 51.95
N ILE J 428 30.85 -56.59 53.13
CA ILE J 428 30.33 -55.30 53.47
C ILE J 428 31.22 -54.32 52.77
N PRO J 429 30.59 -53.45 52.04
CA PRO J 429 31.33 -52.70 51.10
C PRO J 429 32.49 -51.94 51.42
N SER J 430 32.42 -51.17 52.47
CA SER J 430 33.56 -50.44 52.76
C SER J 430 33.27 -49.88 54.08
N ILE J 431 34.21 -49.05 54.53
CA ILE J 431 34.24 -48.40 55.79
C ILE J 431 33.03 -47.53 55.92
N TYR J 432 32.58 -46.91 54.82
CA TYR J 432 31.52 -45.95 54.89
C TYR J 432 30.26 -46.51 55.47
N LEU J 433 29.76 -47.64 54.91
CA LEU J 433 28.50 -48.14 55.36
C LEU J 433 28.65 -48.59 56.78
N GLU J 434 29.73 -49.36 57.04
CA GLU J 434 29.94 -49.96 58.33
C GLU J 434 30.12 -48.89 59.34
N LEU J 435 30.78 -47.79 58.95
CA LEU J 435 31.07 -46.75 59.89
C LEU J 435 29.76 -46.27 60.38
N LYS J 436 28.77 -46.17 59.50
CA LYS J 436 27.47 -45.71 59.90
C LYS J 436 26.91 -46.64 60.92
N VAL J 437 26.93 -47.95 60.61
CA VAL J 437 26.28 -48.92 61.45
C VAL J 437 26.94 -49.02 62.78
N LYS J 438 28.29 -48.98 62.83
CA LYS J 438 28.94 -49.20 64.08
C LYS J 438 28.51 -48.21 65.11
N LEU J 439 28.37 -46.91 64.75
CA LEU J 439 27.97 -45.97 65.75
C LEU J 439 26.59 -46.30 66.26
N GLU J 440 25.65 -46.64 65.35
CA GLU J 440 24.30 -46.87 65.78
C GLU J 440 24.03 -48.33 65.91
N ASN J 441 23.79 -48.79 67.15
CA ASN J 441 23.50 -50.18 67.33
C ASN J 441 22.70 -50.27 68.60
N GLU J 442 22.01 -51.42 68.83
CA GLU J 442 21.19 -51.62 69.99
C GLU J 442 21.57 -52.95 70.55
N TYR J 443 21.04 -53.38 71.72
CA TYR J 443 21.65 -54.60 72.12
C TYR J 443 20.87 -55.73 71.57
N ALA J 444 20.88 -55.82 70.23
CA ALA J 444 20.52 -56.88 69.33
C ALA J 444 21.71 -57.79 69.27
N LEU J 445 22.89 -57.18 69.53
CA LEU J 445 24.15 -57.81 69.34
C LEU J 445 24.22 -59.11 70.04
N HIS J 446 23.65 -59.24 71.25
CA HIS J 446 23.78 -60.49 71.96
C HIS J 446 23.24 -61.60 71.14
N ARG J 447 22.05 -61.44 70.55
CA ARG J 447 21.48 -62.51 69.79
C ARG J 447 22.37 -62.81 68.62
N SER J 448 22.89 -61.77 67.97
CA SER J 448 23.68 -62.00 66.79
C SER J 448 24.91 -62.78 67.14
N ILE J 449 25.58 -62.40 68.24
CA ILE J 449 26.80 -63.07 68.62
C ILE J 449 26.48 -64.49 68.93
N VAL J 450 25.33 -64.73 69.60
CA VAL J 450 25.00 -66.06 69.97
C VAL J 450 24.80 -66.87 68.73
N ASP J 451 24.26 -66.25 67.66
CA ASP J 451 23.99 -66.97 66.46
C ASP J 451 25.30 -67.51 65.94
N HIS J 452 26.37 -66.71 66.05
CA HIS J 452 27.65 -67.15 65.55
C HIS J 452 28.08 -68.36 66.29
N TYR J 453 27.86 -68.42 67.62
CA TYR J 453 28.29 -69.60 68.32
C TYR J 453 27.56 -70.77 67.76
N ASN J 454 26.25 -70.59 67.53
CA ASN J 454 25.43 -71.67 67.07
C ASN J 454 25.93 -72.16 65.75
N ILE J 455 26.33 -71.24 64.84
CA ILE J 455 26.71 -71.72 63.54
C ILE J 455 27.90 -72.65 63.61
N PRO J 456 29.03 -72.38 64.24
CA PRO J 456 29.97 -73.46 64.30
C PRO J 456 29.55 -74.64 65.12
N LYS J 457 28.60 -74.45 66.06
CA LYS J 457 28.16 -75.58 66.81
C LYS J 457 27.56 -76.57 65.86
N THR J 458 26.72 -76.08 64.95
CA THR J 458 26.06 -76.95 64.02
C THR J 458 27.09 -77.59 63.15
N PHE J 459 28.05 -76.81 62.65
CA PHE J 459 29.07 -77.39 61.83
C PHE J 459 29.83 -78.34 62.69
N ASP J 460 29.87 -79.62 62.31
CA ASP J 460 30.61 -80.53 63.12
C ASP J 460 30.88 -81.76 62.32
N SER J 461 32.14 -82.22 62.36
CA SER J 461 32.49 -83.46 61.71
C SER J 461 32.94 -84.35 62.82
N ASP J 462 33.00 -85.68 62.59
CA ASP J 462 33.34 -86.57 63.66
C ASP J 462 34.68 -86.18 64.17
N ASP J 463 35.65 -86.05 63.25
CA ASP J 463 36.95 -85.69 63.69
C ASP J 463 37.10 -84.20 63.70
N LEU J 464 38.35 -83.76 63.90
CA LEU J 464 38.81 -82.43 64.13
C LEU J 464 38.76 -81.52 62.94
N ILE J 465 38.34 -81.98 61.75
CA ILE J 465 38.40 -81.10 60.60
C ILE J 465 37.06 -80.48 60.28
N PRO J 466 37.10 -79.16 60.27
CA PRO J 466 35.94 -78.34 59.99
C PRO J 466 35.57 -78.24 58.54
N PRO J 467 34.31 -78.03 58.31
CA PRO J 467 33.73 -77.86 56.99
C PRO J 467 33.97 -76.50 56.39
N TYR J 468 34.74 -75.62 57.08
CA TYR J 468 35.00 -74.24 56.71
C TYR J 468 34.90 -73.98 55.25
N LEU J 469 34.29 -72.82 54.94
CA LEU J 469 33.96 -72.37 53.62
C LEU J 469 35.07 -71.52 53.11
N ASP J 470 34.80 -70.49 52.28
CA ASP J 470 35.89 -69.82 51.62
C ASP J 470 36.93 -69.31 52.58
N GLN J 471 36.85 -68.02 52.99
CA GLN J 471 37.80 -67.55 53.97
C GLN J 471 37.18 -67.14 55.27
N TYR J 472 35.90 -66.71 55.23
CA TYR J 472 35.23 -66.00 56.29
C TYR J 472 35.45 -66.71 57.56
N PHE J 473 35.12 -68.00 57.56
CA PHE J 473 35.16 -68.71 58.80
C PHE J 473 36.54 -68.67 59.35
N TYR J 474 37.55 -68.91 58.50
CA TYR J 474 38.88 -68.99 59.02
C TYR J 474 39.24 -67.70 59.70
N SER J 475 39.03 -66.55 59.04
CA SER J 475 39.39 -65.30 59.65
C SER J 475 38.50 -64.98 60.82
N HIS J 476 37.18 -64.95 60.54
CA HIS J 476 36.10 -64.47 61.36
C HIS J 476 35.80 -65.30 62.59
N ILE J 477 35.94 -66.63 62.51
CA ILE J 477 35.44 -67.49 63.56
C ILE J 477 36.01 -67.14 64.89
N GLY J 478 37.33 -66.95 64.99
CA GLY J 478 37.93 -66.70 66.27
C GLY J 478 37.40 -65.41 66.83
N HIS J 479 37.23 -64.39 65.96
CA HIS J 479 36.82 -63.09 66.42
C HIS J 479 35.48 -63.19 67.07
N HIS J 480 34.52 -63.88 66.43
CA HIS J 480 33.20 -63.96 66.98
C HIS J 480 33.28 -64.71 68.26
N LEU J 481 34.12 -65.76 68.29
CA LEU J 481 34.30 -66.61 69.43
C LEU J 481 34.83 -65.82 70.58
N LYS J 482 35.80 -64.94 70.32
CA LYS J 482 36.39 -64.21 71.41
C LYS J 482 35.31 -63.47 72.10
N ASN J 483 34.43 -62.85 71.31
CA ASN J 483 33.38 -62.12 71.91
C ASN J 483 32.52 -63.07 72.68
N ILE J 484 32.22 -64.25 72.08
CA ILE J 484 31.27 -65.10 72.75
C ILE J 484 31.78 -65.64 74.04
N GLU J 485 32.97 -66.27 74.07
CA GLU J 485 33.46 -66.86 75.28
C GLU J 485 34.76 -67.55 75.04
N HIS J 486 35.40 -67.95 76.16
CA HIS J 486 36.63 -68.69 76.19
C HIS J 486 36.50 -70.11 75.74
N PRO J 487 35.58 -70.92 76.24
CA PRO J 487 35.60 -72.34 75.95
C PRO J 487 35.68 -72.72 74.51
N GLU J 488 34.89 -72.10 73.62
CA GLU J 488 34.93 -72.50 72.23
C GLU J 488 36.26 -72.14 71.69
N ARG J 489 36.77 -70.98 72.13
CA ARG J 489 37.98 -70.45 71.60
C ARG J 489 39.06 -71.46 71.79
N MET J 490 39.09 -72.08 72.98
CA MET J 490 40.13 -73.02 73.31
C MET J 490 40.15 -74.13 72.30
N THR J 491 38.99 -74.75 72.02
CA THR J 491 39.00 -75.87 71.11
C THR J 491 39.28 -75.41 69.72
N LEU J 492 38.59 -74.34 69.28
CA LEU J 492 38.69 -73.88 67.93
C LEU J 492 40.05 -73.37 67.61
N PHE J 493 40.65 -72.57 68.52
CA PHE J 493 41.93 -72.00 68.24
C PHE J 493 42.86 -73.12 68.03
N ARG J 494 42.62 -74.27 68.68
CA ARG J 494 43.45 -75.34 68.23
C ARG J 494 44.85 -74.92 68.66
N MET J 495 44.84 -74.23 69.79
CA MET J 495 46.08 -74.08 70.46
C MET J 495 46.13 -75.46 71.02
N VAL J 496 44.93 -75.89 71.44
CA VAL J 496 44.70 -77.21 71.90
C VAL J 496 44.90 -78.18 70.77
N PHE J 497 44.17 -77.79 69.68
CA PHE J 497 44.14 -78.75 68.65
C PHE J 497 45.01 -78.38 67.54
N LEU J 498 45.61 -79.49 67.18
CA LEU J 498 46.76 -79.51 66.38
C LEU J 498 46.33 -79.53 64.94
N ASP J 499 45.09 -79.95 64.75
CA ASP J 499 44.56 -79.98 63.44
C ASP J 499 44.52 -78.64 62.78
N PHE J 500 44.22 -77.53 63.46
CA PHE J 500 44.11 -76.29 62.74
C PHE J 500 45.44 -75.72 62.56
N ARG J 501 46.43 -76.27 63.29
CA ARG J 501 47.75 -75.96 62.90
C ARG J 501 47.79 -76.34 61.46
N PHE J 502 47.48 -77.60 61.13
CA PHE J 502 47.31 -78.12 59.80
C PHE J 502 46.39 -77.24 59.00
N LEU J 503 45.05 -77.19 59.29
CA LEU J 503 44.18 -76.68 58.29
C LEU J 503 44.30 -75.24 58.06
N GLU J 504 44.38 -74.43 59.12
CA GLU J 504 44.43 -73.01 58.88
C GLU J 504 45.62 -72.73 58.04
N GLN J 505 46.74 -73.32 58.41
CA GLN J 505 47.98 -73.06 57.77
C GLN J 505 47.95 -73.49 56.32
N LYS J 506 47.56 -74.74 56.00
CA LYS J 506 47.70 -75.05 54.60
C LYS J 506 46.69 -74.32 53.78
N ILE J 507 45.45 -74.15 54.27
CA ILE J 507 44.51 -73.46 53.44
C ILE J 507 44.84 -72.02 53.16
N ARG J 508 45.31 -71.22 54.13
CA ARG J 508 45.57 -69.86 53.70
C ARG J 508 46.95 -69.76 53.14
N HIS J 509 47.27 -70.66 52.19
CA HIS J 509 48.44 -70.68 51.34
C HIS J 509 48.14 -69.97 50.06
N ASP J 510 46.85 -69.92 49.68
CA ASP J 510 46.37 -69.43 48.41
C ASP J 510 46.52 -67.95 48.28
N SER J 511 46.98 -67.55 47.07
CA SER J 511 47.14 -66.21 46.61
C SER J 511 47.66 -66.36 45.22
N THR J 512 47.78 -65.24 44.49
CA THR J 512 48.36 -65.35 43.18
C THR J 512 49.49 -64.39 43.13
N ALA J 513 50.74 -64.91 43.19
CA ALA J 513 51.85 -64.01 43.08
C ALA J 513 52.97 -64.77 42.46
N TRP J 514 53.68 -64.14 41.51
CA TRP J 514 54.76 -64.83 40.93
C TRP J 514 55.78 -65.01 41.99
N ASN J 515 56.17 -63.91 42.67
CA ASN J 515 57.21 -63.95 43.63
C ASN J 515 56.79 -64.73 44.81
N ALA J 516 57.79 -65.35 45.44
CA ALA J 516 57.72 -66.24 46.53
C ALA J 516 57.10 -65.66 47.80
N SER J 517 57.15 -64.34 48.01
CA SER J 517 56.34 -63.96 49.14
C SER J 517 55.87 -62.55 48.92
N GLY J 518 55.55 -61.81 49.99
CA GLY J 518 54.94 -60.54 50.09
C GLY J 518 54.12 -60.72 51.31
N SER J 519 53.19 -59.80 51.62
CA SER J 519 52.42 -60.01 52.81
C SER J 519 51.01 -60.25 52.37
N ILE J 520 50.49 -61.47 52.61
CA ILE J 520 49.13 -61.80 52.30
C ILE J 520 48.61 -62.65 53.41
N LEU J 521 47.27 -62.81 53.49
CA LEU J 521 46.69 -63.64 54.51
C LEU J 521 47.33 -64.99 54.48
N ASN J 522 47.99 -65.32 55.60
CA ASN J 522 48.66 -66.56 55.78
C ASN J 522 48.71 -66.72 57.26
N THR J 523 49.90 -67.09 57.75
CA THR J 523 50.14 -67.28 59.16
C THR J 523 49.86 -65.98 59.84
N LEU J 524 50.08 -64.86 59.13
CA LEU J 524 50.00 -63.56 59.73
C LEU J 524 48.67 -63.38 60.40
N GLN J 525 47.56 -63.74 59.73
CA GLN J 525 46.27 -63.57 60.34
C GLN J 525 46.09 -64.53 61.49
N GLN J 526 46.58 -65.77 61.33
CA GLN J 526 46.42 -66.81 62.31
C GLN J 526 47.02 -66.35 63.61
N LEU J 527 48.26 -65.83 63.57
CA LEU J 527 48.94 -65.40 64.75
C LEU J 527 48.14 -64.27 65.33
N LYS J 528 47.51 -63.46 64.46
CA LYS J 528 46.76 -62.33 64.90
C LYS J 528 45.63 -62.80 65.75
N PHE J 529 44.97 -63.91 65.38
CA PHE J 529 43.83 -64.33 66.15
C PHE J 529 44.27 -64.70 67.51
N TYR J 530 45.38 -65.45 67.61
CA TYR J 530 45.75 -65.95 68.89
C TYR J 530 45.99 -64.82 69.84
N LYS J 531 46.70 -63.76 69.42
CA LYS J 531 47.04 -62.75 70.38
C LYS J 531 45.83 -62.04 70.94
N PRO J 532 44.94 -61.43 70.21
CA PRO J 532 43.85 -60.78 70.91
C PRO J 532 42.80 -61.67 71.51
N TYR J 533 42.60 -62.88 70.98
CA TYR J 533 41.57 -63.76 71.43
C TYR J 533 41.85 -64.35 72.78
N ILE J 534 43.14 -64.47 73.19
CA ILE J 534 43.53 -65.23 74.36
C ILE J 534 42.85 -64.71 75.59
N CYS J 535 42.52 -63.41 75.66
CA CYS J 535 42.04 -62.83 76.87
C CYS J 535 40.84 -63.57 77.36
N ASP J 536 40.06 -64.15 76.44
CA ASP J 536 38.86 -64.82 76.84
C ASP J 536 39.22 -65.94 77.78
N ASN J 537 40.49 -66.40 77.72
CA ASN J 537 40.97 -67.49 78.55
C ASN J 537 41.80 -66.98 79.70
N ASP J 538 42.43 -67.94 80.44
CA ASP J 538 43.28 -67.67 81.57
C ASP J 538 44.73 -67.97 81.25
N PRO J 539 45.58 -67.90 82.26
CA PRO J 539 46.98 -68.21 82.06
C PRO J 539 47.34 -69.62 81.70
N LYS J 540 46.65 -70.64 82.26
CA LYS J 540 47.04 -72.00 82.01
C LYS J 540 46.99 -72.20 80.55
N TYR J 541 45.88 -71.75 79.94
CA TYR J 541 45.72 -71.85 78.52
C TYR J 541 46.71 -70.93 77.89
N GLU J 542 46.99 -69.79 78.55
CA GLU J 542 47.85 -68.79 78.01
C GLU J 542 49.20 -69.39 77.76
N ARG J 543 49.69 -70.21 78.70
CA ARG J 543 50.98 -70.78 78.46
C ARG J 543 50.90 -71.70 77.29
N LEU J 544 49.81 -72.48 77.19
CA LEU J 544 49.69 -73.43 76.13
C LEU J 544 49.70 -72.68 74.85
N VAL J 545 48.93 -71.58 74.78
CA VAL J 545 48.86 -70.88 73.54
C VAL J 545 50.21 -70.40 73.15
N ASN J 546 51.05 -69.98 74.12
CA ASN J 546 52.34 -69.53 73.73
C ASN J 546 53.13 -70.68 73.19
N ALA J 547 52.92 -71.89 73.75
CA ALA J 547 53.68 -73.03 73.32
C ALA J 547 53.45 -73.22 71.85
N ILE J 548 52.18 -73.14 71.43
CA ILE J 548 51.86 -73.34 70.04
C ILE J 548 52.46 -72.21 69.29
N LEU J 549 52.37 -71.01 69.89
CA LEU J 549 52.80 -69.81 69.23
C LEU J 549 54.27 -69.88 68.97
N ASP J 550 55.09 -70.32 69.94
CA ASP J 550 56.51 -70.35 69.69
C ASP J 550 56.78 -71.36 68.61
N PHE J 551 56.01 -72.47 68.59
CA PHE J 551 56.26 -73.49 67.63
C PHE J 551 56.03 -72.96 66.25
N LEU J 552 55.01 -72.12 66.07
CA LEU J 552 54.69 -71.62 64.76
C LEU J 552 55.81 -70.80 64.19
N PRO J 553 56.35 -69.78 64.81
CA PRO J 553 57.48 -69.18 64.19
C PRO J 553 58.68 -70.05 64.17
N LYS J 554 58.74 -71.08 65.02
CA LYS J 554 59.91 -71.91 65.04
C LYS J 554 60.03 -72.55 63.69
N ILE J 555 58.89 -73.05 63.17
CA ILE J 555 58.93 -73.77 61.94
C ILE J 555 59.17 -72.82 60.82
N GLU J 556 60.19 -73.15 59.99
CA GLU J 556 60.65 -72.36 58.90
C GLU J 556 59.87 -72.64 57.65
N GLU J 557 60.09 -71.76 56.66
CA GLU J 557 59.41 -71.80 55.40
C GLU J 557 59.64 -73.14 54.79
N ASN J 558 58.53 -73.83 54.55
CA ASN J 558 58.46 -75.11 53.92
C ASN J 558 57.04 -75.22 53.50
N LEU J 559 56.70 -76.35 52.85
CA LEU J 559 55.34 -76.63 52.50
C LEU J 559 54.85 -77.46 53.65
N ILE J 560 53.75 -77.03 54.33
CA ILE J 560 53.19 -77.81 55.40
C ILE J 560 52.63 -79.03 54.75
N CYS J 561 51.89 -78.80 53.65
CA CYS J 561 51.22 -79.88 52.99
C CYS J 561 52.23 -80.92 52.63
N SER J 562 51.98 -82.13 53.12
CA SER J 562 52.79 -83.31 53.01
C SER J 562 51.88 -84.36 53.54
N LYS J 563 52.31 -85.51 54.03
CA LYS J 563 51.21 -86.08 54.70
C LYS J 563 51.05 -85.43 55.96
N TYR J 564 49.91 -85.77 56.45
CA TYR J 564 49.32 -85.20 57.60
C TYR J 564 50.15 -85.57 58.78
N THR J 565 50.90 -86.66 58.63
CA THR J 565 51.80 -87.24 59.55
C THR J 565 52.67 -86.21 60.13
N ASP J 566 53.15 -85.34 59.24
CA ASP J 566 54.19 -84.47 59.63
C ASP J 566 53.79 -83.63 60.78
N LEU J 567 52.56 -83.16 60.75
CA LEU J 567 52.16 -82.29 61.79
C LEU J 567 52.35 -83.06 63.06
N LEU J 568 51.93 -84.34 63.10
CA LEU J 568 51.95 -84.99 64.36
C LEU J 568 53.39 -85.20 64.80
N ARG J 569 54.38 -85.50 63.88
CA ARG J 569 55.69 -85.66 64.39
C ARG J 569 56.26 -84.35 64.87
N ILE J 570 55.99 -83.22 64.19
CA ILE J 570 56.58 -82.03 64.75
C ILE J 570 55.99 -81.74 66.09
N ALA J 571 54.71 -82.09 66.28
CA ALA J 571 54.04 -81.82 67.53
C ALA J 571 54.81 -82.48 68.62
N LEU J 572 55.43 -83.62 68.29
CA LEU J 572 56.10 -84.49 69.21
C LEU J 572 57.24 -83.79 69.91
N MET J 573 57.82 -82.74 69.32
CA MET J 573 59.03 -82.16 69.87
C MET J 573 58.93 -81.71 71.32
N ALA J 574 57.89 -80.94 71.75
CA ALA J 574 57.93 -80.53 73.13
C ALA J 574 56.87 -81.27 73.89
N GLU J 575 57.27 -81.99 74.96
CA GLU J 575 56.40 -82.85 75.72
C GLU J 575 55.34 -82.08 76.46
N ASP J 576 55.66 -80.85 76.89
CA ASP J 576 54.81 -80.04 77.70
C ASP J 576 53.48 -79.60 77.06
N GLU J 577 53.20 -79.74 75.72
CA GLU J 577 52.05 -79.06 75.11
C GLU J 577 50.82 -79.86 74.72
N ALA J 578 49.67 -79.14 74.70
CA ALA J 578 48.34 -79.57 74.36
C ALA J 578 48.26 -79.94 72.92
N ILE J 579 49.01 -79.23 72.08
CA ILE J 579 49.06 -79.49 70.67
C ILE J 579 49.45 -80.92 70.46
N PHE J 580 50.46 -81.40 71.20
CA PHE J 580 50.91 -82.75 71.04
C PHE J 580 49.82 -83.70 71.38
N GLU J 581 49.09 -83.43 72.48
CA GLU J 581 48.07 -84.36 72.86
C GLU J 581 47.08 -84.44 71.74
N GLU J 582 46.76 -83.29 71.12
CA GLU J 582 45.85 -83.26 70.02
C GLU J 582 46.44 -84.00 68.86
N ALA J 583 47.76 -83.83 68.64
CA ALA J 583 48.42 -84.44 67.52
C ALA J 583 48.26 -85.93 67.66
N HIS J 584 48.40 -86.44 68.89
CA HIS J 584 48.29 -87.85 69.11
C HIS J 584 46.87 -88.28 68.86
N LYS J 585 45.88 -87.47 69.25
CA LYS J 585 44.52 -87.90 69.06
C LYS J 585 44.23 -88.03 67.60
N GLN J 586 44.62 -86.99 66.85
CA GLN J 586 44.34 -86.96 65.45
C GLN J 586 45.02 -88.09 64.73
N VAL J 587 46.23 -88.44 65.17
CA VAL J 587 46.83 -89.61 64.60
C VAL J 587 45.90 -90.76 64.88
N GLN J 588 45.41 -90.90 66.11
CA GLN J 588 44.60 -92.05 66.42
C GLN J 588 43.42 -92.11 65.50
N ARG J 589 42.70 -90.99 65.29
CA ARG J 589 41.61 -91.08 64.35
C ARG J 589 42.14 -90.51 63.05
N UNK J 590 37.20 -106.85 38.51
CA UNK J 590 38.13 -107.36 39.55
C UNK J 590 38.52 -106.25 40.47
N UNK J 591 39.77 -106.30 40.99
CA UNK J 591 40.22 -105.29 41.88
C UNK J 591 40.34 -104.02 41.08
N UNK J 592 40.06 -102.88 41.74
CA UNK J 592 40.14 -101.60 41.09
C UNK J 592 41.56 -101.15 41.15
N UNK J 593 41.86 -100.03 40.46
CA UNK J 593 43.20 -99.54 40.44
C UNK J 593 43.57 -99.24 41.85
N UNK J 594 44.89 -99.36 42.14
CA UNK J 594 45.40 -99.16 43.46
C UNK J 594 45.18 -97.77 43.94
N UNK J 595 45.38 -96.75 43.06
CA UNK J 595 45.15 -95.35 43.37
C UNK J 595 45.60 -94.98 44.76
N UNK J 596 46.92 -94.79 44.97
CA UNK J 596 47.38 -94.44 46.29
C UNK J 596 47.58 -92.97 46.36
N UNK J 597 47.15 -92.35 47.49
CA UNK J 597 47.29 -90.94 47.69
C UNK J 597 48.69 -90.67 48.12
N UNK J 598 49.16 -89.44 47.94
CA UNK J 598 50.51 -89.12 48.34
C UNK J 598 50.54 -89.09 49.83
N UNK J 599 51.68 -89.50 50.41
CA UNK J 599 51.73 -89.48 51.82
C UNK J 599 53.01 -88.80 52.20
N UNK J 600 53.11 -88.39 53.45
CA UNK J 600 54.19 -87.62 53.94
C UNK J 600 55.27 -88.60 53.85
N UNK J 601 56.46 -88.18 53.51
CA UNK J 601 57.50 -89.12 53.63
C UNK J 601 57.94 -89.05 55.04
N UNK J 602 58.49 -90.17 55.55
CA UNK J 602 59.00 -90.14 56.89
C UNK J 602 60.03 -89.04 56.83
N UNK J 603 59.95 -88.01 57.72
CA UNK J 603 60.82 -86.91 57.40
C UNK J 603 61.91 -86.49 58.42
N UNK J 604 63.19 -86.13 57.93
CA UNK J 604 64.38 -85.47 58.58
C UNK J 604 65.79 -84.83 57.58
N UNK J 605 66.44 -83.40 57.10
CA UNK J 605 67.66 -82.61 56.37
C UNK J 605 67.46 -81.19 55.66
N UNK J 606 66.45 -80.32 55.93
CA UNK J 606 66.07 -79.12 55.16
C UNK J 606 67.03 -77.95 55.01
N UNK J 607 67.82 -77.60 56.03
CA UNK J 607 68.63 -76.40 55.91
C UNK J 607 69.57 -76.53 54.77
N UNK J 608 70.03 -75.35 54.28
CA UNK J 608 71.01 -75.16 53.24
C UNK J 608 70.29 -74.75 52.00
N UNK J 609 70.96 -73.94 51.17
CA UNK J 609 70.40 -73.48 49.94
C UNK J 609 70.46 -74.61 48.98
N UNK J 610 69.37 -74.78 48.20
CA UNK J 610 69.39 -75.81 47.20
C UNK J 610 70.38 -75.41 46.16
N UNK J 611 70.32 -74.13 45.77
CA UNK J 611 71.15 -73.61 44.72
C UNK J 611 72.24 -72.77 45.29
N UNK J 612 73.08 -72.22 44.40
CA UNK J 612 74.17 -71.39 44.80
C UNK J 612 73.64 -70.18 45.45
N UNK J 613 74.50 -69.51 46.25
CA UNK J 613 74.09 -68.29 46.86
C UNK J 613 74.74 -67.18 46.12
N UNK J 614 73.91 -66.22 45.64
CA UNK J 614 74.35 -65.08 44.88
C UNK J 614 75.13 -64.10 45.70
N UNK J 615 74.68 -63.77 46.93
CA UNK J 615 75.38 -62.73 47.63
C UNK J 615 75.37 -62.99 49.10
N UNK J 616 76.31 -62.34 49.82
CA UNK J 616 76.38 -62.46 51.26
C UNK J 616 76.36 -61.06 51.79
N UNK J 617 75.70 -60.85 52.95
CA UNK J 617 75.64 -59.52 53.49
C UNK J 617 75.70 -59.62 54.98
N UNK J 618 76.17 -58.53 55.64
CA UNK J 618 76.27 -58.53 57.06
C UNK J 618 75.26 -57.57 57.61
N UNK J 619 74.60 -57.94 58.73
CA UNK J 619 73.63 -57.07 59.35
C UNK J 619 74.39 -56.01 60.06
N UNK J 620 73.92 -54.76 59.99
CA UNK J 620 74.68 -53.74 60.64
C UNK J 620 74.67 -53.91 62.13
N UNK J 621 73.47 -53.91 62.74
CA UNK J 621 73.37 -53.94 64.18
C UNK J 621 73.68 -55.28 64.79
N UNK J 622 72.99 -56.33 64.34
CA UNK J 622 73.07 -57.60 65.01
C UNK J 622 74.16 -58.42 64.43
N UNK J 623 74.62 -59.42 65.21
CA UNK J 623 75.58 -60.29 64.63
C UNK J 623 74.77 -61.34 63.93
N UNK J 624 74.44 -61.04 62.67
CA UNK J 624 73.68 -61.93 61.86
C UNK J 624 74.07 -61.62 60.46
N UNK J 625 73.98 -62.62 59.58
CA UNK J 625 74.35 -62.38 58.22
C UNK J 625 73.24 -62.90 57.37
N UNK J 626 73.07 -62.33 56.17
CA UNK J 626 72.01 -62.76 55.31
C UNK J 626 72.64 -63.33 54.08
N UNK J 627 71.97 -64.32 53.47
CA UNK J 627 72.50 -64.94 52.29
C UNK J 627 71.48 -64.78 51.21
N UNK J 628 71.96 -64.68 49.95
CA UNK J 628 71.09 -64.55 48.82
C UNK J 628 71.27 -65.81 48.02
N UNK J 629 70.17 -66.31 47.45
CA UNK J 629 70.19 -67.54 46.71
C UNK J 629 68.82 -67.67 46.17
N UNK J 630 68.36 -68.93 46.00
CA UNK J 630 67.03 -69.12 45.50
C UNK J 630 66.12 -68.41 46.45
N UNK J 631 66.42 -68.53 47.77
CA UNK J 631 65.65 -67.83 48.74
C UNK J 631 66.64 -67.18 49.66
N UNK J 632 66.22 -66.10 50.35
CA UNK J 632 67.15 -65.50 51.26
C UNK J 632 67.11 -66.28 52.53
N UNK J 633 68.27 -66.36 53.22
CA UNK J 633 68.33 -67.07 54.45
C UNK J 633 69.09 -66.21 55.41
N UNK J 634 68.79 -66.34 56.71
CA UNK J 634 69.49 -65.55 57.68
C UNK J 634 70.18 -66.51 58.59
N UNK J 635 71.43 -66.17 58.97
CA UNK J 635 72.16 -67.04 59.84
C UNK J 635 73.00 -66.17 60.71
N UNK J 636 73.50 -66.73 61.83
CA UNK J 636 74.33 -65.94 62.69
C UNK J 636 75.74 -66.31 62.42
N UNK J 637 76.59 -65.29 62.25
CA UNK J 637 78.00 -65.45 62.03
C UNK J 637 78.53 -66.07 63.27
N UNK J 638 77.91 -65.69 64.40
CA UNK J 638 78.29 -66.13 65.71
C UNK J 638 78.21 -67.61 65.76
N UNK J 639 78.49 -68.17 66.94
CA UNK J 639 78.59 -69.57 67.18
C UNK J 639 77.33 -70.26 66.81
N UNK J 640 76.16 -69.61 67.03
CA UNK J 640 74.92 -70.32 66.77
C UNK J 640 74.89 -70.77 65.35
N UNK J 641 75.17 -69.85 64.39
CA UNK J 641 75.22 -70.16 62.99
C UNK J 641 74.06 -71.02 62.60
N UNK J 642 72.83 -70.59 62.92
CA UNK J 642 71.71 -71.42 62.58
C UNK J 642 70.87 -70.66 61.61
N UNK J 643 70.12 -71.40 60.76
CA UNK J 643 69.29 -70.69 59.83
C UNK J 643 68.17 -70.14 60.64
N UNK J 644 68.30 -68.85 61.02
CA UNK J 644 67.31 -68.22 61.84
C UNK J 644 66.02 -68.16 61.10
N UNK J 645 66.05 -67.74 59.82
CA UNK J 645 64.80 -67.60 59.14
C UNK J 645 64.99 -67.79 57.67
N UNK J 646 63.85 -67.97 56.95
CA UNK J 646 63.80 -68.15 55.54
C UNK J 646 63.11 -66.95 54.94
N UNK J 647 63.62 -66.50 53.77
CA UNK J 647 63.20 -65.34 53.02
C UNK J 647 61.82 -65.40 52.42
N UNK J 648 61.42 -66.56 51.89
CA UNK J 648 60.08 -66.84 51.42
C UNK J 648 59.68 -66.32 50.09
N UNK J 649 60.19 -65.08 49.83
CA UNK J 649 59.90 -63.94 49.00
C UNK J 649 59.97 -63.99 47.47
N UNK J 650 60.75 -64.87 46.77
CA UNK J 650 60.84 -64.57 45.37
C UNK J 650 60.40 -65.69 44.47
N UNK J 651 59.60 -65.27 43.48
CA UNK J 651 58.92 -66.01 42.45
C UNK J 651 59.92 -66.67 41.65
N UNK J 652 60.74 -65.74 41.16
CA UNK J 652 61.73 -66.00 40.19
C UNK J 652 62.89 -66.51 40.93
N UNK J 653 64.03 -66.56 40.23
CA UNK J 653 65.18 -67.15 40.82
C UNK J 653 66.40 -66.44 40.33
N UNK J 654 67.41 -67.25 39.95
CA UNK J 654 68.71 -66.79 39.56
C UNK J 654 69.36 -66.31 40.81
N UNK J 655 68.79 -66.72 41.95
CA UNK J 655 69.25 -66.29 43.24
C UNK J 655 68.78 -64.88 43.36
N UNK J 656 68.46 -64.42 44.59
CA UNK J 656 68.18 -63.02 44.64
C UNK J 656 69.51 -62.48 44.28
N UNK J 657 69.56 -61.69 43.20
CA UNK J 657 70.83 -61.30 42.69
C UNK J 657 71.54 -60.54 43.75
N UNK J 658 70.84 -59.62 44.43
CA UNK J 658 71.53 -58.85 45.40
C UNK J 658 70.63 -58.60 46.56
N UNK J 659 71.24 -58.17 47.68
CA UNK J 659 70.50 -57.81 48.85
C UNK J 659 71.17 -56.59 49.38
N UNK J 660 70.39 -55.70 50.01
CA UNK J 660 70.98 -54.53 50.58
C UNK J 660 70.23 -54.23 51.83
N UNK J 661 70.92 -53.70 52.84
CA UNK J 661 70.26 -53.42 54.08
C UNK J 661 70.33 -51.95 54.30
N UNK J 662 69.30 -51.40 54.96
CA UNK J 662 69.27 -50.01 55.29
C UNK J 662 70.22 -49.84 56.42
N UNK J 663 70.62 -48.58 56.71
CA UNK J 663 71.54 -48.31 57.76
C UNK J 663 70.91 -48.77 59.04
N UNK J 664 69.60 -48.53 59.18
CA UNK J 664 68.86 -48.90 60.35
C UNK J 664 68.94 -50.39 60.47
N UNK J 665 68.97 -51.08 59.33
CA UNK J 665 68.97 -52.52 59.28
C UNK J 665 67.57 -52.94 59.61
N UNK J 666 66.64 -51.97 59.64
CA UNK J 666 65.26 -52.26 59.83
C UNK J 666 64.73 -52.97 58.62
N UNK J 667 65.13 -52.51 57.41
CA UNK J 667 64.56 -53.08 56.23
C UNK J 667 65.64 -53.61 55.34
N UNK J 668 65.30 -54.65 54.56
CA UNK J 668 66.23 -55.22 53.64
C UNK J 668 65.59 -55.18 52.30
N UNK J 669 66.39 -55.01 51.23
CA UNK J 669 65.83 -54.98 49.91
C UNK J 669 66.46 -56.11 49.16
N UNK J 670 65.70 -56.73 48.24
CA UNK J 670 66.22 -57.85 47.52
C UNK J 670 65.92 -57.66 46.07
N UNK J 671 66.70 -58.34 45.19
CA UNK J 671 66.50 -58.25 43.78
C UNK J 671 66.38 -59.65 43.26
N UNK J 672 65.74 -59.83 42.09
CA UNK J 672 65.58 -61.17 41.63
C UNK J 672 65.27 -61.18 40.16
N UNK J 673 65.11 -62.41 39.64
CA UNK J 673 64.76 -62.71 38.28
C UNK J 673 63.42 -62.12 38.01
N UNK J 674 62.61 -62.02 39.09
CA UNK J 674 61.25 -61.57 39.02
C UNK J 674 61.28 -60.21 38.39
N UNK J 675 62.40 -59.48 38.56
CA UNK J 675 62.48 -58.14 38.07
C UNK J 675 61.63 -57.31 38.95
N UNK J 676 61.47 -57.77 40.20
CA UNK J 676 60.76 -57.04 41.19
C UNK J 676 61.74 -56.83 42.29
N UNK J 677 61.60 -55.71 43.03
CA UNK J 677 62.48 -55.56 44.15
C UNK J 677 61.62 -55.69 45.35
N UNK J 678 61.81 -56.77 46.10
CA UNK J 678 60.96 -56.88 47.24
C UNK J 678 61.55 -56.00 48.27
N UNK J 679 60.69 -55.29 49.02
CA UNK J 679 61.25 -54.77 50.21
C UNK J 679 61.36 -56.10 50.81
N UNK J 680 62.62 -56.61 50.82
CA UNK J 680 62.94 -57.97 51.12
C UNK J 680 62.29 -58.14 52.40
N UNK J 681 62.37 -57.09 53.22
CA UNK J 681 61.58 -57.27 54.36
C UNK J 681 61.59 -56.08 55.22
N UNK J 682 60.64 -56.15 56.16
CA UNK J 682 60.47 -55.16 57.15
C UNK J 682 59.02 -55.32 57.62
N UNK J 683 58.02 -61.93 58.98
CA UNK J 683 58.71 -60.99 58.07
C UNK J 683 58.16 -61.10 56.71
N UNK J 684 57.23 -60.21 56.36
CA UNK J 684 56.64 -60.28 55.06
C UNK J 684 57.14 -59.10 54.30
N UNK J 685 57.18 -59.21 52.97
CA UNK J 685 57.70 -58.12 52.20
C UNK J 685 56.78 -56.97 52.39
N UNK J 686 57.35 -55.78 52.65
CA UNK J 686 56.55 -54.61 52.85
C UNK J 686 55.84 -54.30 51.58
N UNK J 687 56.57 -54.36 50.45
CA UNK J 687 55.94 -54.03 49.20
C UNK J 687 56.77 -54.60 48.10
N UNK J 688 56.18 -54.69 46.90
CA UNK J 688 56.91 -55.19 45.77
C UNK J 688 57.00 -54.06 44.80
N UNK J 689 58.18 -53.87 44.18
CA UNK J 689 58.31 -52.80 43.24
C UNK J 689 58.56 -53.42 41.91
N UNK J 690 57.86 -52.92 40.87
CA UNK J 690 58.03 -53.47 39.57
C UNK J 690 58.38 -52.34 38.66
N UNK J 691 59.01 -52.65 37.53
CA UNK J 691 59.45 -51.60 36.67
C UNK J 691 60.26 -52.26 35.61
N UNK J 692 61.53 -52.52 35.95
CA UNK J 692 62.49 -53.06 35.02
C UNK J 692 61.91 -54.23 34.30
N UNK J 693 62.17 -54.24 32.98
CA UNK J 693 61.76 -55.24 32.04
C UNK J 693 62.47 -56.53 32.29
N UNK J 694 63.76 -56.47 32.68
CA UNK J 694 64.55 -57.67 32.76
C UNK J 694 65.02 -57.90 34.16
N UNK J 695 65.84 -58.97 34.32
CA UNK J 695 66.33 -59.36 35.60
C UNK J 695 67.05 -58.21 36.22
N UNK J 696 66.91 -58.06 37.55
CA UNK J 696 67.56 -56.98 38.23
C UNK J 696 68.81 -57.52 38.84
N UNK J 697 69.95 -57.02 38.36
CA UNK J 697 71.25 -57.42 38.80
C UNK J 697 71.55 -56.97 40.20
N UNK J 698 71.22 -55.71 40.56
CA UNK J 698 71.62 -55.29 41.86
C UNK J 698 70.68 -54.26 42.40
N UNK J 699 70.64 -54.14 43.75
CA UNK J 699 69.79 -53.18 44.39
C UNK J 699 70.55 -52.63 45.55
N UNK J 700 70.23 -51.40 45.97
CA UNK J 700 70.91 -50.87 47.11
C UNK J 700 70.03 -49.85 47.75
N UNK J 701 70.17 -49.69 49.07
CA UNK J 701 69.39 -48.70 49.75
C UNK J 701 70.31 -47.53 49.93
N UNK J 702 69.79 -46.31 49.68
CA UNK J 702 70.60 -45.13 49.83
C UNK J 702 70.82 -44.92 51.29
N UNK J 703 71.92 -44.24 51.64
CA UNK J 703 72.21 -43.99 53.01
C UNK J 703 71.03 -43.23 53.60
N UNK J 704 65.34 -43.38 47.70
CA UNK J 704 65.22 -44.52 48.63
C UNK J 704 66.10 -45.66 48.20
N UNK J 705 65.81 -46.24 47.02
CA UNK J 705 66.58 -47.37 46.61
C UNK J 705 66.92 -47.23 45.15
N UNK J 706 68.02 -47.90 44.73
CA UNK J 706 68.42 -47.86 43.36
C UNK J 706 68.61 -49.27 42.90
N UNK J 707 68.34 -49.53 41.61
CA UNK J 707 68.51 -50.86 41.10
C UNK J 707 69.07 -50.73 39.72
N UNK J 708 69.67 -51.83 39.21
CA UNK J 708 70.21 -51.85 37.88
C UNK J 708 69.67 -53.09 37.24
N UNK J 709 69.55 -53.08 35.89
CA UNK J 709 68.95 -54.24 35.29
C UNK J 709 69.53 -54.48 33.93
N UNK J 710 69.09 -55.61 33.35
CA UNK J 710 69.40 -56.07 32.02
C UNK J 710 68.86 -55.03 31.12
N UNK J 711 67.84 -54.33 31.65
CA UNK J 711 67.14 -53.28 30.97
C UNK J 711 68.17 -52.28 30.57
N UNK J 712 69.31 -52.25 31.29
CA UNK J 712 70.34 -51.30 31.00
C UNK J 712 69.84 -49.98 31.43
N UNK J 713 68.99 -50.01 32.48
CA UNK J 713 68.48 -48.80 33.04
C UNK J 713 68.79 -48.83 34.49
N UNK J 714 68.88 -47.64 35.11
CA UNK J 714 69.05 -47.52 36.52
C UNK J 714 67.81 -46.86 36.99
N UNK J 715 67.20 -47.36 38.08
CA UNK J 715 65.98 -46.75 38.49
C UNK J 715 66.07 -46.44 39.94
N UNK J 716 65.36 -45.38 40.37
CA UNK J 716 65.32 -45.02 41.75
C UNK J 716 63.91 -45.26 42.20
N UNK J 717 63.73 -45.84 43.39
CA UNK J 717 62.40 -46.12 43.84
C UNK J 717 62.21 -45.48 45.17
N UNK J 718 60.95 -45.12 45.48
CA UNK J 718 60.67 -44.52 46.75
C UNK J 718 60.37 -45.66 47.66
N UNK J 719 60.55 -42.60 40.60
CA UNK J 719 61.08 -41.28 40.42
C UNK J 719 62.10 -41.13 39.34
N UNK J 720 63.13 -42.00 39.28
CA UNK J 720 64.16 -41.66 38.36
C UNK J 720 64.53 -42.82 37.51
N UNK J 721 65.06 -42.49 36.32
CA UNK J 721 65.58 -43.48 35.40
C UNK J 721 66.86 -42.91 34.90
N UNK J 722 67.88 -43.75 34.69
CA UNK J 722 69.10 -43.19 34.21
C UNK J 722 69.41 -43.79 32.89
N UNK J 723 69.55 -42.93 31.86
CA UNK J 723 69.93 -43.40 30.57
C UNK J 723 71.38 -43.68 30.70
N UNK J 724 71.91 -44.62 29.90
CA UNK J 724 73.28 -44.93 30.13
C UNK J 724 73.76 -45.81 29.03
N UNK J 725 74.75 -46.67 29.36
CA UNK J 725 75.39 -47.54 28.44
C UNK J 725 74.38 -48.42 27.80
N UNK J 726 74.73 -48.88 26.58
CA UNK J 726 73.90 -49.74 25.78
C UNK J 726 73.74 -51.08 26.45
N UNK J 727 74.83 -51.59 27.04
CA UNK J 727 74.84 -52.90 27.63
C UNK J 727 74.09 -52.91 28.92
N UNK J 728 73.82 -54.13 29.44
CA UNK J 728 73.10 -54.31 30.67
C UNK J 728 73.96 -53.81 31.78
N UNK J 729 73.33 -53.41 32.91
CA UNK J 729 74.09 -52.89 34.01
C UNK J 729 74.15 -53.91 35.10
N UNK J 730 75.39 -54.30 35.46
CA UNK J 730 75.67 -55.29 36.47
C UNK J 730 75.36 -54.81 37.86
N UNK J 731 75.75 -53.57 38.23
CA UNK J 731 75.53 -53.21 39.61
C UNK J 731 75.48 -51.73 39.76
N UNK J 732 74.91 -51.27 40.89
CA UNK J 732 74.85 -49.86 41.17
C UNK J 732 75.26 -49.69 42.60
N UNK J 733 76.03 -48.63 42.89
CA UNK J 733 76.42 -48.42 44.25
C UNK J 733 76.33 -46.95 44.51
N UNK J 734 75.85 -46.59 45.72
CA UNK J 734 75.77 -45.21 46.09
C UNK J 734 77.07 -44.82 46.71
N UNK J 735 77.33 -43.50 46.73
CA UNK J 735 78.51 -42.99 47.37
C UNK J 735 78.16 -42.87 48.82
N UNK J 736 79.19 -42.80 49.69
CA UNK J 736 78.96 -42.67 51.09
C UNK J 736 78.19 -41.40 51.28
N UNK J 737 78.59 -40.37 50.52
CA UNK J 737 77.96 -39.09 50.54
C UNK J 737 76.57 -39.31 50.07
N UNK J 738 76.41 -40.31 49.18
CA UNK J 738 75.16 -40.60 48.55
C UNK J 738 74.98 -39.54 47.53
N UNK J 739 76.04 -38.74 47.32
CA UNK J 739 76.05 -37.70 46.35
C UNK J 739 76.00 -38.30 44.98
N UNK J 740 76.76 -39.38 44.73
CA UNK J 740 76.83 -39.89 43.38
C UNK J 740 76.64 -41.37 43.39
N UNK J 741 76.36 -41.93 42.19
CA UNK J 741 76.16 -43.34 42.06
C UNK J 741 77.11 -43.88 41.04
N UNK J 742 77.54 -45.14 41.23
CA UNK J 742 78.43 -45.76 40.30
C UNK J 742 77.70 -46.93 39.72
N UNK J 743 77.81 -47.11 38.39
CA UNK J 743 77.15 -48.21 37.76
C UNK J 743 78.19 -48.99 37.03
N UNK J 744 77.94 -50.31 36.88
CA UNK J 744 78.85 -51.13 36.16
C UNK J 744 78.06 -51.81 35.11
N UNK J 745 78.67 -52.03 33.94
CA UNK J 745 77.94 -52.64 32.87
C UNK J 745 78.96 -53.29 31.99
N UNK J 746 78.47 -53.97 30.94
CA UNK J 746 79.41 -54.59 30.05
C UNK J 746 80.25 -53.51 29.45
N UNK J 747 79.61 -52.40 29.04
CA UNK J 747 80.31 -51.35 28.36
C UNK J 747 81.34 -50.68 29.22
N UNK J 748 80.99 -50.28 30.45
CA UNK J 748 81.97 -49.56 31.22
C UNK J 748 81.40 -49.28 32.57
N UNK J 749 82.18 -48.59 33.42
CA UNK J 749 81.70 -48.21 34.71
C UNK J 749 81.49 -46.74 34.67
N UNK J 750 80.31 -46.27 35.10
CA UNK J 750 80.07 -44.87 35.02
C UNK J 750 79.65 -44.36 36.37
N UNK J 751 80.01 -43.10 36.66
CA UNK J 751 79.61 -42.48 37.88
C UNK J 751 78.62 -41.43 37.50
N UNK J 752 77.53 -41.31 38.27
CA UNK J 752 76.54 -40.34 37.91
C UNK J 752 76.18 -39.54 39.12
N UNK J 753 75.78 -38.29 38.90
CA UNK J 753 75.36 -37.43 39.97
C UNK J 753 73.97 -37.84 40.34
N UNK J 754 73.53 -37.45 41.55
CA UNK J 754 72.22 -37.81 42.00
C UNK J 754 71.20 -37.18 41.06
N UNK J 755 76.95 -37.25 34.13
CA UNK J 755 78.11 -37.87 33.48
C UNK J 755 79.37 -37.15 33.85
N UNK J 756 79.75 -37.24 35.14
CA UNK J 756 80.95 -36.59 35.58
C UNK J 756 82.10 -37.19 34.86
N UNK J 757 82.13 -38.53 34.77
CA UNK J 757 83.21 -39.18 34.09
C UNK J 757 82.90 -40.64 34.04
N UNK J 758 83.65 -41.39 33.21
CA UNK J 758 83.41 -42.80 33.12
C UNK J 758 84.74 -43.46 32.87
N UNK J 759 84.88 -44.74 33.27
CA UNK J 759 86.13 -45.38 33.09
C UNK J 759 86.20 -46.00 31.73
N UNK J 760 87.01 -45.37 30.88
CA UNK J 760 87.34 -45.77 29.53
C UNK J 760 88.19 -46.99 29.58
N UNK J 761 88.96 -47.14 30.67
CA UNK J 761 90.01 -48.11 30.77
C UNK J 761 89.52 -49.48 30.46
N UNK J 762 88.31 -49.87 30.90
CA UNK J 762 87.87 -51.21 30.59
C UNK J 762 87.82 -51.31 29.10
N UNK J 763 87.23 -50.27 28.47
CA UNK J 763 87.20 -50.16 27.04
C UNK J 763 86.41 -51.27 26.42
N UNK J 764 85.87 -50.97 25.23
CA UNK J 764 85.13 -51.89 24.42
C UNK J 764 86.10 -52.95 23.98
N UNK J 765 87.34 -52.52 23.72
CA UNK J 765 88.36 -53.43 23.27
C UNK J 765 88.46 -54.52 24.27
N UNK J 766 89.10 -55.64 23.88
CA UNK J 766 89.17 -56.81 24.70
C UNK J 766 89.62 -56.42 26.07
N UNK J 767 88.61 -56.40 26.96
CA UNK J 767 88.66 -56.08 28.34
C UNK J 767 87.27 -55.61 28.57
N UNK J 768 86.58 -56.15 29.57
CA UNK J 768 85.21 -55.73 29.65
C UNK J 768 84.53 -56.55 30.69
N UNK J 769 83.19 -56.58 30.62
CA UNK J 769 82.39 -57.31 31.55
C UNK J 769 82.80 -56.97 32.94
N UNK J 770 82.54 -55.72 33.36
CA UNK J 770 82.91 -55.35 34.69
C UNK J 770 81.81 -55.75 35.62
N UNK J 771 82.09 -56.80 36.41
CA UNK J 771 81.22 -57.43 37.37
C UNK J 771 80.96 -56.59 38.59
N UNK J 772 81.98 -55.92 39.15
CA UNK J 772 81.69 -55.32 40.43
C UNK J 772 82.30 -53.97 40.57
N UNK J 773 81.79 -53.23 41.57
CA UNK J 773 82.31 -51.94 41.88
C UNK J 773 82.16 -51.77 43.34
N UNK J 774 83.13 -51.10 43.96
CA UNK J 774 83.04 -50.85 45.36
C UNK J 774 83.51 -49.46 45.53
N UNK J 775 82.98 -48.79 46.55
CA UNK J 775 83.38 -47.46 46.78
C UNK J 775 84.35 -47.53 47.88
N UNK J 776 85.37 -46.68 47.76
CA UNK J 776 86.40 -46.69 48.75
C UNK J 776 85.87 -46.01 49.98
N UNK J 777 86.63 -46.21 51.07
CA UNK J 777 86.48 -45.57 52.35
C UNK J 777 86.94 -44.19 52.05
N UNK J 778 88.21 -43.79 52.36
CA UNK J 778 88.65 -42.54 51.76
C UNK J 778 88.56 -42.82 50.20
N UNK J 779 88.31 -41.78 49.17
CA UNK J 779 87.81 -41.56 47.72
C UNK J 779 88.40 -42.23 46.48
N UNK J 780 87.49 -43.01 45.83
CA UNK J 780 87.82 -43.75 44.65
C UNK J 780 86.79 -44.82 44.53
N UNK J 781 86.88 -45.62 43.45
CA UNK J 781 85.98 -46.72 43.23
C UNK J 781 86.83 -47.84 42.74
N UNK J 782 86.38 -49.08 42.96
CA UNK J 782 87.16 -50.19 42.49
C UNK J 782 86.24 -51.07 41.72
N UNK J 783 86.77 -51.67 40.63
CA UNK J 783 85.94 -52.52 39.85
C UNK J 783 86.75 -53.72 39.48
N UNK J 784 86.06 -54.82 39.13
CA UNK J 784 86.71 -56.02 38.70
C UNK J 784 85.89 -56.55 37.58
N UNK J 785 86.52 -57.25 36.60
CA UNK J 785 85.74 -57.72 35.49
C UNK J 785 85.86 -59.21 35.38
N UNK J 786 84.72 -59.87 35.10
CA UNK J 786 84.65 -61.29 34.89
C UNK J 786 85.35 -61.61 33.61
N UNK J 787 85.25 -60.69 32.64
CA UNK J 787 85.72 -60.84 31.29
C UNK J 787 87.17 -61.11 31.25
N UNK J 788 87.73 -61.02 30.04
CA UNK J 788 89.08 -61.39 29.75
C UNK J 788 89.98 -60.62 30.65
N UNK J 789 89.67 -59.34 30.94
CA UNK J 789 90.56 -58.60 31.77
C UNK J 789 90.68 -59.31 33.09
N UNK J 790 89.53 -59.66 33.70
CA UNK J 790 89.51 -60.40 34.94
C UNK J 790 90.47 -59.76 35.90
N UNK J 791 90.45 -58.43 36.03
CA UNK J 791 91.41 -57.89 36.94
C UNK J 791 90.73 -56.83 37.73
N UNK J 792 91.31 -56.51 38.91
CA UNK J 792 90.78 -55.44 39.70
C UNK J 792 91.30 -54.20 39.08
N UNK J 793 90.51 -53.13 39.15
CA UNK J 793 90.97 -51.88 38.63
C UNK J 793 90.77 -50.91 39.74
N UNK J 794 91.75 -50.00 39.93
CA UNK J 794 91.59 -49.04 40.97
C UNK J 794 91.72 -47.71 40.33
N UNK J 795 90.87 -46.76 40.74
CA UNK J 795 90.97 -45.45 40.15
C UNK J 795 90.22 -44.50 41.02
N UNK J 796 90.51 -43.19 40.84
CA UNK J 796 89.81 -42.18 41.56
C UNK J 796 88.86 -41.57 40.59
N UNK J 797 87.61 -41.31 41.03
CA UNK J 797 86.64 -40.80 40.12
C UNK J 797 87.05 -39.45 39.66
N UNK J 798 87.53 -38.59 40.57
CA UNK J 798 87.84 -37.26 40.14
C UNK J 798 88.94 -37.31 39.13
N UNK J 799 90.01 -38.08 39.42
CA UNK J 799 91.13 -38.16 38.54
C UNK J 799 90.73 -38.82 37.26
N UNK J 800 89.89 -39.87 37.34
CA UNK J 800 89.52 -40.61 36.16
C UNK J 800 90.73 -41.31 35.64
N UNK J 801 91.71 -41.58 36.52
CA UNK J 801 92.88 -42.30 36.11
C UNK J 801 92.91 -43.56 36.92
N UNK J 802 93.46 -44.64 36.33
CA UNK J 802 93.52 -45.89 37.05
C UNK J 802 94.82 -45.92 37.78
N UNK J 803 94.75 -46.05 39.12
CA UNK J 803 95.95 -46.06 39.89
C UNK J 803 96.77 -47.25 39.54
N UNK J 804 96.15 -48.45 39.47
CA UNK J 804 96.93 -49.61 39.15
C UNK J 804 95.99 -50.74 38.91
N UNK J 805 96.50 -51.80 38.27
CA UNK J 805 95.68 -52.95 38.01
C UNK J 805 96.31 -54.12 38.71
N UNK J 806 95.48 -54.98 39.34
CA UNK J 806 96.03 -56.12 40.02
C UNK J 806 95.63 -57.36 39.26
N UNK J 807 96.57 -58.31 39.06
CA UNK J 807 96.28 -59.50 38.30
C UNK J 807 95.43 -60.50 39.11
N UNK J 808 94.50 -61.31 38.44
CA UNK J 808 93.52 -62.28 39.00
C UNK J 808 93.14 -63.57 38.02
N UNK J 809 91.92 -64.41 38.15
CA UNK J 809 91.11 -65.59 37.53
C UNK J 809 89.92 -64.95 36.83
N UNK J 810 88.72 -64.78 37.45
CA UNK J 810 87.68 -63.90 36.98
C UNK J 810 87.15 -63.36 38.28
N UNK J 811 87.00 -62.02 38.43
CA UNK J 811 86.68 -61.52 39.75
C UNK J 811 85.20 -61.28 39.87
N UNK J 812 84.60 -62.06 40.78
CA UNK J 812 83.22 -61.97 41.15
C UNK J 812 82.92 -60.75 41.97
N UNK J 813 83.77 -60.43 42.97
CA UNK J 813 83.41 -59.33 43.82
C UNK J 813 84.65 -58.67 44.35
N UNK J 814 84.55 -57.36 44.60
CA UNK J 814 85.67 -56.64 45.12
C UNK J 814 85.19 -55.93 46.33
N UNK J 815 86.09 -55.79 47.33
CA UNK J 815 85.70 -55.11 48.52
C UNK J 815 86.91 -54.46 49.08
N UNK J 816 86.71 -53.43 49.92
CA UNK J 816 87.84 -52.78 50.51
C UNK J 816 87.74 -53.05 51.96
N UNK J 817 88.89 -53.24 52.64
CA UNK J 817 88.78 -53.50 54.04
C UNK J 817 88.20 -52.26 54.64
N UNK J 818 87.08 -52.43 55.38
CA UNK J 818 86.43 -51.31 55.98
C UNK J 818 87.31 -50.73 57.02
N UNK J 819 87.88 -51.62 57.84
CA UNK J 819 88.65 -51.20 58.97
C UNK J 819 87.68 -50.54 59.90
N UNK J 820 87.76 -50.90 61.19
CA UNK J 820 86.89 -50.34 62.17
C UNK J 820 87.46 -49.02 62.54
N UNK J 821 86.67 -48.22 63.30
CA UNK J 821 87.08 -46.92 63.77
C UNK J 821 87.72 -46.17 62.66
N UNK J 822 86.88 -45.63 61.76
CA UNK J 822 87.34 -44.91 60.61
C UNK J 822 87.72 -45.99 59.67
N UNK J 823 87.80 -45.67 58.37
CA UNK J 823 88.09 -46.76 57.50
C UNK J 823 89.46 -46.59 56.98
N UNK J 824 90.17 -47.71 56.84
CA UNK J 824 91.49 -47.70 56.29
C UNK J 824 91.56 -48.92 55.45
N UNK J 825 92.17 -48.82 54.26
CA UNK J 825 92.26 -50.05 53.54
C UNK J 825 93.70 -50.37 53.32
N UNK J 826 94.25 -51.26 54.17
CA UNK J 826 95.60 -51.71 54.01
C UNK J 826 95.66 -52.56 52.79
N UNK J 827 94.65 -53.43 52.63
CA UNK J 827 94.61 -54.35 51.54
C UNK J 827 93.19 -54.46 51.10
N UNK J 828 92.97 -55.05 49.91
CA UNK J 828 91.65 -55.19 49.40
C UNK J 828 91.31 -56.64 49.40
N UNK J 829 90.01 -56.95 49.60
CA UNK J 829 89.60 -58.32 49.61
C UNK J 829 88.81 -58.56 48.36
N UNK J 830 89.03 -59.70 47.72
CA UNK J 830 88.30 -59.97 46.53
C UNK J 830 88.04 -61.44 46.49
N UNK J 831 86.95 -61.81 45.80
CA UNK J 831 86.60 -63.18 45.65
C UNK J 831 86.54 -63.39 44.18
N UNK J 832 86.85 -64.63 43.72
CA UNK J 832 86.85 -64.83 42.31
C UNK J 832 86.09 -66.05 41.98
N UNK J 833 85.62 -66.12 40.72
CA UNK J 833 84.92 -67.25 40.21
C UNK J 833 85.94 -68.22 39.74
N UNK J 834 85.51 -69.48 39.59
CA UNK J 834 86.38 -70.48 39.08
C UNK J 834 85.64 -71.19 38.02
N UNK J 835 86.35 -71.50 36.92
CA UNK J 835 85.85 -72.20 35.78
C UNK J 835 86.11 -73.63 36.04
N UNK J 836 85.99 -74.49 35.01
CA UNK J 836 86.18 -75.89 35.21
C UNK J 836 87.55 -76.08 35.77
N UNK J 837 88.59 -75.46 35.18
CA UNK J 837 89.86 -75.61 35.83
C UNK J 837 89.71 -74.90 37.11
N UNK J 838 90.17 -75.48 38.24
CA UNK J 838 89.89 -74.76 39.44
C UNK J 838 91.12 -74.06 39.90
N UNK J 839 91.56 -73.02 39.16
CA UNK J 839 92.66 -72.26 39.65
C UNK J 839 92.21 -71.33 40.74
N UNK J 840 91.19 -70.47 40.45
CA UNK J 840 90.94 -69.49 41.45
C UNK J 840 89.58 -69.57 42.04
N UNK J 841 89.50 -70.45 43.05
CA UNK J 841 88.45 -70.69 43.99
C UNK J 841 88.51 -69.66 45.08
N UNK J 842 89.71 -69.09 45.30
CA UNK J 842 90.02 -68.34 46.49
C UNK J 842 89.48 -66.95 46.60
N UNK J 843 89.52 -66.49 47.86
CA UNK J 843 89.25 -65.14 48.22
C UNK J 843 90.61 -64.63 48.50
N UNK J 844 91.00 -63.50 47.88
CA UNK J 844 92.35 -63.10 48.10
C UNK J 844 92.37 -61.71 48.61
N UNK J 845 93.36 -61.45 49.48
CA UNK J 845 93.51 -60.13 49.99
C UNK J 845 94.73 -59.61 49.29
N UNK J 846 94.63 -58.41 48.71
CA UNK J 846 95.78 -57.94 48.02
C UNK J 846 96.31 -56.77 48.78
N UNK J 847 97.62 -56.81 49.09
CA UNK J 847 98.16 -55.67 49.75
C UNK J 847 98.11 -54.59 48.74
N UNK J 848 97.55 -53.44 49.11
CA UNK J 848 97.43 -52.39 48.16
C UNK J 848 98.82 -51.79 48.01
N UNK J 849 101.49 -57.74 44.97
CA UNK J 849 100.75 -58.96 44.56
C UNK J 849 99.83 -59.37 45.66
N UNK J 850 98.98 -60.37 45.40
CA UNK J 850 98.11 -60.76 46.46
C UNK J 850 98.98 -61.28 47.56
N UNK J 851 98.72 -60.80 48.80
CA UNK J 851 99.52 -61.21 49.90
C UNK J 851 99.31 -62.67 50.15
N UNK J 852 98.04 -63.11 50.15
CA UNK J 852 97.81 -64.50 50.42
C UNK J 852 96.49 -64.88 49.85
N UNK J 853 96.30 -66.18 49.61
CA UNK J 853 95.06 -66.65 49.09
C UNK J 853 94.66 -67.83 49.90
N UNK J 854 85.47 -76.41 46.04
CA UNK J 854 85.63 -76.36 44.62
C UNK J 854 84.37 -75.76 44.11
N UNK J 855 84.48 -74.60 43.43
CA UNK J 855 83.34 -73.93 42.89
C UNK J 855 83.71 -72.50 42.79
N UNK J 856 82.83 -71.71 42.17
CA UNK J 856 83.09 -70.31 42.12
C UNK J 856 82.60 -69.74 43.40
N UNK J 857 83.25 -68.66 43.87
CA UNK J 857 82.73 -68.00 45.04
C UNK J 857 82.04 -66.80 44.50
N UNK J 858 80.70 -66.78 44.59
CA UNK J 858 79.94 -65.72 44.01
C UNK J 858 80.20 -64.41 44.68
N UNK J 859 80.20 -64.39 46.03
CA UNK J 859 80.32 -63.11 46.66
C UNK J 859 81.08 -63.26 47.94
N UNK J 860 81.34 -62.11 48.59
CA UNK J 860 82.04 -62.11 49.84
C UNK J 860 81.56 -60.91 50.61
N UNK J 861 81.85 -60.88 51.92
CA UNK J 861 81.46 -59.74 52.70
C UNK J 861 82.46 -59.58 53.80
N UNK J 862 82.79 -58.32 54.14
CA UNK J 862 83.72 -58.05 55.20
C UNK J 862 82.99 -57.20 56.18
N UNK J 863 83.35 -57.30 57.48
CA UNK J 863 82.65 -56.52 58.45
C UNK J 863 83.56 -55.44 58.95
N UNK J 864 83.03 -54.20 59.00
CA UNK J 864 83.84 -53.11 59.49
C UNK J 864 84.11 -53.29 60.95
N UNK J 865 83.05 -53.59 61.72
CA UNK J 865 83.15 -53.71 63.14
C UNK J 865 83.96 -54.89 63.55
N UNK J 866 83.71 -56.06 62.94
CA UNK J 866 84.36 -57.26 63.41
C UNK J 866 85.15 -57.84 62.31
N UNK J 867 86.20 -58.62 62.67
CA UNK J 867 86.98 -59.23 61.65
C UNK J 867 86.35 -60.56 61.40
N UNK J 868 85.68 -60.68 60.23
CA UNK J 868 85.07 -61.90 59.83
C UNK J 868 84.75 -61.69 58.40
N UNK J 869 84.65 -62.78 57.62
CA UNK J 869 84.32 -62.61 56.23
C UNK J 869 83.38 -63.70 55.89
N UNK J 870 82.48 -63.47 54.93
CA UNK J 870 81.55 -64.50 54.56
C UNK J 870 81.78 -64.76 53.11
N UNK J 871 81.58 -66.03 52.69
CA UNK J 871 81.77 -66.38 51.31
C UNK J 871 80.59 -67.19 50.88
N UNK J 872 80.19 -67.01 49.60
CA UNK J 872 79.08 -67.74 49.06
C UNK J 872 79.56 -68.37 47.80
N UNK J 873 78.97 -69.53 47.40
CA UNK J 873 79.46 -70.16 46.21
C UNK J 873 78.36 -70.35 45.21
N UNK J 874 78.67 -69.99 43.95
CA UNK J 874 77.88 -70.01 42.74
C UNK J 874 77.60 -71.38 42.20
N UNK J 875 78.53 -72.33 42.33
CA UNK J 875 78.19 -73.54 41.65
C UNK J 875 77.04 -74.21 42.33
N UNK J 876 75.98 -74.51 41.55
CA UNK J 876 74.86 -75.24 42.04
C UNK J 876 75.20 -76.67 41.83
N UNK J 877 74.59 -77.59 42.60
CA UNK J 877 74.94 -78.97 42.47
C UNK J 877 76.40 -79.03 42.71
N UNK J 878 76.85 -78.16 43.62
CA UNK J 878 78.21 -77.99 43.98
C UNK J 878 78.17 -77.43 45.34
N UNK J 879 79.19 -76.66 45.75
CA UNK J 879 79.10 -76.18 47.09
C UNK J 879 78.31 -74.91 47.10
N UNK J 880 77.09 -74.99 47.67
CA UNK J 880 76.34 -73.78 47.89
C UNK J 880 76.42 -73.68 49.37
N UNK J 881 77.35 -72.82 49.85
CA UNK J 881 77.52 -72.77 51.27
C UNK J 881 78.03 -71.44 51.64
N UNK J 882 77.80 -71.06 52.91
CA UNK J 882 78.31 -69.81 53.37
C UNK J 882 79.46 -70.14 54.26
N UNK J 883 80.61 -69.50 54.01
CA UNK J 883 81.74 -69.74 54.86
C UNK J 883 82.07 -68.43 55.50
N UNK J 884 82.27 -68.43 56.82
CA UNK J 884 82.61 -67.19 57.45
C UNK J 884 83.87 -67.42 58.22
N UNK J 885 84.98 -66.73 57.88
CA UNK J 885 86.14 -67.11 58.64
C UNK J 885 87.04 -65.95 58.85
N UNK J 886 87.73 -65.91 60.02
CA UNK J 886 88.69 -64.85 60.06
C UNK J 886 89.80 -65.19 59.10
N UNK J 887 90.75 -66.09 59.50
CA UNK J 887 91.72 -66.63 58.59
C UNK J 887 91.43 -68.02 58.10
N UNK J 888 91.44 -68.95 59.09
CA UNK J 888 91.39 -70.36 58.88
C UNK J 888 89.96 -70.69 58.65
N UNK J 889 89.68 -71.93 58.20
CA UNK J 889 88.32 -72.28 57.93
C UNK J 889 87.55 -72.06 59.18
N UNK J 890 86.45 -71.32 59.06
CA UNK J 890 85.64 -71.01 60.20
C UNK J 890 84.26 -70.82 59.71
N UNK J 891 83.29 -70.86 60.64
CA UNK J 891 81.90 -70.66 60.36
C UNK J 891 81.28 -72.00 60.16
N UNK J 892 79.96 -72.03 59.92
CA UNK J 892 79.31 -73.29 59.83
C UNK J 892 78.80 -73.52 58.44
N UNK J 893 78.61 -74.80 58.10
CA UNK J 893 78.09 -75.20 56.83
C UNK J 893 76.78 -75.87 57.09
N UNK J 894 75.85 -75.80 56.13
CA UNK J 894 74.57 -76.39 56.39
C UNK J 894 74.46 -77.71 55.69
N UNK J 895 73.90 -78.72 56.37
CA UNK J 895 73.76 -79.98 55.69
C UNK J 895 72.56 -79.90 54.80
N UNK J 896 72.41 -80.55 53.64
CA UNK J 896 71.16 -80.35 52.90
C UNK J 896 70.20 -81.53 53.00
N UNK J 897 69.22 -81.68 52.08
CA UNK J 897 67.97 -82.42 52.37
C UNK J 897 67.22 -83.34 51.27
N UNK J 898 65.71 -83.50 51.20
CA UNK J 898 64.62 -84.18 50.36
C UNK J 898 65.20 -85.54 50.20
N UNK J 899 64.74 -86.43 49.30
CA UNK J 899 65.57 -87.61 49.39
C UNK J 899 66.13 -88.00 48.06
N UNK J 900 67.47 -88.16 48.02
CA UNK J 900 68.15 -88.67 46.86
C UNK J 900 67.83 -90.12 46.69
N UNK J 901 67.93 -90.90 47.81
CA UNK J 901 67.70 -92.31 47.75
C UNK J 901 67.40 -92.76 49.14
N UNK J 902 66.83 -93.98 49.29
CA UNK J 902 66.54 -94.40 50.63
C UNK J 902 66.65 -95.88 50.69
N UNK J 903 66.91 -96.41 51.90
CA UNK J 903 66.96 -97.82 52.11
C UNK J 903 66.32 -98.08 53.43
N UNK J 904 65.46 -99.12 53.51
CA UNK J 904 64.81 -99.43 54.75
C UNK J 904 65.72 -100.31 55.54
N UNK J 905 65.53 -100.33 56.88
CA UNK J 905 66.32 -101.20 57.69
C UNK J 905 65.83 -102.59 57.42
N UNK J 906 66.73 -103.57 57.38
CA UNK J 906 66.26 -104.88 57.08
C UNK J 906 65.36 -105.33 58.19
N UNK J 907 65.84 -105.22 59.44
CA UNK J 907 65.09 -105.65 60.58
C UNK J 907 63.91 -104.77 60.82
N UNK J 908 64.09 -103.44 60.69
CA UNK J 908 63.03 -102.56 61.09
C UNK J 908 62.50 -101.81 59.93
N UNK J 909 61.24 -101.34 60.09
CA UNK J 909 60.49 -100.60 59.12
C UNK J 909 61.14 -99.28 58.87
N UNK J 910 61.77 -98.70 59.91
CA UNK J 910 62.34 -97.37 59.88
C UNK J 910 63.13 -97.19 58.63
N UNK J 911 63.15 -95.94 58.12
CA UNK J 911 63.79 -95.71 56.87
C UNK J 911 64.95 -94.82 57.05
N UNK J 912 65.97 -95.05 56.21
CA UNK J 912 67.13 -94.23 56.19
C UNK J 912 67.15 -93.65 54.82
N UNK J 913 67.44 -92.35 54.71
CA UNK J 913 67.44 -91.81 53.38
C UNK J 913 68.58 -90.86 53.30
N UNK J 914 69.19 -90.77 52.09
CA UNK J 914 70.25 -89.86 51.84
C UNK J 914 69.63 -88.58 51.37
N UNK J 915 70.39 -87.48 51.46
CA UNK J 915 69.87 -86.19 51.10
C UNK J 915 70.81 -85.57 50.14
N UNK J 916 70.35 -84.53 49.42
CA UNK J 916 71.18 -83.77 48.53
C UNK J 916 72.22 -83.26 49.42
N UNK J 917 71.80 -82.83 50.61
CA UNK J 917 72.59 -82.75 51.80
C UNK J 917 73.75 -83.58 51.80
N UNK J 918 74.66 -83.07 52.57
CA UNK J 918 75.72 -83.88 53.02
C UNK J 918 75.10 -84.89 53.94
N UNK J 919 74.13 -84.48 54.75
CA UNK J 919 73.49 -85.35 55.69
C UNK J 919 72.59 -86.37 55.05
N UNK J 920 72.43 -87.48 55.77
CA UNK J 920 71.53 -88.57 55.50
C UNK J 920 70.84 -88.72 56.80
N UNK J 921 69.62 -89.27 56.85
CA UNK J 921 69.04 -89.29 58.16
C UNK J 921 68.30 -90.55 58.35
N UNK J 922 68.08 -90.85 59.65
CA UNK J 922 67.32 -92.00 60.01
C UNK J 922 66.02 -91.46 60.44
N UNK J 923 64.92 -92.08 60.00
CA UNK J 923 63.66 -91.60 60.45
C UNK J 923 62.86 -92.78 60.79
N UNK J 924 61.91 -92.57 61.71
CA UNK J 924 61.06 -93.65 62.10
C UNK J 924 59.68 -93.24 61.75
N UNK J 925 58.89 -94.21 61.27
CA UNK J 925 57.52 -93.97 60.93
C UNK J 925 56.73 -94.70 61.96
N UNK J 926 55.57 -94.13 62.35
CA UNK J 926 54.79 -94.75 63.37
C UNK J 926 54.35 -96.09 62.89
N UNK J 927 54.24 -97.05 63.83
CA UNK J 927 53.88 -98.40 63.49
C UNK J 927 52.52 -98.41 62.88
N UNK J 928 51.58 -97.66 63.48
CA UNK J 928 50.26 -97.68 62.91
C UNK J 928 50.26 -96.67 61.82
N UNK J 929 50.32 -97.16 60.57
CA UNK J 929 50.32 -96.32 59.42
C UNK J 929 48.98 -95.66 59.30
N UNK J 930 47.91 -96.41 59.60
CA UNK J 930 46.56 -95.96 59.41
C UNK J 930 46.35 -94.75 60.25
N UNK J 931 46.88 -94.81 61.48
CA UNK J 931 46.71 -93.69 62.35
C UNK J 931 47.39 -92.55 61.66
N UNK J 932 47.03 -91.29 61.98
CA UNK J 932 47.68 -90.18 61.38
C UNK J 932 49.13 -90.39 61.67
N UNK J 933 49.92 -90.38 60.60
CA UNK J 933 51.29 -90.74 60.79
C UNK J 933 52.00 -89.66 61.49
N UNK J 934 53.22 -89.95 61.93
CA UNK J 934 54.05 -88.90 62.44
C UNK J 934 55.38 -89.34 61.97
N UNK J 935 56.27 -88.41 61.57
CA UNK J 935 57.54 -88.92 61.12
C UNK J 935 58.60 -88.22 61.87
N UNK J 936 59.46 -89.00 62.55
CA UNK J 936 60.43 -88.35 63.38
C UNK J 936 61.78 -88.68 62.89
N UNK J 937 62.68 -87.69 63.02
CA UNK J 937 64.02 -87.88 62.61
C UNK J 937 64.73 -88.51 63.75
N UNK J 938 65.18 -89.77 63.57
CA UNK J 938 65.90 -90.40 64.63
C UNK J 938 67.19 -89.66 64.78
N UNK J 939 67.89 -89.41 63.66
CA UNK J 939 69.14 -88.72 63.80
C UNK J 939 69.59 -88.35 62.44
N UNK J 940 70.51 -87.37 62.38
CA UNK J 940 71.03 -86.98 61.11
C UNK J 940 72.46 -87.38 61.07
N UNK J 941 72.87 -87.98 59.94
CA UNK J 941 74.25 -88.33 59.77
C UNK J 941 74.74 -87.35 58.79
N UNK J 942 75.82 -86.64 59.14
CA UNK J 942 76.27 -85.63 58.24
C UNK J 942 77.66 -85.95 57.87
N UNK J 943 78.04 -85.54 56.65
CA UNK J 943 79.35 -85.76 56.17
C UNK J 943 79.76 -84.50 55.53
N UNK J 944 81.06 -84.33 55.29
CA UNK J 944 81.54 -83.15 54.65
C UNK J 944 81.00 -83.09 53.26
N UNK J 945 81.03 -84.24 52.54
CA UNK J 945 80.68 -84.28 51.16
C UNK J 945 79.28 -83.78 50.95
N UNK J 946 79.07 -83.18 49.77
CA UNK J 946 77.84 -82.53 49.44
C UNK J 946 76.69 -83.46 49.43
N UNK J 947 76.78 -84.60 48.73
CA UNK J 947 75.58 -85.39 48.61
C UNK J 947 75.85 -86.80 48.97
N UNK J 948 74.79 -87.51 49.40
CA UNK J 948 74.98 -88.89 49.75
C UNK J 948 74.51 -89.72 48.60
N UNK J 949 75.47 -90.37 47.92
CA UNK J 949 75.20 -91.22 46.80
C UNK J 949 74.48 -92.45 47.21
N UNK J 950 74.94 -93.12 48.29
CA UNK J 950 74.29 -94.36 48.60
C UNK J 950 74.44 -94.66 50.06
N UNK J 951 73.55 -95.55 50.55
CA UNK J 951 73.62 -95.98 51.91
C UNK J 951 73.33 -97.43 51.90
N UNK J 952 74.01 -98.20 52.77
CA UNK J 952 73.72 -99.59 52.82
C UNK J 952 73.68 -99.98 54.24
N UNK J 953 72.62 -100.70 54.65
CA UNK J 953 72.53 -101.16 56.00
C UNK J 953 73.23 -102.47 56.06
N UNK J 954 73.72 -102.84 57.26
CA UNK J 954 74.34 -104.10 57.43
C UNK J 954 73.23 -105.10 57.54
N UNK J 955 73.55 -106.39 57.40
CA UNK J 955 72.55 -107.40 57.50
C UNK J 955 71.95 -107.29 58.87
N UNK J 956 72.80 -107.02 59.87
CA UNK J 956 72.39 -106.89 61.22
C UNK J 956 71.43 -105.75 61.31
N UNK J 957 71.66 -104.71 60.49
CA UNK J 957 70.87 -103.51 60.51
C UNK J 957 71.29 -102.74 61.72
N UNK J 958 72.30 -103.26 62.44
CA UNK J 958 72.83 -102.57 63.58
C UNK J 958 73.51 -101.33 63.08
N UNK J 959 74.24 -101.44 61.96
CA UNK J 959 74.99 -100.31 61.48
C UNK J 959 74.64 -100.07 60.04
N UNK J 960 74.86 -98.82 59.60
CA UNK J 960 74.62 -98.46 58.23
C UNK J 960 75.82 -97.71 57.77
N UNK J 961 76.10 -97.76 56.45
CA UNK J 961 77.24 -97.04 55.97
C UNK J 961 76.73 -95.94 55.10
N UNK J 962 77.29 -94.73 55.28
CA UNK J 962 76.88 -93.62 54.48
C UNK J 962 77.99 -93.37 53.51
N UNK J 963 77.63 -93.10 52.25
CA UNK J 963 78.64 -92.83 51.28
C UNK J 963 78.25 -91.57 50.60
N UNK J 964 79.23 -90.72 50.25
CA UNK J 964 78.83 -89.50 49.62
C UNK J 964 79.31 -89.54 48.21
N UNK J 965 78.36 -89.38 47.26
CA UNK J 965 78.76 -89.30 45.90
C UNK J 965 77.67 -88.60 45.17
N UNK J 966 78.04 -87.98 44.04
CA UNK J 966 77.10 -87.17 43.33
C UNK J 966 77.95 -86.45 42.35
N UNK J 967 77.70 -85.14 42.19
CA UNK J 967 78.53 -84.40 41.30
C UNK J 967 79.91 -84.55 41.80
N UNK J 968 80.11 -84.39 43.14
CA UNK J 968 81.43 -84.64 43.64
C UNK J 968 81.27 -85.51 44.83
N UNK J 969 81.83 -86.73 44.77
CA UNK J 969 81.72 -87.61 45.88
C UNK J 969 82.98 -87.47 46.65
N UNK J 970 82.88 -87.26 47.97
CA UNK J 970 84.02 -87.30 48.81
C UNK J 970 84.42 -88.74 48.88
N UNK J 971 83.39 -89.60 48.90
CA UNK J 971 83.46 -91.02 49.07
C UNK J 971 83.85 -91.33 50.46
N UNK J 972 83.78 -90.34 51.36
CA UNK J 972 84.09 -90.71 52.70
C UNK J 972 83.00 -91.64 53.10
N UNK J 973 83.35 -92.75 53.76
CA UNK J 973 82.33 -93.67 54.15
C UNK J 973 82.34 -93.67 55.65
N UNK J 974 81.14 -93.56 56.25
CA UNK J 974 81.11 -93.57 57.68
C UNK J 974 80.19 -94.65 58.09
N UNK J 975 80.55 -95.35 59.19
CA UNK J 975 79.69 -96.35 59.69
C UNK J 975 78.99 -95.71 60.83
N UNK J 976 77.65 -95.82 60.88
CA UNK J 976 76.96 -95.17 61.94
C UNK J 976 76.08 -96.19 62.60
N UNK J 977 75.87 -96.03 63.91
CA UNK J 977 74.99 -96.94 64.58
C UNK J 977 73.63 -96.59 64.08
N UNK J 978 72.73 -97.58 64.05
CA UNK J 978 71.41 -97.30 63.56
C UNK J 978 70.84 -96.27 64.47
N UNK J 979 71.13 -96.40 65.78
CA UNK J 979 70.59 -95.55 66.78
C UNK J 979 71.05 -94.13 66.62
N UNK J 980 72.34 -93.87 66.31
CA UNK J 980 72.67 -92.47 66.40
C UNK J 980 73.81 -92.08 65.49
N UNK J 981 74.11 -90.78 65.59
CA UNK J 981 75.08 -89.99 64.87
C UNK J 981 76.50 -90.37 65.18
N UNK J 982 76.78 -90.90 66.39
CA UNK J 982 78.13 -91.05 66.86
C UNK J 982 78.97 -91.80 65.87
N UNK J 983 78.47 -92.92 65.31
CA UNK J 983 79.21 -93.63 64.30
C UNK J 983 80.42 -94.28 64.88
N UNK J 984 80.63 -95.56 64.50
CA UNK J 984 81.75 -96.33 64.95
C UNK J 984 83.03 -95.80 64.40
N UNK J 985 83.08 -95.51 63.09
CA UNK J 985 84.34 -95.07 62.54
C UNK J 985 84.11 -94.50 61.19
N UNK J 986 85.15 -93.86 60.63
CA UNK J 986 85.05 -93.32 59.31
C UNK J 986 86.18 -93.86 58.51
N UNK J 987 85.90 -94.32 57.28
CA UNK J 987 86.96 -94.80 56.45
C UNK J 987 86.85 -94.08 55.14
N UNK J 988 87.94 -93.43 54.69
CA UNK J 988 87.82 -92.82 53.40
C UNK J 988 88.93 -93.33 52.55
N UNK J 989 88.71 -94.50 51.93
CA UNK J 989 89.68 -95.11 51.07
C UNK J 989 89.77 -94.38 49.76
N UNK J 990 88.62 -93.97 49.17
CA UNK J 990 88.69 -93.51 47.80
C UNK J 990 87.87 -92.28 47.58
N UNK J 991 87.93 -91.80 46.32
CA UNK J 991 87.31 -90.60 45.82
C UNK J 991 85.81 -90.64 45.87
N UNK J 992 85.15 -91.72 45.42
CA UNK J 992 83.70 -91.72 45.42
C UNK J 992 83.23 -93.12 45.62
N UNK J 993 81.97 -93.34 46.07
CA UNK J 993 81.55 -94.71 46.16
C UNK J 993 80.13 -94.84 45.71
N UNK J 994 79.92 -95.40 44.52
CA UNK J 994 78.61 -95.61 43.96
C UNK J 994 77.87 -96.69 44.69
N UNK J 995 78.53 -97.83 44.96
CA UNK J 995 77.77 -98.89 45.56
C UNK J 995 78.63 -99.62 46.56
N UNK J 996 77.99 -100.10 47.64
CA UNK J 996 78.70 -100.86 48.60
C UNK J 996 77.82 -102.01 48.96
N UNK J 997 78.39 -103.22 49.06
CA UNK J 997 77.58 -104.34 49.42
C UNK J 997 78.25 -104.98 50.58
N UNK J 998 77.47 -105.27 51.64
CA UNK J 998 78.04 -105.90 52.78
C UNK J 998 78.05 -107.37 52.53
N UNK J 999 79.08 -108.04 53.09
CA UNK J 999 79.20 -109.45 53.04
C UNK J 999 78.39 -109.92 54.18
N UNK J 1000 78.55 -111.20 54.59
CA UNK J 1000 77.82 -111.66 55.73
C UNK J 1000 78.23 -110.73 56.82
N UNK J 1001 79.54 -110.40 56.87
CA UNK J 1001 80.01 -109.41 57.78
C UNK J 1001 80.97 -108.56 57.00
N UNK J 1002 80.96 -107.23 57.24
CA UNK J 1002 81.88 -106.34 56.59
C UNK J 1002 81.33 -105.95 55.25
N UNK J 1003 82.10 -105.13 54.49
CA UNK J 1003 81.63 -104.73 53.20
C UNK J 1003 82.79 -104.36 52.33
N UNK J 1004 82.51 -104.25 51.01
CA UNK J 1004 83.47 -103.83 50.03
C UNK J 1004 82.84 -102.66 49.35
N UNK J 1005 83.65 -101.67 48.92
CA UNK J 1005 83.05 -100.52 48.32
C UNK J 1005 83.59 -100.32 46.95
N UNK J 1006 82.74 -99.72 46.06
CA UNK J 1006 83.17 -99.46 44.73
C UNK J 1006 82.94 -98.01 44.45
N UNK J 1007 83.93 -97.37 43.79
CA UNK J 1007 83.87 -95.98 43.43
C UNK J 1007 83.29 -95.85 42.06
N UNK J 1008 82.91 -94.62 41.69
CA UNK J 1008 82.50 -94.32 40.35
C UNK J 1008 83.73 -94.55 39.54
N UNK J 1009 84.87 -94.22 40.16
CA UNK J 1009 86.20 -94.35 39.64
C UNK J 1009 86.42 -95.80 39.35
N UNK J 1010 85.69 -96.66 40.10
CA UNK J 1010 85.79 -98.09 40.00
C UNK J 1010 86.96 -98.61 40.79
N UNK J 1011 87.56 -97.77 41.66
CA UNK J 1011 88.53 -98.40 42.50
C UNK J 1011 87.70 -99.28 43.40
N UNK J 1012 88.13 -100.53 43.62
CA UNK J 1012 87.32 -101.38 44.45
C UNK J 1012 88.15 -101.74 45.62
N UNK J 1013 87.54 -101.76 46.83
CA UNK J 1013 88.35 -102.10 47.95
C UNK J 1013 87.61 -103.10 48.78
N UNK J 1014 88.37 -104.06 49.33
CA UNK J 1014 87.78 -104.99 50.25
C UNK J 1014 88.24 -104.50 51.57
N UNK J 1015 87.31 -104.29 52.51
CA UNK J 1015 87.78 -103.76 53.75
C UNK J 1015 87.02 -104.39 54.86
N UNK J 1016 87.65 -104.44 56.05
CA UNK J 1016 86.93 -104.94 57.17
C UNK J 1016 86.43 -103.71 57.85
N UNK J 1017 85.10 -103.50 57.80
CA UNK J 1017 84.59 -102.33 58.44
C UNK J 1017 84.72 -102.57 59.89
N UNK J 1018 85.23 -101.56 60.63
CA UNK J 1018 85.42 -101.74 62.03
C UNK J 1018 86.25 -100.60 62.49
N UNK J 1019 86.70 -100.65 63.75
CA UNK J 1019 87.52 -99.60 64.26
C UNK J 1019 88.75 -99.59 63.40
N UNK J 1020 89.25 -100.79 63.03
CA UNK J 1020 90.45 -100.85 62.24
C UNK J 1020 90.19 -100.15 60.95
N UNK J 1021 89.03 -100.44 60.32
CA UNK J 1021 88.69 -99.84 59.06
C UNK J 1021 89.85 -99.97 58.13
N UNK J 1022 90.35 -101.21 57.93
CA UNK J 1022 91.47 -101.40 57.07
C UNK J 1022 91.01 -102.10 55.84
N UNK J 1023 91.71 -101.90 54.71
CA UNK J 1023 91.32 -102.54 53.49
C UNK J 1023 92.33 -103.58 53.15
N UNK J 1024 91.85 -104.81 52.86
CA UNK J 1024 92.71 -105.90 52.51
C UNK J 1024 93.37 -105.63 51.19
N UNK J 1025 92.60 -105.18 50.19
CA UNK J 1025 93.18 -104.97 48.90
C UNK J 1025 92.26 -104.11 48.09
N UNK J 1026 92.77 -103.59 46.96
CA UNK J 1026 91.95 -102.77 46.09
C UNK J 1026 92.41 -103.02 44.69
N UNK J 1027 91.52 -102.77 43.70
CA UNK J 1027 91.90 -102.96 42.33
C UNK J 1027 91.27 -101.87 41.52
N UNK J 1028 91.93 -101.46 40.42
CA UNK J 1028 91.31 -100.48 39.58
C UNK J 1028 91.24 -101.03 38.18
N UNK J 1029 90.10 -101.63 37.82
CA UNK J 1029 89.92 -102.15 36.49
C UNK J 1029 89.80 -101.03 35.50
N UNK J 1030 88.90 -100.04 35.81
CA UNK J 1030 88.64 -98.87 35.01
C UNK J 1030 87.37 -99.04 34.21
N UNK J 1031 87.01 -97.97 33.46
CA UNK J 1031 85.93 -97.86 32.52
C UNK J 1031 84.54 -98.18 33.03
N UNK J 1032 84.06 -97.50 34.09
CA UNK J 1032 82.68 -97.55 34.53
C UNK J 1032 82.11 -98.93 34.60
N UNK J 1033 82.81 -99.83 35.31
CA UNK J 1033 82.59 -101.21 35.65
C UNK J 1033 81.55 -101.45 36.73
N UNK J 1034 81.10 -100.39 37.42
CA UNK J 1034 80.67 -100.24 38.80
C UNK J 1034 79.88 -101.28 39.57
N UNK J 1035 78.84 -101.99 39.07
CA UNK J 1035 78.14 -102.85 40.03
C UNK J 1035 79.05 -103.90 40.63
N UNK J 1036 78.80 -104.29 41.91
CA UNK J 1036 79.62 -105.26 42.61
C UNK J 1036 78.75 -106.13 43.47
N UNK J 1037 79.26 -107.33 43.86
CA UNK J 1037 78.50 -108.23 44.68
C UNK J 1037 79.43 -109.24 45.30
N UNK J 1038 78.98 -109.92 46.38
CA UNK J 1038 79.82 -110.90 47.02
C UNK J 1038 79.22 -112.26 46.79
N UNK J 1039 80.00 -113.17 46.20
CA UNK J 1039 79.57 -114.51 45.95
C UNK J 1039 79.41 -115.26 47.24
N UNK J 1040 80.39 -115.15 48.15
CA UNK J 1040 80.29 -115.94 49.35
C UNK J 1040 80.33 -115.04 50.53
N UNK J 1041 79.45 -115.33 51.51
CA UNK J 1041 79.38 -114.57 52.73
C UNK J 1041 80.66 -114.74 53.47
N UNK J 1042 81.14 -116.00 53.56
CA UNK J 1042 82.34 -116.23 54.28
C UNK J 1042 83.39 -115.47 53.56
N UNK J 1043 84.50 -115.12 54.25
CA UNK J 1043 85.55 -114.40 53.59
C UNK J 1043 85.91 -115.26 52.43
N UNK J 1044 85.78 -114.69 51.22
CA UNK J 1044 85.97 -115.51 50.08
C UNK J 1044 85.79 -114.66 48.87
N UNK J 1045 85.38 -115.32 47.77
CA UNK J 1045 85.23 -114.66 46.51
C UNK J 1045 84.08 -113.70 46.53
N UNK J 1046 84.23 -112.64 45.73
CA UNK J 1046 83.25 -111.63 45.49
C UNK J 1046 83.41 -111.33 44.04
N UNK J 1047 82.39 -110.73 43.40
CA UNK J 1047 82.55 -110.50 41.99
C UNK J 1047 82.72 -109.03 41.78
N UNK J 1048 83.65 -108.66 40.87
CA UNK J 1048 83.87 -107.29 40.54
C UNK J 1048 83.92 -107.24 39.05
N UNK J 1049 83.46 -106.12 38.46
CA UNK J 1049 83.45 -106.04 37.03
C UNK J 1049 84.86 -105.85 36.55
N UNK J 1050 85.22 -106.64 35.51
CA UNK J 1050 86.50 -106.56 34.89
C UNK J 1050 86.35 -105.73 33.66
N UNK J 1051 87.48 -105.44 32.98
CA UNK J 1051 87.44 -104.68 31.77
C UNK J 1051 86.84 -105.56 30.72
N UNK J 1052 86.42 -104.95 29.60
CA UNK J 1052 85.82 -105.69 28.52
C UNK J 1052 84.55 -106.30 29.01
N UNK J 1053 83.93 -105.68 30.03
CA UNK J 1053 82.67 -106.14 30.51
C UNK J 1053 82.82 -107.56 30.98
N UNK J 1054 84.05 -107.94 31.37
CA UNK J 1054 84.27 -109.27 31.87
C UNK J 1054 83.92 -109.26 33.31
N UNK J 1055 83.69 -110.46 33.89
CA UNK J 1055 83.41 -110.53 35.29
C UNK J 1055 84.62 -111.12 35.93
N UNK J 1056 85.06 -110.52 37.05
CA UNK J 1056 86.22 -111.04 37.69
C UNK J 1056 85.79 -111.53 39.02
N UNK J 1057 86.32 -112.69 39.43
CA UNK J 1057 85.98 -113.17 40.74
C UNK J 1057 87.15 -112.82 41.59
N UNK J 1058 86.88 -112.31 42.80
CA UNK J 1058 87.93 -111.77 43.62
C UNK J 1058 88.13 -112.61 44.83
N UNK J 1059 89.20 -112.25 45.58
CA UNK J 1059 89.68 -112.92 46.75
C UNK J 1059 90.46 -114.10 46.29
N UNK J 1060 90.26 -114.44 44.99
CA UNK J 1060 90.93 -115.48 44.26
C UNK J 1060 89.84 -116.17 43.50
N UNK J 1061 90.09 -116.47 42.21
CA UNK J 1061 89.13 -117.15 41.39
C UNK J 1061 89.41 -116.85 39.95
N UNK J 1062 88.46 -117.26 39.09
CA UNK J 1062 88.54 -117.07 37.66
C UNK J 1062 87.67 -115.92 37.25
N UNK J 1063 87.69 -115.60 35.94
CA UNK J 1063 86.90 -114.52 35.41
C UNK J 1063 85.95 -115.09 34.41
N UNK J 1064 84.80 -114.41 34.21
CA UNK J 1064 83.83 -114.89 33.27
C UNK J 1064 83.83 -113.98 32.09
N UNK J 1065 83.78 -114.56 30.88
CA UNK J 1065 83.75 -113.78 29.67
C UNK J 1065 82.33 -113.80 29.21
N UNK J 1066 81.85 -112.68 28.66
CA UNK J 1066 80.45 -112.67 28.34
C UNK J 1066 80.09 -111.30 27.86
N UNK J 1067 79.45 -110.55 28.77
CA UNK J 1067 78.85 -109.27 28.51
C UNK J 1067 79.75 -108.39 27.71
N UNK J 1068 79.12 -107.76 26.70
CA UNK J 1068 79.68 -106.79 25.80
C UNK J 1068 79.94 -105.50 26.51
N UNK J 1069 79.05 -105.11 27.45
CA UNK J 1069 79.15 -103.80 28.02
C UNK J 1069 79.27 -103.85 29.51
N UNK J 1070 79.42 -102.66 30.12
CA UNK J 1070 79.63 -102.50 31.54
C UNK J 1070 78.54 -103.21 32.27
N UNK J 1071 78.86 -103.67 33.50
CA UNK J 1071 77.91 -104.43 34.25
C UNK J 1071 77.10 -103.53 35.12
N UNK J 1072 75.80 -103.45 34.80
CA UNK J 1072 74.85 -102.67 35.53
C UNK J 1072 74.59 -103.25 36.89
N UNK J 1073 74.42 -104.59 36.97
CA UNK J 1073 74.07 -105.12 38.27
C UNK J 1073 74.66 -106.47 38.45
N UNK J 1074 74.91 -106.83 39.73
CA UNK J 1074 75.38 -108.13 40.06
C UNK J 1074 74.61 -108.55 41.25
N UNK J 1075 73.96 -109.73 41.18
CA UNK J 1075 73.24 -110.19 42.33
C UNK J 1075 73.55 -111.65 42.45
N UNK J 1076 73.78 -112.12 43.68
CA UNK J 1076 74.09 -113.50 43.84
C UNK J 1076 73.00 -114.09 44.67
N UNK J 1077 72.59 -115.32 44.33
CA UNK J 1077 71.55 -115.94 45.11
C UNK J 1077 72.23 -116.92 45.99
N UNK J 1078 71.97 -116.84 47.31
CA UNK J 1078 72.59 -117.76 48.20
C UNK J 1078 72.12 -119.11 47.80
N UNK J 1079 70.80 -119.22 47.56
CA UNK J 1079 70.27 -120.47 47.12
C UNK J 1079 70.57 -120.59 45.66
N UNK J 1080 70.83 -121.83 45.21
CA UNK J 1080 71.11 -122.13 43.83
C UNK J 1080 72.48 -121.64 43.48
N UNK J 1081 73.08 -120.80 44.35
CA UNK J 1081 74.42 -120.30 44.18
C UNK J 1081 74.64 -119.86 42.77
N UNK J 1082 73.74 -119.02 42.22
CA UNK J 1082 73.93 -118.58 40.87
C UNK J 1082 74.08 -117.10 40.91
N UNK J 1083 74.93 -116.55 40.01
CA UNK J 1083 75.10 -115.14 40.01
C UNK J 1083 74.34 -114.59 38.85
N UNK J 1084 73.63 -113.48 39.07
CA UNK J 1084 72.88 -112.89 38.00
C UNK J 1084 73.55 -111.60 37.68
N UNK J 1085 73.71 -111.32 36.38
CA UNK J 1085 74.36 -110.09 36.01
C UNK J 1085 73.55 -109.45 34.94
N UNK J 1086 73.62 -108.11 34.88
CA UNK J 1086 72.92 -107.36 33.87
C UNK J 1086 73.92 -106.43 33.28
N UNK J 1087 73.72 -105.99 32.03
CA UNK J 1087 74.72 -105.15 31.45
C UNK J 1087 74.08 -104.16 30.53
N UNK J 1088 74.92 -103.20 30.08
CA UNK J 1088 74.58 -102.15 29.16
C UNK J 1088 74.15 -102.81 27.90
N UNK J 1089 74.72 -104.01 27.66
CA UNK J 1089 74.49 -104.81 26.49
C UNK J 1089 73.02 -105.02 26.38
N UNK J 1090 72.30 -104.94 27.52
CA UNK J 1090 70.88 -105.16 27.56
C UNK J 1090 70.60 -106.63 27.49
N UNK J 1091 71.56 -107.43 27.98
CA UNK J 1091 71.36 -108.85 28.10
C UNK J 1091 71.61 -109.17 29.53
N UNK J 1092 70.99 -110.26 30.03
CA UNK J 1092 71.19 -110.67 31.39
C UNK J 1092 71.83 -112.01 31.30
N UNK J 1093 72.63 -112.39 32.32
CA UNK J 1093 73.23 -113.68 32.23
C UNK J 1093 73.35 -114.25 33.61
N UNK J 1094 73.40 -115.59 33.69
CA UNK J 1094 73.56 -116.23 34.97
C UNK J 1094 74.87 -116.94 34.91
N UNK J 1095 75.67 -116.89 36.00
CA UNK J 1095 76.93 -117.54 35.92
C UNK J 1095 77.01 -118.65 36.91
N UNK J 1096 76.94 -119.90 36.41
CA UNK J 1096 77.09 -121.09 37.19
C UNK J 1096 78.52 -121.30 37.60
N UNK J 1097 79.48 -121.06 36.67
CA UNK J 1097 80.83 -121.46 36.92
C UNK J 1097 81.72 -120.27 37.16
N UNK J 1098 82.84 -120.53 37.86
CA UNK J 1098 83.79 -119.51 38.19
C UNK J 1098 84.38 -118.98 36.91
N UNK J 1099 84.77 -119.87 35.99
CA UNK J 1099 85.31 -119.38 34.75
C UNK J 1099 84.66 -120.15 33.64
N UNK J 1100 84.14 -119.40 32.64
CA UNK J 1100 83.50 -119.99 31.50
C UNK J 1100 82.52 -118.98 31.00
N UNK J 1101 81.78 -119.34 29.95
CA UNK J 1101 80.73 -118.51 29.46
C UNK J 1101 79.60 -118.68 30.43
N UNK J 1102 78.63 -117.74 30.41
CA UNK J 1102 77.53 -117.83 31.33
C UNK J 1102 76.69 -119.00 30.94
N UNK J 1103 76.07 -119.63 31.96
CA UNK J 1103 75.23 -120.77 31.71
C UNK J 1103 74.09 -120.33 30.88
N UNK J 1104 73.48 -119.17 31.25
CA UNK J 1104 72.33 -118.77 30.50
C UNK J 1104 72.44 -117.33 30.15
N UNK J 1105 71.87 -116.96 29.00
CA UNK J 1105 71.77 -115.60 28.59
C UNK J 1105 70.30 -115.34 28.57
N UNK J 1106 69.87 -114.23 29.19
CA UNK J 1106 68.46 -113.99 29.21
C UNK J 1106 68.14 -113.17 28.01
N UNK J 1107 67.31 -113.73 27.12
CA UNK J 1107 66.92 -113.03 25.94
C UNK J 1107 65.86 -113.86 25.31
N UNK J 1108 64.97 -113.22 24.53
CA UNK J 1108 63.92 -113.99 23.91
C UNK J 1108 64.52 -114.69 22.69
N UNK J 1109 64.49 -102.88 23.65
CA UNK J 1109 65.05 -101.53 23.87
C UNK J 1109 66.54 -101.61 23.94
N UNK J 1110 67.21 -100.71 23.21
CA UNK J 1110 68.64 -100.68 23.12
C UNK J 1110 69.19 -100.39 24.48
N UNK J 1111 68.50 -99.53 25.24
CA UNK J 1111 68.99 -99.09 26.52
C UNK J 1111 69.33 -100.26 27.38
N UNK J 1112 70.28 -100.04 28.30
CA UNK J 1112 70.78 -101.03 29.20
C UNK J 1112 69.77 -101.25 30.29
N UNK J 1113 69.87 -102.42 30.96
CA UNK J 1113 68.98 -102.72 32.04
C UNK J 1113 69.37 -101.90 33.22
N UNK J 1114 68.40 -101.17 33.80
CA UNK J 1114 68.63 -100.35 34.95
C UNK J 1114 68.90 -101.22 36.15
N UNK J 1115 68.06 -102.26 36.36
CA UNK J 1115 68.28 -103.07 37.52
C UNK J 1115 67.64 -104.40 37.31
N UNK J 1116 68.24 -105.44 37.92
CA UNK J 1116 67.73 -106.77 37.83
C UNK J 1116 67.62 -107.26 39.23
N UNK J 1117 66.72 -108.23 39.49
CA UNK J 1117 66.57 -108.67 40.84
C UNK J 1117 66.28 -110.13 40.86
N UNK J 1118 66.53 -110.76 42.03
CA UNK J 1118 66.28 -112.16 42.20
C UNK J 1118 64.80 -112.35 42.26
N UNK J 1119 64.38 -113.49 41.69
CA UNK J 1119 63.04 -113.96 41.53
C UNK J 1119 63.33 -115.13 40.66
N UNK J 1120 62.42 -115.48 39.73
CA UNK J 1120 62.92 -116.44 38.79
C UNK J 1120 64.05 -115.68 38.17
N UNK J 1121 63.74 -114.43 37.79
CA UNK J 1121 64.67 -113.48 37.28
C UNK J 1121 63.82 -112.32 36.87
N UNK J 1122 64.23 -111.09 37.22
CA UNK J 1122 63.42 -109.99 36.81
C UNK J 1122 64.35 -108.91 36.38
N UNK J 1123 64.00 -108.20 35.29
CA UNK J 1123 64.87 -107.17 34.85
C UNK J 1123 64.04 -106.01 34.43
N UNK J 1124 64.58 -104.80 34.66
CA UNK J 1124 63.92 -103.60 34.26
C UNK J 1124 64.91 -102.85 33.46
N UNK J 1125 64.41 -102.12 32.45
CA UNK J 1125 65.24 -101.37 31.55
C UNK J 1125 64.26 -100.43 30.93
N UNK J 1126 64.56 -99.97 29.71
CA UNK J 1126 63.59 -99.15 29.06
C UNK J 1126 62.39 -100.04 28.96
N UNK J 1127 62.64 -101.33 28.67
CA UNK J 1127 61.63 -102.35 28.61
C UNK J 1127 61.53 -102.96 29.98
N UNK J 1128 60.66 -103.98 30.13
CA UNK J 1128 60.55 -104.70 31.36
C UNK J 1128 60.40 -106.15 31.00
N UNK J 1129 61.04 -107.06 31.77
CA UNK J 1129 60.90 -108.45 31.42
C UNK J 1129 61.04 -109.29 32.64
N UNK J 1130 60.41 -110.48 32.60
CA UNK J 1130 60.50 -111.44 33.66
C UNK J 1130 61.13 -112.63 33.03
N UNK J 1131 61.98 -113.35 33.78
CA UNK J 1131 62.64 -114.44 33.16
C UNK J 1131 62.42 -115.68 33.96
N UNK J 1132 62.47 -116.82 33.26
CA UNK J 1132 62.43 -118.13 33.87
C UNK J 1132 63.69 -118.75 33.35
N UNK J 1133 64.25 -119.75 34.04
CA UNK J 1133 65.40 -120.30 33.36
C UNK J 1133 64.82 -120.95 32.13
N UNK J 1134 64.99 -120.33 30.91
CA UNK J 1134 64.37 -120.72 29.66
C UNK J 1134 64.15 -119.54 28.75
N UNK J 1135 62.87 -119.07 28.66
CA UNK J 1135 62.39 -118.00 27.81
C UNK J 1135 61.76 -116.94 28.68
N UNK J 1136 61.32 -115.81 28.08
CA UNK J 1136 60.77 -114.73 28.86
C UNK J 1136 59.54 -115.21 29.57
N UNK J 1137 59.53 -115.05 30.91
CA UNK J 1137 58.40 -115.46 31.70
C UNK J 1137 57.23 -114.59 31.40
N UNK J 1138 57.46 -113.26 31.37
CA UNK J 1138 56.39 -112.33 31.15
C UNK J 1138 57.00 -111.04 30.73
N UNK J 1139 56.17 -110.11 30.18
CA UNK J 1139 56.71 -108.85 29.74
C UNK J 1139 55.82 -107.75 30.19
N UNK J 1140 56.39 -106.52 30.31
CA UNK J 1140 55.61 -105.37 30.69
C UNK J 1140 55.58 -104.46 29.50
N UNK J 1141 54.41 -103.84 29.27
CA UNK J 1141 54.06 -103.06 28.11
C UNK J 1141 54.77 -101.75 27.88
N UNK J 1142 54.94 -100.88 28.92
CA UNK J 1142 55.29 -99.47 28.83
C UNK J 1142 56.08 -99.17 27.59
N UNK J 1143 55.34 -98.73 26.55
CA UNK J 1143 55.89 -98.62 25.22
C UNK J 1143 57.00 -97.63 25.14
N UNK J 1144 56.77 -96.38 25.56
CA UNK J 1144 57.90 -95.52 25.45
C UNK J 1144 58.07 -94.90 26.77
N UNK J 1145 58.44 -95.70 27.77
CA UNK J 1145 58.67 -95.10 29.04
C UNK J 1145 59.84 -95.81 29.60
N UNK J 1146 60.97 -95.11 29.74
CA UNK J 1146 62.12 -95.76 30.28
C UNK J 1146 61.85 -95.93 31.73
N UNK J 1147 62.40 -96.99 32.35
CA UNK J 1147 62.20 -97.17 33.75
C UNK J 1147 63.46 -96.74 34.42
N UNK J 1148 63.33 -95.80 35.38
CA UNK J 1148 64.46 -95.29 36.10
C UNK J 1148 65.06 -96.38 36.95
N UNK J 1149 64.22 -97.12 37.68
CA UNK J 1149 64.76 -98.14 38.53
C UNK J 1149 63.66 -99.08 38.90
N UNK J 1150 64.04 -100.30 39.32
CA UNK J 1150 63.03 -101.24 39.72
C UNK J 1150 63.52 -101.91 40.97
N UNK J 1151 62.59 -102.14 41.91
CA UNK J 1151 62.96 -102.78 43.13
C UNK J 1151 62.05 -103.96 43.29
N UNK J 1152 62.54 -104.99 43.99
CA UNK J 1152 61.73 -106.16 44.19
C UNK J 1152 61.42 -106.21 45.65
N UNK J 1153 60.21 -106.68 46.01
CA UNK J 1153 59.80 -106.74 47.38
C UNK J 1153 60.63 -107.76 48.07
N UNK J 1154 60.67 -107.72 49.41
CA UNK J 1154 61.46 -108.67 50.14
C UNK J 1154 60.94 -110.01 49.75
N UNK J 1155 59.60 -110.14 49.76
CA UNK J 1155 59.04 -111.33 49.20
C UNK J 1155 58.86 -110.89 47.80
N UNK J 1156 59.39 -111.64 46.81
CA UNK J 1156 59.28 -111.04 45.51
C UNK J 1156 57.96 -111.37 44.92
N UNK J 1157 56.89 -110.95 45.62
CA UNK J 1157 55.56 -111.03 45.10
C UNK J 1157 55.41 -109.96 44.07
N UNK J 1158 55.95 -108.76 44.37
CA UNK J 1158 55.72 -107.65 43.49
C UNK J 1158 57.00 -106.96 43.18
N UNK J 1159 57.04 -106.34 41.99
CA UNK J 1159 58.18 -105.58 41.59
C UNK J 1159 57.66 -104.21 41.30
N UNK J 1160 58.34 -103.17 41.84
CA UNK J 1160 57.86 -101.84 41.59
C UNK J 1160 58.91 -101.16 40.79
N UNK J 1161 58.48 -100.35 39.81
CA UNK J 1161 59.44 -99.65 39.01
C UNK J 1161 58.93 -98.27 38.81
N UNK J 1162 59.85 -97.31 38.58
CA UNK J 1162 59.39 -95.97 38.37
C UNK J 1162 59.52 -95.69 36.91
N UNK J 1163 58.39 -95.33 36.25
CA UNK J 1163 58.45 -94.96 34.87
C UNK J 1163 59.04 -93.59 34.86
N UNK J 1164 59.88 -93.30 33.86
CA UNK J 1164 60.55 -92.04 33.85
C UNK J 1164 59.66 -90.94 33.41
N UNK J 1165 59.86 -89.77 34.05
CA UNK J 1165 59.27 -88.52 33.69
C UNK J 1165 60.46 -87.63 33.76
N UNK J 1166 60.73 -86.86 32.69
CA UNK J 1166 61.98 -86.16 32.72
C UNK J 1166 62.10 -85.42 31.44
N UNK J 1167 63.29 -85.50 30.84
CA UNK J 1167 63.55 -84.81 29.61
C UNK J 1167 62.51 -85.24 28.65
N UNK J 1168 62.19 -86.55 28.62
CA UNK J 1168 61.14 -86.94 27.73
C UNK J 1168 59.87 -86.79 28.50
N UNK J 1169 59.00 -85.86 28.05
CA UNK J 1169 57.77 -85.66 28.74
C UNK J 1169 56.82 -86.71 28.34
N UNK J 1170 55.97 -87.16 29.28
CA UNK J 1170 54.97 -88.13 28.96
C UNK J 1170 54.08 -88.22 30.14
N UNK J 1171 52.83 -88.69 29.94
CA UNK J 1171 52.02 -88.86 31.11
C UNK J 1171 52.63 -90.06 31.73
N UNK J 1172 53.34 -89.85 32.85
CA UNK J 1172 54.10 -90.91 33.41
C UNK J 1172 54.52 -90.47 34.77
N UNK J 1173 55.75 -90.87 35.16
CA UNK J 1173 56.20 -90.56 36.48
C UNK J 1173 55.26 -91.28 37.37
N UNK J 1174 54.83 -92.47 36.92
CA UNK J 1174 53.96 -93.26 37.74
C UNK J 1174 54.77 -94.42 38.19
N UNK J 1175 54.62 -94.79 39.47
CA UNK J 1175 55.32 -95.96 39.93
C UNK J 1175 54.35 -97.06 39.80
N UNK J 1176 54.72 -98.11 39.06
CA UNK J 1176 53.78 -99.16 38.88
C UNK J 1176 54.29 -100.36 39.60
N UNK J 1177 53.40 -100.99 40.40
CA UNK J 1177 53.80 -102.18 41.06
C UNK J 1177 53.17 -103.29 40.29
N UNK J 1178 53.95 -104.32 39.95
CA UNK J 1178 53.36 -105.37 39.17
C UNK J 1178 53.25 -106.55 40.08
N UNK J 1179 52.11 -107.25 40.00
CA UNK J 1179 51.95 -108.41 40.81
C UNK J 1179 52.64 -109.51 40.03
N UNK J 1180 51.59 -112.35 30.49
CA UNK J 1180 51.63 -111.32 29.44
C UNK J 1180 52.19 -110.05 29.97
N UNK J 1181 51.40 -108.97 29.86
CA UNK J 1181 51.72 -107.61 30.20
C UNK J 1181 52.08 -107.53 31.65
N UNK J 1182 51.62 -108.50 32.46
CA UNK J 1182 51.82 -108.37 33.88
C UNK J 1182 51.16 -107.12 34.33
N UNK J 1183 49.89 -107.28 34.77
CA UNK J 1183 49.07 -106.20 35.21
C UNK J 1183 49.71 -105.53 36.38
N UNK J 1184 49.43 -104.23 36.51
CA UNK J 1184 50.01 -103.49 37.59
C UNK J 1184 49.04 -103.52 38.73
N UNK J 1185 49.50 -104.05 39.88
CA UNK J 1185 48.69 -104.14 41.04
C UNK J 1185 48.40 -102.76 41.54
N UNK J 1186 49.43 -101.89 41.57
CA UNK J 1186 49.20 -100.58 42.12
C UNK J 1186 49.82 -99.55 41.25
N UNK J 1187 49.29 -98.32 41.32
CA UNK J 1187 49.86 -97.25 40.54
C UNK J 1187 50.08 -96.09 41.47
N UNK J 1188 51.20 -95.37 41.28
CA UNK J 1188 51.47 -94.24 42.10
C UNK J 1188 51.88 -93.14 41.18
N UNK J 1189 51.61 -91.88 41.57
CA UNK J 1189 52.00 -90.83 40.68
C UNK J 1189 52.98 -89.95 41.37
N UNK J 1190 54.13 -89.73 40.71
CA UNK J 1190 55.16 -88.85 41.17
C UNK J 1190 56.41 -89.26 40.48
N UNK J 1191 57.27 -88.30 40.11
CA UNK J 1191 58.49 -88.67 39.47
C UNK J 1191 59.33 -89.31 40.51
N UNK J 1192 60.11 -90.35 40.16
CA UNK J 1192 60.89 -90.94 41.20
C UNK J 1192 62.28 -91.17 40.72
N UNK J 1193 63.26 -90.63 41.47
CA UNK J 1193 64.64 -90.90 41.19
C UNK J 1193 64.86 -92.35 41.52
N UNK J 1194 64.29 -92.79 42.65
CA UNK J 1194 64.46 -94.14 43.08
C UNK J 1194 63.41 -94.43 44.11
N UNK J 1195 63.21 -95.73 44.42
CA UNK J 1195 62.24 -96.12 45.40
C UNK J 1195 62.82 -97.28 46.15
N UNK J 1196 62.31 -97.53 47.37
CA UNK J 1196 62.81 -98.63 48.16
C UNK J 1196 61.65 -99.24 48.86
N UNK J 1197 61.78 -100.53 49.22
CA UNK J 1197 60.70 -101.20 49.89
C UNK J 1197 61.13 -101.49 51.29
N UNK J 1198 60.17 -101.42 52.23
CA UNK J 1198 60.45 -101.73 53.60
C UNK J 1198 60.50 -103.22 53.69
N UNK J 1199 61.07 -103.75 54.78
CA UNK J 1199 61.15 -105.18 54.95
C UNK J 1199 59.75 -105.70 54.95
N UNK J 1200 58.84 -104.94 55.60
CA UNK J 1200 57.46 -105.31 55.70
C UNK J 1200 56.89 -105.35 54.33
N UNK J 1201 57.37 -104.46 53.44
CA UNK J 1201 56.87 -104.35 52.10
C UNK J 1201 55.53 -103.69 52.18
N UNK J 1202 55.17 -103.21 53.38
CA UNK J 1202 53.97 -102.48 53.59
C UNK J 1202 54.06 -101.17 52.89
N UNK J 1203 55.23 -100.50 52.98
CA UNK J 1203 55.32 -99.18 52.41
C UNK J 1203 56.53 -99.10 51.53
N UNK J 1204 56.52 -98.11 50.62
CA UNK J 1204 57.62 -97.90 49.74
C UNK J 1204 58.02 -96.47 49.87
N UNK J 1205 59.34 -96.20 49.76
CA UNK J 1205 59.77 -94.84 49.86
C UNK J 1205 59.98 -94.37 48.46
N UNK J 1206 59.48 -93.16 48.14
CA UNK J 1206 59.62 -92.66 46.81
C UNK J 1206 60.54 -91.49 46.86
N UNK J 1207 61.48 -91.43 45.90
CA UNK J 1207 62.38 -90.33 45.86
C UNK J 1207 61.96 -89.47 44.72
N UNK J 1208 61.88 -88.15 44.93
CA UNK J 1208 61.46 -87.26 43.88
C UNK J 1208 62.27 -86.02 44.01
N UNK J 1209 62.21 -85.15 42.98
CA UNK J 1209 62.94 -83.93 43.06
C UNK J 1209 62.36 -83.18 44.22
N UNK J 1210 61.03 -83.23 44.35
CA UNK J 1210 60.35 -82.58 45.43
C UNK J 1210 60.57 -83.42 46.64
N UNK J 1211 59.89 -83.07 47.74
CA UNK J 1211 60.03 -83.84 48.94
C UNK J 1211 59.70 -85.24 48.60
N UNK J 1212 60.35 -86.21 49.27
CA UNK J 1212 60.13 -87.60 49.00
C UNK J 1212 58.80 -87.94 49.56
N UNK J 1213 58.20 -89.02 49.04
CA UNK J 1213 56.92 -89.43 49.52
C UNK J 1213 57.04 -90.83 50.04
N UNK J 1214 56.28 -91.14 51.09
CA UNK J 1214 56.22 -92.48 51.59
C UNK J 1214 54.82 -92.90 51.35
N UNK J 1215 54.61 -94.03 50.66
CA UNK J 1215 53.24 -94.44 50.40
C UNK J 1215 53.09 -95.82 50.91
N UNK J 1216 51.88 -96.17 51.38
CA UNK J 1216 51.68 -97.49 51.90
C UNK J 1216 50.91 -98.28 50.90
N UNK J 1217 51.31 -99.55 50.69
CA UNK J 1217 50.62 -100.41 49.79
C UNK J 1217 49.98 -101.47 50.64
N UNK J 1218 48.75 -101.87 50.30
CA UNK J 1218 48.12 -102.86 51.12
C UNK J 1218 48.37 -104.19 50.49
N UNK J 1219 48.92 -105.12 51.29
CA UNK J 1219 49.18 -106.44 50.77
C UNK J 1219 47.86 -107.02 50.42
N UNK J 1220 46.87 -106.82 51.30
CA UNK J 1220 45.55 -107.33 51.07
C UNK J 1220 44.60 -106.24 51.44
N UNK J 1221 43.37 -106.31 50.91
CA UNK J 1221 42.39 -105.33 51.23
C UNK J 1221 42.18 -105.41 52.74
N MET K 7 32.51 23.74 43.82
CA MET K 7 32.56 24.17 42.41
C MET K 7 31.14 24.11 41.93
N ASP K 8 30.89 24.63 40.73
CA ASP K 8 29.56 24.58 40.21
C ASP K 8 29.37 23.14 39.92
N PHE K 9 28.12 22.73 39.62
CA PHE K 9 27.95 21.34 39.34
C PHE K 9 28.79 21.02 38.16
N GLU K 10 28.70 21.85 37.10
CA GLU K 10 29.47 21.59 35.92
C GLU K 10 30.93 21.68 36.24
N THR K 11 31.31 22.60 37.13
CA THR K 11 32.71 22.74 37.42
C THR K 11 33.19 21.44 37.98
N GLY K 12 32.47 20.92 38.99
CA GLY K 12 32.84 19.71 39.67
C GLY K 12 32.73 18.55 38.74
N GLU K 13 31.67 18.52 37.92
CA GLU K 13 31.46 17.41 37.05
C GLU K 13 32.63 17.30 36.14
N HIS K 14 33.03 18.46 35.58
CA HIS K 14 34.14 18.47 34.68
C HIS K 14 35.42 18.20 35.40
N GLN K 15 35.61 18.73 36.62
CA GLN K 15 36.85 18.48 37.32
C GLN K 15 36.92 17.01 37.58
N TYR K 16 35.77 16.48 37.99
CA TYR K 16 35.58 15.12 38.33
C TYR K 16 35.89 14.27 37.13
N GLN K 17 35.46 14.70 35.94
CA GLN K 17 35.73 13.99 34.72
C GLN K 17 37.16 14.12 34.30
N TYR K 18 37.65 15.37 34.40
CA TYR K 18 38.87 15.93 33.94
C TYR K 18 40.04 15.40 34.71
N LYS K 19 39.79 14.64 35.79
CA LYS K 19 40.76 14.15 36.73
C LYS K 19 41.92 13.41 36.12
N ASP K 20 41.68 12.32 35.37
CA ASP K 20 42.74 11.47 34.90
C ASP K 20 43.68 12.30 34.10
N ILE K 21 43.12 13.19 33.27
CA ILE K 21 43.97 14.04 32.50
C ILE K 21 44.79 14.90 33.41
N LEU K 22 44.20 15.47 34.49
CA LEU K 22 45.07 16.30 35.29
C LEU K 22 46.16 15.48 35.91
N SER K 23 45.81 14.33 36.51
CA SER K 23 46.79 13.60 37.24
C SER K 23 47.93 13.22 36.35
N VAL K 24 47.59 12.58 35.21
CA VAL K 24 48.59 12.13 34.30
C VAL K 24 49.33 13.28 33.69
N PHE K 25 48.61 14.36 33.35
CA PHE K 25 49.26 15.37 32.55
C PHE K 25 50.41 15.95 33.30
N GLU K 26 50.15 16.49 34.49
CA GLU K 26 51.21 17.10 35.23
C GLU K 26 52.11 16.03 35.67
N ASP K 27 51.62 14.83 36.02
CA ASP K 27 52.34 13.71 36.60
C ASP K 27 53.83 13.81 36.38
N ALA K 28 54.60 13.74 37.48
CA ALA K 28 56.03 13.87 37.53
C ALA K 28 56.38 15.32 37.47
N PHE K 29 55.56 16.11 36.75
CA PHE K 29 55.48 17.55 36.79
C PHE K 29 54.52 18.00 37.86
N VAL K 30 53.42 17.24 38.09
CA VAL K 30 52.42 17.65 39.06
C VAL K 30 53.10 17.67 40.40
N ASP K 31 53.94 16.66 40.66
CA ASP K 31 54.58 16.56 41.94
C ASP K 31 55.44 17.76 42.11
N ASN K 32 56.21 18.11 41.06
CA ASN K 32 57.13 19.19 41.16
C ASN K 32 56.37 20.46 41.36
N PHE K 33 55.26 20.65 40.63
CA PHE K 33 54.61 21.91 40.76
C PHE K 33 54.04 22.05 42.13
N ASP K 34 53.51 20.97 42.75
CA ASP K 34 52.96 21.07 44.07
C ASP K 34 54.00 21.55 45.03
N CYS K 35 55.22 21.00 44.95
CA CYS K 35 56.21 21.39 45.91
C CYS K 35 56.43 22.87 45.80
N LYS K 36 56.50 23.38 44.55
CA LYS K 36 56.69 24.78 44.31
C LYS K 36 55.46 25.45 44.82
N ASP K 37 54.35 24.69 44.72
CA ASP K 37 52.97 25.08 44.86
C ASP K 37 52.59 25.59 46.18
N VAL K 38 53.37 25.32 47.23
CA VAL K 38 52.96 25.63 48.57
C VAL K 38 52.55 27.06 48.71
N GLN K 39 53.03 28.03 47.95
CA GLN K 39 52.35 29.25 48.31
C GLN K 39 50.93 29.24 47.81
N ASP K 40 50.75 28.78 46.57
CA ASP K 40 49.43 28.71 45.97
C ASP K 40 48.43 28.00 46.87
N MET K 41 48.67 26.71 47.10
CA MET K 41 47.80 25.91 47.95
C MET K 41 47.51 26.62 49.27
N PRO K 42 48.41 27.51 49.67
CA PRO K 42 48.26 28.26 50.92
C PRO K 42 47.35 29.47 50.74
N LYS K 43 46.57 29.48 49.66
CA LYS K 43 45.66 30.58 49.39
C LYS K 43 44.27 30.07 49.00
N SER K 44 43.30 30.97 48.98
CA SER K 44 41.92 30.61 48.62
C SER K 44 41.89 29.36 47.76
N ILE K 45 42.87 28.47 47.97
CA ILE K 45 42.96 27.24 47.20
C ILE K 45 43.21 26.05 48.13
N LEU K 46 44.23 26.16 48.97
CA LEU K 46 44.59 25.09 49.90
C LEU K 46 45.43 25.62 51.04
N SER K 47 44.84 25.69 52.23
CA SER K 47 45.53 26.18 53.41
C SER K 47 47.00 25.74 53.41
N LYS K 48 47.82 26.43 54.19
CA LYS K 48 49.20 26.12 54.27
C LYS K 48 49.31 24.68 54.62
N GLU K 49 48.48 24.24 55.57
CA GLU K 49 48.54 22.88 56.01
C GLU K 49 48.17 21.99 54.87
N GLU K 50 47.19 22.42 54.07
CA GLU K 50 46.70 21.57 53.04
C GLU K 50 47.75 21.30 52.00
N ILE K 51 48.63 22.26 51.67
CA ILE K 51 49.54 21.87 50.62
C ILE K 51 50.42 20.80 51.14
N ASP K 52 50.87 20.96 52.39
CA ASP K 52 51.73 19.97 52.98
C ASP K 52 50.96 18.69 53.02
N HIS K 53 49.63 18.81 53.20
CA HIS K 53 48.82 17.64 53.28
C HIS K 53 48.94 16.86 51.99
N ILE K 54 48.75 17.52 50.83
CA ILE K 54 48.80 16.80 49.58
C ILE K 54 50.19 16.28 49.36
N ILE K 55 51.17 17.13 49.70
CA ILE K 55 52.55 16.85 49.46
C ILE K 55 52.92 15.59 50.16
N MET K 56 52.41 15.41 51.40
CA MET K 56 52.79 14.28 52.21
C MET K 56 52.41 12.99 51.56
N SER K 57 51.20 12.88 50.97
CA SER K 57 50.83 11.64 50.33
C SER K 57 51.86 11.39 49.27
N LYS K 58 52.68 10.36 49.52
CA LYS K 58 53.85 10.06 48.76
C LYS K 58 53.48 9.71 47.36
N ASP K 59 52.52 8.80 47.22
CA ASP K 59 52.25 8.20 45.95
C ASP K 59 51.75 9.24 45.05
N ALA K 60 52.17 9.16 43.77
CA ALA K 60 51.79 10.17 42.83
C ALA K 60 50.31 10.16 42.72
N VAL K 61 49.70 8.96 42.71
CA VAL K 61 48.29 8.84 42.59
C VAL K 61 47.67 9.50 43.78
N SER K 62 48.21 9.22 44.97
CA SER K 62 47.69 9.74 46.21
C SER K 62 47.81 11.22 46.22
N GLY K 63 48.95 11.73 45.73
CA GLY K 63 49.17 13.15 45.78
C GLY K 63 48.13 13.84 44.98
N THR K 64 47.83 13.30 43.78
CA THR K 64 46.86 13.95 42.95
C THR K 64 45.51 13.87 43.59
N LEU K 65 45.18 12.70 44.16
CA LEU K 65 43.88 12.50 44.75
C LEU K 65 43.74 13.41 45.93
N ARG K 66 44.81 13.56 46.73
CA ARG K 66 44.69 14.36 47.91
C ARG K 66 44.33 15.78 47.54
N LEU K 67 45.00 16.36 46.55
CA LEU K 67 44.74 17.74 46.21
C LEU K 67 43.35 17.87 45.69
N PHE K 68 42.89 16.90 44.87
CA PHE K 68 41.57 17.04 44.32
C PHE K 68 40.58 17.00 45.44
N TRP K 69 40.86 16.17 46.46
CA TRP K 69 39.97 16.03 47.57
C TRP K 69 39.80 17.35 48.25
N THR K 70 40.91 18.06 48.54
CA THR K 70 40.81 19.30 49.24
C THR K 70 40.03 20.28 48.40
N LEU K 71 40.25 20.24 47.08
CA LEU K 71 39.64 21.13 46.13
C LEU K 71 38.16 20.97 46.17
N LEU K 72 37.66 19.73 46.32
CA LEU K 72 36.25 19.49 46.25
C LEU K 72 35.55 20.22 47.36
N SER K 73 36.16 20.26 48.55
CA SER K 73 35.55 20.83 49.72
C SER K 73 35.30 22.28 49.50
N LYS K 74 35.93 22.89 48.50
CA LYS K 74 35.69 24.28 48.36
C LYS K 74 34.59 24.53 47.41
N GLN K 75 34.34 25.83 47.27
CA GLN K 75 33.26 26.34 46.51
C GLN K 75 33.70 26.52 45.10
N GLU K 76 32.77 27.06 44.30
CA GLU K 76 33.03 27.36 42.92
C GLU K 76 34.18 28.29 42.89
N GLU K 77 34.29 29.15 43.91
CA GLU K 77 35.32 30.14 43.89
C GLU K 77 36.65 29.46 43.79
N MET K 78 36.81 28.32 44.49
CA MET K 78 38.07 27.64 44.52
C MET K 78 38.44 27.19 43.13
N VAL K 79 37.48 26.68 42.34
CA VAL K 79 37.87 26.22 41.05
C VAL K 79 38.37 27.39 40.27
N GLN K 80 37.74 28.55 40.45
CA GLN K 80 38.14 29.73 39.74
C GLN K 80 39.51 30.14 40.17
N LYS K 81 39.82 30.05 41.48
CA LYS K 81 41.12 30.46 41.91
C LYS K 81 42.15 29.52 41.34
N PHE K 82 41.85 28.21 41.40
CA PHE K 82 42.72 27.17 40.92
C PHE K 82 42.91 27.36 39.46
N VAL K 83 41.84 27.69 38.72
CA VAL K 83 42.02 27.83 37.31
C VAL K 83 42.98 28.95 37.08
N GLU K 84 42.88 30.01 37.91
CA GLU K 84 43.73 31.15 37.73
C GLU K 84 45.15 30.75 37.94
N GLU K 85 45.43 29.91 38.97
CA GLU K 85 46.78 29.54 39.23
C GLU K 85 47.31 28.77 38.07
N VAL K 86 46.46 27.95 37.41
CA VAL K 86 46.94 27.15 36.33
C VAL K 86 47.35 28.04 35.20
N LEU K 87 46.60 29.12 34.94
CA LEU K 87 46.92 30.02 33.86
C LEU K 87 48.19 30.74 34.21
N ARG K 88 48.36 31.14 35.47
CA ARG K 88 49.55 31.84 35.88
C ARG K 88 50.70 30.92 35.65
N ILE K 89 50.49 29.63 35.97
CA ILE K 89 51.46 28.59 35.77
C ILE K 89 51.68 28.50 34.30
N ASN K 90 50.63 28.86 33.53
CA ASN K 90 50.59 28.73 32.11
C ASN K 90 50.94 27.35 31.84
N TYR K 91 50.12 26.52 32.49
CA TYR K 91 50.18 25.13 32.31
C TYR K 91 49.24 25.05 31.16
N LYS K 92 49.79 25.44 29.99
CA LYS K 92 48.99 25.83 28.87
C LYS K 92 48.02 24.79 28.42
N PHE K 93 48.47 23.57 28.15
CA PHE K 93 47.52 22.65 27.58
C PHE K 93 46.48 22.38 28.59
N LEU K 94 46.86 22.11 29.84
CA LEU K 94 45.88 21.73 30.81
C LEU K 94 44.95 22.85 31.05
N MET K 95 45.47 24.10 31.09
CA MET K 95 44.58 25.17 31.41
C MET K 95 43.55 25.32 30.32
N SER K 96 43.93 25.07 29.04
CA SER K 96 42.97 25.25 27.98
C SER K 96 41.79 24.34 28.19
N PRO K 97 41.95 23.04 28.33
CA PRO K 97 40.78 22.29 28.63
C PRO K 97 40.06 22.64 29.90
N ILE K 98 40.74 23.14 30.94
CA ILE K 98 39.95 23.46 32.09
C ILE K 98 39.02 24.59 31.75
N LYS K 99 39.48 25.61 30.98
CA LYS K 99 38.59 26.71 30.70
C LYS K 99 37.45 26.27 29.85
N THR K 100 37.65 25.30 28.94
CA THR K 100 36.54 24.89 28.13
C THR K 100 35.51 24.28 29.04
N GLU K 101 36.01 23.56 30.05
CA GLU K 101 35.27 22.87 31.05
C GLU K 101 34.34 23.82 31.74
N GLN K 102 34.82 25.00 32.16
CA GLN K 102 33.91 25.85 32.87
C GLN K 102 32.74 26.23 32.00
N ARG K 103 31.54 25.89 32.51
CA ARG K 103 30.23 26.08 31.92
C ARG K 103 30.11 25.45 30.56
N GLN K 104 30.27 24.10 30.46
CA GLN K 104 30.09 23.42 29.19
C GLN K 104 29.40 22.11 29.43
N PRO K 105 28.41 21.79 28.61
CA PRO K 105 27.76 20.50 28.72
C PRO K 105 28.41 19.42 27.89
N SER K 106 28.14 18.12 28.17
CA SER K 106 28.65 17.03 27.40
C SER K 106 27.93 15.78 27.83
N MET K 107 27.89 14.76 26.95
CA MET K 107 27.23 13.53 27.31
C MET K 107 27.98 12.90 28.44
N MET K 108 29.32 12.82 28.33
CA MET K 108 30.14 12.20 29.33
C MET K 108 30.07 12.97 30.62
N THR K 109 30.06 14.30 30.53
CA THR K 109 30.03 15.10 31.72
C THR K 109 28.76 14.86 32.44
N ARG K 110 27.66 14.82 31.68
CA ARG K 110 26.34 14.70 32.25
C ARG K 110 26.23 13.38 32.95
N MET K 111 26.78 12.31 32.36
CA MET K 111 26.64 11.04 33.01
C MET K 111 27.38 11.04 34.31
N TYR K 112 28.56 11.68 34.37
CA TYR K 112 29.32 11.65 35.57
C TYR K 112 28.61 12.37 36.67
N ILE K 113 28.01 13.53 36.37
CA ILE K 113 27.33 14.29 37.38
C ILE K 113 26.20 13.50 37.92
N GLU K 114 25.48 12.80 37.03
CA GLU K 114 24.34 12.03 37.40
C GLU K 114 24.75 10.97 38.38
N GLN K 115 25.88 10.30 38.11
CA GLN K 115 26.31 9.21 38.93
C GLN K 115 26.64 9.73 40.30
N ARG K 116 27.29 10.89 40.36
CA ARG K 116 27.70 11.49 41.60
C ARG K 116 26.48 11.77 42.44
N ASP K 117 25.42 12.34 41.83
CA ASP K 117 24.26 12.71 42.59
C ASP K 117 23.63 11.46 43.13
N ARG K 118 23.59 10.39 42.33
CA ARG K 118 22.94 9.19 42.77
C ARG K 118 23.62 8.66 43.98
N LEU K 119 24.97 8.67 44.01
CA LEU K 119 25.59 8.11 45.16
C LEU K 119 25.32 8.93 46.38
N TYR K 120 25.24 10.26 46.25
CA TYR K 120 24.96 11.07 47.41
C TYR K 120 23.64 10.66 47.96
N ASN K 121 22.63 10.48 47.10
CA ASN K 121 21.29 10.17 47.51
C ASN K 121 21.31 8.86 48.22
N ASP K 122 22.15 7.93 47.73
CA ASP K 122 22.25 6.62 48.28
C ASP K 122 22.69 6.69 49.70
N ASN K 123 23.62 7.60 50.05
CA ASN K 123 23.99 7.48 51.43
C ASN K 123 24.69 8.67 51.99
N GLN K 124 25.46 9.42 51.16
CA GLN K 124 26.33 10.44 51.71
C GLN K 124 25.58 11.62 52.25
N VAL K 125 25.04 11.49 53.48
CA VAL K 125 24.46 12.57 54.23
C VAL K 125 25.56 13.29 54.91
N PHE K 126 26.32 12.48 55.64
CA PHE K 126 27.49 12.87 56.31
C PHE K 126 28.35 11.79 56.43
N ALA K 127 29.37 12.37 56.94
CA ALA K 127 30.56 11.87 57.16
C ALA K 127 31.27 13.12 56.98
N LYS K 128 31.35 13.88 58.06
CA LYS K 128 31.90 15.18 57.90
C LYS K 128 33.33 15.04 57.57
N TYR K 129 34.08 14.21 58.31
CA TYR K 129 35.45 14.23 57.90
C TYR K 129 36.03 12.86 57.80
N ASN K 130 36.96 12.71 56.86
CA ASN K 130 37.35 11.40 56.46
C ASN K 130 38.81 11.28 56.19
N VAL K 131 39.30 10.06 56.45
CA VAL K 131 40.62 9.53 56.43
C VAL K 131 40.71 8.99 55.06
N SER K 132 41.84 9.25 54.40
CA SER K 132 41.88 8.85 53.05
C SER K 132 42.71 7.62 53.01
N ARG K 133 42.07 6.51 52.62
CA ARG K 133 42.79 5.30 52.53
C ARG K 133 43.01 5.23 51.12
N LEU K 134 44.11 5.82 50.71
CA LEU K 134 44.24 5.74 49.33
C LEU K 134 44.52 4.31 49.03
N GLN K 135 45.24 3.63 49.95
CA GLN K 135 45.63 2.30 49.63
C GLN K 135 44.44 1.40 49.38
N PRO K 136 43.45 1.31 50.23
CA PRO K 136 42.37 0.41 49.88
C PRO K 136 41.52 0.91 48.75
N TYR K 137 41.44 2.24 48.61
CA TYR K 137 40.66 2.91 47.60
C TYR K 137 41.18 2.58 46.24
N LEU K 138 42.50 2.70 46.05
CA LEU K 138 43.10 2.42 44.78
C LEU K 138 42.97 0.96 44.48
N LYS K 139 43.13 0.09 45.49
CA LYS K 139 43.10 -1.31 45.22
C LYS K 139 41.78 -1.70 44.64
N LEU K 140 40.68 -1.21 45.23
CA LEU K 140 39.38 -1.62 44.76
C LEU K 140 39.20 -1.17 43.36
N ARG K 141 39.59 0.09 43.04
CA ARG K 141 39.24 0.56 41.72
C ARG K 141 39.98 -0.23 40.70
N GLN K 142 41.26 -0.54 40.99
CA GLN K 142 42.10 -1.16 40.00
C GLN K 142 41.52 -2.48 39.67
N ALA K 143 41.15 -3.26 40.71
CA ALA K 143 40.65 -4.57 40.49
C ALA K 143 39.36 -4.49 39.74
N LEU K 144 38.48 -3.56 40.15
CA LEU K 144 37.18 -3.51 39.56
C LEU K 144 37.30 -3.15 38.12
N LEU K 145 38.23 -2.23 37.80
CA LEU K 145 38.41 -1.81 36.44
C LEU K 145 38.85 -3.01 35.66
N GLU K 146 39.82 -3.75 36.21
CA GLU K 146 40.44 -4.84 35.52
C GLU K 146 39.47 -5.95 35.27
N LEU K 147 38.72 -6.41 36.31
CA LEU K 147 37.92 -7.54 35.96
C LEU K 147 36.55 -7.04 35.73
N ARG K 148 36.29 -6.66 34.49
CA ARG K 148 35.02 -6.19 34.04
C ARG K 148 34.03 -7.32 34.01
N PRO K 149 34.40 -8.48 33.52
CA PRO K 149 33.45 -9.55 33.41
C PRO K 149 32.97 -9.96 34.76
N ALA K 150 31.88 -10.75 34.81
CA ALA K 150 31.27 -11.11 36.06
C ALA K 150 32.32 -11.64 36.98
N LYS K 151 32.30 -11.15 38.23
CA LYS K 151 33.21 -11.60 39.23
C LYS K 151 32.66 -11.18 40.53
N ASN K 152 33.37 -11.49 41.64
CA ASN K 152 32.87 -11.03 42.89
C ASN K 152 33.96 -10.28 43.57
N VAL K 153 33.77 -8.96 43.74
CA VAL K 153 34.74 -8.19 44.45
C VAL K 153 34.20 -8.13 45.82
N LEU K 154 34.91 -8.70 46.80
CA LEU K 154 34.39 -8.56 48.11
C LEU K 154 34.99 -7.33 48.63
N ILE K 155 34.29 -6.84 49.62
CA ILE K 155 34.70 -5.85 50.51
C ILE K 155 34.07 -6.46 51.70
N ASP K 156 34.83 -6.66 52.76
CA ASP K 156 34.22 -7.27 53.89
C ASP K 156 34.86 -7.04 55.24
N GLY K 157 34.28 -6.26 56.18
CA GLY K 157 35.03 -5.94 57.39
C GLY K 157 34.07 -5.91 58.53
N VAL K 158 34.53 -5.38 59.69
CA VAL K 158 33.74 -5.29 60.90
C VAL K 158 32.59 -4.38 60.59
N LEU K 159 31.46 -4.53 61.33
CA LEU K 159 30.37 -3.66 61.05
C LEU K 159 30.81 -2.26 61.28
N GLY K 160 30.54 -1.38 60.29
CA GLY K 160 30.83 0.02 60.41
C GLY K 160 32.28 0.29 60.09
N SER K 161 32.98 -0.67 59.44
CA SER K 161 34.37 -0.49 59.10
C SER K 161 34.47 0.54 58.02
N GLY K 162 33.35 0.86 57.34
CA GLY K 162 33.42 1.83 56.30
C GLY K 162 33.46 1.18 54.95
N LYS K 163 32.91 -0.03 54.92
CA LYS K 163 32.87 -0.82 53.74
C LYS K 163 32.14 -0.11 52.63
N THR K 164 30.86 0.27 52.90
CA THR K 164 29.82 0.84 52.04
C THR K 164 30.17 2.21 51.63
N TRP K 165 30.70 2.98 52.59
CA TRP K 165 31.08 4.30 52.26
C TRP K 165 32.14 4.15 51.18
N VAL K 166 33.20 3.27 51.36
CA VAL K 166 34.28 3.10 50.45
C VAL K 166 33.77 2.75 49.09
N ALA K 167 32.77 1.86 49.02
CA ALA K 167 32.26 1.42 47.75
C ALA K 167 31.67 2.58 47.01
N LEU K 168 30.93 3.44 47.72
CA LEU K 168 30.29 4.54 47.06
C LEU K 168 31.34 5.41 46.46
N ASP K 169 32.40 5.70 47.23
CA ASP K 169 33.44 6.60 46.81
C ASP K 169 34.10 6.07 45.58
N VAL K 170 34.32 4.75 45.52
CA VAL K 170 34.99 4.23 44.37
C VAL K 170 34.15 4.48 43.17
N CYS K 171 32.83 4.31 43.29
CA CYS K 171 31.96 4.52 42.18
C CYS K 171 31.95 5.98 41.80
N LEU K 172 31.94 6.90 42.81
CA LEU K 172 31.80 8.31 42.56
C LEU K 172 32.93 9.03 41.89
N SER K 173 34.22 8.83 42.28
CA SER K 173 35.27 9.64 41.69
C SER K 173 35.68 9.12 40.33
N TYR K 174 35.18 7.91 40.07
CA TYR K 174 35.34 6.92 39.05
C TYR K 174 34.72 7.07 37.71
N LYS K 175 34.62 8.29 37.15
CA LYS K 175 33.94 8.50 35.90
C LYS K 175 34.35 7.42 34.90
N VAL K 176 35.63 7.00 34.90
CA VAL K 176 36.06 5.98 33.97
C VAL K 176 35.31 4.70 34.21
N GLN K 177 35.19 4.28 35.49
CA GLN K 177 34.57 3.03 35.82
C GLN K 177 33.14 3.07 35.42
N CYS K 178 32.48 4.22 35.66
CA CYS K 178 31.08 4.34 35.37
C CYS K 178 30.88 4.22 33.89
N LYS K 179 31.79 4.76 33.08
CA LYS K 179 31.61 4.69 31.66
C LYS K 179 31.69 3.27 31.21
N MET K 180 32.70 2.52 31.69
CA MET K 180 32.87 1.19 31.20
C MET K 180 31.72 0.35 31.58
N ASP K 181 31.27 0.42 32.85
CA ASP K 181 30.14 -0.38 33.18
C ASP K 181 28.98 0.30 32.53
N PHE K 182 28.08 -0.46 31.88
CA PHE K 182 27.03 0.27 31.22
C PHE K 182 26.20 0.98 32.23
N LYS K 183 25.75 0.25 33.26
CA LYS K 183 24.91 0.86 34.25
C LYS K 183 25.19 0.18 35.54
N ILE K 184 24.83 0.79 36.67
CA ILE K 184 25.12 0.13 37.90
C ILE K 184 23.88 0.11 38.75
N PHE K 185 23.63 -1.02 39.42
CA PHE K 185 22.49 -1.16 40.28
C PHE K 185 23.00 -1.39 41.66
N TRP K 186 22.52 -0.60 42.64
CA TRP K 186 22.99 -0.76 43.99
C TRP K 186 21.80 -1.06 44.84
N LEU K 187 21.87 -2.17 45.61
CA LEU K 187 20.80 -2.48 46.51
C LEU K 187 21.40 -2.96 47.79
N ASN K 188 20.75 -2.64 48.92
CA ASN K 188 21.25 -3.12 50.18
C ASN K 188 20.37 -4.26 50.54
N LEU K 189 20.95 -5.47 50.59
CA LEU K 189 20.16 -6.65 50.81
C LEU K 189 19.65 -6.66 52.21
N LYS K 190 18.36 -7.01 52.32
CA LYS K 190 17.63 -7.24 53.53
C LYS K 190 17.95 -8.68 53.83
N ASN K 191 17.81 -9.10 55.10
CA ASN K 191 18.19 -10.42 55.55
C ASN K 191 17.64 -11.44 54.58
N CYS K 192 18.58 -12.08 53.84
CA CYS K 192 18.34 -13.10 52.85
C CYS K 192 18.04 -14.40 53.51
N ASN K 193 18.60 -14.64 54.71
CA ASN K 193 18.37 -15.90 55.33
C ASN K 193 16.91 -16.10 55.57
N SER K 194 16.14 -15.02 55.81
CA SER K 194 14.72 -15.17 55.88
C SER K 194 14.26 -15.41 54.47
N PRO K 195 13.46 -16.43 54.29
CA PRO K 195 12.98 -16.91 53.01
C PRO K 195 12.28 -16.00 52.03
N GLU K 196 11.14 -15.38 52.42
CA GLU K 196 10.33 -14.62 51.51
C GLU K 196 11.18 -13.51 51.00
N THR K 197 12.21 -13.17 51.79
CA THR K 197 13.06 -12.05 51.51
C THR K 197 13.63 -12.15 50.14
N VAL K 198 14.12 -13.33 49.71
CA VAL K 198 14.78 -13.39 48.43
C VAL K 198 13.84 -12.96 47.35
N LEU K 199 12.60 -13.47 47.34
CA LEU K 199 11.70 -13.08 46.28
C LEU K 199 11.44 -11.62 46.36
N GLU K 200 11.30 -11.11 47.58
CA GLU K 200 10.97 -9.73 47.79
C GLU K 200 12.03 -8.89 47.15
N MET K 201 13.32 -9.24 47.40
CA MET K 201 14.40 -8.44 46.92
C MET K 201 14.41 -8.45 45.42
N LEU K 202 14.19 -9.64 44.82
CA LEU K 202 14.32 -9.78 43.41
C LEU K 202 13.20 -9.05 42.75
N GLN K 203 12.03 -8.97 43.40
CA GLN K 203 10.91 -8.31 42.79
C GLN K 203 11.28 -6.89 42.57
N LYS K 204 11.97 -6.27 43.55
CA LYS K 204 12.36 -4.89 43.44
C LYS K 204 13.29 -4.78 42.28
N LEU K 205 14.16 -5.79 42.09
CA LEU K 205 15.10 -5.76 41.03
C LEU K 205 14.34 -5.70 39.76
N LEU K 206 13.26 -6.48 39.70
CA LEU K 206 12.47 -6.62 38.52
C LEU K 206 11.90 -5.26 38.25
N TYR K 207 11.46 -4.56 39.31
CA TYR K 207 10.81 -3.29 39.11
C TYR K 207 11.79 -2.31 38.52
N GLN K 208 13.00 -2.23 39.09
CA GLN K 208 13.98 -1.27 38.66
C GLN K 208 14.42 -1.57 37.27
N ILE K 209 14.54 -2.87 36.92
CA ILE K 209 15.03 -3.20 35.62
C ILE K 209 14.09 -2.62 34.64
N ASP K 210 12.77 -2.78 34.89
CA ASP K 210 11.70 -2.20 34.12
C ASP K 210 10.45 -2.49 34.87
N PRO K 211 9.56 -1.54 34.88
CA PRO K 211 8.23 -1.72 35.41
C PRO K 211 7.39 -2.30 34.30
N ASN K 212 8.03 -2.64 33.18
CA ASN K 212 7.46 -2.98 31.89
C ASN K 212 6.31 -3.91 31.91
N TRP K 213 6.48 -4.98 31.10
CA TRP K 213 5.73 -6.18 30.88
C TRP K 213 6.05 -7.05 32.01
N THR K 214 7.08 -6.58 32.70
CA THR K 214 7.77 -7.07 33.80
C THR K 214 6.72 -7.71 34.67
N SER K 215 5.69 -6.94 35.01
CA SER K 215 4.62 -7.34 35.89
C SER K 215 3.69 -8.41 35.36
N ARG K 216 3.53 -8.56 34.02
CA ARG K 216 2.49 -9.38 33.45
C ARG K 216 2.56 -10.87 33.78
N SER K 217 3.76 -11.50 33.72
CA SER K 217 3.87 -12.95 33.80
C SER K 217 3.48 -13.49 35.13
N ASP K 218 3.14 -14.80 35.13
CA ASP K 218 2.57 -15.50 36.24
C ASP K 218 3.43 -15.44 37.45
N HIS K 219 2.86 -14.87 38.51
CA HIS K 219 3.52 -14.88 39.78
C HIS K 219 2.90 -16.04 40.46
N SER K 220 3.68 -17.12 40.61
CA SER K 220 3.15 -18.33 41.15
C SER K 220 2.79 -18.16 42.58
N SER K 221 1.65 -18.74 42.94
CA SER K 221 1.16 -18.65 44.27
C SER K 221 2.16 -19.32 45.14
N ASN K 222 2.67 -20.49 44.69
CA ASN K 222 3.65 -21.14 45.51
C ASN K 222 4.95 -20.51 45.14
N ILE K 223 5.86 -20.47 46.14
CA ILE K 223 7.16 -19.90 45.96
C ILE K 223 7.92 -20.72 44.98
N LYS K 224 7.68 -22.05 44.98
CA LYS K 224 8.48 -22.99 44.26
C LYS K 224 8.66 -22.54 42.84
N LEU K 225 7.57 -22.08 42.19
CA LEU K 225 7.65 -21.59 40.84
C LEU K 225 8.20 -20.18 40.70
N ARG K 226 7.74 -19.24 41.55
CA ARG K 226 8.00 -17.83 41.39
C ARG K 226 9.46 -17.48 41.42
N ILE K 227 10.24 -18.04 42.38
CA ILE K 227 11.61 -17.63 42.49
C ILE K 227 12.31 -17.99 41.22
N HIS K 228 12.04 -19.22 40.71
CA HIS K 228 12.69 -19.68 39.53
C HIS K 228 12.29 -18.80 38.40
N SER K 229 11.00 -18.45 38.34
CA SER K 229 10.50 -17.67 37.25
C SER K 229 11.16 -16.33 37.27
N ILE K 230 11.36 -15.76 38.48
CA ILE K 230 11.94 -14.46 38.51
C ILE K 230 13.33 -14.51 37.99
N GLN K 231 14.11 -15.54 38.35
CA GLN K 231 15.47 -15.56 37.90
C GLN K 231 15.46 -15.56 36.42
N ALA K 232 14.52 -16.30 35.81
CA ALA K 232 14.47 -16.36 34.38
C ALA K 232 14.19 -14.99 33.84
N GLU K 233 13.24 -14.26 34.46
CA GLU K 233 12.89 -12.96 33.94
C GLU K 233 14.05 -12.04 34.11
N LEU K 234 14.77 -12.13 35.24
CA LEU K 234 15.85 -11.24 35.52
C LEU K 234 16.87 -11.43 34.44
N ARG K 235 17.17 -12.70 34.10
CA ARG K 235 18.17 -12.97 33.11
C ARG K 235 17.73 -12.40 31.81
N ARG K 236 16.43 -12.58 31.48
CA ARG K 236 15.89 -12.14 30.24
C ARG K 236 16.02 -10.66 30.13
N LEU K 237 15.66 -9.93 31.21
CA LEU K 237 15.73 -8.50 31.11
C LEU K 237 17.14 -8.05 30.96
N LEU K 238 18.10 -8.74 31.60
CA LEU K 238 19.44 -8.24 31.43
C LEU K 238 19.84 -8.30 29.99
N LYS K 239 19.52 -9.40 29.30
CA LYS K 239 19.91 -9.51 27.92
C LYS K 239 19.18 -8.47 27.12
N SER K 240 17.90 -8.23 27.46
CA SER K 240 17.03 -7.42 26.66
C SER K 240 17.60 -6.05 26.46
N LYS K 241 18.20 -5.44 27.50
CA LYS K 241 18.69 -4.12 27.28
C LYS K 241 20.20 -4.13 27.25
N PRO K 242 20.82 -2.98 27.18
CA PRO K 242 22.25 -2.87 27.09
C PRO K 242 23.01 -3.23 28.33
N TYR K 243 22.36 -3.88 29.31
CA TYR K 243 22.82 -4.21 30.63
C TYR K 243 24.07 -5.05 30.69
N GLU K 244 24.46 -5.78 29.62
CA GLU K 244 25.42 -6.86 29.66
C GLU K 244 26.59 -6.66 30.59
N ASN K 245 27.42 -5.61 30.56
CA ASN K 245 28.38 -5.54 31.65
C ASN K 245 27.81 -4.51 32.55
N CYS K 246 26.91 -4.94 33.45
CA CYS K 246 26.21 -4.06 34.34
C CYS K 246 26.80 -4.29 35.69
N LEU K 247 27.08 -3.20 36.44
CA LEU K 247 27.70 -3.39 37.72
C LEU K 247 26.63 -3.41 38.73
N LEU K 248 26.57 -4.49 39.54
CA LEU K 248 25.56 -4.53 40.54
C LEU K 248 26.28 -4.57 41.83
N VAL K 249 25.80 -3.80 42.82
CA VAL K 249 26.48 -3.84 44.07
C VAL K 249 25.50 -4.32 45.08
N LEU K 250 25.84 -5.42 45.79
CA LEU K 250 24.92 -5.83 46.80
C LEU K 250 25.52 -5.38 48.08
N LEU K 251 24.82 -4.48 48.77
CA LEU K 251 25.30 -3.95 50.00
C LEU K 251 24.80 -4.79 51.13
N ASN K 252 25.68 -5.01 52.12
CA ASN K 252 25.35 -5.76 53.31
C ASN K 252 24.68 -7.05 52.98
N VAL K 253 25.40 -7.97 52.28
CA VAL K 253 24.78 -9.22 51.96
C VAL K 253 25.06 -10.18 53.06
N GLN K 254 23.98 -10.55 53.79
CA GLN K 254 24.01 -11.46 54.90
C GLN K 254 24.10 -12.90 54.47
N ASN K 255 23.31 -13.31 53.45
CA ASN K 255 23.20 -14.72 53.16
C ASN K 255 23.89 -15.08 51.88
N ALA K 256 24.43 -16.32 51.87
CA ALA K 256 25.17 -16.91 50.79
C ALA K 256 24.32 -17.04 49.58
N LYS K 257 23.02 -17.32 49.78
CA LYS K 257 22.14 -17.57 48.67
C LYS K 257 22.17 -16.40 47.74
N ALA K 258 22.29 -15.17 48.27
CA ALA K 258 22.31 -14.04 47.39
C ALA K 258 23.48 -14.21 46.48
N TRP K 259 24.59 -14.69 47.05
CA TRP K 259 25.83 -14.87 46.35
C TRP K 259 25.61 -15.92 45.29
N ASN K 260 24.91 -17.01 45.61
CA ASN K 260 24.70 -18.01 44.61
C ASN K 260 23.80 -17.50 43.53
N ALA K 261 22.82 -16.65 43.90
CA ALA K 261 21.90 -16.10 42.95
C ALA K 261 22.73 -15.32 41.97
N PHE K 262 23.81 -14.71 42.49
CA PHE K 262 24.74 -13.94 41.72
C PHE K 262 25.24 -14.82 40.64
N ASN K 263 25.55 -16.09 40.98
CA ASN K 263 26.15 -16.99 40.03
C ASN K 263 25.25 -17.02 38.84
N LEU K 264 23.94 -17.16 39.07
CA LEU K 264 23.08 -17.04 37.93
C LEU K 264 22.74 -15.58 37.89
N SER K 265 23.66 -14.77 37.35
CA SER K 265 23.46 -13.35 37.29
C SER K 265 24.65 -12.74 36.63
N CYS K 266 25.03 -11.52 37.06
CA CYS K 266 26.11 -10.81 36.44
C CYS K 266 27.17 -10.49 37.45
N LYS K 267 28.02 -9.48 37.16
CA LYS K 267 29.14 -9.06 37.96
C LYS K 267 28.67 -8.29 39.15
N ILE K 268 29.40 -8.41 40.28
CA ILE K 268 28.99 -7.79 41.51
C ILE K 268 30.17 -7.32 42.32
N LEU K 269 29.93 -6.23 43.10
CA LEU K 269 30.78 -5.79 44.16
C LEU K 269 29.99 -6.05 45.39
N LEU K 270 30.58 -6.74 46.39
CA LEU K 270 29.76 -7.03 47.52
C LEU K 270 30.43 -6.52 48.76
N THR K 271 29.62 -6.03 49.73
CA THR K 271 30.15 -5.61 51.00
C THR K 271 29.58 -6.56 52.01
N THR K 272 30.42 -7.19 52.85
CA THR K 272 29.88 -8.11 53.80
C THR K 272 30.71 -8.16 55.05
N ARG K 273 30.06 -8.42 56.19
CA ARG K 273 30.62 -8.51 57.52
C ARG K 273 31.28 -9.81 57.82
N PHE K 274 31.27 -10.74 56.88
CA PHE K 274 31.93 -11.97 57.13
C PHE K 274 33.04 -11.93 56.13
N LYS K 275 34.10 -12.76 56.28
CA LYS K 275 35.01 -13.09 55.21
C LYS K 275 34.60 -14.39 54.59
N GLN K 276 34.12 -15.36 55.42
CA GLN K 276 33.95 -16.67 54.83
C GLN K 276 32.84 -16.68 53.83
N VAL K 277 31.83 -15.82 53.98
CA VAL K 277 30.75 -15.76 53.02
C VAL K 277 31.35 -15.53 51.67
N THR K 278 32.35 -14.64 51.64
CA THR K 278 33.09 -14.22 50.50
C THR K 278 33.74 -15.43 49.91
N ASP K 279 34.34 -16.23 50.79
CA ASP K 279 35.12 -17.36 50.41
C ASP K 279 34.22 -18.34 49.72
N PHE K 280 33.01 -18.56 50.26
CA PHE K 280 32.11 -19.53 49.70
C PHE K 280 31.73 -19.12 48.32
N LEU K 281 31.43 -17.83 48.13
CA LEU K 281 31.00 -17.31 46.87
C LEU K 281 32.08 -17.52 45.84
N SER K 282 33.35 -17.29 46.23
CA SER K 282 34.48 -17.43 45.35
C SER K 282 34.63 -18.87 44.97
N ALA K 283 34.30 -19.77 45.90
CA ALA K 283 34.44 -21.16 45.57
C ALA K 283 33.43 -21.52 44.52
N ALA K 284 32.17 -21.06 44.70
CA ALA K 284 31.13 -21.47 43.80
C ALA K 284 31.45 -20.98 42.44
N THR K 285 31.79 -19.68 42.34
CA THR K 285 32.17 -19.12 41.08
C THR K 285 33.57 -18.73 41.29
N THR K 286 34.47 -19.20 40.40
CA THR K 286 35.85 -18.89 40.52
C THR K 286 35.99 -17.41 40.32
N THR K 287 37.22 -16.92 40.14
CA THR K 287 37.42 -15.51 40.00
C THR K 287 36.78 -14.71 41.08
N HIS K 288 37.38 -14.74 42.28
CA HIS K 288 36.94 -13.89 43.35
C HIS K 288 38.06 -12.93 43.62
N ILE K 289 37.70 -11.72 44.07
CA ILE K 289 38.67 -10.70 44.41
C ILE K 289 38.32 -10.28 45.80
N SER K 290 39.32 -10.08 46.68
CA SER K 290 38.90 -9.73 48.00
C SER K 290 39.60 -8.48 48.42
N LEU K 291 38.82 -7.54 48.99
CA LEU K 291 39.39 -6.34 49.52
C LEU K 291 38.93 -6.33 50.94
N ASP K 292 39.87 -6.40 51.88
CA ASP K 292 39.49 -6.42 53.26
C ASP K 292 39.70 -5.04 53.81
N HIS K 293 38.84 -4.52 54.73
CA HIS K 293 37.70 -5.16 55.31
C HIS K 293 38.30 -6.22 56.25
N HIS K 294 39.61 -6.08 56.39
CA HIS K 294 40.43 -6.94 57.16
C HIS K 294 41.68 -6.45 56.55
N SER K 295 42.82 -7.03 56.90
CA SER K 295 44.11 -6.68 56.37
C SER K 295 44.81 -5.80 57.37
N MET K 296 45.70 -4.94 56.85
CA MET K 296 46.59 -4.00 57.46
C MET K 296 45.89 -2.81 58.11
N THR K 297 44.72 -2.40 57.57
CA THR K 297 43.89 -1.29 57.98
C THR K 297 44.40 0.12 57.82
N LEU K 298 44.94 0.49 56.64
CA LEU K 298 45.16 1.89 56.40
C LEU K 298 46.17 2.41 57.37
N THR K 299 46.00 3.71 57.71
CA THR K 299 46.84 4.36 58.68
C THR K 299 45.95 5.06 59.66
N PRO K 300 46.14 4.76 60.93
CA PRO K 300 45.33 5.36 61.95
C PRO K 300 45.52 6.84 62.05
N ASP K 301 46.69 7.36 61.61
CA ASP K 301 46.91 8.77 61.69
C ASP K 301 45.93 9.43 60.77
N GLU K 302 45.78 8.90 59.55
CA GLU K 302 44.92 9.47 58.57
C GLU K 302 43.51 9.35 59.04
N VAL K 303 43.16 8.19 59.61
CA VAL K 303 41.82 7.97 60.03
C VAL K 303 41.53 8.96 61.10
N LYS K 304 42.45 9.12 62.05
CA LYS K 304 42.17 9.98 63.16
C LYS K 304 41.96 11.36 62.64
N SER K 305 42.73 11.76 61.60
CA SER K 305 42.60 13.10 61.10
C SER K 305 41.23 13.25 60.54
N LEU K 306 40.65 12.12 60.05
CA LEU K 306 39.35 12.13 59.47
C LEU K 306 38.39 12.59 60.47
N LEU K 307 38.42 11.93 61.62
CA LEU K 307 37.46 12.16 62.63
C LEU K 307 37.71 13.54 63.09
N LEU K 308 39.01 13.90 63.07
CA LEU K 308 39.48 15.15 63.59
C LEU K 308 38.86 16.26 62.82
N LYS K 309 38.73 16.17 61.48
CA LYS K 309 38.13 17.32 60.87
C LYS K 309 36.65 17.36 61.15
N TYR K 310 36.00 16.19 61.25
CA TYR K 310 34.59 16.16 61.52
C TYR K 310 34.35 16.96 62.75
N LEU K 311 35.03 16.50 63.80
CA LEU K 311 34.94 16.95 65.15
C LEU K 311 35.63 18.27 65.45
N ASP K 312 36.77 18.55 64.78
CA ASP K 312 37.70 19.62 65.03
C ASP K 312 38.18 19.67 66.49
N CYS K 313 39.19 18.81 66.85
CA CYS K 313 39.70 18.61 68.21
C CYS K 313 41.14 18.98 68.47
N ARG K 314 41.72 18.40 69.58
CA ARG K 314 43.07 18.66 70.06
C ARG K 314 43.85 17.37 70.17
N PRO K 315 45.13 17.50 69.90
CA PRO K 315 46.11 16.44 69.88
C PRO K 315 46.23 15.70 71.17
N GLN K 316 46.08 16.39 72.30
CA GLN K 316 46.15 15.72 73.57
C GLN K 316 44.99 14.80 73.58
N ASP K 317 43.90 15.28 72.99
CA ASP K 317 42.66 14.58 72.94
C ASP K 317 42.76 13.37 72.09
N LEU K 318 43.71 13.39 71.14
CA LEU K 318 43.76 12.39 70.13
C LEU K 318 43.83 11.01 70.64
N PRO K 319 44.65 10.72 71.59
CA PRO K 319 44.76 9.36 72.02
C PRO K 319 43.44 8.87 72.53
N ARG K 320 42.56 9.76 72.97
CA ARG K 320 41.31 9.22 73.38
C ARG K 320 40.64 8.64 72.17
N GLU K 321 40.75 9.37 71.05
CA GLU K 321 40.13 9.06 69.78
C GLU K 321 40.73 7.85 69.19
N VAL K 322 42.06 7.69 69.39
CA VAL K 322 42.83 6.66 68.74
C VAL K 322 42.11 5.42 69.09
N LEU K 323 41.60 5.35 70.34
CA LEU K 323 40.80 4.22 70.70
C LEU K 323 39.38 4.56 70.37
N THR K 324 38.63 3.60 69.79
CA THR K 324 39.17 2.31 69.48
C THR K 324 39.50 2.26 68.03
N THR K 325 40.09 1.13 67.59
CA THR K 325 40.52 0.94 66.23
C THR K 325 39.36 0.95 65.28
N ASN K 326 38.24 0.29 65.63
CA ASN K 326 37.22 0.14 64.62
C ASN K 326 36.56 1.40 64.23
N PRO K 327 36.43 1.48 62.93
CA PRO K 327 35.83 2.60 62.27
C PRO K 327 34.38 2.70 62.61
N ARG K 328 33.67 1.57 62.86
CA ARG K 328 32.28 1.78 63.14
C ARG K 328 32.20 2.49 64.44
N ARG K 329 33.03 2.03 65.41
CA ARG K 329 32.98 2.62 66.70
C ARG K 329 33.47 4.02 66.62
N LEU K 330 34.45 4.28 65.73
CA LEU K 330 34.98 5.60 65.66
C LEU K 330 33.86 6.49 65.26
N SER K 331 33.05 6.08 64.30
CA SER K 331 32.11 7.04 63.90
C SER K 331 30.93 7.11 64.85
N ILE K 332 30.57 6.00 65.55
CA ILE K 332 29.54 6.13 66.54
C ILE K 332 29.99 7.12 67.56
N ILE K 333 31.26 7.05 67.96
CA ILE K 333 31.82 7.93 68.94
C ILE K 333 31.81 9.32 68.35
N ALA K 334 32.21 9.46 67.08
CA ALA K 334 32.35 10.75 66.46
C ALA K 334 31.03 11.46 66.48
N GLU K 335 29.95 10.74 66.19
CA GLU K 335 28.66 11.34 66.19
C GLU K 335 28.38 11.85 67.58
N SER K 336 28.70 11.03 68.60
CA SER K 336 28.41 11.36 69.97
C SER K 336 29.18 12.57 70.36
N ILE K 337 30.45 12.64 69.93
CA ILE K 337 31.29 13.75 70.23
C ILE K 337 30.78 15.00 69.58
N ARG K 338 30.17 14.93 68.39
CA ARG K 338 29.68 16.17 67.86
C ARG K 338 28.67 16.67 68.85
N ASP K 339 27.87 15.76 69.42
CA ASP K 339 26.99 16.20 70.46
C ASP K 339 27.68 16.49 71.80
N GLY K 340 28.76 15.77 72.22
CA GLY K 340 29.39 15.89 73.54
C GLY K 340 30.95 15.70 73.47
N LEU K 341 31.66 14.95 74.41
CA LEU K 341 33.16 15.01 74.61
C LEU K 341 34.17 13.79 74.27
N ALA K 342 35.62 13.92 74.09
CA ALA K 342 36.56 12.82 74.25
C ALA K 342 36.99 13.20 75.63
N THR K 343 36.16 12.85 76.63
CA THR K 343 36.49 13.24 77.97
C THR K 343 35.86 12.32 78.94
N TRP K 344 35.66 12.82 80.17
CA TRP K 344 35.12 12.01 81.22
C TRP K 344 33.77 11.54 80.82
N ASP K 345 32.94 12.42 80.22
CA ASP K 345 31.62 12.01 79.84
C ASP K 345 31.68 10.93 78.79
N ASN K 346 32.55 11.10 77.79
CA ASN K 346 32.68 10.22 76.66
C ASN K 346 33.07 8.87 77.13
N TRP K 347 34.13 8.83 77.94
CA TRP K 347 34.63 7.58 78.44
C TRP K 347 33.56 6.99 79.29
N LYS K 348 32.81 7.87 79.99
CA LYS K 348 31.81 7.43 80.90
C LYS K 348 30.80 6.58 80.19
N HIS K 349 30.34 7.03 79.00
CA HIS K 349 29.33 6.31 78.28
C HIS K 349 29.85 4.97 77.84
N VAL K 350 31.08 5.00 77.27
CA VAL K 350 31.85 3.97 76.61
C VAL K 350 31.36 3.67 75.22
N ASN K 351 30.53 4.57 74.62
CA ASN K 351 30.01 4.45 73.28
C ASN K 351 29.36 3.14 73.01
N CYS K 352 28.47 2.77 73.94
CA CYS K 352 27.64 1.61 73.87
C CYS K 352 26.27 1.83 73.27
N ASP K 353 25.76 3.08 73.28
CA ASP K 353 24.36 3.28 73.01
C ASP K 353 23.98 2.69 71.68
N LYS K 354 24.69 3.06 70.60
CA LYS K 354 24.38 2.52 69.32
C LYS K 354 24.74 1.07 69.22
N LEU K 355 25.97 0.73 69.64
CA LEU K 355 26.55 -0.56 69.44
C LEU K 355 25.82 -1.65 70.17
N THR K 356 25.36 -1.39 71.42
CA THR K 356 24.76 -2.45 72.16
C THR K 356 23.56 -2.93 71.41
N THR K 357 22.73 -2.01 70.89
CA THR K 357 21.58 -2.42 70.18
C THR K 357 22.02 -3.14 68.94
N ILE K 358 23.09 -2.64 68.30
CA ILE K 358 23.56 -3.16 67.06
C ILE K 358 23.97 -4.59 67.22
N ILE K 359 24.76 -4.89 68.26
CA ILE K 359 25.29 -6.19 68.53
C ILE K 359 24.16 -7.13 68.84
N GLU K 360 23.13 -6.63 69.55
CA GLU K 360 22.06 -7.46 70.00
C GLU K 360 21.46 -8.18 68.82
N SER K 361 21.27 -7.46 67.71
CA SER K 361 20.67 -8.08 66.56
C SER K 361 21.60 -9.15 66.09
N SER K 362 22.92 -8.92 66.27
CA SER K 362 23.90 -9.86 65.81
C SER K 362 23.75 -11.16 66.54
N LEU K 363 23.47 -11.11 67.85
CA LEU K 363 23.39 -12.30 68.63
C LEU K 363 22.24 -13.14 68.14
N ASN K 364 21.12 -12.49 67.78
CA ASN K 364 19.92 -13.19 67.42
C ASN K 364 20.17 -14.06 66.23
N VAL K 365 21.07 -13.63 65.32
CA VAL K 365 21.27 -14.36 64.11
C VAL K 365 21.72 -15.78 64.37
N LEU K 366 22.55 -16.03 65.41
CA LEU K 366 23.04 -17.35 65.73
C LEU K 366 22.02 -18.06 66.63
N GLU K 367 22.24 -19.36 67.05
CA GLU K 367 21.28 -20.09 67.85
C GLU K 367 21.67 -20.04 69.31
N PRO K 368 20.77 -19.46 70.05
CA PRO K 368 20.95 -19.12 71.43
C PRO K 368 21.29 -20.23 72.38
N ALA K 369 20.74 -21.44 72.21
CA ALA K 369 21.02 -22.35 73.28
C ALA K 369 22.47 -22.66 73.36
N GLU K 370 23.03 -23.25 72.28
CA GLU K 370 24.41 -23.62 72.38
C GLU K 370 25.32 -22.44 72.16
N TYR K 371 25.14 -21.76 71.03
CA TYR K 371 26.04 -20.72 70.61
C TYR K 371 25.92 -19.51 71.49
N ARG K 372 24.68 -19.09 71.78
CA ARG K 372 24.54 -17.90 72.58
C ARG K 372 25.15 -18.17 73.91
N LYS K 373 24.93 -19.39 74.45
CA LYS K 373 25.46 -19.74 75.73
C LYS K 373 26.94 -19.85 75.66
N MET K 374 27.46 -20.51 74.60
CA MET K 374 28.86 -20.74 74.50
C MET K 374 29.63 -19.46 74.42
N PHE K 375 29.11 -18.48 73.67
CA PHE K 375 29.68 -17.18 73.55
C PHE K 375 29.56 -16.44 74.86
N ASP K 376 28.43 -16.63 75.55
CA ASP K 376 28.13 -15.86 76.72
C ASP K 376 29.21 -16.06 77.73
N ARG K 377 29.82 -17.25 77.74
CA ARG K 377 30.84 -17.64 78.68
C ARG K 377 32.13 -16.86 78.52
N LEU K 378 32.46 -16.44 77.29
CA LEU K 378 33.75 -15.88 76.95
C LEU K 378 34.05 -14.68 77.81
N SER K 379 33.03 -14.11 78.45
CA SER K 379 33.17 -12.91 79.23
C SER K 379 34.32 -12.94 80.26
N VAL K 380 34.42 -13.90 81.24
CA VAL K 380 35.47 -13.89 82.26
C VAL K 380 36.75 -14.36 81.63
N PHE K 381 37.45 -13.41 80.99
CA PHE K 381 38.70 -13.61 80.34
C PHE K 381 39.31 -12.26 80.18
N PRO K 382 40.60 -12.28 80.07
CA PRO K 382 41.23 -11.03 79.80
C PRO K 382 41.02 -10.58 78.40
N PRO K 383 40.77 -9.31 78.26
CA PRO K 383 40.52 -8.74 76.96
C PRO K 383 41.79 -8.47 76.24
N SER K 384 41.76 -8.59 74.90
CA SER K 384 42.89 -8.27 74.08
C SER K 384 44.07 -9.01 74.60
N ALA K 385 43.83 -10.16 75.26
CA ALA K 385 44.96 -10.87 75.74
C ALA K 385 44.87 -12.26 75.24
N HIS K 386 45.74 -12.61 74.28
CA HIS K 386 45.83 -13.88 73.63
C HIS K 386 45.65 -14.96 74.65
N ILE K 387 44.51 -15.68 74.55
CA ILE K 387 44.22 -16.71 75.49
C ILE K 387 44.17 -18.00 74.73
N PRO K 388 44.92 -18.97 75.18
CA PRO K 388 44.98 -20.21 74.48
C PRO K 388 43.70 -20.97 74.51
N THR K 389 43.52 -21.88 73.53
CA THR K 389 42.31 -22.64 73.36
C THR K 389 42.08 -23.50 74.55
N ILE K 390 43.17 -24.09 75.11
CA ILE K 390 43.02 -24.97 76.22
C ILE K 390 42.31 -24.22 77.30
N LEU K 391 42.67 -22.94 77.47
CA LEU K 391 42.06 -22.08 78.43
C LEU K 391 40.62 -21.87 78.04
N LEU K 392 40.40 -21.73 76.73
CA LEU K 392 39.14 -21.42 76.14
C LEU K 392 38.21 -22.56 76.41
N SER K 393 38.71 -23.80 76.35
CA SER K 393 37.89 -24.96 76.50
C SER K 393 37.25 -24.94 77.85
N LEU K 394 37.93 -24.42 78.89
CA LEU K 394 37.33 -24.47 80.18
C LEU K 394 36.03 -23.73 80.15
N ILE K 395 36.08 -22.50 79.64
CA ILE K 395 34.91 -21.67 79.56
C ILE K 395 33.97 -22.17 78.52
N TRP K 396 34.48 -22.54 77.33
CA TRP K 396 33.56 -22.88 76.29
C TRP K 396 32.80 -24.13 76.64
N PHE K 397 33.46 -25.12 77.29
CA PHE K 397 32.79 -26.37 77.53
C PHE K 397 31.60 -26.24 78.43
N ASP K 398 30.38 -26.27 77.85
CA ASP K 398 29.16 -26.52 78.59
C ASP K 398 28.91 -28.00 78.50
N VAL K 399 29.27 -28.69 77.26
CA VAL K 399 29.21 -30.05 76.84
C VAL K 399 30.62 -30.31 76.49
N ILE K 400 31.07 -31.57 76.29
CA ILE K 400 32.48 -31.61 76.08
C ILE K 400 32.88 -32.42 74.91
N LYS K 401 33.92 -31.90 74.22
CA LYS K 401 34.60 -32.42 73.07
C LYS K 401 34.56 -31.40 72.01
N SER K 402 34.82 -31.83 70.75
CA SER K 402 34.96 -30.96 69.63
C SER K 402 33.69 -30.20 69.43
N ASP K 403 32.61 -30.57 70.14
CA ASP K 403 31.32 -29.95 69.97
C ASP K 403 31.55 -28.49 70.21
N VAL K 404 32.32 -28.21 71.26
CA VAL K 404 32.67 -26.89 71.66
C VAL K 404 33.49 -26.28 70.57
N MET K 405 34.32 -27.10 69.93
CA MET K 405 35.20 -26.64 68.89
C MET K 405 34.36 -26.12 67.75
N VAL K 406 33.34 -26.88 67.33
CA VAL K 406 32.48 -26.52 66.23
C VAL K 406 31.56 -25.39 66.59
N VAL K 407 30.97 -25.43 67.80
CA VAL K 407 29.97 -24.47 68.16
C VAL K 407 30.57 -23.10 68.12
N VAL K 408 31.83 -22.94 68.56
CA VAL K 408 32.44 -21.65 68.46
C VAL K 408 32.59 -21.33 67.00
N ASN K 409 32.87 -22.37 66.18
CA ASN K 409 33.23 -22.22 64.81
C ASN K 409 32.16 -21.52 64.04
N LYS K 410 30.88 -21.86 64.29
CA LYS K 410 29.81 -21.30 63.53
C LYS K 410 29.80 -19.81 63.69
N LEU K 411 30.13 -19.36 64.90
CA LEU K 411 30.17 -17.94 65.10
C LEU K 411 31.46 -17.31 64.58
N HIS K 412 32.60 -18.02 64.87
CA HIS K 412 34.01 -17.78 65.10
C HIS K 412 34.59 -17.18 63.89
N LYS K 413 34.04 -17.56 62.74
CA LYS K 413 34.69 -17.33 61.52
C LYS K 413 34.91 -15.84 61.41
N TYR K 414 34.02 -15.07 62.14
CA TYR K 414 33.13 -14.05 61.61
C TYR K 414 34.06 -12.99 61.26
N SER K 415 34.80 -12.72 62.29
CA SER K 415 35.30 -11.49 62.58
C SER K 415 35.42 -11.59 64.03
N LEU K 416 34.96 -10.51 64.66
CA LEU K 416 35.48 -10.10 65.92
C LEU K 416 34.42 -10.41 66.91
N VAL K 417 33.72 -11.52 66.63
CA VAL K 417 33.04 -12.11 67.73
C VAL K 417 34.11 -12.70 68.60
N GLU K 418 34.79 -13.75 68.09
CA GLU K 418 36.07 -14.25 68.54
C GLU K 418 36.99 -14.44 67.37
N LYS K 419 38.31 -14.36 67.61
CA LYS K 419 39.21 -14.57 66.51
C LYS K 419 40.20 -15.61 66.90
N GLN K 420 40.57 -16.49 65.95
CA GLN K 420 41.55 -17.48 66.30
C GLN K 420 42.69 -17.41 65.34
N PRO K 421 43.84 -17.13 65.90
CA PRO K 421 45.06 -17.06 65.15
C PRO K 421 45.56 -18.38 64.65
N LYS K 422 45.32 -19.31 65.47
CA LYS K 422 45.85 -20.61 65.14
C LYS K 422 45.27 -21.56 66.14
N GLU K 423 45.73 -22.82 66.11
CA GLU K 423 45.24 -23.86 66.97
C GLU K 423 45.50 -23.46 68.39
N SER K 424 46.56 -22.66 68.61
CA SER K 424 47.02 -22.25 69.90
C SER K 424 46.03 -21.44 70.69
N THR K 425 45.53 -20.28 70.17
CA THR K 425 44.70 -19.52 71.07
C THR K 425 43.63 -18.77 70.35
N ILE K 426 42.64 -18.29 71.14
CA ILE K 426 41.64 -17.45 70.57
C ILE K 426 41.59 -16.25 71.45
N SER K 427 41.36 -15.06 70.88
CA SER K 427 41.31 -13.92 71.75
C SER K 427 39.95 -13.35 71.58
N ILE K 428 39.49 -12.52 72.53
CA ILE K 428 38.24 -11.85 72.35
C ILE K 428 38.55 -10.67 71.48
N PRO K 429 37.80 -10.55 70.43
CA PRO K 429 38.20 -9.67 69.41
C PRO K 429 38.52 -8.30 69.61
N SER K 430 37.67 -7.61 70.32
CA SER K 430 38.01 -6.26 70.50
C SER K 430 37.05 -5.83 71.51
N ILE K 431 37.11 -4.53 71.78
CA ILE K 431 36.35 -3.81 72.74
C ILE K 431 34.90 -3.94 72.42
N TYR K 432 34.55 -3.96 71.12
CA TYR K 432 33.17 -3.94 70.73
C TYR K 432 32.39 -5.08 71.29
N LEU K 433 32.85 -6.33 71.07
CA LEU K 433 32.07 -7.46 71.48
C LEU K 433 32.00 -7.45 72.98
N GLU K 434 33.17 -7.26 73.62
CA GLU K 434 33.27 -7.35 75.06
C GLU K 434 32.45 -6.27 75.67
N LEU K 435 32.42 -5.09 75.03
CA LEU K 435 31.73 -3.98 75.60
C LEU K 435 30.31 -4.40 75.72
N LYS K 436 29.79 -5.13 74.73
CA LYS K 436 28.44 -5.57 74.79
C LYS K 436 28.25 -6.45 75.97
N VAL K 437 29.13 -7.45 76.12
CA VAL K 437 28.96 -8.45 77.14
C VAL K 437 29.08 -7.86 78.50
N LYS K 438 30.04 -6.95 78.71
CA LYS K 438 30.26 -6.47 80.04
C LYS K 438 29.03 -5.84 80.62
N LEU K 439 28.28 -5.05 79.83
CA LEU K 439 27.11 -4.45 80.40
C LEU K 439 26.13 -5.51 80.80
N GLU K 440 25.91 -6.52 79.94
CA GLU K 440 24.90 -7.50 80.24
C GLU K 440 25.52 -8.73 80.81
N ASN K 441 25.23 -9.02 82.09
CA ASN K 441 25.77 -10.21 82.67
C ASN K 441 24.83 -10.58 83.79
N GLU K 442 24.91 -11.84 84.29
CA GLU K 442 24.05 -12.33 85.33
C GLU K 442 24.95 -12.97 86.35
N TYR K 443 24.43 -13.44 87.51
CA TYR K 443 25.49 -13.87 88.37
C TYR K 443 25.74 -15.31 88.13
N ALA K 444 26.22 -15.59 86.91
CA ALA K 444 26.87 -16.76 86.38
C ALA K 444 28.30 -16.66 86.78
N LEU K 445 28.74 -15.39 86.98
CA LEU K 445 30.11 -15.07 87.17
C LEU K 445 30.71 -15.87 88.27
N HIS K 446 29.97 -16.13 89.37
CA HIS K 446 30.58 -16.83 90.47
C HIS K 446 31.10 -18.15 90.00
N ARG K 447 30.30 -18.91 89.23
CA ARG K 447 30.75 -20.20 88.81
C ARG K 447 31.95 -20.04 87.93
N SER K 448 31.94 -19.04 87.05
CA SER K 448 33.04 -18.89 86.13
C SER K 448 34.29 -18.60 86.88
N ILE K 449 34.22 -17.69 87.87
CA ILE K 449 35.40 -17.32 88.61
C ILE K 449 35.89 -18.53 89.32
N VAL K 450 34.98 -19.34 89.88
CA VAL K 450 35.39 -20.48 90.62
C VAL K 450 36.13 -21.41 89.71
N ASP K 451 35.69 -21.49 88.44
CA ASP K 451 36.30 -22.39 87.51
C ASP K 451 37.74 -22.03 87.38
N HIS K 452 38.05 -20.72 87.36
CA HIS K 452 39.41 -20.29 87.21
C HIS K 452 40.21 -20.77 88.37
N TYR K 453 39.66 -20.74 89.59
CA TYR K 453 40.45 -21.21 90.69
C TYR K 453 40.77 -22.64 90.46
N ASN K 454 39.77 -23.41 90.01
CA ASN K 454 39.94 -24.82 89.83
C ASN K 454 41.02 -25.07 88.83
N ILE K 455 41.06 -24.29 87.74
CA ILE K 455 42.04 -24.61 86.73
C ILE K 455 43.45 -24.50 87.27
N PRO K 456 43.93 -23.46 87.92
CA PRO K 456 45.25 -23.63 88.46
C PRO K 456 45.37 -24.63 89.55
N LYS K 457 44.26 -24.96 90.23
CA LYS K 457 44.36 -25.96 91.26
C LYS K 457 44.79 -27.23 90.62
N THR K 458 44.16 -27.58 89.49
CA THR K 458 44.47 -28.81 88.82
C THR K 458 45.90 -28.76 88.36
N PHE K 459 46.32 -27.63 87.77
CA PHE K 459 47.68 -27.54 87.33
C PHE K 459 48.53 -27.59 88.55
N ASP K 460 49.43 -28.58 88.63
CA ASP K 460 50.26 -28.62 89.79
C ASP K 460 51.45 -29.48 89.49
N SER K 461 52.64 -28.99 89.84
CA SER K 461 53.83 -29.78 89.69
C SER K 461 54.33 -29.95 91.08
N ASP K 462 55.23 -30.94 91.32
CA ASP K 462 55.67 -31.18 92.66
C ASP K 462 56.29 -29.94 93.19
N ASP K 463 57.22 -29.37 92.41
CA ASP K 463 57.84 -28.17 92.88
C ASP K 463 57.06 -26.97 92.41
N LEU K 464 57.67 -25.80 92.62
CA LEU K 464 57.16 -24.48 92.45
C LEU K 464 56.96 -24.04 91.04
N ILE K 465 57.30 -24.87 90.01
CA ILE K 465 57.18 -24.36 88.66
C ILE K 465 55.93 -24.84 87.98
N PRO K 466 55.18 -23.84 87.54
CA PRO K 466 53.93 -24.04 86.85
C PRO K 466 54.06 -24.46 85.41
N PRO K 467 53.06 -25.16 84.96
CA PRO K 467 52.94 -25.63 83.59
C PRO K 467 52.51 -24.58 82.61
N TYR K 468 52.35 -23.32 83.06
CA TYR K 468 51.84 -22.19 82.30
C TYR K 468 52.08 -22.31 80.83
N LEU K 469 51.04 -21.92 80.07
CA LEU K 469 50.95 -22.02 78.64
C LEU K 469 51.44 -20.75 78.04
N ASP K 470 50.88 -20.31 76.88
CA ASP K 470 51.51 -19.22 76.19
C ASP K 470 51.68 -18.00 77.05
N GLN K 471 50.73 -17.03 76.99
CA GLN K 471 50.85 -15.90 77.88
C GLN K 471 49.74 -15.78 78.88
N TYR K 472 48.55 -16.31 78.53
CA TYR K 472 47.30 -16.04 79.20
C TYR K 472 47.48 -16.21 80.64
N PHE K 473 47.99 -17.37 81.03
CA PHE K 473 48.05 -17.67 82.42
C PHE K 473 48.87 -16.64 83.11
N TYR K 474 50.04 -16.28 82.53
CA TYR K 474 50.91 -15.39 83.22
C TYR K 474 50.21 -14.09 83.47
N SER K 475 49.58 -13.50 82.44
CA SER K 475 48.92 -12.24 82.66
C SER K 475 47.70 -12.39 83.52
N HIS K 476 46.78 -13.28 83.07
CA HIS K 476 45.44 -13.49 83.53
C HIS K 476 45.32 -14.09 84.92
N ILE K 477 46.23 -14.99 85.31
CA ILE K 477 46.03 -15.77 86.50
C ILE K 477 45.83 -14.92 87.71
N GLY K 478 46.67 -13.90 87.91
CA GLY K 478 46.56 -13.10 89.10
C GLY K 478 45.24 -12.41 89.12
N HIS K 479 44.78 -11.92 87.95
CA HIS K 479 43.57 -11.15 87.89
C HIS K 479 42.42 -11.99 88.36
N HIS K 480 42.32 -13.22 87.86
CA HIS K 480 41.21 -14.06 88.22
C HIS K 480 41.31 -14.34 89.68
N LEU K 481 42.54 -14.58 90.17
CA LEU K 481 42.81 -14.88 91.54
C LEU K 481 42.38 -13.77 92.42
N LYS K 482 42.66 -12.51 92.02
CA LYS K 482 42.33 -11.42 92.87
C LYS K 482 40.87 -11.46 93.12
N ASN K 483 40.10 -11.71 92.06
CA ASN K 483 38.69 -11.75 92.24
C ASN K 483 38.37 -12.89 93.15
N ILE K 484 39.03 -14.06 92.95
CA ILE K 484 38.61 -15.19 93.73
C ILE K 484 38.90 -15.04 95.19
N GLU K 485 40.16 -14.72 95.58
CA GLU K 485 40.49 -14.62 96.97
C GLU K 485 41.94 -14.33 97.15
N HIS K 486 42.30 -14.02 98.41
CA HIS K 486 43.63 -13.75 98.85
C HIS K 486 44.52 -14.96 98.89
N PRO K 487 44.16 -16.08 99.50
CA PRO K 487 45.10 -17.15 99.70
C PRO K 487 45.83 -17.63 98.50
N GLU K 488 45.16 -17.83 97.36
CA GLU K 488 45.86 -18.34 96.20
C GLU K 488 46.82 -17.29 95.75
N ARG K 489 46.37 -16.03 95.83
CA ARG K 489 47.13 -14.94 95.33
C ARG K 489 48.47 -14.94 95.99
N MET K 490 48.48 -15.18 97.31
CA MET K 490 49.70 -15.13 98.07
C MET K 490 50.69 -16.11 97.50
N THR K 491 50.28 -17.37 97.29
CA THR K 491 51.23 -18.34 96.81
C THR K 491 51.60 -18.06 95.39
N LEU K 492 50.60 -17.79 94.54
CA LEU K 492 50.83 -17.62 93.14
C LEU K 492 51.65 -16.40 92.86
N PHE K 493 51.33 -15.27 93.52
CA PHE K 493 52.04 -14.06 93.24
C PHE K 493 53.45 -14.31 93.53
N ARG K 494 53.75 -15.20 94.49
CA ARG K 494 55.14 -15.53 94.54
C ARG K 494 55.79 -14.23 94.98
N MET K 495 55.03 -13.54 95.81
CA MET K 495 55.65 -12.50 96.55
C MET K 495 56.32 -13.37 97.54
N VAL K 496 55.55 -14.41 97.91
CA VAL K 496 56.02 -15.46 98.76
C VAL K 496 57.09 -16.23 98.05
N PHE K 497 56.66 -16.60 96.81
CA PHE K 497 57.53 -17.51 96.16
C PHE K 497 58.30 -16.86 95.11
N LEU K 498 59.52 -17.34 95.23
CA LEU K 498 60.64 -16.74 94.65
C LEU K 498 60.80 -17.28 93.25
N ASP K 499 60.17 -18.43 93.04
CA ASP K 499 60.21 -19.02 91.76
C ASP K 499 59.60 -18.18 90.70
N PHE K 500 58.51 -17.44 90.92
CA PHE K 500 57.93 -16.72 89.82
C PHE K 500 58.64 -15.46 89.64
N ARG K 501 59.47 -15.10 90.64
CA ARG K 501 60.38 -14.07 90.34
C ARG K 501 61.10 -14.56 89.12
N PHE K 502 61.72 -15.76 89.20
CA PHE K 502 62.32 -16.47 88.11
C PHE K 502 61.36 -16.56 86.94
N LEU K 503 60.25 -17.34 87.03
CA LEU K 503 59.61 -17.71 85.81
C LEU K 503 58.93 -16.61 85.12
N GLU K 504 58.16 -15.78 85.85
CA GLU K 504 57.45 -14.75 85.16
C GLU K 504 58.44 -13.91 84.44
N GLN K 505 59.50 -13.54 85.14
CA GLN K 505 60.48 -12.64 84.62
C GLN K 505 61.16 -13.22 83.40
N LYS K 506 61.71 -14.46 83.47
CA LYS K 506 62.44 -14.84 82.29
C LYS K 506 61.51 -15.09 81.14
N ILE K 507 60.33 -15.70 81.38
CA ILE K 507 59.49 -15.95 80.24
C ILE K 507 58.99 -14.72 79.55
N ARG K 508 58.55 -13.64 80.25
CA ARG K 508 58.08 -12.56 79.43
C ARG K 508 59.23 -11.67 79.07
N HIS K 509 60.29 -12.28 78.51
CA HIS K 509 61.44 -11.67 77.89
C HIS K 509 61.20 -11.55 76.41
N ASP K 510 60.34 -12.44 75.87
CA ASP K 510 60.10 -12.61 74.46
C ASP K 510 59.38 -11.44 73.86
N SER K 511 59.86 -11.05 72.67
CA SER K 511 59.33 -10.02 71.81
C SER K 511 60.26 -10.03 70.64
N THR K 512 59.91 -9.26 69.59
CA THR K 512 60.81 -9.18 68.49
C THR K 512 61.12 -7.73 68.28
N ALA K 513 62.33 -7.28 68.67
CA ALA K 513 62.66 -5.92 68.42
C ALA K 513 64.14 -5.86 68.24
N TRP K 514 64.59 -5.09 67.23
CA TRP K 514 65.99 -4.98 67.06
C TRP K 514 66.51 -4.28 68.24
N ASN K 515 65.93 -3.09 68.56
CA ASN K 515 66.43 -2.28 69.61
C ASN K 515 66.21 -2.93 70.93
N ALA K 516 67.12 -2.62 71.85
CA ALA K 516 67.25 -3.14 73.16
C ALA K 516 66.05 -2.91 74.06
N SER K 517 65.24 -1.85 73.84
CA SER K 517 64.07 -1.92 74.66
C SER K 517 62.96 -1.23 73.92
N GLY K 518 61.94 -0.72 74.63
CA GLY K 518 60.71 -0.16 74.21
C GLY K 518 59.81 -0.63 75.30
N SER K 519 58.48 -0.49 75.16
CA SER K 519 57.66 -0.96 76.24
C SER K 519 56.88 -2.14 75.72
N ILE K 520 57.15 -3.34 76.28
CA ILE K 520 56.42 -4.53 75.92
C ILE K 520 56.18 -5.30 77.17
N LEU K 521 55.26 -6.28 77.13
CA LEU K 521 55.00 -7.10 78.27
C LEU K 521 56.27 -7.68 78.78
N ASN K 522 56.60 -7.30 80.02
CA ASN K 522 57.78 -7.75 80.70
C ASN K 522 57.44 -7.59 82.13
N THR K 523 58.39 -6.99 82.88
CA THR K 523 58.23 -6.74 84.28
C THR K 523 57.05 -5.85 84.45
N LEU K 524 56.78 -5.00 83.45
CA LEU K 524 55.75 -3.99 83.55
C LEU K 524 54.46 -4.62 83.95
N GLN K 525 54.05 -5.72 83.30
CA GLN K 525 52.79 -6.34 83.64
C GLN K 525 52.87 -6.96 85.00
N GLN K 526 54.01 -7.58 85.33
CA GLN K 526 54.19 -8.30 86.57
C GLN K 526 53.96 -7.35 87.71
N LEU K 527 54.60 -6.17 87.67
CA LEU K 527 54.46 -5.20 88.72
C LEU K 527 53.03 -4.80 88.77
N LYS K 528 52.37 -4.75 87.61
CA LYS K 528 51.00 -4.33 87.55
C LYS K 528 50.16 -5.28 88.35
N PHE K 529 50.44 -6.59 88.28
CA PHE K 529 49.60 -7.52 88.99
C PHE K 529 49.72 -7.27 90.45
N TYR K 530 50.95 -7.08 90.93
CA TYR K 530 51.12 -6.99 92.34
C TYR K 530 50.33 -5.84 92.89
N LYS K 531 50.36 -4.67 92.23
CA LYS K 531 49.71 -3.54 92.84
C LYS K 531 48.22 -3.70 92.97
N PRO K 532 47.43 -3.96 91.97
CA PRO K 532 46.02 -4.09 92.25
C PRO K 532 45.57 -5.33 92.98
N TYR K 533 46.31 -6.44 92.85
CA TYR K 533 45.91 -7.68 93.42
C TYR K 533 46.05 -7.71 94.93
N ILE K 534 46.95 -6.89 95.52
CA ILE K 534 47.31 -6.98 96.91
C ILE K 534 46.12 -6.85 97.80
N CYS K 535 45.08 -6.09 97.39
CA CYS K 535 44.00 -5.77 98.26
C CYS K 535 43.39 -7.02 98.81
N ASP K 536 43.43 -8.12 98.03
CA ASP K 536 42.80 -9.33 98.47
C ASP K 536 43.44 -9.75 99.76
N ASN K 537 44.68 -9.28 100.04
CA ASN K 537 45.41 -9.62 101.23
C ASN K 537 45.37 -8.51 102.25
N ASP K 538 46.17 -8.67 103.34
CA ASP K 538 46.28 -7.73 104.42
C ASP K 538 47.63 -7.06 104.42
N PRO K 539 47.92 -6.28 105.45
CA PRO K 539 49.20 -5.63 105.55
C PRO K 539 50.41 -6.49 105.73
N LYS K 540 50.32 -7.60 106.50
CA LYS K 540 51.50 -8.39 106.78
C LYS K 540 52.04 -8.82 105.46
N TYR K 541 51.14 -9.31 104.61
CA TYR K 541 51.52 -9.73 103.29
C TYR K 541 51.92 -8.51 102.53
N GLU K 542 51.24 -7.38 102.80
CA GLU K 542 51.46 -6.17 102.08
C GLU K 542 52.90 -5.76 102.23
N ARG K 543 53.45 -5.89 103.44
CA ARG K 543 54.83 -5.50 103.58
C ARG K 543 55.68 -6.44 102.78
N LEU K 544 55.35 -7.75 102.80
CA LEU K 544 56.16 -8.71 102.11
C LEU K 544 56.13 -8.35 100.67
N VAL K 545 54.93 -8.06 100.14
CA VAL K 545 54.86 -7.80 98.74
C VAL K 545 55.71 -6.63 98.39
N ASN K 546 55.77 -5.61 99.27
CA ASN K 546 56.59 -4.49 98.92
C ASN K 546 58.03 -4.92 98.91
N ALA K 547 58.41 -5.85 99.81
CA ALA K 547 59.78 -6.26 99.89
C ALA K 547 60.19 -6.80 98.55
N ILE K 548 59.33 -7.64 97.96
CA ILE K 548 59.64 -8.24 96.69
C ILE K 548 59.66 -7.14 95.69
N LEU K 549 58.70 -6.20 95.84
CA LEU K 549 58.53 -5.15 94.89
C LEU K 549 59.75 -4.29 94.86
N ASP K 550 60.31 -3.92 96.01
CA ASP K 550 61.46 -3.06 95.98
C ASP K 550 62.59 -3.80 95.35
N PHE K 551 62.67 -5.11 95.59
CA PHE K 551 63.77 -5.88 95.08
C PHE K 551 63.73 -5.86 93.58
N LEU K 552 62.52 -5.95 92.99
CA LEU K 552 62.41 -6.01 91.56
C LEU K 552 62.94 -4.77 90.90
N PRO K 553 62.54 -3.56 91.22
CA PRO K 553 63.22 -2.48 90.59
C PRO K 553 64.64 -2.34 91.02
N LYS K 554 65.01 -2.92 92.17
CA LYS K 554 66.37 -2.76 92.61
C LYS K 554 67.27 -3.38 91.58
N ILE K 555 66.88 -4.58 91.11
CA ILE K 555 67.72 -5.29 90.21
C ILE K 555 67.69 -4.63 88.88
N GLU K 556 68.90 -4.34 88.35
CA GLU K 556 69.13 -3.64 87.13
C GLU K 556 69.10 -4.56 85.95
N GLU K 557 69.07 -3.94 84.77
CA GLU K 557 68.98 -4.63 83.52
C GLU K 557 70.14 -5.57 83.42
N ASN K 558 69.79 -6.85 83.28
CA ASN K 558 70.69 -7.94 83.10
C ASN K 558 69.83 -9.02 82.56
N LEU K 559 70.44 -10.19 82.28
CA LEU K 559 69.73 -11.34 81.87
C LEU K 559 69.48 -12.08 83.15
N ILE K 560 68.19 -12.37 83.49
CA ILE K 560 67.89 -13.13 84.68
C ILE K 560 68.40 -14.49 84.41
N CYS K 561 68.07 -15.01 83.21
CA CYS K 561 68.40 -16.35 82.86
C CYS K 561 69.87 -16.51 83.00
N SER K 562 70.26 -17.50 83.83
CA SER K 562 71.59 -17.85 84.23
C SER K 562 71.36 -19.13 84.95
N LYS K 563 72.21 -19.62 85.84
CA LYS K 563 71.51 -20.64 86.51
C LYS K 563 70.62 -20.05 87.46
N TYR K 564 69.81 -20.96 87.87
CA TYR K 564 68.68 -20.74 88.67
C TYR K 564 69.13 -20.26 90.02
N THR K 565 70.38 -20.61 90.33
CA THR K 565 71.10 -20.29 91.51
C THR K 565 70.95 -18.86 91.82
N ASP K 566 71.08 -18.06 90.76
CA ASP K 566 71.23 -16.66 90.98
C ASP K 566 70.07 -16.11 91.72
N LEU K 567 68.88 -16.57 91.38
CA LEU K 567 67.75 -16.03 92.00
C LEU K 567 67.94 -16.25 93.47
N LEU K 568 68.37 -17.46 93.87
CA LEU K 568 68.38 -17.72 95.27
C LEU K 568 69.43 -16.86 95.94
N ARG K 569 70.63 -16.59 95.32
CA ARG K 569 71.54 -15.75 96.02
C ARG K 569 71.04 -14.35 96.11
N ILE K 570 70.38 -13.80 95.06
CA ILE K 570 69.94 -12.44 95.26
C ILE K 570 68.91 -12.39 96.34
N ALA K 571 68.10 -13.45 96.47
CA ALA K 571 67.05 -13.49 97.45
C ALA K 571 67.67 -13.28 98.80
N LEU K 572 68.90 -13.77 98.94
CA LEU K 572 69.63 -13.82 100.19
C LEU K 572 69.84 -12.44 100.76
N MET K 573 69.84 -11.38 99.94
CA MET K 573 70.22 -10.07 100.41
C MET K 573 69.43 -9.55 101.60
N ALA K 574 68.07 -9.59 101.62
CA ALA K 574 67.42 -9.04 102.77
C ALA K 574 66.82 -10.16 103.59
N GLU K 575 67.22 -10.24 104.87
CA GLU K 575 66.83 -11.32 105.76
C GLU K 575 65.35 -11.31 106.06
N ASP K 576 64.74 -10.13 106.09
CA ASP K 576 63.37 -9.95 106.46
C ASP K 576 62.32 -10.60 105.53
N GLU K 577 62.62 -11.12 104.30
CA GLU K 577 61.55 -11.47 103.35
C GLU K 577 61.24 -12.93 103.08
N ALA K 578 59.96 -13.15 102.67
CA ALA K 578 59.33 -14.41 102.32
C ALA K 578 59.94 -14.98 101.08
N ILE K 579 60.35 -14.10 100.17
CA ILE K 579 60.99 -14.50 98.95
C ILE K 579 62.19 -15.33 99.28
N PHE K 580 62.98 -14.90 100.27
CA PHE K 580 64.16 -15.62 100.62
C PHE K 580 63.81 -16.98 101.11
N GLU K 581 62.76 -17.08 101.95
CA GLU K 581 62.42 -18.36 102.48
C GLU K 581 62.10 -19.25 101.33
N GLU K 582 61.38 -18.73 100.32
CA GLU K 582 61.03 -19.49 99.16
C GLU K 582 62.27 -19.83 98.40
N ALA K 583 63.21 -18.89 98.32
CA ALA K 583 64.43 -19.10 97.57
C ALA K 583 65.13 -20.27 98.17
N HIS K 584 65.16 -20.34 99.51
CA HIS K 584 65.84 -21.43 100.16
C HIS K 584 65.11 -22.71 99.88
N LYS K 585 63.77 -22.70 99.85
CA LYS K 585 63.06 -23.93 99.63
C LYS K 585 63.39 -24.46 98.28
N GLN K 586 63.32 -23.58 97.28
CA GLN K 586 63.52 -23.97 95.92
C GLN K 586 64.92 -24.49 95.72
N VAL K 587 65.89 -23.87 96.42
CA VAL K 587 67.20 -24.44 96.34
C VAL K 587 67.10 -25.84 96.86
N GLN K 588 66.44 -26.06 97.99
CA GLN K 588 66.41 -27.38 98.56
C GLN K 588 65.85 -28.35 97.56
N ARG K 589 64.72 -28.04 96.89
CA ARG K 589 64.26 -28.97 95.91
C ARG K 589 64.73 -28.43 94.57
N UNK K 590 78.44 -47.84 76.44
CA UNK K 590 79.10 -47.44 77.70
C UNK K 590 78.45 -46.21 78.24
N UNK K 591 79.25 -45.35 78.91
CA UNK K 591 78.70 -44.15 79.46
C UNK K 591 78.29 -43.28 78.32
N UNK K 592 77.21 -42.51 78.51
CA UNK K 592 76.71 -41.63 77.49
C UNK K 592 77.48 -40.35 77.58
N UNK K 593 77.27 -39.44 76.61
CA UNK K 593 77.99 -38.21 76.60
C UNK K 593 77.64 -37.50 77.88
N UNK K 594 78.59 -36.68 78.35
CA UNK K 594 78.45 -35.98 79.59
C UNK K 594 77.30 -35.02 79.55
N UNK K 595 77.13 -34.27 78.42
CA UNK K 595 76.04 -33.35 78.21
C UNK K 595 75.71 -32.55 79.43
N UNK K 596 76.52 -31.51 79.75
CA UNK K 596 76.25 -30.72 80.93
C UNK K 596 75.50 -29.49 80.53
N UNK K 597 74.47 -29.14 81.32
CA UNK K 597 73.67 -27.97 81.06
C UNK K 597 74.42 -26.79 81.56
N UNK K 598 74.10 -25.59 81.05
CA UNK K 598 74.79 -24.42 81.49
C UNK K 598 74.33 -24.12 82.88
N UNK K 599 75.23 -23.58 83.71
CA UNK K 599 74.81 -23.29 85.03
C UNK K 599 75.24 -21.88 85.33
N UNK K 600 74.69 -21.30 86.37
CA UNK K 600 74.88 -19.96 86.72
C UNK K 600 76.29 -19.98 87.10
N UNK K 601 77.03 -18.95 86.80
CA UNK K 601 78.32 -18.95 87.36
C UNK K 601 78.16 -18.36 88.72
N UNK K 602 79.07 -18.75 89.64
CA UNK K 602 79.00 -18.15 90.94
C UNK K 602 79.15 -16.68 90.67
N UNK K 603 78.21 -15.83 91.14
CA UNK K 603 78.30 -14.49 90.59
C UNK K 603 78.54 -13.31 91.55
N UNK K 604 79.43 -12.28 91.14
CA UNK K 604 79.73 -10.91 91.69
C UNK K 604 80.72 -9.68 90.73
N UNK K 605 80.50 -8.29 89.89
CA UNK K 605 81.17 -7.04 89.11
C UNK K 605 80.42 -6.23 87.94
N UNK K 606 79.07 -6.20 87.78
CA UNK K 606 78.32 -5.70 86.61
C UNK K 606 78.39 -4.24 86.21
N UNK K 607 78.46 -3.29 87.15
CA UNK K 607 78.39 -1.90 86.75
C UNK K 607 79.53 -1.57 85.85
N UNK K 608 79.33 -0.48 85.06
CA UNK K 608 80.27 0.12 84.15
C UNK K 608 79.88 -0.25 82.77
N UNK K 609 80.18 0.65 81.82
CA UNK K 609 79.86 0.42 80.44
C UNK K 609 80.87 -0.55 79.93
N UNK K 610 80.42 -1.52 79.11
CA UNK K 610 81.36 -2.43 78.52
C UNK K 610 82.18 -1.68 77.54
N UNK K 611 81.51 -0.83 76.75
CA UNK K 611 82.15 -0.08 75.71
C UNK K 611 82.29 1.35 76.11
N UNK K 612 82.86 2.16 75.20
CA UNK K 612 83.07 3.54 75.45
C UNK K 612 81.76 4.20 75.58
N UNK K 613 81.75 5.39 76.21
CA UNK K 613 80.53 6.12 76.33
C UNK K 613 80.59 7.24 75.35
N UNK K 614 79.57 7.33 74.48
CA UNK K 614 79.46 8.32 73.45
C UNK K 614 79.21 9.70 73.99
N UNK K 615 78.29 9.85 74.97
CA UNK K 615 77.98 11.20 75.37
C UNK K 615 77.64 11.25 76.82
N UNK K 616 77.75 12.46 77.41
CA UNK K 616 77.42 12.66 78.80
C UNK K 616 76.41 13.76 78.83
N UNK K 617 75.43 13.69 79.76
CA UNK K 617 74.43 14.72 79.81
C UNK K 617 74.06 14.95 81.24
N UNK K 618 73.56 16.15 81.55
CA UNK K 618 73.19 16.46 82.90
C UNK K 618 71.70 16.61 82.96
N UNK K 619 71.06 16.08 84.04
CA UNK K 619 69.64 16.19 84.20
C UNK K 619 69.36 17.60 84.61
N UNK K 620 68.29 18.19 84.06
CA UNK K 620 68.05 19.56 84.44
C UNK K 620 67.66 19.67 85.88
N UNK K 621 66.57 18.99 86.29
CA UNK K 621 66.08 19.15 87.64
C UNK K 621 66.90 18.48 88.69
N UNK K 622 67.14 17.16 88.52
CA UNK K 622 67.75 16.40 89.58
C UNK K 622 69.23 16.41 89.46
N UNK K 623 69.91 16.10 90.58
CA UNK K 623 71.32 15.99 90.46
C UNK K 623 71.55 14.58 90.04
N UNK K 624 71.53 14.36 88.72
CA UNK K 624 71.73 13.07 88.17
C UNK K 624 72.29 13.32 86.81
N UNK K 625 73.09 12.38 86.30
CA UNK K 625 73.65 12.56 85.00
C UNK K 625 73.41 11.31 84.23
N UNK K 626 73.32 11.42 82.90
CA UNK K 626 73.07 10.26 82.10
C UNK K 626 74.25 10.05 81.23
N UNK K 627 74.53 8.78 80.89
CA UNK K 627 75.65 8.47 80.07
C UNK K 627 75.15 7.73 78.87
N UNK K 628 75.84 7.92 77.72
CA UNK K 628 75.48 7.23 76.51
C UNK K 628 76.60 6.31 76.21
N UNK K 629 76.25 5.12 75.70
CA UNK K 629 77.23 4.11 75.42
C UNK K 629 76.47 3.01 74.77
N UNK K 630 76.91 1.76 74.98
CA UNK K 630 76.20 0.66 74.40
C UNK K 630 74.82 0.75 74.93
N UNK K 631 74.69 1.08 76.23
CA UNK K 631 73.39 1.25 76.81
C UNK K 631 73.45 2.53 77.58
N UNK K 632 72.29 3.18 77.81
CA UNK K 632 72.33 4.39 78.58
C UNK K 632 72.37 4.00 80.03
N UNK K 633 73.05 4.80 80.84
CA UNK K 633 73.13 4.54 82.24
C UNK K 633 72.88 5.83 82.95
N UNK K 634 72.32 5.76 84.17
CA UNK K 634 72.08 6.96 84.90
C UNK K 634 72.87 6.86 86.16
N UNK K 635 73.48 7.98 86.57
CA UNK K 635 74.26 7.97 87.77
C UNK K 635 74.10 9.31 88.41
N UNK K 636 74.45 9.42 89.70
CA UNK K 636 74.32 10.68 90.35
C UNK K 636 75.68 11.29 90.42
N UNK K 637 75.76 12.57 90.03
CA UNK K 637 76.98 13.34 90.07
C UNK K 637 77.34 13.44 91.50
N UNK K 638 76.30 13.51 92.34
CA UNK K 638 76.43 13.65 93.77
C UNK K 638 77.22 12.51 94.29
N UNK K 639 77.39 12.49 95.63
CA UNK K 639 78.22 11.56 96.33
C UNK K 639 77.80 10.16 96.04
N UNK K 640 76.48 9.91 95.87
CA UNK K 640 76.06 8.54 95.71
C UNK K 640 76.75 7.95 94.52
N UNK K 641 76.72 8.64 93.36
CA UNK K 641 77.38 8.22 92.16
C UNK K 641 77.15 6.75 91.93
N UNK K 642 75.88 6.32 91.92
CA UNK K 642 75.64 4.92 91.73
C UNK K 642 74.88 4.76 90.45
N UNK K 643 75.01 3.58 89.81
CA UNK K 643 74.28 3.40 88.60
C UNK K 643 72.87 3.22 89.02
N UNK K 644 72.07 4.31 88.96
CA UNK K 644 70.71 4.26 89.38
C UNK K 644 69.95 3.34 88.50
N UNK K 645 70.14 3.46 87.18
CA UNK K 645 69.34 2.62 86.33
C UNK K 645 70.05 2.36 85.04
N UNK K 646 69.54 1.37 84.28
CA UNK K 646 70.06 0.96 83.01
C UNK K 646 69.03 1.28 81.96
N UNK K 647 69.51 1.75 80.79
CA UNK K 647 68.74 2.21 79.65
C UNK K 647 67.94 1.16 78.92
N UNK K 648 68.50 -0.05 78.76
CA UNK K 648 67.82 -1.21 78.23
C UNK K 648 67.63 -1.32 76.76
N UNK K 649 67.37 -0.11 76.19
CA UNK K 649 66.74 0.39 74.99
C UNK K 649 67.30 0.14 73.59
N UNK K 650 68.61 -0.11 73.32
CA UNK K 650 68.96 -0.07 71.93
C UNK K 650 69.57 -1.34 71.40
N UNK K 651 69.04 -1.71 70.23
CA UNK K 651 69.30 -2.87 69.43
C UNK K 651 70.68 -2.83 69.03
N UNK K 652 70.90 -1.71 68.38
CA UNK K 652 72.09 -1.41 67.69
C UNK K 652 73.02 -0.90 68.71
N UNK K 653 74.13 -0.31 68.22
CA UNK K 653 75.14 0.10 69.12
C UNK K 653 75.79 1.35 68.59
N UNK K 654 77.14 1.35 68.65
CA UNK K 654 77.95 2.48 68.30
C UNK K 654 77.77 3.47 69.39
N UNK K 655 77.22 2.99 70.52
CA UNK K 655 76.90 3.82 71.63
C UNK K 655 75.68 4.57 71.22
N UNK K 656 74.79 4.90 72.17
CA UNK K 656 73.74 5.76 71.72
C UNK K 656 74.52 6.97 71.38
N UNK K 657 74.43 7.39 70.11
CA UNK K 657 75.31 8.44 69.68
C UNK K 657 75.06 9.64 70.50
N UNK K 658 73.77 9.97 70.74
CA UNK K 658 73.54 11.16 71.49
C UNK K 658 72.35 10.96 72.37
N UNK K 659 72.20 11.85 73.35
CA UNK K 659 71.06 11.83 74.22
C UNK K 659 70.68 13.26 74.40
N UNK K 660 69.36 13.51 74.59
CA UNK K 660 68.94 14.86 74.81
C UNK K 660 67.81 14.79 75.78
N UNK K 661 67.69 15.81 76.64
CA UNK K 661 66.64 15.79 77.61
C UNK K 661 65.76 16.96 77.34
N UNK K 662 64.46 16.79 77.64
CA UNK K 662 63.51 17.85 77.48
C UNK K 662 63.77 18.80 78.61
N UNK K 663 63.23 20.03 78.50
CA UNK K 663 63.42 21.01 79.52
C UNK K 663 62.83 20.48 80.78
N UNK K 664 61.66 19.82 80.66
CA UNK K 664 60.96 19.26 81.78
C UNK K 664 61.86 18.24 82.40
N UNK K 665 62.66 17.55 81.56
CA UNK K 665 63.51 16.49 82.00
C UNK K 665 62.63 15.32 82.27
N UNK K 666 61.34 15.43 81.84
CA UNK K 666 60.42 14.34 81.93
C UNK K 666 60.83 13.27 80.96
N UNK K 667 61.24 13.66 79.73
CA UNK K 667 61.53 12.67 78.74
C UNK K 667 62.92 12.84 78.24
N UNK K 668 63.53 11.72 77.81
CA UNK K 668 64.86 11.76 77.26
C UNK K 668 64.77 11.13 75.91
N UNK K 669 65.61 11.60 74.96
CA UNK K 669 65.59 11.05 73.65
C UNK K 669 66.95 10.49 73.41
N UNK K 670 67.04 9.38 72.66
CA UNK K 670 68.32 8.78 72.42
C UNK K 670 68.44 8.47 70.96
N UNK K 671 69.70 8.34 70.48
CA UNK K 671 69.95 8.04 69.10
C UNK K 671 70.85 6.84 69.07
N UNK K 672 70.84 6.09 67.94
CA UNK K 672 71.67 4.92 67.94
C UNK K 672 71.89 4.46 66.53
N UNK K 673 72.66 3.36 66.43
CA UNK K 673 73.02 2.69 65.22
C UNK K 673 71.76 2.19 64.60
N UNK K 674 70.76 1.92 65.46
CA UNK K 674 69.50 1.35 65.06
C UNK K 674 68.92 2.26 64.02
N UNK K 675 69.27 3.56 64.09
CA UNK K 675 68.69 4.52 63.20
C UNK K 675 67.29 4.72 63.63
N UNK K 676 67.05 4.48 64.92
CA UNK K 676 65.78 4.72 65.51
C UNK K 676 66.03 5.71 66.61
N UNK K 677 65.05 6.56 66.90
CA UNK K 677 65.26 7.44 68.02
C UNK K 677 64.32 6.98 69.07
N UNK K 678 64.85 6.44 70.16
CA UNK K 678 63.92 5.99 71.13
C UNK K 678 63.52 7.20 71.89
N UNK K 679 62.23 7.29 72.24
CA UNK K 679 61.97 8.24 73.25
C UNK K 679 62.64 7.44 74.27
N UNK K 680 63.87 7.88 74.61
CA UNK K 680 64.81 7.14 75.39
C UNK K 680 64.03 6.81 76.55
N UNK K 681 63.21 7.78 76.99
CA UNK K 681 62.37 7.32 78.00
C UNK K 681 61.40 8.34 78.40
N UNK K 682 60.44 7.83 79.18
CA UNK K 682 59.41 8.62 79.76
C UNK K 682 58.30 7.63 80.05
N UNK K 683 61.01 2.34 83.39
CA UNK K 683 61.25 3.33 82.32
C UNK K 683 61.35 2.65 81.01
N UNK K 684 60.23 2.64 80.26
CA UNK K 684 60.25 1.98 79.00
C UNK K 684 60.17 3.06 77.97
N UNK K 685 60.67 2.78 76.76
CA UNK K 685 60.66 3.78 75.74
C UNK K 685 59.24 4.05 75.41
N UNK K 686 58.88 5.36 75.34
CA UNK K 686 57.53 5.72 75.03
C UNK K 686 57.23 5.27 73.65
N UNK K 687 58.16 5.52 72.71
CA UNK K 687 57.89 5.13 71.35
C UNK K 687 59.19 5.07 70.62
N UNK K 688 59.19 4.42 69.45
CA UNK K 688 60.38 4.34 68.67
C UNK K 688 60.09 5.07 67.39
N UNK K 689 61.05 5.88 66.91
CA UNK K 689 60.81 6.59 65.70
C UNK K 689 61.79 6.08 64.69
N UNK K 690 61.30 5.81 63.46
CA UNK K 690 62.16 5.29 62.45
C UNK K 690 62.04 6.20 61.28
N UNK K 691 63.05 6.20 60.41
CA UNK K 691 63.03 7.11 59.31
C UNK K 691 64.35 6.98 58.65
N UNK K 692 65.35 7.68 59.22
CA UNK K 692 66.67 7.75 58.66
C UNK K 692 67.16 6.40 58.31
N UNK K 693 67.77 6.33 57.11
CA UNK K 693 68.36 5.16 56.51
C UNK K 693 69.57 4.72 57.27
N UNK K 694 70.36 5.68 57.78
CA UNK K 694 71.63 5.32 58.36
C UNK K 694 71.68 5.69 59.80
N UNK K 695 72.86 5.47 60.42
CA UNK K 695 73.06 5.72 61.81
C UNK K 695 72.72 7.15 62.10
N UNK K 696 72.11 7.39 63.28
CA UNK K 696 71.74 8.72 63.64
C UNK K 696 72.79 9.25 64.56
N UNK K 697 73.51 10.28 64.09
CA UNK K 697 74.58 10.91 64.81
C UNK K 697 74.08 11.68 66.00
N UNK K 698 72.98 12.44 65.88
CA UNK K 698 72.62 13.24 67.01
C UNK K 698 71.14 13.47 67.05
N UNK K 699 70.62 13.76 68.26
CA UNK K 699 69.21 14.03 68.43
C UNK K 699 69.09 15.12 69.43
N UNK K 700 67.99 15.89 69.37
CA UNK K 700 67.83 16.93 70.35
C UNK K 700 66.37 17.20 70.48
N UNK K 701 65.96 17.64 71.68
CA UNK K 701 64.59 17.98 71.89
C UNK K 701 64.52 19.46 71.79
N UNK K 702 63.50 19.98 71.08
CA UNK K 702 63.36 21.39 70.93
C UNK K 702 62.93 21.94 72.25
N UNK K 703 63.25 23.23 72.50
CA UNK K 703 62.88 23.83 73.74
C UNK K 703 61.37 23.72 73.88
N UNK K 704 59.09 18.89 67.67
CA UNK K 704 59.38 18.13 68.90
C UNK K 704 60.84 17.80 68.99
N UNK K 705 61.34 16.98 68.05
CA UNK K 705 62.71 16.58 68.14
C UNK K 705 63.34 16.66 66.78
N UNK K 706 64.68 16.81 66.75
CA UNK K 706 65.38 16.87 65.51
C UNK K 706 66.51 15.87 65.58
N UNK K 707 66.87 15.30 64.43
CA UNK K 707 67.94 14.33 64.41
C UNK K 707 68.71 14.56 63.15
N UNK K 708 69.96 14.06 63.12
CA UNK K 708 70.79 14.18 61.95
C UNK K 708 71.33 12.81 61.70
N UNK K 709 71.66 12.49 60.42
CA UNK K 709 72.09 11.16 60.17
C UNK K 709 73.09 11.12 59.06
N UNK K 710 73.62 9.91 58.83
CA UNK K 710 74.54 9.55 57.79
C UNK K 710 73.80 9.81 56.53
N UNK K 711 72.46 9.75 56.65
CA UNK K 711 71.54 9.95 55.58
C UNK K 711 71.84 11.29 55.00
N UNK K 712 72.45 12.18 55.82
CA UNK K 712 72.75 13.51 55.37
C UNK K 712 71.46 14.23 55.27
N UNK K 713 70.52 13.83 56.15
CA UNK K 713 69.25 14.48 56.20
C UNK K 713 69.03 14.90 57.61
N UNK K 714 68.20 15.94 57.79
CA UNK K 714 67.82 16.37 59.09
C UNK K 714 66.35 16.13 59.15
N UNK K 715 65.85 15.55 60.25
CA UNK K 715 64.46 15.27 60.27
C UNK K 715 63.88 15.79 61.53
N UNK K 716 62.59 16.18 61.49
CA UNK K 716 61.91 16.66 62.65
C UNK K 716 60.87 15.64 62.96
N UNK K 717 60.70 15.30 64.25
CA UNK K 717 59.73 14.29 64.58
C UNK K 717 58.79 14.86 65.58
N UNK K 718 57.54 14.36 65.58
CA UNK K 718 56.59 14.82 66.53
C UNK K 718 56.74 13.94 67.72
N UNK K 719 57.31 15.12 60.13
CA UNK K 719 56.97 16.41 59.60
C UNK K 719 58.00 17.01 58.68
N UNK K 720 59.29 17.04 59.05
CA UNK K 720 60.15 17.81 58.21
C UNK K 720 61.38 17.06 57.86
N UNK K 721 61.96 17.43 56.70
CA UNK K 721 63.20 16.89 56.25
C UNK K 721 63.98 18.06 55.75
N UNK K 722 65.30 18.08 55.98
CA UNK K 722 66.03 19.22 55.51
C UNK K 722 67.03 18.75 54.52
N UNK K 723 66.95 19.31 53.29
CA UNK K 723 67.92 18.99 52.29
C UNK K 723 69.13 19.75 52.70
N UNK K 724 70.33 19.27 52.34
CA UNK K 724 71.47 19.97 52.83
C UNK K 724 72.69 19.46 52.16
N UNK K 725 73.81 19.54 52.89
CA UNK K 725 75.10 19.15 52.41
C UNK K 725 75.07 17.73 51.96
N UNK K 726 75.99 17.41 51.02
CA UNK K 726 76.13 16.11 50.45
C UNK K 726 76.58 15.14 51.50
N UNK K 727 77.51 15.57 52.37
CA UNK K 727 78.10 14.70 53.35
C UNK K 727 77.14 14.42 54.47
N UNK K 728 77.50 13.43 55.31
CA UNK K 728 76.68 13.04 56.43
C UNK K 728 76.68 14.16 57.42
N UNK K 729 75.62 14.22 58.25
CA UNK K 729 75.53 15.30 59.21
C UNK K 729 75.82 14.77 60.57
N UNK K 730 76.86 15.35 61.21
CA UNK K 730 77.33 14.99 62.52
C UNK K 730 76.38 15.37 63.61
N UNK K 731 75.82 16.60 63.60
CA UNK K 731 75.02 16.95 64.74
C UNK K 731 74.06 18.04 64.38
N UNK K 732 73.00 18.20 65.21
CA UNK K 732 72.05 19.24 64.99
C UNK K 732 71.79 19.86 66.32
N UNK K 733 71.65 21.21 66.34
CA UNK K 733 71.39 21.85 67.59
C UNK K 733 70.37 22.92 67.34
N UNK K 734 69.43 23.07 68.28
CA UNK K 734 68.44 24.09 68.16
C UNK K 734 68.97 25.34 68.78
N UNK K 735 68.38 26.49 68.39
CA UNK K 735 68.76 27.74 68.98
C UNK K 735 67.97 27.85 70.25
N UNK K 736 68.42 28.72 71.17
CA UNK K 736 67.73 28.90 72.41
C UNK K 736 66.36 29.37 72.06
N UNK K 737 66.29 30.26 71.06
CA UNK K 737 65.05 30.79 70.57
C UNK K 737 64.29 29.64 70.02
N UNK K 738 65.05 28.65 69.50
CA UNK K 738 64.49 27.51 68.84
C UNK K 738 64.04 28.00 67.51
N UNK K 739 64.43 29.25 67.20
CA UNK K 739 64.14 29.86 65.95
C UNK K 739 64.88 29.15 64.85
N UNK K 740 66.17 28.81 65.09
CA UNK K 740 66.94 28.26 64.00
C UNK K 740 67.68 27.03 64.47
N UNK K 741 68.18 26.24 63.50
CA UNK K 741 68.90 25.04 63.83
C UNK K 741 70.24 25.10 63.18
N UNK K 742 71.25 24.48 63.83
CA UNK K 742 72.57 24.46 63.29
C UNK K 742 72.90 23.02 63.04
N UNK K 743 73.51 22.74 61.88
CA UNK K 743 73.86 21.38 61.56
C UNK K 743 75.32 21.37 61.28
N UNK K 744 75.96 20.21 61.54
CA UNK K 744 77.35 20.08 61.27
C UNK K 744 77.49 18.88 60.40
N UNK K 745 78.44 18.92 59.46
CA UNK K 745 78.60 17.81 58.58
C UNK K 745 80.01 17.85 58.11
N UNK K 746 80.39 16.86 57.28
CA UNK K 746 81.73 16.86 56.79
C UNK K 746 81.91 18.10 55.98
N UNK K 747 80.91 18.44 55.14
CA UNK K 747 81.03 19.55 54.25
C UNK K 747 81.13 20.86 54.97
N UNK K 748 80.24 21.14 55.94
CA UNK K 748 80.31 22.44 56.55
C UNK K 748 79.29 22.50 57.64
N UNK K 749 79.20 23.67 58.31
CA UNK K 749 78.21 23.85 59.33
C UNK K 749 77.20 24.78 58.77
N UNK K 750 75.90 24.43 58.86
CA UNK K 750 74.92 25.29 58.28
C UNK K 750 73.89 25.62 59.32
N UNK K 751 73.32 26.83 59.22
CA UNK K 751 72.28 27.23 60.10
C UNK K 751 71.05 27.30 59.27
N UNK K 752 69.92 26.80 59.80
CA UNK K 752 68.72 26.80 59.00
C UNK K 752 67.61 27.36 59.82
N UNK K 753 66.62 27.99 59.14
CA UNK K 753 65.48 28.52 59.81
C UNK K 753 64.57 27.38 60.10
N UNK K 754 63.64 27.58 61.04
CA UNK K 754 62.73 26.54 61.41
C UNK K 754 61.89 26.17 60.18
N UNK K 755 68.39 28.70 54.50
CA UNK K 755 69.83 28.90 54.25
C UNK K 755 70.23 30.32 54.53
N UNK K 756 70.17 30.73 55.82
CA UNK K 756 70.53 32.07 56.17
C UNK K 756 71.97 32.26 55.85
N UNK K 757 72.81 31.27 56.22
CA UNK K 757 74.20 31.38 55.94
C UNK K 757 74.85 30.09 56.34
N UNK K 758 76.11 29.90 55.91
CA UNK K 758 76.80 28.69 56.27
C UNK K 758 78.25 29.03 56.42
N UNK K 759 78.98 28.25 57.24
CA UNK K 759 80.35 28.56 57.46
C UNK K 759 81.19 27.92 56.40
N UNK K 760 81.71 28.77 55.51
CA UNK K 760 82.59 28.47 54.43
C UNK K 760 83.94 28.13 54.99
N UNK K 761 84.25 28.71 56.16
CA UNK K 761 85.57 28.70 56.71
C UNK K 761 86.11 27.31 56.81
N UNK K 762 85.31 26.31 57.20
CA UNK K 762 85.86 24.98 57.30
C UNK K 762 86.34 24.62 55.93
N UNK K 763 85.51 24.90 54.92
CA UNK K 763 85.86 24.72 53.54
C UNK K 763 86.13 23.28 53.23
N UNK K 764 85.92 22.94 51.94
CA UNK K 764 86.17 21.64 51.39
C UNK K 764 87.65 21.43 51.47
N UNK K 765 88.42 22.51 51.25
CA UNK K 765 89.85 22.43 51.26
C UNK K 765 90.25 21.87 52.57
N UNK K 766 91.51 21.39 52.67
CA UNK K 766 91.99 20.71 53.83
C UNK K 766 91.66 21.53 55.04
N UNK K 767 90.62 21.03 55.73
CA UNK K 767 90.03 21.54 56.92
C UNK K 767 88.65 21.01 56.79
N UNK K 768 88.13 20.32 57.81
CA UNK K 768 86.84 19.75 57.56
C UNK K 768 86.49 18.88 58.72
N UNK K 769 85.53 17.96 58.48
CA UNK K 769 85.08 17.06 59.48
C UNK K 769 84.75 17.82 60.73
N UNK K 770 83.68 18.65 60.67
CA UNK K 770 83.31 19.39 61.84
C UNK K 770 82.44 18.51 62.69
N UNK K 771 83.02 18.06 63.82
CA UNK K 771 82.43 17.20 64.80
C UNK K 771 81.37 17.85 65.63
N UNK K 772 81.55 19.11 66.07
CA UNK K 772 80.59 19.56 67.03
C UNK K 772 80.19 20.98 66.79
N UNK K 773 79.05 21.37 67.40
CA UNK K 773 78.58 22.71 67.33
C UNK K 773 77.92 22.98 68.63
N UNK K 774 78.05 24.23 69.11
CA UNK K 774 77.39 24.58 70.33
C UNK K 774 76.87 25.93 70.08
N UNK K 775 75.76 26.26 70.74
CA UNK K 775 75.19 27.54 70.56
C UNK K 775 75.62 28.31 71.74
N UNK K 776 75.92 29.58 71.49
CA UNK K 776 76.37 30.43 72.55
C UNK K 776 75.20 30.78 73.41
N UNK K 777 75.52 31.32 74.59
CA UNK K 777 74.64 31.90 75.55
C UNK K 777 74.26 33.17 74.87
N UNK K 778 74.86 34.35 75.20
CA UNK K 778 74.65 35.46 74.29
C UNK K 778 75.24 34.92 72.91
N UNK K 779 74.77 35.34 71.56
CA UNK K 779 74.72 34.95 70.07
C UNK K 779 75.94 34.62 69.22
N UNK K 780 75.94 33.35 68.75
CA UNK K 780 76.98 32.82 67.93
C UNK K 780 76.90 31.33 68.04
N UNK K 781 77.78 30.63 67.31
CA UNK K 781 77.82 29.19 67.35
C UNK K 781 79.28 28.84 67.38
N UNK K 782 79.59 27.66 67.94
CA UNK K 782 80.98 27.27 67.97
C UNK K 782 81.05 25.90 67.42
N UNK K 783 82.15 25.62 66.68
CA UNK K 783 82.28 24.31 66.12
C UNK K 783 83.71 23.90 66.28
N UNK K 784 83.94 22.58 66.23
CA UNK K 784 85.27 22.06 66.31
C UNK K 784 85.33 20.93 65.33
N UNK K 785 86.52 20.66 64.73
CA UNK K 785 86.57 19.63 63.75
C UNK K 785 87.56 18.58 64.16
N UNK K 786 87.20 17.30 63.96
CA UNK K 786 88.04 16.17 64.22
C UNK K 786 89.17 16.17 63.23
N UNK K 787 88.85 16.63 62.01
CA UNK K 787 89.71 16.59 60.87
C UNK K 787 90.97 17.35 61.11
N UNK K 788 91.71 17.57 60.02
CA UNK K 788 93.02 18.13 60.06
C UNK K 788 92.96 19.45 60.76
N UNK K 789 91.88 20.23 60.56
CA UNK K 789 91.85 21.51 61.22
C UNK K 789 91.94 21.28 62.69
N UNK K 790 91.10 20.37 63.23
CA UNK K 790 91.13 20.03 64.63
C UNK K 790 91.16 21.28 65.44
N UNK K 791 90.31 22.27 65.11
CA UNK K 791 90.42 23.46 65.92
C UNK K 791 89.05 23.93 66.21
N UNK K 792 88.92 24.73 67.28
CA UNK K 792 87.65 25.30 67.59
C UNK K 792 87.50 26.46 66.67
N UNK K 793 86.25 26.75 66.27
CA UNK K 793 86.02 27.88 65.43
C UNK K 793 84.95 28.65 66.12
N UNK K 794 85.09 29.99 66.13
CA UNK K 794 84.07 30.77 66.76
C UNK K 794 83.59 31.73 65.74
N UNK K 795 82.26 31.95 65.69
CA UNK K 795 81.76 32.86 64.72
C UNK K 795 80.37 33.23 65.12
N UNK K 796 79.87 34.35 64.55
CA UNK K 796 78.52 34.76 64.79
C UNK K 796 77.76 34.42 63.55
N UNK K 797 76.55 33.86 63.72
CA UNK K 797 75.80 33.46 62.56
C UNK K 797 75.47 34.64 61.74
N UNK K 798 75.03 35.74 62.37
CA UNK K 798 74.61 36.85 61.57
C UNK K 798 75.78 37.36 60.79
N UNK K 799 76.93 37.56 61.46
CA UNK K 799 78.10 38.08 60.82
C UNK K 799 78.59 37.11 59.79
N UNK K 800 78.55 35.79 60.09
CA UNK K 800 79.08 34.82 59.19
C UNK K 800 80.57 35.00 59.10
N UNK K 801 81.17 35.59 60.14
CA UNK K 801 82.59 35.77 60.15
C UNK K 801 83.11 34.99 61.33
N UNK K 802 84.35 34.45 61.22
CA UNK K 802 84.89 33.69 62.31
C UNK K 802 85.64 34.65 63.17
N UNK K 803 85.25 34.73 64.45
CA UNK K 803 85.90 35.65 65.34
C UNK K 803 87.33 35.24 65.53
N UNK K 804 87.59 33.94 65.77
CA UNK K 804 88.95 33.54 65.96
C UNK K 804 89.01 32.06 65.99
N UNK K 805 90.21 31.49 65.81
CA UNK K 805 90.36 30.07 65.84
C UNK K 805 91.29 29.73 66.96
N UNK K 806 90.99 28.66 67.73
CA UNK K 806 91.85 28.31 68.82
C UNK K 806 92.51 27.00 68.47
N UNK K 807 93.84 26.88 68.72
CA UNK K 807 94.57 25.69 68.37
C UNK K 807 94.27 24.53 69.34
N UNK K 808 94.27 23.22 68.87
CA UNK K 808 93.94 21.94 69.58
C UNK K 808 94.72 20.59 69.05
N UNK K 809 94.27 19.20 69.28
CA UNK K 809 94.55 17.69 68.99
C UNK K 809 93.51 17.26 67.96
N UNK K 810 92.33 16.71 68.33
CA UNK K 810 91.18 16.60 67.46
C UNK K 810 90.06 16.87 68.43
N UNK K 811 89.11 17.78 68.10
CA UNK K 811 88.16 18.15 69.11
C UNK K 811 86.88 17.39 68.95
N UNK K 812 86.60 16.58 69.99
CA UNK K 812 85.41 15.80 70.11
C UNK K 812 84.21 16.64 70.43
N UNK K 813 84.34 17.60 71.38
CA UNK K 813 83.15 18.32 71.75
C UNK K 813 83.52 19.69 72.19
N UNK K 814 82.60 20.64 71.98
CA UNK K 814 82.84 22.00 72.37
C UNK K 814 81.68 22.42 73.21
N UNK K 815 81.94 23.27 74.21
CA UNK K 815 80.89 23.72 75.05
C UNK K 815 81.23 25.09 75.51
N UNK K 816 80.20 25.86 75.92
CA UNK K 816 80.47 27.17 76.41
C UNK K 816 80.10 27.15 77.85
N UNK K 817 80.85 27.88 78.70
CA UNK K 817 80.48 27.86 80.07
C UNK K 817 79.13 28.48 80.14
N UNK K 818 78.17 27.75 80.74
CA UNK K 818 76.83 28.25 80.84
C UNK K 818 76.82 29.43 81.73
N UNK K 819 77.50 29.29 82.87
CA UNK K 819 77.47 30.29 83.89
C UNK K 819 76.07 30.31 84.41
N UNK K 820 75.95 30.30 85.75
CA UNK K 820 74.65 30.32 86.35
C UNK K 820 74.17 31.73 86.34
N UNK K 821 72.88 31.92 86.68
CA UNK K 821 72.27 33.22 86.74
C UNK K 821 72.65 34.02 85.55
N UNK K 822 71.99 33.71 84.41
CA UNK K 822 72.29 34.35 83.16
C UNK K 822 73.49 33.64 82.69
N UNK K 823 73.78 33.72 81.38
CA UNK K 823 74.90 32.95 80.97
C UNK K 823 75.99 33.90 80.62
N UNK K 824 77.22 33.49 80.95
CA UNK K 824 78.36 34.27 80.61
C UNK K 824 79.41 33.28 80.24
N UNK K 825 80.18 33.56 79.17
CA UNK K 825 81.20 32.59 78.92
C UNK K 825 82.53 33.26 79.02
N UNK K 826 83.19 33.11 80.18
CA UNK K 826 84.51 33.63 80.36
C UNK K 826 85.44 32.84 79.51
N UNK K 827 85.25 31.51 79.52
CA UNK K 827 86.11 30.62 78.79
C UNK K 827 85.26 29.54 78.23
N UNK K 828 85.82 28.76 77.29
CA UNK K 828 85.08 27.70 76.68
C UNK K 828 85.68 26.41 77.12
N UNK K 829 84.84 25.36 77.24
CA UNK K 829 85.34 24.09 77.65
C UNK K 829 85.27 23.20 76.46
N UNK K 830 86.32 22.38 76.27
CA UNK K 830 86.31 21.50 75.15
C UNK K 830 86.99 20.25 75.56
N UNK K 831 86.61 19.14 74.90
CA UNK K 831 87.21 17.87 75.16
C UNK K 831 87.76 17.43 73.85
N UNK K 832 88.85 16.65 73.88
CA UNK K 832 89.43 16.26 72.63
C UNK K 832 89.69 14.81 72.63
N UNK K 833 89.77 14.25 71.41
CA UNK K 833 90.07 12.86 71.22
C UNK K 833 91.55 12.74 71.23
N UNK K 834 92.02 11.50 71.45
CA UNK K 834 93.42 11.25 71.43
C UNK K 834 93.62 10.06 70.58
N UNK K 835 94.68 10.10 69.74
CA UNK K 835 95.09 9.07 68.85
C UNK K 835 96.05 8.23 69.61
N UNK K 836 96.78 7.35 68.90
CA UNK K 836 97.69 6.48 69.59
C UNK K 836 98.64 7.34 70.36
N UNK K 837 99.23 8.37 69.74
CA UNK K 837 100.06 9.19 70.56
C UNK K 837 99.11 9.84 71.50
N UNK K 838 99.46 9.90 72.82
CA UNK K 838 98.44 10.45 73.65
C UNK K 838 98.79 11.86 74.01
N UNK K 839 98.74 12.78 73.03
CA UNK K 839 98.96 14.14 73.40
C UNK K 839 97.73 14.72 74.04
N UNK K 840 96.56 14.64 73.35
CA UNK K 840 95.49 15.37 73.93
C UNK K 840 94.34 14.51 74.31
N UNK K 841 94.47 13.99 75.54
CA UNK K 841 93.54 13.29 76.36
C UNK K 841 92.63 14.26 77.05
N UNK K 842 93.11 15.50 77.21
CA UNK K 842 92.53 16.45 78.12
C UNK K 842 91.28 17.14 77.69
N UNK K 843 90.63 17.72 78.72
CA UNK K 843 89.52 18.60 78.57
C UNK K 843 90.15 19.92 78.84
N UNK K 844 89.97 20.90 77.94
CA UNK K 844 90.67 22.12 78.19
C UNK K 844 89.71 23.24 78.21
N UNK K 845 90.01 24.23 79.07
CA UNK K 845 89.19 25.39 79.12
C UNK K 845 90.01 26.44 78.46
N UNK K 846 89.41 27.17 77.50
CA UNK K 846 90.20 28.15 76.86
C UNK K 846 89.68 29.49 77.25
N UNK K 847 90.57 30.37 77.72
CA UNK K 847 90.10 31.68 78.04
C UNK K 847 89.74 32.26 76.73
N UNK K 848 88.52 32.80 76.62
CA UNK K 848 88.12 33.35 75.37
C UNK K 848 88.85 34.67 75.21
N UNK K 849 95.30 31.52 74.71
CA UNK K 849 95.59 30.08 74.63
C UNK K 849 94.80 29.36 75.67
N UNK K 850 94.84 28.01 75.64
CA UNK K 850 94.09 27.33 76.65
C UNK K 850 94.70 27.71 77.96
N UNK K 851 93.83 28.10 78.93
CA UNK K 851 94.32 28.50 80.20
C UNK K 851 94.95 27.34 80.89
N UNK K 852 94.26 26.17 80.87
CA UNK K 852 94.82 25.06 81.55
C UNK K 852 94.24 23.81 80.97
N UNK K 853 94.95 22.69 81.15
CA UNK K 853 94.46 21.45 80.65
C UNK K 853 94.60 20.45 81.75
N UNK K 854 94.04 7.46 79.78
CA UNK K 854 94.58 7.37 78.46
C UNK K 854 93.45 6.89 77.62
N UNK K 855 93.07 7.71 76.61
CA UNK K 855 91.99 7.36 75.73
C UNK K 855 91.46 8.64 75.21
N UNK K 856 90.52 8.54 74.25
CA UNK K 856 89.91 9.73 73.77
C UNK K 856 88.80 10.05 74.71
N UNK K 857 88.50 11.35 74.88
CA UNK K 857 87.37 11.69 75.68
C UNK K 857 86.31 12.04 74.69
N UNK K 858 85.28 11.18 74.59
CA UNK K 858 84.27 11.36 73.59
C UNK K 858 83.49 12.61 73.81
N UNK K 859 83.04 12.86 75.07
CA UNK K 859 82.17 13.98 75.25
C UNK K 859 82.42 14.59 76.59
N UNK K 860 81.74 15.72 76.86
CA UNK K 860 81.86 16.39 78.12
C UNK K 860 80.56 17.08 78.37
N UNK K 861 80.35 17.52 79.62
CA UNK K 861 79.14 18.24 79.92
C UNK K 861 79.44 19.20 81.03
N UNK K 862 78.83 20.40 80.97
CA UNK K 862 79.04 21.38 82.00
C UNK K 862 77.68 21.70 82.53
N UNK K 863 77.59 22.08 83.82
CA UNK K 863 76.30 22.36 84.38
C UNK K 863 76.18 23.83 84.60
N UNK K 864 75.05 24.42 84.17
CA UNK K 864 74.85 25.82 84.37
C UNK K 864 74.71 26.12 85.83
N UNK K 865 73.84 25.33 86.50
CA UNK K 865 73.55 25.55 87.89
C UNK K 865 74.72 25.28 88.77
N UNK K 866 75.41 24.14 88.56
CA UNK K 866 76.44 23.77 89.48
C UNK K 866 77.73 23.68 88.75
N UNK K 867 78.84 23.85 89.49
CA UNK K 867 80.11 23.73 88.84
C UNK K 867 80.51 22.30 88.96
N UNK K 868 80.45 21.58 87.83
CA UNK K 868 80.84 20.21 87.77
C UNK K 868 80.93 19.92 86.33
N UNK K 869 81.74 18.91 85.95
CA UNK K 869 81.84 18.60 84.56
C UNK K 869 81.89 17.12 84.48
N UNK K 870 81.38 16.53 83.37
CA UNK K 870 81.42 15.10 83.25
C UNK K 870 82.20 14.81 82.01
N UNK K 871 82.93 13.68 82.01
CA UNK K 871 83.71 13.32 80.87
C UNK K 871 83.44 11.87 80.58
N UNK K 872 83.45 11.52 79.28
CA UNK K 872 83.23 10.16 78.86
C UNK K 872 84.36 9.81 77.96
N UNK K 873 84.73 8.50 77.89
CA UNK K 873 85.84 8.16 77.05
C UNK K 873 85.44 7.12 76.04
N UNK K 874 85.86 7.39 74.78
CA UNK K 874 85.66 6.65 73.56
C UNK K 874 86.42 5.36 73.47
N UNK K 875 87.64 5.29 74.03
CA UNK K 875 88.32 4.07 73.76
C UNK K 875 87.64 2.93 74.46
N UNK K 876 87.28 1.89 73.69
CA UNK K 876 86.72 0.69 74.24
C UNK K 876 87.88 -0.18 74.56
N UNK K 877 87.72 -1.12 75.51
CA UNK K 877 88.84 -1.94 75.89
C UNK K 877 89.89 -0.98 76.33
N UNK K 878 89.42 0.11 76.95
CA UNK K 878 90.23 1.19 77.41
C UNK K 878 89.43 1.81 78.49
N UNK K 879 89.61 3.11 78.76
CA UNK K 879 88.83 3.63 79.83
C UNK K 879 87.50 4.05 79.32
N UNK K 880 86.46 3.29 79.71
CA UNK K 880 85.12 3.72 79.41
C UNK K 880 84.65 4.11 80.77
N UNK K 881 84.68 5.43 81.06
CA UNK K 881 84.33 5.81 82.39
C UNK K 881 83.81 7.19 82.36
N UNK K 882 83.01 7.54 83.39
CA UNK K 882 82.51 8.86 83.47
C UNK K 882 83.27 9.53 84.57
N UNK K 883 83.83 10.71 84.27
CA UNK K 883 84.55 11.42 85.30
C UNK K 883 83.83 12.69 85.50
N UNK K 884 83.56 13.06 86.76
CA UNK K 884 82.89 14.31 86.99
C UNK K 884 83.70 15.10 87.94
N UNK K 885 84.23 16.26 87.54
CA UNK K 885 85.08 16.88 88.54
C UNK K 885 85.00 18.36 88.47
N UNK K 886 85.12 19.03 89.64
CA UNK K 886 85.20 20.45 89.46
C UNK K 886 86.53 20.76 88.82
N UNK K 887 87.63 20.79 89.62
CA UNK K 887 88.96 20.88 89.08
C UNK K 887 89.73 19.58 89.04
N UNK K 888 89.96 19.07 90.27
CA UNK K 888 90.82 17.95 90.54
C UNK K 888 90.03 16.74 90.25
N UNK K 889 90.70 15.56 90.20
CA UNK K 889 89.97 14.38 89.88
C UNK K 889 88.87 14.25 90.88
N UNK K 890 87.64 14.04 90.37
CA UNK K 890 86.52 13.94 91.23
C UNK K 890 85.53 13.08 90.52
N UNK K 891 84.54 12.58 91.27
CA UNK K 891 83.48 11.77 90.77
C UNK K 891 83.87 10.35 90.94
N UNK K 892 82.98 9.42 90.55
CA UNK K 892 83.26 8.05 90.79
C UNK K 892 83.46 7.32 89.51
N UNK K 893 84.18 6.19 89.59
CA UNK K 893 84.44 5.34 88.47
C UNK K 893 83.77 4.03 88.76
N UNK K 894 83.34 3.30 87.71
CA UNK K 894 82.65 2.08 87.98
C UNK K 894 83.56 0.92 87.75
N UNK K 895 83.53 -0.08 88.64
CA UNK K 895 84.39 -1.21 88.41
C UNK K 895 83.72 -2.09 87.40
N UNK K 896 84.37 -2.86 86.51
CA UNK K 896 83.55 -3.67 85.58
C UNK K 896 83.50 -5.14 85.94
N UNK K 897 83.14 -6.05 85.00
CA UNK K 897 82.56 -7.37 85.35
C UNK K 897 82.89 -8.71 84.53
N UNK K 898 81.89 -9.84 84.32
CA UNK K 898 81.75 -11.20 83.62
C UNK K 898 83.03 -11.84 83.99
N UNK K 899 83.49 -12.95 83.39
CA UNK K 899 84.77 -13.26 83.98
C UNK K 899 85.84 -13.40 82.94
N UNK K 900 86.95 -12.65 83.13
CA UNK K 900 88.11 -12.78 82.31
C UNK K 900 88.79 -14.08 82.59
N UNK K 901 88.96 -14.39 83.91
CA UNK K 901 89.65 -15.60 84.29
C UNK K 901 89.24 -15.91 85.70
N UNK K 902 89.49 -17.15 86.17
CA UNK K 902 89.10 -17.41 87.52
C UNK K 902 90.04 -18.43 88.09
N UNK K 903 90.15 -18.44 89.43
CA UNK K 903 90.96 -19.42 90.09
C UNK K 903 90.22 -19.80 91.33
N UNK K 904 90.17 -21.11 91.63
CA UNK K 904 89.48 -21.55 92.81
C UNK K 904 90.41 -21.48 93.96
N UNK K 905 89.87 -21.40 95.19
CA UNK K 905 90.71 -21.38 96.34
C UNK K 905 91.24 -22.77 96.48
N UNK K 906 92.52 -22.90 96.90
CA UNK K 906 93.03 -24.23 96.99
C UNK K 906 92.27 -24.97 98.05
N UNK K 907 92.17 -24.36 99.25
CA UNK K 907 91.50 -24.97 100.36
C UNK K 907 90.03 -25.06 100.13
N UNK K 908 89.43 -23.97 99.60
CA UNK K 908 88.00 -23.96 99.54
C UNK K 908 87.52 -23.94 98.12
N UNK K 909 86.26 -24.40 97.95
CA UNK K 909 85.57 -24.52 96.70
C UNK K 909 85.36 -23.15 96.12
N UNK K 910 85.15 -22.14 96.98
CA UNK K 910 84.81 -20.80 96.58
C UNK K 910 85.68 -20.36 95.46
N UNK K 911 85.11 -19.50 94.57
CA UNK K 911 85.85 -19.13 93.41
C UNK K 911 86.14 -17.67 93.44
N UNK K 912 87.30 -17.33 92.88
CA UNK K 912 87.69 -15.96 92.74
C UNK K 912 87.79 -15.76 91.26
N UNK K 913 87.26 -14.62 90.77
CA UNK K 913 87.38 -14.46 89.35
C UNK K 913 87.69 -13.03 89.10
N UNK K 914 88.47 -12.77 88.03
CA UNK K 914 88.80 -11.43 87.64
C UNK K 914 87.75 -10.98 86.69
N UNK K 915 87.63 -9.65 86.51
CA UNK K 915 86.60 -9.11 85.68
C UNK K 915 87.24 -8.19 84.70
N UNK K 916 86.50 -7.85 83.62
CA UNK K 916 86.95 -6.90 82.64
C UNK K 916 87.15 -5.69 83.45
N UNK K 917 86.21 -5.45 84.35
CA UNK K 917 86.37 -4.68 85.54
C UNK K 917 87.72 -4.53 85.98
N UNK K 918 87.86 -3.42 86.65
CA UNK K 918 88.98 -3.25 87.48
C UNK K 918 88.83 -4.25 88.59
N UNK K 919 87.61 -4.45 89.08
CA UNK K 919 87.34 -5.34 90.16
C UNK K 919 87.47 -6.79 89.78
N UNK K 920 87.79 -7.60 90.81
CA UNK K 920 87.84 -9.03 90.79
C UNK K 920 87.00 -9.37 91.97
N UNK K 921 86.41 -10.57 92.03
CA UNK K 921 85.57 -10.74 93.18
C UNK K 921 85.71 -12.12 93.69
N UNK K 922 85.31 -12.28 94.97
CA UNK K 922 85.30 -13.55 95.58
C UNK K 922 83.88 -13.93 95.63
N UNK K 923 83.57 -15.19 95.29
CA UNK K 923 82.21 -15.58 95.38
C UNK K 923 82.20 -16.92 95.98
N UNK K 924 81.07 -17.23 96.64
CA UNK K 924 80.96 -18.52 97.25
C UNK K 924 79.80 -19.18 96.60
N UNK K 925 79.94 -20.49 96.37
CA UNK K 925 78.88 -21.26 95.79
C UNK K 925 78.39 -22.15 96.89
N UNK K 926 77.08 -22.42 96.91
CA UNK K 926 76.54 -23.22 97.96
C UNK K 926 77.17 -24.57 97.91
N UNK K 927 77.35 -25.20 99.09
CA UNK K 927 77.98 -26.49 99.17
C UNK K 927 77.16 -27.48 98.43
N UNK K 928 75.83 -27.45 98.60
CA UNK K 928 75.04 -28.41 97.91
C UNK K 928 74.78 -27.86 96.55
N UNK K 929 75.52 -28.39 95.56
CA UNK K 929 75.38 -27.97 94.20
C UNK K 929 74.04 -28.38 93.69
N UNK K 930 73.60 -29.59 94.08
CA UNK K 930 72.38 -30.16 93.58
C UNK K 930 71.25 -29.28 93.93
N UNK K 931 71.28 -28.77 95.16
CA UNK K 931 70.24 -27.90 95.59
C UNK K 931 70.28 -26.73 94.65
N UNK K 932 69.16 -25.98 94.48
CA UNK K 932 69.20 -24.84 93.64
C UNK K 932 70.30 -24.00 94.18
N UNK K 933 71.22 -23.65 93.28
CA UNK K 933 72.38 -22.99 93.76
C UNK K 933 72.06 -21.61 94.15
N UNK K 934 73.00 -20.95 94.82
CA UNK K 934 72.84 -19.56 95.05
C UNK K 934 74.25 -19.08 94.94
N UNK K 935 74.49 -17.88 94.38
CA UNK K 935 75.86 -17.51 94.29
C UNK K 935 76.01 -16.16 94.91
N UNK K 936 76.89 -16.06 95.91
CA UNK K 936 76.96 -14.81 96.60
C UNK K 936 78.32 -14.25 96.43
N UNK K 937 78.36 -12.91 96.35
CA UNK K 937 79.61 -12.24 96.21
C UNK K 937 80.15 -12.05 97.57
N UNK K 938 81.28 -12.71 97.88
CA UNK K 938 81.85 -12.52 99.18
C UNK K 938 82.33 -11.11 99.24
N UNK K 939 83.05 -10.66 98.21
CA UNK K 939 83.53 -9.31 98.28
C UNK K 939 84.08 -8.97 96.94
N UNK K 940 84.22 -7.66 96.68
CA UNK K 940 84.76 -7.24 95.44
C UNK K 940 86.07 -6.61 95.73
N UNK K 941 87.10 -6.97 94.93
CA UNK K 941 88.37 -6.36 95.06
C UNK K 941 88.47 -5.48 93.88
N UNK K 942 88.75 -4.19 94.12
CA UNK K 942 88.77 -3.30 93.01
C UNK K 942 90.12 -2.69 92.95
N UNK K 943 90.53 -2.34 91.73
CA UNK K 943 91.80 -1.73 91.53
C UNK K 943 91.56 -0.63 90.57
N UNK K 944 92.50 0.30 90.46
CA UNK K 944 92.36 1.38 89.54
C UNK K 944 92.37 0.83 88.15
N UNK K 945 93.29 -0.12 87.86
CA UNK K 945 93.48 -0.61 86.53
C UNK K 945 92.22 -1.18 85.99
N UNK K 946 92.08 -1.10 84.66
CA UNK K 946 90.89 -1.47 83.97
C UNK K 946 90.58 -2.91 84.11
N UNK K 947 91.55 -3.82 83.86
CA UNK K 947 91.15 -5.20 83.85
C UNK K 947 92.08 -6.00 84.69
N UNK K 948 91.58 -7.15 85.19
CA UNK K 948 92.41 -7.98 85.99
C UNK K 948 92.92 -9.09 85.13
N UNK K 949 94.23 -9.05 84.84
CA UNK K 949 94.88 -10.05 84.04
C UNK K 949 94.94 -11.36 84.74
N UNK K 950 95.33 -11.37 86.03
CA UNK K 950 95.48 -12.65 86.65
C UNK K 950 95.32 -12.53 88.13
N UNK K 951 95.01 -13.68 88.76
CA UNK K 951 94.89 -13.73 90.18
C UNK K 951 95.54 -14.99 90.61
N UNK K 952 96.22 -14.97 91.77
CA UNK K 952 96.81 -16.17 92.25
C UNK K 952 96.57 -16.24 93.71
N UNK K 953 96.06 -17.40 94.18
CA UNK K 953 95.83 -17.57 95.58
C UNK K 953 97.11 -18.07 96.16
N UNK K 954 97.31 -17.81 97.47
CA UNK K 954 98.47 -18.31 98.14
C UNK K 954 98.19 -19.75 98.42
N UNK K 955 99.24 -20.51 98.76
CA UNK K 955 99.06 -21.91 99.05
C UNK K 955 98.11 -21.99 100.21
N UNK K 956 98.28 -21.05 101.17
CA UNK K 956 97.46 -21.00 102.34
C UNK K 956 96.05 -20.77 101.92
N UNK K 957 95.87 -19.99 100.84
CA UNK K 957 94.57 -19.62 100.35
C UNK K 957 94.04 -18.58 101.28
N UNK K 958 94.87 -18.18 102.26
CA UNK K 958 94.51 -17.13 103.16
C UNK K 958 94.44 -15.86 102.38
N UNK K 959 95.40 -15.64 101.47
CA UNK K 959 95.45 -14.41 100.74
C UNK K 959 95.49 -14.70 99.28
N UNK K 960 95.07 -13.71 98.47
CA UNK K 960 95.10 -13.83 97.04
C UNK K 960 95.70 -12.58 96.52
N UNK K 961 96.35 -12.65 95.34
CA UNK K 961 96.93 -11.45 94.81
C UNK K 961 96.17 -11.12 93.56
N UNK K 962 95.82 -9.83 93.40
CA UNK K 962 95.12 -9.42 92.23
C UNK K 962 96.10 -8.67 91.39
N UNK K 963 96.07 -8.92 90.08
CA UNK K 963 96.98 -8.23 89.22
C UNK K 963 96.15 -7.66 88.11
N UNK K 964 96.49 -6.45 87.64
CA UNK K 964 95.68 -5.93 86.59
C UNK K 964 96.50 -5.88 85.35
N UNK K 965 96.00 -6.54 84.28
CA UNK K 965 96.68 -6.45 83.04
C UNK K 965 95.70 -6.79 81.97
N UNK K 966 95.95 -6.26 80.77
CA UNK K 966 95.01 -6.41 79.71
C UNK K 966 95.52 -5.48 78.67
N UNK K 967 94.62 -4.71 78.05
CA UNK K 967 95.07 -3.78 77.08
C UNK K 967 96.04 -2.88 77.79
N UNK K 968 95.68 -2.43 79.01
CA UNK K 968 96.64 -1.66 79.74
C UNK K 968 96.66 -2.20 81.12
N UNK K 969 97.81 -2.74 81.54
CA UNK K 969 97.89 -3.27 82.86
C UNK K 969 98.51 -2.21 83.69
N UNK K 970 97.89 -1.91 84.84
CA UNK K 970 98.50 -1.04 85.80
C UNK K 970 99.63 -1.83 86.38
N UNK K 971 99.35 -3.14 86.55
CA UNK K 971 100.19 -4.11 87.20
C UNK K 971 100.21 -3.85 88.64
N UNK K 972 99.30 -3.01 89.15
CA UNK K 972 99.33 -2.85 90.57
C UNK K 972 98.94 -4.20 91.10
N UNK K 973 99.65 -4.66 92.13
CA UNK K 973 99.30 -5.94 92.67
C UNK K 973 98.84 -5.68 94.07
N UNK K 974 97.69 -6.29 94.43
CA UNK K 974 97.22 -6.07 95.76
C UNK K 974 97.06 -7.40 96.39
N UNK K 975 97.38 -7.48 97.69
CA UNK K 975 97.17 -8.72 98.38
C UNK K 975 95.90 -8.51 99.14
N UNK K 976 94.97 -9.45 99.05
CA UNK K 976 93.73 -9.25 99.73
C UNK K 976 93.48 -10.46 100.56
N UNK K 977 92.81 -10.26 101.71
CA UNK K 977 92.48 -11.39 102.52
C UNK K 977 91.42 -12.12 101.75
N UNK K 978 91.34 -13.44 101.93
CA UNK K 978 90.35 -14.17 101.21
C UNK K 978 89.02 -13.64 101.63
N UNK K 979 88.92 -13.33 102.94
CA UNK K 979 87.69 -12.88 103.52
C UNK K 979 87.24 -11.56 102.96
N UNK K 980 88.15 -10.57 102.76
CA UNK K 980 87.55 -9.33 102.41
C UNK K 980 88.45 -8.44 101.60
N UNK K 981 87.88 -7.26 101.29
CA UNK K 981 88.35 -6.17 100.49
C UNK K 981 89.54 -5.48 101.10
N UNK K 982 89.68 -5.47 102.44
CA UNK K 982 90.63 -4.62 103.10
C UNK K 982 92.01 -4.79 102.54
N UNK K 983 92.46 -6.04 102.32
CA UNK K 983 93.75 -6.25 101.72
C UNK K 983 94.86 -5.83 102.64
N UNK K 984 95.88 -6.69 102.73
CA UNK K 984 97.03 -6.47 103.56
C UNK K 984 97.85 -5.32 103.04
N UNK K 985 98.12 -5.30 101.73
CA UNK K 985 98.97 -4.24 101.24
C UNK K 985 98.90 -4.20 99.75
N UNK K 986 99.48 -3.14 99.17
CA UNK K 986 99.49 -3.04 97.73
C UNK K 986 100.91 -2.82 97.32
N UNK K 987 101.36 -3.56 96.28
CA UNK K 987 102.69 -3.35 95.81
C UNK K 987 102.60 -3.12 94.34
N UNK K 988 103.16 -2.01 93.84
CA UNK K 988 103.12 -1.83 92.42
C UNK K 988 104.52 -1.64 91.94
N UNK K 989 105.25 -2.76 91.73
CA UNK K 989 106.59 -2.72 91.24
C UNK K 989 106.65 -2.33 89.79
N UNK K 990 105.74 -2.89 88.96
CA UNK K 990 105.95 -2.73 87.54
C UNK K 990 104.68 -2.40 86.81
N UNK K 991 104.84 -2.22 85.48
CA UNK K 991 103.83 -1.83 84.53
C UNK K 991 102.72 -2.83 84.40
N UNK K 992 103.01 -4.14 84.24
CA UNK K 992 101.93 -5.08 84.05
C UNK K 992 102.35 -6.39 84.64
N UNK K 993 101.40 -7.30 84.97
CA UNK K 993 101.85 -8.57 85.45
C UNK K 993 101.02 -9.67 84.89
N UNK K 994 101.58 -10.43 83.93
CA UNK K 994 100.90 -11.53 83.31
C UNK K 994 100.75 -12.69 84.25
N UNK K 995 101.83 -13.06 84.96
CA UNK K 995 101.70 -14.22 85.78
C UNK K 995 102.45 -14.03 87.06
N UNK K 996 101.92 -14.62 88.15
CA UNK K 996 102.60 -14.56 89.40
C UNK K 996 102.50 -15.93 89.99
N UNK K 997 103.61 -16.42 90.57
CA UNK K 997 103.55 -17.71 91.17
C UNK K 997 104.06 -17.55 92.56
N UNK K 998 103.30 -18.09 93.53
CA UNK K 998 103.75 -18.00 94.88
C UNK K 998 104.71 -19.10 95.14
N UNK K 999 105.68 -18.83 96.02
CA UNK K 999 106.63 -19.81 96.46
C UNK K 999 105.94 -20.49 97.57
N UNK K 1000 106.68 -21.26 98.40
CA UNK K 1000 106.05 -21.89 99.53
C UNK K 1000 105.46 -20.75 100.29
N UNK K 1001 106.22 -19.63 100.40
CA UNK K 1001 105.71 -18.44 100.98
C UNK K 1001 106.16 -17.32 100.10
N UNK K 1002 105.30 -16.31 99.88
CA UNK K 1002 105.67 -15.16 99.10
C UNK K 1002 105.45 -15.45 97.65
N UNK K 1003 105.78 -14.48 96.77
CA UNK K 1003 105.60 -14.72 95.37
C UNK K 1003 106.52 -13.83 94.59
N UNK K 1004 106.66 -14.15 93.28
CA UNK K 1004 107.44 -13.37 92.36
C UNK K 1004 106.49 -13.04 91.24
N UNK K 1005 106.65 -11.86 90.62
CA UNK K 1005 105.71 -11.49 89.60
C UNK K 1005 106.42 -11.24 88.32
N UNK K 1006 105.74 -11.49 87.19
CA UNK K 1006 106.32 -11.25 85.91
C UNK K 1006 105.37 -10.38 85.13
N UNK K 1007 105.94 -9.37 84.44
CA UNK K 1007 105.20 -8.44 83.64
C UNK K 1007 105.13 -8.96 82.24
N UNK K 1008 104.24 -8.36 81.43
CA UNK K 1008 104.17 -8.65 80.02
C UNK K 1008 105.48 -8.15 79.50
N UNK K 1009 105.94 -7.05 80.13
CA UNK K 1009 107.17 -6.36 79.86
C UNK K 1009 108.27 -7.33 80.11
N UNK K 1010 108.01 -8.32 81.00
CA UNK K 1010 108.95 -9.32 81.39
C UNK K 1010 109.87 -8.81 82.45
N UNK K 1011 109.57 -7.65 83.07
CA UNK K 1011 110.38 -7.33 84.20
C UNK K 1011 110.00 -8.37 85.21
N UNK K 1012 110.99 -8.97 85.89
CA UNK K 1012 110.61 -9.99 86.84
C UNK K 1012 111.08 -9.52 88.17
N UNK K 1013 110.27 -9.73 89.22
CA UNK K 1013 110.71 -9.26 90.48
C UNK K 1013 110.48 -10.34 91.50
N UNK K 1014 111.44 -10.46 92.43
CA UNK K 1014 111.26 -11.37 93.52
C UNK K 1014 110.90 -10.49 94.64
N UNK K 1015 109.78 -10.77 95.33
CA UNK K 1015 109.43 -9.87 96.38
C UNK K 1015 108.89 -10.65 97.52
N UNK K 1016 109.01 -10.07 98.73
CA UNK K 1016 108.42 -10.72 99.85
C UNK K 1016 107.10 -10.04 100.01
N UNK K 1017 106.00 -10.75 99.72
CA UNK K 1017 104.73 -10.12 99.86
C UNK K 1017 104.50 -9.97 101.31
N UNK K 1018 104.07 -8.76 101.73
CA UNK K 1018 103.87 -8.54 103.13
C UNK K 1018 103.67 -7.08 103.28
N UNK K 1019 103.63 -6.61 104.53
CA UNK K 1019 103.47 -5.21 104.77
C UNK K 1019 104.65 -4.54 104.13
N UNK K 1020 105.84 -5.15 104.25
CA UNK K 1020 107.02 -4.56 103.69
C UNK K 1020 106.83 -4.42 102.22
N UNK K 1021 106.33 -5.50 101.57
CA UNK K 1021 106.11 -5.50 100.15
C UNK K 1021 107.35 -4.99 99.48
N UNK K 1022 108.51 -5.61 99.77
CA UNK K 1022 109.74 -5.15 99.19
C UNK K 1022 110.19 -6.19 98.21
N UNK K 1023 110.95 -5.77 97.18
CA UNK K 1023 111.42 -6.71 96.20
C UNK K 1023 112.90 -6.87 96.36
N UNK K 1024 113.35 -8.13 96.44
CA UNK K 1024 114.75 -8.43 96.59
C UNK K 1024 115.49 -8.02 95.35
N UNK K 1025 114.98 -8.37 94.16
CA UNK K 1025 115.69 -8.04 92.97
C UNK K 1025 114.76 -8.16 91.80
N UNK K 1026 115.19 -7.63 90.64
CA UNK K 1026 114.38 -7.71 89.46
C UNK K 1026 115.30 -7.83 88.28
N UNK K 1027 114.79 -8.39 87.16
CA UNK K 1027 115.62 -8.52 85.99
C UNK K 1027 114.78 -8.27 84.79
N UNK K 1028 115.38 -7.72 83.72
CA UNK K 1028 114.60 -7.54 82.52
C UNK K 1028 115.31 -8.22 81.39
N UNK K 1029 114.92 -9.48 81.10
CA UNK K 1029 115.52 -10.21 80.01
C UNK K 1029 115.08 -9.63 78.70
N UNK K 1030 113.74 -9.43 78.54
CA UNK K 1030 113.10 -8.87 77.37
C UNK K 1030 112.52 -9.96 76.51
N UNK K 1031 111.87 -9.54 75.41
CA UNK K 1031 111.28 -10.32 74.35
C UNK K 1031 110.28 -11.39 74.74
N UNK K 1032 109.19 -11.02 75.45
CA UNK K 1032 108.04 -11.88 75.69
C UNK K 1032 108.42 -13.28 76.13
N UNK K 1033 109.25 -13.34 77.19
CA UNK K 1033 109.79 -14.45 77.94
C UNK K 1033 108.81 -15.13 78.88
N UNK K 1034 107.63 -14.52 79.11
CA UNK K 1034 106.79 -14.46 80.30
C UNK K 1034 106.57 -15.62 81.26
N UNK K 1035 106.37 -16.91 80.89
CA UNK K 1035 106.05 -17.84 81.97
C UNK K 1035 107.16 -17.91 83.01
N UNK K 1036 106.80 -18.14 84.31
CA UNK K 1036 107.76 -18.20 85.39
C UNK K 1036 107.36 -19.27 86.36
N UNK K 1037 108.33 -19.76 87.19
CA UNK K 1037 108.03 -20.77 88.16
C UNK K 1037 109.11 -20.80 89.20
N UNK K 1038 108.84 -21.42 90.37
CA UNK K 1038 109.84 -21.49 91.41
C UNK K 1038 110.26 -22.92 91.56
N UNK K 1039 111.57 -23.17 91.42
CA UNK K 1039 112.12 -24.49 91.57
C UNK K 1039 112.03 -24.93 93.00
N UNK K 1040 112.41 -24.05 93.95
CA UNK K 1040 112.42 -24.49 95.32
C UNK K 1040 111.54 -23.60 96.13
N UNK K 1041 110.74 -24.23 97.02
CA UNK K 1041 109.86 -23.51 97.89
C UNK K 1041 110.68 -22.68 98.82
N UNK K 1042 111.76 -23.27 99.38
CA UNK K 1042 112.57 -22.53 100.29
C UNK K 1042 113.12 -21.40 99.50
N UNK K 1043 113.52 -20.30 100.19
CA UNK K 1043 114.08 -19.21 99.47
C UNK K 1043 115.22 -19.78 98.72
N UNK K 1044 115.18 -19.66 97.38
CA UNK K 1044 116.17 -20.34 96.61
C UNK K 1044 115.90 -20.04 95.18
N UNK K 1045 116.33 -20.97 94.31
CA UNK K 1045 116.23 -20.80 92.90
C UNK K 1045 114.81 -20.85 92.45
N UNK K 1046 114.55 -20.10 91.36
CA UNK K 1046 113.29 -20.03 90.68
C UNK K 1046 113.70 -19.96 89.24
N UNK K 1047 112.79 -20.29 88.31
CA UNK K 1047 113.22 -20.24 86.94
C UNK K 1047 112.55 -19.09 86.28
N UNK K 1048 113.32 -18.36 85.43
CA UNK K 1048 112.77 -17.26 84.70
C UNK K 1048 113.25 -17.45 83.29
N UNK K 1049 112.43 -17.03 82.31
CA UNK K 1049 112.83 -17.20 80.95
C UNK K 1049 113.92 -16.23 80.62
N UNK K 1050 114.97 -16.75 79.96
CA UNK K 1050 116.09 -15.96 79.52
C UNK K 1050 115.87 -15.65 78.08
N UNK K 1051 116.76 -14.82 77.50
CA UNK K 1051 116.66 -14.49 76.12
C UNK K 1051 117.06 -15.71 75.35
N UNK K 1052 116.74 -15.73 74.04
CA UNK K 1052 117.08 -16.83 73.21
C UNK K 1052 116.34 -18.03 73.69
N UNK K 1053 115.20 -17.81 74.36
CA UNK K 1053 114.38 -18.90 74.80
C UNK K 1053 115.16 -19.76 75.72
N UNK K 1054 116.18 -19.18 76.38
CA UNK K 1054 116.97 -19.93 77.31
C UNK K 1054 116.25 -19.90 78.61
N UNK K 1055 116.60 -20.84 79.52
CA UNK K 1055 116.00 -20.85 80.81
C UNK K 1055 117.04 -20.37 81.76
N UNK K 1056 116.66 -19.45 82.67
CA UNK K 1056 117.63 -18.97 83.60
C UNK K 1056 117.17 -19.39 84.94
N UNK K 1057 118.13 -19.83 85.78
CA UNK K 1057 117.74 -20.18 87.12
C UNK K 1057 118.14 -19.01 87.95
N UNK K 1058 117.25 -18.61 88.87
CA UNK K 1058 117.46 -17.39 89.60
C UNK K 1058 117.72 -17.67 91.04
N UNK K 1059 118.06 -16.58 91.76
CA UNK K 1059 118.44 -16.56 93.14
C UNK K 1059 119.87 -17.00 93.20
N UNK K 1060 120.34 -17.59 92.09
CA UNK K 1060 121.67 -18.05 91.83
C UNK K 1060 121.51 -19.39 91.20
N UNK K 1061 122.29 -19.68 90.14
CA UNK K 1061 122.22 -20.95 89.46
C UNK K 1061 122.71 -20.78 88.06
N UNK K 1062 122.52 -21.85 87.27
CA UNK K 1062 122.91 -21.90 85.88
C UNK K 1062 121.71 -21.69 85.00
N UNK K 1063 121.95 -21.66 83.67
CA UNK K 1063 120.90 -21.47 82.71
C UNK K 1063 120.84 -22.69 81.84
N UNK K 1064 119.66 -22.97 81.27
CA UNK K 1064 119.52 -24.12 80.43
C UNK K 1064 119.35 -23.64 79.02
N UNK K 1065 120.04 -24.31 78.08
CA UNK K 1065 119.93 -23.96 76.69
C UNK K 1065 119.04 -24.98 76.08
N UNK K 1066 118.19 -24.56 75.13
CA UNK K 1066 117.25 -25.53 74.64
C UNK K 1066 116.33 -24.83 73.69
N UNK K 1067 115.12 -24.55 74.20
CA UNK K 1067 114.02 -24.04 73.45
C UNK K 1067 114.41 -22.94 72.53
N UNK K 1068 113.89 -23.06 71.30
CA UNK K 1068 114.02 -22.13 70.21
C UNK K 1068 113.23 -20.89 70.48
N UNK K 1069 112.04 -21.03 71.11
CA UNK K 1069 111.16 -19.90 71.21
C UNK K 1069 110.80 -19.61 72.64
N UNK K 1070 110.02 -18.53 72.83
CA UNK K 1070 109.63 -18.03 74.13
C UNK K 1070 109.02 -19.15 74.91
N UNK K 1071 109.14 -19.06 76.25
CA UNK K 1071 108.65 -20.12 77.08
C UNK K 1071 107.24 -19.84 77.48
N UNK K 1072 106.32 -20.70 76.98
CA UNK K 1072 104.92 -20.61 77.28
C UNK K 1072 104.65 -20.98 78.71
N UNK K 1073 105.28 -22.07 79.20
CA UNK K 1073 104.92 -22.47 80.54
C UNK K 1073 106.10 -23.05 81.24
N UNK K 1074 106.09 -22.93 82.59
CA UNK K 1074 107.11 -23.52 83.40
C UNK K 1074 106.40 -24.14 84.55
N UNK K 1075 106.64 -25.44 84.79
CA UNK K 1075 106.01 -26.07 85.91
C UNK K 1075 107.05 -26.91 86.55
N UNK K 1076 107.12 -26.89 87.89
CA UNK K 1076 108.11 -27.68 88.54
C UNK K 1076 107.38 -28.70 89.36
N UNK K 1077 107.91 -29.94 89.40
CA UNK K 1077 107.25 -30.94 90.19
C UNK K 1077 108.06 -31.07 91.44
N UNK K 1078 107.40 -30.95 92.60
CA UNK K 1078 108.13 -31.07 93.83
C UNK K 1078 108.70 -32.45 93.83
N UNK K 1079 107.85 -33.44 93.47
CA UNK K 1079 108.33 -34.78 93.40
C UNK K 1079 109.09 -34.91 92.13
N UNK K 1080 110.16 -35.73 92.15
CA UNK K 1080 110.98 -36.00 91.00
C UNK K 1080 111.82 -34.80 90.70
N UNK K 1081 111.49 -33.64 91.30
CA UNK K 1081 112.25 -32.43 91.16
C UNK K 1081 112.60 -32.20 89.72
N UNK K 1082 111.61 -32.26 88.81
CA UNK K 1082 111.92 -32.04 87.43
C UNK K 1082 111.15 -30.84 87.00
N UNK K 1083 111.73 -30.04 86.08
CA UNK K 1083 111.04 -28.87 85.64
C UNK K 1083 110.51 -29.17 84.27
N UNK K 1084 109.25 -28.78 84.01
CA UNK K 1084 108.69 -29.01 82.72
C UNK K 1084 108.54 -27.68 82.08
N UNK K 1085 108.90 -27.58 80.80
CA UNK K 1085 108.78 -26.33 80.13
C UNK K 1085 108.13 -26.56 78.81
N UNK K 1086 107.42 -25.54 78.31
CA UNK K 1086 106.78 -25.62 77.04
C UNK K 1086 107.16 -24.37 76.31
N UNK K 1087 107.14 -24.39 74.97
CA UNK K 1087 107.57 -23.22 74.28
C UNK K 1087 106.81 -23.06 73.01
N UNK K 1088 107.00 -21.88 72.37
CA UNK K 1088 106.42 -21.49 71.12
C UNK K 1088 106.90 -22.47 70.11
N UNK K 1089 108.10 -23.02 70.36
CA UNK K 1089 108.77 -23.95 69.51
C UNK K 1089 107.84 -25.09 69.28
N UNK K 1090 106.89 -25.31 70.21
CA UNK K 1090 105.96 -26.40 70.14
C UNK K 1090 106.64 -27.66 70.52
N UNK K 1091 107.67 -27.54 71.38
CA UNK K 1091 108.32 -28.70 71.93
C UNK K 1091 108.23 -28.54 73.41
N UNK K 1092 108.26 -29.66 74.15
CA UNK K 1092 108.21 -29.60 75.59
C UNK K 1092 109.51 -30.18 76.04
N UNK K 1093 110.00 -29.77 77.22
CA UNK K 1093 111.25 -30.35 77.65
C UNK K 1093 111.23 -30.46 79.13
N UNK K 1094 112.03 -31.39 79.66
CA UNK K 1094 112.13 -31.55 81.09
C UNK K 1094 113.54 -31.22 81.45
N UNK K 1095 113.75 -30.48 82.55
CA UNK K 1095 115.11 -30.14 82.87
C UNK K 1095 115.50 -30.74 84.17
N UNK K 1096 116.35 -31.79 84.10
CA UNK K 1096 116.92 -32.43 85.26
C UNK K 1096 117.97 -31.59 85.90
N UNK K 1097 118.84 -30.95 85.08
CA UNK K 1097 120.00 -30.30 85.62
C UNK K 1097 119.88 -28.81 85.56
N UNK K 1098 120.65 -28.15 86.46
CA UNK K 1098 120.66 -26.72 86.55
C UNK K 1098 121.18 -26.15 85.27
N UNK K 1099 122.28 -26.72 84.74
CA UNK K 1099 122.80 -26.21 83.50
C UNK K 1099 123.10 -27.38 82.63
N UNK K 1100 122.60 -27.35 81.38
CA UNK K 1100 122.82 -28.39 80.43
C UNK K 1100 121.66 -28.37 79.50
N UNK K 1101 121.67 -29.31 78.53
CA UNK K 1101 120.53 -29.45 77.66
C UNK K 1101 119.49 -30.16 78.47
N UNK K 1102 118.23 -30.10 78.01
CA UNK K 1102 117.18 -30.74 78.76
C UNK K 1102 117.36 -32.21 78.67
N UNK K 1103 116.94 -32.92 79.75
CA UNK K 1103 117.08 -34.35 79.78
C UNK K 1103 116.22 -34.90 78.71
N UNK K 1104 114.98 -34.39 78.58
CA UNK K 1104 114.12 -34.98 77.59
C UNK K 1104 113.46 -33.90 76.81
N UNK K 1105 113.19 -34.20 75.53
CA UNK K 1105 112.44 -33.33 74.69
C UNK K 1105 111.20 -34.11 74.39
N UNK K 1106 110.02 -33.46 74.53
CA UNK K 1106 108.83 -34.20 74.29
C UNK K 1106 108.49 -34.01 72.86
N UNK K 1107 108.49 -35.12 72.10
CA UNK K 1107 108.15 -35.06 70.71
C UNK K 1107 108.06 -36.47 70.26
N UNK K 1108 107.27 -36.72 69.20
CA UNK K 1108 107.13 -38.07 68.74
C UNK K 1108 108.36 -38.41 67.91
N UNK K 1109 101.10 -29.56 64.88
CA UNK K 1109 100.65 -28.16 64.71
C UNK K 1109 101.78 -27.24 65.00
N UNK K 1110 101.98 -26.26 64.11
CA UNK K 1110 103.06 -25.31 64.21
C UNK K 1110 102.87 -24.51 65.45
N UNK K 1111 101.60 -24.20 65.79
CA UNK K 1111 101.29 -23.34 66.90
C UNK K 1111 101.97 -23.83 68.13
N UNK K 1112 102.25 -22.88 69.05
CA UNK K 1112 102.92 -23.14 70.28
C UNK K 1112 101.97 -23.78 71.24
N UNK K 1113 102.51 -24.47 72.27
CA UNK K 1113 101.69 -25.09 73.25
C UNK K 1113 101.12 -24.03 74.14
N UNK K 1114 99.78 -24.03 74.30
CA UNK K 1114 99.12 -23.08 75.14
C UNK K 1114 99.44 -23.34 76.58
N UNK K 1115 99.37 -24.61 77.02
CA UNK K 1115 99.64 -24.87 78.40
C UNK K 1115 100.02 -26.31 78.56
N UNK K 1116 100.88 -26.58 79.56
CA UNK K 1116 101.32 -27.91 79.84
C UNK K 1116 101.07 -28.11 81.30
N UNK K 1117 100.90 -29.37 81.74
CA UNK K 1117 100.63 -29.56 83.13
C UNK K 1117 101.25 -30.83 83.59
N UNK K 1118 101.45 -30.93 84.92
CA UNK K 1118 102.03 -32.09 85.52
C UNK K 1118 101.02 -33.20 85.44
N UNK K 1119 101.56 -34.41 85.24
CA UNK K 1119 100.89 -35.66 85.06
C UNK K 1119 102.07 -36.48 84.67
N UNK K 1120 101.90 -37.49 83.80
CA UNK K 1120 103.13 -38.02 83.31
C UNK K 1120 103.72 -36.84 82.62
N UNK K 1121 102.88 -36.18 81.82
CA UNK K 1121 103.16 -34.94 81.15
C UNK K 1121 101.98 -34.72 80.27
N UNK K 1122 101.45 -33.49 80.23
CA UNK K 1122 100.32 -33.27 79.38
C UNK K 1122 100.52 -31.95 78.74
N UNK K 1123 100.18 -31.84 77.44
CA UNK K 1123 100.37 -30.58 76.81
C UNK K 1123 99.20 -30.34 75.93
N UNK K 1124 98.81 -29.05 75.80
CA UNK K 1124 97.74 -28.68 74.95
C UNK K 1124 98.29 -27.62 74.08
N UNK K 1125 97.81 -27.57 72.83
CA UNK K 1125 98.26 -26.62 71.85
C UNK K 1125 97.18 -26.67 70.83
N UNK K 1126 97.51 -26.35 69.57
CA UNK K 1126 96.52 -26.50 68.56
C UNK K 1126 96.17 -27.95 68.61
N UNK K 1127 97.22 -28.78 68.80
CA UNK K 1127 97.09 -30.20 68.95
C UNK K 1127 96.94 -30.49 70.42
N UNK K 1128 96.84 -31.79 70.78
CA UNK K 1128 96.80 -32.18 72.16
C UNK K 1128 97.65 -33.41 72.29
N UNK K 1129 98.42 -33.53 73.38
CA UNK K 1129 99.24 -34.70 73.51
C UNK K 1129 99.46 -35.03 74.94
N UNK K 1130 99.71 -36.32 75.21
CA UNK K 1130 100.00 -36.79 76.54
C UNK K 1130 101.37 -37.36 76.43
N UNK K 1131 102.19 -37.21 77.48
CA UNK K 1131 103.52 -37.69 77.35
C UNK K 1131 103.84 -38.60 78.49
N UNK K 1132 104.77 -39.53 78.22
CA UNK K 1132 105.31 -40.41 79.21
C UNK K 1132 106.76 -40.14 79.10
N UNK K 1133 107.57 -40.39 80.15
CA UNK K 1133 108.96 -40.15 79.86
C UNK K 1133 109.30 -41.22 78.84
N UNK K 1134 109.45 -40.85 77.52
CA UNK K 1134 109.61 -41.77 76.41
C UNK K 1134 109.03 -41.19 75.13
N UNK K 1135 107.84 -41.70 74.72
CA UNK K 1135 107.12 -41.37 73.51
C UNK K 1135 105.75 -40.85 73.89
N UNK K 1136 104.95 -40.42 72.89
CA UNK K 1136 103.65 -39.85 73.19
C UNK K 1136 102.80 -40.89 73.85
N UNK K 1137 102.27 -40.55 75.04
CA UNK K 1137 101.43 -41.47 75.77
C UNK K 1137 100.14 -41.62 75.04
N UNK K 1138 99.54 -40.50 74.60
CA UNK K 1138 98.26 -40.56 73.94
C UNK K 1138 98.08 -39.28 73.20
N UNK K 1139 97.10 -39.23 72.27
CA UNK K 1139 96.91 -38.03 71.51
C UNK K 1139 95.44 -37.72 71.44
N UNK K 1140 95.11 -36.43 71.23
CA UNK K 1140 93.73 -36.02 71.09
C UNK K 1140 93.55 -35.57 69.68
N UNK K 1141 92.38 -35.92 69.10
CA UNK K 1141 92.03 -35.77 67.71
C UNK K 1141 91.85 -34.38 67.15
N UNK K 1142 91.15 -33.46 67.86
CA UNK K 1142 90.60 -32.20 67.36
C UNK K 1142 91.41 -31.67 66.20
N UNK K 1143 90.92 -32.00 64.99
CA UNK K 1143 91.68 -31.79 63.78
C UNK K 1143 91.95 -30.35 63.52
N UNK K 1144 90.91 -29.50 63.47
CA UNK K 1144 91.29 -28.15 63.23
C UNK K 1144 90.62 -27.36 64.28
N UNK K 1145 91.06 -27.54 65.53
CA UNK K 1145 90.48 -26.73 66.54
C UNK K 1145 91.59 -26.40 67.46
N UNK K 1146 91.98 -25.12 67.51
CA UNK K 1146 93.04 -24.75 68.38
C UNK K 1146 92.47 -24.80 69.76
N UNK K 1147 93.33 -25.12 70.76
CA UNK K 1147 92.84 -25.15 72.10
C UNK K 1147 93.31 -23.89 72.76
N UNK K 1148 92.36 -23.12 73.32
CA UNK K 1148 92.68 -21.89 73.97
C UNK K 1148 93.48 -22.16 75.20
N UNK K 1149 93.06 -23.13 76.02
CA UNK K 1149 93.80 -23.37 77.23
C UNK K 1149 93.43 -24.73 77.74
N UNK K 1150 94.29 -25.31 78.59
CA UNK K 1150 93.97 -26.60 79.14
C UNK K 1150 94.33 -26.56 80.60
N UNK K 1151 93.48 -27.17 81.43
CA UNK K 1151 93.74 -27.21 82.83
C UNK K 1151 93.71 -28.64 83.24
N UNK K 1152 94.46 -28.96 84.31
CA UNK K 1152 94.48 -30.31 84.78
C UNK K 1152 93.82 -30.31 86.12
N UNK K 1153 93.08 -31.39 86.44
CA UNK K 1153 92.38 -31.47 87.69
C UNK K 1153 93.38 -31.57 88.79
N UNK K 1154 92.96 -31.28 90.03
CA UNK K 1154 93.88 -31.33 91.13
C UNK K 1154 94.40 -32.72 91.14
N UNK K 1155 93.48 -33.71 91.02
CA UNK K 1155 93.94 -35.04 90.82
C UNK K 1155 94.00 -35.08 89.34
N UNK K 1156 95.15 -35.45 88.73
CA UNK K 1156 95.12 -35.29 87.31
C UNK K 1156 94.51 -36.50 86.69
N UNK K 1157 93.25 -36.78 87.05
CA UNK K 1157 92.46 -37.79 86.42
C UNK K 1157 92.05 -37.28 85.08
N UNK K 1158 91.66 -35.99 85.04
CA UNK K 1158 91.11 -35.47 83.82
C UNK K 1158 91.76 -34.17 83.47
N UNK K 1159 91.80 -33.89 82.16
CA UNK K 1159 92.32 -32.65 81.68
C UNK K 1159 91.22 -32.03 80.89
N UNK K 1160 90.94 -30.73 81.13
CA UNK K 1160 89.88 -30.11 80.40
C UNK K 1160 90.51 -29.05 79.57
N UNK K 1161 90.03 -28.90 78.33
CA UNK K 1161 90.59 -27.90 77.47
C UNK K 1161 89.45 -27.25 76.76
N UNK K 1162 89.65 -25.98 76.35
CA UNK K 1162 88.58 -25.33 75.64
C UNK K 1162 88.97 -25.28 74.20
N UNK K 1163 88.12 -25.86 73.32
CA UNK K 1163 88.39 -25.79 71.92
C UNK K 1163 88.03 -24.39 71.53
N UNK K 1164 88.80 -23.80 70.60
CA UNK K 1164 88.57 -22.43 70.28
C UNK K 1164 87.38 -22.29 69.38
N UNK K 1165 86.65 -21.18 69.62
CA UNK K 1165 85.58 -20.71 68.78
C UNK K 1165 85.92 -19.27 68.71
N UNK K 1166 86.01 -18.69 67.50
CA UNK K 1166 86.51 -17.36 67.45
C UNK K 1166 86.57 -16.95 66.03
N UNK K 1167 87.70 -16.33 65.65
CA UNK K 1167 87.87 -15.85 64.31
C UNK K 1167 87.65 -17.02 63.42
N UNK K 1168 88.20 -18.20 63.78
CA UNK K 1168 87.93 -19.33 62.95
C UNK K 1168 86.65 -19.91 63.44
N UNK K 1169 85.60 -19.88 62.59
CA UNK K 1169 84.34 -20.40 63.01
C UNK K 1169 84.38 -21.89 62.86
N UNK K 1170 83.72 -22.61 63.77
CA UNK K 1170 83.64 -24.03 63.66
C UNK K 1170 82.65 -24.49 64.68
N UNK K 1171 82.07 -25.68 64.47
CA UNK K 1171 81.21 -26.14 65.52
C UNK K 1171 82.17 -26.52 66.58
N UNK K 1172 82.21 -25.71 67.65
CA UNK K 1172 83.23 -25.91 68.63
C UNK K 1172 82.86 -25.07 69.80
N UNK K 1173 83.88 -24.50 70.46
CA UNK K 1173 83.61 -23.76 71.65
C UNK K 1173 83.07 -24.74 72.61
N UNK K 1174 83.59 -25.98 72.52
CA UNK K 1174 83.15 -26.99 73.43
C UNK K 1174 84.29 -27.24 74.35
N UNK K 1175 83.99 -27.40 75.65
CA UNK K 1175 85.06 -27.72 76.55
C UNK K 1175 85.02 -29.19 76.67
N UNK K 1176 86.15 -29.85 76.37
CA UNK K 1176 86.12 -31.28 76.43
C UNK K 1176 86.98 -31.70 77.57
N UNK K 1177 86.45 -32.61 78.41
CA UNK K 1177 87.24 -33.11 79.48
C UNK K 1177 87.65 -34.46 79.04
N UNK K 1178 88.95 -34.77 79.17
CA UNK K 1178 89.38 -36.06 78.72
C UNK K 1178 89.70 -36.85 79.94
N UNK K 1179 89.28 -38.13 79.94
CA UNK K 1179 89.60 -38.96 81.07
C UNK K 1179 91.01 -39.44 80.79
N UNK K 1180 94.92 -43.82 72.70
CA UNK K 1180 94.67 -43.22 71.37
C UNK K 1180 94.16 -41.83 71.53
N UNK K 1181 92.97 -41.57 70.96
CA UNK K 1181 92.31 -40.30 70.86
C UNK K 1181 92.07 -39.77 72.23
N UNK K 1182 92.04 -40.64 73.26
CA UNK K 1182 91.67 -40.18 74.56
C UNK K 1182 90.30 -39.61 74.49
N UNK K 1183 89.31 -40.48 74.77
CA UNK K 1183 87.92 -40.16 74.72
C UNK K 1183 87.64 -39.05 75.67
N UNK K 1184 86.61 -38.24 75.33
CA UNK K 1184 86.28 -37.14 76.17
C UNK K 1184 85.22 -37.60 77.11
N UNK K 1185 85.51 -37.50 78.42
CA UNK K 1185 84.58 -37.90 79.43
C UNK K 1185 83.40 -36.99 79.39
N UNK K 1186 83.64 -35.66 79.28
CA UNK K 1186 82.53 -34.76 79.32
C UNK K 1186 82.66 -33.74 78.25
N UNK K 1187 81.51 -33.17 77.83
CA UNK K 1187 81.55 -32.14 76.83
C UNK K 1187 80.75 -30.99 77.34
N UNK K 1188 81.22 -29.76 77.08
CA UNK K 1188 80.49 -28.60 77.50
C UNK K 1188 80.44 -27.68 76.33
N UNK K 1189 79.38 -26.87 76.23
CA UNK K 1189 79.32 -25.99 75.10
C UNK K 1189 79.32 -24.58 75.59
N UNK K 1190 80.26 -23.77 75.05
CA UNK K 1190 80.35 -22.38 75.32
C UNK K 1190 81.75 -21.98 74.98
N UNK K 1191 81.93 -20.77 74.44
CA UNK K 1191 83.26 -20.36 74.12
C UNK K 1191 83.93 -20.09 75.42
N UNK K 1192 85.24 -20.41 75.53
CA UNK K 1192 85.84 -20.15 76.81
C UNK K 1192 87.16 -19.50 76.63
N UNK K 1193 87.34 -18.34 77.28
CA UNK K 1193 88.61 -17.67 77.29
C UNK K 1193 89.52 -18.54 78.11
N UNK K 1194 89.00 -19.05 79.24
CA UNK K 1194 89.78 -19.86 80.11
C UNK K 1194 88.84 -20.59 81.03
N UNK K 1195 89.36 -21.63 81.72
CA UNK K 1195 88.57 -22.38 82.64
C UNK K 1195 89.44 -22.73 83.80
N UNK K 1196 88.83 -23.04 84.96
CA UNK K 1196 89.59 -23.39 86.12
C UNK K 1196 88.87 -24.49 86.83
N UNK K 1197 89.61 -25.29 87.61
CA UNK K 1197 88.99 -26.37 88.31
C UNK K 1197 89.05 -26.07 89.77
N UNK K 1198 88.00 -26.49 90.50
CA UNK K 1198 87.95 -26.30 91.92
C UNK K 1198 88.84 -27.35 92.50
N UNK K 1199 89.23 -27.20 93.77
CA UNK K 1199 90.07 -28.16 94.41
C UNK K 1199 89.34 -29.46 94.40
N UNK K 1200 88.02 -29.38 94.65
CA UNK K 1200 87.17 -30.54 94.67
C UNK K 1200 87.21 -31.19 93.33
N UNK K 1201 87.31 -30.36 92.27
CA UNK K 1201 87.30 -30.82 90.91
C UNK K 1201 85.89 -31.21 90.59
N UNK K 1202 84.97 -30.88 91.51
CA UNK K 1202 83.57 -31.10 91.30
C UNK K 1202 83.09 -30.20 90.22
N UNK K 1203 83.54 -28.91 90.24
CA UNK K 1203 83.02 -27.98 89.28
C UNK K 1203 84.14 -27.28 88.59
N UNK K 1204 83.83 -26.71 87.40
CA UNK K 1204 84.81 -25.99 86.67
C UNK K 1204 84.23 -24.64 86.37
N UNK K 1205 85.08 -23.60 86.35
CA UNK K 1205 84.56 -22.30 86.04
C UNK K 1205 84.89 -22.06 84.61
N UNK K 1206 83.90 -21.55 83.84
CA UNK K 1206 84.13 -21.31 82.45
C UNK K 1206 84.12 -19.83 82.24
N UNK K 1207 85.08 -19.34 81.44
CA UNK K 1207 85.11 -17.94 81.16
C UNK K 1207 84.65 -17.79 79.75
N UNK K 1208 83.76 -16.82 79.50
CA UNK K 1208 83.26 -16.63 78.17
C UNK K 1208 83.08 -15.16 77.98
N UNK K 1209 82.85 -14.73 76.73
CA UNK K 1209 82.65 -13.34 76.49
C UNK K 1209 81.42 -12.98 77.25
N UNK K 1210 80.41 -13.86 77.21
CA UNK K 1210 79.18 -13.64 77.91
C UNK K 1210 79.46 -13.91 79.35
N UNK K 1211 78.39 -13.91 80.17
CA UNK K 1211 78.57 -14.18 81.57
C UNK K 1211 79.26 -15.49 81.67
N UNK K 1212 80.10 -15.66 82.71
CA UNK K 1212 80.83 -16.88 82.88
C UNK K 1212 79.88 -17.91 83.34
N UNK K 1213 80.23 -19.19 83.14
CA UNK K 1213 79.37 -20.24 83.56
C UNK K 1213 80.12 -21.10 84.51
N UNK K 1214 79.40 -21.66 85.50
CA UNK K 1214 80.00 -22.60 86.40
C UNK K 1214 79.28 -23.87 86.13
N UNK K 1215 80.00 -24.96 85.84
CA UNK K 1215 79.31 -26.19 85.54
C UNK K 1215 79.84 -27.22 86.47
N UNK K 1216 79.00 -28.20 86.86
CA UNK K 1216 79.46 -29.21 87.76
C UNK K 1216 79.67 -30.47 86.98
N UNK K 1217 80.78 -31.17 87.26
CA UNK K 1217 81.07 -32.42 86.61
C UNK K 1217 80.94 -33.46 87.67
N UNK K 1218 80.37 -34.63 87.32
CA UNK K 1218 80.23 -35.63 88.34
C UNK K 1218 81.40 -36.55 88.23
N UNK K 1219 82.10 -36.74 89.35
CA UNK K 1219 83.23 -37.63 89.34
C UNK K 1219 82.70 -38.98 89.04
N UNK K 1220 81.56 -39.33 89.66
CA UNK K 1220 80.96 -40.61 89.43
C UNK K 1220 79.50 -40.37 89.29
N UNK K 1221 78.80 -41.32 88.65
CA UNK K 1221 77.38 -41.18 88.50
C UNK K 1221 76.80 -41.12 89.91
N MET L 7 -3.63 46.18 37.35
CA MET L 7 -3.41 46.28 35.90
C MET L 7 -4.27 45.24 35.29
N ASP L 8 -4.39 45.25 33.96
CA ASP L 8 -5.18 44.27 33.32
C ASP L 8 -4.40 43.01 33.49
N PHE L 9 -4.98 41.85 33.18
CA PHE L 9 -4.20 40.66 33.37
C PHE L 9 -3.01 40.77 32.48
N GLU L 10 -3.24 41.16 31.20
CA GLU L 10 -2.13 41.27 30.29
C GLU L 10 -1.21 42.34 30.75
N THR L 11 -1.75 43.43 31.33
CA THR L 11 -0.87 44.48 31.73
C THR L 11 0.07 43.94 32.76
N GLY L 12 -0.49 43.27 33.78
CA GLY L 12 0.29 42.72 34.86
C GLY L 12 1.18 41.64 34.36
N GLU L 13 0.67 40.79 33.46
CA GLU L 13 1.44 39.68 33.00
C GLU L 13 2.66 40.21 32.33
N HIS L 14 2.47 41.24 31.49
CA HIS L 14 3.56 41.83 30.79
C HIS L 14 4.45 42.58 31.72
N GLN L 15 3.89 43.30 32.71
CA GLN L 15 4.74 44.04 33.61
C GLN L 15 5.58 43.06 34.35
N TYR L 16 4.91 41.98 34.76
CA TYR L 16 5.46 40.91 35.51
C TYR L 16 6.57 40.29 34.71
N GLN L 17 6.37 40.12 33.39
CA GLN L 17 7.38 39.56 32.53
C GLN L 17 8.49 40.53 32.28
N TYR L 18 8.09 41.78 32.03
CA TYR L 18 8.81 42.93 31.57
C TYR L 18 9.75 43.42 32.62
N LYS L 19 9.67 42.89 33.85
CA LYS L 19 10.38 43.32 35.02
C LYS L 19 11.87 43.43 34.85
N ASP L 20 12.58 42.34 34.48
CA ASP L 20 14.02 42.33 34.47
C ASP L 20 14.48 43.42 33.57
N ILE L 21 13.80 43.56 32.42
CA ILE L 21 14.18 44.62 31.54
C ILE L 21 13.98 45.95 32.21
N LEU L 22 12.88 46.17 32.95
CA LEU L 22 12.79 47.48 33.53
C LEU L 22 13.88 47.70 34.53
N SER L 23 14.11 46.72 35.43
CA SER L 23 15.04 46.95 36.49
C SER L 23 16.39 47.25 35.92
N VAL L 24 16.87 46.39 35.04
CA VAL L 24 18.18 46.55 34.47
C VAL L 24 18.23 47.76 33.61
N PHE L 25 17.17 48.04 32.84
CA PHE L 25 17.31 49.07 31.85
C PHE L 25 17.60 50.38 32.50
N GLU L 26 16.70 50.82 33.41
CA GLU L 26 16.90 52.08 34.03
C GLU L 26 18.05 51.97 34.92
N ASP L 27 18.30 50.80 35.58
CA ASP L 27 19.31 50.56 36.59
C ASP L 27 20.42 51.56 36.55
N ALA L 28 20.68 52.20 37.70
CA ALA L 28 21.65 53.24 37.89
C ALA L 28 21.08 54.53 37.40
N PHE L 29 20.23 54.46 36.36
CA PHE L 29 19.31 55.46 35.91
C PHE L 29 18.00 55.35 36.63
N VAL L 30 17.54 54.12 36.95
CA VAL L 30 16.27 53.93 37.60
C VAL L 30 16.33 54.61 38.92
N ASP L 31 17.47 54.45 39.61
CA ASP L 31 17.60 55.02 40.92
C ASP L 31 17.48 56.50 40.80
N ASN L 32 18.18 57.07 39.81
CA ASN L 32 18.19 58.50 39.66
C ASN L 32 16.82 58.97 39.33
N PHE L 33 16.11 58.25 38.43
CA PHE L 33 14.85 58.78 38.05
C PHE L 33 13.92 58.75 39.20
N ASP L 34 13.96 57.70 40.07
CA ASP L 34 13.07 57.65 41.20
C ASP L 34 13.25 58.84 42.07
N CYS L 35 14.50 59.22 42.34
CA CYS L 35 14.72 60.31 43.24
C CYS L 35 14.05 61.53 42.68
N LYS L 36 14.19 61.75 41.35
CA LYS L 36 13.59 62.86 40.68
C LYS L 36 12.11 62.64 40.78
N ASP L 37 11.76 61.33 40.78
CA ASP L 37 10.47 60.74 40.61
C ASP L 37 9.45 61.09 41.62
N VAL L 38 9.88 61.58 42.79
CA VAL L 38 8.96 61.76 43.88
C VAL L 38 7.77 62.57 43.48
N GLN L 39 7.79 63.47 42.51
CA GLN L 39 6.46 63.99 42.36
C GLN L 39 5.56 62.96 41.70
N ASP L 40 6.10 62.30 40.68
CA ASP L 40 5.33 61.28 39.96
C ASP L 40 4.74 60.26 40.91
N MET L 41 5.60 59.50 41.58
CA MET L 41 5.15 58.49 42.53
C MET L 41 4.10 59.03 43.48
N PRO L 42 4.13 60.35 43.68
CA PRO L 42 3.18 61.01 44.57
C PRO L 42 1.84 61.28 43.88
N LYS L 43 1.59 60.60 42.77
CA LYS L 43 0.35 60.77 42.03
C LYS L 43 -0.25 59.41 41.65
N SER L 44 -1.50 59.43 41.20
CA SER L 44 -2.19 58.22 40.81
C SER L 44 -1.21 57.12 40.41
N ILE L 45 -0.04 57.15 41.03
CA ILE L 45 1.01 56.16 40.74
C ILE L 45 1.60 55.61 42.03
N LEU L 46 2.03 56.50 42.92
CA LEU L 46 2.63 56.10 44.19
C LEU L 46 2.59 57.24 45.19
N SER L 47 1.73 57.11 46.20
CA SER L 47 1.59 58.12 47.23
C SER L 47 2.93 58.75 47.57
N LYS L 48 2.89 59.94 48.19
CA LYS L 48 4.08 60.62 48.55
C LYS L 48 4.90 59.69 49.36
N GLU L 49 4.24 58.97 50.28
CA GLU L 49 4.94 58.10 51.16
C GLU L 49 5.55 57.01 50.34
N GLU L 50 4.82 56.55 49.32
CA GLU L 50 5.28 55.42 48.58
C GLU L 50 6.54 55.74 47.83
N ILE L 51 6.75 56.97 47.32
CA ILE L 51 7.98 57.10 46.59
C ILE L 51 9.11 56.98 47.55
N ASP L 52 8.96 57.60 48.73
CA ASP L 52 9.99 57.53 49.72
C ASP L 52 10.15 56.10 50.08
N HIS L 53 9.04 55.34 50.03
CA HIS L 53 9.10 53.95 50.38
C HIS L 53 10.06 53.26 49.46
N ILE L 54 9.89 53.42 48.13
CA ILE L 54 10.75 52.71 47.21
C ILE L 54 12.15 53.20 47.36
N ILE L 55 12.28 54.52 47.52
CA ILE L 55 13.55 55.18 47.58
C ILE L 55 14.35 54.61 48.71
N MET L 56 13.68 54.34 49.85
CA MET L 56 14.37 53.91 51.03
C MET L 56 15.06 52.59 50.80
N SER L 57 14.41 51.62 50.13
CA SER L 57 15.07 50.37 49.90
C SER L 57 16.30 50.67 49.12
N LYS L 58 17.45 50.50 49.82
CA LYS L 58 18.74 50.90 49.35
C LYS L 58 19.11 50.17 48.11
N ASP L 59 18.97 48.84 48.16
CA ASP L 59 19.53 48.01 47.14
C ASP L 59 18.83 48.31 45.89
N ALA L 60 19.58 48.31 44.77
CA ALA L 60 19.02 48.63 43.51
C ALA L 60 17.95 47.65 43.21
N VAL L 61 18.21 46.36 43.52
CA VAL L 61 17.26 45.33 43.25
C VAL L 61 16.03 45.61 44.07
N SER L 62 16.23 45.96 45.34
CA SER L 62 15.15 46.21 46.26
C SER L 62 14.36 47.39 45.80
N GLY L 63 15.06 48.42 45.32
CA GLY L 63 14.37 49.63 44.93
C GLY L 63 13.45 49.31 43.80
N THR L 64 13.91 48.52 42.83
CA THR L 64 13.08 48.22 41.71
C THR L 64 11.92 47.38 42.15
N LEU L 65 12.17 46.40 43.03
CA LEU L 65 11.14 45.50 43.47
C LEU L 65 10.13 46.28 44.25
N ARG L 66 10.59 47.22 45.09
CA ARG L 66 9.65 47.94 45.91
C ARG L 66 8.67 48.67 45.05
N LEU L 67 9.14 49.39 44.02
CA LEU L 67 8.25 50.16 43.21
C LEU L 67 7.30 49.26 42.49
N PHE L 68 7.78 48.11 41.98
CA PHE L 68 6.89 47.25 41.25
C PHE L 68 5.82 46.78 42.18
N TRP L 69 6.20 46.51 43.44
CA TRP L 69 5.26 46.01 44.41
C TRP L 69 4.14 46.99 44.59
N THR L 70 4.46 48.29 44.76
CA THR L 70 3.44 49.26 44.99
C THR L 70 2.55 49.33 43.79
N LEU L 71 3.16 49.22 42.59
CA LEU L 71 2.48 49.32 41.33
C LEU L 71 1.46 48.22 41.22
N LEU L 72 1.77 47.01 41.70
CA LEU L 72 0.88 45.90 41.53
C LEU L 72 -0.42 46.18 42.23
N SER L 73 -0.37 46.80 43.41
CA SER L 73 -1.52 47.02 44.23
C SER L 73 -2.50 47.89 43.52
N LYS L 74 -2.07 48.59 42.46
CA LYS L 74 -3.03 49.42 41.83
C LYS L 74 -3.69 48.73 40.72
N GLN L 75 -4.60 49.49 40.12
CA GLN L 75 -5.46 49.04 39.10
C GLN L 75 -4.79 49.22 37.79
N GLU L 76 -5.55 48.87 36.73
CA GLU L 76 -5.10 49.03 35.38
C GLU L 76 -4.78 50.46 35.19
N GLU L 77 -5.52 51.34 35.87
CA GLU L 77 -5.34 52.75 35.67
C GLU L 77 -3.92 53.09 35.98
N MET L 78 -3.35 52.48 37.03
CA MET L 78 -2.02 52.80 37.45
C MET L 78 -1.04 52.49 36.35
N VAL L 79 -1.20 51.34 35.66
CA VAL L 79 -0.23 51.03 34.65
C VAL L 79 -0.30 52.10 33.61
N GLN L 80 -1.51 52.58 33.30
CA GLN L 80 -1.69 53.59 32.30
C GLN L 80 -1.04 54.86 32.75
N LYS L 81 -1.17 55.22 34.04
CA LYS L 81 -0.58 56.44 34.48
C LYS L 81 0.91 56.32 34.39
N PHE L 82 1.45 55.17 34.86
CA PHE L 82 2.85 54.91 34.87
C PHE L 82 3.35 54.92 33.46
N VAL L 83 2.59 54.33 32.52
CA VAL L 83 3.09 54.32 31.18
C VAL L 83 3.21 55.73 30.72
N GLU L 84 2.26 56.59 31.13
CA GLU L 84 2.27 57.96 30.70
C GLU L 84 3.50 58.63 31.22
N GLU L 85 3.87 58.37 32.49
CA GLU L 85 5.02 59.02 33.04
C GLU L 85 6.23 58.60 32.28
N VAL L 86 6.28 57.33 31.83
CA VAL L 86 7.45 56.87 31.14
C VAL L 86 7.60 57.61 29.86
N LEU L 87 6.48 57.86 29.15
CA LEU L 87 6.53 58.56 27.88
C LEU L 87 6.95 59.98 28.14
N ARG L 88 6.44 60.59 29.22
CA ARG L 88 6.78 61.96 29.52
C ARG L 88 8.25 61.99 29.76
N ILE L 89 8.75 60.97 30.47
CA ILE L 89 10.15 60.80 30.75
C ILE L 89 10.82 60.63 29.44
N ASN L 90 10.08 60.07 28.46
CA ASN L 90 10.57 59.71 27.16
C ASN L 90 11.73 58.88 27.42
N TYR L 91 11.40 57.84 28.20
CA TYR L 91 12.32 56.82 28.50
C TYR L 91 12.04 55.96 27.32
N LYS L 92 12.58 56.40 26.18
CA LYS L 92 12.12 55.99 24.90
C LYS L 92 12.15 54.52 24.69
N PHE L 93 13.29 53.86 24.91
CA PHE L 93 13.30 52.47 24.56
C PHE L 93 12.37 51.75 25.45
N LEU L 94 12.41 52.01 26.75
CA LEU L 94 11.60 51.26 27.65
C LEU L 94 10.17 51.52 27.39
N MET L 95 9.81 52.78 27.07
CA MET L 95 8.42 53.03 26.90
C MET L 95 7.92 52.30 25.70
N SER L 96 8.74 52.14 24.64
CA SER L 96 8.25 51.46 23.46
C SER L 96 7.85 50.05 23.80
N PRO L 97 8.69 49.23 24.38
CA PRO L 97 8.16 47.95 24.75
C PRO L 97 7.02 47.96 25.73
N ILE L 98 6.90 48.95 26.62
CA ILE L 98 5.77 48.86 27.48
C ILE L 98 4.51 49.03 26.66
N LYS L 99 4.51 49.95 25.67
CA LYS L 99 3.29 50.12 24.93
C LYS L 99 2.96 48.91 24.13
N THR L 100 3.96 48.18 23.62
CA THR L 100 3.63 47.02 22.85
C THR L 100 2.95 46.05 23.77
N GLU L 101 3.42 46.01 25.02
CA GLU L 101 2.96 45.18 26.08
C GLU L 101 1.50 45.39 26.29
N GLN L 102 1.01 46.65 26.35
CA GLN L 102 -0.38 46.80 26.62
C GLN L 102 -1.19 46.17 25.53
N ARG L 103 -2.06 45.22 25.95
CA ARG L 103 -2.94 44.40 25.16
C ARG L 103 -2.24 43.63 24.08
N GLN L 104 -1.31 42.71 24.46
CA GLN L 104 -0.63 41.89 23.48
C GLN L 104 -0.45 40.50 24.04
N PRO L 105 -0.73 39.49 23.26
CA PRO L 105 -0.49 38.12 23.70
C PRO L 105 0.90 37.62 23.37
N SER L 106 1.36 36.53 24.03
CA SER L 106 2.64 35.94 23.74
C SER L 106 2.70 34.62 24.46
N MET L 107 3.54 33.68 23.97
CA MET L 107 3.67 32.41 24.63
C MET L 107 4.24 32.62 25.99
N MET L 108 5.31 33.44 26.10
CA MET L 108 5.97 33.67 27.34
C MET L 108 5.06 34.41 28.28
N THR L 109 4.30 35.37 27.75
CA THR L 109 3.43 36.15 28.59
C THR L 109 2.40 35.26 29.18
N ARG L 110 1.83 34.38 28.33
CA ARG L 110 0.76 33.52 28.74
C ARG L 110 1.22 32.60 29.81
N MET L 111 2.45 32.07 29.69
CA MET L 111 2.89 31.15 30.70
C MET L 111 3.03 31.86 32.01
N TYR L 112 3.51 33.11 32.01
CA TYR L 112 3.73 33.79 33.25
C TYR L 112 2.42 34.04 33.94
N ILE L 113 1.38 34.46 33.19
CA ILE L 113 0.11 34.74 33.80
C ILE L 113 -0.44 33.50 34.41
N GLU L 114 -0.28 32.36 33.71
CA GLU L 114 -0.80 31.12 34.17
C GLU L 114 -0.18 30.77 35.48
N GLN L 115 1.15 30.96 35.60
CA GLN L 115 1.85 30.58 36.79
C GLN L 115 1.36 31.41 37.94
N ARG L 116 1.14 32.72 37.70
CA ARG L 116 0.70 33.62 38.71
C ARG L 116 -0.64 33.18 39.24
N ASP L 117 -1.57 32.80 38.34
CA ASP L 117 -2.89 32.43 38.77
C ASP L 117 -2.80 31.20 39.61
N ARG L 118 -1.94 30.25 39.21
CA ARG L 118 -1.87 29.01 39.93
C ARG L 118 -1.42 29.28 41.33
N LEU L 119 -0.43 30.17 41.53
CA LEU L 119 0.01 30.36 42.88
C LEU L 119 -1.07 30.99 43.71
N TYR L 120 -1.88 31.89 43.13
CA TYR L 120 -2.92 32.50 43.91
C TYR L 120 -3.84 31.43 44.39
N ASN L 121 -4.21 30.50 43.51
CA ASN L 121 -5.16 29.46 43.81
C ASN L 121 -4.59 28.62 44.92
N ASP L 122 -3.27 28.41 44.88
CA ASP L 122 -2.59 27.59 45.84
C ASP L 122 -2.76 28.18 47.20
N ASN L 123 -2.72 29.52 47.35
CA ASN L 123 -2.80 29.90 48.73
C ASN L 123 -3.16 31.34 48.95
N GLN L 124 -2.77 32.26 48.03
CA GLN L 124 -2.89 33.67 48.32
C GLN L 124 -4.32 34.14 48.33
N VAL L 125 -5.04 33.88 49.44
CA VAL L 125 -6.34 34.43 49.71
C VAL L 125 -6.16 35.80 50.25
N PHE L 126 -5.35 35.83 51.30
CA PHE L 126 -4.91 36.99 51.96
C PHE L 126 -3.68 36.78 52.55
N ALA L 127 -3.43 37.95 52.96
CA ALA L 127 -2.31 38.41 53.50
C ALA L 127 -2.46 39.77 53.01
N LYS L 128 -3.20 40.56 53.77
CA LYS L 128 -3.50 41.85 53.27
C LYS L 128 -2.25 42.62 53.19
N TYR L 129 -1.43 42.63 54.26
CA TYR L 129 -0.30 43.47 54.06
C TYR L 129 0.97 42.82 54.49
N ASN L 130 2.04 43.17 53.79
CA ASN L 130 3.24 42.39 53.91
C ASN L 130 4.47 43.21 53.88
N VAL L 131 5.48 42.68 54.60
CA VAL L 131 6.78 43.15 54.93
C VAL L 131 7.60 42.58 53.84
N SER L 132 8.49 43.40 53.29
CA SER L 132 9.19 42.90 52.17
C SER L 132 10.54 42.53 52.65
N ARG L 133 10.84 41.23 52.57
CA ARG L 133 12.12 40.80 52.99
C ARG L 133 12.77 40.65 51.72
N LEU L 134 13.36 41.73 51.29
CA LEU L 134 13.95 41.53 50.05
C LEU L 134 15.10 40.61 50.28
N GLN L 135 15.74 40.74 51.46
CA GLN L 135 16.92 39.95 51.65
C GLN L 135 16.63 38.48 51.56
N PRO L 136 15.68 37.89 52.25
CA PRO L 136 15.51 36.48 52.08
C PRO L 136 14.96 36.09 50.75
N TYR L 137 14.15 36.99 50.16
CA TYR L 137 13.50 36.80 48.89
C TYR L 137 14.52 36.67 47.80
N LEU L 138 15.48 37.60 47.77
CA LEU L 138 16.50 37.57 46.75
C LEU L 138 17.35 36.36 46.93
N LYS L 139 17.65 35.99 48.18
CA LYS L 139 18.55 34.89 48.40
C LYS L 139 17.99 33.64 47.81
N LEU L 140 16.68 33.39 48.05
CA LEU L 140 16.12 32.16 47.58
C LEU L 140 16.15 32.13 46.09
N ARG L 141 15.80 33.25 45.42
CA ARG L 141 15.68 33.15 44.00
C ARG L 141 17.03 32.89 43.41
N GLN L 142 18.07 33.55 43.95
CA GLN L 142 19.36 33.47 43.33
C GLN L 142 19.83 32.05 43.40
N ALA L 143 19.67 31.42 44.58
CA ALA L 143 20.14 30.08 44.73
C ALA L 143 19.37 29.17 43.84
N LEU L 144 18.04 29.35 43.79
CA LEU L 144 17.22 28.44 43.05
C LEU L 144 17.56 28.54 41.60
N LEU L 145 17.81 29.77 41.12
CA LEU L 145 18.13 29.97 39.75
C LEU L 145 19.40 29.25 39.47
N GLU L 146 20.39 29.44 40.36
CA GLU L 146 21.72 28.91 40.16
C GLU L 146 21.73 27.42 40.17
N LEU L 147 21.11 26.77 41.19
CA LEU L 147 21.29 25.35 41.14
C LEU L 147 20.04 24.78 40.57
N ARG L 148 20.03 24.68 39.25
CA ARG L 148 18.95 24.12 38.51
C ARG L 148 18.89 22.64 38.72
N PRO L 149 20.00 21.95 38.70
CA PRO L 149 19.95 20.52 38.83
C PRO L 149 19.41 20.13 40.16
N ALA L 150 19.05 18.84 40.33
CA ALA L 150 18.42 18.38 41.53
C ALA L 150 19.22 18.84 42.70
N LYS L 151 18.52 19.40 43.70
CA LYS L 151 19.15 19.82 44.91
C LYS L 151 18.08 20.00 45.91
N ASN L 152 18.44 20.42 47.15
CA ASN L 152 17.40 20.65 48.09
C ASN L 152 17.56 22.02 48.63
N VAL L 153 16.59 22.90 48.31
CA VAL L 153 16.63 24.22 48.85
C VAL L 153 15.74 24.15 50.04
N LEU L 154 16.31 24.35 51.24
CA LEU L 154 15.43 24.33 52.34
C LEU L 154 14.99 25.72 52.50
N ILE L 155 13.86 25.80 53.18
CA ILE L 155 13.30 26.94 53.73
C ILE L 155 12.82 26.28 54.95
N ASP L 156 13.17 26.82 56.12
CA ASP L 156 12.71 26.15 57.29
C ASP L 156 12.63 26.97 58.56
N GLY L 157 11.44 27.33 59.11
CA GLY L 157 11.43 28.25 60.22
C GLY L 157 10.33 27.84 61.15
N VAL L 158 10.01 28.73 62.13
CA VAL L 158 8.98 28.47 63.11
C VAL L 158 7.68 28.35 62.37
N LEU L 159 6.71 27.62 62.97
CA LEU L 159 5.47 27.50 62.27
C LEU L 159 4.89 28.86 62.07
N GLY L 160 4.48 29.16 60.82
CA GLY L 160 3.85 30.41 60.50
C GLY L 160 4.86 31.50 60.31
N SER L 161 6.15 31.14 60.11
CA SER L 161 7.18 32.12 59.92
C SER L 161 6.99 32.76 58.58
N GLY L 162 6.19 32.15 57.70
CA GLY L 162 5.99 32.74 56.41
C GLY L 162 6.84 32.06 55.37
N LYS L 163 7.14 30.80 55.67
CA LYS L 163 7.96 30.00 54.82
C LYS L 163 7.35 29.85 53.46
N THR L 164 6.10 29.33 53.41
CA THR L 164 5.26 28.93 52.28
C THR L 164 4.83 30.10 51.49
N TRP L 165 4.47 31.18 52.20
CA TRP L 165 4.08 32.35 51.51
C TRP L 165 5.30 32.74 50.68
N VAL L 166 6.54 32.82 51.28
CA VAL L 166 7.75 33.25 50.64
C VAL L 166 8.00 32.42 49.42
N ALA L 167 7.80 31.10 49.52
CA ALA L 167 8.08 30.23 48.41
C ALA L 167 7.20 30.58 47.26
N LEU L 168 5.91 30.85 47.53
CA LEU L 168 4.99 31.13 46.46
C LEU L 168 5.46 32.34 45.75
N ASP L 169 5.82 33.39 46.51
CA ASP L 169 6.19 34.67 45.96
C ASP L 169 7.40 34.50 45.08
N VAL L 170 8.36 33.66 45.49
CA VAL L 170 9.53 33.53 44.68
C VAL L 170 9.13 32.95 43.36
N CYS L 171 8.21 31.97 43.36
CA CYS L 171 7.79 31.38 42.13
C CYS L 171 7.03 32.40 41.30
N LEU L 172 6.17 33.23 41.94
CA LEU L 172 5.31 34.13 41.21
C LEU L 172 5.95 35.29 40.50
N SER L 173 6.90 36.05 41.10
CA SER L 173 7.39 37.25 40.42
C SER L 173 8.43 36.89 39.38
N TYR L 174 8.86 35.63 39.47
CA TYR L 174 9.88 34.84 38.87
C TYR L 174 9.76 34.32 37.48
N LYS L 175 9.14 35.05 36.54
CA LYS L 175 8.90 34.55 35.21
C LYS L 175 10.16 33.86 34.69
N VAL L 176 11.36 34.38 35.00
CA VAL L 176 12.58 33.76 34.53
C VAL L 176 12.69 32.36 35.08
N GLN L 177 12.45 32.19 36.40
CA GLN L 177 12.62 30.92 37.05
C GLN L 177 11.66 29.95 36.47
N CYS L 178 10.41 30.39 36.22
CA CYS L 178 9.39 29.52 35.72
C CYS L 178 9.78 29.06 34.35
N LYS L 179 10.39 29.92 33.54
CA LYS L 179 10.75 29.50 32.21
C LYS L 179 11.78 28.43 32.28
N MET L 180 12.82 28.63 33.11
CA MET L 180 13.90 27.68 33.12
C MET L 180 13.42 26.37 33.60
N ASP L 181 12.64 26.33 34.70
CA ASP L 181 12.17 25.06 35.12
C ASP L 181 11.11 24.70 34.14
N PHE L 182 11.09 23.44 33.66
CA PHE L 182 10.09 23.17 32.66
C PHE L 182 8.73 23.32 33.26
N LYS L 183 8.50 22.65 34.40
CA LYS L 183 7.20 22.73 35.01
C LYS L 183 7.42 22.63 36.48
N ILE L 184 6.42 23.04 37.29
CA ILE L 184 6.64 22.95 38.69
C ILE L 184 5.45 22.27 39.32
N PHE L 185 5.73 21.38 40.30
CA PHE L 185 4.68 20.68 40.99
C PHE L 185 4.77 21.08 42.43
N TRP L 186 3.63 21.51 43.01
CA TRP L 186 3.66 21.92 44.39
C TRP L 186 2.68 21.07 45.13
N LEU L 187 3.14 20.42 46.22
CA LEU L 187 2.24 19.65 47.02
C LEU L 187 2.56 19.91 48.45
N ASN L 188 1.53 19.91 49.32
CA ASN L 188 1.79 20.09 50.72
C ASN L 188 1.70 18.74 51.32
N LEU L 189 2.83 18.23 51.84
CA LEU L 189 2.86 16.89 52.34
C LEU L 189 2.06 16.78 53.59
N LYS L 190 1.26 15.69 53.62
CA LYS L 190 0.48 15.25 54.74
C LYS L 190 1.46 14.45 55.54
N ASN L 191 1.21 14.27 56.85
CA ASN L 191 2.12 13.60 57.75
C ASN L 191 2.62 12.34 57.11
N CYS L 192 3.93 12.35 56.76
CA CYS L 192 4.66 11.28 56.14
C CYS L 192 5.00 10.23 57.15
N ASN L 193 5.18 10.64 58.43
CA ASN L 193 5.56 9.66 59.40
C ASN L 193 4.50 8.60 59.49
N SER L 194 3.22 8.93 59.25
CA SER L 194 2.23 7.90 59.18
C SER L 194 2.47 7.18 57.87
N PRO L 195 2.54 5.88 57.94
CA PRO L 195 2.87 4.99 56.84
C PRO L 195 2.12 5.05 55.54
N GLU L 196 0.79 4.82 55.54
CA GLU L 196 0.03 4.69 54.33
C GLU L 196 0.18 5.98 53.60
N THR L 197 0.48 7.03 54.35
CA THR L 197 0.54 8.37 53.84
C THR L 197 1.46 8.45 52.67
N VAL L 198 2.65 7.82 52.73
CA VAL L 198 3.58 7.98 51.64
C VAL L 198 2.97 7.51 50.36
N LEU L 199 2.34 6.32 50.36
CA LEU L 199 1.80 5.84 49.12
C LEU L 199 0.71 6.75 48.67
N GLU L 200 -0.08 7.25 49.62
CA GLU L 200 -1.21 8.08 49.31
C GLU L 200 -0.70 9.29 48.59
N MET L 201 0.38 9.91 49.10
CA MET L 201 0.86 11.13 48.53
C MET L 201 1.36 10.88 47.14
N LEU L 202 2.07 9.76 46.94
CA LEU L 202 2.70 9.50 45.69
C LEU L 202 1.64 9.19 44.68
N GLN L 203 0.52 8.59 45.11
CA GLN L 203 -0.50 8.24 44.17
C GLN L 203 -0.99 9.50 43.54
N LYS L 204 -1.16 10.57 44.34
CA LYS L 204 -1.65 11.82 43.83
C LYS L 204 -0.65 12.32 42.84
N LEU L 205 0.64 12.12 43.11
CA LEU L 205 1.68 12.57 42.24
C LEU L 205 1.46 11.90 40.93
N LEU L 206 1.14 10.61 40.99
CA LEU L 206 1.01 9.80 39.83
C LEU L 206 -0.13 10.37 39.04
N TYR L 207 -1.21 10.78 39.74
CA TYR L 207 -2.37 11.26 39.05
C TYR L 207 -2.03 12.52 38.30
N GLN L 208 -1.36 13.47 38.97
CA GLN L 208 -1.06 14.74 38.38
C GLN L 208 -0.13 14.57 37.24
N ILE L 209 0.84 13.64 37.36
CA ILE L 209 1.82 13.50 36.33
C ILE L 209 1.07 13.14 35.08
N ASP L 210 0.11 12.22 35.20
CA ASP L 210 -0.78 11.80 34.15
C ASP L 210 -1.78 10.89 34.78
N PRO L 211 -3.00 11.02 34.36
CA PRO L 211 -4.04 10.10 34.73
C PRO L 211 -3.99 8.93 33.77
N ASN L 212 -2.95 8.92 32.92
CA ASN L 212 -2.77 8.08 31.76
C ASN L 212 -3.09 6.63 31.93
N TRP L 213 -2.06 5.83 31.56
CA TRP L 213 -1.86 4.41 31.64
C TRP L 213 -1.46 4.17 33.04
N THR L 214 -1.19 5.31 33.66
CA THR L 214 -0.73 5.58 34.95
C THR L 214 -1.41 4.57 35.83
N SER L 215 -2.75 4.52 35.75
CA SER L 215 -3.57 3.68 36.57
C SER L 215 -3.48 2.19 36.30
N ARG L 216 -3.08 1.75 35.08
CA ARG L 216 -3.19 0.36 34.68
C ARG L 216 -2.36 -0.62 35.49
N SER L 217 -1.09 -0.32 35.81
CA SER L 217 -0.18 -1.30 36.38
C SER L 217 -0.56 -1.73 37.75
N ASP L 218 -0.04 -2.91 38.14
CA ASP L 218 -0.40 -3.62 39.33
C ASP L 218 -0.18 -2.80 40.55
N HIS L 219 -1.29 -2.57 41.28
CA HIS L 219 -1.18 -1.94 42.55
C HIS L 219 -1.18 -3.09 43.49
N SER L 220 -0.01 -3.35 44.10
CA SER L 220 0.14 -4.50 44.94
C SER L 220 -0.68 -4.35 46.16
N SER L 221 -1.30 -5.47 46.54
CA SER L 221 -2.15 -5.50 47.69
C SER L 221 -1.27 -5.20 48.85
N ASN L 222 -0.07 -5.79 48.89
CA ASN L 222 0.79 -5.50 50.00
C ASN L 222 1.51 -4.24 49.63
N ILE L 223 1.84 -3.46 50.66
CA ILE L 223 2.52 -2.21 50.47
C ILE L 223 3.88 -2.47 49.94
N LYS L 224 4.49 -3.61 50.35
CA LYS L 224 5.87 -3.91 50.10
C LYS L 224 6.17 -3.70 48.64
N LEU L 225 5.30 -4.19 47.73
CA LEU L 225 5.51 -4.00 46.32
C LEU L 225 5.13 -2.63 45.80
N ARG L 226 3.97 -2.09 46.23
CA ARG L 226 3.38 -0.91 45.64
C ARG L 226 4.26 0.31 45.75
N ILE L 227 4.85 0.57 46.93
CA ILE L 227 5.59 1.79 47.08
C ILE L 227 6.74 1.76 46.10
N HIS L 228 7.42 0.61 46.01
CA HIS L 228 8.55 0.48 45.14
C HIS L 228 8.09 0.68 43.75
N SER L 229 6.94 0.08 43.39
CA SER L 229 6.45 0.15 42.05
C SER L 229 6.16 1.57 41.72
N ILE L 230 5.58 2.32 42.68
CA ILE L 230 5.24 3.68 42.36
C ILE L 230 6.46 4.46 42.07
N GLN L 231 7.54 4.27 42.85
CA GLN L 231 8.70 5.07 42.62
C GLN L 231 9.17 4.81 41.24
N ALA L 232 9.09 3.55 40.78
CA ALA L 232 9.55 3.22 39.46
C ALA L 232 8.70 3.96 38.47
N GLU L 233 7.37 3.99 38.68
CA GLU L 233 6.50 4.63 37.72
C GLU L 233 6.77 6.09 37.72
N LEU L 234 7.00 6.69 38.90
CA LEU L 234 7.19 8.10 39.01
C LEU L 234 8.41 8.45 38.21
N ARG L 235 9.48 7.65 38.36
CA ARG L 235 10.70 7.93 37.65
C ARG L 235 10.44 7.84 36.18
N ARG L 236 9.69 6.80 35.77
CA ARG L 236 9.42 6.56 34.39
C ARG L 236 8.67 7.73 33.82
N LEU L 237 7.64 8.21 34.53
CA LEU L 237 6.88 9.29 33.97
C LEU L 237 7.71 10.51 33.86
N LEU L 238 8.62 10.76 34.82
CA LEU L 238 9.38 11.97 34.67
C LEU L 238 10.18 11.95 33.41
N LYS L 239 10.80 10.81 33.07
CA LYS L 239 11.59 10.75 31.88
C LYS L 239 10.69 10.90 30.69
N SER L 240 9.49 10.30 30.76
CA SER L 240 8.61 10.19 29.63
C SER L 240 8.28 11.53 29.06
N LYS L 241 8.06 12.55 29.91
CA LYS L 241 7.70 13.81 29.33
C LYS L 241 8.85 14.78 29.51
N PRO L 242 8.66 16.02 29.14
CA PRO L 242 9.69 17.02 29.21
C PRO L 242 10.07 17.48 30.59
N TYR L 243 9.66 16.73 31.63
CA TYR L 243 9.78 17.02 33.04
C TYR L 243 11.19 17.23 33.54
N GLU L 244 12.24 16.76 32.84
CA GLU L 244 13.58 16.60 33.37
C GLU L 244 14.04 17.67 34.31
N ASN L 245 14.06 18.98 34.06
CA ASN L 245 14.38 19.84 35.18
C ASN L 245 13.06 20.39 35.59
N CYS L 246 12.35 19.63 36.46
CA CYS L 246 11.05 19.97 36.90
C CYS L 246 11.19 20.42 38.32
N LEU L 247 10.51 21.53 38.70
CA LEU L 247 10.69 22.01 40.03
C LEU L 247 9.58 21.47 40.85
N LEU L 248 9.92 20.77 41.95
CA LEU L 248 8.88 20.24 42.76
C LEU L 248 9.03 20.90 44.08
N VAL L 249 7.90 21.32 44.68
CA VAL L 249 8.03 21.95 45.94
C VAL L 249 7.28 21.13 46.93
N LEU L 250 7.95 20.66 47.99
CA LEU L 250 7.19 19.92 48.95
C LEU L 250 6.96 20.86 50.08
N LEU L 251 5.68 21.19 50.33
CA LEU L 251 5.36 22.11 51.37
C LEU L 251 5.11 21.35 52.64
N ASN L 252 5.59 21.93 53.75
CA ASN L 252 5.40 21.37 55.07
C ASN L 252 5.78 19.92 55.10
N VAL L 253 7.07 19.60 54.85
CA VAL L 253 7.46 18.21 54.88
C VAL L 253 7.87 17.86 56.26
N GLN L 254 7.06 17.01 56.93
CA GLN L 254 7.27 16.56 58.27
C GLN L 254 8.32 15.48 58.36
N ASN L 255 8.30 14.49 57.44
CA ASN L 255 9.13 13.33 57.62
C ASN L 255 10.27 13.30 56.64
N ALA L 256 11.40 12.73 57.10
CA ALA L 256 12.64 12.60 56.40
C ALA L 256 12.46 11.74 55.20
N LYS L 257 11.60 10.72 55.30
CA LYS L 257 11.45 9.78 54.24
C LYS L 257 11.07 10.50 52.98
N ALA L 258 10.27 11.56 53.08
CA ALA L 258 9.89 12.26 51.88
C ALA L 258 11.15 12.76 51.25
N TRP L 259 12.08 13.24 52.09
CA TRP L 259 13.33 13.78 51.66
C TRP L 259 14.12 12.70 51.00
N ASN L 260 14.14 11.48 51.56
CA ASN L 260 14.90 10.43 50.93
C ASN L 260 14.25 10.04 49.63
N ALA L 261 12.91 10.09 49.56
CA ALA L 261 12.21 9.73 48.37
C ALA L 261 12.67 10.69 47.31
N PHE L 262 12.96 11.93 47.74
CA PHE L 262 13.43 12.98 46.88
C PHE L 262 14.67 12.47 46.23
N ASN L 263 15.54 11.80 47.01
CA ASN L 263 16.82 11.37 46.51
C ASN L 263 16.54 10.56 45.28
N LEU L 264 15.57 9.64 45.37
CA LEU L 264 15.23 8.97 44.16
C LEU L 264 14.13 9.81 43.59
N SER L 265 14.50 10.92 42.93
CA SER L 265 13.53 11.84 42.38
C SER L 265 14.27 12.94 41.71
N CYS L 266 13.69 14.15 41.76
CA CYS L 266 14.29 15.29 41.09
C CYS L 266 14.56 16.38 42.07
N LYS L 267 14.69 17.64 41.58
CA LYS L 267 15.02 18.82 42.33
C LYS L 267 13.84 19.28 43.13
N ILE L 268 14.11 19.86 44.32
CA ILE L 268 13.04 20.26 45.21
C ILE L 268 13.38 21.51 45.96
N LEU L 269 12.32 22.29 46.30
CA LEU L 269 12.36 23.35 47.25
C LEU L 269 11.54 22.85 48.39
N LEU L 270 12.06 22.89 49.63
CA LEU L 270 11.27 22.34 50.67
C LEU L 270 11.07 23.36 51.75
N THR L 271 9.89 23.35 52.38
CA THR L 271 9.62 24.23 53.50
C THR L 271 9.43 23.31 54.68
N THR L 272 10.18 23.55 55.79
CA THR L 272 10.02 22.66 56.91
C THR L 272 10.26 23.39 58.20
N ARG L 273 9.57 22.97 59.27
CA ARG L 273 9.61 23.49 60.61
C ARG L 273 10.78 23.02 61.41
N PHE L 274 11.62 22.17 60.84
CA PHE L 274 12.76 21.74 61.58
C PHE L 274 13.88 22.32 60.77
N LYS L 275 15.10 22.43 61.33
CA LYS L 275 16.31 22.61 60.56
C LYS L 275 16.96 21.27 60.36
N GLN L 276 16.92 20.38 61.39
CA GLN L 276 17.75 19.22 61.26
C GLN L 276 17.25 18.31 60.18
N VAL L 277 15.94 18.30 59.90
CA VAL L 277 15.41 17.48 58.83
C VAL L 277 16.15 17.82 57.58
N THR L 278 16.37 19.12 57.39
CA THR L 278 17.04 19.71 56.28
C THR L 278 18.43 19.16 56.22
N ASP L 279 19.06 19.11 57.39
CA ASP L 279 20.42 18.72 57.52
C ASP L 279 20.56 17.30 57.08
N PHE L 280 19.60 16.43 57.50
CA PHE L 280 19.69 15.03 57.17
C PHE L 280 19.60 14.85 55.69
N LEU L 281 18.68 15.58 55.05
CA LEU L 281 18.46 15.46 53.65
C LEU L 281 19.70 15.84 52.90
N SER L 282 20.39 16.90 53.35
CA SER L 282 21.59 17.40 52.74
C SER L 282 22.67 16.37 52.88
N ALA L 283 22.66 15.65 54.00
CA ALA L 283 23.69 14.66 54.17
C ALA L 283 23.48 13.55 53.18
N ALA L 284 22.21 13.10 53.02
CA ALA L 284 21.96 11.97 52.18
C ALA L 284 22.35 12.31 50.79
N THR L 285 21.86 13.47 50.31
CA THR L 285 22.22 13.93 49.01
C THR L 285 22.96 15.16 49.25
N THR L 286 24.18 15.25 48.69
CA THR L 286 25.01 16.41 48.90
C THR L 286 24.30 17.54 48.23
N THR L 287 24.98 18.69 48.06
CA THR L 287 24.34 19.83 47.49
C THR L 287 23.04 20.19 48.14
N HIS L 288 23.13 20.76 49.36
CA HIS L 288 21.97 21.28 50.01
C HIS L 288 22.16 22.76 50.10
N ILE L 289 21.02 23.50 50.07
CA ILE L 289 21.04 24.93 50.17
C ILE L 289 20.09 25.26 51.28
N SER L 290 20.45 26.20 52.18
CA SER L 290 19.51 26.41 53.24
C SER L 290 19.15 27.86 53.30
N LEU L 291 17.85 28.14 53.42
CA LEU L 291 17.39 29.49 53.59
C LEU L 291 16.59 29.43 54.85
N ASP L 292 17.04 30.15 55.88
CA ASP L 292 16.34 30.11 57.12
C ASP L 292 15.50 31.37 57.20
N HIS L 293 14.26 31.35 57.77
CA HIS L 293 13.62 30.22 58.38
C HIS L 293 14.39 30.01 59.69
N HIS L 294 15.23 30.97 59.95
CA HIS L 294 16.11 31.01 61.06
C HIS L 294 16.94 32.09 60.50
N SER L 295 18.03 32.47 61.18
CA SER L 295 18.94 33.48 60.72
C SER L 295 18.62 34.76 61.47
N MET L 296 18.95 35.88 60.81
CA MET L 296 18.86 37.28 61.19
C MET L 296 17.44 37.79 61.30
N THR L 297 16.50 37.24 60.51
CA THR L 297 15.09 37.58 60.41
C THR L 297 14.69 38.93 59.86
N LEU L 298 15.26 39.35 58.71
CA LEU L 298 14.66 40.50 58.04
C LEU L 298 14.80 41.70 58.91
N THR L 299 13.82 42.60 58.78
CA THR L 299 13.74 43.79 59.58
C THR L 299 12.36 43.89 60.15
N PRO L 300 12.27 44.01 61.45
CA PRO L 300 10.99 44.10 62.10
C PRO L 300 10.24 45.33 61.72
N ASP L 301 10.94 46.40 61.30
CA ASP L 301 10.25 47.60 60.93
C ASP L 301 9.42 47.29 59.72
N GLU L 302 10.02 46.60 58.75
CA GLU L 302 9.34 46.29 57.52
C GLU L 302 8.21 45.36 57.81
N VAL L 303 8.46 44.37 58.69
CA VAL L 303 7.45 43.38 58.97
C VAL L 303 6.32 44.11 59.60
N LYS L 304 6.61 44.99 60.56
CA LYS L 304 5.55 45.63 61.27
C LYS L 304 4.74 46.42 60.30
N SER L 305 5.40 47.04 59.30
CA SER L 305 4.68 47.86 58.37
C SER L 305 3.75 46.97 57.61
N LEU L 306 4.12 45.69 57.46
CA LEU L 306 3.35 44.74 56.73
C LEU L 306 2.04 44.62 57.39
N LEU L 307 2.09 44.36 58.69
CA LEU L 307 0.92 44.07 59.43
C LEU L 307 0.15 45.33 59.43
N LEU L 308 0.90 46.44 59.46
CA LEU L 308 0.36 47.74 59.59
C LEU L 308 -0.51 48.03 58.42
N LYS L 309 -0.13 47.65 57.19
CA LYS L 309 -1.06 48.00 56.16
C LYS L 309 -2.27 47.12 56.20
N TYR L 310 -2.10 45.84 56.60
CA TYR L 310 -3.22 44.95 56.67
C TYR L 310 -4.26 45.58 57.53
N LEU L 311 -3.80 45.87 58.75
CA LEU L 311 -4.57 46.36 59.85
C LEU L 311 -4.93 47.84 59.78
N ASP L 312 -4.04 48.68 59.22
CA ASP L 312 -4.06 50.13 59.22
C ASP L 312 -4.18 50.72 60.63
N CYS L 313 -3.03 50.81 61.39
CA CYS L 313 -2.98 51.22 62.79
C CYS L 313 -2.19 52.48 63.10
N ARG L 314 -1.78 52.63 64.40
CA ARG L 314 -1.08 53.77 64.94
C ARG L 314 0.22 53.36 65.58
N PRO L 315 1.18 54.26 65.46
CA PRO L 315 2.55 54.10 65.92
C PRO L 315 2.67 53.85 67.39
N GLN L 316 1.78 54.46 68.19
CA GLN L 316 1.84 54.23 69.61
C GLN L 316 1.52 52.78 69.78
N ASP L 317 0.60 52.33 68.92
CA ASP L 317 0.11 50.99 68.94
C ASP L 317 1.17 50.02 68.56
N LEU L 318 2.15 50.50 67.79
CA LEU L 318 3.11 49.62 67.19
C LEU L 318 3.81 48.74 68.13
N PRO L 319 4.29 49.23 69.23
CA PRO L 319 5.03 48.37 70.09
C PRO L 319 4.18 47.23 70.55
N ARG L 320 2.86 47.38 70.55
CA ARG L 320 2.12 46.23 70.95
C ARG L 320 2.35 45.16 69.92
N GLU L 321 2.35 45.58 68.65
CA GLU L 321 2.47 44.74 67.49
C GLU L 321 3.83 44.14 67.42
N VAL L 322 4.85 44.92 67.84
CA VAL L 322 6.22 44.57 67.68
C VAL L 322 6.30 43.23 68.32
N LEU L 323 5.58 43.06 69.44
CA LEU L 323 5.54 41.75 70.04
C LEU L 323 4.38 41.02 69.43
N THR L 324 4.58 39.74 69.11
CA THR L 324 5.83 39.09 69.33
C THR L 324 6.57 39.02 68.03
N THR L 325 7.81 38.50 68.08
CA THR L 325 8.66 38.42 66.93
C THR L 325 8.10 37.51 65.88
N ASN L 326 7.54 36.33 66.28
CA ASN L 326 7.20 35.39 65.24
C ASN L 326 6.08 35.82 64.37
N PRO L 327 6.35 35.58 63.12
CA PRO L 327 5.45 35.89 62.05
C PRO L 327 4.21 35.07 62.14
N ARG L 328 4.27 33.82 62.66
CA ARG L 328 3.02 33.12 62.66
C ARG L 328 2.13 33.80 63.63
N ARG L 329 2.71 34.18 64.79
CA ARG L 329 1.93 34.80 65.80
C ARG L 329 1.48 36.13 65.32
N LEU L 330 2.35 36.81 64.54
CA LEU L 330 1.99 38.12 64.11
C LEU L 330 0.76 37.97 63.28
N SER L 331 0.70 36.97 62.42
CA SER L 331 -0.44 37.00 61.59
C SER L 331 -1.66 36.44 62.30
N ILE L 332 -1.49 35.52 63.29
CA ILE L 332 -2.65 35.09 64.02
C ILE L 332 -3.24 36.29 64.71
N ILE L 333 -2.36 37.14 65.27
CA ILE L 333 -2.77 38.32 65.97
C ILE L 333 -3.41 39.23 64.96
N ALA L 334 -2.80 39.39 63.77
CA ALA L 334 -3.26 40.33 62.79
C ALA L 334 -4.66 40.00 62.40
N GLU L 335 -4.95 38.69 62.22
CA GLU L 335 -6.27 38.30 61.84
C GLU L 335 -7.21 38.72 62.94
N SER L 336 -6.82 38.50 64.21
CA SER L 336 -7.66 38.78 65.33
C SER L 336 -7.92 40.25 65.39
N ILE L 337 -6.89 41.06 65.14
CA ILE L 337 -7.01 42.48 65.17
C ILE L 337 -7.91 42.95 64.08
N ARG L 338 -7.95 42.29 62.90
CA ARG L 338 -8.88 42.80 61.94
C ARG L 338 -10.23 42.68 62.57
N ASP L 339 -10.48 41.58 63.29
CA ASP L 339 -11.72 41.51 64.00
C ASP L 339 -11.80 42.40 65.24
N GLY L 340 -10.70 42.65 66.02
CA GLY L 340 -10.72 43.37 67.29
C GLY L 340 -9.43 44.24 67.50
N LEU L 341 -8.75 44.31 68.72
CA LEU L 341 -7.74 45.36 69.09
C LEU L 341 -6.15 45.07 69.32
N ALA L 342 -5.10 46.09 69.29
CA ALA L 342 -3.81 45.93 69.94
C ALA L 342 -4.14 46.71 71.15
N THR L 343 -4.88 46.08 72.10
CA THR L 343 -5.28 46.81 73.25
C THR L 343 -5.51 45.88 74.38
N TRP L 344 -6.35 46.33 75.34
CA TRP L 344 -6.60 45.56 76.52
C TRP L 344 -7.21 44.25 76.12
N ASP L 345 -8.14 44.26 75.16
CA ASP L 345 -8.77 43.02 74.77
C ASP L 345 -7.76 42.10 74.16
N ASN L 346 -6.89 42.62 73.27
CA ASN L 346 -5.92 41.87 72.53
C ASN L 346 -4.98 41.21 73.48
N TRP L 347 -4.42 42.01 74.39
CA TRP L 347 -3.48 41.51 75.33
C TRP L 347 -4.20 40.52 76.18
N LYS L 348 -5.49 40.79 76.44
CA LYS L 348 -6.27 39.96 77.31
C LYS L 348 -6.30 38.56 76.79
N HIS L 349 -6.52 38.38 75.46
CA HIS L 349 -6.62 37.07 74.90
C HIS L 349 -5.31 36.35 75.00
N VAL L 350 -4.23 37.08 74.62
CA VAL L 350 -2.84 36.72 74.46
C VAL L 350 -2.59 35.93 73.18
N ASN L 351 -3.54 35.97 72.22
CA ASN L 351 -3.46 35.30 70.93
C ASN L 351 -3.07 33.87 71.04
N CYS L 352 -3.81 33.17 71.91
CA CYS L 352 -3.73 31.75 72.11
C CYS L 352 -4.67 30.93 71.31
N ASP L 353 -5.80 31.51 70.83
CA ASP L 353 -6.87 30.69 70.32
C ASP L 353 -6.38 29.78 69.23
N LYS L 354 -5.74 30.34 68.19
CA LYS L 354 -5.24 29.53 67.13
C LYS L 354 -4.08 28.68 67.57
N LEU L 355 -3.11 29.31 68.24
CA LEU L 355 -1.86 28.70 68.56
C LEU L 355 -1.99 27.54 69.51
N THR L 356 -2.87 27.64 70.52
CA THR L 356 -2.94 26.59 71.49
C THR L 356 -3.30 25.32 70.78
N THR L 357 -4.30 25.38 69.89
CA THR L 357 -4.69 24.19 69.20
C THR L 357 -3.54 23.74 68.34
N ILE L 358 -2.84 24.71 67.72
CA ILE L 358 -1.80 24.42 66.80
C ILE L 358 -0.69 23.66 67.48
N ILE L 359 -0.26 24.15 68.66
CA ILE L 359 0.81 23.57 69.41
C ILE L 359 0.43 22.20 69.86
N GLU L 360 -0.86 22.01 70.22
CA GLU L 360 -1.30 20.77 70.77
C GLU L 360 -0.96 19.66 69.84
N SER L 361 -1.18 19.87 68.53
CA SER L 361 -0.89 18.83 67.59
C SER L 361 0.58 18.57 67.62
N SER L 362 1.38 19.62 67.89
CA SER L 362 2.80 19.51 67.91
C SER L 362 3.23 18.57 69.00
N LEU L 363 2.56 18.64 70.16
CA LEU L 363 2.96 17.84 71.29
C LEU L 363 2.76 16.39 70.95
N ASN L 364 1.66 16.07 70.25
CA ASN L 364 1.29 14.71 69.98
C ASN L 364 2.36 14.04 69.20
N VAL L 365 3.07 14.79 68.33
CA VAL L 365 4.03 14.18 67.46
C VAL L 365 5.12 13.47 68.23
N LEU L 366 5.55 14.01 69.40
CA LEU L 366 6.60 13.40 70.20
C LEU L 366 5.96 12.36 71.14
N GLU L 367 6.76 11.63 72.00
CA GLU L 367 6.24 10.59 72.87
C GLU L 367 6.04 11.13 74.26
N PRO L 368 4.79 11.10 74.64
CA PRO L 368 4.28 11.69 75.84
C PRO L 368 4.89 11.26 77.14
N ALA L 369 5.25 9.98 77.32
CA ALA L 369 5.65 9.67 78.65
C ALA L 369 6.90 10.41 79.02
N GLU L 370 7.99 10.16 78.28
CA GLU L 370 9.21 10.81 78.68
C GLU L 370 9.26 12.23 78.21
N TYR L 371 9.08 12.43 76.90
CA TYR L 371 9.26 13.71 76.28
C TYR L 371 8.19 14.67 76.68
N ARG L 372 6.93 14.22 76.65
CA ARG L 372 5.87 15.13 76.98
C ARG L 372 6.07 15.56 78.40
N LYS L 373 6.44 14.62 79.28
CA LYS L 373 6.65 14.91 80.66
C LYS L 373 7.84 15.79 80.83
N MET L 374 8.94 15.47 80.13
CA MET L 374 10.16 16.20 80.30
C MET L 374 9.99 17.64 79.90
N PHE L 375 9.27 17.88 78.80
CA PHE L 375 8.96 19.21 78.34
C PHE L 375 8.03 19.88 79.29
N ASP L 376 7.08 19.11 79.85
CA ASP L 376 6.03 19.70 80.65
C ASP L 376 6.64 20.43 81.81
N ARG L 377 7.79 19.95 82.30
CA ARG L 377 8.48 20.48 83.44
C ARG L 377 9.02 21.87 83.19
N LEU L 378 9.41 22.19 81.95
CA LEU L 378 10.15 23.40 81.62
C LEU L 378 9.41 24.62 82.06
N SER L 379 8.10 24.49 82.34
CA SER L 379 7.25 25.59 82.68
C SER L 379 7.80 26.49 83.81
N VAL L 380 8.13 26.01 85.05
CA VAL L 380 8.58 26.89 86.15
C VAL L 380 10.00 27.27 85.89
N PHE L 381 10.17 28.32 85.06
CA PHE L 381 11.43 28.88 84.69
C PHE L 381 11.14 30.25 84.18
N PRO L 382 12.15 31.06 84.25
CA PRO L 382 11.96 32.36 83.67
C PRO L 382 11.98 32.31 82.18
N PRO L 383 11.09 33.05 81.59
CA PRO L 383 10.98 33.09 80.16
C PRO L 383 11.99 33.99 79.56
N SER L 384 12.47 33.66 78.35
CA SER L 384 13.37 34.50 77.63
C SER L 384 14.53 34.81 78.52
N ALA L 385 14.82 33.93 79.49
CA ALA L 385 15.93 34.23 80.33
C ALA L 385 16.83 33.05 80.30
N HIS L 386 17.99 33.22 79.64
CA HIS L 386 19.00 32.22 79.46
C HIS L 386 19.20 31.47 80.75
N ILE L 387 18.80 30.19 80.75
CA ILE L 387 18.90 29.39 81.93
C ILE L 387 19.85 28.28 81.64
N PRO L 388 20.83 28.14 82.48
CA PRO L 388 21.84 27.15 82.26
C PRO L 388 21.32 25.75 82.36
N THR L 389 22.03 24.80 81.72
CA THR L 389 21.63 23.42 81.66
C THR L 389 21.60 22.84 83.03
N ILE L 390 22.57 23.21 83.89
CA ILE L 390 22.64 22.65 85.21
C ILE L 390 21.33 22.92 85.87
N LEU L 391 20.78 24.13 85.64
CA LEU L 391 19.52 24.52 86.17
C LEU L 391 18.46 23.67 85.55
N LEU L 392 18.62 23.41 84.25
CA LEU L 392 17.69 22.71 83.43
C LEU L 392 17.57 21.30 83.93
N SER L 393 18.70 20.71 84.35
CA SER L 393 18.73 19.34 84.78
C SER L 393 17.81 19.16 85.95
N LEU L 394 17.68 20.17 86.83
CA LEU L 394 16.86 19.96 87.98
C LEU L 394 15.47 19.65 87.52
N ILE L 395 14.92 20.50 86.64
CA ILE L 395 13.60 20.34 86.14
C ILE L 395 13.52 19.16 85.21
N TRP L 396 14.50 19.03 84.29
CA TRP L 396 14.34 18.01 83.31
C TRP L 396 14.41 16.65 83.96
N PHE L 397 15.28 16.45 84.97
CA PHE L 397 15.44 15.14 85.53
C PHE L 397 14.18 14.61 86.16
N ASP L 398 13.48 13.69 85.47
CA ASP L 398 12.50 12.83 86.08
C ASP L 398 13.20 11.56 86.45
N VAL L 399 14.27 11.08 85.57
CA VAL L 399 15.15 9.96 85.62
C VAL L 399 16.47 10.64 85.57
N ILE L 400 17.60 9.97 85.86
CA ILE L 400 18.74 10.83 85.87
C ILE L 400 19.90 10.29 85.10
N LYS L 401 20.57 11.25 84.42
CA LYS L 401 21.75 11.11 83.62
C LYS L 401 21.45 11.65 82.27
N SER L 402 22.30 11.30 81.28
CA SER L 402 22.24 11.84 79.96
C SER L 402 20.91 11.53 79.35
N ASP L 403 20.10 10.67 80.00
CA ASP L 403 18.84 10.27 79.47
C ASP L 403 18.08 11.53 79.23
N VAL L 404 18.15 12.41 80.21
CA VAL L 404 17.50 13.69 80.19
C VAL L 404 18.09 14.49 79.09
N MET L 405 19.41 14.32 78.87
CA MET L 405 20.11 15.06 77.86
C MET L 405 19.54 14.70 76.52
N VAL L 406 19.36 13.40 76.25
CA VAL L 406 18.85 12.92 74.98
C VAL L 406 17.39 13.21 74.82
N VAL L 407 16.60 13.00 75.89
CA VAL L 407 15.18 13.10 75.76
C VAL L 407 14.83 14.50 75.35
N VAL L 408 15.53 15.52 75.88
CA VAL L 408 15.26 16.86 75.43
C VAL L 408 15.64 16.95 73.99
N ASN L 409 16.72 16.23 73.61
CA ASN L 409 17.34 16.33 72.33
C ASN L 409 16.37 16.01 71.23
N LYS L 410 15.54 14.97 71.41
CA LYS L 410 14.65 14.55 70.36
C LYS L 410 13.72 15.67 70.02
N LEU L 411 13.31 16.43 71.05
CA LEU L 411 12.44 17.53 70.76
C LEU L 411 13.20 18.75 70.24
N HIS L 412 14.37 19.03 70.90
CA HIS L 412 15.21 20.17 71.22
C HIS L 412 15.67 20.78 69.97
N LYS L 413 15.85 19.95 68.95
CA LYS L 413 16.58 20.34 67.82
C LYS L 413 15.91 21.56 67.26
N TYR L 414 14.56 21.67 67.57
CA TYR L 414 13.46 21.75 66.61
C TYR L 414 13.64 23.07 66.05
N SER L 415 13.70 23.94 67.03
CA SER L 415 13.26 25.22 66.95
C SER L 415 12.95 25.47 68.36
N LEU L 416 11.78 26.08 68.53
CA LEU L 416 11.52 26.92 69.63
C LEU L 416 10.60 26.17 70.51
N VAL L 417 10.82 24.84 70.54
CA VAL L 417 10.32 24.14 71.66
C VAL L 417 11.19 24.56 72.81
N GLU L 418 12.47 24.16 72.78
CA GLU L 418 13.57 24.69 73.53
C GLU L 418 14.73 24.95 72.63
N LYS L 419 15.61 25.92 73.00
CA LYS L 419 16.74 26.17 72.16
C LYS L 419 17.97 26.13 73.01
N GLN L 420 19.06 25.55 72.46
CA GLN L 420 20.26 25.52 73.25
C GLN L 420 21.38 26.17 72.48
N PRO L 421 21.89 27.22 73.07
CA PRO L 421 22.99 27.94 72.50
C PRO L 421 24.29 27.21 72.55
N LYS L 422 24.41 26.51 73.59
CA LYS L 422 25.66 25.84 73.77
C LYS L 422 25.48 24.93 74.95
N GLU L 423 26.57 24.30 75.40
CA GLU L 423 26.55 23.35 76.48
C GLU L 423 26.06 24.06 77.71
N SER L 424 26.32 25.38 77.80
CA SER L 424 26.00 26.21 78.93
C SER L 424 24.53 26.28 79.25
N THR L 425 23.65 26.73 78.32
CA THR L 425 22.29 26.90 78.80
C THR L 425 21.29 26.63 77.74
N ILE L 426 20.02 26.46 78.18
CA ILE L 426 18.96 26.33 77.24
C ILE L 426 17.94 27.33 77.66
N SER L 427 17.25 27.96 76.70
CA SER L 427 16.27 28.91 77.12
C SER L 427 14.98 28.41 76.59
N ILE L 428 13.84 28.89 77.15
CA ILE L 428 12.57 28.53 76.59
C ILE L 428 12.37 29.46 75.42
N PRO L 429 12.08 28.86 74.30
CA PRO L 429 12.19 29.61 73.11
C PRO L 429 11.56 30.86 72.88
N SER L 430 10.29 30.94 73.21
CA SER L 430 9.70 32.18 72.97
C SER L 430 8.40 32.04 73.64
N ILE L 431 7.60 33.09 73.46
CA ILE L 431 6.31 33.28 74.03
C ILE L 431 5.40 32.17 73.57
N TYR L 432 5.57 31.71 72.32
CA TYR L 432 4.65 30.76 71.77
C TYR L 432 4.57 29.50 72.56
N LEU L 433 5.72 28.85 72.84
CA LEU L 433 5.67 27.58 73.50
C LEU L 433 5.13 27.79 74.88
N GLU L 434 5.69 28.80 75.57
CA GLU L 434 5.37 29.05 76.95
C GLU L 434 3.93 29.41 77.06
N LEU L 435 3.42 30.15 76.06
CA LEU L 435 2.07 30.61 76.13
C LEU L 435 1.22 29.39 76.20
N LYS L 436 1.58 28.36 75.45
CA LYS L 436 0.81 27.15 75.46
C LYS L 436 0.82 26.58 76.84
N VAL L 437 2.02 26.44 77.43
CA VAL L 437 2.15 25.76 78.69
C VAL L 437 1.47 26.51 79.78
N LYS L 438 1.58 27.85 79.80
CA LYS L 438 1.04 28.56 80.91
C LYS L 438 -0.43 28.32 81.08
N LEU L 439 -1.21 28.28 79.98
CA LEU L 439 -2.61 28.05 80.15
C LEU L 439 -2.85 26.69 80.75
N GLU L 440 -2.13 25.66 80.25
CA GLU L 440 -2.40 24.33 80.73
C GLU L 440 -1.40 23.92 81.75
N ASN L 441 -1.86 23.73 83.00
CA ASN L 441 -0.93 23.31 84.02
C ASN L 441 -1.76 22.60 85.05
N GLU L 442 -1.11 21.83 85.96
CA GLU L 442 -1.80 21.08 86.98
C GLU L 442 -1.08 21.36 88.26
N TYR L 443 -1.55 20.88 89.43
CA TYR L 443 -0.79 21.40 90.51
C TYR L 443 0.32 20.46 90.81
N ALA L 444 1.24 20.36 89.82
CA ALA L 444 2.57 19.83 89.80
C ALA L 444 3.45 20.92 90.33
N LEU L 445 2.97 22.17 90.16
CA LEU L 445 3.73 23.34 90.41
C LEU L 445 4.30 23.33 91.78
N HIS L 446 3.56 22.84 92.80
CA HIS L 446 4.09 22.90 94.14
C HIS L 446 5.39 22.19 94.20
N ARG L 447 5.49 20.98 93.64
CA ARG L 447 6.72 20.25 93.73
C ARG L 447 7.80 21.01 93.02
N SER L 448 7.48 21.59 91.86
CA SER L 448 8.49 22.26 91.10
C SER L 448 9.02 23.43 91.87
N ILE L 449 8.12 24.21 92.49
CA ILE L 449 8.55 25.38 93.20
C ILE L 449 9.40 24.94 94.34
N VAL L 450 9.02 23.83 95.01
CA VAL L 450 9.77 23.40 96.14
C VAL L 450 11.15 23.03 95.69
N ASP L 451 11.28 22.47 94.47
CA ASP L 451 12.55 22.05 93.99
C ASP L 451 13.45 23.24 93.94
N HIS L 452 12.91 24.40 93.53
CA HIS L 452 13.72 25.58 93.42
C HIS L 452 14.24 25.95 94.77
N TYR L 453 13.42 25.82 95.83
CA TYR L 453 13.93 26.19 97.12
C TYR L 453 15.09 25.29 97.42
N ASN L 454 14.94 24.00 97.12
CA ASN L 454 15.96 23.05 97.45
C ASN L 454 17.22 23.38 96.74
N ILE L 455 17.14 23.81 95.46
CA ILE L 455 18.37 24.04 94.76
C ILE L 455 19.19 25.13 95.41
N PRO L 456 18.73 26.33 95.74
CA PRO L 456 19.64 27.16 96.47
C PRO L 456 19.97 26.68 97.84
N LYS L 457 19.12 25.83 98.45
CA LYS L 457 19.45 25.34 99.74
C LYS L 457 20.73 24.57 99.63
N THR L 458 20.83 23.71 98.61
CA THR L 458 22.00 22.90 98.43
C THR L 458 23.17 23.79 98.18
N PHE L 459 23.00 24.79 97.30
CA PHE L 459 24.10 25.68 97.04
C PHE L 459 24.37 26.40 98.31
N ASP L 460 25.61 26.28 98.83
CA ASP L 460 25.88 26.99 100.04
C ASP L 460 27.36 27.08 100.21
N SER L 461 27.86 28.28 100.53
CA SER L 461 29.25 28.45 100.81
C SER L 461 29.30 28.89 102.24
N ASP L 462 30.47 28.80 102.91
CA ASP L 462 30.52 29.13 104.30
C ASP L 462 30.07 30.54 104.46
N ASP L 463 30.67 31.44 103.67
CA ASP L 463 30.27 32.81 103.79
C ASP L 463 29.15 33.10 102.85
N LEU L 464 28.84 34.40 102.74
CA LEU L 464 27.74 35.01 102.07
C LEU L 464 27.78 34.96 100.58
N ILE L 465 28.83 34.41 99.94
CA ILE L 465 28.89 34.47 98.50
C ILE L 465 28.44 33.18 97.85
N PRO L 466 27.44 33.35 97.01
CA PRO L 466 26.84 32.26 96.26
C PRO L 466 27.64 31.80 95.07
N PRO L 467 27.46 30.55 94.76
CA PRO L 467 28.08 29.90 93.62
C PRO L 467 27.45 30.22 92.30
N TYR L 468 26.44 31.13 92.28
CA TYR L 468 25.64 31.50 91.12
C TYR L 468 26.35 31.32 89.82
N LEU L 469 25.58 30.80 88.85
CA LEU L 469 26.02 30.42 87.54
C LEU L 469 25.83 31.57 86.61
N ASP L 470 25.53 31.34 85.32
CA ASP L 470 25.57 32.44 84.39
C ASP L 470 24.70 33.60 84.81
N GLN L 471 23.45 33.68 84.31
CA GLN L 471 22.59 34.74 84.78
C GLN L 471 21.38 34.27 85.52
N TYR L 472 20.92 33.04 85.21
CA TYR L 472 19.62 32.53 85.58
C TYR L 472 19.39 32.77 87.01
N PHE L 473 20.33 32.31 87.82
CA PHE L 473 20.11 32.37 89.23
C PHE L 473 19.91 33.78 89.64
N TYR L 474 20.75 34.70 89.14
CA TYR L 474 20.65 36.05 89.60
C TYR L 474 19.28 36.59 89.31
N SER L 475 18.79 36.45 88.07
CA SER L 475 17.49 36.98 87.76
C SER L 475 16.39 36.21 88.45
N HIS L 476 16.38 34.89 88.21
CA HIS L 476 15.36 33.92 88.53
C HIS L 476 15.19 33.64 90.00
N ILE L 477 16.28 33.63 90.79
CA ILE L 477 16.21 33.13 92.14
C ILE L 477 15.18 33.83 92.95
N GLY L 478 15.14 35.16 92.92
CA GLY L 478 14.21 35.88 93.75
C GLY L 478 12.81 35.53 93.37
N HIS L 479 12.55 35.40 92.04
CA HIS L 479 11.21 35.16 91.57
C HIS L 479 10.71 33.86 92.13
N HIS L 480 11.52 32.80 92.07
CA HIS L 480 11.07 31.52 92.54
C HIS L 480 10.85 31.62 94.01
N LEU L 481 11.75 32.35 94.70
CA LEU L 481 11.70 32.53 96.12
C LEU L 481 10.44 33.22 96.51
N LYS L 482 10.04 34.26 95.76
CA LYS L 482 8.88 35.00 96.15
C LYS L 482 7.74 34.04 96.20
N ASN L 483 7.65 33.18 95.19
CA ASN L 483 6.58 32.25 95.19
C ASN L 483 6.71 31.36 96.37
N ILE L 484 7.96 30.90 96.66
CA ILE L 484 8.07 29.92 97.71
C ILE L 484 7.73 30.48 99.06
N GLU L 485 8.35 31.59 99.48
CA GLU L 485 8.10 32.11 100.80
C GLU L 485 8.95 33.31 101.06
N HIS L 486 8.63 33.99 102.18
CA HIS L 486 9.33 35.14 102.68
C HIS L 486 10.69 34.83 103.23
N PRO L 487 10.88 33.87 104.12
CA PRO L 487 12.15 33.73 104.80
C PRO L 487 13.36 33.66 103.93
N GLU L 488 13.35 32.88 102.85
CA GLU L 488 14.53 32.77 102.02
C GLU L 488 14.77 34.09 101.39
N ARG L 489 13.66 34.74 100.99
CA ARG L 489 13.74 35.96 100.25
C ARG L 489 14.53 36.94 101.05
N MET L 490 14.27 37.00 102.36
CA MET L 490 14.91 37.95 103.22
C MET L 490 16.40 37.79 103.14
N THR L 491 16.90 36.56 103.31
CA THR L 491 18.33 36.38 103.31
C THR L 491 18.89 36.60 101.95
N LEU L 492 18.26 35.99 100.92
CA LEU L 492 18.77 36.04 99.59
C LEU L 492 18.75 37.41 99.03
N PHE L 493 17.64 38.15 99.23
CA PHE L 493 17.54 39.47 98.66
C PHE L 493 18.65 40.25 99.21
N ARG L 494 19.09 39.96 100.44
CA ARG L 494 20.30 40.64 100.78
C ARG L 494 19.88 42.10 100.85
N MET L 495 18.64 42.24 101.29
CA MET L 495 18.26 43.54 101.72
C MET L 495 18.97 43.50 103.02
N VAL L 496 18.89 42.29 103.61
CA VAL L 496 19.58 41.97 104.81
C VAL L 496 21.07 41.98 104.55
N PHE L 497 21.35 41.21 103.45
CA PHE L 497 22.74 41.01 103.27
C PHE L 497 23.26 41.82 102.18
N LEU L 498 24.41 42.28 102.61
CA LEU L 498 25.08 43.36 102.01
C LEU L 498 25.95 42.83 100.91
N ASP L 499 26.23 41.54 101.01
CA ASP L 499 27.01 40.90 100.02
C ASP L 499 26.39 40.95 98.66
N PHE L 500 25.08 40.82 98.48
CA PHE L 500 24.57 40.78 97.14
C PHE L 500 24.41 42.15 96.64
N ARG L 501 24.50 43.12 97.57
CA ARG L 501 24.67 44.44 97.07
C ARG L 501 25.87 44.34 96.19
N PHE L 502 27.01 43.87 96.75
CA PHE L 502 28.22 43.56 96.04
C PHE L 502 27.94 42.67 94.86
N LEU L 503 27.54 41.37 95.04
CA LEU L 503 27.67 40.48 93.95
C LEU L 503 26.73 40.72 92.85
N GLU L 504 25.45 40.97 93.16
CA GLU L 504 24.53 41.14 92.07
C GLU L 504 24.98 42.28 91.25
N GLN L 505 25.34 43.37 91.92
CA GLN L 505 25.71 44.58 91.27
C GLN L 505 26.94 44.39 90.42
N LYS L 506 28.05 43.85 90.96
CA LYS L 506 29.19 43.85 90.08
C LYS L 506 29.02 42.87 88.97
N ILE L 507 28.42 41.69 89.24
CA ILE L 507 28.30 40.76 88.15
C ILE L 507 27.42 41.22 87.03
N ARG L 508 26.25 41.84 87.27
CA ARG L 508 25.51 42.19 86.08
C ARG L 508 25.96 43.54 85.59
N HIS L 509 27.29 43.69 85.42
CA HIS L 509 27.98 44.78 84.79
C HIS L 509 28.20 44.47 83.34
N ASP L 510 28.25 43.16 83.01
CA ASP L 510 28.61 42.64 81.72
C ASP L 510 27.58 42.92 80.68
N SER L 511 28.09 43.33 79.50
CA SER L 511 27.36 43.60 78.29
C SER L 511 28.42 43.99 77.31
N THR L 512 28.04 44.16 76.04
CA THR L 512 29.02 44.63 75.10
C THR L 512 28.45 45.85 74.46
N ALA L 513 28.97 47.04 74.84
CA ALA L 513 28.49 48.23 74.20
C ALA L 513 29.61 49.20 74.20
N TRP L 514 29.81 49.90 73.07
CA TRP L 514 30.84 50.87 73.06
C TRP L 514 30.44 51.93 74.00
N ASN L 515 29.22 52.48 73.83
CA ASN L 515 28.78 53.59 74.61
C ASN L 515 28.58 53.18 76.02
N ALA L 516 28.79 54.16 76.90
CA ALA L 516 28.77 54.07 78.31
C ALA L 516 27.45 53.61 78.92
N SER L 517 26.30 53.82 78.25
CA SER L 517 25.21 53.14 78.88
C SER L 517 24.21 52.80 77.81
N GLY L 518 22.92 52.63 78.17
CA GLY L 518 21.81 52.17 77.43
C GLY L 518 21.08 51.43 78.48
N SER L 519 20.06 50.62 78.13
CA SER L 519 19.38 49.92 79.18
C SER L 519 19.66 48.46 78.99
N ILE L 520 20.38 47.85 79.94
CA ILE L 520 20.66 46.43 79.91
C ILE L 520 20.54 45.92 81.30
N LEU L 521 20.45 44.58 81.46
CA LEU L 521 20.37 44.00 82.77
C LEU L 521 21.50 44.49 83.61
N ASN L 522 21.13 45.20 84.68
CA ASN L 522 22.06 45.75 85.62
C ASN L 522 21.26 45.90 86.86
N THR L 523 21.37 47.08 87.48
CA THR L 523 20.67 47.40 88.69
C THR L 523 19.20 47.31 88.39
N LEU L 524 18.82 47.58 87.13
CA LEU L 524 17.44 47.68 86.77
C LEU L 524 16.71 46.43 87.17
N GLN L 525 17.27 45.24 86.88
CA GLN L 525 16.59 44.02 87.23
C GLN L 525 16.58 43.84 88.72
N GLN L 526 17.70 44.19 89.39
CA GLN L 526 17.86 44.00 90.81
C GLN L 526 16.76 44.73 91.53
N LEU L 527 16.55 46.01 91.18
CA LEU L 527 15.55 46.82 91.82
C LEU L 527 14.23 46.19 91.54
N LYS L 528 14.08 45.58 90.35
CA LYS L 528 12.83 44.98 89.98
C LYS L 528 12.51 43.87 90.93
N PHE L 529 13.52 43.08 91.34
CA PHE L 529 13.21 41.97 92.19
C PHE L 529 12.69 42.47 93.48
N TYR L 530 13.35 43.50 94.04
CA TYR L 530 12.98 43.92 95.35
C TYR L 530 11.54 44.34 95.38
N LYS L 531 11.08 45.11 94.38
CA LYS L 531 9.75 45.63 94.48
C LYS L 531 8.69 44.55 94.46
N PRO L 532 8.57 43.67 93.50
CA PRO L 532 7.50 42.70 93.62
C PRO L 532 7.67 41.61 94.65
N TYR L 533 8.91 41.26 95.00
CA TYR L 533 9.17 40.18 95.90
C TYR L 533 8.81 40.50 97.32
N ILE L 534 8.81 41.79 97.72
CA ILE L 534 8.70 42.20 99.11
C ILE L 534 7.45 41.67 99.73
N CYS L 535 6.36 41.48 98.96
CA CYS L 535 5.09 41.15 99.52
C CYS L 535 5.20 39.92 100.36
N ASP L 536 6.13 39.01 100.02
CA ASP L 536 6.23 37.79 100.74
C ASP L 536 6.55 38.11 102.18
N ASN L 537 7.10 39.32 102.44
CA ASN L 537 7.47 39.74 103.77
C ASN L 537 6.46 40.71 104.34
N ASP L 538 6.81 41.29 105.52
CA ASP L 538 6.00 42.24 106.23
C ASP L 538 6.61 43.63 106.19
N PRO L 539 6.03 44.55 106.92
CA PRO L 539 6.57 45.90 106.98
C PRO L 539 7.93 46.08 107.59
N LYS L 540 8.27 45.34 108.67
CA LYS L 540 9.52 45.57 109.34
C LYS L 540 10.59 45.39 108.33
N TYR L 541 10.48 44.29 107.58
CA TYR L 541 11.43 44.01 106.54
C TYR L 541 11.25 45.04 105.47
N GLU L 542 10.00 45.48 105.26
CA GLU L 542 9.68 46.40 104.21
C GLU L 542 10.46 47.66 104.41
N ARG L 543 10.56 48.13 105.66
CA ARG L 543 11.31 49.34 105.84
C ARG L 543 12.74 49.08 105.52
N LEU L 544 13.27 47.90 105.93
CA LEU L 544 14.65 47.61 105.71
C LEU L 544 14.88 47.60 104.24
N VAL L 545 13.98 46.94 103.50
CA VAL L 545 14.21 46.85 102.09
C VAL L 545 14.27 48.21 101.49
N ASN L 546 13.44 49.15 101.98
CA ASN L 546 13.50 50.45 101.40
C ASN L 546 14.82 51.08 101.71
N ALA L 547 15.37 50.79 102.91
CA ALA L 547 16.61 51.40 103.31
C ALA L 547 17.65 51.04 102.29
N ILE L 548 17.70 49.76 101.91
CA ILE L 548 18.68 49.32 100.96
C ILE L 548 18.36 49.97 99.67
N LEU L 549 17.05 50.05 99.36
CA LEU L 549 16.61 50.55 98.10
C LEU L 549 17.00 51.98 97.95
N ASP L 550 16.84 52.82 98.98
CA ASP L 550 17.20 54.20 98.82
C ASP L 550 18.68 54.29 98.63
N PHE L 551 19.45 53.41 99.30
CA PHE L 551 20.87 53.48 99.22
C PHE L 551 21.30 53.21 97.81
N LEU L 552 20.64 52.26 97.13
CA LEU L 552 21.04 51.90 95.80
C LEU L 552 20.92 53.05 94.84
N PRO L 553 19.81 53.73 94.69
CA PRO L 553 19.88 54.88 93.83
C PRO L 553 20.71 55.98 94.37
N LYS L 554 20.97 55.99 95.69
CA LYS L 554 21.75 57.07 96.23
C LYS L 554 23.10 57.02 95.59
N ILE L 555 23.67 55.81 95.50
CA ILE L 555 25.00 55.68 95.00
C ILE L 555 25.00 55.93 93.54
N GLU L 556 25.91 56.84 93.12
CA GLU L 556 26.05 57.30 91.77
C GLU L 556 26.95 56.41 90.98
N GLU L 557 26.93 56.64 89.66
CA GLU L 557 27.66 55.86 88.71
C GLU L 557 29.10 55.91 89.08
N ASN L 558 29.64 54.72 89.33
CA ASN L 558 31.01 54.48 89.65
C ASN L 558 31.19 53.02 89.39
N LEU L 559 32.41 52.52 89.60
CA LEU L 559 32.69 51.12 89.50
C LEU L 559 32.53 50.63 90.91
N ILE L 560 31.64 49.64 91.16
CA ILE L 560 31.49 49.09 92.48
C ILE L 560 32.76 48.36 92.74
N CYS L 561 33.19 47.56 91.75
CA CYS L 561 34.35 46.74 91.92
C CYS L 561 35.50 47.61 92.30
N SER L 562 36.09 47.27 93.45
CA SER L 562 37.16 47.95 94.11
C SER L 562 37.52 46.98 95.18
N LYS L 563 38.15 47.33 96.29
CA LYS L 563 38.03 46.24 97.16
C LYS L 563 36.72 46.24 97.73
N TYR L 564 36.52 45.11 98.31
CA TYR L 564 35.29 44.67 98.83
C TYR L 564 34.94 45.54 100.00
N THR L 565 35.96 46.16 100.57
CA THR L 565 35.94 47.06 101.66
C THR L 565 34.89 48.07 101.45
N ASP L 566 34.85 48.57 100.22
CA ASP L 566 34.06 49.73 99.98
C ASP L 566 32.65 49.50 100.33
N LEU L 567 32.15 48.32 100.00
CA LEU L 567 30.78 48.09 100.25
C LEU L 567 30.59 48.30 101.72
N LEU L 568 31.50 47.75 102.56
CA LEU L 568 31.21 47.81 103.95
C LEU L 568 31.27 49.24 104.43
N ARG L 569 32.20 50.13 103.92
CA ARG L 569 32.17 51.45 104.42
C ARG L 569 30.93 52.18 103.96
N ILE L 570 30.46 51.97 102.72
CA ILE L 570 29.27 52.72 102.40
C ILE L 570 28.13 52.27 103.25
N ALA L 571 28.11 50.98 103.61
CA ALA L 571 27.04 50.43 104.40
C ALA L 571 26.96 51.21 105.67
N LEU L 572 28.12 51.69 106.14
CA LEU L 572 28.29 52.34 107.41
C LEU L 572 27.45 53.59 107.52
N MET L 573 27.09 54.22 106.39
CA MET L 573 26.45 55.52 106.46
C MET L 573 25.18 55.58 107.29
N ALA L 574 24.19 54.66 107.14
CA ALA L 574 23.01 54.84 107.94
C ALA L 574 22.97 53.77 108.99
N GLU L 575 22.90 54.18 110.27
CA GLU L 575 22.97 53.29 111.41
C GLU L 575 21.78 52.37 111.49
N ASP L 576 20.61 52.84 111.04
CA ASP L 576 19.37 52.14 111.15
C ASP L 576 19.27 50.82 110.36
N GLU L 577 20.18 50.43 109.42
CA GLU L 577 19.90 49.31 108.51
C GLU L 577 20.61 47.98 108.70
N ALA L 578 19.92 46.91 108.22
CA ALA L 578 20.30 45.52 108.22
C ALA L 578 21.49 45.29 107.35
N ILE L 579 21.56 46.05 106.25
CA ILE L 579 22.65 45.97 105.33
C ILE L 579 23.92 46.19 106.07
N PHE L 580 23.96 47.20 106.96
CA PHE L 580 25.15 47.50 107.69
C PHE L 580 25.53 46.35 108.55
N GLU L 581 24.54 45.73 109.23
CA GLU L 581 24.89 44.66 110.10
C GLU L 581 25.53 43.59 109.28
N GLU L 582 25.00 43.34 108.07
CA GLU L 582 25.55 42.35 107.19
C GLU L 582 26.92 42.78 106.76
N ALA L 583 27.09 44.08 106.50
CA ALA L 583 28.35 44.59 106.03
C ALA L 583 29.38 44.29 107.08
N HIS L 584 29.02 44.48 108.35
CA HIS L 584 29.95 44.24 109.41
C HIS L 584 30.26 42.77 109.48
N LYS L 585 29.27 41.89 109.27
CA LYS L 585 29.54 40.49 109.38
C LYS L 585 30.52 40.09 108.34
N GLN L 586 30.26 40.52 107.10
CA GLN L 586 31.07 40.13 105.99
C GLN L 586 32.48 40.64 106.16
N VAL L 587 32.62 41.84 106.73
CA VAL L 587 33.95 42.28 107.03
C VAL L 587 34.54 41.26 107.97
N GLN L 588 33.82 40.85 109.01
CA GLN L 588 34.39 39.96 109.98
C GLN L 588 34.88 38.71 109.29
N ARG L 589 34.06 38.09 108.41
CA ARG L 589 34.58 36.93 107.74
C ARG L 589 35.02 37.41 106.38
N UNK L 590 62.38 29.02 97.73
CA UNK L 590 62.24 29.97 98.85
C UNK L 590 60.86 30.54 98.87
N UNK L 591 60.73 31.81 99.31
CA UNK L 591 59.45 32.43 99.36
C UNK L 591 58.99 32.61 97.94
N UNK L 592 57.67 32.50 97.72
CA UNK L 592 57.10 32.66 96.41
C UNK L 592 56.90 34.12 96.17
N UNK L 593 56.52 34.48 94.94
CA UNK L 593 56.32 35.86 94.61
C UNK L 593 55.25 36.37 95.52
N UNK L 594 55.32 37.68 95.82
CA UNK L 594 54.40 38.31 96.73
C UNK L 594 53.00 38.26 96.21
N UNK L 595 52.80 38.50 94.89
CA UNK L 595 51.50 38.44 94.24
C UNK L 595 50.40 39.02 95.08
N UNK L 596 50.29 40.36 95.13
CA UNK L 596 49.25 40.96 95.94
C UNK L 596 48.10 41.31 95.06
N UNK L 597 46.86 41.03 95.54
CA UNK L 597 45.67 41.32 94.80
C UNK L 597 45.37 42.78 94.97
N UNK L 598 44.60 43.36 94.05
CA UNK L 598 44.27 44.75 94.16
C UNK L 598 43.32 44.90 95.30
N UNK L 599 43.41 46.03 96.02
CA UNK L 599 42.51 46.19 97.10
C UNK L 599 41.91 47.56 96.97
N UNK L 600 40.82 47.79 97.67
CA UNK L 600 40.06 48.98 97.57
C UNK L 600 41.00 49.94 98.13
N UNK L 601 41.05 51.14 97.60
CA UNK L 601 41.82 52.08 98.30
C UNK L 601 40.94 52.64 99.35
N UNK L 602 41.55 53.11 100.46
CA UNK L 602 40.74 53.72 101.47
C UNK L 602 40.06 54.85 100.74
N UNK L 603 38.71 54.94 100.77
CA UNK L 603 38.17 55.89 99.83
C UNK L 603 37.35 57.09 100.36
N UNK L 604 37.54 58.36 99.76
CA UNK L 604 36.77 59.66 99.85
C UNK L 604 37.09 61.04 98.69
N UNK L 605 36.38 61.79 97.41
CA UNK L 605 36.38 63.03 96.36
C UNK L 605 35.71 62.92 94.90
N UNK L 606 34.75 62.03 94.55
CA UNK L 606 34.26 61.71 93.19
C UNK L 606 33.58 62.77 92.35
N UNK L 607 32.78 63.67 92.91
CA UNK L 607 32.03 64.58 92.07
C UNK L 607 32.97 65.42 91.27
N UNK L 608 32.43 65.96 90.15
CA UNK L 608 33.06 66.86 89.22
C UNK L 608 33.43 66.10 88.01
N UNK L 609 33.42 66.79 86.85
CA UNK L 609 33.77 66.19 85.61
C UNK L 609 35.24 66.05 85.58
N UNK L 610 35.73 64.90 85.08
CA UNK L 610 37.15 64.75 84.96
C UNK L 610 37.63 65.68 83.91
N UNK L 611 36.88 65.73 82.79
CA UNK L 611 37.25 66.52 81.66
C UNK L 611 36.38 67.73 81.58
N UNK L 612 36.63 68.55 80.54
CA UNK L 612 35.88 69.75 80.33
C UNK L 612 34.47 69.39 80.06
N UNK L 613 33.56 70.37 80.26
CA UNK L 613 32.19 70.13 79.96
C UNK L 613 31.89 70.84 78.68
N UNK L 614 31.35 70.08 77.70
CA UNK L 614 31.01 70.57 76.40
C UNK L 614 29.84 71.50 76.41
N UNK L 615 28.76 71.18 77.15
CA UNK L 615 27.61 72.04 77.04
C UNK L 615 26.87 72.11 78.34
N UNK L 616 26.05 73.16 78.50
CA UNK L 616 25.24 73.33 79.68
C UNK L 616 23.83 73.49 79.20
N UNK L 617 22.86 72.94 79.96
CA UNK L 617 21.49 73.06 79.54
C UNK L 617 20.63 73.22 80.75
N UNK L 618 19.45 73.84 80.57
CA UNK L 618 18.56 74.05 81.68
C UNK L 618 17.35 73.19 81.48
N UNK L 619 16.85 72.57 82.58
CA UNK L 619 15.68 71.75 82.50
C UNK L 619 14.51 72.66 82.39
N UNK L 620 13.53 72.32 81.54
CA UNK L 620 12.43 73.22 81.40
C UNK L 620 11.62 73.31 82.66
N UNK L 621 11.09 72.16 83.12
CA UNK L 621 10.20 72.17 84.26
C UNK L 621 10.87 72.39 85.58
N UNK L 622 11.89 71.56 85.89
CA UNK L 622 12.44 71.57 87.21
C UNK L 622 13.58 72.52 87.29
N UNK L 623 13.91 72.94 88.53
CA UNK L 623 15.06 73.76 88.65
C UNK L 623 16.20 72.80 88.76
N UNK L 624 16.73 72.41 87.59
CA UNK L 624 17.82 71.49 87.53
C UNK L 624 18.51 71.81 86.25
N UNK L 625 19.82 71.55 86.20
CA UNK L 625 20.54 71.84 85.00
C UNK L 625 21.34 70.63 84.67
N UNK L 626 21.63 70.43 83.37
CA UNK L 626 22.38 69.27 82.98
C UNK L 626 23.66 69.74 82.40
N UNK L 627 24.72 68.93 82.54
CA UNK L 627 26.00 69.31 82.02
C UNK L 627 26.44 68.23 81.08
N UNK L 628 27.21 68.62 80.04
CA UNK L 628 27.72 67.68 79.09
C UNK L 628 29.20 67.68 79.27
N UNK L 629 29.81 66.49 79.14
CA UNK L 629 31.22 66.34 79.34
C UNK L 629 31.49 64.92 79.00
N UNK L 630 32.50 64.32 79.67
CA UNK L 630 32.79 62.95 79.39
C UNK L 630 31.54 62.19 79.67
N UNK L 631 30.84 62.57 80.77
CA UNK L 631 29.59 61.95 81.07
C UNK L 631 28.64 63.06 81.38
N UNK L 632 27.33 62.81 81.22
CA UNK L 632 26.41 63.86 81.55
C UNK L 632 26.20 63.84 83.03
N UNK L 633 25.98 65.03 83.62
CA UNK L 633 25.75 65.12 85.03
C UNK L 633 24.59 66.02 85.22
N UNK L 634 23.83 65.81 86.31
CA UNK L 634 22.70 66.66 86.56
C UNK L 634 22.95 67.32 87.88
N UNK L 635 22.61 68.62 87.97
CA UNK L 635 22.82 69.32 89.19
C UNK L 635 21.71 70.31 89.32
N UNK L 636 21.50 70.84 90.54
CA UNK L 636 20.46 71.80 90.72
C UNK L 636 21.09 73.14 90.75
N UNK L 637 20.52 74.08 89.97
CA UNK L 637 20.96 75.44 89.92
C UNK L 637 20.72 76.00 91.27
N UNK L 638 19.64 75.51 91.90
CA UNK L 638 19.20 75.94 93.19
C UNK L 638 20.30 75.71 94.17
N UNK L 639 20.01 76.02 95.44
CA UNK L 639 20.95 76.00 96.51
C UNK L 639 21.55 74.65 96.66
N UNK L 640 20.78 73.57 96.41
CA UNK L 640 21.32 72.26 96.65
C UNK L 640 22.56 72.07 95.83
N UNK L 641 22.49 72.37 94.51
CA UNK L 641 23.62 72.29 93.63
C UNK L 641 24.38 71.02 93.87
N UNK L 642 23.69 69.86 93.83
CA UNK L 642 24.40 68.64 94.09
C UNK L 642 24.33 67.82 92.85
N UNK L 643 25.32 66.93 92.66
CA UNK L 643 25.27 66.10 91.48
C UNK L 643 24.20 65.11 91.75
N UNK L 644 22.98 65.40 91.23
CA UNK L 644 21.87 64.55 91.46
C UNK L 644 22.11 63.22 90.84
N UNK L 645 22.60 63.19 89.59
CA UNK L 645 22.77 61.92 88.97
C UNK L 645 23.86 61.97 87.95
N UNK L 646 24.31 60.77 87.50
CA UNK L 646 25.34 60.60 86.52
C UNK L 646 24.70 59.99 85.30
N UNK L 647 25.15 60.45 84.11
CA UNK L 647 24.68 60.09 82.79
C UNK L 647 24.93 58.68 82.36
N UNK L 648 26.11 58.12 82.68
CA UNK L 648 26.45 56.73 82.48
C UNK L 648 26.84 56.28 81.12
N UNK L 649 26.12 56.90 80.15
CA UNK L 649 25.73 56.66 78.78
C UNK L 649 26.74 56.60 77.63
N UNK L 650 27.95 57.24 77.64
CA UNK L 650 28.61 57.25 76.37
C UNK L 650 29.99 56.63 76.38
N UNK L 651 30.19 55.81 75.35
CA UNK L 651 31.31 54.99 75.01
C UNK L 651 32.45 55.85 74.82
N UNK L 652 32.15 56.72 73.86
CA UNK L 652 33.08 57.60 73.28
C UNK L 652 33.15 58.76 74.18
N UNK L 653 33.78 59.83 73.67
CA UNK L 653 34.00 60.96 74.51
C UNK L 653 33.92 62.20 73.69
N UNK L 654 34.90 63.10 73.92
CA UNK L 654 34.96 64.40 73.33
C UNK L 654 33.89 65.19 73.99
N UNK L 655 33.41 64.67 75.14
CA UNK L 655 32.33 65.26 75.86
C UNK L 655 31.11 64.95 75.06
N UNK L 656 29.94 64.77 75.72
CA UNK L 656 28.81 64.64 74.87
C UNK L 656 28.78 65.99 74.26
N UNK L 657 28.86 66.03 72.92
CA UNK L 657 29.05 67.29 72.29
C UNK L 657 27.88 68.16 72.62
N UNK L 658 26.67 67.60 72.57
CA UNK L 658 25.55 68.44 72.83
C UNK L 658 24.52 67.66 73.56
N UNK L 659 23.56 68.39 74.16
CA UNK L 659 22.45 67.78 74.83
C UNK L 659 21.27 68.61 74.47
N UNK L 660 20.09 67.97 74.39
CA UNK L 660 18.90 68.72 74.09
C UNK L 660 17.80 68.10 74.87
N UNK L 661 16.84 68.92 75.32
CA UNK L 661 15.76 68.38 76.09
C UNK L 661 14.51 68.62 75.33
N UNK L 662 13.54 67.69 75.50
CA UNK L 662 12.26 67.83 74.87
C UNK L 662 11.54 68.88 75.64
N UNK L 663 10.44 69.42 75.06
CA UNK L 663 9.69 70.44 75.71
C UNK L 663 9.16 69.87 76.98
N UNK L 664 8.72 68.60 76.94
CA UNK L 664 8.17 67.92 78.08
C UNK L 664 9.25 67.86 79.11
N UNK L 665 10.51 67.73 78.66
CA UNK L 665 11.63 67.58 79.54
C UNK L 665 11.58 66.18 80.06
N UNK L 666 10.70 65.36 79.45
CA UNK L 666 10.63 63.96 79.77
C UNK L 666 11.86 63.28 79.29
N UNK L 667 12.32 63.63 78.06
CA UNK L 667 13.43 62.93 77.51
C UNK L 667 14.53 63.87 77.17
N UNK L 668 15.78 63.37 77.21
CA UNK L 668 16.92 64.17 76.87
C UNK L 668 17.65 63.43 75.80
N UNK L 669 18.29 64.17 74.87
CA UNK L 669 19.03 63.52 73.83
C UNK L 669 20.45 63.97 73.98
N UNK L 670 21.40 63.08 73.66
CA UNK L 670 22.79 63.43 73.81
C UNK L 670 23.51 63.05 72.56
N UNK L 671 24.68 63.69 72.32
CA UNK L 671 25.47 63.39 71.17
C UNK L 671 26.86 63.09 71.65
N UNK L 672 27.66 62.35 70.85
CA UNK L 672 28.95 62.02 71.35
C UNK L 672 29.85 61.60 70.21
N UNK L 673 31.10 61.28 70.59
CA UNK L 673 32.14 60.80 69.73
C UNK L 673 31.69 59.51 69.14
N UNK L 674 30.83 58.80 69.91
CA UNK L 674 30.35 57.49 69.56
C UNK L 674 29.72 57.61 68.21
N UNK L 675 29.20 58.80 67.88
CA UNK L 675 28.48 58.98 66.66
C UNK L 675 27.18 58.29 66.81
N UNK L 676 26.73 58.17 68.06
CA UNK L 676 25.46 57.62 68.36
C UNK L 676 24.72 58.69 69.09
N UNK L 677 23.39 58.73 68.95
CA UNK L 677 22.68 59.70 69.73
C UNK L 677 21.91 58.92 70.74
N UNK L 678 22.29 59.05 72.00
CA UNK L 678 21.55 58.29 72.94
C UNK L 678 20.30 59.04 73.19
N UNK L 679 19.18 58.32 73.31
CA UNK L 679 18.10 59.02 73.90
C UNK L 679 18.76 59.03 75.21
N UNK L 680 19.30 60.23 75.55
CA UNK L 680 20.19 60.43 76.65
C UNK L 680 19.44 59.87 77.74
N UNK L 681 18.13 60.12 77.71
CA UNK L 681 17.45 59.40 78.71
C UNK L 681 16.00 59.59 78.61
N UNK L 682 15.34 58.72 79.38
CA UNK L 682 13.93 58.72 79.52
C UNK L 682 13.58 57.31 79.97
N UNK L 683 17.67 55.75 85.21
CA UNK L 683 17.60 56.46 83.91
C UNK L 683 18.48 55.80 82.93
N UNK L 684 17.90 54.94 82.08
CA UNK L 684 18.70 54.25 81.12
C UNK L 684 18.33 54.81 79.79
N UNK L 685 19.26 54.73 78.83
CA UNK L 685 18.98 55.30 77.54
C UNK L 685 17.86 54.52 76.96
N UNK L 686 16.85 55.23 76.41
CA UNK L 686 15.73 54.56 75.82
C UNK L 686 16.20 53.80 74.63
N UNK L 687 17.05 54.43 73.80
CA UNK L 687 17.50 53.74 72.62
C UNK L 687 18.74 54.43 72.14
N UNK L 688 19.49 53.74 71.26
CA UNK L 688 20.67 54.34 70.72
C UNK L 688 20.43 54.46 69.24
N UNK L 689 20.82 55.60 68.65
CA UNK L 689 20.61 55.78 67.25
C UNK L 689 21.95 55.86 66.61
N UNK L 690 22.14 55.14 65.49
CA UNK L 690 23.40 55.15 64.83
C UNK L 690 23.14 55.54 63.41
N UNK L 691 24.18 56.05 62.74
CA UNK L 691 23.97 56.53 61.41
C UNK L 691 25.24 57.19 61.01
N UNK L 692 25.39 58.45 61.45
CA UNK L 692 26.50 59.28 61.08
C UNK L 692 27.78 58.53 61.26
N UNK L 693 28.66 58.68 60.25
CA UNK L 693 29.96 58.11 60.15
C UNK L 693 30.88 58.70 61.17
N UNK L 694 30.75 60.02 61.43
CA UNK L 694 31.72 60.68 62.27
C UNK L 694 31.08 61.23 63.49
N UNK L 695 31.90 61.95 64.30
CA UNK L 695 31.45 62.49 65.54
C UNK L 695 30.27 63.37 65.30
N UNK L 696 29.30 63.34 66.24
CA UNK L 696 28.13 64.15 66.08
C UNK L 696 28.32 65.38 66.90
N UNK L 697 28.38 66.53 66.22
CA UNK L 697 28.57 67.81 66.82
C UNK L 697 27.38 68.26 67.61
N UNK L 698 26.14 68.08 67.09
CA UNK L 698 25.05 68.62 67.84
C UNK L 698 23.81 67.83 67.60
N UNK L 699 22.87 67.90 68.56
CA UNK L 699 21.61 67.21 68.45
C UNK L 699 20.56 68.11 69.00
N UNK L 700 19.31 67.94 68.54
CA UNK L 700 18.28 68.76 69.09
C UNK L 700 16.99 68.03 68.93
N UNK L 701 16.05 68.29 69.85
CA UNK L 701 14.76 67.67 69.75
C UNK L 701 13.86 68.71 69.16
N UNK L 702 13.02 68.30 68.18
CA UNK L 702 12.13 69.23 67.56
C UNK L 702 11.07 69.58 68.55
N UNK L 703 10.47 70.77 68.40
CA UNK L 703 9.45 71.18 69.31
C UNK L 703 8.34 70.14 69.27
N UNK L 704 11.46 64.03 64.77
CA UNK L 704 11.74 63.87 66.21
C UNK L 704 12.99 64.59 66.60
N UNK L 705 14.14 64.16 66.06
CA UNK L 705 15.36 64.78 66.46
C UNK L 705 16.22 65.02 65.25
N UNK L 706 17.13 66.01 65.35
CA UNK L 706 18.02 66.31 64.27
C UNK L 706 19.41 66.32 64.81
N UNK L 707 20.39 65.93 63.98
CA UNK L 707 21.75 65.92 64.42
C UNK L 707 22.59 66.39 63.28
N UNK L 708 23.83 66.83 63.58
CA UNK L 708 24.75 67.27 62.57
C UNK L 708 26.03 66.56 62.85
N UNK L 709 26.86 66.34 61.81
CA UNK L 709 28.05 65.58 62.07
C UNK L 709 29.17 66.03 61.18
N UNK L 710 30.34 65.44 61.44
CA UNK L 710 31.57 65.60 60.71
C UNK L 710 31.27 65.10 59.35
N UNK L 711 30.28 64.20 59.31
CA UNK L 711 29.80 63.56 58.11
C UNK L 711 29.43 64.66 57.17
N UNK L 712 29.09 65.84 57.72
CA UNK L 712 28.67 66.94 56.90
C UNK L 712 27.32 66.61 56.39
N UNK L 713 26.58 65.84 57.22
CA UNK L 713 25.24 65.50 56.88
C UNK L 713 24.39 65.91 58.03
N UNK L 714 23.09 66.16 57.75
CA UNK L 714 22.14 66.46 58.77
C UNK L 714 21.18 65.32 58.71
N UNK L 715 20.80 64.76 59.86
CA UNK L 715 19.92 63.63 59.78
C UNK L 715 18.78 63.86 60.71
N UNK L 716 17.61 63.29 60.37
CA UNK L 716 16.46 63.40 61.20
C UNK L 716 16.19 62.01 61.70
N UNK L 717 15.85 61.86 62.99
CA UNK L 717 15.62 60.55 63.50
C UNK L 717 14.27 60.52 64.13
N UNK L 718 13.64 59.33 64.13
CA UNK L 718 12.35 59.21 64.73
C UNK L 718 12.61 58.86 66.16
N UNK L 719 14.73 58.83 58.76
CA UNK L 719 13.89 59.47 57.78
C UNK L 719 14.58 60.42 56.86
N UNK L 720 15.42 61.35 57.37
CA UNK L 720 15.87 62.34 56.45
C UNK L 720 17.35 62.52 56.53
N UNK L 721 17.91 62.99 55.40
CA UNK L 721 19.30 63.33 55.32
C UNK L 721 19.34 64.62 54.58
N UNK L 722 20.25 65.54 54.95
CA UNK L 722 20.27 66.77 54.24
C UNK L 722 21.60 66.91 53.60
N UNK L 723 21.61 67.06 52.25
CA UNK L 723 22.83 67.30 51.56
C UNK L 723 23.15 68.72 51.85
N UNK L 724 24.43 69.09 51.83
CA UNK L 724 24.71 70.44 52.21
C UNK L 724 26.13 70.74 51.91
N UNK L 725 26.70 71.66 52.73
CA UNK L 725 28.03 72.14 52.57
C UNK L 725 28.99 70.99 52.62
N UNK L 726 30.15 71.20 51.97
CA UNK L 726 31.21 70.24 51.89
C UNK L 726 31.79 69.99 53.26
N UNK L 727 31.95 71.06 54.05
CA UNK L 727 32.58 70.99 55.33
C UNK L 727 31.69 70.34 56.34
N UNK L 728 32.26 69.99 57.50
CA UNK L 728 31.54 69.35 58.57
C UNK L 728 30.56 70.34 59.11
N UNK L 729 29.47 69.84 59.73
CA UNK L 729 28.47 70.73 60.25
C UNK L 729 28.57 70.77 61.74
N UNK L 730 28.80 71.98 62.28
CA UNK L 730 28.95 72.24 63.69
C UNK L 730 27.68 72.08 64.46
N UNK L 731 26.54 72.62 63.97
CA UNK L 731 25.37 72.54 64.80
C UNK L 731 24.14 72.65 63.98
N UNK L 732 23.00 72.22 64.56
CA UNK L 732 21.74 72.32 63.88
C UNK L 732 20.76 72.85 64.88
N UNK L 733 19.86 73.75 64.44
CA UNK L 733 18.89 74.26 65.36
C UNK L 733 17.58 74.34 64.63
N UNK L 734 16.49 73.99 65.34
CA UNK L 734 15.19 74.07 64.75
C UNK L 734 14.66 75.45 64.99
N UNK L 735 13.67 75.85 64.17
CA UNK L 735 13.02 77.11 64.35
C UNK L 735 11.97 76.89 65.39
N UNK L 736 11.50 77.98 66.02
CA UNK L 736 10.49 77.87 67.03
C UNK L 736 9.30 77.25 66.36
N UNK L 737 9.05 77.69 65.12
CA UNK L 737 7.96 77.20 64.32
C UNK L 737 8.26 75.76 64.09
N UNK L 738 9.56 75.44 64.03
CA UNK L 738 10.03 74.12 63.72
C UNK L 738 9.84 73.96 62.26
N UNK L 739 9.49 75.08 61.60
CA UNK L 739 9.30 75.13 60.19
C UNK L 739 10.62 74.91 59.50
N UNK L 740 11.69 75.54 60.01
CA UNK L 740 12.94 75.46 59.29
C UNK L 740 14.06 75.12 60.23
N UNK L 741 15.20 74.70 59.65
CA UNK L 741 16.34 74.34 60.45
C UNK L 741 17.52 75.15 60.01
N UNK L 742 18.42 75.47 60.95
CA UNK L 742 19.59 76.22 60.63
C UNK L 742 20.76 75.34 60.91
N UNK L 743 21.75 75.33 60.00
CA UNK L 743 22.90 74.52 60.21
C UNK L 743 24.09 75.41 60.15
N UNK L 744 25.17 75.02 60.86
CA UNK L 744 26.36 75.79 60.83
C UNK L 744 27.45 74.85 60.45
N UNK L 745 28.43 75.35 59.68
CA UNK L 745 29.48 74.49 59.24
C UNK L 745 30.66 75.36 58.98
N UNK L 746 31.78 74.73 58.59
CA UNK L 746 32.93 75.53 58.31
C UNK L 746 32.59 76.43 57.16
N UNK L 747 31.92 75.88 56.14
CA UNK L 747 31.63 76.62 54.95
C UNK L 747 30.70 77.78 55.20
N UNK L 748 29.57 77.57 55.89
CA UNK L 748 28.66 78.67 56.04
C UNK L 748 27.52 78.23 56.90
N UNK L 749 26.56 79.14 57.12
CA UNK L 749 25.40 78.80 57.88
C UNK L 749 24.26 78.73 56.91
N UNK L 750 23.48 77.64 56.94
CA UNK L 750 22.43 77.54 55.99
C UNK L 750 21.14 77.28 56.71
N UNK L 751 20.04 77.78 56.14
CA UNK L 751 18.74 77.54 56.69
C UNK L 751 18.05 76.64 55.72
N UNK L 752 17.34 75.62 56.24
CA UNK L 752 16.70 74.71 55.33
C UNK L 752 15.28 74.52 55.76
N UNK L 753 14.40 74.24 54.79
CA UNK L 753 13.02 73.99 55.08
C UNK L 753 12.93 72.60 55.61
N UNK L 754 11.82 72.29 56.30
CA UNK L 754 11.64 70.99 56.87
C UNK L 754 11.62 69.97 55.74
N UNK L 755 16.76 75.14 50.46
CA UNK L 755 17.79 76.19 50.35
C UNK L 755 17.17 77.54 50.19
N UNK L 756 16.47 78.00 51.25
CA UNK L 756 15.84 79.29 51.18
C UNK L 756 16.90 80.32 51.01
N UNK L 757 17.99 80.20 51.80
CA UNK L 757 19.05 81.16 51.68
C UNK L 757 20.16 80.70 52.57
N UNK L 758 21.35 81.31 52.41
CA UNK L 758 22.47 80.92 53.23
C UNK L 758 23.29 82.15 53.46
N UNK L 759 24.04 82.19 54.58
CA UNK L 759 24.80 83.36 54.86
C UNK L 759 26.14 83.26 54.20
N UNK L 760 26.30 84.07 53.14
CA UNK L 760 27.49 84.25 52.36
C UNK L 760 28.50 84.97 53.18
N UNK L 761 28.02 85.81 54.12
CA UNK L 761 28.84 86.75 54.81
C UNK L 761 30.03 86.10 55.44
N UNK L 762 29.90 84.90 56.02
CA UNK L 762 31.07 84.31 56.63
C UNK L 762 32.07 84.13 55.54
N UNK L 763 31.60 83.61 54.39
CA UNK L 763 32.41 83.48 53.21
C UNK L 763 33.55 82.53 53.43
N UNK L 764 34.00 81.94 52.32
CA UNK L 764 35.13 81.05 52.27
C UNK L 764 36.33 81.87 52.61
N UNK L 765 36.33 83.13 52.14
CA UNK L 765 37.43 84.02 52.37
C UNK L 765 37.65 84.09 53.84
N UNK L 766 38.84 84.57 54.25
CA UNK L 766 39.23 84.59 55.63
C UNK L 766 38.12 85.17 56.44
N UNK L 767 37.42 84.24 57.11
CA UNK L 767 36.31 84.43 57.98
C UNK L 767 35.63 83.12 57.85
N UNK L 768 35.33 82.45 58.96
CA UNK L 768 34.79 81.14 58.75
C UNK L 768 34.67 80.46 60.07
N UNK L 769 34.58 79.12 60.03
CA UNK L 769 34.45 78.33 61.20
C UNK L 769 33.37 78.87 62.07
N UNK L 770 32.11 78.78 61.59
CA UNK L 770 31.03 79.28 62.39
C UNK L 770 30.62 78.21 63.36
N UNK L 771 30.96 78.45 64.64
CA UNK L 771 30.73 77.60 65.77
C UNK L 771 29.28 77.51 66.18
N UNK L 772 28.54 78.63 66.20
CA UNK L 772 27.25 78.50 66.81
C UNK L 772 26.20 79.25 66.07
N UNK L 773 24.94 78.89 66.36
CA UNK L 773 23.82 79.57 65.79
C UNK L 773 22.75 79.54 66.82
N UNK L 774 21.97 80.62 66.87
CA UNK L 774 20.89 80.67 67.80
C UNK L 774 19.77 81.28 67.05
N UNK L 775 18.55 80.90 67.41
CA UNK L 775 17.43 81.44 66.75
C UNK L 775 16.92 82.49 67.65
N UNK L 776 16.47 83.57 67.03
CA UNK L 776 15.98 84.67 67.80
C UNK L 776 14.62 84.31 68.32
N UNK L 777 14.18 85.12 69.29
CA UNK L 777 12.87 85.13 69.88
C UNK L 777 12.06 85.71 68.77
N UNK L 778 11.71 87.02 68.77
CA UNK L 778 11.19 87.55 67.52
C UNK L 778 12.38 87.31 66.49
N UNK L 779 12.20 87.09 65.03
CA UNK L 779 12.88 86.51 63.76
C UNK L 779 14.24 86.93 63.23
N UNK L 780 15.14 85.91 63.22
CA UNK L 780 16.49 86.06 62.77
C UNK L 780 17.26 84.92 63.35
N UNK L 781 18.56 84.86 63.02
CA UNK L 781 19.42 83.84 63.55
C UNK L 781 20.70 84.53 63.88
N UNK L 782 21.46 83.97 64.84
CA UNK L 782 22.71 84.60 65.18
C UNK L 782 23.75 83.54 65.14
N UNK L 783 24.96 83.92 64.68
CA UNK L 783 26.00 82.96 64.61
C UNK L 783 27.26 83.61 65.09
N UNK L 784 28.23 82.79 65.51
CA UNK L 784 29.50 83.28 65.94
C UNK L 784 30.51 82.33 65.40
N UNK L 785 31.74 82.81 65.09
CA UNK L 785 32.71 81.91 64.53
C UNK L 785 33.93 81.86 65.40
N UNK L 786 34.47 80.65 65.59
CA UNK L 786 35.68 80.41 66.32
C UNK L 786 36.82 80.98 65.54
N UNK L 787 36.72 80.91 64.21
CA UNK L 787 37.73 81.25 63.26
C UNK L 787 38.15 82.67 63.41
N UNK L 788 38.92 83.14 62.42
CA UNK L 788 39.55 84.41 62.44
C UNK L 788 38.51 85.46 62.65
N UNK L 789 37.31 85.30 62.06
CA UNK L 789 36.32 86.32 62.24
C UNK L 789 36.06 86.47 63.71
N UNK L 790 35.80 85.34 64.40
CA UNK L 790 35.58 85.33 65.82
C UNK L 790 34.61 86.42 66.17
N UNK L 791 33.50 86.55 65.42
CA UNK L 791 32.63 87.62 65.79
C UNK L 791 31.24 87.12 65.73
N UNK L 792 30.32 87.81 66.44
CA UNK L 792 28.95 87.45 66.37
C UNK L 792 28.45 88.05 65.11
N UNK L 793 27.48 87.38 64.48
CA UNK L 793 26.91 87.92 63.29
C UNK L 793 25.44 87.90 63.53
N UNK L 794 24.75 88.98 63.11
CA UNK L 794 23.34 88.99 63.30
C UNK L 794 22.73 89.21 61.97
N UNK L 795 21.63 88.49 61.67
CA UNK L 795 21.02 88.68 60.39
C UNK L 795 19.64 88.10 60.46
N UNK L 796 18.80 88.50 59.49
CA UNK L 796 17.48 87.97 59.40
C UNK L 796 17.50 87.01 58.26
N UNK L 797 16.87 85.83 58.43
CA UNK L 797 16.93 84.85 57.40
C UNK L 797 16.24 85.36 56.18
N UNK L 798 15.06 86.00 56.35
CA UNK L 798 14.35 86.41 55.18
C UNK L 798 15.16 87.41 54.43
N UNK L 799 15.70 88.41 55.15
CA UNK L 799 16.46 89.46 54.53
C UNK L 799 17.72 88.90 53.95
N UNK L 800 18.37 87.96 54.67
CA UNK L 800 19.63 87.43 54.23
C UNK L 800 20.66 88.52 54.28
N UNK L 801 20.43 89.53 55.14
CA UNK L 801 21.38 90.59 55.28
C UNK L 801 21.85 90.55 56.70
N UNK L 802 23.12 90.95 56.94
CA UNK L 802 23.63 90.93 58.29
C UNK L 802 23.36 92.27 58.88
N UNK L 803 22.60 92.30 59.99
CA UNK L 803 22.27 93.54 60.61
C UNK L 803 23.52 94.21 61.10
N UNK L 804 24.39 93.46 61.80
CA UNK L 804 25.59 94.10 62.29
C UNK L 804 26.49 93.04 62.82
N UNK L 805 27.77 93.39 62.99
CA UNK L 805 28.71 92.44 63.52
C UNK L 805 29.25 92.99 64.80
N UNK L 806 29.41 92.14 65.83
CA UNK L 806 29.92 92.62 67.08
C UNK L 806 31.30 92.04 67.28
N UNK L 807 32.27 92.86 67.73
CA UNK L 807 33.63 92.39 67.89
C UNK L 807 33.78 91.51 69.15
N UNK L 808 34.70 90.46 69.14
CA UNK L 808 34.97 89.43 70.19
C UNK L 808 36.53 88.85 70.24
N UNK L 809 36.94 87.56 70.86
CA UNK L 809 38.13 86.59 71.13
C UNK L 809 37.93 85.43 70.17
N UNK L 810 37.26 84.30 70.54
CA UNK L 810 36.74 83.32 69.61
C UNK L 810 35.45 82.95 70.28
N UNK L 811 34.31 82.95 69.55
CA UNK L 811 33.06 82.77 70.24
C UNK L 811 32.61 81.34 70.17
N UNK L 812 32.56 80.74 71.37
CA UNK L 812 32.09 79.40 71.59
C UNK L 812 30.60 79.29 71.45
N UNK L 813 29.83 80.24 72.03
CA UNK L 813 28.41 80.06 71.98
C UNK L 813 27.73 81.39 71.98
N UNK L 814 26.55 81.44 71.34
CA UNK L 814 25.81 82.67 71.29
C UNK L 814 24.44 82.36 71.78
N UNK L 815 23.82 83.34 72.47
CA UNK L 815 22.50 83.11 72.96
C UNK L 815 21.80 84.42 72.98
N UNK L 816 20.45 84.39 72.97
CA UNK L 816 19.72 85.62 73.03
C UNK L 816 19.01 85.60 74.33
N UNK L 817 18.87 86.77 74.98
CA UNK L 817 18.17 86.74 76.23
C UNK L 817 16.78 86.33 75.90
N UNK L 818 16.30 85.26 76.57
CA UNK L 818 14.98 84.77 76.32
C UNK L 818 13.99 85.78 76.76
N UNK L 819 14.23 86.33 77.97
CA UNK L 819 13.29 87.21 78.58
C UNK L 819 12.08 86.39 78.87
N UNK L 820 11.56 86.53 80.10
CA UNK L 820 10.40 85.79 80.49
C UNK L 820 9.22 86.52 79.95
N UNK L 821 8.04 85.88 80.03
CA UNK L 821 6.79 86.45 79.57
C UNK L 821 6.99 87.08 78.24
N UNK L 822 7.05 86.23 77.19
CA UNK L 822 7.27 86.67 75.86
C UNK L 822 8.74 86.87 75.81
N UNK L 823 9.32 86.89 74.60
CA UNK L 823 10.74 87.00 74.63
C UNK L 823 11.11 88.34 74.12
N UNK L 824 12.15 88.91 74.73
CA UNK L 824 12.65 90.18 74.31
C UNK L 824 14.13 90.07 74.43
N UNK L 825 14.88 90.59 73.45
CA UNK L 825 16.28 90.51 73.67
C UNK L 825 16.85 91.89 73.72
N UNK L 826 17.06 92.41 74.94
CA UNK L 826 17.68 93.69 75.11
C UNK L 826 19.11 93.56 74.70
N UNK L 827 19.75 92.46 75.13
CA UNK L 827 21.13 92.25 74.86
C UNK L 827 21.32 90.80 74.58
N UNK L 828 22.49 90.44 74.03
CA UNK L 828 22.76 89.06 73.73
C UNK L 828 23.82 88.59 74.64
N UNK L 829 23.77 87.28 74.98
CA UNK L 829 24.77 86.73 75.86
C UNK L 829 25.63 85.84 75.04
N UNK L 830 26.94 85.89 75.27
CA UNK L 830 27.81 85.05 74.51
C UNK L 830 28.92 84.64 75.41
N UNK L 831 29.50 83.47 75.11
CA UNK L 831 30.61 82.97 75.86
C UNK L 831 31.69 82.78 74.85
N UNK L 832 32.96 82.92 75.28
CA UNK L 832 34.01 82.80 74.32
C UNK L 832 35.06 81.90 74.84
N UNK L 833 35.84 81.34 73.90
CA UNK L 833 36.94 80.49 74.22
C UNK L 833 38.11 81.36 74.47
N UNK L 834 39.12 80.80 75.15
CA UNK L 834 40.31 81.53 75.40
C UNK L 834 41.43 80.64 75.03
N UNK L 835 42.45 81.23 74.37
CA UNK L 835 43.64 80.57 73.94
C UNK L 835 44.61 80.71 75.05
N UNK L 836 45.90 80.43 74.79
CA UNK L 836 46.87 80.49 75.84
C UNK L 836 46.84 81.87 76.40
N UNK L 837 46.86 82.92 75.55
CA UNK L 837 46.73 84.21 76.16
C UNK L 837 45.36 84.23 76.70
N UNK L 838 45.15 84.72 77.94
CA UNK L 838 43.81 84.60 78.41
C UNK L 838 43.14 85.93 78.33
N UNK L 839 42.87 86.42 77.10
CA UNK L 839 42.10 87.61 77.01
C UNK L 839 40.65 87.35 77.26
N UNK L 840 40.05 86.40 76.48
CA UNK L 840 38.63 86.33 76.64
C UNK L 840 38.16 85.02 77.13
N UNK L 841 38.18 84.92 78.47
CA UNK L 841 37.65 83.93 79.34
C UNK L 841 36.18 84.17 79.54
N UNK L 842 35.75 85.43 79.35
CA UNK L 842 34.47 85.91 79.80
C UNK L 842 33.26 85.52 79.00
N UNK L 843 32.12 85.70 79.68
CA UNK L 843 30.83 85.59 79.10
C UNK L 843 30.42 87.02 79.00
N UNK L 844 30.00 87.48 77.81
CA UNK L 844 29.73 88.87 77.73
C UNK L 844 28.34 89.07 77.25
N UNK L 845 27.71 90.14 77.76
CA UNK L 845 26.40 90.46 77.32
C UNK L 845 26.60 91.67 76.46
N UNK L 846 26.03 91.65 75.24
CA UNK L 846 26.25 92.79 74.42
C UNK L 846 24.94 93.49 74.27
N UNK L 847 24.94 94.81 74.54
CA UNK L 847 23.71 95.51 74.33
C UNK L 847 23.52 95.49 72.87
N UNK L 848 22.33 95.07 72.43
CA UNK L 848 22.11 94.99 71.02
C UNK L 848 21.92 96.42 70.53
N UNK L 849 28.73 98.24 71.97
CA UNK L 849 29.83 97.35 72.42
C UNK L 849 29.34 96.48 73.52
N UNK L 850 30.16 95.52 73.95
CA UNK L 850 29.69 94.70 75.02
C UNK L 850 29.50 95.59 76.20
N UNK L 851 28.32 95.47 76.85
CA UNK L 851 28.04 96.31 77.97
C UNK L 851 28.98 95.97 79.08
N UNK L 852 29.15 94.66 79.36
CA UNK L 852 30.03 94.32 80.44
C UNK L 852 30.51 92.93 80.23
N UNK L 853 31.64 92.59 80.88
CA UNK L 853 32.16 91.27 80.76
C UNK L 853 32.51 90.82 82.13
N UNK L 854 40.37 80.55 84.54
CA UNK L 854 41.24 80.60 83.41
C UNK L 854 40.94 79.38 82.63
N UNK L 855 40.50 79.55 81.36
CA UNK L 855 40.18 78.45 80.52
C UNK L 855 39.19 78.95 79.53
N UNK L 856 38.87 78.11 78.55
CA UNK L 856 37.85 78.50 77.62
C UNK L 856 36.55 78.17 78.25
N UNK L 857 35.50 78.96 77.93
CA UNK L 857 34.20 78.60 78.42
C UNK L 857 33.53 78.00 77.23
N UNK L 858 33.29 76.67 77.28
CA UNK L 858 32.75 75.98 76.16
C UNK L 858 31.36 76.42 75.85
N UNK L 859 30.49 76.53 76.88
CA UNK L 859 29.13 76.82 76.56
C UNK L 859 28.53 77.66 77.64
N UNK L 860 27.27 78.08 77.42
CA UNK L 860 26.57 78.87 78.39
C UNK L 860 25.12 78.58 78.22
N UNK L 861 24.30 78.96 79.22
CA UNK L 861 22.88 78.75 79.09
C UNK L 861 22.19 79.84 79.86
N UNK L 862 21.06 80.32 79.32
CA UNK L 862 20.30 81.35 79.98
C UNK L 862 18.94 80.78 80.19
N UNK L 863 18.24 81.23 81.26
CA UNK L 863 16.94 80.69 81.51
C UNK L 863 15.92 81.73 81.22
N UNK L 864 14.87 81.34 80.47
CA UNK L 864 13.83 82.29 80.16
C UNK L 864 13.08 82.65 81.40
N UNK L 865 12.70 81.63 82.19
CA UNK L 865 11.91 81.82 83.36
C UNK L 865 12.65 82.54 84.43
N UNK L 866 13.90 82.12 84.70
CA UNK L 866 14.61 82.68 85.83
C UNK L 866 15.85 83.33 85.35
N UNK L 867 16.34 84.32 86.13
CA UNK L 867 17.55 84.95 85.73
C UNK L 867 18.66 84.17 86.37
N UNK L 868 19.40 83.41 85.54
CA UNK L 868 20.51 82.65 86.00
C UNK L 868 21.21 82.25 84.76
N UNK L 869 22.52 81.97 84.85
CA UNK L 869 23.22 81.56 83.67
C UNK L 869 24.16 80.50 84.09
N UNK L 870 24.47 79.55 83.19
CA UNK L 870 25.37 78.50 83.55
C UNK L 870 26.52 78.59 82.60
N UNK L 871 27.73 78.23 83.08
CA UNK L 871 28.89 78.28 82.23
C UNK L 871 29.63 76.99 82.41
N UNK L 872 30.25 76.52 81.30
CA UNK L 872 31.01 75.31 81.34
C UNK L 872 32.35 75.63 80.77
N UNK L 873 33.42 74.90 81.18
CA UNK L 873 34.71 75.23 80.67
C UNK L 873 35.35 74.04 80.02
N UNK L 874 35.90 74.29 78.81
CA UNK L 874 36.57 73.41 77.89
C UNK L 874 37.93 72.95 78.33
N UNK L 875 38.70 73.79 79.04
CA UNK L 875 40.01 73.29 79.28
C UNK L 875 39.95 72.13 80.23
N UNK L 876 40.55 70.99 79.80
CA UNK L 876 40.66 69.84 80.64
C UNK L 876 41.93 70.01 81.38
N UNK L 877 42.07 69.37 82.56
CA UNK L 877 43.25 69.57 83.34
C UNK L 877 43.33 71.03 83.57
N UNK L 878 42.15 71.63 83.72
CA UNK L 878 41.97 73.03 83.90
C UNK L 878 40.67 73.14 84.60
N UNK L 879 39.96 74.27 84.44
CA UNK L 879 38.73 74.33 85.17
C UNK L 879 37.65 73.67 84.37
N UNK L 880 37.20 72.50 84.85
CA UNK L 880 36.04 71.90 84.25
C UNK L 880 35.03 72.10 85.33
N UNK L 881 34.19 73.14 85.16
CA UNK L 881 33.29 73.42 86.23
C UNK L 881 32.10 74.09 85.67
N UNK L 882 30.98 74.00 86.41
CA UNK L 882 29.79 74.66 85.98
C UNK L 882 29.62 75.83 86.88
N UNK L 883 29.44 77.02 86.30
CA UNK L 883 29.23 78.18 87.11
C UNK L 883 27.87 78.69 86.78
N UNK L 884 27.06 78.99 87.80
CA UNK L 884 25.76 79.50 87.50
C UNK L 884 25.60 80.78 88.24
N UNK L 885 25.43 81.93 87.55
CA UNK L 885 25.38 83.09 88.39
C UNK L 885 24.48 84.12 87.82
N UNK L 886 23.80 84.90 88.71
CA UNK L 886 23.08 85.96 88.08
C UNK L 886 24.08 86.96 87.55
N UNK L 887 24.64 87.84 88.44
CA UNK L 887 25.75 88.68 88.09
C UNK L 887 27.09 88.21 88.58
N UNK L 888 27.18 88.20 89.93
CA UNK L 888 28.39 87.99 90.67
C UNK L 888 28.61 86.52 90.69
N UNK L 889 29.81 86.09 91.13
CA UNK L 889 30.07 84.69 91.13
C UNK L 889 29.02 84.04 91.96
N UNK L 890 28.39 83.01 91.39
CA UNK L 890 27.33 82.32 92.07
C UNK L 890 27.33 80.93 91.56
N UNK L 891 26.65 80.04 92.30
CA UNK L 891 26.49 78.66 91.95
C UNK L 891 27.58 77.90 92.64
N UNK L 892 27.58 76.57 92.47
CA UNK L 892 28.52 75.78 93.19
C UNK L 892 29.51 75.16 92.25
N UNK L 893 30.68 74.81 92.81
CA UNK L 893 31.72 74.16 92.07
C UNK L 893 31.90 72.81 92.69
N UNK L 894 32.34 71.82 91.90
CA UNK L 894 32.47 70.51 92.46
C UNK L 894 33.91 70.22 92.76
N UNK L 895 34.18 69.61 93.92
CA UNK L 895 35.56 69.30 94.19
C UNK L 895 35.91 68.04 93.45
N UNK L 896 37.12 67.74 92.96
CA UNK L 896 37.28 66.46 92.26
C UNK L 896 37.99 65.41 93.08
N UNK L 897 38.56 64.34 92.45
CA UNK L 897 38.79 63.05 93.14
C UNK L 897 40.10 62.13 92.87
N UNK L 898 40.07 60.61 92.91
CA UNK L 898 40.99 59.41 92.68
C UNK L 898 42.20 59.83 93.42
N UNK L 899 43.40 59.21 93.29
CA UNK L 899 44.34 59.92 94.11
C UNK L 899 45.56 60.35 93.33
N UNK L 900 45.87 61.66 93.41
CA UNK L 900 47.08 62.19 92.83
C UNK L 900 48.25 61.72 93.63
N UNK L 901 48.16 61.82 94.98
CA UNK L 901 49.25 61.44 95.83
C UNK L 901 48.68 61.20 97.19
N UNK L 902 49.45 60.53 98.08
CA UNK L 902 48.89 60.30 99.38
C UNK L 902 50.01 60.26 100.37
N UNK L 903 49.68 60.55 101.64
CA UNK L 903 50.64 60.48 102.69
C UNK L 903 49.93 59.91 103.87
N UNK L 904 50.57 58.97 104.59
CA UNK L 904 49.94 58.38 105.74
C UNK L 904 50.23 59.25 106.92
N UNK L 905 49.38 59.16 107.96
CA UNK L 905 49.64 59.92 109.15
C UNK L 905 50.81 59.28 109.81
N UNK L 906 51.70 60.07 110.41
CA UNK L 906 52.84 59.45 111.01
C UNK L 906 52.37 58.59 112.14
N UNK L 907 51.56 59.18 113.04
CA UNK L 907 51.08 58.47 114.20
C UNK L 907 50.10 57.41 113.82
N UNK L 908 49.19 57.71 112.88
CA UNK L 908 48.13 56.78 112.63
C UNK L 908 48.22 56.24 111.24
N UNK L 909 47.60 55.05 111.06
CA UNK L 909 47.55 54.31 109.84
C UNK L 909 46.77 55.07 108.81
N UNK L 910 45.75 55.83 109.25
CA UNK L 910 44.83 56.52 108.39
C UNK L 910 45.57 57.23 107.31
N UNK L 911 44.93 57.34 106.13
CA UNK L 911 45.63 57.91 105.02
C UNK L 911 44.97 59.16 104.60
N UNK L 912 45.81 60.09 104.11
CA UNK L 912 45.34 61.32 103.58
C UNK L 912 45.76 61.29 102.15
N UNK L 913 44.86 61.70 101.24
CA UNK L 913 45.29 61.66 99.87
C UNK L 913 44.76 62.87 99.21
N UNK L 914 45.52 63.40 98.23
CA UNK L 914 45.11 64.53 97.46
C UNK L 914 44.36 64.01 96.28
N UNK L 915 43.55 64.87 95.66
CA UNK L 915 42.72 64.46 94.56
C UNK L 915 42.97 65.39 93.43
N UNK L 916 42.57 64.98 92.21
CA UNK L 916 42.65 65.81 91.04
C UNK L 916 41.83 66.97 91.42
N UNK L 917 40.70 66.68 92.06
CA UNK L 917 39.98 67.56 92.93
C UNK L 917 40.76 68.63 93.47
N UNK L 918 40.01 69.64 93.75
CA UNK L 918 40.47 70.65 94.62
C UNK L 918 40.60 70.00 95.97
N UNK L 919 39.65 69.13 96.32
CA UNK L 919 39.64 68.48 97.59
C UNK L 919 40.71 67.44 97.74
N UNK L 920 41.09 67.22 99.01
CA UNK L 920 41.99 66.20 99.48
C UNK L 920 41.19 65.60 100.58
N UNK L 921 41.43 64.34 100.96
CA UNK L 921 40.55 63.86 101.97
C UNK L 921 41.31 63.01 102.93
N UNK L 922 40.69 62.85 104.11
CA UNK L 922 41.25 62.02 105.11
C UNK L 922 40.40 60.82 105.10
N UNK L 923 41.02 59.63 105.15
CA UNK L 923 40.21 58.46 105.18
C UNK L 923 40.79 57.57 106.19
N UNK L 924 39.93 56.72 106.76
CA UNK L 924 40.41 55.80 107.74
C UNK L 924 40.15 54.45 107.20
N UNK L 925 41.09 53.53 107.44
CA UNK L 925 40.95 52.17 107.02
C UNK L 925 40.76 51.39 108.27
N UNK L 926 39.94 50.32 108.21
CA UNK L 926 39.67 49.56 109.38
C UNK L 926 40.95 48.96 109.86
N UNK L 927 41.08 48.82 111.20
CA UNK L 927 42.28 48.30 111.79
C UNK L 927 42.50 46.91 111.31
N UNK L 928 41.43 46.09 111.29
CA UNK L 928 41.63 44.74 110.86
C UNK L 928 41.55 44.76 109.37
N UNK L 929 42.72 44.68 108.72
CA UNK L 929 42.80 44.67 107.30
C UNK L 929 42.20 43.40 106.78
N UNK L 930 42.46 42.28 107.48
CA UNK L 930 42.05 40.98 107.04
C UNK L 930 40.57 40.96 106.92
N UNK L 931 39.91 41.56 107.91
CA UNK L 931 38.48 41.57 107.87
C UNK L 931 38.13 42.32 106.62
N UNK L 932 36.92 42.11 106.07
CA UNK L 932 36.52 42.82 104.91
C UNK L 932 36.69 44.26 105.28
N UNK L 933 37.45 44.97 104.44
CA UNK L 933 37.78 46.30 104.83
C UNK L 933 36.59 47.16 104.69
N UNK L 934 36.69 48.38 105.22
CA UNK L 934 35.67 49.35 104.95
C UNK L 934 36.48 50.59 104.88
N UNK L 935 36.13 51.54 103.99
CA UNK L 935 36.96 52.71 103.97
C UNK L 935 36.09 53.89 104.11
N UNK L 936 36.36 54.72 105.13
CA UNK L 936 35.46 55.80 105.37
C UNK L 936 36.20 57.08 105.20
N UNK L 937 35.47 58.08 104.69
CA UNK L 937 36.04 59.35 104.50
C UNK L 937 35.90 60.08 105.78
N UNK L 938 37.03 60.39 106.44
CA UNK L 938 36.93 61.12 107.67
C UNK L 938 36.44 62.48 107.32
N UNK L 939 37.03 63.12 106.30
CA UNK L 939 36.58 64.44 105.98
C UNK L 939 37.21 64.82 104.69
N UNK L 940 36.61 65.83 104.03
CA UNK L 940 37.17 66.28 102.81
C UNK L 940 37.68 67.66 103.04
N UNK L 941 38.91 67.92 102.55
CA UNK L 941 39.46 69.24 102.65
C UNK L 941 39.38 69.76 101.27
N UNK L 942 38.76 70.92 101.10
CA UNK L 942 38.60 71.40 99.76
C UNK L 942 39.26 72.73 99.69
N UNK L 943 39.75 73.05 98.49
CA UNK L 943 40.39 74.30 98.27
C UNK L 943 39.88 74.78 96.97
N UNK L 944 40.06 76.07 96.68
CA UNK L 944 39.62 76.61 95.45
C UNK L 944 40.38 75.98 94.33
N UNK L 945 41.72 75.84 94.50
CA UNK L 945 42.58 75.39 93.46
C UNK L 945 42.15 74.04 92.97
N UNK L 946 42.41 73.79 91.67
CA UNK L 946 41.96 72.62 91.00
C UNK L 946 42.54 71.38 91.57
N UNK L 947 43.86 71.30 91.76
CA UNK L 947 44.39 70.02 92.16
C UNK L 947 45.28 70.18 93.33
N UNK L 948 45.42 69.08 94.11
CA UNK L 948 46.28 69.16 95.26
C UNK L 948 47.59 68.53 94.89
N UNK L 949 48.63 69.36 94.78
CA UNK L 949 49.95 68.92 94.45
C UNK L 949 50.55 68.11 95.54
N UNK L 950 50.44 68.58 96.80
CA UNK L 950 51.11 67.84 97.83
C UNK L 950 50.45 68.06 99.15
N UNK L 951 50.71 67.13 100.08
CA UNK L 951 50.19 67.26 101.41
C UNK L 951 51.27 66.82 102.32
N UNK L 952 51.40 67.49 103.48
CA UNK L 952 52.40 67.06 104.40
C UNK L 952 51.80 67.09 105.75
N UNK L 953 51.96 66.00 106.51
CA UNK L 953 51.45 65.96 107.85
C UNK L 953 52.51 66.53 108.73
N UNK L 954 52.09 67.07 109.90
CA UNK L 954 53.03 67.57 110.83
C UNK L 954 53.59 66.38 111.54
N UNK L 955 54.71 66.55 112.26
CA UNK L 955 55.30 65.46 112.96
C UNK L 955 54.27 64.98 113.95
N UNK L 956 53.54 65.93 114.55
CA UNK L 956 52.54 65.63 115.52
C UNK L 956 51.49 64.81 114.87
N UNK L 957 51.24 65.08 113.57
CA UNK L 957 50.20 64.42 112.82
C UNK L 957 48.91 65.00 113.27
N UNK L 958 48.98 66.01 114.16
CA UNK L 958 47.80 66.69 114.61
C UNK L 958 47.25 67.45 113.44
N UNK L 959 48.13 68.08 112.65
CA UNK L 959 47.66 68.90 111.56
C UNK L 959 48.34 68.47 110.30
N UNK L 960 47.69 68.78 109.16
CA UNK L 960 48.24 68.48 107.88
C UNK L 960 48.11 69.71 107.05
N UNK L 961 49.01 69.88 106.07
CA UNK L 961 48.90 71.04 105.24
C UNK L 961 48.54 70.59 103.87
N UNK L 962 47.57 71.28 103.24
CA UNK L 962 47.17 70.92 101.92
C UNK L 962 47.73 71.98 101.02
N UNK L 963 48.27 71.56 99.87
CA UNK L 963 48.80 72.51 98.95
C UNK L 963 48.22 72.20 97.62
N UNK L 964 47.90 73.23 96.83
CA UNK L 964 47.32 72.91 95.57
C UNK L 964 48.29 73.27 94.50
N UNK L 965 48.65 72.28 93.65
CA UNK L 965 49.49 72.58 92.56
C UNK L 965 49.29 71.51 91.54
N UNK L 966 49.56 71.86 90.28
CA UNK L 966 49.27 70.95 89.21
C UNK L 966 49.44 71.80 88.00
N UNK L 967 48.50 71.67 87.04
CA UNK L 967 48.60 72.49 85.89
C UNK L 967 48.58 73.89 86.39
N UNK L 968 47.64 74.21 87.32
CA UNK L 968 47.68 75.53 87.87
C UNK L 968 47.57 75.37 89.35
N UNK L 969 48.62 75.80 90.07
CA UNK L 969 48.58 75.68 91.49
C UNK L 969 48.15 77.01 92.00
N UNK L 970 47.15 77.02 92.89
CA UNK L 970 46.79 78.22 93.57
C UNK L 970 47.90 78.48 94.54
N UNK L 971 48.42 77.37 95.09
CA UNK L 971 49.41 77.31 96.13
C UNK L 971 48.82 77.76 97.40
N UNK L 972 47.48 77.87 97.47
CA UNK L 972 46.97 78.24 98.74
C UNK L 972 47.30 77.09 99.63
N UNK L 973 47.77 77.38 100.85
CA UNK L 973 48.10 76.30 101.73
C UNK L 973 47.16 76.42 102.89
N UNK L 974 46.55 75.29 103.28
CA UNK L 974 45.65 75.36 104.39
C UNK L 974 46.11 74.37 105.38
N UNK L 975 46.00 74.74 106.68
CA UNK L 975 46.34 73.82 107.70
C UNK L 975 45.04 73.28 108.18
N UNK L 976 44.93 71.95 108.27
CA UNK L 976 43.68 71.40 108.68
C UNK L 976 43.94 70.48 109.82
N UNK L 977 42.96 70.39 110.74
CA UNK L 977 43.12 69.47 111.83
C UNK L 977 43.00 68.13 111.21
N UNK L 978 43.66 67.12 111.81
CA UNK L 978 43.59 65.81 111.25
C UNK L 978 42.16 65.41 111.29
N UNK L 979 41.47 65.78 112.39
CA UNK L 979 40.12 65.42 112.62
C UNK L 979 39.19 66.00 111.60
N UNK L 980 39.34 67.28 111.21
CA UNK L 980 38.27 67.76 110.39
C UNK L 980 38.67 68.86 109.44
N UNK L 981 37.65 69.30 108.69
CA UNK L 981 37.62 70.28 107.65
C UNK L 981 37.90 71.68 108.14
N UNK L 982 37.57 71.99 109.41
CA UNK L 982 37.57 73.35 109.87
C UNK L 982 38.88 74.03 109.59
N UNK L 983 40.02 73.39 109.86
CA UNK L 983 41.29 73.97 109.54
C UNK L 983 41.58 75.15 110.41
N UNK L 984 42.83 75.20 110.92
CA UNK L 984 43.27 76.26 111.77
C UNK L 984 43.38 77.55 111.01
N UNK L 985 43.98 77.53 109.82
CA UNK L 985 44.14 78.78 109.12
C UNK L 985 44.54 78.51 107.71
N UNK L 986 44.52 79.57 106.88
CA UNK L 986 44.93 79.42 105.51
C UNK L 986 45.99 80.43 105.25
N UNK L 987 47.08 80.01 104.58
CA UNK L 987 48.11 80.96 104.26
C UNK L 987 48.36 80.82 102.79
N UNK L 988 48.29 81.93 102.03
CA UNK L 988 48.61 81.78 100.64
C UNK L 988 49.68 82.76 100.31
N UNK L 989 50.94 82.38 100.58
CA UNK L 989 52.08 83.21 100.30
C UNK L 989 52.35 83.28 98.82
N UNK L 990 52.26 82.14 98.10
CA UNK L 990 52.78 82.15 96.76
C UNK L 990 51.87 81.44 95.79
N UNK L 991 52.30 81.46 94.52
CA UNK L 991 51.62 80.92 93.37
C UNK L 991 51.42 79.44 93.42
N UNK L 992 52.46 78.64 93.76
CA UNK L 992 52.27 77.20 93.74
C UNK L 992 53.17 76.61 94.79
N UNK L 993 52.89 75.37 95.27
CA UNK L 993 53.83 74.82 96.20
C UNK L 993 54.03 73.36 95.93
N UNK L 994 55.19 73.01 95.36
CA UNK L 994 55.54 71.64 95.05
C UNK L 994 55.81 70.86 96.30
N UNK L 995 56.61 71.42 97.23
CA UNK L 995 56.94 70.61 98.37
C UNK L 995 56.98 71.46 99.60
N UNK L 996 56.59 70.85 100.74
CA UNK L 996 56.65 71.56 101.98
C UNK L 996 57.20 70.59 102.97
N UNK L 997 58.14 71.05 103.82
CA UNK L 997 58.67 70.15 104.81
C UNK L 997 58.51 70.84 106.12
N UNK L 998 57.96 70.12 107.11
CA UNK L 998 57.80 70.70 108.40
C UNK L 998 59.09 70.55 109.13
N UNK L 999 59.39 71.54 110.00
CA UNK L 999 60.52 71.52 110.85
C UNK L 999 60.06 70.76 112.03
N UNK L 1000 60.79 70.82 113.16
CA UNK L 1000 60.34 70.13 114.33
C UNK L 1000 58.99 70.72 114.59
N UNK L 1001 58.87 72.05 114.42
CA UNK L 1001 57.60 72.68 114.50
C UNK L 1001 57.56 73.66 113.37
N UNK L 1002 56.38 73.81 112.71
CA UNK L 1002 56.23 74.76 111.64
C UNK L 1002 56.70 74.16 110.36
N UNK L 1003 56.65 74.94 109.26
CA UNK L 1003 57.10 74.41 108.01
C UNK L 1003 57.51 75.54 107.10
N UNK L 1004 58.21 75.17 106.00
CA UNK L 1004 58.63 76.10 104.99
C UNK L 1004 58.08 75.53 103.71
N UNK L 1005 57.70 76.41 102.76
CA UNK L 1005 57.11 75.88 101.56
C UNK L 1005 57.89 76.33 100.38
N UNK L 1006 57.88 75.49 99.31
CA UNK L 1006 58.58 75.84 98.11
C UNK L 1006 57.61 75.74 96.98
N UNK L 1007 57.66 76.73 96.08
CA UNK L 1007 56.81 76.79 94.91
C UNK L 1007 57.51 76.13 93.77
N UNK L 1008 56.75 75.85 92.69
CA UNK L 1008 57.30 75.36 91.47
C UNK L 1008 58.15 76.50 90.99
N UNK L 1009 57.65 77.71 91.28
CA UNK L 1009 58.24 78.98 90.96
C UNK L 1009 59.57 79.03 91.66
N UNK L 1010 59.66 78.28 92.78
CA UNK L 1010 60.83 78.23 93.61
C UNK L 1010 60.88 79.39 94.56
N UNK L 1011 59.77 80.14 94.70
CA UNK L 1011 59.84 81.10 95.76
C UNK L 1011 59.84 80.25 97.00
N UNK L 1012 60.72 80.57 97.97
CA UNK L 1012 60.74 79.74 99.14
C UNK L 1012 60.39 80.62 100.28
N UNK L 1013 59.58 80.10 101.22
CA UNK L 1013 59.23 80.95 102.31
C UNK L 1013 59.38 80.18 103.59
N UNK L 1014 59.86 80.88 104.62
CA UNK L 1014 59.93 80.27 105.92
C UNK L 1014 58.78 80.87 106.63
N UNK L 1015 57.90 80.05 107.22
CA UNK L 1015 56.78 80.66 107.85
C UNK L 1015 56.47 79.93 109.10
N UNK L 1016 55.84 80.63 110.05
CA UNK L 1016 55.42 79.96 111.23
C UNK L 1016 53.99 79.63 110.98
N UNK L 1017 53.69 78.33 110.80
CA UNK L 1017 52.33 77.99 110.55
C UNK L 1017 51.61 78.20 111.83
N UNK L 1018 50.44 78.87 111.76
CA UNK L 1018 49.72 79.14 112.96
C UNK L 1018 48.67 80.12 112.59
N UNK L 1019 47.96 80.65 113.61
CA UNK L 1019 46.95 81.61 113.34
C UNK L 1019 47.63 82.77 112.68
N UNK L 1020 48.84 83.11 113.15
CA UNK L 1020 49.54 84.24 112.59
C UNK L 1020 49.78 83.96 111.14
N UNK L 1021 50.26 82.73 110.83
CA UNK L 1021 50.54 82.35 109.47
C UNK L 1021 51.37 83.42 108.84
N UNK L 1022 52.51 83.78 109.47
CA UNK L 1022 53.34 84.81 108.94
C UNK L 1022 54.59 84.19 108.44
N UNK L 1023 55.24 84.82 107.44
CA UNK L 1023 56.45 84.27 106.90
C UNK L 1023 57.59 85.14 107.29
N UNK L 1024 58.65 84.52 107.85
CA UNK L 1024 59.81 85.24 108.27
C UNK L 1024 60.52 85.82 107.08
N UNK L 1025 60.72 85.03 106.02
CA UNK L 1025 61.44 85.53 104.89
C UNK L 1025 61.17 84.64 103.71
N UNK L 1026 61.55 85.11 102.51
CA UNK L 1026 61.36 84.32 101.32
C UNK L 1026 62.49 84.64 100.39
N UNK L 1027 62.81 83.71 99.47
CA UNK L 1027 63.87 83.97 98.53
C UNK L 1027 63.47 83.39 97.21
N UNK L 1028 63.93 84.00 96.10
CA UNK L 1028 63.62 83.43 94.82
C UNK L 1028 64.92 83.20 94.09
N UNK L 1029 65.46 81.97 94.19
CA UNK L 1029 66.67 81.64 93.49
C UNK L 1029 66.42 81.56 92.02
N UNK L 1030 65.36 80.80 91.62
CA UNK L 1030 64.93 80.60 90.26
C UNK L 1030 65.40 79.26 89.74
N UNK L 1031 65.01 78.96 88.48
CA UNK L 1031 65.38 77.82 87.68
C UNK L 1031 65.14 76.45 88.26
N UNK L 1032 63.88 76.12 88.65
CA UNK L 1032 63.47 74.78 89.01
C UNK L 1032 64.42 74.08 89.94
N UNK L 1033 64.75 74.74 91.06
CA UNK L 1033 65.56 74.41 92.20
C UNK L 1033 64.93 73.43 93.18
N UNK L 1034 63.63 73.14 93.04
CA UNK L 1034 62.59 72.84 94.01
C UNK L 1034 62.81 72.00 95.26
N UNK L 1035 63.54 70.86 95.32
CA UNK L 1035 63.51 70.15 96.60
C UNK L 1035 64.04 71.00 97.74
N UNK L 1036 63.51 70.80 98.98
CA UNK L 1036 63.91 71.57 100.13
C UNK L 1036 63.94 70.69 101.35
N UNK L 1037 64.67 71.11 102.41
CA UNK L 1037 64.75 70.32 103.61
C UNK L 1037 65.25 71.19 104.74
N UNK L 1038 65.04 70.75 106.00
CA UNK L 1038 65.49 71.53 107.12
C UNK L 1038 66.60 70.79 107.80
N UNK L 1039 67.77 71.43 107.92
CA UNK L 1039 68.90 70.84 108.58
C UNK L 1039 68.65 70.70 110.05
N UNK L 1040 68.11 71.76 110.69
CA UNK L 1040 67.94 71.67 112.12
C UNK L 1040 66.51 71.88 112.46
N UNK L 1041 66.01 71.06 113.40
CA UNK L 1041 64.65 71.16 113.86
C UNK L 1041 64.48 72.46 114.55
N UNK L 1042 65.45 72.82 115.42
CA UNK L 1042 65.32 74.05 116.13
C UNK L 1042 65.33 75.11 115.09
N UNK L 1043 64.76 76.30 115.42
CA UNK L 1043 64.76 77.36 114.46
C UNK L 1043 66.19 77.55 114.10
N UNK L 1044 66.51 77.39 112.80
CA UNK L 1044 67.88 77.40 112.44
C UNK L 1044 67.96 77.21 110.97
N UNK L 1045 69.10 76.66 110.53
CA UNK L 1045 69.37 76.48 109.14
C UNK L 1045 68.48 75.44 108.54
N UNK L 1046 68.19 75.64 107.25
CA UNK L 1046 67.44 74.75 106.42
C UNK L 1046 68.15 74.83 105.11
N UNK L 1047 67.96 73.83 104.23
CA UNK L 1047 68.69 73.91 102.99
C UNK L 1047 67.72 74.21 101.90
N UNK L 1048 68.13 75.10 100.97
CA UNK L 1048 67.30 75.44 99.85
C UNK L 1048 68.22 75.38 98.66
N UNK L 1049 67.67 74.98 97.49
CA UNK L 1049 68.50 74.88 96.33
C UNK L 1049 68.84 76.26 95.85
N UNK L 1050 70.14 76.46 95.55
CA UNK L 1050 70.64 77.69 95.02
C UNK L 1050 70.76 77.53 93.55
N UNK L 1051 71.11 78.63 92.84
CA UNK L 1051 71.27 78.58 91.43
C UNK L 1051 72.53 77.81 91.17
N UNK L 1052 72.72 77.37 89.91
CA UNK L 1052 73.89 76.63 89.55
C UNK L 1052 73.89 75.34 90.30
N UNK L 1053 72.69 74.87 90.69
CA UNK L 1053 72.59 73.61 91.36
C UNK L 1053 73.39 73.64 92.61
N UNK L 1054 73.60 74.85 93.17
CA UNK L 1054 74.33 74.97 94.39
C UNK L 1054 73.37 74.74 95.50
N UNK L 1055 73.90 74.43 96.71
CA UNK L 1055 73.04 74.25 97.83
C UNK L 1055 73.24 75.45 98.71
N UNK L 1056 72.13 76.02 99.19
CA UNK L 1056 72.27 77.17 100.03
C UNK L 1056 71.75 76.79 101.37
N UNK L 1057 72.46 77.24 102.43
CA UNK L 1057 71.96 76.95 103.74
C UNK L 1057 71.30 78.21 104.17
N UNK L 1058 70.11 78.08 104.79
CA UNK L 1058 69.32 79.24 105.09
C UNK L 1058 69.22 79.45 106.56
N UNK L 1059 68.61 80.59 106.92
CA UNK L 1059 68.44 81.09 108.25
C UNK L 1059 69.74 81.71 108.65
N UNK L 1060 70.80 81.39 107.86
CA UNK L 1060 72.14 81.89 107.96
C UNK L 1060 73.00 80.68 107.79
N UNK L 1061 74.08 80.80 106.99
CA UNK L 1061 75.00 79.72 106.78
C UNK L 1061 75.71 79.92 105.48
N UNK L 1062 76.45 78.87 105.07
CA UNK L 1062 77.20 78.86 103.84
C UNK L 1062 76.47 78.08 102.79
N UNK L 1063 77.05 78.03 101.58
CA UNK L 1063 76.46 77.32 100.48
C UNK L 1063 77.41 76.24 100.06
N UNK L 1064 76.87 75.16 99.46
CA UNK L 1064 77.71 74.08 99.04
C UNK L 1064 77.75 74.09 97.54
N UNK L 1065 78.95 73.88 96.98
CA UNK L 1065 79.11 73.84 95.54
C UNK L 1065 79.24 72.40 95.20
N UNK L 1066 78.66 71.99 94.06
CA UNK L 1066 78.68 70.58 93.80
C UNK L 1066 77.89 70.33 92.56
N UNK L 1067 76.66 69.83 92.78
CA UNK L 1067 75.77 69.35 91.76
C UNK L 1067 75.71 70.27 90.59
N UNK L 1068 75.78 69.63 89.41
CA UNK L 1068 75.68 70.22 88.10
C UNK L 1068 74.27 70.66 87.83
N UNK L 1069 73.27 69.89 88.31
CA UNK L 1069 71.91 70.16 87.92
C UNK L 1069 71.03 70.38 89.11
N UNK L 1070 69.75 70.70 88.82
CA UNK L 1070 68.77 71.03 89.82
C UNK L 1070 68.71 69.94 90.83
N UNK L 1071 68.33 70.30 92.07
CA UNK L 1071 68.33 69.33 93.13
C UNK L 1071 66.99 68.69 93.22
N UNK L 1072 66.96 67.38 92.92
CA UNK L 1072 65.78 66.57 92.99
C UNK L 1072 65.34 66.36 94.40
N UNK L 1073 66.30 66.05 95.31
CA UNK L 1073 65.84 65.76 96.65
C UNK L 1073 66.84 66.22 97.65
N UNK L 1074 66.34 66.53 98.87
CA UNK L 1074 67.19 66.89 99.95
C UNK L 1074 66.66 66.17 101.14
N UNK L 1075 67.53 65.41 101.83
CA UNK L 1075 67.07 64.72 103.00
C UNK L 1075 68.15 64.89 104.02
N UNK L 1076 67.77 65.17 105.28
CA UNK L 1076 68.77 65.35 106.28
C UNK L 1076 68.56 64.27 107.28
N UNK L 1077 69.67 63.71 107.80
CA UNK L 1077 69.51 62.68 108.79
C UNK L 1077 69.80 63.32 110.10
N UNK L 1078 68.87 63.17 111.06
CA UNK L 1078 69.10 63.76 112.34
C UNK L 1078 70.32 63.12 112.88
N UNK L 1079 70.40 61.79 112.76
CA UNK L 1079 71.57 61.10 113.21
C UNK L 1079 72.61 61.28 112.16
N UNK L 1080 73.88 61.38 112.59
CA UNK L 1080 75.01 61.52 111.72
C UNK L 1080 75.03 62.91 111.15
N UNK L 1081 73.92 63.65 111.28
CA UNK L 1081 73.81 65.01 110.85
C UNK L 1081 74.38 65.17 109.48
N UNK L 1082 73.98 64.32 108.52
CA UNK L 1082 74.51 64.45 107.20
C UNK L 1082 73.37 64.76 106.29
N UNK L 1083 73.62 65.58 105.25
CA UNK L 1083 72.56 65.90 104.36
C UNK L 1083 72.77 65.11 103.11
N UNK L 1084 71.69 64.54 102.57
CA UNK L 1084 71.81 63.77 101.37
C UNK L 1084 71.11 64.54 100.30
N UNK L 1085 71.73 64.64 99.12
CA UNK L 1085 71.12 65.38 98.06
C UNK L 1085 71.19 64.55 96.82
N UNK L 1086 70.21 64.75 95.92
CA UNK L 1086 70.18 64.06 94.67
C UNK L 1086 69.97 65.10 93.63
N UNK L 1087 70.39 64.85 92.38
CA UNK L 1087 70.23 65.88 91.40
C UNK L 1087 69.97 65.28 90.06
N UNK L 1088 69.63 66.17 89.11
CA UNK L 1088 69.36 65.88 87.73
C UNK L 1088 70.61 65.29 87.17
N UNK L 1089 71.75 65.72 87.75
CA UNK L 1089 73.06 65.32 87.35
C UNK L 1089 73.11 63.83 87.39
N UNK L 1090 72.24 63.22 88.21
CA UNK L 1090 72.21 61.78 88.38
C UNK L 1090 73.35 61.36 89.25
N UNK L 1091 73.77 62.27 90.15
CA UNK L 1091 74.76 61.93 91.13
C UNK L 1091 74.13 62.25 92.45
N UNK L 1092 74.58 61.56 93.52
CA UNK L 1092 74.06 61.82 94.84
C UNK L 1092 75.23 62.31 95.62
N UNK L 1093 74.98 63.15 96.65
CA UNK L 1093 76.10 63.61 97.41
C UNK L 1093 75.68 63.77 98.83
N UNK L 1094 76.67 63.69 99.75
CA UNK L 1094 76.38 63.88 101.14
C UNK L 1094 77.12 65.10 101.55
N UNK L 1095 76.50 65.98 102.37
CA UNK L 1095 77.21 67.17 102.73
C UNK L 1095 77.44 67.20 104.20
N UNK L 1096 78.71 66.98 104.60
CA UNK L 1096 79.15 67.06 105.96
C UNK L 1096 79.23 68.49 106.42
N UNK L 1097 79.75 69.39 105.56
CA UNK L 1097 80.07 70.72 106.01
C UNK L 1097 79.12 71.73 105.44
N UNK L 1098 79.02 72.87 106.15
CA UNK L 1098 78.15 73.94 105.77
C UNK L 1098 78.62 74.49 104.45
N UNK L 1099 79.93 74.71 104.30
CA UNK L 1099 80.41 75.21 103.04
C UNK L 1099 81.61 74.40 102.66
N UNK L 1100 81.60 73.89 101.41
CA UNK L 1100 82.69 73.10 100.90
C UNK L 1100 82.10 72.19 99.86
N UNK L 1101 82.95 71.34 99.27
CA UNK L 1101 82.49 70.35 98.37
C UNK L 1101 81.87 69.29 99.21
N UNK L 1102 81.04 68.42 98.60
CA UNK L 1102 80.39 67.39 99.36
C UNK L 1102 81.42 66.40 99.80
N UNK L 1103 81.19 65.80 100.99
CA UNK L 1103 82.12 64.84 101.50
C UNK L 1103 82.15 63.68 100.58
N UNK L 1104 80.97 63.23 100.13
CA UNK L 1104 80.99 62.07 99.29
C UNK L 1104 80.11 62.30 98.10
N UNK L 1105 80.48 61.68 96.98
CA UNK L 1105 79.68 61.69 95.80
C UNK L 1105 79.31 60.26 95.61
N UNK L 1106 78.01 59.99 95.38
CA UNK L 1106 77.64 58.62 95.23
C UNK L 1106 77.73 58.29 93.79
N UNK L 1107 78.61 57.35 93.45
CA UNK L 1107 78.76 56.94 92.09
C UNK L 1107 79.67 55.76 92.12
N UNK L 1108 79.56 54.88 91.11
CA UNK L 1108 80.40 53.72 91.11
C UNK L 1108 81.78 54.14 90.61
N UNK L 1109 72.12 55.38 83.87
CA UNK L 1109 71.02 56.09 83.19
C UNK L 1109 71.22 57.57 83.31
N UNK L 1110 71.08 58.27 82.17
CA UNK L 1110 71.29 59.68 82.09
C UNK L 1110 70.28 60.36 82.96
N UNK L 1111 69.05 59.81 83.00
CA UNK L 1111 67.97 60.44 83.72
C UNK L 1111 68.38 60.73 85.12
N UNK L 1112 67.74 61.76 85.70
CA UNK L 1112 68.00 62.22 87.03
C UNK L 1112 67.36 61.28 88.00
N UNK L 1113 67.84 61.31 89.27
CA UNK L 1113 67.28 60.48 90.29
C UNK L 1113 65.96 61.04 90.68
N UNK L 1114 64.92 60.19 90.66
CA UNK L 1114 63.59 60.59 91.03
C UNK L 1114 63.53 60.86 92.51
N UNK L 1115 64.09 59.94 93.33
CA UNK L 1115 64.01 60.16 94.75
C UNK L 1115 65.09 59.38 95.42
N UNK L 1116 65.57 59.91 96.56
CA UNK L 1116 66.59 59.27 97.32
C UNK L 1116 66.07 59.21 98.72
N UNK L 1117 66.54 58.24 99.53
CA UNK L 1117 66.01 58.16 100.85
C UNK L 1117 67.07 57.72 101.79
N UNK L 1118 66.85 57.99 103.09
CA UNK L 1118 67.78 57.61 104.11
C UNK L 1118 67.71 56.13 104.27
N UNK L 1119 68.88 55.56 104.55
CA UNK L 1119 69.18 54.17 104.72
C UNK L 1119 70.67 54.27 104.78
N UNK L 1120 71.41 53.26 104.28
CA UNK L 1120 72.80 53.59 104.17
C UNK L 1120 72.75 54.74 103.21
N UNK L 1121 71.99 54.53 102.12
CA UNK L 1121 71.69 55.52 101.13
C UNK L 1121 70.95 54.76 100.07
N UNK L 1122 69.84 55.32 99.56
CA UNK L 1122 69.15 54.59 98.55
C UNK L 1122 68.72 55.59 97.54
N UNK L 1123 68.82 55.24 96.24
CA UNK L 1123 68.41 56.17 95.26
C UNK L 1123 67.68 55.43 94.19
N UNK L 1124 66.67 56.10 93.60
CA UNK L 1124 65.92 55.54 92.54
C UNK L 1124 65.98 56.53 91.44
N UNK L 1125 65.99 56.04 90.20
CA UNK L 1125 66.08 56.87 89.03
C UNK L 1125 65.63 55.95 87.95
N UNK L 1126 66.08 56.19 86.71
CA UNK L 1126 65.74 55.27 85.68
C UNK L 1126 66.33 53.98 86.17
N UNK L 1127 67.54 54.07 86.76
CA UNK L 1127 68.23 52.97 87.36
C UNK L 1127 67.83 52.91 88.80
N UNK L 1128 68.41 51.95 89.56
CA UNK L 1128 68.16 51.87 90.97
C UNK L 1128 69.49 51.54 91.61
N UNK L 1129 69.78 52.14 92.78
CA UNK L 1129 71.05 51.84 93.39
C UNK L 1129 70.94 51.99 94.87
N UNK L 1130 71.80 51.24 95.58
CA UNK L 1130 71.88 51.31 97.02
C UNK L 1130 73.27 51.77 97.29
N UNK L 1131 73.46 52.59 98.33
CA UNK L 1131 74.77 53.09 98.54
C UNK L 1131 75.19 52.81 99.95
N UNK L 1132 76.51 52.69 100.13
CA UNK L 1132 77.12 52.56 101.42
C UNK L 1132 78.08 53.71 101.43
N UNK L 1133 78.49 54.22 102.60
CA UNK L 1133 79.48 55.26 102.43
C UNK L 1133 80.68 54.52 101.88
N UNK L 1134 80.99 54.66 100.55
CA UNK L 1134 82.00 53.91 99.83
C UNK L 1134 81.64 53.74 98.37
N UNK L 1135 81.18 52.52 97.99
CA UNK L 1135 80.83 52.08 96.66
C UNK L 1135 79.39 51.63 96.66
N UNK L 1136 78.85 51.26 95.47
CA UNK L 1136 77.46 50.88 95.39
C UNK L 1136 77.22 49.67 96.24
N UNK L 1137 76.27 49.77 97.17
CA UNK L 1137 75.94 48.67 98.04
C UNK L 1137 75.31 47.58 97.24
N UNK L 1138 74.33 47.94 96.38
CA UNK L 1138 73.63 46.96 95.62
C UNK L 1138 72.98 47.66 94.47
N UNK L 1139 72.51 46.89 93.46
CA UNK L 1139 71.89 47.52 92.32
C UNK L 1139 70.65 46.78 91.96
N UNK L 1140 69.70 47.47 91.29
CA UNK L 1140 68.48 46.84 90.84
C UNK L 1140 68.53 46.82 89.35
N UNK L 1141 68.05 45.71 88.76
CA UNK L 1141 68.14 45.35 87.38
C UNK L 1141 67.37 46.17 86.37
N UNK L 1142 66.07 46.50 86.63
CA UNK L 1142 65.09 46.99 85.67
C UNK L 1142 65.74 47.71 84.52
N UNK L 1143 65.96 46.94 83.43
CA UNK L 1143 66.78 47.39 82.34
C UNK L 1143 66.21 48.59 81.65
N UNK L 1144 64.96 48.52 81.18
CA UNK L 1144 64.52 49.72 80.56
C UNK L 1144 63.22 50.05 81.19
N UNK L 1145 63.26 50.41 82.47
CA UNK L 1145 62.03 50.80 83.07
C UNK L 1145 62.37 51.93 83.97
N UNK L 1146 61.89 53.13 83.64
CA UNK L 1146 62.19 54.24 84.47
C UNK L 1146 61.37 54.07 85.70
N UNK L 1147 61.87 54.55 86.85
CA UNK L 1147 61.10 54.44 88.05
C UNK L 1147 60.50 55.79 88.30
N UNK L 1148 59.17 55.82 88.45
CA UNK L 1148 58.47 57.05 88.69
C UNK L 1148 58.84 57.60 90.04
N UNK L 1149 58.84 56.75 91.07
CA UNK L 1149 59.15 57.24 92.38
C UNK L 1149 59.50 56.09 93.25
N UNK L 1150 60.23 56.37 94.35
CA UNK L 1150 60.56 55.31 95.25
C UNK L 1150 60.35 55.82 96.65
N UNK L 1151 59.82 54.94 97.52
CA UNK L 1151 59.59 55.34 98.87
C UNK L 1151 60.28 54.33 99.73
N UNK L 1152 60.70 54.76 100.93
CA UNK L 1152 61.36 53.85 101.82
C UNK L 1152 60.44 53.65 102.98
N UNK L 1153 60.43 52.43 103.55
CA UNK L 1153 59.56 52.12 104.64
C UNK L 1153 60.01 52.89 105.83
N UNK L 1154 59.14 53.04 106.84
CA UNK L 1154 59.51 53.78 108.01
C UNK L 1154 60.71 53.10 108.56
N UNK L 1155 60.64 51.76 108.64
CA UNK L 1155 61.83 51.05 108.96
C UNK L 1155 62.36 50.80 107.59
N UNK L 1156 63.62 51.18 107.31
CA UNK L 1156 63.96 51.03 105.93
C UNK L 1156 64.42 49.64 105.67
N UNK L 1157 63.53 48.67 105.93
CA UNK L 1157 63.75 47.31 105.57
C UNK L 1157 63.56 47.19 104.10
N UNK L 1158 62.51 47.87 103.58
CA UNK L 1158 62.19 47.69 102.19
C UNK L 1158 62.02 49.01 101.52
N UNK L 1159 62.30 49.02 100.21
CA UNK L 1159 62.11 50.20 99.42
C UNK L 1159 61.17 49.80 98.33
N UNK L 1160 60.12 50.61 98.09
CA UNK L 1160 59.20 50.26 97.05
C UNK L 1160 59.31 51.30 96.01
N UNK L 1161 59.25 50.89 94.73
CA UNK L 1161 59.34 51.85 93.67
C UNK L 1161 58.34 51.47 92.64
N UNK L 1162 57.87 52.46 91.86
CA UNK L 1162 56.92 52.12 90.85
C UNK L 1162 57.64 52.17 89.54
N UNK L 1163 57.63 51.04 88.80
CA UNK L 1163 58.23 51.03 87.50
C UNK L 1163 57.26 51.75 86.62
N UNK L 1164 57.77 52.54 85.67
CA UNK L 1164 56.89 53.33 84.87
C UNK L 1164 56.21 52.53 83.83
N UNK L 1165 54.94 52.89 83.58
CA UNK L 1165 54.14 52.40 82.51
C UNK L 1165 53.56 53.68 82.00
N UNK L 1166 53.67 53.95 80.69
CA UNK L 1166 53.27 55.26 80.28
C UNK L 1166 53.52 55.35 78.82
N UNK L 1167 54.12 56.49 78.41
CA UNK L 1167 54.39 56.72 77.02
C UNK L 1167 55.20 55.57 76.55
N UNK L 1168 56.18 55.12 77.35
CA UNK L 1168 56.91 53.97 76.91
C UNK L 1168 56.15 52.78 77.39
N UNK L 1169 55.61 51.98 76.46
CA UNK L 1169 54.86 50.83 76.85
C UNK L 1169 55.81 49.75 77.21
N UNK L 1170 55.45 48.94 78.21
CA UNK L 1170 56.27 47.83 78.57
C UNK L 1170 55.48 47.01 79.54
N UNK L 1171 55.81 45.72 79.67
CA UNK L 1171 55.11 44.98 80.68
C UNK L 1171 55.71 45.52 81.93
N UNK L 1172 54.93 46.32 82.66
CA UNK L 1172 55.49 47.01 83.78
C UNK L 1172 54.35 47.58 84.55
N UNK L 1173 54.57 48.78 85.11
CA UNK L 1173 53.56 49.36 85.94
C UNK L 1173 53.43 48.42 87.08
N UNK L 1174 54.57 47.84 87.48
CA UNK L 1174 54.55 46.96 88.61
C UNK L 1174 55.26 47.68 89.70
N UNK L 1175 54.72 47.59 90.93
CA UNK L 1175 55.41 48.21 92.02
C UNK L 1175 56.22 47.12 92.61
N UNK L 1176 57.54 47.33 92.71
CA UNK L 1176 58.34 46.27 93.23
C UNK L 1176 58.87 46.71 94.56
N UNK L 1177 58.74 45.83 95.56
CA UNK L 1177 59.29 46.16 96.83
C UNK L 1177 60.53 45.36 96.94
N UNK L 1178 61.64 46.00 97.33
CA UNK L 1178 62.86 45.26 97.39
C UNK L 1178 63.18 45.09 98.84
N UNK L 1179 63.62 43.89 99.22
CA UNK L 1179 63.99 43.67 100.58
C UNK L 1179 65.41 44.19 100.67
N UNK L 1180 73.45 42.15 95.09
CA UNK L 1180 73.33 42.21 93.62
C UNK L 1180 72.10 42.93 93.24
N UNK L 1181 71.23 42.25 92.46
CA UNK L 1181 70.02 42.72 91.86
C UNK L 1181 69.09 43.20 92.93
N UNK L 1182 69.26 42.70 94.17
CA UNK L 1182 68.31 43.03 95.19
C UNK L 1182 66.97 42.53 94.74
N UNK L 1183 66.66 41.29 95.17
CA UNK L 1183 65.45 40.61 94.83
C UNK L 1183 64.28 41.40 95.31
N UNK L 1184 63.16 41.27 94.59
CA UNK L 1184 62.00 42.00 94.96
C UNK L 1184 61.18 41.12 95.85
N UNK L 1185 60.92 41.61 97.08
CA UNK L 1185 60.15 40.88 98.03
C UNK L 1185 58.75 40.78 97.54
N UNK L 1186 58.19 41.88 97.02
CA UNK L 1186 56.81 41.83 96.62
C UNK L 1186 56.65 42.49 95.29
N UNK L 1187 55.59 42.09 94.56
CA UNK L 1187 55.33 42.70 93.29
C UNK L 1187 53.89 43.10 93.27
N UNK L 1188 53.59 44.27 92.68
CA UNK L 1188 52.25 44.72 92.59
C UNK L 1188 52.03 45.17 91.19
N UNK L 1189 50.79 45.06 90.68
CA UNK L 1189 50.59 45.48 89.33
C UNK L 1189 49.61 46.59 89.31
N UNK L 1190 50.00 47.71 88.67
CA UNK L 1190 49.16 48.85 88.47
C UNK L 1190 50.07 50.00 88.21
N UNK L 1191 49.67 50.92 87.32
CA UNK L 1191 50.51 52.05 87.07
C UNK L 1191 50.45 52.89 88.28
N UNK L 1192 51.57 53.54 88.67
CA UNK L 1192 51.46 54.34 89.86
C UNK L 1192 52.12 55.66 89.64
N UNK L 1193 51.35 56.74 89.88
CA UNK L 1193 51.92 58.05 89.85
C UNK L 1193 52.84 58.15 91.02
N UNK L 1194 52.39 57.63 92.17
CA UNK L 1194 53.18 57.69 93.36
C UNK L 1194 52.63 56.70 94.34
N UNK L 1195 53.40 56.39 95.40
CA UNK L 1195 52.97 55.47 96.40
C UNK L 1195 53.46 55.98 97.71
N UNK L 1196 52.81 55.54 98.82
CA UNK L 1196 53.23 55.99 100.12
C UNK L 1196 53.11 54.82 101.05
N UNK L 1197 53.89 54.85 102.15
CA UNK L 1197 53.84 53.76 103.08
C UNK L 1197 53.24 54.27 104.35
N UNK L 1198 52.47 53.39 105.02
CA UNK L 1198 51.88 53.74 106.29
C UNK L 1198 52.98 53.64 107.29
N UNK L 1199 52.77 54.23 108.48
CA UNK L 1199 53.77 54.19 109.52
C UNK L 1199 53.99 52.75 109.84
N UNK L 1200 52.89 51.97 109.86
CA UNK L 1200 52.93 50.57 110.16
C UNK L 1200 53.76 49.90 109.12
N UNK L 1201 53.69 50.40 107.88
CA UNK L 1201 54.38 49.81 106.76
C UNK L 1201 53.66 48.55 106.40
N UNK L 1202 52.49 48.34 107.03
CA UNK L 1202 51.65 47.23 106.72
C UNK L 1202 51.10 47.40 105.34
N UNK L 1203 50.67 48.64 104.99
CA UNK L 1203 50.03 48.82 103.72
C UNK L 1203 50.68 49.96 102.99
N UNK L 1204 50.49 49.98 101.66
CA UNK L 1204 51.02 51.03 100.86
C UNK L 1204 49.89 51.58 100.05
N UNK L 1205 49.92 52.91 99.80
CA UNK L 1205 48.86 53.48 99.02
C UNK L 1205 49.41 53.63 97.64
N UNK L 1206 48.63 53.23 96.63
CA UNK L 1206 49.10 53.32 95.28
C UNK L 1206 48.28 54.36 94.59
N UNK L 1207 48.96 55.22 93.81
CA UNK L 1207 48.25 56.22 93.08
C UNK L 1207 48.26 55.80 91.65
N UNK L 1208 47.11 55.88 90.98
CA UNK L 1208 47.03 55.46 89.60
C UNK L 1208 46.09 56.40 88.92
N UNK L 1209 46.07 56.36 87.57
CA UNK L 1209 45.18 57.21 86.86
C UNK L 1209 43.80 56.80 87.28
N UNK L 1210 43.59 55.49 87.41
CA UNK L 1210 42.33 54.96 87.83
C UNK L 1210 42.24 55.18 89.30
N UNK L 1211 41.19 54.62 89.92
CA UNK L 1211 41.04 54.78 91.34
C UNK L 1211 42.29 54.28 91.96
N UNK L 1212 42.69 54.88 93.10
CA UNK L 1212 43.90 54.50 93.77
C UNK L 1212 43.64 53.19 94.41
N UNK L 1213 44.72 52.45 94.69
CA UNK L 1213 44.57 51.17 95.32
C UNK L 1213 45.34 51.19 96.60
N UNK L 1214 44.81 50.48 97.61
CA UNK L 1214 45.53 50.33 98.84
C UNK L 1214 45.82 48.87 98.91
N UNK L 1215 47.10 48.50 99.10
CA UNK L 1215 47.40 47.09 99.14
C UNK L 1215 48.12 46.83 100.42
N UNK L 1216 47.94 45.63 101.00
CA UNK L 1216 48.60 45.34 102.24
C UNK L 1216 49.74 44.42 101.95
N UNK L 1217 50.89 44.68 102.60
CA UNK L 1217 52.03 43.83 102.44
C UNK L 1217 52.23 43.16 103.76
N UNK L 1218 52.60 41.87 103.75
CA UNK L 1218 52.76 41.21 105.02
C UNK L 1218 54.21 41.28 105.37
N UNK L 1219 54.49 41.79 106.58
CA UNK L 1219 55.86 41.87 107.01
C UNK L 1219 56.36 40.47 107.11
N UNK L 1220 55.52 39.58 107.65
CA UNK L 1220 55.90 38.20 107.79
C UNK L 1220 54.71 37.40 107.38
N UNK L 1221 54.95 36.13 107.01
CA UNK L 1221 53.86 35.28 106.63
C UNK L 1221 52.95 35.18 107.85
N MET M 7 -41.70 37.94 19.03
CA MET M 7 -41.13 37.93 17.67
C MET M 7 -40.96 36.48 17.33
N ASP M 8 -40.64 36.19 16.07
CA ASP M 8 -40.45 34.83 15.70
C ASP M 8 -39.18 34.47 16.38
N PHE M 9 -38.84 33.17 16.40
CA PHE M 9 -37.61 32.83 17.07
C PHE M 9 -36.52 33.55 16.36
N GLU M 10 -36.50 33.47 15.02
CA GLU M 10 -35.46 34.12 14.28
C GLU M 10 -35.55 35.59 14.48
N THR M 11 -36.77 36.14 14.58
CA THR M 11 -36.88 37.56 14.72
C THR M 11 -36.18 37.95 15.98
N GLY M 12 -36.51 37.25 17.09
CA GLY M 12 -35.95 37.54 18.38
C GLY M 12 -34.50 37.25 18.40
N GLU M 13 -34.09 36.13 17.77
CA GLU M 13 -32.71 35.75 17.81
C GLU M 13 -31.91 36.83 17.17
N HIS M 14 -32.39 37.30 16.01
CA HIS M 14 -31.70 38.34 15.31
C HIS M 14 -31.78 39.64 16.06
N GLN M 15 -32.93 39.97 16.67
CA GLN M 15 -33.03 41.22 17.37
C GLN M 15 -32.06 41.17 18.50
N TYR M 16 -32.05 40.01 19.15
CA TYR M 16 -31.25 39.71 20.28
C TYR M 16 -29.81 39.84 19.88
N GLN M 17 -29.44 39.36 18.69
CA GLN M 17 -28.09 39.47 18.20
C GLN M 17 -27.75 40.87 17.80
N TYR M 18 -28.70 41.49 17.09
CA TYR M 18 -28.69 42.72 16.38
C TYR M 18 -28.63 43.88 17.32
N LYS M 19 -28.75 43.64 18.63
CA LYS M 19 -28.84 44.62 19.68
C LYS M 19 -27.75 45.66 19.69
N ASP M 20 -26.47 45.25 19.79
CA ASP M 20 -25.39 46.18 19.97
C ASP M 20 -25.41 47.14 18.83
N ILE M 21 -25.64 46.61 17.63
CA ILE M 21 -25.69 47.47 16.50
C ILE M 21 -26.83 48.45 16.66
N LEU M 22 -28.02 48.01 17.13
CA LEU M 22 -29.04 49.01 17.22
C LEU M 22 -28.67 50.06 18.23
N SER M 23 -28.21 49.63 19.42
CA SER M 23 -27.99 50.59 20.46
C SER M 23 -26.99 51.61 20.02
N VAL M 24 -25.83 51.13 19.54
CA VAL M 24 -24.78 52.01 19.13
C VAL M 24 -25.19 52.81 17.93
N PHE M 25 -25.89 52.18 16.98
CA PHE M 25 -26.08 52.86 15.73
C PHE M 25 -26.85 54.12 15.94
N GLU M 26 -28.05 54.01 16.52
CA GLU M 26 -28.85 55.18 16.71
C GLU M 26 -28.20 56.00 17.73
N ASP M 27 -27.55 55.41 18.76
CA ASP M 27 -26.97 56.06 19.92
C ASP M 27 -26.72 57.53 19.70
N ALA M 28 -27.27 58.37 20.60
CA ALA M 28 -27.22 59.80 20.56
C ALA M 28 -28.25 60.30 19.60
N PHE M 29 -28.50 59.51 18.54
CA PHE M 29 -29.64 59.57 17.66
C PHE M 29 -30.78 58.75 18.20
N VAL M 30 -30.48 57.59 18.85
CA VAL M 30 -31.53 56.72 19.34
C VAL M 30 -32.31 57.49 20.36
N ASP M 31 -31.58 58.24 21.21
CA ASP M 31 -32.24 58.96 22.26
C ASP M 31 -33.16 59.96 21.64
N ASN M 32 -32.66 60.67 20.61
CA ASN M 32 -33.44 61.71 20.00
C ASN M 32 -34.64 61.09 19.36
N PHE M 33 -34.46 59.95 18.66
CA PHE M 33 -35.59 59.45 17.96
C PHE M 33 -36.63 59.00 18.92
N ASP M 34 -36.26 58.42 20.09
CA ASP M 34 -37.24 57.98 21.05
C ASP M 34 -38.08 59.13 21.49
N CYS M 35 -37.46 60.28 21.78
CA CYS M 35 -38.24 61.37 22.28
C CYS M 35 -39.27 61.73 21.27
N LYS M 36 -38.87 61.76 19.97
CA LYS M 36 -39.77 62.07 18.89
C LYS M 36 -40.76 60.96 18.87
N ASP M 37 -40.25 59.77 19.26
CA ASP M 37 -40.81 58.45 19.11
C ASP M 37 -42.09 58.22 19.81
N VAL M 38 -42.44 59.05 20.79
CA VAL M 38 -43.56 58.78 21.63
C VAL M 38 -44.80 58.52 20.84
N GLN M 39 -45.01 59.04 19.63
CA GLN M 39 -46.26 58.52 19.13
C GLN M 39 -46.11 57.06 18.75
N ASP M 40 -45.01 56.75 18.08
CA ASP M 40 -44.74 55.38 17.65
C ASP M 40 -44.89 54.39 18.79
N MET M 41 -44.01 54.52 19.79
CA MET M 41 -44.04 53.64 20.95
C MET M 41 -45.45 53.52 21.52
N PRO M 42 -46.27 54.53 21.27
CA PRO M 42 -47.65 54.55 21.75
C PRO M 42 -48.58 53.76 20.84
N LYS M 43 -48.01 52.90 20.00
CA LYS M 43 -48.79 52.09 19.09
C LYS M 43 -48.33 50.64 19.10
N SER M 44 -49.14 49.76 18.51
CA SER M 44 -48.81 48.33 18.45
C SER M 44 -47.31 48.11 18.58
N ILE M 45 -46.64 49.01 19.31
CA ILE M 45 -45.20 48.91 19.50
C ILE M 45 -44.84 49.11 20.97
N LEU M 46 -45.32 50.20 21.55
CA LEU M 46 -45.04 50.52 22.95
C LEU M 46 -46.06 51.49 23.51
N SER M 47 -46.94 51.00 24.38
CA SER M 47 -47.97 51.83 24.99
C SER M 47 -47.45 53.23 25.27
N LYS M 48 -48.36 54.18 25.45
CA LYS M 48 -48.00 55.52 25.72
C LYS M 48 -47.10 55.52 26.90
N GLU M 49 -47.47 54.71 27.90
CA GLU M 49 -46.70 54.67 29.11
C GLU M 49 -45.34 54.13 28.79
N GLU M 50 -45.29 53.14 27.89
CA GLU M 50 -44.05 52.49 27.63
C GLU M 50 -43.06 53.42 27.00
N ILE M 51 -43.48 54.38 26.14
CA ILE M 51 -42.41 55.16 25.58
C ILE M 51 -41.80 55.97 26.67
N ASP M 52 -42.65 56.52 27.54
CA ASP M 52 -42.16 57.31 28.63
C ASP M 52 -41.30 56.42 29.46
N HIS M 53 -41.67 55.13 29.52
CA HIS M 53 -40.92 54.22 30.32
C HIS M 53 -39.50 54.16 29.81
N ILE M 54 -39.30 53.95 28.50
CA ILE M 54 -37.96 53.84 27.99
C ILE M 54 -37.25 55.14 28.15
N ILE M 55 -37.98 56.22 27.88
CA ILE M 55 -37.45 57.55 27.88
C ILE M 55 -36.88 57.84 29.23
N MET M 56 -37.58 57.42 30.29
CA MET M 56 -37.17 57.74 31.64
C MET M 56 -35.82 57.18 31.95
N SER M 57 -35.52 55.92 31.56
CA SER M 57 -34.21 55.39 31.85
C SER M 57 -33.22 56.30 31.19
N LYS M 58 -32.50 57.03 32.04
CA LYS M 58 -31.63 58.10 31.65
C LYS M 58 -30.53 57.60 30.79
N ASP M 59 -29.87 56.54 31.25
CA ASP M 59 -28.64 56.12 30.65
C ASP M 59 -28.93 55.66 29.29
N ALA M 60 -28.01 55.97 28.35
CA ALA M 60 -28.24 55.63 26.99
C ALA M 60 -28.36 54.15 26.90
N VAL M 61 -27.50 53.42 27.65
CA VAL M 61 -27.52 52.00 27.62
C VAL M 61 -28.85 51.54 28.12
N SER M 62 -29.31 52.14 29.22
CA SER M 62 -30.56 51.77 29.85
C SER M 62 -31.69 52.04 28.92
N GLY M 63 -31.63 53.18 28.22
CA GLY M 63 -32.72 53.55 27.37
C GLY M 63 -32.87 52.53 26.30
N THR M 64 -31.74 52.08 25.72
CA THR M 64 -31.84 51.12 24.65
C THR M 64 -32.35 49.83 25.19
N LEU M 65 -31.86 49.42 26.37
CA LEU M 65 -32.24 48.16 26.94
C LEU M 65 -33.69 48.19 27.28
N ARG M 66 -34.18 49.33 27.81
CA ARG M 66 -35.55 49.38 28.21
C ARG M 66 -36.45 49.14 27.03
N LEU M 67 -36.18 49.80 25.90
CA LEU M 67 -37.06 49.65 24.76
C LEU M 67 -37.01 48.24 24.27
N PHE M 68 -35.81 47.62 24.24
CA PHE M 68 -35.73 46.28 23.72
C PHE M 68 -36.54 45.39 24.61
N TRP M 69 -36.51 45.66 25.92
CA TRP M 69 -37.21 44.85 26.87
C TRP M 69 -38.67 44.86 26.56
N THR M 70 -39.25 46.06 26.34
CA THR M 70 -40.67 46.13 26.09
C THR M 70 -40.99 45.40 24.82
N LEU M 71 -40.09 45.51 23.82
CA LEU M 71 -40.26 44.93 22.52
C LEU M 71 -40.34 43.44 22.65
N LEU M 72 -39.54 42.84 23.54
CA LEU M 72 -39.50 41.40 23.64
C LEU M 72 -40.85 40.87 24.02
N SER M 73 -41.55 41.57 24.92
CA SER M 73 -42.80 41.11 25.46
C SER M 73 -43.80 40.99 24.38
N LYS M 74 -43.57 41.60 23.22
CA LYS M 74 -44.57 41.49 22.22
C LYS M 74 -44.30 40.35 21.33
N GLN M 75 -45.24 40.22 20.39
CA GLN M 75 -45.29 39.15 19.47
C GLN M 75 -44.49 39.50 18.28
N GLU M 76 -44.51 38.57 17.31
CA GLU M 76 -43.84 38.76 16.05
C GLU M 76 -44.39 39.98 15.44
N GLU M 77 -45.68 40.26 15.68
CA GLU M 77 -46.30 41.38 15.05
C GLU M 77 -45.55 42.62 15.42
N MET M 78 -45.10 42.72 16.68
CA MET M 78 -44.43 43.90 17.14
C MET M 78 -43.17 44.12 16.35
N VAL M 79 -42.39 43.05 16.06
CA VAL M 79 -41.18 43.30 15.35
C VAL M 79 -41.52 43.86 14.02
N GLN M 80 -42.61 43.36 13.41
CA GLN M 80 -43.02 43.82 12.12
C GLN M 80 -43.43 45.26 12.20
N LYS M 81 -44.14 45.66 13.27
CA LYS M 81 -44.57 47.02 13.35
C LYS M 81 -43.36 47.89 13.51
N PHE M 82 -42.43 47.48 14.39
CA PHE M 82 -41.23 48.20 14.68
C PHE M 82 -40.42 48.30 13.43
N VAL M 83 -40.35 47.21 12.64
CA VAL M 83 -39.54 47.30 11.47
C VAL M 83 -40.13 48.35 10.58
N GLU M 84 -41.48 48.42 10.55
CA GLU M 84 -42.14 49.37 9.70
C GLU M 84 -41.78 50.75 10.13
N GLU M 85 -41.76 51.01 11.45
CA GLU M 85 -41.46 52.34 11.90
C GLU M 85 -40.08 52.70 11.48
N VAL M 86 -39.14 51.72 11.50
CA VAL M 86 -37.78 52.03 11.17
C VAL M 86 -37.71 52.45 9.73
N LEU M 87 -38.47 51.79 8.84
CA LEU M 87 -38.43 52.12 7.43
C LEU M 87 -39.05 53.48 7.26
N ARG M 88 -40.13 53.78 7.99
CA ARG M 88 -40.77 55.06 7.86
C ARG M 88 -39.77 56.10 8.27
N ILE M 89 -39.02 55.78 9.34
CA ILE M 89 -37.97 56.62 9.85
C ILE M 89 -36.95 56.72 8.77
N ASN M 90 -36.88 55.66 7.94
CA ASN M 90 -35.88 55.50 6.92
C ASN M 90 -34.61 55.68 7.59
N TYR M 91 -34.49 54.84 8.62
CA TYR M 91 -33.30 54.74 9.36
C TYR M 91 -32.64 53.72 8.51
N LYS M 92 -32.13 54.21 7.36
CA LYS M 92 -31.82 53.38 6.25
C LYS M 92 -30.86 52.28 6.55
N PHE M 93 -29.70 52.58 7.12
CA PHE M 93 -28.76 51.50 7.26
C PHE M 93 -29.31 50.52 8.20
N LEU M 94 -29.85 50.96 9.34
CA LEU M 94 -30.29 50.02 10.32
C LEU M 94 -31.42 49.23 9.80
N MET M 95 -32.34 49.88 9.04
CA MET M 95 -33.47 49.12 8.60
C MET M 95 -33.03 48.04 7.66
N SER M 96 -31.99 48.29 6.83
CA SER M 96 -31.58 47.27 5.89
C SER M 96 -31.15 46.03 6.62
N PRO M 97 -30.23 46.07 7.56
CA PRO M 97 -29.99 44.86 8.26
C PRO M 97 -31.15 44.27 9.02
N ILE M 98 -32.10 45.07 9.50
CA ILE M 98 -33.17 44.41 10.18
C ILE M 98 -33.94 43.57 9.20
N LYS M 99 -34.17 44.08 7.96
CA LYS M 99 -34.95 43.29 7.05
C LYS M 99 -34.23 42.04 6.66
N THR M 100 -32.89 42.08 6.57
CA THR M 100 -32.20 40.88 6.19
C THR M 100 -32.44 39.86 7.28
N GLU M 101 -32.45 40.36 8.52
CA GLU M 101 -32.64 39.63 9.73
C GLU M 101 -33.93 38.86 9.66
N GLN M 102 -35.04 39.48 9.23
CA GLN M 102 -36.25 38.72 9.24
C GLN M 102 -36.14 37.54 8.32
N ARG M 103 -36.36 36.34 8.92
CA ARG M 103 -36.29 35.02 8.33
C ARG M 103 -34.96 34.74 7.68
N GLN M 104 -33.85 34.75 8.47
CA GLN M 104 -32.55 34.41 7.91
C GLN M 104 -31.78 33.61 8.92
N PRO M 105 -31.14 32.54 8.49
CA PRO M 105 -30.30 31.76 9.39
C PRO M 105 -28.88 32.24 9.43
N SER M 106 -28.09 31.86 10.47
CA SER M 106 -26.70 32.20 10.57
C SER M 106 -26.11 31.39 11.68
N MET M 107 -24.78 31.18 11.65
CA MET M 107 -24.14 30.44 12.71
C MET M 107 -24.27 31.19 13.99
N MET M 108 -23.98 32.51 13.96
CA MET M 108 -24.03 33.34 15.13
C MET M 108 -25.43 33.44 15.64
N THR M 109 -26.40 33.56 14.72
CA THR M 109 -27.77 33.70 15.13
C THR M 109 -28.20 32.47 15.84
N ARG M 110 -27.83 31.31 15.27
CA ARG M 110 -28.26 30.04 15.79
C ARG M 110 -27.70 29.85 17.16
N MET M 111 -26.44 30.24 17.39
CA MET M 111 -25.89 30.02 18.69
C MET M 111 -26.62 30.85 19.70
N TYR M 112 -27.00 32.10 19.34
CA TYR M 112 -27.63 32.94 20.30
C TYR M 112 -28.97 32.39 20.69
N ILE M 113 -29.75 31.88 19.72
CA ILE M 113 -31.05 31.37 20.02
C ILE M 113 -30.92 30.20 20.93
N GLU M 114 -29.92 29.35 20.68
CA GLU M 114 -29.71 28.17 21.45
C GLU M 114 -29.46 28.54 22.88
N GLN M 115 -28.63 29.57 23.10
CA GLN M 115 -28.26 29.96 24.43
C GLN M 115 -29.48 30.44 25.16
N ARG M 116 -30.32 31.21 24.47
CA ARG M 116 -31.51 31.76 25.06
C ARG M 116 -32.41 30.65 25.52
N ASP M 117 -32.60 29.61 24.68
CA ASP M 117 -33.50 28.55 25.03
C ASP M 117 -32.97 27.84 26.24
N ARG M 118 -31.65 27.64 26.30
CA ARG M 118 -31.08 26.90 27.39
C ARG M 118 -31.35 27.61 28.67
N LEU M 119 -31.20 28.95 28.69
CA LEU M 119 -31.42 29.60 29.94
C LEU M 119 -32.86 29.51 30.36
N TYR M 120 -33.80 29.55 29.42
CA TYR M 120 -35.19 29.44 29.80
C TYR M 120 -35.39 28.13 30.48
N ASN M 121 -34.84 27.05 29.92
CA ASN M 121 -35.02 25.72 30.43
C ASN M 121 -34.46 25.66 31.81
N ASP M 122 -33.34 26.36 32.02
CA ASP M 122 -32.66 26.37 33.28
C ASP M 122 -33.55 26.92 34.33
N ASN M 123 -34.36 27.96 34.03
CA ASN M 123 -35.09 28.42 35.18
C ASN M 123 -36.27 29.28 34.86
N GLN M 124 -36.22 30.06 33.75
CA GLN M 124 -37.24 31.06 33.54
C GLN M 124 -38.58 30.48 33.19
N VAL M 125 -39.32 30.02 34.23
CA VAL M 125 -40.69 29.61 34.12
C VAL M 125 -41.54 30.82 34.19
N PHE M 126 -41.28 31.56 35.28
CA PHE M 126 -41.85 32.81 35.56
C PHE M 126 -40.99 33.55 36.34
N ALA M 127 -41.63 34.67 36.38
CA ALA M 127 -41.23 35.81 36.87
C ALA M 127 -41.99 36.63 35.94
N LYS M 128 -43.25 36.86 36.29
CA LYS M 128 -44.07 37.53 35.36
C LYS M 128 -43.58 38.91 35.19
N TYR M 129 -43.32 39.63 36.29
CA TYR M 129 -42.89 40.95 35.98
C TYR M 129 -41.71 41.38 36.77
N ASN M 130 -40.89 42.22 36.14
CA ASN M 130 -39.58 42.44 36.67
C ASN M 130 -39.14 43.86 36.54
N VAL M 131 -38.31 44.25 37.51
CA VAL M 131 -37.72 45.50 37.84
C VAL M 131 -36.43 45.43 37.13
N SER M 132 -36.08 46.53 36.46
CA SER M 132 -34.91 46.43 35.67
C SER M 132 -33.84 47.12 36.42
N ARG M 133 -32.83 46.35 36.82
CA ARG M 133 -31.75 46.93 37.52
C ARG M 133 -30.78 47.04 36.47
N LEU M 134 -30.84 48.16 35.80
CA LEU M 134 -29.89 48.18 34.78
C LEU M 134 -28.57 48.29 35.45
N GLN M 135 -28.53 49.00 36.60
CA GLN M 135 -27.26 49.23 37.19
C GLN M 135 -26.57 47.94 37.57
N PRO M 136 -27.16 47.01 38.28
CA PRO M 136 -26.39 45.82 38.57
C PRO M 136 -26.16 44.95 37.37
N TYR M 137 -27.10 44.99 36.42
CA TYR M 137 -27.08 44.21 35.21
C TYR M 137 -25.90 44.59 34.37
N LEU M 138 -25.71 45.90 34.16
CA LEU M 138 -24.63 46.37 33.36
C LEU M 138 -23.33 46.07 34.04
N LYS M 139 -23.28 46.21 35.38
CA LYS M 139 -22.03 46.02 36.06
C LYS M 139 -21.54 44.63 35.85
N LEU M 140 -22.42 43.63 35.98
CA LEU M 140 -21.97 42.27 35.88
C LEU M 140 -21.47 42.03 34.51
N ARG M 141 -22.18 42.52 33.46
CA ARG M 141 -21.76 42.12 32.15
C ARG M 141 -20.41 42.70 31.87
N GLN M 142 -20.20 43.96 32.28
CA GLN M 142 -18.99 44.65 31.92
C GLN M 142 -17.84 43.92 32.50
N ALA M 143 -17.95 43.56 33.79
CA ALA M 143 -16.86 42.91 34.45
C ALA M 143 -16.62 41.58 33.82
N LEU M 144 -17.70 40.83 33.53
CA LEU M 144 -17.54 39.50 33.04
C LEU M 144 -16.88 39.56 31.70
N LEU M 145 -17.27 40.54 30.87
CA LEU M 145 -16.72 40.66 29.56
C LEU M 145 -15.26 40.92 29.72
N GLU M 146 -14.91 41.85 30.61
CA GLU M 146 -13.56 42.30 30.78
C GLU M 146 -12.67 41.21 31.29
N LEU M 147 -13.07 40.50 32.37
CA LEU M 147 -12.08 39.56 32.82
C LEU M 147 -12.49 38.23 32.32
N ARG M 148 -12.04 37.93 31.11
CA ARG M 148 -12.28 36.68 30.46
C ARG M 148 -11.51 35.58 31.14
N PRO M 149 -10.27 35.80 31.50
CA PRO M 149 -9.50 34.73 32.09
C PRO M 149 -10.10 34.32 33.39
N ALA M 150 -9.66 33.16 33.93
CA ALA M 150 -10.25 32.61 35.12
C ALA M 150 -10.28 33.67 36.17
N LYS M 151 -11.45 33.79 36.82
CA LYS M 151 -11.62 34.73 37.89
C LYS M 151 -12.82 34.32 38.63
N ASN M 152 -13.19 35.08 39.69
CA ASN M 152 -14.40 34.72 40.35
C ASN M 152 -15.27 35.93 40.42
N VAL M 153 -16.41 35.89 39.71
CA VAL M 153 -17.33 36.98 39.77
C VAL M 153 -18.31 36.55 40.79
N LEU M 154 -18.39 37.28 41.92
CA LEU M 154 -19.39 36.87 42.84
C LEU M 154 -20.59 37.63 42.46
N ILE M 155 -21.67 37.06 42.92
CA ILE M 155 -22.94 37.64 42.98
C ILE M 155 -23.30 37.04 44.28
N ASP M 156 -23.72 37.85 45.23
CA ASP M 156 -24.04 37.26 46.50
C ASP M 156 -24.99 38.03 47.39
N GLY M 157 -26.25 37.60 47.63
CA GLY M 157 -27.16 38.47 48.36
C GLY M 157 -28.02 37.60 49.22
N VAL M 158 -29.10 38.20 49.79
CA VAL M 158 -30.03 37.51 50.65
C VAL M 158 -30.68 36.45 49.84
N LEU M 159 -31.17 35.37 50.50
CA LEU M 159 -31.80 34.35 49.72
C LEU M 159 -32.96 34.95 49.01
N GLY M 160 -33.04 34.69 47.69
CA GLY M 160 -34.16 35.13 46.89
C GLY M 160 -33.98 36.57 46.48
N SER M 161 -32.76 37.12 46.59
CA SER M 161 -32.50 38.49 46.22
C SER M 161 -32.60 38.61 44.74
N GLY M 162 -32.56 37.48 44.00
CA GLY M 162 -32.64 37.57 42.58
C GLY M 162 -31.28 37.45 41.95
N LYS M 163 -30.41 36.77 42.69
CA LYS M 163 -29.06 36.56 42.28
C LYS M 163 -29.00 35.83 40.97
N THR M 164 -29.62 34.62 40.93
CA THR M 164 -29.64 33.58 39.89
C THR M 164 -30.39 34.03 38.71
N TRP M 165 -31.52 34.71 38.96
CA TRP M 165 -32.28 35.20 37.88
C TRP M 165 -31.35 36.15 37.14
N VAL M 166 -30.66 37.13 37.84
CA VAL M 166 -29.81 38.12 37.26
C VAL M 166 -28.75 37.46 36.43
N ALA M 167 -28.16 36.38 36.93
CA ALA M 167 -27.09 35.73 36.22
C ALA M 167 -27.58 35.21 34.91
N LEU M 168 -28.78 34.62 34.91
CA LEU M 168 -29.29 34.05 33.70
C LEU M 168 -29.45 35.13 32.69
N ASP M 169 -30.02 36.26 33.10
CA ASP M 169 -30.32 37.36 32.22
C ASP M 169 -29.06 37.87 31.61
N VAL M 170 -27.98 37.95 32.40
CA VAL M 170 -26.77 38.48 31.84
C VAL M 170 -26.32 37.58 30.75
N CYS M 171 -26.42 36.26 30.95
CA CYS M 171 -25.99 35.34 29.95
C CYS M 171 -26.88 35.44 28.73
N LEU M 172 -28.22 35.60 28.93
CA LEU M 172 -29.16 35.59 27.84
C LEU M 172 -29.15 36.73 26.87
N SER M 173 -29.08 38.02 27.30
CA SER M 173 -29.20 39.10 26.34
C SER M 173 -27.90 39.34 25.62
N TYR M 174 -26.87 38.71 26.19
CA TYR M 174 -25.44 38.69 26.02
C TYR M 174 -24.79 37.99 24.89
N LYS M 175 -25.39 37.97 23.68
CA LYS M 175 -24.84 37.23 22.58
C LYS M 175 -23.34 37.45 22.49
N VAL M 176 -22.85 38.68 22.77
CA VAL M 176 -21.43 38.93 22.69
C VAL M 176 -20.70 38.08 23.69
N GLN M 177 -21.20 38.01 24.94
CA GLN M 177 -20.52 37.30 25.99
C GLN M 177 -20.48 35.85 25.64
N CYS M 178 -21.60 35.33 25.10
CA CYS M 178 -21.69 33.93 24.79
C CYS M 178 -20.68 33.61 23.72
N LYS M 179 -20.48 34.51 22.75
CA LYS M 179 -19.55 34.21 21.70
C LYS M 179 -18.17 34.11 22.26
N MET M 180 -17.77 35.08 23.10
CA MET M 180 -16.42 35.08 23.57
C MET M 180 -16.16 33.88 24.39
N ASP M 181 -17.06 33.54 25.32
CA ASP M 181 -16.80 32.36 26.08
C ASP M 181 -17.06 31.23 25.14
N PHE M 182 -16.19 30.21 25.11
CA PHE M 182 -16.46 29.19 24.14
C PHE M 182 -17.74 28.51 24.46
N LYS M 183 -17.89 28.07 25.72
CA LYS M 183 -19.08 27.37 26.09
C LYS M 183 -19.34 27.68 27.52
N ILE M 184 -20.57 27.47 28.01
CA ILE M 184 -20.80 27.78 29.38
C ILE M 184 -21.47 26.61 30.04
N PHE M 185 -21.06 26.31 31.28
CA PHE M 185 -21.64 25.22 32.02
C PHE M 185 -22.26 25.81 33.24
N TRP M 186 -23.55 25.49 33.49
CA TRP M 186 -24.21 26.04 34.64
C TRP M 186 -24.67 24.89 35.49
N LEU M 187 -24.29 24.91 36.78
CA LEU M 187 -24.76 23.88 37.67
C LEU M 187 -25.12 24.53 38.96
N ASN M 188 -26.16 24.00 39.64
CA ASN M 188 -26.52 24.53 40.91
C ASN M 188 -25.98 23.58 41.91
N LEU M 189 -25.01 24.04 42.72
CA LEU M 189 -24.35 23.15 43.63
C LEU M 189 -25.28 22.75 44.72
N LYS M 190 -25.24 21.44 45.02
CA LYS M 190 -25.92 20.79 46.10
C LYS M 190 -24.97 20.98 47.25
N ASN M 191 -25.46 20.89 48.50
CA ASN M 191 -24.68 21.17 49.68
C ASN M 191 -23.36 20.45 49.57
N CYS M 192 -22.28 21.26 49.41
CA CYS M 192 -20.91 20.85 49.29
C CYS M 192 -20.36 20.46 50.62
N ASN M 193 -20.86 21.09 51.70
CA ASN M 193 -20.32 20.78 52.98
C ASN M 193 -20.50 19.33 53.28
N SER M 194 -21.58 18.70 52.78
CA SER M 194 -21.68 17.27 52.93
C SER M 194 -20.67 16.69 51.98
N PRO M 195 -19.87 15.77 52.48
CA PRO M 195 -18.76 15.16 51.80
C PRO M 195 -18.93 14.48 50.46
N GLU M 196 -19.80 13.44 50.36
CA GLU M 196 -19.90 12.65 49.17
C GLU M 196 -20.32 13.57 48.08
N THR M 197 -20.96 14.68 48.47
CA THR M 197 -21.54 15.61 47.56
C THR M 197 -20.52 16.07 46.56
N VAL M 198 -19.29 16.40 46.98
CA VAL M 198 -18.35 16.95 46.04
C VAL M 198 -18.12 15.98 44.92
N LEU M 199 -17.88 14.70 45.23
CA LEU M 199 -17.63 13.77 44.16
C LEU M 199 -18.82 13.66 43.29
N GLU M 200 -20.01 13.67 43.91
CA GLU M 200 -21.24 13.49 43.19
C GLU M 200 -21.34 14.59 42.18
N MET M 201 -21.07 15.84 42.60
CA MET M 201 -21.25 16.96 41.72
C MET M 201 -20.29 16.86 40.57
N LEU M 202 -19.03 16.48 40.86
CA LEU M 202 -18.02 16.48 39.86
C LEU M 202 -18.30 15.39 38.88
N GLN M 203 -18.92 14.29 39.33
CA GLN M 203 -19.19 13.20 38.43
C GLN M 203 -20.09 13.70 37.36
N LYS M 204 -21.09 14.51 37.73
CA LYS M 204 -22.03 15.03 36.78
C LYS M 204 -21.27 15.88 35.81
N LEU M 205 -20.27 16.63 36.31
CA LEU M 205 -19.51 17.49 35.47
C LEU M 205 -18.85 16.64 34.45
N LEU M 206 -18.35 15.48 34.90
CA LEU M 206 -17.60 14.60 34.06
C LEU M 206 -18.54 14.15 32.99
N TYR M 207 -19.80 13.86 33.36
CA TYR M 207 -20.73 13.33 32.40
C TYR M 207 -20.99 14.36 31.33
N GLN M 208 -21.25 15.61 31.73
CA GLN M 208 -21.60 16.64 30.79
C GLN M 208 -20.44 16.94 29.91
N ILE M 209 -19.21 16.91 30.46
CA ILE M 209 -18.07 17.27 29.67
C ILE M 209 -18.02 16.31 28.53
N ASP M 210 -18.22 15.01 28.82
CA ASP M 210 -18.31 13.95 27.85
C ASP M 210 -18.72 12.73 28.62
N PRO M 211 -19.57 11.95 28.02
CA PRO M 211 -19.93 10.66 28.53
C PRO M 211 -18.90 9.68 28.03
N ASN M 212 -17.84 10.20 27.38
CA ASN M 212 -16.85 9.50 26.60
C ASN M 212 -16.29 8.26 27.20
N TRP M 213 -14.94 8.27 27.25
CA TRP M 213 -13.97 7.38 27.83
C TRP M 213 -13.98 7.70 29.27
N THR M 214 -14.65 8.82 29.50
CA THR M 214 -14.87 9.54 30.68
C THR M 214 -15.07 8.49 31.74
N SER M 215 -16.00 7.57 31.51
CA SER M 215 -16.38 6.54 32.44
C SER M 215 -15.34 5.47 32.70
N ARG M 216 -14.40 5.20 31.76
CA ARG M 216 -13.55 4.03 31.84
C ARG M 216 -12.60 3.98 33.03
N SER M 217 -11.93 5.10 33.40
CA SER M 217 -10.86 5.08 34.38
C SER M 217 -11.33 4.73 35.75
N ASP M 218 -10.36 4.27 36.57
CA ASP M 218 -10.60 3.71 37.87
C ASP M 218 -11.30 4.66 38.77
N HIS M 219 -12.48 4.23 39.23
CA HIS M 219 -13.18 4.98 40.22
C HIS M 219 -12.80 4.30 41.48
N SER M 220 -11.96 4.97 42.28
CA SER M 220 -11.44 4.37 43.47
C SER M 220 -12.52 4.14 44.46
N SER M 221 -12.44 2.97 45.10
CA SER M 221 -13.42 2.60 46.07
C SER M 221 -13.32 3.58 47.17
N ASN M 222 -12.07 3.94 47.56
CA ASN M 222 -11.97 4.91 48.62
C ASN M 222 -12.06 6.24 47.95
N ILE M 223 -12.60 7.22 48.70
CA ILE M 223 -12.76 8.55 48.20
C ILE M 223 -11.42 9.15 47.97
N LYS M 224 -10.43 8.78 48.81
CA LYS M 224 -9.16 9.43 48.86
C LYS M 224 -8.59 9.54 47.47
N LEU M 225 -8.66 8.45 46.67
CA LEU M 225 -8.18 8.49 45.32
C LEU M 225 -9.11 9.16 44.32
N ARG M 226 -10.42 8.87 44.38
CA ARG M 226 -11.37 9.25 43.36
C ARG M 226 -11.47 10.74 43.18
N ILE M 227 -11.55 11.53 44.27
CA ILE M 227 -11.76 12.94 44.11
C ILE M 227 -10.59 13.49 43.35
N HIS M 228 -9.37 13.07 43.74
CA HIS M 228 -8.19 13.58 43.13
C HIS M 228 -8.20 13.19 41.69
N SER M 229 -8.59 11.93 41.41
CA SER M 229 -8.57 11.43 40.07
C SER M 229 -9.53 12.23 39.25
N ILE M 230 -10.70 12.57 39.82
CA ILE M 230 -11.65 13.29 39.02
C ILE M 230 -11.10 14.62 38.66
N GLN M 231 -10.44 15.31 39.59
CA GLN M 231 -9.98 16.63 39.27
C GLN M 231 -9.04 16.51 38.12
N ALA M 232 -8.21 15.45 38.11
CA ALA M 232 -7.27 15.29 37.04
C ALA M 232 -8.02 15.11 35.76
N GLU M 233 -9.09 14.29 35.77
CA GLU M 233 -9.80 14.03 34.55
C GLU M 233 -10.47 15.29 34.09
N LEU M 234 -11.01 16.07 35.03
CA LEU M 234 -11.74 17.26 34.69
C LEU M 234 -10.79 18.18 33.98
N ARG M 235 -9.56 18.32 34.53
CA ARG M 235 -8.61 19.21 33.94
C ARG M 235 -8.28 18.73 32.57
N ARG M 236 -8.10 17.40 32.42
CA ARG M 236 -7.72 16.81 31.18
C ARG M 236 -8.78 17.08 30.16
N LEU M 237 -10.06 16.88 30.52
CA LEU M 237 -11.08 17.08 29.55
C LEU M 237 -11.16 18.52 29.15
N LEU M 238 -10.91 19.45 30.08
CA LEU M 238 -11.02 20.82 29.65
C LEU M 238 -10.02 21.10 28.57
N LYS M 239 -8.78 20.62 28.73
CA LYS M 239 -7.78 20.89 27.74
C LYS M 239 -8.16 20.21 26.45
N SER M 240 -8.72 18.99 26.56
CA SER M 240 -8.95 18.15 25.42
C SER M 240 -9.80 18.83 24.41
N LYS M 241 -10.84 19.58 24.83
CA LYS M 241 -11.67 20.17 23.82
C LYS M 241 -11.44 21.67 23.81
N PRO M 242 -12.21 22.39 23.03
CA PRO M 242 -12.05 23.82 22.90
C PRO M 242 -12.46 24.63 24.09
N TYR M 243 -12.66 24.00 25.26
CA TYR M 243 -13.18 24.51 26.49
C TYR M 243 -12.42 25.68 27.08
N GLU M 244 -11.13 25.91 26.72
CA GLU M 244 -10.21 26.75 27.44
C GLU M 244 -10.80 28.01 28.04
N ASN M 245 -11.48 28.94 27.36
CA ASN M 245 -12.10 29.98 28.16
C ASN M 245 -13.53 29.58 28.20
N CYS M 246 -13.88 28.71 29.16
CA CYS M 246 -15.20 28.17 29.29
C CYS M 246 -15.80 28.84 30.48
N LEU M 247 -17.07 29.28 30.38
CA LEU M 247 -17.65 29.97 31.49
C LEU M 247 -18.42 28.98 32.28
N LEU M 248 -18.10 28.88 33.58
CA LEU M 248 -18.83 27.94 34.37
C LEU M 248 -19.52 28.75 35.41
N VAL M 249 -20.79 28.43 35.68
CA VAL M 249 -21.46 29.19 36.67
C VAL M 249 -21.85 28.25 37.76
N LEU M 250 -21.41 28.53 39.00
CA LEU M 250 -21.85 27.65 40.04
C LEU M 250 -22.92 28.38 40.75
N LEU M 251 -24.14 27.83 40.71
CA LEU M 251 -25.26 28.46 41.33
C LEU M 251 -25.39 27.96 42.73
N ASN M 252 -25.74 28.89 43.64
CA ASN M 252 -25.95 28.58 45.03
C ASN M 252 -24.83 27.76 45.59
N VAL M 253 -23.60 28.32 45.64
CA VAL M 253 -22.51 27.56 46.18
C VAL M 253 -22.43 27.82 47.64
N GLN M 254 -22.75 26.77 48.43
CA GLN M 254 -22.75 26.79 49.86
C GLN M 254 -21.36 26.71 50.45
N ASN M 255 -20.50 25.81 49.91
CA ASN M 255 -19.25 25.52 50.59
C ASN M 255 -18.08 26.08 49.83
N ALA M 256 -17.05 26.49 50.61
CA ALA M 256 -15.84 27.09 50.15
C ALA M 256 -15.08 26.13 49.30
N LYS M 257 -15.16 24.83 49.61
CA LYS M 257 -14.38 23.85 48.91
C LYS M 257 -14.68 23.92 47.45
N ALA M 258 -15.94 24.21 47.08
CA ALA M 258 -16.25 24.27 45.68
C ALA M 258 -15.41 25.36 45.10
N TRP M 259 -15.26 26.45 45.85
CA TRP M 259 -14.52 27.61 45.42
C TRP M 259 -13.08 27.21 45.27
N ASN M 260 -12.53 26.42 46.21
CA ASN M 260 -11.16 26.04 46.07
C ASN M 260 -10.99 25.12 44.90
N ALA M 261 -11.99 24.26 44.64
CA ALA M 261 -11.93 23.33 43.55
C ALA M 261 -11.81 24.16 42.30
N PHE M 262 -12.46 25.33 42.33
CA PHE M 262 -12.46 26.28 41.25
C PHE M 262 -11.03 26.60 40.97
N ASN M 263 -10.24 26.81 42.04
CA ASN M 263 -8.87 27.24 41.88
C ASN M 263 -8.22 26.25 40.97
N LEU M 264 -8.42 24.96 41.23
CA LEU M 264 -7.90 24.03 40.27
C LEU M 264 -9.04 23.84 39.31
N SER M 265 -9.21 24.79 38.38
CA SER M 265 -10.29 24.74 37.44
C SER M 265 -10.18 25.92 36.55
N CYS M 266 -11.35 26.45 36.11
CA CYS M 266 -11.36 27.55 35.18
C CYS M 266 -12.11 28.71 35.78
N LYS M 267 -12.59 29.63 34.92
CA LYS M 267 -13.28 30.85 35.27
C LYS M 267 -14.68 30.55 35.70
N ILE M 268 -15.20 31.35 36.65
CA ILE M 268 -16.50 31.10 37.21
C ILE M 268 -17.23 32.37 37.55
N LEU M 269 -18.59 32.30 37.45
CA LEU M 269 -19.48 33.27 38.00
C LEU M 269 -20.16 32.56 39.12
N LEU M 270 -20.18 33.14 40.33
CA LEU M 270 -20.78 32.39 41.39
C LEU M 270 -21.86 33.19 42.03
N THR M 271 -22.95 32.52 42.46
CA THR M 271 -24.01 33.18 43.18
C THR M 271 -23.98 32.59 44.56
N THR M 272 -23.93 33.43 45.61
CA THR M 272 -23.88 32.86 46.93
C THR M 272 -24.52 33.78 47.93
N ARG M 273 -25.13 33.19 48.98
CA ARG M 273 -25.83 33.84 50.06
C ARG M 273 -24.94 34.39 51.12
N PHE M 274 -23.62 34.22 50.99
CA PHE M 274 -22.76 34.76 51.97
C PHE M 274 -22.02 35.79 51.17
N LYS M 275 -21.35 36.77 51.81
CA LYS M 275 -20.30 37.57 51.20
C LYS M 275 -18.97 36.98 51.55
N GLN M 276 -18.81 36.47 52.80
CA GLN M 276 -17.46 36.13 53.17
C GLN M 276 -16.96 34.95 52.40
N VAL M 277 -17.84 34.04 51.97
CA VAL M 277 -17.41 32.91 51.18
C VAL M 277 -16.67 33.42 49.99
N THR M 278 -17.21 34.50 49.41
CA THR M 278 -16.71 35.19 48.27
C THR M 278 -15.34 35.67 48.58
N ASP M 279 -15.21 36.25 49.77
CA ASP M 279 -14.00 36.88 50.20
C ASP M 279 -12.92 35.84 50.28
N PHE M 280 -13.25 34.65 50.83
CA PHE M 280 -12.26 33.62 51.01
C PHE M 280 -11.76 33.18 49.67
N LEU M 281 -12.67 33.00 48.71
CA LEU M 281 -12.33 32.53 47.41
C LEU M 281 -11.39 33.50 46.75
N SER M 282 -11.64 34.81 46.91
CA SER M 282 -10.85 35.86 46.33
C SER M 282 -9.48 35.83 46.95
N ALA M 283 -9.41 35.49 48.24
CA ALA M 283 -8.12 35.46 48.86
C ALA M 283 -7.31 34.34 48.27
N ALA M 284 -7.94 33.15 48.11
CA ALA M 284 -7.19 32.01 47.67
C ALA M 284 -6.67 32.27 46.31
N THR M 285 -7.55 32.73 45.41
CA THR M 285 -7.15 33.08 44.08
C THR M 285 -7.40 34.52 44.00
N THR M 286 -6.37 35.30 43.62
CA THR M 286 -6.51 36.71 43.53
C THR M 286 -7.50 36.98 42.43
N THR M 287 -7.61 38.24 41.99
CA THR M 287 -8.58 38.56 40.99
C THR M 287 -9.95 38.09 41.31
N HIS M 288 -10.61 38.77 42.26
CA HIS M 288 -11.99 38.51 42.55
C HIS M 288 -12.75 39.73 42.16
N ILE M 289 -14.01 39.53 41.74
CA ILE M 289 -14.89 40.62 41.36
C ILE M 289 -16.13 40.43 42.16
N SER M 290 -16.70 41.50 42.73
CA SER M 290 -17.86 41.22 43.52
C SER M 290 -19.00 42.07 43.05
N LEU M 291 -20.17 41.43 42.90
CA LEU M 291 -21.35 42.16 42.55
C LEU M 291 -22.31 41.81 43.64
N ASP M 292 -22.73 42.80 44.42
CA ASP M 292 -23.63 42.53 45.49
C ASP M 292 -25.01 42.92 45.04
N HIS M 293 -26.10 42.19 45.42
CA HIS M 293 -26.11 41.04 46.27
C HIS M 293 -25.82 41.60 47.67
N HIS M 294 -25.85 42.92 47.71
CA HIS M 294 -25.57 43.71 48.85
C HIS M 294 -25.40 44.95 48.07
N SER M 295 -25.04 46.05 48.72
CA SER M 295 -24.81 47.32 48.09
C SER M 295 -26.03 48.18 48.32
N MET M 296 -26.25 49.12 47.37
CA MET M 296 -27.24 50.14 47.25
C MET M 296 -28.65 49.61 46.99
N THR M 297 -28.77 48.45 46.31
CA THR M 297 -29.99 47.77 45.92
C THR M 297 -30.90 48.40 44.91
N LEU M 298 -30.37 48.89 43.76
CA LEU M 298 -31.27 49.23 42.69
C LEU M 298 -32.15 50.36 43.11
N THR M 299 -33.39 50.35 42.55
CA THR M 299 -34.39 51.31 42.90
C THR M 299 -35.66 50.58 43.21
N PRO M 300 -36.20 50.83 44.38
CA PRO M 300 -37.40 50.17 44.78
C PRO M 300 -38.58 50.52 43.92
N ASP M 301 -38.55 51.69 43.27
CA ASP M 301 -39.65 52.06 42.43
C ASP M 301 -39.71 51.09 41.30
N GLU M 302 -38.55 50.80 40.69
CA GLU M 302 -38.48 49.92 39.56
C GLU M 302 -38.86 48.55 39.99
N VAL M 303 -38.37 48.13 41.17
CA VAL M 303 -38.64 46.80 41.62
C VAL M 303 -40.11 46.70 41.82
N LYS M 304 -40.71 47.70 42.47
CA LYS M 304 -42.10 47.59 42.78
C LYS M 304 -42.86 47.48 41.49
N SER M 305 -42.42 48.20 40.45
CA SER M 305 -43.14 48.17 39.21
C SER M 305 -43.08 46.79 38.67
N LEU M 306 -41.98 46.06 39.01
CA LEU M 306 -41.78 44.73 38.54
C LEU M 306 -42.89 43.90 39.02
N LEU M 307 -43.10 43.95 40.33
CA LEU M 307 -44.04 43.10 40.95
C LEU M 307 -45.36 43.52 40.44
N LEU M 308 -45.46 44.84 40.20
CA LEU M 308 -46.67 45.47 39.81
C LEU M 308 -47.12 44.91 38.51
N LYS M 309 -46.23 44.67 37.53
CA LYS M 309 -46.80 44.15 36.33
C LYS M 309 -47.19 42.71 36.50
N TYR M 310 -46.44 41.95 37.33
CA TYR M 310 -46.77 40.57 37.54
C TYR M 310 -48.18 40.50 37.99
N LEU M 311 -48.40 41.21 39.09
CA LEU M 311 -49.61 41.27 39.85
C LEU M 311 -50.72 42.11 39.25
N ASP M 312 -50.37 43.22 38.57
CA ASP M 312 -51.24 44.27 38.09
C ASP M 312 -52.13 44.86 39.19
N CYS M 313 -51.57 45.80 40.02
CA CYS M 313 -52.22 46.39 41.20
C CYS M 313 -52.48 47.87 41.17
N ARG M 314 -52.66 48.48 42.40
CA ARG M 314 -52.99 49.88 42.61
C ARG M 314 -51.97 50.53 43.52
N PRO M 315 -51.74 51.80 43.24
CA PRO M 315 -50.79 52.65 43.90
C PRO M 315 -51.02 52.79 45.37
N GLN M 316 -52.28 52.80 45.81
CA GLN M 316 -52.56 52.90 47.21
C GLN M 316 -52.00 51.65 47.80
N ASP M 317 -52.14 50.58 47.03
CA ASP M 317 -51.73 49.28 47.43
C ASP M 317 -50.25 49.19 47.54
N LEU M 318 -49.55 50.06 46.79
CA LEU M 318 -48.14 49.93 46.65
C LEU M 318 -47.39 49.90 47.91
N PRO M 319 -47.67 50.75 48.84
CA PRO M 319 -46.88 50.76 50.03
C PRO M 319 -46.99 49.44 50.73
N ARG M 320 -48.06 48.69 50.50
CA ARG M 320 -48.07 47.42 51.16
C ARG M 320 -46.94 46.62 50.58
N GLU M 321 -46.78 46.71 49.26
CA GLU M 321 -45.82 45.97 48.47
C GLU M 321 -44.45 46.40 48.78
N VAL M 322 -44.28 47.72 49.05
CA VAL M 322 -42.99 48.33 49.20
C VAL M 322 -42.35 47.51 50.25
N LEU M 323 -43.15 47.10 51.26
CA LEU M 323 -42.60 46.22 52.25
C LEU M 323 -42.83 44.81 51.77
N THR M 324 -41.82 43.93 51.92
CA THR M 324 -40.57 44.32 52.51
C THR M 324 -39.58 44.53 51.42
N THR M 325 -38.37 44.96 51.80
CA THR M 325 -37.32 45.27 50.87
C THR M 325 -36.87 44.05 50.12
N ASN M 326 -36.72 42.89 50.81
CA ASN M 326 -36.10 41.80 50.11
C ASN M 326 -36.90 41.24 49.00
N PRO M 327 -36.16 41.02 47.95
CA PRO M 327 -36.68 40.49 46.73
C PRO M 327 -37.15 39.08 46.92
N ARG M 328 -36.54 38.29 47.82
CA ARG M 328 -37.04 36.95 47.90
C ARG M 328 -38.42 37.04 48.46
N ARG M 329 -38.57 37.89 49.49
CA ARG M 329 -39.84 38.00 50.13
C ARG M 329 -40.81 38.62 49.18
N LEU M 330 -40.32 39.55 48.33
CA LEU M 330 -41.22 40.20 47.44
C LEU M 330 -41.79 39.15 46.56
N SER M 331 -40.98 38.23 46.08
CA SER M 331 -41.58 37.36 45.15
C SER M 331 -42.38 36.28 45.83
N ILE M 332 -42.01 35.86 47.08
CA ILE M 332 -42.86 34.92 47.75
C ILE M 332 -44.21 35.55 47.92
N ILE M 333 -44.24 36.83 48.28
CA ILE M 333 -45.47 37.55 48.48
C ILE M 333 -46.16 37.64 47.15
N ALA M 334 -45.42 37.95 46.07
CA ALA M 334 -46.01 38.17 44.78
C ALA M 334 -46.73 36.94 44.34
N GLU M 335 -46.13 35.77 44.57
CA GLU M 335 -46.75 34.55 44.18
C GLU M 335 -48.05 34.43 44.93
N SER M 336 -48.03 34.74 46.24
CA SER M 336 -49.18 34.59 47.09
C SER M 336 -50.25 35.51 46.62
N ILE M 337 -49.88 36.74 46.25
CA ILE M 337 -50.81 37.71 45.79
C ILE M 337 -51.42 37.28 44.49
N ARG M 338 -50.70 36.58 43.61
CA ARG M 338 -51.38 36.17 42.42
C ARG M 338 -52.51 35.30 42.86
N ASP M 339 -52.27 34.46 43.87
CA ASP M 339 -53.38 33.71 44.39
C ASP M 339 -54.36 34.52 45.25
N GLY M 340 -53.93 35.55 46.03
CA GLY M 340 -54.77 36.29 46.98
C GLY M 340 -54.39 37.81 47.06
N LEU M 341 -54.31 38.51 48.26
CA LEU M 341 -54.30 40.01 48.39
C LEU M 341 -53.02 40.88 48.91
N ALA M 342 -52.83 42.31 48.69
CA ALA M 342 -51.97 43.15 49.52
C ALA M 342 -53.07 43.71 50.35
N THR M 343 -53.54 42.93 51.34
CA THR M 343 -54.64 43.40 52.13
C THR M 343 -54.62 42.75 53.46
N TRP M 344 -55.81 42.70 54.10
CA TRP M 344 -55.91 42.16 55.42
C TRP M 344 -55.47 40.74 55.40
N ASP M 345 -55.87 39.96 54.37
CA ASP M 345 -55.48 38.58 54.33
C ASP M 345 -53.99 38.45 54.21
N ASN M 346 -53.38 39.25 53.32
CA ASN M 346 -51.97 39.21 53.01
C ASN M 346 -51.19 39.50 54.24
N TRP M 347 -51.53 40.61 54.89
CA TRP M 347 -50.83 41.01 56.06
C TRP M 347 -51.05 39.96 57.10
N LYS M 348 -52.26 39.36 57.07
CA LYS M 348 -52.62 38.39 58.06
C LYS M 348 -51.65 37.24 58.04
N HIS M 349 -51.30 36.75 56.83
CA HIS M 349 -50.42 35.62 56.72
C HIS M 349 -49.05 35.96 57.23
N VAL M 350 -48.56 37.14 56.78
CA VAL M 350 -47.26 37.76 56.93
C VAL M 350 -46.21 37.13 56.04
N ASN M 351 -46.63 36.36 55.00
CA ASN M 351 -45.76 35.73 54.04
C ASN M 351 -44.67 34.93 54.66
N CYS M 352 -45.08 34.08 55.60
CA CYS M 352 -44.25 33.13 56.28
C CYS M 352 -44.21 31.76 55.67
N ASP M 353 -45.24 31.38 54.88
CA ASP M 353 -45.40 29.99 54.53
C ASP M 353 -44.16 29.45 53.88
N LYS M 354 -43.68 30.11 52.81
CA LYS M 354 -42.49 29.66 52.16
C LYS M 354 -41.27 29.86 53.01
N LEU M 355 -41.12 31.08 53.56
CA LEU M 355 -39.93 31.50 54.22
C LEU M 355 -39.66 30.72 55.47
N THR M 356 -40.69 30.39 56.27
CA THR M 356 -40.43 29.74 57.51
C THR M 356 -39.73 28.45 57.23
N THR M 357 -40.21 27.68 56.24
CA THR M 357 -39.59 26.44 55.94
C THR M 357 -38.21 26.71 55.44
N ILE M 358 -38.06 27.78 54.63
CA ILE M 358 -36.82 28.09 54.01
C ILE M 358 -35.77 28.37 55.04
N ILE M 359 -36.10 29.20 56.04
CA ILE M 359 -35.20 29.62 57.08
C ILE M 359 -34.82 28.43 57.90
N GLU M 360 -35.77 27.51 58.13
CA GLU M 360 -35.55 26.39 59.00
C GLU M 360 -34.35 25.64 58.54
N SER M 361 -34.22 25.44 57.22
CA SER M 361 -33.10 24.69 56.72
C SER M 361 -31.86 25.48 57.04
N SER M 362 -31.98 26.82 57.05
CA SER M 362 -30.86 27.66 57.29
C SER M 362 -30.33 27.44 58.67
N LEU M 363 -31.23 27.26 59.66
CA LEU M 363 -30.82 27.12 61.02
C LEU M 363 -30.01 25.86 61.16
N ASN M 364 -30.43 24.79 60.46
CA ASN M 364 -29.81 23.50 60.62
C ASN M 364 -28.36 23.57 60.25
N VAL M 365 -28.01 24.44 59.29
CA VAL M 365 -26.66 24.47 58.81
C VAL M 365 -25.68 24.80 59.91
N LEU M 366 -26.04 25.68 60.88
CA LEU M 366 -25.16 26.04 61.97
C LEU M 366 -25.31 25.03 63.11
N GLU M 367 -24.55 25.15 64.26
CA GLU M 367 -24.62 24.19 65.34
C GLU M 367 -25.52 24.69 66.44
N PRO M 368 -26.55 23.91 66.63
CA PRO M 368 -27.66 24.22 67.49
C PRO M 368 -27.36 24.52 68.93
N ALA M 369 -26.40 23.84 69.57
CA ALA M 369 -26.34 24.10 70.97
C ALA M 369 -25.96 25.53 71.24
N GLU M 370 -24.76 25.94 70.78
CA GLU M 370 -24.37 27.28 71.09
C GLU M 370 -25.02 28.28 70.19
N TYR M 371 -24.85 28.08 68.88
CA TYR M 371 -25.28 29.05 67.90
C TYR M 371 -26.77 29.12 67.81
N ARG M 372 -27.43 27.95 67.76
CA ARG M 372 -28.86 28.00 67.63
C ARG M 372 -29.42 28.68 68.84
N LYS M 373 -28.86 28.37 70.02
CA LYS M 373 -29.32 28.95 71.24
C LYS M 373 -29.01 30.42 71.27
N MET M 374 -27.77 30.78 70.86
CA MET M 374 -27.35 32.14 70.94
C MET M 374 -28.19 33.02 70.07
N PHE M 375 -28.53 32.55 68.86
CA PHE M 375 -29.39 33.24 67.95
C PHE M 375 -30.79 33.29 68.49
N ASP M 376 -31.22 32.20 69.14
CA ASP M 376 -32.59 32.07 69.56
C ASP M 376 -32.93 33.21 70.48
N ARG M 377 -31.95 33.69 71.24
CA ARG M 377 -32.11 34.73 72.22
C ARG M 377 -32.45 36.07 71.60
N LEU M 378 -31.96 36.35 70.39
CA LEU M 378 -32.01 37.67 69.78
C LEU M 378 -33.43 38.15 69.68
N SER M 379 -34.40 37.24 69.82
CA SER M 379 -35.79 37.56 69.65
C SER M 379 -36.28 38.77 70.48
N VAL M 380 -36.14 38.85 71.85
CA VAL M 380 -36.66 39.97 72.63
C VAL M 380 -35.75 41.14 72.46
N PHE M 381 -35.98 41.88 71.36
CA PHE M 381 -35.26 43.06 70.99
C PHE M 381 -36.12 43.79 70.02
N PRO M 382 -35.88 45.06 69.95
CA PRO M 382 -36.58 45.79 68.95
C PRO M 382 -36.07 45.52 67.59
N PRO M 383 -36.99 45.39 66.67
CA PRO M 383 -36.64 45.10 65.31
C PRO M 383 -36.24 46.33 64.58
N SER M 384 -35.31 46.19 63.62
CA SER M 384 -34.89 47.28 62.80
C SER M 384 -34.50 48.42 63.67
N ALA M 385 -34.07 48.12 64.91
CA ALA M 385 -33.68 49.20 65.74
C ALA M 385 -32.31 48.93 66.23
N HIS M 386 -31.33 49.69 65.71
CA HIS M 386 -29.94 49.60 66.01
C HIS M 386 -29.77 49.39 67.49
N ILE M 387 -29.30 48.18 67.86
CA ILE M 387 -29.13 47.86 69.24
C ILE M 387 -27.68 47.62 69.46
N PRO M 388 -27.12 48.30 70.43
CA PRO M 388 -25.72 48.19 70.68
C PRO M 388 -25.32 46.84 71.18
N THR M 389 -24.03 46.49 70.99
CA THR M 389 -23.49 45.20 71.34
C THR M 389 -23.61 44.98 72.80
N ILE M 390 -23.38 46.04 73.62
CA ILE M 390 -23.41 45.89 75.04
C ILE M 390 -24.76 45.35 75.39
N LEU M 391 -25.80 45.84 74.71
CA LEU M 391 -27.14 45.40 74.90
C LEU M 391 -27.23 43.96 74.46
N LEU M 392 -26.55 43.66 73.35
CA LEU M 392 -26.57 42.40 72.70
C LEU M 392 -25.98 41.37 73.62
N SER M 393 -24.93 41.75 74.36
CA SER M 393 -24.24 40.83 75.22
C SER M 393 -25.19 40.29 76.24
N LEU M 394 -26.15 41.10 76.72
CA LEU M 394 -27.00 40.60 77.75
C LEU M 394 -27.71 39.38 77.24
N ILE M 395 -28.33 39.51 76.07
CA ILE M 395 -29.07 38.43 75.48
C ILE M 395 -28.15 37.36 74.98
N TRP M 396 -27.04 37.74 74.30
CA TRP M 396 -26.25 36.72 73.71
C TRP M 396 -25.60 35.87 74.77
N PHE M 397 -25.17 36.48 75.90
CA PHE M 397 -24.45 35.70 76.88
C PHE M 397 -25.27 34.59 77.48
N ASP M 398 -25.03 33.34 77.04
CA ASP M 398 -25.45 32.16 77.76
C ASP M 398 -24.30 31.76 78.63
N VAL M 399 -22.94 31.95 78.11
CA VAL M 399 -21.64 31.72 78.65
C VAL M 399 -21.04 33.07 78.55
N ILE M 400 -19.90 33.37 79.20
CA ILE M 400 -19.56 34.75 79.07
C ILE M 400 -18.15 34.98 78.68
N LYS M 401 -17.99 36.01 77.82
CA LYS M 401 -16.78 36.55 77.27
C LYS M 401 -16.89 36.53 75.80
N SER M 402 -15.74 36.65 75.10
CA SER M 402 -15.69 36.79 73.68
C SER M 402 -16.30 35.59 73.04
N ASP M 403 -16.61 34.54 73.82
CA ASP M 403 -17.13 33.31 73.29
C ASP M 403 -18.37 33.70 72.55
N VAL M 404 -19.15 34.58 73.18
CA VAL M 404 -20.37 35.08 72.66
C VAL M 404 -20.05 35.88 71.43
N MET M 405 -18.91 36.57 71.46
CA MET M 405 -18.50 37.41 70.37
C MET M 405 -18.29 36.55 69.16
N VAL M 406 -17.57 35.42 69.31
CA VAL M 406 -17.26 34.52 68.23
C VAL M 406 -18.47 33.76 67.78
N VAL M 407 -19.27 33.25 68.74
CA VAL M 407 -20.36 32.39 68.40
C VAL M 407 -21.31 33.12 67.51
N VAL M 408 -21.56 34.42 67.75
CA VAL M 408 -22.40 35.15 66.86
C VAL M 408 -21.71 35.22 65.54
N ASN M 409 -20.37 35.33 65.56
CA ASN M 409 -19.57 35.60 64.41
C ASN M 409 -19.76 34.55 63.37
N LYS M 410 -19.82 33.26 63.76
CA LYS M 410 -19.90 32.20 62.81
C LYS M 410 -21.14 32.35 61.99
N LEU M 411 -22.21 32.81 62.65
CA LEU M 411 -23.43 33.01 61.90
C LEU M 411 -23.41 34.32 61.10
N HIS M 412 -22.91 35.40 61.79
CA HIS M 412 -23.06 36.84 61.82
C HIS M 412 -22.68 37.39 60.51
N LYS M 413 -21.74 36.72 59.86
CA LYS M 413 -21.07 37.29 58.77
C LYS M 413 -22.11 37.65 57.75
N TYR M 414 -23.28 36.90 57.82
CA TYR M 414 -23.83 36.08 56.75
C TYR M 414 -24.31 37.08 55.82
N SER M 415 -25.08 37.92 56.45
CA SER M 415 -26.14 38.57 55.89
C SER M 415 -26.96 38.78 57.08
N LEU M 416 -28.24 38.49 56.88
CA LEU M 416 -29.28 39.13 57.60
C LEU M 416 -29.80 38.13 58.55
N VAL M 417 -28.86 37.30 59.04
CA VAL M 417 -29.18 36.65 60.26
C VAL M 417 -29.14 37.72 61.31
N GLU M 418 -27.94 38.25 61.59
CA GLU M 418 -27.68 39.50 62.26
C GLU M 418 -26.68 40.30 61.48
N LYS M 419 -26.72 41.64 61.62
CA LYS M 419 -25.76 42.43 60.90
C LYS M 419 -25.08 43.34 61.87
N GLN M 420 -23.76 43.54 61.70
CA GLN M 420 -23.10 44.44 62.60
C GLN M 420 -22.41 45.51 61.82
N PRO M 421 -22.83 46.72 62.09
CA PRO M 421 -22.26 47.88 61.46
C PRO M 421 -20.87 48.20 61.93
N LYS M 422 -20.70 47.94 63.15
CA LYS M 422 -19.43 48.30 63.71
C LYS M 422 -19.40 47.71 65.09
N GLU M 423 -18.36 48.04 65.87
CA GLU M 423 -18.17 47.51 67.18
C GLU M 423 -19.33 47.91 68.03
N SER M 424 -19.94 49.07 67.70
CA SER M 424 -21.02 49.66 68.45
C SER M 424 -22.26 48.82 68.53
N THR M 425 -22.89 48.40 67.39
CA THR M 425 -24.14 47.72 67.60
C THR M 425 -24.40 46.68 66.57
N ILE M 426 -25.38 45.80 66.87
CA ILE M 426 -25.80 44.85 65.89
C ILE M 426 -27.28 44.99 65.81
N SER M 427 -27.86 44.84 64.61
CA SER M 427 -29.28 44.97 64.56
C SER M 427 -29.79 43.67 64.06
N ILE M 428 -31.08 43.37 64.27
CA ILE M 428 -31.64 42.18 63.70
C ILE M 428 -31.96 42.54 62.28
N PRO M 429 -31.48 41.73 61.39
CA PRO M 429 -31.46 42.14 60.04
C PRO M 429 -32.60 42.61 59.33
N SER M 430 -33.69 41.89 59.44
CA SER M 430 -34.79 42.37 58.72
C SER M 430 -35.88 41.54 59.22
N ILE M 431 -37.04 41.75 58.60
CA ILE M 431 -38.29 41.14 58.89
C ILE M 431 -38.17 39.67 58.71
N TYR M 432 -37.38 39.22 57.72
CA TYR M 432 -37.32 37.82 57.40
C TYR M 432 -36.90 36.98 58.55
N LEU M 433 -35.75 37.30 59.17
CA LEU M 433 -35.24 36.44 60.21
C LEU M 433 -36.19 36.48 61.36
N GLU M 434 -36.60 37.70 61.74
CA GLU M 434 -37.42 37.91 62.91
C GLU M 434 -38.73 37.24 62.69
N LEU M 435 -39.24 37.29 61.45
CA LEU M 435 -40.54 36.76 61.18
C LEU M 435 -40.47 35.32 61.54
N LYS M 436 -39.35 34.66 61.22
CA LYS M 436 -39.22 33.27 61.54
C LYS M 436 -39.31 33.09 63.02
N VAL M 437 -38.53 33.87 63.77
CA VAL M 437 -38.43 33.67 65.19
C VAL M 437 -39.72 33.95 65.87
N LYS M 438 -40.43 35.02 65.46
CA LYS M 438 -41.60 35.38 66.19
C LYS M 438 -42.61 34.27 66.23
N LEU M 439 -42.81 33.55 65.12
CA LEU M 439 -43.78 32.49 65.16
C LEU M 439 -43.34 31.44 66.14
N GLU M 440 -42.05 31.06 66.12
CA GLU M 440 -41.61 29.98 66.96
C GLU M 440 -40.95 30.51 68.19
N ASN M 441 -41.57 30.29 69.36
CA ASN M 441 -40.96 30.75 70.57
C ASN M 441 -41.49 29.87 71.66
N GLU M 442 -40.83 29.86 72.85
CA GLU M 442 -41.23 29.03 73.96
C GLU M 442 -41.26 29.93 75.16
N TYR M 443 -41.70 29.46 76.35
CA TYR M 443 -41.78 30.53 77.29
C TYR M 443 -40.49 30.62 78.02
N ALA M 444 -39.45 30.97 77.25
CA ALA M 444 -38.14 31.46 77.59
C ALA M 444 -38.28 32.92 77.84
N LEU M 445 -39.33 33.49 77.20
CA LEU M 445 -39.52 34.90 77.15
C LEU M 445 -39.52 35.50 78.51
N HIS M 446 -40.11 34.82 79.52
CA HIS M 446 -40.18 35.44 80.82
C HIS M 446 -38.81 35.79 81.30
N ARG M 447 -37.84 34.86 81.18
CA ARG M 447 -36.54 35.14 81.67
C ARG M 447 -35.95 36.28 80.90
N SER M 448 -36.17 36.31 79.58
CA SER M 448 -35.57 37.35 78.79
C SER M 448 -36.10 38.67 79.19
N ILE M 449 -37.43 38.77 79.38
CA ILE M 449 -38.03 40.03 79.72
C ILE M 449 -37.50 40.46 81.04
N VAL M 450 -37.33 39.50 81.98
CA VAL M 450 -36.88 39.86 83.28
C VAL M 450 -35.50 40.42 83.17
N ASP M 451 -34.69 39.89 82.23
CA ASP M 451 -33.34 40.33 82.09
C ASP M 451 -33.36 41.79 81.77
N HIS M 452 -34.31 42.22 80.93
CA HIS M 452 -34.37 43.61 80.54
C HIS M 452 -34.63 44.44 81.75
N TYR M 453 -35.49 43.99 82.67
CA TYR M 453 -35.73 44.81 83.83
C TYR M 453 -34.44 44.96 84.56
N ASN M 454 -33.69 43.86 84.69
CA ASN M 454 -32.48 43.88 85.45
C ASN M 454 -31.52 44.84 84.84
N ILE M 455 -31.43 44.88 83.49
CA ILE M 455 -30.42 45.74 82.93
C ILE M 455 -30.67 47.19 83.28
N PRO M 456 -31.81 47.82 83.13
CA PRO M 456 -31.86 49.16 83.66
C PRO M 456 -31.76 49.25 85.14
N LYS M 457 -32.08 48.17 85.87
CA LYS M 457 -31.95 48.25 87.30
C LYS M 457 -30.52 48.50 87.61
N THR M 458 -29.62 47.76 86.96
CA THR M 458 -28.21 47.89 87.22
C THR M 458 -27.78 49.27 86.85
N PHE M 459 -28.23 49.76 85.67
CA PHE M 459 -27.85 51.09 85.28
C PHE M 459 -28.47 52.01 86.26
N ASP M 460 -27.65 52.82 86.95
CA ASP M 460 -28.24 53.73 87.88
C ASP M 460 -27.24 54.79 88.20
N SER M 461 -27.70 56.05 88.17
CA SER M 461 -26.85 57.14 88.56
C SER M 461 -27.52 57.73 89.75
N ASP M 462 -26.80 58.54 90.56
CA ASP M 462 -27.40 59.05 91.76
C ASP M 462 -28.61 59.83 91.38
N ASP M 463 -28.45 60.75 90.43
CA ASP M 463 -29.58 61.52 90.03
C ASP M 463 -30.30 60.84 88.90
N LEU M 464 -31.25 61.57 88.33
CA LEU M 464 -32.22 61.18 87.36
C LEU M 464 -31.69 60.92 85.99
N ILE M 465 -30.38 61.10 85.72
CA ILE M 465 -29.92 60.93 84.35
C ILE M 465 -29.29 59.59 84.12
N PRO M 466 -29.87 58.92 83.14
CA PRO M 466 -29.44 57.60 82.73
C PRO M 466 -28.20 57.58 81.88
N PRO M 467 -27.50 56.49 81.97
CA PRO M 467 -26.29 56.22 81.21
C PRO M 467 -26.54 55.82 79.79
N TYR M 468 -27.81 55.83 79.33
CA TYR M 468 -28.26 55.38 78.02
C TYR M 468 -27.21 55.49 76.96
N LEU M 469 -27.17 54.45 76.12
CA LEU M 469 -26.20 54.23 75.08
C LEU M 469 -26.74 54.81 73.81
N ASP M 470 -26.41 54.20 72.63
CA ASP M 470 -26.74 54.89 71.41
C ASP M 470 -28.19 55.24 71.30
N GLN M 471 -29.02 54.40 70.64
CA GLN M 471 -30.43 54.70 70.61
C GLN M 471 -31.29 53.69 71.30
N TYR M 472 -30.81 52.43 71.36
CA TYR M 472 -31.60 51.26 71.70
C TYR M 472 -32.35 51.53 72.93
N PHE M 473 -31.64 51.95 73.97
CA PHE M 473 -32.28 52.08 75.23
C PHE M 473 -33.40 53.06 75.11
N TYR M 474 -33.16 54.20 74.45
CA TYR M 474 -34.17 55.21 74.42
C TYR M 474 -35.42 54.66 73.79
N SER M 475 -35.30 54.02 72.61
CA SER M 475 -36.49 53.52 71.98
C SER M 475 -37.06 52.35 72.73
N HIS M 476 -36.22 51.32 72.94
CA HIS M 476 -36.51 49.99 73.42
C HIS M 476 -36.94 49.93 74.87
N ILE M 477 -36.38 50.76 75.76
CA ILE M 477 -36.56 50.57 77.17
C ILE M 477 -37.99 50.56 77.57
N GLY M 478 -38.80 51.50 77.08
CA GLY M 478 -40.17 51.57 77.49
C GLY M 478 -40.89 50.32 77.07
N HIS M 479 -40.58 49.83 75.84
CA HIS M 479 -41.29 48.70 75.31
C HIS M 479 -41.08 47.52 76.19
N HIS M 480 -39.83 47.25 76.59
CA HIS M 480 -39.56 46.09 77.39
C HIS M 480 -40.25 46.27 78.70
N LEU M 481 -40.22 47.51 79.23
CA LEU M 481 -40.82 47.85 80.48
C LEU M 481 -42.28 47.60 80.46
N LYS M 482 -42.95 47.98 79.35
CA LYS M 482 -44.37 47.82 79.32
C LYS M 482 -44.68 46.39 79.53
N ASN M 483 -43.91 45.52 78.87
CA ASN M 483 -44.17 44.14 79.02
C ASN M 483 -43.91 43.77 80.45
N ILE M 484 -42.82 44.29 81.04
CA ILE M 484 -42.48 43.82 82.35
C ILE M 484 -43.48 44.23 83.38
N GLU M 485 -43.82 45.55 83.49
CA GLU M 485 -44.73 45.98 84.51
C GLU M 485 -44.88 47.46 84.47
N HIS M 486 -45.87 47.95 85.25
CA HIS M 486 -46.19 49.32 85.43
C HIS M 486 -45.17 50.09 86.23
N PRO M 487 -44.74 49.67 87.41
CA PRO M 487 -43.93 50.50 88.25
C PRO M 487 -42.71 51.10 87.63
N GLU M 488 -41.92 50.32 86.87
CA GLU M 488 -40.71 50.88 86.30
C GLU M 488 -41.11 51.90 85.30
N ARG M 489 -42.19 51.59 84.56
CA ARG M 489 -42.62 52.41 83.48
C ARG M 489 -42.87 53.79 84.00
N MET M 490 -43.51 53.88 85.17
CA MET M 490 -43.87 55.15 85.74
C MET M 490 -42.64 55.99 85.92
N THR M 491 -41.59 55.45 86.56
CA THR M 491 -40.42 56.25 86.81
C THR M 491 -39.70 56.54 85.53
N LEU M 492 -39.50 55.51 84.69
CA LEU M 492 -38.71 55.65 83.50
C LEU M 492 -39.37 56.56 82.52
N PHE M 493 -40.69 56.42 82.31
CA PHE M 493 -41.35 57.21 81.33
C PHE M 493 -41.17 58.62 81.73
N ARG M 494 -41.05 58.90 83.04
CA ARG M 494 -40.66 60.25 83.29
C ARG M 494 -41.85 61.05 82.81
N MET M 495 -43.00 60.43 83.01
CA MET M 495 -44.18 61.20 82.93
C MET M 495 -44.05 61.86 84.25
N VAL M 496 -43.59 61.02 85.20
CA VAL M 496 -43.25 61.43 86.51
C VAL M 496 -42.08 62.37 86.46
N PHE M 497 -41.07 61.81 85.73
CA PHE M 497 -39.86 62.53 85.81
C PHE M 497 -39.60 63.29 84.60
N LEU M 498 -39.16 64.46 84.99
CA LEU M 498 -39.10 65.59 84.17
C LEU M 498 -37.79 65.58 83.43
N ASP M 499 -36.85 64.83 84.00
CA ASP M 499 -35.59 64.71 83.38
C ASP M 499 -35.65 64.11 82.02
N PHE M 500 -36.49 63.12 81.72
CA PHE M 500 -36.42 62.53 80.41
C PHE M 500 -37.19 63.35 79.47
N ARG M 501 -37.99 64.29 80.02
CA ARG M 501 -38.48 65.27 79.15
C ARG M 501 -37.24 65.84 78.52
N PHE M 502 -36.30 66.34 79.34
CA PHE M 502 -34.99 66.78 78.95
C PHE M 502 -34.31 65.74 78.10
N LEU M 503 -33.90 64.56 78.66
CA LEU M 503 -32.93 63.80 77.94
C LEU M 503 -33.42 63.18 76.71
N GLU M 504 -34.62 62.56 76.75
CA GLU M 504 -35.06 61.91 75.56
C GLU M 504 -35.13 62.92 74.47
N GLN M 505 -35.72 64.06 74.79
CA GLN M 505 -35.96 65.09 73.82
C GLN M 505 -34.66 65.61 73.25
N LYS M 506 -33.68 66.03 74.09
CA LYS M 506 -32.56 66.63 73.42
C LYS M 506 -31.76 65.60 72.69
N ILE M 507 -31.60 64.39 73.24
CA ILE M 507 -30.79 63.44 72.52
C ILE M 507 -31.36 63.02 71.21
N ARG M 508 -32.68 62.74 71.06
CA ARG M 508 -33.06 62.32 69.74
C ARG M 508 -33.37 63.53 68.90
N HIS M 509 -32.41 64.48 68.87
CA HIS M 509 -32.35 65.63 68.00
C HIS M 509 -31.54 65.29 66.78
N ASP M 510 -30.62 64.31 66.92
CA ASP M 510 -29.64 63.95 65.94
C ASP M 510 -30.25 63.30 64.73
N SER M 511 -29.73 63.74 63.56
CA SER M 511 -30.05 63.25 62.24
C SER M 511 -29.19 64.07 61.35
N THR M 512 -29.16 63.73 60.05
CA THR M 512 -28.42 64.55 59.15
C THR M 512 -29.36 64.98 58.07
N ALA M 513 -29.80 66.26 58.09
CA ALA M 513 -30.64 66.71 57.04
C ALA M 513 -30.39 68.17 56.87
N TRP M 514 -30.29 68.61 55.60
CA TRP M 514 -30.09 70.00 55.41
C TRP M 514 -31.31 70.68 55.88
N ASN M 515 -32.49 70.25 55.38
CA ASN M 515 -33.71 70.91 55.68
C ASN M 515 -34.07 70.72 57.11
N ALA M 516 -34.77 71.72 57.63
CA ALA M 516 -35.19 71.90 58.97
C ALA M 516 -36.08 70.80 59.52
N SER M 517 -36.85 70.08 58.66
CA SER M 517 -37.47 68.98 59.34
C SER M 517 -37.66 67.89 58.32
N GLY M 518 -38.63 66.98 58.54
CA GLY M 518 -38.96 65.79 57.86
C GLY M 518 -39.39 64.93 58.99
N SER M 519 -39.57 63.62 58.79
CA SER M 519 -40.00 62.83 59.92
C SER M 519 -38.87 61.91 60.26
N ILE M 520 -38.26 62.09 61.45
CA ILE M 520 -37.21 61.22 61.92
C ILE M 520 -37.44 61.00 63.38
N LEU M 521 -36.78 59.98 63.96
CA LEU M 521 -36.90 59.73 65.37
C LEU M 521 -36.62 60.97 66.13
N ASN M 522 -37.65 61.43 66.85
CA ASN M 522 -37.58 62.61 67.67
C ASN M 522 -38.65 62.40 68.67
N THR M 523 -39.46 63.45 68.87
CA THR M 523 -40.55 63.42 69.80
C THR M 523 -41.49 62.35 69.36
N LEU M 524 -41.55 62.09 68.04
CA LEU M 524 -42.51 61.19 67.48
C LEU M 524 -42.45 59.87 68.18
N GLN M 525 -41.24 59.30 68.37
CA GLN M 525 -41.14 58.02 69.02
C GLN M 525 -41.51 58.14 70.47
N GLN M 526 -41.10 59.23 71.12
CA GLN M 526 -41.31 59.43 72.53
C GLN M 526 -42.78 59.38 72.82
N LEU M 527 -43.58 60.13 72.04
CA LEU M 527 -45.00 60.17 72.23
C LEU M 527 -45.53 58.80 72.01
N LYS M 528 -44.92 58.06 71.08
CA LYS M 528 -45.37 56.73 70.76
C LYS M 528 -45.25 55.87 71.98
N PHE M 529 -44.17 56.01 72.76
CA PHE M 529 -44.00 55.14 73.89
C PHE M 529 -45.10 55.39 74.85
N TYR M 530 -45.40 56.66 75.12
CA TYR M 530 -46.33 56.95 76.15
C TYR M 530 -47.65 56.32 75.85
N LYS M 531 -48.14 56.42 74.59
CA LYS M 531 -49.46 55.94 74.34
C LYS M 531 -49.61 54.45 74.54
N PRO M 532 -48.88 53.56 73.92
CA PRO M 532 -49.14 52.18 74.22
C PRO M 532 -48.70 51.66 75.56
N TYR M 533 -47.67 52.27 76.17
CA TYR M 533 -47.13 51.79 77.40
C TYR M 533 -48.04 52.04 78.58
N ILE M 534 -48.93 53.06 78.52
CA ILE M 534 -49.69 53.51 79.66
C ILE M 534 -50.50 52.41 80.26
N CYS M 535 -50.95 51.43 79.46
CA CYS M 535 -51.88 50.45 79.92
C CYS M 535 -51.34 49.76 81.13
N ASP M 536 -50.01 49.64 81.23
CA ASP M 536 -49.44 48.93 82.33
C ASP M 536 -49.84 49.61 83.60
N ASN M 537 -50.23 50.91 83.52
CA ASN M 537 -50.62 51.69 84.67
C ASN M 537 -52.12 51.84 84.75
N ASP M 538 -52.58 52.69 85.70
CA ASP M 538 -53.97 52.98 85.94
C ASP M 538 -54.31 54.39 85.52
N PRO M 539 -55.52 54.83 85.83
CA PRO M 539 -55.93 56.17 85.50
C PRO M 539 -55.22 57.30 86.19
N LYS M 540 -54.88 57.16 87.49
CA LYS M 540 -54.30 58.27 88.21
C LYS M 540 -53.07 58.66 87.47
N TYR M 541 -52.26 57.66 87.11
CA TYR M 541 -51.07 57.89 86.36
C TYR M 541 -51.47 58.36 85.00
N GLU M 542 -52.60 57.82 84.49
CA GLU M 542 -53.04 58.10 83.16
C GLU M 542 -53.27 59.58 83.04
N ARG M 543 -53.87 60.21 84.06
CA ARG M 543 -54.08 61.62 83.92
C ARG M 543 -52.75 62.32 83.90
N LEU M 544 -51.80 61.86 84.75
CA LEU M 544 -50.52 62.51 84.83
C LEU M 544 -49.89 62.41 83.49
N VAL M 545 -49.94 61.21 82.89
CA VAL M 545 -49.27 61.06 81.63
C VAL M 545 -49.83 61.99 80.63
N ASN M 546 -51.16 62.23 80.67
CA ASN M 546 -51.70 63.12 79.69
C ASN M 546 -51.18 64.50 79.96
N ALA M 547 -50.99 64.86 81.24
CA ALA M 547 -50.55 66.18 81.58
C ALA M 547 -49.25 66.44 80.89
N ILE M 548 -48.33 65.45 80.96
CA ILE M 548 -47.04 65.61 80.36
C ILE M 548 -47.25 65.66 78.89
N LEU M 549 -48.18 64.81 78.40
CA LEU M 549 -48.41 64.68 77.00
C LEU M 549 -48.90 65.97 76.44
N ASP M 550 -49.84 66.65 77.10
CA ASP M 550 -50.33 67.88 76.54
C ASP M 550 -49.23 68.88 76.53
N PHE M 551 -48.36 68.85 77.55
CA PHE M 551 -47.31 69.82 77.64
C PHE M 551 -46.39 69.67 76.47
N LEU M 552 -46.10 68.41 76.06
CA LEU M 552 -45.17 68.19 74.99
C LEU M 552 -45.64 68.79 73.70
N PRO M 553 -46.82 68.54 73.18
CA PRO M 553 -47.16 69.28 72.01
C PRO M 553 -47.37 70.73 72.26
N LYS M 554 -47.60 71.13 73.52
CA LYS M 554 -47.83 72.53 73.77
C LYS M 554 -46.59 73.27 73.37
N ILE M 555 -45.43 72.74 73.77
CA ILE M 555 -44.20 73.43 73.52
C ILE M 555 -43.88 73.37 72.07
N GLU M 556 -43.61 74.56 71.49
CA GLU M 556 -43.36 74.76 70.10
C GLU M 556 -41.91 74.55 69.78
N GLU M 557 -41.65 74.49 68.47
CA GLU M 557 -40.34 74.25 67.94
C GLU M 557 -39.41 75.29 68.46
N ASN M 558 -38.39 74.80 69.16
CA ASN M 558 -37.32 75.57 69.72
C ASN M 558 -36.26 74.57 69.98
N LEU M 559 -35.12 75.04 70.51
CA LEU M 559 -34.06 74.18 70.92
C LEU M 559 -34.33 73.96 72.38
N ILE M 560 -34.49 72.67 72.82
CA ILE M 560 -34.70 72.40 74.22
C ILE M 560 -33.41 72.74 74.87
N CYS M 561 -32.30 72.27 74.27
CA CYS M 561 -31.01 72.44 74.85
C CYS M 561 -30.79 73.89 75.07
N SER M 562 -30.51 74.23 76.34
CA SER M 562 -30.32 75.55 76.88
C SER M 562 -29.82 75.25 78.25
N LYS M 563 -29.90 76.11 79.25
CA LYS M 563 -29.63 75.37 80.41
C LYS M 563 -30.79 74.61 80.76
N TYR M 564 -30.45 73.74 81.66
CA TYR M 564 -31.27 72.70 82.13
C TYR M 564 -32.42 73.30 82.87
N THR M 565 -32.20 74.53 83.34
CA THR M 565 -33.10 75.36 84.05
C THR M 565 -34.41 75.39 83.38
N ASP M 566 -34.34 75.52 82.06
CA ASP M 566 -35.53 75.82 81.35
C ASP M 566 -36.56 74.78 81.57
N LEU M 567 -36.14 73.53 81.58
CA LEU M 567 -37.10 72.51 81.71
C LEU M 567 -37.82 72.79 82.99
N LEU M 568 -37.09 73.12 84.07
CA LEU M 568 -37.77 73.21 85.32
C LEU M 568 -38.72 74.39 85.30
N ARG M 569 -38.39 75.56 84.65
CA ARG M 569 -39.36 76.60 84.67
C ARG M 569 -40.56 76.25 83.84
N ILE M 570 -40.39 75.58 82.69
CA ILE M 570 -41.62 75.29 81.98
C ILE M 570 -42.47 74.36 82.78
N ALA M 571 -41.84 73.46 83.53
CA ALA M 571 -42.56 72.48 84.32
C ALA M 571 -43.49 73.22 85.23
N LEU M 572 -43.05 74.41 85.66
CA LEU M 572 -43.71 75.21 86.66
C LEU M 572 -45.10 75.61 86.23
N MET M 573 -45.39 75.65 84.92
CA MET M 573 -46.65 76.20 84.46
C MET M 573 -47.89 75.55 85.05
N ALA M 574 -48.04 74.20 85.08
CA ALA M 574 -49.28 73.70 85.61
C ALA M 574 -49.00 73.06 86.95
N GLU M 575 -49.70 73.54 88.00
CA GLU M 575 -49.48 73.11 89.37
C GLU M 575 -49.86 71.67 89.58
N ASP M 576 -50.86 71.18 88.85
CA ASP M 576 -51.41 69.86 89.02
C ASP M 576 -50.45 68.69 88.71
N GLU M 577 -49.24 68.84 88.08
CA GLU M 577 -48.51 67.68 87.57
C GLU M 577 -47.26 67.20 88.29
N ALA M 578 -46.99 65.88 88.10
CA ALA M 578 -45.88 65.10 88.62
C ALA M 578 -44.60 65.55 88.03
N ILE M 579 -44.64 65.98 86.77
CA ILE M 579 -43.49 66.48 86.08
C ILE M 579 -42.91 67.61 86.87
N PHE M 580 -43.76 68.52 87.37
CA PHE M 580 -43.28 69.64 88.10
C PHE M 580 -42.59 69.19 89.34
N GLU M 581 -43.17 68.20 90.05
CA GLU M 581 -42.56 67.78 91.27
C GLU M 581 -41.20 67.28 90.94
N GLU M 582 -41.06 66.55 89.82
CA GLU M 582 -39.79 66.03 89.41
C GLU M 582 -38.89 67.17 89.05
N ALA M 583 -39.44 68.20 88.39
CA ALA M 583 -38.66 69.32 87.95
C ALA M 583 -38.05 69.95 89.16
N HIS M 584 -38.83 70.07 90.24
CA HIS M 584 -38.33 70.68 91.44
C HIS M 584 -37.26 69.81 92.03
N LYS M 585 -37.41 68.48 91.99
CA LYS M 585 -36.42 67.64 92.60
C LYS M 585 -35.13 67.81 91.89
N GLN M 586 -35.18 67.75 90.56
CA GLN M 586 -34.00 67.81 89.76
C GLN M 586 -33.30 69.13 89.94
N VAL M 587 -34.09 70.21 90.09
CA VAL M 587 -33.45 71.45 90.40
C VAL M 587 -32.71 71.24 91.69
N GLN M 588 -33.34 70.65 92.70
CA GLN M 588 -32.68 70.53 93.98
C GLN M 588 -31.38 69.81 93.81
N ARG M 589 -31.34 68.66 93.09
CA ARG M 589 -30.06 68.04 92.92
C ARG M 589 -29.58 68.46 91.55
N UNK M 590 -1.56 78.74 89.91
CA UNK M 590 -2.58 79.53 90.62
C UNK M 590 -3.94 79.05 90.26
N UNK M 591 -4.92 79.97 90.24
CA UNK M 591 -6.26 79.59 89.90
C UNK M 591 -6.26 79.19 88.46
N UNK M 592 -7.11 78.21 88.12
CA UNK M 592 -7.21 77.73 86.77
C UNK M 592 -8.15 78.63 86.03
N UNK M 593 -8.25 78.44 84.70
CA UNK M 593 -9.10 79.27 83.92
C UNK M 593 -10.50 79.10 84.46
N UNK M 594 -11.31 80.16 84.31
CA UNK M 594 -12.64 80.18 84.82
C UNK M 594 -13.49 79.13 84.17
N UNK M 595 -13.37 78.95 82.82
CA UNK M 595 -14.09 77.96 82.07
C UNK M 595 -15.51 77.80 82.51
N UNK M 596 -16.41 78.73 82.10
CA UNK M 596 -17.79 78.63 82.52
C UNK M 596 -18.58 77.98 81.42
N UNK M 597 -19.48 77.05 81.80
CA UNK M 597 -20.30 76.36 80.86
C UNK M 597 -21.43 77.26 80.50
N UNK M 598 -22.07 77.02 79.34
CA UNK M 598 -23.16 77.86 78.94
C UNK M 598 -24.32 77.54 79.82
N UNK M 599 -25.14 78.55 80.13
CA UNK M 599 -26.25 78.25 80.96
C UNK M 599 -27.46 78.85 80.30
N UNK M 600 -28.63 78.44 80.74
CA UNK M 600 -29.86 78.79 80.16
C UNK M 600 -29.90 80.21 80.48
N UNK M 601 -30.41 81.03 79.60
CA UNK M 601 -30.60 82.35 80.04
C UNK M 601 -31.93 82.36 80.72
N UNK M 602 -32.10 83.29 81.68
CA UNK M 602 -33.38 83.38 82.31
C UNK M 602 -34.32 83.65 81.16
N UNK M 603 -35.39 82.84 80.98
CA UNK M 603 -36.06 83.03 79.71
C UNK M 603 -37.54 83.46 79.70
N UNK M 604 -37.96 84.42 78.74
CA UNK M 604 -39.32 84.88 78.29
C UNK M 604 -39.53 85.92 76.79
N UNK M 605 -40.10 85.79 75.25
CA UNK M 605 -40.48 86.52 73.86
C UNK M 605 -40.46 85.76 72.44
N UNK M 606 -40.55 84.42 72.29
CA UNK M 606 -40.29 83.63 71.06
C UNK M 606 -41.15 83.82 69.83
N UNK M 607 -42.47 84.05 69.95
CA UNK M 607 -43.29 84.10 68.76
C UNK M 607 -42.83 85.19 67.86
N UNK M 608 -43.19 85.04 66.56
CA UNK M 608 -42.97 85.97 65.48
C UNK M 608 -41.86 85.44 64.65
N UNK M 609 -41.91 85.76 63.34
CA UNK M 609 -40.91 85.32 62.42
C UNK M 609 -39.72 86.18 62.64
N UNK M 610 -38.52 85.58 62.62
CA UNK M 610 -37.33 86.37 62.75
C UNK M 610 -37.19 87.19 61.52
N UNK M 611 -37.43 86.55 60.36
CA UNK M 611 -37.26 87.18 59.09
C UNK M 611 -38.59 87.49 58.50
N UNK M 612 -38.57 88.08 57.28
CA UNK M 612 -39.76 88.44 56.59
C UNK M 612 -40.51 87.21 56.28
N UNK M 613 -41.83 87.37 56.01
CA UNK M 613 -42.61 86.24 55.63
C UNK M 613 -42.85 86.35 54.16
N UNK M 614 -42.50 85.28 53.43
CA UNK M 614 -42.62 85.19 52.00
C UNK M 614 -44.05 85.12 51.55
N UNK M 615 -44.90 84.30 52.20
CA UNK M 615 -46.22 84.16 51.66
C UNK M 615 -47.21 83.94 52.75
N UNK M 616 -48.50 84.21 52.44
CA UNK M 616 -49.57 84.00 53.38
C UNK M 616 -50.56 83.12 52.69
N UNK M 617 -51.21 82.21 53.46
CA UNK M 617 -52.16 81.32 52.83
C UNK M 617 -53.28 81.09 53.80
N UNK M 618 -54.47 80.73 53.27
CA UNK M 618 -55.60 80.50 54.12
C UNK M 618 -55.94 79.04 54.06
N UNK M 619 -56.29 78.44 55.22
CA UNK M 619 -56.65 77.05 55.27
C UNK M 619 -58.03 76.94 54.70
N UNK M 620 -58.28 75.90 53.89
CA UNK M 620 -59.59 75.83 53.31
C UNK M 620 -60.63 75.57 54.36
N UNK M 621 -60.51 74.45 55.09
CA UNK M 621 -61.54 74.07 56.03
C UNK M 621 -61.58 74.90 57.28
N UNK M 622 -60.43 75.00 57.98
CA UNK M 622 -60.44 75.60 59.29
C UNK M 622 -60.19 77.06 59.20
N UNK M 623 -60.57 77.79 60.27
CA UNK M 623 -60.23 79.17 60.25
C UNK M 623 -58.86 79.22 60.82
N UNK M 624 -57.86 79.08 59.94
CA UNK M 624 -56.50 79.11 60.33
C UNK M 624 -55.76 79.59 59.12
N UNK M 625 -54.62 80.24 59.33
CA UNK M 625 -53.87 80.72 58.22
C UNK M 625 -52.46 80.30 58.41
N UNK M 626 -51.72 80.12 57.31
CA UNK M 626 -50.36 79.69 57.43
C UNK M 626 -49.50 80.78 56.90
N UNK M 627 -48.28 80.90 57.44
CA UNK M 627 -47.38 81.93 57.00
C UNK M 627 -46.12 81.27 56.54
N UNK M 628 -45.46 81.88 55.54
CA UNK M 628 -44.22 81.36 55.04
C UNK M 628 -43.18 82.36 55.40
N UNK M 629 -41.98 81.85 55.75
CA UNK M 629 -40.91 82.71 56.18
C UNK M 629 -39.76 81.78 56.37
N UNK M 630 -38.87 82.11 57.33
CA UNK M 630 -37.76 81.25 57.57
C UNK M 630 -38.33 79.93 57.92
N UNK M 631 -39.42 79.93 58.72
CA UNK M 631 -40.07 78.70 59.05
C UNK M 631 -41.54 78.95 58.83
N UNK M 632 -42.32 77.88 58.59
CA UNK M 632 -43.73 78.10 58.42
C UNK M 632 -44.34 78.21 59.79
N UNK M 633 -45.38 79.03 59.91
CA UNK M 633 -46.05 79.19 61.17
C UNK M 633 -47.52 79.13 60.89
N UNK M 634 -48.30 78.65 61.87
CA UNK M 634 -49.71 78.59 61.68
C UNK M 634 -50.33 79.46 62.72
N UNK M 635 -51.37 80.21 62.33
CA UNK M 635 -52.02 81.08 63.27
C UNK M 635 -53.47 81.10 62.91
N UNK M 636 -54.32 81.55 63.85
CA UNK M 636 -55.72 81.60 63.55
C UNK M 636 -56.05 83.02 63.22
N UNK M 637 -56.78 83.20 62.11
CA UNK M 637 -57.24 84.49 61.66
C UNK M 637 -58.18 84.96 62.71
N UNK M 638 -58.89 84.00 63.31
CA UNK M 638 -59.87 84.25 64.32
C UNK M 638 -59.23 84.96 65.45
N UNK M 639 -60.04 85.23 66.50
CA UNK M 639 -59.66 86.01 67.64
C UNK M 639 -58.46 85.43 68.30
N UNK M 640 -58.32 84.08 68.32
CA UNK M 640 -57.23 83.51 69.06
C UNK M 640 -55.94 84.05 68.52
N UNK M 641 -55.74 84.00 67.18
CA UNK M 641 -54.58 84.52 66.53
C UNK M 641 -53.34 84.13 67.28
N UNK M 642 -53.16 82.83 67.54
CA UNK M 642 -51.99 82.43 68.28
C UNK M 642 -51.17 81.56 67.39
N UNK M 643 -49.84 81.52 67.63
CA UNK M 643 -49.03 80.69 66.81
C UNK M 643 -49.34 79.30 67.24
N UNK M 644 -50.23 78.62 66.50
CA UNK M 644 -50.64 77.30 66.85
C UNK M 644 -49.47 76.39 66.75
N UNK M 645 -48.70 76.48 65.65
CA UNK M 645 -47.62 75.54 65.51
C UNK M 645 -46.52 76.12 64.69
N UNK M 646 -45.35 75.46 64.73
CA UNK M 646 -44.17 75.84 64.01
C UNK M 646 -43.89 74.77 62.99
N UNK M 647 -43.46 75.21 61.79
CA UNK M 647 -43.18 74.41 60.61
C UNK M 647 -42.02 73.45 60.71
N UNK M 648 -40.92 73.87 61.35
CA UNK M 648 -39.79 73.04 61.67
C UNK M 648 -38.80 72.73 60.61
N UNK M 649 -39.40 72.55 59.39
CA UNK M 649 -39.11 71.88 58.14
C UNK M 649 -37.97 72.31 57.22
N UNK M 650 -37.44 73.57 57.18
CA UNK M 650 -36.55 73.81 56.08
C UNK M 650 -35.17 74.25 56.48
N UNK M 651 -34.21 73.60 55.81
CA UNK M 651 -32.78 73.68 55.93
C UNK M 651 -32.39 75.02 55.60
N UNK M 652 -32.81 75.30 54.39
CA UNK M 652 -32.46 76.47 53.68
C UNK M 652 -33.37 77.52 54.14
N UNK M 653 -33.38 78.64 53.39
CA UNK M 653 -34.14 79.75 53.83
C UNK M 653 -34.67 80.47 52.64
N UNK M 654 -34.54 81.82 52.69
CA UNK M 654 -35.09 82.71 51.71
C UNK M 654 -36.56 82.71 51.93
N UNK M 655 -36.97 82.21 53.10
CA UNK M 655 -38.35 82.06 53.44
C UNK M 655 -38.81 80.89 52.63
N UNK M 656 -39.78 80.11 53.16
CA UNK M 656 -40.28 79.12 52.26
C UNK M 656 -40.90 79.99 51.23
N UNK M 657 -40.44 79.86 49.98
CA UNK M 657 -40.86 80.80 48.99
C UNK M 657 -42.33 80.73 48.86
N UNK M 658 -42.90 79.51 48.83
CA UNK M 658 -44.31 79.45 48.65
C UNK M 658 -44.85 78.32 49.45
N UNK M 659 -46.18 78.34 49.64
CA UNK M 659 -46.85 77.27 50.32
C UNK M 659 -48.11 77.04 49.56
N UNK M 660 -48.58 75.78 49.53
CA UNK M 660 -49.82 75.51 48.85
C UNK M 660 -50.51 74.46 49.63
N UNK M 661 -51.85 74.51 49.66
CA UNK M 661 -52.58 73.54 50.41
C UNK M 661 -53.41 72.77 49.45
N UNK M 662 -53.64 71.48 49.79
CA UNK M 662 -54.47 70.63 48.98
C UNK M 662 -55.88 71.06 49.26
N UNK M 663 -56.82 70.65 48.40
CA UNK M 663 -58.19 71.01 48.56
C UNK M 663 -58.65 70.47 49.87
N UNK M 664 -58.22 69.23 50.19
CA UNK M 664 -58.58 68.57 51.40
C UNK M 664 -58.07 69.40 52.54
N UNK M 665 -56.92 70.06 52.33
CA UNK M 665 -56.27 70.83 53.35
C UNK M 665 -55.65 69.86 54.29
N UNK M 666 -55.63 68.57 53.88
CA UNK M 666 -54.96 67.55 54.63
C UNK M 666 -53.49 67.77 54.57
N UNK M 667 -52.96 68.12 53.37
CA UNK M 667 -51.54 68.24 53.24
C UNK M 667 -51.18 69.60 52.75
N UNK M 668 -49.97 70.05 53.13
CA UNK M 668 -49.49 71.33 52.69
C UNK M 668 -48.17 71.08 52.04
N UNK M 669 -47.83 71.89 51.01
CA UNK M 669 -46.58 71.72 50.35
C UNK M 669 -45.83 73.00 50.53
N UNK M 670 -44.49 72.92 50.65
CA UNK M 670 -43.73 74.11 50.85
C UNK M 670 -42.56 74.09 49.92
N UNK M 671 -41.99 75.29 49.64
CA UNK M 671 -40.86 75.39 48.77
C UNK M 671 -39.81 76.17 49.50
N UNK M 672 -38.53 76.00 49.11
CA UNK M 672 -37.52 76.70 49.86
C UNK M 672 -36.26 76.77 49.05
N UNK M 673 -35.25 77.42 49.68
CA UNK M 673 -33.93 77.61 49.17
C UNK M 673 -33.31 76.27 49.00
N UNK M 674 -33.78 75.31 49.83
CA UNK M 674 -33.25 73.97 49.88
C UNK M 674 -33.36 73.41 48.49
N UNK M 675 -34.36 73.89 47.72
CA UNK M 675 -34.61 73.36 46.42
C UNK M 675 -35.21 72.02 46.62
N UNK M 676 -35.87 71.85 47.77
CA UNK M 676 -36.58 70.65 48.06
C UNK M 676 -38.00 71.09 48.29
N UNK M 677 -38.97 70.22 47.97
CA UNK M 677 -40.31 70.61 48.28
C UNK M 677 -40.73 69.70 49.38
N UNK M 678 -40.94 70.26 50.57
CA UNK M 678 -41.33 69.36 51.60
C UNK M 678 -42.78 69.15 51.41
N UNK M 679 -43.23 67.90 51.62
CA UNK M 679 -44.64 67.81 51.80
C UNK M 679 -44.58 68.47 53.09
N UNK M 680 -44.98 69.76 53.09
CA UNK M 680 -44.78 70.68 54.16
C UNK M 680 -45.35 69.96 55.27
N UNK M 681 -46.47 69.28 54.99
CA UNK M 681 -46.86 68.48 56.06
C UNK M 681 -48.02 67.65 55.72
N UNK M 682 -48.25 66.70 56.64
CA UNK M 682 -49.34 65.81 56.58
C UNK M 682 -48.91 64.62 57.43
N UNK M 683 -46.61 67.03 63.38
CA UNK M 683 -46.66 67.29 61.92
C UNK M 683 -45.30 67.22 61.34
N UNK M 684 -44.97 66.05 60.76
CA UNK M 684 -43.67 65.91 60.20
C UNK M 684 -43.85 65.86 58.72
N UNK M 685 -42.81 66.24 57.97
CA UNK M 685 -42.94 66.25 56.54
C UNK M 685 -43.13 64.84 56.11
N UNK M 686 -44.12 64.62 55.23
CA UNK M 686 -44.38 63.29 54.75
C UNK M 686 -43.20 62.85 53.96
N UNK M 687 -42.68 63.72 53.08
CA UNK M 687 -41.56 63.32 52.27
C UNK M 687 -40.90 64.54 51.76
N UNK M 688 -39.66 64.38 51.26
CA UNK M 688 -38.96 65.50 50.71
C UNK M 688 -38.75 65.19 49.27
N UNK M 689 -38.95 66.18 48.38
CA UNK M 689 -38.75 65.93 47.00
C UNK M 689 -37.61 66.78 46.54
N UNK M 690 -36.69 66.17 45.76
CA UNK M 690 -35.55 66.89 45.31
C UNK M 690 -35.53 66.78 43.83
N UNK M 691 -34.85 67.71 43.16
CA UNK M 691 -34.86 67.71 41.73
C UNK M 691 -34.17 68.95 41.31
N UNK M 692 -34.95 70.06 41.32
CA UNK M 692 -34.48 71.33 40.85
C UNK M 692 -33.16 71.66 41.44
N UNK M 693 -32.28 72.17 40.55
CA UNK M 693 -30.93 72.58 40.84
C UNK M 693 -30.92 73.80 41.71
N UNK M 694 -31.87 74.72 41.50
CA UNK M 694 -31.81 75.99 42.19
C UNK M 694 -32.99 76.18 43.07
N UNK M 695 -33.06 77.38 43.69
CA UNK M 695 -34.10 77.70 44.61
C UNK M 695 -35.43 77.53 43.93
N UNK M 696 -36.43 77.04 44.69
CA UNK M 696 -37.72 76.83 44.11
C UNK M 696 -38.57 78.00 44.50
N UNK M 697 -38.98 78.78 43.49
CA UNK M 697 -39.79 79.96 43.65
C UNK M 697 -41.19 79.63 44.08
N UNK M 698 -41.83 78.61 43.50
CA UNK M 698 -43.20 78.42 43.87
C UNK M 698 -43.59 76.97 43.73
N UNK M 699 -44.64 76.58 44.49
CA UNK M 699 -45.13 75.22 44.44
C UNK M 699 -46.61 75.29 44.52
N UNK M 700 -47.30 74.27 43.98
CA UNK M 700 -48.73 74.29 44.08
C UNK M 700 -49.21 72.88 44.00
N UNK M 701 -50.36 72.61 44.65
CA UNK M 701 -50.91 71.29 44.59
C UNK M 701 -52.00 71.37 43.58
N UNK M 702 -52.07 70.36 42.69
CA UNK M 702 -53.09 70.35 41.68
C UNK M 702 -54.38 70.08 42.35
N UNK M 703 -55.49 70.54 41.73
CA UNK M 703 -56.78 70.33 42.30
C UNK M 703 -56.97 68.83 42.47
N UNK M 704 -49.65 65.61 40.71
CA UNK M 704 -49.80 65.92 42.15
C UNK M 704 -49.42 67.34 42.44
N UNK M 705 -48.14 67.68 42.23
CA UNK M 705 -47.71 69.01 42.56
C UNK M 705 -46.84 69.53 41.47
N UNK M 706 -46.77 70.88 41.36
CA UNK M 706 -45.95 71.49 40.36
C UNK M 706 -45.09 72.51 41.05
N UNK M 707 -43.87 72.72 40.53
CA UNK M 707 -42.99 73.68 41.13
C UNK M 707 -42.27 74.38 40.02
N UNK M 708 -41.71 75.57 40.32
CA UNK M 708 -40.96 76.32 39.35
C UNK M 708 -39.69 76.69 40.02
N UNK M 709 -38.60 76.89 39.23
CA UNK M 709 -37.37 77.17 39.89
C UNK M 709 -36.51 78.07 39.06
N UNK M 710 -35.37 78.45 39.65
CA UNK M 710 -34.33 79.26 39.08
C UNK M 710 -33.82 78.46 37.94
N UNK M 711 -34.02 77.13 38.06
CA UNK M 711 -33.62 76.16 37.10
C UNK M 711 -34.25 76.55 35.81
N UNK M 712 -35.36 77.30 35.88
CA UNK M 712 -36.07 77.69 34.69
C UNK M 712 -36.72 76.48 34.15
N UNK M 713 -37.08 75.57 35.07
CA UNK M 713 -37.77 74.38 34.70
C UNK M 713 -39.01 74.32 35.51
N UNK M 714 -40.02 73.61 35.00
CA UNK M 714 -41.22 73.38 35.73
C UNK M 714 -41.26 71.90 35.92
N UNK M 715 -41.57 71.43 37.13
CA UNK M 715 -41.55 70.01 37.32
C UNK M 715 -42.81 69.59 37.96
N UNK M 716 -43.24 68.35 37.67
CA UNK M 716 -44.42 67.81 38.26
C UNK M 716 -43.97 66.69 39.14
N UNK M 717 -44.54 66.59 40.35
CA UNK M 717 -44.10 65.56 41.24
C UNK M 717 -45.28 64.75 41.65
N UNK M 718 -45.05 63.47 41.96
CA UNK M 718 -46.13 62.63 42.40
C UNK M 718 -46.18 62.78 43.88
N UNK M 719 -42.24 62.90 37.26
CA UNK M 719 -42.93 62.66 36.03
C UNK M 719 -42.69 63.66 34.95
N UNK M 720 -42.78 64.98 35.23
CA UNK M 720 -42.74 65.85 34.09
C UNK M 720 -41.78 66.96 34.30
N UNK M 721 -41.27 67.49 33.17
CA UNK M 721 -40.41 68.63 33.17
C UNK M 721 -40.90 69.48 32.05
N UNK M 722 -40.89 70.82 32.22
CA UNK M 722 -41.38 71.61 31.14
C UNK M 722 -40.26 72.49 30.68
N UNK M 723 -39.93 72.37 29.37
CA UNK M 723 -38.93 73.23 28.81
C UNK M 723 -39.62 74.53 28.65
N UNK M 724 -38.88 75.65 28.68
CA UNK M 724 -39.59 76.89 28.62
C UNK M 724 -38.62 77.99 28.44
N UNK M 725 -39.00 79.17 28.96
CA UNK M 725 -38.24 80.37 28.84
C UNK M 725 -36.87 80.17 29.39
N UNK M 726 -35.92 80.98 28.87
CA UNK M 726 -34.54 80.94 29.26
C UNK M 726 -34.39 81.37 30.69
N UNK M 727 -35.16 82.40 31.09
CA UNK M 727 -35.04 82.97 32.41
C UNK M 727 -35.65 82.08 33.44
N UNK M 728 -35.37 82.39 34.72
CA UNK M 728 -35.88 81.63 35.83
C UNK M 728 -37.36 81.81 35.88
N UNK M 729 -38.07 80.83 36.48
CA UNK M 729 -39.51 80.92 36.54
C UNK M 729 -39.92 81.27 37.93
N UNK M 730 -40.63 82.40 38.06
CA UNK M 730 -41.12 82.93 39.31
C UNK M 730 -42.22 82.10 39.91
N UNK M 731 -43.23 81.68 39.12
CA UNK M 731 -44.31 81.00 39.77
C UNK M 731 -45.04 80.13 38.80
N UNK M 732 -45.82 79.16 39.33
CA UNK M 732 -46.61 78.30 38.49
C UNK M 732 -47.95 78.21 39.12
N UNK M 733 -49.01 78.21 38.29
CA UNK M 733 -50.33 78.11 38.85
C UNK M 733 -51.11 77.19 37.97
N UNK M 734 -51.94 76.33 38.60
CA UNK M 734 -52.77 75.45 37.86
C UNK M 734 -54.05 76.15 37.55
N UNK M 735 -54.76 75.65 36.51
CA UNK M 735 -56.05 76.19 36.18
C UNK M 735 -57.03 75.52 37.09
N UNK M 736 -58.22 76.12 37.25
CA UNK M 736 -59.22 75.55 38.09
C UNK M 736 -59.54 74.21 37.51
N UNK M 737 -59.60 74.15 36.17
CA UNK M 737 -59.86 72.95 35.45
C UNK M 737 -58.72 72.03 35.75
N UNK M 738 -57.54 72.65 35.98
CA UNK M 738 -56.32 71.92 36.19
C UNK M 738 -55.91 71.43 34.85
N UNK M 739 -56.63 71.92 33.81
CA UNK M 739 -56.34 71.60 32.46
C UNK M 739 -55.02 72.18 32.07
N UNK M 740 -54.74 73.44 32.47
CA UNK M 740 -53.54 74.07 31.99
C UNK M 740 -52.80 74.71 33.13
N UNK M 741 -51.52 75.06 32.89
CA UNK M 741 -50.72 75.67 33.90
C UNK M 741 -50.19 76.96 33.37
N UNK M 742 -50.00 77.95 34.27
CA UNK M 742 -49.47 79.21 33.87
C UNK M 742 -48.17 79.38 34.59
N UNK M 743 -47.14 79.87 33.88
CA UNK M 743 -45.86 80.05 34.49
C UNK M 743 -45.49 81.48 34.30
N UNK M 744 -44.68 82.02 35.24
CA UNK M 744 -44.24 83.37 35.11
C UNK M 744 -42.75 83.32 35.21
N UNK M 745 -42.08 84.20 34.46
CA UNK M 745 -40.65 84.18 34.48
C UNK M 745 -40.21 85.55 34.09
N UNK M 746 -38.88 85.76 34.09
CA UNK M 746 -38.40 87.05 33.72
C UNK M 746 -38.82 87.29 32.30
N UNK M 747 -38.68 86.27 31.44
CA UNK M 747 -38.95 86.44 30.04
C UNK M 747 -40.40 86.72 29.77
N UNK M 748 -41.33 85.94 30.34
CA UNK M 748 -42.70 86.19 29.99
C UNK M 748 -43.57 85.26 30.78
N UNK M 749 -44.90 85.34 30.56
CA UNK M 749 -45.80 84.46 31.23
C UNK M 749 -46.29 83.50 30.20
N UNK M 750 -46.24 82.19 30.48
CA UNK M 750 -46.66 81.26 29.49
C UNK M 750 -47.69 80.35 30.08
N UNK M 751 -48.63 79.90 29.23
CA UNK M 751 -49.63 78.97 29.65
C UNK M 751 -49.31 77.69 28.95
N UNK M 752 -49.40 76.56 29.68
CA UNK M 752 -49.05 75.32 29.05
C UNK M 752 -50.14 74.33 29.33
N UNK M 753 -50.31 73.36 28.40
CA UNK M 753 -51.29 72.33 28.56
C UNK M 753 -50.71 71.34 29.51
N UNK M 754 -51.57 70.50 30.11
CA UNK M 754 -51.12 69.52 31.05
C UNK M 754 -50.17 68.56 30.33
N UNK M 755 -47.72 74.84 24.36
CA UNK M 755 -47.53 76.27 24.05
C UNK M 755 -48.74 76.83 23.37
N UNK M 756 -49.88 76.90 24.11
CA UNK M 756 -51.08 77.42 23.54
C UNK M 756 -50.85 78.85 23.18
N UNK M 757 -50.21 79.61 24.10
CA UNK M 757 -49.95 80.98 23.81
C UNK M 757 -49.13 81.52 24.94
N UNK M 758 -48.55 82.72 24.74
CA UNK M 758 -47.76 83.31 25.79
C UNK M 758 -47.94 84.79 25.70
N UNK M 759 -47.76 85.50 26.84
CA UNK M 759 -47.97 86.91 26.81
C UNK M 759 -46.71 87.60 26.41
N UNK M 760 -46.73 88.13 25.18
CA UNK M 760 -45.71 88.90 24.54
C UNK M 760 -45.63 90.24 25.20
N UNK M 761 -46.78 90.70 25.73
CA UNK M 761 -46.95 92.05 26.17
C UNK M 761 -45.88 92.45 27.14
N UNK M 762 -45.46 91.58 28.06
CA UNK M 762 -44.43 92.01 28.98
C UNK M 762 -43.23 92.35 28.16
N UNK M 763 -42.91 91.47 27.19
CA UNK M 763 -41.86 91.70 26.25
C UNK M 763 -40.53 91.79 26.92
N UNK M 764 -39.48 91.45 26.14
CA UNK M 764 -38.11 91.54 26.54
C UNK M 764 -37.81 92.98 26.74
N UNK M 765 -38.40 93.84 25.89
CA UNK M 765 -38.17 95.25 25.96
C UNK M 765 -38.52 95.69 27.33
N UNK M 766 -38.05 96.90 27.72
CA UNK M 766 -38.20 97.39 29.05
C UNK M 766 -39.63 97.24 29.46
N UNK M 767 -39.81 96.21 30.30
CA UNK M 767 -41.03 95.77 30.90
C UNK M 767 -40.72 94.33 31.13
N UNK M 768 -40.90 93.83 32.35
CA UNK M 768 -40.46 92.47 32.51
C UNK M 768 -40.57 92.13 33.96
N UNK M 769 -39.83 91.06 34.35
CA UNK M 769 -39.83 90.59 35.69
C UNK M 769 -41.23 90.44 36.17
N UNK M 770 -41.96 89.46 35.59
CA UNK M 770 -43.32 89.26 36.03
C UNK M 770 -43.29 88.37 37.24
N UNK M 771 -43.58 88.98 38.40
CA UNK M 771 -43.61 88.38 39.70
C UNK M 771 -44.77 87.46 39.93
N UNK M 772 -45.99 87.80 39.47
CA UNK M 772 -47.06 86.96 39.91
C UNK M 772 -48.05 86.69 38.83
N UNK M 773 -48.87 85.65 39.05
CA UNK M 773 -49.92 85.31 38.15
C UNK M 773 -51.02 84.77 38.97
N UNK M 774 -52.27 85.07 38.56
CA UNK M 774 -53.39 84.55 39.27
C UNK M 774 -54.33 84.15 38.22
N UNK M 775 -55.14 83.12 38.51
CA UNK M 775 -56.08 82.68 37.56
C UNK M 775 -57.36 83.27 37.99
N UNK M 776 -58.14 83.67 36.99
CA UNK M 776 -59.39 84.29 37.28
C UNK M 776 -60.36 83.22 37.71
N UNK M 777 -61.47 83.69 38.28
CA UNK M 777 -62.63 82.94 38.66
C UNK M 777 -63.22 82.65 37.32
N UNK M 778 -64.26 83.38 36.83
CA UNK M 778 -64.57 83.22 35.42
C UNK M 778 -63.21 83.65 34.70
N UNK M 779 -62.75 83.12 33.39
CA UNK M 779 -61.51 82.92 32.48
C UNK M 779 -60.57 84.03 32.04
N UNK M 780 -59.30 83.87 32.48
CA UNK M 780 -58.24 84.79 32.19
C UNK M 780 -57.18 84.56 33.22
N UNK M 781 -56.07 85.31 33.10
CA UNK M 781 -55.00 85.21 34.05
C UNK M 781 -54.56 86.62 34.30
N UNK M 782 -53.97 86.86 35.48
CA UNK M 782 -53.52 88.20 35.76
C UNK M 782 -52.10 88.09 36.21
N UNK M 783 -51.29 89.09 35.82
CA UNK M 783 -49.92 89.05 36.21
C UNK M 783 -49.52 90.43 36.61
N UNK M 784 -48.45 90.53 37.40
CA UNK M 784 -47.93 91.80 37.81
C UNK M 784 -46.44 91.67 37.76
N UNK M 785 -45.71 92.78 37.48
CA UNK M 785 -44.29 92.65 37.38
C UNK M 785 -43.63 93.57 38.36
N UNK M 786 -42.57 93.06 39.02
CA UNK M 786 -41.76 93.80 39.94
C UNK M 786 -40.99 94.84 39.18
N UNK M 787 -40.61 94.48 37.94
CA UNK M 787 -39.76 95.25 37.08
C UNK M 787 -40.34 96.59 36.80
N UNK M 788 -39.72 97.26 35.83
CA UNK M 788 -40.01 98.62 35.51
C UNK M 788 -41.47 98.75 35.21
N UNK M 789 -42.09 97.74 34.56
CA UNK M 789 -43.48 97.89 34.25
C UNK M 789 -44.22 98.07 35.54
N UNK M 790 -43.97 97.19 36.53
CA UNK M 790 -44.58 97.28 37.83
C UNK M 790 -46.05 97.50 37.66
N UNK M 791 -46.71 96.74 36.77
CA UNK M 791 -48.11 97.02 36.64
C UNK M 791 -48.83 95.73 36.57
N UNK M 792 -50.14 95.76 36.89
CA UNK M 792 -50.93 94.58 36.75
C UNK M 792 -51.26 94.48 35.31
N UNK M 793 -51.39 93.24 34.81
CA UNK M 793 -51.75 93.07 33.44
C UNK M 793 -52.91 92.14 33.48
N UNK M 794 -53.92 92.40 32.64
CA UNK M 794 -55.05 91.53 32.62
C UNK M 794 -55.20 91.06 31.23
N UNK M 795 -55.51 89.77 31.04
CA UNK M 795 -55.66 89.29 29.71
C UNK M 795 -56.36 87.98 29.78
N UNK M 796 -56.93 87.55 28.62
CA UNK M 796 -57.56 86.27 28.54
C UNK M 796 -56.62 85.39 27.80
N UNK M 797 -56.45 84.15 28.27
CA UNK M 797 -55.51 83.28 27.63
C UNK M 797 -55.94 83.00 26.24
N UNK M 798 -57.24 82.72 26.03
CA UNK M 798 -57.64 82.37 24.70
C UNK M 798 -57.39 83.52 23.79
N UNK M 799 -57.82 84.73 24.19
CA UNK M 799 -57.67 85.89 23.36
C UNK M 799 -56.21 86.20 23.18
N UNK M 800 -55.40 86.05 24.25
CA UNK M 800 -54.02 86.41 24.18
C UNK M 800 -53.91 87.90 24.00
N UNK M 801 -54.94 88.64 24.44
CA UNK M 801 -54.91 90.07 24.34
C UNK M 801 -54.99 90.59 25.75
N UNK M 802 -54.35 91.76 26.01
CA UNK M 802 -54.39 92.30 27.34
C UNK M 802 -55.57 93.21 27.41
N UNK M 803 -56.48 92.92 28.34
CA UNK M 803 -57.67 93.72 28.45
C UNK M 803 -57.29 95.12 28.86
N UNK M 804 -56.42 95.26 29.87
CA UNK M 804 -56.06 96.58 30.28
C UNK M 804 -54.93 96.50 31.25
N UNK M 805 -54.23 97.62 31.47
CA UNK M 805 -53.15 97.62 32.40
C UNK M 805 -53.47 98.60 33.48
N UNK M 806 -53.17 98.25 34.75
CA UNK M 806 -53.48 99.15 35.83
C UNK M 806 -52.17 99.65 36.39
N UNK M 807 -52.07 100.97 36.67
CA UNK M 807 -50.84 101.55 37.15
C UNK M 807 -50.60 101.20 38.64
N UNK M 808 -49.31 101.04 39.10
CA UNK M 808 -48.81 100.63 40.46
C UNK M 808 -47.34 101.24 40.91
N UNK M 809 -46.48 100.66 41.97
CA UNK M 809 -45.10 100.77 42.70
C UNK M 809 -44.26 99.62 42.17
N UNK M 810 -44.21 98.41 42.80
CA UNK M 810 -43.73 97.20 42.19
C UNK M 810 -44.69 96.19 42.76
N UNK M 811 -45.29 95.31 41.93
CA UNK M 811 -46.34 94.48 42.47
C UNK M 811 -45.81 93.13 42.82
N UNK M 812 -45.87 92.85 44.13
CA UNK M 812 -45.50 91.59 44.72
C UNK M 812 -46.50 90.51 44.43
N UNK M 813 -47.82 90.81 44.55
CA UNK M 813 -48.76 89.73 44.37
C UNK M 813 -50.04 90.27 43.84
N UNK M 814 -50.75 89.43 43.07
CA UNK M 814 -52.00 89.84 42.52
C UNK M 814 -53.00 88.80 42.89
N UNK M 815 -54.25 89.22 43.13
CA UNK M 815 -55.26 88.28 43.49
C UNK M 815 -56.56 88.79 42.98
N UNK M 816 -57.54 87.88 42.80
CA UNK M 816 -58.81 88.31 42.35
C UNK M 816 -59.75 88.06 43.48
N UNK M 817 -60.75 88.93 43.67
CA UNK M 817 -61.64 88.67 44.75
C UNK M 817 -62.33 87.40 44.40
N UNK M 818 -62.27 86.41 45.32
CA UNK M 818 -62.89 85.14 45.07
C UNK M 818 -64.35 85.32 45.02
N UNK M 819 -64.88 86.07 45.99
CA UNK M 819 -66.29 86.21 46.14
C UNK M 819 -66.81 84.87 46.53
N UNK M 820 -67.66 84.84 47.56
CA UNK M 820 -68.22 83.60 48.02
C UNK M 820 -69.35 83.27 47.11
N UNK M 821 -69.87 82.04 47.24
CA UNK M 821 -70.99 81.57 46.46
C UNK M 821 -70.80 81.93 45.03
N UNK M 822 -69.93 81.17 44.34
CA UNK M 822 -69.60 81.43 42.98
C UNK M 822 -68.60 82.51 43.07
N UNK M 823 -67.80 82.71 42.00
CA UNK M 823 -66.82 83.72 42.19
C UNK M 823 -67.18 84.86 41.32
N UNK M 824 -66.93 86.07 41.83
CA UNK M 824 -67.17 87.26 41.08
C UNK M 824 -66.04 88.16 41.43
N UNK M 825 -65.49 88.88 40.43
CA UNK M 825 -64.46 89.78 40.87
C UNK M 825 -64.87 91.17 40.52
N UNK M 826 -65.40 91.90 41.52
CA UNK M 826 -65.75 93.27 41.34
C UNK M 826 -64.49 94.05 41.18
N UNK M 827 -63.50 93.72 42.03
CA UNK M 827 -62.25 94.44 42.04
C UNK M 827 -61.17 93.44 42.29
N UNK M 828 -59.92 93.85 42.05
CA UNK M 828 -58.81 92.96 42.26
C UNK M 828 -58.02 93.46 43.42
N UNK M 829 -57.40 92.53 44.16
CA UNK M 829 -56.62 92.93 45.29
C UNK M 829 -55.19 92.68 44.93
N UNK M 830 -54.31 93.62 45.31
CA UNK M 830 -52.94 93.44 45.00
C UNK M 830 -52.15 94.02 46.12
N UNK M 831 -50.93 93.48 46.31
CA UNK M 831 -50.05 93.97 47.32
C UNK M 831 -48.82 94.37 46.59
N UNK M 832 -48.10 95.38 47.11
CA UNK M 832 -46.94 95.82 46.39
C UNK M 832 -45.79 95.93 47.32
N UNK M 833 -44.59 95.86 46.73
CA UNK M 833 -43.37 96.01 47.46
C UNK M 833 -43.09 97.46 47.56
N UNK M 834 -42.23 97.82 48.52
CA UNK M 834 -41.84 99.19 48.66
C UNK M 834 -40.37 99.20 48.76
N UNK M 835 -39.75 100.19 48.09
CA UNK M 835 -38.34 100.42 48.06
C UNK M 835 -38.05 101.34 49.18
N UNK M 836 -36.84 101.93 49.20
CA UNK M 836 -36.49 102.79 50.29
C UNK M 836 -37.52 103.88 50.35
N UNK M 837 -37.84 104.53 49.21
CA UNK M 837 -38.88 105.50 49.34
C UNK M 837 -40.09 104.69 49.65
N UNK M 838 -40.92 105.14 50.62
CA UNK M 838 -41.99 104.25 50.92
C UNK M 838 -43.26 104.77 50.31
N UNK M 839 -43.36 104.74 48.97
CA UNK M 839 -44.60 105.12 48.38
C UNK M 839 -45.60 104.01 48.51
N UNK M 840 -45.25 102.79 48.02
CA UNK M 840 -46.31 101.84 48.00
C UNK M 840 -46.04 100.64 48.83
N UNK M 841 -46.40 100.80 50.12
CA UNK M 841 -46.49 99.87 51.19
C UNK M 841 -47.79 99.12 51.10
N UNK M 842 -48.78 99.74 50.44
CA UNK M 842 -50.15 99.33 50.54
C UNK M 842 -50.57 98.12 49.76
N UNK M 843 -51.75 97.61 50.19
CA UNK M 843 -52.47 96.59 49.50
C UNK M 843 -53.57 97.37 48.89
N UNK M 844 -53.78 97.22 47.56
CA UNK M 844 -54.78 98.05 46.98
C UNK M 844 -55.77 97.22 46.29
N UNK M 845 -57.03 97.68 46.33
CA UNK M 845 -58.06 96.99 45.63
C UNK M 845 -58.35 97.86 44.45
N UNK M 846 -58.37 97.27 43.25
CA UNK M 846 -58.63 98.10 42.13
C UNK M 846 -59.96 97.75 41.59
N UNK M 847 -60.82 98.76 41.40
CA UNK M 847 -62.09 98.44 40.81
C UNK M 847 -61.76 98.05 39.43
N UNK M 848 -62.25 96.89 38.99
CA UNK M 848 -61.94 96.45 37.67
C UNK M 848 -62.75 97.29 36.72
N UNK M 849 -59.21 103.34 38.36
CA UNK M 849 -58.02 103.47 39.22
C UNK M 849 -58.22 102.70 40.47
N UNK M 850 -57.17 102.60 41.31
CA UNK M 850 -57.38 101.86 42.51
C UNK M 850 -58.42 102.60 43.29
N UNK M 851 -59.43 101.86 43.79
CA UNK M 851 -60.48 102.47 44.52
C UNK M 851 -59.94 103.03 45.79
N UNK M 852 -59.12 102.23 46.51
CA UNK M 852 -58.62 102.73 47.75
C UNK M 852 -57.38 101.98 48.08
N UNK M 853 -56.54 102.58 48.94
CA UNK M 853 -55.34 101.93 49.34
C UNK M 853 -55.25 102.06 50.82
N UNK M 854 -44.11 100.04 57.53
CA UNK M 854 -43.14 100.47 56.57
C UNK M 854 -42.39 99.23 56.21
N UNK M 855 -42.43 98.87 54.92
CA UNK M 855 -41.75 97.69 54.45
C UNK M 855 -42.47 97.26 53.23
N UNK M 856 -41.90 96.25 52.55
CA UNK M 856 -42.59 95.72 51.42
C UNK M 856 -43.57 94.73 51.94
N UNK M 857 -44.71 94.57 51.24
CA UNK M 857 -45.62 93.55 51.64
C UNK M 857 -45.39 92.45 50.64
N UNK M 858 -44.80 91.33 51.10
CA UNK M 858 -44.44 90.28 50.21
C UNK M 858 -45.63 89.64 49.59
N UNK M 859 -46.67 89.32 50.40
CA UNK M 859 -47.75 88.59 49.82
C UNK M 859 -49.03 88.99 50.47
N UNK M 860 -50.16 88.45 49.96
CA UNK M 860 -51.45 88.74 50.51
C UNK M 860 -52.29 87.54 50.26
N UNK M 861 -53.45 87.46 50.95
CA UNK M 861 -54.34 86.36 50.71
C UNK M 861 -55.74 86.84 50.97
N UNK M 862 -56.69 86.35 50.16
CA UNK M 862 -58.07 86.73 50.34
C UNK M 862 -58.82 85.46 50.54
N UNK M 863 -59.94 85.50 51.29
CA UNK M 863 -60.66 84.29 51.53
C UNK M 863 -61.95 84.34 50.78
N UNK M 864 -62.27 83.25 50.07
CA UNK M 864 -63.49 83.20 49.33
C UNK M 864 -64.66 83.20 50.27
N UNK M 865 -64.59 82.31 51.29
CA UNK M 865 -65.66 82.14 52.21
C UNK M 865 -65.86 83.35 53.08
N UNK M 866 -64.77 83.90 53.64
CA UNK M 866 -64.94 84.96 54.59
C UNK M 866 -64.25 86.17 54.09
N UNK M 867 -64.70 87.35 54.56
CA UNK M 867 -64.04 88.54 54.14
C UNK M 867 -62.97 88.81 55.15
N UNK M 868 -61.71 88.59 54.72
CA UNK M 868 -60.58 88.83 55.55
C UNK M 868 -59.44 88.79 54.62
N UNK M 869 -58.32 89.46 54.97
CA UNK M 869 -57.19 89.42 54.09
C UNK M 869 -56.00 89.32 54.97
N UNK M 870 -54.92 88.66 54.48
CA UNK M 870 -53.74 88.55 55.30
C UNK M 870 -52.64 89.20 54.53
N UNK M 871 -51.68 89.82 55.25
CA UNK M 871 -50.59 90.47 54.60
C UNK M 871 -49.33 90.03 55.29
N UNK M 872 -48.24 89.91 54.50
CA UNK M 872 -46.97 89.52 55.04
C UNK M 872 -45.98 90.53 54.58
N UNK M 873 -44.89 90.77 55.35
CA UNK M 873 -43.96 91.77 54.93
C UNK M 873 -42.58 91.19 54.80
N UNK M 874 -41.94 91.55 53.66
CA UNK M 874 -40.63 91.18 53.18
C UNK M 874 -39.49 91.80 53.94
N UNK M 875 -39.63 93.05 54.42
CA UNK M 875 -38.44 93.58 54.99
C UNK M 875 -38.10 92.84 56.25
N UNK M 876 -36.85 92.32 56.31
CA UNK M 876 -36.35 91.68 57.49
C UNK M 876 -35.74 92.77 58.30
N UNK M 877 -35.63 92.58 59.63
CA UNK M 877 -35.11 93.64 60.45
C UNK M 877 -35.99 94.81 60.19
N UNK M 878 -37.28 94.51 59.97
CA UNK M 878 -38.29 95.45 59.65
C UNK M 878 -39.55 94.80 60.09
N UNK M 879 -40.69 95.14 59.47
CA UNK M 879 -41.87 94.49 59.97
C UNK M 879 -42.03 93.18 59.30
N UNK M 880 -41.82 92.09 60.07
CA UNK M 880 -42.14 90.79 59.56
C UNK M 880 -43.35 90.46 60.37
N UNK M 881 -44.54 90.65 59.75
CA UNK M 881 -45.71 90.43 60.53
C UNK M 881 -46.82 90.06 59.63
N UNK M 882 -47.83 89.38 60.21
CA UNK M 882 -48.96 89.03 59.43
C UNK M 882 -50.07 89.93 59.85
N UNK M 883 -50.72 90.58 58.89
CA UNK M 883 -51.81 91.44 59.23
C UNK M 883 -53.01 90.87 58.58
N UNK M 884 -54.12 90.73 59.32
CA UNK M 884 -55.30 90.21 58.70
C UNK M 884 -56.41 91.17 58.94
N UNK M 885 -56.98 91.79 57.90
CA UNK M 885 -57.97 92.76 58.28
C UNK M 885 -59.07 92.83 57.29
N UNK M 886 -60.31 93.10 57.77
CA UNK M 886 -61.27 93.31 56.73
C UNK M 886 -60.95 94.62 56.05
N UNK M 887 -61.33 95.77 56.65
CA UNK M 887 -60.89 97.06 56.19
C UNK M 887 -59.78 97.68 56.99
N UNK M 888 -60.13 97.95 58.26
CA UNK M 888 -59.33 98.71 59.19
C UNK M 888 -58.32 97.79 59.72
N UNK M 889 -57.31 98.33 60.44
CA UNK M 889 -56.29 97.46 60.93
C UNK M 889 -56.96 96.44 61.78
N UNK M 890 -56.63 95.16 61.51
CA UNK M 890 -57.23 94.09 62.23
C UNK M 890 -56.25 92.97 62.22
N UNK M 891 -56.47 92.00 63.12
CA UNK M 891 -55.66 90.83 63.24
C UNK M 891 -54.62 91.09 64.27
N UNK M 892 -53.79 90.08 64.55
CA UNK M 892 -52.85 90.23 65.61
C UNK M 892 -51.45 90.27 65.08
N UNK M 893 -50.55 90.87 65.87
CA UNK M 893 -49.16 90.95 65.54
C UNK M 893 -48.42 90.18 66.59
N UNK M 894 -47.26 89.60 66.23
CA UNK M 894 -46.58 88.82 67.21
C UNK M 894 -45.43 89.58 67.77
N UNK M 895 -45.23 89.52 69.11
CA UNK M 895 -44.11 90.24 69.65
C UNK M 895 -42.88 89.42 69.41
N UNK M 896 -41.65 89.91 69.22
CA UNK M 896 -40.55 88.95 69.01
C UNK M 896 -39.65 88.78 70.22
N UNK M 897 -38.41 88.26 70.07
CA UNK M 897 -37.69 87.57 71.17
C UNK M 897 -36.10 87.71 71.39
N UNK M 898 -35.23 86.58 71.94
CA UNK M 898 -33.77 86.25 72.25
C UNK M 898 -33.35 87.49 72.96
N UNK M 899 -32.06 87.79 73.20
CA UNK M 899 -32.03 89.07 73.85
C UNK M 899 -31.13 90.05 73.15
N UNK M 900 -31.69 91.23 72.83
CA UNK M 900 -30.93 92.31 72.27
C UNK M 900 -30.02 92.87 73.33
N UNK M 901 -30.59 93.11 74.54
CA UNK M 901 -29.82 93.70 75.61
C UNK M 901 -30.52 93.37 76.89
N UNK M 902 -29.84 93.53 78.04
CA UNK M 902 -30.53 93.21 79.25
C UNK M 902 -29.99 94.08 80.34
N UNK M 903 -30.81 94.30 81.38
CA UNK M 903 -30.38 95.05 82.52
C UNK M 903 -30.95 94.37 83.72
N UNK M 904 -30.15 94.22 84.78
CA UNK M 904 -30.63 93.57 85.97
C UNK M 904 -31.30 94.59 86.82
N UNK M 905 -32.20 94.15 87.72
CA UNK M 905 -32.84 95.08 88.60
C UNK M 905 -31.79 95.47 89.59
N UNK M 906 -31.79 96.76 90.00
CA UNK M 906 -30.77 97.14 90.92
C UNK M 906 -30.97 96.39 92.21
N UNK M 907 -32.20 96.44 92.74
CA UNK M 907 -32.51 95.80 93.99
C UNK M 907 -32.49 94.32 93.86
N UNK M 908 -33.06 93.79 92.75
CA UNK M 908 -33.21 92.36 92.69
C UNK M 908 -32.39 91.79 91.58
N UNK M 909 -32.09 90.48 91.73
CA UNK M 909 -31.30 89.69 90.83
C UNK M 909 -32.01 89.57 89.52
N UNK M 910 -33.35 89.53 89.54
CA UNK M 910 -34.17 89.29 88.39
C UNK M 910 -33.69 90.12 87.24
N UNK M 911 -33.87 89.58 86.01
CA UNK M 911 -33.33 90.26 84.88
C UNK M 911 -34.43 90.70 83.98
N UNK M 912 -34.19 91.84 83.33
CA UNK M 912 -35.11 92.36 82.36
C UNK M 912 -34.32 92.36 81.09
N UNK M 913 -34.94 91.92 79.98
CA UNK M 913 -34.16 91.95 78.78
C UNK M 913 -35.06 92.38 77.69
N UNK M 914 -34.49 93.10 76.70
CA UNK M 914 -35.23 93.53 75.55
C UNK M 914 -35.11 92.46 74.53
N UNK M 915 -36.03 92.46 73.54
CA UNK M 915 -36.06 91.43 72.55
C UNK M 915 -36.06 92.09 71.22
N UNK M 916 -35.73 91.31 70.16
CA UNK M 916 -35.79 91.78 68.80
C UNK M 916 -37.20 92.16 68.66
N UNK M 917 -38.07 91.32 69.21
CA UNK M 917 -39.39 91.64 69.63
C UNK M 917 -39.61 93.03 69.89
N UNK M 918 -40.87 93.33 69.70
CA UNK M 918 -41.38 94.52 70.24
C UNK M 918 -41.34 94.35 71.74
N UNK M 919 -41.64 93.16 72.23
CA UNK M 919 -41.67 92.89 73.63
C UNK M 919 -40.30 92.84 74.26
N UNK M 920 -40.29 93.15 75.57
CA UNK M 920 -39.17 93.06 76.46
C UNK M 920 -39.76 92.28 77.58
N UNK M 921 -38.95 91.58 78.39
CA UNK M 921 -39.65 90.81 79.38
C UNK M 921 -38.90 90.85 80.65
N UNK M 922 -39.63 90.54 81.73
CA UNK M 922 -39.04 90.44 83.02
C UNK M 922 -38.96 88.99 83.29
N UNK M 923 -37.82 88.54 83.81
CA UNK M 923 -37.74 87.15 84.13
C UNK M 923 -37.09 87.05 85.44
N UNK M 924 -37.42 85.96 86.15
CA UNK M 924 -36.83 85.76 87.43
C UNK M 924 -36.06 84.50 87.34
N UNK M 925 -34.89 84.48 88.00
CA UNK M 925 -34.07 83.31 88.03
C UNK M 925 -34.14 82.82 89.44
N UNK M 926 -34.11 81.49 89.62
CA UNK M 926 -34.22 80.95 90.94
C UNK M 926 -33.08 81.44 91.75
N UNK M 927 -33.32 81.64 93.06
CA UNK M 927 -32.30 82.15 93.95
C UNK M 927 -31.17 81.18 94.00
N UNK M 928 -31.48 79.87 94.11
CA UNK M 928 -30.40 78.94 94.17
C UNK M 928 -30.00 78.64 92.77
N UNK M 929 -28.88 79.24 92.35
CA UNK M 929 -28.36 79.05 91.03
C UNK M 929 -27.90 77.63 90.89
N UNK M 930 -27.26 77.10 91.95
CA UNK M 930 -26.66 75.80 91.92
C UNK M 930 -27.71 74.79 91.62
N UNK M 931 -28.87 74.97 92.25
CA UNK M 931 -29.94 74.05 92.03
C UNK M 931 -30.24 74.15 90.56
N UNK M 932 -30.85 73.10 89.95
CA UNK M 932 -31.19 73.18 88.58
C UNK M 932 -32.03 74.40 88.47
N UNK M 933 -31.62 75.28 87.55
CA UNK M 933 -32.28 76.54 87.51
C UNK M 933 -33.63 76.38 86.94
N UNK M 934 -34.44 77.43 87.04
CA UNK M 934 -35.67 77.43 86.34
C UNK M 934 -35.79 78.87 85.96
N UNK M 935 -36.32 79.19 84.77
CA UNK M 935 -36.38 80.58 84.47
C UNK M 935 -37.78 80.91 84.10
N UNK M 936 -38.38 81.87 84.81
CA UNK M 936 -39.76 82.12 84.55
C UNK M 936 -39.92 83.51 84.07
N UNK M 937 -40.89 83.68 83.16
CA UNK M 937 -41.16 84.97 82.64
C UNK M 937 -42.10 85.63 83.57
N UNK M 938 -41.64 86.71 84.24
CA UNK M 938 -42.53 87.39 85.13
C UNK M 938 -43.59 88.01 84.29
N UNK M 939 -43.20 88.70 83.20
CA UNK M 939 -44.21 89.31 82.40
C UNK M 939 -43.56 89.79 81.15
N UNK M 940 -44.39 90.04 80.13
CA UNK M 940 -43.86 90.53 78.90
C UNK M 940 -44.36 91.92 78.73
N UNK M 941 -43.45 92.84 78.35
CA UNK M 941 -43.84 94.18 78.08
C UNK M 941 -43.77 94.27 76.61
N UNK M 942 -44.87 94.70 75.98
CA UNK M 942 -44.85 94.72 74.55
C UNK M 942 -45.11 96.12 74.13
N UNK M 943 -44.56 96.47 72.97
CA UNK M 943 -44.74 97.78 72.43
C UNK M 943 -45.01 97.57 70.99
N UNK M 944 -45.53 98.60 70.32
CA UNK M 944 -45.80 98.50 68.92
C UNK M 944 -44.50 98.35 68.20
N UNK M 945 -43.48 99.14 68.58
CA UNK M 945 -42.24 99.19 67.86
C UNK M 945 -41.62 97.83 67.80
N UNK M 946 -40.87 97.60 66.71
CA UNK M 946 -40.30 96.33 66.41
C UNK M 946 -39.32 95.89 67.43
N UNK M 947 -38.34 96.75 67.81
CA UNK M 947 -37.33 96.21 68.68
C UNK M 947 -37.13 97.11 69.85
N UNK M 948 -36.62 96.53 70.96
CA UNK M 948 -36.39 97.33 72.11
C UNK M 948 -34.92 97.66 72.15
N UNK M 949 -34.61 98.95 71.91
CA UNK M 949 -33.26 99.43 71.93
C UNK M 949 -32.68 99.41 73.30
N UNK M 950 -33.44 99.89 74.30
CA UNK M 950 -32.83 99.96 75.60
C UNK M 950 -33.88 99.92 76.66
N UNK M 951 -33.43 99.55 77.88
CA UNK M 951 -34.30 99.53 79.01
C UNK M 951 -33.52 100.08 80.15
N UNK M 952 -34.19 100.84 81.03
CA UNK M 952 -33.49 101.34 82.17
C UNK M 952 -34.38 101.21 83.34
N UNK M 953 -33.86 100.62 84.43
CA UNK M 953 -34.63 100.48 85.62
C UNK M 953 -34.46 101.74 86.40
N UNK M 954 -35.46 102.06 87.25
CA UNK M 954 -35.34 103.22 88.09
C UNK M 954 -34.45 102.82 89.21
N UNK M 955 -33.95 103.80 89.97
CA UNK M 955 -33.09 103.51 91.08
C UNK M 955 -33.88 102.65 92.02
N UNK M 956 -35.18 102.98 92.17
CA UNK M 956 -36.06 102.26 93.04
C UNK M 956 -36.14 100.85 92.56
N UNK M 957 -36.08 100.68 91.23
CA UNK M 957 -36.22 99.38 90.61
C UNK M 957 -37.67 99.03 90.66
N UNK M 958 -38.50 99.97 91.17
CA UNK M 958 -39.91 99.79 91.20
C UNK M 958 -40.40 99.78 89.79
N UNK M 959 -39.87 100.69 88.95
CA UNK M 959 -40.35 100.81 87.61
C UNK M 959 -39.21 100.71 86.66
N UNK M 960 -39.51 100.33 85.41
CA UNK M 960 -38.52 100.25 84.38
C UNK M 960 -39.07 100.93 83.19
N UNK M 961 -38.19 101.47 82.33
CA UNK M 961 -38.70 102.13 81.15
C UNK M 961 -38.27 101.32 79.98
N UNK M 962 -39.20 101.09 79.03
CA UNK M 962 -38.87 100.34 77.86
C UNK M 962 -38.79 101.33 76.75
N UNK M 963 -37.77 101.18 75.89
CA UNK M 963 -37.65 102.09 74.79
C UNK M 963 -37.49 101.24 73.57
N UNK M 964 -38.08 101.66 72.44
CA UNK M 964 -37.92 100.83 71.29
C UNK M 964 -37.08 101.56 70.30
N UNK M 965 -35.96 100.92 69.89
CA UNK M 965 -35.16 101.51 68.88
C UNK M 965 -34.36 100.41 68.27
N UNK M 966 -33.97 100.63 67.00
CA UNK M 966 -33.31 99.60 66.27
C UNK M 966 -33.30 100.13 64.88
N UNK M 967 -33.62 99.26 63.90
CA UNK M 967 -33.67 99.73 62.57
C UNK M 967 -34.68 100.83 62.56
N UNK M 968 -35.84 100.61 63.21
CA UNK M 968 -36.77 101.70 63.29
C UNK M 968 -37.22 101.76 64.70
N UNK M 969 -36.93 102.88 65.37
CA UNK M 969 -37.33 103.01 66.73
C UNK M 969 -38.60 103.80 66.71
N UNK M 970 -39.63 103.29 67.40
CA UNK M 970 -40.82 104.06 67.59
C UNK M 970 -40.44 105.15 68.56
N UNK M 971 -39.58 104.75 69.52
CA UNK M 971 -39.13 105.54 70.64
C UNK M 971 -40.25 105.69 71.59
N UNK M 972 -41.31 104.91 71.44
CA UNK M 972 -42.33 105.06 72.44
C UNK M 972 -41.68 104.58 73.70
N UNK M 973 -41.88 105.31 74.80
CA UNK M 973 -41.29 104.88 76.03
C UNK M 973 -42.42 104.55 76.94
N UNK M 974 -42.33 103.38 77.60
CA UNK M 974 -43.39 103.03 78.49
C UNK M 974 -42.79 102.78 79.81
N UNK M 975 -43.51 103.19 80.88
CA UNK M 975 -43.02 102.92 82.19
C UNK M 975 -43.82 101.74 82.64
N UNK M 976 -43.15 100.70 83.16
CA UNK M 976 -43.89 99.55 83.55
C UNK M 976 -43.52 99.24 84.96
N UNK M 977 -44.48 98.68 85.71
CA UNK M 977 -44.16 98.30 87.05
C UNK M 977 -43.25 97.12 86.92
N UNK M 978 -42.36 96.92 87.90
CA UNK M 978 -41.47 95.81 87.80
C UNK M 978 -42.32 94.58 87.78
N UNK M 979 -43.38 94.60 88.59
CA UNK M 979 -44.25 93.47 88.74
C UNK M 979 -44.96 93.12 87.48
N UNK M 980 -45.49 94.11 86.70
CA UNK M 980 -46.30 93.61 85.64
C UNK M 980 -46.35 94.53 84.45
N UNK M 981 -47.13 94.06 83.46
CA UNK M 981 -47.41 94.58 82.15
C UNK M 981 -48.17 95.88 82.19
N UNK M 982 -49.01 96.11 83.22
CA UNK M 982 -49.96 97.19 83.21
C UNK M 982 -49.30 98.50 82.89
N UNK M 983 -48.14 98.81 83.51
CA UNK M 983 -47.44 100.02 83.18
C UNK M 983 -48.21 101.23 83.64
N UNK M 984 -47.47 102.17 84.26
CA UNK M 984 -48.02 103.39 84.77
C UNK M 984 -48.47 104.28 83.65
N UNK M 985 -47.63 104.45 82.62
CA UNK M 985 -48.02 105.37 81.57
C UNK M 985 -47.13 105.19 80.40
N UNK M 986 -47.50 105.82 79.27
CA UNK M 986 -46.68 105.74 78.10
C UNK M 986 -46.41 107.14 77.65
N UNK M 987 -45.13 107.43 77.32
CA UNK M 987 -44.83 108.74 76.83
C UNK M 987 -44.08 108.56 75.55
N UNK M 988 -44.56 109.20 74.46
CA UNK M 988 -43.80 109.07 73.25
C UNK M 988 -43.47 110.44 72.76
N UNK M 989 -42.39 111.03 73.31
CA UNK M 989 -41.94 112.33 72.92
C UNK M 989 -41.32 112.31 71.55
N UNK M 990 -40.48 111.30 71.25
CA UNK M 990 -39.68 111.41 70.06
C UNK M 990 -39.64 110.14 69.27
N UNK M 991 -38.92 110.21 68.14
CA UNK M 991 -38.75 109.18 67.15
C UNK M 991 -38.04 107.96 67.67
N UNK M 992 -36.90 108.11 68.39
CA UNK M 992 -36.19 106.93 68.82
C UNK M 992 -35.50 107.26 70.12
N UNK M 993 -35.13 106.25 70.94
CA UNK M 993 -34.41 106.61 72.12
C UNK M 993 -33.32 105.62 72.37
N UNK M 994 -32.06 106.03 72.12
CA UNK M 994 -30.91 105.20 72.33
C UNK M 994 -30.63 105.00 73.79
N UNK M 995 -30.66 106.10 74.58
CA UNK M 995 -30.30 105.91 75.96
C UNK M 995 -31.16 106.76 76.83
N UNK M 996 -31.45 106.26 78.04
CA UNK M 996 -32.21 107.03 78.97
C UNK M 996 -31.54 106.85 80.30
N UNK M 997 -31.39 107.94 81.06
CA UNK M 997 -30.78 107.80 82.35
C UNK M 997 -31.71 108.42 83.32
N UNK M 998 -32.01 107.69 84.42
CA UNK M 998 -32.87 108.24 85.40
C UNK M 998 -32.07 109.10 86.31
N UNK M 999 -32.71 110.16 86.82
CA UNK M 999 -32.12 111.03 87.79
C UNK M 999 -32.38 110.37 89.08
N UNK M 1000 -32.22 111.09 90.21
CA UNK M 1000 -32.53 110.48 91.47
C UNK M 1000 -33.95 110.07 91.34
N UNK M 1001 -34.78 110.94 90.72
CA UNK M 1001 -36.13 110.60 90.41
C UNK M 1001 -36.37 111.09 89.02
N UNK M 1002 -37.12 110.32 88.21
CA UNK M 1002 -37.46 110.75 86.87
C UNK M 1002 -36.36 110.40 85.94
N UNK M 1003 -36.50 110.75 84.64
CA UNK M 1003 -35.46 110.44 83.71
C UNK M 1003 -35.54 111.39 82.55
N UNK M 1004 -34.45 111.40 81.74
CA UNK M 1004 -34.37 112.18 80.54
C UNK M 1004 -34.04 111.19 79.46
N UNK M 1005 -34.53 111.42 78.23
CA UNK M 1005 -34.29 110.45 77.21
C UNK M 1005 -33.59 111.08 76.06
N UNK M 1006 -32.77 110.29 75.34
CA UNK M 1006 -32.08 110.80 74.20
C UNK M 1006 -32.38 109.89 73.04
N UNK M 1007 -32.64 110.50 71.87
CA UNK M 1007 -32.94 109.80 70.66
C UNK M 1007 -31.67 109.57 69.90
N UNK M 1008 -31.73 108.69 68.89
CA UNK M 1008 -30.64 108.49 67.98
C UNK M 1008 -30.53 109.80 67.27
N UNK M 1009 -31.71 110.41 67.07
CA UNK M 1009 -31.92 111.68 66.43
C UNK M 1009 -31.19 112.70 67.24
N UNK M 1010 -31.02 112.40 68.55
CA UNK M 1010 -30.38 113.26 69.49
C UNK M 1010 -31.33 114.31 70.00
N UNK M 1011 -32.64 114.17 69.74
CA UNK M 1011 -33.49 115.10 70.42
C UNK M 1011 -33.39 114.68 71.85
N UNK M 1012 -33.23 115.66 72.77
CA UNK M 1012 -33.10 115.26 74.15
C UNK M 1012 -34.23 115.87 74.88
N UNK M 1013 -34.83 115.11 75.82
CA UNK M 1013 -35.93 115.69 76.51
C UNK M 1013 -35.77 115.44 77.97
N UNK M 1014 -36.15 116.45 78.77
CA UNK M 1014 -36.15 116.26 80.19
C UNK M 1014 -37.58 116.07 80.50
N UNK M 1015 -37.94 114.99 81.21
CA UNK M 1015 -39.33 114.81 81.44
C UNK M 1015 -39.53 114.29 82.81
N UNK M 1016 -40.71 114.55 83.38
CA UNK M 1016 -40.99 113.98 84.66
C UNK M 1016 -41.78 112.76 84.34
N UNK M 1017 -41.19 111.57 84.56
CA UNK M 1017 -41.92 110.39 84.26
C UNK M 1017 -42.98 110.28 85.28
N UNK M 1018 -44.23 110.01 84.84
CA UNK M 1018 -45.30 109.94 85.78
C UNK M 1018 -46.54 109.90 84.97
N UNK M 1019 -47.70 110.00 85.65
CA UNK M 1019 -48.94 110.00 84.94
C UNK M 1019 -48.90 111.19 84.03
N UNK M 1020 -48.36 112.31 84.52
CA UNK M 1020 -48.32 113.50 83.72
C UNK M 1020 -47.51 113.22 82.49
N UNK M 1021 -46.34 112.56 82.67
CA UNK M 1021 -45.48 112.25 81.57
C UNK M 1021 -45.29 113.47 80.73
N UNK M 1022 -44.85 114.58 81.35
CA UNK M 1022 -44.68 115.80 80.62
C UNK M 1022 -43.22 116.08 80.53
N UNK M 1023 -42.79 116.80 79.47
CA UNK M 1023 -41.40 117.09 79.31
C UNK M 1023 -41.19 118.55 79.55
N UNK M 1024 -40.21 118.88 80.41
CA UNK M 1024 -39.91 120.25 80.72
C UNK M 1024 -39.35 120.93 79.51
N UNK M 1025 -38.39 120.30 78.81
CA UNK M 1025 -37.80 120.95 77.68
C UNK M 1025 -37.10 119.92 76.85
N UNK M 1026 -36.71 120.31 75.62
CA UNK M 1026 -36.02 119.42 74.74
C UNK M 1026 -35.07 120.23 73.92
N UNK M 1027 -33.99 119.59 73.41
CA UNK M 1027 -33.06 120.31 72.59
C UNK M 1027 -32.60 119.41 71.49
N UNK M 1028 -32.27 119.98 70.32
CA UNK M 1028 -31.75 119.13 69.28
C UNK M 1028 -30.43 119.69 68.84
N UNK M 1029 -29.32 119.15 69.41
CA UNK M 1029 -28.01 119.58 69.03
C UNK M 1029 -27.68 119.11 67.65
N UNK M 1030 -27.90 117.79 67.39
CA UNK M 1030 -27.67 117.12 66.13
C UNK M 1030 -26.37 116.37 66.15
N UNK M 1031 -26.08 115.68 65.03
CA UNK M 1031 -24.89 114.95 64.70
C UNK M 1031 -24.44 113.87 65.67
N UNK M 1032 -25.31 112.88 65.98
CA UNK M 1032 -24.94 111.68 66.70
C UNK M 1032 -24.11 111.95 67.93
N UNK M 1033 -24.62 112.84 68.80
CA UNK M 1033 -24.17 113.31 70.08
C UNK M 1033 -24.37 112.35 71.24
N UNK M 1034 -25.13 111.25 71.02
CA UNK M 1034 -26.03 110.52 71.89
C UNK M 1034 -25.77 110.25 73.37
N UNK M 1035 -24.58 109.90 73.90
CA UNK M 1035 -24.58 109.57 75.33
C UNK M 1035 -25.04 110.75 76.19
N UNK M 1036 -25.73 110.46 77.33
CA UNK M 1036 -26.24 111.48 78.21
C UNK M 1036 -26.08 111.05 79.64
N UNK M 1037 -26.11 112.03 80.60
CA UNK M 1037 -25.98 111.70 81.99
C UNK M 1037 -26.47 112.85 82.82
N UNK M 1038 -26.77 112.61 84.11
CA UNK M 1038 -27.24 113.67 84.96
C UNK M 1038 -26.19 113.96 85.99
N UNK M 1039 -25.75 115.22 86.05
CA UNK M 1039 -24.76 115.64 87.00
C UNK M 1039 -25.34 115.62 88.39
N UNK M 1040 -26.56 116.15 88.57
CA UNK M 1040 -27.08 116.22 89.91
C UNK M 1040 -28.38 115.50 89.96
N UNK M 1041 -28.56 114.71 91.05
CA UNK M 1041 -29.77 113.98 91.26
C UNK M 1041 -30.89 114.94 91.46
N UNK M 1042 -30.65 115.99 92.27
CA UNK M 1042 -31.70 116.94 92.51
C UNK M 1042 -32.00 117.54 91.19
N UNK M 1043 -33.21 118.10 91.02
CA UNK M 1043 -33.53 118.71 89.77
C UNK M 1043 -32.47 119.73 89.57
N UNK M 1044 -31.73 119.60 88.46
CA UNK M 1044 -30.61 120.46 88.30
C UNK M 1044 -29.97 120.12 87.00
N UNK M 1045 -28.66 120.38 86.92
CA UNK M 1045 -27.91 120.19 85.72
C UNK M 1045 -27.77 118.74 85.39
N UNK M 1046 -27.69 118.48 84.07
CA UNK M 1046 -27.47 117.19 83.49
C UNK M 1046 -26.57 117.49 82.34
N UNK M 1047 -25.85 116.49 81.82
CA UNK M 1047 -24.96 116.82 80.74
C UNK M 1047 -25.52 116.22 79.49
N UNK M 1048 -25.44 116.99 78.38
CA UNK M 1048 -25.90 116.50 77.11
C UNK M 1048 -24.81 116.86 76.14
N UNK M 1049 -24.61 116.01 75.11
CA UNK M 1049 -23.57 116.29 74.17
C UNK M 1049 -23.98 117.44 73.31
N UNK M 1050 -23.03 118.38 73.13
CA UNK M 1050 -23.22 119.53 72.30
C UNK M 1050 -22.58 119.24 70.99
N UNK M 1051 -22.74 120.17 70.02
CA UNK M 1051 -22.13 120.00 68.74
C UNK M 1051 -20.66 120.21 68.92
N UNK M 1052 -19.87 119.79 67.92
CA UNK M 1052 -18.45 119.95 67.97
C UNK M 1052 -17.93 119.13 69.11
N UNK M 1053 -18.66 118.07 69.47
CA UNK M 1053 -18.21 117.18 70.50
C UNK M 1053 -18.03 117.95 71.76
N UNK M 1054 -18.75 119.07 71.91
CA UNK M 1054 -18.67 119.84 73.11
C UNK M 1054 -19.60 119.23 74.09
N UNK M 1055 -19.41 119.55 75.39
CA UNK M 1055 -20.29 119.05 76.39
C UNK M 1055 -21.13 120.20 76.83
N UNK M 1056 -22.45 119.99 76.95
CA UNK M 1056 -23.28 121.07 77.37
C UNK M 1056 -23.86 120.67 78.67
N UNK M 1057 -23.93 121.64 79.61
CA UNK M 1057 -24.55 121.32 80.86
C UNK M 1057 -25.92 121.90 80.77
N UNK M 1058 -26.92 121.12 81.22
CA UNK M 1058 -28.29 121.51 81.01
C UNK M 1058 -28.95 121.85 82.30
N UNK M 1059 -30.19 122.35 82.17
CA UNK M 1059 -31.03 122.83 83.23
C UNK M 1059 -30.56 124.21 83.57
N UNK M 1060 -29.34 124.53 83.08
CA UNK M 1060 -28.67 125.79 83.18
C UNK M 1060 -27.26 125.44 83.54
N UNK M 1061 -26.27 126.11 82.91
CA UNK M 1061 -24.88 125.86 83.19
C UNK M 1061 -24.06 126.26 82.00
N UNK M 1062 -22.77 125.90 82.06
CA UNK M 1062 -21.81 126.18 81.02
C UNK M 1062 -21.56 124.95 80.20
N UNK M 1063 -20.72 125.09 79.16
CA UNK M 1063 -20.39 123.99 78.29
C UNK M 1063 -18.92 123.75 78.39
N UNK M 1064 -18.50 122.50 78.12
CA UNK M 1064 -17.10 122.19 78.20
C UNK M 1064 -16.61 121.96 76.80
N UNK M 1065 -15.41 122.50 76.50
CA UNK M 1065 -14.82 122.33 75.20
C UNK M 1065 -13.76 121.30 75.38
N UNK M 1066 -13.59 120.42 74.37
CA UNK M 1066 -12.66 119.35 74.59
C UNK M 1066 -12.71 118.44 73.42
N UNK M 1067 -13.40 117.31 73.63
CA UNK M 1067 -13.46 116.21 72.72
C UNK M 1067 -13.68 116.64 71.30
N UNK M 1068 -12.87 116.02 70.43
CA UNK M 1068 -12.88 116.16 69.00
C UNK M 1068 -14.11 115.52 68.41
N UNK M 1069 -14.55 114.38 68.98
CA UNK M 1069 -15.59 113.62 68.34
C UNK M 1069 -16.75 113.41 69.26
N UNK M 1070 -17.80 112.75 68.72
CA UNK M 1070 -19.05 112.52 69.41
C UNK M 1070 -18.76 111.85 70.71
N UNK M 1071 -19.65 112.08 71.70
CA UNK M 1071 -19.42 111.55 73.01
C UNK M 1071 -20.07 110.21 73.13
N UNK M 1072 -19.22 109.18 73.28
CA UNK M 1072 -19.64 107.82 73.45
C UNK M 1072 -20.29 107.62 74.79
N UNK M 1073 -19.69 108.17 75.87
CA UNK M 1073 -20.27 107.88 77.15
C UNK M 1073 -20.12 109.04 78.06
N UNK M 1074 -21.06 109.14 79.03
CA UNK M 1074 -20.99 110.15 80.04
C UNK M 1074 -21.33 109.47 81.31
N UNK M 1075 -20.45 109.60 82.33
CA UNK M 1075 -20.75 108.99 83.59
C UNK M 1075 -20.38 109.99 84.63
N UNK M 1076 -21.23 110.16 85.65
CA UNK M 1076 -20.91 111.12 86.66
C UNK M 1076 -20.73 110.35 87.93
N UNK M 1077 -19.74 110.75 88.75
CA UNK M 1077 -19.56 110.06 90.00
C UNK M 1077 -20.14 110.94 91.05
N UNK M 1078 -21.05 110.39 91.87
CA UNK M 1078 -21.64 111.19 92.90
C UNK M 1078 -20.51 111.62 93.78
N UNK M 1079 -19.63 110.65 94.11
CA UNK M 1079 -18.50 110.99 94.92
C UNK M 1079 -17.50 111.63 94.02
N UNK M 1080 -16.75 112.61 94.56
CA UNK M 1080 -15.72 113.31 93.85
C UNK M 1080 -16.33 114.24 92.86
N UNK M 1081 -17.65 114.08 92.59
CA UNK M 1081 -18.39 114.94 91.71
C UNK M 1081 -17.62 115.21 90.46
N UNK M 1082 -17.13 114.15 89.79
CA UNK M 1082 -16.39 114.37 88.59
C UNK M 1082 -17.13 113.70 87.49
N UNK M 1083 -17.10 114.29 86.27
CA UNK M 1083 -17.80 113.69 85.19
C UNK M 1083 -16.78 113.03 84.32
N UNK M 1084 -17.08 111.80 83.86
CA UNK M 1084 -16.15 111.12 83.01
C UNK M 1084 -16.79 111.05 81.67
N UNK M 1085 -16.01 111.33 80.61
CA UNK M 1085 -16.57 111.29 79.30
C UNK M 1085 -15.64 110.52 78.42
N UNK M 1086 -16.20 109.88 77.39
CA UNK M 1086 -15.42 109.13 76.45
C UNK M 1086 -15.87 109.59 75.10
N UNK M 1087 -15.01 109.47 74.07
CA UNK M 1087 -15.43 109.96 72.80
C UNK M 1087 -14.84 109.12 71.71
N UNK M 1088 -15.32 109.39 70.47
CA UNK M 1088 -14.91 108.75 69.25
C UNK M 1088 -13.46 109.06 69.09
N UNK M 1089 -13.04 110.21 69.64
CA UNK M 1089 -11.71 110.71 69.57
C UNK M 1089 -10.81 109.66 70.11
N UNK M 1090 -11.35 108.77 70.97
CA UNK M 1090 -10.58 107.73 71.60
C UNK M 1090 -9.77 108.30 72.70
N UNK M 1091 -10.27 109.40 73.30
CA UNK M 1091 -9.65 109.97 74.46
C UNK M 1091 -10.71 110.01 75.50
N UNK M 1092 -10.32 109.98 76.78
CA UNK M 1092 -11.27 110.05 77.86
C UNK M 1092 -10.94 111.31 78.58
N UNK M 1093 -11.94 111.93 79.23
CA UNK M 1093 -11.61 113.14 79.94
C UNK M 1093 -12.47 113.22 81.16
N UNK M 1094 -11.98 113.97 82.17
CA UNK M 1094 -12.75 114.15 83.37
C UNK M 1094 -13.05 115.61 83.44
N UNK M 1095 -14.29 115.98 83.83
CA UNK M 1095 -14.57 117.38 83.87
C UNK M 1095 -14.89 117.81 85.26
N UNK M 1096 -13.93 118.54 85.88
CA UNK M 1096 -14.09 119.12 87.18
C UNK M 1096 -15.01 120.30 87.15
N UNK M 1097 -14.88 121.17 86.11
CA UNK M 1097 -15.57 122.43 86.13
C UNK M 1097 -16.69 122.45 85.14
N UNK M 1098 -17.66 123.35 85.42
CA UNK M 1098 -18.82 123.51 84.59
C UNK M 1098 -18.38 123.99 83.23
N UNK M 1099 -17.47 124.99 83.20
CA UNK M 1099 -17.02 125.46 81.91
C UNK M 1099 -15.54 125.58 81.98
N UNK M 1100 -14.84 124.99 81.00
CA UNK M 1100 -13.41 125.03 80.91
C UNK M 1100 -12.99 123.81 80.18
N UNK M 1101 -11.66 123.65 80.03
CA UNK M 1101 -11.14 122.44 79.44
C UNK M 1101 -11.24 121.40 80.50
N UNK M 1102 -11.15 120.12 80.11
CA UNK M 1102 -11.27 119.07 81.08
C UNK M 1102 -10.06 119.09 81.95
N UNK M 1103 -10.24 118.69 83.23
CA UNK M 1103 -9.15 118.68 84.16
C UNK M 1103 -8.16 117.69 83.68
N UNK M 1104 -8.63 116.50 83.25
CA UNK M 1104 -7.67 115.52 82.85
C UNK M 1104 -8.08 114.91 81.56
N UNK M 1105 -7.08 114.52 80.76
CA UNK M 1105 -7.32 113.80 79.55
C UNK M 1105 -6.69 112.46 79.80
N UNK M 1106 -7.42 111.37 79.50
CA UNK M 1106 -6.85 110.10 79.77
C UNK M 1106 -6.14 109.67 78.54
N UNK M 1107 -4.81 109.51 78.66
CA UNK M 1107 -4.02 109.07 77.55
C UNK M 1107 -2.67 108.80 78.09
N UNK M 1108 -1.91 107.92 77.43
CA UNK M 1108 -0.60 107.61 77.92
C UNK M 1108 0.33 108.73 77.50
N UNK M 1109 -5.45 102.19 69.51
CA UNK M 1109 -6.48 101.87 68.49
C UNK M 1109 -7.23 103.11 68.14
N UNK M 1110 -7.39 103.34 66.82
CA UNK M 1110 -8.05 104.51 66.31
C UNK M 1110 -9.47 104.50 66.75
N UNK M 1111 -10.08 103.30 66.81
CA UNK M 1111 -11.47 103.16 67.13
C UNK M 1111 -11.78 103.88 68.40
N UNK M 1112 -13.06 104.32 68.51
CA UNK M 1112 -13.55 105.06 69.63
C UNK M 1112 -13.78 104.11 70.77
N UNK M 1113 -13.83 104.66 72.00
CA UNK M 1113 -14.08 103.85 73.16
C UNK M 1113 -15.52 103.47 73.16
N UNK M 1114 -15.79 102.15 73.28
CA UNK M 1114 -17.14 101.65 73.32
C UNK M 1114 -17.80 102.06 74.60
N UNK M 1115 -17.11 101.89 75.75
CA UNK M 1115 -17.75 102.23 76.98
C UNK M 1115 -16.70 102.48 78.02
N UNK M 1116 -17.01 103.38 78.97
CA UNK M 1116 -16.11 103.70 80.04
C UNK M 1116 -16.90 103.54 81.29
N UNK M 1117 -16.23 103.28 82.43
CA UNK M 1117 -17.01 103.10 83.62
C UNK M 1117 -16.24 103.62 84.79
N UNK M 1118 -16.98 103.90 85.88
CA UNK M 1118 -16.39 104.41 87.08
C UNK M 1118 -15.62 103.29 87.72
N UNK M 1119 -14.49 103.69 88.33
CA UNK M 1119 -13.51 102.88 88.98
C UNK M 1119 -12.48 103.94 89.21
N UNK M 1120 -11.19 103.61 89.17
CA UNK M 1120 -10.31 104.74 89.14
C UNK M 1120 -10.71 105.39 87.86
N UNK M 1121 -10.82 104.56 86.81
CA UNK M 1121 -11.31 104.92 85.52
C UNK M 1121 -11.08 103.71 84.68
N UNK M 1122 -12.06 103.29 83.88
CA UNK M 1122 -11.83 102.13 83.07
C UNK M 1122 -12.42 102.42 81.74
N UNK M 1123 -11.73 102.00 80.67
CA UNK M 1123 -12.28 102.26 79.38
C UNK M 1123 -12.05 101.06 78.54
N UNK M 1124 -13.01 100.79 77.62
CA UNK M 1124 -12.89 99.71 76.72
C UNK M 1124 -13.09 100.29 75.37
N UNK M 1125 -12.40 99.72 74.38
CA UNK M 1125 -12.46 100.19 73.02
C UNK M 1125 -11.91 99.04 72.26
N UNK M 1126 -11.32 99.31 71.08
CA UNK M 1126 -10.70 98.23 70.39
C UNK M 1126 -9.66 97.75 71.35
N UNK M 1127 -9.01 98.71 72.02
CA UNK M 1127 -8.03 98.46 73.04
C UNK M 1127 -8.75 98.39 74.35
N UNK M 1128 -8.00 98.19 75.46
CA UNK M 1128 -8.57 98.21 76.77
C UNK M 1128 -7.60 98.94 77.65
N UNK M 1129 -8.10 99.78 78.58
CA UNK M 1129 -7.18 100.48 79.43
C UNK M 1129 -7.80 100.77 80.75
N UNK M 1130 -6.95 100.91 81.78
CA UNK M 1130 -7.39 101.25 83.10
C UNK M 1130 -6.71 102.54 83.38
N UNK M 1131 -7.38 103.45 84.11
CA UNK M 1131 -6.77 104.71 84.32
C UNK M 1131 -6.74 105.02 85.78
N UNK M 1132 -5.75 105.83 86.17
CA UNK M 1132 -5.62 106.35 87.49
C UNK M 1132 -5.58 107.81 87.24
N UNK M 1133 -5.95 108.67 88.22
CA UNK M 1133 -5.77 110.05 87.85
C UNK M 1133 -4.27 110.20 87.75
N UNK M 1134 -3.70 110.29 86.50
CA UNK M 1134 -2.28 110.27 86.21
C UNK M 1134 -1.99 109.66 84.85
N UNK M 1135 -1.49 108.40 84.85
CA UNK M 1135 -1.08 107.62 83.70
C UNK M 1135 -1.88 106.35 83.66
N UNK M 1136 -1.69 105.52 82.61
CA UNK M 1136 -2.48 104.31 82.47
C UNK M 1136 -2.20 103.41 83.63
N UNK M 1137 -3.27 103.01 84.34
CA UNK M 1137 -3.14 102.13 85.47
C UNK M 1137 -2.72 100.78 85.01
N UNK M 1138 -3.38 100.27 83.95
CA UNK M 1138 -3.08 98.95 83.47
C UNK M 1138 -3.62 98.85 82.08
N UNK M 1139 -3.19 97.80 81.33
CA UNK M 1139 -3.66 97.68 79.98
C UNK M 1139 -4.04 96.25 79.72
N UNK M 1140 -4.93 96.03 78.74
CA UNK M 1140 -5.34 94.69 78.36
C UNK M 1140 -4.82 94.45 76.99
N UNK M 1141 -4.33 93.22 76.75
CA UNK M 1141 -3.62 92.78 75.58
C UNK M 1141 -4.35 92.70 74.27
N UNK M 1142 -5.60 92.15 74.23
CA UNK M 1142 -6.31 91.70 73.04
C UNK M 1142 -5.89 92.47 71.81
N UNK M 1143 -4.93 91.86 71.08
CA UNK M 1143 -4.24 92.54 70.01
C UNK M 1143 -5.15 92.94 68.90
N UNK M 1144 -5.89 91.99 68.32
CA UNK M 1144 -6.73 92.48 67.28
C UNK M 1144 -8.09 91.97 67.59
N UNK M 1145 -8.68 92.49 68.67
CA UNK M 1145 -10.01 92.07 68.94
C UNK M 1145 -10.70 93.27 69.45
N UNK M 1146 -11.67 93.79 68.68
CA UNK M 1146 -12.37 94.95 69.12
C UNK M 1146 -13.26 94.48 70.22
N UNK M 1147 -13.54 95.37 71.20
CA UNK M 1147 -14.42 94.98 72.25
C UNK M 1147 -15.74 95.63 71.96
N UNK M 1148 -16.81 94.81 71.91
CA UNK M 1148 -18.12 95.29 71.63
C UNK M 1148 -18.59 96.16 72.76
N UNK M 1149 -18.41 95.70 74.00
CA UNK M 1149 -18.89 96.50 75.10
C UNK M 1149 -18.22 96.04 76.35
N UNK M 1150 -18.20 96.90 77.38
CA UNK M 1150 -17.60 96.49 78.62
C UNK M 1150 -18.50 96.96 79.72
N UNK M 1151 -18.67 96.12 80.75
CA UNK M 1151 -19.49 96.48 81.86
C UNK M 1151 -18.65 96.33 83.08
N UNK M 1152 -18.97 97.13 84.12
CA UNK M 1152 -18.23 97.05 85.34
C UNK M 1152 -19.17 96.49 86.37
N UNK M 1153 -18.63 95.68 87.30
CA UNK M 1153 -19.44 95.06 88.31
C UNK M 1153 -19.93 96.13 89.23
N UNK M 1154 -20.99 95.84 90.00
CA UNK M 1154 -21.53 96.82 90.89
C UNK M 1154 -20.40 97.20 91.79
N UNK M 1155 -19.68 96.18 92.31
CA UNK M 1155 -18.48 96.49 93.00
C UNK M 1155 -17.51 96.43 91.88
N UNK M 1156 -16.70 97.49 91.65
CA UNK M 1156 -15.93 97.37 90.46
C UNK M 1156 -14.68 96.60 90.74
N UNK M 1157 -14.86 95.34 91.19
CA UNK M 1157 -13.79 94.41 91.33
C UNK M 1157 -13.39 93.95 89.97
N UNK M 1158 -14.40 93.69 89.12
CA UNK M 1158 -14.10 93.11 87.85
C UNK M 1158 -14.80 93.86 86.76
N UNK M 1159 -14.18 93.83 85.56
CA UNK M 1159 -14.77 94.43 84.41
C UNK M 1159 -14.88 93.34 83.40
N UNK M 1160 -16.06 93.21 82.76
CA UNK M 1160 -16.21 92.18 81.79
C UNK M 1160 -16.42 92.84 80.48
N UNK M 1161 -15.82 92.29 79.42
CA UNK M 1161 -15.97 92.88 78.13
C UNK M 1161 -16.17 91.76 77.16
N UNK M 1162 -16.86 92.05 76.04
CA UNK M 1162 -17.05 91.01 75.08
C UNK M 1162 -16.13 91.29 73.93
N UNK M 1163 -15.24 90.33 73.62
CA UNK M 1163 -14.38 90.50 72.49
C UNK M 1163 -15.24 90.25 71.30
N UNK M 1164 -15.02 91.00 70.22
CA UNK M 1164 -15.90 90.88 69.09
C UNK M 1164 -15.59 89.66 68.30
N UNK M 1165 -16.68 89.05 67.78
CA UNK M 1165 -16.65 87.98 66.82
C UNK M 1165 -17.67 88.46 65.86
N UNK M 1166 -17.33 88.52 64.56
CA UNK M 1166 -18.27 89.14 63.68
C UNK M 1166 -17.68 89.14 62.32
N UNK M 1167 -17.77 90.30 61.64
CA UNK M 1167 -17.28 90.41 60.30
C UNK M 1167 -15.84 90.01 60.35
N UNK M 1168 -15.10 90.46 61.38
CA UNK M 1168 -13.74 90.01 61.45
C UNK M 1168 -13.77 88.72 62.19
N UNK M 1169 -13.39 87.62 61.51
CA UNK M 1169 -13.41 86.35 62.16
C UNK M 1169 -12.17 86.23 62.98
N UNK M 1170 -12.28 85.57 64.14
CA UNK M 1170 -11.12 85.34 64.96
C UNK M 1170 -11.54 84.39 66.03
N UNK M 1171 -10.57 83.67 66.63
CA UNK M 1171 -10.99 82.85 67.72
C UNK M 1171 -11.24 83.84 68.78
N UNK M 1172 -12.53 84.05 69.10
CA UNK M 1172 -12.86 85.11 69.99
C UNK M 1172 -14.29 84.92 70.36
N UNK M 1173 -15.01 86.04 70.52
CA UNK M 1173 -16.36 85.94 70.96
C UNK M 1173 -16.28 85.37 72.33
N UNK M 1174 -15.21 85.75 73.05
CA UNK M 1174 -15.07 85.28 74.39
C UNK M 1174 -15.31 86.46 75.26
N UNK M 1175 -16.04 86.25 76.37
CA UNK M 1175 -16.24 87.34 77.27
C UNK M 1175 -15.18 87.17 78.30
N UNK M 1176 -14.35 88.20 78.49
CA UNK M 1176 -13.29 88.03 79.44
C UNK M 1176 -13.58 88.92 80.60
N UNK M 1177 -13.48 88.37 81.82
CA UNK M 1177 -13.67 89.18 82.97
C UNK M 1177 -12.30 89.42 83.49
N UNK M 1178 -11.98 90.68 83.79
CA UNK M 1178 -10.66 90.95 84.26
C UNK M 1178 -10.77 91.28 85.71
N UNK M 1179 -9.85 90.74 86.52
CA UNK M 1179 -9.88 91.05 87.92
C UNK M 1179 -9.16 92.39 88.02
N UNK M 1180 -0.22 95.21 84.56
CA UNK M 1180 0.12 94.92 83.15
C UNK M 1180 -1.10 94.58 82.38
N UNK M 1181 -1.09 93.38 81.77
CA UNK M 1181 -2.09 92.84 80.89
C UNK M 1181 -3.39 92.75 81.61
N UNK M 1182 -3.37 92.72 82.96
CA UNK M 1182 -4.59 92.49 83.67
C UNK M 1182 -5.16 91.19 83.24
N UNK M 1183 -4.79 90.14 84.01
CA UNK M 1183 -5.18 88.79 83.76
C UNK M 1183 -6.66 88.69 83.79
N UNK M 1184 -7.19 87.73 83.00
CA UNK M 1184 -8.61 87.58 82.96
C UNK M 1184 -8.98 86.55 83.97
N UNK M 1185 -9.85 86.95 84.93
CA UNK M 1185 -10.30 86.05 85.95
C UNK M 1185 -11.12 84.97 85.34
N UNK M 1186 -12.03 85.34 84.41
CA UNK M 1186 -12.89 84.33 83.87
C UNK M 1186 -12.98 84.49 82.39
N UNK M 1187 -13.30 83.37 81.70
CA UNK M 1187 -13.45 83.44 80.27
C UNK M 1187 -14.76 82.79 79.94
N UNK M 1188 -15.47 83.36 78.95
CA UNK M 1188 -16.72 82.79 78.54
C UNK M 1188 -16.70 82.75 77.05
N UNK M 1189 -17.40 81.77 76.45
CA UNK M 1189 -17.37 81.71 75.03
C UNK M 1189 -18.75 81.89 74.51
N UNK M 1190 -18.92 82.86 73.59
CA UNK M 1190 -20.15 83.12 72.91
C UNK M 1190 -20.06 84.52 72.41
N UNK M 1191 -20.62 84.78 71.22
CA UNK M 1191 -20.57 86.12 70.72
C UNK M 1191 -21.51 86.91 71.56
N UNK M 1192 -21.17 88.18 71.86
CA UNK M 1192 -22.10 88.90 72.69
C UNK M 1192 -22.32 90.26 72.14
N UNK M 1193 -23.60 90.60 71.90
CA UNK M 1193 -23.95 91.93 71.50
C UNK M 1193 -23.69 92.81 72.69
N UNK M 1194 -24.08 92.32 73.88
CA UNK M 1194 -23.90 93.09 75.08
C UNK M 1194 -24.04 92.15 76.24
N UNK M 1195 -23.61 92.61 77.43
CA UNK M 1195 -23.71 91.82 78.62
C UNK M 1195 -24.07 92.74 79.74
N UNK M 1196 -24.63 92.18 80.83
CA UNK M 1196 -25.00 93.00 81.96
C UNK M 1196 -24.70 92.22 83.20
N UNK M 1197 -24.48 92.94 84.32
CA UNK M 1197 -24.17 92.26 85.54
C UNK M 1197 -25.32 92.46 86.48
N UNK M 1198 -25.58 91.43 87.30
CA UNK M 1198 -26.63 91.51 88.28
C UNK M 1198 -26.07 92.32 89.40
N UNK M 1199 -26.95 92.82 90.29
CA UNK M 1199 -26.50 93.62 91.40
C UNK M 1199 -25.59 92.76 92.21
N UNK M 1200 -25.97 91.47 92.34
CA UNK M 1200 -25.20 90.52 93.09
C UNK M 1200 -23.86 90.39 92.46
N UNK M 1201 -23.82 90.50 91.12
CA UNK M 1201 -22.60 90.33 90.36
C UNK M 1201 -22.29 88.87 90.35
N UNK M 1202 -23.23 88.06 90.85
CA UNK M 1202 -23.10 86.63 90.82
C UNK M 1202 -23.17 86.17 89.40
N UNK M 1203 -24.12 86.74 88.60
CA UNK M 1203 -24.30 86.25 87.27
C UNK M 1203 -24.25 87.38 86.30
N UNK M 1204 -23.99 87.04 85.03
CA UNK M 1204 -23.95 88.03 84.00
C UNK M 1204 -24.87 87.56 82.91
N UNK M 1205 -25.56 88.51 82.24
CA UNK M 1205 -26.42 88.11 81.18
C UNK M 1205 -25.66 88.35 79.92
N UNK M 1206 -25.70 87.36 79.00
CA UNK M 1206 -24.98 87.51 77.77
C UNK M 1206 -25.98 87.63 76.67
N UNK M 1207 -25.73 88.57 75.75
CA UNK M 1207 -26.62 88.73 74.65
C UNK M 1207 -25.91 88.18 73.45
N UNK M 1208 -26.61 87.37 72.64
CA UNK M 1208 -25.98 86.80 71.49
C UNK M 1208 -27.02 86.75 70.41
N UNK M 1209 -26.58 86.48 69.17
CA UNK M 1209 -27.52 86.40 68.10
C UNK M 1209 -28.43 85.27 68.45
N UNK M 1210 -27.85 84.18 68.97
CA UNK M 1210 -28.62 83.03 69.37
C UNK M 1210 -29.28 83.39 70.66
N UNK M 1211 -29.93 82.39 71.29
CA UNK M 1211 -30.58 82.65 72.54
C UNK M 1211 -29.55 83.21 73.45
N UNK M 1212 -29.97 84.10 74.37
CA UNK M 1212 -29.06 84.72 75.28
C UNK M 1212 -28.68 83.71 76.28
N UNK M 1213 -27.52 83.91 76.93
CA UNK M 1213 -27.09 82.98 77.92
C UNK M 1213 -26.94 83.71 79.21
N UNK M 1214 -27.22 83.01 80.32
CA UNK M 1214 -27.00 83.58 81.62
C UNK M 1214 -25.94 82.71 82.21
N UNK M 1215 -24.82 83.30 82.68
CA UNK M 1215 -23.78 82.47 83.23
C UNK M 1215 -23.51 82.96 84.60
N UNK M 1216 -23.11 82.06 85.51
CA UNK M 1216 -22.84 82.48 86.86
C UNK M 1216 -21.36 82.50 87.05
N UNK M 1217 -20.86 83.56 87.72
CA UNK M 1217 -19.46 83.66 88.01
C UNK M 1217 -19.34 83.52 89.49
N UNK M 1218 -18.30 82.80 89.96
CA UNK M 1218 -18.19 82.64 91.38
C UNK M 1218 -17.27 83.70 91.88
N UNK M 1219 -17.74 84.46 92.88
CA UNK M 1219 -16.91 85.49 93.44
C UNK M 1219 -15.75 84.81 94.06
N UNK M 1220 -16.01 83.69 94.75
CA UNK M 1220 -14.96 82.95 95.38
C UNK M 1220 -15.24 81.51 95.12
N UNK M 1221 -14.20 80.67 95.22
CA UNK M 1221 -14.39 79.27 95.00
C UNK M 1221 -15.39 78.80 96.05
N MET N 7 -59.38 3.86 -0.40
CA MET N 7 -58.51 3.98 -1.59
C MET N 7 -57.44 2.98 -1.40
N ASP N 8 -56.63 2.76 -2.44
CA ASP N 8 -55.57 1.83 -2.32
C ASP N 8 -54.61 2.49 -1.38
N PHE N 9 -53.60 1.78 -0.88
CA PHE N 9 -52.71 2.45 0.02
C PHE N 9 -52.09 3.57 -0.74
N GLU N 10 -51.61 3.28 -1.97
CA GLU N 10 -50.98 4.32 -2.74
C GLU N 10 -51.98 5.39 -3.05
N THR N 11 -53.24 5.00 -3.30
CA THR N 11 -54.19 6.00 -3.65
C THR N 11 -54.31 6.96 -2.51
N GLY N 12 -54.50 6.42 -1.30
CA GLY N 12 -54.66 7.21 -0.11
C GLY N 12 -53.41 7.95 0.20
N GLU N 13 -52.25 7.29 0.04
CA GLU N 13 -51.02 7.91 0.39
C GLU N 13 -50.85 9.12 -0.46
N HIS N 14 -51.13 8.98 -1.77
CA HIS N 14 -51.00 10.07 -2.68
C HIS N 14 -52.06 11.10 -2.42
N GLN N 15 -53.30 10.69 -2.11
CA GLN N 15 -54.33 11.67 -1.89
C GLN N 15 -53.94 12.46 -0.69
N TYR N 16 -53.45 11.72 0.31
CA TYR N 16 -53.03 12.21 1.57
C TYR N 16 -51.91 13.19 1.35
N GLN N 17 -50.98 12.88 0.44
CA GLN N 17 -49.88 13.75 0.13
C GLN N 17 -50.33 14.94 -0.67
N TYR N 18 -51.19 14.65 -1.66
CA TYR N 18 -51.68 15.44 -2.74
C TYR N 18 -52.61 16.51 -2.23
N LYS N 19 -52.98 16.46 -0.94
CA LYS N 19 -53.96 17.30 -0.31
C LYS N 19 -53.75 18.78 -0.50
N ASP N 20 -52.59 19.34 -0.09
CA ASP N 20 -52.40 20.77 -0.09
C ASP N 20 -52.61 21.27 -1.47
N ILE N 21 -52.08 20.52 -2.45
CA ILE N 21 -52.28 20.94 -3.80
C ILE N 21 -53.75 20.93 -4.12
N LEU N 22 -54.52 19.91 -3.70
CA LEU N 22 -55.91 20.00 -4.08
C LEU N 22 -56.57 21.18 -3.44
N SER N 23 -56.35 21.37 -2.13
CA SER N 23 -57.08 22.40 -1.45
C SER N 23 -56.79 23.72 -2.06
N VAL N 24 -55.50 24.05 -2.20
CA VAL N 24 -55.11 25.32 -2.73
C VAL N 24 -55.49 25.43 -4.17
N PHE N 25 -55.35 24.34 -4.95
CA PHE N 25 -55.50 24.52 -6.36
C PHE N 25 -56.88 24.98 -6.69
N GLU N 26 -57.90 24.20 -6.27
CA GLU N 26 -59.24 24.57 -6.59
C GLU N 26 -59.56 25.77 -5.82
N ASP N 27 -59.05 25.95 -4.57
CA ASP N 27 -59.38 27.01 -3.63
C ASP N 27 -59.97 28.21 -4.29
N ALA N 28 -61.16 28.62 -3.80
CA ALA N 28 -61.96 29.70 -4.31
C ALA N 28 -62.71 29.22 -5.51
N PHE N 29 -62.11 28.30 -6.27
CA PHE N 29 -62.71 27.45 -7.26
C PHE N 29 -63.24 26.19 -6.64
N VAL N 30 -62.55 25.64 -5.62
CA VAL N 30 -62.98 24.41 -5.01
C VAL N 30 -64.32 24.64 -4.41
N ASP N 31 -64.49 25.80 -3.77
CA ASP N 31 -65.74 26.08 -3.12
C ASP N 31 -66.81 26.10 -4.15
N ASN N 32 -66.54 26.78 -5.28
CA ASN N 32 -67.54 26.93 -6.30
C ASN N 32 -67.86 25.59 -6.85
N PHE N 33 -66.84 24.75 -7.10
CA PHE N 33 -67.16 23.52 -7.74
C PHE N 33 -67.98 22.68 -6.83
N ASP N 34 -67.72 22.68 -5.49
CA ASP N 34 -68.50 21.87 -4.59
C ASP N 34 -69.94 22.25 -4.67
N CYS N 35 -70.24 23.54 -4.70
CA CYS N 35 -71.62 23.93 -4.69
C CYS N 35 -72.28 23.35 -5.90
N LYS N 36 -71.60 23.41 -7.07
CA LYS N 36 -72.10 22.88 -8.29
C LYS N 36 -72.18 21.40 -8.08
N ASP N 37 -71.22 20.92 -7.26
CA ASP N 37 -70.82 19.57 -7.03
C ASP N 37 -71.86 18.67 -6.47
N VAL N 38 -72.91 19.23 -5.87
CA VAL N 38 -73.85 18.42 -5.15
C VAL N 38 -74.37 17.29 -5.97
N GLN N 39 -74.45 17.33 -7.30
CA GLN N 39 -74.92 16.05 -7.76
C GLN N 39 -73.83 15.00 -7.61
N ASP N 40 -72.61 15.39 -7.98
CA ASP N 40 -71.47 14.47 -7.90
C ASP N 40 -71.36 13.85 -6.52
N MET N 41 -71.10 14.68 -5.51
CA MET N 41 -70.97 14.21 -4.14
C MET N 41 -72.12 13.29 -3.76
N PRO N 42 -73.25 13.46 -4.44
CA PRO N 42 -74.44 12.65 -4.17
C PRO N 42 -74.39 11.30 -4.89
N LYS N 43 -73.19 10.91 -5.31
CA LYS N 43 -73.01 9.64 -6.00
C LYS N 43 -71.81 8.87 -5.44
N SER N 44 -71.70 7.60 -5.81
CA SER N 44 -70.61 6.76 -5.34
C SER N 44 -69.39 7.60 -4.95
N ILE N 45 -69.66 8.81 -4.48
CA ILE N 45 -68.59 9.72 -4.07
C ILE N 45 -68.90 10.36 -2.72
N LEU N 46 -70.09 10.94 -2.60
CA LEU N 46 -70.50 11.59 -1.36
C LEU N 46 -72.01 11.74 -1.31
N SER N 47 -72.65 10.95 -0.45
CA SER N 47 -74.10 10.99 -0.29
C SER N 47 -74.63 12.41 -0.42
N LYS N 48 -75.93 12.54 -0.70
CA LYS N 48 -76.53 13.81 -0.84
C LYS N 48 -76.23 14.59 0.38
N GLU N 49 -76.34 13.93 1.54
CA GLU N 49 -76.13 14.60 2.78
C GLU N 49 -74.71 15.04 2.84
N GLU N 50 -73.80 14.19 2.34
CA GLU N 50 -72.41 14.48 2.48
C GLU N 50 -72.03 15.71 1.70
N ILE N 51 -72.63 16.00 0.53
CA ILE N 51 -72.10 17.18 -0.11
C ILE N 51 -72.48 18.36 0.73
N ASP N 52 -73.71 18.36 1.24
CA ASP N 52 -74.15 19.45 2.06
C ASP N 52 -73.26 19.49 3.24
N HIS N 53 -72.79 18.31 3.68
CA HIS N 53 -71.94 18.25 4.83
C HIS N 53 -70.70 19.07 4.56
N ILE N 54 -70.02 18.82 3.43
CA ILE N 54 -68.78 19.53 3.17
C ILE N 54 -69.08 20.98 2.98
N ILE N 55 -70.18 21.25 2.28
CA ILE N 55 -70.56 22.58 1.91
C ILE N 55 -70.73 23.40 3.15
N MET N 56 -71.33 22.80 4.19
CA MET N 56 -71.65 23.52 5.39
C MET N 56 -70.41 24.06 6.05
N SER N 57 -69.33 23.27 6.14
CA SER N 57 -68.14 23.78 6.76
C SER N 57 -67.72 24.98 5.98
N LYS N 58 -67.89 26.15 6.63
CA LYS N 58 -67.74 27.43 6.03
C LYS N 58 -66.36 27.63 5.53
N ASP N 59 -65.38 27.37 6.41
CA ASP N 59 -64.03 27.76 6.15
C ASP N 59 -63.56 27.00 4.99
N ALA N 60 -62.76 27.67 4.13
CA ALA N 60 -62.29 27.04 2.94
C ALA N 60 -61.48 25.86 3.33
N VAL N 61 -60.66 26.01 4.39
CA VAL N 61 -59.81 24.94 4.83
C VAL N 61 -60.69 23.81 5.27
N SER N 62 -61.75 24.14 6.04
CA SER N 62 -62.65 23.17 6.58
C SER N 62 -63.36 22.47 5.48
N GLY N 63 -63.76 23.23 4.45
CA GLY N 63 -64.53 22.64 3.38
C GLY N 63 -63.69 21.60 2.71
N THR N 64 -62.41 21.92 2.46
CA THR N 64 -61.58 20.97 1.78
C THR N 64 -61.36 19.77 2.64
N LEU N 65 -61.13 19.99 3.94
CA LEU N 65 -60.85 18.91 4.85
C LEU N 65 -62.07 18.04 4.96
N ARG N 66 -63.27 18.65 5.01
CA ARG N 66 -64.45 17.86 5.18
C ARG N 66 -64.59 16.90 4.05
N LEU N 67 -64.43 17.36 2.80
CA LEU N 67 -64.63 16.49 1.68
C LEU N 67 -63.60 15.40 1.69
N PHE N 68 -62.34 15.72 2.03
CA PHE N 68 -61.33 14.70 2.00
C PHE N 68 -61.69 13.66 3.02
N TRP N 69 -62.23 14.10 4.16
CA TRP N 69 -62.58 13.20 5.22
C TRP N 69 -63.58 12.20 4.73
N THR N 70 -64.64 12.66 4.05
CA THR N 70 -65.66 11.76 3.60
C THR N 70 -65.07 10.79 2.62
N LEU N 71 -64.15 11.30 1.77
CA LEU N 71 -63.52 10.54 0.73
C LEU N 71 -62.74 9.41 1.33
N LEU N 72 -62.08 9.63 2.47
CA LEU N 72 -61.23 8.62 3.04
C LEU N 72 -62.05 7.41 3.40
N SER N 73 -63.26 7.61 3.91
CA SER N 73 -64.09 6.56 4.40
C SER N 73 -64.43 5.62 3.29
N LYS N 74 -64.25 6.04 2.04
CA LYS N 74 -64.61 5.12 1.02
C LYS N 74 -63.46 4.31 0.59
N GLN N 75 -63.78 3.44 -0.36
CA GLN N 75 -62.90 2.47 -0.87
C GLN N 75 -62.13 3.05 -2.00
N GLU N 76 -61.29 2.18 -2.60
CA GLU N 76 -60.51 2.54 -3.74
C GLU N 76 -61.45 2.99 -4.79
N GLU N 77 -62.64 2.39 -4.83
CA GLU N 77 -63.57 2.70 -5.87
C GLU N 77 -63.85 4.17 -5.84
N MET N 78 -63.98 4.75 -4.64
CA MET N 78 -64.32 6.14 -4.51
C MET N 78 -63.26 6.99 -5.16
N VAL N 79 -61.96 6.67 -4.97
CA VAL N 79 -60.97 7.52 -5.54
C VAL N 79 -61.15 7.48 -7.03
N GLN N 80 -61.47 6.30 -7.57
CA GLN N 80 -61.64 6.15 -8.99
C GLN N 80 -62.81 6.96 -9.44
N LYS N 81 -63.92 6.96 -8.67
CA LYS N 81 -65.06 7.71 -9.10
C LYS N 81 -64.73 9.17 -9.09
N PHE N 82 -64.07 9.62 -8.00
CA PHE N 82 -63.69 10.98 -7.81
C PHE N 82 -62.76 11.37 -8.91
N VAL N 83 -61.80 10.49 -9.26
CA VAL N 83 -60.89 10.89 -10.29
C VAL N 83 -61.67 11.11 -11.54
N GLU N 84 -62.71 10.29 -11.77
CA GLU N 84 -63.48 10.40 -12.97
C GLU N 84 -64.17 11.73 -12.98
N GLU N 85 -64.72 12.16 -11.84
CA GLU N 85 -65.43 13.41 -11.82
C GLU N 85 -64.47 14.51 -12.14
N VAL N 86 -63.21 14.41 -11.68
CA VAL N 86 -62.27 15.46 -11.91
C VAL N 86 -62.02 15.59 -13.37
N LEU N 87 -61.90 14.46 -14.09
CA LEU N 87 -61.64 14.48 -15.51
C LEU N 87 -62.83 15.06 -16.20
N ARG N 88 -64.05 14.69 -15.77
CA ARG N 88 -65.24 15.20 -16.40
C ARG N 88 -65.23 16.68 -16.22
N ILE N 89 -64.83 17.12 -15.02
CA ILE N 89 -64.71 18.51 -14.69
C ILE N 89 -63.66 19.06 -15.59
N ASN N 90 -62.71 18.20 -16.00
CA ASN N 90 -61.56 18.55 -16.77
C ASN N 90 -60.94 19.64 -16.04
N TYR N 91 -60.68 19.27 -14.78
CA TYR N 91 -59.97 20.09 -13.90
C TYR N 91 -58.60 19.64 -14.26
N LYS N 92 -58.15 20.14 -15.43
CA LYS N 92 -57.08 19.54 -16.16
C LYS N 92 -55.82 19.40 -15.38
N PHE N 93 -55.31 20.49 -14.79
CA PHE N 93 -54.02 20.34 -14.18
C PHE N 93 -54.15 19.40 -13.04
N LEU N 94 -55.16 19.57 -12.20
CA LEU N 94 -55.25 18.76 -11.03
C LEU N 94 -55.47 17.35 -11.41
N MET N 95 -56.28 17.09 -12.45
CA MET N 95 -56.54 15.72 -12.75
C MET N 95 -55.29 15.06 -13.22
N SER N 96 -54.39 15.78 -13.94
CA SER N 96 -53.19 15.14 -14.42
C SER N 96 -52.38 14.63 -13.27
N PRO N 97 -52.01 15.42 -12.29
CA PRO N 97 -51.33 14.79 -11.20
C PRO N 97 -52.09 13.74 -10.45
N ILE N 98 -53.42 13.79 -10.39
CA ILE N 98 -54.04 12.72 -9.67
C ILE N 98 -53.81 11.42 -10.42
N LYS N 99 -53.90 11.44 -11.77
CA LYS N 99 -53.72 10.19 -12.47
C LYS N 99 -52.32 9.69 -12.31
N THR N 100 -51.32 10.56 -12.24
CA THR N 100 -49.98 10.06 -12.10
C THR N 100 -49.91 9.35 -10.78
N GLU N 101 -50.60 9.91 -9.79
CA GLU N 101 -50.69 9.45 -8.44
C GLU N 101 -51.17 8.04 -8.42
N GLN N 102 -52.23 7.69 -9.18
CA GLN N 102 -52.69 6.34 -9.08
C GLN N 102 -51.62 5.39 -9.52
N ARG N 103 -51.26 4.47 -8.60
CA ARG N 103 -50.25 3.45 -8.70
C ARG N 103 -48.89 3.98 -9.04
N GLN N 104 -48.32 4.85 -8.16
CA GLN N 104 -46.98 5.37 -8.39
C GLN N 104 -46.25 5.45 -7.08
N PRO N 105 -45.01 5.01 -7.04
CA PRO N 105 -44.21 5.14 -5.83
C PRO N 105 -43.45 6.44 -5.76
N SER N 106 -42.96 6.84 -4.56
CA SER N 106 -42.17 8.03 -4.40
C SER N 106 -41.60 8.00 -3.01
N MET N 107 -40.47 8.71 -2.79
CA MET N 107 -39.90 8.76 -1.47
C MET N 107 -40.84 9.45 -0.54
N MET N 108 -41.40 10.60 -0.98
CA MET N 108 -42.28 11.37 -0.16
C MET N 108 -43.55 10.62 0.10
N THR N 109 -44.05 9.92 -0.93
CA THR N 109 -45.28 9.20 -0.77
C THR N 109 -45.10 8.13 0.24
N ARG N 110 -43.97 7.42 0.14
CA ARG N 110 -43.70 6.29 0.99
C ARG N 110 -43.61 6.74 2.40
N MET N 111 -42.98 7.90 2.65
CA MET N 111 -42.85 8.32 4.02
C MET N 111 -44.20 8.63 4.59
N TYR N 112 -45.10 9.23 3.79
CA TYR N 112 -46.37 9.60 4.32
C TYR N 112 -47.16 8.38 4.69
N ILE N 113 -47.14 7.34 3.84
CA ILE N 113 -47.90 6.15 4.12
C ILE N 113 -47.40 5.53 5.38
N GLU N 114 -46.07 5.52 5.56
CA GLU N 114 -45.47 4.92 6.70
C GLU N 114 -45.95 5.59 7.94
N GLN N 115 -46.00 6.94 7.92
CA GLN N 115 -46.38 7.69 9.09
C GLN N 115 -47.80 7.37 9.44
N ARG N 116 -48.67 7.27 8.43
CA ARG N 116 -50.06 7.00 8.64
C ARG N 116 -50.22 5.66 9.32
N ASP N 117 -49.48 4.63 8.86
CA ASP N 117 -49.63 3.32 9.42
C ASP N 117 -49.21 3.35 10.85
N ARG N 118 -48.12 4.07 11.15
CA ARG N 118 -47.62 4.07 12.49
C ARG N 118 -48.65 4.65 13.41
N LEU N 119 -49.33 5.74 13.01
CA LEU N 119 -50.27 6.29 13.93
C LEU N 119 -51.41 5.35 14.16
N TYR N 120 -51.84 4.59 13.14
CA TYR N 120 -52.92 3.68 13.35
C TYR N 120 -52.52 2.69 14.39
N ASN N 121 -51.30 2.17 14.30
CA ASN N 121 -50.81 1.14 15.19
C ASN N 121 -50.79 1.71 16.58
N ASP N 122 -50.45 2.99 16.69
CA ASP N 122 -50.34 3.66 17.95
C ASP N 122 -51.66 3.66 18.63
N ASN N 123 -52.78 3.84 17.90
CA ASN N 123 -53.95 3.90 18.72
C ASN N 123 -55.24 3.70 17.98
N GLN N 124 -55.31 4.12 16.69
CA GLN N 124 -56.59 4.16 16.02
C GLN N 124 -57.14 2.79 15.72
N VAL N 125 -57.73 2.14 16.74
CA VAL N 125 -58.48 0.92 16.59
C VAL N 125 -59.85 1.28 16.15
N PHE N 126 -60.43 2.16 16.95
CA PHE N 126 -61.68 2.76 16.72
C PHE N 126 -61.74 4.01 17.32
N ALA N 127 -62.87 4.41 16.89
CA ALA N 127 -63.41 5.60 17.02
C ALA N 127 -64.16 5.56 15.78
N LYS N 128 -65.35 4.96 15.86
CA LYS N 128 -66.06 4.76 14.66
C LYS N 128 -66.44 6.07 14.11
N TYR N 129 -67.02 6.96 14.94
CA TYR N 129 -67.40 8.15 14.26
C TYR N 129 -67.01 9.37 15.01
N ASN N 130 -66.70 10.42 14.26
CA ASN N 130 -66.03 11.54 14.85
C ASN N 130 -66.48 12.85 14.32
N VAL N 131 -66.40 13.85 15.21
CA VAL N 131 -66.81 15.21 15.18
C VAL N 131 -65.59 15.88 14.71
N SER N 132 -65.76 16.81 13.77
CA SER N 132 -64.58 17.37 13.22
C SER N 132 -64.43 18.70 13.83
N ARG N 133 -63.34 18.86 14.60
CA ARG N 133 -63.11 20.12 15.20
C ARG N 133 -62.12 20.66 14.32
N LEU N 134 -62.61 21.32 13.30
CA LEU N 134 -61.59 21.79 12.47
C LEU N 134 -60.89 22.86 13.24
N GLN N 135 -61.65 23.59 14.08
CA GLN N 135 -61.02 24.70 14.73
C GLN N 135 -59.87 24.26 15.59
N PRO N 136 -59.97 23.31 16.49
CA PRO N 136 -58.80 22.98 17.25
C PRO N 136 -57.74 22.29 16.47
N TYR N 137 -58.16 21.54 15.44
CA TYR N 137 -57.30 20.78 14.57
C TYR N 137 -56.38 21.69 13.82
N LEU N 138 -56.95 22.74 13.20
CA LEU N 138 -56.16 23.67 12.45
C LEU N 138 -55.24 24.40 13.36
N LYS N 139 -55.71 24.76 14.56
CA LYS N 139 -54.88 25.56 15.43
C LYS N 139 -53.63 24.83 15.76
N LEU N 140 -53.75 23.53 16.10
CA LEU N 140 -52.58 22.81 16.52
C LEU N 140 -51.61 22.72 15.38
N ARG N 141 -52.10 22.44 14.16
CA ARG N 141 -51.15 22.20 13.11
C ARG N 141 -50.40 23.48 12.84
N GLN N 142 -51.11 24.61 12.83
CA GLN N 142 -50.51 25.84 12.42
C GLN N 142 -49.40 26.16 13.37
N ALA N 143 -49.68 26.04 14.68
CA ALA N 143 -48.69 26.38 15.65
C ALA N 143 -47.53 25.45 15.54
N LEU N 144 -47.81 24.15 15.37
CA LEU N 144 -46.74 23.19 15.38
C LEU N 144 -45.87 23.43 14.19
N LEU N 145 -46.47 23.76 13.05
CA LEU N 145 -45.72 24.00 11.85
C LEU N 145 -44.83 25.16 12.11
N GLU N 146 -45.41 26.24 12.68
CA GLU N 146 -44.71 27.48 12.87
C GLU N 146 -43.58 27.34 13.82
N LEU N 147 -43.80 26.73 15.01
CA LEU N 147 -42.66 26.77 15.88
C LEU N 147 -42.02 25.43 15.79
N ARG N 148 -41.11 25.31 14.83
CA ARG N 148 -40.35 24.12 14.61
C ARG N 148 -39.36 23.93 15.71
N PRO N 149 -38.68 24.96 16.14
CA PRO N 149 -37.67 24.78 17.14
C PRO N 149 -38.27 24.31 18.42
N ALA N 150 -37.43 23.83 19.36
CA ALA N 150 -37.92 23.25 20.58
C ALA N 150 -38.90 24.17 21.20
N LYS N 151 -40.05 23.61 21.62
CA LYS N 151 -41.06 24.38 22.28
C LYS N 151 -41.96 23.40 22.94
N ASN N 152 -43.01 23.90 23.63
CA ASN N 152 -43.91 22.95 24.21
C ASN N 152 -45.28 23.30 23.76
N VAL N 153 -45.89 22.40 22.95
CA VAL N 153 -47.23 22.61 22.53
C VAL N 153 -48.04 21.81 23.49
N LEU N 154 -48.87 22.49 24.30
CA LEU N 154 -49.67 21.69 25.16
C LEU N 154 -50.88 21.41 24.39
N ILE N 155 -51.51 20.35 24.86
CA ILE N 155 -52.80 19.95 24.56
C ILE N 155 -53.13 19.50 25.93
N ASP N 156 -54.23 19.99 26.49
CA ASP N 156 -54.52 19.55 27.82
C ASP N 156 -55.95 19.65 28.28
N GLY N 157 -56.72 18.55 28.47
CA GLY N 157 -58.13 18.71 28.74
C GLY N 157 -58.54 17.65 29.72
N VAL N 158 -59.87 17.49 29.91
CA VAL N 158 -60.42 16.52 30.82
C VAL N 158 -60.03 15.17 30.32
N LEU N 159 -59.96 14.17 31.24
CA LEU N 159 -59.59 12.88 30.76
C LEU N 159 -60.58 12.43 29.75
N GLY N 160 -60.08 11.96 28.59
CA GLY N 160 -60.92 11.43 27.55
C GLY N 160 -61.50 12.54 26.71
N SER N 161 -60.94 13.76 26.80
CA SER N 161 -61.44 14.87 26.03
C SER N 161 -61.12 14.65 24.59
N GLY N 162 -60.19 13.72 24.29
CA GLY N 162 -59.86 13.49 22.92
C GLY N 162 -58.58 14.18 22.55
N LYS N 163 -57.76 14.37 23.58
CA LYS N 163 -56.51 15.04 23.44
C LYS N 163 -55.61 14.32 22.47
N THR N 164 -55.34 13.02 22.76
CA THR N 164 -54.43 12.06 22.13
C THR N 164 -54.88 11.70 20.77
N TRP N 165 -56.20 11.50 20.64
CA TRP N 165 -56.72 11.19 19.36
C TRP N 165 -56.34 12.37 18.48
N VAL N 166 -56.62 13.66 18.90
CA VAL N 166 -56.40 14.85 18.14
C VAL N 166 -54.96 14.93 17.72
N ALA N 167 -54.04 14.59 18.64
CA ALA N 167 -52.64 14.71 18.33
C ALA N 167 -52.29 13.78 17.22
N LEU N 168 -52.83 12.54 17.24
CA LEU N 168 -52.48 11.59 16.24
C LEU N 168 -52.91 12.11 14.92
N ASP N 169 -54.15 12.64 14.85
CA ASP N 169 -54.74 13.10 13.62
C ASP N 169 -53.90 14.20 13.05
N VAL N 170 -53.39 15.10 13.91
CA VAL N 170 -52.64 16.19 13.36
C VAL N 170 -51.41 15.64 12.71
N CYS N 171 -50.78 14.63 13.32
CA CYS N 171 -49.60 14.06 12.75
C CYS N 171 -49.95 13.35 11.45
N LEU N 172 -51.10 12.63 11.41
CA LEU N 172 -51.44 11.81 10.28
C LEU N 172 -51.80 12.51 9.00
N SER N 173 -52.65 13.57 8.98
CA SER N 173 -53.07 14.13 7.70
C SER N 173 -52.01 15.04 7.13
N TYR N 174 -51.05 15.35 8.00
CA TYR N 174 -49.94 16.23 8.04
C TYR N 174 -48.68 15.96 7.30
N LYS N 175 -48.73 15.34 6.11
CA LYS N 175 -47.54 14.96 5.39
C LYS N 175 -46.52 16.10 5.44
N VAL N 176 -46.97 17.37 5.35
CA VAL N 176 -46.04 18.48 5.39
C VAL N 176 -45.30 18.49 6.70
N GLN N 177 -46.04 18.33 7.83
CA GLN N 177 -45.45 18.42 9.13
C GLN N 177 -44.45 17.33 9.30
N CYS N 178 -44.79 16.12 8.81
CA CYS N 178 -43.94 14.98 8.97
C CYS N 178 -42.68 15.21 8.21
N LYS N 179 -42.74 15.85 7.04
CA LYS N 179 -41.54 16.06 6.28
C LYS N 179 -40.64 16.98 7.02
N MET N 180 -41.18 18.10 7.54
CA MET N 180 -40.32 19.07 8.16
C MET N 180 -39.68 18.50 9.36
N ASP N 181 -40.44 17.81 10.22
CA ASP N 181 -39.79 17.24 11.36
C ASP N 181 -39.03 16.08 10.82
N PHE N 182 -37.76 15.89 11.25
CA PHE N 182 -37.06 14.80 10.64
C PHE N 182 -37.72 13.52 11.00
N LYS N 183 -37.96 13.31 12.30
CA LYS N 183 -38.56 12.07 12.72
C LYS N 183 -39.38 12.38 13.92
N ILE N 184 -40.33 11.49 14.27
CA ILE N 184 -41.12 11.81 15.42
C ILE N 184 -41.14 10.61 16.33
N PHE N 185 -41.04 10.87 17.65
CA PHE N 185 -41.06 9.81 18.62
C PHE N 185 -42.27 10.05 19.49
N TRP N 186 -43.11 9.01 19.66
CA TRP N 186 -44.29 9.18 20.46
C TRP N 186 -44.22 8.17 21.57
N LEU N 187 -44.36 8.65 22.83
CA LEU N 187 -44.38 7.74 23.93
C LEU N 187 -45.44 8.19 24.87
N ASN N 188 -46.11 7.24 25.54
CA ASN N 188 -47.10 7.62 26.51
C ASN N 188 -46.45 7.44 27.83
N LEU N 189 -46.25 8.54 28.56
CA LEU N 189 -45.53 8.48 29.79
C LEU N 189 -46.33 7.76 30.83
N LYS N 190 -45.62 6.86 31.54
CA LYS N 190 -46.08 6.13 32.68
C LYS N 190 -45.85 7.08 33.81
N ASN N 191 -46.57 6.91 34.94
CA ASN N 191 -46.51 7.82 36.06
C ASN N 191 -45.08 8.14 36.37
N CYS N 192 -44.70 9.41 36.09
CA CYS N 192 -43.40 9.99 36.30
C CYS N 192 -43.19 10.29 37.75
N ASN N 193 -44.28 10.60 38.48
CA ASN N 193 -44.09 10.95 39.85
C ASN N 193 -43.46 9.81 40.59
N SER N 194 -43.73 8.55 40.19
CA SER N 194 -43.03 7.46 40.78
C SER N 194 -41.62 7.53 40.23
N PRO N 195 -40.65 7.47 41.11
CA PRO N 195 -39.24 7.62 40.82
C PRO N 195 -38.55 6.78 39.77
N GLU N 196 -38.55 5.45 39.91
CA GLU N 196 -37.79 4.59 39.05
C GLU N 196 -38.29 4.81 37.67
N THR N 197 -39.54 5.27 37.59
CA THR N 197 -40.23 5.42 36.34
C THR N 197 -39.44 6.26 35.39
N VAL N 198 -38.85 7.38 35.84
CA VAL N 198 -38.17 8.24 34.90
C VAL N 198 -37.08 7.49 34.21
N LEU N 199 -36.24 6.75 34.96
CA LEU N 199 -35.17 6.06 34.30
C LEU N 199 -35.71 5.04 33.37
N GLU N 200 -36.80 4.38 33.79
CA GLU N 200 -37.38 3.32 33.01
C GLU N 200 -37.79 3.90 31.69
N MET N 201 -38.45 5.07 31.70
CA MET N 201 -38.96 5.63 30.49
C MET N 201 -37.84 5.99 29.57
N LEU N 202 -36.77 6.57 30.13
CA LEU N 202 -35.70 7.07 29.34
C LEU N 202 -34.96 5.92 28.74
N GLN N 203 -34.91 4.77 29.45
CA GLN N 203 -34.18 3.65 28.94
C GLN N 203 -34.81 3.24 27.65
N LYS N 204 -36.15 3.25 27.59
CA LYS N 204 -36.86 2.85 26.40
C LYS N 204 -36.49 3.82 25.32
N LEU N 205 -36.34 5.10 25.67
CA LEU N 205 -36.01 6.10 24.71
C LEU N 205 -34.70 5.73 24.13
N LEU N 206 -33.79 5.28 24.99
CA LEU N 206 -32.45 4.98 24.61
C LEU N 206 -32.54 3.85 23.63
N TYR N 207 -33.43 2.87 23.90
CA TYR N 207 -33.51 1.72 23.06
C TYR N 207 -33.96 2.13 21.68
N GLN N 208 -35.03 2.94 21.60
CA GLN N 208 -35.59 3.32 20.34
C GLN N 208 -34.63 4.14 19.57
N ILE N 209 -33.87 5.02 20.26
CA ILE N 209 -32.99 5.90 19.56
C ILE N 209 -32.02 5.03 18.81
N ASP N 210 -31.51 3.99 19.49
CA ASP N 210 -30.64 2.98 18.93
C ASP N 210 -30.46 1.95 19.99
N PRO N 211 -30.45 0.72 19.58
CA PRO N 211 -30.11 -0.38 20.44
C PRO N 211 -28.61 -0.52 20.44
N ASN N 212 -27.93 0.45 19.80
CA ASN N 212 -26.54 0.45 19.43
C ASN N 212 -25.57 0.01 20.48
N TRP N 213 -24.59 0.91 20.71
CA TRP N 213 -23.53 0.98 21.67
C TRP N 213 -24.18 1.46 22.90
N THR N 214 -25.40 1.88 22.66
CA THR N 214 -26.36 2.47 23.49
C THR N 214 -26.23 1.75 24.81
N SER N 215 -26.31 0.42 24.77
CA SER N 215 -26.29 -0.43 25.93
C SER N 215 -24.96 -0.50 26.67
N ARG N 216 -23.81 -0.25 26.01
CA ARG N 216 -22.51 -0.52 26.58
C ARG N 216 -22.16 0.26 27.83
N SER N 217 -22.43 1.58 27.89
CA SER N 217 -21.92 2.43 28.96
C SER N 217 -22.50 2.10 30.29
N ASP N 218 -21.78 2.53 31.34
CA ASP N 218 -22.03 2.19 32.71
C ASP N 218 -23.39 2.58 33.14
N HIS N 219 -24.17 1.57 33.55
CA HIS N 219 -25.44 1.83 34.14
C HIS N 219 -25.15 1.79 35.59
N SER N 220 -25.18 2.97 36.23
CA SER N 220 -24.81 3.06 37.61
C SER N 220 -25.80 2.36 38.46
N SER N 221 -25.26 1.66 39.46
CA SER N 221 -26.06 0.90 40.36
C SER N 221 -26.92 1.89 41.08
N ASN N 222 -26.33 3.02 41.48
CA ASN N 222 -27.15 3.99 42.17
C ASN N 222 -27.79 4.80 41.08
N ILE N 223 -29.00 5.29 41.39
CA ILE N 223 -29.75 6.07 40.46
C ILE N 223 -29.04 7.36 40.22
N LYS N 224 -28.36 7.88 41.26
CA LYS N 224 -27.79 9.19 41.26
C LYS N 224 -27.00 9.41 40.01
N LEU N 225 -26.16 8.43 39.60
CA LEU N 225 -25.39 8.54 38.40
C LEU N 225 -26.17 8.26 37.12
N ARG N 226 -26.99 7.20 37.10
CA ARG N 226 -27.60 6.69 35.90
C ARG N 226 -28.50 7.70 35.22
N ILE N 227 -29.36 8.40 35.96
CA ILE N 227 -30.30 9.27 35.31
C ILE N 227 -29.52 10.33 34.59
N HIS N 228 -28.49 10.88 35.24
CA HIS N 228 -27.71 11.92 34.66
C HIS N 228 -27.04 11.38 33.45
N SER N 229 -26.50 10.15 33.56
CA SER N 229 -25.77 9.57 32.47
C SER N 229 -26.69 9.40 31.31
N ILE N 230 -27.94 8.97 31.57
CA ILE N 230 -28.82 8.75 30.47
C ILE N 230 -29.08 10.02 29.75
N GLN N 231 -29.29 11.13 30.48
CA GLN N 231 -29.62 12.34 29.80
C GLN N 231 -28.49 12.68 28.90
N ALA N 232 -27.24 12.44 29.35
CA ALA N 232 -26.10 12.76 28.54
C ALA N 232 -26.15 11.92 27.29
N GLU N 233 -26.48 10.62 27.43
CA GLU N 233 -26.47 9.75 26.28
C GLU N 233 -27.56 10.17 25.35
N LEU N 234 -28.73 10.54 25.89
CA LEU N 234 -29.86 10.88 25.09
C LEU N 234 -29.47 12.06 24.25
N ARG N 235 -28.82 13.06 24.87
CA ARG N 235 -28.43 14.24 24.16
C ARG N 235 -27.47 13.87 23.08
N ARG N 236 -26.51 12.99 23.41
CA ARG N 236 -25.49 12.59 22.49
C ARG N 236 -26.12 11.93 21.31
N LEU N 237 -27.07 11.00 21.55
CA LEU N 237 -27.64 10.31 20.43
C LEU N 237 -28.41 11.25 19.57
N LEU N 238 -29.08 12.26 20.17
CA LEU N 238 -29.82 13.12 19.29
C LEU N 238 -28.91 13.81 18.33
N LYS N 239 -27.75 14.29 18.80
CA LYS N 239 -26.85 14.98 17.92
C LYS N 239 -26.33 14.02 16.89
N SER N 240 -26.06 12.76 17.32
CA SER N 240 -25.38 11.80 16.51
C SER N 240 -26.09 11.57 15.22
N LYS N 241 -27.44 11.51 15.22
CA LYS N 241 -28.08 11.23 13.98
C LYS N 241 -28.79 12.49 13.51
N PRO N 242 -29.53 12.39 12.44
CA PRO N 242 -30.22 13.53 11.86
C PRO N 242 -31.39 14.06 12.64
N TYR N 243 -31.53 13.65 13.92
CA TYR N 243 -32.62 13.91 14.83
C TYR N 243 -32.92 15.36 15.09
N GLU N 244 -31.98 16.30 14.85
CA GLU N 244 -32.03 17.65 15.37
C GLU N 244 -33.38 18.29 15.42
N ASN N 245 -34.22 18.42 14.39
CA ASN N 245 -35.54 18.91 14.72
C ASN N 245 -36.39 17.68 14.69
N CYS N 246 -36.45 16.97 15.83
CA CYS N 246 -37.15 15.75 15.95
C CYS N 246 -38.37 16.04 16.76
N LEU N 247 -39.54 15.51 16.35
CA LEU N 247 -40.73 15.83 17.08
C LEU N 247 -40.97 14.74 18.04
N LEU N 248 -41.08 15.09 19.34
CA LEU N 248 -41.32 14.06 20.30
C LEU N 248 -42.64 14.38 20.90
N VAL N 249 -43.48 13.34 21.09
CA VAL N 249 -44.74 13.63 21.67
C VAL N 249 -44.82 12.88 22.95
N LEU N 250 -45.05 13.58 24.07
CA LEU N 250 -45.18 12.82 25.28
C LEU N 250 -46.64 12.78 25.55
N LEU N 251 -47.21 11.56 25.53
CA LEU N 251 -48.61 11.41 25.76
C LEU N 251 -48.86 11.18 27.21
N ASN N 252 -49.94 11.80 27.71
CA ASN N 252 -50.37 11.66 29.08
C ASN N 252 -49.22 11.89 30.02
N VAL N 253 -48.66 13.11 30.05
CA VAL N 253 -47.56 13.36 30.95
C VAL N 253 -48.12 13.84 32.24
N GLN N 254 -47.99 13.00 33.29
CA GLN N 254 -48.45 13.26 34.62
C GLN N 254 -47.55 14.20 35.38
N ASN N 255 -46.22 14.01 35.29
CA ASN N 255 -45.34 14.73 36.18
C ASN N 255 -44.55 15.78 35.44
N ALA N 256 -44.26 16.88 36.17
CA ALA N 256 -43.57 18.06 35.71
C ALA N 256 -42.17 17.70 35.33
N LYS N 257 -41.57 16.75 36.05
CA LYS N 257 -40.19 16.42 35.82
C LYS N 257 -40.00 16.03 34.39
N ALA N 258 -40.98 15.34 33.79
CA ALA N 258 -40.82 14.95 32.42
C ALA N 258 -40.64 16.20 31.62
N TRP N 259 -41.42 17.24 31.98
CA TRP N 259 -41.40 18.50 31.30
C TRP N 259 -40.06 19.12 31.48
N ASN N 260 -39.48 19.06 32.69
CA ASN N 260 -38.18 19.66 32.87
C ASN N 260 -37.15 18.88 32.11
N ALA N 261 -37.31 17.55 32.02
CA ALA N 261 -36.37 16.73 31.31
C ALA N 261 -36.38 17.21 29.89
N PHE N 262 -37.57 17.65 29.44
CA PHE N 262 -37.77 18.16 28.12
C PHE N 262 -36.82 19.28 27.94
N ASN N 263 -36.68 20.14 28.98
CA ASN N 263 -35.87 21.33 28.87
C ASN N 263 -34.52 20.88 28.43
N LEU N 264 -33.98 19.83 29.07
CA LEU N 264 -32.76 19.33 28.56
C LEU N 264 -33.18 18.29 27.58
N SER N 265 -33.57 18.71 26.37
CA SER N 265 -34.05 17.80 25.36
C SER N 265 -34.38 18.60 24.15
N CYS N 266 -35.42 18.15 23.41
CA CYS N 266 -35.79 18.80 22.18
C CYS N 266 -37.21 19.26 22.25
N LYS N 267 -37.85 19.48 21.07
CA LYS N 267 -39.19 19.98 20.91
C LYS N 267 -40.19 18.92 21.22
N ILE N 268 -41.35 19.33 21.78
CA ILE N 268 -42.35 18.38 22.20
C ILE N 268 -43.74 18.90 22.00
N LEU N 269 -44.68 17.95 21.75
CA LEU N 269 -46.09 18.17 21.82
C LEU N 269 -46.52 17.39 23.02
N LEU N 270 -47.27 18.01 23.95
CA LEU N 270 -47.60 17.24 25.11
C LEU N 270 -49.10 17.23 25.29
N THR N 271 -49.63 16.10 25.78
CA THR N 271 -51.04 16.01 26.08
C THR N 271 -51.10 15.82 27.57
N THR N 272 -51.90 16.66 28.28
CA THR N 272 -51.93 16.50 29.71
C THR N 272 -53.28 16.92 30.25
N ARG N 273 -53.71 16.27 31.34
CA ARG N 273 -54.95 16.46 32.05
C ARG N 273 -54.95 17.63 32.98
N PHE N 274 -53.83 18.34 33.08
CA PHE N 274 -53.82 19.48 33.93
C PHE N 274 -53.62 20.59 32.94
N LYS N 275 -53.90 21.85 33.31
CA LYS N 275 -53.40 23.02 32.61
C LYS N 275 -52.17 23.51 33.31
N GLN N 276 -52.14 23.46 34.67
CA GLN N 276 -51.06 24.15 35.30
C GLN N 276 -49.75 23.48 35.05
N VAL N 277 -49.73 22.16 34.83
CA VAL N 277 -48.49 21.47 34.52
C VAL N 277 -47.87 22.15 33.34
N THR N 278 -48.72 22.48 32.37
CA THR N 278 -48.40 23.12 31.14
C THR N 278 -47.76 24.44 31.45
N ASP N 279 -48.38 25.15 32.39
CA ASP N 279 -47.99 26.47 32.74
C ASP N 279 -46.61 26.43 33.31
N PHE N 280 -46.32 25.43 34.17
CA PHE N 280 -45.03 25.35 34.81
C PHE N 280 -43.97 25.13 33.78
N LEU N 281 -44.25 24.24 32.82
CA LEU N 281 -43.30 23.90 31.80
C LEU N 281 -42.97 25.12 30.99
N SER N 282 -43.98 25.94 30.68
CA SER N 282 -43.82 27.14 29.89
C SER N 282 -42.99 28.11 30.65
N ALA N 283 -43.14 28.12 31.98
CA ALA N 283 -42.35 29.05 32.75
C ALA N 283 -40.91 28.66 32.68
N ALA N 284 -40.62 27.34 32.84
CA ALA N 284 -39.26 26.92 32.91
C ALA N 284 -38.59 27.23 31.62
N THR N 285 -39.24 26.83 30.51
CA THR N 285 -38.73 27.14 29.21
C THR N 285 -39.74 28.01 28.62
N THR N 286 -39.30 29.19 28.14
CA THR N 286 -40.21 30.14 27.57
C THR N 286 -40.75 29.50 26.33
N THR N 287 -41.44 30.28 25.48
CA THR N 287 -42.04 29.71 24.30
C THR N 287 -42.88 28.52 24.58
N HIS N 288 -44.08 28.75 25.16
CA HIS N 288 -45.03 27.70 25.33
C HIS N 288 -46.20 28.04 24.46
N ILE N 289 -46.89 26.99 23.95
CA ILE N 289 -48.05 27.16 23.13
C ILE N 289 -49.12 26.33 23.78
N SER N 290 -50.36 26.85 23.87
CA SER N 290 -51.31 26.02 24.55
C SER N 290 -52.50 25.82 23.68
N LEU N 291 -52.96 24.56 23.59
CA LEU N 291 -54.15 24.25 22.86
C LEU N 291 -55.00 23.55 23.87
N ASP N 292 -56.15 24.14 24.21
CA ASP N 292 -56.99 23.54 25.19
C ASP N 292 -58.11 22.84 24.45
N HIS N 293 -58.61 21.66 24.90
CA HIS N 293 -58.21 20.95 26.08
C HIS N 293 -58.77 21.78 27.24
N HIS N 294 -59.56 22.74 26.83
CA HIS N 294 -60.18 23.70 27.67
C HIS N 294 -60.56 24.59 26.55
N SER N 295 -61.14 25.76 26.84
CA SER N 295 -61.51 26.73 25.86
C SER N 295 -63.00 26.60 25.62
N MET N 296 -63.41 26.99 24.41
CA MET N 296 -64.73 27.07 23.81
C MET N 296 -65.37 25.72 23.57
N THR N 297 -64.56 24.67 23.30
CA THR N 297 -64.94 23.30 23.00
C THR N 297 -65.68 23.00 21.72
N LEU N 298 -65.21 23.52 20.56
CA LEU N 298 -65.74 23.00 19.32
C LEU N 298 -67.19 23.32 19.22
N THR N 299 -67.93 22.42 18.55
CA THR N 299 -69.35 22.53 18.41
C THR N 299 -69.96 21.21 18.78
N PRO N 300 -70.88 21.23 19.71
CA PRO N 300 -71.52 20.02 20.14
C PRO N 300 -72.32 19.37 19.08
N ASP N 301 -72.79 20.14 18.07
CA ASP N 301 -73.56 19.55 17.03
C ASP N 301 -72.67 18.60 16.28
N GLU N 302 -71.45 19.05 15.97
CA GLU N 302 -70.53 18.25 15.21
C GLU N 302 -70.14 17.06 16.02
N VAL N 303 -69.90 17.28 17.33
CA VAL N 303 -69.44 16.20 18.16
C VAL N 303 -70.55 15.20 18.18
N LYS N 304 -71.79 15.65 18.37
CA LYS N 304 -72.86 14.71 18.51
C LYS N 304 -72.95 13.92 17.25
N SER N 305 -72.72 14.56 16.09
CA SER N 305 -72.85 13.86 14.85
C SER N 305 -71.81 12.79 14.81
N LEU N 306 -70.68 13.02 15.51
CA LEU N 306 -69.60 12.10 15.55
C LEU N 306 -70.08 10.84 16.12
N LEU N 307 -70.69 10.96 17.30
CA LEU N 307 -71.08 9.83 18.04
C LEU N 307 -72.14 9.19 17.24
N LEU N 308 -72.92 10.05 16.57
CA LEU N 308 -74.07 9.65 15.84
C LEU N 308 -73.66 8.73 14.75
N LYS N 309 -72.55 8.97 14.03
CA LYS N 309 -72.29 8.01 13.01
C LYS N 309 -71.79 6.73 13.60
N TYR N 310 -71.04 6.79 14.72
CA TYR N 310 -70.54 5.60 15.33
C TYR N 310 -71.70 4.69 15.58
N LEU N 311 -72.63 5.27 16.35
CA LEU N 311 -73.79 4.64 16.88
C LEU N 311 -74.93 4.43 15.89
N ASP N 312 -75.11 5.36 14.93
CA ASP N 312 -76.23 5.48 14.01
C ASP N 312 -77.58 5.53 14.73
N CYS N 313 -77.98 6.73 15.27
CA CYS N 313 -79.17 6.93 16.09
C CYS N 313 -80.24 7.86 15.54
N ARG N 314 -81.11 8.38 16.45
CA ARG N 314 -82.25 9.23 16.14
C ARG N 314 -82.16 10.53 16.91
N PRO N 315 -82.66 11.57 16.25
CA PRO N 315 -82.66 12.94 16.71
C PRO N 315 -83.37 13.14 18.01
N GLN N 316 -84.46 12.39 18.25
CA GLN N 316 -85.16 12.52 19.49
C GLN N 316 -84.20 12.07 20.53
N ASP N 317 -83.42 11.06 20.15
CA ASP N 317 -82.48 10.44 21.01
C ASP N 317 -81.36 11.36 21.34
N LEU N 318 -81.12 12.33 20.44
CA LEU N 318 -79.95 13.14 20.54
C LEU N 318 -79.78 13.82 21.83
N PRO N 319 -80.78 14.42 22.37
CA PRO N 319 -80.57 15.14 23.59
C PRO N 319 -80.10 14.22 24.67
N ARG N 320 -80.38 12.91 24.56
CA ARG N 320 -79.84 12.10 25.60
C ARG N 320 -78.35 12.14 25.48
N GLU N 321 -77.86 12.09 24.23
CA GLU N 321 -76.47 12.04 23.86
C GLU N 321 -75.80 13.32 24.20
N VAL N 322 -76.54 14.44 24.03
CA VAL N 322 -75.99 15.75 24.14
C VAL N 322 -75.36 15.75 25.48
N LEU N 323 -76.02 15.10 26.46
CA LEU N 323 -75.41 14.97 27.75
C LEU N 323 -74.60 13.70 27.73
N THR N 324 -73.39 13.74 28.30
CA THR N 324 -72.87 14.94 28.89
C THR N 324 -71.91 15.57 27.93
N THR N 325 -71.39 16.75 28.30
CA THR N 325 -70.49 17.50 27.47
C THR N 325 -69.21 16.77 27.24
N ASN N 326 -68.62 16.12 28.28
CA ASN N 326 -67.29 15.61 28.08
C ASN N 326 -67.22 14.48 27.12
N PRO N 327 -66.21 14.63 26.31
CA PRO N 327 -65.89 13.69 25.28
C PRO N 327 -65.47 12.38 25.86
N ARG N 328 -64.83 12.36 27.05
CA ARG N 328 -64.45 11.04 27.49
C ARG N 328 -65.69 10.31 27.81
N ARG N 329 -66.64 11.01 28.47
CA ARG N 329 -67.86 10.37 28.86
C ARG N 329 -68.63 10.02 27.64
N LEU N 330 -68.55 10.90 26.61
CA LEU N 330 -69.33 10.64 25.44
C LEU N 330 -68.85 9.34 24.89
N SER N 331 -67.55 9.11 24.85
CA SER N 331 -67.19 7.92 24.19
C SER N 331 -67.37 6.71 25.08
N ILE N 332 -67.26 6.86 26.43
CA ILE N 332 -67.54 5.72 27.26
C ILE N 332 -68.96 5.31 27.03
N ILE N 333 -69.86 6.31 26.94
CA ILE N 333 -71.25 6.07 26.72
C ILE N 333 -71.40 5.45 25.36
N ALA N 334 -70.69 5.98 24.35
CA ALA N 334 -70.85 5.55 22.99
C ALA N 334 -70.53 4.10 22.89
N GLU N 335 -69.45 3.67 23.58
CA GLU N 335 -69.08 2.30 23.53
C GLU N 335 -70.21 1.49 24.10
N SER N 336 -70.80 1.95 25.22
CA SER N 336 -71.82 1.22 25.91
C SER N 336 -73.01 1.12 25.03
N ILE N 337 -73.35 2.21 24.32
CA ILE N 337 -74.47 2.23 23.45
C ILE N 337 -74.26 1.30 22.30
N ARG N 338 -73.02 1.11 21.80
CA ARG N 338 -72.92 0.16 20.73
C ARG N 338 -73.39 -1.14 21.29
N ASP N 339 -73.03 -1.45 22.54
CA ASP N 339 -73.58 -2.63 23.13
C ASP N 339 -75.06 -2.53 23.53
N GLY N 340 -75.60 -1.35 23.97
CA GLY N 340 -76.96 -1.20 24.50
C GLY N 340 -77.60 0.18 24.12
N LEU N 341 -78.33 0.95 25.02
CA LEU N 341 -79.24 2.09 24.65
C LEU N 341 -78.96 3.65 25.01
N ALA N 342 -79.60 4.80 24.35
CA ALA N 342 -79.71 6.11 24.96
C ALA N 342 -81.12 5.95 25.41
N THR N 343 -81.33 5.23 26.53
CA THR N 343 -82.66 4.99 26.96
C THR N 343 -82.69 4.75 28.42
N TRP N 344 -83.74 4.04 28.88
CA TRP N 344 -83.93 3.80 30.27
C TRP N 344 -82.75 3.04 30.79
N ASP N 345 -82.27 2.04 30.03
CA ASP N 345 -81.15 1.26 30.51
C ASP N 345 -79.93 2.13 30.63
N ASN N 346 -79.67 2.97 29.62
CA ASN N 346 -78.50 3.80 29.53
C ASN N 346 -78.47 4.74 30.69
N TRP N 347 -79.59 5.44 30.89
CA TRP N 347 -79.67 6.39 31.94
C TRP N 347 -79.55 5.65 33.22
N LYS N 348 -80.07 4.41 33.24
CA LYS N 348 -80.09 3.62 34.43
C LYS N 348 -78.69 3.41 34.92
N HIS N 349 -77.75 3.08 34.01
CA HIS N 349 -76.40 2.80 34.41
C HIS N 349 -75.74 4.04 34.94
N VAL N 350 -75.93 5.15 34.19
CA VAL N 350 -75.38 6.48 34.30
C VAL N 350 -73.94 6.55 33.82
N ASN N 351 -73.48 5.54 33.05
CA ASN N 351 -72.15 5.46 32.47
C ASN N 351 -71.06 5.71 33.47
N CYS N 352 -71.17 4.97 34.58
CA CYS N 352 -70.20 4.93 35.63
C CYS N 352 -69.18 3.84 35.53
N ASP N 353 -69.47 2.75 34.78
CA ASP N 353 -68.65 1.56 34.90
C ASP N 353 -67.21 1.88 34.64
N LYS N 354 -66.91 2.49 33.48
CA LYS N 354 -65.55 2.83 33.18
C LYS N 354 -65.03 3.92 34.07
N LEU N 355 -65.81 5.00 34.19
CA LEU N 355 -65.38 6.21 34.83
C LEU N 355 -65.11 6.03 36.30
N THR N 356 -65.94 5.24 37.01
CA THR N 356 -65.75 5.14 38.42
C THR N 356 -64.38 4.60 38.68
N THR N 357 -63.99 3.55 37.95
CA THR N 357 -62.69 2.99 38.17
C THR N 357 -61.66 4.01 37.79
N ILE N 358 -61.93 4.76 36.70
CA ILE N 358 -60.99 5.70 36.18
C ILE N 358 -60.70 6.77 37.20
N ILE N 359 -61.76 7.34 37.80
CA ILE N 359 -61.65 8.40 38.75
C ILE N 359 -60.93 7.92 39.97
N GLU N 360 -61.17 6.65 40.36
CA GLU N 360 -60.63 6.13 41.57
C GLU N 360 -59.15 6.28 41.55
N SER N 361 -58.52 5.98 40.41
CA SER N 361 -57.09 6.09 40.34
C SER N 361 -56.72 7.53 40.54
N SER N 362 -57.60 8.45 40.09
CA SER N 362 -57.35 9.85 40.18
C SER N 362 -57.26 10.26 41.62
N LEU N 363 -58.13 9.70 42.47
CA LEU N 363 -58.17 10.10 43.85
C LEU N 363 -56.87 9.72 44.51
N ASN N 364 -56.33 8.55 44.16
CA ASN N 364 -55.17 8.03 44.81
C ASN N 364 -54.02 8.96 44.64
N VAL N 365 -53.95 9.67 43.50
CA VAL N 365 -52.82 10.50 43.22
C VAL N 365 -52.63 11.56 44.27
N LEU N 366 -53.73 12.14 44.83
CA LEU N 366 -53.63 13.17 45.85
C LEU N 366 -53.50 12.51 47.23
N GLU N 367 -53.38 13.29 48.36
CA GLU N 367 -53.20 12.74 49.69
C GLU N 367 -54.51 12.70 50.43
N PRO N 368 -54.89 11.49 50.73
CA PRO N 368 -56.16 11.13 51.28
C PRO N 368 -56.57 11.78 52.55
N ALA N 369 -55.65 12.02 53.51
CA ALA N 369 -56.21 12.50 54.74
C ALA N 369 -56.85 13.83 54.57
N GLU N 370 -56.06 14.83 54.16
CA GLU N 370 -56.65 16.14 54.06
C GLU N 370 -57.44 16.30 52.80
N TYR N 371 -56.78 16.04 51.66
CA TYR N 371 -57.35 16.31 50.37
C TYR N 371 -58.48 15.37 50.06
N ARG N 372 -58.27 14.07 50.32
CA ARG N 372 -59.32 13.13 49.99
C ARG N 372 -60.51 13.49 50.82
N LYS N 373 -60.29 13.82 52.09
CA LYS N 373 -61.37 14.16 52.98
C LYS N 373 -62.00 15.44 52.56
N MET N 374 -61.17 16.45 52.22
CA MET N 374 -61.68 17.75 51.91
C MET N 374 -62.56 17.69 50.68
N PHE N 375 -62.14 16.92 49.67
CA PHE N 375 -62.90 16.71 48.47
C PHE N 375 -64.14 15.93 48.78
N ASP N 376 -64.02 14.96 49.69
CA ASP N 376 -65.11 14.03 49.94
C ASP N 376 -66.32 14.80 50.37
N ARG N 377 -66.12 15.93 51.06
CA ARG N 377 -67.15 16.75 51.61
C ARG N 377 -68.00 17.41 50.54
N LEU N 378 -67.41 17.74 49.38
CA LEU N 378 -68.04 18.57 48.36
C LEU N 378 -69.34 17.98 47.93
N SER N 379 -69.58 16.70 48.22
CA SER N 379 -70.75 15.99 47.78
C SER N 379 -72.08 16.71 48.08
N VAL N 380 -72.45 17.08 49.35
CA VAL N 380 -73.76 17.70 49.64
C VAL N 380 -73.71 19.13 49.21
N PHE N 381 -73.97 19.34 47.90
CA PHE N 381 -74.01 20.62 47.27
C PHE N 381 -74.77 20.43 46.01
N PRO N 382 -75.31 21.51 45.56
CA PRO N 382 -75.97 21.42 44.28
C PRO N 382 -74.99 21.32 43.16
N PRO N 383 -75.30 20.47 42.23
CA PRO N 383 -74.45 20.26 41.10
C PRO N 383 -74.64 21.30 40.07
N SER N 384 -73.56 21.65 39.34
CA SER N 384 -73.64 22.58 38.26
C SER N 384 -74.29 23.82 38.75
N ALA N 385 -74.18 24.10 40.07
CA ALA N 385 -74.80 25.29 40.53
C ALA N 385 -73.77 26.07 41.26
N HIS N 386 -73.34 27.18 40.66
CA HIS N 386 -72.33 28.07 41.16
C HIS N 386 -72.54 28.29 42.63
N ILE N 387 -71.61 27.76 43.44
CA ILE N 387 -71.73 27.88 44.85
C ILE N 387 -70.57 28.68 45.34
N PRO N 388 -70.87 29.71 46.09
CA PRO N 388 -69.84 30.59 46.55
C PRO N 388 -68.90 29.94 47.51
N THR N 389 -67.68 30.49 47.62
CA THR N 389 -66.63 29.96 48.44
C THR N 389 -67.05 29.98 49.87
N ILE N 390 -67.75 31.03 50.31
CA ILE N 390 -68.15 31.15 51.68
C ILE N 390 -68.93 29.92 52.02
N LEU N 391 -69.79 29.49 51.07
CA LEU N 391 -70.58 28.31 51.23
C LEU N 391 -69.67 27.13 51.28
N LEU N 392 -68.63 27.16 50.44
CA LEU N 392 -67.70 26.11 50.24
C LEU N 392 -66.95 25.89 51.52
N SER N 393 -66.62 26.99 52.23
CA SER N 393 -65.83 26.90 53.43
C SER N 393 -66.55 26.06 54.44
N LEU N 394 -67.89 26.10 54.48
CA LEU N 394 -68.56 25.35 55.50
C LEU N 394 -68.21 23.90 55.33
N ILE N 395 -68.37 23.39 54.11
CA ILE N 395 -68.10 22.02 53.82
C ILE N 395 -66.62 21.75 53.84
N TRP N 396 -65.82 22.64 53.22
CA TRP N 396 -64.44 22.30 53.11
C TRP N 396 -63.80 22.29 54.47
N PHE N 397 -64.17 23.20 55.38
CA PHE N 397 -63.50 23.27 56.65
C PHE N 397 -63.65 22.02 57.47
N ASP N 398 -62.59 21.18 57.51
CA ASP N 398 -62.44 20.16 58.52
C ASP N 398 -61.62 20.76 59.62
N VAL N 399 -60.56 21.71 59.25
CA VAL N 399 -59.62 22.48 60.00
C VAL N 399 -59.94 23.85 59.54
N ILE N 400 -59.47 24.92 60.20
CA ILE N 400 -59.99 26.14 59.67
C ILE N 400 -58.95 27.18 59.42
N LYS N 401 -59.17 27.89 58.29
CA LYS N 401 -58.41 28.99 57.76
C LYS N 401 -58.01 28.64 56.38
N SER N 402 -57.02 29.37 55.84
CA SER N 402 -56.61 29.27 54.47
C SER N 402 -56.15 27.87 54.19
N ASP N 403 -56.00 27.03 55.23
CA ASP N 403 -55.52 25.70 55.07
C ASP N 403 -56.43 25.05 54.08
N VAL N 404 -57.72 25.29 54.28
CA VAL N 404 -58.76 24.77 53.46
C VAL N 404 -58.61 25.35 52.09
N MET N 405 -58.18 26.63 52.04
CA MET N 405 -58.02 27.33 50.80
C MET N 405 -56.97 26.62 49.98
N VAL N 406 -55.83 26.29 50.60
CA VAL N 406 -54.73 25.64 49.92
C VAL N 406 -55.03 24.21 49.60
N VAL N 407 -55.64 23.49 50.56
CA VAL N 407 -55.82 22.08 50.39
C VAL N 407 -56.68 21.84 49.18
N VAL N 408 -57.70 22.67 48.94
CA VAL N 408 -58.48 22.51 47.75
C VAL N 408 -57.60 22.79 46.59
N ASN N 409 -56.67 23.75 46.75
CA ASN N 409 -55.87 24.28 45.70
C ASN N 409 -55.05 23.21 45.05
N LYS N 410 -54.47 22.30 45.84
CA LYS N 410 -53.60 21.29 45.29
C LYS N 410 -54.36 20.46 44.31
N LEU N 411 -55.64 20.20 44.62
CA LEU N 411 -56.42 19.43 43.70
C LEU N 411 -56.92 20.26 42.52
N HIS N 412 -57.41 21.51 42.87
CA HIS N 412 -58.38 22.48 42.39
C HIS N 412 -58.00 22.91 41.04
N LYS N 413 -56.70 22.92 40.78
CA LYS N 413 -56.20 23.60 39.66
C LYS N 413 -56.86 23.01 38.46
N TYR N 414 -57.32 21.71 38.61
CA TYR N 414 -56.91 20.56 37.81
C TYR N 414 -57.55 20.82 36.55
N SER N 415 -58.83 21.05 36.75
CA SER N 415 -59.81 20.73 35.87
C SER N 415 -60.93 20.56 36.81
N LEU N 416 -61.64 19.47 36.55
CA LEU N 416 -63.02 19.38 36.87
C LEU N 416 -63.11 18.46 38.02
N VAL N 417 -62.08 18.54 38.88
CA VAL N 417 -62.32 18.06 40.19
C VAL N 417 -63.25 19.05 40.82
N GLU N 418 -62.76 20.28 41.06
CA GLU N 418 -63.51 21.48 41.31
C GLU N 418 -63.00 22.59 40.45
N LYS N 419 -63.86 23.59 40.13
CA LYS N 419 -63.38 24.67 39.33
C LYS N 419 -63.72 25.95 40.02
N GLN N 420 -62.81 26.93 39.97
CA GLN N 420 -63.12 28.18 40.60
C GLN N 420 -63.00 29.29 39.61
N PRO N 421 -64.11 29.95 39.39
CA PRO N 421 -64.16 31.08 38.51
C PRO N 421 -63.47 32.30 39.01
N LYS N 422 -63.58 32.42 40.26
CA LYS N 422 -63.02 33.61 40.84
C LYS N 422 -63.09 33.43 42.32
N GLU N 423 -62.75 34.48 43.08
CA GLU N 423 -62.71 34.44 44.52
C GLU N 423 -64.08 34.12 45.02
N SER N 424 -65.12 34.52 44.24
CA SER N 424 -66.51 34.37 44.60
C SER N 424 -66.95 32.95 44.79
N THR N 425 -66.82 32.04 43.78
CA THR N 425 -67.42 30.75 44.03
C THR N 425 -66.67 29.65 43.38
N ILE N 426 -66.97 28.41 43.82
CA ILE N 426 -66.42 27.27 43.17
C ILE N 426 -67.58 26.39 42.85
N SER N 427 -67.54 25.70 41.70
CA SER N 427 -68.66 24.85 41.43
C SER N 427 -68.11 23.49 41.33
N ILE N 428 -68.97 22.44 41.45
CA ILE N 428 -68.50 21.11 41.23
C ILE N 428 -68.50 20.92 39.74
N PRO N 429 -67.38 20.48 39.25
CA PRO N 429 -67.18 20.58 37.85
C PRO N 429 -68.08 20.06 36.88
N SER N 430 -68.51 18.84 37.08
CA SER N 430 -69.38 18.35 36.11
C SER N 430 -69.86 17.10 36.70
N ILE N 431 -70.65 16.40 35.90
CA ILE N 431 -71.32 15.18 36.20
C ILE N 431 -70.30 14.14 36.55
N TYR N 432 -69.13 14.16 35.88
CA TYR N 432 -68.17 13.11 36.04
C TYR N 432 -67.71 12.96 37.46
N LEU N 433 -67.25 14.06 38.09
CA LEU N 433 -66.69 13.93 39.40
C LEU N 433 -67.79 13.52 40.33
N GLU N 434 -68.93 14.23 40.23
CA GLU N 434 -70.03 14.04 41.14
C GLU N 434 -70.56 12.66 40.99
N LEU N 435 -70.56 12.15 39.75
CA LEU N 435 -71.13 10.86 39.50
C LEU N 435 -70.34 9.90 40.32
N LYS N 436 -69.03 10.10 40.40
CA LYS N 436 -68.21 9.21 41.17
C LYS N 436 -68.64 9.27 42.60
N VAL N 437 -68.76 10.49 43.15
CA VAL N 437 -69.01 10.65 44.55
C VAL N 437 -70.35 10.13 44.92
N LYS N 438 -71.38 10.37 44.09
CA LYS N 438 -72.69 10.00 44.49
C LYS N 438 -72.80 8.53 44.77
N LEU N 439 -72.17 7.67 43.94
CA LEU N 439 -72.28 6.26 44.20
C LEU N 439 -71.64 5.94 45.53
N GLU N 440 -70.45 6.50 45.80
CA GLU N 440 -69.76 6.15 47.01
C GLU N 440 -69.97 7.17 48.07
N ASN N 441 -70.67 6.79 49.15
CA ASN N 441 -70.87 7.74 50.21
C ASN N 441 -71.08 6.93 51.45
N GLU N 442 -70.97 7.56 52.65
CA GLU N 442 -71.13 6.88 53.91
C GLU N 442 -72.06 7.72 54.72
N TYR N 443 -72.49 7.29 55.93
CA TYR N 443 -73.47 8.18 56.45
C TYR N 443 -72.80 9.21 57.27
N ALA N 444 -71.99 10.03 56.58
CA ALA N 444 -71.40 11.30 56.91
C ALA N 444 -72.46 12.32 56.63
N LEU N 445 -73.37 11.96 55.70
CA LEU N 445 -74.33 12.85 55.16
C LEU N 445 -75.11 13.52 56.23
N HIS N 446 -75.47 12.82 57.33
CA HIS N 446 -76.30 13.44 58.32
C HIS N 446 -75.62 14.67 58.83
N ARG N 447 -74.33 14.60 59.16
CA ARG N 447 -73.67 15.75 59.70
C ARG N 447 -73.67 16.85 58.68
N SER N 448 -73.43 16.50 57.41
CA SER N 448 -73.34 17.52 56.40
C SER N 448 -74.65 18.22 56.27
N ILE N 449 -75.75 17.45 56.24
CA ILE N 449 -77.05 18.05 56.06
C ILE N 449 -77.32 18.94 57.22
N VAL N 450 -76.93 18.50 58.44
CA VAL N 450 -77.22 19.28 59.59
C VAL N 450 -76.48 20.58 59.48
N ASP N 451 -75.27 20.55 58.89
CA ASP N 451 -74.48 21.74 58.80
C ASP N 451 -75.25 22.75 58.01
N HIS N 452 -75.95 22.30 56.95
CA HIS N 452 -76.69 23.21 56.12
C HIS N 452 -77.75 23.86 56.94
N TYR N 453 -78.43 23.12 57.83
CA TYR N 453 -79.45 23.76 58.61
C TYR N 453 -78.81 24.85 59.41
N ASN N 454 -77.65 24.54 60.00
CA ASN N 454 -77.00 25.48 60.86
C ASN N 454 -76.65 26.72 60.11
N ILE N 455 -76.18 26.58 58.85
CA ILE N 455 -75.76 27.77 58.16
C ILE N 455 -76.91 28.74 57.98
N PRO N 456 -78.09 28.43 57.48
CA PRO N 456 -79.08 29.47 57.52
C PRO N 456 -79.53 29.86 58.89
N LYS N 457 -79.36 28.98 59.89
CA LYS N 457 -79.76 29.35 61.20
C LYS N 457 -78.94 30.54 61.61
N THR N 458 -77.63 30.47 61.37
CA THR N 458 -76.75 31.53 61.75
C THR N 458 -77.12 32.77 61.00
N PHE N 459 -77.36 32.63 59.69
CA PHE N 459 -77.74 33.79 58.93
C PHE N 459 -79.05 34.23 59.45
N ASP N 460 -79.14 35.48 59.94
CA ASP N 460 -80.41 35.92 60.43
C ASP N 460 -80.39 37.41 60.51
N SER N 461 -81.46 38.04 60.00
CA SER N 461 -81.59 39.47 60.12
C SER N 461 -82.82 39.66 60.94
N ASP N 462 -83.02 40.87 61.52
CA ASP N 462 -84.14 41.05 62.39
C ASP N 462 -85.38 40.76 61.62
N ASP N 463 -85.50 41.39 60.44
CA ASP N 463 -86.67 41.14 59.66
C ASP N 463 -86.45 39.99 58.74
N LEU N 464 -87.41 39.81 57.84
CA LEU N 464 -87.60 38.72 56.93
C LEU N 464 -86.62 38.64 55.80
N ILE N 465 -85.66 39.59 55.67
CA ILE N 465 -84.79 39.54 54.51
C ILE N 465 -83.45 38.91 54.82
N PRO N 466 -83.18 37.88 54.06
CA PRO N 466 -81.95 37.12 54.17
C PRO N 466 -80.75 37.77 53.54
N PRO N 467 -79.61 37.44 54.09
CA PRO N 467 -78.32 37.91 53.63
C PRO N 467 -77.82 37.21 52.40
N TYR N 468 -78.63 36.30 51.80
CA TYR N 468 -78.28 35.47 50.67
C TYR N 468 -77.23 36.05 49.78
N LEU N 469 -76.32 35.16 49.35
CA LEU N 469 -75.15 35.47 48.58
C LEU N 469 -75.48 35.32 47.13
N ASP N 470 -74.52 34.91 46.28
CA ASP N 470 -74.78 34.98 44.86
C ASP N 470 -76.03 34.27 44.45
N GLN N 471 -75.94 33.00 44.00
CA GLN N 471 -77.16 32.29 43.69
C GLN N 471 -77.42 31.10 44.55
N TYR N 472 -76.34 30.49 45.09
CA TYR N 472 -76.34 29.18 45.69
C TYR N 472 -77.45 29.09 46.64
N PHE N 473 -77.50 30.03 47.57
CA PHE N 473 -78.45 29.92 48.62
C PHE N 473 -79.82 29.90 48.04
N TYR N 474 -80.10 30.78 47.07
CA TYR N 474 -81.44 30.86 46.57
C TYR N 474 -81.84 29.53 46.00
N SER N 475 -81.01 28.93 45.13
CA SER N 475 -81.39 27.68 44.55
C SER N 475 -81.37 26.56 45.56
N HIS N 476 -80.21 26.40 46.21
CA HIS N 476 -79.80 25.32 47.07
C HIS N 476 -80.53 25.22 48.39
N ILE N 477 -80.88 26.37 49.01
CA ILE N 477 -81.36 26.35 50.37
C ILE N 477 -82.54 25.46 50.55
N GLY N 478 -83.54 25.55 49.68
CA GLY N 478 -84.73 24.76 49.86
C GLY N 478 -84.40 23.31 49.77
N HIS N 479 -83.50 22.94 48.83
CA HIS N 479 -83.18 21.55 48.62
C HIS N 479 -82.61 20.96 49.86
N HIS N 480 -81.65 21.66 50.49
CA HIS N 480 -81.02 21.12 51.66
C HIS N 480 -82.05 21.01 52.74
N LEU N 481 -82.93 22.03 52.82
CA LEU N 481 -83.97 22.11 53.80
C LEU N 481 -84.90 20.96 53.66
N LYS N 482 -85.27 20.62 52.42
CA LYS N 482 -86.23 19.56 52.24
C LYS N 482 -85.68 18.34 52.88
N ASN N 483 -84.39 18.09 52.65
CA ASN N 483 -83.81 16.93 53.22
C ASN N 483 -83.86 17.07 54.71
N ILE N 484 -83.53 18.27 55.23
CA ILE N 484 -83.42 18.37 56.66
C ILE N 484 -84.74 18.19 57.35
N GLU N 485 -85.79 18.95 56.97
CA GLU N 485 -87.04 18.85 57.66
C GLU N 485 -88.02 19.83 57.11
N HIS N 486 -89.29 19.67 57.54
CA HIS N 486 -90.39 20.52 57.21
C HIS N 486 -90.33 21.88 57.84
N PRO N 487 -90.14 22.04 59.13
CA PRO N 487 -90.29 23.34 59.76
C PRO N 487 -89.54 24.47 59.14
N GLU N 488 -88.26 24.29 58.79
CA GLU N 488 -87.51 25.39 58.23
C GLU N 488 -88.09 25.71 56.91
N ARG N 489 -88.48 24.65 56.17
CA ARG N 489 -88.94 24.80 54.84
C ARG N 489 -90.10 25.74 54.84
N MET N 490 -91.00 25.58 55.81
CA MET N 490 -92.19 26.37 55.87
C MET N 490 -91.83 27.83 55.93
N THR N 491 -90.93 28.22 56.84
CA THR N 491 -90.62 29.62 56.96
C THR N 491 -89.86 30.10 55.77
N LEU N 492 -88.82 29.33 55.36
CA LEU N 492 -87.95 29.75 54.30
C LEU N 492 -88.66 29.82 53.00
N PHE N 493 -89.49 28.81 52.67
CA PHE N 493 -90.16 28.80 51.40
C PHE N 493 -90.97 30.02 51.34
N ARG N 494 -91.46 30.52 52.48
CA ARG N 494 -92.04 31.81 52.31
C ARG N 494 -93.25 31.55 51.44
N MET N 495 -93.80 30.37 51.68
CA MET N 495 -95.11 30.15 51.19
C MET N 495 -95.81 30.95 52.23
N VAL N 496 -95.27 30.79 53.45
CA VAL N 496 -95.68 31.53 54.59
C VAL N 496 -95.34 32.99 54.38
N PHE N 497 -94.03 33.12 54.03
CA PHE N 497 -93.59 34.45 54.02
C PHE N 497 -93.45 34.98 52.67
N LEU N 498 -93.94 36.20 52.71
CA LEU N 498 -94.30 36.92 51.57
C LEU N 498 -93.09 37.65 51.06
N ASP N 499 -92.13 37.80 51.96
CA ASP N 499 -90.92 38.44 51.60
C ASP N 499 -90.18 37.73 50.51
N PHE N 500 -90.13 36.40 50.45
CA PHE N 500 -89.32 35.79 49.43
C PHE N 500 -90.08 35.73 48.18
N ARG N 501 -91.40 35.98 48.28
CA ARG N 501 -92.07 36.25 47.07
C ARG N 501 -91.29 37.37 46.46
N PHE N 502 -91.14 38.49 47.18
CA PHE N 502 -90.30 39.61 46.85
C PHE N 502 -88.91 39.15 46.49
N LEU N 503 -88.08 38.64 47.46
CA LEU N 503 -86.69 38.60 47.17
C LEU N 503 -86.30 37.60 46.16
N GLU N 504 -86.85 36.38 46.24
CA GLU N 504 -86.41 35.40 45.29
C GLU N 504 -86.71 35.91 43.93
N GLN N 505 -87.93 36.43 43.76
CA GLN N 505 -88.39 36.86 42.49
C GLN N 505 -87.56 38.00 41.96
N LYS N 506 -87.35 39.09 42.73
CA LYS N 506 -86.65 40.15 42.05
C LYS N 506 -85.22 39.80 41.82
N ILE N 507 -84.56 39.11 42.77
CA ILE N 507 -83.18 38.81 42.51
C ILE N 507 -82.93 37.90 41.35
N ARG N 508 -83.71 36.82 41.14
CA ARG N 508 -83.32 36.04 39.99
C ARG N 508 -83.99 36.58 38.76
N HIS N 509 -83.84 37.90 38.54
CA HIS N 509 -84.19 38.65 37.36
C HIS N 509 -83.01 38.73 36.45
N ASP N 510 -81.80 38.62 37.02
CA ASP N 510 -80.54 38.82 36.35
C ASP N 510 -80.23 37.75 35.36
N SER N 511 -79.73 38.21 34.19
CA SER N 511 -79.27 37.43 33.09
C SER N 511 -78.82 38.44 32.09
N THR N 512 -78.20 37.99 30.99
CA THR N 512 -77.85 38.93 29.97
C THR N 512 -78.45 38.45 28.70
N ALA N 513 -79.53 39.11 28.24
CA ALA N 513 -80.10 38.71 26.99
C ALA N 513 -80.71 39.91 26.38
N TRP N 514 -80.51 40.10 25.07
CA TRP N 514 -81.12 41.22 24.45
C TRP N 514 -82.57 41.00 24.50
N ASN N 515 -83.04 39.83 24.02
CA ASN N 515 -84.44 39.56 23.92
C ASN N 515 -85.04 39.43 25.26
N ALA N 516 -86.31 39.80 25.33
CA ALA N 516 -87.14 39.89 26.47
C ALA N 516 -87.33 38.58 27.22
N SER N 517 -87.21 37.41 26.57
CA SER N 517 -87.22 36.29 27.48
C SER N 517 -86.42 35.19 26.86
N GLY N 518 -86.68 33.92 27.24
CA GLY N 518 -86.00 32.72 26.96
C GLY N 518 -86.18 32.00 28.24
N SER N 519 -85.47 30.88 28.47
CA SER N 519 -85.68 30.21 29.72
C SER N 519 -84.41 30.33 30.50
N ILE N 520 -84.44 31.06 31.63
CA ILE N 520 -83.30 31.18 32.50
C ILE N 520 -83.81 31.12 33.90
N LEU N 521 -82.89 30.90 34.88
CA LEU N 521 -83.27 30.87 36.25
C LEU N 521 -84.04 32.11 36.60
N ASN N 522 -85.30 31.89 36.98
CA ASN N 522 -86.20 32.93 37.36
C ASN N 522 -87.19 32.25 38.22
N THR N 523 -88.47 32.53 37.95
CA THR N 523 -89.57 31.95 38.68
C THR N 523 -89.50 30.47 38.50
N LEU N 524 -88.96 30.02 37.35
CA LEU N 524 -88.98 28.63 37.00
C LEU N 524 -88.37 27.81 38.10
N GLN N 525 -87.20 28.22 38.63
CA GLN N 525 -86.58 27.45 39.67
C GLN N 525 -87.37 27.54 40.94
N GLN N 526 -87.92 28.73 41.24
CA GLN N 526 -88.65 28.98 42.46
C GLN N 526 -89.80 28.02 42.54
N LEU N 527 -90.59 27.91 41.46
CA LEU N 527 -91.73 27.05 41.44
C LEU N 527 -91.24 25.65 41.62
N LYS N 528 -90.05 25.36 41.08
CA LYS N 528 -89.51 24.03 41.16
C LYS N 528 -89.30 23.67 42.60
N PHE N 529 -88.82 24.62 43.43
CA PHE N 529 -88.54 24.27 44.79
C PHE N 529 -89.81 23.90 45.47
N TYR N 530 -90.87 24.70 45.25
CA TYR N 530 -92.05 24.47 45.99
C TYR N 530 -92.58 23.09 45.74
N LYS N 531 -92.60 22.64 44.47
CA LYS N 531 -93.23 21.37 44.22
C LYS N 531 -92.52 20.21 44.88
N PRO N 532 -91.26 19.93 44.70
CA PRO N 532 -90.73 18.78 45.40
C PRO N 532 -90.52 18.92 46.88
N TYR N 533 -90.31 20.14 47.38
CA TYR N 533 -90.01 20.36 48.76
C TYR N 533 -91.20 20.14 49.66
N ILE N 534 -92.44 20.30 49.15
CA ILE N 534 -93.64 20.33 49.97
C ILE N 534 -93.78 19.09 50.78
N CYS N 535 -93.29 17.93 50.30
CA CYS N 535 -93.55 16.68 50.93
C CYS N 535 -93.12 16.73 52.36
N ASP N 536 -92.09 17.53 52.67
CA ASP N 536 -91.59 17.57 54.01
C ASP N 536 -92.70 18.02 54.92
N ASN N 537 -93.73 18.71 54.36
CA ASN N 537 -94.84 19.22 55.12
C ASN N 537 -96.07 18.36 54.95
N ASP N 538 -97.22 18.85 55.49
CA ASP N 538 -98.50 18.19 55.43
C ASP N 538 -99.45 18.94 54.52
N PRO N 539 -100.70 18.52 54.50
CA PRO N 539 -101.70 19.19 53.70
C PRO N 539 -102.05 20.60 54.06
N LYS N 540 -102.12 20.95 55.37
CA LYS N 540 -102.57 22.26 55.75
C LYS N 540 -101.66 23.22 55.09
N TYR N 541 -100.35 22.95 55.20
CA TYR N 541 -99.36 23.78 54.58
C TYR N 541 -99.51 23.63 53.10
N GLU N 542 -99.87 22.42 52.65
CA GLU N 542 -99.95 22.11 51.26
C GLU N 542 -100.94 23.03 50.62
N ARG N 543 -102.08 23.27 51.29
CA ARG N 543 -103.02 24.15 50.67
C ARG N 543 -102.44 25.52 50.59
N LEU N 544 -101.74 25.96 51.66
CA LEU N 544 -101.20 27.28 51.68
C LEU N 544 -100.24 27.40 50.55
N VAL N 545 -99.38 26.38 50.38
CA VAL N 545 -98.39 26.50 49.36
C VAL N 545 -99.05 26.65 48.03
N ASN N 546 -100.19 25.95 47.81
CA ASN N 546 -100.81 26.10 46.53
C ASN N 546 -101.33 27.50 46.39
N ALA N 547 -101.79 28.11 47.50
CA ALA N 547 -102.35 29.43 47.43
C ALA N 547 -101.30 30.34 46.88
N ILE N 548 -100.07 30.24 47.39
CA ILE N 548 -99.01 31.09 46.95
C ILE N 548 -98.74 30.75 45.53
N LEU N 549 -98.77 29.44 45.24
CA LEU N 549 -98.42 28.95 43.94
C LEU N 549 -99.37 29.48 42.92
N ASP N 550 -100.68 29.47 43.18
CA ASP N 550 -101.59 29.96 42.18
C ASP N 550 -101.35 31.42 41.99
N PHE N 551 -101.01 32.15 43.07
CA PHE N 551 -100.84 33.55 42.97
C PHE N 551 -99.68 33.85 42.05
N LEU N 552 -98.61 33.05 42.13
CA LEU N 552 -97.45 33.31 41.33
C LEU N 552 -97.75 33.23 39.86
N PRO N 553 -98.31 32.19 39.30
CA PRO N 553 -98.64 32.31 37.92
C PRO N 553 -99.72 33.28 37.64
N LYS N 554 -100.52 33.65 38.65
CA LYS N 554 -101.60 34.56 38.39
C LYS N 554 -100.99 35.85 37.93
N ILE N 555 -99.93 36.28 38.64
CA ILE N 555 -99.35 37.56 38.34
C ILE N 555 -98.61 37.48 37.05
N GLU N 556 -98.94 38.44 36.15
CA GLU N 556 -98.43 38.52 34.82
C GLU N 556 -97.13 39.26 34.78
N GLU N 557 -96.48 39.16 33.61
CA GLU N 557 -95.19 39.75 33.37
C GLU N 557 -95.28 41.21 33.64
N ASN N 558 -94.46 41.64 34.59
CA ASN N 558 -94.30 43.00 35.00
C ASN N 558 -92.99 43.01 35.72
N LEU N 559 -92.59 44.19 36.20
CA LEU N 559 -91.42 44.31 37.02
C LEU N 559 -91.95 44.21 38.42
N ILE N 560 -91.46 43.25 39.23
CA ILE N 560 -91.89 43.14 40.60
C ILE N 560 -91.34 44.35 41.27
N CYS N 561 -90.05 44.62 41.01
CA CYS N 561 -89.37 45.70 41.67
C CYS N 561 -90.14 46.95 41.42
N SER N 562 -90.53 47.59 42.53
CA SER N 562 -91.33 48.77 42.62
C SER N 562 -91.22 49.12 44.06
N LYS N 563 -92.10 49.86 44.70
CA LYS N 563 -91.83 49.69 46.07
C LYS N 563 -92.35 48.43 46.50
N TYR N 564 -91.87 48.17 47.67
CA TYR N 564 -92.02 46.94 48.34
C TYR N 564 -93.47 46.77 48.69
N THR N 565 -94.18 47.89 48.74
CA THR N 565 -95.55 48.04 49.01
C THR N 565 -96.33 47.09 48.21
N ASP N 566 -95.94 47.00 46.93
CA ASP N 566 -96.77 46.32 46.01
C ASP N 566 -97.00 44.92 46.43
N LEU N 567 -95.95 44.28 46.91
CA LEU N 567 -96.10 42.92 47.25
C LEU N 567 -97.22 42.86 48.25
N LEU N 568 -97.21 43.77 49.25
CA LEU N 568 -98.16 43.59 50.29
C LEU N 568 -99.56 43.84 49.75
N ARG N 569 -99.79 44.81 48.80
CA ARG N 569 -101.13 44.95 48.34
C ARG N 569 -101.56 43.77 47.53
N ILE N 570 -100.68 43.18 46.69
CA ILE N 570 -101.20 42.05 45.96
C ILE N 570 -101.53 40.94 46.90
N ALA N 571 -100.77 40.82 48.00
CA ALA N 571 -100.98 39.76 48.95
C ALA N 571 -102.39 39.85 49.44
N LEU N 572 -102.91 41.09 49.51
CA LEU N 572 -104.18 41.42 50.08
C LEU N 572 -105.31 40.72 49.36
N MET N 573 -105.14 40.34 48.09
CA MET N 573 -106.26 39.85 47.31
C MET N 573 -106.98 38.66 47.91
N ALA N 574 -106.31 37.57 48.37
CA ALA N 574 -107.10 36.47 48.87
C ALA N 574 -106.95 36.40 50.36
N GLU N 575 -108.07 36.47 51.09
CA GLU N 575 -108.09 36.54 52.54
C GLU N 575 -107.59 35.27 53.17
N ASP N 576 -107.82 34.13 52.52
CA ASP N 576 -107.51 32.83 53.04
C ASP N 576 -106.01 32.54 53.27
N GLU N 577 -105.00 33.34 52.79
CA GLU N 577 -103.61 32.88 52.80
C GLU N 577 -102.62 33.46 53.79
N ALA N 578 -101.58 32.63 54.10
CA ALA N 578 -100.47 32.87 54.98
C ALA N 578 -99.59 33.95 54.45
N ILE N 579 -99.47 34.02 53.12
CA ILE N 579 -98.69 35.02 52.47
C ILE N 579 -99.17 36.37 52.91
N PHE N 580 -100.50 36.57 52.96
CA PHE N 580 -101.04 37.84 53.34
C PHE N 580 -100.65 38.16 54.74
N GLU N 581 -100.73 37.17 55.64
CA GLU N 581 -100.41 37.47 57.01
C GLU N 581 -98.99 37.94 57.05
N GLU N 582 -98.11 37.29 56.27
CA GLU N 582 -96.73 37.68 56.22
C GLU N 582 -96.61 39.05 55.63
N ALA N 583 -97.43 39.33 54.59
CA ALA N 583 -97.36 40.59 53.92
C ALA N 583 -97.66 41.67 54.92
N HIS N 584 -98.65 41.42 55.79
CA HIS N 584 -99.02 42.40 56.77
C HIS N 584 -97.90 42.56 57.76
N LYS N 585 -97.22 41.47 58.14
CA LYS N 585 -96.18 41.61 59.12
C LYS N 585 -95.09 42.47 58.57
N GLN N 586 -94.67 42.15 57.34
CA GLN N 586 -93.58 42.84 56.73
C GLN N 586 -93.90 44.30 56.55
N VAL N 587 -95.16 44.61 56.23
CA VAL N 587 -95.52 45.99 56.19
C VAL N 587 -95.25 46.54 57.56
N GLN N 588 -95.68 45.87 58.62
CA GLN N 588 -95.54 46.42 59.94
C GLN N 588 -94.08 46.72 60.20
N ARG N 589 -93.16 45.78 59.92
CA ARG N 589 -91.78 46.13 60.13
C ARG N 589 -91.24 46.52 58.77
N UNK N 590 -75.92 72.16 57.56
CA UNK N 590 -77.37 72.20 57.83
C UNK N 590 -78.00 70.89 57.47
N UNK N 591 -79.27 70.92 57.01
CA UNK N 591 -79.93 69.71 56.64
C UNK N 591 -79.24 69.17 55.43
N UNK N 592 -79.18 67.84 55.32
CA UNK N 592 -78.55 67.19 54.21
C UNK N 592 -79.54 67.12 53.10
N UNK N 593 -79.09 66.68 51.91
CA UNK N 593 -79.97 66.60 50.79
C UNK N 593 -81.06 65.66 51.16
N UNK N 594 -82.25 65.89 50.56
CA UNK N 594 -83.42 65.10 50.86
C UNK N 594 -83.24 63.67 50.48
N UNK N 595 -82.61 63.40 49.30
CA UNK N 595 -82.31 62.05 48.83
C UNK N 595 -83.43 61.08 49.10
N UNK N 596 -84.51 61.11 48.29
CA UNK N 596 -85.60 60.20 48.53
C UNK N 596 -85.46 59.03 47.62
N UNK N 597 -85.70 57.81 48.17
CA UNK N 597 -85.61 56.60 47.40
C UNK N 597 -86.88 56.46 46.61
N UNK N 598 -86.84 55.69 45.53
CA UNK N 598 -88.02 55.51 44.73
C UNK N 598 -88.97 54.67 45.51
N UNK N 599 -90.27 54.93 45.35
CA UNK N 599 -91.19 54.13 46.08
C UNK N 599 -92.23 53.67 45.11
N UNK N 600 -92.99 52.66 45.49
CA UNK N 600 -93.93 52.02 44.67
C UNK N 600 -94.90 53.09 44.49
N UNK N 601 -95.48 53.22 43.32
CA UNK N 601 -96.55 54.13 43.27
C UNK N 601 -97.75 53.39 43.73
N UNK N 602 -98.73 54.12 44.29
CA UNK N 602 -99.94 53.46 44.68
C UNK N 602 -100.43 52.85 43.39
N UNK N 603 -100.69 51.52 43.35
CA UNK N 603 -100.89 51.01 42.02
C UNK N 603 -102.25 50.35 41.67
N UNK N 604 -102.82 50.62 40.40
CA UNK N 604 -103.97 50.00 39.64
C UNK N 604 -104.26 50.37 37.86
N UNK N 605 -104.12 49.65 36.39
CA UNK N 605 -104.40 49.70 34.80
C UNK N 605 -103.49 48.91 33.73
N UNK N 606 -102.71 47.84 34.03
CA UNK N 606 -101.67 47.22 33.17
C UNK N 606 -102.04 46.59 31.84
N UNK N 607 -103.18 45.92 31.71
CA UNK N 607 -103.44 45.21 30.47
C UNK N 607 -103.46 46.17 29.33
N UNK N 608 -103.24 45.60 28.11
CA UNK N 608 -103.28 46.25 26.83
C UNK N 608 -101.88 46.45 26.38
N UNK N 609 -101.68 46.42 25.05
CA UNK N 609 -100.39 46.61 24.46
C UNK N 609 -100.09 48.06 24.54
N UNK N 610 -98.83 48.39 24.88
CA UNK N 610 -98.45 49.77 24.90
C UNK N 610 -98.45 50.26 23.50
N UNK N 611 -97.88 49.44 22.60
CA UNK N 611 -97.73 49.80 21.22
C UNK N 611 -98.71 49.06 20.39
N UNK N 612 -98.65 49.30 19.06
CA UNK N 612 -99.54 48.67 18.14
C UNK N 612 -99.27 47.21 18.15
N UNK N 613 -100.26 46.43 17.68
CA UNK N 613 -100.06 45.02 17.59
C UNK N 613 -99.84 44.69 16.15
N UNK N 614 -98.70 44.01 15.87
CA UNK N 614 -98.30 43.62 14.55
C UNK N 614 -99.18 42.56 13.96
N UNK N 615 -99.53 41.51 14.73
CA UNK N 615 -100.26 40.45 14.09
C UNK N 615 -101.22 39.82 15.05
N UNK N 616 -102.23 39.12 14.50
CA UNK N 616 -103.21 38.42 15.30
C UNK N 616 -103.21 37.01 14.83
N UNK N 617 -103.39 36.04 15.76
CA UNK N 617 -103.38 34.67 15.34
C UNK N 617 -104.38 33.92 16.17
N UNK N 618 -104.89 32.80 15.64
CA UNK N 618 -105.86 32.02 16.36
C UNK N 618 -105.23 30.72 16.74
N UNK N 619 -105.51 30.24 17.98
CA UNK N 619 -104.98 28.99 18.44
C UNK N 619 -105.75 27.92 17.76
N UNK N 620 -105.08 26.85 17.32
CA UNK N 620 -105.82 25.83 16.63
C UNK N 620 -106.78 25.14 17.55
N UNK N 621 -106.26 24.52 18.63
CA UNK N 621 -107.09 23.73 19.49
C UNK N 621 -108.01 24.52 20.38
N UNK N 622 -107.44 25.47 21.15
CA UNK N 622 -108.21 26.12 22.17
C UNK N 622 -108.85 27.34 21.64
N UNK N 623 -109.90 27.81 22.33
CA UNK N 623 -110.46 29.05 21.91
C UNK N 623 -109.65 30.09 22.61
N UNK N 624 -108.55 30.48 21.96
CA UNK N 624 -107.68 31.47 22.50
C UNK N 624 -107.02 32.09 21.31
N UNK N 625 -106.63 33.36 21.44
CA UNK N 625 -106.01 34.02 20.34
C UNK N 625 -104.77 34.66 20.85
N UNK N 626 -103.76 34.83 19.98
CA UNK N 626 -102.53 35.42 20.41
C UNK N 626 -102.37 36.70 19.67
N UNK N 627 -101.70 37.68 20.30
CA UNK N 627 -101.51 38.95 19.67
C UNK N 627 -100.03 39.20 19.63
N UNK N 628 -99.58 39.93 18.58
CA UNK N 628 -98.20 40.27 18.44
C UNK N 628 -98.12 41.75 18.59
N UNK N 629 -97.05 42.23 19.25
CA UNK N 629 -96.89 43.62 19.51
C UNK N 629 -95.55 43.73 20.15
N UNK N 630 -95.38 44.72 21.05
CA UNK N 630 -94.12 44.85 21.71
C UNK N 630 -93.87 43.55 22.39
N UNK N 631 -94.94 42.98 23.00
CA UNK N 631 -94.81 41.70 23.62
C UNK N 631 -95.98 40.89 23.14
N UNK N 632 -95.85 39.55 23.18
CA UNK N 632 -96.98 38.77 22.76
C UNK N 632 -97.92 38.67 23.91
N UNK N 633 -99.23 38.62 23.61
CA UNK N 633 -100.21 38.51 24.65
C UNK N 633 -101.18 37.46 24.22
N UNK N 634 -101.80 36.76 25.19
CA UNK N 634 -102.75 35.75 24.84
C UNK N 634 -104.05 36.17 25.44
N UNK N 635 -105.15 35.96 24.68
CA UNK N 635 -106.43 36.34 25.19
C UNK N 635 -107.41 35.34 24.65
N UNK N 636 -108.60 35.28 25.26
CA UNK N 636 -109.58 34.36 24.78
C UNK N 636 -110.56 35.12 23.96
N UNK N 637 -110.85 34.59 22.76
CA UNK N 637 -111.81 35.16 21.86
C UNK N 637 -113.12 35.08 22.55
N UNK N 638 -113.27 34.01 23.34
CA UNK N 638 -114.47 33.71 24.07
C UNK N 638 -114.78 34.85 24.97
N UNK N 639 -115.85 34.69 25.76
CA UNK N 639 -116.39 35.71 26.61
C UNK N 639 -115.37 36.18 27.58
N UNK N 640 -114.48 35.28 28.06
CA UNK N 640 -113.56 35.70 29.09
C UNK N 640 -112.75 36.85 28.58
N UNK N 641 -112.15 36.71 27.37
CA UNK N 641 -111.39 37.76 26.75
C UNK N 641 -110.48 38.40 27.74
N UNK N 642 -109.65 37.60 28.44
CA UNK N 642 -108.79 38.20 29.41
C UNK N 642 -107.38 37.95 28.98
N UNK N 643 -106.46 38.84 29.40
CA UNK N 643 -105.09 38.61 29.01
C UNK N 643 -104.64 37.47 29.84
N UNK N 644 -104.68 36.25 29.25
CA UNK N 644 -104.31 35.08 29.96
C UNK N 644 -102.87 35.14 30.33
N UNK N 645 -102.00 35.53 29.38
CA UNK N 645 -100.61 35.52 29.71
C UNK N 645 -99.88 36.53 28.89
N UNK N 646 -98.62 36.82 29.31
CA UNK N 646 -97.74 37.75 28.67
C UNK N 646 -96.58 36.97 28.10
N UNK N 647 -96.13 37.37 26.89
CA UNK N 647 -95.08 36.77 26.10
C UNK N 647 -93.70 36.84 26.66
N UNK N 648 -93.32 37.98 27.27
CA UNK N 648 -92.09 38.16 28.00
C UNK N 648 -90.84 38.40 27.24
N UNK N 649 -90.79 37.67 26.08
CA UNK N 649 -89.79 37.16 25.18
C UNK N 649 -88.90 38.07 24.33
N UNK N 650 -89.24 39.34 23.94
CA UNK N 650 -88.37 39.90 22.95
C UNK N 650 -87.73 41.20 23.36
N UNK N 651 -86.43 41.24 23.08
CA UNK N 651 -85.44 42.25 23.35
C UNK N 651 -85.84 43.45 22.66
N UNK N 652 -85.94 43.16 21.37
CA UNK N 652 -86.14 44.13 20.37
C UNK N 652 -87.58 44.38 20.33
N UNK N 653 -88.01 45.08 19.26
CA UNK N 653 -89.37 45.48 19.20
C UNK N 653 -89.82 45.46 17.77
N UNK N 654 -90.53 46.54 17.39
CA UNK N 654 -91.15 46.69 16.11
C UNK N 654 -92.31 45.76 16.11
N UNK N 655 -92.68 45.32 17.33
CA UNK N 655 -93.73 44.35 17.50
C UNK N 655 -93.14 43.06 17.08
N UNK N 656 -93.56 41.93 17.69
CA UNK N 656 -93.07 40.72 17.11
C UNK N 656 -93.72 40.79 15.78
N UNK N 657 -92.91 40.77 14.72
CA UNK N 657 -93.45 41.04 13.43
C UNK N 657 -94.47 40.00 13.14
N UNK N 658 -94.16 38.73 13.44
CA UNK N 658 -95.11 37.72 13.10
C UNK N 658 -95.11 36.68 14.16
N UNK N 659 -96.16 35.84 14.15
CA UNK N 659 -96.25 34.74 15.06
C UNK N 659 -96.81 33.62 14.25
N UNK N 660 -96.42 32.37 14.58
CA UNK N 660 -96.95 31.25 13.87
C UNK N 660 -97.11 30.15 14.85
N UNK N 661 -98.14 29.32 14.68
CA UNK N 661 -98.35 28.26 15.61
C UNK N 661 -98.21 26.98 14.87
N UNK N 662 -97.72 25.94 15.57
CA UNK N 662 -97.59 24.63 15.00
C UNK N 662 -98.97 24.08 14.92
N UNK N 663 -99.17 23.00 14.13
CA UNK N 663 -100.45 22.41 13.97
C UNK N 663 -100.88 21.92 15.32
N UNK N 664 -99.93 21.35 16.09
CA UNK N 664 -100.20 20.83 17.39
C UNK N 664 -100.66 21.97 18.24
N UNK N 665 -100.13 23.17 17.98
CA UNK N 665 -100.42 24.33 18.76
C UNK N 665 -99.68 24.18 20.05
N UNK N 666 -98.78 23.18 20.10
CA UNK N 666 -97.92 22.99 21.23
C UNK N 666 -96.94 24.11 21.29
N UNK N 667 -96.38 24.51 20.13
CA UNK N 667 -95.35 25.50 20.15
C UNK N 667 -95.72 26.66 19.29
N UNK N 668 -95.21 27.85 19.65
CA UNK N 668 -95.46 29.03 18.89
C UNK N 668 -94.13 29.60 18.54
N UNK N 669 -94.03 30.24 17.35
CA UNK N 669 -92.79 30.83 16.97
C UNK N 669 -93.04 32.30 16.80
N UNK N 670 -92.04 33.13 17.12
CA UNK N 670 -92.23 34.55 17.02
C UNK N 670 -91.06 35.14 16.30
N UNK N 671 -91.25 36.34 15.72
CA UNK N 671 -90.20 37.01 15.02
C UNK N 671 -90.10 38.39 15.59
N UNK N 672 -88.93 39.05 15.45
CA UNK N 672 -88.83 40.34 16.05
C UNK N 672 -87.68 41.10 15.44
N UNK N 673 -87.51 42.33 15.95
CA UNK N 673 -86.47 43.26 15.58
C UNK N 673 -85.17 42.64 15.95
N UNK N 674 -85.22 41.77 16.99
CA UNK N 674 -84.05 41.14 17.54
C UNK N 674 -83.37 40.42 16.42
N UNK N 675 -84.15 40.00 15.41
CA UNK N 675 -83.61 39.21 14.34
C UNK N 675 -83.33 37.86 14.89
N UNK N 676 -84.09 37.50 15.93
CA UNK N 676 -84.01 36.21 16.51
C UNK N 676 -85.39 35.64 16.39
N UNK N 677 -85.50 34.31 16.25
CA UNK N 677 -86.81 33.76 16.23
C UNK N 677 -86.95 33.00 17.50
N UNK N 678 -87.80 33.48 18.40
CA UNK N 678 -87.90 32.74 19.60
C UNK N 678 -88.79 31.60 19.31
N UNK N 679 -88.45 30.42 19.86
CA UNK N 679 -89.50 29.46 19.87
C UNK N 679 -90.25 30.21 20.87
N UNK N 680 -91.31 30.90 20.38
CA UNK N 680 -92.05 31.89 21.10
C UNK N 680 -92.40 31.17 22.30
N UNK N 681 -92.74 29.89 22.11
CA UNK N 681 -92.90 29.22 23.33
C UNK N 681 -93.17 27.79 23.13
N UNK N 682 -93.06 27.10 24.28
CA UNK N 682 -93.33 25.72 24.37
C UNK N 682 -92.57 25.27 25.62
N UNK N 683 -94.16 29.56 30.68
CA UNK N 683 -93.90 29.46 29.23
C UNK N 683 -92.66 30.20 28.89
N UNK N 684 -91.54 29.47 28.78
CA UNK N 684 -90.31 30.12 28.47
C UNK N 684 -89.95 29.71 27.09
N UNK N 685 -89.17 30.55 26.40
CA UNK N 685 -88.83 30.23 25.04
C UNK N 685 -88.00 29.00 25.08
N UNK N 686 -88.32 28.03 24.20
CA UNK N 686 -87.58 26.80 24.16
C UNK N 686 -86.19 27.11 23.73
N UNK N 687 -86.04 27.95 22.69
CA UNK N 687 -84.72 28.24 22.22
C UNK N 687 -84.79 29.50 21.41
N UNK N 688 -83.61 30.11 21.18
CA UNK N 688 -83.58 31.30 20.38
C UNK N 688 -82.78 30.96 19.16
N UNK N 689 -83.23 31.42 17.98
CA UNK N 689 -82.51 31.12 16.79
C UNK N 689 -82.00 32.42 16.25
N UNK N 690 -80.72 32.44 15.84
CA UNK N 690 -80.15 33.64 15.33
C UNK N 690 -79.60 33.33 13.99
N UNK N 691 -79.43 34.35 13.15
CA UNK N 691 -78.99 34.10 11.81
C UNK N 691 -79.09 35.39 11.09
N UNK N 692 -80.30 35.70 10.63
CA UNK N 692 -80.57 36.86 9.83
C UNK N 692 -79.95 38.07 10.45
N UNK N 693 -79.32 38.88 9.57
CA UNK N 693 -78.65 40.11 9.88
C UNK N 693 -79.63 41.16 10.29
N UNK N 694 -80.83 41.18 9.66
CA UNK N 694 -81.74 42.27 9.89
C UNK N 694 -83.01 41.78 10.49
N UNK N 695 -83.96 42.73 10.66
CA UNK N 695 -85.22 42.43 11.28
C UNK N 695 -85.89 41.33 10.52
N UNK N 696 -86.58 40.44 11.26
CA UNK N 696 -87.25 39.34 10.62
C UNK N 696 -88.69 39.71 10.48
N UNK N 697 -89.13 39.84 9.22
CA UNK N 697 -90.47 40.21 8.87
C UNK N 697 -91.46 39.13 9.19
N UNK N 698 -91.15 37.85 8.90
CA UNK N 698 -92.17 36.88 9.13
C UNK N 698 -91.57 35.54 9.43
N UNK N 699 -92.35 34.69 10.13
CA UNK N 699 -91.91 33.37 10.47
C UNK N 699 -93.07 32.45 10.33
N UNK N 700 -92.82 31.16 10.07
CA UNK N 700 -93.92 30.26 9.97
C UNK N 700 -93.42 28.89 10.30
N UNK N 701 -94.32 28.06 10.84
CA UNK N 701 -93.94 26.71 11.15
C UNK N 701 -94.47 25.88 10.03
N UNK N 702 -93.66 24.93 9.53
CA UNK N 702 -94.09 24.09 8.45
C UNK N 702 -95.11 23.16 8.99
N UNK N 703 -96.01 22.67 8.11
CA UNK N 703 -97.02 21.76 8.55
C UNK N 703 -96.33 20.56 9.18
N UNK N 704 -88.43 22.69 9.59
CA UNK N 704 -89.18 23.06 10.80
C UNK N 704 -89.82 24.40 10.66
N UNK N 705 -89.00 25.46 10.51
CA UNK N 705 -89.58 26.77 10.44
C UNK N 705 -88.89 27.55 9.36
N UNK N 706 -89.60 28.57 8.81
CA UNK N 706 -89.03 29.39 7.79
C UNK N 706 -89.21 30.81 8.21
N UNK N 707 -88.26 31.68 7.82
CA UNK N 707 -88.37 33.07 8.17
C UNK N 707 -87.90 33.86 7.00
N UNK N 708 -88.28 35.16 6.96
CA UNK N 708 -87.86 36.04 5.91
C UNK N 708 -87.33 37.26 6.58
N UNK N 709 -86.40 37.98 5.92
CA UNK N 709 -85.83 39.11 6.61
C UNK N 709 -85.48 40.19 5.64
N UNK N 710 -85.04 41.32 6.23
CA UNK N 710 -84.55 42.50 5.57
C UNK N 710 -83.35 42.05 4.83
N UNK N 711 -82.75 40.97 5.36
CA UNK N 711 -81.57 40.35 4.84
C UNK N 711 -81.87 40.01 3.42
N UNK N 712 -83.16 39.84 3.09
CA UNK N 712 -83.54 39.47 1.75
C UNK N 712 -83.14 38.06 1.57
N UNK N 713 -83.16 37.31 2.68
CA UNK N 713 -82.86 35.92 2.63
C UNK N 713 -84.00 35.20 3.25
N UNK N 714 -84.18 33.92 2.87
CA UNK N 714 -85.17 33.09 3.47
C UNK N 714 -84.38 32.01 4.13
N UNK N 715 -84.72 31.66 5.38
CA UNK N 715 -83.92 30.67 6.03
C UNK N 715 -84.82 29.63 6.60
N UNK N 716 -84.32 28.39 6.68
CA UNK N 716 -85.07 27.33 7.26
C UNK N 716 -84.35 26.95 8.51
N UNK N 717 -85.09 26.70 9.61
CA UNK N 717 -84.44 26.38 10.83
C UNK N 717 -84.98 25.08 11.33
N UNK N 718 -84.14 24.34 12.08
CA UNK N 718 -84.59 23.09 12.62
C UNK N 718 -85.19 23.42 13.94
N UNK N 719 -80.24 24.96 8.25
CA UNK N 719 -80.23 24.12 7.09
C UNK N 719 -80.29 24.84 5.77
N UNK N 720 -81.22 25.80 5.59
CA UNK N 720 -81.34 26.28 4.25
C UNK N 720 -81.34 27.76 4.20
N UNK N 721 -80.92 28.28 3.03
CA UNK N 721 -80.96 29.69 2.76
C UNK N 721 -81.48 29.81 1.37
N UNK N 722 -82.30 30.83 1.09
CA UNK N 722 -82.79 30.92 -0.25
C UNK N 722 -82.33 32.21 -0.83
N UNK N 723 -81.60 32.13 -1.96
CA UNK N 723 -81.19 33.31 -2.64
C UNK N 723 -82.42 33.79 -3.31
N UNK N 724 -82.53 35.10 -3.55
CA UNK N 724 -83.77 35.54 -4.11
C UNK N 724 -83.64 36.96 -4.52
N UNK N 725 -84.78 37.68 -4.48
CA UNK N 725 -84.88 39.04 -4.89
C UNK N 725 -83.92 39.87 -4.12
N UNK N 726 -83.53 41.00 -4.75
CA UNK N 726 -82.60 41.95 -4.19
C UNK N 726 -83.20 42.60 -2.98
N UNK N 727 -84.50 42.93 -3.05
CA UNK N 727 -85.17 43.64 -2.00
C UNK N 727 -85.42 42.76 -0.82
N UNK N 728 -85.81 43.39 0.31
CA UNK N 728 -86.08 42.68 1.54
C UNK N 728 -87.30 41.86 1.33
N UNK N 729 -87.45 40.77 2.11
CA UNK N 729 -88.58 39.91 1.95
C UNK N 729 -89.54 40.12 3.07
N UNK N 730 -90.78 40.51 2.73
CA UNK N 730 -91.84 40.80 3.65
C UNK N 730 -92.36 39.58 4.34
N UNK N 731 -92.61 38.46 3.61
CA UNK N 731 -93.22 37.36 4.30
C UNK N 731 -92.95 36.08 3.58
N UNK N 732 -93.12 34.96 4.30
CA UNK N 732 -92.94 33.66 3.70
C UNK N 732 -94.09 32.82 4.14
N UNK N 733 -94.61 31.98 3.22
CA UNK N 733 -95.71 31.14 3.60
C UNK N 733 -95.48 29.80 2.98
N UNK N 734 -95.79 28.73 3.74
CA UNK N 734 -95.64 27.40 3.23
C UNK N 734 -96.92 27.04 2.54
N UNK N 735 -96.83 26.03 1.64
CA UNK N 735 -98.00 25.53 0.98
C UNK N 735 -98.62 24.55 1.92
N UNK N 736 -99.91 24.24 1.71
CA UNK N 736 -100.58 23.30 2.56
C UNK N 736 -99.84 22.01 2.42
N UNK N 737 -99.43 21.71 1.18
CA UNK N 737 -98.68 20.52 0.87
C UNK N 737 -97.40 20.65 1.61
N UNK N 738 -96.95 21.91 1.78
CA UNK N 738 -95.68 22.21 2.37
C UNK N 738 -94.67 21.90 1.34
N UNK N 739 -95.16 21.61 0.12
CA UNK N 739 -94.33 21.33 -1.00
C UNK N 739 -93.56 22.56 -1.39
N UNK N 740 -94.23 23.73 -1.39
CA UNK N 740 -93.55 24.91 -1.89
C UNK N 740 -93.75 26.05 -0.94
N UNK N 741 -92.91 27.10 -1.11
CA UNK N 741 -93.00 28.25 -0.27
C UNK N 741 -93.20 29.47 -1.11
N UNK N 742 -93.92 30.47 -0.58
CA UNK N 742 -94.15 31.68 -1.30
C UNK N 742 -93.50 32.77 -0.51
N UNK N 743 -92.80 33.69 -1.20
CA UNK N 743 -92.16 34.76 -0.52
C UNK N 743 -92.66 36.03 -1.13
N UNK N 744 -92.68 37.11 -0.33
CA UNK N 744 -93.10 38.37 -0.82
C UNK N 744 -92.00 39.32 -0.53
N UNK N 745 -91.78 40.29 -1.43
CA UNK N 745 -90.70 41.21 -1.21
C UNK N 745 -91.06 42.45 -1.96
N UNK N 746 -90.19 43.47 -1.86
CA UNK N 746 -90.48 44.67 -2.58
C UNK N 746 -90.49 44.33 -4.03
N UNK N 747 -89.51 43.53 -4.48
CA UNK N 747 -89.37 43.24 -5.88
C UNK N 747 -90.53 42.45 -6.42
N UNK N 748 -90.95 41.36 -5.76
CA UNK N 748 -91.99 40.58 -6.35
C UNK N 748 -92.34 39.47 -5.41
N UNK N 749 -93.30 38.62 -5.82
CA UNK N 749 -93.67 37.49 -5.02
C UNK N 749 -93.15 36.29 -5.74
N UNK N 750 -92.43 35.41 -5.03
CA UNK N 750 -91.88 34.28 -5.70
C UNK N 750 -92.30 33.03 -4.99
N UNK N 751 -92.46 31.94 -5.76
CA UNK N 751 -92.79 30.68 -5.19
C UNK N 751 -91.57 29.82 -5.37
N UNK N 752 -91.21 29.05 -4.33
CA UNK N 752 -90.02 28.26 -4.45
C UNK N 752 -90.33 26.87 -4.01
N UNK N 753 -89.61 25.89 -4.58
CA UNK N 753 -89.77 24.52 -4.21
C UNK N 753 -89.05 24.33 -2.92
N UNK N 754 -89.39 23.25 -2.20
CA UNK N 754 -88.77 22.98 -0.93
C UNK N 754 -87.28 22.77 -1.17
N UNK N 755 -87.28 28.00 -8.50
CA UNK N 755 -87.88 29.12 -9.24
C UNK N 755 -88.90 28.62 -10.22
N UNK N 756 -90.00 28.06 -9.70
CA UNK N 756 -91.03 27.55 -10.57
C UNK N 756 -91.58 28.70 -11.35
N UNK N 757 -91.85 29.83 -10.66
CA UNK N 757 -92.38 30.96 -11.35
C UNK N 757 -92.44 32.09 -10.37
N UNK N 758 -92.65 33.32 -10.87
CA UNK N 758 -92.74 34.45 -9.98
C UNK N 758 -93.72 35.41 -10.58
N UNK N 759 -94.36 36.24 -9.73
CA UNK N 759 -95.34 37.14 -10.26
C UNK N 759 -94.68 38.40 -10.69
N UNK N 760 -94.61 38.56 -12.02
CA UNK N 760 -94.11 39.70 -12.73
C UNK N 760 -95.05 40.85 -12.55
N UNK N 761 -96.34 40.52 -12.36
CA UNK N 761 -97.40 41.48 -12.42
C UNK N 761 -97.15 42.64 -11.51
N UNK N 762 -96.61 42.44 -10.30
CA UNK N 762 -96.39 43.58 -9.45
C UNK N 762 -95.44 44.47 -10.17
N UNK N 763 -94.38 43.87 -10.74
CA UNK N 763 -93.44 44.58 -11.56
C UNK N 763 -92.71 45.62 -10.78
N UNK N 764 -91.49 45.93 -11.26
CA UNK N 764 -90.64 46.95 -10.73
C UNK N 764 -91.33 48.25 -10.99
N UNK N 765 -92.00 48.35 -12.14
CA UNK N 765 -92.69 49.55 -12.52
C UNK N 765 -93.64 49.88 -11.43
N UNK N 766 -94.12 51.14 -11.41
CA UNK N 766 -94.95 51.63 -10.35
C UNK N 766 -96.05 50.65 -10.10
N UNK N 767 -95.85 49.92 -9.00
CA UNK N 767 -96.67 48.90 -8.45
C UNK N 767 -95.67 48.08 -7.72
N UNK N 768 -95.90 47.79 -6.44
CA UNK N 768 -94.83 47.11 -5.78
C UNK N 768 -95.16 47.03 -4.33
N UNK N 769 -94.11 46.79 -3.51
CA UNK N 769 -94.26 46.68 -2.10
C UNK N 769 -95.36 45.72 -1.78
N UNK N 770 -95.14 44.43 -2.10
CA UNK N 770 -96.17 43.47 -1.80
C UNK N 770 -96.01 43.03 -0.38
N UNK N 771 -96.95 43.49 0.46
CA UNK N 771 -97.04 43.26 1.87
C UNK N 771 -97.42 41.84 2.24
N UNK N 772 -98.38 41.22 1.53
CA UNK N 772 -98.82 39.97 2.08
C UNK N 772 -99.06 38.95 1.03
N UNK N 773 -99.13 37.69 1.48
CA UNK N 773 -99.43 36.60 0.60
C UNK N 773 -100.19 35.61 1.40
N UNK N 774 -101.16 34.95 0.75
CA UNK N 774 -101.91 33.95 1.44
C UNK N 774 -102.05 32.86 0.47
N UNK N 775 -102.14 31.63 0.98
CA UNK N 775 -102.28 30.52 0.11
C UNK N 775 -103.71 30.19 0.14
N UNK N 776 -104.21 29.81 -1.03
CA UNK N 776 -105.59 29.49 -1.13
C UNK N 776 -105.81 28.14 -0.50
N UNK N 777 -107.11 27.86 -0.27
CA UNK N 777 -107.65 26.61 0.17
C UNK N 777 -107.50 25.78 -1.05
N UNK N 778 -108.54 25.57 -1.89
CA UNK N 778 -108.23 25.01 -3.20
C UNK N 778 -107.24 26.08 -3.83
N UNK N 779 -106.18 25.77 -4.83
CA UNK N 779 -104.85 26.29 -5.43
C UNK N 779 -104.67 27.65 -6.10
N UNK N 780 -103.76 28.43 -5.46
CA UNK N 780 -103.43 29.75 -5.90
C UNK N 780 -102.83 30.45 -4.72
N UNK N 781 -102.41 31.71 -4.92
CA UNK N 781 -101.85 32.50 -3.87
C UNK N 781 -102.43 33.87 -4.04
N UNK N 782 -102.51 34.64 -2.94
CA UNK N 782 -103.05 35.96 -3.07
C UNK N 782 -102.08 36.88 -2.42
N UNK N 783 -101.93 38.09 -3.01
CA UNK N 783 -101.01 39.02 -2.45
C UNK N 783 -101.66 40.37 -2.49
N UNK N 784 -101.17 41.28 -1.63
CA UNK N 784 -101.66 42.63 -1.60
C UNK N 784 -100.46 43.49 -1.41
N UNK N 785 -100.48 44.74 -1.95
CA UNK N 785 -99.32 45.56 -1.80
C UNK N 785 -99.67 46.83 -1.10
N UNK N 786 -98.79 47.26 -0.18
CA UNK N 786 -98.92 48.50 0.54
C UNK N 786 -98.73 49.63 -0.42
N UNK N 787 -97.84 49.41 -1.40
CA UNK N 787 -97.38 50.38 -2.34
C UNK N 787 -98.51 50.96 -3.12
N UNK N 788 -98.15 51.69 -4.18
CA UNK N 788 -99.07 52.44 -4.97
C UNK N 788 -100.13 51.53 -5.48
N UNK N 789 -99.79 50.28 -5.84
CA UNK N 789 -100.81 49.42 -6.35
C UNK N 789 -101.88 49.28 -5.31
N UNK N 790 -101.48 48.96 -4.06
CA UNK N 790 -102.40 48.85 -2.96
C UNK N 790 -103.57 48.03 -3.39
N UNK N 791 -103.34 46.88 -4.05
CA UNK N 791 -104.50 46.16 -4.45
C UNK N 791 -104.25 44.72 -4.19
N UNK N 792 -105.34 43.93 -4.08
CA UNK N 792 -105.20 42.53 -3.92
C UNK N 792 -104.93 42.00 -5.27
N UNK N 793 -104.14 40.92 -5.34
CA UNK N 793 -103.88 40.32 -6.61
C UNK N 793 -104.19 38.88 -6.42
N UNK N 794 -104.85 38.27 -7.43
CA UNK N 794 -105.16 36.88 -7.30
C UNK N 794 -104.56 36.21 -8.48
N UNK N 795 -103.96 35.02 -8.25
CA UNK N 795 -103.37 34.34 -9.37
C UNK N 795 -103.14 32.92 -8.96
N UNK N 796 -102.95 32.05 -9.97
CA UNK N 796 -102.65 30.68 -9.70
C UNK N 796 -101.19 30.52 -9.98
N UNK N 797 -100.48 29.79 -9.10
CA UNK N 797 -99.07 29.67 -9.28
C UNK N 797 -98.78 28.94 -10.54
N UNK N 798 -99.52 27.85 -10.83
CA UNK N 798 -99.19 27.10 -12.00
C UNK N 798 -99.39 27.95 -13.20
N UNK N 799 -100.54 28.64 -13.29
CA UNK N 799 -100.85 29.45 -14.43
C UNK N 799 -99.90 30.60 -14.50
N UNK N 800 -99.56 31.21 -13.35
CA UNK N 800 -98.71 32.37 -13.35
C UNK N 800 -99.45 33.50 -14.00
N UNK N 801 -100.79 33.44 -13.97
CA UNK N 801 -101.57 34.50 -14.53
C UNK N 801 -102.39 35.07 -13.40
N UNK N 802 -102.68 36.39 -13.47
CA UNK N 802 -103.45 36.99 -12.41
C UNK N 802 -104.89 36.90 -12.80
N UNK N 803 -105.70 36.24 -11.96
CA UNK N 803 -107.08 36.09 -12.28
C UNK N 803 -107.75 37.42 -12.31
N UNK N 804 -107.50 38.27 -11.29
CA UNK N 804 -108.15 39.56 -11.31
C UNK N 804 -107.56 40.38 -10.22
N UNK N 805 -107.77 41.71 -10.30
CA UNK N 805 -107.26 42.58 -9.29
C UNK N 805 -108.42 43.26 -8.65
N UNK N 806 -108.39 43.41 -7.31
CA UNK N 806 -109.49 44.07 -6.64
C UNK N 806 -108.99 45.39 -6.11
N UNK N 807 -109.79 46.47 -6.28
CA UNK N 807 -109.36 47.78 -5.84
C UNK N 807 -109.45 47.94 -4.31
N UNK N 808 -108.53 48.75 -3.65
CA UNK N 808 -108.36 48.99 -2.19
C UNK N 808 -107.76 50.48 -1.77
N UNK N 809 -107.11 50.81 -0.47
CA UNK N 809 -106.38 51.91 0.36
C UNK N 809 -104.91 51.52 0.36
N UNK N 810 -104.36 50.77 1.35
CA UNK N 810 -103.09 50.09 1.26
C UNK N 810 -103.39 48.82 2.00
N UNK N 811 -103.07 47.63 1.42
CA UNK N 811 -103.53 46.43 2.06
C UNK N 811 -102.45 45.83 2.91
N UNK N 812 -102.74 45.81 4.23
CA UNK N 812 -101.92 45.22 5.24
C UNK N 812 -101.93 43.72 5.19
N UNK N 813 -103.11 43.10 5.03
CA UNK N 813 -103.13 41.67 5.10
C UNK N 813 -104.24 41.12 4.25
N UNK N 814 -104.02 39.91 3.72
CA UNK N 814 -105.02 39.30 2.90
C UNK N 814 -105.26 37.95 3.47
N UNK N 815 -106.53 37.48 3.38
CA UNK N 815 -106.83 36.18 3.89
C UNK N 815 -107.93 35.63 3.08
N UNK N 816 -108.07 34.29 3.08
CA UNK N 816 -109.14 33.69 2.34
C UNK N 816 -110.03 33.08 3.36
N UNK N 817 -111.36 33.10 3.11
CA UNK N 817 -112.21 32.51 4.09
C UNK N 817 -111.87 31.06 4.09
N UNK N 818 -111.53 30.53 5.29
CA UNK N 818 -111.16 29.15 5.39
C UNK N 818 -112.34 28.30 5.09
N UNK N 819 -113.48 28.68 5.68
CA UNK N 819 -114.66 27.89 5.59
C UNK N 819 -114.38 26.63 6.32
N UNK N 820 -115.32 26.22 7.18
CA UNK N 820 -115.14 25.02 7.95
C UNK N 820 -115.51 23.88 7.06
N UNK N 821 -115.22 22.65 7.52
CA UNK N 821 -115.53 21.44 6.80
C UNK N 821 -115.14 21.60 5.37
N UNK N 822 -113.83 21.49 5.10
CA UNK N 822 -113.30 21.66 3.78
C UNK N 822 -113.23 23.13 3.64
N UNK N 823 -112.41 23.62 2.69
CA UNK N 823 -112.34 25.04 2.65
C UNK N 823 -113.00 25.50 1.41
N UNK N 824 -113.69 26.64 1.52
CA UNK N 824 -114.34 27.23 0.40
C UNK N 824 -114.14 28.69 0.57
N UNK N 825 -113.83 29.42 -0.52
CA UNK N 825 -113.73 30.82 -0.28
C UNK N 825 -114.74 31.52 -1.12
N UNK N 826 -115.88 31.88 -0.50
CA UNK N 826 -116.90 32.63 -1.18
C UNK N 826 -116.36 34.01 -1.41
N UNK N 827 -115.71 34.56 -0.38
CA UNK N 827 -115.20 35.90 -0.44
C UNK N 827 -113.89 35.91 0.27
N UNK N 828 -113.12 37.00 0.08
CA UNK N 828 -111.84 37.10 0.71
C UNK N 828 -111.92 38.18 1.73
N UNK N 829 -111.14 38.02 2.82
CA UNK N 829 -111.14 39.02 3.85
C UNK N 829 -109.83 39.72 3.79
N UNK N 830 -109.86 41.05 3.94
CA UNK N 830 -108.62 41.76 3.90
C UNK N 830 -108.74 42.90 4.85
N UNK N 831 -107.57 43.33 5.37
CA UNK N 831 -107.52 44.43 6.27
C UNK N 831 -106.61 45.41 5.62
N UNK N 832 -106.83 46.72 5.87
CA UNK N 832 -106.00 47.67 5.20
C UNK N 832 -105.50 48.66 6.18
N UNK N 833 -104.38 49.31 5.82
CA UNK N 833 -103.80 50.34 6.61
C UNK N 833 -104.48 51.61 6.26
N UNK N 834 -104.34 52.60 7.15
CA UNK N 834 -104.91 53.88 6.88
C UNK N 834 -103.85 54.87 7.17
N UNK N 835 -103.77 55.89 6.30
CA UNK N 835 -102.84 56.98 6.38
C UNK N 835 -103.53 58.04 7.16
N UNK N 836 -102.98 59.27 7.14
CA UNK N 836 -103.56 60.32 7.92
C UNK N 836 -104.99 60.46 7.48
N UNK N 837 -105.25 60.53 6.16
CA UNK N 837 -106.64 60.58 5.81
C UNK N 837 -107.17 59.26 6.21
N UNK N 838 -108.35 59.19 6.86
CA UNK N 838 -108.72 57.89 7.28
C UNK N 838 -109.77 57.35 6.38
N UNK N 839 -109.41 57.04 5.12
CA UNK N 839 -110.37 56.40 4.28
C UNK N 839 -110.50 54.94 4.64
N UNK N 840 -109.36 54.19 4.63
CA UNK N 840 -109.58 52.79 4.79
C UNK N 840 -108.94 52.23 6.00
N UNK N 841 -109.71 52.34 7.10
CA UNK N 841 -109.57 51.78 8.40
C UNK N 841 -110.06 50.36 8.39
N UNK N 842 -110.96 50.04 7.44
CA UNK N 842 -111.77 48.86 7.48
C UNK N 842 -111.13 47.56 7.10
N UNK N 843 -111.83 46.50 7.51
CA UNK N 843 -111.55 45.16 7.12
C UNK N 843 -112.63 44.90 6.13
N UNK N 844 -112.29 44.44 4.92
CA UNK N 844 -113.34 44.30 3.97
C UNK N 844 -113.36 42.91 3.47
N UNK N 845 -114.58 42.43 3.18
CA UNK N 845 -114.72 41.13 2.62
C UNK N 845 -115.08 41.38 1.20
N UNK N 846 -114.37 40.72 0.26
CA UNK N 846 -114.70 40.99 -1.09
C UNK N 846 -115.30 39.76 -1.65
N UNK N 847 -116.49 39.90 -2.28
CA UNK N 847 -117.05 38.75 -2.89
C UNK N 847 -116.14 38.44 -4.01
N UNK N 848 -115.69 37.19 -4.10
CA UNK N 848 -114.77 36.85 -5.14
C UNK N 848 -115.58 36.77 -6.43
N UNK N 849 -117.03 43.82 -6.43
CA UNK N 849 -116.49 44.86 -5.51
C UNK N 849 -116.58 44.37 -4.11
N UNK N 850 -116.00 45.12 -3.16
CA UNK N 850 -116.10 44.64 -1.82
C UNK N 850 -117.56 44.63 -1.47
N UNK N 851 -118.02 43.50 -0.90
CA UNK N 851 -119.41 43.40 -0.56
C UNK N 851 -119.73 44.38 0.51
N UNK N 852 -118.88 44.43 1.56
CA UNK N 852 -119.19 45.35 2.62
C UNK N 852 -117.93 45.67 3.34
N UNK N 853 -117.93 46.81 4.06
CA UNK N 853 -116.78 47.18 4.81
C UNK N 853 -117.25 47.58 6.16
N UNK N 854 -109.90 54.52 14.58
CA UNK N 854 -109.13 55.31 13.67
C UNK N 854 -107.73 54.83 13.84
N UNK N 855 -107.13 54.32 12.75
CA UNK N 855 -105.79 53.82 12.80
C UNK N 855 -105.67 52.82 11.71
N UNK N 856 -104.46 52.34 11.48
CA UNK N 856 -104.30 51.31 10.51
C UNK N 856 -104.60 50.02 11.20
N UNK N 857 -105.14 49.04 10.44
CA UNK N 857 -105.33 47.75 11.04
C UNK N 857 -104.21 46.93 10.50
N UNK N 858 -103.26 46.57 11.38
CA UNK N 858 -102.08 45.88 10.94
C UNK N 858 -102.40 44.52 10.41
N UNK N 859 -103.24 43.75 11.14
CA UNK N 859 -103.43 42.40 10.70
C UNK N 859 -104.83 41.98 11.01
N UNK N 860 -105.18 40.75 10.56
CA UNK N 860 -106.48 40.21 10.81
C UNK N 860 -106.33 38.72 10.85
N UNK N 861 -107.36 38.03 11.37
CA UNK N 861 -107.30 36.59 11.40
C UNK N 861 -108.70 36.07 11.30
N UNK N 862 -108.87 34.95 10.57
CA UNK N 862 -110.17 34.36 10.42
C UNK N 862 -110.04 32.96 10.94
N UNK N 863 -111.14 32.40 11.47
CA UNK N 863 -111.05 31.07 12.01
C UNK N 863 -111.79 30.14 11.11
N UNK N 864 -111.16 29.00 10.78
CA UNK N 864 -111.82 28.04 9.94
C UNK N 864 -112.97 27.43 10.66
N UNK N 865 -112.73 27.01 11.91
CA UNK N 865 -113.72 26.33 12.69
C UNK N 865 -114.85 27.23 13.07
N UNK N 866 -114.54 28.44 13.55
CA UNK N 866 -115.59 29.28 14.07
C UNK N 866 -115.62 30.54 13.30
N UNK N 867 -116.81 31.19 13.28
CA UNK N 867 -116.89 32.43 12.58
C UNK N 867 -116.57 33.49 13.57
N UNK N 868 -115.37 34.08 13.42
CA UNK N 868 -114.93 35.15 14.26
C UNK N 868 -113.76 35.71 13.56
N UNK N 869 -113.44 36.99 13.81
CA UNK N 869 -112.29 37.55 13.16
C UNK N 869 -111.62 38.41 14.17
N UNK N 870 -110.29 38.55 14.07
CA UNK N 870 -109.60 39.37 15.02
C UNK N 870 -108.92 40.45 14.24
N UNK N 871 -108.79 41.64 14.84
CA UNK N 871 -108.16 42.74 14.16
C UNK N 871 -107.19 43.36 15.12
N UNK N 872 -106.05 43.84 14.57
CA UNK N 872 -105.05 44.47 15.37
C UNK N 872 -104.77 45.80 14.73
N UNK N 873 -104.33 46.81 15.52
CA UNK N 873 -104.10 48.09 14.92
C UNK N 873 -102.70 48.55 15.17
N UNK N 874 -102.06 49.04 14.08
CA UNK N 874 -100.72 49.54 13.93
C UNK N 874 -100.48 50.88 14.58
N UNK N 875 -101.47 51.78 14.59
CA UNK N 875 -101.07 53.04 15.11
C UNK N 875 -100.78 52.94 16.58
N UNK N 876 -99.57 53.38 16.97
CA UNK N 876 -99.20 53.44 18.35
C UNK N 876 -99.64 54.77 18.82
N UNK N 877 -99.87 54.94 20.14
CA UNK N 877 -100.37 56.19 20.62
C UNK N 877 -101.62 56.44 19.88
N UNK N 878 -102.33 55.33 19.60
CA UNK N 878 -103.54 55.31 18.85
C UNK N 878 -104.23 54.09 19.32
N UNK N 879 -105.08 53.48 18.47
CA UNK N 879 -105.74 52.32 18.99
C UNK N 879 -104.86 51.12 18.79
N UNK N 880 -104.32 50.60 19.90
CA UNK N 880 -103.63 49.34 19.81
C UNK N 880 -104.59 48.44 20.51
N UNK N 881 -105.39 47.70 19.72
CA UNK N 881 -106.39 46.91 20.36
C UNK N 881 -106.70 45.75 19.50
N UNK N 882 -107.24 44.69 20.13
CA UNK N 882 -107.62 43.54 19.36
C UNK N 882 -109.11 43.57 19.32
N UNK N 883 -109.68 43.46 18.11
CA UNK N 883 -111.10 43.43 18.00
C UNK N 883 -111.45 42.11 17.41
N UNK N 884 -112.43 41.41 18.01
CA UNK N 884 -112.80 40.15 17.45
C UNK N 884 -114.27 40.18 17.21
N UNK N 885 -114.73 40.07 15.95
CA UNK N 885 -116.16 40.21 15.85
C UNK N 885 -116.70 39.37 14.76
N UNK N 886 -117.95 38.84 14.95
CA UNK N 886 -118.45 38.19 13.78
C UNK N 886 -118.76 39.24 12.75
N UNK N 887 -119.92 39.95 12.88
CA UNK N 887 -120.21 41.11 12.08
C UNK N 887 -119.99 42.43 12.77
N UNK N 888 -120.82 42.62 13.82
CA UNK N 888 -120.98 43.85 14.54
C UNK N 888 -119.83 43.93 15.48
N UNK N 889 -119.62 45.10 16.10
CA UNK N 889 -118.52 45.22 16.99
C UNK N 889 -118.67 44.18 18.04
N UNK N 890 -117.60 43.40 18.25
CA UNK N 890 -117.64 42.34 19.20
C UNK N 890 -116.26 42.15 19.69
N UNK N 891 -116.13 41.45 20.82
CA UNK N 891 -114.86 41.13 21.43
C UNK N 891 -114.58 42.18 22.44
N UNK N 892 -113.45 42.03 23.15
CA UNK N 892 -113.18 42.94 24.22
C UNK N 892 -111.99 43.79 23.90
N UNK N 893 -111.93 44.96 24.55
CA UNK N 893 -110.83 45.87 24.40
C UNK N 893 -110.16 45.96 25.74
N UNK N 894 -108.85 46.24 25.75
CA UNK N 894 -108.19 46.27 27.02
C UNK N 894 -107.97 47.69 27.44
N UNK N 895 -108.20 47.99 28.73
CA UNK N 895 -107.96 49.35 29.15
C UNK N 895 -106.48 49.51 29.37
N UNK N 896 -105.79 50.65 29.19
CA UNK N 896 -104.35 50.62 29.46
C UNK N 896 -103.96 51.28 30.76
N UNK N 897 -102.69 51.69 30.96
CA UNK N 897 -102.10 51.84 32.31
C UNK N 897 -101.06 53.03 32.69
N UNK N 898 -99.92 52.85 33.69
CA UNK N 898 -98.74 53.62 34.28
C UNK N 898 -99.37 54.92 34.59
N UNK N 899 -98.67 56.04 34.88
CA UNK N 899 -99.61 57.11 35.08
C UNK N 899 -99.29 58.30 34.21
N UNK N 900 -100.31 58.75 33.44
CA UNK N 900 -100.20 59.95 32.67
C UNK N 900 -100.19 61.13 33.59
N UNK N 901 -101.13 61.15 34.57
CA UNK N 901 -101.24 62.26 35.47
C UNK N 901 -101.98 61.77 36.68
N UNK N 902 -101.93 62.53 37.79
CA UNK N 902 -102.64 62.06 38.94
C UNK N 902 -103.10 63.23 39.73
N UNK N 903 -104.16 63.03 40.53
CA UNK N 903 -104.64 64.06 41.40
C UNK N 903 -105.05 63.39 42.67
N UNK N 904 -104.69 63.97 43.82
CA UNK N 904 -105.04 63.38 45.07
C UNK N 904 -106.42 63.85 45.44
N UNK N 905 -107.11 63.07 46.30
CA UNK N 905 -108.41 63.50 46.74
C UNK N 905 -108.18 64.64 47.66
N UNK N 906 -109.06 65.65 47.63
CA UNK N 906 -108.81 66.76 48.50
C UNK N 906 -108.93 66.29 49.91
N UNK N 907 -110.04 65.62 50.23
CA UNK N 907 -110.29 65.15 51.57
C UNK N 907 -109.36 64.05 51.95
N UNK N 908 -109.12 63.11 51.02
CA UNK N 908 -108.38 61.94 51.41
C UNK N 908 -107.08 61.87 50.68
N UNK N 909 -106.13 61.13 51.29
CA UNK N 909 -104.80 60.91 50.82
C UNK N 909 -104.84 60.14 49.54
N UNK N 910 -105.82 59.23 49.39
CA UNK N 910 -105.93 58.32 48.28
C UNK N 910 -105.70 59.05 47.00
N UNK N 911 -105.12 58.34 46.01
CA UNK N 911 -104.77 59.00 44.80
C UNK N 911 -105.55 58.45 43.67
N UNK N 912 -105.84 59.33 42.71
CA UNK N 912 -106.52 58.95 41.52
C UNK N 912 -105.54 59.26 40.43
N UNK N 913 -105.39 58.34 39.46
CA UNK N 913 -104.45 58.65 38.43
C UNK N 913 -105.03 58.20 37.15
N UNK N 914 -104.72 58.94 36.06
CA UNK N 914 -105.15 58.59 34.75
C UNK N 914 -104.11 57.70 34.17
N UNK N 915 -104.48 56.93 33.13
CA UNK N 915 -103.58 55.99 32.54
C UNK N 915 -103.55 56.25 31.07
N UNK N 916 -102.52 55.71 30.39
CA UNK N 916 -102.40 55.79 28.96
C UNK N 916 -103.64 55.12 28.52
N UNK N 917 -103.96 54.02 29.18
CA UNK N 917 -105.27 53.46 29.29
C UNK N 917 -106.33 54.39 29.04
N UNK N 918 -107.38 53.76 28.61
CA UNK N 918 -108.64 54.39 28.65
C UNK N 918 -108.98 54.55 30.10
N UNK N 919 -108.65 53.55 30.92
CA UNK N 919 -108.96 53.57 32.32
C UNK N 919 -108.11 54.54 33.10
N UNK N 920 -108.70 54.99 34.22
CA UNK N 920 -108.10 55.81 35.23
C UNK N 920 -108.43 55.04 36.46
N UNK N 921 -107.67 55.18 37.55
CA UNK N 921 -108.05 54.33 38.64
C UNK N 921 -107.91 55.07 39.92
N UNK N 922 -108.61 54.54 40.93
CA UNK N 922 -108.53 55.08 42.24
C UNK N 922 -107.71 54.11 42.98
N UNK N 923 -106.75 54.61 43.78
CA UNK N 923 -105.98 53.69 44.54
C UNK N 923 -105.85 54.26 45.89
N UNK N 924 -105.67 53.36 46.87
CA UNK N 924 -105.52 53.82 48.21
C UNK N 924 -104.18 53.38 48.65
N UNK N 925 -103.51 54.24 49.42
CA UNK N 925 -102.22 53.93 49.95
C UNK N 925 -102.43 53.76 51.42
N UNK N 926 -101.67 52.83 52.04
CA UNK N 926 -101.86 52.57 53.43
C UNK N 926 -101.54 53.82 54.19
N UNK N 927 -102.26 54.04 55.31
CA UNK N 927 -102.08 55.21 56.10
C UNK N 927 -100.69 55.26 56.62
N UNK N 928 -100.18 54.12 57.12
CA UNK N 928 -98.85 54.15 57.63
C UNK N 928 -97.93 53.95 56.48
N UNK N 929 -97.32 55.05 56.03
CA UNK N 929 -96.41 55.03 54.93
C UNK N 929 -95.18 54.26 55.33
N UNK N 930 -94.73 54.46 56.58
CA UNK N 930 -93.51 53.90 57.07
C UNK N 930 -93.60 52.42 56.98
N UNK N 931 -94.77 51.90 57.36
CA UNK N 931 -94.94 50.48 57.32
C UNK N 931 -94.76 50.11 55.88
N UNK N 932 -94.41 48.84 55.57
CA UNK N 932 -94.27 48.44 54.22
C UNK N 932 -95.58 48.77 53.60
N UNK N 933 -95.51 49.54 52.50
CA UNK N 933 -96.73 50.02 51.96
C UNK N 933 -97.45 48.93 51.30
N UNK N 934 -98.71 49.19 50.94
CA UNK N 934 -99.41 48.25 50.12
C UNK N 934 -100.22 49.17 49.27
N UNK N 935 -100.43 48.86 47.98
CA UNK N 935 -101.21 49.79 47.23
C UNK N 935 -102.31 49.06 46.59
N UNK N 936 -103.56 49.49 46.85
CA UNK N 936 -104.65 48.73 46.34
C UNK N 936 -105.43 49.57 45.41
N UNK N 937 -105.97 48.91 44.38
CA UNK N 937 -106.76 49.60 43.42
C UNK N 937 -108.14 49.62 43.95
N UNK N 938 -108.65 50.83 44.28
CA UNK N 938 -109.99 50.90 44.76
C UNK N 938 -110.88 50.52 43.63
N UNK N 939 -110.65 51.09 42.44
CA UNK N 939 -111.52 50.75 41.35
C UNK N 939 -110.92 51.32 40.11
N UNK N 940 -111.36 50.78 38.96
CA UNK N 940 -110.86 51.29 37.73
C UNK N 940 -112.00 51.95 37.04
N UNK N 941 -111.74 53.16 36.50
CA UNK N 941 -112.74 53.84 35.74
C UNK N 941 -112.28 53.71 34.35
N UNK N 942 -113.14 53.20 33.47
CA UNK N 942 -112.69 52.99 32.14
C UNK N 942 -113.58 53.78 31.24
N UNK N 943 -113.01 54.21 30.12
CA UNK N 943 -113.74 54.95 29.16
C UNK N 943 -113.36 54.39 27.84
N UNK N 944 -114.15 54.68 26.80
CA UNK N 944 -113.84 54.21 25.50
C UNK N 944 -112.56 54.82 25.05
N UNK N 945 -112.40 56.14 25.27
CA UNK N 945 -111.28 56.87 24.76
C UNK N 945 -109.99 56.27 25.23
N UNK N 946 -108.96 56.40 24.39
CA UNK N 946 -107.69 55.79 24.61
C UNK N 946 -107.02 56.28 25.84
N UNK N 947 -106.92 57.60 26.04
CA UNK N 947 -106.12 58.03 27.16
C UNK N 947 -106.87 59.01 27.98
N UNK N 948 -106.50 59.10 29.27
CA UNK N 948 -107.17 60.05 30.12
C UNK N 948 -106.29 61.26 30.24
N UNK N 949 -106.73 62.37 29.63
CA UNK N 949 -106.02 63.61 29.66
C UNK N 949 -106.01 64.20 31.03
N UNK N 950 -107.18 64.23 31.71
CA UNK N 950 -107.17 64.90 32.98
C UNK N 950 -108.25 64.37 33.85
N UNK N 951 -108.10 64.60 35.16
CA UNK N 951 -109.09 64.19 36.11
C UNK N 951 -109.20 65.30 37.09
N UNK N 952 -110.42 65.58 37.57
CA UNK N 952 -110.55 66.60 38.56
C UNK N 952 -111.50 66.10 39.58
N UNK N 953 -111.12 66.21 40.86
CA UNK N 953 -111.99 65.80 41.92
C UNK N 953 -112.85 66.97 42.25
N UNK N 954 -114.05 66.70 42.80
CA UNK N 954 -114.91 67.76 43.21
C UNK N 954 -114.36 68.24 44.52
N UNK N 955 -114.81 69.43 44.97
CA UNK N 955 -114.35 69.95 46.21
C UNK N 955 -114.73 68.96 47.27
N UNK N 956 -115.93 68.38 47.13
CA UNK N 956 -116.43 67.43 48.06
C UNK N 956 -115.52 66.25 48.08
N UNK N 957 -114.94 65.93 46.90
CA UNK N 957 -114.10 64.78 46.73
C UNK N 957 -114.99 63.59 46.70
N UNK N 958 -116.31 63.83 46.76
CA UNK N 958 -117.26 62.76 46.66
C UNK N 958 -117.18 62.20 45.27
N UNK N 959 -117.06 63.08 44.26
CA UNK N 959 -117.06 62.62 42.90
C UNK N 959 -115.85 63.15 42.20
N UNK N 960 -115.46 62.46 41.12
CA UNK N 960 -114.34 62.87 40.32
C UNK N 960 -114.78 62.80 38.91
N UNK N 961 -114.18 63.64 38.04
CA UNK N 961 -114.57 63.59 36.66
C UNK N 961 -113.41 63.08 35.89
N UNK N 962 -113.66 62.15 34.96
CA UNK N 962 -112.60 61.61 34.16
C UNK N 962 -112.78 62.20 32.80
N UNK N 963 -111.66 62.61 32.18
CA UNK N 963 -111.75 63.17 30.87
C UNK N 963 -110.75 62.45 30.04
N UNK N 964 -111.08 62.19 28.76
CA UNK N 964 -110.11 61.48 27.99
C UNK N 964 -109.59 62.40 26.94
N UNK N 965 -108.26 62.59 26.92
CA UNK N 965 -107.69 63.38 25.88
C UNK N 965 -106.26 62.99 25.77
N UNK N 966 -105.70 63.20 24.57
CA UNK N 966 -104.37 62.74 24.32
C UNK N 966 -104.23 62.90 22.85
N UNK N 967 -103.65 61.89 22.19
CA UNK N 967 -103.54 61.98 20.77
C UNK N 967 -104.93 62.14 20.27
N UNK N 968 -105.88 61.31 20.79
CA UNK N 968 -107.23 61.52 20.38
C UNK N 968 -108.05 61.51 21.62
N UNK N 969 -108.71 62.65 21.91
CA UNK N 969 -109.52 62.71 23.09
C UNK N 969 -110.91 62.45 22.64
N UNK N 970 -111.60 61.52 23.31
CA UNK N 970 -113.00 61.34 23.08
C UNK N 970 -113.66 62.54 23.66
N UNK N 971 -113.10 62.99 24.80
CA UNK N 971 -113.58 64.04 25.65
C UNK N 971 -114.80 63.59 26.34
N UNK N 972 -115.09 62.29 26.32
CA UNK N 972 -116.24 61.91 27.07
C UNK N 972 -115.88 62.18 28.48
N UNK N 973 -116.81 62.78 29.25
CA UNK N 973 -116.50 63.06 30.61
C UNK N 973 -117.43 62.23 31.42
N UNK N 974 -116.88 61.54 32.44
CA UNK N 974 -117.75 60.74 33.24
C UNK N 974 -117.57 61.17 34.65
N UNK N 975 -118.68 61.19 35.41
CA UNK N 975 -118.57 61.52 36.79
C UNK N 975 -118.62 60.21 37.49
N UNK N 976 -117.67 59.96 38.41
CA UNK N 976 -117.66 58.70 39.06
C UNK N 976 -117.65 58.95 40.53
N UNK N 977 -118.27 58.04 41.29
CA UNK N 977 -118.24 58.19 42.72
C UNK N 977 -116.83 57.89 43.09
N UNK N 978 -116.35 58.49 44.20
CA UNK N 978 -115.00 58.25 44.60
C UNK N 978 -114.91 56.79 44.87
N UNK N 979 -115.97 56.23 45.48
CA UNK N 979 -116.00 54.86 45.88
C UNK N 979 -115.92 53.92 44.72
N UNK N 980 -116.64 54.18 43.60
CA UNK N 980 -116.63 53.09 42.66
C UNK N 980 -116.82 53.54 41.24
N UNK N 981 -116.82 52.51 40.37
CA UNK N 981 -116.92 52.50 38.94
C UNK N 981 -118.26 52.95 38.44
N UNK N 982 -119.35 52.76 39.22
CA UNK N 982 -120.68 52.93 38.72
C UNK N 982 -120.86 54.27 38.07
N UNK N 983 -120.39 55.36 38.70
CA UNK N 983 -120.47 56.66 38.09
C UNK N 983 -121.90 57.13 38.01
N UNK N 984 -122.10 58.41 38.38
CA UNK N 984 -123.39 59.02 38.37
C UNK N 984 -123.89 59.20 36.97
N UNK N 985 -123.04 59.70 36.06
CA UNK N 985 -123.54 59.94 34.73
C UNK N 985 -122.40 60.20 33.82
N UNK N 986 -122.69 60.23 32.50
CA UNK N 986 -121.67 60.51 31.54
C UNK N 986 -122.14 61.65 30.70
N UNK N 987 -121.26 62.64 30.46
CA UNK N 987 -121.65 63.73 29.61
C UNK N 987 -120.59 63.85 28.57
N UNK N 988 -120.98 63.84 27.28
CA UNK N 988 -119.94 64.04 26.30
C UNK N 988 -120.36 65.17 25.43
N UNK N 989 -120.07 66.40 25.89
CA UNK N 989 -120.39 67.59 25.15
C UNK N 989 -119.49 67.76 23.96
N UNK N 990 -118.16 67.51 24.13
CA UNK N 990 -117.26 67.92 23.08
C UNK N 990 -116.23 66.87 22.78
N UNK N 991 -115.38 67.21 21.79
CA UNK N 991 -114.33 66.38 21.23
C UNK N 991 -113.25 66.05 22.22
N UNK N 992 -112.72 67.02 22.99
CA UNK N 992 -111.63 66.69 23.89
C UNK N 992 -111.72 67.60 25.08
N UNK N 993 -111.11 67.23 26.23
CA UNK N 993 -111.16 68.18 27.31
C UNK N 993 -109.85 68.21 28.02
N UNK N 994 -109.07 69.29 27.81
CA UNK N 994 -107.79 69.47 28.44
C UNK N 994 -107.94 69.75 29.90
N UNK N 995 -108.85 70.67 30.28
CA UNK N 995 -108.90 71.00 31.67
C UNK N 995 -110.32 71.22 32.09
N UNK N 996 -110.63 70.86 33.35
CA UNK N 996 -111.94 71.09 33.86
C UNK N 996 -111.75 71.61 35.24
N UNK N 997 -112.52 72.65 35.62
CA UNK N 997 -112.39 73.15 36.95
C UNK N 997 -113.76 73.17 37.52
N UNK N 998 -113.90 72.63 38.75
CA UNK N 998 -115.18 72.62 39.37
C UNK N 998 -115.36 73.94 40.04
N UNK N 999 -116.63 74.40 40.09
CA UNK N 999 -117.01 75.58 40.77
C UNK N 999 -117.22 75.14 42.16
N UNK N 1000 -117.88 75.96 43.00
CA UNK N 1000 -118.15 75.53 44.34
C UNK N 1000 -118.93 74.27 44.16
N UNK N 1001 -119.86 74.27 43.18
CA UNK N 1001 -120.56 73.08 42.83
C UNK N 1001 -120.60 73.05 41.34
N UNK N 1002 -120.45 71.85 40.73
CA UNK N 1002 -120.53 71.72 39.30
C UNK N 1002 -119.20 72.02 38.69
N UNK N 1003 -119.12 71.97 37.34
CA UNK N 1003 -117.87 72.27 36.71
C UNK N 1003 -118.11 72.72 35.30
N UNK N 1004 -117.05 73.30 34.69
CA UNK N 1004 -117.07 73.73 33.32
C UNK N 1004 -115.90 73.03 32.69
N UNK N 1005 -116.02 72.67 31.40
CA UNK N 1005 -114.94 71.95 30.80
C UNK N 1005 -114.44 72.68 29.60
N UNK N 1006 -113.12 72.50 29.31
CA UNK N 1006 -112.55 73.14 28.17
C UNK N 1006 -111.88 72.08 27.35
N UNK N 1007 -112.06 72.16 26.02
CA UNK N 1007 -111.49 71.24 25.08
C UNK N 1007 -110.17 71.78 24.62
N UNK N 1008 -109.37 70.91 23.96
CA UNK N 1008 -108.16 71.32 23.32
C UNK N 1008 -108.62 72.25 22.24
N UNK N 1009 -109.80 71.89 21.68
CA UNK N 1009 -110.50 72.58 20.64
C UNK N 1009 -110.80 73.95 21.16
N UNK N 1010 -110.93 74.05 22.50
CA UNK N 1010 -111.26 75.27 23.18
C UNK N 1010 -112.74 75.51 23.18
N UNK N 1011 -113.55 74.50 22.81
CA UNK N 1011 -114.94 74.74 23.02
C UNK N 1011 -115.07 74.75 24.51
N UNK N 1012 -115.81 75.73 25.07
CA UNK N 1012 -115.92 75.76 26.50
C UNK N 1012 -117.35 75.58 26.83
N UNK N 1013 -117.65 74.79 27.88
CA UNK N 1013 -119.03 74.61 28.18
C UNK N 1013 -119.22 74.78 29.65
N UNK N 1014 -120.35 75.41 30.02
CA UNK N 1014 -120.69 75.51 31.40
C UNK N 1014 -121.74 74.49 31.56
N UNK N 1015 -121.59 73.58 32.54
CA UNK N 1015 -122.60 72.57 32.63
C UNK N 1015 -122.86 72.28 34.06
N UNK N 1016 -124.08 71.80 34.35
CA UNK N 1016 -124.36 71.41 35.69
C UNK N 1016 -124.13 69.94 35.69
N UNK N 1017 -123.06 69.49 36.37
CA UNK N 1017 -122.81 68.09 36.38
C UNK N 1017 -123.86 67.49 37.24
N UNK N 1018 -124.48 66.40 36.75
CA UNK N 1018 -125.53 65.80 37.51
C UNK N 1018 -126.19 64.82 36.60
N UNK N 1019 -127.32 64.25 37.04
CA UNK N 1019 -128.01 63.32 36.22
C UNK N 1019 -128.40 64.07 34.98
N UNK N 1020 -128.81 65.34 35.13
CA UNK N 1020 -129.23 66.10 33.99
C UNK N 1020 -128.08 66.21 33.05
N UNK N 1021 -126.88 66.53 33.59
CA UNK N 1021 -125.70 66.68 32.78
C UNK N 1021 -126.02 67.56 31.62
N UNK N 1022 -126.55 68.77 31.89
CA UNK N 1022 -126.90 69.66 30.82
C UNK N 1022 -125.95 70.80 30.84
N UNK N 1023 -125.72 71.43 29.66
CA UNK N 1023 -124.81 72.54 29.60
C UNK N 1023 -125.58 73.78 29.36
N UNK N 1024 -125.32 74.82 30.20
CA UNK N 1024 -125.99 76.08 30.07
C UNK N 1024 -125.61 76.75 28.79
N UNK N 1025 -124.30 76.78 28.47
CA UNK N 1025 -123.89 77.46 27.28
C UNK N 1025 -122.50 77.02 26.93
N UNK N 1026 -122.05 77.35 25.71
CA UNK N 1026 -120.72 77.00 25.29
C UNK N 1026 -120.24 78.08 24.37
N UNK N 1027 -118.91 78.23 24.25
CA UNK N 1027 -118.38 79.24 23.37
C UNK N 1027 -117.16 78.68 22.70
N UNK N 1028 -116.87 79.12 21.47
CA UNK N 1028 -115.66 78.66 20.84
C UNK N 1028 -114.86 79.87 20.43
N UNK N 1029 -113.92 80.29 21.28
CA UNK N 1029 -113.07 81.40 20.96
C UNK N 1029 -112.11 81.04 19.87
N UNK N 1030 -111.41 79.88 20.04
CA UNK N 1030 -110.46 79.32 19.11
C UNK N 1030 -109.05 79.62 19.56
N UNK N 1031 -108.07 79.11 18.78
CA UNK N 1031 -106.64 79.30 18.88
C UNK N 1031 -105.99 78.96 20.20
N UNK N 1032 -106.14 77.72 20.70
CA UNK N 1032 -105.40 77.20 21.83
C UNK N 1032 -105.32 78.14 22.99
N UNK N 1033 -106.49 78.62 23.44
CA UNK N 1033 -106.85 79.48 24.54
C UNK N 1033 -106.80 78.83 25.91
N UNK N 1034 -106.65 77.50 25.98
CA UNK N 1034 -107.16 76.51 26.92
C UNK N 1034 -107.28 76.73 28.42
N UNK N 1035 -106.35 77.34 29.19
CA UNK N 1035 -106.61 77.34 30.63
C UNK N 1035 -107.91 78.04 30.98
N UNK N 1036 -108.61 77.58 32.05
CA UNK N 1036 -109.88 78.15 32.46
C UNK N 1036 -109.96 78.18 33.96
N UNK N 1037 -110.85 79.03 34.52
CA UNK N 1037 -111.00 79.12 35.95
C UNK N 1037 -112.31 79.78 36.28
N UNK N 1038 -112.80 79.62 37.52
CA UNK N 1038 -114.04 80.24 37.90
C UNK N 1038 -113.76 81.31 38.91
N UNK N 1039 -114.18 82.55 38.60
CA UNK N 1039 -114.00 83.66 39.49
C UNK N 1039 -114.85 83.50 40.71
N UNK N 1040 -116.14 83.12 40.54
CA UNK N 1040 -116.98 83.06 41.69
C UNK N 1040 -117.55 81.69 41.82
N UNK N 1041 -117.57 81.18 43.07
CA UNK N 1041 -118.10 79.88 43.35
C UNK N 1041 -119.56 79.89 43.06
N UNK N 1042 -120.26 80.95 43.50
CA UNK N 1042 -121.66 81.00 43.27
C UNK N 1042 -121.82 81.03 41.80
N UNK N 1043 -123.01 80.62 41.29
CA UNK N 1043 -123.22 80.65 39.88
C UNK N 1043 -122.96 82.06 39.49
N UNK N 1044 -121.98 82.26 38.60
CA UNK N 1044 -121.60 83.60 38.31
C UNK N 1044 -120.52 83.55 37.30
N UNK N 1045 -119.67 84.60 37.31
CA UNK N 1045 -118.62 84.73 36.35
C UNK N 1045 -117.56 83.70 36.54
N UNK N 1046 -116.93 83.34 35.41
CA UNK N 1046 -115.82 82.44 35.33
C UNK N 1046 -114.97 83.05 34.27
N UNK N 1047 -113.67 82.70 34.23
CA UNK N 1047 -112.87 83.34 33.22
C UNK N 1047 -112.53 82.32 32.18
N UNK N 1048 -112.58 82.75 30.90
CA UNK N 1048 -112.23 81.88 29.81
C UNK N 1048 -111.33 82.69 28.94
N UNK N 1049 -110.35 82.03 28.28
CA UNK N 1049 -109.44 82.75 27.45
C UNK N 1049 -110.15 83.19 26.21
N UNK N 1050 -109.95 84.48 25.86
CA UNK N 1050 -110.51 85.05 24.67
C UNK N 1050 -109.44 85.05 23.63
N UNK N 1051 -109.80 85.45 22.40
CA UNK N 1051 -108.84 85.51 21.33
C UNK N 1051 -107.94 86.66 21.63
N UNK N 1052 -106.78 86.70 20.94
CA UNK N 1052 -105.84 87.76 21.13
C UNK N 1052 -105.33 87.69 22.53
N UNK N 1053 -105.36 86.48 23.12
CA UNK N 1053 -104.82 86.30 24.44
C UNK N 1053 -105.54 87.20 25.39
N UNK N 1054 -106.79 87.57 25.05
CA UNK N 1054 -107.56 88.40 25.93
C UNK N 1054 -108.20 87.51 26.93
N UNK N 1055 -108.66 88.09 28.06
CA UNK N 1055 -109.33 87.31 29.04
C UNK N 1055 -110.78 87.69 28.96
N UNK N 1056 -111.66 86.68 28.97
CA UNK N 1056 -113.06 87.00 28.88
C UNK N 1056 -113.67 86.55 30.16
N UNK N 1057 -114.59 87.37 30.70
CA UNK N 1057 -115.26 86.95 31.89
C UNK N 1057 -116.58 86.45 31.43
N UNK N 1058 -117.02 85.31 31.98
CA UNK N 1058 -118.20 84.66 31.47
C UNK N 1058 -119.29 84.69 32.48
N UNK N 1059 -120.47 84.23 32.02
CA UNK N 1059 -121.72 84.22 32.74
C UNK N 1059 -122.28 85.60 32.66
N UNK N 1060 -121.40 86.55 32.26
CA UNK N 1060 -121.68 87.94 32.03
C UNK N 1060 -120.54 88.66 32.67
N UNK N 1061 -119.99 89.68 31.98
CA UNK N 1061 -118.91 90.47 32.51
C UNK N 1061 -118.16 91.10 31.38
N UNK N 1062 -117.00 91.69 31.73
CA UNK N 1062 -116.13 92.35 30.80
C UNK N 1062 -114.96 91.46 30.47
N UNK N 1063 -114.09 91.95 29.56
CA UNK N 1063 -112.93 91.21 29.16
C UNK N 1063 -111.72 92.00 29.53
N UNK N 1064 -110.58 91.32 29.75
CA UNK N 1064 -109.37 92.01 30.11
C UNK N 1064 -108.43 91.94 28.95
N UNK N 1065 -107.77 93.06 28.64
CA UNK N 1065 -106.82 93.11 27.57
C UNK N 1065 -105.48 93.07 28.22
N UNK N 1066 -104.52 92.36 27.59
CA UNK N 1066 -103.28 92.22 28.28
C UNK N 1066 -102.40 91.32 27.48
N UNK N 1067 -102.31 90.07 27.96
CA UNK N 1067 -101.41 89.06 27.46
C UNK N 1067 -101.39 89.00 25.98
N UNK N 1068 -100.15 88.92 25.47
CA UNK N 1068 -99.79 88.78 24.09
C UNK N 1068 -100.13 87.41 23.59
N UNK N 1069 -99.97 86.37 24.44
CA UNK N 1069 -100.10 85.03 23.96
C UNK N 1069 -101.13 84.27 24.73
N UNK N 1070 -101.35 83.01 24.30
CA UNK N 1070 -102.36 82.13 24.86
C UNK N 1070 -102.17 82.05 26.34
N UNK N 1071 -103.27 81.80 27.06
CA UNK N 1071 -103.20 81.78 28.49
C UNK N 1071 -102.93 80.39 28.96
N UNK N 1072 -101.74 80.21 29.56
CA UNK N 1072 -101.31 78.96 30.11
C UNK N 1072 -102.09 78.61 31.34
N UNK N 1073 -102.31 79.60 32.25
CA UNK N 1073 -102.98 79.21 33.46
C UNK N 1073 -103.84 80.32 33.95
N UNK N 1074 -104.91 79.95 34.69
CA UNK N 1074 -105.76 80.91 35.31
C UNK N 1074 -106.02 80.41 36.69
N UNK N 1075 -105.76 81.24 37.71
CA UNK N 1075 -106.03 80.81 39.04
C UNK N 1075 -106.67 81.97 39.73
N UNK N 1076 -107.72 81.71 40.52
CA UNK N 1076 -108.36 82.80 41.19
C UNK N 1076 -108.19 82.56 42.65
N UNK N 1077 -107.95 83.64 43.41
CA UNK N 1077 -107.80 83.46 44.83
C UNK N 1077 -109.08 83.91 45.44
N UNK N 1078 -109.68 83.05 46.27
CA UNK N 1078 -110.92 83.42 46.89
C UNK N 1078 -110.61 84.62 47.71
N UNK N 1079 -109.50 84.55 48.47
CA UNK N 1079 -109.11 85.67 49.26
C UNK N 1079 -108.46 86.65 48.34
N UNK N 1080 -108.65 87.95 48.62
CA UNK N 1080 -108.06 89.02 47.86
C UNK N 1080 -108.76 89.13 46.54
N UNK N 1081 -109.56 88.11 46.17
CA UNK N 1081 -110.35 88.11 44.97
C UNK N 1081 -109.53 88.60 43.81
N UNK N 1082 -108.33 88.03 43.60
CA UNK N 1082 -107.53 88.48 42.50
C UNK N 1082 -107.34 87.31 41.60
N UNK N 1083 -107.28 87.56 40.27
CA UNK N 1083 -107.10 86.48 39.38
C UNK N 1083 -105.68 86.51 38.91
N UNK N 1084 -105.04 85.34 38.85
CA UNK N 1084 -103.68 85.30 38.40
C UNK N 1084 -103.69 84.60 37.09
N UNK N 1085 -102.94 85.13 36.12
CA UNK N 1085 -102.91 84.52 34.83
C UNK N 1085 -101.49 84.41 34.40
N UNK N 1086 -101.20 83.40 33.57
CA UNK N 1086 -99.89 83.20 33.04
C UNK N 1086 -100.06 83.01 31.57
N UNK N 1087 -99.03 83.32 30.76
CA UNK N 1087 -99.22 83.19 29.35
C UNK N 1087 -97.95 82.77 28.69
N UNK N 1088 -98.08 82.45 27.39
CA UNK N 1088 -97.02 82.05 26.51
C UNK N 1088 -96.06 83.18 26.45
N UNK N 1089 -96.61 84.40 26.64
CA UNK N 1089 -95.89 85.64 26.59
C UNK N 1089 -94.76 85.54 27.57
N UNK N 1090 -94.92 84.67 28.59
CA UNK N 1090 -93.93 84.51 29.63
C UNK N 1090 -94.01 85.66 30.58
N UNK N 1091 -95.21 86.24 30.70
CA UNK N 1091 -95.45 87.26 31.67
C UNK N 1091 -96.61 86.77 32.49
N UNK N 1092 -96.70 87.23 33.75
CA UNK N 1092 -97.79 86.84 34.60
C UNK N 1092 -98.51 88.10 34.91
N UNK N 1093 -99.83 88.02 35.17
CA UNK N 1093 -100.52 89.23 35.47
C UNK N 1093 -101.59 88.94 36.47
N UNK N 1094 -101.98 89.99 37.23
CA UNK N 1094 -103.04 89.82 38.19
C UNK N 1094 -104.15 90.71 37.74
N UNK N 1095 -105.41 90.24 37.81
CA UNK N 1095 -106.46 91.09 37.34
C UNK N 1095 -107.38 91.43 38.46
N UNK N 1096 -107.30 92.70 38.91
CA UNK N 1096 -108.17 93.25 39.92
C UNK N 1096 -109.54 93.51 39.37
N UNK N 1097 -109.63 94.05 38.13
CA UNK N 1097 -110.89 94.53 37.64
C UNK N 1097 -111.43 93.65 36.56
N UNK N 1098 -112.76 93.72 36.39
CA UNK N 1098 -113.45 92.94 35.41
C UNK N 1098 -112.98 93.36 34.04
N UNK N 1099 -112.89 94.67 33.79
CA UNK N 1099 -112.42 95.10 32.50
C UNK N 1099 -111.41 96.18 32.73
N UNK N 1100 -110.23 96.03 32.09
CA UNK N 1100 -109.17 96.99 32.19
C UNK N 1100 -107.90 96.24 31.97
N UNK N 1101 -106.77 96.95 32.06
CA UNK N 1101 -105.49 96.32 31.98
C UNK N 1101 -105.29 95.66 33.30
N UNK N 1102 -104.34 94.71 33.37
CA UNK N 1102 -104.11 94.02 34.61
C UNK N 1102 -103.50 94.97 35.58
N UNK N 1103 -103.82 94.77 36.88
CA UNK N 1103 -103.29 95.64 37.90
C UNK N 1103 -101.81 95.48 37.91
N UNK N 1104 -101.33 94.23 37.85
CA UNK N 1104 -99.91 94.07 37.93
C UNK N 1104 -99.46 93.13 36.86
N UNK N 1105 -98.22 93.36 36.38
CA UNK N 1105 -97.59 92.47 35.47
C UNK N 1105 -96.42 91.94 36.23
N UNK N 1106 -96.22 90.61 36.21
CA UNK N 1106 -95.13 90.10 36.97
C UNK N 1106 -93.96 90.04 36.05
N UNK N 1107 -92.91 90.79 36.39
CA UNK N 1107 -91.73 90.80 35.60
C UNK N 1107 -90.72 91.59 36.38
N UNK N 1108 -89.43 91.31 36.15
CA UNK N 1108 -88.43 92.03 36.90
C UNK N 1108 -88.27 93.41 36.25
N UNK N 1109 -86.19 83.44 30.19
CA UNK N 1109 -86.45 82.36 29.21
C UNK N 1109 -87.63 82.72 28.37
N UNK N 1110 -87.47 82.57 27.04
CA UNK N 1110 -88.47 82.91 26.09
C UNK N 1110 -89.67 82.05 26.32
N UNK N 1111 -89.43 80.77 26.70
CA UNK N 1111 -90.49 79.82 26.85
C UNK N 1111 -91.55 80.36 27.75
N UNK N 1112 -92.79 79.87 27.54
CA UNK N 1112 -93.94 80.28 28.28
C UNK N 1112 -93.92 79.62 29.62
N UNK N 1113 -94.67 80.19 30.58
CA UNK N 1113 -94.75 79.64 31.90
C UNK N 1113 -95.59 78.40 31.84
N UNK N 1114 -95.06 77.29 32.36
CA UNK N 1114 -95.76 76.04 32.39
C UNK N 1114 -96.91 76.12 33.35
N UNK N 1115 -96.65 76.64 34.57
CA UNK N 1115 -97.72 76.69 35.53
C UNK N 1115 -97.41 77.73 36.55
N UNK N 1116 -98.47 78.35 37.10
CA UNK N 1116 -98.34 79.35 38.11
C UNK N 1116 -99.24 78.93 39.22
N UNK N 1117 -98.94 79.37 40.46
CA UNK N 1117 -99.77 78.93 41.53
C UNK N 1117 -99.90 80.02 42.55
N UNK N 1118 -100.95 79.92 43.37
CA UNK N 1118 -101.19 80.88 44.41
C UNK N 1118 -100.16 80.67 45.47
N UNK N 1119 -99.75 81.80 46.06
CA UNK N 1119 -98.75 81.97 47.07
C UNK N 1119 -98.68 83.45 47.06
N UNK N 1120 -97.50 84.05 47.32
CA UNK N 1120 -97.51 85.45 47.03
C UNK N 1120 -97.79 85.45 45.56
N UNK N 1121 -97.04 84.59 44.85
CA UNK N 1121 -97.21 84.32 43.46
C UNK N 1121 -96.06 83.44 43.11
N UNK N 1122 -96.31 82.35 42.36
CA UNK N 1122 -95.19 81.52 42.03
C UNK N 1122 -95.38 81.11 40.61
N UNK N 1123 -94.28 81.08 39.84
CA UNK N 1123 -94.43 80.69 38.48
C UNK N 1123 -93.28 79.81 38.12
N UNK N 1124 -93.56 78.84 37.23
CA UNK N 1124 -92.54 77.96 36.76
C UNK N 1124 -92.61 78.03 35.29
N UNK N 1125 -91.45 77.89 34.63
CA UNK N 1125 -91.34 77.98 33.21
C UNK N 1125 -90.01 77.36 32.95
N UNK N 1126 -89.36 77.74 31.84
CA UNK N 1126 -88.05 77.23 31.63
C UNK N 1126 -87.29 77.73 32.83
N UNK N 1127 -87.58 78.98 33.23
CA UNK N 1127 -87.03 79.60 34.39
C UNK N 1127 -87.94 79.30 35.55
N UNK N 1128 -87.61 79.84 36.75
CA UNK N 1128 -88.46 79.69 37.89
C UNK N 1128 -88.45 81.02 38.60
N UNK N 1129 -89.61 81.46 39.12
CA UNK N 1129 -89.60 82.74 39.80
C UNK N 1129 -90.66 82.76 40.85
N UNK N 1130 -90.43 83.58 41.88
CA UNK N 1130 -91.38 83.78 42.94
C UNK N 1130 -91.72 85.22 42.87
N UNK N 1131 -92.99 85.57 43.16
CA UNK N 1131 -93.34 86.94 43.01
C UNK N 1131 -93.96 87.43 44.28
N UNK N 1132 -93.81 88.74 44.50
CA UNK N 1132 -94.45 89.44 45.59
C UNK N 1132 -95.21 90.50 44.87
N UNK N 1133 -96.29 91.05 45.45
CA UNK N 1133 -96.85 92.12 44.67
C UNK N 1133 -95.79 93.20 44.72
N UNK N 1134 -95.02 93.42 43.60
CA UNK N 1134 -93.87 94.30 43.53
C UNK N 1134 -92.87 93.81 42.50
N UNK N 1135 -91.75 93.20 42.99
CA UNK N 1135 -90.62 92.71 42.23
C UNK N 1135 -90.45 91.23 42.50
N UNK N 1136 -89.49 90.57 41.82
CA UNK N 1136 -89.32 89.15 41.99
C UNK N 1136 -88.96 88.86 43.41
N UNK N 1137 -89.74 87.98 44.06
CA UNK N 1137 -89.48 87.61 45.43
C UNK N 1137 -88.22 86.82 45.50
N UNK N 1138 -88.08 85.82 44.60
CA UNK N 1138 -86.93 84.97 44.63
C UNK N 1138 -86.83 84.31 43.29
N UNK N 1139 -85.67 83.69 42.99
CA UNK N 1139 -85.51 83.05 41.71
C UNK N 1139 -84.87 81.72 41.90
N UNK N 1140 -85.10 80.80 40.93
CA UNK N 1140 -84.49 79.49 40.97
C UNK N 1140 -83.53 79.43 39.84
N UNK N 1141 -82.37 78.79 40.09
CA UNK N 1141 -81.21 78.74 39.24
C UNK N 1141 -81.30 77.98 37.94
N UNK N 1142 -81.88 76.75 37.92
CA UNK N 1142 -81.77 75.75 36.86
C UNK N 1142 -81.52 76.39 35.52
N UNK N 1143 -80.22 76.45 35.17
CA UNK N 1143 -79.77 77.22 34.04
C UNK N 1143 -80.33 76.72 32.75
N UNK N 1144 -80.14 75.44 32.42
CA UNK N 1144 -80.72 75.07 31.17
C UNK N 1144 -81.53 73.87 31.45
N UNK N 1145 -82.62 74.04 32.21
CA UNK N 1145 -83.44 72.91 32.42
C UNK N 1145 -84.83 73.42 32.40
N UNK N 1146 -85.61 73.04 31.38
CA UNK N 1146 -86.94 73.52 31.32
C UNK N 1146 -87.69 72.78 32.38
N UNK N 1147 -88.72 73.40 32.96
CA UNK N 1147 -89.49 72.72 33.96
C UNK N 1147 -90.75 72.28 33.30
N UNK N 1148 -91.04 70.97 33.38
CA UNK N 1148 -92.22 70.42 32.79
C UNK N 1148 -93.45 70.95 33.48
N UNK N 1149 -93.44 70.94 34.82
CA UNK N 1149 -94.60 71.40 35.52
C UNK N 1149 -94.23 71.70 36.93
N UNK N 1150 -95.04 72.53 37.60
CA UNK N 1150 -94.75 72.82 38.98
C UNK N 1150 -96.04 72.77 39.73
N UNK N 1151 -95.99 72.22 40.95
CA UNK N 1151 -97.17 72.13 41.75
C UNK N 1151 -96.85 72.78 43.06
N UNK N 1152 -97.89 73.33 43.72
CA UNK N 1152 -97.67 73.96 44.99
C UNK N 1152 -98.36 73.11 46.01
N UNK N 1153 -97.78 73.02 47.22
CA UNK N 1153 -98.34 72.21 48.26
C UNK N 1153 -99.63 72.83 48.69
N UNK N 1154 -100.49 72.05 49.37
CA UNK N 1154 -101.74 72.58 49.81
C UNK N 1154 -101.41 73.75 50.67
N UNK N 1155 -100.45 73.54 51.59
CA UNK N 1155 -99.95 74.68 52.29
C UNK N 1155 -98.83 75.08 51.39
N UNK N 1156 -98.79 76.35 50.94
CA UNK N 1156 -97.76 76.57 49.96
C UNK N 1156 -96.48 76.86 50.64
N UNK N 1157 -96.01 75.90 51.46
CA UNK N 1157 -94.71 75.95 52.05
C UNK N 1157 -93.72 75.64 50.98
N UNK N 1158 -94.04 74.63 50.14
CA UNK N 1158 -93.07 74.18 49.19
C UNK N 1158 -93.68 74.10 47.83
N UNK N 1159 -92.83 74.28 46.80
CA UNK N 1159 -93.26 74.15 45.45
C UNK N 1159 -92.39 73.10 44.85
N UNK N 1160 -92.99 72.12 44.14
CA UNK N 1160 -92.18 71.10 43.56
C UNK N 1160 -92.31 71.23 42.09
N UNK N 1161 -91.20 71.04 41.37
CA UNK N 1161 -91.26 71.14 39.94
C UNK N 1161 -90.44 70.03 39.38
N UNK N 1162 -90.77 69.61 38.15
CA UNK N 1162 -89.99 68.55 37.57
C UNK N 1162 -89.12 69.17 36.53
N UNK N 1163 -87.79 69.00 36.67
CA UNK N 1163 -86.88 69.49 35.68
C UNK N 1163 -87.01 68.54 34.54
N UNK N 1164 -86.95 69.05 33.30
CA UNK N 1164 -87.17 68.20 32.18
C UNK N 1164 -85.98 67.37 31.88
N UNK N 1165 -86.26 66.12 31.45
CA UNK N 1165 -85.31 65.20 30.92
C UNK N 1165 -86.04 64.71 29.72
N UNK N 1166 -85.41 64.75 28.54
CA UNK N 1166 -86.21 64.46 27.38
C UNK N 1166 -85.33 64.61 26.20
N UNK N 1167 -85.87 65.28 25.17
CA UNK N 1167 -85.14 65.47 23.95
C UNK N 1167 -83.85 66.12 24.31
N UNK N 1168 -83.89 67.11 25.22
CA UNK N 1168 -82.65 67.68 25.61
C UNK N 1168 -82.13 66.84 26.74
N UNK N 1169 -81.00 66.16 26.52
CA UNK N 1169 -80.46 65.33 27.55
C UNK N 1169 -79.73 66.19 28.51
N UNK N 1170 -79.79 65.82 29.80
CA UNK N 1170 -79.06 66.55 30.79
C UNK N 1170 -79.14 65.76 32.05
N UNK N 1171 -78.19 65.97 32.98
CA UNK N 1171 -78.35 65.27 34.22
C UNK N 1171 -79.47 66.02 34.85
N UNK N 1172 -80.65 65.38 34.90
CA UNK N 1172 -81.81 66.09 35.33
C UNK N 1172 -82.87 65.07 35.56
N UNK N 1173 -84.12 65.45 35.23
CA UNK N 1173 -85.21 64.57 35.50
C UNK N 1173 -85.23 64.43 36.98
N UNK N 1174 -84.89 65.54 37.66
CA UNK N 1174 -84.92 65.51 39.09
C UNK N 1174 -86.08 66.37 39.48
N UNK N 1175 -86.85 65.92 40.49
CA UNK N 1175 -87.92 66.75 40.95
C UNK N 1175 -87.36 67.49 42.10
N UNK N 1176 -87.41 68.83 42.05
CA UNK N 1176 -86.83 69.55 43.13
C UNK N 1176 -87.93 70.22 43.88
N UNK N 1177 -87.91 70.08 45.21
CA UNK N 1177 -88.89 70.75 45.99
C UNK N 1177 -88.19 71.92 46.58
N UNK N 1178 -88.79 73.11 46.49
CA UNK N 1178 -88.10 74.24 47.02
C UNK N 1178 -88.85 74.66 48.24
N UNK N 1179 -88.10 75.00 49.30
CA UNK N 1179 -88.75 75.44 50.50
C UNK N 1179 -89.02 76.91 50.25
N UNK N 1180 -82.94 84.27 47.27
CA UNK N 1180 -82.07 84.04 46.09
C UNK N 1180 -82.54 82.86 45.33
N UNK N 1181 -81.64 81.88 45.16
CA UNK N 1181 -81.78 80.68 44.38
C UNK N 1181 -82.93 79.89 44.91
N UNK N 1182 -83.31 80.10 46.18
CA UNK N 1182 -84.32 79.26 46.76
C UNK N 1182 -83.83 77.85 46.72
N UNK N 1183 -83.18 77.45 47.84
CA UNK N 1183 -82.60 76.16 47.99
C UNK N 1183 -83.66 75.11 47.86
N UNK N 1184 -83.24 73.94 47.37
CA UNK N 1184 -84.18 72.88 47.19
C UNK N 1184 -84.17 72.05 48.43
N UNK N 1185 -85.36 71.93 49.07
CA UNK N 1185 -85.49 71.17 50.27
C UNK N 1185 -85.27 69.73 49.94
N UNK N 1186 -85.86 69.24 48.84
CA UNK N 1186 -85.75 67.84 48.55
C UNK N 1186 -85.44 67.65 47.10
N UNK N 1187 -84.80 66.50 46.79
CA UNK N 1187 -84.50 66.21 45.42
C UNK N 1187 -84.98 64.82 45.14
N UNK N 1188 -85.54 64.60 43.94
CA UNK N 1188 -86.00 63.30 43.58
C UNK N 1188 -85.49 63.03 42.21
N UNK N 1189 -85.25 61.75 41.88
CA UNK N 1189 -84.74 61.49 40.57
C UNK N 1189 -85.71 60.63 39.84
N UNK N 1190 -86.11 61.08 38.64
CA UNK N 1190 -86.97 60.35 37.76
C UNK N 1190 -87.57 61.35 36.83
N UNK N 1191 -87.76 60.98 35.56
CA UNK N 1191 -88.36 61.91 34.65
C UNK N 1191 -89.78 62.02 35.06
N UNK N 1192 -90.38 63.22 34.95
CA UNK N 1192 -91.75 63.29 35.37
C UNK N 1192 -92.55 64.06 34.37
N UNK N 1193 -93.63 63.42 33.86
CA UNK N 1193 -94.54 64.11 33.01
C UNK N 1193 -95.24 65.13 33.85
N UNK N 1194 -95.62 64.72 35.08
CA UNK N 1194 -96.32 65.59 35.96
C UNK N 1194 -96.24 65.02 37.34
N UNK N 1195 -96.57 65.84 38.36
CA UNK N 1195 -96.55 65.39 39.72
C UNK N 1195 -97.71 66.02 40.41
N UNK N 1196 -98.15 65.42 41.54
CA UNK N 1196 -99.26 65.98 42.27
C UNK N 1196 -98.96 65.81 43.73
N UNK N 1197 -99.58 66.67 44.57
CA UNK N 1197 -99.34 66.58 45.97
C UNK N 1197 -100.60 66.13 46.63
N UNK N 1198 -100.45 65.33 47.70
CA UNK N 1198 -101.59 64.88 48.45
C UNK N 1198 -102.01 66.03 49.30
N UNK N 1199 -103.23 65.97 49.85
CA UNK N 1199 -103.72 67.04 50.68
C UNK N 1199 -102.79 67.14 51.84
N UNK N 1200 -102.35 65.97 52.35
CA UNK N 1200 -101.46 65.89 53.46
C UNK N 1200 -100.19 66.57 53.09
N UNK N 1201 -99.79 66.45 51.81
CA UNK N 1201 -98.55 67.00 51.33
C UNK N 1201 -97.45 66.13 51.84
N UNK N 1202 -97.83 64.99 52.45
CA UNK N 1202 -96.89 64.03 52.91
C UNK N 1202 -96.23 63.40 51.74
N UNK N 1203 -97.01 63.07 50.68
CA UNK N 1203 -96.43 62.35 49.58
C UNK N 1203 -96.76 63.06 48.30
N UNK N 1204 -95.96 62.77 47.25
CA UNK N 1204 -96.20 63.34 45.97
C UNK N 1204 -96.26 62.22 44.99
N UNK N 1205 -97.11 62.36 43.96
CA UNK N 1205 -97.19 61.31 42.98
C UNK N 1205 -96.37 61.77 41.83
N UNK N 1206 -95.52 60.87 41.29
CA UNK N 1206 -94.69 61.25 40.19
C UNK N 1206 -95.15 60.49 38.99
N UNK N 1207 -95.23 61.19 37.85
CA UNK N 1207 -95.63 60.53 36.65
C UNK N 1207 -94.41 60.40 35.81
N UNK N 1208 -94.19 59.21 35.23
CA UNK N 1208 -93.02 58.99 34.43
C UNK N 1208 -93.42 58.10 33.30
N UNK N 1209 -92.55 57.97 32.29
CA UNK N 1209 -92.86 57.12 31.19
C UNK N 1209 -92.99 55.74 31.77
N UNK N 1210 -92.08 55.41 32.70
CA UNK N 1210 -92.11 54.14 33.35
C UNK N 1210 -93.21 54.18 34.35
N UNK N 1211 -93.31 53.13 35.18
CA UNK N 1211 -94.34 53.10 36.17
C UNK N 1211 -94.19 54.34 36.98
N UNK N 1212 -95.32 54.88 37.48
CA UNK N 1212 -95.29 56.09 38.24
C UNK N 1212 -94.73 55.76 39.57
N UNK N 1213 -94.19 56.78 40.26
CA UNK N 1213 -93.63 56.54 41.56
C UNK N 1213 -94.36 57.40 42.54
N UNK N 1214 -94.51 56.89 43.77
CA UNK N 1214 -95.08 57.67 44.82
C UNK N 1214 -93.97 57.82 45.80
N UNK N 1215 -93.64 59.06 46.19
CA UNK N 1215 -92.55 59.23 47.12
C UNK N 1215 -93.07 60.01 48.28
N UNK N 1216 -92.53 59.76 49.48
CA UNK N 1216 -93.00 60.47 50.63
C UNK N 1216 -91.98 61.49 51.00
N UNK N 1217 -92.44 62.70 51.34
CA UNK N 1217 -91.55 63.74 51.76
C UNK N 1217 -91.84 63.97 53.21
N UNK N 1218 -90.79 64.20 54.03
CA UNK N 1218 -91.06 64.39 55.42
C UNK N 1218 -91.16 65.86 55.66
N UNK N 1219 -92.27 66.28 56.27
CA UNK N 1219 -92.44 67.68 56.56
C UNK N 1219 -91.36 68.04 57.53
N UNK N 1220 -91.13 67.16 58.51
CA UNK N 1220 -90.11 67.41 59.49
C UNK N 1220 -89.39 66.12 59.67
N UNK N 1221 -88.15 66.20 60.19
CA UNK N 1221 -87.39 65.01 60.43
C UNK N 1221 -88.20 64.18 61.43
N MET O 7 -46.32 -36.11 -9.57
CA MET O 7 -45.38 -35.65 -10.60
C MET O 7 -44.03 -35.66 -9.95
N ASP O 8 -42.98 -35.46 -10.74
CA ASP O 8 -41.67 -35.43 -10.17
C ASP O 8 -41.67 -34.16 -9.40
N PHE O 9 -40.64 -33.95 -8.56
CA PHE O 9 -40.65 -32.72 -7.82
C PHE O 9 -40.61 -31.61 -8.82
N GLU O 10 -39.70 -31.70 -9.80
CA GLU O 10 -39.60 -30.66 -10.79
C GLU O 10 -40.87 -30.59 -11.57
N THR O 11 -41.51 -31.74 -11.84
CA THR O 11 -42.70 -31.69 -12.63
C THR O 11 -43.71 -30.86 -11.90
N GLY O 12 -43.91 -31.18 -10.60
CA GLY O 12 -44.88 -30.50 -9.78
C GLY O 12 -44.48 -29.08 -9.58
N GLU O 13 -43.18 -28.84 -9.35
CA GLU O 13 -42.74 -27.51 -9.07
C GLU O 13 -43.06 -26.65 -10.24
N HIS O 14 -42.76 -27.17 -11.44
CA HIS O 14 -43.02 -26.43 -12.64
C HIS O 14 -44.50 -26.33 -12.89
N GLN O 15 -45.28 -27.39 -12.63
CA GLN O 15 -46.69 -27.30 -12.88
C GLN O 15 -47.24 -26.26 -11.97
N TYR O 16 -46.76 -26.32 -10.73
CA TYR O 16 -47.14 -25.47 -9.66
C TYR O 16 -46.81 -24.06 -10.04
N GLN O 17 -45.65 -23.83 -10.66
CA GLN O 17 -45.25 -22.52 -11.10
C GLN O 17 -46.03 -22.07 -12.30
N TYR O 18 -46.18 -23.01 -13.24
CA TYR O 18 -46.68 -22.93 -14.57
C TYR O 18 -48.15 -22.67 -14.58
N LYS O 19 -48.80 -22.72 -13.41
CA LYS O 19 -50.23 -22.64 -13.23
C LYS O 19 -50.89 -21.44 -13.87
N ASP O 20 -50.49 -20.21 -13.52
CA ASP O 20 -51.18 -19.03 -13.97
C ASP O 20 -51.19 -19.04 -15.45
N ILE O 21 -50.06 -19.41 -16.05
CA ILE O 21 -50.02 -19.46 -17.48
C ILE O 21 -51.01 -20.48 -17.97
N LEU O 22 -51.12 -21.67 -17.34
CA LEU O 22 -52.08 -22.58 -17.91
C LEU O 22 -53.47 -22.02 -17.79
N SER O 23 -53.83 -21.52 -16.60
CA SER O 23 -55.19 -21.13 -16.40
C SER O 23 -55.57 -20.07 -17.39
N VAL O 24 -54.75 -19.00 -17.44
CA VAL O 24 -55.04 -17.90 -18.31
C VAL O 24 -54.95 -18.32 -19.74
N PHE O 25 -53.95 -19.15 -20.09
CA PHE O 25 -53.72 -19.36 -21.49
C PHE O 25 -54.91 -19.98 -22.13
N GLU O 26 -55.34 -21.14 -21.62
CA GLU O 26 -56.46 -21.80 -22.21
C GLU O 26 -57.65 -21.00 -21.94
N ASP O 27 -57.77 -20.33 -20.77
CA ASP O 27 -58.92 -19.61 -20.28
C ASP O 27 -59.87 -19.22 -21.37
N ALA O 28 -61.16 -19.61 -21.21
CA ALA O 28 -62.23 -19.42 -22.16
C ALA O 28 -62.12 -20.47 -23.22
N PHE O 29 -60.88 -20.88 -23.54
CA PHE O 29 -60.52 -22.07 -24.27
C PHE O 29 -60.38 -23.24 -23.34
N VAL O 30 -59.86 -23.02 -22.10
CA VAL O 30 -59.63 -24.11 -21.18
C VAL O 30 -60.96 -24.72 -20.88
N ASP O 31 -61.98 -23.86 -20.69
CA ASP O 31 -63.28 -24.36 -20.34
C ASP O 31 -63.77 -25.22 -21.46
N ASN O 32 -63.61 -24.74 -22.70
CA ASN O 32 -64.12 -25.45 -23.83
C ASN O 32 -63.38 -26.75 -23.95
N PHE O 33 -62.05 -26.74 -23.76
CA PHE O 33 -61.36 -27.96 -23.99
C PHE O 33 -61.76 -28.97 -22.97
N ASP O 34 -62.00 -28.57 -21.70
CA ASP O 34 -62.39 -29.51 -20.68
C ASP O 34 -63.65 -30.20 -21.07
N CYS O 35 -64.64 -29.45 -21.57
CA CYS O 35 -65.89 -30.07 -21.88
C CYS O 35 -65.66 -31.14 -22.90
N LYS O 36 -64.82 -30.83 -23.92
CA LYS O 36 -64.49 -31.77 -24.96
C LYS O 36 -63.74 -32.87 -24.28
N ASP O 37 -63.01 -32.45 -23.22
CA ASP O 37 -61.98 -33.15 -22.50
C ASP O 37 -62.41 -34.39 -21.82
N VAL O 38 -63.70 -34.59 -21.59
CA VAL O 38 -64.16 -35.66 -20.77
C VAL O 38 -63.62 -36.98 -21.23
N GLN O 39 -63.29 -37.22 -22.49
CA GLN O 39 -62.73 -38.55 -22.56
C GLN O 39 -61.36 -38.58 -21.93
N ASP O 40 -60.55 -37.57 -22.24
CA ASP O 40 -59.20 -37.47 -21.71
C ASP O 40 -59.18 -37.63 -20.20
N MET O 41 -59.79 -36.68 -19.50
CA MET O 41 -59.85 -36.71 -18.05
C MET O 41 -60.30 -38.08 -17.54
N PRO O 42 -61.02 -38.81 -18.38
CA PRO O 42 -61.51 -40.14 -18.02
C PRO O 42 -60.45 -41.20 -18.23
N LYS O 43 -59.19 -40.79 -18.34
CA LYS O 43 -58.09 -41.72 -18.53
C LYS O 43 -56.93 -41.41 -17.60
N SER O 44 -55.98 -42.34 -17.51
CA SER O 44 -54.81 -42.16 -16.64
C SER O 44 -54.53 -40.68 -16.39
N ILE O 45 -55.60 -39.87 -16.40
CA ILE O 45 -55.46 -38.44 -16.18
C ILE O 45 -56.50 -37.95 -15.17
N LEU O 46 -57.76 -38.28 -15.40
CA LEU O 46 -58.85 -37.86 -14.52
C LEU O 46 -60.07 -38.74 -14.72
N SER O 47 -60.35 -39.59 -13.74
CA SER O 47 -61.50 -40.48 -13.80
C SER O 47 -62.69 -39.80 -14.47
N LYS O 48 -63.64 -40.60 -14.93
CA LYS O 48 -64.80 -40.09 -15.58
C LYS O 48 -65.42 -39.11 -14.66
N GLU O 49 -65.48 -39.47 -13.37
CA GLU O 49 -66.11 -38.62 -12.41
C GLU O 49 -65.33 -37.36 -12.31
N GLU O 50 -64.00 -37.48 -12.37
CA GLU O 50 -63.18 -36.33 -12.15
C GLU O 50 -63.37 -35.30 -13.23
N ILE O 51 -63.61 -35.68 -14.50
CA ILE O 51 -63.73 -34.58 -15.42
C ILE O 51 -64.96 -33.82 -15.08
N ASP O 52 -66.04 -34.54 -14.77
CA ASP O 52 -67.27 -33.89 -14.43
C ASP O 52 -67.00 -33.07 -13.21
N HIS O 53 -66.09 -33.56 -12.35
CA HIS O 53 -65.80 -32.85 -11.15
C HIS O 53 -65.26 -31.48 -11.50
N ILE O 54 -64.25 -31.41 -12.38
CA ILE O 54 -63.67 -30.12 -12.70
C ILE O 54 -64.69 -29.27 -13.39
N ILE O 55 -65.44 -29.92 -14.29
CA ILE O 55 -66.39 -29.25 -15.13
C ILE O 55 -67.39 -28.55 -14.26
N MET O 56 -67.82 -29.21 -13.17
CA MET O 56 -68.86 -28.68 -12.33
C MET O 56 -68.46 -27.37 -11.73
N SER O 57 -67.21 -27.23 -11.24
CA SER O 57 -66.82 -25.96 -10.67
C SER O 57 -66.98 -24.94 -11.75
N LYS O 58 -67.99 -24.08 -11.55
CA LYS O 58 -68.45 -23.14 -12.52
C LYS O 58 -67.38 -22.16 -12.86
N ASP O 59 -66.78 -21.58 -11.83
CA ASP O 59 -65.93 -20.45 -12.02
C ASP O 59 -64.76 -20.89 -12.79
N ALA O 60 -64.29 -20.02 -13.71
CA ALA O 60 -63.19 -20.38 -14.54
C ALA O 60 -62.02 -20.65 -13.68
N VAL O 61 -61.83 -19.82 -12.63
CA VAL O 61 -60.72 -19.98 -11.75
C VAL O 61 -60.85 -21.31 -11.08
N SER O 62 -62.06 -21.63 -10.62
CA SER O 62 -62.33 -22.85 -9.90
C SER O 62 -62.09 -24.02 -10.80
N GLY O 63 -62.52 -23.89 -12.06
CA GLY O 63 -62.40 -25.00 -12.96
C GLY O 63 -60.96 -25.34 -13.14
N THR O 64 -60.11 -24.31 -13.30
CA THR O 64 -58.72 -24.58 -13.52
C THR O 64 -58.13 -25.18 -12.28
N LEU O 65 -58.50 -24.64 -11.11
CA LEU O 65 -57.94 -25.10 -9.87
C LEU O 65 -58.36 -26.51 -9.64
N ARG O 66 -59.63 -26.84 -9.95
CA ARG O 66 -60.09 -28.17 -9.68
C ARG O 66 -59.28 -29.17 -10.45
N LEU O 67 -59.03 -28.93 -11.74
CA LEU O 67 -58.32 -29.90 -12.53
C LEU O 67 -56.92 -30.02 -12.02
N PHE O 68 -56.28 -28.90 -11.64
CA PHE O 68 -54.91 -29.00 -11.19
C PHE O 68 -54.89 -29.82 -9.94
N TRP O 69 -55.92 -29.66 -9.10
CA TRP O 69 -55.98 -30.37 -7.85
C TRP O 69 -55.98 -31.84 -8.11
N THR O 70 -56.83 -32.32 -9.05
CA THR O 70 -56.91 -33.73 -9.29
C THR O 70 -55.59 -34.22 -9.81
N LEU O 71 -54.94 -33.39 -10.65
CA LEU O 71 -53.69 -33.71 -11.29
C LEU O 71 -52.64 -33.94 -10.25
N LEU O 72 -52.64 -33.14 -9.17
CA LEU O 72 -51.59 -33.23 -8.19
C LEU O 72 -51.59 -34.60 -7.56
N SER O 73 -52.78 -35.16 -7.31
CA SER O 73 -52.93 -36.40 -6.61
C SER O 73 -52.28 -37.49 -7.38
N LYS O 74 -51.99 -37.28 -8.66
CA LYS O 74 -51.41 -38.36 -9.36
C LYS O 74 -49.94 -38.28 -9.33
N GLN O 75 -49.37 -39.30 -9.98
CA GLN O 75 -47.97 -39.52 -10.01
C GLN O 75 -47.38 -38.78 -11.16
N GLU O 76 -46.07 -38.97 -11.32
CA GLU O 76 -45.33 -38.38 -12.40
C GLU O 76 -45.96 -38.84 -13.65
N GLU O 77 -46.49 -40.08 -13.65
CA GLU O 77 -47.03 -40.62 -14.85
C GLU O 77 -48.11 -39.73 -15.35
N MET O 78 -48.93 -39.18 -14.43
CA MET O 78 -50.04 -38.36 -14.82
C MET O 78 -49.55 -37.15 -15.57
N VAL O 79 -48.45 -36.51 -15.11
CA VAL O 79 -48.04 -35.33 -15.80
C VAL O 79 -47.67 -35.72 -17.19
N GLN O 80 -47.05 -36.89 -17.36
CA GLN O 80 -46.64 -37.35 -18.65
C GLN O 80 -47.84 -37.60 -19.50
N LYS O 81 -48.91 -38.19 -18.93
CA LYS O 81 -50.06 -38.47 -19.73
C LYS O 81 -50.68 -37.17 -20.16
N PHE O 82 -50.80 -36.23 -19.21
CA PHE O 82 -51.38 -34.93 -19.43
C PHE O 82 -50.57 -34.22 -20.46
N VAL O 83 -49.23 -34.32 -20.37
CA VAL O 83 -48.46 -33.59 -21.34
C VAL O 83 -48.78 -34.14 -22.69
N GLU O 84 -48.99 -35.48 -22.76
CA GLU O 84 -49.26 -36.10 -24.03
C GLU O 84 -50.54 -35.57 -24.57
N GLU O 85 -51.58 -35.42 -23.72
CA GLU O 85 -52.84 -34.96 -24.21
C GLU O 85 -52.68 -33.58 -24.75
N VAL O 86 -51.82 -32.75 -24.12
CA VAL O 86 -51.68 -31.40 -24.56
C VAL O 86 -51.09 -31.39 -25.93
N LEU O 87 -50.12 -32.27 -26.21
CA LEU O 87 -49.48 -32.31 -27.51
C LEU O 87 -50.49 -32.80 -28.51
N ARG O 88 -51.32 -33.78 -28.14
CA ARG O 88 -52.30 -34.30 -29.05
C ARG O 88 -53.23 -33.18 -29.39
N ILE O 89 -53.56 -32.38 -28.36
CA ILE O 89 -54.39 -31.22 -28.49
C ILE O 89 -53.66 -30.28 -29.38
N ASN O 90 -52.32 -30.37 -29.35
CA ASN O 90 -51.43 -29.48 -30.03
C ASN O 90 -51.83 -28.15 -29.62
N TYR O 91 -51.82 -28.04 -28.29
CA TYR O 91 -52.06 -26.81 -27.65
C TYR O 91 -50.66 -26.32 -27.66
N LYS O 92 -50.25 -25.86 -28.85
CA LYS O 92 -48.87 -25.71 -29.19
C LYS O 92 -48.09 -24.85 -28.24
N PHE O 93 -48.53 -23.63 -27.99
CA PHE O 93 -47.68 -22.79 -27.20
C PHE O 93 -47.59 -23.37 -25.84
N LEU O 94 -48.71 -23.77 -25.25
CA LEU O 94 -48.67 -24.22 -23.89
C LEU O 94 -47.87 -25.47 -23.81
N MET O 95 -48.00 -26.37 -24.81
CA MET O 95 -47.29 -27.60 -24.67
C MET O 95 -45.82 -27.35 -24.71
N SER O 96 -45.35 -26.35 -25.51
CA SER O 96 -43.93 -26.12 -25.59
C SER O 96 -43.39 -25.76 -24.23
N PRO O 97 -43.88 -24.77 -23.53
CA PRO O 97 -43.37 -24.61 -22.21
C PRO O 97 -43.54 -25.76 -21.27
N ILE O 98 -44.58 -26.59 -21.41
CA ILE O 98 -44.64 -27.66 -20.46
C ILE O 98 -43.47 -28.58 -20.70
N LYS O 99 -43.11 -28.86 -21.97
CA LYS O 99 -42.03 -29.78 -22.19
C LYS O 99 -40.74 -29.21 -21.69
N THR O 100 -40.54 -27.89 -21.78
CA THR O 100 -39.29 -27.35 -21.30
C THR O 100 -39.23 -27.61 -19.82
N GLU O 101 -40.39 -27.49 -19.18
CA GLU O 101 -40.61 -27.66 -17.78
C GLU O 101 -40.14 -29.02 -17.36
N GLN O 102 -40.49 -30.09 -18.09
CA GLN O 102 -40.07 -31.36 -17.60
C GLN O 102 -38.57 -31.44 -17.56
N ARG O 103 -38.05 -31.73 -16.35
CA ARG O 103 -36.66 -31.84 -15.96
C ARG O 103 -35.87 -30.61 -16.28
N GLN O 104 -36.23 -29.44 -15.67
CA GLN O 104 -35.46 -28.23 -15.88
C GLN O 104 -35.38 -27.47 -14.58
N PRO O 105 -34.21 -26.98 -14.24
CA PRO O 105 -34.07 -26.16 -13.05
C PRO O 105 -34.29 -24.69 -13.31
N SER O 106 -34.55 -23.87 -12.25
CA SER O 106 -34.70 -22.44 -12.39
C SER O 106 -34.71 -21.86 -11.01
N MET O 107 -34.36 -20.56 -10.89
CA MET O 107 -34.37 -19.93 -9.60
C MET O 107 -35.78 -19.88 -9.09
N MET O 108 -36.73 -19.46 -9.95
CA MET O 108 -38.11 -19.34 -9.56
C MET O 108 -38.68 -20.68 -9.24
N THR O 109 -38.32 -21.70 -10.03
CA THR O 109 -38.86 -23.01 -9.82
C THR O 109 -38.41 -23.51 -8.49
N ARG O 110 -37.12 -23.30 -8.20
CA ARG O 110 -36.53 -23.82 -6.99
C ARG O 110 -37.17 -23.18 -5.81
N MET O 111 -37.46 -21.87 -5.87
CA MET O 111 -38.04 -21.26 -4.72
C MET O 111 -39.40 -21.81 -4.47
N TYR O 112 -40.18 -22.09 -5.54
CA TYR O 112 -41.51 -22.57 -5.33
C TYR O 112 -41.50 -23.92 -4.69
N ILE O 113 -40.60 -24.81 -5.13
CA ILE O 113 -40.56 -26.14 -4.58
C ILE O 113 -40.22 -26.06 -3.13
N GLU O 114 -39.28 -25.17 -2.78
CA GLU O 114 -38.83 -25.02 -1.43
C GLU O 114 -39.99 -24.63 -0.57
N GLN O 115 -40.81 -23.68 -1.04
CA GLN O 115 -41.90 -23.18 -0.26
C GLN O 115 -42.88 -24.28 0.00
N ARG O 116 -43.15 -25.10 -1.03
CA ARG O 116 -44.09 -26.18 -0.93
C ARG O 116 -43.64 -27.15 0.12
N ASP O 117 -42.34 -27.49 0.14
CA ASP O 117 -41.86 -28.47 1.07
C ASP O 117 -42.00 -27.93 2.46
N ARG O 118 -41.72 -26.63 2.64
CA ARG O 118 -41.77 -26.07 3.96
C ARG O 118 -43.16 -26.16 4.49
N LEU O 119 -44.18 -25.88 3.66
CA LEU O 119 -45.49 -25.94 4.22
C LEU O 119 -45.87 -27.34 4.59
N TYR O 120 -45.42 -28.34 3.83
CA TYR O 120 -45.75 -29.70 4.19
C TYR O 120 -45.20 -29.98 5.54
N ASN O 121 -43.95 -29.58 5.79
CA ASN O 121 -43.27 -29.86 7.03
C ASN O 121 -44.03 -29.21 8.14
N ASP O 122 -44.56 -28.01 7.87
CA ASP O 122 -45.27 -27.24 8.84
C ASP O 122 -46.47 -27.99 9.30
N ASN O 123 -47.18 -28.70 8.40
CA ASN O 123 -48.34 -29.30 8.99
C ASN O 123 -48.95 -30.41 8.20
N GLN O 124 -48.85 -30.37 6.85
CA GLN O 124 -49.61 -31.29 6.04
C GLN O 124 -49.11 -32.71 6.13
N VAL O 125 -49.50 -33.41 7.22
CA VAL O 125 -49.29 -34.82 7.39
C VAL O 125 -50.38 -35.53 6.67
N PHE O 126 -51.59 -35.12 7.05
CA PHE O 126 -52.80 -35.54 6.47
C PHE O 126 -53.75 -34.55 6.61
N ALA O 127 -54.71 -35.07 5.92
CA ALA O 127 -55.85 -34.52 5.58
C ALA O 127 -55.99 -35.26 4.34
N LYS O 128 -56.54 -36.46 4.46
CA LYS O 128 -56.57 -37.28 3.31
C LYS O 128 -57.46 -36.66 2.31
N TYR O 129 -58.67 -36.25 2.71
CA TYR O 129 -59.44 -35.72 1.62
C TYR O 129 -60.12 -34.44 1.97
N ASN O 130 -60.26 -33.59 0.96
CA ASN O 130 -60.60 -32.23 1.23
C ASN O 130 -61.55 -31.66 0.24
N VAL O 131 -62.36 -30.72 0.75
CA VAL O 131 -63.45 -29.98 0.21
C VAL O 131 -62.79 -28.77 -0.29
N SER O 132 -63.16 -28.36 -1.49
CA SER O 132 -62.44 -27.26 -2.04
C SER O 132 -63.31 -26.08 -1.89
N ARG O 133 -62.84 -25.12 -1.08
CA ARG O 133 -63.60 -23.95 -0.91
C ARG O 133 -62.90 -23.05 -1.78
N LEU O 134 -63.33 -23.04 -3.01
CA LEU O 134 -62.59 -22.18 -3.81
C LEU O 134 -62.94 -20.80 -3.35
N GLN O 135 -64.20 -20.61 -2.91
CA GLN O 135 -64.59 -19.28 -2.59
C GLN O 135 -63.75 -18.70 -1.48
N PRO O 136 -63.56 -19.32 -0.35
CA PRO O 136 -62.73 -18.66 0.64
C PRO O 136 -61.28 -18.61 0.27
N TYR O 137 -60.83 -19.61 -0.50
CA TYR O 137 -59.47 -19.76 -0.94
C TYR O 137 -59.08 -18.62 -1.83
N LEU O 138 -59.93 -18.31 -2.82
CA LEU O 138 -59.65 -17.25 -3.73
C LEU O 138 -59.68 -15.94 -3.00
N LYS O 139 -60.63 -15.78 -2.06
CA LYS O 139 -60.76 -14.51 -1.40
C LYS O 139 -59.50 -14.17 -0.68
N LEU O 140 -58.92 -15.14 0.05
CA LEU O 140 -57.76 -14.84 0.83
C LEU O 140 -56.64 -14.46 -0.07
N ARG O 141 -56.45 -15.20 -1.19
CA ARG O 141 -55.27 -14.92 -1.95
C ARG O 141 -55.37 -13.55 -2.54
N GLN O 142 -56.57 -13.18 -3.01
CA GLN O 142 -56.72 -11.94 -3.73
C GLN O 142 -56.38 -10.83 -2.80
N ALA O 143 -56.93 -10.87 -1.57
CA ALA O 143 -56.71 -9.81 -0.64
C ALA O 143 -55.26 -9.75 -0.29
N LEU O 144 -54.64 -10.92 -0.04
CA LEU O 144 -53.29 -10.93 0.42
C LEU O 144 -52.40 -10.38 -0.65
N LEU O 145 -52.69 -10.72 -1.91
CA LEU O 145 -51.89 -10.27 -3.01
C LEU O 145 -52.00 -8.78 -3.04
N GLU O 146 -53.24 -8.27 -2.93
CA GLU O 146 -53.51 -6.87 -3.08
C GLU O 146 -52.88 -6.06 -1.99
N LEU O 147 -53.07 -6.45 -0.70
CA LEU O 147 -52.51 -5.53 0.24
C LEU O 147 -51.23 -6.11 0.69
N ARG O 148 -50.17 -5.78 -0.05
CA ARG O 148 -48.84 -6.19 0.24
C ARG O 148 -48.33 -5.49 1.47
N PRO O 149 -48.57 -4.21 1.62
CA PRO O 149 -48.03 -3.51 2.75
C PRO O 149 -48.60 -4.05 4.02
N ALA O 150 -48.00 -3.69 5.17
CA ALA O 150 -48.40 -4.24 6.43
C ALA O 150 -49.87 -4.09 6.58
N LYS O 151 -50.53 -5.18 7.00
CA LYS O 151 -51.93 -5.17 7.23
C LYS O 151 -52.24 -6.36 8.05
N ASN O 152 -53.53 -6.57 8.39
CA ASN O 152 -53.83 -7.76 9.13
C ASN O 152 -54.91 -8.49 8.40
N VAL O 153 -54.57 -9.67 7.87
CA VAL O 153 -55.57 -10.48 7.23
C VAL O 153 -56.00 -11.41 8.28
N LEU O 154 -57.28 -11.34 8.69
CA LEU O 154 -57.67 -12.30 9.66
C LEU O 154 -58.17 -13.44 8.87
N ILE O 155 -58.16 -14.54 9.58
CA ILE O 155 -58.79 -15.74 9.26
C ILE O 155 -59.20 -16.05 10.64
N ASP O 156 -60.48 -16.31 10.86
CA ASP O 156 -60.86 -16.60 12.21
C ASP O 156 -62.13 -17.39 12.41
N GLY O 157 -62.11 -18.67 12.86
CA GLY O 157 -63.34 -19.43 12.87
C GLY O 157 -63.33 -20.31 14.08
N VAL O 158 -64.28 -21.27 14.13
CA VAL O 158 -64.42 -22.20 15.23
C VAL O 158 -63.17 -23.01 15.27
N LEU O 159 -62.82 -23.56 16.46
CA LEU O 159 -61.63 -24.34 16.50
C LEU O 159 -61.79 -25.49 15.57
N GLY O 160 -60.77 -25.70 14.71
CA GLY O 160 -60.75 -26.82 13.80
C GLY O 160 -61.56 -26.53 12.58
N SER O 161 -61.91 -25.25 12.32
CA SER O 161 -62.69 -24.89 11.17
C SER O 161 -61.86 -25.08 9.95
N GLY O 162 -60.53 -25.21 10.10
CA GLY O 162 -59.71 -25.39 8.94
C GLY O 162 -59.05 -24.10 8.53
N LYS O 163 -58.89 -23.25 9.54
CA LYS O 163 -58.30 -21.96 9.36
C LYS O 163 -56.90 -22.07 8.81
N THR O 164 -56.03 -22.81 9.55
CA THR O 164 -54.59 -23.02 9.40
C THR O 164 -54.28 -23.81 8.20
N TRP O 165 -55.10 -24.84 7.96
CA TRP O 165 -54.89 -25.63 6.80
C TRP O 165 -55.04 -24.67 5.64
N VAL O 166 -56.14 -23.83 5.56
CA VAL O 166 -56.42 -22.93 4.49
C VAL O 166 -55.27 -22.01 4.26
N ALA O 167 -54.68 -21.49 5.35
CA ALA O 167 -53.60 -20.55 5.21
C ALA O 167 -52.44 -21.19 4.53
N LEU O 168 -52.14 -22.44 4.89
CA LEU O 168 -51.00 -23.09 4.32
C LEU O 168 -51.21 -23.21 2.85
N ASP O 169 -52.42 -23.64 2.45
CA ASP O 169 -52.73 -23.89 1.07
C ASP O 169 -52.58 -22.63 0.28
N VAL O 170 -53.01 -21.49 0.85
CA VAL O 170 -52.91 -20.28 0.08
C VAL O 170 -51.48 -20.01 -0.18
N CYS O 171 -50.60 -20.23 0.81
CA CYS O 171 -49.21 -19.97 0.62
C CYS O 171 -48.64 -20.93 -0.40
N LEU O 172 -49.06 -22.23 -0.35
CA LEU O 172 -48.48 -23.25 -1.19
C LEU O 172 -48.74 -23.19 -2.66
N SER O 173 -49.99 -22.97 -3.14
CA SER O 173 -50.23 -23.05 -4.58
C SER O 173 -49.80 -21.78 -5.28
N TYR O 174 -49.55 -20.78 -4.44
CA TYR O 174 -49.25 -19.38 -4.54
C TYR O 174 -47.92 -18.89 -4.97
N LYS O 175 -47.21 -19.58 -5.89
CA LYS O 175 -45.88 -19.19 -6.27
C LYS O 175 -45.81 -17.69 -6.48
N VAL O 176 -46.86 -17.06 -7.04
CA VAL O 176 -46.83 -15.63 -7.25
C VAL O 176 -46.71 -14.91 -5.93
N GLN O 177 -47.51 -15.32 -4.92
CA GLN O 177 -47.54 -14.65 -3.65
C GLN O 177 -46.20 -14.78 -3.00
N CYS O 178 -45.60 -15.98 -3.10
CA CYS O 178 -44.35 -16.23 -2.46
C CYS O 178 -43.30 -15.35 -3.07
N LYS O 179 -43.36 -15.12 -4.39
CA LYS O 179 -42.35 -14.32 -5.01
C LYS O 179 -42.45 -12.91 -4.51
N MET O 180 -43.67 -12.36 -4.46
CA MET O 180 -43.80 -10.98 -4.10
C MET O 180 -43.36 -10.78 -2.70
N ASP O 181 -43.80 -11.64 -1.76
CA ASP O 181 -43.34 -11.45 -0.43
C ASP O 181 -41.91 -11.89 -0.45
N PHE O 182 -41.00 -11.12 0.18
CA PHE O 182 -39.65 -11.57 0.07
C PHE O 182 -39.49 -12.89 0.75
N LYS O 183 -39.96 -12.98 2.00
CA LYS O 183 -39.81 -14.21 2.72
C LYS O 183 -40.98 -14.32 3.63
N ILE O 184 -41.28 -15.53 4.14
CA ILE O 184 -42.41 -15.62 5.00
C ILE O 184 -42.02 -16.36 6.24
N PHE O 185 -42.51 -15.89 7.40
CA PHE O 185 -42.21 -16.51 8.66
C PHE O 185 -43.51 -16.98 9.22
N TRP O 186 -43.58 -18.27 9.62
CA TRP O 186 -44.81 -18.79 10.15
C TRP O 186 -44.52 -19.29 11.53
N LEU O 187 -45.30 -18.82 12.52
CA LEU O 187 -45.13 -19.32 13.86
C LEU O 187 -46.49 -19.51 14.45
N ASN O 188 -46.64 -20.55 15.30
CA ASN O 188 -47.89 -20.76 15.94
C ASN O 188 -47.72 -20.24 17.32
N LEU O 189 -48.46 -19.17 17.66
CA LEU O 189 -48.27 -18.54 18.93
C LEU O 189 -48.77 -19.42 20.03
N LYS O 190 -47.95 -19.49 21.09
CA LYS O 190 -48.21 -20.15 22.33
C LYS O 190 -48.96 -19.10 23.10
N ASN O 191 -49.74 -19.50 24.12
CA ASN O 191 -50.60 -18.62 24.87
C ASN O 191 -49.82 -17.39 25.24
N CYS O 192 -50.20 -16.25 24.61
CA CYS O 192 -49.63 -14.93 24.79
C CYS O 192 -50.11 -14.33 26.07
N ASN O 193 -51.33 -14.68 26.51
CA ASN O 193 -51.83 -14.08 27.69
C ASN O 193 -50.93 -14.38 28.85
N SER O 194 -50.27 -15.55 28.85
CA SER O 194 -49.28 -15.79 29.87
C SER O 194 -48.10 -14.92 29.51
N PRO O 195 -47.62 -14.18 30.48
CA PRO O 195 -46.58 -13.19 30.35
C PRO O 195 -45.23 -13.53 29.74
N GLU O 196 -44.49 -14.50 30.32
CA GLU O 196 -43.14 -14.77 29.90
C GLU O 196 -43.21 -15.18 28.47
N THR O 197 -44.40 -15.67 28.07
CA THR O 197 -44.61 -16.22 26.76
C THR O 197 -44.20 -15.24 25.71
N VAL O 198 -44.56 -13.95 25.84
CA VAL O 198 -44.28 -13.04 24.76
C VAL O 198 -42.80 -12.99 24.51
N LEU O 199 -41.98 -12.85 25.57
CA LEU O 199 -40.56 -12.78 25.32
C LEU O 199 -40.09 -14.04 24.72
N GLU O 200 -40.63 -15.17 25.19
CA GLU O 200 -40.20 -16.46 24.73
C GLU O 200 -40.41 -16.53 23.26
N MET O 201 -41.61 -16.10 22.79
CA MET O 201 -41.93 -16.23 21.40
C MET O 201 -41.01 -15.38 20.58
N LEU O 202 -40.74 -14.15 21.05
CA LEU O 202 -39.99 -13.22 20.28
C LEU O 202 -38.57 -13.68 20.21
N GLN O 203 -38.09 -14.38 21.26
CA GLN O 203 -36.72 -14.81 21.25
C GLN O 203 -36.54 -15.74 20.10
N LYS O 204 -37.52 -16.63 19.86
CA LYS O 204 -37.44 -17.58 18.79
C LYS O 204 -37.39 -16.81 17.51
N LEU O 205 -38.15 -15.71 17.43
CA LEU O 205 -38.19 -14.92 16.24
C LEU O 205 -36.81 -14.44 16.00
N LEU O 206 -36.14 -14.02 17.07
CA LEU O 206 -34.85 -13.42 16.99
C LEU O 206 -33.94 -14.49 16.44
N TYR O 207 -34.11 -15.74 16.91
CA TYR O 207 -33.22 -16.79 16.49
C TYR O 207 -33.36 -17.02 15.01
N GLN O 208 -34.61 -17.12 14.52
CA GLN O 208 -34.85 -17.43 13.14
C GLN O 208 -34.39 -16.32 12.28
N ILE O 209 -34.55 -15.06 12.73
CA ILE O 209 -34.19 -13.96 11.90
C ILE O 209 -32.73 -14.08 11.63
N ASP O 210 -31.94 -14.40 12.67
CA ASP O 210 -30.52 -14.67 12.60
C ASP O 210 -30.13 -15.14 13.96
N PRO O 211 -29.25 -16.10 13.98
CA PRO O 211 -28.63 -16.55 15.20
C PRO O 211 -27.44 -15.66 15.44
N ASN O 212 -27.29 -14.61 14.62
CA ASN O 212 -26.14 -13.76 14.45
C ASN O 212 -25.50 -13.28 15.71
N TRP O 213 -25.37 -11.94 15.76
CA TRP O 213 -24.93 -11.03 16.77
C TRP O 213 -26.08 -10.89 17.68
N THR O 214 -27.17 -11.42 17.15
CA THR O 214 -28.49 -11.49 17.59
C THR O 214 -28.38 -11.70 19.08
N SER O 215 -27.65 -12.74 19.48
CA SER O 215 -27.49 -13.15 20.85
C SER O 215 -26.71 -12.20 21.74
N ARG O 216 -25.78 -11.37 21.19
CA ARG O 216 -24.83 -10.64 21.99
C ARG O 216 -25.42 -9.62 22.95
N SER O 217 -26.43 -8.81 22.53
CA SER O 217 -26.89 -7.68 23.31
C SER O 217 -27.55 -8.07 24.58
N ASP O 218 -27.59 -7.10 25.52
CA ASP O 218 -28.01 -7.29 26.87
C ASP O 218 -29.39 -7.82 26.97
N HIS O 219 -29.50 -9.00 27.59
CA HIS O 219 -30.79 -9.55 27.87
C HIS O 219 -31.01 -9.15 29.28
N SER O 220 -31.93 -8.19 29.49
CA SER O 220 -32.14 -7.64 30.79
C SER O 220 -32.73 -8.66 31.69
N SER O 221 -32.22 -8.65 32.93
CA SER O 221 -32.67 -9.59 33.91
C SER O 221 -34.11 -9.31 34.14
N ASN O 222 -34.47 -8.01 34.22
CA ASN O 222 -35.86 -7.72 34.42
C ASN O 222 -36.47 -7.73 33.06
N ILE O 223 -37.77 -8.11 33.02
CA ILE O 223 -38.50 -8.17 31.79
C ILE O 223 -38.64 -6.80 31.24
N LYS O 224 -38.76 -5.80 32.13
CA LYS O 224 -39.13 -4.46 31.76
C LYS O 224 -38.27 -3.99 30.63
N LEU O 225 -36.94 -4.23 30.69
CA LEU O 225 -36.05 -3.85 29.63
C LEU O 225 -36.06 -4.78 28.43
N ARG O 226 -36.04 -6.11 28.65
CA ARG O 226 -35.81 -7.09 27.61
C ARG O 226 -36.85 -7.05 26.53
N ILE O 227 -38.16 -6.97 26.87
CA ILE O 227 -39.16 -7.05 25.85
C ILE O 227 -38.96 -5.89 24.92
N HIS O 228 -38.73 -4.69 25.50
CA HIS O 228 -38.58 -3.51 24.71
C HIS O 228 -37.38 -3.68 23.85
N SER O 229 -36.29 -4.21 24.42
CA SER O 229 -35.07 -4.34 23.70
C SER O 229 -35.27 -5.27 22.55
N ILE O 230 -36.04 -6.35 22.77
CA ILE O 230 -36.21 -7.28 21.70
C ILE O 230 -36.93 -6.64 20.57
N GLN O 231 -37.97 -5.84 20.86
CA GLN O 231 -38.72 -5.27 19.78
C GLN O 231 -37.79 -4.44 18.97
N ALA O 232 -36.87 -3.72 19.64
CA ALA O 232 -35.95 -2.88 18.92
C ALA O 232 -35.10 -3.74 18.03
N GLU O 233 -34.61 -4.88 18.56
CA GLU O 233 -33.74 -5.71 17.77
C GLU O 233 -34.50 -6.28 16.62
N LEU O 234 -35.76 -6.67 16.85
CA LEU O 234 -36.54 -7.30 15.83
C LEU O 234 -36.68 -6.32 14.70
N ARG O 235 -36.98 -5.05 15.04
CA ARG O 235 -37.17 -4.05 14.03
C ARG O 235 -35.90 -3.88 13.27
N ARG O 236 -34.77 -3.84 14.00
CA ARG O 236 -33.49 -3.62 13.42
C ARG O 236 -33.18 -4.72 12.45
N LEU O 237 -33.42 -5.98 12.85
CA LEU O 237 -33.09 -7.05 11.96
C LEU O 237 -33.95 -7.01 10.75
N LEU O 238 -35.22 -6.60 10.88
CA LEU O 238 -36.01 -6.61 9.68
C LEU O 238 -35.42 -5.66 8.67
N LYS O 239 -34.99 -4.47 9.10
CA LYS O 239 -34.46 -3.53 8.17
C LYS O 239 -33.18 -4.07 7.60
N SER O 240 -32.38 -4.73 8.46
CA SER O 240 -31.04 -5.14 8.11
C SER O 240 -31.04 -5.99 6.89
N LYS O 241 -32.00 -6.92 6.73
CA LYS O 241 -31.93 -7.75 5.57
C LYS O 241 -33.04 -7.38 4.62
N PRO O 242 -33.20 -8.12 3.55
CA PRO O 242 -34.19 -7.83 2.55
C PRO O 242 -35.62 -8.07 2.95
N TYR O 243 -35.89 -8.24 4.26
CA TYR O 243 -37.13 -8.62 4.88
C TYR O 243 -38.29 -7.69 4.60
N GLU O 244 -38.09 -6.42 4.18
CA GLU O 244 -39.07 -5.37 4.21
C GLU O 244 -40.48 -5.78 3.87
N ASN O 245 -40.85 -6.42 2.75
CA ASN O 245 -42.23 -6.87 2.72
C ASN O 245 -42.13 -8.32 2.98
N CYS O 246 -42.11 -8.69 4.28
CA CYS O 246 -41.95 -10.04 4.71
C CYS O 246 -43.29 -10.48 5.21
N LEU O 247 -43.71 -11.70 4.84
CA LEU O 247 -45.02 -12.12 5.26
C LEU O 247 -44.86 -12.92 6.49
N LEU O 248 -45.56 -12.52 7.57
CA LEU O 248 -45.43 -13.27 8.77
C LEU O 248 -46.79 -13.80 9.05
N VAL O 249 -46.87 -15.08 9.46
CA VAL O 249 -48.17 -15.59 9.74
C VAL O 249 -48.17 -15.99 11.17
N LEU O 250 -49.12 -15.43 11.96
CA LEU O 250 -49.15 -15.88 13.32
C LEU O 250 -50.29 -16.82 13.40
N LEU O 251 -50.00 -18.08 13.71
CA LEU O 251 -51.01 -19.08 13.78
C LEU O 251 -51.52 -19.16 15.18
N ASN O 252 -52.85 -19.34 15.30
CA ASN O 252 -53.52 -19.48 16.57
C ASN O 252 -53.10 -18.41 17.52
N VAL O 253 -53.41 -17.13 17.21
CA VAL O 253 -53.03 -16.08 18.12
C VAL O 253 -54.14 -15.87 19.09
N GLN O 254 -53.87 -16.23 20.36
CA GLN O 254 -54.79 -16.12 21.46
C GLN O 254 -54.92 -14.70 21.97
N ASN O 255 -53.78 -13.99 22.13
CA ASN O 255 -53.83 -12.72 22.84
C ASN O 255 -53.63 -11.56 21.91
N ALA O 256 -54.30 -10.44 22.26
CA ALA O 256 -54.32 -9.21 21.53
C ALA O 256 -52.96 -8.62 21.48
N LYS O 257 -52.17 -8.80 22.55
CA LYS O 257 -50.88 -8.18 22.63
C LYS O 257 -50.06 -8.58 21.46
N ALA O 258 -50.20 -9.83 20.98
CA ALA O 258 -49.41 -10.24 19.86
C ALA O 258 -49.76 -9.34 18.72
N TRP O 259 -51.05 -9.02 18.61
CA TRP O 259 -51.58 -8.21 17.55
C TRP O 259 -51.00 -6.83 17.70
N ASN O 260 -50.92 -6.29 18.92
CA ASN O 260 -50.37 -4.98 19.06
C ASN O 260 -48.90 -4.99 18.75
N ALA O 261 -48.20 -6.09 19.09
CA ALA O 261 -46.80 -6.21 18.83
C ALA O 261 -46.63 -6.10 17.34
N PHE O 262 -47.63 -6.63 16.61
CA PHE O 262 -47.68 -6.61 15.18
C PHE O 262 -47.57 -5.18 14.77
N ASN O 263 -48.30 -4.29 15.47
CA ASN O 263 -48.36 -2.91 15.08
C ASN O 263 -46.95 -2.43 15.00
N LEU O 264 -46.15 -2.73 16.03
CA LEU O 264 -44.77 -2.39 15.88
C LEU O 264 -44.16 -3.61 15.25
N SER O 265 -44.32 -3.75 13.93
CA SER O 265 -43.83 -4.90 13.22
C SER O 265 -44.16 -4.74 11.78
N CYS O 266 -44.44 -5.88 11.10
CA CYS O 266 -44.70 -5.85 9.68
C CYS O 266 -46.06 -6.43 9.41
N LYS O 267 -46.28 -6.88 8.15
CA LYS O 267 -47.52 -7.41 7.65
C LYS O 267 -47.74 -8.80 8.17
N ILE O 268 -49.02 -9.17 8.40
CA ILE O 268 -49.34 -10.44 8.98
C ILE O 268 -50.62 -11.01 8.43
N LEU O 269 -50.68 -12.37 8.39
CA LEU O 269 -51.88 -13.12 8.19
C LEU O 269 -52.12 -13.78 9.51
N LEU O 270 -53.33 -13.65 10.07
CA LEU O 270 -53.50 -14.23 11.37
C LEU O 270 -54.65 -15.18 11.34
N THR O 271 -54.54 -16.29 12.10
CA THR O 271 -55.63 -17.22 12.23
C THR O 271 -56.05 -17.16 13.67
N THR O 272 -57.35 -16.94 13.95
CA THR O 272 -57.74 -16.85 15.33
C THR O 272 -59.15 -17.32 15.52
N ARG O 273 -59.43 -17.90 16.70
CA ARG O 273 -60.70 -18.45 17.13
C ARG O 273 -61.68 -17.43 17.60
N PHE O 274 -61.30 -16.15 17.62
CA PHE O 274 -62.22 -15.17 18.03
C PHE O 274 -62.42 -14.39 16.76
N LYS O 275 -63.49 -13.57 16.65
CA LYS O 275 -63.58 -12.51 15.68
C LYS O 275 -63.18 -11.22 16.33
N GLN O 276 -63.55 -11.01 17.62
CA GLN O 276 -63.36 -9.68 18.13
C GLN O 276 -61.91 -9.36 18.29
N VAL O 277 -61.05 -10.36 18.52
CA VAL O 277 -59.63 -10.11 18.63
C VAL O 277 -59.18 -9.41 17.39
N THR O 278 -59.71 -9.88 16.25
CA THR O 278 -59.46 -9.40 14.94
C THR O 278 -59.85 -7.97 14.88
N ASP O 279 -61.04 -7.69 15.43
CA ASP O 279 -61.63 -6.40 15.37
C ASP O 279 -60.75 -5.43 16.10
N PHE O 280 -60.23 -5.83 17.28
CA PHE O 280 -59.43 -4.94 18.07
C PHE O 280 -58.18 -4.58 17.33
N LEU O 281 -57.55 -5.58 16.69
CA LEU O 281 -56.33 -5.38 15.98
C LEU O 281 -56.55 -4.40 14.86
N SER O 282 -57.69 -4.51 14.15
CA SER O 282 -58.02 -3.66 13.04
C SER O 282 -58.22 -2.27 13.55
N ALA O 283 -58.75 -2.13 14.77
CA ALA O 283 -58.96 -0.81 15.27
C ALA O 283 -57.63 -0.17 15.53
N ALA O 284 -56.70 -0.92 16.16
CA ALA O 284 -55.45 -0.32 16.55
C ALA O 284 -54.73 0.12 15.33
N THR O 285 -54.63 -0.78 14.34
CA THR O 285 -54.01 -0.44 13.09
C THR O 285 -55.10 -0.55 12.11
N THR O 286 -55.32 0.52 11.33
CA THR O 286 -56.36 0.52 10.37
C THR O 286 -56.01 -0.52 9.34
N THR O 287 -56.70 -0.54 8.20
CA THR O 287 -56.45 -1.54 7.21
C THR O 287 -56.46 -2.93 7.75
N HIS O 288 -57.67 -3.44 8.06
CA HIS O 288 -57.81 -4.81 8.44
C HIS O 288 -58.60 -5.47 7.36
N ILE O 289 -58.35 -6.78 7.15
CA ILE O 289 -59.05 -7.56 6.16
C ILE O 289 -59.56 -8.75 6.90
N SER O 290 -60.82 -9.17 6.65
CA SER O 290 -61.24 -10.29 7.44
C SER O 290 -61.74 -11.37 6.53
N LEU O 291 -61.31 -12.61 6.81
CA LEU O 291 -61.80 -13.73 6.06
C LEU O 291 -62.33 -14.64 7.13
N ASP O 292 -63.64 -14.90 7.10
CA ASP O 292 -64.21 -15.73 8.10
C ASP O 292 -64.41 -17.10 7.49
N HIS O 293 -64.22 -18.22 8.24
CA HIS O 293 -63.87 -18.29 9.63
C HIS O 293 -65.15 -17.83 10.36
N HIS O 294 -66.18 -17.73 9.55
CA HIS O 294 -67.47 -17.28 9.93
C HIS O 294 -67.92 -17.06 8.55
N SER O 295 -69.13 -16.53 8.35
CA SER O 295 -69.68 -16.22 7.06
C SER O 295 -70.63 -17.33 6.69
N MET O 296 -70.78 -17.52 5.36
CA MET O 296 -71.61 -18.42 4.61
C MET O 296 -71.22 -19.88 4.74
N THR O 297 -69.92 -20.17 4.95
CA THR O 297 -69.30 -21.48 5.07
C THR O 297 -69.27 -22.40 3.88
N LEU O 298 -68.85 -21.91 2.69
CA LEU O 298 -68.55 -22.85 1.63
C LEU O 298 -69.79 -23.58 1.24
N THR O 299 -69.59 -24.84 0.81
CA THR O 299 -70.67 -25.71 0.46
C THR O 299 -70.46 -27.02 1.16
N PRO O 300 -71.46 -27.45 1.90
CA PRO O 300 -71.36 -28.68 2.62
C PRO O 300 -71.23 -29.87 1.73
N ASP O 301 -71.72 -29.78 0.48
CA ASP O 301 -71.61 -30.90 -0.41
C ASP O 301 -70.16 -31.13 -0.67
N GLU O 302 -69.41 -30.06 -0.94
CA GLU O 302 -68.02 -30.17 -1.26
C GLU O 302 -67.28 -30.65 -0.06
N VAL O 303 -67.64 -30.12 1.12
CA VAL O 303 -66.94 -30.48 2.31
C VAL O 303 -67.17 -31.93 2.52
N LYS O 304 -68.42 -32.38 2.38
CA LYS O 304 -68.71 -33.75 2.68
C LYS O 304 -67.91 -34.62 1.76
N SER O 305 -67.75 -34.18 0.49
CA SER O 305 -67.04 -35.00 -0.45
C SER O 305 -65.63 -35.11 0.01
N LEU O 306 -65.15 -34.07 0.74
CA LEU O 306 -63.81 -34.04 1.22
C LEU O 306 -63.61 -35.19 2.11
N LEU O 307 -64.50 -35.29 3.09
CA LEU O 307 -64.36 -36.26 4.11
C LEU O 307 -64.53 -37.57 3.43
N LEU O 308 -65.40 -37.55 2.41
CA LEU O 308 -65.79 -38.73 1.71
C LEU O 308 -64.60 -39.32 1.05
N LYS O 309 -63.69 -38.53 0.45
CA LYS O 309 -62.60 -39.24 -0.15
C LYS O 309 -61.66 -39.77 0.89
N TYR O 310 -61.50 -39.03 2.02
CA TYR O 310 -60.61 -39.48 3.05
C TYR O 310 -61.03 -40.86 3.44
N LEU O 311 -62.29 -40.92 3.84
CA LEU O 311 -62.96 -42.05 4.38
C LEU O 311 -63.37 -43.12 3.38
N ASP O 312 -63.75 -42.72 2.15
CA ASP O 312 -64.36 -43.50 1.10
C ASP O 312 -65.62 -44.25 1.58
N CYS O 313 -66.79 -43.53 1.62
CA CYS O 313 -68.06 -44.03 2.16
C CYS O 313 -69.22 -44.14 1.20
N ARG O 314 -70.48 -44.17 1.76
CA ARG O 314 -71.73 -44.34 1.04
C ARG O 314 -72.67 -43.19 1.34
N PRO O 315 -73.44 -42.86 0.32
CA PRO O 315 -74.39 -41.77 0.29
C PRO O 315 -75.45 -41.88 1.34
N GLN O 316 -75.89 -43.10 1.66
CA GLN O 316 -76.88 -43.26 2.68
C GLN O 316 -76.23 -42.79 3.93
N ASP O 317 -74.94 -43.09 4.02
CA ASP O 317 -74.14 -42.78 5.15
C ASP O 317 -73.96 -41.31 5.30
N LEU O 318 -74.06 -40.59 4.18
CA LEU O 318 -73.70 -39.21 4.15
C LEU O 318 -74.38 -38.38 5.16
N PRO O 319 -75.65 -38.50 5.33
CA PRO O 319 -76.31 -37.62 6.26
C PRO O 319 -75.75 -37.82 7.63
N ARG O 320 -75.16 -38.97 7.92
CA ARG O 320 -74.60 -39.06 9.23
C ARG O 320 -73.48 -38.06 9.31
N GLU O 321 -72.70 -38.00 8.22
CA GLU O 321 -71.51 -37.18 8.09
C GLU O 321 -71.87 -35.75 8.06
N VAL O 322 -73.03 -35.43 7.44
CA VAL O 322 -73.43 -34.08 7.17
C VAL O 322 -73.39 -33.45 8.51
N LEU O 323 -73.80 -34.20 9.55
CA LEU O 323 -73.68 -33.68 10.88
C LEU O 323 -72.33 -34.08 11.39
N THR O 324 -71.62 -33.16 12.08
CA THR O 324 -72.13 -31.83 12.29
C THR O 324 -71.48 -30.91 11.32
N THR O 325 -71.91 -29.63 11.35
CA THR O 325 -71.42 -28.63 10.44
C THR O 325 -69.95 -28.37 10.64
N ASN O 326 -69.49 -28.28 11.90
CA ASN O 326 -68.12 -27.83 12.06
C ASN O 326 -67.10 -28.77 11.55
N PRO O 327 -66.18 -28.13 10.88
CA PRO O 327 -65.07 -28.79 10.27
C PRO O 327 -64.17 -29.39 11.30
N ARG O 328 -64.05 -28.79 12.51
CA ARG O 328 -63.14 -29.42 13.41
C ARG O 328 -63.73 -30.74 13.78
N ARG O 329 -65.05 -30.72 14.05
CA ARG O 329 -65.69 -31.92 14.46
C ARG O 329 -65.69 -32.89 13.32
N LEU O 330 -65.81 -32.37 12.09
CA LEU O 330 -65.87 -33.27 10.98
C LEU O 330 -64.57 -34.01 10.96
N SER O 331 -63.47 -33.33 11.17
CA SER O 331 -62.29 -34.08 11.00
C SER O 331 -61.99 -34.94 12.21
N ILE O 332 -62.41 -34.52 13.44
CA ILE O 332 -62.22 -35.41 14.55
C ILE O 332 -62.97 -36.68 14.28
N ILE O 333 -64.19 -36.55 13.75
CA ILE O 333 -65.02 -37.68 13.44
C ILE O 333 -64.34 -38.46 12.35
N ALA O 334 -63.81 -37.77 11.32
CA ALA O 334 -63.24 -38.43 10.18
C ALA O 334 -62.11 -39.30 10.61
N GLU O 335 -61.28 -38.80 11.54
CA GLU O 335 -60.18 -39.57 12.00
C GLU O 335 -60.71 -40.82 12.65
N SER O 336 -61.78 -40.67 13.47
CA SER O 336 -62.34 -41.76 14.21
C SER O 336 -62.88 -42.77 13.27
N ILE O 337 -63.55 -42.30 12.20
CA ILE O 337 -64.12 -43.17 11.23
C ILE O 337 -63.05 -43.91 10.49
N ARG O 338 -61.87 -43.33 10.26
CA ARG O 338 -60.89 -44.14 9.58
C ARG O 338 -60.65 -45.31 10.47
N ASP O 339 -60.60 -45.08 11.79
CA ASP O 339 -60.50 -46.22 12.66
C ASP O 339 -61.78 -47.04 12.81
N GLY O 340 -63.01 -46.45 12.76
CA GLY O 340 -64.28 -47.15 13.02
C GLY O 340 -65.45 -46.61 12.12
N LEU O 341 -66.73 -46.37 12.61
CA LEU O 341 -67.96 -46.20 11.75
C LEU O 341 -68.79 -44.80 11.62
N ALA O 342 -69.73 -44.48 10.54
CA ALA O 342 -70.79 -43.48 10.65
C ALA O 342 -71.88 -44.45 10.93
N THR O 343 -71.96 -44.93 12.19
CA THR O 343 -72.96 -45.91 12.50
C THR O 343 -73.29 -45.86 13.94
N TRP O 344 -73.80 -46.99 14.46
CA TRP O 344 -74.24 -47.05 15.82
C TRP O 344 -73.08 -46.76 16.71
N ASP O 345 -71.88 -47.31 16.40
CA ASP O 345 -70.75 -47.07 17.25
C ASP O 345 -70.39 -45.61 17.25
N ASN O 346 -70.37 -44.98 16.06
CA ASN O 346 -69.96 -43.62 15.85
C ASN O 346 -70.86 -42.72 16.62
N TRP O 347 -72.16 -42.90 16.42
CA TRP O 347 -73.12 -42.07 17.08
C TRP O 347 -72.99 -42.32 18.54
N LYS O 348 -72.67 -43.58 18.90
CA LYS O 348 -72.59 -43.96 20.27
C LYS O 348 -71.58 -43.12 20.98
N HIS O 349 -70.39 -42.91 20.37
CA HIS O 349 -69.35 -42.16 21.01
C HIS O 349 -69.76 -40.73 21.19
N VAL O 350 -70.32 -40.16 20.09
CA VAL O 350 -70.72 -38.79 19.83
C VAL O 350 -69.55 -37.88 19.54
N ASN O 351 -68.36 -38.45 19.22
CA ASN O 351 -67.15 -37.74 18.89
C ASN O 351 -66.80 -36.68 19.88
N CYS O 352 -66.79 -37.10 21.15
CA CYS O 352 -66.39 -36.33 22.27
C CYS O 352 -64.95 -36.47 22.68
N ASP O 353 -64.29 -37.60 22.30
CA ASP O 353 -63.02 -37.91 22.91
C ASP O 353 -62.04 -36.79 22.76
N LYS O 354 -61.82 -36.32 21.52
CA LYS O 354 -60.91 -35.24 21.30
C LYS O 354 -61.45 -33.95 21.84
N LEU O 355 -62.70 -33.64 21.49
CA LEU O 355 -63.30 -32.36 21.75
C LEU O 355 -63.45 -32.07 23.21
N THR O 356 -63.83 -33.07 24.03
CA THR O 356 -64.08 -32.78 25.41
C THR O 356 -62.83 -32.24 26.00
N THR O 357 -61.68 -32.87 25.73
CA THR O 357 -60.45 -32.41 26.29
C THR O 357 -60.17 -31.04 25.73
N ILE O 358 -60.47 -30.85 24.43
CA ILE O 358 -60.16 -29.63 23.76
C ILE O 358 -60.89 -28.49 24.39
N ILE O 359 -62.20 -28.65 24.63
CA ILE O 359 -63.06 -27.64 25.17
C ILE O 359 -62.62 -27.32 26.57
N GLU O 360 -62.18 -28.35 27.32
CA GLU O 360 -61.84 -28.18 28.70
C GLU O 360 -60.82 -27.09 28.83
N SER O 361 -59.82 -27.08 27.94
CA SER O 361 -58.79 -26.08 28.03
C SER O 361 -59.44 -24.75 27.79
N SER O 362 -60.49 -24.73 26.94
CA SER O 362 -61.15 -23.51 26.60
C SER O 362 -61.78 -22.91 27.82
N LEU O 363 -62.37 -23.75 28.69
CA LEU O 363 -63.07 -23.25 29.83
C LEU O 363 -62.09 -22.57 30.75
N ASN O 364 -60.88 -23.14 30.88
CA ASN O 364 -59.92 -22.65 31.82
C ASN O 364 -59.56 -21.23 31.50
N VAL O 365 -59.58 -20.87 30.21
CA VAL O 365 -59.12 -19.56 29.82
C VAL O 365 -59.95 -18.47 30.48
N LEU O 366 -61.28 -18.67 30.67
CA LEU O 366 -62.13 -17.68 31.28
C LEU O 366 -62.09 -17.84 32.81
N GLU O 367 -62.81 -16.99 33.62
CA GLU O 367 -62.76 -17.07 35.07
C GLU O 367 -63.95 -17.84 35.60
N PRO O 368 -63.61 -18.92 36.23
CA PRO O 368 -64.53 -19.92 36.69
C PRO O 368 -65.62 -19.49 37.61
N ALA O 369 -65.38 -18.56 38.55
CA ALA O 369 -66.46 -18.37 39.47
C ALA O 369 -67.67 -17.83 38.77
N GLU O 370 -67.54 -16.63 38.16
CA GLU O 370 -68.72 -16.08 37.56
C GLU O 370 -69.00 -16.69 36.22
N TYR O 371 -68.01 -16.65 35.33
CA TYR O 371 -68.19 -17.04 33.96
C TYR O 371 -68.37 -18.52 33.84
N ARG O 372 -67.52 -19.30 34.54
CA ARG O 372 -67.66 -20.73 34.40
C ARG O 372 -69.01 -21.12 34.90
N LYS O 373 -69.45 -20.50 36.01
CA LYS O 373 -70.72 -20.81 36.58
C LYS O 373 -71.82 -20.35 35.68
N MET O 374 -71.69 -19.12 35.14
CA MET O 374 -72.73 -18.56 34.34
C MET O 374 -72.96 -19.37 33.11
N PHE O 375 -71.89 -19.84 32.47
CA PHE O 375 -71.95 -20.69 31.32
C PHE O 375 -72.51 -22.04 31.70
N ASP O 376 -72.13 -22.52 32.89
CA ASP O 376 -72.47 -23.86 33.28
C ASP O 376 -73.96 -24.02 33.28
N ARG O 377 -74.69 -22.94 33.57
CA ARG O 377 -76.12 -22.92 33.66
C ARG O 377 -76.80 -23.17 32.33
N LEU O 378 -76.19 -22.75 31.22
CA LEU O 378 -76.82 -22.71 29.91
C LEU O 378 -77.31 -24.08 29.53
N SER O 379 -76.82 -25.12 30.20
CA SER O 379 -77.14 -26.49 29.86
C SER O 379 -78.65 -26.78 29.73
N VAL O 380 -79.55 -26.53 30.74
CA VAL O 380 -80.97 -26.88 30.63
C VAL O 380 -81.64 -25.87 29.76
N PHE O 381 -81.55 -26.11 28.44
CA PHE O 381 -82.13 -25.30 27.42
C PHE O 381 -82.19 -26.15 26.20
N PRO O 382 -83.08 -25.79 25.34
CA PRO O 382 -83.11 -26.49 24.10
C PRO O 382 -81.98 -26.11 23.22
N PRO O 383 -81.41 -27.10 22.59
CA PRO O 383 -80.29 -26.89 21.72
C PRO O 383 -80.73 -26.42 20.38
N SER O 384 -79.90 -25.58 19.73
CA SER O 384 -80.16 -25.12 18.40
C SER O 384 -81.53 -24.56 18.36
N ALA O 385 -82.03 -24.06 19.51
CA ALA O 385 -83.33 -23.51 19.47
C ALA O 385 -83.26 -22.14 20.03
N HIS O 386 -83.40 -21.13 19.15
CA HIS O 386 -83.34 -19.74 19.45
C HIS O 386 -84.09 -19.48 20.72
N ILE O 387 -83.34 -19.11 21.79
CA ILE O 387 -83.94 -18.87 23.05
C ILE O 387 -83.71 -17.43 23.39
N PRO O 388 -84.78 -16.74 23.71
CA PRO O 388 -84.67 -15.34 23.98
C PRO O 388 -83.90 -15.04 25.22
N THR O 389 -83.36 -13.81 25.31
CA THR O 389 -82.51 -13.38 26.39
C THR O 389 -83.28 -13.41 27.66
N ILE O 390 -84.58 -13.01 27.63
CA ILE O 390 -85.36 -12.96 28.82
C ILE O 390 -85.33 -14.32 29.43
N LEU O 391 -85.41 -15.35 28.58
CA LEU O 391 -85.36 -16.71 29.01
C LEU O 391 -84.00 -16.99 29.58
N LEU O 392 -82.98 -16.42 28.92
CA LEU O 392 -81.60 -16.62 29.21
C LEU O 392 -81.32 -16.07 30.57
N SER O 393 -81.95 -14.93 30.92
CA SER O 393 -81.69 -14.28 32.16
C SER O 393 -82.04 -15.20 33.29
N LEU O 394 -83.09 -16.03 33.14
CA LEU O 394 -83.46 -16.85 34.25
C LEU O 394 -82.29 -17.72 34.63
N ILE O 395 -81.73 -18.41 33.64
CA ILE O 395 -80.63 -19.29 33.86
C ILE O 395 -79.38 -18.52 34.16
N TRP O 396 -79.10 -17.44 33.40
CA TRP O 396 -77.84 -16.80 33.59
C TRP O 396 -77.78 -16.16 34.95
N PHE O 397 -78.90 -15.59 35.44
CA PHE O 397 -78.83 -14.87 36.70
C PHE O 397 -78.46 -15.75 37.86
N ASP O 398 -77.20 -15.68 38.31
CA ASP O 398 -76.80 -16.16 39.62
C ASP O 398 -76.90 -14.99 40.55
N VAL O 399 -76.55 -13.67 40.03
CA VAL O 399 -76.54 -12.36 40.61
C VAL O 399 -77.44 -11.64 39.68
N ILE O 400 -77.94 -10.42 39.99
CA ILE O 400 -78.87 -9.95 39.02
C ILE O 400 -78.63 -8.56 38.58
N LYS O 401 -78.85 -8.36 37.26
CA LYS O 401 -78.76 -7.15 36.51
C LYS O 401 -77.84 -7.38 35.38
N SER O 402 -77.35 -6.27 34.77
CA SER O 402 -76.56 -6.31 33.59
C SER O 402 -75.31 -7.09 33.84
N ASP O 403 -75.03 -7.44 35.11
CA ASP O 403 -73.82 -8.13 35.48
C ASP O 403 -73.81 -9.37 34.65
N VAL O 404 -74.98 -10.00 34.58
CA VAL O 404 -75.19 -11.21 33.85
C VAL O 404 -74.99 -10.91 32.40
N MET O 405 -75.40 -9.70 31.99
CA MET O 405 -75.30 -9.29 30.62
C MET O 405 -73.85 -9.26 30.22
N VAL O 406 -72.99 -8.65 31.06
CA VAL O 406 -71.58 -8.52 30.79
C VAL O 406 -70.87 -9.82 30.93
N VAL O 407 -71.18 -10.60 31.99
CA VAL O 407 -70.44 -11.79 32.26
C VAL O 407 -70.56 -12.72 31.10
N VAL O 408 -71.75 -12.82 30.47
CA VAL O 408 -71.84 -13.66 29.31
C VAL O 408 -70.98 -13.06 28.25
N ASN O 409 -70.91 -11.72 28.20
CA ASN O 409 -70.30 -10.98 27.15
C ASN O 409 -68.86 -11.35 27.00
N LYS O 410 -68.13 -11.51 28.12
CA LYS O 410 -66.72 -11.77 28.06
C LYS O 410 -66.48 -13.05 27.32
N LEU O 411 -67.38 -14.02 27.53
CA LEU O 411 -67.22 -15.26 26.82
C LEU O 411 -67.72 -15.17 25.38
N HIS O 412 -68.91 -14.51 25.22
CA HIS O 412 -70.06 -14.51 24.33
C HIS O 412 -69.60 -14.18 22.97
N LYS O 413 -68.56 -13.36 22.90
CA LYS O 413 -68.23 -12.72 21.70
C LYS O 413 -68.00 -13.80 20.68
N TYR O 414 -67.61 -15.02 21.20
CA TYR O 414 -66.38 -15.74 20.89
C TYR O 414 -66.62 -16.18 19.53
N SER O 415 -67.76 -16.81 19.48
CA SER O 415 -68.03 -17.84 18.63
C SER O 415 -69.05 -18.54 19.42
N LEU O 416 -68.86 -19.85 19.44
CA LEU O 416 -69.94 -20.77 19.58
C LEU O 416 -69.83 -21.32 20.95
N VAL O 417 -69.39 -20.43 21.86
CA VAL O 417 -69.69 -20.73 23.21
C VAL O 417 -71.17 -20.50 23.35
N GLU O 418 -71.60 -19.23 23.23
CA GLU O 418 -72.95 -18.79 22.96
C GLU O 418 -72.95 -17.78 21.86
N LYS O 419 -74.07 -17.67 21.12
CA LYS O 419 -74.10 -16.69 20.07
C LYS O 419 -75.33 -15.85 20.24
N GLN O 420 -75.21 -14.54 19.99
CA GLN O 420 -76.38 -13.73 20.12
C GLN O 420 -76.62 -12.99 18.84
N PRO O 421 -77.77 -13.27 18.28
CA PRO O 421 -78.19 -12.63 17.07
C PRO O 421 -78.56 -11.18 17.23
N LYS O 422 -79.10 -10.96 18.34
CA LYS O 422 -79.58 -9.62 18.55
C LYS O 422 -79.98 -9.54 20.00
N GLU O 423 -80.60 -8.41 20.40
CA GLU O 423 -81.00 -8.18 21.75
C GLU O 423 -81.99 -9.23 22.14
N SER O 424 -82.74 -9.75 21.15
CA SER O 424 -83.80 -10.70 21.35
C SER O 424 -83.36 -12.01 21.94
N THR O 425 -82.40 -12.76 21.32
CA THR O 425 -82.17 -14.06 21.91
C THR O 425 -80.76 -14.49 21.76
N ILE O 426 -80.40 -15.54 22.54
CA ILE O 426 -79.10 -16.12 22.39
C ILE O 426 -79.34 -17.58 22.23
N SER O 427 -78.55 -18.26 21.40
CA SER O 427 -78.79 -19.66 21.27
C SER O 427 -77.55 -20.33 21.70
N ILE O 428 -77.61 -21.63 22.05
CA ILE O 428 -76.41 -22.35 22.35
C ILE O 428 -75.83 -22.74 21.02
N PRO O 429 -74.59 -22.41 20.86
CA PRO O 429 -74.05 -22.45 19.55
C PRO O 429 -74.11 -23.58 18.70
N SER O 430 -73.76 -24.73 19.23
CA SER O 430 -73.82 -25.83 18.36
C SER O 430 -73.63 -26.95 19.27
N ILE O 431 -73.56 -28.13 18.65
CA ILE O 431 -73.42 -29.41 19.25
C ILE O 431 -72.17 -29.45 20.05
N TYR O 432 -71.10 -28.78 19.58
CA TYR O 432 -69.82 -28.90 20.21
C TYR O 432 -69.84 -28.47 21.64
N LEU O 433 -70.33 -27.25 21.93
CA LEU O 433 -70.26 -26.76 23.27
C LEU O 433 -71.14 -27.62 24.13
N GLU O 434 -72.37 -27.86 23.65
CA GLU O 434 -73.36 -28.57 24.41
C GLU O 434 -72.88 -29.95 24.66
N LEU O 435 -72.20 -30.55 23.67
CA LEU O 435 -71.79 -31.91 23.79
C LEU O 435 -70.90 -31.96 24.98
N LYS O 436 -70.05 -30.94 25.16
CA LYS O 436 -69.18 -30.93 26.28
C LYS O 436 -69.97 -30.93 27.54
N VAL O 437 -70.95 -30.01 27.64
CA VAL O 437 -71.68 -29.83 28.86
C VAL O 437 -72.49 -31.03 29.20
N LYS O 438 -73.13 -31.66 28.20
CA LYS O 438 -74.02 -32.73 28.53
C LYS O 438 -73.32 -33.84 29.26
N LEU O 439 -72.09 -34.19 28.86
CA LEU O 439 -71.42 -35.26 29.56
C LEU O 439 -71.18 -34.85 30.99
N GLU O 440 -70.71 -33.61 31.21
CA GLU O 440 -70.36 -33.23 32.55
C GLU O 440 -71.46 -32.43 33.17
N ASN O 441 -72.10 -32.98 34.21
CA ASN O 441 -73.14 -32.23 34.86
C ASN O 441 -73.22 -32.77 36.26
N GLU O 442 -73.87 -32.02 37.19
CA GLU O 442 -73.99 -32.41 38.57
C GLU O 442 -75.44 -32.26 38.93
N TYR O 443 -75.88 -32.66 40.14
CA TYR O 443 -77.30 -32.56 40.19
C TYR O 443 -77.67 -31.21 40.71
N ALA O 444 -77.32 -30.20 39.90
CA ALA O 444 -77.75 -28.83 39.86
C ALA O 444 -79.04 -28.81 39.13
N LEU O 445 -79.21 -29.84 38.26
CA LEU O 445 -80.29 -29.89 37.33
C LEU O 445 -81.60 -29.73 38.00
N HIS O 446 -81.79 -30.30 39.21
CA HIS O 446 -83.09 -30.21 39.82
C HIS O 446 -83.49 -28.78 39.98
N ARG O 447 -82.58 -27.93 40.48
CA ARG O 447 -82.94 -26.56 40.69
C ARG O 447 -83.26 -25.92 39.37
N SER O 448 -82.47 -26.24 38.33
CA SER O 448 -82.69 -25.60 37.06
C SER O 448 -84.03 -25.97 36.53
N ILE O 449 -84.40 -27.26 36.61
CA ILE O 449 -85.65 -27.70 36.07
C ILE O 449 -86.74 -27.03 36.83
N VAL O 450 -86.58 -26.89 38.16
CA VAL O 450 -87.61 -26.30 38.94
C VAL O 450 -87.80 -24.88 38.50
N ASP O 451 -86.70 -24.21 38.12
CA ASP O 451 -86.78 -22.84 37.74
C ASP O 451 -87.70 -22.73 36.57
N HIS O 452 -87.62 -23.70 35.64
CA HIS O 452 -88.45 -23.64 34.46
C HIS O 452 -89.88 -23.73 34.87
N TYR O 453 -90.23 -24.56 35.86
CA TYR O 453 -91.61 -24.62 36.23
C TYR O 453 -92.03 -23.28 36.71
N ASN O 454 -91.17 -22.64 37.51
CA ASN O 454 -91.51 -21.38 38.10
C ASN O 454 -91.74 -20.37 37.02
N ILE O 455 -90.91 -20.38 35.96
CA ILE O 455 -91.09 -19.33 34.98
C ILE O 455 -92.46 -19.41 34.33
N PRO O 456 -92.99 -20.49 33.81
CA PRO O 456 -94.36 -20.36 33.37
C PRO O 456 -95.35 -20.14 34.46
N LYS O 457 -95.02 -20.52 35.71
CA LYS O 457 -95.95 -20.27 36.76
C LYS O 457 -96.17 -18.80 36.85
N THR O 458 -95.07 -18.03 36.82
CA THR O 458 -95.16 -16.60 36.95
C THR O 458 -95.93 -16.06 35.78
N PHE O 459 -95.62 -16.54 34.57
CA PHE O 459 -96.35 -16.06 33.42
C PHE O 459 -97.75 -16.52 33.59
N ASP O 460 -98.70 -15.56 33.62
CA ASP O 460 -100.06 -15.99 33.76
C ASP O 460 -100.96 -14.87 33.34
N SER O 461 -101.96 -15.20 32.51
CA SER O 461 -102.93 -14.21 32.13
C SER O 461 -104.22 -14.73 32.68
N ASP O 462 -105.26 -13.88 32.79
CA ASP O 462 -106.48 -14.33 33.39
C ASP O 462 -106.99 -15.48 32.60
N ASP O 463 -107.08 -15.29 31.28
CA ASP O 463 -107.55 -16.37 30.48
C ASP O 463 -106.41 -17.24 30.03
N LEU O 464 -106.74 -18.15 29.12
CA LEU O 464 -105.95 -19.23 28.61
C LEU O 464 -104.82 -18.84 27.71
N ILE O 465 -104.62 -17.53 27.40
CA ILE O 465 -103.57 -17.20 26.45
C ILE O 465 -102.32 -16.73 27.13
N PRO O 466 -101.26 -17.44 26.79
CA PRO O 466 -99.94 -17.18 27.31
C PRO O 466 -99.23 -16.01 26.68
N PRO O 467 -98.36 -15.42 27.44
CA PRO O 467 -97.53 -14.31 27.03
C PRO O 467 -96.36 -14.70 26.18
N TYR O 468 -96.24 -16.00 25.82
CA TYR O 468 -95.12 -16.59 25.09
C TYR O 468 -94.41 -15.61 24.20
N LEU O 469 -93.08 -15.74 24.22
CA LEU O 469 -92.14 -14.88 23.55
C LEU O 469 -91.84 -15.45 22.20
N ASP O 470 -90.60 -15.28 21.68
CA ASP O 470 -90.39 -15.62 20.29
C ASP O 470 -90.78 -17.04 19.98
N GLN O 471 -89.83 -17.99 19.99
CA GLN O 471 -90.21 -19.37 19.77
C GLN O 471 -89.98 -20.27 20.94
N TYR O 472 -88.98 -19.92 21.79
CA TYR O 472 -88.40 -20.79 22.79
C TYR O 472 -89.48 -21.42 23.56
N PHE O 473 -90.37 -20.59 24.10
CA PHE O 473 -91.34 -21.12 25.00
C PHE O 473 -92.16 -22.14 24.28
N TYR O 474 -92.59 -21.84 23.04
CA TYR O 474 -93.47 -22.74 22.37
C TYR O 474 -92.81 -24.08 22.22
N SER O 475 -91.56 -24.11 21.73
CA SER O 475 -90.92 -25.39 21.54
C SER O 475 -90.57 -26.02 22.87
N HIS O 476 -89.81 -25.27 23.68
CA HIS O 476 -89.14 -25.66 24.90
C HIS O 476 -90.05 -25.98 26.06
N ILE O 477 -91.18 -25.27 26.21
CA ILE O 477 -91.95 -25.37 27.43
C ILE O 477 -92.36 -26.76 27.73
N GLY O 478 -92.88 -27.51 26.76
CA GLY O 478 -93.36 -28.83 27.03
C GLY O 478 -92.23 -29.69 27.48
N HIS O 479 -91.05 -29.53 26.84
CA HIS O 479 -89.93 -30.39 27.14
C HIS O 479 -89.55 -30.24 28.58
N HIS O 480 -89.44 -28.99 29.06
CA HIS O 480 -89.02 -28.78 30.42
C HIS O 480 -90.07 -29.35 31.32
N LEU O 481 -91.35 -29.15 30.94
CA LEU O 481 -92.47 -29.62 31.69
C LEU O 481 -92.46 -31.09 31.82
N LYS O 482 -92.13 -31.81 30.72
CA LYS O 482 -92.17 -33.23 30.79
C LYS O 482 -91.24 -33.67 31.85
N ASN O 483 -90.06 -33.05 31.89
CA ASN O 483 -89.13 -33.43 32.89
C ASN O 483 -89.71 -33.10 34.23
N ILE O 484 -90.35 -31.92 34.36
CA ILE O 484 -90.77 -31.53 35.68
C ILE O 484 -91.86 -32.41 36.21
N GLU O 485 -92.98 -32.60 35.46
CA GLU O 485 -94.07 -33.38 35.97
C GLU O 485 -95.20 -33.39 35.00
N HIS O 486 -96.18 -34.26 35.29
CA HIS O 486 -97.39 -34.42 34.55
C HIS O 486 -98.36 -33.27 34.69
N PRO O 487 -98.72 -32.80 35.87
CA PRO O 487 -99.79 -31.85 36.00
C PRO O 487 -99.70 -30.63 35.15
N GLU O 488 -98.53 -29.98 35.06
CA GLU O 488 -98.44 -28.77 34.27
C GLU O 488 -98.65 -29.14 32.85
N ARG O 489 -98.08 -30.30 32.47
CA ARG O 489 -98.09 -30.72 31.10
C ARG O 489 -99.50 -30.79 30.63
N MET O 490 -100.39 -31.32 31.48
CA MET O 490 -101.76 -31.51 31.11
C MET O 490 -102.37 -30.19 30.73
N THR O 491 -102.22 -29.16 31.57
CA THR O 491 -102.85 -27.91 31.26
C THR O 491 -102.18 -27.25 30.09
N LEU O 492 -100.84 -27.22 30.10
CA LEU O 492 -100.10 -26.51 29.09
C LEU O 492 -100.26 -27.15 27.75
N PHE O 493 -100.18 -28.49 27.68
CA PHE O 493 -100.26 -29.14 26.41
C PHE O 493 -101.56 -28.79 25.83
N ARG O 494 -102.59 -28.55 26.66
CA ARG O 494 -103.73 -28.00 26.00
C ARG O 494 -104.20 -29.14 25.12
N MET O 495 -103.99 -30.33 25.66
CA MET O 495 -104.68 -31.43 25.10
C MET O 495 -106.00 -31.13 25.71
N VAL O 496 -105.89 -30.68 26.97
CA VAL O 496 -107.00 -30.21 27.73
C VAL O 496 -107.53 -28.96 27.10
N PHE O 497 -106.52 -28.07 26.90
CA PHE O 497 -106.97 -26.78 26.51
C PHE O 497 -106.75 -26.54 25.09
N LEU O 498 -107.84 -25.95 24.66
CA LEU O 498 -108.18 -25.85 23.31
C LEU O 498 -107.55 -24.61 22.75
N ASP O 499 -107.21 -23.71 23.67
CA ASP O 499 -106.58 -22.52 23.28
C ASP O 499 -105.27 -22.73 22.60
N PHE O 500 -104.42 -23.69 22.99
CA PHE O 500 -103.14 -23.78 22.35
C PHE O 500 -103.27 -24.53 21.11
N ARG O 501 -104.44 -25.19 20.93
CA ARG O 501 -104.70 -25.64 19.63
C ARG O 501 -104.59 -24.40 18.79
N PHE O 502 -105.37 -23.35 19.11
CA PHE O 502 -105.30 -22.04 18.54
C PHE O 502 -103.88 -21.53 18.54
N LEU O 503 -103.28 -21.20 19.72
CA LEU O 503 -102.12 -20.37 19.66
C LEU O 503 -100.93 -21.02 19.10
N GLU O 504 -100.63 -22.27 19.51
CA GLU O 504 -99.43 -22.86 19.00
C GLU O 504 -99.53 -22.91 17.52
N GLN O 505 -100.68 -23.35 17.04
CA GLN O 505 -100.89 -23.56 15.64
C GLN O 505 -100.77 -22.26 14.87
N LYS O 506 -101.50 -21.19 15.26
CA LYS O 506 -101.39 -20.07 14.37
C LYS O 506 -100.04 -19.43 14.46
N ILE O 507 -99.44 -19.35 15.66
CA ILE O 507 -98.17 -18.70 15.71
C ILE O 507 -97.08 -19.41 14.96
N ARG O 508 -96.94 -20.75 15.02
CA ARG O 508 -95.84 -21.27 14.25
C ARG O 508 -96.27 -21.52 12.84
N HIS O 509 -96.86 -20.48 12.21
CA HIS O 509 -97.19 -20.36 10.82
C HIS O 509 -96.07 -19.68 10.09
N ASP O 510 -95.28 -18.86 10.83
CA ASP O 510 -94.26 -18.00 10.30
C ASP O 510 -93.09 -18.76 9.77
N SER O 511 -92.62 -18.29 8.60
CA SER O 511 -91.45 -18.76 7.89
C SER O 511 -91.41 -17.88 6.67
N THR O 512 -90.33 -17.99 5.89
CA THR O 512 -90.30 -17.24 4.67
C THR O 512 -90.07 -18.21 3.56
N ALA O 513 -91.12 -18.51 2.77
CA ALA O 513 -90.91 -19.38 1.66
C ALA O 513 -91.89 -19.00 0.61
N TRP O 514 -91.42 -18.95 -0.65
CA TRP O 514 -92.34 -18.62 -1.68
C TRP O 514 -93.31 -19.73 -1.75
N ASN O 515 -92.81 -20.99 -1.88
CA ASN O 515 -93.66 -22.11 -2.07
C ASN O 515 -94.46 -22.37 -0.85
N ALA O 516 -95.64 -22.93 -1.09
CA ALA O 516 -96.67 -23.22 -0.16
C ALA O 516 -96.29 -24.18 0.96
N SER O 517 -95.30 -25.08 0.75
CA SER O 517 -94.95 -25.75 1.96
C SER O 517 -93.50 -26.13 1.86
N GLY O 518 -93.07 -27.17 2.61
CA GLY O 518 -91.76 -27.66 2.83
C GLY O 518 -91.87 -28.10 4.24
N SER O 519 -90.76 -28.42 4.92
CA SER O 519 -90.92 -28.84 6.29
C SER O 519 -90.28 -27.78 7.14
N ILE O 520 -91.10 -27.08 7.96
CA ILE O 520 -90.60 -26.09 8.88
C ILE O 520 -91.38 -26.23 10.14
N LEU O 521 -90.88 -25.63 11.24
CA LEU O 521 -91.58 -25.67 12.49
C LEU O 521 -92.98 -25.20 12.30
N ASN O 522 -93.91 -26.13 12.56
CA ASN O 522 -95.32 -25.88 12.44
C ASN O 522 -95.93 -26.89 13.35
N THR O 523 -96.96 -27.57 12.83
CA THR O 523 -97.66 -28.58 13.56
C THR O 523 -96.68 -29.66 13.89
N LEU O 524 -95.66 -29.84 13.03
CA LEU O 524 -94.74 -30.93 13.17
C LEU O 524 -94.16 -30.95 14.55
N GLN O 525 -93.69 -29.79 15.06
CA GLN O 525 -93.10 -29.77 16.38
C GLN O 525 -94.15 -30.02 17.42
N GLN O 526 -95.35 -29.45 17.24
CA GLN O 526 -96.42 -29.53 18.20
C GLN O 526 -96.74 -30.98 18.44
N LEU O 527 -96.93 -31.76 17.36
CA LEU O 527 -97.26 -33.15 17.47
C LEU O 527 -96.14 -33.82 18.17
N LYS O 528 -94.90 -33.36 17.92
CA LYS O 528 -93.75 -33.96 18.51
C LYS O 528 -93.83 -33.85 20.00
N PHE O 529 -94.29 -32.70 20.53
CA PHE O 529 -94.31 -32.54 21.95
C PHE O 529 -95.25 -33.53 22.53
N TYR O 530 -96.43 -33.68 21.93
CA TYR O 530 -97.42 -34.49 22.54
C TYR O 530 -96.92 -35.89 22.69
N LYS O 531 -96.26 -36.46 21.66
CA LYS O 531 -95.90 -37.84 21.76
C LYS O 531 -94.91 -38.12 22.86
N PRO O 532 -93.74 -37.53 22.95
CA PRO O 532 -92.89 -37.91 24.05
C PRO O 532 -93.29 -37.43 25.42
N TYR O 533 -94.01 -36.30 25.51
CA TYR O 533 -94.35 -35.72 26.77
C TYR O 533 -95.40 -36.50 27.52
N ILE O 534 -96.25 -37.29 26.82
CA ILE O 534 -97.41 -37.91 27.41
C ILE O 534 -97.05 -38.78 28.56
N CYS O 535 -95.85 -39.39 28.57
CA CYS O 535 -95.51 -40.38 29.54
C CYS O 535 -95.67 -39.82 30.92
N ASP O 536 -95.47 -38.50 31.08
CA ASP O 536 -95.54 -37.92 32.38
C ASP O 536 -96.92 -38.16 32.94
N ASN O 537 -97.91 -38.42 32.04
CA ASN O 537 -99.29 -38.64 32.43
C ASN O 537 -99.64 -40.11 32.40
N ASP O 538 -100.95 -40.41 32.59
CA ASP O 538 -101.50 -41.74 32.58
C ASP O 538 -102.36 -41.97 31.36
N PRO O 539 -103.04 -43.10 31.31
CA PRO O 539 -103.91 -43.39 30.21
C PRO O 539 -105.12 -42.53 30.03
N LYS O 540 -105.79 -42.10 31.12
CA LYS O 540 -107.02 -41.36 30.98
C LYS O 540 -106.70 -40.16 30.17
N TYR O 541 -105.61 -39.49 30.53
CA TYR O 541 -105.17 -38.33 29.81
C TYR O 541 -104.72 -38.79 28.46
N GLU O 542 -104.12 -40.00 28.40
CA GLU O 542 -103.56 -40.51 27.19
C GLU O 542 -104.64 -40.59 26.16
N ARG O 543 -105.84 -41.05 26.54
CA ARG O 543 -106.87 -41.13 25.55
C ARG O 543 -107.22 -39.74 25.10
N LEU O 544 -107.29 -38.78 26.04
CA LEU O 544 -107.67 -37.44 25.70
C LEU O 544 -106.67 -36.93 24.73
N VAL O 545 -105.38 -37.14 25.03
CA VAL O 545 -104.39 -36.58 24.16
C VAL O 545 -104.55 -37.12 22.79
N ASN O 546 -104.92 -38.42 22.66
CA ASN O 546 -105.06 -38.93 21.34
C ASN O 546 -106.22 -38.26 20.67
N ALA O 547 -107.28 -37.93 21.44
CA ALA O 547 -108.45 -37.34 20.86
C ALA O 547 -108.04 -36.07 20.18
N ILE O 548 -107.22 -35.26 20.86
CA ILE O 548 -106.80 -34.01 20.30
C ILE O 548 -105.94 -34.32 19.13
N LEU O 549 -105.10 -35.37 19.29
CA LEU O 549 -104.14 -35.71 18.29
C LEU O 549 -104.84 -36.11 17.03
N ASP O 550 -105.90 -36.93 17.11
CA ASP O 550 -106.55 -37.34 15.89
C ASP O 550 -107.17 -36.14 15.25
N PHE O 551 -107.68 -35.21 16.07
CA PHE O 551 -108.35 -34.06 15.53
C PHE O 551 -107.38 -33.24 14.72
N LEU O 552 -106.13 -33.12 15.21
CA LEU O 552 -105.17 -32.29 14.53
C LEU O 552 -104.87 -32.80 13.14
N PRO O 553 -104.50 -34.04 12.89
CA PRO O 553 -104.37 -34.39 11.52
C PRO O 553 -105.67 -34.43 10.79
N LYS O 554 -106.80 -34.52 11.51
CA LYS O 554 -108.06 -34.59 10.82
C LYS O 554 -108.22 -33.31 10.04
N ILE O 555 -107.92 -32.18 10.69
CA ILE O 555 -108.14 -30.92 10.07
C ILE O 555 -107.13 -30.71 8.99
N GLU O 556 -107.65 -30.37 7.79
CA GLU O 556 -106.90 -30.20 6.59
C GLU O 556 -106.35 -28.82 6.48
N GLU O 557 -105.45 -28.66 5.50
CA GLU O 557 -104.76 -27.43 5.26
C GLU O 557 -105.77 -26.36 5.01
N ASN O 558 -105.72 -25.34 5.87
CA ASN O 558 -106.53 -24.16 5.82
C ASN O 558 -105.79 -23.19 6.66
N LEU O 559 -106.34 -21.97 6.78
CA LEU O 559 -105.80 -20.98 7.64
C LEU O 559 -106.58 -21.16 8.91
N ILE O 560 -105.89 -21.41 10.07
CA ILE O 560 -106.59 -21.54 11.32
C ILE O 560 -107.11 -20.18 11.62
N CYS O 561 -106.22 -19.17 11.46
CA CYS O 561 -106.56 -17.83 11.81
C CYS O 561 -107.78 -17.45 11.06
N SER O 562 -108.81 -17.04 11.82
CA SER O 562 -110.13 -16.68 11.41
C SER O 562 -110.70 -16.12 12.66
N LYS O 563 -112.00 -16.03 12.89
CA LYS O 563 -112.13 -15.75 14.26
C LYS O 563 -111.92 -16.95 15.00
N TYR O 564 -111.77 -16.63 16.25
CA TYR O 564 -111.38 -17.51 17.27
C TYR O 564 -112.44 -18.54 17.46
N THR O 565 -113.66 -18.16 17.04
CA THR O 565 -114.85 -18.91 17.06
C THR O 565 -114.62 -20.26 16.52
N ASP O 566 -113.87 -20.28 15.41
CA ASP O 566 -113.81 -21.48 14.66
C ASP O 566 -113.28 -22.60 15.49
N LEU O 567 -112.28 -22.30 16.29
CA LEU O 567 -111.69 -23.35 17.04
C LEU O 567 -112.80 -23.94 17.84
N LEU O 568 -113.65 -23.10 18.47
CA LEU O 568 -114.59 -23.68 19.38
C LEU O 568 -115.59 -24.50 18.61
N ARG O 569 -116.05 -24.10 17.36
CA ARG O 569 -116.97 -24.95 16.72
C ARG O 569 -116.34 -26.24 16.29
N ILE O 570 -115.08 -26.24 15.82
CA ILE O 570 -114.56 -27.53 15.45
C ILE O 570 -114.45 -28.41 16.65
N ALA O 571 -114.16 -27.82 17.81
CA ALA O 571 -114.00 -28.57 19.03
C ALA O 571 -115.25 -29.35 19.27
N LEU O 572 -116.38 -28.76 18.85
CA LEU O 572 -117.71 -29.26 19.11
C LEU O 572 -117.92 -30.63 18.51
N MET O 573 -117.16 -31.02 17.47
CA MET O 573 -117.45 -32.24 16.77
C MET O 573 -117.48 -33.50 17.62
N ALA O 574 -116.49 -33.78 18.50
CA ALA O 574 -116.59 -35.02 19.23
C ALA O 574 -116.90 -34.71 20.67
N GLU O 575 -118.02 -35.27 21.18
CA GLU O 575 -118.53 -34.99 22.50
C GLU O 575 -117.60 -35.50 23.58
N ASP O 576 -116.90 -36.60 23.32
CA ASP O 576 -116.06 -37.26 24.28
C ASP O 576 -114.85 -36.45 24.79
N GLU O 577 -114.42 -35.28 24.21
CA GLU O 577 -113.11 -34.72 24.56
C GLU O 577 -113.03 -33.48 25.43
N ALA O 578 -111.87 -33.35 26.12
CA ALA O 578 -111.46 -32.29 27.02
C ALA O 578 -111.28 -31.01 26.28
N ILE O 579 -110.81 -31.11 25.04
CA ILE O 579 -110.62 -29.97 24.20
C ILE O 579 -111.91 -29.22 24.10
N PHE O 580 -113.03 -29.94 23.90
CA PHE O 580 -114.29 -29.29 23.76
C PHE O 580 -114.64 -28.56 25.01
N GLU O 581 -114.40 -29.18 26.18
CA GLU O 581 -114.77 -28.53 27.39
C GLU O 581 -114.01 -27.25 27.46
N GLU O 582 -112.72 -27.27 27.06
CA GLU O 582 -111.91 -26.09 27.08
C GLU O 582 -112.44 -25.12 26.08
N ALA O 583 -112.88 -25.61 24.92
CA ALA O 583 -113.37 -24.75 23.87
C ALA O 583 -114.54 -23.99 24.41
N HIS O 584 -115.41 -24.68 25.17
CA HIS O 584 -116.57 -24.02 25.71
C HIS O 584 -116.14 -23.01 26.73
N LYS O 585 -115.12 -23.29 27.54
CA LYS O 585 -114.72 -22.35 28.55
C LYS O 585 -114.25 -21.10 27.89
N GLN O 586 -113.37 -21.26 26.90
CA GLN O 586 -112.77 -20.14 26.25
C GLN O 586 -113.80 -19.31 25.56
N VAL O 587 -114.82 -19.97 24.99
CA VAL O 587 -115.89 -19.18 24.45
C VAL O 587 -116.45 -18.37 25.58
N GLN O 588 -116.71 -18.98 26.74
CA GLN O 588 -117.34 -18.25 27.80
C GLN O 588 -116.52 -17.04 28.14
N ARG O 589 -115.18 -17.17 28.31
CA ARG O 589 -114.44 -15.98 28.58
C ARG O 589 -113.83 -15.56 27.25
N UNK O 590 -117.16 13.15 19.63
CA UNK O 590 -118.35 12.27 19.68
C UNK O 590 -117.93 10.85 19.70
N UNK O 591 -118.74 9.97 19.09
CA UNK O 591 -118.40 8.57 19.06
C UNK O 591 -117.19 8.43 18.20
N UNK O 592 -116.33 7.46 18.55
CA UNK O 592 -115.12 7.21 17.81
C UNK O 592 -115.47 6.31 16.66
N UNK O 593 -114.50 6.09 15.76
CA UNK O 593 -114.75 5.27 14.62
C UNK O 593 -115.13 3.91 15.13
N UNK O 594 -115.95 3.20 14.34
CA UNK O 594 -116.46 1.92 14.72
C UNK O 594 -115.36 0.92 14.88
N UNK O 595 -114.36 0.92 13.95
CA UNK O 595 -113.21 0.05 14.00
C UNK O 595 -113.54 -1.34 14.43
N UNK O 596 -114.11 -2.17 13.51
CA UNK O 596 -114.47 -3.52 13.89
C UNK O 596 -113.38 -4.44 13.45
N UNK O 597 -113.02 -5.40 14.33
CA UNK O 597 -112.00 -6.36 14.03
C UNK O 597 -112.61 -7.42 13.18
N UNK O 598 -111.77 -8.16 12.43
CA UNK O 598 -112.30 -9.19 11.58
C UNK O 598 -112.75 -10.30 12.46
N UNK O 599 -113.83 -10.99 12.05
CA UNK O 599 -114.27 -12.06 12.88
C UNK O 599 -114.46 -13.26 11.98
N UNK O 600 -114.56 -14.43 12.57
CA UNK O 600 -114.63 -15.65 11.89
C UNK O 600 -115.92 -15.53 11.24
N UNK O 601 -116.06 -16.01 10.03
CA UNK O 601 -117.37 -16.04 9.54
C UNK O 601 -117.97 -17.30 10.05
N UNK O 602 -119.31 -17.30 10.20
CA UNK O 602 -119.94 -18.52 10.62
C UNK O 602 -119.55 -19.51 9.56
N UNK O 603 -118.94 -20.66 9.93
CA UNK O 603 -118.37 -21.41 8.83
C UNK O 603 -118.88 -22.83 8.54
N UNK O 604 -119.06 -23.22 7.19
CA UNK O 604 -119.31 -24.56 6.53
C UNK O 604 -119.18 -24.78 4.71
N UNK O 605 -118.18 -25.47 3.60
CA UNK O 605 -117.92 -25.88 2.06
C UNK O 605 -116.44 -26.05 1.45
N UNK O 606 -115.33 -26.28 2.18
CA UNK O 606 -113.92 -26.20 1.73
C UNK O 606 -113.40 -27.12 0.65
N UNK O 607 -113.82 -28.40 0.59
CA UNK O 607 -113.21 -29.29 -0.37
C UNK O 607 -113.42 -28.79 -1.75
N UNK O 608 -112.53 -29.27 -2.67
CA UNK O 608 -112.54 -29.03 -4.08
C UNK O 608 -111.47 -28.05 -4.39
N UNK O 609 -110.90 -28.17 -5.60
CA UNK O 609 -109.85 -27.29 -6.03
C UNK O 609 -110.51 -26.00 -6.40
N UNK O 610 -109.88 -24.87 -6.02
CA UNK O 610 -110.42 -23.61 -6.42
C UNK O 610 -110.26 -23.48 -7.89
N UNK O 611 -109.06 -23.86 -8.38
CA UNK O 611 -108.73 -23.73 -9.76
C UNK O 611 -108.76 -25.06 -10.43
N UNK O 612 -108.44 -25.07 -11.74
CA UNK O 612 -108.44 -26.27 -12.51
C UNK O 612 -107.39 -27.16 -11.98
N UNK O 613 -107.51 -28.47 -12.29
CA UNK O 613 -106.50 -29.39 -11.88
C UNK O 613 -105.69 -29.73 -13.08
N UNK O 614 -104.37 -29.54 -12.97
CA UNK O 614 -103.41 -29.78 -14.01
C UNK O 614 -103.26 -31.24 -14.33
N UNK O 615 -103.14 -32.12 -13.31
CA UNK O 615 -102.86 -33.49 -13.65
C UNK O 615 -103.50 -34.41 -12.67
N UNK O 616 -103.67 -35.68 -13.09
CA UNK O 616 -104.24 -36.70 -12.24
C UNK O 616 -103.26 -37.82 -12.21
N UNK O 617 -103.12 -38.49 -11.05
CA UNK O 617 -102.17 -39.57 -10.98
C UNK O 617 -102.74 -40.64 -10.09
N UNK O 618 -102.29 -41.89 -10.28
CA UNK O 618 -102.78 -42.97 -9.48
C UNK O 618 -101.66 -43.46 -8.61
N UNK O 619 -101.98 -43.78 -7.33
CA UNK O 619 -100.99 -44.28 -6.41
C UNK O 619 -100.72 -45.70 -6.79
N UNK O 620 -99.44 -46.11 -6.76
CA UNK O 620 -99.19 -47.46 -7.17
C UNK O 620 -99.78 -48.44 -6.20
N UNK O 621 -99.37 -48.38 -4.92
CA UNK O 621 -99.80 -49.36 -3.96
C UNK O 621 -101.23 -49.23 -3.52
N UNK O 622 -101.60 -48.03 -3.03
CA UNK O 622 -102.88 -47.88 -2.40
C UNK O 622 -103.92 -47.49 -3.40
N UNK O 623 -105.19 -47.71 -3.04
CA UNK O 623 -106.20 -47.24 -3.92
C UNK O 623 -106.43 -45.83 -3.50
N UNK O 624 -105.63 -44.92 -4.09
CA UNK O 624 -105.74 -43.54 -3.80
C UNK O 624 -105.25 -42.85 -5.03
N UNK O 625 -105.74 -41.63 -5.28
CA UNK O 625 -105.31 -40.93 -6.44
C UNK O 625 -104.93 -39.56 -6.01
N UNK O 626 -104.01 -38.92 -6.75
CA UNK O 626 -103.59 -37.61 -6.38
C UNK O 626 -103.98 -36.68 -7.48
N UNK O 627 -104.26 -35.42 -7.12
CA UNK O 627 -104.66 -34.46 -8.11
C UNK O 627 -103.70 -33.31 -8.04
N UNK O 628 -103.46 -32.66 -9.19
CA UNK O 628 -102.59 -31.52 -9.25
C UNK O 628 -103.45 -30.36 -9.60
N UNK O 629 -103.14 -29.20 -9.00
CA UNK O 629 -103.93 -28.02 -9.20
C UNK O 629 -103.19 -26.96 -8.46
N UNK O 630 -103.94 -25.97 -7.92
CA UNK O 630 -103.29 -24.93 -7.19
C UNK O 630 -102.56 -25.61 -6.08
N UNK O 631 -103.21 -26.63 -5.47
CA UNK O 631 -102.55 -27.38 -4.44
C UNK O 631 -102.79 -28.82 -4.78
N UNK O 632 -101.92 -29.73 -4.28
CA UNK O 632 -102.16 -31.11 -4.56
C UNK O 632 -103.18 -31.60 -3.58
N UNK O 633 -104.02 -32.54 -4.01
CA UNK O 633 -105.01 -33.10 -3.14
C UNK O 633 -104.98 -34.58 -3.32
N UNK O 634 -105.33 -35.33 -2.27
CA UNK O 634 -105.34 -36.76 -2.39
C UNK O 634 -106.73 -37.21 -2.14
N UNK O 635 -107.20 -38.19 -2.92
CA UNK O 635 -108.53 -38.67 -2.75
C UNK O 635 -108.50 -40.14 -3.05
N UNK O 636 -109.55 -40.86 -2.61
CA UNK O 636 -109.57 -42.27 -2.88
C UNK O 636 -110.50 -42.48 -4.04
N UNK O 637 -110.03 -43.27 -5.02
CA UNK O 637 -110.79 -43.63 -6.18
C UNK O 637 -111.93 -44.43 -5.68
N UNK O 638 -111.66 -45.19 -4.61
CA UNK O 638 -112.62 -46.07 -3.99
C UNK O 638 -113.79 -45.27 -3.56
N UNK O 639 -114.76 -45.97 -2.93
CA UNK O 639 -116.02 -45.43 -2.54
C UNK O 639 -115.84 -44.24 -1.65
N UNK O 640 -114.81 -44.25 -0.78
CA UNK O 640 -114.70 -43.16 0.15
C UNK O 640 -114.61 -41.87 -0.59
N UNK O 641 -113.70 -41.78 -1.59
CA UNK O 641 -113.55 -40.62 -2.42
C UNK O 641 -113.57 -39.37 -1.59
N UNK O 642 -112.71 -39.31 -0.56
CA UNK O 642 -112.72 -38.13 0.27
C UNK O 642 -111.39 -37.47 0.13
N UNK O 643 -111.35 -36.14 0.36
CA UNK O 643 -110.09 -35.49 0.25
C UNK O 643 -109.33 -35.89 1.46
N UNK O 644 -108.46 -36.90 1.31
CA UNK O 644 -107.71 -37.41 2.42
C UNK O 644 -106.80 -36.36 2.93
N UNK O 645 -106.09 -35.67 2.02
CA UNK O 645 -105.15 -34.70 2.52
C UNK O 645 -104.94 -33.61 1.52
N UNK O 646 -104.31 -32.52 1.98
CA UNK O 646 -104.00 -31.36 1.19
C UNK O 646 -102.50 -31.27 1.08
N UNK O 647 -102.02 -30.88 -0.13
CA UNK O 647 -100.63 -30.78 -0.53
C UNK O 647 -99.82 -29.71 0.16
N UNK O 648 -100.40 -28.53 0.40
CA UNK O 648 -99.83 -27.47 1.18
C UNK O 648 -98.79 -26.60 0.56
N UNK O 649 -97.96 -27.31 -0.27
CA UNK O 649 -96.63 -27.18 -0.81
C UNK O 649 -96.24 -26.07 -1.79
N UNK O 650 -97.11 -25.43 -2.61
CA UNK O 650 -96.50 -24.60 -3.61
C UNK O 650 -96.91 -23.15 -3.58
N UNK O 651 -95.87 -22.32 -3.67
CA UNK O 651 -95.82 -20.89 -3.63
C UNK O 651 -96.60 -20.39 -4.73
N UNK O 652 -96.10 -20.87 -5.85
CA UNK O 652 -96.50 -20.46 -7.13
C UNK O 652 -97.72 -21.22 -7.44
N UNK O 653 -98.10 -21.17 -8.73
CA UNK O 653 -99.33 -21.77 -9.10
C UNK O 653 -99.20 -22.33 -10.49
N UNK O 654 -100.25 -22.06 -11.30
CA UNK O 654 -100.38 -22.58 -12.62
C UNK O 654 -100.71 -24.02 -12.47
N UNK O 655 -101.11 -24.39 -11.24
CA UNK O 655 -101.38 -25.75 -10.90
C UNK O 655 -100.04 -26.39 -10.78
N UNK O 656 -99.89 -27.39 -9.89
CA UNK O 656 -98.63 -28.06 -9.96
C UNK O 656 -98.73 -28.66 -11.31
N UNK O 657 -97.78 -28.31 -12.19
CA UNK O 657 -97.93 -28.71 -13.55
C UNK O 657 -97.98 -30.18 -13.62
N UNK O 658 -97.10 -30.87 -12.87
CA UNK O 658 -97.12 -32.28 -12.98
C UNK O 658 -96.83 -32.88 -11.65
N UNK O 659 -97.12 -34.18 -11.52
CA UNK O 659 -96.81 -34.90 -10.32
C UNK O 659 -96.32 -36.23 -10.78
N UNK O 660 -95.40 -36.83 -10.00
CA UNK O 660 -94.91 -38.13 -10.36
C UNK O 660 -94.68 -38.87 -9.09
N UNK O 661 -94.91 -40.19 -9.12
CA UNK O 661 -94.73 -40.95 -7.92
C UNK O 661 -93.64 -41.93 -8.18
N UNK O 662 -92.89 -42.26 -7.10
CA UNK O 662 -91.84 -43.24 -7.19
C UNK O 662 -92.52 -44.56 -7.26
N UNK O 663 -91.78 -45.61 -7.67
CA UNK O 663 -92.33 -46.91 -7.79
C UNK O 663 -92.80 -47.33 -6.43
N UNK O 664 -92.00 -47.00 -5.40
CA UNK O 664 -92.29 -47.34 -4.04
C UNK O 664 -93.58 -46.66 -3.69
N UNK O 665 -93.82 -45.47 -4.26
CA UNK O 665 -94.96 -44.67 -3.95
C UNK O 665 -94.73 -44.08 -2.60
N UNK O 666 -93.48 -44.22 -2.10
CA UNK O 666 -93.09 -43.61 -0.87
C UNK O 666 -93.04 -42.12 -1.05
N UNK O 667 -92.49 -41.66 -2.20
CA UNK O 667 -92.31 -40.25 -2.37
C UNK O 667 -93.00 -39.79 -3.61
N UNK O 668 -93.44 -38.51 -3.60
CA UNK O 668 -94.09 -37.94 -4.74
C UNK O 668 -93.32 -36.71 -5.08
N UNK O 669 -93.25 -36.37 -6.38
CA UNK O 669 -92.54 -35.19 -6.78
C UNK O 669 -93.54 -34.31 -7.45
N UNK O 670 -93.39 -32.98 -7.30
CA UNK O 670 -94.33 -32.08 -7.89
C UNK O 670 -93.58 -30.99 -8.59
N UNK O 671 -94.25 -30.34 -9.57
CA UNK O 671 -93.65 -29.27 -10.30
C UNK O 671 -94.57 -28.09 -10.21
N UNK O 672 -94.03 -26.86 -10.41
CA UNK O 672 -94.91 -25.74 -10.27
C UNK O 672 -94.30 -24.54 -10.93
N UNK O 673 -95.06 -23.43 -10.84
CA UNK O 673 -94.73 -22.14 -11.36
C UNK O 673 -93.51 -21.68 -10.63
N UNK O 674 -93.36 -22.17 -9.38
CA UNK O 674 -92.30 -21.78 -8.50
C UNK O 674 -91.01 -22.05 -9.21
N UNK O 675 -91.02 -23.05 -10.12
CA UNK O 675 -89.82 -23.45 -10.78
C UNK O 675 -88.99 -24.16 -9.79
N UNK O 676 -89.67 -24.75 -8.79
CA UNK O 676 -89.03 -25.55 -7.82
C UNK O 676 -89.68 -26.90 -7.93
N UNK O 677 -88.94 -27.97 -7.63
CA UNK O 677 -89.60 -29.24 -7.64
C UNK O 677 -89.65 -29.67 -6.22
N UNK O 678 -90.85 -29.73 -5.66
CA UNK O 678 -90.86 -30.13 -4.29
C UNK O 678 -90.76 -31.60 -4.31
N UNK O 679 -89.99 -32.16 -3.36
CA UNK O 679 -90.21 -33.55 -3.18
C UNK O 679 -91.53 -33.33 -2.59
N UNK O 680 -92.56 -33.59 -3.41
CA UNK O 680 -93.92 -33.22 -3.16
C UNK O 680 -94.14 -33.78 -1.85
N UNK O 681 -93.58 -34.98 -1.65
CA UNK O 681 -93.69 -35.37 -0.31
C UNK O 681 -92.98 -36.63 -0.06
N UNK O 682 -92.86 -36.88 1.25
CA UNK O 682 -92.27 -38.06 1.77
C UNK O 682 -91.84 -37.68 3.18
N UNK O 683 -97.15 -34.71 6.27
CA UNK O 683 -96.44 -34.85 4.98
C UNK O 683 -95.84 -33.55 4.58
N UNK O 684 -94.54 -33.38 4.87
CA UNK O 684 -93.91 -32.15 4.54
C UNK O 684 -92.97 -32.45 3.42
N UNK O 685 -92.66 -31.43 2.61
CA UNK O 685 -91.79 -31.67 1.50
C UNK O 685 -90.46 -32.03 2.05
N UNK O 686 -89.86 -33.11 1.51
CA UNK O 686 -88.57 -33.53 1.97
C UNK O 686 -87.58 -32.47 1.65
N UNK O 687 -87.64 -31.93 0.43
CA UNK O 687 -86.68 -30.92 0.06
C UNK O 687 -87.21 -30.17 -1.11
N UNK O 688 -86.62 -29.00 -1.38
CA UNK O 688 -87.04 -28.23 -2.51
C UNK O 688 -85.87 -28.16 -3.44
N UNK O 689 -86.10 -28.33 -4.75
CA UNK O 689 -85.01 -28.26 -5.66
C UNK O 689 -85.23 -27.08 -6.54
N UNK O 690 -84.16 -26.29 -6.75
CA UNK O 690 -84.28 -25.11 -7.55
C UNK O 690 -83.26 -25.21 -8.63
N UNK O 691 -83.47 -24.50 -9.73
CA UNK O 691 -82.57 -24.62 -10.83
C UNK O 691 -83.17 -23.84 -11.94
N UNK O 692 -84.12 -24.50 -12.64
CA UNK O 692 -84.74 -23.94 -13.81
C UNK O 692 -85.20 -22.55 -13.56
N UNK O 693 -84.92 -21.69 -14.56
CA UNK O 693 -85.25 -20.29 -14.59
C UNK O 693 -86.73 -20.10 -14.69
N UNK O 694 -87.43 -20.96 -15.44
CA UNK O 694 -88.83 -20.72 -15.71
C UNK O 694 -89.67 -21.81 -15.16
N UNK O 695 -90.99 -21.71 -15.44
CA UNK O 695 -91.95 -22.64 -14.93
C UNK O 695 -91.56 -24.02 -15.36
N UNK O 696 -91.78 -25.01 -14.47
CA UNK O 696 -91.43 -26.36 -14.79
C UNK O 696 -92.67 -27.06 -15.24
N UNK O 697 -92.68 -27.46 -16.51
CA UNK O 697 -93.79 -28.13 -17.14
C UNK O 697 -93.99 -29.51 -16.61
N UNK O 698 -92.91 -30.31 -16.42
CA UNK O 698 -93.17 -31.66 -16.02
C UNK O 698 -92.03 -32.19 -15.21
N UNK O 699 -92.33 -33.22 -14.38
CA UNK O 699 -91.33 -33.84 -13.56
C UNK O 699 -91.62 -35.30 -13.55
N UNK O 700 -90.58 -36.12 -13.33
CA UNK O 700 -90.84 -37.54 -13.27
C UNK O 700 -89.77 -38.16 -12.44
N UNK O 701 -90.11 -39.28 -11.77
CA UNK O 701 -89.13 -39.97 -10.99
C UNK O 701 -88.69 -41.11 -11.83
N UNK O 702 -87.37 -41.36 -11.87
CA UNK O 702 -86.85 -42.44 -12.66
C UNK O 702 -87.23 -43.70 -11.97
N UNK O 703 -87.33 -44.80 -12.75
CA UNK O 703 -87.69 -46.06 -12.18
C UNK O 703 -86.67 -46.38 -11.10
N UNK O 704 -82.18 -39.58 -10.38
CA UNK O 704 -83.34 -39.59 -9.46
C UNK O 704 -84.56 -39.05 -10.14
N UNK O 705 -84.53 -37.76 -10.51
CA UNK O 705 -85.70 -37.17 -11.09
C UNK O 705 -85.31 -36.34 -12.27
N UNK O 706 -86.26 -36.14 -13.21
CA UNK O 706 -86.00 -35.34 -14.36
C UNK O 706 -87.11 -34.33 -14.46
N UNK O 707 -86.79 -33.14 -15.00
CA UNK O 707 -87.79 -32.12 -15.14
C UNK O 707 -87.54 -31.43 -16.43
N UNK O 708 -88.57 -30.73 -16.95
CA UNK O 708 -88.44 -29.98 -18.17
C UNK O 708 -88.99 -28.63 -17.88
N UNK O 709 -88.51 -27.59 -18.61
CA UNK O 709 -88.98 -26.29 -18.27
C UNK O 709 -89.04 -25.41 -19.48
N UNK O 710 -89.57 -24.20 -19.26
CA UNK O 710 -89.69 -23.13 -20.20
C UNK O 710 -88.29 -22.79 -20.58
N UNK O 711 -87.38 -23.11 -19.64
CA UNK O 711 -85.98 -22.88 -19.76
C UNK O 711 -85.54 -23.56 -21.02
N UNK O 712 -86.30 -24.59 -21.45
CA UNK O 712 -85.95 -25.34 -22.62
C UNK O 712 -84.76 -26.14 -22.27
N UNK O 713 -84.69 -26.53 -20.98
CA UNK O 713 -83.63 -27.36 -20.52
C UNK O 713 -84.25 -28.53 -19.86
N UNK O 714 -83.51 -29.65 -19.81
CA UNK O 714 -83.94 -30.81 -19.11
C UNK O 714 -82.93 -30.98 -18.03
N UNK O 715 -83.37 -31.24 -16.79
CA UNK O 715 -82.40 -31.35 -15.75
C UNK O 715 -82.63 -32.60 -14.99
N UNK O 716 -81.56 -33.17 -14.43
CA UNK O 716 -81.67 -34.35 -13.64
C UNK O 716 -81.31 -33.95 -12.25
N UNK O 717 -82.06 -34.44 -11.25
CA UNK O 717 -81.77 -34.03 -9.91
C UNK O 717 -81.56 -35.26 -9.08
N UNK O 718 -80.74 -35.14 -8.03
CA UNK O 718 -80.51 -36.26 -7.17
C UNK O 718 -81.56 -36.18 -6.12
N UNK O 719 -77.00 -32.76 -11.29
CA UNK O 719 -76.12 -33.56 -12.09
C UNK O 719 -76.18 -33.30 -13.56
N UNK O 720 -77.37 -33.24 -14.18
CA UNK O 720 -77.32 -33.19 -15.61
C UNK O 720 -78.19 -32.12 -16.15
N UNK O 721 -77.82 -31.64 -17.35
CA UNK O 721 -78.59 -30.68 -18.08
C UNK O 721 -78.60 -31.16 -19.48
N UNK O 722 -79.72 -31.00 -20.20
CA UNK O 722 -79.72 -31.48 -21.54
C UNK O 722 -79.96 -30.33 -22.45
N UNK O 723 -79.01 -30.10 -23.38
CA UNK O 723 -79.18 -29.07 -24.36
C UNK O 723 -80.16 -29.64 -25.31
N UNK O 724 -80.95 -28.78 -25.99
CA UNK O 724 -81.95 -29.37 -26.82
C UNK O 724 -82.56 -28.31 -27.66
N UNK O 725 -83.84 -28.53 -28.01
CA UNK O 725 -84.59 -27.66 -28.86
C UNK O 725 -84.61 -26.28 -28.29
N UNK O 726 -84.79 -25.29 -29.20
CA UNK O 726 -84.82 -23.90 -28.87
C UNK O 726 -86.04 -23.61 -28.03
N UNK O 727 -87.18 -24.23 -28.38
CA UNK O 727 -88.43 -23.96 -27.73
C UNK O 727 -88.47 -24.57 -26.36
N UNK O 728 -89.49 -24.17 -25.57
CA UNK O 728 -89.66 -24.67 -24.23
C UNK O 728 -90.02 -26.11 -24.31
N UNK O 729 -89.73 -26.87 -23.23
CA UNK O 729 -90.02 -28.29 -23.25
C UNK O 729 -91.21 -28.56 -22.40
N UNK O 730 -92.25 -29.14 -23.02
CA UNK O 730 -93.50 -29.48 -22.39
C UNK O 730 -93.38 -30.61 -21.41
N UNK O 731 -92.69 -31.71 -21.76
CA UNK O 731 -92.71 -32.80 -20.83
C UNK O 731 -91.53 -33.69 -21.04
N UNK O 732 -91.22 -34.52 -20.02
CA UNK O 732 -90.13 -35.44 -20.12
C UNK O 732 -90.62 -36.74 -19.58
N UNK O 733 -90.23 -37.86 -20.24
CA UNK O 733 -90.67 -39.13 -19.75
C UNK O 733 -89.52 -40.07 -19.85
N UNK O 734 -89.36 -40.93 -18.82
CA UNK O 734 -88.32 -41.90 -18.84
C UNK O 734 -88.82 -43.12 -19.53
N UNK O 735 -87.88 -43.95 -20.02
CA UNK O 735 -88.24 -45.20 -20.63
C UNK O 735 -88.43 -46.17 -19.51
N UNK O 736 -89.13 -47.28 -19.77
CA UNK O 736 -89.35 -48.27 -18.76
C UNK O 736 -88.00 -48.76 -18.36
N UNK O 737 -87.12 -48.93 -19.37
CA UNK O 737 -85.78 -49.36 -19.16
C UNK O 737 -85.12 -48.30 -18.34
N UNK O 738 -85.59 -47.05 -18.55
CA UNK O 738 -85.01 -45.90 -17.92
C UNK O 738 -83.74 -45.64 -18.65
N UNK O 739 -83.55 -46.38 -19.76
CA UNK O 739 -82.42 -46.23 -20.60
C UNK O 739 -82.45 -44.89 -21.26
N UNK O 740 -83.63 -44.46 -21.75
CA UNK O 740 -83.66 -43.24 -22.51
C UNK O 740 -84.78 -42.36 -22.03
N UNK O 741 -84.73 -41.07 -22.43
CA UNK O 741 -85.74 -40.13 -22.03
C UNK O 741 -86.33 -39.52 -23.25
N UNK O 742 -87.63 -39.16 -23.18
CA UNK O 742 -88.28 -38.54 -24.29
C UNK O 742 -88.70 -37.18 -23.83
N UNK O 743 -88.50 -36.17 -24.69
CA UNK O 743 -88.86 -34.83 -24.32
C UNK O 743 -89.79 -34.33 -25.38
N UNK O 744 -90.69 -33.40 -24.99
CA UNK O 744 -91.59 -32.84 -25.93
C UNK O 744 -91.43 -31.37 -25.82
N UNK O 745 -91.54 -30.66 -26.96
CA UNK O 745 -91.37 -29.24 -26.92
C UNK O 745 -92.12 -28.70 -28.08
N UNK O 746 -92.11 -27.36 -28.21
CA UNK O 746 -92.80 -26.78 -29.31
C UNK O 746 -92.15 -27.28 -30.56
N UNK O 747 -90.80 -27.31 -30.59
CA UNK O 747 -90.09 -27.66 -31.77
C UNK O 747 -90.32 -29.09 -32.17
N UNK O 748 -90.19 -30.06 -31.24
CA UNK O 748 -90.33 -31.42 -31.68
C UNK O 748 -90.24 -32.31 -30.48
N UNK O 749 -90.32 -33.64 -30.71
CA UNK O 749 -90.18 -34.57 -29.64
C UNK O 749 -88.86 -35.23 -29.83
N UNK O 750 -88.02 -35.29 -28.78
CA UNK O 750 -86.74 -35.88 -28.96
C UNK O 750 -86.54 -36.95 -27.94
N UNK O 751 -85.78 -37.99 -28.31
CA UNK O 751 -85.46 -39.04 -27.40
C UNK O 751 -84.00 -38.91 -27.13
N UNK O 752 -83.60 -39.06 -25.85
CA UNK O 752 -82.21 -38.88 -25.55
C UNK O 752 -81.76 -40.04 -24.72
N UNK O 753 -80.46 -40.38 -24.82
CA UNK O 753 -79.90 -41.44 -24.05
C UNK O 753 -79.65 -40.89 -22.68
N UNK O 754 -79.50 -41.79 -21.70
CA UNK O 754 -79.28 -41.37 -20.34
C UNK O 754 -77.97 -40.58 -20.29
N UNK O 755 -78.72 -37.96 -28.87
CA UNK O 755 -79.60 -37.66 -30.01
C UNK O 755 -79.76 -38.85 -30.90
N UNK O 756 -80.42 -39.91 -30.38
CA UNK O 756 -80.61 -41.10 -31.16
C UNK O 756 -81.44 -40.75 -32.34
N UNK O 757 -82.53 -39.97 -32.11
CA UNK O 757 -83.37 -39.60 -33.20
C UNK O 757 -84.39 -38.64 -32.66
N UNK O 758 -85.11 -37.96 -33.57
CA UNK O 758 -86.12 -37.04 -33.14
C UNK O 758 -87.23 -37.08 -34.14
N UNK O 759 -88.46 -36.74 -33.71
CA UNK O 759 -89.55 -36.81 -34.63
C UNK O 759 -89.67 -35.52 -35.37
N UNK O 760 -89.31 -35.58 -36.65
CA UNK O 760 -89.36 -34.53 -37.63
C UNK O 760 -90.80 -34.28 -37.97
N UNK O 761 -91.63 -35.33 -37.85
CA UNK O 761 -92.97 -35.33 -38.37
C UNK O 761 -93.75 -34.15 -37.87
N UNK O 762 -93.61 -33.75 -36.60
CA UNK O 762 -94.39 -32.62 -36.15
C UNK O 762 -93.97 -31.46 -37.00
N UNK O 763 -92.65 -31.30 -37.19
CA UNK O 763 -92.10 -30.31 -38.06
C UNK O 763 -92.43 -28.93 -37.59
N UNK O 764 -91.55 -27.98 -37.97
CA UNK O 764 -91.69 -26.58 -37.71
C UNK O 764 -92.89 -26.13 -38.47
N UNK O 765 -93.08 -26.68 -39.67
CA UNK O 765 -94.18 -26.31 -40.51
C UNK O 765 -95.43 -26.51 -39.73
N UNK O 766 -96.54 -25.89 -40.20
CA UNK O 766 -97.77 -25.89 -39.48
C UNK O 766 -98.09 -27.29 -39.07
N UNK O 767 -97.86 -27.52 -37.77
CA UNK O 767 -98.05 -28.72 -37.03
C UNK O 767 -97.05 -28.54 -35.95
N UNK O 768 -97.46 -28.68 -34.68
CA UNK O 768 -96.46 -28.37 -33.69
C UNK O 768 -97.12 -28.40 -32.36
N UNK O 769 -96.46 -27.75 -31.37
CA UNK O 769 -96.94 -27.69 -30.04
C UNK O 769 -97.30 -29.06 -29.58
N UNK O 770 -96.28 -29.93 -29.41
CA UNK O 770 -96.57 -31.26 -28.95
C UNK O 770 -96.64 -31.23 -27.45
N UNK O 771 -97.88 -31.38 -26.95
CA UNK O 771 -98.25 -31.37 -25.56
C UNK O 771 -97.83 -32.59 -24.81
N UNK O 772 -97.95 -33.80 -25.38
CA UNK O 772 -97.72 -34.92 -24.51
C UNK O 772 -96.96 -36.01 -25.19
N UNK O 773 -96.40 -36.91 -24.36
CA UNK O 773 -95.71 -38.05 -24.85
C UNK O 773 -95.95 -39.14 -23.88
N UNK O 774 -96.07 -40.37 -24.40
CA UNK O 774 -96.26 -41.48 -23.52
C UNK O 774 -95.41 -42.54 -24.08
N UNK O 775 -94.92 -43.42 -23.21
CA UNK O 775 -94.09 -44.48 -23.67
C UNK O 775 -94.98 -45.65 -23.72
N UNK O 776 -94.75 -46.46 -24.76
CA UNK O 776 -95.56 -47.62 -24.93
C UNK O 776 -95.14 -48.65 -23.93
N UNK O 777 -96.00 -49.66 -23.79
CA UNK O 777 -95.80 -50.86 -23.03
C UNK O 777 -94.82 -51.58 -23.88
N UNK O 778 -95.20 -52.57 -24.73
CA UNK O 778 -94.23 -53.00 -25.72
C UNK O 778 -93.93 -51.66 -26.54
N UNK O 779 -92.65 -51.36 -27.22
CA UNK O 779 -91.76 -50.22 -27.78
C UNK O 779 -92.22 -49.21 -28.83
N UNK O 780 -92.21 -47.93 -28.38
CA UNK O 780 -92.60 -46.81 -29.18
C UNK O 780 -92.94 -45.70 -28.23
N UNK O 781 -93.30 -44.54 -28.79
CA UNK O 781 -93.69 -43.41 -27.99
C UNK O 781 -94.87 -42.81 -28.68
N UNK O 782 -95.72 -42.11 -27.92
CA UNK O 782 -96.87 -41.51 -28.55
C UNK O 782 -96.89 -40.08 -28.12
N UNK O 783 -97.31 -39.20 -29.06
CA UNK O 783 -97.35 -37.82 -28.72
C UNK O 783 -98.62 -37.26 -29.29
N UNK O 784 -99.06 -36.12 -28.73
CA UNK O 784 -100.22 -35.45 -29.22
C UNK O 784 -99.90 -33.99 -29.16
N UNK O 785 -100.48 -33.18 -30.08
CA UNK O 785 -100.14 -31.79 -30.07
C UNK O 785 -101.38 -30.96 -29.88
N UNK O 786 -101.27 -29.91 -29.05
CA UNK O 786 -102.31 -28.96 -28.80
C UNK O 786 -102.54 -28.16 -30.04
N UNK O 787 -101.44 -27.91 -30.77
CA UNK O 787 -101.38 -27.05 -31.91
C UNK O 787 -102.30 -27.51 -32.98
N UNK O 788 -102.13 -26.90 -34.16
CA UNK O 788 -103.01 -27.08 -35.27
C UNK O 788 -103.11 -28.54 -35.59
N UNK O 789 -101.99 -29.30 -35.46
CA UNK O 789 -102.09 -30.68 -35.80
C UNK O 789 -103.13 -31.31 -34.92
N UNK O 790 -103.05 -31.07 -33.59
CA UNK O 790 -104.01 -31.57 -32.65
C UNK O 790 -104.26 -33.02 -32.93
N UNK O 791 -103.20 -33.82 -33.14
CA UNK O 791 -103.51 -35.19 -33.43
C UNK O 791 -102.57 -36.04 -32.67
N UNK O 792 -102.96 -37.31 -32.45
CA UNK O 792 -102.07 -38.22 -31.81
C UNK O 792 -101.12 -38.67 -32.87
N UNK O 793 -99.87 -38.96 -32.47
CA UNK O 793 -98.92 -39.44 -33.42
C UNK O 793 -98.38 -40.68 -32.81
N UNK O 794 -98.19 -41.72 -33.63
CA UNK O 794 -97.64 -42.93 -33.09
C UNK O 794 -96.43 -43.23 -33.88
N UNK O 795 -95.35 -43.68 -33.20
CA UNK O 795 -94.16 -43.98 -33.93
C UNK O 795 -93.29 -44.80 -33.05
N UNK O 796 -92.31 -45.49 -33.68
CA UNK O 796 -91.36 -46.26 -32.93
C UNK O 796 -90.10 -45.47 -32.95
N UNK O 797 -89.42 -45.39 -31.79
CA UNK O 797 -88.23 -44.59 -31.73
C UNK O 797 -87.20 -45.15 -32.63
N UNK O 798 -87.02 -46.48 -32.63
CA UNK O 798 -85.96 -47.02 -33.43
C UNK O 798 -86.23 -46.72 -34.87
N UNK O 799 -87.46 -46.99 -35.32
CA UNK O 799 -87.82 -46.79 -36.70
C UNK O 799 -87.76 -45.33 -37.03
N UNK O 800 -88.22 -44.46 -36.10
CA UNK O 800 -88.27 -43.06 -36.38
C UNK O 800 -89.29 -42.82 -37.46
N UNK O 801 -90.26 -43.73 -37.59
CA UNK O 801 -91.29 -43.56 -38.57
C UNK O 801 -92.59 -43.48 -37.82
N UNK O 802 -93.57 -42.71 -38.35
CA UNK O 802 -94.82 -42.59 -37.67
C UNK O 802 -95.71 -43.66 -38.20
N UNK O 803 -96.20 -44.53 -37.30
CA UNK O 803 -97.03 -45.62 -37.73
C UNK O 803 -98.31 -45.08 -38.30
N UNK O 804 -98.95 -44.12 -37.60
CA UNK O 804 -100.17 -43.59 -38.12
C UNK O 804 -100.57 -42.42 -37.31
N UNK O 805 -101.48 -41.59 -37.84
CA UNK O 805 -101.93 -40.44 -37.12
C UNK O 805 -103.41 -40.59 -36.90
N UNK O 806 -103.90 -40.23 -35.70
CA UNK O 806 -105.31 -40.36 -35.44
C UNK O 806 -105.88 -38.97 -35.31
N UNK O 807 -107.06 -38.72 -35.94
CA UNK O 807 -107.65 -37.40 -35.92
C UNK O 807 -108.29 -37.09 -34.55
N UNK O 808 -108.29 -35.78 -34.08
CA UNK O 808 -108.78 -35.24 -32.77
C UNK O 808 -109.34 -33.68 -32.80
N UNK O 809 -109.45 -32.80 -31.60
CA UNK O 809 -109.82 -31.37 -31.10
C UNK O 809 -108.50 -30.69 -30.77
N UNK O 810 -107.96 -30.72 -29.52
CA UNK O 810 -106.59 -30.40 -29.22
C UNK O 810 -106.29 -31.42 -28.15
N UNK O 811 -105.17 -32.17 -28.24
CA UNK O 811 -105.01 -33.25 -27.30
C UNK O 811 -104.12 -32.84 -26.17
N UNK O 812 -104.74 -32.83 -24.97
CA UNK O 812 -104.10 -32.54 -23.73
C UNK O 812 -103.22 -33.66 -23.27
N UNK O 813 -103.69 -34.93 -23.37
CA UNK O 813 -102.87 -35.98 -22.83
C UNK O 813 -103.11 -37.24 -23.59
N UNK O 814 -102.07 -38.09 -23.66
CA UNK O 814 -102.19 -39.33 -24.35
C UNK O 814 -101.75 -40.40 -23.41
N UNK O 815 -102.38 -41.58 -23.50
CA UNK O 815 -102.01 -42.65 -22.63
C UNK O 815 -102.25 -43.92 -23.36
N UNK O 816 -101.56 -45.00 -22.92
CA UNK O 816 -101.77 -46.25 -23.55
C UNK O 816 -102.40 -47.12 -22.53
N UNK O 817 -103.32 -48.02 -22.94
CA UNK O 817 -103.91 -48.85 -21.94
C UNK O 817 -102.81 -49.68 -21.41
N UNK O 818 -102.62 -49.66 -20.07
CA UNK O 818 -101.56 -50.41 -19.47
C UNK O 818 -101.85 -51.85 -19.63
N UNK O 819 -103.10 -52.22 -19.36
CA UNK O 819 -103.49 -53.60 -19.34
C UNK O 819 -102.76 -54.22 -18.19
N UNK O 820 -103.50 -54.99 -17.38
CA UNK O 820 -102.90 -55.63 -16.24
C UNK O 820 -102.22 -56.86 -16.74
N UNK O 821 -101.42 -57.49 -15.86
CA UNK O 821 -100.72 -58.71 -16.17
C UNK O 821 -100.07 -58.59 -17.51
N UNK O 822 -98.94 -57.85 -17.55
CA UNK O 822 -98.24 -57.60 -18.77
C UNK O 822 -99.00 -56.50 -19.38
N UNK O 823 -98.38 -55.76 -20.32
CA UNK O 823 -99.15 -54.67 -20.82
C UNK O 823 -99.53 -54.98 -22.22
N UNK O 824 -100.74 -54.57 -22.58
CA UNK O 824 -101.21 -54.74 -23.92
C UNK O 824 -101.99 -53.51 -24.21
N UNK O 825 -101.84 -52.96 -25.43
CA UNK O 825 -102.67 -51.82 -25.66
C UNK O 825 -103.57 -52.12 -26.82
N UNK O 826 -104.82 -52.49 -26.51
CA UNK O 826 -105.81 -52.71 -27.52
C UNK O 826 -106.15 -51.39 -28.13
N UNK O 827 -106.31 -50.38 -27.26
CA UNK O 827 -106.71 -49.07 -27.70
C UNK O 827 -105.96 -48.08 -26.87
N UNK O 828 -105.97 -46.82 -27.30
CA UNK O 828 -105.28 -45.79 -26.57
C UNK O 828 -106.29 -44.87 -25.99
N UNK O 829 -105.97 -44.29 -24.82
CA UNK O 829 -106.88 -43.39 -24.19
C UNK O 829 -106.29 -42.03 -24.30
N UNK O 830 -107.14 -41.03 -24.61
CA UNK O 830 -106.64 -39.71 -24.72
C UNK O 830 -107.69 -38.79 -24.22
N UNK O 831 -107.23 -37.62 -23.73
CA UNK O 831 -108.14 -36.62 -23.24
C UNK O 831 -107.83 -35.41 -24.06
N UNK O 832 -108.83 -34.56 -24.29
CA UNK O 832 -108.58 -33.42 -25.12
C UNK O 832 -109.10 -32.20 -24.47
N UNK O 833 -108.53 -31.05 -24.87
CA UNK O 833 -108.94 -29.77 -24.39
C UNK O 833 -110.09 -29.34 -25.23
N UNK O 834 -110.86 -28.38 -24.72
CA UNK O 834 -111.95 -27.85 -25.47
C UNK O 834 -111.84 -26.38 -25.39
N UNK O 835 -112.09 -25.71 -26.53
CA UNK O 835 -112.08 -24.29 -26.69
C UNK O 835 -113.46 -23.83 -26.41
N UNK O 836 -113.76 -22.57 -26.76
CA UNK O 836 -115.07 -22.05 -26.46
C UNK O 836 -116.07 -22.96 -27.11
N UNK O 837 -115.89 -23.30 -28.40
CA UNK O 837 -116.84 -24.22 -28.93
C UNK O 837 -116.57 -25.48 -28.18
N UNK O 838 -117.63 -26.19 -27.72
CA UNK O 838 -117.27 -27.32 -26.93
C UNK O 838 -117.44 -28.57 -27.74
N UNK O 839 -116.59 -28.77 -28.76
CA UNK O 839 -116.67 -30.01 -29.46
C UNK O 839 -116.02 -31.11 -28.66
N UNK O 840 -114.73 -30.92 -28.26
CA UNK O 840 -114.13 -32.07 -27.68
C UNK O 840 -113.70 -31.86 -26.28
N UNK O 841 -114.68 -32.09 -25.39
CA UNK O 841 -114.65 -32.20 -23.98
C UNK O 841 -114.18 -33.57 -23.58
N UNK O 842 -114.37 -34.54 -24.48
CA UNK O 842 -114.28 -35.94 -24.15
C UNK O 842 -112.92 -36.53 -23.99
N UNK O 843 -112.95 -37.72 -23.35
CA UNK O 843 -111.82 -38.59 -23.23
C UNK O 843 -112.17 -39.65 -24.21
N UNK O 844 -111.25 -39.97 -25.14
CA UNK O 844 -111.65 -40.92 -26.12
C UNK O 844 -110.70 -42.04 -26.13
N UNK O 845 -111.23 -43.25 -26.40
CA UNK O 845 -110.40 -44.38 -26.51
C UNK O 845 -110.35 -44.67 -27.98
N UNK O 846 -109.15 -44.85 -28.53
CA UNK O 846 -109.12 -45.10 -29.93
C UNK O 846 -108.67 -46.50 -30.13
N UNK O 847 -109.43 -47.27 -30.92
CA UNK O 847 -108.98 -48.60 -31.18
C UNK O 847 -107.76 -48.41 -32.00
N UNK O 848 -106.66 -49.06 -31.61
CA UNK O 848 -105.46 -48.89 -32.35
C UNK O 848 -105.61 -49.68 -33.62
N UNK O 849 -110.84 -45.44 -36.17
CA UNK O 849 -111.33 -44.18 -35.58
C UNK O 849 -111.55 -44.36 -34.12
N UNK O 850 -111.87 -43.26 -33.41
CA UNK O 850 -112.08 -43.45 -32.01
C UNK O 850 -113.27 -44.35 -31.88
N UNK O 851 -113.14 -45.39 -31.03
CA UNK O 851 -114.20 -46.32 -30.86
C UNK O 851 -115.37 -45.63 -30.23
N UNK O 852 -115.10 -44.85 -29.16
CA UNK O 852 -116.20 -44.21 -28.51
C UNK O 852 -115.68 -43.02 -27.78
N UNK O 853 -116.58 -42.07 -27.49
CA UNK O 853 -116.18 -40.91 -26.76
C UNK O 853 -117.20 -40.69 -25.69
N UNK O 854 -118.47 -29.35 -19.16
CA UNK O 854 -118.07 -28.42 -20.17
C UNK O 854 -116.81 -27.82 -19.66
N UNK O 855 -115.71 -27.99 -20.43
CA UNK O 855 -114.43 -27.47 -20.04
C UNK O 855 -113.43 -28.32 -20.72
N UNK O 856 -112.15 -27.91 -20.60
CA UNK O 856 -111.12 -28.74 -21.14
C UNK O 856 -110.81 -29.77 -20.12
N UNK O 857 -110.39 -30.96 -20.56
CA UNK O 857 -109.97 -31.94 -19.61
C UNK O 857 -108.48 -31.90 -19.68
N UNK O 858 -107.84 -31.39 -18.62
CA UNK O 858 -106.42 -31.21 -18.64
C UNK O 858 -105.69 -32.50 -18.72
N UNK O 859 -106.08 -33.50 -17.90
CA UNK O 859 -105.29 -34.70 -17.89
C UNK O 859 -106.18 -35.87 -17.65
N UNK O 860 -105.58 -37.08 -17.71
CA UNK O 860 -106.31 -38.29 -17.47
C UNK O 860 -105.33 -39.27 -16.91
N UNK O 861 -105.85 -40.37 -16.33
CA UNK O 861 -104.97 -41.39 -15.82
C UNK O 861 -105.68 -42.70 -15.93
N UNK O 862 -104.92 -43.76 -16.26
CA UNK O 862 -105.49 -45.08 -16.37
C UNK O 862 -104.74 -45.94 -15.41
N UNK O 863 -105.38 -46.98 -14.87
CA UNK O 863 -104.70 -47.81 -13.91
C UNK O 863 -104.42 -49.13 -14.54
N UNK O 864 -103.17 -49.62 -14.40
CA UNK O 864 -102.83 -50.89 -14.94
C UNK O 864 -103.57 -51.97 -14.22
N UNK O 865 -103.52 -51.92 -12.87
CA UNK O 865 -104.11 -52.93 -12.06
C UNK O 865 -105.61 -52.94 -12.15
N UNK O 866 -106.24 -51.76 -12.06
CA UNK O 866 -107.67 -51.75 -12.00
C UNK O 866 -108.20 -50.98 -13.15
N UNK O 867 -109.45 -51.28 -13.53
CA UNK O 867 -110.03 -50.54 -14.61
C UNK O 867 -110.73 -49.37 -13.99
N UNK O 868 -110.13 -48.18 -14.18
CA UNK O 868 -110.70 -46.96 -13.68
C UNK O 868 -109.94 -45.90 -14.37
N UNK O 869 -110.53 -44.71 -14.52
CA UNK O 869 -109.81 -43.65 -15.17
C UNK O 869 -110.13 -42.42 -14.42
N UNK O 870 -109.19 -41.45 -14.37
CA UNK O 870 -109.46 -40.23 -13.66
C UNK O 870 -109.34 -39.13 -14.66
N UNK O 871 -110.15 -38.06 -14.49
CA UNK O 871 -110.10 -36.96 -15.40
C UNK O 871 -110.04 -35.70 -14.58
N UNK O 872 -109.32 -34.69 -15.11
CA UNK O 872 -109.19 -33.43 -14.43
C UNK O 872 -109.56 -32.39 -15.43
N UNK O 873 -110.09 -31.22 -14.97
CA UNK O 873 -110.47 -30.23 -15.93
C UNK O 873 -109.78 -28.93 -15.66
N UNK O 874 -109.25 -28.34 -16.76
CA UNK O 874 -108.50 -27.11 -16.89
C UNK O 874 -109.31 -25.86 -16.69
N UNK O 875 -110.59 -25.84 -17.11
CA UNK O 875 -111.20 -24.56 -17.00
C UNK O 875 -111.38 -24.20 -15.55
N UNK O 876 -110.87 -23.02 -15.17
CA UNK O 876 -111.06 -22.50 -13.85
C UNK O 876 -112.33 -21.72 -13.91
N UNK O 877 -113.01 -21.53 -12.76
CA UNK O 877 -114.27 -20.85 -12.80
C UNK O 877 -115.11 -21.62 -13.75
N UNK O 878 -114.90 -22.94 -13.73
CA UNK O 878 -115.55 -23.88 -14.58
C UNK O 878 -115.49 -25.15 -13.83
N UNK O 879 -115.50 -26.30 -14.53
CA UNK O 879 -115.47 -27.50 -13.75
C UNK O 879 -114.06 -27.84 -13.43
N UNK O 880 -113.69 -27.68 -12.14
CA UNK O 880 -112.41 -28.17 -11.71
C UNK O 880 -112.81 -29.34 -10.89
N UNK O 881 -112.72 -30.55 -11.49
CA UNK O 881 -113.19 -31.67 -10.76
C UNK O 881 -112.48 -32.88 -11.22
N UNK O 882 -112.45 -33.91 -10.36
CA UNK O 882 -111.83 -35.13 -10.74
C UNK O 882 -112.92 -36.10 -10.99
N UNK O 883 -112.90 -36.75 -12.16
CA UNK O 883 -113.92 -37.72 -12.44
C UNK O 883 -113.21 -39.02 -12.59
N UNK O 884 -113.72 -40.08 -11.94
CA UNK O 884 -113.07 -41.35 -12.09
C UNK O 884 -114.10 -42.33 -12.52
N UNK O 885 -113.99 -42.92 -13.72
CA UNK O 885 -115.10 -43.78 -14.04
C UNK O 885 -114.67 -44.94 -14.86
N UNK O 886 -115.34 -46.10 -14.67
CA UNK O 886 -114.96 -47.11 -15.62
C UNK O 886 -115.49 -46.71 -16.97
N UNK O 887 -116.81 -46.93 -17.23
CA UNK O 887 -117.45 -46.40 -18.40
C UNK O 887 -118.29 -45.17 -18.17
N UNK O 888 -119.34 -45.40 -17.36
CA UNK O 888 -120.41 -44.46 -17.12
C UNK O 888 -119.91 -43.50 -16.12
N UNK O 889 -120.65 -42.39 -15.91
CA UNK O 889 -120.17 -41.43 -14.97
C UNK O 889 -120.00 -42.13 -13.66
N UNK O 890 -118.80 -41.96 -13.06
CA UNK O 890 -118.52 -42.61 -11.83
C UNK O 890 -117.53 -41.75 -11.12
N UNK O 891 -117.38 -41.99 -9.82
CA UNK O 891 -116.44 -41.30 -8.97
C UNK O 891 -117.17 -40.17 -8.33
N UNK O 892 -116.46 -39.42 -7.47
CA UNK O 892 -117.13 -38.40 -6.75
C UNK O 892 -116.65 -37.05 -7.17
N UNK O 893 -117.49 -36.03 -6.94
CA UNK O 893 -117.17 -34.67 -7.24
C UNK O 893 -117.16 -33.94 -5.93
N UNK O 894 -116.34 -32.87 -5.83
CA UNK O 894 -116.27 -32.20 -4.57
C UNK O 894 -117.06 -30.94 -4.62
N UNK O 895 -117.83 -30.64 -3.55
CA UNK O 895 -118.58 -29.42 -3.58
C UNK O 895 -117.64 -28.30 -3.23
N UNK O 896 -117.75 -27.04 -3.68
CA UNK O 896 -116.74 -26.07 -3.23
C UNK O 896 -117.26 -25.10 -2.18
N UNK O 897 -116.61 -23.93 -1.96
CA UNK O 897 -116.69 -23.21 -0.67
C UNK O 897 -116.73 -21.60 -0.58
N UNK O 898 -116.10 -20.81 0.56
CA UNK O 898 -115.86 -19.37 1.02
C UNK O 898 -117.20 -18.77 0.79
N UNK O 899 -117.42 -17.45 0.79
CA UNK O 899 -118.81 -17.24 0.49
C UNK O 899 -119.00 -16.31 -0.67
N UNK O 900 -119.78 -16.76 -1.67
CA UNK O 900 -120.17 -15.94 -2.78
C UNK O 900 -121.14 -14.90 -2.31
N UNK O 901 -122.16 -15.35 -1.53
CA UNK O 901 -123.19 -14.45 -1.08
C UNK O 901 -123.83 -15.08 0.12
N UNK O 902 -124.59 -14.30 0.92
CA UNK O 902 -125.20 -14.93 2.05
C UNK O 902 -126.48 -14.22 2.34
N UNK O 903 -127.41 -14.94 3.01
CA UNK O 903 -128.65 -14.35 3.41
C UNK O 903 -128.95 -14.90 4.76
N UNK O 904 -129.40 -14.03 5.69
CA UNK O 904 -129.71 -14.49 7.01
C UNK O 904 -131.11 -14.98 7.02
N UNK O 905 -131.45 -15.86 7.99
CA UNK O 905 -132.80 -16.33 8.09
C UNK O 905 -133.60 -15.18 8.60
N UNK O 906 -134.84 -15.02 8.11
CA UNK O 906 -135.58 -13.89 8.58
C UNK O 906 -135.84 -14.07 10.05
N UNK O 907 -136.37 -15.24 10.42
CA UNK O 907 -136.70 -15.53 11.79
C UNK O 907 -135.48 -15.66 12.63
N UNK O 908 -134.45 -16.37 12.11
CA UNK O 908 -133.34 -16.66 12.96
C UNK O 908 -132.10 -15.99 12.48
N UNK O 909 -131.15 -15.82 13.42
CA UNK O 909 -129.88 -15.18 13.24
C UNK O 909 -129.05 -15.99 12.29
N UNK O 910 -129.21 -17.33 12.32
CA UNK O 910 -128.40 -18.25 11.57
C UNK O 910 -128.25 -17.78 10.17
N UNK O 911 -127.08 -18.10 9.56
CA UNK O 911 -126.83 -17.58 8.25
C UNK O 911 -126.73 -18.70 7.28
N UNK O 912 -127.17 -18.39 6.05
CA UNK O 912 -127.07 -19.32 4.97
C UNK O 912 -126.18 -18.64 3.98
N UNK O 913 -125.22 -19.38 3.41
CA UNK O 913 -124.39 -18.70 2.47
C UNK O 913 -124.14 -19.63 1.34
N UNK O 914 -124.00 -19.07 0.13
CA UNK O 914 -123.70 -19.84 -1.04
C UNK O 914 -122.23 -19.90 -1.16
N UNK O 915 -121.72 -20.89 -1.92
CA UNK O 915 -120.31 -21.10 -2.04
C UNK O 915 -119.97 -21.13 -3.49
N UNK O 916 -118.67 -20.96 -3.81
CA UNK O 916 -118.18 -21.08 -5.16
C UNK O 916 -118.56 -22.45 -5.51
N UNK O 917 -118.37 -23.36 -4.57
CA UNK O 917 -119.05 -24.60 -4.45
C UNK O 917 -120.31 -24.66 -5.14
N UNK O 918 -120.58 -25.89 -5.47
CA UNK O 918 -121.90 -26.24 -5.81
C UNK O 918 -122.70 -26.10 -4.55
N UNK O 919 -122.13 -26.48 -3.41
CA UNK O 919 -122.81 -26.44 -2.16
C UNK O 919 -123.00 -25.04 -1.64
N UNK O 920 -124.06 -24.89 -0.82
CA UNK O 920 -124.41 -23.73 -0.06
C UNK O 920 -124.59 -24.31 1.29
N UNK O 921 -124.46 -23.51 2.37
CA UNK O 921 -124.59 -24.21 3.62
C UNK O 921 -125.32 -23.36 4.58
N UNK O 922 -125.85 -24.04 5.61
CA UNK O 922 -126.51 -23.37 6.67
C UNK O 922 -125.56 -23.42 7.79
N UNK O 923 -125.40 -22.29 8.49
CA UNK O 923 -124.53 -22.33 9.62
C UNK O 923 -125.19 -21.60 10.70
N UNK O 924 -124.84 -21.98 11.94
CA UNK O 924 -125.42 -21.31 13.06
C UNK O 924 -124.30 -20.69 13.79
N UNK O 925 -124.55 -19.48 14.32
CA UNK O 925 -123.58 -18.78 15.09
C UNK O 925 -124.09 -18.80 16.49
N UNK O 926 -123.18 -18.88 17.47
CA UNK O 926 -123.61 -18.95 18.84
C UNK O 926 -124.35 -17.70 19.17
N UNK O 927 -125.37 -17.82 20.05
CA UNK O 927 -126.18 -16.70 20.42
C UNK O 927 -125.33 -15.67 21.08
N UNK O 928 -124.43 -16.10 21.99
CA UNK O 928 -123.63 -15.12 22.63
C UNK O 928 -122.46 -14.85 21.74
N UNK O 929 -122.51 -13.72 21.04
CA UNK O 929 -121.47 -13.32 20.15
C UNK O 929 -120.24 -13.01 20.94
N UNK O 930 -120.42 -12.36 22.10
CA UNK O 930 -119.33 -11.90 22.90
C UNK O 930 -118.50 -13.06 23.31
N UNK O 931 -119.18 -14.14 23.68
CA UNK O 931 -118.46 -15.31 24.08
C UNK O 931 -117.66 -15.71 22.88
N UNK O 932 -116.54 -16.47 23.07
CA UNK O 932 -115.79 -16.90 21.96
C UNK O 932 -116.76 -17.62 21.09
N UNK O 933 -116.80 -17.19 19.83
CA UNK O 933 -117.83 -17.72 18.99
C UNK O 933 -117.52 -19.12 18.64
N UNK O 934 -118.49 -19.81 18.05
CA UNK O 934 -118.20 -21.09 17.50
C UNK O 934 -119.08 -21.09 16.30
N UNK O 935 -118.64 -21.68 15.17
CA UNK O 935 -119.53 -21.62 14.06
C UNK O 935 -119.72 -23.00 13.55
N UNK O 936 -120.98 -23.45 13.50
CA UNK O 936 -121.18 -24.81 13.13
C UNK O 936 -121.97 -24.86 11.87
N UNK O 937 -121.65 -25.87 11.06
CA UNK O 937 -122.34 -26.05 9.83
C UNK O 937 -123.56 -26.84 10.13
N UNK O 938 -124.74 -26.23 9.96
CA UNK O 938 -125.94 -26.98 10.21
C UNK O 938 -126.02 -28.03 9.16
N UNK O 939 -125.81 -27.66 7.89
CA UNK O 939 -125.91 -28.66 6.88
C UNK O 939 -125.41 -28.06 5.61
N UNK O 940 -125.06 -28.94 4.65
CA UNK O 940 -124.59 -28.45 3.40
C UNK O 940 -125.62 -28.82 2.39
N UNK O 941 -125.97 -27.86 1.51
CA UNK O 941 -126.87 -28.13 0.45
C UNK O 941 -126.00 -28.15 -0.75
N UNK O 942 -126.08 -29.25 -1.51
CA UNK O 942 -125.19 -29.34 -2.63
C UNK O 942 -126.03 -29.48 -3.84
N UNK O 943 -125.51 -28.99 -4.96
CA UNK O 943 -126.19 -29.08 -6.20
C UNK O 943 -125.16 -29.47 -7.19
N UNK O 944 -125.59 -29.94 -8.36
CA UNK O 944 -124.67 -30.32 -9.38
C UNK O 944 -123.93 -29.10 -9.84
N UNK O 945 -124.65 -27.98 -10.04
CA UNK O 945 -124.08 -26.80 -10.61
C UNK O 945 -122.93 -26.33 -9.81
N UNK O 946 -121.97 -25.68 -10.50
CA UNK O 946 -120.74 -25.27 -9.92
C UNK O 946 -120.91 -24.26 -8.84
N UNK O 947 -121.69 -23.18 -9.08
CA UNK O 947 -121.70 -22.16 -8.07
C UNK O 947 -123.10 -21.79 -7.74
N UNK O 948 -123.29 -21.26 -6.51
CA UNK O 948 -124.60 -20.86 -6.12
C UNK O 948 -124.69 -19.37 -6.29
N UNK O 949 -125.49 -18.95 -7.29
CA UNK O 949 -125.70 -17.56 -7.58
C UNK O 949 -126.48 -16.89 -6.50
N UNK O 950 -127.57 -17.52 -6.03
CA UNK O 950 -128.36 -16.80 -5.07
C UNK O 950 -129.13 -17.77 -4.23
N UNK O 951 -129.56 -17.27 -3.05
CA UNK O 951 -130.36 -18.05 -2.16
C UNK O 951 -131.40 -17.14 -1.63
N UNK O 952 -132.63 -17.66 -1.43
CA UNK O 952 -133.64 -16.82 -0.87
C UNK O 952 -134.38 -17.64 0.12
N UNK O 953 -134.56 -17.09 1.34
CA UNK O 953 -135.30 -17.79 2.34
C UNK O 953 -136.73 -17.43 2.15
N UNK O 954 -137.64 -18.32 2.59
CA UNK O 954 -139.03 -18.03 2.51
C UNK O 954 -139.33 -17.10 3.64
N UNK O 955 -140.50 -16.45 3.61
CA UNK O 955 -140.86 -15.54 4.65
C UNK O 955 -140.89 -16.34 5.92
N UNK O 956 -141.40 -17.58 5.82
CA UNK O 956 -141.51 -18.46 6.94
C UNK O 956 -140.14 -18.73 7.47
N UNK O 957 -139.15 -18.78 6.55
CA UNK O 957 -137.79 -19.10 6.89
C UNK O 957 -137.74 -20.57 7.14
N UNK O 958 -138.88 -21.25 6.94
CA UNK O 958 -138.94 -22.68 7.07
C UNK O 958 -138.11 -23.27 5.97
N UNK O 959 -138.22 -22.72 4.76
CA UNK O 959 -137.52 -23.28 3.64
C UNK O 959 -136.70 -22.23 2.97
N UNK O 960 -135.66 -22.66 2.25
CA UNK O 960 -134.82 -21.76 1.51
C UNK O 960 -134.66 -22.33 0.15
N UNK O 961 -134.43 -21.47 -0.85
CA UNK O 961 -134.26 -22.00 -2.18
C UNK O 961 -132.84 -21.74 -2.57
N UNK O 962 -132.19 -22.75 -3.17
CA UNK O 962 -130.84 -22.59 -3.60
C UNK O 962 -130.88 -22.50 -5.08
N UNK O 963 -130.10 -21.56 -5.65
CA UNK O 963 -130.09 -21.43 -7.07
C UNK O 963 -128.65 -21.46 -7.48
N UNK O 964 -128.34 -22.08 -8.62
CA UNK O 964 -126.96 -22.09 -8.98
C UNK O 964 -126.79 -21.26 -10.20
N UNK O 965 -125.90 -20.25 -10.11
CA UNK O 965 -125.61 -19.47 -11.26
C UNK O 965 -124.29 -18.83 -11.04
N UNK O 966 -123.61 -18.52 -12.15
CA UNK O 966 -122.28 -18.02 -12.06
C UNK O 966 -121.80 -18.06 -13.47
N UNK O 967 -120.56 -18.54 -13.67
CA UNK O 967 -120.09 -18.64 -15.00
C UNK O 967 -121.06 -19.53 -15.72
N UNK O 968 -121.44 -20.65 -15.08
CA UNK O 968 -122.44 -21.46 -15.71
C UNK O 968 -123.44 -21.79 -14.66
N UNK O 969 -124.68 -21.34 -14.85
CA UNK O 969 -125.69 -21.63 -13.89
C UNK O 969 -126.44 -22.81 -14.41
N UNK O 970 -126.61 -23.83 -13.56
CA UNK O 970 -127.48 -24.92 -13.91
C UNK O 970 -128.87 -24.36 -13.84
N UNK O 971 -129.06 -23.47 -12.85
CA UNK O 971 -130.31 -22.87 -12.48
C UNK O 971 -131.17 -23.89 -11.85
N UNK O 972 -130.61 -25.04 -11.47
CA UNK O 972 -131.48 -25.95 -10.80
C UNK O 972 -131.82 -25.26 -9.52
N UNK O 973 -133.10 -25.31 -9.13
CA UNK O 973 -133.47 -24.66 -7.91
C UNK O 973 -133.93 -25.76 -7.00
N UNK O 974 -133.44 -25.74 -5.75
CA UNK O 974 -133.87 -26.76 -4.84
C UNK O 974 -134.43 -26.08 -3.66
N UNK O 975 -135.50 -26.67 -3.10
CA UNK O 975 -136.06 -26.12 -1.90
C UNK O 975 -135.53 -27.00 -0.82
N UNK O 976 -134.99 -26.40 0.25
CA UNK O 976 -134.44 -27.22 1.27
C UNK O 976 -135.04 -26.78 2.57
N UNK O 977 -135.21 -27.73 3.50
CA UNK O 977 -135.72 -27.35 4.78
C UNK O 977 -134.62 -26.58 5.42
N UNK O 978 -134.97 -25.65 6.31
CA UNK O 978 -133.94 -24.88 6.95
C UNK O 978 -133.09 -25.84 7.70
N UNK O 979 -133.76 -26.84 8.32
CA UNK O 979 -133.09 -27.80 9.15
C UNK O 979 -132.12 -28.64 8.38
N UNK O 980 -132.45 -29.12 7.15
CA UNK O 980 -131.50 -30.05 6.64
C UNK O 980 -131.47 -30.10 5.14
N UNK O 981 -130.58 -31.00 4.67
CA UNK O 981 -130.19 -31.32 3.32
C UNK O 981 -131.31 -31.94 2.53
N UNK O 982 -132.24 -32.67 3.17
CA UNK O 982 -133.18 -33.50 2.47
C UNK O 982 -133.90 -32.74 1.40
N UNK O 983 -134.38 -31.52 1.69
CA UNK O 983 -135.02 -30.73 0.67
C UNK O 983 -136.33 -31.33 0.26
N UNK O 984 -137.35 -30.46 0.15
CA UNK O 984 -138.67 -30.84 -0.24
C UNK O 984 -138.70 -31.28 -1.67
N UNK O 985 -138.08 -30.51 -2.58
CA UNK O 985 -138.18 -30.88 -3.97
C UNK O 985 -137.19 -30.10 -4.75
N UNK O 986 -137.01 -30.49 -6.03
CA UNK O 986 -136.11 -29.77 -6.88
C UNK O 986 -136.87 -29.39 -8.11
N UNK O 987 -136.72 -28.13 -8.55
CA UNK O 987 -137.38 -27.73 -9.75
C UNK O 987 -136.34 -27.10 -10.63
N UNK O 988 -136.20 -27.59 -11.87
CA UNK O 988 -135.25 -26.94 -12.72
C UNK O 988 -135.95 -26.52 -13.97
N UNK O 989 -136.61 -25.34 -13.91
CA UNK O 989 -137.31 -24.80 -15.03
C UNK O 989 -136.36 -24.29 -16.08
N UNK O 990 -135.29 -23.58 -15.66
CA UNK O 990 -134.52 -22.86 -16.65
C UNK O 990 -133.04 -23.01 -16.45
N UNK O 991 -132.29 -22.37 -17.37
CA UNK O 991 -130.86 -22.39 -17.48
C UNK O 991 -130.16 -21.76 -16.31
N UNK O 992 -130.58 -20.56 -15.84
CA UNK O 992 -129.87 -19.94 -14.74
C UNK O 992 -130.85 -19.13 -13.95
N UNK O 993 -130.54 -18.80 -12.67
CA UNK O 993 -131.47 -17.96 -11.98
C UNK O 993 -130.74 -16.96 -11.15
N UNK O 994 -130.73 -15.69 -11.60
CA UNK O 994 -130.08 -14.62 -10.91
C UNK O 994 -130.82 -14.25 -9.65
N UNK O 995 -132.16 -14.11 -9.73
CA UNK O 995 -132.83 -13.67 -8.54
C UNK O 995 -134.14 -14.37 -8.42
N UNK O 996 -134.56 -14.62 -7.16
CA UNK O 996 -135.83 -15.22 -6.94
C UNK O 996 -136.44 -14.48 -5.79
N UNK O 997 -137.74 -14.16 -5.89
CA UNK O 997 -138.36 -13.47 -4.80
C UNK O 997 -139.57 -14.26 -4.45
N UNK O 998 -139.74 -14.55 -3.14
CA UNK O 998 -140.89 -15.28 -2.73
C UNK O 998 -142.02 -14.32 -2.57
N UNK O 999 -143.24 -14.81 -2.85
CA UNK O 999 -144.43 -14.07 -2.66
C UNK O 999 -144.77 -14.30 -1.24
N UNK O 1000 -146.01 -13.98 -0.82
CA UNK O 1000 -146.38 -14.25 0.54
C UNK O 1000 -146.16 -15.72 0.69
N UNK O 1001 -146.54 -16.49 -0.35
CA UNK O 1001 -146.26 -17.89 -0.37
C UNK O 1001 -145.79 -18.19 -1.76
N UNK O 1002 -144.78 -19.07 -1.91
CA UNK O 1002 -144.31 -19.47 -3.21
C UNK O 1002 -143.32 -18.47 -3.70
N UNK O 1003 -142.79 -18.68 -4.93
CA UNK O 1003 -141.84 -17.75 -5.45
C UNK O 1003 -141.84 -17.82 -6.95
N UNK O 1004 -141.20 -16.80 -7.58
CA UNK O 1004 -141.03 -16.73 -9.00
C UNK O 1004 -139.56 -16.58 -9.20
N UNK O 1005 -139.02 -17.14 -10.31
CA UNK O 1005 -137.60 -17.07 -10.48
C UNK O 1005 -137.28 -16.40 -11.77
N UNK O 1006 -136.12 -15.73 -11.82
CA UNK O 1006 -135.70 -15.07 -13.02
C UNK O 1006 -134.31 -15.55 -13.33
N UNK O 1007 -134.08 -15.84 -14.63
CA UNK O 1007 -132.81 -16.30 -15.12
C UNK O 1007 -132.00 -15.11 -15.56
N UNK O 1008 -130.69 -15.34 -15.78
CA UNK O 1008 -129.84 -14.35 -16.35
C UNK O 1008 -130.38 -14.16 -17.73
N UNK O 1009 -130.87 -15.28 -18.29
CA UNK O 1009 -131.46 -15.41 -19.58
C UNK O 1009 -132.66 -14.52 -19.60
N UNK O 1010 -133.24 -14.29 -18.39
CA UNK O 1010 -134.41 -13.50 -18.21
C UNK O 1010 -135.65 -14.29 -18.48
N UNK O 1011 -135.55 -15.62 -18.60
CA UNK O 1011 -136.79 -16.33 -18.67
C UNK O 1011 -137.37 -16.16 -17.30
N UNK O 1012 -138.67 -15.83 -17.20
CA UNK O 1012 -139.21 -15.63 -15.89
C UNK O 1012 -140.28 -16.64 -15.72
N UNK O 1013 -140.37 -17.25 -14.51
CA UNK O 1013 -141.39 -18.22 -14.36
C UNK O 1013 -142.09 -17.98 -13.06
N UNK O 1014 -143.42 -18.20 -13.08
CA UNK O 1014 -144.17 -18.11 -11.86
C UNK O 1014 -144.40 -19.53 -11.52
N UNK O 1015 -144.06 -19.93 -10.28
CA UNK O 1015 -144.24 -21.32 -10.00
C UNK O 1015 -144.73 -21.46 -8.61
N UNK O 1016 -145.44 -22.57 -8.34
CA UNK O 1016 -145.84 -22.81 -6.99
C UNK O 1016 -144.81 -23.74 -6.47
N UNK O 1017 -143.96 -23.26 -5.54
CA UNK O 1017 -142.95 -24.12 -5.03
C UNK O 1017 -143.65 -25.11 -4.18
N UNK O 1018 -143.32 -26.40 -4.35
CA UNK O 1018 -143.99 -27.41 -3.59
C UNK O 1018 -143.60 -28.70 -4.19
N UNK O 1019 -144.25 -29.79 -3.74
CA UNK O 1019 -143.96 -31.07 -4.30
C UNK O 1019 -144.30 -30.98 -5.75
N UNK O 1020 -145.40 -30.30 -6.09
CA UNK O 1020 -145.80 -30.19 -7.46
C UNK O 1020 -144.71 -29.52 -8.22
N UNK O 1021 -144.18 -28.41 -7.66
CA UNK O 1021 -143.13 -27.67 -8.31
C UNK O 1021 -143.52 -27.42 -9.74
N UNK O 1022 -144.71 -26.82 -9.95
CA UNK O 1022 -145.16 -26.59 -11.29
C UNK O 1022 -145.13 -25.11 -11.53
N UNK O 1023 -144.96 -24.70 -12.80
CA UNK O 1023 -144.91 -23.30 -13.11
C UNK O 1023 -146.15 -22.92 -13.85
N UNK O 1024 -146.83 -21.86 -13.38
CA UNK O 1024 -148.03 -21.39 -14.01
C UNK O 1024 -147.73 -20.86 -15.37
N UNK O 1025 -146.68 -20.03 -15.50
CA UNK O 1025 -146.40 -19.46 -16.79
C UNK O 1025 -144.99 -18.93 -16.78
N UNK O 1026 -144.47 -18.60 -17.98
CA UNK O 1026 -143.15 -18.07 -18.08
C UNK O 1026 -143.13 -17.11 -19.22
N UNK O 1027 -142.18 -16.14 -19.21
CA UNK O 1027 -142.10 -15.20 -20.30
C UNK O 1027 -140.66 -14.92 -20.57
N UNK O 1028 -140.32 -14.63 -21.84
CA UNK O 1028 -138.95 -14.28 -22.10
C UNK O 1028 -138.94 -12.94 -22.78
N UNK O 1029 -138.74 -11.86 -22.00
CA UNK O 1029 -138.67 -10.54 -22.56
C UNK O 1029 -137.40 -10.37 -23.33
N UNK O 1030 -136.25 -10.74 -22.69
CA UNK O 1030 -134.92 -10.67 -23.24
C UNK O 1030 -134.19 -9.46 -22.74
N UNK O 1031 -132.92 -9.32 -23.17
CA UNK O 1031 -132.00 -8.24 -22.95
C UNK O 1031 -131.73 -7.83 -21.51
N UNK O 1032 -131.27 -8.77 -20.65
CA UNK O 1032 -130.76 -8.47 -19.33
C UNK O 1032 -131.64 -7.52 -18.54
N UNK O 1033 -132.93 -7.87 -18.44
CA UNK O 1033 -134.05 -7.28 -17.75
C UNK O 1033 -134.06 -7.49 -16.25
N UNK O 1034 -133.18 -8.37 -15.72
CA UNK O 1034 -133.27 -9.27 -14.58
C UNK O 1034 -133.97 -8.93 -13.27
N UNK O 1035 -133.88 -7.74 -12.63
CA UNK O 1035 -134.53 -7.67 -11.32
C UNK O 1035 -136.03 -7.94 -11.40
N UNK O 1036 -136.61 -8.57 -10.34
CA UNK O 1036 -138.01 -8.91 -10.31
C UNK O 1036 -138.56 -8.69 -8.93
N UNK O 1037 -139.92 -8.54 -8.81
CA UNK O 1037 -140.53 -8.34 -7.53
C UNK O 1037 -141.99 -8.66 -7.62
N UNK O 1038 -142.66 -8.88 -6.47
CA UNK O 1038 -144.07 -9.18 -6.48
C UNK O 1038 -144.80 -8.03 -5.86
N UNK O 1039 -145.75 -7.45 -6.62
CA UNK O 1039 -146.55 -6.36 -6.14
C UNK O 1039 -147.48 -6.83 -5.05
N UNK O 1040 -148.15 -7.98 -5.26
CA UNK O 1040 -149.11 -8.38 -4.27
C UNK O 1040 -148.76 -9.74 -3.78
N UNK O 1041 -148.86 -9.92 -2.44
CA UNK O 1041 -148.58 -11.18 -1.82
C UNK O 1041 -149.59 -12.18 -2.29
N UNK O 1042 -150.88 -11.77 -2.32
CA UNK O 1042 -151.88 -12.70 -2.74
C UNK O 1042 -151.55 -13.03 -4.15
N UNK O 1043 -152.03 -14.20 -4.64
CA UNK O 1043 -151.75 -14.55 -5.99
C UNK O 1043 -152.27 -13.41 -6.79
N UNK O 1044 -151.38 -12.77 -7.57
CA UNK O 1044 -151.79 -11.58 -8.22
C UNK O 1044 -150.64 -11.08 -9.01
N UNK O 1045 -150.63 -9.75 -9.23
CA UNK O 1045 -149.63 -9.13 -10.04
C UNK O 1045 -148.29 -9.15 -9.37
N UNK O 1046 -147.25 -9.20 -10.22
CA UNK O 1046 -145.87 -9.15 -9.85
C UNK O 1046 -145.26 -8.32 -10.93
N UNK O 1047 -144.08 -7.74 -10.69
CA UNK O 1047 -143.54 -6.91 -11.73
C UNK O 1047 -142.36 -7.62 -12.32
N UNK O 1048 -142.24 -7.55 -13.67
CA UNK O 1048 -141.13 -8.15 -14.34
C UNK O 1048 -140.65 -7.10 -15.31
N UNK O 1049 -139.33 -7.07 -15.57
CA UNK O 1049 -138.82 -6.08 -16.46
C UNK O 1049 -139.21 -6.43 -17.86
N UNK O 1050 -139.71 -5.42 -18.59
CA UNK O 1050 -140.09 -5.54 -19.96
C UNK O 1050 -138.96 -5.04 -20.79
N UNK O 1051 -139.08 -5.18 -22.13
CA UNK O 1051 -138.07 -4.69 -23.01
C UNK O 1051 -138.16 -3.19 -23.00
N UNK O 1052 -137.11 -2.52 -23.51
CA UNK O 1052 -137.09 -1.10 -23.55
C UNK O 1052 -137.11 -0.58 -22.15
N UNK O 1053 -136.62 -1.38 -21.20
CA UNK O 1053 -136.52 -0.94 -19.84
C UNK O 1053 -137.88 -0.60 -19.35
N UNK O 1054 -138.92 -1.19 -19.95
CA UNK O 1054 -140.27 -0.94 -19.51
C UNK O 1054 -140.53 -1.85 -18.36
N UNK O 1055 -141.57 -1.53 -17.57
CA UNK O 1055 -141.93 -2.38 -16.48
C UNK O 1055 -143.19 -3.06 -16.87
N UNK O 1056 -143.27 -4.38 -16.66
CA UNK O 1056 -144.46 -5.07 -17.02
C UNK O 1056 -145.05 -5.59 -15.76
N UNK O 1057 -146.39 -5.49 -15.65
CA UNK O 1057 -147.02 -6.04 -14.49
C UNK O 1057 -147.57 -7.35 -14.93
N UNK O 1058 -147.39 -8.39 -14.10
CA UNK O 1058 -147.72 -9.72 -14.51
C UNK O 1058 -148.88 -10.24 -13.73
N UNK O 1059 -149.34 -11.44 -14.15
CA UNK O 1059 -150.48 -12.14 -13.65
C UNK O 1059 -151.69 -11.50 -14.26
N UNK O 1060 -151.47 -10.31 -14.83
CA UNK O 1060 -152.42 -9.50 -15.55
C UNK O 1060 -152.21 -8.11 -15.04
N UNK O 1061 -152.19 -7.11 -15.95
CA UNK O 1061 -152.00 -5.73 -15.57
C UNK O 1061 -151.46 -4.97 -16.73
N UNK O 1062 -151.06 -3.72 -16.45
CA UNK O 1062 -150.50 -2.82 -17.42
C UNK O 1062 -149.01 -2.76 -17.28
N UNK O 1063 -148.35 -1.99 -18.17
CA UNK O 1063 -146.92 -1.84 -18.14
C UNK O 1063 -146.61 -0.39 -17.90
N UNK O 1064 -145.43 -0.12 -17.32
CA UNK O 1064 -145.07 1.24 -17.05
C UNK O 1064 -143.95 1.60 -17.99
N UNK O 1065 -144.03 2.82 -18.55
CA UNK O 1065 -143.00 3.29 -19.45
C UNK O 1065 -142.19 4.25 -18.65
N UNK O 1066 -140.86 4.25 -18.88
CA UNK O 1066 -140.07 5.08 -18.02
C UNK O 1066 -138.64 4.85 -18.35
N UNK O 1067 -137.99 4.07 -17.48
CA UNK O 1067 -136.57 3.83 -17.48
C UNK O 1067 -136.04 3.55 -18.85
N UNK O 1068 -134.92 4.22 -19.13
CA UNK O 1068 -134.12 4.12 -20.32
C UNK O 1068 -133.42 2.80 -20.38
N UNK O 1069 -132.96 2.29 -19.22
CA UNK O 1069 -132.10 1.13 -19.24
C UNK O 1069 -132.67 0.02 -18.40
N UNK O 1070 -131.95 -1.12 -18.41
CA UNK O 1070 -132.36 -2.33 -17.74
C UNK O 1070 -132.64 -2.02 -16.30
N UNK O 1071 -133.55 -2.81 -15.69
CA UNK O 1071 -133.93 -2.53 -14.34
C UNK O 1071 -133.07 -3.30 -13.40
N UNK O 1072 -132.26 -2.54 -12.62
CA UNK O 1072 -131.38 -3.09 -11.63
C UNK O 1072 -132.15 -3.65 -10.48
N UNK O 1073 -133.18 -2.92 -9.99
CA UNK O 1073 -133.83 -3.43 -8.81
C UNK O 1073 -135.28 -3.09 -8.84
N UNK O 1074 -136.08 -3.94 -8.16
CA UNK O 1074 -137.49 -3.69 -8.02
C UNK O 1074 -137.81 -4.01 -6.61
N UNK O 1075 -138.43 -3.04 -5.90
CA UNK O 1075 -138.80 -3.31 -4.54
C UNK O 1075 -140.17 -2.76 -4.37
N UNK O 1076 -141.06 -3.51 -3.69
CA UNK O 1076 -142.38 -3.02 -3.51
C UNK O 1076 -142.57 -2.83 -2.04
N UNK O 1077 -143.27 -1.74 -1.66
CA UNK O 1077 -143.50 -1.54 -0.26
C UNK O 1077 -144.91 -1.95 -0.01
N UNK O 1078 -145.12 -2.84 0.97
CA UNK O 1078 -146.46 -3.27 1.26
C UNK O 1078 -147.19 -2.04 1.68
N UNK O 1079 -146.55 -1.24 2.56
CA UNK O 1079 -147.18 -0.02 2.97
C UNK O 1079 -146.98 0.96 1.87
N UNK O 1080 -147.98 1.85 1.67
CA UNK O 1080 -147.94 2.89 0.69
C UNK O 1080 -148.11 2.30 -0.67
N UNK O 1081 -147.97 0.95 -0.78
CA UNK O 1081 -148.18 0.24 -2.01
C UNK O 1081 -147.50 0.94 -3.15
N UNK O 1082 -146.20 1.27 -2.99
CA UNK O 1082 -145.52 1.93 -4.06
C UNK O 1082 -144.41 1.05 -4.49
N UNK O 1083 -144.09 1.05 -5.80
CA UNK O 1083 -143.04 0.21 -6.26
C UNK O 1083 -141.85 1.09 -6.51
N UNK O 1084 -140.66 0.64 -6.09
CA UNK O 1084 -139.49 1.42 -6.31
C UNK O 1084 -138.67 0.68 -7.31
N UNK O 1085 -138.12 1.40 -8.29
CA UNK O 1085 -137.33 0.75 -9.29
C UNK O 1085 -136.08 1.52 -9.47
N UNK O 1086 -135.01 0.83 -9.87
CA UNK O 1086 -133.74 1.46 -10.13
C UNK O 1086 -133.30 0.95 -11.46
N UNK O 1087 -132.45 1.72 -12.17
CA UNK O 1087 -132.08 1.26 -13.47
C UNK O 1087 -130.68 1.67 -13.78
N UNK O 1088 -130.16 1.13 -14.91
CA UNK O 1088 -128.86 1.38 -15.45
C UNK O 1088 -128.81 2.84 -15.75
N UNK O 1089 -129.99 3.41 -16.06
CA UNK O 1089 -130.16 4.78 -16.42
C UNK O 1089 -129.58 5.61 -15.33
N UNK O 1090 -129.51 5.05 -14.10
CA UNK O 1090 -129.01 5.75 -12.96
C UNK O 1090 -130.04 6.70 -12.46
N UNK O 1091 -131.32 6.35 -12.70
CA UNK O 1091 -132.41 7.12 -12.16
C UNK O 1091 -133.23 6.14 -11.39
N UNK O 1092 -133.96 6.63 -10.37
CA UNK O 1092 -134.81 5.77 -9.59
C UNK O 1092 -136.19 6.28 -9.83
N UNK O 1093 -137.21 5.40 -9.72
CA UNK O 1093 -138.54 5.90 -9.94
C UNK O 1093 -139.48 5.15 -9.05
N UNK O 1094 -140.62 5.78 -8.74
CA UNK O 1094 -141.61 5.13 -7.93
C UNK O 1094 -142.82 4.99 -8.80
N UNK O 1095 -143.50 3.83 -8.74
CA UNK O 1095 -144.64 3.69 -9.61
C UNK O 1095 -145.88 3.52 -8.80
N UNK O 1096 -146.71 4.59 -8.78
CA UNK O 1096 -148.00 4.59 -8.14
C UNK O 1096 -148.99 3.80 -8.92
N UNK O 1097 -148.99 3.93 -10.27
CA UNK O 1097 -150.05 3.38 -11.06
C UNK O 1097 -149.59 2.19 -11.85
N UNK O 1098 -150.57 1.34 -12.21
CA UNK O 1098 -150.32 0.15 -12.96
C UNK O 1098 -149.78 0.53 -14.31
N UNK O 1099 -150.41 1.53 -14.96
CA UNK O 1099 -149.90 1.93 -16.25
C UNK O 1099 -149.85 3.41 -16.26
N UNK O 1100 -148.69 3.97 -16.65
CA UNK O 1100 -148.50 5.39 -16.73
C UNK O 1100 -147.04 5.63 -16.53
N UNK O 1101 -146.66 6.92 -16.53
CA UNK O 1101 -145.30 7.27 -16.22
C UNK O 1101 -145.18 7.15 -14.74
N UNK O 1102 -143.93 7.07 -14.23
CA UNK O 1102 -143.76 6.92 -12.81
C UNK O 1102 -144.17 8.19 -12.15
N UNK O 1103 -144.69 8.06 -10.90
CA UNK O 1103 -145.13 9.21 -10.18
C UNK O 1103 -143.95 10.06 -9.91
N UNK O 1104 -142.82 9.44 -9.49
CA UNK O 1104 -141.70 10.27 -9.17
C UNK O 1104 -140.47 9.70 -9.79
N UNK O 1105 -139.54 10.60 -10.15
CA UNK O 1105 -138.26 10.20 -10.63
C UNK O 1105 -137.31 10.71 -9.59
N UNK O 1106 -136.38 9.85 -9.14
CA UNK O 1106 -135.50 10.31 -8.12
C UNK O 1106 -134.31 10.88 -8.79
N UNK O 1107 -134.09 12.18 -8.59
CA UNK O 1107 -132.96 12.84 -9.17
C UNK O 1107 -132.92 14.20 -8.57
N UNK O 1108 -131.73 14.81 -8.52
CA UNK O 1108 -131.64 16.12 -7.93
C UNK O 1108 -132.12 17.12 -8.97
N UNK O 1109 -122.80 10.12 -11.04
CA UNK O 1109 -122.04 8.99 -11.63
C UNK O 1109 -122.87 8.35 -12.69
N UNK O 1110 -122.23 8.11 -13.85
CA UNK O 1110 -122.89 7.54 -14.99
C UNK O 1110 -123.34 6.16 -14.65
N UNK O 1111 -122.53 5.44 -13.84
CA UNK O 1111 -122.80 4.07 -13.53
C UNK O 1111 -124.19 3.93 -13.00
N UNK O 1112 -124.76 2.72 -13.20
CA UNK O 1112 -126.09 2.39 -12.80
C UNK O 1112 -126.11 2.15 -11.33
N UNK O 1113 -127.32 2.25 -10.72
CA UNK O 1113 -127.46 2.00 -9.32
C UNK O 1113 -127.35 0.53 -9.07
N UNK O 1114 -126.44 0.14 -8.15
CA UNK O 1114 -126.25 -1.24 -7.81
C UNK O 1114 -127.46 -1.76 -7.08
N UNK O 1115 -127.96 -1.00 -6.08
CA UNK O 1115 -129.08 -1.51 -5.35
C UNK O 1115 -129.79 -0.36 -4.70
N UNK O 1116 -131.12 -0.51 -4.54
CA UNK O 1116 -131.92 0.49 -3.91
C UNK O 1116 -132.69 -0.21 -2.85
N UNK O 1117 -133.12 0.51 -1.79
CA UNK O 1117 -133.83 -0.19 -0.76
C UNK O 1117 -134.87 0.71 -0.18
N UNK O 1118 -135.87 0.09 0.48
CA UNK O 1118 -136.93 0.82 1.09
C UNK O 1118 -136.38 1.52 2.29
N UNK O 1119 -136.93 2.72 2.52
CA UNK O 1119 -136.60 3.67 3.54
C UNK O 1119 -137.42 4.81 3.05
N UNK O 1120 -136.98 6.06 3.25
CA UNK O 1120 -137.72 7.03 2.51
C UNK O 1120 -137.46 6.60 1.10
N UNK O 1121 -136.18 6.34 0.82
CA UNK O 1121 -135.70 5.79 -0.41
C UNK O 1121 -134.22 5.84 -0.29
N UNK O 1122 -133.52 4.75 -0.66
CA UNK O 1122 -132.10 4.81 -0.54
C UNK O 1122 -131.55 4.15 -1.75
N UNK O 1123 -130.46 4.71 -2.32
CA UNK O 1123 -129.92 4.10 -3.48
C UNK O 1123 -128.44 4.14 -3.37
N UNK O 1124 -127.78 3.10 -3.91
CA UNK O 1124 -126.37 3.03 -3.92
C UNK O 1124 -126.00 2.79 -5.34
N UNK O 1125 -124.85 3.34 -5.75
CA UNK O 1125 -124.36 3.24 -7.09
C UNK O 1125 -122.93 3.60 -6.95
N UNK O 1126 -122.32 4.12 -8.03
CA UNK O 1126 -120.98 4.58 -7.88
C UNK O 1126 -121.08 5.64 -6.82
N UNK O 1127 -122.16 6.43 -6.90
CA UNK O 1127 -122.49 7.45 -5.95
C UNK O 1127 -123.35 6.83 -4.89
N UNK O 1128 -123.79 7.64 -3.91
CA UNK O 1128 -124.71 7.17 -2.91
C UNK O 1128 -125.70 8.27 -2.68
N UNK O 1129 -126.99 7.93 -2.50
CA UNK O 1129 -127.95 8.98 -2.29
C UNK O 1129 -129.07 8.49 -1.45
N UNK O 1130 -129.73 9.43 -0.74
CA UNK O 1130 -130.88 9.13 0.06
C UNK O 1130 -131.96 9.95 -0.53
N UNK O 1131 -133.20 9.43 -0.55
CA UNK O 1131 -134.22 10.19 -1.18
C UNK O 1131 -135.37 10.35 -0.25
N UNK O 1132 -136.11 11.45 -0.46
CA UNK O 1132 -137.33 11.72 0.24
C UNK O 1132 -138.29 11.89 -0.88
N UNK O 1133 -139.61 11.69 -0.66
CA UNK O 1133 -140.41 11.98 -1.83
C UNK O 1133 -140.27 13.48 -1.99
N UNK O 1134 -139.48 13.95 -3.01
CA UNK O 1134 -139.11 15.34 -3.22
C UNK O 1134 -137.75 15.46 -3.88
N UNK O 1135 -136.72 15.83 -3.08
CA UNK O 1135 -135.35 16.08 -3.47
C UNK O 1135 -134.45 15.15 -2.70
N UNK O 1136 -133.12 15.18 -2.99
CA UNK O 1136 -132.21 14.26 -2.34
C UNK O 1136 -132.21 14.53 -0.87
N UNK O 1137 -132.49 13.48 -0.07
CA UNK O 1137 -132.51 13.61 1.37
C UNK O 1137 -131.13 13.85 1.86
N UNK O 1138 -130.16 13.07 1.37
CA UNK O 1138 -128.80 13.20 1.84
C UNK O 1138 -127.92 12.55 0.82
N UNK O 1139 -126.59 12.81 0.90
CA UNK O 1139 -125.70 12.23 -0.06
C UNK O 1139 -124.49 11.69 0.64
N UNK O 1140 -123.82 10.71 0.01
CA UNK O 1140 -122.61 10.15 0.57
C UNK O 1140 -121.49 10.53 -0.34
N UNK O 1141 -120.34 10.87 0.26
CA UNK O 1141 -119.18 11.45 -0.36
C UNK O 1141 -118.38 10.61 -1.33
N UNK O 1142 -118.09 9.32 -1.02
CA UNK O 1142 -117.08 8.48 -1.66
C UNK O 1142 -116.85 8.88 -3.09
N UNK O 1143 -115.80 9.71 -3.27
CA UNK O 1143 -115.57 10.39 -4.52
C UNK O 1143 -115.28 9.45 -5.63
N UNK O 1144 -114.28 8.57 -5.49
CA UNK O 1144 -114.11 7.70 -6.61
C UNK O 1144 -114.09 6.33 -6.06
N UNK O 1145 -115.24 5.88 -5.55
CA UNK O 1145 -115.25 4.54 -5.08
C UNK O 1145 -116.58 4.01 -5.46
N UNK O 1146 -116.61 3.05 -6.39
CA UNK O 1146 -117.87 2.50 -6.78
C UNK O 1146 -118.31 1.65 -5.64
N UNK O 1147 -119.65 1.54 -5.45
CA UNK O 1147 -120.12 0.70 -4.40
C UNK O 1147 -120.60 -0.56 -5.04
N UNK O 1148 -120.07 -1.71 -4.56
CA UNK O 1148 -120.44 -2.98 -5.09
C UNK O 1148 -121.87 -3.28 -4.78
N UNK O 1149 -122.28 -3.05 -3.52
CA UNK O 1149 -123.64 -3.37 -3.18
C UNK O 1149 -123.99 -2.65 -1.91
N UNK O 1150 -125.30 -2.46 -1.67
CA UNK O 1150 -125.69 -1.82 -0.44
C UNK O 1150 -126.86 -2.58 0.11
N UNK O 1151 -126.87 -2.75 1.43
CA UNK O 1151 -127.95 -3.45 2.06
C UNK O 1151 -128.51 -2.54 3.10
N UNK O 1152 -129.81 -2.70 3.40
CA UNK O 1152 -130.43 -1.89 4.40
C UNK O 1152 -130.76 -2.79 5.54
N UNK O 1153 -130.66 -2.27 6.78
CA UNK O 1153 -130.92 -3.06 7.95
C UNK O 1153 -132.38 -3.37 7.97
N UNK O 1154 -132.78 -4.39 8.75
CA UNK O 1154 -134.16 -4.76 8.82
C UNK O 1154 -134.87 -3.54 9.28
N UNK O 1155 -134.33 -2.89 10.33
CA UNK O 1155 -134.85 -1.61 10.67
C UNK O 1155 -133.98 -0.74 9.85
N UNK O 1156 -134.54 0.15 9.01
CA UNK O 1156 -133.60 0.81 8.16
C UNK O 1156 -133.03 2.00 8.88
N UNK O 1157 -132.38 1.73 10.02
CA UNK O 1157 -131.62 2.71 10.73
C UNK O 1157 -130.36 2.95 9.97
N UNK O 1158 -129.75 1.86 9.47
CA UNK O 1158 -128.46 2.00 8.86
C UNK O 1158 -128.44 1.31 7.53
N UNK O 1159 -127.59 1.83 6.63
CA UNK O 1159 -127.40 1.22 5.35
C UNK O 1159 -125.94 0.92 5.26
N UNK O 1160 -125.59 -0.31 4.85
CA UNK O 1160 -124.20 -0.64 4.75
C UNK O 1160 -123.92 -0.88 3.32
N UNK O 1161 -122.75 -0.41 2.85
CA UNK O 1161 -122.41 -0.60 1.48
C UNK O 1161 -120.96 -0.99 1.43
N UNK O 1162 -120.57 -1.72 0.38
CA UNK O 1162 -119.18 -2.09 0.29
C UNK O 1162 -118.57 -1.24 -0.76
N UNK O 1163 -117.52 -0.47 -0.39
CA UNK O 1163 -116.83 0.31 -1.37
C UNK O 1163 -116.00 -0.66 -2.14
N UNK O 1164 -115.86 -0.45 -3.45
CA UNK O 1164 -115.18 -1.41 -4.25
C UNK O 1164 -113.70 -1.29 -4.09
N UNK O 1165 -113.04 -2.47 -4.11
CA UNK O 1165 -111.62 -2.62 -4.17
C UNK O 1165 -111.50 -3.66 -5.23
N UNK O 1166 -110.69 -3.42 -6.27
CA UNK O 1166 -110.74 -4.35 -7.35
C UNK O 1166 -109.80 -3.87 -8.39
N UNK O 1167 -110.28 -3.89 -9.65
CA UNK O 1167 -109.46 -3.49 -10.75
C UNK O 1167 -109.00 -2.10 -10.45
N UNK O 1168 -109.90 -1.24 -9.94
CA UNK O 1168 -109.43 0.06 -9.60
C UNK O 1168 -108.91 -0.04 -8.21
N UNK O 1169 -107.59 0.18 -8.03
CA UNK O 1169 -107.03 0.08 -6.72
C UNK O 1169 -107.29 1.36 -6.01
N UNK O 1170 -107.53 1.27 -4.69
CA UNK O 1170 -107.73 2.45 -3.91
C UNK O 1170 -107.72 2.03 -2.48
N UNK O 1171 -107.43 2.96 -1.56
CA UNK O 1171 -107.54 2.55 -0.19
C UNK O 1171 -109.00 2.48 0.00
N UNK O 1172 -109.52 1.24 0.10
CA UNK O 1172 -110.94 1.08 0.11
C UNK O 1172 -111.20 -0.33 0.52
N UNK O 1173 -112.25 -0.92 -0.07
CA UNK O 1173 -112.62 -2.23 0.33
C UNK O 1173 -113.04 -2.10 1.74
N UNK O 1174 -113.65 -0.95 2.06
CA UNK O 1174 -114.11 -0.75 3.40
C UNK O 1174 -115.60 -0.81 3.33
N UNK O 1175 -116.22 -1.48 4.31
CA UNK O 1175 -117.65 -1.49 4.32
C UNK O 1175 -118.03 -0.38 5.23
N UNK O 1176 -118.84 0.56 4.73
CA UNK O 1176 -119.17 1.67 5.58
C UNK O 1176 -120.62 1.55 5.91
N UNK O 1177 -120.95 1.69 7.20
CA UNK O 1177 -122.33 1.67 7.57
C UNK O 1177 -122.67 3.09 7.83
N UNK O 1178 -123.78 3.56 7.27
CA UNK O 1178 -124.11 4.94 7.47
C UNK O 1178 -125.30 4.96 8.38
N UNK O 1179 -125.27 5.88 9.36
CA UNK O 1179 -126.40 5.99 10.24
C UNK O 1179 -127.40 6.84 9.48
N UNK O 1180 -126.26 15.74 5.06
CA UNK O 1180 -125.11 15.95 4.16
C UNK O 1180 -124.51 14.63 3.78
N UNK O 1181 -123.21 14.48 4.06
CA UNK O 1181 -122.37 13.37 3.72
C UNK O 1181 -122.92 12.13 4.32
N UNK O 1182 -123.74 12.24 5.38
CA UNK O 1182 -124.17 11.06 6.07
C UNK O 1182 -122.97 10.34 6.57
N UNK O 1183 -122.60 10.66 7.83
CA UNK O 1183 -121.45 10.12 8.48
C UNK O 1183 -121.59 8.63 8.56
N UNK O 1184 -120.42 7.95 8.56
CA UNK O 1184 -120.45 6.52 8.61
C UNK O 1184 -120.35 6.13 10.05
N UNK O 1185 -121.36 5.38 10.53
CA UNK O 1185 -121.38 4.93 11.88
C UNK O 1185 -120.27 3.96 12.09
N UNK O 1186 -120.08 3.01 11.13
CA UNK O 1186 -119.07 2.02 11.35
C UNK O 1186 -118.28 1.84 10.11
N UNK O 1187 -117.02 1.36 10.28
CA UNK O 1187 -116.20 1.11 9.13
C UNK O 1187 -115.66 -0.28 9.27
N UNK O 1188 -115.56 -1.00 8.15
CA UNK O 1188 -115.02 -2.34 8.18
C UNK O 1188 -114.05 -2.43 7.06
N UNK O 1189 -113.01 -3.27 7.21
CA UNK O 1189 -112.06 -3.35 6.14
C UNK O 1189 -112.05 -4.74 5.62
N UNK O 1190 -112.24 -4.88 4.29
CA UNK O 1190 -112.16 -6.12 3.60
C UNK O 1190 -112.90 -5.93 2.32
N UNK O 1191 -112.43 -6.56 1.24
CA UNK O 1191 -113.14 -6.40 0.00
C UNK O 1191 -114.39 -7.19 0.15
N UNK O 1192 -115.51 -6.71 -0.43
CA UNK O 1192 -116.70 -7.49 -0.25
C UNK O 1192 -117.43 -7.61 -1.54
N UNK O 1193 -117.70 -8.87 -1.94
CA UNK O 1193 -118.51 -9.12 -3.10
C UNK O 1193 -119.90 -8.68 -2.74
N UNK O 1194 -120.32 -9.02 -1.51
CA UNK O 1194 -121.64 -8.68 -1.06
C UNK O 1194 -121.67 -8.83 0.43
N UNK O 1195 -122.72 -8.26 1.06
CA UNK O 1195 -122.87 -8.36 2.48
C UNK O 1195 -124.33 -8.53 2.76
N UNK O 1196 -124.66 -9.07 3.96
CA UNK O 1196 -126.04 -9.26 4.31
C UNK O 1196 -126.19 -8.95 5.76
N UNK O 1197 -127.42 -8.58 6.18
CA UNK O 1197 -127.62 -8.24 7.55
C UNK O 1197 -128.51 -9.29 8.15
N UNK O 1198 -128.27 -9.60 9.43
CA UNK O 1198 -129.09 -10.55 10.13
C UNK O 1198 -130.34 -9.83 10.49
N UNK O 1199 -131.39 -10.58 10.85
CA UNK O 1199 -132.65 -9.98 11.21
C UNK O 1199 -132.38 -9.10 12.39
N UNK O 1200 -131.53 -9.59 13.30
CA UNK O 1200 -131.17 -8.88 14.49
C UNK O 1200 -130.51 -7.60 14.09
N UNK O 1201 -129.74 -7.65 12.99
CA UNK O 1201 -128.99 -6.52 12.52
C UNK O 1201 -127.82 -6.35 13.43
N UNK O 1202 -127.63 -7.33 14.33
CA UNK O 1202 -126.50 -7.36 15.21
C UNK O 1202 -125.26 -7.58 14.41
N UNK O 1203 -125.31 -8.52 13.42
CA UNK O 1203 -124.12 -8.85 12.70
C UNK O 1203 -124.38 -8.76 11.23
N UNK O 1204 -123.27 -8.63 10.46
CA UNK O 1204 -123.39 -8.57 9.04
C UNK O 1204 -122.46 -9.61 8.49
N UNK O 1205 -122.85 -10.24 7.37
CA UNK O 1205 -121.98 -11.22 6.79
C UNK O 1205 -121.28 -10.54 5.68
N UNK O 1206 -119.94 -10.74 5.58
CA UNK O 1206 -119.20 -10.11 4.55
C UNK O 1206 -118.72 -11.17 3.61
N UNK O 1207 -118.83 -10.90 2.31
CA UNK O 1207 -118.37 -11.85 1.35
C UNK O 1207 -117.11 -11.29 0.78
N UNK O 1208 -116.06 -12.12 0.66
CA UNK O 1208 -114.82 -11.65 0.14
C UNK O 1208 -114.24 -12.76 -0.68
N UNK O 1209 -113.19 -12.45 -1.46
CA UNK O 1209 -112.57 -13.47 -2.24
C UNK O 1209 -112.04 -14.46 -1.26
N UNK O 1210 -111.46 -13.96 -0.16
CA UNK O 1210 -110.93 -14.81 0.87
C UNK O 1210 -112.10 -15.33 1.63
N UNK O 1211 -111.81 -16.03 2.75
CA UNK O 1211 -112.88 -16.55 3.55
C UNK O 1211 -113.75 -15.41 3.91
N UNK O 1212 -115.07 -15.66 4.05
CA UNK O 1212 -116.00 -14.63 4.36
C UNK O 1212 -115.80 -14.27 5.79
N UNK O 1213 -116.23 -13.06 6.17
CA UNK O 1213 -116.08 -12.65 7.52
C UNK O 1213 -117.43 -12.33 8.06
N UNK O 1214 -117.63 -12.60 9.36
CA UNK O 1214 -118.86 -12.22 10.00
C UNK O 1214 -118.43 -11.21 11.02
N UNK O 1215 -119.04 -10.01 11.01
CA UNK O 1215 -118.61 -9.02 11.97
C UNK O 1215 -119.82 -8.59 12.72
N UNK O 1216 -119.65 -8.22 14.00
CA UNK O 1216 -120.79 -7.81 14.77
C UNK O 1216 -120.74 -6.33 14.92
N UNK O 1217 -121.91 -5.68 14.77
CA UNK O 1217 -121.99 -4.25 14.94
C UNK O 1217 -122.80 -4.04 16.18
N UNK O 1218 -122.41 -3.04 17.00
CA UNK O 1218 -123.17 -2.84 18.20
C UNK O 1218 -124.18 -1.79 17.92
N UNK O 1219 -125.46 -2.10 18.21
CA UNK O 1219 -126.49 -1.13 17.99
C UNK O 1219 -126.21 0.00 18.91
N UNK O 1220 -125.82 -0.32 20.16
CA UNK O 1220 -125.52 0.69 21.12
C UNK O 1220 -124.28 0.25 21.82
N UNK O 1221 -123.57 1.20 22.44
CA UNK O 1221 -122.39 0.86 23.16
C UNK O 1221 -122.81 -0.10 24.27
N MET P 7 -10.17 -58.55 -3.10
CA MET P 7 -9.41 -57.77 -4.09
C MET P 7 -8.62 -56.79 -3.31
N ASP P 8 -7.70 -56.08 -3.97
CA ASP P 8 -6.92 -55.11 -3.27
C ASP P 8 -7.90 -54.03 -2.97
N PHE P 9 -7.54 -53.06 -2.12
CA PHE P 9 -8.51 -52.04 -1.84
C PHE P 9 -8.82 -51.37 -3.14
N GLU P 10 -7.77 -51.01 -3.90
CA GLU P 10 -8.00 -50.35 -5.15
C GLU P 10 -8.74 -51.25 -6.08
N THR P 11 -8.45 -52.56 -6.04
CA THR P 11 -9.12 -53.43 -6.95
C THR P 11 -10.58 -53.36 -6.67
N GLY P 12 -10.96 -53.52 -5.39
CA GLY P 12 -12.33 -53.51 -4.97
C GLY P 12 -12.93 -52.17 -5.20
N GLU P 13 -12.18 -51.10 -4.90
CA GLU P 13 -12.72 -49.78 -5.01
C GLU P 13 -13.09 -49.56 -6.44
N HIS P 14 -12.20 -49.95 -7.35
CA HIS P 14 -12.44 -49.78 -8.75
C HIS P 14 -13.53 -50.71 -9.21
N GLN P 15 -13.56 -51.96 -8.72
CA GLN P 15 -14.59 -52.86 -9.17
C GLN P 15 -15.90 -52.30 -8.74
N TYR P 16 -15.90 -51.82 -7.50
CA TYR P 16 -17.02 -51.26 -6.83
C TYR P 16 -17.49 -50.07 -7.62
N GLN P 17 -16.56 -49.24 -8.12
CA GLN P 17 -16.90 -48.09 -8.90
C GLN P 17 -17.36 -48.48 -10.28
N TYR P 18 -16.62 -49.43 -10.87
CA TYR P 18 -16.62 -49.92 -12.20
C TYR P 18 -17.86 -50.69 -12.50
N LYS P 19 -18.69 -50.97 -11.47
CA LYS P 19 -19.85 -51.81 -11.52
C LYS P 19 -20.84 -51.47 -12.60
N ASP P 20 -21.38 -50.23 -12.63
CA ASP P 20 -22.46 -49.89 -13.54
C ASP P 20 -21.99 -50.16 -14.92
N ILE P 21 -20.74 -49.78 -15.20
CA ILE P 21 -20.23 -50.04 -16.51
C ILE P 21 -20.21 -51.53 -16.77
N LEU P 22 -19.79 -52.36 -15.80
CA LEU P 22 -19.80 -53.75 -16.15
C LEU P 22 -21.19 -54.24 -16.41
N SER P 23 -22.13 -53.91 -15.52
CA SER P 23 -23.44 -54.48 -15.65
C SER P 23 -24.03 -54.10 -16.96
N VAL P 24 -24.03 -52.80 -17.27
CA VAL P 24 -24.62 -52.33 -18.48
C VAL P 24 -23.85 -52.80 -19.66
N PHE P 25 -22.51 -52.83 -19.58
CA PHE P 25 -21.77 -53.07 -20.79
C PHE P 25 -22.10 -54.42 -21.33
N GLU P 26 -21.89 -55.47 -20.53
CA GLU P 26 -22.14 -56.78 -21.02
C GLU P 26 -23.59 -56.93 -21.18
N ASP P 27 -24.44 -56.31 -20.33
CA ASP P 27 -25.89 -56.45 -20.27
C ASP P 27 -26.47 -56.97 -21.54
N ALA P 28 -27.24 -58.07 -21.43
CA ALA P 28 -27.85 -58.80 -22.52
C ALA P 28 -26.82 -59.68 -23.15
N PHE P 29 -25.56 -59.23 -23.15
CA PHE P 29 -24.36 -59.98 -23.38
C PHE P 29 -23.86 -60.59 -22.10
N VAL P 30 -23.99 -59.89 -20.96
CA VAL P 30 -23.48 -60.39 -19.71
C VAL P 30 -24.20 -61.66 -19.40
N ASP P 31 -25.51 -61.66 -19.64
CA ASP P 31 -26.30 -62.82 -19.32
C ASP P 31 -25.80 -63.96 -20.15
N ASN P 32 -25.58 -63.71 -21.44
CA ASN P 32 -25.18 -64.76 -22.33
C ASN P 32 -23.84 -65.26 -21.92
N PHE P 33 -22.91 -64.35 -21.56
CA PHE P 33 -21.60 -64.84 -21.28
C PHE P 33 -21.64 -65.66 -20.05
N ASP P 34 -22.45 -65.31 -19.02
CA ASP P 34 -22.50 -66.09 -17.81
C ASP P 34 -22.91 -67.49 -18.12
N CYS P 35 -23.92 -67.66 -18.96
CA CYS P 35 -24.40 -68.99 -19.21
C CYS P 35 -23.28 -69.80 -19.78
N LYS P 36 -22.50 -69.20 -20.72
CA LYS P 36 -21.38 -69.85 -21.33
C LYS P 36 -20.39 -70.05 -20.23
N ASP P 37 -20.42 -69.09 -19.29
CA ASP P 37 -19.48 -68.82 -18.25
C ASP P 37 -19.27 -69.89 -17.26
N VAL P 38 -20.21 -70.84 -17.15
CA VAL P 38 -20.16 -71.80 -16.09
C VAL P 38 -18.85 -72.49 -16.01
N GLN P 39 -18.05 -72.66 -17.06
CA GLN P 39 -16.84 -73.29 -16.61
C GLN P 39 -15.99 -72.30 -15.83
N ASP P 40 -15.90 -71.08 -16.35
CA ASP P 40 -15.11 -70.04 -15.70
C ASP P 40 -15.48 -69.89 -14.24
N MET P 41 -16.72 -69.46 -13.98
CA MET P 41 -17.21 -69.28 -12.62
C MET P 41 -16.89 -70.49 -11.75
N PRO P 42 -16.74 -71.65 -12.39
CA PRO P 42 -16.43 -72.89 -11.68
C PRO P 42 -14.94 -73.02 -11.38
N LYS P 43 -14.22 -71.91 -11.45
CA LYS P 43 -12.79 -71.91 -11.18
C LYS P 43 -12.40 -70.75 -10.25
N SER P 44 -11.18 -70.80 -9.73
CA SER P 44 -10.69 -69.77 -8.83
C SER P 44 -11.43 -68.45 -9.05
N ILE P 45 -12.69 -68.55 -9.46
CA ILE P 45 -13.51 -67.37 -9.71
C ILE P 45 -14.89 -67.51 -9.07
N LEU P 46 -15.56 -68.62 -9.36
CA LEU P 46 -16.89 -68.88 -8.81
C LEU P 46 -17.23 -70.36 -8.87
N SER P 47 -17.24 -71.00 -7.71
CA SER P 47 -17.55 -72.43 -7.62
C SER P 47 -18.63 -72.82 -8.63
N LYS P 48 -18.72 -74.11 -8.93
CA LYS P 48 -19.67 -74.59 -9.85
C LYS P 48 -21.01 -74.12 -9.40
N GLU P 49 -21.25 -74.21 -8.08
CA GLU P 49 -22.51 -73.85 -7.55
C GLU P 49 -22.70 -72.38 -7.77
N GLU P 50 -21.63 -71.61 -7.61
CA GLU P 50 -21.76 -70.19 -7.68
C GLU P 50 -22.17 -69.74 -9.06
N ILE P 51 -21.73 -70.40 -10.15
CA ILE P 51 -22.17 -69.81 -11.39
C ILE P 51 -23.64 -70.00 -11.49
N ASP P 52 -24.12 -71.18 -11.10
CA ASP P 52 -25.53 -71.45 -11.16
C ASP P 52 -26.19 -70.47 -10.27
N HIS P 53 -25.50 -70.09 -9.19
CA HIS P 53 -26.08 -69.16 -8.25
C HIS P 53 -26.38 -67.88 -8.97
N ILE P 54 -25.39 -67.30 -9.68
CA ILE P 54 -25.62 -66.03 -10.32
C ILE P 54 -26.65 -66.19 -11.39
N ILE P 55 -26.55 -67.30 -12.11
CA ILE P 55 -27.39 -67.58 -13.25
C ILE P 55 -28.81 -67.57 -12.81
N MET P 56 -29.09 -68.15 -11.62
CA MET P 56 -30.44 -68.31 -11.16
C MET P 56 -31.11 -66.97 -10.98
N SER P 57 -30.42 -65.97 -10.40
CA SER P 57 -31.05 -64.69 -10.23
C SER P 57 -31.42 -64.22 -11.60
N LYS P 58 -32.75 -64.21 -11.84
CA LYS P 58 -33.34 -63.98 -13.12
C LYS P 58 -33.01 -62.63 -13.62
N ASP P 59 -33.23 -61.62 -12.77
CA ASP P 59 -33.20 -60.26 -13.21
C ASP P 59 -31.83 -59.95 -13.63
N ALA P 60 -31.70 -59.16 -14.71
CA ALA P 60 -30.42 -58.85 -15.23
C ALA P 60 -29.65 -58.13 -14.17
N VAL P 61 -30.33 -57.22 -13.44
CA VAL P 61 -29.69 -56.46 -12.42
C VAL P 61 -29.21 -57.41 -11.37
N SER P 62 -30.07 -58.37 -10.99
CA SER P 62 -29.78 -59.32 -9.95
C SER P 62 -28.64 -60.18 -10.37
N GLY P 63 -28.63 -60.58 -11.65
CA GLY P 63 -27.60 -61.48 -12.11
C GLY P 63 -26.28 -60.80 -11.97
N THR P 64 -26.20 -59.52 -12.35
CA THR P 64 -24.94 -58.84 -12.28
C THR P 64 -24.53 -58.68 -10.84
N LEU P 65 -25.49 -58.34 -9.97
CA LEU P 65 -25.20 -58.10 -8.59
C LEU P 65 -24.76 -59.38 -7.96
N ARG P 66 -25.41 -60.50 -8.31
CA ARG P 66 -25.06 -61.74 -7.69
C ARG P 66 -23.63 -62.07 -7.96
N LEU P 67 -23.17 -61.96 -9.21
CA LEU P 67 -21.82 -62.33 -9.53
C LEU P 67 -20.87 -61.42 -8.82
N PHE P 68 -21.17 -60.10 -8.76
CA PHE P 68 -20.24 -59.21 -8.13
C PHE P 68 -20.13 -59.59 -6.68
N TRP P 69 -21.26 -60.00 -6.08
CA TRP P 69 -21.27 -60.36 -4.69
C TRP P 69 -20.32 -61.49 -4.45
N THR P 70 -20.38 -62.55 -5.27
CA THR P 70 -19.54 -63.68 -5.05
C THR P 70 -18.10 -63.26 -5.19
N LEU P 71 -17.84 -62.37 -6.16
CA LEU P 71 -16.52 -61.90 -6.49
C LEU P 71 -15.93 -61.19 -5.30
N LEU P 72 -16.74 -60.43 -4.55
CA LEU P 72 -16.22 -59.65 -3.47
C LEU P 72 -15.62 -60.55 -2.43
N SER P 73 -16.25 -61.70 -2.17
CA SER P 73 -15.85 -62.59 -1.12
C SER P 73 -14.48 -63.10 -1.39
N LYS P 74 -13.99 -62.97 -2.62
CA LYS P 74 -12.69 -63.50 -2.84
C LYS P 74 -11.65 -62.48 -2.64
N GLN P 75 -10.43 -62.95 -2.83
CA GLN P 75 -9.25 -62.22 -2.60
C GLN P 75 -8.89 -61.48 -3.84
N GLU P 76 -7.74 -60.78 -3.75
CA GLU P 76 -7.20 -60.05 -4.86
C GLU P 76 -7.00 -61.02 -5.96
N GLU P 77 -6.67 -62.27 -5.61
CA GLU P 77 -6.36 -63.23 -6.63
C GLU P 77 -7.54 -63.36 -7.53
N MET P 78 -8.76 -63.34 -6.97
CA MET P 78 -9.95 -63.52 -7.75
C MET P 78 -10.06 -62.44 -8.79
N VAL P 79 -9.77 -61.17 -8.43
CA VAL P 79 -9.94 -60.15 -9.41
C VAL P 79 -9.00 -60.44 -10.53
N GLN P 80 -7.79 -60.92 -10.21
CA GLN P 80 -6.81 -61.20 -11.21
C GLN P 80 -7.29 -62.32 -12.08
N LYS P 81 -7.91 -63.36 -11.49
CA LYS P 81 -8.36 -64.45 -12.30
C LYS P 81 -9.44 -63.97 -13.22
N PHE P 82 -10.40 -63.19 -12.66
CA PHE P 82 -11.51 -62.67 -13.37
C PHE P 82 -11.00 -61.78 -14.46
N VAL P 83 -9.98 -60.95 -14.17
CA VAL P 83 -9.53 -60.09 -15.21
C VAL P 83 -9.01 -60.93 -16.33
N GLU P 84 -8.36 -62.06 -15.99
CA GLU P 84 -7.79 -62.90 -17.00
C GLU P 84 -8.89 -63.45 -17.85
N GLU P 85 -10.01 -63.87 -17.24
CA GLU P 85 -11.07 -64.45 -18.02
C GLU P 85 -11.59 -63.41 -18.96
N VAL P 86 -11.64 -62.14 -18.53
CA VAL P 86 -12.19 -61.12 -19.37
C VAL P 86 -11.34 -60.96 -20.59
N LEU P 87 -10.00 -61.01 -20.42
CA LEU P 87 -9.09 -60.85 -21.53
C LEU P 87 -9.25 -62.03 -22.44
N ARG P 88 -9.39 -63.24 -21.88
CA ARG P 88 -9.53 -64.42 -22.69
C ARG P 88 -10.78 -64.25 -23.50
N ILE P 89 -11.82 -63.72 -22.85
CA ILE P 89 -13.08 -63.43 -23.47
C ILE P 89 -12.81 -62.41 -24.51
N ASN P 90 -11.77 -61.58 -24.27
CA ASN P 90 -11.41 -60.46 -25.09
C ASN P 90 -12.63 -59.68 -25.21
N TYR P 91 -13.10 -59.36 -24.00
CA TYR P 91 -14.20 -58.51 -23.84
C TYR P 91 -13.45 -57.22 -23.82
N LYS P 92 -13.04 -56.82 -25.03
CA LYS P 92 -11.99 -55.87 -25.21
C LYS P 92 -12.22 -54.58 -24.52
N PHE P 93 -13.36 -53.91 -24.75
CA PHE P 93 -13.46 -52.61 -24.17
C PHE P 93 -13.48 -52.74 -22.70
N LEU P 94 -14.26 -53.67 -22.16
CA LEU P 94 -14.39 -53.75 -20.74
C LEU P 94 -13.09 -54.13 -20.14
N MET P 95 -12.34 -55.04 -20.79
CA MET P 95 -11.14 -55.46 -20.16
C MET P 95 -10.18 -54.32 -20.09
N SER P 96 -10.16 -53.42 -21.10
CA SER P 96 -9.22 -52.33 -21.06
C SER P 96 -9.45 -51.48 -19.84
N PRO P 97 -10.63 -50.96 -19.58
CA PRO P 97 -10.75 -50.27 -18.33
C PRO P 97 -10.50 -51.08 -17.09
N ILE P 98 -10.75 -52.39 -17.09
CA ILE P 98 -10.46 -53.06 -15.86
C ILE P 98 -8.96 -53.01 -15.62
N LYS P 99 -8.13 -53.20 -16.67
CA LYS P 99 -6.72 -53.20 -16.41
C LYS P 99 -6.25 -51.85 -15.97
N THR P 100 -6.84 -50.77 -16.46
CA THR P 100 -6.38 -49.48 -16.03
C THR P 100 -6.66 -49.38 -14.56
N GLU P 101 -7.80 -49.94 -14.15
CA GLU P 101 -8.31 -49.97 -12.82
C GLU P 101 -7.29 -50.58 -11.90
N GLN P 102 -6.69 -51.73 -12.28
CA GLN P 102 -5.77 -52.32 -11.35
C GLN P 102 -4.63 -51.38 -11.08
N ARG P 103 -4.46 -51.05 -9.78
CA ARG P 103 -3.49 -50.16 -9.20
C ARG P 103 -3.51 -48.78 -9.80
N GLN P 104 -4.66 -48.06 -9.67
CA GLN P 104 -4.74 -46.70 -10.16
C GLN P 104 -5.54 -45.86 -9.20
N PRO P 105 -5.07 -44.68 -8.88
CA PRO P 105 -5.83 -43.78 -8.03
C PRO P 105 -6.77 -42.89 -8.79
N SER P 106 -7.77 -42.28 -8.11
CA SER P 106 -8.69 -41.36 -8.74
C SER P 106 -9.47 -40.69 -7.64
N MET P 107 -10.01 -39.48 -7.91
CA MET P 107 -10.81 -38.81 -6.92
C MET P 107 -12.04 -39.61 -6.65
N MET P 108 -12.72 -40.07 -7.71
CA MET P 108 -13.94 -40.81 -7.57
C MET P 108 -13.67 -42.12 -6.91
N THR P 109 -12.56 -42.77 -7.26
CA THR P 109 -12.26 -44.06 -6.69
C THR P 109 -12.05 -43.91 -5.23
N ARG P 110 -11.30 -42.86 -4.85
CA ARG P 110 -10.94 -42.64 -3.48
C ARG P 110 -12.16 -42.40 -2.67
N MET P 111 -13.13 -41.64 -3.20
CA MET P 111 -14.29 -41.37 -2.41
C MET P 111 -15.05 -42.63 -2.18
N TYR P 112 -15.13 -43.52 -3.18
CA TYR P 112 -15.91 -44.71 -3.01
C TYR P 112 -15.31 -45.59 -1.96
N ILE P 113 -13.97 -45.74 -1.95
CA ILE P 113 -13.33 -46.59 -0.99
C ILE P 113 -13.59 -46.06 0.38
N GLU P 114 -13.52 -44.73 0.54
CA GLU P 114 -13.70 -44.11 1.80
C GLU P 114 -15.06 -44.43 2.33
N GLN P 115 -16.09 -44.34 1.46
CA GLN P 115 -17.44 -44.55 1.89
C GLN P 115 -17.60 -45.96 2.36
N ARG P 116 -16.99 -46.92 1.63
CA ARG P 116 -17.09 -48.31 1.96
C ARG P 116 -16.51 -48.55 3.33
N ASP P 117 -15.35 -47.96 3.63
CA ASP P 117 -14.71 -48.20 4.89
C ASP P 117 -15.58 -47.66 5.98
N ARG P 118 -16.18 -46.49 5.76
CA ARG P 118 -16.97 -45.89 6.80
C ARG P 118 -18.11 -46.78 7.14
N LEU P 119 -18.79 -47.38 6.13
CA LEU P 119 -19.91 -48.18 6.49
C LEU P 119 -19.48 -49.40 7.26
N TYR P 120 -18.30 -49.98 6.95
CA TYR P 120 -17.88 -51.13 7.68
C TYR P 120 -17.72 -50.75 9.12
N ASN P 121 -17.11 -49.60 9.39
CA ASN P 121 -16.82 -49.15 10.73
C ASN P 121 -18.12 -48.97 11.44
N ASP P 122 -19.14 -48.49 10.72
CA ASP P 122 -20.43 -48.22 11.27
C ASP P 122 -21.02 -49.48 11.80
N ASN P 123 -20.84 -50.63 11.10
CA ASN P 123 -21.55 -51.72 11.69
C ASN P 123 -21.10 -53.08 11.24
N GLN P 124 -20.61 -53.21 9.98
CA GLN P 124 -20.38 -54.52 9.43
C GLN P 124 -19.21 -55.23 10.05
N VAL P 125 -19.43 -55.80 11.26
CA VAL P 125 -18.50 -56.68 11.91
C VAL P 125 -18.66 -58.03 11.33
N PHE P 126 -19.92 -58.46 11.39
CA PHE P 126 -20.39 -59.65 10.82
C PHE P 126 -21.73 -59.54 10.49
N ALA P 127 -21.91 -60.65 9.91
CA ALA P 127 -22.98 -61.06 9.25
C ALA P 127 -22.26 -61.91 8.31
N LYS P 128 -22.00 -63.14 8.75
CA LYS P 128 -21.18 -63.95 7.94
C LYS P 128 -21.88 -64.24 6.69
N TYR P 129 -23.17 -64.66 6.76
CA TYR P 129 -23.69 -64.97 5.47
C TYR P 129 -25.06 -64.40 5.28
N ASN P 130 -25.35 -64.05 4.03
CA ASN P 130 -26.49 -63.22 3.79
C ASN P 130 -27.22 -63.58 2.55
N VAL P 131 -28.54 -63.34 2.60
CA VAL P 131 -29.61 -63.61 1.71
C VAL P 131 -29.67 -62.36 0.93
N SER P 132 -29.82 -62.50 -0.38
CA SER P 132 -29.75 -61.32 -1.16
C SER P 132 -31.14 -60.99 -1.53
N ARG P 133 -31.61 -59.84 -1.03
CA ARG P 133 -32.93 -59.44 -1.36
C ARG P 133 -32.66 -58.46 -2.38
N LEU P 134 -32.59 -58.96 -3.59
CA LEU P 134 -32.30 -57.97 -4.52
C LEU P 134 -33.52 -57.11 -4.60
N GLN P 135 -34.70 -57.72 -4.42
CA GLN P 135 -35.88 -56.94 -4.62
C GLN P 135 -35.94 -55.77 -3.66
N PRO P 136 -35.79 -55.91 -2.37
CA PRO P 136 -35.87 -54.72 -1.56
C PRO P 136 -34.72 -53.79 -1.73
N TYR P 137 -33.54 -54.36 -2.05
CA TYR P 137 -32.30 -53.65 -2.23
C TYR P 137 -32.42 -52.71 -3.39
N LEU P 138 -32.91 -53.22 -4.53
CA LEU P 138 -33.04 -52.39 -5.70
C LEU P 138 -34.06 -51.33 -5.45
N LYS P 139 -35.15 -51.67 -4.75
CA LYS P 139 -36.21 -50.71 -4.58
C LYS P 139 -35.70 -49.51 -3.85
N LEU P 140 -34.93 -49.74 -2.77
CA LEU P 140 -34.49 -48.62 -1.99
C LEU P 140 -33.59 -47.76 -2.80
N ARG P 141 -32.67 -48.36 -3.58
CA ARG P 141 -31.71 -47.51 -4.23
C ARG P 141 -32.42 -46.67 -5.24
N GLN P 142 -33.38 -47.26 -5.97
CA GLN P 142 -33.98 -46.56 -7.06
C GLN P 142 -34.69 -45.37 -6.53
N ALA P 143 -35.45 -45.56 -5.44
CA ALA P 143 -36.20 -44.47 -4.89
C ALA P 143 -35.27 -43.42 -4.39
N LEU P 144 -34.20 -43.84 -3.69
CA LEU P 144 -33.34 -42.88 -3.07
C LEU P 144 -32.66 -42.07 -4.14
N LEU P 145 -32.27 -42.72 -5.24
CA LEU P 145 -31.61 -42.04 -6.31
C LEU P 145 -32.55 -41.03 -6.84
N GLU P 146 -33.81 -41.45 -7.08
CA GLU P 146 -34.79 -40.62 -7.72
C GLU P 146 -35.14 -39.44 -6.89
N LEU P 147 -35.46 -39.62 -5.58
CA LEU P 147 -35.88 -38.42 -4.94
C LEU P 147 -34.73 -37.94 -4.15
N ARG P 148 -33.91 -37.12 -4.81
CA ARG P 148 -32.77 -36.50 -4.22
C ARG P 148 -33.19 -35.45 -3.24
N PRO P 149 -34.16 -34.64 -3.56
CA PRO P 149 -34.53 -33.58 -2.66
C PRO P 149 -35.05 -34.13 -1.38
N ALA P 150 -35.17 -33.27 -0.34
CA ALA P 150 -35.54 -33.73 0.97
C ALA P 150 -36.77 -34.56 0.85
N LYS P 151 -36.75 -35.73 1.52
CA LYS P 151 -37.88 -36.60 1.55
C LYS P 151 -37.66 -37.54 2.67
N ASN P 152 -38.61 -38.49 2.88
CA ASN P 152 -38.36 -39.43 3.92
C ASN P 152 -38.51 -40.79 3.35
N VAL P 153 -37.39 -41.54 3.29
CA VAL P 153 -37.45 -42.89 2.82
C VAL P 153 -37.55 -43.69 4.07
N LEU P 154 -38.68 -44.39 4.26
CA LEU P 154 -38.71 -45.19 5.42
C LEU P 154 -38.16 -46.49 5.00
N ILE P 155 -37.73 -47.18 6.03
CA ILE P 155 -37.39 -48.52 6.04
C ILE P 155 -37.95 -48.79 7.38
N ASP P 156 -38.81 -49.79 7.50
CA ASP P 156 -39.35 -50.02 8.81
C ASP P 156 -39.90 -51.40 9.09
N GLY P 157 -39.27 -52.26 9.93
CA GLY P 157 -39.74 -53.62 10.03
C GLY P 157 -39.60 -54.06 11.46
N VAL P 158 -39.76 -55.38 11.70
CA VAL P 158 -39.66 -55.96 13.02
C VAL P 158 -38.26 -55.74 13.49
N LEU P 159 -38.06 -55.71 14.83
CA LEU P 159 -36.73 -55.51 15.29
C LEU P 159 -35.87 -56.61 14.78
N GLY P 160 -34.71 -56.25 14.18
CA GLY P 160 -33.76 -57.21 13.71
C GLY P 160 -34.15 -57.74 12.36
N SER P 161 -35.07 -57.06 11.65
CA SER P 161 -35.51 -57.49 10.35
C SER P 161 -34.39 -57.31 9.38
N GLY P 162 -33.37 -56.50 9.74
CA GLY P 162 -32.29 -56.30 8.83
C GLY P 162 -32.43 -54.99 8.11
N LYS P 163 -33.12 -54.08 8.80
CA LYS P 163 -33.38 -52.78 8.27
C LYS P 163 -32.11 -52.04 7.98
N THR P 164 -31.26 -51.88 9.03
CA THR P 164 -30.02 -51.12 9.16
C THR P 164 -28.94 -51.70 8.34
N TRP P 165 -28.87 -53.04 8.35
CA TRP P 165 -27.89 -53.68 7.56
C TRP P 165 -28.20 -53.26 6.13
N VAL P 166 -29.48 -53.37 5.64
CA VAL P 166 -29.89 -53.09 4.29
C VAL P 166 -29.51 -51.69 3.93
N ALA P 167 -29.71 -50.74 4.85
CA ALA P 167 -29.43 -49.36 4.55
C ALA P 167 -27.97 -49.19 4.28
N LEU P 168 -27.11 -49.85 5.08
CA LEU P 168 -25.70 -49.68 4.92
C LEU P 168 -25.33 -50.15 3.55
N ASP P 169 -25.84 -51.33 3.16
CA ASP P 169 -25.49 -51.96 1.91
C ASP P 169 -25.88 -51.06 0.78
N VAL P 170 -27.04 -50.40 0.87
CA VAL P 170 -27.44 -49.58 -0.23
C VAL P 170 -26.45 -48.47 -0.37
N CYS P 171 -25.98 -47.90 0.74
CA CYS P 171 -25.04 -46.83 0.66
C CYS P 171 -23.72 -47.35 0.11
N LEU P 172 -23.29 -48.57 0.53
CA LEU P 172 -21.99 -49.07 0.16
C LEU P 172 -21.76 -49.45 -1.27
N SER P 173 -22.68 -50.18 -1.96
CA SER P 173 -22.35 -50.65 -3.31
C SER P 173 -22.56 -49.55 -4.32
N TYR P 174 -23.22 -48.50 -3.84
CA TYR P 174 -23.79 -47.30 -4.36
C TYR P 174 -22.95 -46.14 -4.75
N LYS P 175 -21.73 -46.33 -5.29
CA LYS P 175 -20.84 -45.24 -5.59
C LYS P 175 -21.61 -44.12 -6.27
N VAL P 176 -22.59 -44.44 -7.14
CA VAL P 176 -23.34 -43.40 -7.81
C VAL P 176 -24.09 -42.57 -6.80
N GLN P 177 -24.77 -43.23 -5.83
CA GLN P 177 -25.59 -42.54 -4.88
C GLN P 177 -24.73 -41.65 -4.05
N CYS P 178 -23.54 -42.15 -3.66
CA CYS P 178 -22.66 -41.40 -2.81
C CYS P 178 -22.20 -40.19 -3.54
N LYS P 179 -21.95 -40.28 -4.85
CA LYS P 179 -21.49 -39.12 -5.56
C LYS P 179 -22.55 -38.07 -5.57
N MET P 180 -23.80 -38.46 -5.88
CA MET P 180 -24.83 -37.47 -6.01
C MET P 180 -25.06 -36.79 -4.72
N ASP P 181 -25.17 -37.56 -3.61
CA ASP P 181 -25.37 -36.88 -2.37
C ASP P 181 -24.04 -36.28 -2.05
N PHE P 182 -24.01 -35.01 -1.59
CA PHE P 182 -22.70 -34.47 -1.37
C PHE P 182 -22.03 -35.23 -0.28
N LYS P 183 -22.72 -35.39 0.86
CA LYS P 183 -22.10 -36.08 1.96
C LYS P 183 -23.21 -36.77 2.69
N ILE P 184 -22.86 -37.78 3.52
CA ILE P 184 -23.93 -38.44 4.21
C ILE P 184 -23.59 -38.52 5.67
N PHE P 185 -24.60 -38.29 6.53
CA PHE P 185 -24.40 -38.35 7.95
C PHE P 185 -25.28 -39.45 8.46
N TRP P 186 -24.70 -40.38 9.25
CA TRP P 186 -25.48 -41.47 9.75
C TRP P 186 -25.40 -41.42 11.25
N LEU P 187 -26.57 -41.42 11.91
CA LEU P 187 -26.57 -41.45 13.35
C LEU P 187 -27.65 -42.38 13.78
N ASN P 188 -27.42 -43.10 14.90
CA ASN P 188 -28.44 -43.97 15.40
C ASN P 188 -29.05 -43.24 16.54
N LEU P 189 -30.33 -42.87 16.41
CA LEU P 189 -30.97 -42.08 17.41
C LEU P 189 -31.17 -42.86 18.66
N LYS P 190 -30.85 -42.20 19.78
CA LYS P 190 -31.05 -42.64 21.13
C LYS P 190 -32.47 -42.23 21.40
N ASN P 191 -33.14 -42.87 22.37
CA ASN P 191 -34.54 -42.64 22.67
C ASN P 191 -34.79 -41.17 22.71
N CYS P 192 -35.55 -40.68 21.69
CA CYS P 192 -35.96 -39.32 21.50
C CYS P 192 -37.07 -38.97 22.43
N ASN P 193 -37.91 -39.96 22.79
CA ASN P 193 -39.02 -39.64 23.63
C ASN P 193 -38.53 -39.08 24.93
N SER P 194 -37.34 -39.50 25.41
CA SER P 194 -36.79 -38.87 26.57
C SER P 194 -36.32 -37.50 26.10
N PRO P 195 -36.70 -36.48 26.83
CA PRO P 195 -36.47 -35.09 26.51
C PRO P 195 -35.08 -34.57 26.24
N GLU P 196 -34.14 -34.69 27.20
CA GLU P 196 -32.84 -34.09 27.08
C GLU P 196 -32.21 -34.67 25.87
N THR P 197 -32.67 -35.87 25.50
CA THR P 197 -32.09 -36.63 24.44
C THR P 197 -32.03 -35.84 23.18
N VAL P 198 -33.10 -35.10 22.82
CA VAL P 198 -33.08 -34.41 21.55
C VAL P 198 -31.93 -33.45 21.50
N LEU P 199 -31.73 -32.64 22.55
CA LEU P 199 -30.66 -31.70 22.49
C LEU P 199 -29.36 -32.41 22.41
N GLU P 200 -29.24 -33.53 23.15
CA GLU P 200 -28.02 -34.27 23.21
C GLU P 200 -27.68 -34.72 21.82
N MET P 201 -28.67 -35.25 21.08
CA MET P 201 -28.40 -35.80 19.79
C MET P 201 -27.96 -34.71 18.86
N LEU P 202 -28.62 -33.55 18.93
CA LEU P 202 -28.37 -32.50 18.00
C LEU P 202 -27.02 -31.92 18.28
N GLN P 203 -26.58 -31.94 19.55
CA GLN P 203 -25.31 -31.37 19.87
C GLN P 203 -24.27 -32.13 19.13
N LYS P 204 -24.39 -33.47 19.07
CA LYS P 204 -23.44 -34.29 18.40
C LYS P 204 -23.45 -33.91 16.95
N LEU P 205 -24.63 -33.61 16.41
CA LEU P 205 -24.76 -33.25 15.04
C LEU P 205 -23.93 -32.03 14.83
N LEU P 206 -24.02 -31.11 15.79
CA LEU P 206 -23.39 -29.84 15.68
C LEU P 206 -21.91 -30.12 15.64
N TYR P 207 -21.45 -31.08 16.47
CA TYR P 207 -20.04 -31.34 16.55
C TYR P 207 -19.55 -31.85 15.22
N GLN P 208 -20.25 -32.83 14.64
CA GLN P 208 -19.81 -33.44 13.42
C GLN P 208 -19.85 -32.46 12.31
N ILE P 209 -20.85 -31.57 12.29
CA ILE P 209 -20.98 -30.66 11.20
C ILE P 209 -19.72 -29.85 11.18
N ASP P 210 -19.28 -29.39 12.36
CA ASP P 210 -18.05 -28.67 12.57
C ASP P 210 -17.90 -28.52 14.05
N PRO P 211 -16.70 -28.66 14.51
CA PRO P 211 -16.35 -28.37 15.88
C PRO P 211 -16.06 -26.90 15.97
N ASN P 212 -16.31 -26.17 14.87
CA ASN P 212 -15.91 -24.82 14.59
C ASN P 212 -16.10 -23.83 15.69
N TRP P 213 -16.82 -22.75 15.30
CA TRP P 213 -17.34 -21.62 16.01
C TRP P 213 -18.57 -22.11 16.65
N THR P 214 -18.90 -23.31 16.19
CA THR P 214 -19.99 -24.14 16.45
C THR P 214 -20.25 -23.98 17.92
N SER P 215 -19.21 -24.20 18.74
CA SER P 215 -19.30 -24.17 20.17
C SER P 215 -19.54 -22.81 20.80
N ARG P 216 -19.17 -21.69 20.13
CA ARG P 216 -19.16 -20.38 20.76
C ARG P 216 -20.50 -19.87 21.23
N SER P 217 -21.59 -19.99 20.44
CA SER P 217 -22.84 -19.32 20.74
C SER P 217 -23.50 -19.84 21.97
N ASP P 218 -24.40 -18.99 22.51
CA ASP P 218 -25.03 -19.17 23.78
C ASP P 218 -25.78 -20.46 23.86
N HIS P 219 -25.35 -21.30 24.82
CA HIS P 219 -26.08 -22.48 25.10
C HIS P 219 -26.93 -22.09 26.25
N SER P 220 -28.24 -21.96 26.00
CA SER P 220 -29.14 -21.48 27.00
C SER P 220 -29.25 -22.46 28.10
N SER P 221 -29.28 -21.92 29.32
CA SER P 221 -29.37 -22.73 30.50
C SER P 221 -30.68 -23.43 30.42
N ASN P 222 -31.73 -22.70 30.02
CA ASN P 222 -33.00 -23.36 29.93
C ASN P 222 -33.03 -24.00 28.58
N ILE P 223 -33.74 -25.12 28.49
CA ILE P 223 -33.86 -25.86 27.27
C ILE P 223 -34.60 -25.05 26.28
N LYS P 224 -35.57 -24.24 26.76
CA LYS P 224 -36.51 -23.54 25.93
C LYS P 224 -35.78 -22.83 24.83
N LEU P 225 -34.68 -22.13 25.14
CA LEU P 225 -33.91 -21.44 24.14
C LEU P 225 -32.99 -22.34 23.32
N ARG P 226 -32.27 -23.26 23.97
CA ARG P 226 -31.19 -24.01 23.36
C ARG P 226 -31.65 -24.85 22.20
N ILE P 227 -32.76 -25.58 22.32
CA ILE P 227 -33.14 -26.47 21.26
C ILE P 227 -33.40 -25.64 20.03
N HIS P 228 -34.10 -24.52 20.20
CA HIS P 228 -34.44 -23.68 19.09
C HIS P 228 -33.18 -23.16 18.50
N SER P 229 -32.23 -22.74 19.37
CA SER P 229 -31.01 -22.16 18.90
C SER P 229 -30.27 -23.17 18.10
N ILE P 230 -30.26 -24.44 18.57
CA ILE P 230 -29.51 -25.42 17.85
C ILE P 230 -30.06 -25.61 16.49
N GLN P 231 -31.40 -25.65 16.36
CA GLN P 231 -31.94 -25.90 15.06
C GLN P 231 -31.49 -24.81 14.15
N ALA P 232 -31.44 -23.57 14.66
CA ALA P 232 -31.03 -22.47 13.83
C ALA P 232 -29.60 -22.69 13.40
N GLU P 233 -28.73 -23.13 14.34
CA GLU P 233 -27.35 -23.30 13.99
C GLU P 233 -27.21 -24.41 13.01
N LEU P 234 -27.99 -25.49 13.18
CA LEU P 234 -27.88 -26.64 12.33
C LEU P 234 -28.21 -26.20 10.94
N ARG P 235 -29.29 -25.40 10.79
CA ARG P 235 -29.70 -24.96 9.49
C ARG P 235 -28.61 -24.12 8.90
N ARG P 236 -28.02 -23.23 9.72
CA ARG P 236 -27.01 -22.32 9.27
C ARG P 236 -25.84 -23.11 8.77
N LEU P 237 -25.40 -24.12 9.54
CA LEU P 237 -24.24 -24.84 9.11
C LEU P 237 -24.52 -25.57 7.84
N LEU P 238 -25.74 -26.09 7.66
CA LEU P 238 -25.95 -26.81 6.43
C LEU P 238 -25.76 -25.91 5.26
N LYS P 239 -26.27 -24.67 5.32
CA LYS P 239 -26.14 -23.78 4.21
C LYS P 239 -24.69 -23.44 4.03
N SER P 240 -23.96 -23.27 5.16
CA SER P 240 -22.63 -22.75 5.14
C SER P 240 -21.73 -23.58 4.29
N LYS P 241 -21.86 -24.91 4.32
CA LYS P 241 -20.94 -25.68 3.53
C LYS P 241 -21.69 -26.29 2.37
N PRO P 242 -21.04 -27.11 1.59
CA PRO P 242 -21.64 -27.72 0.43
C PRO P 242 -22.68 -28.77 0.69
N TYR P 243 -23.19 -28.85 1.93
CA TYR P 243 -24.10 -29.84 2.47
C TYR P 243 -25.41 -29.98 1.74
N GLU P 244 -25.87 -28.97 0.97
CA GLU P 244 -27.23 -28.84 0.51
C GLU P 244 -27.93 -30.11 0.14
N ASN P 245 -27.49 -31.01 -0.74
CA ASN P 245 -28.23 -32.25 -0.81
C ASN P 245 -27.38 -33.22 -0.06
N CYS P 246 -27.56 -33.25 1.27
CA CYS P 246 -26.78 -34.07 2.15
C CYS P 246 -27.67 -35.19 2.58
N LEU P 247 -27.15 -36.43 2.59
CA LEU P 247 -28.01 -37.53 2.94
C LEU P 247 -27.81 -37.80 4.38
N LEU P 248 -28.91 -37.78 5.16
CA LEU P 248 -28.75 -38.04 6.55
C LEU P 248 -29.54 -39.28 6.81
N VAL P 249 -28.97 -40.20 7.60
CA VAL P 249 -29.72 -41.38 7.86
C VAL P 249 -29.95 -41.44 9.33
N LEU P 250 -31.23 -41.52 9.75
CA LEU P 250 -31.42 -41.63 11.17
C LEU P 250 -31.74 -43.06 11.40
N LEU P 251 -30.87 -43.75 12.15
CA LEU P 251 -31.06 -45.14 12.41
C LEU P 251 -31.84 -45.30 13.68
N ASN P 252 -32.76 -46.27 13.67
CA ASN P 252 -33.57 -46.61 14.82
C ASN P 252 -34.20 -45.38 15.40
N VAL P 253 -35.08 -44.69 14.65
CA VAL P 253 -35.70 -43.51 15.20
C VAL P 253 -36.95 -43.92 15.89
N GLN P 254 -36.95 -43.79 17.23
CA GLN P 254 -38.05 -44.13 18.09
C GLN P 254 -39.13 -43.08 18.09
N ASN P 255 -38.76 -41.79 18.15
CA ASN P 255 -39.76 -40.77 18.38
C ASN P 255 -40.01 -39.94 17.15
N ALA P 256 -41.27 -39.49 17.02
CA ALA P 256 -41.80 -38.72 15.93
C ALA P 256 -41.10 -37.40 15.86
N LYS P 257 -40.75 -36.84 17.03
CA LYS P 257 -40.19 -35.52 17.07
C LYS P 257 -38.96 -35.49 16.21
N ALA P 258 -38.18 -36.57 16.17
CA ALA P 258 -36.99 -36.55 15.36
C ALA P 258 -37.43 -36.30 13.95
N TRP P 259 -38.55 -36.95 13.57
CA TRP P 259 -39.09 -36.86 12.24
C TRP P 259 -39.51 -35.45 11.99
N ASN P 260 -40.15 -34.78 12.98
CA ASN P 260 -40.56 -33.43 12.74
C ASN P 260 -39.35 -32.53 12.65
N ALA P 261 -38.30 -32.83 13.43
CA ALA P 261 -37.10 -32.04 13.41
C ALA P 261 -36.58 -32.10 12.00
N PHE P 262 -36.78 -33.28 11.36
CA PHE P 262 -36.37 -33.53 10.02
C PHE P 262 -37.00 -32.48 9.18
N ASN P 263 -38.29 -32.18 9.43
CA ASN P 263 -39.03 -31.27 8.60
C ASN P 263 -38.24 -30.00 8.56
N LEU P 264 -37.77 -29.53 9.72
CA LEU P 264 -36.91 -28.40 9.65
C LEU P 264 -35.55 -29.00 9.55
N SER P 265 -35.16 -29.44 8.34
CA SER P 265 -33.89 -30.08 8.13
C SER P 265 -33.78 -30.42 6.69
N CYS P 266 -33.10 -31.55 6.40
CA CYS P 266 -32.88 -31.94 5.03
C CYS P 266 -33.45 -33.30 4.79
N LYS P 267 -32.96 -34.00 3.73
CA LYS P 267 -33.41 -35.29 3.28
C LYS P 267 -32.91 -36.37 4.19
N ILE P 268 -33.73 -37.43 4.35
CA ILE P 268 -33.39 -38.49 5.28
C ILE P 268 -33.83 -39.83 4.78
N LEU P 269 -33.07 -40.88 5.19
CA LEU P 269 -33.46 -42.25 5.10
C LEU P 269 -33.67 -42.67 6.51
N LEU P 270 -34.82 -43.28 6.84
CA LEU P 270 -35.00 -43.60 8.22
C LEU P 270 -35.29 -45.07 8.35
N THR P 271 -34.81 -45.67 9.45
CA THR P 271 -35.10 -47.06 9.74
C THR P 271 -35.91 -47.03 11.00
N THR P 272 -37.10 -47.68 11.01
CA THR P 272 -37.88 -47.62 12.22
C THR P 272 -38.71 -48.87 12.37
N ARG P 273 -38.95 -49.29 13.62
CA ARG P 273 -39.70 -50.45 14.04
C ARG P 273 -41.18 -50.25 14.01
N PHE P 274 -41.64 -49.07 13.65
CA PHE P 274 -43.06 -48.88 13.58
C PHE P 274 -43.25 -48.64 12.12
N LYS P 275 -44.49 -48.76 11.60
CA LYS P 275 -44.88 -48.20 10.33
C LYS P 275 -45.55 -46.88 10.56
N GLN P 276 -46.36 -46.75 11.64
CA GLN P 276 -47.16 -45.57 11.70
C GLN P 276 -46.32 -44.36 11.93
N VAL P 277 -45.16 -44.48 12.60
CA VAL P 277 -44.29 -43.35 12.81
C VAL P 277 -43.98 -42.75 11.47
N THR P 278 -43.74 -43.63 10.51
CA THR P 278 -43.41 -43.34 9.15
C THR P 278 -44.54 -42.55 8.56
N ASP P 279 -45.76 -43.02 8.83
CA ASP P 279 -46.94 -42.48 8.27
C ASP P 279 -47.09 -41.07 8.74
N PHE P 280 -46.83 -40.82 10.05
CA PHE P 280 -47.01 -39.50 10.60
C PHE P 280 -46.06 -38.55 9.95
N LEU P 281 -44.81 -38.98 9.76
CA LEU P 281 -43.79 -38.16 9.20
C LEU P 281 -44.17 -37.76 7.80
N SER P 282 -44.73 -38.70 7.03
CA SER P 282 -45.13 -38.49 5.66
C SER P 282 -46.25 -37.51 5.64
N ALA P 283 -47.12 -37.56 6.67
CA ALA P 283 -48.21 -36.63 6.67
C ALA P 283 -47.69 -35.24 6.87
N ALA P 284 -46.74 -35.07 7.84
CA ALA P 284 -46.29 -33.76 8.17
C ALA P 284 -45.63 -33.17 6.97
N THR P 285 -44.70 -33.93 6.36
CA THR P 285 -44.06 -33.49 5.17
C THR P 285 -44.49 -34.45 4.15
N THR P 286 -45.03 -33.93 3.04
CA THR P 286 -45.52 -34.78 1.99
C THR P 286 -44.31 -35.47 1.43
N THR P 287 -44.46 -36.14 0.27
CA THR P 287 -43.37 -36.88 -0.28
C THR P 287 -42.73 -37.82 0.69
N HIS P 288 -43.42 -38.93 0.98
CA HIS P 288 -42.84 -39.97 1.77
C HIS P 288 -42.70 -41.16 0.88
N ILE P 289 -41.67 -42.00 1.15
CA ILE P 289 -41.42 -43.19 0.40
C ILE P 289 -41.33 -44.29 1.42
N SER P 290 -41.94 -45.46 1.16
CA SER P 290 -41.85 -46.43 2.20
C SER P 290 -41.30 -47.70 1.65
N LEU P 291 -40.33 -48.29 2.37
CA LEU P 291 -39.79 -49.56 2.00
C LEU P 291 -40.00 -50.40 3.22
N ASP P 292 -40.81 -51.45 3.10
CA ASP P 292 -41.07 -52.27 4.23
C ASP P 292 -40.20 -53.51 4.10
N HIS P 293 -39.65 -54.08 5.20
CA HIS P 293 -39.79 -53.67 6.56
C HIS P 293 -41.23 -54.06 6.92
N HIS P 294 -41.81 -54.78 6.00
CA HIS P 294 -43.15 -55.24 6.03
C HIS P 294 -43.18 -55.60 4.60
N SER P 295 -44.33 -56.04 4.08
CA SER P 295 -44.50 -56.39 2.70
C SER P 295 -44.44 -57.89 2.60
N MET P 296 -44.03 -58.35 1.40
CA MET P 296 -43.88 -59.69 0.89
C MET P 296 -42.77 -60.48 1.55
N THR P 297 -41.70 -59.81 2.01
CA THR P 297 -40.51 -60.35 2.65
C THR P 297 -39.56 -61.21 1.84
N LEU P 298 -39.17 -60.77 0.62
CA LEU P 298 -38.05 -61.45 -0.02
C LEU P 298 -38.42 -62.86 -0.30
N THR P 299 -37.40 -63.73 -0.26
CA THR P 299 -37.58 -65.15 -0.44
C THR P 299 -36.87 -65.86 0.68
N PRO P 300 -37.60 -66.70 1.38
CA PRO P 300 -37.02 -67.42 2.48
C PRO P 300 -35.95 -68.36 2.06
N ASP P 301 -35.97 -68.82 0.79
CA ASP P 301 -34.95 -69.72 0.35
C ASP P 301 -33.64 -68.99 0.38
N GLU P 302 -33.64 -67.76 -0.14
CA GLU P 302 -32.43 -66.98 -0.21
C GLU P 302 -31.98 -66.65 1.17
N VAL P 303 -32.94 -66.30 2.05
CA VAL P 303 -32.58 -65.89 3.37
C VAL P 303 -31.96 -67.09 4.02
N LYS P 304 -32.58 -68.26 3.87
CA LYS P 304 -32.08 -69.40 4.57
C LYS P 304 -30.70 -69.67 4.10
N SER P 305 -30.43 -69.46 2.79
CA SER P 305 -29.13 -69.76 2.28
C SER P 305 -28.15 -68.83 2.94
N LEU P 306 -28.62 -67.64 3.33
CA LEU P 306 -27.81 -66.65 3.95
C LEU P 306 -27.26 -67.21 5.20
N LEU P 307 -28.17 -67.73 6.02
CA LEU P 307 -27.82 -68.17 7.31
C LEU P 307 -26.96 -69.35 7.09
N LEU P 308 -27.29 -70.09 6.02
CA LEU P 308 -26.68 -71.32 5.70
C LEU P 308 -25.23 -71.09 5.45
N LYS P 309 -24.83 -70.01 4.75
CA LYS P 309 -23.41 -69.93 4.56
C LYS P 309 -22.74 -69.52 5.84
N TYR P 310 -23.40 -68.68 6.67
CA TYR P 310 -22.80 -68.26 7.90
C TYR P 310 -22.41 -69.48 8.66
N LEU P 311 -23.46 -70.29 8.88
CA LEU P 311 -23.45 -71.47 9.69
C LEU P 311 -22.81 -72.69 9.05
N ASP P 312 -22.94 -72.85 7.71
CA ASP P 312 -22.60 -74.01 6.92
C ASP P 312 -23.26 -75.30 7.44
N CYS P 313 -24.57 -75.53 7.09
CA CYS P 313 -25.38 -76.63 7.59
C CYS P 313 -25.89 -77.64 6.57
N ARG P 314 -26.98 -78.39 6.94
CA ARG P 314 -27.58 -79.45 6.16
C ARG P 314 -29.04 -79.18 5.93
N PRO P 315 -29.48 -79.61 4.76
CA PRO P 315 -30.83 -79.44 4.25
C PRO P 315 -31.89 -80.03 5.12
N GLN P 316 -31.59 -81.16 5.77
CA GLN P 316 -32.57 -81.76 6.64
C GLN P 316 -32.76 -80.77 7.74
N ASP P 317 -31.64 -80.13 8.09
CA ASP P 317 -31.59 -79.19 9.16
C ASP P 317 -32.36 -77.96 8.83
N LEU P 318 -32.51 -77.70 7.53
CA LEU P 318 -33.05 -76.45 7.09
C LEU P 318 -34.36 -76.11 7.66
N PRO P 319 -35.29 -77.00 7.69
CA PRO P 319 -36.58 -76.63 8.18
C PRO P 319 -36.49 -76.17 9.60
N ARG P 320 -35.46 -76.59 10.34
CA ARG P 320 -35.42 -76.06 11.67
C ARG P 320 -35.19 -74.58 11.55
N GLU P 321 -34.30 -74.20 10.63
CA GLU P 321 -33.86 -72.86 10.38
C GLU P 321 -34.97 -72.03 9.83
N VAL P 322 -35.82 -72.66 8.99
CA VAL P 322 -36.82 -71.98 8.24
C VAL P 322 -37.58 -71.26 9.29
N LEU P 323 -37.78 -71.90 10.45
CA LEU P 323 -38.42 -71.21 11.54
C LEU P 323 -37.33 -70.55 12.33
N THR P 324 -37.57 -69.30 12.75
CA THR P 324 -38.79 -68.61 12.45
C THR P 324 -38.55 -67.67 11.32
N THR P 325 -39.63 -67.00 10.86
CA THR P 325 -39.57 -66.10 9.75
C THR P 325 -38.69 -64.92 10.04
N ASN P 326 -38.79 -64.32 11.26
CA ASN P 326 -38.10 -63.07 11.43
C ASN P 326 -36.62 -63.18 11.41
N PRO P 327 -36.10 -62.23 10.69
CA PRO P 327 -34.69 -62.08 10.49
C PRO P 327 -34.00 -61.76 11.78
N ARG P 328 -34.65 -61.04 12.72
CA ARG P 328 -33.87 -60.76 13.89
C ARG P 328 -33.66 -62.04 14.59
N ARG P 329 -34.73 -62.86 14.66
CA ARG P 329 -34.64 -64.10 15.36
C ARG P 329 -33.70 -65.00 14.62
N LEU P 330 -33.72 -64.91 13.28
CA LEU P 330 -32.88 -65.79 12.53
C LEU P 330 -31.48 -65.49 12.93
N SER P 331 -31.12 -64.23 13.06
CA SER P 331 -29.74 -64.04 13.30
C SER P 331 -29.40 -64.27 14.76
N ILE P 332 -30.34 -64.04 15.71
CA ILE P 332 -30.03 -64.37 17.07
C ILE P 332 -29.75 -65.85 17.14
N ILE P 333 -30.57 -66.64 16.43
CA ILE P 333 -30.43 -68.07 16.41
C ILE P 333 -29.11 -68.37 15.74
N ALA P 334 -28.79 -67.70 14.63
CA ALA P 334 -27.62 -68.00 13.85
C ALA P 334 -26.41 -67.84 14.70
N GLU P 335 -26.38 -66.76 15.51
CA GLU P 335 -25.25 -66.53 16.34
C GLU P 335 -25.13 -67.69 17.29
N SER P 336 -26.26 -68.14 17.86
CA SER P 336 -26.27 -69.18 18.85
C SER P 336 -25.78 -70.44 18.23
N ILE P 337 -26.21 -70.71 16.99
CA ILE P 337 -25.83 -71.89 16.29
C ILE P 337 -24.36 -71.86 15.99
N ARG P 338 -23.75 -70.69 15.74
CA ARG P 338 -22.34 -70.77 15.51
C ARG P 338 -21.74 -71.33 16.76
N ASP P 339 -22.25 -70.90 17.93
CA ASP P 339 -21.78 -71.53 19.13
C ASP P 339 -22.30 -72.95 19.36
N GLY P 340 -23.55 -73.33 18.96
CA GLY P 340 -24.17 -74.63 19.27
C GLY P 340 -25.07 -75.15 18.09
N LEU P 341 -26.32 -75.73 18.29
CA LEU P 341 -27.07 -76.55 17.28
C LEU P 341 -28.46 -76.09 16.58
N ALA P 342 -29.01 -76.65 15.33
CA ALA P 342 -30.42 -76.59 14.97
C ALA P 342 -30.75 -77.97 15.41
N THR P 343 -30.93 -78.16 16.73
CA THR P 343 -31.18 -79.48 17.21
C THR P 343 -31.92 -79.42 18.49
N TRP P 344 -31.79 -80.50 19.29
CA TRP P 344 -32.51 -80.60 20.52
C TRP P 344 -32.10 -79.47 21.41
N ASP P 345 -30.80 -79.15 21.46
CA ASP P 345 -30.37 -78.09 22.33
C ASP P 345 -30.95 -76.78 21.88
N ASN P 346 -30.93 -76.51 20.57
CA ASN P 346 -31.36 -75.27 19.98
C ASN P 346 -32.80 -75.06 20.28
N TRP P 347 -33.61 -76.09 19.98
CA TRP P 347 -35.01 -76.00 20.19
C TRP P 347 -35.23 -75.85 21.65
N LYS P 348 -34.37 -76.49 22.45
CA LYS P 348 -34.51 -76.50 23.87
C LYS P 348 -34.48 -75.09 24.39
N HIS P 349 -33.53 -74.26 23.90
CA HIS P 349 -33.40 -72.92 24.39
C HIS P 349 -34.61 -72.11 24.03
N VAL P 350 -35.01 -72.24 22.74
CA VAL P 350 -36.03 -71.55 21.99
C VAL P 350 -35.60 -70.15 21.58
N ASN P 351 -34.28 -69.85 21.62
CA ASN P 351 -33.69 -68.58 21.24
C ASN P 351 -34.37 -67.41 21.85
N CYS P 352 -34.51 -67.51 23.18
CA CYS P 352 -35.03 -66.47 24.03
C CYS P 352 -34.00 -65.58 24.64
N ASP P 353 -32.73 -66.02 24.76
CA ASP P 353 -31.79 -65.33 25.60
C ASP P 353 -31.68 -63.88 25.21
N LYS P 354 -31.39 -63.61 23.93
CA LYS P 354 -31.28 -62.25 23.49
C LYS P 354 -32.62 -61.56 23.49
N LEU P 355 -33.62 -62.22 22.89
CA LEU P 355 -34.90 -61.62 22.63
C LEU P 355 -35.65 -61.26 23.88
N THR P 356 -35.59 -62.10 24.92
CA THR P 356 -36.38 -61.83 26.08
C THR P 356 -35.96 -60.50 26.63
N THR P 357 -34.64 -60.27 26.73
CA THR P 357 -34.19 -59.02 27.26
C THR P 357 -34.61 -57.93 26.33
N ILE P 358 -34.53 -58.20 25.01
CA ILE P 358 -34.80 -57.21 24.02
C ILE P 358 -36.23 -56.74 24.13
N ILE P 359 -37.18 -57.69 24.23
CA ILE P 359 -38.58 -57.40 24.29
C ILE P 359 -38.88 -56.65 25.55
N GLU P 360 -38.18 -56.98 26.65
CA GLU P 360 -38.48 -56.40 27.92
C GLU P 360 -38.40 -54.92 27.82
N SER P 361 -37.37 -54.41 27.12
CA SER P 361 -37.23 -52.99 27.01
C SER P 361 -38.41 -52.47 26.26
N SER P 362 -38.94 -53.28 25.32
CA SER P 362 -40.05 -52.88 24.51
C SER P 362 -41.25 -52.64 25.36
N LEU P 363 -41.47 -53.50 26.37
CA LEU P 363 -42.65 -53.39 27.18
C LEU P 363 -42.61 -52.10 27.94
N ASN P 364 -41.42 -51.70 28.41
CA ASN P 364 -41.29 -50.55 29.26
C ASN P 364 -41.75 -49.33 28.53
N VAL P 365 -41.57 -49.28 27.20
CA VAL P 365 -41.88 -48.10 26.47
C VAL P 365 -43.34 -47.71 26.61
N LEU P 366 -44.27 -48.70 26.67
CA LEU P 366 -45.70 -48.43 26.80
C LEU P 366 -46.04 -48.27 28.29
N GLU P 367 -47.34 -47.98 28.67
CA GLU P 367 -47.72 -47.76 30.05
C GLU P 367 -48.32 -49.01 30.64
N PRO P 368 -47.63 -49.48 31.64
CA PRO P 368 -47.86 -50.73 32.28
C PRO P 368 -49.22 -50.98 32.85
N ALA P 369 -49.89 -49.98 33.44
CA ALA P 369 -51.10 -50.39 34.10
C ALA P 369 -52.09 -50.90 33.11
N GLU P 370 -52.50 -50.04 32.16
CA GLU P 370 -53.51 -50.51 31.26
C GLU P 370 -52.95 -51.37 30.18
N TYR P 371 -51.95 -50.83 29.46
CA TYR P 371 -51.41 -51.47 28.29
C TYR P 371 -50.64 -52.70 28.64
N ARG P 372 -49.78 -52.61 29.66
CA ARG P 372 -48.99 -53.76 30.00
C ARG P 372 -49.93 -54.85 30.41
N LYS P 373 -50.96 -54.50 31.19
CA LYS P 373 -51.91 -55.47 31.65
C LYS P 373 -52.71 -55.99 30.51
N MET P 374 -53.17 -55.10 29.61
CA MET P 374 -54.03 -55.50 28.54
C MET P 374 -53.33 -56.47 27.62
N PHE P 375 -52.05 -56.20 27.34
CA PHE P 375 -51.23 -57.08 26.53
C PHE P 375 -50.97 -58.36 27.26
N ASP P 376 -50.79 -58.27 28.59
CA ASP P 376 -50.37 -59.42 29.35
C ASP P 376 -51.38 -60.51 29.20
N ARG P 377 -52.66 -60.15 29.01
CA ARG P 377 -53.76 -61.05 28.91
C ARG P 377 -53.70 -61.90 27.66
N LEU P 378 -53.15 -61.37 26.56
CA LEU P 378 -53.22 -61.99 25.24
C LEU P 378 -52.67 -63.38 25.27
N SER P 379 -51.89 -63.72 26.31
CA SER P 379 -51.22 -64.99 26.41
C SER P 379 -52.13 -66.21 26.18
N VAL P 380 -53.26 -66.44 26.92
CA VAL P 380 -54.08 -67.66 26.75
C VAL P 380 -54.90 -67.50 25.51
N PHE P 381 -54.27 -67.84 24.37
CA PHE P 381 -54.86 -67.79 23.07
C PHE P 381 -54.02 -68.66 22.20
N PRO P 382 -54.63 -69.12 21.16
CA PRO P 382 -53.84 -69.88 20.23
C PRO P 382 -52.94 -69.00 19.43
N PRO P 383 -51.73 -69.47 19.25
CA PRO P 383 -50.75 -68.72 18.52
C PRO P 383 -50.93 -68.88 17.06
N SER P 384 -50.61 -67.83 16.28
CA SER P 384 -50.65 -67.90 14.85
C SER P 384 -51.99 -68.38 14.44
N ALA P 385 -53.02 -68.15 15.29
CA ALA P 385 -54.30 -68.61 14.89
C ALA P 385 -55.23 -67.45 14.97
N HIS P 386 -55.65 -66.96 13.79
CA HIS P 386 -56.52 -65.83 13.62
C HIS P 386 -57.64 -65.91 14.62
N ILE P 387 -57.63 -64.98 15.59
CA ILE P 387 -58.62 -64.97 16.61
C ILE P 387 -59.40 -63.71 16.48
N PRO P 388 -60.69 -63.85 16.41
CA PRO P 388 -61.53 -62.70 16.21
C PRO P 388 -61.52 -61.77 17.37
N THR P 389 -61.86 -60.48 17.12
CA THR P 389 -61.83 -59.44 18.10
C THR P 389 -62.80 -59.74 19.19
N ILE P 390 -63.98 -60.30 18.85
CA ILE P 390 -64.97 -60.58 19.84
C ILE P 390 -64.35 -61.46 20.87
N LEU P 391 -63.52 -62.42 20.41
CA LEU P 391 -62.82 -63.31 21.27
C LEU P 391 -61.83 -62.52 22.07
N LEU P 392 -61.19 -61.56 21.40
CA LEU P 392 -60.15 -60.75 21.92
C LEU P 392 -60.69 -59.93 23.05
N SER P 393 -61.94 -59.45 22.91
CA SER P 393 -62.52 -58.58 23.89
C SER P 393 -62.61 -59.30 25.20
N LEU P 394 -62.83 -60.62 25.20
CA LEU P 394 -62.98 -61.28 26.46
C LEU P 394 -61.72 -61.10 27.25
N ILE P 395 -60.58 -61.41 26.64
CA ILE P 395 -59.31 -61.29 27.28
C ILE P 395 -58.94 -59.85 27.47
N TRP P 396 -59.12 -59.01 26.44
CA TRP P 396 -58.63 -57.68 26.57
C TRP P 396 -59.39 -56.95 27.63
N PHE P 397 -60.71 -57.16 27.76
CA PHE P 397 -61.48 -56.39 28.70
C PHE P 397 -61.05 -56.60 30.12
N ASP P 398 -60.30 -55.64 30.70
CA ASP P 398 -60.14 -55.51 32.12
C ASP P 398 -61.18 -54.55 32.60
N VAL P 399 -61.54 -53.43 31.72
CA VAL P 399 -62.49 -52.37 31.82
C VAL P 399 -63.29 -52.59 30.59
N ILE P 400 -64.47 -51.96 30.42
CA ILE P 400 -65.13 -52.39 29.24
C ILE P 400 -65.64 -51.27 28.39
N LYS P 401 -65.51 -51.51 27.07
CA LYS P 401 -65.92 -50.68 25.97
C LYS P 401 -64.73 -50.43 25.12
N SER P 402 -64.83 -49.41 24.24
CA SER P 402 -63.84 -49.11 23.26
C SER P 402 -62.53 -48.82 23.92
N ASP P 403 -62.52 -48.68 25.26
CA ASP P 403 -61.34 -48.35 25.98
C ASP P 403 -60.34 -49.39 25.63
N VAL P 404 -60.81 -50.63 25.62
CA VAL P 404 -60.03 -51.78 25.31
C VAL P 404 -59.59 -51.67 23.88
N MET P 405 -60.48 -51.12 23.04
CA MET P 405 -60.22 -50.99 21.64
C MET P 405 -59.03 -50.08 21.46
N VAL P 406 -59.02 -48.93 22.15
CA VAL P 406 -57.96 -47.96 22.04
C VAL P 406 -56.70 -48.42 22.70
N VAL P 407 -56.82 -49.03 23.90
CA VAL P 407 -55.66 -49.36 24.66
C VAL P 407 -54.82 -50.33 23.87
N VAL P 408 -55.44 -51.28 23.15
CA VAL P 408 -54.66 -52.16 22.33
C VAL P 408 -54.03 -51.34 21.25
N ASN P 409 -54.76 -50.31 20.78
CA ASN P 409 -54.40 -49.54 19.63
C ASN P 409 -53.07 -48.89 19.81
N LYS P 410 -52.79 -48.35 21.01
CA LYS P 410 -51.57 -47.62 21.23
C LYS P 410 -50.40 -48.53 20.99
N LEU P 411 -50.57 -49.80 21.39
CA LEU P 411 -49.49 -50.72 21.16
C LEU P 411 -49.45 -51.23 19.72
N HIS P 412 -50.69 -51.56 19.19
CA HIS P 412 -51.25 -52.46 18.21
C HIS P 412 -50.68 -52.15 16.89
N LYS P 413 -50.37 -50.87 16.69
CA LYS P 413 -50.12 -50.39 15.39
C LYS P 413 -48.99 -51.20 14.83
N TYR P 414 -48.15 -51.77 15.77
CA TYR P 414 -46.71 -51.54 15.89
C TYR P 414 -46.20 -52.25 14.74
N SER P 415 -46.66 -53.47 14.74
CA SER P 415 -45.99 -54.55 14.26
C SER P 415 -46.59 -55.60 15.09
N LEU P 416 -45.67 -56.44 15.57
CA LEU P 416 -45.98 -57.79 15.87
C LEU P 416 -46.01 -57.89 17.35
N VAL P 417 -46.49 -56.80 17.96
CA VAL P 417 -46.98 -56.98 19.27
C VAL P 417 -48.24 -57.76 19.13
N GLU P 418 -49.28 -57.13 18.54
CA GLU P 418 -50.45 -57.73 17.97
C GLU P 418 -50.70 -57.18 16.60
N LYS P 419 -51.37 -57.96 15.72
CA LYS P 419 -51.63 -57.44 14.41
C LYS P 419 -53.09 -57.59 14.13
N GLN P 420 -53.70 -56.59 13.48
CA GLN P 420 -55.09 -56.73 13.17
C GLN P 420 -55.31 -56.57 11.70
N PRO P 421 -55.82 -57.62 11.12
CA PRO P 421 -56.13 -57.63 9.71
C PRO P 421 -57.29 -56.78 9.33
N LYS P 422 -58.19 -56.78 10.22
CA LYS P 422 -59.39 -56.06 9.92
C LYS P 422 -60.20 -56.03 11.18
N GLU P 423 -61.44 -55.53 11.10
CA GLU P 423 -62.31 -55.39 12.24
C GLU P 423 -62.55 -56.75 12.82
N SER P 424 -62.50 -57.79 11.96
CA SER P 424 -62.78 -59.16 12.32
C SER P 424 -61.86 -59.73 13.37
N THR P 425 -60.52 -59.76 13.16
CA THR P 425 -59.77 -60.48 14.18
C THR P 425 -58.42 -59.89 14.38
N ILE P 426 -57.78 -60.28 15.50
CA ILE P 426 -56.43 -59.90 15.72
C ILE P 426 -55.70 -61.16 16.03
N SER P 427 -54.44 -61.28 15.58
CA SER P 427 -53.76 -62.50 15.89
C SER P 427 -52.58 -62.09 16.69
N ILE P 428 -51.96 -63.04 17.43
CA ILE P 428 -50.74 -62.73 18.12
C ILE P 428 -49.66 -62.86 17.08
N PRO P 429 -48.88 -61.83 16.99
CA PRO P 429 -48.04 -61.73 15.85
C PRO P 429 -47.15 -62.74 15.42
N SER P 430 -46.39 -63.28 16.34
CA SER P 430 -45.51 -64.26 15.89
C SER P 430 -44.99 -64.82 17.14
N ILE P 431 -44.04 -65.74 16.96
CA ILE P 431 -43.39 -66.50 17.97
C ILE P 431 -42.67 -65.56 18.90
N TYR P 432 -42.12 -64.46 18.37
CA TYR P 432 -41.31 -63.60 19.17
C TYR P 432 -42.02 -63.05 20.37
N LEU P 433 -43.20 -62.43 20.16
CA LEU P 433 -43.86 -61.80 21.26
C LEU P 433 -44.27 -62.86 22.23
N GLU P 434 -44.90 -63.93 21.70
CA GLU P 434 -45.46 -64.96 22.52
C GLU P 434 -44.37 -65.64 23.27
N LEU P 435 -43.20 -65.79 22.63
CA LEU P 435 -42.12 -66.50 23.25
C LEU P 435 -41.81 -65.76 24.50
N LYS P 436 -41.84 -64.43 24.44
CA LYS P 436 -41.55 -63.64 25.61
C LYS P 436 -42.54 -63.95 26.68
N VAL P 437 -43.84 -63.91 26.33
CA VAL P 437 -44.87 -64.03 27.31
C VAL P 437 -44.88 -65.40 27.92
N LYS P 438 -44.67 -66.45 27.11
CA LYS P 438 -44.80 -67.76 27.65
C LYS P 438 -43.86 -67.99 28.80
N LEU P 439 -42.60 -67.52 28.71
CA LEU P 439 -41.70 -67.75 29.80
C LEU P 439 -42.21 -67.05 31.03
N GLU P 440 -42.67 -65.79 30.90
CA GLU P 440 -43.06 -65.05 32.06
C GLU P 440 -44.54 -65.08 32.23
N ASN P 441 -45.02 -65.73 33.30
CA ASN P 441 -46.44 -65.75 33.52
C ASN P 441 -46.62 -65.95 35.00
N GLU P 442 -47.85 -65.69 35.52
CA GLU P 442 -48.14 -65.82 36.92
C GLU P 442 -49.41 -66.60 37.02
N TYR P 443 -49.90 -66.97 38.22
CA TYR P 443 -51.03 -67.82 38.05
C TYR P 443 -52.25 -66.99 38.04
N ALA P 444 -52.35 -66.15 36.98
CA ALA P 444 -53.45 -65.41 36.44
C ALA P 444 -54.20 -66.39 35.57
N LEU P 445 -53.45 -67.39 35.08
CA LEU P 445 -53.91 -68.29 34.09
C LEU P 445 -55.19 -68.93 34.49
N HIS P 446 -55.39 -69.27 35.78
CA HIS P 446 -56.60 -69.95 36.15
C HIS P 446 -57.78 -69.12 35.77
N ARG P 447 -57.77 -67.82 36.07
CA ARG P 447 -58.91 -67.01 35.77
C ARG P 447 -59.10 -66.98 34.28
N SER P 448 -58.01 -66.86 33.52
CA SER P 448 -58.15 -66.75 32.10
C SER P 448 -58.76 -67.99 31.54
N ILE P 449 -58.30 -69.16 32.00
CA ILE P 449 -58.80 -70.40 31.47
C ILE P 449 -60.25 -70.50 31.81
N VAL P 450 -60.63 -70.06 33.03
CA VAL P 450 -61.99 -70.18 33.43
C VAL P 450 -62.82 -69.32 32.52
N ASP P 451 -62.28 -68.17 32.09
CA ASP P 451 -63.03 -67.27 31.27
C ASP P 451 -63.41 -68.00 30.01
N HIS P 452 -62.49 -68.81 29.48
CA HIS P 452 -62.76 -69.52 28.25
C HIS P 452 -63.90 -70.45 28.47
N TYR P 453 -63.98 -71.12 29.62
CA TYR P 453 -65.09 -72.02 29.81
C TYR P 453 -66.35 -71.22 29.75
N ASN P 454 -66.34 -70.05 30.40
CA ASN P 454 -67.52 -69.24 30.48
C ASN P 454 -67.95 -68.83 29.11
N ILE P 455 -66.99 -68.48 28.23
CA ILE P 455 -67.42 -67.99 26.95
C ILE P 455 -68.20 -69.04 26.19
N PRO P 456 -67.79 -70.28 25.98
CA PRO P 456 -68.74 -71.15 25.35
C PRO P 456 -69.95 -71.46 26.16
N LYS P 457 -69.88 -71.31 27.50
CA LYS P 457 -71.05 -71.57 28.27
C LYS P 457 -72.11 -70.60 27.84
N THR P 458 -71.74 -69.32 27.70
CA THR P 458 -72.69 -68.32 27.33
C THR P 458 -73.21 -68.62 25.97
N PHE P 459 -72.31 -68.97 25.03
CA PHE P 459 -72.77 -69.28 23.71
C PHE P 459 -73.60 -70.51 23.83
N ASP P 460 -74.88 -70.43 23.41
CA ASP P 460 -75.68 -71.61 23.51
C ASP P 460 -76.87 -71.43 22.62
N SER P 461 -77.17 -72.47 21.82
CA SER P 461 -78.35 -72.44 21.01
C SER P 461 -79.18 -73.58 21.52
N ASP P 462 -80.49 -73.61 21.21
CA ASP P 462 -81.32 -74.65 21.75
C ASP P 462 -80.77 -75.96 21.33
N ASP P 463 -80.52 -76.11 20.02
CA ASP P 463 -79.99 -77.35 19.57
C ASP P 463 -78.50 -77.31 19.59
N LEU P 464 -77.91 -78.36 19.00
CA LEU P 464 -76.53 -78.72 18.98
C LEU P 464 -75.64 -77.84 18.17
N ILE P 465 -76.16 -76.80 17.47
CA ILE P 465 -75.28 -76.03 16.61
C ILE P 465 -74.83 -74.74 17.26
N PRO P 466 -73.52 -74.64 17.32
CA PRO P 466 -72.85 -73.49 17.90
C PRO P 466 -72.81 -72.27 17.01
N PRO P 467 -72.76 -71.14 17.64
CA PRO P 467 -72.67 -69.84 17.00
C PRO P 467 -71.29 -69.51 16.49
N TYR P 468 -70.32 -70.45 16.60
CA TYR P 468 -68.92 -70.28 16.26
C TYR P 468 -68.68 -69.24 15.21
N LEU P 469 -67.61 -68.46 15.44
CA LEU P 469 -67.21 -67.33 14.66
C LEU P 469 -66.23 -67.77 13.63
N ASP P 470 -65.26 -66.93 13.24
CA ASP P 470 -64.45 -67.28 12.09
C ASP P 470 -63.81 -68.63 12.22
N GLN P 471 -62.54 -68.70 12.68
CA GLN P 471 -61.95 -70.01 12.88
C GLN P 471 -61.62 -70.32 14.30
N TYR P 472 -61.35 -69.26 15.11
CA TYR P 472 -60.72 -69.36 16.41
C TYR P 472 -61.39 -70.39 17.19
N PHE P 473 -62.71 -70.28 17.31
CA PHE P 473 -63.41 -71.15 18.19
C PHE P 473 -63.19 -72.56 17.75
N TYR P 474 -63.30 -72.82 16.44
CA TYR P 474 -63.21 -74.18 15.99
C TYR P 474 -61.88 -74.76 16.39
N SER P 475 -60.77 -74.06 16.10
CA SER P 475 -59.49 -74.61 16.44
C SER P 475 -59.27 -74.62 17.93
N HIS P 476 -59.41 -73.43 18.54
CA HIS P 476 -59.06 -73.07 19.90
C HIS P 476 -59.91 -73.71 20.97
N ILE P 477 -61.23 -73.90 20.73
CA ILE P 477 -62.13 -74.27 21.79
C ILE P 477 -61.70 -75.51 22.49
N GLY P 478 -61.35 -76.57 21.75
CA GLY P 478 -61.01 -77.81 22.38
C GLY P 478 -59.80 -77.64 23.24
N HIS P 479 -58.81 -76.85 22.75
CA HIS P 479 -57.58 -76.69 23.46
C HIS P 479 -57.84 -76.09 24.80
N HIS P 480 -58.65 -75.02 24.85
CA HIS P 480 -58.89 -74.36 26.11
C HIS P 480 -59.61 -75.31 26.99
N LEU P 481 -60.56 -76.08 26.41
CA LEU P 481 -61.37 -77.03 27.11
C LEU P 481 -60.51 -78.08 27.73
N LYS P 482 -59.51 -78.58 26.98
CA LYS P 482 -58.71 -79.65 27.51
C LYS P 482 -58.11 -79.17 28.78
N ASN P 483 -57.61 -77.94 28.76
CA ASN P 483 -57.01 -77.44 29.95
C ASN P 483 -58.06 -77.36 31.01
N ILE P 484 -59.27 -76.87 30.65
CA ILE P 484 -60.23 -76.65 31.70
C ILE P 484 -60.69 -77.92 32.34
N GLU P 485 -61.17 -78.91 31.56
CA GLU P 485 -61.69 -80.11 32.15
C GLU P 485 -62.21 -81.03 31.09
N HIS P 486 -62.52 -82.27 31.52
CA HIS P 486 -63.10 -83.31 30.72
C HIS P 486 -64.53 -83.06 30.34
N PRO P 487 -65.45 -82.76 31.25
CA PRO P 487 -66.85 -82.73 30.91
C PRO P 487 -67.23 -81.92 29.71
N GLU P 488 -66.72 -80.69 29.57
CA GLU P 488 -67.11 -79.88 28.44
C GLU P 488 -66.60 -80.52 27.21
N ARG P 489 -65.37 -81.07 27.31
CA ARG P 489 -64.70 -81.61 26.18
C ARG P 489 -65.57 -82.66 25.58
N MET P 490 -66.18 -83.50 26.43
CA MET P 490 -66.97 -84.60 25.96
C MET P 490 -68.08 -84.09 25.09
N THR P 491 -68.84 -83.09 25.55
CA THR P 491 -69.95 -82.63 24.76
C THR P 491 -69.47 -81.91 23.54
N LEU P 492 -68.49 -81.00 23.72
CA LEU P 492 -68.04 -80.17 22.64
C LEU P 492 -67.37 -80.96 21.58
N PHE P 493 -66.49 -81.92 21.96
CA PHE P 493 -65.76 -82.67 20.98
C PHE P 493 -66.76 -83.36 20.15
N ARG P 494 -67.92 -83.71 20.72
CA ARG P 494 -68.89 -84.16 19.77
C ARG P 494 -68.29 -85.46 19.25
N MET P 495 -67.60 -86.11 20.19
CA MET P 495 -67.29 -87.46 19.93
C MET P 495 -68.65 -88.00 20.23
N VAL P 496 -69.22 -87.39 21.28
CA VAL P 496 -70.56 -87.64 21.68
C VAL P 496 -71.51 -87.17 20.60
N PHE P 497 -71.21 -85.88 20.26
CA PHE P 497 -72.18 -85.31 19.40
C PHE P 497 -71.71 -85.23 18.03
N LEU P 498 -72.74 -85.58 17.28
CA LEU P 498 -72.62 -85.95 15.95
C LEU P 498 -72.70 -84.71 15.09
N ASP P 499 -73.27 -83.68 15.69
CA ASP P 499 -73.38 -82.44 15.02
C ASP P 499 -72.06 -81.86 14.63
N PHE P 500 -70.99 -81.95 15.43
CA PHE P 500 -69.78 -81.29 15.03
C PHE P 500 -69.04 -82.13 14.10
N ARG P 501 -69.46 -83.41 14.01
CA ARG P 501 -68.99 -84.15 12.90
C ARG P 501 -69.37 -83.30 11.72
N PHE P 502 -70.67 -82.99 11.57
CA PHE P 502 -71.20 -82.06 10.61
C PHE P 502 -70.45 -80.76 10.63
N LEU P 503 -70.57 -79.91 11.71
CA LEU P 503 -70.18 -78.56 11.52
C LEU P 503 -68.73 -78.35 11.37
N GLU P 504 -67.91 -79.01 12.20
CA GLU P 504 -66.51 -78.75 12.09
C GLU P 504 -66.08 -79.10 10.72
N GLN P 505 -66.53 -80.26 10.25
CA GLN P 505 -66.12 -80.78 8.99
C GLN P 505 -66.55 -79.88 7.86
N LYS P 506 -67.84 -79.50 7.77
CA LYS P 506 -68.14 -78.75 6.58
C LYS P 506 -67.55 -77.39 6.63
N ILE P 507 -67.54 -76.73 7.80
CA ILE P 507 -66.97 -75.41 7.80
C ILE P 507 -65.51 -75.35 7.48
N ARG P 508 -64.64 -76.24 8.00
CA ARG P 508 -63.27 -76.02 7.61
C ARG P 508 -63.00 -76.72 6.31
N HIS P 509 -63.86 -76.45 5.30
CA HIS P 509 -63.73 -76.81 3.92
C HIS P 509 -63.07 -75.71 3.16
N ASP P 510 -63.19 -74.47 3.68
CA ASP P 510 -62.77 -73.25 3.04
C ASP P 510 -61.29 -73.12 2.96
N SER P 511 -60.84 -72.67 1.77
CA SER P 511 -59.49 -72.37 1.41
C SER P 511 -59.58 -71.90 0.00
N THR P 512 -58.46 -71.42 -0.56
CA THR P 512 -58.50 -71.05 -1.95
C THR P 512 -57.41 -71.79 -2.62
N ALA P 513 -57.76 -72.83 -3.41
CA ALA P 513 -56.74 -73.53 -4.12
C ALA P 513 -57.36 -74.06 -5.36
N TRP P 514 -56.64 -73.94 -6.49
CA TRP P 514 -57.19 -74.48 -7.68
C TRP P 514 -57.24 -75.94 -7.51
N ASN P 515 -56.09 -76.56 -7.15
CA ASN P 515 -56.00 -77.98 -7.07
C ASN P 515 -56.82 -78.48 -5.94
N ALA P 516 -57.31 -79.71 -6.14
CA ALA P 516 -58.20 -80.43 -5.31
C ALA P 516 -57.69 -80.70 -3.90
N SER P 517 -56.36 -80.75 -3.67
CA SER P 517 -56.09 -80.81 -2.25
C SER P 517 -54.75 -80.16 -2.03
N GLY P 518 -54.05 -80.52 -0.93
CA GLY P 518 -52.86 -79.99 -0.39
C GLY P 518 -53.14 -80.15 1.06
N SER P 519 -52.34 -79.54 1.95
CA SER P 519 -52.64 -79.72 3.35
C SER P 519 -53.06 -78.38 3.88
N ILE P 520 -54.33 -78.26 4.29
CA ILE P 520 -54.84 -77.05 4.89
C ILE P 520 -55.74 -77.45 6.01
N LEU P 521 -56.06 -76.49 6.91
CA LEU P 521 -56.95 -76.77 7.99
C LEU P 521 -58.21 -77.38 7.47
N ASN P 522 -58.44 -78.63 7.89
CA ASN P 522 -59.60 -79.38 7.52
C ASN P 522 -59.74 -80.38 8.62
N THR P 523 -59.95 -81.64 8.23
CA THR P 523 -60.10 -82.73 9.15
C THR P 523 -58.84 -82.82 9.95
N LEU P 524 -57.70 -82.42 9.35
CA LEU P 524 -56.42 -82.61 9.96
C LEU P 524 -56.41 -82.00 11.33
N GLN P 525 -56.91 -80.76 11.48
CA GLN P 525 -56.90 -80.14 12.78
C GLN P 525 -57.86 -80.83 13.70
N GLN P 526 -59.03 -81.23 13.18
CA GLN P 526 -60.08 -81.83 13.96
C GLN P 526 -59.55 -83.06 14.63
N LEU P 527 -58.88 -83.94 13.85
CA LEU P 527 -58.35 -85.16 14.37
C LEU P 527 -57.33 -84.80 15.40
N LYS P 528 -56.61 -83.69 15.18
CA LYS P 528 -55.58 -83.28 16.09
C LYS P 528 -56.18 -83.00 17.43
N PHE P 529 -57.37 -82.37 17.47
CA PHE P 529 -57.92 -82.03 18.75
C PHE P 529 -58.23 -83.27 19.50
N TYR P 530 -58.83 -84.25 18.82
CA TYR P 530 -59.28 -85.40 19.53
C TYR P 530 -58.12 -86.07 20.21
N LYS P 531 -56.98 -86.24 19.52
CA LYS P 531 -55.93 -87.01 20.12
C LYS P 531 -55.37 -86.37 21.37
N PRO P 532 -54.88 -85.16 21.41
CA PRO P 532 -54.37 -84.70 22.68
C PRO P 532 -55.39 -84.37 23.75
N TYR P 533 -56.61 -84.00 23.36
CA TYR P 533 -57.61 -83.58 24.29
C TYR P 533 -58.16 -84.71 25.12
N ILE P 534 -58.11 -85.97 24.62
CA ILE P 534 -58.81 -87.09 25.22
C ILE P 534 -58.38 -87.29 26.63
N CYS P 535 -57.13 -86.96 27.00
CA CYS P 535 -56.60 -87.30 28.28
C CYS P 535 -57.48 -86.76 29.36
N ASP P 536 -58.17 -85.63 29.09
CA ASP P 536 -58.97 -85.03 30.11
C ASP P 536 -60.03 -86.02 30.52
N ASN P 537 -60.33 -87.01 29.64
CA ASN P 537 -61.35 -88.01 29.90
C ASN P 537 -60.73 -89.33 30.31
N ASP P 538 -61.60 -90.37 30.41
CA ASP P 538 -61.22 -91.72 30.77
C ASP P 538 -61.33 -92.66 29.59
N PRO P 539 -61.15 -93.94 29.84
CA PRO P 539 -61.29 -94.92 28.78
C PRO P 539 -62.64 -95.10 28.17
N LYS P 540 -63.74 -95.03 28.96
CA LYS P 540 -65.04 -95.32 28.42
C LYS P 540 -65.25 -94.37 27.30
N TYR P 541 -64.95 -93.09 27.57
CA TYR P 541 -65.07 -92.07 26.57
C TYR P 541 -64.05 -92.34 25.52
N GLU P 542 -62.88 -92.86 25.94
CA GLU P 542 -61.78 -93.08 25.05
C GLU P 542 -62.20 -94.01 23.97
N ARG P 543 -62.95 -95.06 24.33
CA ARG P 543 -63.35 -95.96 23.28
C ARG P 543 -64.28 -95.25 22.36
N LEU P 544 -65.20 -94.43 22.91
CA LEU P 544 -66.16 -93.76 22.09
C LEU P 544 -65.42 -92.88 21.15
N VAL P 545 -64.43 -92.14 21.67
CA VAL P 545 -63.75 -91.23 20.81
C VAL P 545 -63.11 -91.97 19.69
N ASN P 546 -62.58 -93.18 19.95
CA ASN P 546 -61.97 -93.87 18.87
C ASN P 546 -63.02 -94.26 17.86
N ALA P 547 -64.24 -94.57 18.34
CA ALA P 547 -65.28 -95.01 17.44
C ALA P 547 -65.50 -93.92 16.44
N ILE P 548 -65.59 -92.67 16.91
CA ILE P 548 -65.83 -91.56 16.03
C ILE P 548 -64.64 -91.43 15.15
N LEU P 549 -63.46 -91.62 15.76
CA LEU P 549 -62.22 -91.41 15.07
C LEU P 549 -62.10 -92.38 13.94
N ASP P 550 -62.43 -93.66 14.14
CA ASP P 550 -62.29 -94.60 13.05
C ASP P 550 -63.26 -94.22 11.98
N PHE P 551 -64.45 -93.73 12.36
CA PHE P 551 -65.44 -93.42 11.38
C PHE P 551 -64.95 -92.32 10.49
N LEU P 552 -64.25 -91.33 11.06
CA LEU P 552 -63.80 -90.21 10.29
C LEU P 552 -62.85 -90.62 9.20
N PRO P 553 -61.77 -91.33 9.43
CA PRO P 553 -61.03 -91.75 8.28
C PRO P 553 -61.74 -92.74 7.44
N LYS P 554 -62.76 -93.42 7.99
CA LYS P 554 -63.43 -94.42 7.20
C LYS P 554 -64.06 -93.72 6.03
N ILE P 555 -64.70 -92.57 6.31
CA ILE P 555 -65.42 -91.89 5.28
C ILE P 555 -64.45 -91.27 4.33
N GLU P 556 -64.66 -91.56 3.03
CA GLU P 556 -63.82 -91.14 1.95
C GLU P 556 -64.20 -89.78 1.46
N GLU P 557 -63.31 -89.23 0.62
CA GLU P 557 -63.45 -87.92 0.07
C GLU P 557 -64.74 -87.84 -0.66
N ASN P 558 -65.57 -86.91 -0.19
CA ASN P 558 -66.85 -86.58 -0.73
C ASN P 558 -67.15 -85.23 -0.17
N LEU P 559 -68.31 -84.68 -0.54
CA LEU P 559 -68.76 -83.44 0.02
C LEU P 559 -69.64 -83.88 1.16
N ILE P 560 -69.35 -83.42 2.40
CA ILE P 560 -70.18 -83.76 3.53
C ILE P 560 -71.47 -83.04 3.28
N CYS P 561 -71.34 -81.75 2.92
CA CYS P 561 -72.50 -80.92 2.75
C CYS P 561 -73.40 -81.58 1.76
N SER P 562 -74.64 -81.81 2.21
CA SER P 562 -75.70 -82.48 1.52
C SER P 562 -76.86 -82.23 2.42
N LYS P 563 -77.95 -82.98 2.44
CA LYS P 563 -78.64 -82.63 3.61
C LYS P 563 -78.01 -83.24 4.73
N TYR P 564 -78.48 -82.70 5.81
CA TYR P 564 -77.99 -82.92 7.11
C TYR P 564 -78.25 -84.35 7.48
N THR P 565 -79.23 -84.93 6.80
CA THR P 565 -79.69 -86.27 6.91
C THR P 565 -78.55 -87.19 6.88
N ASP P 566 -77.64 -86.91 5.96
CA ASP P 566 -76.64 -87.87 5.67
C ASP P 566 -75.86 -88.21 6.88
N LEU P 567 -75.54 -87.20 7.66
CA LEU P 567 -74.72 -87.46 8.79
C LEU P 567 -75.45 -88.49 9.59
N LEU P 568 -76.78 -88.32 9.79
CA LEU P 568 -77.42 -89.21 10.70
C LEU P 568 -77.44 -90.60 10.12
N ARG P 569 -77.62 -90.81 8.76
CA ARG P 569 -77.60 -92.16 8.32
C ARG P 569 -76.24 -92.76 8.43
N ILE P 570 -75.15 -92.01 8.16
CA ILE P 570 -73.89 -92.70 8.31
C ILE P 570 -73.67 -93.07 9.74
N ALA P 571 -74.17 -92.25 10.67
CA ALA P 571 -73.99 -92.49 12.08
C ALA P 571 -74.54 -93.84 12.39
N LEU P 572 -75.60 -94.22 11.66
CA LEU P 572 -76.37 -95.41 11.88
C LEU P 572 -75.52 -96.66 11.76
N MET P 573 -74.41 -96.62 11.02
CA MET P 573 -73.68 -97.84 10.72
C MET P 573 -73.24 -98.63 11.94
N ALA P 574 -72.61 -98.04 12.98
CA ALA P 574 -72.18 -98.90 14.06
C ALA P 574 -73.05 -98.64 15.26
N GLU P 575 -73.71 -99.70 15.77
CA GLU P 575 -74.67 -99.60 16.85
C GLU P 575 -74.03 -99.18 18.15
N ASP P 576 -72.77 -99.57 18.37
CA ASP P 576 -72.07 -99.35 19.59
C ASP P 576 -71.80 -97.88 19.96
N GLU P 577 -71.98 -96.84 19.09
CA GLU P 577 -71.46 -95.50 19.40
C GLU P 577 -72.41 -94.39 19.81
N ALA P 578 -71.83 -93.41 20.57
CA ALA P 578 -72.43 -92.22 21.11
C ALA P 578 -72.82 -91.28 20.02
N ILE P 579 -72.02 -91.26 18.95
CA ILE P 579 -72.28 -90.43 17.82
C ILE P 579 -73.65 -90.74 17.30
N PHE P 580 -74.00 -92.03 17.20
CA PHE P 580 -75.28 -92.41 16.69
C PHE P 580 -76.36 -91.89 17.57
N GLU P 581 -76.18 -92.00 18.90
CA GLU P 581 -77.23 -91.55 19.76
C GLU P 581 -77.44 -90.09 19.51
N GLU P 582 -76.34 -89.34 19.32
CA GLU P 582 -76.43 -87.93 19.05
C GLU P 582 -77.09 -87.73 17.72
N ALA P 583 -76.76 -88.58 16.74
CA ALA P 583 -77.30 -88.44 15.41
C ALA P 583 -78.79 -88.56 15.51
N HIS P 584 -79.27 -89.50 16.32
CA HIS P 584 -80.68 -89.69 16.46
C HIS P 584 -81.29 -88.49 17.13
N LYS P 585 -80.61 -87.89 18.12
CA LYS P 585 -81.20 -86.77 18.79
C LYS P 585 -81.38 -85.64 17.83
N GLN P 586 -80.31 -85.36 17.08
CA GLN P 586 -80.32 -84.25 16.18
C GLN P 586 -81.36 -84.43 15.12
N VAL P 587 -81.55 -85.68 14.67
CA VAL P 587 -82.63 -85.89 13.76
C VAL P 587 -83.89 -85.48 14.47
N GLN P 588 -84.09 -85.89 15.72
CA GLN P 588 -85.32 -85.59 16.39
C GLN P 588 -85.54 -84.10 16.41
N ARG P 589 -84.52 -83.30 16.79
CA ARG P 589 -84.75 -81.88 16.74
C ARG P 589 -84.13 -81.40 15.45
N UNK P 590 -101.10 -63.71 -1.65
CA UNK P 590 -101.48 -65.13 -1.48
C UNK P 590 -100.33 -65.91 -0.93
N UNK P 591 -100.22 -67.20 -1.32
CA UNK P 591 -99.16 -68.01 -0.84
C UNK P 591 -97.89 -67.46 -1.43
N UNK P 592 -96.79 -67.55 -0.66
CA UNK P 592 -95.52 -67.07 -1.11
C UNK P 592 -94.89 -68.15 -1.93
N UNK P 593 -93.74 -67.84 -2.57
CA UNK P 593 -93.08 -68.80 -3.39
C UNK P 593 -92.74 -69.95 -2.51
N UNK P 594 -92.68 -71.15 -3.13
CA UNK P 594 -92.42 -72.36 -2.41
C UNK P 594 -91.06 -72.36 -1.79
N UNK P 595 -90.03 -71.85 -2.52
CA UNK P 595 -88.66 -71.73 -2.03
C UNK P 595 -88.23 -72.91 -1.22
N UNK P 596 -87.88 -74.04 -1.87
CA UNK P 596 -87.47 -75.20 -1.11
C UNK P 596 -85.98 -75.25 -1.07
N UNK P 597 -85.42 -75.57 0.12
CA UNK P 597 -83.99 -75.66 0.29
C UNK P 597 -83.55 -76.99 -0.24
N UNK P 598 -82.27 -77.11 -0.58
CA UNK P 598 -81.78 -78.36 -1.10
C UNK P 598 -81.74 -79.33 0.04
N UNK P 599 -82.01 -80.61 -0.26
CA UNK P 599 -81.97 -81.54 0.81
C UNK P 599 -81.13 -82.70 0.34
N UNK P 600 -80.70 -83.52 1.27
CA UNK P 600 -79.80 -84.58 1.03
C UNK P 600 -80.64 -85.45 0.21
N UNK P 601 -80.08 -86.10 -0.77
CA UNK P 601 -80.88 -87.07 -1.40
C UNK P 601 -80.74 -88.30 -0.58
N UNK P 602 -81.78 -89.16 -0.62
CA UNK P 602 -81.68 -90.39 0.09
C UNK P 602 -80.46 -91.04 -0.51
N UNK P 603 -79.45 -91.43 0.30
CA UNK P 603 -78.24 -91.79 -0.41
C UNK P 603 -77.69 -93.23 -0.28
N UNK P 604 -77.17 -93.86 -1.44
CA UNK P 604 -76.36 -95.12 -1.63
C UNK P 604 -75.56 -95.50 -3.24
N UNK P 605 -74.06 -95.55 -3.92
CA UNK P 605 -73.13 -95.95 -5.19
C UNK P 605 -71.74 -95.20 -5.51
N UNK P 606 -71.01 -94.51 -4.60
CA UNK P 606 -69.87 -93.61 -4.86
C UNK P 606 -68.59 -94.13 -5.49
N UNK P 607 -68.14 -95.35 -5.18
CA UNK P 607 -66.85 -95.77 -5.69
C UNK P 607 -66.87 -95.78 -7.17
N UNK P 608 -65.64 -95.71 -7.76
CA UNK P 608 -65.33 -95.78 -9.16
C UNK P 608 -65.02 -94.40 -9.63
N UNK P 609 -64.13 -94.31 -10.64
CA UNK P 609 -63.76 -93.06 -11.20
C UNK P 609 -64.88 -92.60 -12.06
N UNK P 610 -65.19 -91.29 -12.00
CA UNK P 610 -66.21 -90.78 -12.86
C UNK P 610 -65.70 -90.83 -14.25
N UNK P 611 -64.44 -90.41 -14.42
CA UNK P 611 -63.83 -90.33 -15.72
C UNK P 611 -62.85 -91.45 -15.90
N UNK P 612 -62.20 -91.47 -17.07
CA UNK P 612 -61.25 -92.48 -17.39
C UNK P 612 -60.10 -92.36 -16.46
N UNK P 613 -59.33 -93.45 -16.34
CA UNK P 613 -58.17 -93.41 -15.51
C UNK P 613 -56.98 -93.32 -16.41
N UNK P 614 -56.14 -92.29 -16.19
CA UNK P 614 -54.96 -92.03 -16.96
C UNK P 614 -53.89 -93.05 -16.75
N UNK P 615 -53.60 -93.44 -15.49
CA UNK P 615 -52.49 -94.32 -15.32
C UNK P 615 -52.73 -95.27 -14.19
N UNK P 616 -51.97 -96.39 -14.17
CA UNK P 616 -52.07 -97.36 -13.12
C UNK P 616 -50.68 -97.54 -12.59
N UNK P 617 -50.55 -97.75 -11.26
CA UNK P 617 -49.23 -97.91 -10.71
C UNK P 617 -49.31 -98.91 -9.60
N UNK P 618 -48.17 -99.58 -9.30
CA UNK P 618 -48.15 -100.56 -8.26
C UNK P 618 -47.32 -100.04 -7.13
N UNK P 619 -47.77 -100.27 -5.87
CA UNK P 619 -47.02 -99.83 -4.72
C UNK P 619 -45.87 -100.76 -4.57
N UNK P 620 -44.69 -100.23 -4.23
CA UNK P 620 -43.57 -101.12 -4.13
C UNK P 620 -43.74 -102.08 -2.98
N UNK P 621 -43.88 -101.54 -1.75
CA UNK P 621 -43.92 -102.39 -0.59
C UNK P 621 -45.20 -103.15 -0.41
N UNK P 622 -46.34 -102.43 -0.41
CA UNK P 622 -47.58 -103.05 -0.03
C UNK P 622 -48.27 -103.60 -1.23
N UNK P 623 -49.19 -104.55 -0.99
CA UNK P 623 -49.94 -105.01 -2.11
C UNK P 623 -51.08 -104.05 -2.22
N UNK P 624 -50.84 -102.96 -2.97
CA UNK P 624 -51.82 -101.96 -3.17
C UNK P 624 -51.47 -101.34 -4.48
N UNK P 625 -52.48 -100.81 -5.18
CA UNK P 625 -52.21 -100.21 -6.45
C UNK P 625 -52.86 -98.88 -6.45
N UNK P 626 -52.32 -97.92 -7.22
CA UNK P 626 -52.90 -96.61 -7.26
C UNK P 626 -53.39 -96.37 -8.64
N UNK P 627 -54.46 -95.57 -8.77
CA UNK P 627 -55.01 -95.29 -10.06
C UNK P 627 -54.99 -93.80 -10.25
N UNK P 628 -54.83 -93.37 -11.51
CA UNK P 628 -54.83 -91.97 -11.83
C UNK P 628 -56.05 -91.73 -12.65
N UNK P 629 -56.69 -90.57 -12.44
CA UNK P 629 -57.91 -90.25 -13.12
C UNK P 629 -58.22 -88.87 -12.69
N UNK P 630 -59.52 -88.53 -12.62
CA UNK P 630 -59.88 -87.22 -12.18
C UNK P 630 -59.29 -87.05 -10.83
N UNK P 631 -59.36 -88.12 -10.00
CA UNK P 631 -58.76 -88.08 -8.71
C UNK P 631 -57.98 -89.35 -8.57
N UNK P 632 -56.96 -89.36 -7.70
CA UNK P 632 -56.24 -90.59 -7.53
C UNK P 632 -57.01 -91.45 -6.58
N UNK P 633 -56.94 -92.77 -6.79
CA UNK P 633 -57.64 -93.68 -5.92
C UNK P 633 -56.68 -94.78 -5.60
N UNK P 634 -56.84 -95.39 -4.41
CA UNK P 634 -55.96 -96.46 -4.05
C UNK P 634 -56.82 -97.66 -3.85
N UNK P 635 -56.33 -98.83 -4.31
CA UNK P 635 -57.09 -100.02 -4.16
C UNK P 635 -56.12 -101.13 -3.96
N UNK P 636 -56.60 -102.28 -3.45
CA UNK P 636 -55.71 -103.38 -3.24
C UNK P 636 -55.91 -104.34 -4.37
N UNK P 637 -54.78 -104.77 -4.96
CA UNK P 637 -54.77 -105.74 -6.03
C UNK P 637 -55.31 -106.99 -5.45
N UNK P 638 -55.00 -107.19 -4.16
CA UNK P 638 -55.38 -108.35 -3.41
C UNK P 638 -56.87 -108.47 -3.44
N UNK P 639 -57.37 -109.50 -2.74
CA UNK P 639 -58.75 -109.87 -2.73
C UNK P 639 -59.60 -108.73 -2.27
N UNK P 640 -59.10 -107.91 -1.32
CA UNK P 640 -59.96 -106.87 -0.79
C UNK P 640 -60.42 -105.99 -1.91
N UNK P 641 -59.47 -105.50 -2.75
CA UNK P 641 -59.79 -104.69 -3.89
C UNK P 641 -60.79 -103.64 -3.53
N UNK P 642 -60.52 -102.85 -2.47
CA UNK P 642 -61.48 -101.86 -2.09
C UNK P 642 -60.84 -100.53 -2.26
N UNK P 643 -61.67 -99.48 -2.49
CA UNK P 643 -61.07 -98.18 -2.64
C UNK P 643 -60.66 -97.78 -1.27
N UNK P 644 -59.37 -97.99 -0.96
CA UNK P 644 -58.86 -97.70 0.34
C UNK P 644 -58.96 -96.23 0.59
N UNK P 645 -58.55 -95.40 -0.39
CA UNK P 645 -58.58 -94.00 -0.12
C UNK P 645 -58.75 -93.23 -1.39
N UNK P 646 -59.08 -91.92 -1.24
CA UNK P 646 -59.27 -91.00 -2.32
C UNK P 646 -58.17 -89.97 -2.26
N UNK P 647 -57.67 -89.58 -3.44
CA UNK P 647 -56.57 -88.66 -3.67
C UNK P 647 -56.80 -87.23 -3.27
N UNK P 648 -58.01 -86.70 -3.52
CA UNK P 648 -58.46 -85.41 -3.06
C UNK P 648 -58.00 -84.20 -3.80
N UNK P 649 -56.71 -84.31 -4.23
CA UNK P 649 -55.62 -83.44 -4.60
C UNK P 649 -55.68 -82.53 -5.83
N UNK P 650 -56.45 -82.77 -6.93
CA UNK P 650 -56.15 -81.92 -8.05
C UNK P 650 -57.32 -81.13 -8.55
N UNK P 651 -57.01 -79.85 -8.79
CA UNK P 651 -57.83 -78.75 -9.21
C UNK P 651 -58.37 -79.07 -10.51
N UNK P 652 -57.35 -79.30 -11.33
CA UNK P 652 -57.49 -79.47 -12.72
C UNK P 652 -57.84 -80.88 -12.91
N UNK P 653 -57.76 -81.31 -14.19
CA UNK P 653 -58.19 -82.63 -14.49
C UNK P 653 -57.34 -83.18 -15.59
N UNK P 654 -58.01 -83.81 -16.58
CA UNK P 654 -57.40 -84.51 -17.66
C UNK P 654 -56.83 -85.75 -17.07
N UNK P 655 -57.30 -86.08 -15.86
CA UNK P 655 -56.81 -87.19 -15.12
C UNK P 655 -55.47 -86.77 -14.62
N UNK P 656 -55.05 -87.26 -13.43
CA UNK P 656 -53.70 -86.94 -13.11
C UNK P 656 -52.99 -87.68 -14.19
N UNK P 657 -52.21 -86.95 -15.00
CA UNK P 657 -51.67 -87.56 -16.16
C UNK P 657 -50.81 -88.70 -15.74
N UNK P 658 -49.99 -88.50 -14.70
CA UNK P 658 -49.13 -89.57 -14.33
C UNK P 658 -48.99 -89.59 -12.84
N UNK P 659 -48.48 -90.72 -12.33
CA UNK P 659 -48.21 -90.85 -10.93
C UNK P 659 -46.91 -91.58 -10.85
N UNK P 660 -46.12 -91.29 -9.80
CA UNK P 660 -44.88 -91.99 -9.64
C UNK P 660 -44.67 -92.18 -8.19
N UNK P 661 -44.06 -93.30 -7.80
CA UNK P 661 -43.85 -93.54 -6.40
C UNK P 661 -42.38 -93.59 -6.17
N UNK P 662 -41.97 -93.16 -4.96
CA UNK P 662 -40.59 -93.21 -4.58
C UNK P 662 -40.29 -94.64 -4.29
N UNK P 663 -38.99 -95.00 -4.23
CA UNK P 663 -38.60 -96.34 -3.98
C UNK P 663 -39.12 -96.72 -2.63
N UNK P 664 -39.05 -95.78 -1.67
CA UNK P 664 -39.51 -95.99 -0.33
C UNK P 664 -40.97 -96.28 -0.40
N UNK P 665 -41.67 -95.65 -1.36
CA UNK P 665 -43.09 -95.76 -1.49
C UNK P 665 -43.69 -94.94 -0.39
N UNK P 666 -42.84 -94.15 0.28
CA UNK P 666 -43.30 -93.23 1.28
C UNK P 666 -44.07 -92.14 0.62
N UNK P 667 -43.57 -91.63 -0.53
CA UNK P 667 -44.22 -90.50 -1.13
C UNK P 667 -44.61 -90.82 -2.53
N UNK P 668 -45.69 -90.17 -3.00
CA UNK P 668 -46.15 -90.36 -4.35
C UNK P 668 -46.20 -89.01 -4.97
N UNK P 669 -45.93 -88.93 -6.29
CA UNK P 669 -45.98 -87.66 -6.96
C UNK P 669 -47.03 -87.79 -8.02
N UNK P 670 -47.75 -86.68 -8.29
CA UNK P 670 -48.80 -86.74 -9.27
C UNK P 670 -48.65 -85.57 -10.19
N UNK P 671 -49.23 -85.68 -11.41
CA UNK P 671 -49.17 -84.62 -12.36
C UNK P 671 -50.58 -84.34 -12.80
N UNK P 672 -50.85 -83.13 -13.32
CA UNK P 672 -52.20 -82.85 -13.67
C UNK P 672 -52.26 -81.68 -14.61
N UNK P 673 -53.50 -81.35 -15.01
CA UNK P 673 -53.85 -80.25 -15.87
C UNK P 673 -53.44 -79.00 -15.18
N UNK P 674 -53.43 -79.05 -13.83
CA UNK P 674 -53.15 -77.92 -12.99
C UNK P 674 -51.81 -77.40 -13.40
N UNK P 675 -50.95 -78.29 -13.92
CA UNK P 675 -49.60 -77.91 -14.24
C UNK P 675 -48.88 -77.73 -12.96
N UNK P 676 -49.35 -78.44 -11.93
CA UNK P 676 -48.71 -78.45 -10.67
C UNK P 676 -48.37 -79.88 -10.41
N UNK P 677 -47.28 -80.14 -9.67
CA UNK P 677 -47.01 -81.50 -9.34
C UNK P 677 -47.24 -81.62 -7.89
N UNK P 678 -48.29 -82.34 -7.50
CA UNK P 678 -48.49 -82.43 -6.10
C UNK P 678 -47.54 -83.44 -5.61
N UNK P 679 -46.94 -83.19 -4.43
CA UNK P 679 -46.34 -84.32 -3.83
C UNK P 679 -47.64 -84.91 -3.53
N UNK P 680 -48.00 -85.94 -4.35
CA UNK P 680 -49.30 -86.51 -4.42
C UNK P 680 -49.55 -86.84 -3.04
N UNK P 681 -48.49 -87.33 -2.38
CA UNK P 681 -48.76 -87.46 -1.01
C UNK P 681 -47.58 -87.88 -0.27
N UNK P 682 -47.76 -87.76 1.06
CA UNK P 682 -46.79 -88.16 2.01
C UNK P 682 -47.13 -87.36 3.26
N UNK P 683 -53.81 -88.12 4.45
CA UNK P 683 -52.79 -87.98 3.39
C UNK P 683 -52.98 -86.71 2.66
N UNK P 684 -52.21 -85.68 3.05
CA UNK P 684 -52.36 -84.41 2.41
C UNK P 684 -51.14 -84.20 1.60
N UNK P 685 -51.25 -83.39 0.54
CA UNK P 685 -50.11 -83.19 -0.31
C UNK P 685 -49.08 -82.49 0.51
N UNK P 686 -47.83 -82.98 0.44
CA UNK P 686 -46.76 -82.37 1.19
C UNK P 686 -46.55 -80.99 0.67
N UNK P 687 -46.53 -80.84 -0.66
CA UNK P 687 -46.29 -79.53 -1.21
C UNK P 687 -46.75 -79.53 -2.63
N UNK P 688 -46.93 -78.32 -3.19
CA UNK P 688 -47.34 -78.22 -4.56
C UNK P 688 -46.21 -77.55 -5.28
N UNK P 689 -45.87 -78.05 -6.49
CA UNK P 689 -44.80 -77.45 -7.22
C UNK P 689 -45.39 -76.86 -8.46
N UNK P 690 -44.99 -75.61 -8.78
CA UNK P 690 -45.52 -74.97 -9.93
C UNK P 690 -44.36 -74.55 -10.77
N UNK P 691 -44.60 -74.35 -12.07
CA UNK P 691 -43.51 -74.04 -12.93
C UNK P 691 -44.06 -74.05 -14.31
N UNK P 692 -44.16 -75.27 -14.87
CA UNK P 692 -44.58 -75.47 -16.23
C UNK P 692 -45.82 -74.69 -16.51
N UNK P 693 -45.81 -74.05 -17.70
CA UNK P 693 -46.86 -73.24 -18.24
C UNK P 693 -48.05 -74.08 -18.59
N UNK P 694 -47.82 -75.31 -19.10
CA UNK P 694 -48.92 -76.08 -19.61
C UNK P 694 -49.07 -77.35 -18.85
N UNK P 695 -50.03 -78.19 -19.32
CA UNK P 695 -50.35 -79.42 -18.67
C UNK P 695 -49.11 -80.25 -18.56
N UNK P 696 -48.98 -80.97 -17.42
CA UNK P 696 -47.82 -81.79 -17.23
C UNK P 696 -48.19 -83.19 -17.58
N UNK P 697 -47.56 -83.71 -18.64
CA UNK P 697 -47.78 -85.03 -19.15
C UNK P 697 -47.29 -86.10 -18.22
N UNK P 698 -46.08 -85.94 -17.63
CA UNK P 698 -45.61 -87.04 -16.85
C UNK P 698 -44.70 -86.55 -15.76
N UNK P 699 -44.58 -87.36 -14.69
CA UNK P 699 -43.73 -87.02 -13.58
C UNK P 699 -43.08 -88.28 -13.12
N UNK P 700 -41.90 -88.18 -12.50
CA UNK P 700 -41.28 -89.37 -12.01
C UNK P 700 -40.38 -88.99 -10.89
N UNK P 701 -40.19 -89.92 -9.94
CA UNK P 701 -39.30 -89.66 -8.85
C UNK P 701 -38.03 -90.36 -9.19
N UNK P 702 -36.88 -89.68 -8.98
CA UNK P 702 -35.62 -90.27 -9.28
C UNK P 702 -35.37 -91.35 -8.27
N UNK P 703 -34.55 -92.35 -8.65
CA UNK P 703 -34.26 -93.41 -7.74
C UNK P 703 -33.64 -92.80 -6.49
N UNK P 704 -34.55 -84.72 -7.48
CA UNK P 704 -35.69 -85.33 -6.78
C UNK P 704 -36.71 -85.84 -7.75
N UNK P 705 -37.33 -84.94 -8.52
CA UNK P 705 -38.36 -85.38 -9.41
C UNK P 705 -38.19 -84.71 -10.74
N UNK P 706 -38.71 -85.35 -11.81
CA UNK P 706 -38.63 -84.78 -13.12
C UNK P 706 -40.01 -84.78 -13.69
N UNK P 707 -40.31 -83.78 -14.55
CA UNK P 707 -41.61 -83.72 -15.15
C UNK P 707 -41.42 -83.26 -16.56
N UNK P 708 -42.44 -83.51 -17.41
CA UNK P 708 -42.40 -83.08 -18.79
C UNK P 708 -43.69 -82.39 -19.04
N UNK P 709 -43.71 -81.44 -20.00
CA UNK P 709 -44.94 -80.71 -20.17
C UNK P 709 -45.12 -80.32 -21.61
N UNK P 710 -46.30 -79.73 -21.87
CA UNK P 710 -46.72 -79.18 -23.12
C UNK P 710 -45.76 -78.08 -23.40
N UNK P 711 -45.19 -77.56 -22.30
CA UNK P 711 -44.24 -76.49 -22.30
C UNK P 711 -43.12 -76.93 -23.19
N UNK P 712 -42.95 -78.25 -23.35
CA UNK P 712 -41.87 -78.77 -24.15
C UNK P 712 -40.62 -78.52 -23.39
N UNK P 713 -40.75 -78.54 -22.06
CA UNK P 713 -39.61 -78.38 -21.21
C UNK P 713 -39.60 -79.54 -20.28
N UNK P 714 -38.40 -79.88 -19.77
CA UNK P 714 -38.26 -80.89 -18.78
C UNK P 714 -37.75 -80.17 -17.58
N UNK P 715 -38.31 -80.45 -16.40
CA UNK P 715 -37.86 -79.71 -15.26
C UNK P 715 -37.54 -80.67 -14.17
N UNK P 716 -36.57 -80.28 -13.32
CA UNK P 716 -36.21 -81.09 -12.20
C UNK P 716 -36.63 -80.32 -10.99
N UNK P 717 -37.22 -81.00 -9.99
CA UNK P 717 -37.66 -80.29 -8.83
C UNK P 717 -37.04 -80.92 -7.63
N UNK P 718 -36.84 -80.11 -6.57
CA UNK P 718 -36.27 -80.65 -5.37
C UNK P 718 -37.44 -81.11 -4.56
N UNK P 719 -34.42 -76.47 -9.91
CA UNK P 719 -33.04 -76.62 -10.27
C UNK P 719 -32.77 -76.71 -11.74
N UNK P 720 -33.51 -77.55 -12.50
CA UNK P 720 -33.04 -77.72 -13.84
C UNK P 720 -34.16 -77.58 -14.82
N UNK P 721 -33.77 -77.20 -16.05
CA UNK P 721 -34.68 -77.11 -17.15
C UNK P 721 -33.96 -77.72 -18.31
N UNK P 722 -34.67 -78.46 -19.17
CA UNK P 722 -33.96 -79.03 -20.27
C UNK P 722 -34.52 -78.49 -21.53
N UNK P 723 -33.66 -77.86 -22.35
CA UNK P 723 -34.09 -77.38 -23.62
C UNK P 723 -34.18 -78.61 -24.46
N UNK P 724 -35.05 -78.60 -25.48
CA UNK P 724 -35.19 -79.83 -26.19
C UNK P 724 -36.01 -79.59 -27.41
N UNK P 725 -36.73 -80.64 -27.84
CA UNK P 725 -37.52 -80.64 -29.02
C UNK P 725 -38.53 -79.54 -28.95
N UNK P 726 -38.95 -79.09 -30.14
CA UNK P 726 -39.91 -78.03 -30.31
C UNK P 726 -41.25 -78.47 -29.79
N UNK P 727 -41.62 -79.73 -30.06
CA UNK P 727 -42.91 -80.24 -29.70
C UNK P 727 -43.02 -80.49 -28.23
N UNK P 728 -44.25 -80.73 -27.76
CA UNK P 728 -44.52 -80.98 -26.36
C UNK P 728 -43.90 -82.29 -26.01
N UNK P 729 -43.58 -82.48 -24.71
CA UNK P 729 -42.96 -83.71 -24.30
C UNK P 729 -43.96 -84.55 -23.57
N UNK P 730 -44.19 -85.77 -24.10
CA UNK P 730 -45.13 -86.72 -23.57
C UNK P 730 -44.69 -87.31 -22.26
N UNK P 731 -43.41 -87.73 -22.12
CA UNK P 731 -43.07 -88.39 -20.90
C UNK P 731 -41.61 -88.30 -20.64
N UNK P 732 -41.22 -88.53 -19.37
CA UNK P 732 -39.82 -88.53 -19.01
C UNK P 732 -39.59 -89.73 -18.15
N UNK P 733 -38.44 -90.39 -18.33
CA UNK P 733 -38.17 -91.54 -17.51
C UNK P 733 -36.72 -91.49 -17.14
N UNK P 734 -36.43 -91.85 -15.87
CA UNK P 734 -35.07 -91.88 -15.43
C UNK P 734 -34.51 -93.23 -15.74
N UNK P 735 -33.17 -93.31 -15.79
CA UNK P 735 -32.51 -94.57 -16.00
C UNK P 735 -32.43 -95.21 -14.65
N UNK P 736 -32.22 -96.54 -14.62
CA UNK P 736 -32.12 -97.24 -13.38
C UNK P 736 -30.95 -96.64 -12.66
N UNK P 737 -29.88 -96.36 -13.42
CA UNK P 737 -28.69 -95.76 -12.91
C UNK P 737 -29.09 -94.42 -12.41
N UNK P 738 -30.10 -93.84 -13.08
CA UNK P 738 -30.55 -92.51 -12.80
C UNK P 738 -29.53 -91.61 -13.39
N UNK P 739 -28.61 -92.21 -14.16
CA UNK P 739 -27.58 -91.50 -14.84
C UNK P 739 -28.18 -90.65 -15.92
N UNK P 740 -29.16 -91.19 -16.67
CA UNK P 740 -29.67 -90.44 -17.79
C UNK P 740 -31.16 -90.45 -17.78
N UNK P 741 -31.76 -89.53 -18.58
CA UNK P 741 -33.19 -89.43 -18.65
C UNK P 741 -33.61 -89.57 -20.08
N UNK P 742 -34.80 -90.15 -20.30
CA UNK P 742 -35.31 -90.30 -21.63
C UNK P 742 -36.56 -89.50 -21.71
N UNK P 743 -36.74 -88.76 -22.82
CA UNK P 743 -37.91 -87.96 -22.97
C UNK P 743 -38.56 -88.37 -24.24
N UNK P 744 -39.90 -88.22 -24.31
CA UNK P 744 -40.60 -88.55 -25.50
C UNK P 744 -41.39 -87.34 -25.86
N UNK P 745 -41.53 -87.09 -27.17
CA UNK P 745 -42.24 -85.92 -27.58
C UNK P 745 -42.76 -86.20 -28.95
N UNK P 746 -43.50 -85.23 -29.51
CA UNK P 746 -44.00 -85.45 -30.83
C UNK P 746 -42.83 -85.61 -31.74
N UNK P 747 -41.81 -84.75 -31.58
CA UNK P 747 -40.69 -84.74 -32.47
C UNK P 747 -39.89 -86.01 -32.40
N UNK P 748 -39.53 -86.49 -31.20
CA UNK P 748 -38.69 -87.65 -31.16
C UNK P 748 -38.47 -88.04 -29.74
N UNK P 749 -37.68 -89.11 -29.52
CA UNK P 749 -37.36 -89.52 -28.19
C UNK P 749 -35.92 -89.18 -27.98
N UNK P 750 -35.61 -88.50 -26.87
CA UNK P 750 -34.25 -88.13 -26.67
C UNK P 750 -33.79 -88.61 -25.33
N UNK P 751 -32.49 -88.94 -25.23
CA UNK P 751 -31.92 -89.35 -23.99
C UNK P 751 -31.00 -88.24 -23.58
N UNK P 752 -31.02 -87.88 -22.29
CA UNK P 752 -30.18 -86.79 -21.88
C UNK P 752 -29.43 -87.20 -20.65
N UNK P 753 -28.23 -86.63 -20.48
CA UNK P 753 -27.43 -86.90 -19.32
C UNK P 753 -28.01 -86.11 -18.20
N UNK P 754 -27.68 -86.50 -16.95
CA UNK P 754 -28.19 -85.82 -15.80
C UNK P 754 -27.70 -84.38 -15.84
N UNK P 755 -27.09 -84.40 -24.83
CA UNK P 755 -27.56 -84.94 -26.11
C UNK P 755 -26.69 -86.07 -26.57
N UNK P 756 -26.72 -87.19 -25.81
CA UNK P 756 -25.92 -88.33 -26.17
C UNK P 756 -26.38 -88.81 -27.50
N UNK P 757 -27.71 -88.91 -27.68
CA UNK P 757 -28.21 -89.37 -28.94
C UNK P 757 -29.70 -89.25 -28.89
N UNK P 758 -30.36 -89.37 -30.07
CA UNK P 758 -31.79 -89.28 -30.10
C UNK P 758 -32.27 -90.20 -31.17
N UNK P 759 -33.52 -90.69 -31.05
CA UNK P 759 -34.00 -91.60 -32.02
C UNK P 759 -34.62 -90.86 -33.16
N UNK P 760 -33.90 -90.88 -34.29
CA UNK P 760 -34.26 -90.31 -35.56
C UNK P 760 -35.37 -91.12 -36.15
N UNK P 761 -35.40 -92.42 -35.81
CA UNK P 761 -36.23 -93.38 -36.46
C UNK P 761 -37.67 -92.94 -36.50
N UNK P 762 -38.20 -92.34 -35.42
CA UNK P 762 -39.59 -91.94 -35.49
C UNK P 762 -39.70 -90.97 -36.61
N UNK P 763 -38.75 -90.01 -36.66
CA UNK P 763 -38.65 -89.07 -37.74
C UNK P 763 -39.85 -88.18 -37.79
N UNK P 764 -39.63 -86.98 -38.35
CA UNK P 764 -40.64 -86.00 -38.59
C UNK P 764 -41.57 -86.57 -39.61
N UNK P 765 -41.00 -87.31 -40.57
CA UNK P 765 -41.76 -87.90 -41.63
C UNK P 765 -42.83 -88.72 -41.00
N UNK P 766 -43.87 -89.08 -41.78
CA UNK P 766 -45.01 -89.77 -41.28
C UNK P 766 -44.56 -90.94 -40.47
N UNK P 767 -44.66 -90.73 -39.15
CA UNK P 767 -44.33 -91.61 -38.09
C UNK P 767 -44.03 -90.64 -37.01
N UNK P 768 -44.65 -90.80 -35.83
CA UNK P 768 -44.41 -89.76 -34.88
C UNK P 768 -45.30 -89.98 -33.71
N UNK P 769 -45.50 -88.91 -32.92
CA UNK P 769 -46.32 -88.96 -31.76
C UNK P 769 -45.92 -90.12 -30.91
N UNK P 770 -44.71 -90.06 -30.34
CA UNK P 770 -44.29 -91.15 -29.50
C UNK P 770 -44.82 -90.93 -28.13
N UNK P 771 -45.82 -91.76 -27.77
CA UNK P 771 -46.55 -91.77 -26.53
C UNK P 771 -45.74 -92.25 -25.36
N UNK P 772 -44.94 -93.32 -25.51
CA UNK P 772 -44.39 -93.85 -24.30
C UNK P 772 -42.97 -94.27 -24.47
N UNK P 773 -42.29 -94.43 -23.32
CA UNK P 773 -40.94 -94.91 -23.31
C UNK P 773 -40.78 -95.70 -22.07
N UNK P 774 -39.99 -96.77 -22.16
CA UNK P 774 -39.75 -97.57 -21.00
C UNK P 774 -38.31 -97.89 -21.06
N UNK P 775 -37.70 -98.06 -19.88
CA UNK P 775 -36.33 -98.38 -19.85
C UNK P 775 -36.28 -99.83 -19.63
N UNK P 776 -35.31 -100.45 -20.29
CA UNK P 776 -35.17 -101.86 -20.18
C UNK P 776 -34.57 -102.17 -18.84
N UNK P 777 -34.66 -103.47 -18.49
CA UNK P 777 -34.04 -104.10 -17.36
C UNK P 777 -32.61 -104.12 -17.78
N UNK P 778 -32.05 -105.25 -18.30
CA UNK P 778 -30.76 -105.09 -18.95
C UNK P 778 -31.06 -104.05 -20.12
N UNK P 779 -30.07 -103.10 -20.68
CA UNK P 779 -29.92 -101.78 -21.48
C UNK P 779 -30.52 -101.51 -22.85
N UNK P 780 -31.41 -100.48 -22.85
CA UNK P 780 -32.11 -100.05 -24.02
C UNK P 780 -33.30 -99.30 -23.55
N UNK P 781 -34.09 -98.77 -24.50
CA UNK P 781 -35.29 -98.05 -24.18
C UNK P 781 -36.30 -98.50 -25.19
N UNK P 782 -37.59 -98.42 -24.82
CA UNK P 782 -38.59 -98.83 -25.76
C UNK P 782 -39.59 -97.73 -25.84
N UNK P 783 -40.12 -97.51 -27.06
CA UNK P 783 -41.08 -96.46 -27.21
C UNK P 783 -42.17 -96.97 -28.10
N UNK P 784 -43.35 -96.33 -28.01
CA UNK P 784 -44.46 -96.67 -28.85
C UNK P 784 -45.09 -95.39 -29.24
N UNK P 785 -45.71 -95.32 -30.44
CA UNK P 785 -46.28 -94.07 -30.85
C UNK P 785 -47.75 -94.24 -31.11
N UNK P 786 -48.55 -93.25 -30.67
CA UNK P 786 -49.96 -93.21 -30.89
C UNK P 786 -50.20 -92.97 -32.35
N UNK P 787 -49.31 -92.19 -32.97
CA UNK P 787 -49.40 -91.71 -34.31
C UNK P 787 -49.49 -92.82 -35.28
N UNK P 788 -49.34 -92.47 -36.56
CA UNK P 788 -49.54 -93.36 -37.66
C UNK P 788 -48.65 -94.55 -37.48
N UNK P 789 -47.42 -94.36 -36.96
CA UNK P 789 -46.57 -95.50 -36.82
C UNK P 789 -47.25 -96.50 -35.93
N UNK P 790 -47.74 -96.04 -34.76
CA UNK P 790 -48.47 -96.88 -33.85
C UNK P 790 -47.71 -98.16 -33.66
N UNK P 791 -46.39 -98.09 -33.45
CA UNK P 791 -45.73 -99.35 -33.30
C UNK P 791 -44.76 -99.23 -32.19
N UNK P 792 -44.36 -100.38 -31.61
CA UNK P 792 -43.37 -100.37 -30.59
C UNK P 792 -42.07 -100.26 -31.30
N UNK P 793 -41.10 -99.59 -30.67
CA UNK P 793 -39.82 -99.48 -31.27
C UNK P 793 -38.87 -99.93 -30.21
N UNK P 794 -37.85 -100.71 -30.61
CA UNK P 794 -36.90 -101.15 -29.64
C UNK P 794 -35.57 -100.72 -30.11
N UNK P 795 -34.73 -100.22 -29.19
CA UNK P 795 -33.43 -99.79 -29.61
C UNK P 795 -32.57 -99.68 -28.39
N UNK P 796 -31.24 -99.65 -28.62
CA UNK P 796 -30.32 -99.47 -27.54
C UNK P 796 -29.84 -98.06 -27.65
N UNK P 797 -29.74 -97.36 -26.51
CA UNK P 797 -29.36 -95.99 -26.56
C UNK P 797 -27.97 -95.87 -27.07
N UNK P 798 -27.05 -96.74 -26.61
CA UNK P 798 -25.69 -96.57 -27.03
C UNK P 798 -25.61 -96.77 -28.51
N UNK P 799 -26.24 -97.85 -29.01
CA UNK P 799 -26.18 -98.17 -30.41
C UNK P 799 -26.89 -97.11 -31.19
N UNK P 800 -28.04 -96.62 -30.68
CA UNK P 800 -28.83 -95.67 -31.42
C UNK P 800 -29.38 -96.34 -32.64
N UNK P 801 -29.52 -97.67 -32.59
CA UNK P 801 -30.08 -98.38 -33.70
C UNK P 801 -31.32 -99.05 -33.19
N UNK P 802 -32.33 -99.21 -34.07
CA UNK P 802 -33.56 -99.83 -33.64
C UNK P 802 -33.42 -101.29 -33.90
N UNK P 803 -33.55 -102.11 -32.84
CA UNK P 803 -33.40 -103.51 -32.99
C UNK P 803 -34.49 -104.04 -33.87
N UNK P 804 -35.75 -103.64 -33.62
CA UNK P 804 -36.81 -104.15 -34.44
C UNK P 804 -38.05 -103.40 -34.13
N UNK P 805 -39.04 -103.49 -35.03
CA UNK P 805 -40.28 -102.81 -34.79
C UNK P 805 -41.36 -103.85 -34.74
N UNK P 806 -42.32 -103.70 -33.80
CA UNK P 806 -43.38 -104.67 -33.70
C UNK P 806 -44.66 -104.01 -34.12
N UNK P 807 -45.48 -104.70 -34.94
CA UNK P 807 -46.71 -104.11 -35.44
C UNK P 807 -47.80 -104.07 -34.35
N UNK P 808 -48.72 -103.02 -34.35
CA UNK P 808 -49.81 -102.72 -33.37
C UNK P 808 -51.14 -101.94 -33.99
N UNK P 809 -52.13 -101.17 -33.19
CA UNK P 809 -53.40 -100.27 -33.24
C UNK P 809 -52.92 -98.86 -32.99
N UNK P 810 -52.90 -98.31 -31.74
CA UNK P 810 -52.16 -97.12 -31.37
C UNK P 810 -51.69 -97.49 -30.00
N UNK P 811 -50.38 -97.34 -29.69
CA UNK P 811 -49.91 -97.87 -28.43
C UNK P 811 -49.86 -96.79 -27.39
N UNK P 812 -50.70 -96.99 -26.36
CA UNK P 812 -50.78 -96.15 -25.20
C UNK P 812 -49.60 -96.32 -24.29
N UNK P 813 -49.18 -97.57 -24.02
CA UNK P 813 -48.12 -97.72 -23.06
C UNK P 813 -47.31 -98.94 -23.38
N UNK P 814 -46.02 -98.89 -23.02
CA UNK P 814 -45.17 -100.01 -23.27
C UNK P 814 -44.51 -100.34 -21.98
N UNK P 815 -44.26 -101.65 -21.76
CA UNK P 815 -43.62 -102.04 -20.54
C UNK P 815 -42.82 -103.25 -20.83
N UNK P 816 -41.82 -103.52 -19.98
CA UNK P 816 -41.02 -104.70 -20.17
C UNK P 816 -41.31 -105.57 -19.01
N UNK P 817 -41.34 -106.90 -19.22
CA UNK P 817 -41.60 -107.73 -18.09
C UNK P 817 -40.45 -107.54 -17.17
N UNK P 818 -40.75 -107.17 -15.91
CA UNK P 818 -39.72 -106.93 -14.95
C UNK P 818 -39.02 -108.21 -14.65
N UNK P 819 -39.83 -109.26 -14.45
CA UNK P 819 -39.31 -110.52 -14.02
C UNK P 819 -38.77 -110.31 -12.65
N UNK P 820 -39.12 -111.22 -11.73
CA UNK P 820 -38.66 -111.11 -10.38
C UNK P 820 -37.27 -111.66 -10.35
N UNK P 821 -36.58 -111.45 -9.21
CA UNK P 821 -35.23 -111.94 -9.00
C UNK P 821 -34.42 -111.64 -10.20
N UNK P 822 -33.99 -110.37 -10.34
CA UNK P 822 -33.23 -109.93 -11.46
C UNK P 822 -34.26 -109.72 -12.51
N UNK P 823 -33.93 -108.93 -13.54
CA UNK P 823 -34.99 -108.72 -14.47
C UNK P 823 -34.64 -109.42 -15.73
N UNK P 824 -35.68 -109.99 -16.37
CA UNK P 824 -35.50 -110.65 -17.62
C UNK P 824 -36.71 -110.30 -18.41
N UNK P 825 -36.54 -110.00 -19.71
CA UNK P 825 -37.75 -109.74 -20.41
C UNK P 825 -37.89 -110.74 -21.51
N UNK P 826 -38.69 -111.78 -21.27
CA UNK P 826 -38.98 -112.77 -22.27
C UNK P 826 -39.82 -112.12 -23.32
N UNK P 827 -40.81 -111.33 -22.87
CA UNK P 827 -41.73 -110.70 -23.76
C UNK P 827 -42.02 -109.34 -23.22
N UNK P 828 -42.64 -108.49 -24.05
CA UNK P 828 -42.95 -107.16 -23.61
C UNK P 828 -44.43 -107.05 -23.51
N UNK P 829 -44.90 -106.21 -22.56
CA UNK P 829 -46.31 -106.03 -22.40
C UNK P 829 -46.65 -104.67 -22.88
N UNK P 830 -47.76 -104.55 -23.61
CA UNK P 830 -48.13 -103.26 -24.08
C UNK P 830 -49.62 -103.18 -24.07
N UNK P 831 -50.13 -101.94 -23.94
CA UNK P 831 -51.53 -101.72 -23.93
C UNK P 831 -51.76 -100.76 -25.06
N UNK P 832 -52.95 -100.83 -25.70
CA UNK P 832 -53.15 -99.96 -26.81
C UNK P 832 -54.47 -99.29 -26.67
N UNK P 833 -54.60 -98.14 -27.36
CA UNK P 833 -55.81 -97.40 -27.40
C UNK P 833 -56.65 -97.97 -28.47
N UNK P 834 -57.95 -97.67 -28.42
CA UNK P 834 -58.84 -98.12 -29.43
C UNK P 834 -59.64 -96.95 -29.84
N UNK P 835 -59.87 -96.83 -31.16
CA UNK P 835 -60.63 -95.80 -31.78
C UNK P 835 -62.02 -96.31 -31.85
N UNK P 836 -62.89 -95.65 -32.64
CA UNK P 836 -64.25 -96.06 -32.71
C UNK P 836 -64.27 -97.49 -33.15
N UNK P 837 -63.52 -97.85 -34.21
CA UNK P 837 -63.51 -99.25 -34.52
C UNK P 837 -62.82 -99.87 -33.38
N UNK P 838 -63.33 -101.01 -32.84
CA UNK P 838 -62.64 -101.47 -31.69
C UNK P 838 -61.79 -102.64 -32.05
N UNK P 839 -60.71 -102.40 -32.83
CA UNK P 839 -59.81 -103.48 -33.07
C UNK P 839 -58.94 -103.74 -31.88
N UNK P 840 -58.22 -102.68 -31.40
CA UNK P 840 -57.27 -103.03 -30.39
C UNK P 840 -57.52 -102.36 -29.09
N UNK P 841 -58.39 -103.02 -28.32
CA UNK P 841 -58.76 -102.84 -26.96
C UNK P 841 -57.73 -103.48 -26.07
N UNK P 842 -57.00 -104.48 -26.61
CA UNK P 842 -56.22 -105.39 -25.83
C UNK P 842 -54.90 -104.91 -25.30
N UNK P 843 -54.44 -105.69 -24.31
CA UNK P 843 -53.13 -105.58 -23.76
C UNK P 843 -52.44 -106.75 -24.37
N UNK P 844 -51.28 -106.54 -25.01
CA UNK P 844 -50.71 -107.67 -25.66
C UNK P 844 -49.33 -107.87 -25.17
N UNK P 845 -48.94 -109.15 -25.10
CA UNK P 845 -47.61 -109.46 -24.71
C UNK P 845 -46.95 -109.90 -25.97
N UNK P 846 -45.77 -109.33 -26.27
CA UNK P 846 -45.16 -109.73 -27.49
C UNK P 846 -43.94 -110.50 -27.15
N UNK P 847 -43.80 -111.71 -27.74
CA UNK P 847 -42.60 -112.43 -27.48
C UNK P 847 -41.55 -111.64 -28.14
N UNK P 848 -40.47 -111.33 -27.42
CA UNK P 848 -39.45 -110.53 -28.00
C UNK P 848 -38.68 -111.44 -28.95
N UNK P 849 -44.27 -112.16 -33.43
CA UNK P 849 -45.57 -111.45 -33.37
C UNK P 849 -46.09 -111.49 -31.98
N UNK P 850 -47.19 -110.77 -31.72
CA UNK P 850 -47.68 -110.82 -30.38
C UNK P 850 -48.08 -112.23 -30.11
N UNK P 851 -47.63 -112.77 -28.95
CA UNK P 851 -47.93 -114.12 -28.63
C UNK P 851 -49.40 -114.27 -28.42
N UNK P 852 -50.00 -113.34 -27.65
CA UNK P 852 -51.40 -113.47 -27.41
C UNK P 852 -51.95 -112.13 -27.04
N UNK P 853 -53.27 -111.97 -27.21
CA UNK P 853 -53.89 -110.73 -26.86
C UNK P 853 -55.10 -111.06 -26.08
N UNK P 854 -64.80 -102.43 -23.92
CA UNK P 854 -64.73 -101.65 -25.11
C UNK P 854 -64.30 -100.30 -24.67
N UNK P 855 -63.14 -99.84 -25.18
CA UNK P 855 -62.62 -98.55 -24.83
C UNK P 855 -61.16 -98.63 -25.04
N UNK P 856 -60.49 -97.48 -24.90
CA UNK P 856 -59.07 -97.51 -25.00
C UNK P 856 -58.55 -97.89 -23.65
N UNK P 857 -57.39 -98.58 -23.62
CA UNK P 857 -56.80 -98.85 -22.34
C UNK P 857 -55.70 -97.86 -22.23
N UNK P 858 -55.85 -96.88 -21.31
CA UNK P 858 -54.90 -95.82 -21.21
C UNK P 858 -53.57 -96.32 -20.76
N UNK P 859 -53.53 -97.17 -19.71
CA UNK P 859 -52.25 -97.53 -19.20
C UNK P 859 -52.29 -98.94 -18.70
N UNK P 860 -51.11 -99.44 -18.27
CA UNK P 860 -51.02 -100.77 -17.74
C UNK P 860 -49.89 -100.77 -16.77
N UNK P 861 -49.81 -101.81 -15.93
CA UNK P 861 -48.72 -101.90 -15.00
C UNK P 861 -48.43 -103.35 -14.76
N UNK P 862 -47.14 -103.69 -14.61
CA UNK P 862 -46.75 -105.05 -14.35
C UNK P 862 -45.99 -105.02 -13.07
N UNK P 863 -46.03 -106.13 -12.30
CA UNK P 863 -45.34 -106.13 -11.05
C UNK P 863 -44.16 -107.03 -11.16
N UNK P 864 -42.99 -106.54 -10.69
CA UNK P 864 -41.81 -107.35 -10.74
C UNK P 864 -41.94 -108.51 -9.80
N UNK P 865 -42.37 -108.21 -8.56
CA UNK P 865 -42.47 -109.20 -7.53
C UNK P 865 -43.54 -110.20 -7.81
N UNK P 866 -44.73 -109.74 -8.21
CA UNK P 866 -45.84 -110.66 -8.35
C UNK P 866 -46.32 -110.63 -9.75
N UNK P 867 -46.96 -111.74 -10.18
CA UNK P 867 -47.47 -111.75 -11.50
C UNK P 867 -48.87 -111.24 -11.41
N UNK P 868 -49.08 -110.00 -11.90
CA UNK P 868 -50.37 -109.40 -11.91
C UNK P 868 -50.21 -108.23 -12.80
N UNK P 869 -51.31 -107.77 -13.42
CA UNK P 869 -51.19 -106.62 -14.28
C UNK P 869 -52.40 -105.80 -14.03
N UNK P 870 -52.28 -104.47 -14.19
CA UNK P 870 -53.42 -103.63 -13.97
C UNK P 870 -53.67 -102.91 -15.25
N UNK P 871 -54.95 -102.61 -15.55
CA UNK P 871 -55.28 -101.92 -16.76
C UNK P 871 -56.23 -100.83 -16.41
N UNK P 872 -56.11 -99.69 -17.14
CA UNK P 872 -56.98 -98.58 -16.91
C UNK P 872 -57.56 -98.21 -18.24
N UNK P 873 -58.78 -97.62 -18.27
CA UNK P 873 -59.35 -97.30 -19.54
C UNK P 873 -59.68 -95.84 -19.63
N UNK P 874 -59.29 -95.25 -20.78
CA UNK P 874 -59.42 -93.88 -21.21
C UNK P 874 -60.82 -93.46 -21.56
N UNK P 875 -61.64 -94.35 -22.12
CA UNK P 875 -62.89 -93.78 -22.52
C UNK P 875 -63.70 -93.40 -21.32
N UNK P 876 -64.13 -92.12 -21.28
CA UNK P 876 -64.99 -91.64 -20.25
C UNK P 876 -66.37 -91.91 -20.74
N UNK P 877 -67.36 -92.03 -19.82
CA UNK P 877 -68.68 -92.35 -20.25
C UNK P 877 -68.56 -93.63 -20.99
N UNK P 878 -67.63 -94.46 -20.50
CA UNK P 878 -67.29 -95.72 -21.07
C UNK P 878 -66.73 -96.49 -19.94
N UNK P 879 -65.84 -97.46 -20.22
CA UNK P 879 -65.36 -98.19 -19.08
C UNK P 879 -64.21 -97.46 -18.48
N UNK P 880 -64.43 -96.89 -17.28
CA UNK P 880 -63.33 -96.34 -16.55
C UNK P 880 -63.20 -97.33 -15.44
N UNK P 881 -62.23 -98.26 -15.60
CA UNK P 881 -62.16 -99.28 -14.60
C UNK P 881 -60.77 -99.77 -14.54
N UNK P 882 -60.42 -100.37 -13.38
CA UNK P 882 -59.10 -100.92 -13.25
C UNK P 882 -59.28 -102.40 -13.31
N UNK P 883 -58.51 -103.06 -14.18
CA UNK P 883 -58.59 -104.49 -14.25
C UNK P 883 -57.26 -105.01 -13.87
N UNK P 884 -57.22 -106.01 -12.97
CA UNK P 884 -55.94 -106.54 -12.60
C UNK P 884 -56.00 -108.02 -12.82
N UNK P 885 -55.19 -108.58 -13.73
CA UNK P 885 -55.41 -109.99 -13.90
C UNK P 885 -54.15 -110.70 -14.21
N UNK P 886 -54.01 -111.97 -13.74
CA UNK P 886 -52.85 -112.62 -14.23
C UNK P 886 -53.04 -112.90 -15.70
N UNK P 887 -53.82 -113.97 -16.06
CA UNK P 887 -54.24 -114.20 -17.41
C UNK P 887 -55.65 -113.80 -17.71
N UNK P 888 -56.56 -114.53 -17.02
CA UNK P 888 -57.98 -114.50 -17.25
C UNK P 888 -58.49 -113.29 -16.56
N UNK P 889 -59.75 -112.92 -16.83
CA UNK P 889 -60.27 -111.74 -16.21
C UNK P 889 -60.14 -111.92 -14.74
N UNK P 890 -59.55 -110.92 -14.08
CA UNK P 890 -59.33 -111.00 -12.67
C UNK P 890 -59.33 -109.60 -12.16
N UNK P 891 -59.48 -109.46 -10.84
CA UNK P 891 -59.46 -108.19 -10.16
C UNK P 891 -60.87 -107.73 -10.04
N UNK P 892 -61.06 -106.57 -9.39
CA UNK P 892 -62.39 -106.13 -9.14
C UNK P 892 -62.69 -104.89 -9.92
N UNK P 893 -63.99 -104.66 -10.15
CA UNK P 893 -64.46 -103.49 -10.84
C UNK P 893 -65.29 -102.72 -9.86
N UNK P 894 -65.35 -101.38 -10.02
CA UNK P 894 -66.08 -100.63 -9.05
C UNK P 894 -67.41 -100.24 -9.63
N UNK P 895 -68.48 -100.34 -8.82
CA UNK P 895 -69.75 -99.93 -9.36
C UNK P 895 -69.83 -98.43 -9.28
N UNK P 896 -70.50 -97.65 -10.13
CA UNK P 896 -70.47 -96.20 -9.90
C UNK P 896 -71.75 -95.65 -9.31
N UNK P 897 -72.03 -94.33 -9.41
CA UNK P 897 -72.92 -93.63 -8.46
C UNK P 897 -73.94 -92.45 -8.91
N UNK P 898 -74.29 -91.26 -8.02
CA UNK P 898 -75.10 -89.97 -8.04
C UNK P 898 -76.37 -90.44 -8.64
N UNK P 899 -77.33 -89.61 -9.11
CA UNK P 899 -78.39 -90.42 -9.64
C UNK P 899 -78.71 -90.05 -11.06
N UNK P 900 -78.71 -91.07 -11.95
CA UNK P 900 -79.13 -90.90 -13.31
C UNK P 900 -80.61 -90.71 -13.35
N UNK P 901 -81.36 -91.56 -12.61
CA UNK P 901 -82.79 -91.49 -12.61
C UNK P 901 -83.27 -92.19 -11.37
N UNK P 902 -84.55 -91.97 -10.99
CA UNK P 902 -84.99 -92.64 -9.81
C UNK P 902 -86.45 -92.91 -9.94
N UNK P 903 -86.93 -93.93 -9.21
CA UNK P 903 -88.33 -94.24 -9.19
C UNK P 903 -88.66 -94.61 -7.78
N UNK P 904 -89.79 -94.11 -7.26
CA UNK P 904 -90.17 -94.43 -5.92
C UNK P 904 -90.93 -95.72 -5.94
N UNK P 905 -90.97 -96.42 -4.78
CA UNK P 905 -91.73 -97.63 -4.72
C UNK P 905 -93.16 -97.22 -4.73
N UNK P 906 -94.03 -97.99 -5.40
CA UNK P 906 -95.39 -97.57 -5.43
C UNK P 906 -95.94 -97.63 -4.04
N UNK P 907 -95.76 -98.78 -3.37
CA UNK P 907 -96.28 -98.97 -2.04
C UNK P 907 -95.55 -98.13 -1.05
N UNK P 908 -94.22 -98.05 -1.17
CA UNK P 908 -93.47 -97.41 -0.12
C UNK P 908 -92.80 -96.18 -0.64
N UNK P 909 -92.49 -95.27 0.32
CA UNK P 909 -91.86 -94.01 0.10
C UNK P 909 -90.47 -94.21 -0.41
N UNK P 910 -89.81 -95.30 0.05
CA UNK P 910 -88.42 -95.58 -0.23
C UNK P 910 -88.14 -95.37 -1.68
N UNK P 911 -86.90 -94.94 -2.00
CA UNK P 911 -86.60 -94.62 -3.35
C UNK P 911 -85.57 -95.53 -3.88
N UNK P 912 -85.68 -95.81 -5.18
CA UNK P 912 -84.72 -96.60 -5.87
C UNK P 912 -84.15 -95.68 -6.90
N UNK P 913 -82.82 -95.71 -7.06
CA UNK P 913 -82.30 -94.82 -8.05
C UNK P 913 -81.21 -95.53 -8.76
N UNK P 914 -81.06 -95.23 -10.07
CA UNK P 914 -80.01 -95.80 -10.86
C UNK P 914 -78.83 -94.89 -10.74
N UNK P 915 -77.64 -95.42 -11.07
CA UNK P 915 -76.43 -94.66 -10.92
C UNK P 915 -75.70 -94.72 -12.21
N UNK P 916 -74.73 -93.80 -12.40
CA UNK P 916 -73.88 -93.79 -13.56
C UNK P 916 -73.24 -95.11 -13.48
N UNK P 917 -72.86 -95.49 -12.27
CA UNK P 917 -72.67 -96.84 -11.84
C UNK P 917 -73.35 -97.82 -12.63
N UNK P 918 -72.72 -98.96 -12.57
CA UNK P 918 -73.39 -100.14 -12.95
C UNK P 918 -74.47 -100.35 -11.92
N UNK P 919 -74.17 -100.07 -10.66
CA UNK P 919 -75.11 -100.26 -9.59
C UNK P 919 -76.24 -99.26 -9.59
N UNK P 920 -77.36 -99.72 -9.02
CA UNK P 920 -78.55 -98.97 -8.75
C UNK P 920 -78.78 -99.28 -7.31
N UNK P 921 -79.48 -98.43 -6.55
CA UNK P 921 -79.56 -98.81 -5.18
C UNK P 921 -80.91 -98.50 -4.65
N UNK P 922 -81.23 -99.17 -3.54
CA UNK P 922 -82.46 -98.94 -2.87
C UNK P 922 -82.08 -98.16 -1.67
N UNK P 923 -82.85 -97.10 -1.37
CA UNK P 923 -82.52 -96.37 -0.19
C UNK P 923 -83.79 -96.09 0.49
N UNK P 924 -83.70 -95.93 1.82
CA UNK P 924 -84.87 -95.63 2.56
C UNK P 924 -84.64 -94.31 3.19
N UNK P 925 -85.70 -93.50 3.25
CA UNK P 925 -85.64 -92.21 3.86
C UNK P 925 -86.46 -92.33 5.11
N UNK P 926 -86.04 -91.63 6.18
CA UNK P 926 -86.74 -91.74 7.41
C UNK P 926 -88.13 -91.23 7.22
N UNK P 927 -89.10 -91.84 7.94
CA UNK P 927 -90.48 -91.49 7.80
C UNK P 927 -90.66 -90.06 8.19
N UNK P 928 -90.04 -89.63 9.30
CA UNK P 928 -90.22 -88.27 9.69
C UNK P 928 -89.22 -87.47 8.92
N UNK P 929 -89.71 -86.78 7.88
CA UNK P 929 -88.88 -85.96 7.05
C UNK P 929 -88.40 -84.79 7.85
N UNK P 930 -89.28 -84.24 8.70
CA UNK P 930 -89.00 -83.04 9.44
C UNK P 930 -87.82 -83.29 10.31
N UNK P 931 -87.81 -84.47 10.92
CA UNK P 931 -86.71 -84.78 11.79
C UNK P 931 -85.50 -84.76 10.91
N UNK P 932 -84.29 -84.56 11.48
CA UNK P 932 -83.11 -84.56 10.69
C UNK P 932 -83.14 -85.88 9.99
N UNK P 933 -83.03 -85.81 8.66
CA UNK P 933 -83.22 -87.01 7.92
C UNK P 933 -82.05 -87.89 8.10
N UNK P 934 -82.18 -89.14 7.65
CA UNK P 934 -81.04 -89.99 7.60
C UNK P 934 -81.31 -90.76 6.36
N UNK P 935 -80.28 -91.09 5.56
CA UNK P 935 -80.63 -91.83 4.39
C UNK P 935 -79.80 -93.05 4.35
N UNK P 936 -80.45 -94.22 4.27
CA UNK P 936 -79.69 -95.43 4.35
C UNK P 936 -79.85 -96.18 3.09
N UNK P 937 -78.75 -96.86 2.71
CA UNK P 937 -78.78 -97.64 1.53
C UNK P 937 -79.31 -98.97 1.92
N UNK P 938 -80.50 -99.33 1.40
CA UNK P 938 -81.02 -100.62 1.72
C UNK P 938 -80.13 -101.63 1.08
N UNK P 939 -79.80 -101.43 -0.20
CA UNK P 939 -78.96 -102.41 -0.83
C UNK P 939 -78.54 -101.85 -2.14
N UNK P 940 -77.45 -102.42 -2.70
CA UNK P 940 -77.01 -101.97 -3.97
C UNK P 940 -77.23 -103.09 -4.93
N UNK P 941 -77.78 -102.75 -6.11
CA UNK P 941 -77.95 -103.73 -7.13
C UNK P 941 -76.92 -103.39 -8.13
N UNK P 942 -76.09 -104.36 -8.49
CA UNK P 942 -75.02 -104.04 -9.38
C UNK P 942 -75.18 -104.90 -10.58
N UNK P 943 -74.72 -104.38 -11.72
CA UNK P 943 -74.78 -105.11 -12.94
C UNK P 943 -73.48 -104.88 -13.59
N UNK P 944 -73.15 -105.71 -14.59
CA UNK P 944 -71.93 -105.56 -15.29
C UNK P 944 -71.94 -104.25 -16.02
N UNK P 945 -73.08 -103.94 -16.68
CA UNK P 945 -73.17 -102.80 -17.54
C UNK P 945 -72.85 -101.54 -16.78
N UNK P 946 -72.29 -100.57 -17.52
CA UNK P 946 -71.80 -99.36 -16.95
C UNK P 946 -72.87 -98.55 -16.30
N UNK P 947 -74.00 -98.30 -16.99
CA UNK P 947 -74.93 -97.38 -16.38
C UNK P 947 -76.29 -97.97 -16.38
N UNK P 948 -77.13 -97.49 -15.43
CA UNK P 948 -78.48 -98.00 -15.38
C UNK P 948 -79.36 -96.99 -16.05
N UNK P 949 -79.89 -97.37 -17.23
CA UNK P 949 -80.77 -96.53 -17.98
C UNK P 949 -82.09 -96.36 -17.31
N UNK P 950 -82.68 -97.47 -16.81
CA UNK P 950 -83.99 -97.29 -16.25
C UNK P 950 -84.27 -98.36 -15.24
N UNK P 951 -85.25 -98.08 -14.37
CA UNK P 951 -85.66 -99.04 -13.39
C UNK P 951 -87.14 -98.95 -13.33
N UNK P 952 -87.81 -100.11 -13.14
CA UNK P 952 -89.23 -100.06 -13.03
C UNK P 952 -89.61 -100.97 -11.93
N UNK P 953 -90.46 -100.49 -11.00
CA UNK P 953 -90.92 -101.32 -9.93
C UNK P 953 -92.13 -102.03 -10.42
N UNK P 954 -92.42 -103.20 -9.83
CA UNK P 954 -93.60 -103.91 -10.19
C UNK P 954 -94.72 -103.23 -9.48
N UNK P 955 -95.97 -103.52 -9.88
CA UNK P 955 -97.10 -102.91 -9.25
C UNK P 955 -97.05 -103.31 -7.81
N UNK P 956 -96.67 -104.57 -7.56
CA UNK P 956 -96.59 -105.10 -6.24
C UNK P 956 -95.58 -104.31 -5.48
N UNK P 957 -94.52 -103.85 -6.18
CA UNK P 957 -93.43 -103.14 -5.58
C UNK P 957 -92.61 -104.15 -4.85
N UNK P 958 -92.99 -105.44 -4.96
CA UNK P 958 -92.23 -106.49 -4.37
C UNK P 958 -90.92 -106.57 -5.09
N UNK P 959 -90.94 -106.44 -6.42
CA UNK P 959 -89.73 -106.59 -7.18
C UNK P 959 -89.55 -105.39 -8.05
N UNK P 960 -88.29 -105.15 -8.45
CA UNK P 960 -87.96 -104.06 -9.32
C UNK P 960 -87.07 -104.61 -10.38
N UNK P 961 -87.09 -104.00 -11.57
CA UNK P 961 -86.24 -104.49 -12.61
C UNK P 961 -85.21 -103.44 -12.88
N UNK P 962 -83.94 -103.86 -13.01
CA UNK P 962 -82.90 -102.93 -13.28
C UNK P 962 -82.51 -103.15 -14.71
N UNK P 963 -82.30 -102.04 -15.44
CA UNK P 963 -81.91 -102.17 -16.81
C UNK P 963 -80.71 -101.31 -16.99
N UNK P 964 -79.75 -101.76 -17.81
CA UNK P 964 -78.60 -100.93 -17.96
C UNK P 964 -78.58 -100.40 -19.35
N UNK P 965 -78.55 -99.06 -19.48
CA UNK P 965 -78.42 -98.50 -20.77
C UNK P 965 -77.88 -97.12 -20.60
N UNK P 966 -77.21 -96.64 -21.66
CA UNK P 966 -76.54 -95.38 -21.56
C UNK P 966 -75.72 -95.34 -22.80
N UNK P 967 -74.45 -94.92 -22.67
CA UNK P 967 -73.62 -94.91 -23.82
C UNK P 967 -73.59 -96.31 -24.31
N UNK P 968 -73.41 -97.29 -23.40
CA UNK P 968 -73.48 -98.65 -23.85
C UNK P 968 -74.36 -99.36 -22.89
N UNK P 969 -75.50 -99.88 -23.39
CA UNK P 969 -76.38 -100.59 -22.52
C UNK P 969 -76.08 -102.03 -22.72
N UNK P 970 -75.87 -102.76 -21.61
CA UNK P 970 -75.77 -104.18 -21.69
C UNK P 970 -77.14 -104.67 -22.00
N UNK P 971 -78.13 -103.98 -21.39
CA UNK P 971 -79.53 -104.29 -21.41
C UNK P 971 -79.77 -105.49 -20.60
N UNK P 972 -78.79 -105.92 -19.79
CA UNK P 972 -79.12 -107.04 -18.98
C UNK P 972 -80.18 -106.55 -18.05
N UNK P 973 -81.23 -107.35 -17.85
CA UNK P 973 -82.27 -106.91 -16.97
C UNK P 973 -82.25 -107.86 -15.82
N UNK P 974 -82.30 -107.31 -14.59
CA UNK P 974 -82.30 -108.19 -13.46
C UNK P 974 -83.49 -107.86 -12.65
N UNK P 975 -84.12 -108.90 -12.08
CA UNK P 975 -85.23 -108.66 -11.22
C UNK P 975 -84.67 -108.79 -9.85
N UNK P 976 -84.95 -107.80 -8.98
CA UNK P 976 -84.39 -107.87 -7.68
C UNK P 976 -85.50 -107.72 -6.69
N UNK P 977 -85.36 -108.37 -5.53
CA UNK P 977 -86.37 -108.22 -4.53
C UNK P 977 -86.20 -106.82 -4.04
N UNK P 978 -87.29 -106.21 -3.56
CA UNK P 978 -87.19 -104.86 -3.09
C UNK P 978 -86.23 -104.89 -1.95
N UNK P 979 -86.31 -105.96 -1.13
CA UNK P 979 -85.53 -106.10 0.04
C UNK P 979 -84.07 -106.20 -0.26
N UNK P 980 -83.65 -106.97 -1.29
CA UNK P 980 -82.22 -107.14 -1.33
C UNK P 980 -81.69 -107.40 -2.71
N UNK P 981 -80.36 -107.56 -2.73
CA UNK P 981 -79.46 -107.77 -3.83
C UNK P 981 -79.66 -109.09 -4.52
N UNK P 982 -80.14 -110.13 -3.80
CA UNK P 982 -80.12 -111.47 -4.30
C UNK P 982 -80.77 -111.56 -5.65
N UNK P 983 -81.94 -110.94 -5.85
CA UNK P 983 -82.56 -110.94 -7.15
C UNK P 983 -83.05 -112.31 -7.51
N UNK P 984 -84.29 -112.35 -8.04
CA UNK P 984 -84.91 -113.57 -8.45
C UNK P 984 -84.23 -114.16 -9.64
N UNK P 985 -83.94 -113.33 -10.66
CA UNK P 985 -83.35 -113.90 -11.85
C UNK P 985 -82.83 -112.81 -12.71
N UNK P 986 -82.06 -113.20 -13.74
CA UNK P 986 -81.55 -112.23 -14.66
C UNK P 986 -81.95 -112.64 -16.03
N UNK P 987 -82.45 -111.69 -16.85
CA UNK P 987 -82.80 -112.03 -18.19
C UNK P 987 -82.10 -111.04 -19.08
N UNK P 988 -81.32 -111.53 -20.06
CA UNK P 988 -80.73 -110.56 -20.94
C UNK P 988 -81.11 -110.92 -22.34
N UNK P 989 -82.30 -110.48 -22.76
CA UNK P 989 -82.79 -110.73 -24.09
C UNK P 989 -82.06 -109.90 -25.11
N UNK P 990 -81.81 -108.60 -24.81
CA UNK P 990 -81.35 -107.75 -25.87
C UNK P 990 -80.23 -106.85 -25.44
N UNK P 991 -79.76 -106.05 -26.41
CA UNK P 991 -78.64 -105.13 -26.31
C UNK P 991 -78.87 -104.02 -25.33
N UNK P 992 -80.03 -103.34 -25.35
CA UNK P 992 -80.21 -102.23 -24.44
C UNK P 992 -81.66 -102.13 -24.10
N UNK P 993 -82.03 -101.48 -22.97
CA UNK P 993 -83.44 -101.35 -22.73
C UNK P 993 -83.75 -99.99 -22.20
N UNK P 994 -84.34 -99.13 -23.03
CA UNK P 994 -84.72 -97.79 -22.66
C UNK P 994 -85.87 -97.80 -21.70
N UNK P 995 -86.93 -98.59 -22.00
CA UNK P 995 -88.07 -98.49 -21.13
C UNK P 995 -88.67 -99.85 -20.96
N UNK P 996 -89.23 -100.10 -19.76
CA UNK P 996 -89.89 -101.33 -19.52
C UNK P 996 -91.14 -101.00 -18.77
N UNK P 997 -92.27 -101.63 -19.15
CA UNK P 997 -93.48 -101.34 -18.44
C UNK P 997 -94.02 -102.65 -18.01
N UNK P 998 -94.40 -102.76 -16.72
CA UNK P 998 -94.95 -103.98 -16.24
C UNK P 998 -96.40 -103.98 -16.56
N UNK P 999 -96.94 -105.19 -16.82
CA UNK P 999 -98.32 -105.39 -17.05
C UNK P 999 -98.89 -105.54 -15.69
N UNK P 1000 -100.13 -106.05 -15.57
CA UNK P 1000 -100.67 -106.26 -14.26
C UNK P 1000 -99.69 -107.18 -13.61
N UNK P 1001 -99.20 -108.17 -14.37
CA UNK P 1001 -98.15 -109.01 -13.89
C UNK P 1001 -97.19 -109.17 -15.02
N UNK P 1002 -95.87 -109.18 -14.73
CA UNK P 1002 -94.87 -109.38 -15.76
C UNK P 1002 -94.56 -108.08 -16.41
N UNK P 1003 -93.66 -108.11 -17.42
CA UNK P 1003 -93.34 -106.88 -18.09
C UNK P 1003 -92.83 -107.18 -19.47
N UNK P 1004 -92.75 -106.12 -20.31
CA UNK P 1004 -92.23 -106.20 -21.63
C UNK P 1004 -91.14 -105.16 -21.68
N UNK P 1005 -90.07 -105.41 -22.45
CA UNK P 1005 -89.00 -104.45 -22.44
C UNK P 1005 -88.75 -103.97 -23.83
N UNK P 1006 -88.26 -102.71 -23.94
CA UNK P 1006 -87.96 -102.16 -25.22
C UNK P 1006 -86.55 -101.66 -25.18
N UNK P 1007 -85.80 -101.94 -26.26
CA UNK P 1007 -84.43 -101.53 -26.40
C UNK P 1007 -84.38 -100.21 -27.09
N UNK P 1008 -83.20 -99.55 -27.05
CA UNK P 1008 -82.97 -98.36 -27.79
C UNK P 1008 -83.05 -98.80 -29.22
N UNK P 1009 -82.58 -100.04 -29.43
CA UNK P 1009 -82.53 -100.75 -30.68
C UNK P 1009 -83.95 -100.88 -31.15
N UNK P 1010 -84.89 -100.88 -30.18
CA UNK P 1010 -86.30 -101.04 -30.42
C UNK P 1010 -86.66 -102.49 -30.58
N UNK P 1011 -85.75 -103.42 -30.23
CA UNK P 1011 -86.25 -104.76 -30.23
C UNK P 1011 -87.22 -104.78 -29.09
N UNK P 1012 -88.41 -105.37 -29.28
CA UNK P 1012 -89.34 -105.36 -28.19
C UNK P 1012 -89.59 -106.78 -27.83
N UNK P 1013 -89.68 -107.07 -26.52
CA UNK P 1013 -89.91 -108.44 -26.18
C UNK P 1013 -90.99 -108.51 -25.15
N UNK P 1014 -91.84 -109.53 -25.28
CA UNK P 1014 -92.84 -109.75 -24.27
C UNK P 1014 -92.28 -110.89 -23.50
N UNK P 1015 -92.18 -110.76 -22.17
CA UNK P 1015 -91.59 -111.85 -21.47
C UNK P 1015 -92.31 -112.04 -20.18
N UNK P 1016 -92.27 -113.27 -19.66
CA UNK P 1016 -92.85 -113.49 -18.38
C UNK P 1016 -91.69 -113.41 -17.44
N UNK P 1017 -91.64 -112.34 -16.62
CA UNK P 1017 -90.55 -112.24 -15.72
C UNK P 1017 -90.76 -113.27 -14.70
N UNK P 1018 -89.69 -114.03 -14.38
CA UNK P 1018 -89.84 -115.08 -13.42
C UNK P 1018 -88.60 -115.89 -13.51
N UNK P 1019 -88.58 -117.05 -12.82
CA UNK P 1019 -87.44 -117.89 -12.86
C UNK P 1019 -87.28 -118.29 -14.30
N UNK P 1020 -88.41 -118.56 -14.98
CA UNK P 1020 -88.32 -118.99 -16.36
C UNK P 1020 -87.67 -117.90 -17.14
N UNK P 1021 -88.11 -116.64 -16.92
CA UNK P 1021 -87.56 -115.51 -17.64
C UNK P 1021 -87.54 -115.83 -19.10
N UNK P 1022 -88.71 -116.21 -19.66
CA UNK P 1022 -88.77 -116.55 -21.04
C UNK P 1022 -89.53 -115.49 -21.75
N UNK P 1023 -89.25 -115.29 -23.06
CA UNK P 1023 -89.94 -114.28 -23.80
C UNK P 1023 -90.85 -114.94 -24.78
N UNK P 1024 -92.13 -114.51 -24.79
CA UNK P 1024 -93.10 -115.06 -25.69
C UNK P 1024 -92.76 -114.70 -27.10
N UNK P 1025 -92.42 -113.43 -27.36
CA UNK P 1025 -92.14 -113.04 -28.71
C UNK P 1025 -91.41 -111.73 -28.69
N UNK P 1026 -90.83 -111.35 -29.85
CA UNK P 1026 -90.13 -110.10 -29.94
C UNK P 1026 -90.33 -109.58 -31.33
N UNK P 1027 -90.20 -108.25 -31.52
CA UNK P 1027 -90.35 -107.69 -32.83
C UNK P 1027 -89.35 -106.58 -32.99
N UNK P 1028 -88.87 -106.35 -34.22
CA UNK P 1028 -87.98 -105.24 -34.40
C UNK P 1028 -88.54 -104.36 -35.48
N UNK P 1029 -89.28 -103.31 -35.09
CA UNK P 1029 -89.83 -102.39 -36.04
C UNK P 1029 -88.74 -101.56 -36.64
N UNK P 1030 -87.87 -100.96 -35.77
CA UNK P 1030 -86.74 -100.14 -36.14
C UNK P 1030 -87.07 -98.68 -35.97
N UNK P 1031 -86.07 -97.82 -36.24
CA UNK P 1031 -86.10 -96.38 -36.28
C UNK P 1031 -86.59 -95.67 -35.04
N UNK P 1032 -85.97 -95.91 -33.86
CA UNK P 1032 -86.18 -95.13 -32.66
C UNK P 1032 -87.63 -94.88 -32.35
N UNK P 1033 -88.43 -95.96 -32.31
CA UNK P 1033 -89.82 -96.14 -32.01
C UNK P 1033 -90.18 -96.05 -30.54
N UNK P 1034 -89.18 -96.03 -29.64
CA UNK P 1034 -89.08 -96.57 -28.29
C UNK P 1034 -90.21 -96.55 -27.28
N UNK P 1035 -91.05 -95.51 -27.06
CA UNK P 1035 -91.98 -95.67 -25.94
C UNK P 1035 -92.91 -96.86 -26.13
N UNK P 1036 -93.32 -97.51 -25.01
CA UNK P 1036 -94.17 -98.68 -25.06
C UNK P 1036 -95.14 -98.65 -23.92
N UNK P 1037 -96.26 -99.41 -24.03
CA UNK P 1037 -97.25 -99.44 -22.98
C UNK P 1037 -98.13 -100.65 -23.16
N UNK P 1038 -98.85 -101.05 -22.09
CA UNK P 1038 -99.72 -102.20 -22.20
C UNK P 1038 -101.14 -101.73 -22.10
N UNK P 1039 -101.95 -102.05 -23.12
CA UNK P 1039 -103.33 -101.69 -23.14
C UNK P 1039 -104.09 -102.46 -22.10
N UNK P 1040 -103.85 -103.78 -22.00
CA UNK P 1040 -104.64 -104.54 -21.07
C UNK P 1040 -103.73 -105.23 -20.11
N UNK P 1041 -104.13 -105.21 -18.82
CA UNK P 1041 -103.38 -105.85 -17.78
C UNK P 1041 -103.39 -107.32 -18.02
N UNK P 1042 -104.57 -107.87 -18.36
CA UNK P 1042 -104.64 -109.27 -18.57
C UNK P 1042 -103.76 -109.54 -19.74
N UNK P 1043 -103.27 -110.80 -19.87
CA UNK P 1043 -102.43 -111.11 -20.98
C UNK P 1043 -103.24 -110.74 -22.18
N UNK P 1044 -102.70 -109.82 -22.99
CA UNK P 1044 -103.50 -109.32 -24.05
C UNK P 1044 -102.69 -108.33 -24.80
N UNK P 1045 -103.40 -107.38 -25.45
CA UNK P 1045 -102.77 -106.40 -26.28
C UNK P 1045 -101.96 -105.44 -25.47
N UNK P 1046 -100.89 -104.94 -26.11
CA UNK P 1046 -100.01 -103.93 -25.59
C UNK P 1046 -99.71 -103.10 -26.80
N UNK P 1047 -99.25 -101.86 -26.60
CA UNK P 1047 -99.00 -101.07 -27.78
C UNK P 1047 -97.53 -100.91 -27.94
N UNK P 1048 -97.05 -101.01 -29.20
CA UNK P 1048 -95.66 -100.84 -29.49
C UNK P 1048 -95.62 -99.93 -30.67
N UNK P 1049 -94.57 -99.08 -30.75
CA UNK P 1049 -94.49 -98.16 -31.85
C UNK P 1049 -94.13 -98.92 -33.09
N UNK P 1050 -94.87 -98.62 -34.18
CA UNK P 1050 -94.64 -99.20 -35.46
C UNK P 1050 -93.85 -98.22 -36.26
N UNK P 1051 -93.42 -98.62 -37.47
CA UNK P 1051 -92.68 -97.75 -38.32
C UNK P 1051 -93.63 -96.72 -38.82
N UNK P 1052 -93.09 -95.62 -39.38
CA UNK P 1052 -93.90 -94.56 -39.89
C UNK P 1052 -94.66 -93.95 -38.76
N UNK P 1053 -94.12 -94.06 -37.54
CA UNK P 1053 -94.73 -93.45 -36.40
C UNK P 1053 -96.11 -94.00 -36.24
N UNK P 1054 -96.34 -95.23 -36.74
CA UNK P 1054 -97.63 -95.84 -36.59
C UNK P 1054 -97.65 -96.49 -35.26
N UNK P 1055 -98.87 -96.80 -34.76
CA UNK P 1055 -98.97 -97.48 -33.51
C UNK P 1055 -99.39 -98.88 -33.82
N UNK P 1056 -98.74 -99.86 -33.18
CA UNK P 1056 -99.10 -101.21 -33.45
C UNK P 1056 -99.63 -101.77 -32.19
N UNK P 1057 -100.72 -102.56 -32.30
CA UNK P 1057 -101.23 -103.17 -31.11
C UNK P 1057 -100.73 -104.57 -31.16
N UNK P 1058 -100.25 -105.08 -30.01
CA UNK P 1058 -99.58 -106.36 -30.00
C UNK P 1058 -100.38 -107.36 -29.25
N UNK P 1059 -99.89 -108.62 -29.31
CA UNK P 1059 -100.48 -109.79 -28.76
C UNK P 1059 -101.56 -110.22 -29.70
N UNK P 1060 -101.93 -109.28 -30.61
CA UNK P 1060 -102.88 -109.43 -31.67
C UNK P 1060 -103.70 -108.18 -31.63
N UNK P 1061 -103.98 -107.59 -32.80
CA UNK P 1061 -104.78 -106.40 -32.88
C UNK P 1061 -104.46 -105.67 -34.15
N UNK P 1062 -104.99 -104.44 -34.25
CA UNK P 1062 -104.80 -103.58 -35.38
C UNK P 1062 -103.76 -102.53 -35.07
N UNK P 1063 -103.45 -101.69 -36.07
CA UNK P 1063 -102.49 -100.64 -35.91
C UNK P 1063 -103.18 -99.33 -36.12
N UNK P 1064 -102.65 -98.25 -35.51
CA UNK P 1064 -103.25 -96.96 -35.66
C UNK P 1064 -102.35 -96.13 -36.51
N UNK P 1065 -102.94 -95.38 -37.45
CA UNK P 1065 -102.18 -94.51 -38.31
C UNK P 1065 -102.38 -93.13 -37.77
N UNK P 1066 -101.33 -92.30 -37.81
CA UNK P 1066 -101.50 -91.03 -37.18
C UNK P 1066 -100.19 -90.31 -37.22
N UNK P 1067 -99.53 -90.31 -36.06
CA UNK P 1067 -98.33 -89.56 -35.79
C UNK P 1067 -97.35 -89.65 -36.91
N UNK P 1068 -96.81 -88.47 -37.24
CA UNK P 1068 -95.78 -88.23 -38.22
C UNK P 1068 -94.46 -88.75 -37.74
N UNK P 1069 -94.18 -88.63 -36.42
CA UNK P 1069 -92.86 -88.93 -35.94
C UNK P 1069 -92.90 -89.97 -34.86
N UNK P 1070 -91.69 -90.35 -34.40
CA UNK P 1070 -91.49 -91.39 -33.42
C UNK P 1070 -92.34 -91.10 -32.23
N UNK P 1071 -92.74 -92.17 -31.51
CA UNK P 1071 -93.61 -91.99 -30.39
C UNK P 1071 -92.81 -91.83 -29.14
N UNK P 1072 -92.90 -90.62 -28.56
CA UNK P 1072 -92.24 -90.28 -27.34
C UNK P 1072 -92.84 -91.00 -26.17
N UNK P 1073 -94.19 -91.05 -26.10
CA UNK P 1073 -94.75 -91.66 -24.92
C UNK P 1073 -96.02 -92.36 -25.25
N UNK P 1074 -96.33 -93.41 -24.45
CA UNK P 1074 -97.56 -94.10 -24.58
C UNK P 1074 -98.08 -94.31 -23.20
N UNK P 1075 -99.33 -93.89 -22.94
CA UNK P 1075 -99.87 -94.10 -21.63
C UNK P 1075 -101.27 -94.57 -21.84
N UNK P 1076 -101.70 -95.58 -21.07
CA UNK P 1076 -103.04 -96.05 -21.25
C UNK P 1076 -103.75 -95.80 -19.97
N UNK P 1077 -105.03 -95.39 -20.06
CA UNK P 1077 -105.76 -95.15 -18.85
C UNK P 1077 -106.65 -96.33 -18.67
N UNK P 1078 -106.59 -96.96 -17.48
CA UNK P 1078 -107.42 -98.10 -17.25
C UNK P 1078 -108.82 -97.61 -17.37
N UNK P 1079 -109.10 -96.46 -16.73
CA UNK P 1079 -110.41 -95.90 -16.83
C UNK P 1079 -110.50 -95.23 -18.16
N UNK P 1080 -111.70 -95.26 -18.77
CA UNK P 1080 -111.97 -94.63 -20.03
C UNK P 1080 -111.31 -95.41 -21.12
N UNK P 1081 -110.40 -96.33 -20.77
CA UNK P 1081 -109.74 -97.20 -21.70
C UNK P 1081 -109.28 -96.43 -22.90
N UNK P 1082 -108.57 -95.31 -22.70
CA UNK P 1082 -108.12 -94.56 -23.83
C UNK P 1082 -106.62 -94.55 -23.78
N UNK P 1083 -105.98 -94.57 -24.97
CA UNK P 1083 -104.56 -94.57 -24.97
C UNK P 1083 -104.11 -93.19 -25.34
N UNK P 1084 -103.10 -92.67 -24.65
CA UNK P 1084 -102.61 -91.37 -24.96
C UNK P 1084 -101.25 -91.54 -25.53
N UNK P 1085 -100.96 -90.82 -26.62
CA UNK P 1085 -99.67 -90.95 -27.22
C UNK P 1085 -99.14 -89.59 -27.48
N UNK P 1086 -97.80 -89.47 -27.48
CA UNK P 1086 -97.15 -88.22 -27.76
C UNK P 1086 -96.10 -88.52 -28.78
N UNK P 1087 -95.70 -87.53 -29.59
CA UNK P 1087 -94.74 -87.84 -30.60
C UNK P 1087 -93.84 -86.67 -30.83
N UNK P 1088 -92.80 -86.92 -31.64
CA UNK P 1088 -91.80 -85.98 -32.06
C UNK P 1088 -92.51 -84.92 -32.82
N UNK P 1089 -93.63 -85.32 -33.45
CA UNK P 1089 -94.46 -84.49 -34.26
C UNK P 1089 -94.86 -83.31 -33.44
N UNK P 1090 -94.86 -83.48 -32.10
CA UNK P 1090 -95.26 -82.43 -31.19
C UNK P 1090 -96.75 -82.32 -31.19
N UNK P 1091 -97.42 -83.45 -31.47
CA UNK P 1091 -98.85 -83.51 -31.36
C UNK P 1091 -99.13 -84.65 -30.43
N UNK P 1092 -100.29 -84.59 -29.74
CA UNK P 1092 -100.66 -85.65 -28.84
C UNK P 1092 -101.91 -86.22 -29.41
N UNK P 1093 -102.19 -87.52 -29.16
CA UNK P 1093 -103.39 -88.06 -29.70
C UNK P 1093 -103.93 -89.07 -28.75
N UNK P 1094 -105.26 -89.30 -28.82
CA UNK P 1094 -105.87 -90.30 -27.98
C UNK P 1094 -106.40 -91.34 -28.91
N UNK P 1095 -106.24 -92.63 -28.56
CA UNK P 1095 -106.73 -93.62 -29.47
C UNK P 1095 -107.82 -94.42 -28.83
N UNK P 1096 -109.07 -94.17 -29.28
CA UNK P 1096 -110.23 -94.91 -28.85
C UNK P 1096 -110.25 -96.28 -29.45
N UNK P 1097 -109.90 -96.40 -30.75
CA UNK P 1097 -110.12 -97.64 -31.44
C UNK P 1097 -108.83 -98.35 -31.72
N UNK P 1098 -108.94 -99.68 -31.91
CA UNK P 1098 -107.82 -100.52 -32.18
C UNK P 1098 -107.22 -100.11 -33.50
N UNK P 1099 -108.05 -99.91 -34.52
CA UNK P 1099 -107.51 -99.49 -35.79
C UNK P 1099 -108.36 -98.37 -36.29
N UNK P 1100 -107.69 -97.26 -36.68
CA UNK P 1100 -108.36 -96.10 -37.20
C UNK P 1100 -107.48 -94.93 -36.89
N UNK P 1101 -107.94 -93.73 -37.27
CA UNK P 1101 -107.25 -92.53 -36.92
C UNK P 1101 -107.55 -92.30 -35.48
N UNK P 1102 -106.75 -91.45 -34.82
CA UNK P 1102 -106.97 -91.20 -33.42
C UNK P 1102 -108.23 -90.42 -33.27
N UNK P 1103 -108.94 -90.66 -32.14
CA UNK P 1103 -110.17 -89.97 -31.90
C UNK P 1103 -109.88 -88.53 -31.78
N UNK P 1104 -108.81 -88.18 -31.03
CA UNK P 1104 -108.56 -86.78 -30.86
C UNK P 1104 -107.12 -86.50 -31.09
N UNK P 1105 -106.84 -85.29 -31.59
CA UNK P 1105 -105.50 -84.82 -31.74
C UNK P 1105 -105.42 -83.66 -30.81
N UNK P 1106 -104.37 -83.60 -29.98
CA UNK P 1106 -104.31 -82.51 -29.06
C UNK P 1106 -103.55 -81.42 -29.72
N UNK P 1107 -104.21 -80.28 -29.93
CA UNK P 1107 -103.57 -79.16 -30.54
C UNK P 1107 -104.54 -78.03 -30.43
N UNK P 1108 -104.02 -76.79 -30.43
CA UNK P 1108 -104.91 -75.67 -30.30
C UNK P 1108 -105.54 -75.43 -31.67
N UNK P 1109 -93.82 -74.82 -30.03
CA UNK P 1109 -92.41 -75.26 -30.11
C UNK P 1109 -92.30 -76.45 -30.99
N UNK P 1110 -91.33 -76.41 -31.92
CA UNK P 1110 -91.12 -77.45 -32.88
C UNK P 1110 -90.76 -78.70 -32.16
N UNK P 1111 -89.99 -78.57 -31.06
CA UNK P 1111 -89.48 -79.71 -30.35
C UNK P 1111 -90.59 -80.63 -30.00
N UNK P 1112 -90.25 -81.93 -29.86
CA UNK P 1112 -91.17 -82.98 -29.55
C UNK P 1112 -91.50 -82.92 -28.09
N UNK P 1113 -92.64 -83.53 -27.72
CA UNK P 1113 -93.05 -83.57 -26.35
C UNK P 1113 -92.18 -84.53 -25.62
N UNK P 1114 -91.58 -84.08 -24.51
CA UNK P 1114 -90.73 -84.90 -23.70
C UNK P 1114 -91.54 -85.96 -23.01
N UNK P 1115 -92.68 -85.56 -22.39
CA UNK P 1115 -93.45 -86.54 -21.70
C UNK P 1115 -94.85 -86.05 -21.56
N UNK P 1116 -95.81 -87.00 -21.54
CA UNK P 1116 -97.19 -86.69 -21.39
C UNK P 1116 -97.68 -87.54 -20.27
N UNK P 1117 -98.76 -87.11 -19.58
CA UNK P 1117 -99.21 -87.90 -18.48
C UNK P 1117 -100.69 -87.84 -18.38
N UNK P 1118 -101.27 -88.83 -17.69
CA UNK P 1118 -102.69 -88.89 -17.50
C UNK P 1118 -103.07 -87.81 -16.54
N UNK P 1119 -104.25 -87.24 -16.80
CA UNK P 1119 -104.89 -86.16 -16.12
C UNK P 1119 -106.02 -85.94 -17.06
N UNK P 1120 -106.49 -84.69 -17.23
CA UNK P 1120 -107.39 -84.58 -18.35
C UNK P 1120 -106.49 -84.97 -19.48
N UNK P 1121 -105.29 -84.37 -19.49
CA UNK P 1121 -104.23 -84.67 -20.40
C UNK P 1121 -103.19 -83.64 -20.09
N UNK P 1122 -101.92 -84.05 -19.99
CA UNK P 1122 -100.93 -83.06 -19.71
C UNK P 1122 -99.75 -83.39 -20.55
N UNK P 1123 -99.10 -82.36 -21.12
CA UNK P 1123 -97.96 -82.65 -21.92
C UNK P 1123 -96.92 -81.63 -21.64
N UNK P 1124 -95.65 -82.06 -21.71
CA UNK P 1124 -94.55 -81.18 -21.51
C UNK P 1124 -93.69 -81.35 -22.70
N UNK P 1125 -93.02 -80.27 -23.11
CA UNK P 1125 -92.18 -80.25 -24.27
C UNK P 1125 -91.38 -79.02 -24.07
N UNK P 1126 -90.89 -78.42 -25.16
CA UNK P 1126 -90.20 -77.18 -25.00
C UNK P 1126 -91.24 -76.29 -24.38
N UNK P 1127 -92.49 -76.43 -24.86
CA UNK P 1127 -93.62 -75.72 -24.35
C UNK P 1127 -94.24 -76.57 -23.28
N UNK P 1128 -95.36 -76.10 -22.68
CA UNK P 1128 -96.08 -76.88 -21.72
C UNK P 1128 -97.54 -76.67 -22.01
N UNK P 1129 -98.35 -77.74 -21.89
CA UNK P 1129 -99.76 -77.55 -22.17
C UNK P 1129 -100.56 -78.52 -21.38
N UNK P 1130 -101.82 -78.13 -21.11
CA UNK P 1130 -102.76 -78.97 -20.42
C UNK P 1130 -103.86 -79.18 -21.39
N UNK P 1131 -104.47 -80.37 -21.39
CA UNK P 1131 -105.47 -80.59 -22.38
C UNK P 1131 -106.72 -81.06 -21.71
N UNK P 1132 -107.85 -80.77 -22.37
CA UNK P 1132 -109.15 -81.25 -21.97
C UNK P 1132 -109.61 -81.96 -23.21
N UNK P 1133 -110.53 -82.93 -23.11
CA UNK P 1133 -110.93 -83.44 -24.40
C UNK P 1133 -111.66 -82.27 -25.03
N UNK P 1134 -111.02 -81.57 -26.04
CA UNK P 1134 -111.50 -80.34 -26.64
C UNK P 1134 -110.36 -79.47 -27.12
N UNK P 1135 -110.06 -78.39 -26.35
CA UNK P 1135 -109.06 -77.37 -26.62
C UNK P 1135 -108.08 -77.34 -25.47
N UNK P 1136 -107.02 -76.50 -25.57
CA UNK P 1136 -106.02 -76.47 -24.54
C UNK P 1136 -106.64 -76.03 -23.26
N UNK P 1137 -106.48 -76.84 -22.20
CA UNK P 1137 -107.02 -76.52 -20.91
C UNK P 1137 -106.30 -75.35 -20.34
N UNK P 1138 -104.95 -75.38 -20.41
CA UNK P 1138 -104.17 -74.32 -19.84
C UNK P 1138 -102.81 -74.39 -20.45
N UNK P 1139 -102.00 -73.31 -20.28
CA UNK P 1139 -100.69 -73.32 -20.87
C UNK P 1139 -99.70 -72.80 -19.88
N UNK P 1140 -98.42 -73.20 -20.05
CA UNK P 1140 -97.37 -72.72 -19.18
C UNK P 1140 -96.48 -71.86 -20.01
N UNK P 1141 -96.00 -70.75 -19.41
CA UNK P 1141 -95.29 -69.67 -20.03
C UNK P 1141 -93.90 -69.93 -20.55
N UNK P 1142 -93.01 -70.64 -19.79
CA UNK P 1142 -91.57 -70.71 -19.97
C UNK P 1142 -91.18 -70.50 -21.41
N UNK P 1143 -90.84 -69.23 -21.71
CA UNK P 1143 -90.67 -68.79 -23.08
C UNK P 1143 -89.54 -69.49 -23.76
N UNK P 1144 -88.33 -69.46 -23.21
CA UNK P 1144 -87.34 -70.17 -23.94
C UNK P 1144 -86.69 -71.07 -22.97
N UNK P 1145 -87.43 -72.07 -22.49
CA UNK P 1145 -86.80 -72.99 -21.61
C UNK P 1145 -87.36 -74.31 -21.96
N UNK P 1146 -86.52 -75.20 -22.52
CA UNK P 1146 -87.02 -76.48 -22.87
C UNK P 1146 -87.21 -77.22 -21.59
N UNK P 1147 -88.19 -78.14 -21.54
CA UNK P 1147 -88.39 -78.89 -20.35
C UNK P 1147 -87.80 -80.24 -20.58
N UNK P 1148 -86.88 -80.65 -19.69
CA UNK P 1148 -86.23 -81.92 -19.81
C UNK P 1148 -87.22 -83.03 -19.61
N UNK P 1149 -88.06 -82.93 -18.57
CA UNK P 1149 -89.00 -83.98 -18.33
C UNK P 1149 -90.06 -83.47 -17.42
N UNK P 1150 -91.23 -84.15 -17.43
CA UNK P 1150 -92.28 -83.72 -16.56
C UNK P 1150 -92.88 -84.96 -15.94
N UNK P 1151 -93.22 -84.87 -14.65
CA UNK P 1151 -93.80 -85.99 -13.98
C UNK P 1151 -95.08 -85.51 -13.38
N UNK P 1152 -96.05 -86.43 -13.23
CA UNK P 1152 -97.31 -86.05 -12.65
C UNK P 1152 -97.38 -86.75 -11.32
N UNK P 1153 -98.00 -86.09 -10.32
CA UNK P 1153 -98.10 -86.65 -9.01
C UNK P 1153 -99.01 -87.83 -9.07
N UNK P 1154 -98.95 -88.71 -8.06
CA UNK P 1154 -99.79 -89.87 -8.07
C UNK P 1154 -101.19 -89.36 -8.14
N UNK P 1155 -101.49 -88.35 -7.29
CA UNK P 1155 -102.74 -87.69 -7.47
C UNK P 1155 -102.34 -86.61 -8.41
N UNK P 1156 -103.02 -86.47 -9.56
CA UNK P 1156 -102.45 -85.51 -10.45
C UNK P 1156 -102.94 -84.15 -10.10
N UNK P 1157 -102.66 -83.73 -8.86
CA UNK P 1157 -102.90 -82.39 -8.43
C UNK P 1157 -101.87 -81.51 -9.05
N UNK P 1158 -100.61 -82.00 -9.07
CA UNK P 1158 -99.54 -81.15 -9.51
C UNK P 1158 -98.70 -81.87 -10.51
N UNK P 1159 -98.08 -81.08 -11.41
CA UNK P 1159 -97.18 -81.62 -12.38
C UNK P 1159 -95.89 -80.91 -12.17
N UNK P 1160 -94.78 -81.66 -12.11
CA UNK P 1160 -93.52 -81.00 -11.90
C UNK P 1160 -92.72 -81.23 -13.12
N UNK P 1161 -91.97 -80.20 -13.56
CA UNK P 1161 -91.16 -80.36 -14.73
C UNK P 1161 -89.86 -79.70 -14.46
N UNK P 1162 -88.79 -80.17 -15.14
CA UNK P 1162 -87.52 -79.54 -14.91
C UNK P 1162 -87.24 -78.69 -16.10
N UNK P 1163 -87.02 -77.38 -15.87
CA UNK P 1163 -86.66 -76.50 -16.95
C UNK P 1163 -85.23 -76.81 -17.23
N UNK P 1164 -84.84 -76.79 -18.51
CA UNK P 1164 -83.51 -77.18 -18.84
C UNK P 1164 -82.53 -76.10 -18.54
N UNK P 1165 -81.34 -76.54 -18.08
CA UNK P 1165 -80.18 -75.73 -17.90
C UNK P 1165 -79.15 -76.60 -18.52
N UNK P 1166 -78.35 -76.06 -19.46
CA UNK P 1166 -77.50 -76.96 -20.17
C UNK P 1166 -76.76 -76.17 -21.18
N UNK P 1167 -76.69 -76.71 -22.41
CA UNK P 1167 -75.97 -76.06 -23.46
C UNK P 1167 -76.55 -74.69 -23.59
N UNK P 1168 -77.88 -74.56 -23.51
CA UNK P 1168 -78.41 -73.24 -23.56
C UNK P 1168 -78.41 -72.73 -22.16
N UNK P 1169 -77.61 -71.69 -21.89
CA UNK P 1169 -77.55 -71.16 -20.57
C UNK P 1169 -78.72 -70.28 -20.36
N UNK P 1170 -79.26 -70.27 -19.13
CA UNK P 1170 -80.35 -69.40 -18.82
C UNK P 1170 -80.55 -69.47 -17.35
N UNK P 1171 -81.17 -68.44 -16.76
CA UNK P 1171 -81.44 -68.57 -15.35
C UNK P 1171 -82.55 -69.56 -15.35
N UNK P 1172 -82.24 -70.79 -14.91
CA UNK P 1172 -83.19 -71.84 -15.03
C UNK P 1172 -82.69 -72.97 -14.22
N UNK P 1173 -82.94 -74.20 -14.72
CA UNK P 1173 -82.57 -75.35 -13.96
C UNK P 1173 -83.40 -75.27 -12.73
N UNK P 1174 -84.63 -74.77 -12.90
CA UNK P 1174 -85.52 -74.70 -11.78
C UNK P 1174 -86.56 -75.73 -12.02
N UNK P 1175 -86.95 -76.47 -10.97
CA UNK P 1175 -88.01 -77.41 -11.14
C UNK P 1175 -89.23 -76.69 -10.72
N UNK P 1176 -90.23 -76.62 -11.60
CA UNK P 1176 -91.39 -75.88 -11.23
C UNK P 1176 -92.51 -76.85 -11.07
N UNK P 1177 -93.24 -76.74 -9.95
CA UNK P 1177 -94.37 -77.59 -9.78
C UNK P 1177 -95.55 -76.73 -10.06
N UNK P 1178 -96.48 -77.21 -10.89
CA UNK P 1178 -97.60 -76.38 -11.20
C UNK P 1178 -98.78 -76.99 -10.52
N UNK P 1179 -99.62 -76.13 -9.91
CA UNK P 1179 -100.79 -76.64 -9.27
C UNK P 1179 -101.79 -76.78 -10.40
N UNK P 1180 -104.80 -70.23 -17.33
CA UNK P 1180 -103.77 -69.48 -18.09
C UNK P 1180 -102.45 -70.12 -17.93
N UNK P 1181 -101.47 -69.34 -17.44
CA UNK P 1181 -100.08 -69.65 -17.28
C UNK P 1181 -99.95 -70.84 -16.38
N UNK P 1182 -100.96 -71.10 -15.53
CA UNK P 1182 -100.80 -72.14 -14.56
C UNK P 1182 -99.64 -71.80 -13.69
N UNK P 1183 -99.95 -71.11 -12.57
CA UNK P 1183 -98.99 -70.65 -11.63
C UNK P 1183 -98.24 -71.82 -11.07
N UNK P 1184 -96.97 -71.56 -10.70
CA UNK P 1184 -96.17 -72.62 -10.18
C UNK P 1184 -96.31 -72.60 -8.69
N UNK P 1185 -96.77 -73.73 -8.13
CA UNK P 1185 -96.95 -73.85 -6.72
C UNK P 1185 -95.62 -73.81 -6.05
N UNK P 1186 -94.63 -74.53 -6.61
CA UNK P 1186 -93.36 -74.57 -5.94
C UNK P 1186 -92.26 -74.39 -6.93
N UNK P 1187 -91.10 -73.90 -6.45
CA UNK P 1187 -89.98 -73.74 -7.32
C UNK P 1187 -88.80 -74.38 -6.66
N UNK P 1188 -87.94 -75.05 -7.45
CA UNK P 1188 -86.78 -75.66 -6.91
C UNK P 1188 -85.64 -75.28 -7.79
N UNK P 1189 -84.42 -75.19 -7.24
CA UNK P 1189 -83.34 -74.82 -8.09
C UNK P 1189 -82.34 -75.92 -8.10
N UNK P 1190 -81.98 -76.36 -9.32
CA UNK P 1190 -80.97 -77.35 -9.55
C UNK P 1190 -81.23 -77.92 -10.90
N UNK P 1191 -80.17 -78.24 -11.65
CA UNK P 1191 -80.39 -78.81 -12.94
C UNK P 1191 -80.91 -80.18 -12.72
N UNK P 1192 -81.84 -80.66 -13.56
CA UNK P 1192 -82.32 -81.98 -13.29
C UNK P 1192 -82.38 -82.77 -14.55
N UNK P 1193 -81.72 -83.94 -14.55
CA UNK P 1193 -81.82 -84.84 -15.65
C UNK P 1193 -83.22 -85.37 -15.65
N UNK P 1194 -83.72 -85.70 -14.44
CA UNK P 1194 -85.04 -86.23 -14.32
C UNK P 1194 -85.46 -86.11 -12.88
N UNK P 1195 -86.77 -86.28 -12.62
CA UNK P 1195 -87.27 -86.20 -11.28
C UNK P 1195 -88.35 -87.24 -11.15
N UNK P 1196 -88.65 -87.65 -9.90
CA UNK P 1196 -89.67 -88.64 -9.69
C UNK P 1196 -90.43 -88.25 -8.46
N UNK P 1197 -91.69 -88.71 -8.36
CA UNK P 1197 -92.48 -88.38 -7.22
C UNK P 1197 -92.70 -89.63 -6.43
N UNK P 1198 -92.75 -89.48 -5.09
CA UNK P 1198 -93.02 -90.59 -4.23
C UNK P 1198 -94.48 -90.83 -4.31
N UNK P 1199 -94.94 -92.01 -3.86
CA UNK P 1199 -96.34 -92.33 -3.89
C UNK P 1199 -97.03 -91.31 -3.05
N UNK P 1200 -96.39 -90.95 -1.91
CA UNK P 1200 -96.92 -89.99 -1.00
C UNK P 1200 -97.05 -88.69 -1.70
N UNK P 1201 -96.11 -88.40 -2.62
CA UNK P 1201 -96.07 -87.15 -3.33
C UNK P 1201 -95.59 -86.11 -2.38
N UNK P 1202 -95.15 -86.56 -1.19
CA UNK P 1202 -94.58 -85.69 -0.21
C UNK P 1202 -93.27 -85.18 -0.72
N UNK P 1203 -92.45 -86.07 -1.34
CA UNK P 1203 -91.14 -85.64 -1.73
C UNK P 1203 -90.91 -86.00 -3.17
N UNK P 1204 -89.94 -85.32 -3.79
CA UNK P 1204 -89.59 -85.59 -5.15
C UNK P 1204 -88.12 -85.84 -5.19
N UNK P 1205 -87.69 -86.75 -6.08
CA UNK P 1205 -86.28 -87.00 -6.18
C UNK P 1205 -85.80 -86.23 -7.35
N UNK P 1206 -84.67 -85.52 -7.20
CA UNK P 1206 -84.16 -84.74 -8.28
C UNK P 1206 -82.89 -85.36 -8.73
N UNK P 1207 -82.71 -85.46 -10.06
CA UNK P 1207 -81.50 -86.01 -10.57
C UNK P 1207 -80.72 -84.88 -11.13
N UNK P 1208 -79.41 -84.82 -10.82
CA UNK P 1208 -78.59 -83.74 -11.29
C UNK P 1208 -77.25 -84.32 -11.61
N UNK P 1209 -76.41 -83.54 -12.31
CA UNK P 1209 -75.10 -84.02 -12.61
C UNK P 1209 -74.43 -84.24 -11.30
N UNK P 1210 -74.64 -83.31 -10.36
CA UNK P 1210 -74.08 -83.41 -9.05
C UNK P 1210 -74.88 -84.42 -8.31
N UNK P 1211 -74.61 -84.56 -7.00
CA UNK P 1211 -75.34 -85.51 -6.22
C UNK P 1211 -76.78 -85.18 -6.39
N UNK P 1212 -77.65 -86.21 -6.35
CA UNK P 1212 -79.06 -86.01 -6.52
C UNK P 1212 -79.56 -85.38 -5.28
N UNK P 1213 -80.72 -84.69 -5.39
CA UNK P 1213 -81.28 -84.06 -4.24
C UNK P 1213 -82.65 -84.62 -4.02
N UNK P 1214 -83.05 -84.73 -2.75
CA UNK P 1214 -84.38 -85.14 -2.43
C UNK P 1214 -84.97 -83.95 -1.77
N UNK P 1215 -86.13 -83.47 -2.25
CA UNK P 1215 -86.70 -82.30 -1.63
C UNK P 1215 -88.10 -82.65 -1.23
N UNK P 1216 -88.59 -82.05 -0.14
CA UNK P 1216 -89.92 -82.36 0.30
C UNK P 1216 -90.81 -81.21 -0.06
N UNK P 1217 -92.01 -81.52 -0.56
CA UNK P 1217 -92.96 -80.50 -0.89
C UNK P 1217 -94.09 -80.66 0.09
N UNK P 1218 -94.65 -79.54 0.57
CA UNK P 1218 -95.70 -79.68 1.53
C UNK P 1218 -96.99 -79.61 0.78
N UNK P 1219 -97.84 -80.63 0.98
CA UNK P 1219 -99.12 -80.63 0.32
C UNK P 1219 -99.87 -79.45 0.84
N UNK P 1220 -99.78 -79.23 2.16
CA UNK P 1220 -100.45 -78.12 2.77
C UNK P 1220 -99.49 -77.52 3.73
N UNK P 1221 -99.72 -76.24 4.09
CA UNK P 1221 -98.86 -75.60 5.03
C UNK P 1221 -98.96 -76.40 6.33
#